data_8ZDM
#
_entry.id   8ZDM
#
_entity_poly.entity_id   1
_entity_poly.type   'polypeptide(L)'
_entity_poly.pdbx_seq_one_letter_code
;MAHIFVKPELVAEIGVKQLQREIVLPGLVWTNPLTDFGGSKNDTITVRVPAITTANRRDLRDPDRTVIASELVEHSFGVT
LDKHVYAALKFTDEQRTLDIRDYTKQVLMPQVSAVAYELEDYIAELIEGAPYEETILIDPADTVPAFITADQRMGEANVP
TDSRRLVVGSAVAAALAKDKQFRHADWSGDQANAALREAHVGRLAGMNVIRSNAIAPDKAYLWHRTAFILAYRTPVVPEG
AKAGASFSANGVALRWLADYDYSQLGDRTLLDVFTGRKVVTEVDGSFVRAVELQLQASSITIVGGAFALATTTGTKQLKV
RDDNGTDVTARCTFASSAGTKATVSAAGLVTGVAAGTADITASYVPPQGGTAKTATVTVTVP
;
_entity_poly.pdbx_strand_id   1,2,3,4,5,6,M,N,O,P,Q,R,m,n,o,p,q,r,T,U,V,W,X,Y,t,u,v,w,x,y
#
# COMPACT_ATOMS: atom_id res chain seq x y z
N ILE A 4 -39.04 -105.21 18.44
CA ILE A 4 -39.47 -103.83 18.23
C ILE A 4 -38.27 -102.89 18.31
N PHE A 5 -37.95 -102.24 17.20
CA PHE A 5 -36.85 -101.29 17.12
C PHE A 5 -37.42 -99.90 16.86
N VAL A 6 -37.09 -98.95 17.73
CA VAL A 6 -37.51 -97.57 17.53
C VAL A 6 -36.71 -96.96 16.38
N LYS A 7 -37.41 -96.23 15.50
CA LYS A 7 -36.81 -95.70 14.29
C LYS A 7 -37.12 -94.22 14.16
N PRO A 8 -36.25 -93.45 13.49
CA PRO A 8 -36.54 -92.03 13.25
C PRO A 8 -37.64 -91.85 12.21
N GLU A 9 -37.97 -90.60 11.92
CA GLU A 9 -38.92 -90.27 10.86
C GLU A 9 -38.20 -89.59 9.70
N LEU A 10 -38.80 -89.67 8.52
CA LEU A 10 -38.21 -89.12 7.31
C LEU A 10 -39.20 -88.17 6.65
N VAL A 11 -38.76 -86.94 6.40
CA VAL A 11 -39.52 -85.96 5.63
C VAL A 11 -38.64 -85.52 4.46
N ALA A 12 -39.11 -85.77 3.24
CA ALA A 12 -38.35 -85.49 2.04
C ALA A 12 -39.12 -84.54 1.13
N GLU A 13 -38.50 -84.20 0.00
CA GLU A 13 -39.12 -83.31 -0.98
C GLU A 13 -38.47 -83.58 -2.33
N ILE A 14 -39.21 -84.20 -3.25
CA ILE A 14 -38.69 -84.58 -4.56
C ILE A 14 -39.68 -84.11 -5.61
N GLY A 15 -39.43 -82.93 -6.18
CA GLY A 15 -40.17 -82.45 -7.33
C GLY A 15 -41.67 -82.32 -7.14
N VAL A 16 -42.12 -82.09 -5.91
CA VAL A 16 -43.54 -81.93 -5.61
C VAL A 16 -43.77 -80.45 -5.36
N LYS A 17 -44.20 -79.73 -6.39
CA LYS A 17 -44.44 -78.29 -6.33
C LYS A 17 -45.94 -78.03 -6.41
N GLN A 18 -46.44 -77.19 -5.50
CA GLN A 18 -47.83 -76.81 -5.52
C GLN A 18 -48.13 -75.97 -6.76
N LEU A 19 -49.26 -76.25 -7.40
CA LEU A 19 -49.63 -75.52 -8.61
C LEU A 19 -49.90 -74.05 -8.30
N GLN A 20 -49.38 -73.17 -9.15
CA GLN A 20 -49.52 -71.74 -8.99
C GLN A 20 -49.83 -71.12 -10.34
N ARG A 21 -50.08 -69.81 -10.34
CA ARG A 21 -50.42 -69.09 -11.55
C ARG A 21 -49.15 -68.75 -12.34
N GLU A 22 -49.34 -68.05 -13.46
CA GLU A 22 -48.24 -67.65 -14.33
C GLU A 22 -48.27 -66.13 -14.52
N ILE A 23 -47.13 -65.49 -14.35
CA ILE A 23 -47.02 -64.04 -14.48
C ILE A 23 -46.82 -63.72 -15.96
N VAL A 24 -47.93 -63.45 -16.67
CA VAL A 24 -47.90 -63.05 -18.06
C VAL A 24 -48.51 -61.67 -18.28
N LEU A 25 -49.60 -61.37 -17.57
CA LEU A 25 -50.25 -60.07 -17.72
C LEU A 25 -49.34 -58.88 -17.39
N PRO A 26 -48.55 -58.88 -16.31
CA PRO A 26 -47.64 -57.76 -16.07
C PRO A 26 -46.63 -57.62 -17.20
N GLY A 27 -46.27 -56.37 -17.50
CA GLY A 27 -45.38 -56.06 -18.60
C GLY A 27 -46.07 -55.79 -19.92
N LEU A 28 -47.38 -56.01 -20.01
CA LEU A 28 -48.14 -55.72 -21.23
C LEU A 28 -49.01 -54.48 -21.08
N VAL A 29 -48.78 -53.67 -20.05
CA VAL A 29 -49.58 -52.47 -19.80
C VAL A 29 -48.64 -51.29 -19.64
N TRP A 30 -49.19 -50.09 -19.85
CA TRP A 30 -48.42 -48.85 -19.76
C TRP A 30 -48.23 -48.49 -18.28
N THR A 31 -47.05 -48.80 -17.75
CA THR A 31 -46.73 -48.51 -16.36
C THR A 31 -46.02 -47.17 -16.25
N ASN A 32 -46.46 -46.37 -15.28
CA ASN A 32 -45.90 -45.03 -15.09
C ASN A 32 -45.42 -44.88 -13.65
N PRO A 33 -44.18 -44.46 -13.43
CA PRO A 33 -43.70 -44.22 -12.07
C PRO A 33 -44.38 -43.02 -11.43
N LEU A 34 -44.45 -43.04 -10.10
CA LEU A 34 -45.05 -41.97 -9.31
C LEU A 34 -46.50 -41.72 -9.73
N ASP A 43 -48.24 -37.99 -5.42
CA ASP A 43 -49.63 -37.56 -5.25
C ASP A 43 -50.51 -38.06 -6.40
N THR A 44 -50.39 -37.40 -7.54
CA THR A 44 -51.17 -37.77 -8.72
C THR A 44 -50.38 -37.40 -9.97
N ILE A 45 -50.75 -38.04 -11.08
CA ILE A 45 -50.10 -37.82 -12.37
C ILE A 45 -51.18 -37.38 -13.36
N THR A 46 -50.94 -36.26 -14.03
CA THR A 46 -51.86 -35.71 -15.02
C THR A 46 -51.22 -35.82 -16.41
N VAL A 47 -51.99 -36.32 -17.37
CA VAL A 47 -51.52 -36.50 -18.74
C VAL A 47 -52.29 -35.55 -19.65
N ARG A 48 -51.56 -34.76 -20.42
CA ARG A 48 -52.18 -33.76 -21.29
C ARG A 48 -52.73 -34.42 -22.55
N VAL A 49 -53.89 -33.94 -22.99
CA VAL A 49 -54.54 -34.41 -24.20
C VAL A 49 -54.39 -33.32 -25.27
N PRO A 50 -53.65 -33.57 -26.34
CA PRO A 50 -53.49 -32.54 -27.38
C PRO A 50 -54.82 -32.24 -28.08
N ALA A 51 -54.96 -31.00 -28.51
CA ALA A 51 -56.18 -30.53 -29.14
C ALA A 51 -56.15 -30.76 -30.64
N ILE A 52 -57.34 -30.88 -31.23
CA ILE A 52 -57.51 -31.03 -32.67
C ILE A 52 -58.43 -29.91 -33.14
N THR A 53 -57.95 -29.14 -34.12
CA THR A 53 -58.69 -28.01 -34.63
C THR A 53 -59.63 -28.44 -35.77
N THR A 54 -60.40 -27.49 -36.27
CA THR A 54 -61.31 -27.73 -37.38
C THR A 54 -61.10 -26.67 -38.46
N ALA A 55 -61.48 -27.03 -39.67
CA ALA A 55 -61.34 -26.15 -40.83
C ALA A 55 -62.70 -25.88 -41.45
N ASN A 56 -62.76 -24.79 -42.22
CA ASN A 56 -63.96 -24.39 -42.92
C ASN A 56 -63.62 -24.10 -44.37
N ARG A 57 -64.62 -24.25 -45.24
CA ARG A 57 -64.45 -24.04 -46.67
C ARG A 57 -65.23 -22.82 -47.11
N ARG A 58 -64.60 -21.99 -47.94
CA ARG A 58 -65.21 -20.78 -48.46
C ARG A 58 -65.25 -20.82 -49.98
N ASP A 59 -66.40 -20.44 -50.55
CA ASP A 59 -66.51 -20.31 -52.00
C ASP A 59 -65.70 -19.13 -52.51
N LEU A 60 -65.10 -19.29 -53.69
CA LEU A 60 -64.12 -18.32 -54.18
C LEU A 60 -64.78 -16.99 -54.55
N ARG A 61 -64.12 -15.90 -54.16
CA ARG A 61 -64.48 -14.53 -54.58
C ARG A 61 -65.93 -14.17 -54.23
N ASP A 62 -66.40 -14.62 -53.08
CA ASP A 62 -67.69 -14.17 -52.59
C ASP A 62 -67.57 -12.74 -52.07
N PRO A 63 -68.55 -11.88 -52.34
CA PRO A 63 -68.48 -10.50 -51.81
C PRO A 63 -68.74 -10.42 -50.32
N ASP A 64 -68.02 -11.22 -49.53
CA ASP A 64 -68.18 -11.23 -48.07
C ASP A 64 -67.01 -11.99 -47.47
N ARG A 65 -66.50 -11.48 -46.35
CA ARG A 65 -65.38 -12.07 -45.64
C ARG A 65 -65.79 -12.36 -44.20
N THR A 66 -65.71 -13.63 -43.80
CA THR A 66 -65.94 -13.98 -42.41
C THR A 66 -64.78 -14.77 -41.83
N VAL A 67 -64.27 -15.75 -42.59
CA VAL A 67 -63.21 -16.65 -42.13
C VAL A 67 -63.54 -17.19 -40.75
N ILE A 68 -64.52 -18.09 -40.67
CA ILE A 68 -64.93 -18.66 -39.40
C ILE A 68 -63.74 -19.36 -38.76
N ALA A 69 -63.50 -19.04 -37.48
CA ALA A 69 -62.32 -19.53 -36.78
C ALA A 69 -62.54 -20.91 -36.19
N SER A 70 -61.61 -21.35 -35.32
CA SER A 70 -61.69 -22.67 -34.71
C SER A 70 -61.49 -22.59 -33.20
N GLU A 71 -61.35 -23.74 -32.55
CA GLU A 71 -61.30 -23.80 -31.10
C GLU A 71 -60.06 -24.58 -30.67
N LEU A 72 -59.63 -24.34 -29.43
CA LEU A 72 -58.41 -24.95 -28.89
C LEU A 72 -58.60 -25.40 -27.44
N VAL A 73 -59.68 -26.12 -27.16
CA VAL A 73 -59.86 -26.67 -25.82
C VAL A 73 -58.82 -27.75 -25.58
N GLU A 74 -58.18 -27.72 -24.40
CA GLU A 74 -57.12 -28.65 -24.06
C GLU A 74 -57.62 -29.56 -22.93
N HIS A 75 -58.07 -30.75 -23.29
CA HIS A 75 -58.51 -31.71 -22.29
C HIS A 75 -57.30 -32.28 -21.53
N SER A 76 -57.58 -32.83 -20.35
CA SER A 76 -56.53 -33.41 -19.52
C SER A 76 -57.12 -34.57 -18.74
N PHE A 77 -56.26 -35.53 -18.41
CA PHE A 77 -56.63 -36.69 -17.61
C PHE A 77 -55.94 -36.60 -16.26
N GLY A 78 -56.16 -37.64 -15.44
CA GLY A 78 -55.57 -37.68 -14.12
C GLY A 78 -55.66 -39.03 -13.46
N VAL A 79 -54.55 -39.53 -12.94
CA VAL A 79 -54.49 -40.79 -12.22
C VAL A 79 -53.88 -40.55 -10.85
N THR A 80 -54.51 -41.11 -9.82
CA THR A 80 -54.04 -40.98 -8.45
C THR A 80 -53.86 -42.37 -7.85
N LEU A 81 -52.89 -42.47 -6.93
CA LEU A 81 -52.59 -43.74 -6.26
C LEU A 81 -53.64 -43.98 -5.19
N ASP A 82 -54.47 -45.00 -5.39
CA ASP A 82 -55.57 -45.30 -4.47
C ASP A 82 -55.49 -46.67 -3.84
N LYS A 83 -54.53 -47.51 -4.22
CA LYS A 83 -54.42 -48.85 -3.66
C LYS A 83 -53.01 -49.07 -3.10
N HIS A 84 -52.93 -49.94 -2.10
CA HIS A 84 -51.68 -50.26 -1.41
C HIS A 84 -51.52 -51.78 -1.42
N VAL A 85 -50.76 -52.29 -2.37
CA VAL A 85 -50.56 -53.74 -2.50
C VAL A 85 -49.46 -54.15 -1.52
N TYR A 86 -49.81 -54.97 -0.54
CA TYR A 86 -48.89 -55.33 0.53
C TYR A 86 -48.98 -56.82 0.83
N ALA A 87 -47.86 -57.35 1.35
CA ALA A 87 -47.81 -58.70 1.88
C ALA A 87 -47.01 -58.64 3.17
N ALA A 88 -47.65 -59.02 4.28
CA ALA A 88 -47.04 -58.94 5.60
C ALA A 88 -46.94 -60.33 6.21
N LEU A 89 -45.75 -60.66 6.73
CA LEU A 89 -45.49 -61.91 7.41
C LEU A 89 -45.01 -61.61 8.83
N LYS A 90 -45.69 -62.20 9.81
CA LYS A 90 -45.34 -62.04 11.21
C LYS A 90 -44.85 -63.39 11.73
N PHE A 91 -43.64 -63.44 12.25
CA PHE A 91 -43.14 -64.69 12.81
C PHE A 91 -42.33 -64.42 14.06
N THR A 92 -42.46 -65.32 15.03
CA THR A 92 -41.80 -65.14 16.31
C THR A 92 -40.31 -65.45 16.20
N ASP A 93 -39.56 -65.02 17.21
CA ASP A 93 -38.13 -65.33 17.25
C ASP A 93 -37.88 -66.82 17.39
N GLU A 94 -38.81 -67.54 18.03
CA GLU A 94 -38.67 -68.99 18.17
C GLU A 94 -38.70 -69.67 16.81
N GLN A 95 -39.70 -69.36 15.99
CA GLN A 95 -39.80 -69.95 14.66
C GLN A 95 -38.62 -69.54 13.78
N ARG A 96 -38.21 -68.27 13.86
CA ARG A 96 -37.09 -67.81 13.07
C ARG A 96 -35.80 -68.54 13.44
N THR A 97 -35.56 -68.72 14.74
CA THR A 97 -34.31 -69.32 15.18
C THR A 97 -34.30 -70.83 14.97
N LEU A 98 -35.42 -71.50 15.20
CA LEU A 98 -35.48 -72.96 15.18
C LEU A 98 -36.24 -73.52 13.99
N ASP A 99 -37.41 -72.98 13.67
CA ASP A 99 -38.28 -73.54 12.65
C ASP A 99 -38.09 -72.88 11.28
N ILE A 100 -37.18 -71.92 11.15
CA ILE A 100 -36.93 -71.24 9.89
C ILE A 100 -35.48 -71.46 9.51
N ARG A 101 -35.25 -71.92 8.27
CA ARG A 101 -33.91 -72.17 7.77
C ARG A 101 -33.29 -70.92 7.16
N ASP A 102 -34.00 -70.27 6.24
CA ASP A 102 -33.52 -69.06 5.60
C ASP A 102 -34.70 -68.28 5.04
N TYR A 103 -34.47 -66.99 4.81
CA TYR A 103 -35.52 -66.14 4.25
C TYR A 103 -35.75 -66.41 2.76
N THR A 104 -34.70 -66.83 2.05
CA THR A 104 -34.81 -66.96 0.60
C THR A 104 -35.83 -68.02 0.19
N LYS A 105 -35.83 -69.16 0.88
CA LYS A 105 -36.68 -70.28 0.46
C LYS A 105 -38.04 -70.30 1.14
N GLN A 106 -38.15 -69.75 2.35
CA GLN A 106 -39.39 -69.83 3.11
C GLN A 106 -40.05 -68.48 3.36
N VAL A 107 -39.37 -67.37 3.10
CA VAL A 107 -39.92 -66.05 3.40
C VAL A 107 -39.94 -65.18 2.15
N LEU A 108 -38.78 -65.00 1.54
CA LEU A 108 -38.64 -64.03 0.45
C LEU A 108 -39.41 -64.47 -0.79
N MET A 109 -39.11 -65.67 -1.30
CA MET A 109 -39.77 -66.14 -2.51
C MET A 109 -41.27 -66.28 -2.38
N PRO A 110 -41.84 -66.88 -1.34
CA PRO A 110 -43.31 -66.89 -1.21
C PRO A 110 -43.91 -65.48 -1.15
N GLN A 111 -43.24 -64.55 -0.47
CA GLN A 111 -43.78 -63.19 -0.37
C GLN A 111 -43.78 -62.50 -1.73
N VAL A 112 -42.68 -62.61 -2.48
CA VAL A 112 -42.64 -61.97 -3.79
C VAL A 112 -43.61 -62.64 -4.75
N SER A 113 -43.80 -63.97 -4.63
CA SER A 113 -44.78 -64.64 -5.47
C SER A 113 -46.18 -64.16 -5.16
N ALA A 114 -46.52 -64.02 -3.88
CA ALA A 114 -47.84 -63.51 -3.50
C ALA A 114 -48.05 -62.09 -3.99
N VAL A 115 -47.02 -61.24 -3.86
CA VAL A 115 -47.13 -59.86 -4.33
C VAL A 115 -47.34 -59.83 -5.84
N ALA A 116 -46.58 -60.63 -6.58
CA ALA A 116 -46.72 -60.67 -8.03
C ALA A 116 -48.10 -61.17 -8.44
N TYR A 117 -48.62 -62.21 -7.76
CA TYR A 117 -49.93 -62.73 -8.12
C TYR A 117 -51.03 -61.73 -7.77
N GLU A 118 -50.90 -61.02 -6.65
CA GLU A 118 -51.90 -60.00 -6.32
C GLU A 118 -51.85 -58.85 -7.31
N LEU A 119 -50.66 -58.46 -7.76
CA LEU A 119 -50.55 -57.43 -8.78
C LEU A 119 -51.16 -57.88 -10.09
N GLU A 120 -50.96 -59.15 -10.46
CA GLU A 120 -51.58 -59.68 -11.67
C GLU A 120 -53.10 -59.67 -11.55
N ASP A 121 -53.62 -60.03 -10.38
CA ASP A 121 -55.06 -59.96 -10.15
C ASP A 121 -55.57 -58.53 -10.24
N TYR A 122 -54.80 -57.57 -9.73
CA TYR A 122 -55.17 -56.16 -9.84
C TYR A 122 -55.21 -55.72 -11.30
N ILE A 123 -54.22 -56.13 -12.09
CA ILE A 123 -54.21 -55.80 -13.50
C ILE A 123 -55.39 -56.44 -14.22
N ALA A 124 -55.72 -57.68 -13.86
CA ALA A 124 -56.87 -58.35 -14.46
C ALA A 124 -58.17 -57.61 -14.11
N GLU A 125 -58.31 -57.16 -12.87
CA GLU A 125 -59.49 -56.38 -12.50
C GLU A 125 -59.53 -55.05 -13.26
N LEU A 126 -58.37 -54.44 -13.49
CA LEU A 126 -58.32 -53.23 -14.31
C LEU A 126 -58.79 -53.51 -15.73
N ILE A 127 -58.37 -54.64 -16.30
CA ILE A 127 -58.76 -54.97 -17.67
C ILE A 127 -60.25 -55.24 -17.76
N GLU A 128 -60.77 -56.07 -16.85
CA GLU A 128 -62.19 -56.40 -16.88
C GLU A 128 -63.06 -55.23 -16.43
N GLY A 129 -62.57 -54.43 -15.49
CA GLY A 129 -63.35 -53.31 -14.99
C GLY A 129 -63.27 -52.08 -15.88
N ALA A 130 -63.83 -52.19 -17.08
CA ALA A 130 -63.85 -51.09 -18.04
C ALA A 130 -65.26 -50.92 -18.59
N PRO A 131 -65.63 -49.69 -18.95
CA PRO A 131 -66.98 -49.45 -19.52
C PRO A 131 -67.05 -49.81 -21.00
N TYR A 132 -67.08 -51.12 -21.28
CA TYR A 132 -67.12 -51.58 -22.65
C TYR A 132 -68.48 -51.28 -23.29
N GLU A 133 -68.44 -50.65 -24.47
CA GLU A 133 -69.66 -50.25 -25.16
C GLU A 133 -70.47 -51.44 -25.68
N GLU A 134 -69.82 -52.46 -26.26
CA GLU A 134 -70.45 -53.77 -26.33
C GLU A 134 -69.37 -54.83 -26.53
N THR A 135 -69.80 -56.09 -26.52
CA THR A 135 -68.92 -57.23 -26.70
C THR A 135 -69.39 -58.07 -27.87
N ILE A 136 -68.44 -58.71 -28.55
CA ILE A 136 -68.74 -59.58 -29.69
C ILE A 136 -69.10 -60.96 -29.18
N LEU A 137 -70.25 -61.47 -29.63
CA LEU A 137 -70.70 -62.80 -29.24
C LEU A 137 -70.02 -63.82 -30.14
N ILE A 138 -69.08 -64.58 -29.57
CA ILE A 138 -68.32 -65.56 -30.34
C ILE A 138 -69.16 -66.84 -30.43
N ASP A 139 -69.63 -67.15 -31.62
CA ASP A 139 -70.39 -68.38 -31.83
C ASP A 139 -69.46 -69.59 -31.74
N PRO A 140 -69.83 -70.64 -31.00
CA PRO A 140 -69.04 -71.86 -31.01
C PRO A 140 -68.88 -72.40 -32.44
N ALA A 141 -67.62 -72.69 -32.81
CA ALA A 141 -67.22 -73.02 -34.17
C ALA A 141 -67.40 -71.81 -35.08
N ASP A 142 -66.54 -71.69 -36.10
CA ASP A 142 -66.49 -70.50 -36.95
C ASP A 142 -66.32 -69.25 -36.09
N THR A 143 -65.24 -69.24 -35.30
CA THR A 143 -65.00 -68.19 -34.33
C THR A 143 -64.17 -67.03 -34.88
N VAL A 144 -63.50 -67.21 -36.01
CA VAL A 144 -62.66 -66.16 -36.59
C VAL A 144 -63.50 -64.98 -37.12
N PRO A 145 -64.76 -65.15 -37.54
CA PRO A 145 -65.55 -63.94 -37.85
C PRO A 145 -65.71 -63.01 -36.65
N ALA A 146 -65.78 -63.55 -35.43
CA ALA A 146 -65.84 -62.70 -34.25
C ALA A 146 -64.60 -61.85 -34.11
N PHE A 147 -63.41 -62.45 -34.32
CA PHE A 147 -62.17 -61.69 -34.22
C PHE A 147 -62.06 -60.67 -35.35
N ILE A 148 -62.53 -61.02 -36.55
CA ILE A 148 -62.52 -60.07 -37.66
C ILE A 148 -63.45 -58.89 -37.36
N THR A 149 -64.63 -59.18 -36.78
CA THR A 149 -65.54 -58.11 -36.41
C THR A 149 -64.93 -57.22 -35.34
N ALA A 150 -64.24 -57.81 -34.36
CA ALA A 150 -63.56 -57.02 -33.35
C ALA A 150 -62.48 -56.14 -33.97
N ASP A 151 -61.72 -56.70 -34.91
CA ASP A 151 -60.68 -55.91 -35.58
C ASP A 151 -61.29 -54.76 -36.36
N GLN A 152 -62.42 -55.01 -37.04
CA GLN A 152 -63.08 -53.93 -37.79
C GLN A 152 -63.62 -52.86 -36.85
N ARG A 153 -64.22 -53.26 -35.73
CA ARG A 153 -64.76 -52.31 -34.78
C ARG A 153 -63.66 -51.48 -34.14
N MET A 154 -62.48 -52.07 -33.93
CA MET A 154 -61.31 -51.28 -33.55
C MET A 154 -60.81 -50.41 -34.70
N GLY A 155 -61.01 -50.87 -35.94
CA GLY A 155 -60.58 -50.08 -37.09
C GLY A 155 -61.35 -48.78 -37.21
N GLU A 156 -62.65 -48.80 -36.94
CA GLU A 156 -63.36 -47.53 -36.83
C GLU A 156 -62.81 -46.73 -35.66
N ALA A 157 -62.88 -45.41 -35.79
CA ALA A 157 -62.25 -44.40 -34.95
C ALA A 157 -60.74 -44.34 -35.15
N ASN A 158 -60.20 -45.12 -36.09
CA ASN A 158 -58.79 -45.06 -36.48
C ASN A 158 -57.85 -45.37 -35.32
N VAL A 159 -58.13 -46.47 -34.62
CA VAL A 159 -57.20 -46.96 -33.62
C VAL A 159 -56.00 -47.60 -34.32
N PRO A 160 -54.76 -47.26 -33.94
CA PRO A 160 -53.60 -47.85 -34.62
C PRO A 160 -53.60 -49.38 -34.51
N THR A 161 -53.22 -50.02 -35.62
CA THR A 161 -53.20 -51.48 -35.65
C THR A 161 -51.98 -52.05 -34.93
N ASP A 162 -50.85 -51.36 -35.00
CA ASP A 162 -49.64 -51.85 -34.35
C ASP A 162 -49.74 -51.72 -32.83
N SER A 163 -48.90 -52.49 -32.14
CA SER A 163 -48.87 -52.50 -30.67
C SER A 163 -50.24 -52.84 -30.08
N ARG A 164 -50.90 -53.83 -30.67
CA ARG A 164 -52.19 -54.31 -30.19
C ARG A 164 -51.98 -55.62 -29.45
N ARG A 165 -52.48 -55.69 -28.21
CA ARG A 165 -52.32 -56.87 -27.37
C ARG A 165 -53.67 -57.57 -27.26
N LEU A 166 -53.71 -58.84 -27.66
CA LEU A 166 -54.91 -59.67 -27.57
C LEU A 166 -54.64 -60.80 -26.59
N VAL A 167 -55.50 -60.92 -25.58
CA VAL A 167 -55.36 -61.94 -24.54
C VAL A 167 -56.67 -62.72 -24.48
N VAL A 168 -56.57 -64.05 -24.54
CA VAL A 168 -57.72 -64.93 -24.51
C VAL A 168 -57.60 -65.87 -23.32
N GLY A 169 -58.75 -66.37 -22.87
CA GLY A 169 -58.79 -67.27 -21.74
C GLY A 169 -58.69 -68.73 -22.15
N SER A 170 -58.84 -69.61 -21.16
CA SER A 170 -58.78 -71.04 -21.43
C SER A 170 -59.93 -71.48 -22.32
N ALA A 171 -61.15 -71.00 -22.05
CA ALA A 171 -62.29 -71.39 -22.87
C ALA A 171 -62.17 -70.83 -24.28
N VAL A 172 -61.71 -69.59 -24.42
CA VAL A 172 -61.54 -68.99 -25.74
C VAL A 172 -60.49 -69.75 -26.54
N ALA A 173 -59.36 -70.09 -25.90
CA ALA A 173 -58.33 -70.85 -26.59
C ALA A 173 -58.82 -72.23 -26.97
N ALA A 174 -59.60 -72.87 -26.09
CA ALA A 174 -60.16 -74.18 -26.41
C ALA A 174 -61.12 -74.10 -27.60
N ALA A 175 -61.95 -73.05 -27.64
CA ALA A 175 -62.85 -72.87 -28.78
C ALA A 175 -62.07 -72.59 -30.06
N LEU A 176 -60.99 -71.81 -29.96
CA LEU A 176 -60.16 -71.54 -31.13
C LEU A 176 -59.53 -72.82 -31.66
N ALA A 177 -59.04 -73.68 -30.77
CA ALA A 177 -58.53 -74.98 -31.18
C ALA A 177 -59.64 -75.84 -31.78
N LYS A 178 -60.84 -75.75 -31.24
CA LYS A 178 -61.98 -76.53 -31.72
C LYS A 178 -62.63 -75.90 -32.95
N ASP A 179 -62.20 -74.72 -33.37
CA ASP A 179 -62.78 -74.08 -34.54
C ASP A 179 -62.43 -74.86 -35.81
N LYS A 180 -63.43 -75.05 -36.66
CA LYS A 180 -63.21 -75.77 -37.92
C LYS A 180 -62.29 -74.98 -38.85
N GLN A 181 -62.27 -73.65 -38.71
CA GLN A 181 -61.39 -72.83 -39.53
C GLN A 181 -59.93 -73.18 -39.31
N PHE A 182 -59.54 -73.42 -38.06
CA PHE A 182 -58.16 -73.75 -37.73
C PHE A 182 -57.90 -75.25 -37.68
N ARG A 183 -58.92 -76.05 -37.34
CA ARG A 183 -58.72 -77.49 -37.21
C ARG A 183 -58.47 -78.14 -38.58
N HIS A 184 -59.32 -77.81 -39.55
CA HIS A 184 -59.22 -78.44 -40.87
C HIS A 184 -58.00 -77.90 -41.60
N ALA A 185 -57.10 -78.79 -41.99
CA ALA A 185 -55.85 -78.36 -42.64
C ALA A 185 -56.13 -77.67 -43.96
N ASP A 186 -57.09 -78.19 -44.74
CA ASP A 186 -57.45 -77.53 -45.99
C ASP A 186 -58.03 -76.15 -45.74
N TRP A 187 -58.86 -76.02 -44.70
CA TRP A 187 -59.42 -74.72 -44.36
C TRP A 187 -58.42 -73.82 -43.65
N SER A 188 -57.54 -74.40 -42.82
CA SER A 188 -56.52 -73.60 -42.17
C SER A 188 -55.46 -73.11 -43.15
N GLY A 189 -55.13 -73.93 -44.16
CA GLY A 189 -54.12 -73.58 -45.13
C GLY A 189 -52.70 -73.91 -44.72
N ASP A 190 -52.49 -74.39 -43.51
CA ASP A 190 -51.16 -74.75 -43.03
C ASP A 190 -50.99 -76.26 -43.10
N GLN A 191 -49.95 -76.71 -43.80
CA GLN A 191 -49.70 -78.15 -43.91
C GLN A 191 -49.27 -78.75 -42.58
N ALA A 192 -48.79 -77.93 -41.64
CA ALA A 192 -48.42 -78.45 -40.33
C ALA A 192 -49.64 -78.87 -39.53
N ASN A 193 -50.76 -78.16 -39.67
CA ASN A 193 -52.02 -78.45 -38.98
C ASN A 193 -51.80 -78.48 -37.46
N ALA A 194 -51.45 -77.31 -36.93
CA ALA A 194 -51.09 -77.21 -35.51
C ALA A 194 -52.25 -77.56 -34.59
N ALA A 195 -53.50 -77.46 -35.08
CA ALA A 195 -54.64 -77.77 -34.24
C ALA A 195 -54.68 -79.25 -33.88
N LEU A 196 -54.57 -80.12 -34.88
CA LEU A 196 -54.48 -81.55 -34.60
C LEU A 196 -53.19 -81.90 -33.87
N ARG A 197 -52.08 -81.25 -34.26
CA ARG A 197 -50.79 -81.44 -33.59
C ARG A 197 -50.75 -80.61 -32.32
N GLU A 198 -49.55 -80.40 -31.78
CA GLU A 198 -49.33 -79.66 -30.55
C GLU A 198 -50.22 -78.43 -30.46
N ALA A 199 -51.02 -78.35 -29.39
CA ALA A 199 -52.10 -77.38 -29.30
C ALA A 199 -51.54 -75.96 -29.25
N HIS A 200 -51.71 -75.23 -30.35
CA HIS A 200 -51.33 -73.83 -30.41
C HIS A 200 -52.00 -73.14 -31.59
N VAL A 201 -52.74 -72.07 -31.33
CA VAL A 201 -53.42 -71.35 -32.41
C VAL A 201 -52.40 -70.57 -33.24
N GLY A 202 -51.46 -69.89 -32.60
CA GLY A 202 -50.49 -69.08 -33.31
C GLY A 202 -50.97 -67.68 -33.59
N ARG A 203 -50.60 -67.14 -34.74
CA ARG A 203 -51.00 -65.79 -35.12
C ARG A 203 -52.43 -65.79 -35.64
N LEU A 204 -53.29 -64.99 -35.02
CA LEU A 204 -54.70 -64.90 -35.39
C LEU A 204 -55.02 -63.45 -35.72
N ALA A 205 -55.67 -63.25 -36.87
CA ALA A 205 -56.03 -61.91 -37.38
C ALA A 205 -54.73 -61.14 -37.59
N GLY A 206 -54.63 -59.89 -37.14
CA GLY A 206 -53.43 -59.11 -37.38
C GLY A 206 -52.50 -59.01 -36.19
N MET A 207 -52.65 -59.92 -35.23
CA MET A 207 -51.83 -59.89 -34.03
C MET A 207 -51.61 -61.33 -33.56
N ASN A 208 -50.88 -61.47 -32.45
CA ASN A 208 -50.62 -62.77 -31.86
C ASN A 208 -51.69 -63.12 -30.83
N VAL A 209 -51.59 -64.31 -30.26
CA VAL A 209 -52.52 -64.79 -29.25
C VAL A 209 -51.75 -65.02 -27.96
N ILE A 210 -52.24 -64.42 -26.87
CA ILE A 210 -51.63 -64.55 -25.55
C ILE A 210 -52.59 -65.34 -24.67
N ARG A 211 -52.08 -66.42 -24.08
CA ARG A 211 -52.86 -67.30 -23.22
C ARG A 211 -52.57 -66.97 -21.76
N SER A 212 -53.60 -66.55 -21.03
CA SER A 212 -53.48 -66.19 -19.62
C SER A 212 -54.61 -66.84 -18.83
N ASN A 213 -54.26 -67.43 -17.70
CA ASN A 213 -55.24 -68.02 -16.80
C ASN A 213 -55.75 -67.05 -15.75
N ALA A 214 -55.14 -65.86 -15.64
CA ALA A 214 -55.60 -64.88 -14.65
C ALA A 214 -56.98 -64.35 -15.00
N ILE A 215 -57.22 -64.04 -16.28
CA ILE A 215 -58.51 -63.51 -16.72
C ILE A 215 -59.51 -64.65 -16.80
N ALA A 216 -60.79 -64.31 -16.95
CA ALA A 216 -61.82 -65.32 -17.07
C ALA A 216 -61.62 -66.12 -18.36
N PRO A 217 -61.69 -67.45 -18.30
CA PRO A 217 -61.48 -68.26 -19.51
C PRO A 217 -62.47 -67.97 -20.62
N ASP A 218 -63.71 -67.60 -20.29
CA ASP A 218 -64.73 -67.35 -21.30
C ASP A 218 -64.67 -65.95 -21.89
N LYS A 219 -63.76 -65.10 -21.43
CA LYS A 219 -63.66 -63.73 -21.90
C LYS A 219 -62.29 -63.47 -22.51
N ALA A 220 -62.24 -62.59 -23.50
CA ALA A 220 -60.99 -62.18 -24.12
C ALA A 220 -60.99 -60.66 -24.28
N TYR A 221 -59.81 -60.08 -24.34
CA TYR A 221 -59.67 -58.63 -24.44
C TYR A 221 -58.59 -58.27 -25.45
N LEU A 222 -58.91 -57.35 -26.36
CA LEU A 222 -57.96 -56.80 -27.31
C LEU A 222 -57.85 -55.30 -27.08
N TRP A 223 -56.65 -54.84 -26.73
CA TRP A 223 -56.47 -53.46 -26.33
C TRP A 223 -55.19 -52.89 -26.94
N HIS A 224 -55.18 -51.56 -27.08
CA HIS A 224 -54.01 -50.84 -27.55
C HIS A 224 -53.10 -50.52 -26.37
N ARG A 225 -51.79 -50.41 -26.66
CA ARG A 225 -50.81 -50.18 -25.62
C ARG A 225 -51.04 -48.84 -24.92
N THR A 226 -51.61 -47.86 -25.63
CA THR A 226 -51.85 -46.55 -25.03
C THR A 226 -52.85 -46.64 -23.87
N ALA A 227 -53.89 -47.43 -24.04
CA ALA A 227 -54.93 -47.54 -23.01
C ALA A 227 -54.49 -48.51 -21.91
N PHE A 228 -55.33 -48.60 -20.87
CA PHE A 228 -55.11 -49.49 -19.73
C PHE A 228 -53.77 -49.20 -19.05
N ILE A 229 -53.67 -47.99 -18.51
CA ILE A 229 -52.45 -47.55 -17.85
C ILE A 229 -52.52 -47.88 -16.37
N LEU A 230 -51.33 -47.99 -15.76
CA LEU A 230 -51.20 -48.24 -14.33
C LEU A 230 -50.11 -47.33 -13.78
N ALA A 231 -50.21 -46.98 -12.51
CA ALA A 231 -49.25 -46.11 -11.86
C ALA A 231 -48.64 -46.81 -10.65
N TYR A 232 -47.32 -46.70 -10.50
CA TYR A 232 -46.60 -47.26 -9.38
C TYR A 232 -45.75 -46.18 -8.72
N ARG A 233 -45.54 -46.32 -7.42
CA ARG A 233 -44.85 -45.31 -6.62
C ARG A 233 -43.53 -45.76 -6.05
N THR A 234 -43.42 -47.01 -5.58
CA THR A 234 -42.26 -47.51 -4.85
C THR A 234 -41.97 -46.59 -3.67
N PRO A 235 -42.79 -46.65 -2.61
CA PRO A 235 -42.65 -45.68 -1.51
C PRO A 235 -41.31 -45.81 -0.80
N VAL A 236 -41.05 -44.83 0.07
CA VAL A 236 -39.81 -44.75 0.83
C VAL A 236 -40.03 -45.40 2.19
N VAL A 237 -38.97 -46.01 2.71
CA VAL A 237 -39.01 -46.70 4.00
C VAL A 237 -39.08 -45.68 5.13
N PRO A 238 -39.70 -46.00 6.28
CA PRO A 238 -39.74 -45.06 7.39
C PRO A 238 -38.43 -45.03 8.18
N GLU A 239 -38.43 -44.30 9.30
CA GLU A 239 -37.22 -44.20 10.12
C GLU A 239 -36.80 -45.57 10.64
N GLY A 240 -37.66 -46.22 11.40
CA GLY A 240 -37.37 -47.56 11.89
C GLY A 240 -37.63 -48.61 10.83
N ALA A 241 -36.75 -48.65 9.82
CA ALA A 241 -36.95 -49.50 8.64
C ALA A 241 -36.16 -50.80 8.73
N LYS A 242 -34.84 -50.71 8.88
CA LYS A 242 -33.95 -51.87 8.85
C LYS A 242 -34.14 -52.67 7.57
N ALA A 243 -34.24 -51.95 6.45
CA ALA A 243 -34.53 -52.57 5.17
C ALA A 243 -33.34 -53.38 4.67
N GLY A 244 -33.62 -54.27 3.71
CA GLY A 244 -32.60 -55.09 3.11
C GLY A 244 -32.45 -54.83 1.62
N ALA A 245 -32.28 -55.90 0.84
CA ALA A 245 -32.11 -55.76 -0.59
C ALA A 245 -33.46 -55.60 -1.29
N SER A 246 -33.41 -55.14 -2.53
CA SER A 246 -34.61 -54.94 -3.34
C SER A 246 -34.90 -56.17 -4.19
N PHE A 247 -36.17 -56.32 -4.56
CA PHE A 247 -36.63 -57.44 -5.36
C PHE A 247 -37.05 -57.04 -6.77
N SER A 248 -37.92 -56.04 -6.89
CA SER A 248 -38.39 -55.53 -8.18
C SER A 248 -39.03 -56.64 -9.01
N ALA A 249 -40.12 -57.20 -8.47
CA ALA A 249 -40.84 -58.27 -9.15
C ALA A 249 -41.60 -57.72 -10.36
N ASN A 250 -41.55 -58.48 -11.46
CA ASN A 250 -42.24 -58.18 -12.72
C ASN A 250 -42.16 -56.70 -13.08
N GLY A 251 -40.95 -56.15 -12.98
CA GLY A 251 -40.71 -54.77 -13.38
C GLY A 251 -40.86 -53.76 -12.27
N VAL A 252 -42.04 -53.73 -11.64
CA VAL A 252 -42.31 -52.75 -10.58
C VAL A 252 -41.44 -53.06 -9.37
N ALA A 253 -40.79 -52.03 -8.84
CA ALA A 253 -39.90 -52.19 -7.71
C ALA A 253 -40.69 -52.38 -6.42
N LEU A 254 -40.10 -53.12 -5.48
CA LEU A 254 -40.72 -53.38 -4.19
C LEU A 254 -39.71 -53.10 -3.08
N ARG A 255 -40.22 -52.66 -1.94
CA ARG A 255 -39.40 -52.36 -0.77
C ARG A 255 -39.64 -53.40 0.31
N TRP A 256 -38.56 -53.84 0.95
CA TRP A 256 -38.63 -54.83 2.01
C TRP A 256 -38.41 -54.15 3.36
N LEU A 257 -39.37 -54.31 4.25
CA LEU A 257 -39.31 -53.72 5.59
C LEU A 257 -39.25 -54.83 6.63
N ALA A 258 -38.37 -54.67 7.61
CA ALA A 258 -38.20 -55.66 8.68
C ALA A 258 -38.16 -54.90 10.00
N ASP A 259 -39.21 -55.06 10.80
CA ASP A 259 -39.33 -54.35 12.08
C ASP A 259 -39.57 -55.37 13.18
N TYR A 260 -38.67 -55.43 14.15
CA TYR A 260 -38.88 -56.28 15.32
C TYR A 260 -39.70 -55.54 16.37
N ASP A 261 -40.66 -56.24 16.95
CA ASP A 261 -41.53 -55.69 17.98
C ASP A 261 -41.08 -56.24 19.32
N TYR A 262 -40.39 -55.41 20.10
CA TYR A 262 -39.92 -55.83 21.42
C TYR A 262 -41.10 -56.10 22.35
N SER A 263 -42.16 -55.28 22.24
CA SER A 263 -43.31 -55.45 23.13
C SER A 263 -43.96 -56.82 22.94
N GLN A 264 -44.12 -57.26 21.70
CA GLN A 264 -44.68 -58.57 21.41
C GLN A 264 -43.55 -59.58 21.24
N LEU A 265 -43.90 -60.79 20.79
CA LEU A 265 -42.96 -61.89 20.65
C LEU A 265 -42.57 -62.17 19.21
N GLY A 266 -42.91 -61.28 18.27
CA GLY A 266 -42.72 -61.53 16.86
C GLY A 266 -41.98 -60.42 16.15
N ASP A 267 -41.71 -60.68 14.87
CA ASP A 267 -41.05 -59.77 13.96
C ASP A 267 -41.91 -59.67 12.70
N ARG A 268 -41.97 -58.46 12.14
CA ARG A 268 -42.84 -58.14 11.02
C ARG A 268 -42.00 -57.89 9.78
N THR A 269 -42.33 -58.56 8.69
CA THR A 269 -41.71 -58.33 7.39
C THR A 269 -42.79 -57.91 6.40
N LEU A 270 -42.56 -56.80 5.71
CA LEU A 270 -43.56 -56.22 4.82
C LEU A 270 -42.96 -55.99 3.45
N LEU A 271 -43.67 -56.45 2.41
CA LEU A 271 -43.33 -56.15 1.02
C LEU A 271 -44.52 -55.43 0.43
N ASP A 272 -44.39 -54.13 0.21
CA ASP A 272 -45.54 -53.31 -0.14
C ASP A 272 -45.15 -52.27 -1.19
N VAL A 273 -46.16 -51.82 -1.94
CA VAL A 273 -45.98 -50.79 -2.94
C VAL A 273 -47.34 -50.13 -3.20
N PHE A 274 -47.31 -48.83 -3.50
CA PHE A 274 -48.51 -48.08 -3.77
C PHE A 274 -48.80 -48.12 -5.28
N THR A 275 -50.03 -48.45 -5.64
CA THR A 275 -50.43 -48.58 -7.03
C THR A 275 -51.73 -47.83 -7.27
N GLY A 276 -51.90 -47.40 -8.52
CA GLY A 276 -53.09 -46.67 -8.94
C GLY A 276 -53.61 -47.12 -10.28
N ARG A 277 -54.93 -47.30 -10.36
CA ARG A 277 -55.59 -47.79 -11.55
C ARG A 277 -56.22 -46.64 -12.32
N LYS A 278 -56.25 -46.78 -13.65
CA LYS A 278 -56.84 -45.77 -14.51
C LYS A 278 -57.19 -46.39 -15.86
N VAL A 279 -58.36 -46.05 -16.37
CA VAL A 279 -58.81 -46.48 -17.69
C VAL A 279 -58.81 -45.26 -18.60
N VAL A 280 -58.07 -45.34 -19.71
CA VAL A 280 -57.91 -44.22 -20.62
C VAL A 280 -59.11 -44.21 -21.57
N THR A 281 -60.09 -43.36 -21.28
CA THR A 281 -61.25 -43.19 -22.14
C THR A 281 -60.98 -42.05 -23.13
N GLU A 282 -62.02 -41.62 -23.83
CA GLU A 282 -61.93 -40.54 -24.80
C GLU A 282 -62.67 -39.31 -24.25
N VAL A 283 -62.57 -38.21 -25.00
CA VAL A 283 -63.18 -36.97 -24.57
C VAL A 283 -64.70 -37.06 -24.62
N ASP A 284 -65.25 -37.74 -25.62
CA ASP A 284 -66.70 -37.85 -25.76
C ASP A 284 -67.31 -38.64 -24.61
N GLY A 285 -66.58 -39.61 -24.06
CA GLY A 285 -67.08 -40.40 -22.96
C GLY A 285 -67.31 -41.85 -23.34
N SER A 286 -66.53 -42.35 -24.29
CA SER A 286 -66.63 -43.73 -24.74
C SER A 286 -65.25 -44.38 -24.72
N PHE A 287 -65.22 -45.67 -24.40
CA PHE A 287 -63.97 -46.42 -24.31
C PHE A 287 -63.80 -47.23 -25.60
N VAL A 288 -63.31 -46.55 -26.64
CA VAL A 288 -63.12 -47.17 -27.94
C VAL A 288 -61.69 -47.62 -28.15
N ARG A 289 -60.82 -47.48 -27.16
CA ARG A 289 -59.43 -47.90 -27.29
C ARG A 289 -59.22 -49.38 -27.00
N ALA A 290 -60.27 -50.08 -26.55
CA ALA A 290 -60.16 -51.50 -26.24
C ALA A 290 -61.50 -52.16 -26.50
N VAL A 291 -61.47 -53.48 -26.69
CA VAL A 291 -62.67 -54.24 -27.01
C VAL A 291 -62.61 -55.58 -26.27
N GLU A 292 -63.79 -56.10 -25.95
CA GLU A 292 -63.93 -57.38 -25.26
C GLU A 292 -64.71 -58.36 -26.12
N LEU A 293 -64.31 -59.62 -26.06
CA LEU A 293 -64.94 -60.70 -26.81
C LEU A 293 -65.48 -61.73 -25.83
N GLN A 294 -66.72 -62.15 -26.05
CA GLN A 294 -67.41 -63.07 -25.15
C GLN A 294 -67.91 -64.28 -25.94
N LEU A 295 -67.65 -65.47 -25.41
CA LEU A 295 -68.13 -66.69 -26.04
C LEU A 295 -69.63 -66.86 -25.82
N GLN A 296 -70.29 -67.44 -26.82
CA GLN A 296 -71.72 -67.69 -26.71
C GLN A 296 -71.99 -68.95 -25.90
N ALA A 297 -73.22 -69.06 -25.41
CA ALA A 297 -73.68 -70.22 -24.65
C ALA A 297 -74.97 -70.74 -25.26
N SER A 298 -75.00 -72.03 -25.57
CA SER A 298 -76.16 -72.67 -26.17
C SER A 298 -76.98 -73.48 -25.17
N SER A 299 -76.33 -74.25 -24.32
CA SER A 299 -77.03 -75.04 -23.31
C SER A 299 -76.10 -75.27 -22.13
N ILE A 300 -76.70 -75.53 -20.97
CA ILE A 300 -75.97 -75.78 -19.74
C ILE A 300 -76.35 -77.16 -19.22
N THR A 301 -75.36 -77.88 -18.70
CA THR A 301 -75.57 -79.20 -18.12
C THR A 301 -74.89 -79.29 -16.77
N ILE A 302 -75.54 -79.95 -15.83
CA ILE A 302 -75.01 -80.12 -14.47
C ILE A 302 -74.08 -81.32 -14.45
N VAL A 303 -72.92 -81.14 -13.80
CA VAL A 303 -71.90 -82.18 -13.79
C VAL A 303 -72.40 -83.41 -13.05
N GLY A 304 -72.00 -84.59 -13.53
CA GLY A 304 -72.32 -85.85 -12.89
C GLY A 304 -73.69 -86.42 -13.20
N GLY A 305 -74.52 -85.70 -13.97
CA GLY A 305 -75.85 -86.19 -14.26
C GLY A 305 -76.65 -86.41 -12.98
N ALA A 306 -77.29 -87.57 -12.89
CA ALA A 306 -78.04 -87.93 -11.69
C ALA A 306 -77.10 -88.33 -10.57
N PHE A 307 -77.44 -87.93 -9.34
CA PHE A 307 -76.66 -88.28 -8.16
C PHE A 307 -77.59 -88.42 -6.97
N ALA A 308 -77.17 -89.20 -5.99
CA ALA A 308 -77.99 -89.38 -4.79
C ALA A 308 -77.82 -88.19 -3.84
N LEU A 309 -76.61 -88.02 -3.30
CA LEU A 309 -76.13 -86.86 -2.56
C LEU A 309 -74.90 -87.32 -1.79
N ALA A 310 -75.00 -87.38 -0.46
CA ALA A 310 -74.00 -88.03 0.37
C ALA A 310 -74.68 -88.95 1.38
N THR A 311 -75.82 -88.51 1.90
CA THR A 311 -76.60 -89.22 2.91
C THR A 311 -77.92 -88.48 3.07
N THR A 312 -78.74 -88.91 4.04
CA THR A 312 -80.02 -88.25 4.29
C THR A 312 -79.86 -86.87 4.90
N THR A 313 -78.72 -86.57 5.51
CA THR A 313 -78.47 -85.28 6.16
C THR A 313 -77.11 -84.74 5.77
N GLY A 314 -76.80 -84.77 4.48
CA GLY A 314 -75.54 -84.29 3.97
C GLY A 314 -75.67 -83.04 3.12
N THR A 315 -74.55 -82.66 2.52
CA THR A 315 -74.48 -81.50 1.63
C THR A 315 -73.73 -81.88 0.36
N LYS A 316 -74.04 -81.17 -0.73
CA LYS A 316 -73.38 -81.42 -2.01
C LYS A 316 -73.29 -80.11 -2.78
N GLN A 317 -72.07 -79.75 -3.19
CA GLN A 317 -71.84 -78.51 -3.92
C GLN A 317 -72.09 -78.79 -5.41
N LEU A 318 -73.25 -78.35 -5.90
CA LEU A 318 -73.60 -78.59 -7.29
C LEU A 318 -72.80 -77.69 -8.21
N LYS A 319 -72.41 -78.22 -9.37
CA LYS A 319 -71.68 -77.49 -10.38
C LYS A 319 -72.32 -77.75 -11.74
N VAL A 320 -72.33 -76.73 -12.60
CA VAL A 320 -73.00 -76.79 -13.88
C VAL A 320 -72.05 -76.35 -14.98
N ARG A 321 -72.04 -77.07 -16.09
CA ARG A 321 -71.26 -76.71 -17.26
C ARG A 321 -72.07 -75.77 -18.15
N ASP A 322 -71.48 -75.35 -19.27
CA ASP A 322 -72.19 -74.52 -20.23
C ASP A 322 -71.88 -74.92 -21.66
N ASP A 323 -71.55 -76.20 -21.88
CA ASP A 323 -71.27 -76.80 -23.19
C ASP A 323 -69.99 -76.27 -23.82
N ASN A 324 -69.28 -75.35 -23.16
CA ASN A 324 -68.05 -74.80 -23.70
C ASN A 324 -66.80 -75.18 -22.91
N GLY A 325 -66.95 -75.50 -21.63
CA GLY A 325 -65.80 -75.90 -20.82
C GLY A 325 -65.61 -75.04 -19.59
N THR A 326 -65.87 -73.74 -19.72
CA THR A 326 -65.70 -72.83 -18.59
C THR A 326 -66.80 -73.02 -17.57
N ASP A 327 -66.50 -72.64 -16.33
CA ASP A 327 -67.45 -72.74 -15.23
C ASP A 327 -68.35 -71.52 -15.18
N VAL A 328 -69.65 -71.75 -14.97
CA VAL A 328 -70.64 -70.69 -14.86
C VAL A 328 -71.43 -70.78 -13.57
N THR A 329 -70.99 -71.61 -12.61
CA THR A 329 -71.73 -71.81 -11.38
C THR A 329 -71.84 -70.51 -10.58
N ALA A 330 -70.77 -69.71 -10.57
CA ALA A 330 -70.79 -68.45 -9.83
C ALA A 330 -71.82 -67.49 -10.39
N ARG A 331 -72.16 -67.60 -11.68
CA ARG A 331 -73.12 -66.73 -12.32
C ARG A 331 -74.40 -67.47 -12.71
N CYS A 332 -74.73 -68.53 -11.98
CA CYS A 332 -75.95 -69.32 -12.20
C CYS A 332 -76.84 -69.23 -10.98
N THR A 333 -78.16 -69.31 -11.22
CA THR A 333 -79.13 -69.36 -10.14
C THR A 333 -79.74 -70.75 -10.05
N PHE A 334 -80.11 -71.15 -8.84
CA PHE A 334 -80.63 -72.48 -8.58
C PHE A 334 -81.99 -72.38 -7.89
N ALA A 335 -82.95 -73.16 -8.38
CA ALA A 335 -84.29 -73.20 -7.83
C ALA A 335 -84.67 -74.63 -7.51
N SER A 336 -85.42 -74.83 -6.43
CA SER A 336 -85.89 -76.14 -6.01
C SER A 336 -87.41 -76.18 -6.11
N SER A 337 -87.92 -77.14 -6.88
CA SER A 337 -89.37 -77.37 -6.96
C SER A 337 -89.89 -78.20 -5.80
N ALA A 338 -89.00 -78.74 -4.97
CA ALA A 338 -89.32 -79.55 -3.81
C ALA A 338 -88.54 -79.07 -2.60
N GLY A 339 -88.58 -77.76 -2.36
CA GLY A 339 -87.74 -77.16 -1.35
C GLY A 339 -87.86 -77.81 0.02
N THR A 340 -89.06 -78.27 0.36
CA THR A 340 -89.22 -79.01 1.61
C THR A 340 -88.49 -80.35 1.56
N LYS A 341 -88.49 -81.00 0.40
CA LYS A 341 -87.77 -82.28 0.26
C LYS A 341 -86.27 -82.07 0.19
N ALA A 342 -85.82 -81.07 -0.58
CA ALA A 342 -84.40 -80.78 -0.73
C ALA A 342 -84.18 -79.28 -0.68
N THR A 343 -83.20 -78.85 0.10
CA THR A 343 -82.89 -77.45 0.28
C THR A 343 -81.61 -77.11 -0.48
N VAL A 344 -81.67 -76.08 -1.33
CA VAL A 344 -80.54 -75.65 -2.13
C VAL A 344 -80.15 -74.24 -1.72
N SER A 345 -78.85 -73.95 -1.81
CA SER A 345 -78.31 -72.65 -1.45
C SER A 345 -78.15 -71.77 -2.69
N ALA A 346 -77.76 -70.52 -2.45
CA ALA A 346 -77.56 -69.59 -3.55
C ALA A 346 -76.40 -70.03 -4.44
N ALA A 347 -75.31 -70.50 -3.84
CA ALA A 347 -74.15 -70.95 -4.59
C ALA A 347 -74.32 -72.33 -5.19
N GLY A 348 -75.41 -73.03 -4.88
CA GLY A 348 -75.65 -74.37 -5.38
C GLY A 348 -75.40 -75.48 -4.40
N LEU A 349 -75.06 -75.17 -3.15
CA LEU A 349 -74.81 -76.19 -2.12
C LEU A 349 -76.16 -76.73 -1.66
N VAL A 350 -76.58 -77.83 -2.29
CA VAL A 350 -77.86 -78.44 -1.94
C VAL A 350 -77.67 -79.30 -0.70
N THR A 351 -78.57 -79.11 0.28
CA THR A 351 -78.51 -79.82 1.55
C THR A 351 -79.73 -80.74 1.66
N GLY A 352 -79.49 -82.00 2.02
CA GLY A 352 -80.56 -82.95 2.19
C GLY A 352 -81.21 -82.86 3.55
N VAL A 353 -82.45 -82.39 3.59
CA VAL A 353 -83.17 -82.23 4.86
C VAL A 353 -84.17 -83.37 5.03
N ALA A 354 -84.71 -83.86 3.91
CA ALA A 354 -85.67 -84.95 3.93
C ALA A 354 -85.30 -85.98 2.88
N ALA A 355 -85.31 -87.25 3.26
CA ALA A 355 -85.03 -88.32 2.32
C ALA A 355 -86.17 -88.47 1.32
N GLY A 356 -85.83 -88.72 0.07
CA GLY A 356 -86.82 -88.85 -0.97
C GLY A 356 -86.23 -88.51 -2.33
N THR A 357 -87.09 -88.06 -3.23
CA THR A 357 -86.69 -87.69 -4.58
C THR A 357 -87.16 -86.27 -4.87
N ALA A 358 -86.27 -85.44 -5.41
CA ALA A 358 -86.57 -84.06 -5.71
C ALA A 358 -85.91 -83.67 -7.02
N ASP A 359 -86.14 -82.43 -7.45
CA ASP A 359 -85.54 -81.89 -8.67
C ASP A 359 -84.98 -80.51 -8.38
N ILE A 360 -83.85 -80.18 -9.03
CA ILE A 360 -83.25 -78.86 -8.94
C ILE A 360 -83.06 -78.32 -10.34
N THR A 361 -83.50 -77.09 -10.58
CA THR A 361 -83.38 -76.44 -11.88
C THR A 361 -82.35 -75.32 -11.78
N ALA A 362 -81.34 -75.39 -12.63
CA ALA A 362 -80.30 -74.37 -12.71
C ALA A 362 -80.54 -73.51 -13.94
N SER A 363 -80.54 -72.20 -13.75
CA SER A 363 -80.77 -71.24 -14.81
C SER A 363 -79.54 -70.35 -14.98
N TYR A 364 -79.15 -70.13 -16.23
CA TYR A 364 -77.99 -69.33 -16.57
C TYR A 364 -78.40 -68.29 -17.61
N VAL A 365 -78.13 -67.02 -17.33
CA VAL A 365 -78.41 -65.97 -18.30
C VAL A 365 -77.40 -66.07 -19.45
N PRO A 366 -77.84 -66.13 -20.69
CA PRO A 366 -76.90 -66.26 -21.81
C PRO A 366 -76.16 -64.96 -22.05
N PRO A 367 -74.87 -65.03 -22.38
CA PRO A 367 -74.15 -63.81 -22.76
C PRO A 367 -74.73 -63.12 -23.97
N GLN A 368 -75.30 -63.87 -24.91
CA GLN A 368 -75.92 -63.29 -26.09
C GLN A 368 -77.22 -62.58 -25.77
N GLY A 369 -77.81 -62.82 -24.60
CA GLY A 369 -79.06 -62.21 -24.21
C GLY A 369 -80.26 -63.05 -24.60
N GLY A 370 -81.40 -62.69 -24.01
CA GLY A 370 -82.64 -63.39 -24.26
C GLY A 370 -83.08 -64.26 -23.10
N THR A 371 -83.77 -65.35 -23.39
CA THR A 371 -84.23 -66.25 -22.33
C THR A 371 -83.05 -66.98 -21.70
N ALA A 372 -83.15 -67.21 -20.39
CA ALA A 372 -82.09 -67.89 -19.67
C ALA A 372 -82.17 -69.40 -19.89
N LYS A 373 -81.02 -70.01 -20.18
CA LYS A 373 -80.99 -71.45 -20.39
C LYS A 373 -81.19 -72.18 -19.07
N THR A 374 -82.10 -73.15 -19.06
CA THR A 374 -82.46 -73.87 -17.85
C THR A 374 -82.21 -75.35 -18.02
N ALA A 375 -81.77 -76.00 -16.95
CA ALA A 375 -81.54 -77.44 -16.95
C ALA A 375 -81.94 -78.01 -15.61
N THR A 376 -82.74 -79.07 -15.64
CA THR A 376 -83.28 -79.69 -14.43
C THR A 376 -82.62 -81.04 -14.20
N VAL A 377 -82.17 -81.29 -12.98
CA VAL A 377 -81.52 -82.54 -12.60
C VAL A 377 -82.20 -83.09 -11.36
N THR A 378 -82.52 -84.39 -11.39
CA THR A 378 -83.14 -85.04 -10.26
C THR A 378 -82.09 -85.40 -9.19
N VAL A 379 -82.57 -85.55 -7.96
CA VAL A 379 -81.75 -85.91 -6.82
C VAL A 379 -82.52 -86.93 -5.99
N THR A 380 -81.79 -87.91 -5.45
CA THR A 380 -82.37 -88.97 -4.62
C THR A 380 -81.66 -88.95 -3.27
N VAL A 381 -82.19 -88.17 -2.34
CA VAL A 381 -81.60 -88.04 -1.01
C VAL A 381 -81.90 -89.31 -0.22
N PRO A 382 -80.87 -90.03 0.25
CA PRO A 382 -81.03 -91.29 1.00
C PRO A 382 -81.69 -91.08 2.36
N ILE B 4 -54.21 -153.74 -37.07
CA ILE B 4 -54.01 -153.00 -35.82
C ILE B 4 -52.54 -152.94 -35.48
N PHE B 5 -51.98 -151.72 -35.44
CA PHE B 5 -50.58 -151.51 -35.14
C PHE B 5 -50.41 -151.18 -33.65
N VAL B 6 -49.16 -150.99 -33.25
CA VAL B 6 -48.83 -150.69 -31.86
C VAL B 6 -48.02 -149.41 -31.81
N LYS B 7 -48.26 -148.51 -32.76
CA LYS B 7 -47.52 -147.26 -32.80
C LYS B 7 -47.84 -146.41 -31.57
N PRO B 8 -46.84 -145.81 -30.95
CA PRO B 8 -47.07 -144.98 -29.76
C PRO B 8 -47.46 -143.56 -30.14
N GLU B 9 -47.73 -142.75 -29.12
CA GLU B 9 -48.09 -141.36 -29.35
C GLU B 9 -46.84 -140.52 -29.64
N LEU B 10 -47.06 -139.35 -30.22
CA LEU B 10 -46.00 -138.42 -30.54
C LEU B 10 -46.36 -137.03 -30.07
N VAL B 11 -45.39 -136.35 -29.45
CA VAL B 11 -45.56 -134.98 -28.97
C VAL B 11 -44.46 -134.15 -29.61
N ALA B 12 -44.85 -133.15 -30.39
CA ALA B 12 -43.91 -132.26 -31.06
C ALA B 12 -44.21 -130.81 -30.68
N GLU B 13 -43.19 -129.97 -30.80
CA GLU B 13 -43.27 -128.58 -30.38
C GLU B 13 -43.23 -127.67 -31.60
N ILE B 14 -44.30 -126.88 -31.77
CA ILE B 14 -44.36 -125.83 -32.77
C ILE B 14 -44.92 -124.59 -32.07
N GLY B 15 -44.66 -123.43 -32.67
CA GLY B 15 -45.11 -122.20 -32.05
C GLY B 15 -46.62 -122.08 -32.00
N VAL B 16 -47.19 -122.32 -30.82
CA VAL B 16 -48.62 -122.21 -30.60
C VAL B 16 -48.87 -121.48 -29.28
N LYS B 17 -47.83 -120.80 -28.78
CA LYS B 17 -47.89 -120.22 -27.45
C LYS B 17 -49.03 -119.20 -27.33
N GLN B 18 -49.66 -119.19 -26.17
CA GLN B 18 -50.79 -118.30 -25.93
C GLN B 18 -50.36 -116.85 -26.03
N LEU B 19 -51.25 -116.01 -26.55
CA LEU B 19 -50.96 -114.59 -26.75
C LEU B 19 -51.17 -113.85 -25.44
N GLN B 20 -50.13 -113.16 -24.98
CA GLN B 20 -50.16 -112.40 -23.74
C GLN B 20 -50.01 -110.91 -24.03
N ARG B 21 -50.18 -110.11 -22.98
CA ARG B 21 -50.11 -108.66 -23.11
C ARG B 21 -48.66 -108.21 -23.22
N GLU B 22 -48.46 -106.90 -23.35
CA GLU B 22 -47.14 -106.31 -23.46
C GLU B 22 -46.86 -105.43 -22.25
N ILE B 23 -45.67 -105.57 -21.67
CA ILE B 23 -45.30 -104.81 -20.49
C ILE B 23 -44.84 -103.42 -20.91
N VAL B 24 -45.77 -102.47 -20.96
CA VAL B 24 -45.47 -101.10 -21.35
C VAL B 24 -45.73 -100.11 -20.22
N LEU B 25 -46.76 -100.35 -19.40
CA LEU B 25 -47.09 -99.41 -18.32
C LEU B 25 -45.97 -99.22 -17.30
N PRO B 26 -45.31 -100.27 -16.77
CA PRO B 26 -44.28 -100.03 -15.74
C PRO B 26 -43.13 -99.16 -16.22
N GLY B 27 -42.89 -99.08 -17.53
CA GLY B 27 -41.85 -98.24 -18.07
C GLY B 27 -42.29 -96.82 -18.38
N LEU B 28 -43.50 -96.43 -18.00
CA LEU B 28 -44.02 -95.09 -18.28
C LEU B 28 -44.52 -94.39 -17.02
N VAL B 29 -44.02 -94.77 -15.85
CA VAL B 29 -44.44 -94.16 -14.59
C VAL B 29 -43.20 -93.80 -13.78
N TRP B 30 -43.40 -92.87 -12.84
CA TRP B 30 -42.32 -92.45 -11.96
C TRP B 30 -41.98 -93.59 -11.00
N THR B 31 -40.78 -94.14 -11.14
CA THR B 31 -40.37 -95.33 -10.40
C THR B 31 -39.25 -94.98 -9.42
N ASN B 32 -39.38 -95.46 -8.19
CA ASN B 32 -38.38 -95.31 -7.14
C ASN B 32 -38.05 -93.85 -6.87
N PRO B 33 -39.00 -93.07 -6.31
CA PRO B 33 -38.67 -91.67 -5.99
C PRO B 33 -37.77 -91.55 -4.77
N LEU B 34 -38.01 -92.34 -3.74
CA LEU B 34 -37.24 -92.29 -2.50
C LEU B 34 -36.88 -93.70 -2.07
N THR B 35 -35.78 -93.80 -1.33
CA THR B 35 -35.30 -95.07 -0.80
C THR B 35 -35.24 -95.02 0.73
N ASP B 36 -34.75 -96.11 1.32
CA ASP B 36 -34.61 -96.22 2.77
C ASP B 36 -35.95 -96.02 3.47
N PHE B 37 -36.94 -96.81 3.07
CA PHE B 37 -38.25 -96.74 3.71
C PHE B 37 -38.23 -97.21 5.16
N GLY B 38 -37.19 -97.94 5.56
CA GLY B 38 -37.04 -98.35 6.95
C GLY B 38 -36.51 -97.29 7.87
N GLY B 39 -36.09 -96.14 7.33
CA GLY B 39 -35.66 -95.03 8.14
C GLY B 39 -36.76 -94.15 8.67
N SER B 40 -38.01 -94.49 8.40
CA SER B 40 -39.16 -93.72 8.85
C SER B 40 -40.11 -94.64 9.63
N LYS B 41 -40.82 -94.05 10.57
CA LYS B 41 -41.75 -94.80 11.40
C LYS B 41 -42.88 -95.37 10.55
N ASN B 42 -43.28 -96.60 10.86
CA ASN B 42 -44.34 -97.32 10.15
C ASN B 42 -44.04 -97.50 8.67
N ASP B 43 -42.75 -97.43 8.29
CA ASP B 43 -42.32 -97.57 6.90
C ASP B 43 -43.03 -96.57 5.99
N THR B 44 -43.25 -95.36 6.51
CA THR B 44 -43.96 -94.31 5.78
C THR B 44 -43.08 -93.07 5.73
N ILE B 45 -42.56 -92.77 4.53
CA ILE B 45 -41.72 -91.60 4.33
C ILE B 45 -42.62 -90.43 3.95
N THR B 46 -42.40 -89.30 4.61
CA THR B 46 -43.20 -88.10 4.38
C THR B 46 -42.56 -87.24 3.29
N VAL B 47 -43.39 -86.73 2.38
CA VAL B 47 -42.96 -85.82 1.32
C VAL B 47 -43.57 -84.46 1.62
N ARG B 48 -42.72 -83.44 1.61
CA ARG B 48 -43.10 -82.09 2.01
C ARG B 48 -43.47 -81.25 0.79
N VAL B 49 -44.61 -80.58 0.87
CA VAL B 49 -45.09 -79.64 -0.14
C VAL B 49 -44.91 -78.24 0.42
N PRO B 50 -44.06 -77.41 -0.19
CA PRO B 50 -43.84 -76.06 0.33
C PRO B 50 -45.10 -75.22 0.29
N ALA B 51 -45.20 -74.28 1.23
CA ALA B 51 -46.38 -73.47 1.38
C ALA B 51 -46.40 -72.32 0.38
N ILE B 52 -47.56 -71.66 0.30
CA ILE B 52 -47.75 -70.46 -0.51
C ILE B 52 -48.37 -69.39 0.38
N THR B 53 -48.17 -68.14 -0.02
CA THR B 53 -48.66 -66.99 0.72
C THR B 53 -49.68 -66.23 -0.11
N THR B 54 -50.38 -65.30 0.55
CA THR B 54 -51.37 -64.47 -0.10
C THR B 54 -51.14 -63.02 0.29
N ALA B 55 -51.56 -62.11 -0.59
CA ALA B 55 -51.42 -60.69 -0.39
C ALA B 55 -52.78 -60.02 -0.40
N ASN B 56 -53.00 -59.12 0.55
CA ASN B 56 -54.26 -58.40 0.67
C ASN B 56 -54.14 -57.01 0.06
N ARG B 57 -55.27 -56.48 -0.37
CA ARG B 57 -55.33 -55.15 -0.98
C ARG B 57 -55.74 -54.14 0.08
N ARG B 58 -55.02 -53.03 0.15
CA ARG B 58 -55.21 -52.01 1.17
C ARG B 58 -55.58 -50.68 0.53
N ASP B 59 -56.55 -50.00 1.11
CA ASP B 59 -56.96 -48.69 0.63
C ASP B 59 -56.02 -47.61 1.16
N LEU B 60 -55.61 -46.71 0.26
CA LEU B 60 -54.66 -45.67 0.62
C LEU B 60 -55.35 -44.51 1.31
N ARG B 61 -54.60 -43.84 2.20
CA ARG B 61 -55.06 -42.66 2.92
C ARG B 61 -56.35 -42.92 3.69
N ASP B 62 -56.46 -44.12 4.28
CA ASP B 62 -57.61 -44.49 5.08
C ASP B 62 -57.26 -45.67 5.99
N PRO B 63 -56.53 -45.43 7.08
CA PRO B 63 -56.12 -46.55 7.93
C PRO B 63 -57.23 -47.07 8.83
N ASP B 64 -57.85 -48.17 8.44
CA ASP B 64 -58.81 -48.87 9.29
C ASP B 64 -58.43 -50.34 9.43
N ARG B 65 -57.95 -50.92 8.33
CA ARG B 65 -57.47 -52.31 8.33
C ARG B 65 -55.94 -52.35 8.42
N THR B 66 -55.40 -51.81 9.51
CA THR B 66 -53.96 -51.72 9.69
C THR B 66 -53.34 -53.11 9.73
N VAL B 67 -52.21 -53.26 9.04
CA VAL B 67 -51.48 -54.53 8.92
C VAL B 67 -52.39 -55.58 8.30
N ILE B 68 -53.05 -56.38 9.14
CA ILE B 68 -53.80 -57.56 8.71
C ILE B 68 -52.85 -58.46 7.93
N ALA B 69 -51.91 -59.09 8.64
CA ALA B 69 -50.85 -59.85 8.01
C ALA B 69 -51.38 -61.20 7.53
N SER B 70 -50.47 -62.03 7.01
CA SER B 70 -50.81 -63.36 6.52
C SER B 70 -49.79 -64.36 7.06
N GLU B 71 -50.00 -65.63 6.74
CA GLU B 71 -49.12 -66.69 7.19
C GLU B 71 -49.11 -67.80 6.14
N LEU B 72 -48.22 -68.77 6.34
CA LEU B 72 -48.06 -69.89 5.43
C LEU B 72 -48.01 -71.19 6.23
N VAL B 73 -48.59 -72.25 5.67
CA VAL B 73 -48.59 -73.57 6.28
C VAL B 73 -48.08 -74.57 5.24
N GLU B 74 -46.93 -75.16 5.49
CA GLU B 74 -46.35 -76.15 4.59
C GLU B 74 -47.06 -77.49 4.78
N HIS B 75 -47.42 -78.14 3.68
CA HIS B 75 -48.17 -79.38 3.74
C HIS B 75 -47.26 -80.59 3.56
N SER B 76 -47.84 -81.77 3.68
CA SER B 76 -47.07 -83.00 3.52
C SER B 76 -48.02 -84.16 3.27
N PHE B 77 -47.46 -85.24 2.72
CA PHE B 77 -48.20 -86.47 2.52
C PHE B 77 -47.27 -87.67 2.64
N GLY B 78 -47.80 -88.77 3.15
CA GLY B 78 -47.00 -89.96 3.44
C GLY B 78 -47.10 -90.99 2.35
N VAL B 79 -45.98 -91.66 2.08
CA VAL B 79 -45.90 -92.76 1.12
C VAL B 79 -45.32 -93.97 1.84
N THR B 80 -46.00 -95.11 1.74
CA THR B 80 -45.58 -96.31 2.45
C THR B 80 -45.68 -97.52 1.55
N LEU B 81 -44.87 -98.52 1.85
CA LEU B 81 -44.93 -99.81 1.17
C LEU B 81 -45.93 -100.70 1.88
N ASP B 82 -46.88 -101.26 1.12
CA ASP B 82 -47.96 -102.02 1.71
C ASP B 82 -48.30 -103.32 1.00
N LYS B 83 -47.64 -103.67 -0.10
CA LYS B 83 -47.93 -104.91 -0.81
C LYS B 83 -46.66 -105.74 -0.93
N HIS B 84 -46.82 -107.06 -0.85
CA HIS B 84 -45.71 -108.01 -0.94
C HIS B 84 -46.03 -108.97 -2.07
N VAL B 85 -45.58 -108.64 -3.28
CA VAL B 85 -45.89 -109.45 -4.44
C VAL B 85 -45.04 -110.71 -4.41
N TYR B 86 -45.68 -111.87 -4.33
CA TYR B 86 -44.98 -113.13 -4.21
C TYR B 86 -45.66 -114.19 -5.08
N ALA B 87 -44.84 -115.11 -5.58
CA ALA B 87 -45.30 -116.23 -6.38
C ALA B 87 -44.57 -117.48 -5.92
N ALA B 88 -45.34 -118.50 -5.52
CA ALA B 88 -44.81 -119.69 -4.90
C ALA B 88 -45.07 -120.92 -5.77
N LEU B 89 -44.18 -121.89 -5.70
CA LEU B 89 -44.33 -123.11 -6.48
C LEU B 89 -43.81 -124.30 -5.68
N LYS B 90 -44.74 -125.17 -5.26
CA LYS B 90 -44.36 -126.45 -4.67
C LYS B 90 -44.06 -127.44 -5.79
N PHE B 91 -43.01 -128.24 -5.61
CA PHE B 91 -42.50 -129.07 -6.68
C PHE B 91 -42.64 -130.57 -6.46
N THR B 92 -43.04 -131.01 -5.26
CA THR B 92 -43.33 -132.41 -4.96
C THR B 92 -42.31 -133.36 -5.56
N ASP B 93 -41.08 -133.32 -5.03
CA ASP B 93 -39.84 -133.79 -5.65
C ASP B 93 -40.00 -135.02 -6.54
N GLU B 94 -40.78 -136.00 -6.11
CA GLU B 94 -41.00 -137.19 -6.95
C GLU B 94 -41.50 -136.81 -8.34
N GLN B 95 -42.26 -135.71 -8.45
CA GLN B 95 -42.61 -135.17 -9.76
C GLN B 95 -41.43 -134.44 -10.39
N ARG B 96 -40.67 -133.70 -9.60
CA ARG B 96 -39.55 -132.92 -10.11
C ARG B 96 -38.49 -133.79 -10.77
N THR B 97 -38.33 -135.04 -10.33
CA THR B 97 -37.32 -135.92 -10.88
C THR B 97 -37.60 -136.35 -12.32
N LEU B 98 -38.87 -136.30 -12.76
CA LEU B 98 -39.21 -136.79 -14.09
C LEU B 98 -39.99 -135.78 -14.92
N ASP B 99 -40.84 -134.96 -14.28
CA ASP B 99 -41.66 -134.02 -15.01
C ASP B 99 -40.86 -132.86 -15.59
N ILE B 100 -40.23 -132.06 -14.72
CA ILE B 100 -39.57 -130.84 -15.18
C ILE B 100 -38.25 -131.20 -15.86
N ARG B 101 -38.01 -130.59 -17.01
CA ARG B 101 -36.80 -130.85 -17.79
C ARG B 101 -35.79 -129.71 -17.69
N ASP B 102 -36.22 -128.49 -17.99
CA ASP B 102 -35.36 -127.31 -17.92
C ASP B 102 -35.91 -126.40 -16.81
N TYR B 103 -35.11 -126.25 -15.74
CA TYR B 103 -35.53 -125.43 -14.62
C TYR B 103 -35.65 -123.96 -15.02
N THR B 104 -34.74 -123.48 -15.86
CA THR B 104 -34.76 -122.08 -16.27
C THR B 104 -35.87 -121.79 -17.27
N LYS B 105 -36.26 -122.77 -18.08
CA LYS B 105 -37.22 -122.52 -19.15
C LYS B 105 -38.66 -122.58 -18.65
N GLN B 106 -39.07 -123.73 -18.11
CA GLN B 106 -40.46 -123.96 -17.76
C GLN B 106 -40.81 -123.61 -16.31
N VAL B 107 -39.85 -123.08 -15.54
CA VAL B 107 -40.13 -122.71 -14.16
C VAL B 107 -39.79 -121.25 -13.93
N LEU B 108 -38.52 -120.89 -14.15
CA LEU B 108 -38.07 -119.52 -13.88
C LEU B 108 -38.74 -118.52 -14.80
N MET B 109 -38.82 -118.82 -16.10
CA MET B 109 -39.47 -117.91 -17.03
C MET B 109 -40.95 -117.73 -16.75
N PRO B 110 -41.75 -118.78 -16.52
CA PRO B 110 -43.16 -118.53 -16.14
C PRO B 110 -43.31 -117.73 -14.87
N GLN B 111 -42.46 -117.95 -13.87
CA GLN B 111 -42.53 -117.16 -12.64
C GLN B 111 -42.22 -115.69 -12.90
N VAL B 112 -41.18 -115.42 -13.69
CA VAL B 112 -40.82 -114.05 -14.02
C VAL B 112 -41.94 -113.37 -14.79
N SER B 113 -42.53 -114.08 -15.75
CA SER B 113 -43.64 -113.50 -16.52
C SER B 113 -44.84 -113.23 -15.63
N ALA B 114 -45.16 -114.15 -14.73
CA ALA B 114 -46.29 -113.96 -13.83
C ALA B 114 -46.07 -112.76 -12.92
N VAL B 115 -44.85 -112.61 -12.38
CA VAL B 115 -44.55 -111.47 -11.52
C VAL B 115 -44.64 -110.17 -12.31
N ALA B 116 -44.11 -110.16 -13.54
CA ALA B 116 -44.16 -108.94 -14.36
C ALA B 116 -45.60 -108.55 -14.68
N TYR B 117 -46.44 -109.53 -15.04
CA TYR B 117 -47.83 -109.21 -15.35
C TYR B 117 -48.62 -108.83 -14.11
N GLU B 118 -48.28 -109.40 -12.95
CA GLU B 118 -48.89 -108.97 -11.70
C GLU B 118 -48.51 -107.52 -11.39
N LEU B 119 -47.26 -107.15 -11.65
CA LEU B 119 -46.85 -105.75 -11.46
C LEU B 119 -47.57 -104.83 -12.43
N GLU B 120 -47.74 -105.26 -13.68
CA GLU B 120 -48.50 -104.46 -14.63
C GLU B 120 -49.94 -104.27 -14.17
N ASP B 121 -50.57 -105.33 -13.65
CA ASP B 121 -51.92 -105.21 -13.11
C ASP B 121 -51.95 -104.28 -11.90
N TYR B 122 -50.91 -104.35 -11.06
CA TYR B 122 -50.81 -103.47 -9.89
C TYR B 122 -50.78 -102.01 -10.34
N ILE B 123 -50.02 -101.71 -11.40
CA ILE B 123 -50.09 -100.38 -11.99
C ILE B 123 -51.48 -100.10 -12.55
N ALA B 124 -52.12 -101.13 -13.12
CA ALA B 124 -53.38 -100.93 -13.83
C ALA B 124 -54.48 -100.46 -12.88
N GLU B 125 -54.70 -101.20 -11.77
CA GLU B 125 -55.78 -100.76 -10.87
C GLU B 125 -55.40 -99.47 -10.14
N LEU B 126 -54.11 -99.18 -9.99
CA LEU B 126 -53.71 -97.91 -9.40
C LEU B 126 -53.99 -96.74 -10.32
N ILE B 127 -53.92 -96.95 -11.63
CA ILE B 127 -54.16 -95.87 -12.58
C ILE B 127 -55.57 -95.32 -12.43
N GLU B 128 -56.57 -96.20 -12.40
CA GLU B 128 -57.95 -95.78 -12.22
C GLU B 128 -58.39 -95.71 -10.77
N GLY B 129 -57.52 -96.10 -9.84
CA GLY B 129 -57.84 -96.03 -8.43
C GLY B 129 -57.54 -94.67 -7.83
N ALA B 130 -57.98 -93.61 -8.51
CA ALA B 130 -57.73 -92.24 -8.09
C ALA B 130 -59.02 -91.45 -8.15
N PRO B 131 -59.15 -90.40 -7.32
CA PRO B 131 -60.38 -89.60 -7.33
C PRO B 131 -60.54 -88.77 -8.60
N TYR B 132 -60.82 -89.43 -9.72
CA TYR B 132 -61.05 -88.72 -10.97
C TYR B 132 -62.35 -87.92 -10.90
N GLU B 133 -62.34 -86.73 -11.49
CA GLU B 133 -63.49 -85.83 -11.44
C GLU B 133 -64.40 -86.01 -12.65
N GLU B 134 -63.84 -85.89 -13.85
CA GLU B 134 -64.61 -85.92 -15.08
C GLU B 134 -64.25 -87.14 -15.91
N THR B 135 -65.12 -87.46 -16.87
CA THR B 135 -64.92 -88.57 -17.79
C THR B 135 -64.76 -88.13 -19.24
N ILE B 136 -64.84 -86.82 -19.51
CA ILE B 136 -64.60 -86.23 -20.82
C ILE B 136 -65.66 -86.65 -21.84
N LEU B 137 -65.99 -87.94 -21.87
CA LEU B 137 -67.06 -88.48 -22.72
C LEU B 137 -66.77 -88.19 -24.21
N ILE B 138 -65.70 -88.83 -24.69
CA ILE B 138 -65.31 -88.68 -26.09
C ILE B 138 -66.44 -89.17 -27.00
N ASP B 139 -66.81 -88.32 -27.95
CA ASP B 139 -67.79 -88.72 -28.95
C ASP B 139 -67.16 -89.72 -29.92
N PRO B 140 -67.86 -90.81 -30.25
CA PRO B 140 -67.26 -91.81 -31.17
C PRO B 140 -66.92 -91.25 -32.53
N ALA B 141 -67.72 -90.31 -33.05
CA ALA B 141 -67.47 -89.77 -34.37
C ALA B 141 -66.37 -88.70 -34.34
N ASP B 142 -66.59 -87.64 -33.57
CA ASP B 142 -65.62 -86.56 -33.44
C ASP B 142 -64.91 -86.70 -32.10
N THR B 143 -63.59 -86.93 -32.14
CA THR B 143 -62.83 -87.25 -30.94
C THR B 143 -61.86 -86.16 -30.51
N VAL B 144 -61.33 -85.36 -31.43
CA VAL B 144 -60.34 -84.36 -31.05
C VAL B 144 -60.90 -83.24 -30.18
N PRO B 145 -62.19 -82.87 -30.25
CA PRO B 145 -62.70 -81.92 -29.24
C PRO B 145 -62.55 -82.43 -27.82
N ALA B 146 -62.71 -83.74 -27.61
CA ALA B 146 -62.50 -84.30 -26.28
C ALA B 146 -61.06 -84.13 -25.81
N PHE B 147 -60.10 -84.36 -26.69
CA PHE B 147 -58.70 -84.16 -26.34
C PHE B 147 -58.39 -82.69 -26.06
N ILE B 148 -58.97 -81.79 -26.85
CA ILE B 148 -58.78 -80.36 -26.61
C ILE B 148 -59.38 -79.97 -25.25
N THR B 149 -60.56 -80.52 -24.94
CA THR B 149 -61.18 -80.24 -23.64
C THR B 149 -60.32 -80.76 -22.51
N ALA B 150 -59.75 -81.96 -22.65
CA ALA B 150 -58.86 -82.49 -21.62
C ALA B 150 -57.63 -81.61 -21.45
N ASP B 151 -57.06 -81.14 -22.58
CA ASP B 151 -55.88 -80.28 -22.50
C ASP B 151 -56.20 -78.96 -21.79
N GLN B 152 -57.35 -78.37 -22.10
CA GLN B 152 -57.70 -77.11 -21.46
C GLN B 152 -58.08 -77.31 -19.99
N ARG B 153 -58.64 -78.47 -19.65
CA ARG B 153 -58.87 -78.79 -18.24
C ARG B 153 -57.56 -78.90 -17.48
N MET B 154 -56.56 -79.56 -18.07
CA MET B 154 -55.25 -79.64 -17.45
C MET B 154 -54.61 -78.25 -17.33
N GLY B 155 -54.78 -77.42 -18.36
CA GLY B 155 -54.24 -76.07 -18.30
C GLY B 155 -54.91 -75.21 -17.24
N GLU B 156 -56.22 -75.41 -17.02
CA GLU B 156 -56.92 -74.63 -16.01
C GLU B 156 -56.36 -74.89 -14.62
N ALA B 157 -55.99 -76.14 -14.34
CA ALA B 157 -55.38 -76.50 -13.06
C ALA B 157 -53.90 -76.13 -12.98
N ASN B 158 -53.39 -75.40 -13.97
CA ASN B 158 -52.00 -74.95 -13.99
C ASN B 158 -51.02 -76.12 -13.97
N VAL B 159 -51.43 -77.26 -14.53
CA VAL B 159 -50.53 -78.42 -14.63
C VAL B 159 -49.49 -78.13 -15.70
N PRO B 160 -48.20 -78.35 -15.43
CA PRO B 160 -47.17 -78.10 -16.45
C PRO B 160 -47.41 -78.95 -17.69
N THR B 161 -47.16 -78.36 -18.85
CA THR B 161 -47.39 -79.05 -20.12
C THR B 161 -46.31 -80.08 -20.41
N ASP B 162 -45.07 -79.82 -20.00
CA ASP B 162 -43.98 -80.75 -20.26
C ASP B 162 -44.14 -82.02 -19.43
N SER B 163 -43.69 -83.14 -20.01
CA SER B 163 -43.73 -84.45 -19.36
C SER B 163 -45.16 -84.84 -18.98
N ARG B 164 -46.01 -84.93 -20.00
CA ARG B 164 -47.41 -85.34 -19.85
C ARG B 164 -47.58 -86.67 -20.58
N ARG B 165 -47.67 -87.76 -19.82
CA ARG B 165 -47.78 -89.09 -20.39
C ARG B 165 -49.26 -89.43 -20.63
N LEU B 166 -49.57 -89.82 -21.85
CA LEU B 166 -50.93 -90.21 -22.24
C LEU B 166 -50.90 -91.67 -22.70
N VAL B 167 -51.77 -92.48 -22.10
CA VAL B 167 -51.89 -93.90 -22.44
C VAL B 167 -53.35 -94.15 -22.85
N VAL B 168 -53.54 -94.73 -24.03
CA VAL B 168 -54.87 -95.00 -24.55
C VAL B 168 -54.99 -96.50 -24.83
N GLY B 169 -56.24 -96.97 -24.85
CA GLY B 169 -56.52 -98.35 -25.13
C GLY B 169 -56.64 -98.63 -26.62
N SER B 170 -56.93 -99.90 -26.93
CA SER B 170 -57.12 -100.29 -28.32
C SER B 170 -58.34 -99.61 -28.93
N ALA B 171 -59.43 -99.52 -28.16
CA ALA B 171 -60.64 -98.88 -28.66
C ALA B 171 -60.42 -97.40 -28.92
N VAL B 172 -59.66 -96.72 -28.06
CA VAL B 172 -59.38 -95.30 -28.28
C VAL B 172 -58.58 -95.11 -29.57
N ALA B 173 -57.58 -95.96 -29.80
CA ALA B 173 -56.80 -95.88 -31.03
C ALA B 173 -57.67 -96.17 -32.25
N ALA B 174 -58.58 -97.14 -32.14
CA ALA B 174 -59.49 -97.44 -33.25
C ALA B 174 -60.40 -96.27 -33.54
N ALA B 175 -60.92 -95.62 -32.49
CA ALA B 175 -61.77 -94.45 -32.70
C ALA B 175 -61.00 -93.30 -33.33
N LEU B 176 -59.75 -93.10 -32.90
CA LEU B 176 -58.92 -92.08 -33.53
C LEU B 176 -58.67 -92.38 -34.99
N ALA B 177 -58.42 -93.65 -35.32
CA ALA B 177 -58.20 -94.03 -36.71
C ALA B 177 -59.46 -93.84 -37.54
N LYS B 178 -60.63 -94.16 -36.97
CA LYS B 178 -61.90 -94.01 -37.69
C LYS B 178 -62.30 -92.56 -37.87
N ASP B 179 -61.70 -91.63 -37.13
CA ASP B 179 -62.13 -90.25 -37.15
C ASP B 179 -61.79 -89.60 -38.50
N LYS B 180 -62.73 -88.83 -39.04
CA LYS B 180 -62.53 -88.22 -40.36
C LYS B 180 -61.39 -87.21 -40.34
N GLN B 181 -61.24 -86.46 -39.24
CA GLN B 181 -60.19 -85.44 -39.18
C GLN B 181 -58.78 -86.03 -39.26
N PHE B 182 -58.62 -87.34 -39.01
CA PHE B 182 -57.32 -87.98 -39.10
C PHE B 182 -57.14 -88.83 -40.34
N ARG B 183 -58.22 -89.15 -41.07
CA ARG B 183 -58.10 -89.92 -42.30
C ARG B 183 -57.93 -89.00 -43.50
N HIS B 184 -58.87 -88.08 -43.68
CA HIS B 184 -58.84 -87.14 -44.79
C HIS B 184 -57.58 -86.27 -44.73
N ALA B 185 -56.73 -86.37 -45.75
CA ALA B 185 -55.47 -85.63 -45.75
C ALA B 185 -55.71 -84.12 -45.74
N ASP B 186 -56.73 -83.66 -46.47
CA ASP B 186 -57.07 -82.25 -46.45
C ASP B 186 -57.53 -81.81 -45.06
N TRP B 187 -58.07 -82.73 -44.27
CA TRP B 187 -58.46 -82.45 -42.90
C TRP B 187 -57.39 -82.86 -41.89
N SER B 188 -56.26 -83.37 -42.34
CA SER B 188 -55.20 -83.83 -41.44
C SER B 188 -53.90 -83.09 -41.64
N GLY B 189 -53.53 -82.77 -42.89
CA GLY B 189 -52.32 -82.01 -43.14
C GLY B 189 -51.20 -82.82 -43.75
N ASP B 190 -51.02 -84.05 -43.29
CA ASP B 190 -49.96 -84.91 -43.80
C ASP B 190 -50.41 -85.62 -45.06
N GLN B 191 -49.60 -85.51 -46.12
CA GLN B 191 -49.92 -86.17 -47.38
C GLN B 191 -49.64 -87.67 -47.35
N ALA B 192 -48.89 -88.15 -46.36
CA ALA B 192 -48.62 -89.59 -46.26
C ALA B 192 -49.89 -90.37 -45.93
N ASN B 193 -50.80 -89.79 -45.14
CA ASN B 193 -52.06 -90.42 -44.76
C ASN B 193 -51.81 -91.75 -44.04
N ALA B 194 -51.15 -91.66 -42.89
CA ALA B 194 -50.84 -92.85 -42.10
C ALA B 194 -52.09 -93.54 -41.58
N ALA B 195 -53.21 -92.82 -41.48
CA ALA B 195 -54.44 -93.46 -41.04
C ALA B 195 -54.97 -94.46 -42.07
N LEU B 196 -54.71 -94.22 -43.35
CA LEU B 196 -55.16 -95.12 -44.40
C LEU B 196 -54.12 -96.18 -44.73
N ARG B 197 -52.85 -95.80 -44.83
CA ARG B 197 -51.80 -96.75 -45.16
C ARG B 197 -51.46 -97.67 -43.99
N GLU B 198 -51.63 -97.20 -42.76
CA GLU B 198 -51.33 -97.99 -41.58
C GLU B 198 -52.43 -97.73 -40.54
N ALA B 199 -52.20 -98.18 -39.32
CA ALA B 199 -53.12 -97.96 -38.21
C ALA B 199 -52.60 -96.98 -37.17
N HIS B 200 -51.34 -96.55 -37.28
CA HIS B 200 -50.77 -95.61 -36.33
C HIS B 200 -51.43 -94.24 -36.46
N VAL B 201 -51.68 -93.61 -35.32
CA VAL B 201 -52.31 -92.29 -35.30
C VAL B 201 -51.27 -91.18 -35.24
N GLY B 202 -50.34 -91.28 -34.31
CA GLY B 202 -49.29 -90.28 -34.17
C GLY B 202 -49.57 -89.28 -33.07
N ARG B 203 -48.83 -88.18 -33.13
CA ARG B 203 -48.97 -87.11 -32.14
C ARG B 203 -50.34 -86.45 -32.27
N LEU B 204 -50.94 -86.15 -31.11
CA LEU B 204 -52.26 -85.52 -31.09
C LEU B 204 -52.36 -84.62 -29.87
N ALA B 205 -52.69 -83.35 -30.10
CA ALA B 205 -52.89 -82.36 -29.05
C ALA B 205 -51.66 -82.26 -28.13
N GLY B 206 -50.47 -82.33 -28.73
CA GLY B 206 -49.24 -82.22 -27.98
C GLY B 206 -49.03 -83.36 -26.99
N MET B 207 -49.48 -84.56 -27.33
CA MET B 207 -49.34 -85.72 -26.46
C MET B 207 -48.83 -86.90 -27.28
N ASN B 208 -48.30 -87.89 -26.58
CA ASN B 208 -47.81 -89.12 -27.19
C ASN B 208 -48.82 -90.23 -26.97
N VAL B 209 -49.15 -90.95 -28.04
CA VAL B 209 -50.15 -92.02 -27.99
C VAL B 209 -49.42 -93.34 -27.76
N ILE B 210 -49.73 -93.99 -26.63
CA ILE B 210 -49.17 -95.29 -26.29
C ILE B 210 -50.32 -96.26 -26.05
N ARG B 211 -50.32 -97.37 -26.77
CA ARG B 211 -51.37 -98.37 -26.67
C ARG B 211 -51.05 -99.35 -25.55
N SER B 212 -52.04 -99.60 -24.68
CA SER B 212 -51.89 -100.54 -23.59
C SER B 212 -53.22 -101.24 -23.34
N ASN B 213 -53.20 -102.57 -23.33
CA ASN B 213 -54.42 -103.36 -23.13
C ASN B 213 -54.70 -103.63 -21.66
N ALA B 214 -53.81 -103.24 -20.75
CA ALA B 214 -54.06 -103.46 -19.33
C ALA B 214 -55.27 -102.65 -18.85
N ILE B 215 -55.38 -101.40 -19.30
CA ILE B 215 -56.52 -100.56 -18.96
C ILE B 215 -57.71 -100.96 -19.83
N ALA B 216 -58.89 -100.46 -19.49
CA ALA B 216 -60.07 -100.76 -20.29
C ALA B 216 -59.91 -100.20 -21.69
N PRO B 217 -60.36 -100.91 -22.72
CA PRO B 217 -60.17 -100.42 -24.09
C PRO B 217 -60.79 -99.05 -24.34
N ASP B 218 -61.97 -98.80 -23.78
CA ASP B 218 -62.64 -97.51 -23.94
C ASP B 218 -62.28 -96.54 -22.82
N LYS B 219 -60.97 -96.38 -22.58
CA LYS B 219 -60.49 -95.52 -21.52
C LYS B 219 -59.10 -95.02 -21.89
N ALA B 220 -58.84 -93.75 -21.58
CA ALA B 220 -57.54 -93.14 -21.79
C ALA B 220 -57.18 -92.33 -20.55
N TYR B 221 -55.88 -92.26 -20.25
CA TYR B 221 -55.41 -91.53 -19.08
C TYR B 221 -54.26 -90.62 -19.47
N LEU B 222 -54.38 -89.33 -19.13
CA LEU B 222 -53.32 -88.36 -19.37
C LEU B 222 -52.90 -87.78 -18.03
N TRP B 223 -51.66 -88.05 -17.62
CA TRP B 223 -51.18 -87.66 -16.31
C TRP B 223 -49.81 -87.00 -16.42
N HIS B 224 -49.55 -86.06 -15.51
CA HIS B 224 -48.25 -85.44 -15.41
C HIS B 224 -47.22 -86.43 -14.87
N ARG B 225 -45.95 -86.12 -15.06
CA ARG B 225 -44.89 -87.03 -14.63
C ARG B 225 -44.92 -87.24 -13.13
N THR B 226 -45.15 -86.19 -12.35
CA THR B 226 -45.24 -86.29 -10.90
C THR B 226 -46.71 -86.39 -10.48
N ALA B 227 -47.28 -87.55 -10.77
CA ALA B 227 -48.68 -87.82 -10.42
C ALA B 227 -48.86 -89.08 -9.60
N PHE B 228 -48.10 -90.13 -9.88
CA PHE B 228 -48.18 -91.38 -9.14
C PHE B 228 -46.81 -91.73 -8.57
N ILE B 229 -46.79 -92.21 -7.34
CA ILE B 229 -45.56 -92.60 -6.66
C ILE B 229 -45.56 -94.11 -6.53
N LEU B 230 -44.59 -94.76 -7.16
CA LEU B 230 -44.41 -96.21 -7.09
C LEU B 230 -43.05 -96.50 -6.49
N ALA B 231 -43.02 -97.27 -5.42
CA ALA B 231 -41.77 -97.64 -4.76
C ALA B 231 -41.64 -99.15 -4.74
N TYR B 232 -40.44 -99.65 -5.04
CA TYR B 232 -40.17 -101.08 -5.09
C TYR B 232 -38.95 -101.38 -4.23
N ARG B 233 -39.02 -102.44 -3.44
CA ARG B 233 -37.93 -102.85 -2.56
C ARG B 233 -37.58 -104.30 -2.82
N THR B 234 -36.30 -104.56 -3.07
CA THR B 234 -35.82 -105.92 -3.26
C THR B 234 -35.62 -106.58 -1.90
N PRO B 235 -36.25 -107.73 -1.64
CA PRO B 235 -36.08 -108.38 -0.34
C PRO B 235 -34.63 -108.81 -0.12
N VAL B 236 -34.19 -108.73 1.13
CA VAL B 236 -32.82 -109.09 1.48
C VAL B 236 -32.73 -110.61 1.64
N VAL B 237 -31.77 -111.22 0.97
CA VAL B 237 -31.59 -112.67 1.05
C VAL B 237 -31.19 -113.05 2.48
N PRO B 238 -31.90 -113.98 3.11
CA PRO B 238 -31.54 -114.37 4.48
C PRO B 238 -30.20 -115.10 4.52
N GLU B 239 -29.52 -114.96 5.66
CA GLU B 239 -28.23 -115.61 5.86
C GLU B 239 -28.34 -117.05 6.32
N GLY B 240 -29.56 -117.54 6.55
CA GLY B 240 -29.73 -118.91 6.99
C GLY B 240 -30.50 -119.77 6.01
N ALA B 241 -30.35 -119.47 4.71
CA ALA B 241 -31.05 -120.19 3.66
C ALA B 241 -30.12 -120.40 2.48
N LYS B 242 -30.49 -121.33 1.61
CA LYS B 242 -29.70 -121.61 0.42
C LYS B 242 -29.66 -120.38 -0.49
N ALA B 243 -28.49 -120.14 -1.09
CA ALA B 243 -28.32 -118.98 -1.96
C ALA B 243 -29.21 -119.11 -3.19
N GLY B 244 -29.87 -118.01 -3.54
CA GLY B 244 -30.74 -117.98 -4.70
C GLY B 244 -30.12 -117.29 -5.89
N ALA B 245 -30.80 -116.29 -6.43
CA ALA B 245 -30.32 -115.54 -7.57
C ALA B 245 -30.82 -114.10 -7.47
N SER B 246 -30.60 -113.32 -8.52
CA SER B 246 -30.99 -111.92 -8.58
C SER B 246 -31.78 -111.64 -9.86
N PHE B 247 -32.76 -112.50 -10.13
CA PHE B 247 -33.59 -112.32 -11.32
C PHE B 247 -34.35 -111.00 -11.25
N SER B 248 -34.32 -110.24 -12.35
CA SER B 248 -34.98 -108.96 -12.44
C SER B 248 -35.85 -108.91 -13.69
N ALA B 249 -37.05 -108.34 -13.55
CA ALA B 249 -37.99 -108.21 -14.65
C ALA B 249 -38.40 -106.76 -14.78
N ASN B 250 -38.22 -106.20 -15.98
CA ASN B 250 -38.60 -104.83 -16.29
C ASN B 250 -37.95 -103.84 -15.32
N GLY B 251 -36.68 -104.05 -15.05
CA GLY B 251 -35.93 -103.15 -14.18
C GLY B 251 -35.89 -103.50 -12.70
N VAL B 252 -37.06 -103.72 -12.10
CA VAL B 252 -37.12 -104.06 -10.69
C VAL B 252 -36.56 -105.45 -10.46
N ALA B 253 -35.77 -105.60 -9.40
CA ALA B 253 -35.15 -106.87 -9.07
C ALA B 253 -36.02 -107.65 -8.08
N LEU B 254 -36.10 -108.95 -8.28
CA LEU B 254 -36.90 -109.84 -7.43
C LEU B 254 -35.96 -110.73 -6.62
N ARG B 255 -36.53 -111.35 -5.58
CA ARG B 255 -35.79 -112.30 -4.76
C ARG B 255 -36.33 -113.70 -5.00
N TRP B 256 -35.43 -114.62 -5.37
CA TRP B 256 -35.78 -116.02 -5.62
C TRP B 256 -35.20 -116.86 -4.49
N LEU B 257 -36.08 -117.33 -3.60
CA LEU B 257 -35.67 -118.12 -2.44
C LEU B 257 -36.22 -119.53 -2.59
N ALA B 258 -35.33 -120.52 -2.56
CA ALA B 258 -35.71 -121.93 -2.70
C ALA B 258 -35.23 -122.70 -1.48
N ASP B 259 -36.10 -123.57 -0.96
CA ASP B 259 -35.79 -124.35 0.23
C ASP B 259 -36.30 -125.77 0.08
N TYR B 260 -35.55 -126.71 0.67
CA TYR B 260 -35.88 -128.13 0.63
C TYR B 260 -36.71 -128.48 1.86
N ASP B 261 -37.97 -128.87 1.66
CA ASP B 261 -38.87 -129.26 2.73
C ASP B 261 -38.69 -130.76 2.97
N TYR B 262 -37.93 -131.10 4.01
CA TYR B 262 -37.73 -132.50 4.35
C TYR B 262 -38.99 -133.14 4.91
N SER B 263 -39.79 -132.37 5.64
CA SER B 263 -41.03 -132.91 6.19
C SER B 263 -42.00 -133.31 5.09
N GLN B 264 -42.12 -132.50 4.05
CA GLN B 264 -43.03 -132.79 2.94
C GLN B 264 -42.34 -133.48 1.78
N LEU B 265 -41.04 -133.78 1.89
CA LEU B 265 -40.28 -134.45 0.84
C LEU B 265 -40.39 -133.70 -0.49
N GLY B 266 -40.20 -132.37 -0.44
CA GLY B 266 -40.38 -131.54 -1.61
C GLY B 266 -39.38 -130.41 -1.67
N ASP B 267 -39.48 -129.63 -2.74
CA ASP B 267 -38.71 -128.41 -2.92
C ASP B 267 -39.66 -127.27 -3.21
N ARG B 268 -39.52 -126.15 -2.49
CA ARG B 268 -40.44 -125.04 -2.61
C ARG B 268 -39.68 -123.76 -2.91
N THR B 269 -40.14 -123.03 -3.91
CA THR B 269 -39.49 -121.81 -4.37
C THR B 269 -40.49 -120.65 -4.34
N LEU B 270 -39.96 -119.45 -4.11
CA LEU B 270 -40.76 -118.25 -3.98
C LEU B 270 -40.03 -117.07 -4.61
N LEU B 271 -40.71 -116.37 -5.51
CA LEU B 271 -40.21 -115.14 -6.11
C LEU B 271 -41.01 -113.98 -5.51
N ASP B 272 -40.33 -113.11 -4.77
CA ASP B 272 -41.02 -112.08 -4.01
C ASP B 272 -40.33 -110.73 -4.12
N VAL B 273 -41.11 -109.67 -3.89
CA VAL B 273 -40.62 -108.30 -3.93
C VAL B 273 -41.62 -107.40 -3.22
N PHE B 274 -41.13 -106.40 -2.50
CA PHE B 274 -41.99 -105.46 -1.79
C PHE B 274 -42.34 -104.29 -2.69
N THR B 275 -43.55 -103.74 -2.53
CA THR B 275 -43.96 -102.61 -3.33
C THR B 275 -44.93 -101.73 -2.55
N GLY B 276 -45.01 -100.47 -2.98
CA GLY B 276 -45.91 -99.51 -2.38
C GLY B 276 -46.36 -98.50 -3.41
N ARG B 277 -47.61 -98.04 -3.23
CA ARG B 277 -48.28 -97.16 -4.19
C ARG B 277 -48.76 -95.91 -3.47
N LYS B 278 -48.83 -94.82 -4.22
CA LYS B 278 -49.34 -93.57 -3.68
C LYS B 278 -49.88 -92.71 -4.81
N VAL B 279 -51.01 -92.05 -4.57
CA VAL B 279 -51.61 -91.13 -5.51
C VAL B 279 -51.37 -89.72 -4.99
N VAL B 280 -50.70 -88.90 -5.81
CA VAL B 280 -50.36 -87.54 -5.43
C VAL B 280 -51.58 -86.67 -5.66
N THR B 281 -52.13 -86.11 -4.59
CA THR B 281 -53.30 -85.25 -4.64
C THR B 281 -53.00 -83.93 -3.95
N GLU B 282 -53.88 -82.95 -4.19
CA GLU B 282 -53.72 -81.63 -3.61
C GLU B 282 -54.10 -81.65 -2.13
N VAL B 283 -53.87 -80.52 -1.46
CA VAL B 283 -54.14 -80.43 -0.04
C VAL B 283 -55.64 -80.53 0.23
N ASP B 284 -56.47 -79.97 -0.65
CA ASP B 284 -57.91 -79.98 -0.48
C ASP B 284 -58.56 -81.24 -1.06
N GLY B 285 -57.78 -82.30 -1.28
CA GLY B 285 -58.33 -83.53 -1.82
C GLY B 285 -58.87 -83.39 -3.23
N SER B 286 -58.17 -82.66 -4.09
CA SER B 286 -58.58 -82.45 -5.48
C SER B 286 -57.49 -83.02 -6.38
N PHE B 287 -57.73 -84.21 -6.92
CA PHE B 287 -56.78 -84.87 -7.81
C PHE B 287 -56.89 -84.23 -9.19
N VAL B 288 -56.12 -83.17 -9.41
CA VAL B 288 -56.13 -82.41 -10.65
C VAL B 288 -54.87 -82.64 -11.46
N ARG B 289 -54.05 -83.63 -11.09
CA ARG B 289 -52.80 -83.92 -11.79
C ARG B 289 -52.98 -84.92 -12.91
N ALA B 290 -54.20 -85.43 -13.13
CA ALA B 290 -54.45 -86.39 -14.20
C ALA B 290 -55.88 -86.25 -14.67
N VAL B 291 -56.13 -86.71 -15.90
CA VAL B 291 -57.45 -86.65 -16.52
C VAL B 291 -57.76 -87.99 -17.15
N GLU B 292 -59.01 -88.41 -17.03
CA GLU B 292 -59.50 -89.67 -17.60
C GLU B 292 -60.49 -89.37 -18.71
N LEU B 293 -60.27 -89.97 -19.87
CA LEU B 293 -61.12 -89.80 -21.03
C LEU B 293 -61.86 -91.10 -21.30
N GLN B 294 -63.18 -91.01 -21.50
CA GLN B 294 -64.02 -92.17 -21.71
C GLN B 294 -64.71 -92.09 -23.06
N LEU B 295 -64.76 -93.21 -23.76
CA LEU B 295 -65.44 -93.31 -25.05
C LEU B 295 -66.92 -93.61 -24.78
N GLN B 296 -67.74 -92.56 -24.74
CA GLN B 296 -69.16 -92.75 -24.51
C GLN B 296 -69.80 -93.47 -25.68
N ALA B 297 -70.73 -94.38 -25.36
CA ALA B 297 -71.39 -95.21 -26.35
C ALA B 297 -72.81 -94.73 -26.60
N SER B 298 -73.34 -95.11 -27.77
CA SER B 298 -74.70 -94.76 -28.15
C SER B 298 -75.59 -95.96 -28.44
N SER B 299 -75.02 -97.14 -28.67
CA SER B 299 -75.83 -98.33 -28.94
C SER B 299 -75.04 -99.56 -28.51
N ILE B 300 -75.77 -100.62 -28.20
CA ILE B 300 -75.20 -101.91 -27.80
C ILE B 300 -75.88 -103.01 -28.60
N THR B 301 -75.21 -104.16 -28.70
CA THR B 301 -75.78 -105.31 -29.37
C THR B 301 -75.10 -106.57 -28.86
N ILE B 302 -75.84 -107.66 -28.85
CA ILE B 302 -75.31 -108.95 -28.42
C ILE B 302 -74.57 -109.59 -29.59
N VAL B 303 -73.32 -109.99 -29.35
CA VAL B 303 -72.49 -110.54 -30.42
C VAL B 303 -73.05 -111.89 -30.87
N GLY B 304 -72.88 -112.20 -32.15
CA GLY B 304 -73.32 -113.44 -32.72
C GLY B 304 -74.74 -113.46 -33.23
N GLY B 305 -75.52 -112.41 -32.97
CA GLY B 305 -76.90 -112.38 -33.41
C GLY B 305 -77.72 -113.49 -32.79
N ALA B 306 -78.64 -114.05 -33.57
CA ALA B 306 -79.46 -115.15 -33.10
C ALA B 306 -78.63 -116.43 -32.98
N PHE B 307 -78.97 -117.24 -31.98
CA PHE B 307 -78.28 -118.50 -31.75
C PHE B 307 -79.25 -119.49 -31.11
N ALA B 308 -78.98 -120.77 -31.30
CA ALA B 308 -79.83 -121.80 -30.69
C ALA B 308 -79.49 -121.99 -29.22
N LEU B 309 -78.27 -122.48 -28.95
CA LEU B 309 -77.60 -122.53 -27.65
C LEU B 309 -76.47 -123.55 -27.79
N ALA B 310 -76.59 -124.69 -27.11
CA ALA B 310 -75.73 -125.84 -27.34
C ALA B 310 -76.57 -127.10 -27.47
N THR B 311 -77.63 -127.19 -26.67
CA THR B 311 -78.52 -128.34 -26.61
C THR B 311 -79.71 -127.95 -25.72
N THR B 312 -80.59 -128.91 -25.44
CA THR B 312 -81.74 -128.64 -24.60
C THR B 312 -81.36 -128.44 -23.14
N THR B 313 -80.20 -128.92 -22.70
CA THR B 313 -79.76 -128.82 -21.32
C THR B 313 -78.30 -128.36 -21.26
N GLY B 314 -77.99 -127.30 -22.01
CA GLY B 314 -76.65 -126.76 -22.06
C GLY B 314 -76.56 -125.36 -21.47
N THR B 315 -75.38 -124.76 -21.65
CA THR B 315 -75.10 -123.41 -21.18
C THR B 315 -74.42 -122.63 -22.29
N LYS B 316 -74.58 -121.31 -22.26
CA LYS B 316 -73.95 -120.44 -23.25
C LYS B 316 -73.62 -119.11 -22.59
N GLN B 317 -72.34 -118.72 -22.65
CA GLN B 317 -71.89 -117.46 -22.07
C GLN B 317 -72.15 -116.35 -23.07
N LEU B 318 -73.27 -115.65 -22.90
CA LEU B 318 -73.61 -114.57 -23.81
C LEU B 318 -72.69 -113.37 -23.61
N LYS B 319 -72.35 -112.71 -24.72
CA LYS B 319 -71.46 -111.56 -24.70
C LYS B 319 -72.13 -110.40 -25.44
N VAL B 320 -71.96 -109.19 -24.90
CA VAL B 320 -72.56 -107.99 -25.45
C VAL B 320 -71.47 -106.96 -25.71
N ARG B 321 -71.54 -106.30 -26.86
CA ARG B 321 -70.55 -105.31 -27.27
C ARG B 321 -71.26 -104.04 -27.71
N ASP B 322 -70.64 -102.90 -27.44
CA ASP B 322 -71.24 -101.62 -27.80
C ASP B 322 -70.98 -101.32 -29.27
N ASP B 323 -71.47 -100.16 -29.72
CA ASP B 323 -71.24 -99.75 -31.10
C ASP B 323 -69.76 -99.44 -31.35
N ASN B 324 -69.06 -98.93 -30.33
CA ASN B 324 -67.64 -98.64 -30.50
C ASN B 324 -66.82 -99.91 -30.70
N GLY B 325 -67.21 -101.00 -30.03
CA GLY B 325 -66.49 -102.26 -30.15
C GLY B 325 -65.75 -102.66 -28.90
N THR B 326 -66.32 -102.36 -27.73
CA THR B 326 -65.71 -102.64 -26.45
C THR B 326 -66.53 -103.67 -25.69
N ASP B 327 -65.86 -104.58 -25.00
CA ASP B 327 -66.56 -105.57 -24.19
C ASP B 327 -67.15 -104.89 -22.95
N VAL B 328 -68.45 -105.07 -22.76
CA VAL B 328 -69.16 -104.46 -21.63
C VAL B 328 -69.96 -105.54 -20.90
N THR B 329 -69.54 -106.79 -21.03
CA THR B 329 -70.28 -107.90 -20.42
C THR B 329 -70.32 -107.77 -18.90
N ALA B 330 -69.20 -107.35 -18.29
CA ALA B 330 -69.14 -107.24 -16.84
C ALA B 330 -70.12 -106.20 -16.32
N ARG B 331 -70.27 -105.09 -17.03
CA ARG B 331 -71.08 -103.96 -16.58
C ARG B 331 -72.45 -103.91 -17.26
N CYS B 332 -72.99 -105.06 -17.67
CA CYS B 332 -74.30 -105.14 -18.29
C CYS B 332 -75.20 -106.06 -17.48
N THR B 333 -76.48 -105.72 -17.40
CA THR B 333 -77.45 -106.57 -16.75
C THR B 333 -78.27 -107.33 -17.79
N PHE B 334 -78.74 -108.52 -17.40
CA PHE B 334 -79.48 -109.39 -18.31
C PHE B 334 -80.80 -109.77 -17.67
N ALA B 335 -81.88 -109.69 -18.44
CA ALA B 335 -83.21 -110.05 -17.99
C ALA B 335 -83.84 -111.03 -18.97
N SER B 336 -84.64 -111.95 -18.45
CA SER B 336 -85.33 -112.96 -19.25
C SER B 336 -86.83 -112.75 -19.12
N SER B 337 -87.50 -112.56 -20.26
CA SER B 337 -88.96 -112.46 -20.28
C SER B 337 -89.63 -113.83 -20.28
N ALA B 338 -88.86 -114.90 -20.41
CA ALA B 338 -89.33 -116.27 -20.43
C ALA B 338 -88.48 -117.12 -19.49
N GLY B 339 -88.31 -116.63 -18.26
CA GLY B 339 -87.39 -117.26 -17.33
C GLY B 339 -87.64 -118.75 -17.14
N THR B 340 -88.90 -119.16 -17.15
CA THR B 340 -89.21 -120.58 -17.08
C THR B 340 -88.71 -121.32 -18.33
N LYS B 341 -88.82 -120.69 -19.50
CA LYS B 341 -88.34 -121.32 -20.73
C LYS B 341 -86.82 -121.31 -20.81
N ALA B 342 -86.19 -120.18 -20.46
CA ALA B 342 -84.75 -120.04 -20.50
C ALA B 342 -84.27 -119.32 -19.26
N THR B 343 -83.22 -119.84 -18.62
CA THR B 343 -82.68 -119.27 -17.40
C THR B 343 -81.36 -118.57 -17.72
N VAL B 344 -81.24 -117.31 -17.30
CA VAL B 344 -80.06 -116.51 -17.53
C VAL B 344 -79.44 -116.15 -16.20
N SER B 345 -78.11 -116.05 -16.18
CA SER B 345 -77.36 -115.74 -14.98
C SER B 345 -77.04 -114.24 -14.94
N ALA B 346 -76.41 -113.82 -13.84
CA ALA B 346 -76.04 -112.41 -13.68
C ALA B 346 -74.99 -112.00 -14.70
N ALA B 347 -74.02 -112.87 -14.98
CA ALA B 347 -72.95 -112.56 -15.91
C ALA B 347 -73.34 -112.80 -17.37
N GLY B 348 -74.55 -113.30 -17.63
CA GLY B 348 -75.00 -113.57 -18.97
C GLY B 348 -74.93 -115.02 -19.40
N LEU B 349 -74.55 -115.93 -18.49
CA LEU B 349 -74.48 -117.35 -18.80
C LEU B 349 -75.89 -117.91 -18.83
N VAL B 350 -76.50 -117.92 -20.02
CA VAL B 350 -77.86 -118.41 -20.17
C VAL B 350 -77.84 -119.94 -20.21
N THR B 351 -78.70 -120.56 -19.39
CA THR B 351 -78.79 -122.01 -19.29
C THR B 351 -80.14 -122.46 -19.81
N GLY B 352 -80.14 -123.46 -20.70
CA GLY B 352 -81.37 -124.00 -21.23
C GLY B 352 -81.99 -125.05 -20.34
N VAL B 353 -83.15 -124.73 -19.77
CA VAL B 353 -83.84 -125.65 -18.86
C VAL B 353 -85.02 -126.30 -19.59
N ALA B 354 -85.63 -125.56 -20.51
CA ALA B 354 -86.76 -126.06 -21.28
C ALA B 354 -86.56 -125.74 -22.75
N ALA B 355 -86.78 -126.73 -23.61
CA ALA B 355 -86.67 -126.52 -25.04
C ALA B 355 -87.81 -125.64 -25.53
N GLY B 356 -87.50 -124.74 -26.46
CA GLY B 356 -88.49 -123.84 -27.00
C GLY B 356 -87.82 -122.58 -27.52
N THR B 357 -88.59 -121.49 -27.52
CA THR B 357 -88.12 -120.19 -27.99
C THR B 357 -88.34 -119.15 -26.90
N ALA B 358 -87.31 -118.36 -26.62
CA ALA B 358 -87.38 -117.34 -25.60
C ALA B 358 -86.64 -116.09 -26.08
N ASP B 359 -86.64 -115.05 -25.24
CA ASP B 359 -85.94 -113.81 -25.53
C ASP B 359 -85.15 -113.38 -24.30
N ILE B 360 -84.00 -112.76 -24.52
CA ILE B 360 -83.18 -112.20 -23.45
C ILE B 360 -82.87 -110.75 -23.79
N THR B 361 -83.09 -109.86 -22.83
CA THR B 361 -82.83 -108.44 -23.00
C THR B 361 -81.64 -108.03 -22.15
N ALA B 362 -80.63 -107.43 -22.79
CA ALA B 362 -79.45 -106.94 -22.11
C ALA B 362 -79.51 -105.43 -22.03
N SER B 363 -79.31 -104.89 -20.83
CA SER B 363 -79.36 -103.46 -20.58
C SER B 363 -78.00 -102.97 -20.10
N TYR B 364 -77.60 -101.81 -20.61
CA TYR B 364 -76.30 -101.20 -20.29
C TYR B 364 -76.51 -99.74 -19.95
N VAL B 365 -75.99 -99.32 -18.81
CA VAL B 365 -76.06 -97.90 -18.45
C VAL B 365 -75.05 -97.12 -19.27
N PRO B 366 -75.45 -96.05 -19.95
CA PRO B 366 -74.51 -95.31 -20.77
C PRO B 366 -73.55 -94.50 -19.91
N PRO B 367 -72.29 -94.37 -20.31
CA PRO B 367 -71.35 -93.53 -19.56
C PRO B 367 -71.79 -92.07 -19.49
N GLN B 368 -72.46 -91.57 -20.54
CA GLN B 368 -72.93 -90.19 -20.53
C GLN B 368 -74.10 -89.97 -19.58
N GLY B 369 -74.78 -91.04 -19.17
CA GLY B 369 -75.92 -90.94 -18.29
C GLY B 369 -77.24 -90.89 -19.04
N GLY B 370 -78.31 -91.14 -18.29
CA GLY B 370 -79.65 -91.16 -18.87
C GLY B 370 -80.26 -92.54 -18.91
N THR B 371 -81.13 -92.78 -19.89
CA THR B 371 -81.76 -94.09 -20.01
C THR B 371 -80.74 -95.14 -20.45
N ALA B 372 -80.92 -96.35 -19.94
CA ALA B 372 -80.01 -97.45 -20.25
C ALA B 372 -80.36 -98.07 -21.60
N LYS B 373 -79.35 -98.26 -22.44
CA LYS B 373 -79.58 -98.86 -23.75
C LYS B 373 -79.91 -100.34 -23.60
N THR B 374 -80.96 -100.77 -24.29
CA THR B 374 -81.45 -102.15 -24.20
C THR B 374 -81.40 -102.81 -25.57
N ALA B 375 -81.09 -104.10 -25.57
CA ALA B 375 -81.06 -104.89 -26.79
C ALA B 375 -81.58 -106.28 -26.51
N THR B 376 -82.54 -106.74 -27.32
CA THR B 376 -83.21 -108.01 -27.10
C THR B 376 -82.81 -108.98 -28.20
N VAL B 377 -82.45 -110.21 -27.81
CA VAL B 377 -82.04 -111.25 -28.74
C VAL B 377 -82.83 -112.51 -28.43
N THR B 378 -83.35 -113.16 -29.48
CA THR B 378 -84.09 -114.39 -29.31
C THR B 378 -83.14 -115.58 -29.18
N VAL B 379 -83.65 -116.65 -28.58
CA VAL B 379 -82.92 -117.89 -28.37
C VAL B 379 -83.86 -119.05 -28.67
N THR B 380 -83.32 -120.09 -29.30
CA THR B 380 -84.08 -121.29 -29.66
C THR B 380 -83.39 -122.49 -29.01
N VAL B 381 -83.80 -122.81 -27.78
CA VAL B 381 -83.21 -123.93 -27.05
C VAL B 381 -83.72 -125.24 -27.64
N PRO B 382 -82.84 -126.11 -28.13
CA PRO B 382 -83.21 -127.39 -28.76
C PRO B 382 -83.85 -128.36 -27.77
N ILE C 4 -73.84 -129.09 -103.86
CA ILE C 4 -73.36 -129.35 -105.22
C ILE C 4 -71.96 -129.95 -105.17
N PHE C 5 -71.07 -129.31 -104.42
CA PHE C 5 -69.68 -129.76 -104.29
C PHE C 5 -69.46 -130.31 -102.89
N VAL C 6 -68.91 -131.51 -102.80
CA VAL C 6 -68.59 -132.10 -101.51
C VAL C 6 -67.43 -131.34 -100.87
N LYS C 7 -67.57 -131.05 -99.58
CA LYS C 7 -66.57 -130.27 -98.86
C LYS C 7 -66.17 -130.99 -97.58
N PRO C 8 -64.92 -130.82 -97.14
CA PRO C 8 -64.50 -131.42 -95.88
C PRO C 8 -64.92 -130.60 -94.67
N GLU C 9 -64.47 -131.01 -93.48
CA GLU C 9 -64.78 -130.31 -92.24
C GLU C 9 -63.47 -129.93 -91.57
N LEU C 10 -62.94 -128.77 -91.93
CA LEU C 10 -61.71 -128.29 -91.32
C LEU C 10 -61.98 -127.84 -89.88
N VAL C 11 -61.09 -128.23 -88.97
CA VAL C 11 -61.21 -127.90 -87.56
C VAL C 11 -59.92 -127.18 -87.16
N ALA C 12 -59.95 -125.86 -87.20
CA ALA C 12 -58.83 -125.03 -86.75
C ALA C 12 -59.22 -124.29 -85.48
N GLU C 13 -58.23 -124.02 -84.64
CA GLU C 13 -58.48 -123.43 -83.33
C GLU C 13 -57.47 -122.33 -83.04
N ILE C 14 -57.92 -121.37 -82.23
CA ILE C 14 -57.07 -120.29 -81.72
C ILE C 14 -57.21 -120.39 -80.20
N GLY C 15 -56.51 -119.55 -79.44
CA GLY C 15 -56.59 -119.67 -78.01
C GLY C 15 -57.81 -119.00 -77.43
N VAL C 16 -58.84 -119.80 -77.15
CA VAL C 16 -60.09 -119.32 -76.58
C VAL C 16 -60.43 -120.18 -75.38
N LYS C 17 -59.42 -120.68 -74.69
CA LYS C 17 -59.61 -121.62 -73.60
C LYS C 17 -60.48 -121.03 -72.50
N GLN C 18 -61.20 -121.90 -71.80
CA GLN C 18 -62.11 -121.47 -70.76
C GLN C 18 -61.36 -120.76 -69.65
N LEU C 19 -61.89 -119.60 -69.24
CA LEU C 19 -61.25 -118.80 -68.20
C LEU C 19 -61.49 -119.43 -66.83
N GLN C 20 -60.42 -119.53 -66.04
CA GLN C 20 -60.49 -120.16 -64.72
C GLN C 20 -59.72 -119.31 -63.73
N ARG C 21 -60.07 -119.47 -62.45
CA ARG C 21 -59.42 -118.73 -61.38
C ARG C 21 -57.99 -119.19 -61.17
N GLU C 22 -57.19 -118.30 -60.57
CA GLU C 22 -55.78 -118.58 -60.33
C GLU C 22 -55.61 -119.34 -59.01
N ILE C 23 -54.35 -119.54 -58.61
CA ILE C 23 -53.99 -120.31 -57.43
C ILE C 23 -53.15 -119.41 -56.54
N VAL C 24 -53.76 -118.88 -55.47
CA VAL C 24 -53.09 -117.96 -54.56
C VAL C 24 -53.07 -118.48 -53.12
N LEU C 25 -54.18 -119.08 -52.66
CA LEU C 25 -54.26 -119.54 -51.28
C LEU C 25 -53.16 -120.51 -50.87
N PRO C 26 -52.78 -121.52 -51.68
CA PRO C 26 -51.74 -122.46 -51.22
C PRO C 26 -50.42 -121.78 -50.88
N GLY C 27 -50.11 -120.64 -51.50
CA GLY C 27 -48.89 -119.92 -51.21
C GLY C 27 -48.94 -118.97 -50.05
N LEU C 28 -50.05 -118.92 -49.31
CA LEU C 28 -50.19 -118.01 -48.18
C LEU C 28 -50.45 -118.70 -46.84
N VAL C 29 -51.13 -119.84 -46.83
CA VAL C 29 -51.46 -120.49 -45.57
C VAL C 29 -50.24 -121.23 -45.02
N TRP C 30 -50.26 -121.46 -43.71
CA TRP C 30 -49.20 -122.21 -43.04
C TRP C 30 -49.34 -123.68 -43.37
N THR C 31 -48.46 -124.20 -44.23
CA THR C 31 -48.58 -125.55 -44.76
C THR C 31 -47.55 -126.47 -44.11
N ASN C 32 -47.96 -127.73 -43.91
CA ASN C 32 -47.10 -128.78 -43.38
C ASN C 32 -46.36 -128.40 -42.10
N PRO C 33 -47.08 -128.07 -41.02
CA PRO C 33 -46.38 -127.84 -39.74
C PRO C 33 -45.69 -129.08 -39.20
N LEU C 34 -46.26 -130.27 -39.44
CA LEU C 34 -45.70 -131.53 -38.97
C LEU C 34 -45.33 -132.39 -40.16
N THR C 35 -44.12 -132.94 -40.13
CA THR C 35 -43.63 -133.71 -41.26
C THR C 35 -44.29 -135.10 -41.33
N ASP C 36 -44.46 -135.74 -40.17
CA ASP C 36 -44.92 -137.12 -40.13
C ASP C 36 -46.21 -137.22 -39.32
N PHE C 37 -47.13 -138.07 -39.78
CA PHE C 37 -48.39 -138.33 -39.07
C PHE C 37 -48.72 -139.81 -38.91
N GLY C 38 -48.14 -140.69 -39.73
CA GLY C 38 -48.50 -142.11 -39.64
C GLY C 38 -48.08 -142.75 -38.34
N GLY C 39 -46.89 -142.44 -37.86
CA GLY C 39 -46.39 -143.03 -36.63
C GLY C 39 -46.93 -142.38 -35.38
N SER C 40 -48.25 -142.41 -35.21
CA SER C 40 -48.90 -141.78 -34.07
C SER C 40 -50.24 -142.47 -33.84
N LYS C 41 -50.81 -142.21 -32.66
CA LYS C 41 -52.06 -142.84 -32.28
C LYS C 41 -53.21 -142.34 -33.16
N ASN C 42 -53.96 -143.29 -33.73
CA ASN C 42 -55.12 -143.04 -34.58
C ASN C 42 -54.94 -141.86 -35.54
N ASP C 43 -53.74 -141.76 -36.11
CA ASP C 43 -53.43 -140.77 -37.16
C ASP C 43 -53.72 -139.34 -36.71
N THR C 44 -53.29 -139.02 -35.49
CA THR C 44 -53.35 -137.64 -35.01
C THR C 44 -52.03 -137.29 -34.32
N ILE C 45 -51.70 -136.00 -34.34
CA ILE C 45 -50.50 -135.48 -33.71
C ILE C 45 -50.92 -134.47 -32.65
N THR C 46 -50.41 -134.63 -31.44
CA THR C 46 -50.73 -133.76 -30.32
C THR C 46 -49.60 -132.77 -30.10
N VAL C 47 -49.95 -131.49 -30.03
CA VAL C 47 -49.00 -130.41 -29.77
C VAL C 47 -49.33 -129.80 -28.42
N ARG C 48 -48.31 -129.71 -27.56
CA ARG C 48 -48.46 -129.22 -26.20
C ARG C 48 -48.27 -127.71 -26.18
N VAL C 49 -49.31 -126.97 -25.82
CA VAL C 49 -49.20 -125.51 -25.72
C VAL C 49 -48.39 -125.14 -24.49
N PRO C 50 -47.46 -124.18 -24.58
CA PRO C 50 -46.72 -123.77 -23.39
C PRO C 50 -47.64 -123.18 -22.34
N ALA C 51 -47.27 -123.37 -21.07
CA ALA C 51 -48.08 -122.99 -19.94
C ALA C 51 -47.59 -121.68 -19.32
N ILE C 52 -48.53 -120.92 -18.76
CA ILE C 52 -48.23 -119.69 -18.04
C ILE C 52 -48.93 -119.73 -16.69
N THR C 53 -48.25 -119.23 -15.66
CA THR C 53 -48.78 -119.20 -14.31
C THR C 53 -49.20 -117.78 -13.94
N THR C 54 -49.71 -117.63 -12.72
CA THR C 54 -50.16 -116.34 -12.23
C THR C 54 -49.47 -115.99 -10.91
N ALA C 55 -49.89 -114.89 -10.29
CA ALA C 55 -49.28 -114.44 -9.04
C ALA C 55 -50.36 -113.86 -8.13
N ASN C 56 -50.07 -113.85 -6.83
CA ASN C 56 -50.98 -113.34 -5.82
C ASN C 56 -50.28 -112.33 -4.92
N ARG C 57 -51.08 -111.52 -4.22
CA ARG C 57 -50.59 -110.40 -3.42
C ARG C 57 -50.95 -110.58 -1.96
N ARG C 58 -50.10 -110.02 -1.08
CA ARG C 58 -50.34 -110.04 0.35
C ARG C 58 -49.84 -108.73 0.96
N ASP C 59 -50.36 -108.41 2.13
CA ASP C 59 -50.04 -107.17 2.82
C ASP C 59 -48.87 -107.36 3.78
N LEU C 60 -48.17 -106.25 4.04
CA LEU C 60 -47.04 -106.27 4.96
C LEU C 60 -47.51 -106.35 6.41
N ARG C 61 -46.60 -106.80 7.28
CA ARG C 61 -46.88 -106.91 8.71
C ARG C 61 -48.10 -107.77 9.00
N ASP C 62 -48.26 -108.84 8.24
CA ASP C 62 -49.39 -109.74 8.41
C ASP C 62 -49.12 -110.68 9.59
N PRO C 63 -49.99 -110.73 10.60
CA PRO C 63 -49.77 -111.68 11.71
C PRO C 63 -49.73 -113.13 11.24
N ASP C 64 -50.54 -113.49 10.25
CA ASP C 64 -50.50 -114.81 9.65
C ASP C 64 -49.59 -114.78 8.44
N ARG C 65 -48.58 -115.64 8.44
CA ARG C 65 -47.55 -115.65 7.39
C ARG C 65 -47.69 -116.86 6.47
N THR C 66 -48.92 -117.31 6.25
CA THR C 66 -49.14 -118.42 5.33
C THR C 66 -48.89 -117.99 3.89
N VAL C 67 -48.54 -118.97 3.06
CA VAL C 67 -48.20 -118.73 1.66
C VAL C 67 -49.05 -119.64 0.79
N ILE C 68 -49.57 -119.10 -0.31
CA ILE C 68 -50.40 -119.84 -1.24
C ILE C 68 -49.65 -119.97 -2.56
N ALA C 69 -49.49 -121.21 -3.02
CA ALA C 69 -48.78 -121.49 -4.27
C ALA C 69 -49.76 -121.70 -5.41
N SER C 70 -49.22 -121.73 -6.62
CA SER C 70 -50.00 -121.94 -7.84
C SER C 70 -49.56 -123.23 -8.52
N GLU C 71 -50.21 -123.54 -9.64
CA GLU C 71 -49.90 -124.74 -10.40
C GLU C 71 -50.03 -124.44 -11.89
N LEU C 72 -49.08 -124.93 -12.68
CA LEU C 72 -49.11 -124.74 -14.11
C LEU C 72 -50.00 -125.78 -14.78
N VAL C 73 -50.85 -125.32 -15.69
CA VAL C 73 -51.71 -126.19 -16.48
C VAL C 73 -51.22 -126.15 -17.93
N GLU C 74 -50.90 -127.32 -18.47
CA GLU C 74 -50.32 -127.45 -19.81
C GLU C 74 -51.36 -128.09 -20.72
N HIS C 75 -52.14 -127.26 -21.39
CA HIS C 75 -53.13 -127.74 -22.34
C HIS C 75 -52.45 -128.11 -23.66
N SER C 76 -53.13 -128.93 -24.44
CA SER C 76 -52.60 -129.39 -25.72
C SER C 76 -53.76 -129.54 -26.70
N PHE C 77 -53.42 -129.51 -27.99
CA PHE C 77 -54.40 -129.70 -29.05
C PHE C 77 -53.92 -130.79 -29.99
N GLY C 78 -54.76 -131.13 -30.96
CA GLY C 78 -54.45 -132.22 -31.87
C GLY C 78 -54.84 -131.89 -33.30
N VAL C 79 -54.06 -132.45 -34.23
CA VAL C 79 -54.30 -132.32 -35.66
C VAL C 79 -54.44 -133.71 -36.25
N THR C 80 -55.52 -133.93 -37.01
CA THR C 80 -55.83 -135.24 -37.57
C THR C 80 -55.96 -135.15 -39.08
N LEU C 81 -55.40 -136.14 -39.77
CA LEU C 81 -55.52 -136.28 -41.22
C LEU C 81 -56.74 -137.15 -41.54
N ASP C 82 -57.75 -136.55 -42.16
CA ASP C 82 -58.97 -137.29 -42.45
C ASP C 82 -59.58 -136.97 -43.81
N LYS C 83 -58.88 -136.26 -44.69
CA LYS C 83 -59.43 -135.90 -45.99
C LYS C 83 -58.59 -136.53 -47.10
N HIS C 84 -59.27 -136.94 -48.18
CA HIS C 84 -58.62 -137.62 -49.29
C HIS C 84 -59.13 -137.02 -50.59
N VAL C 85 -58.27 -136.30 -51.30
CA VAL C 85 -58.63 -135.65 -52.55
C VAL C 85 -58.23 -136.57 -53.70
N TYR C 86 -59.21 -137.05 -54.45
CA TYR C 86 -58.96 -138.02 -55.51
C TYR C 86 -59.66 -137.59 -56.79
N ALA C 87 -59.11 -138.05 -57.91
CA ALA C 87 -59.69 -137.81 -59.23
C ALA C 87 -59.57 -139.09 -60.04
N ALA C 88 -60.65 -139.46 -60.73
CA ALA C 88 -60.71 -140.71 -61.46
C ALA C 88 -61.28 -140.48 -62.84
N LEU C 89 -60.96 -141.40 -63.75
CA LEU C 89 -61.48 -141.38 -65.12
C LEU C 89 -61.75 -142.80 -65.58
N LYS C 90 -62.60 -142.92 -66.59
CA LYS C 90 -63.04 -144.22 -67.11
C LYS C 90 -62.89 -144.27 -68.62
N PHE C 91 -61.73 -143.86 -69.12
CA PHE C 91 -61.45 -143.90 -70.55
C PHE C 91 -61.40 -145.36 -71.00
N THR C 92 -62.39 -145.79 -71.76
CA THR C 92 -62.49 -147.19 -72.19
C THR C 92 -61.52 -147.43 -73.35
N ASP C 93 -61.61 -148.62 -73.96
CA ASP C 93 -60.66 -149.02 -74.98
C ASP C 93 -60.76 -148.15 -76.23
N GLU C 94 -61.99 -147.83 -76.66
CA GLU C 94 -62.16 -147.09 -77.90
C GLU C 94 -61.69 -145.64 -77.80
N GLN C 95 -61.61 -145.09 -76.58
CA GLN C 95 -61.13 -143.72 -76.43
C GLN C 95 -59.64 -143.62 -76.75
N ARG C 96 -58.87 -144.66 -76.40
CA ARG C 96 -57.42 -144.64 -76.63
C ARG C 96 -57.05 -144.85 -78.09
N THR C 97 -58.01 -145.20 -78.95
CA THR C 97 -57.71 -145.52 -80.35
C THR C 97 -58.02 -144.36 -81.30
N LEU C 98 -59.27 -143.91 -81.32
CA LEU C 98 -59.71 -142.92 -82.30
C LEU C 98 -59.61 -141.48 -81.78
N ASP C 99 -60.30 -141.18 -80.68
CA ASP C 99 -60.33 -139.82 -80.14
C ASP C 99 -59.34 -139.70 -78.99
N ILE C 100 -58.06 -139.66 -79.35
CA ILE C 100 -56.98 -139.55 -78.39
C ILE C 100 -55.90 -138.64 -78.95
N ARG C 101 -55.29 -137.84 -78.06
CA ARG C 101 -54.17 -136.98 -78.42
C ARG C 101 -53.02 -137.24 -77.45
N ASP C 102 -52.01 -136.37 -77.46
CA ASP C 102 -50.89 -136.47 -76.52
C ASP C 102 -51.39 -136.69 -75.10
N TYR C 103 -50.90 -137.76 -74.47
CA TYR C 103 -51.39 -138.18 -73.16
C TYR C 103 -51.07 -137.19 -72.05
N THR C 104 -50.17 -136.24 -72.29
CA THR C 104 -49.81 -135.26 -71.26
C THR C 104 -50.67 -134.00 -71.36
N LYS C 105 -50.78 -133.43 -72.55
CA LYS C 105 -51.51 -132.18 -72.71
C LYS C 105 -53.01 -132.38 -72.63
N GLN C 106 -53.53 -133.45 -73.23
CA GLN C 106 -54.97 -133.60 -73.39
C GLN C 106 -55.65 -133.94 -72.06
N VAL C 107 -55.08 -134.88 -71.30
CA VAL C 107 -55.73 -135.43 -70.12
C VAL C 107 -54.92 -135.19 -68.85
N LEU C 108 -53.60 -135.38 -68.91
CA LEU C 108 -52.79 -135.27 -67.70
C LEU C 108 -52.78 -133.83 -67.16
N MET C 109 -52.58 -132.85 -68.04
CA MET C 109 -52.60 -131.46 -67.59
C MET C 109 -53.96 -131.06 -67.03
N PRO C 110 -55.09 -131.34 -67.68
CA PRO C 110 -56.38 -131.07 -67.02
C PRO C 110 -56.58 -131.83 -65.73
N GLN C 111 -56.05 -133.05 -65.62
CA GLN C 111 -56.16 -133.81 -64.38
C GLN C 111 -55.43 -133.11 -63.23
N VAL C 112 -54.19 -132.69 -63.48
CA VAL C 112 -53.43 -131.97 -62.45
C VAL C 112 -54.10 -130.63 -62.14
N SER C 113 -54.61 -129.96 -63.16
CA SER C 113 -55.30 -128.69 -62.94
C SER C 113 -56.54 -128.88 -62.07
N ALA C 114 -57.31 -129.93 -62.32
CA ALA C 114 -58.50 -130.21 -61.52
C ALA C 114 -58.13 -130.55 -60.08
N VAL C 115 -57.06 -131.33 -59.90
CA VAL C 115 -56.62 -131.66 -58.54
C VAL C 115 -56.20 -130.40 -57.79
N ALA C 116 -55.43 -129.53 -58.45
CA ALA C 116 -55.01 -128.28 -57.82
C ALA C 116 -56.21 -127.39 -57.53
N TYR C 117 -57.18 -127.34 -58.44
CA TYR C 117 -58.36 -126.51 -58.24
C TYR C 117 -59.19 -127.01 -57.07
N GLU C 118 -59.31 -128.33 -56.92
CA GLU C 118 -60.05 -128.87 -55.78
C GLU C 118 -59.29 -128.65 -54.48
N LEU C 119 -57.96 -128.70 -54.50
CA LEU C 119 -57.18 -128.32 -53.32
C LEU C 119 -57.41 -126.86 -52.96
N GLU C 120 -57.47 -126.00 -53.98
CA GLU C 120 -57.80 -124.59 -53.77
C GLU C 120 -59.18 -124.43 -53.14
N ASP C 121 -60.16 -125.18 -53.64
CA ASP C 121 -61.50 -125.14 -53.06
C ASP C 121 -61.50 -125.63 -51.62
N TYR C 122 -60.72 -126.67 -51.33
CA TYR C 122 -60.57 -127.17 -49.98
C TYR C 122 -60.05 -126.09 -49.04
N ILE C 123 -59.00 -125.39 -49.46
CA ILE C 123 -58.50 -124.26 -48.67
C ILE C 123 -59.58 -123.18 -48.56
N ALA C 124 -60.40 -123.01 -49.60
CA ALA C 124 -61.47 -122.02 -49.54
C ALA C 124 -62.49 -122.35 -48.46
N GLU C 125 -62.93 -123.61 -48.38
CA GLU C 125 -63.86 -123.95 -47.31
C GLU C 125 -63.19 -123.91 -45.95
N LEU C 126 -61.89 -124.20 -45.88
CA LEU C 126 -61.20 -124.09 -44.61
C LEU C 126 -61.14 -122.63 -44.14
N ILE C 127 -60.87 -121.70 -45.05
CA ILE C 127 -60.80 -120.29 -44.68
C ILE C 127 -62.17 -119.68 -44.48
N GLU C 128 -63.22 -120.28 -45.05
CA GLU C 128 -64.58 -119.77 -44.87
C GLU C 128 -65.27 -120.44 -43.68
N GLY C 129 -65.37 -121.78 -43.70
CA GLY C 129 -65.96 -122.50 -42.61
C GLY C 129 -65.06 -122.55 -41.39
N ALA C 130 -65.44 -121.82 -40.34
CA ALA C 130 -64.65 -121.73 -39.12
C ALA C 130 -65.57 -121.30 -37.99
N PRO C 131 -65.21 -121.60 -36.73
CA PRO C 131 -66.05 -121.14 -35.60
C PRO C 131 -65.94 -119.65 -35.38
N TYR C 132 -66.49 -118.85 -36.30
CA TYR C 132 -66.46 -117.41 -36.20
C TYR C 132 -67.62 -116.94 -35.35
N GLU C 133 -67.32 -116.18 -34.29
CA GLU C 133 -68.37 -115.70 -33.40
C GLU C 133 -69.23 -114.63 -34.06
N GLU C 134 -68.64 -113.81 -34.93
CA GLU C 134 -69.38 -112.74 -35.57
C GLU C 134 -68.67 -112.36 -36.87
N THR C 135 -69.40 -111.63 -37.72
CA THR C 135 -68.87 -111.12 -38.98
C THR C 135 -68.91 -109.60 -38.94
N ILE C 136 -67.79 -108.97 -39.28
CA ILE C 136 -67.71 -107.51 -39.26
C ILE C 136 -68.48 -106.96 -40.46
N LEU C 137 -69.50 -106.15 -40.18
CA LEU C 137 -70.34 -105.60 -41.24
C LEU C 137 -69.64 -104.41 -41.89
N ILE C 138 -69.46 -104.47 -43.21
CA ILE C 138 -68.81 -103.40 -43.97
C ILE C 138 -69.91 -102.55 -44.59
N ASP C 139 -69.94 -101.27 -44.22
CA ASP C 139 -70.91 -100.36 -44.80
C ASP C 139 -70.59 -100.12 -46.27
N PRO C 140 -71.60 -100.15 -47.16
CA PRO C 140 -71.32 -99.93 -48.58
C PRO C 140 -70.71 -98.57 -48.88
N ALA C 141 -71.06 -97.53 -48.12
CA ALA C 141 -70.53 -96.20 -48.38
C ALA C 141 -69.16 -96.02 -47.76
N ASP C 142 -68.99 -96.42 -46.50
CA ASP C 142 -67.74 -96.27 -45.77
C ASP C 142 -67.16 -97.64 -45.46
N THR C 143 -65.92 -97.87 -45.86
CA THR C 143 -65.29 -99.18 -45.72
C THR C 143 -64.07 -99.19 -44.79
N VAL C 144 -63.38 -98.07 -44.64
CA VAL C 144 -62.21 -98.03 -43.74
C VAL C 144 -62.58 -98.37 -42.30
N PRO C 145 -63.66 -97.83 -41.72
CA PRO C 145 -63.97 -98.21 -40.33
C PRO C 145 -64.18 -99.69 -40.11
N ALA C 146 -64.70 -100.42 -41.11
CA ALA C 146 -64.85 -101.86 -40.96
C ALA C 146 -63.49 -102.54 -40.78
N PHE C 147 -62.51 -102.17 -41.60
CA PHE C 147 -61.18 -102.76 -41.47
C PHE C 147 -60.51 -102.32 -40.18
N ILE C 148 -60.74 -101.07 -39.75
CA ILE C 148 -60.20 -100.63 -38.47
C ILE C 148 -60.80 -101.44 -37.33
N THR C 149 -62.10 -101.71 -37.39
CA THR C 149 -62.75 -102.53 -36.38
C THR C 149 -62.20 -103.95 -36.37
N ALA C 150 -61.97 -104.52 -37.56
CA ALA C 150 -61.39 -105.86 -37.63
C ALA C 150 -59.99 -105.89 -37.02
N ASP C 151 -59.19 -104.86 -37.31
CA ASP C 151 -57.86 -104.78 -36.72
C ASP C 151 -57.93 -104.62 -35.20
N GLN C 152 -58.90 -103.86 -34.71
CA GLN C 152 -59.08 -103.70 -33.27
C GLN C 152 -59.47 -105.02 -32.62
N ARG C 153 -60.37 -105.78 -33.26
CA ARG C 153 -60.73 -107.10 -32.73
C ARG C 153 -59.52 -108.03 -32.71
N MET C 154 -58.70 -107.99 -33.76
CA MET C 154 -57.49 -108.81 -33.78
C MET C 154 -56.53 -108.41 -32.66
N GLY C 155 -56.36 -107.10 -32.44
CA GLY C 155 -55.45 -106.62 -31.41
C GLY C 155 -55.96 -106.82 -30.00
N GLU C 156 -57.28 -106.97 -29.83
CA GLU C 156 -57.82 -107.25 -28.51
C GLU C 156 -57.33 -108.60 -27.98
N ALA C 157 -56.98 -109.52 -28.87
CA ALA C 157 -56.45 -110.82 -28.49
C ALA C 157 -54.92 -110.83 -28.44
N ASN C 158 -54.28 -109.66 -28.54
CA ASN C 158 -52.83 -109.54 -28.52
C ASN C 158 -52.18 -110.34 -29.64
N VAL C 159 -52.81 -110.33 -30.81
CA VAL C 159 -52.24 -110.99 -31.98
C VAL C 159 -51.00 -110.24 -32.44
N PRO C 160 -49.88 -110.92 -32.69
CA PRO C 160 -48.68 -110.22 -33.17
C PRO C 160 -48.94 -109.51 -34.49
N THR C 161 -48.32 -108.34 -34.65
CA THR C 161 -48.53 -107.51 -35.83
C THR C 161 -47.50 -107.82 -36.91
N ASP C 162 -47.52 -109.06 -37.38
CA ASP C 162 -46.65 -109.50 -38.47
C ASP C 162 -47.29 -110.68 -39.17
N SER C 163 -47.01 -110.80 -40.48
CA SER C 163 -47.52 -111.89 -41.31
C SER C 163 -49.05 -111.97 -41.25
N ARG C 164 -49.70 -110.80 -41.24
CA ARG C 164 -51.17 -110.72 -41.18
C ARG C 164 -51.69 -110.77 -42.61
N ARG C 165 -52.00 -111.97 -43.07
CA ARG C 165 -52.47 -112.17 -44.44
C ARG C 165 -53.97 -111.89 -44.54
N LEU C 166 -54.34 -111.05 -45.49
CA LEU C 166 -55.74 -110.67 -45.72
C LEU C 166 -56.12 -111.06 -47.14
N VAL C 167 -57.22 -111.80 -47.26
CA VAL C 167 -57.78 -112.18 -48.56
C VAL C 167 -59.12 -111.46 -48.71
N VAL C 168 -59.31 -110.83 -49.87
CA VAL C 168 -60.48 -110.01 -50.14
C VAL C 168 -61.14 -110.48 -51.43
N GLY C 169 -62.46 -110.59 -51.41
CA GLY C 169 -63.17 -110.98 -52.61
C GLY C 169 -63.20 -109.89 -53.66
N SER C 170 -63.55 -110.30 -54.88
CA SER C 170 -63.58 -109.34 -56.00
C SER C 170 -64.62 -108.25 -55.76
N ALA C 171 -65.81 -108.62 -55.28
CA ALA C 171 -66.86 -107.64 -55.04
C ALA C 171 -66.47 -106.68 -53.91
N VAL C 172 -65.89 -107.22 -52.83
CA VAL C 172 -65.47 -106.36 -51.72
C VAL C 172 -64.36 -105.42 -52.16
N ALA C 173 -63.41 -105.93 -52.96
CA ALA C 173 -62.34 -105.08 -53.47
C ALA C 173 -62.88 -103.98 -54.37
N ALA C 174 -63.86 -104.33 -55.23
CA ALA C 174 -64.46 -103.32 -56.10
C ALA C 174 -65.20 -102.26 -55.29
N ALA C 175 -65.92 -102.68 -54.25
CA ALA C 175 -66.59 -101.71 -53.38
C ALA C 175 -65.59 -100.84 -52.65
N LEU C 176 -64.46 -101.42 -52.24
CA LEU C 176 -63.40 -100.64 -51.60
C LEU C 176 -62.84 -99.60 -52.56
N ALA C 177 -62.66 -99.97 -53.83
CA ALA C 177 -62.24 -99.00 -54.83
C ALA C 177 -63.31 -97.94 -55.07
N LYS C 178 -64.58 -98.28 -54.85
CA LYS C 178 -65.68 -97.33 -55.00
C LYS C 178 -65.86 -96.42 -53.79
N ASP C 179 -65.11 -96.65 -52.71
CA ASP C 179 -65.25 -95.85 -51.52
C ASP C 179 -64.82 -94.41 -51.78
N LYS C 180 -65.57 -93.46 -51.21
CA LYS C 180 -65.22 -92.06 -51.34
C LYS C 180 -63.87 -91.74 -50.70
N GLN C 181 -63.44 -92.54 -49.73
CA GLN C 181 -62.15 -92.33 -49.08
C GLN C 181 -61.01 -92.47 -50.07
N PHE C 182 -61.08 -93.47 -50.94
CA PHE C 182 -60.02 -93.75 -51.90
C PHE C 182 -60.32 -93.22 -53.31
N ARG C 183 -61.44 -92.53 -53.50
CA ARG C 183 -61.84 -92.06 -54.82
C ARG C 183 -62.12 -90.57 -54.80
N HIS C 184 -61.30 -89.81 -54.06
CA HIS C 184 -61.41 -88.36 -54.06
C HIS C 184 -60.08 -87.64 -54.15
N ALA C 185 -58.95 -88.37 -54.10
CA ALA C 185 -57.61 -87.83 -54.35
C ALA C 185 -57.18 -86.79 -53.32
N ASP C 186 -58.03 -86.52 -52.33
CA ASP C 186 -57.66 -85.61 -51.25
C ASP C 186 -57.88 -86.29 -49.91
N TRP C 187 -58.92 -87.12 -49.83
CA TRP C 187 -59.15 -87.92 -48.63
C TRP C 187 -58.17 -89.08 -48.53
N SER C 188 -57.69 -89.57 -49.67
CA SER C 188 -56.75 -90.69 -49.71
C SER C 188 -55.30 -90.26 -49.60
N GLY C 189 -55.01 -88.96 -49.66
CA GLY C 189 -53.66 -88.45 -49.51
C GLY C 189 -52.82 -88.37 -50.76
N ASP C 190 -52.89 -89.39 -51.61
CA ASP C 190 -52.07 -89.45 -52.81
C ASP C 190 -52.58 -88.44 -53.84
N GLN C 191 -51.71 -87.51 -54.25
CA GLN C 191 -52.09 -86.54 -55.27
C GLN C 191 -52.13 -87.16 -56.65
N ALA C 192 -51.35 -88.23 -56.88
CA ALA C 192 -51.35 -88.89 -58.18
C ALA C 192 -52.65 -89.63 -58.45
N ASN C 193 -53.48 -89.85 -57.42
CA ASN C 193 -54.76 -90.55 -57.55
C ASN C 193 -54.57 -91.93 -58.17
N ALA C 194 -53.56 -92.66 -57.70
CA ALA C 194 -53.31 -94.01 -58.20
C ALA C 194 -54.40 -94.99 -57.79
N ALA C 195 -55.21 -94.65 -56.79
CA ALA C 195 -56.29 -95.54 -56.38
C ALA C 195 -57.44 -95.52 -57.37
N LEU C 196 -57.78 -94.33 -57.89
CA LEU C 196 -58.86 -94.23 -58.86
C LEU C 196 -58.50 -94.93 -60.17
N ARG C 197 -57.30 -94.67 -60.68
CA ARG C 197 -56.84 -95.30 -61.91
C ARG C 197 -56.42 -96.75 -61.65
N GLU C 198 -56.56 -97.58 -62.68
CA GLU C 198 -56.21 -99.00 -62.69
C GLU C 198 -57.11 -99.83 -61.77
N ALA C 199 -58.08 -99.22 -61.10
CA ALA C 199 -59.02 -99.93 -60.23
C ALA C 199 -58.30 -100.77 -59.17
N HIS C 200 -57.24 -100.20 -58.58
CA HIS C 200 -56.47 -100.85 -57.53
C HIS C 200 -56.45 -99.96 -56.31
N VAL C 201 -56.98 -100.47 -55.20
CA VAL C 201 -57.02 -99.67 -53.97
C VAL C 201 -55.61 -99.47 -53.40
N GLY C 202 -54.76 -100.49 -53.50
CA GLY C 202 -53.41 -100.40 -52.98
C GLY C 202 -53.29 -100.90 -51.56
N ARG C 203 -52.31 -100.38 -50.81
CA ARG C 203 -52.08 -100.82 -49.45
C ARG C 203 -53.23 -100.39 -48.54
N LEU C 204 -53.67 -101.30 -47.68
CA LEU C 204 -54.74 -101.05 -46.73
C LEU C 204 -54.14 -100.69 -45.37
N ALA C 205 -55.01 -100.43 -44.40
CA ALA C 205 -54.60 -99.99 -43.07
C ALA C 205 -53.92 -101.15 -42.34
N GLY C 206 -52.59 -101.11 -42.28
CA GLY C 206 -51.82 -102.09 -41.56
C GLY C 206 -51.61 -103.41 -42.26
N MET C 207 -52.09 -103.55 -43.50
CA MET C 207 -51.97 -104.81 -44.22
C MET C 207 -52.15 -104.54 -45.70
N ASN C 208 -51.77 -105.52 -46.52
CA ASN C 208 -51.96 -105.46 -47.96
C ASN C 208 -53.23 -106.21 -48.35
N VAL C 209 -53.56 -106.13 -49.63
CA VAL C 209 -54.76 -106.75 -50.18
C VAL C 209 -54.35 -107.77 -51.23
N ILE C 210 -54.95 -108.95 -51.17
CA ILE C 210 -54.72 -110.02 -52.14
C ILE C 210 -56.07 -110.44 -52.70
N ARG C 211 -56.22 -110.34 -54.02
CA ARG C 211 -57.48 -110.66 -54.67
C ARG C 211 -57.58 -112.16 -54.90
N SER C 212 -58.76 -112.72 -54.61
CA SER C 212 -59.01 -114.14 -54.80
C SER C 212 -60.50 -114.33 -55.04
N ASN C 213 -60.86 -114.78 -56.23
CA ASN C 213 -62.26 -115.02 -56.58
C ASN C 213 -62.75 -116.40 -56.18
N ALA C 214 -61.87 -117.27 -55.69
CA ALA C 214 -62.30 -118.59 -55.26
C ALA C 214 -63.24 -118.50 -54.05
N ILE C 215 -62.93 -117.61 -53.11
CA ILE C 215 -63.78 -117.39 -51.95
C ILE C 215 -65.00 -116.58 -52.38
N ALA C 216 -65.99 -116.49 -51.50
CA ALA C 216 -67.19 -115.72 -51.81
C ALA C 216 -66.82 -114.26 -52.06
N PRO C 217 -67.30 -113.65 -53.15
CA PRO C 217 -66.92 -112.26 -53.43
C PRO C 217 -67.39 -111.27 -52.38
N ASP C 218 -68.40 -111.62 -51.58
CA ASP C 218 -68.94 -110.73 -50.57
C ASP C 218 -68.26 -110.88 -49.21
N LYS C 219 -67.29 -111.77 -49.09
CA LYS C 219 -66.64 -112.05 -47.82
C LYS C 219 -65.13 -111.88 -47.94
N ALA C 220 -64.51 -111.47 -46.83
CA ALA C 220 -63.07 -111.33 -46.74
C ALA C 220 -62.60 -111.90 -45.42
N TYR C 221 -61.35 -112.37 -45.39
CA TYR C 221 -60.82 -113.04 -44.21
C TYR C 221 -59.40 -112.57 -43.91
N LEU C 222 -59.14 -112.30 -42.64
CA LEU C 222 -57.82 -111.86 -42.19
C LEU C 222 -57.30 -112.79 -41.11
N TRP C 223 -56.12 -113.36 -41.33
CA TRP C 223 -55.55 -114.33 -40.39
C TRP C 223 -54.06 -114.10 -40.25
N HIS C 224 -53.54 -114.41 -39.08
CA HIS C 224 -52.13 -114.21 -38.74
C HIS C 224 -51.40 -115.55 -38.88
N ARG C 225 -50.88 -115.80 -40.09
CA ARG C 225 -50.02 -116.94 -40.40
C ARG C 225 -50.49 -118.25 -39.76
N THR C 226 -50.15 -118.45 -38.50
CA THR C 226 -50.45 -119.70 -37.81
C THR C 226 -51.87 -119.73 -37.26
N ALA C 227 -52.84 -119.44 -38.12
CA ALA C 227 -54.25 -119.52 -37.75
C ALA C 227 -54.92 -120.80 -38.26
N PHE C 228 -54.35 -121.43 -39.28
CA PHE C 228 -54.88 -122.67 -39.83
C PHE C 228 -53.74 -123.63 -40.10
N ILE C 229 -54.06 -124.93 -40.04
CA ILE C 229 -53.08 -126.00 -40.21
C ILE C 229 -53.47 -126.79 -41.45
N LEU C 230 -52.56 -126.86 -42.42
CA LEU C 230 -52.74 -127.63 -43.65
C LEU C 230 -51.71 -128.75 -43.66
N ALA C 231 -52.16 -129.98 -43.87
CA ALA C 231 -51.27 -131.13 -43.93
C ALA C 231 -51.48 -131.87 -45.25
N TYR C 232 -50.39 -132.17 -45.94
CA TYR C 232 -50.41 -132.89 -47.20
C TYR C 232 -49.59 -134.17 -47.08
N ARG C 233 -50.03 -135.22 -47.76
CA ARG C 233 -49.36 -136.51 -47.74
C ARG C 233 -49.51 -137.18 -49.09
N THR C 234 -48.39 -137.56 -49.69
CA THR C 234 -48.42 -138.30 -50.94
C THR C 234 -48.55 -139.78 -50.65
N PRO C 235 -49.63 -140.44 -51.10
CA PRO C 235 -49.79 -141.87 -50.82
C PRO C 235 -48.68 -142.69 -51.44
N VAL C 236 -48.31 -143.77 -50.75
CA VAL C 236 -47.27 -144.68 -51.24
C VAL C 236 -47.86 -145.57 -52.33
N VAL C 237 -47.12 -145.76 -53.41
CA VAL C 237 -47.60 -146.60 -54.51
C VAL C 237 -47.73 -148.03 -54.03
N PRO C 238 -48.88 -148.68 -54.21
CA PRO C 238 -49.04 -150.06 -53.76
C PRO C 238 -48.09 -151.00 -54.48
N GLU C 239 -47.61 -152.02 -53.76
CA GLU C 239 -46.69 -152.99 -54.32
C GLU C 239 -47.44 -153.88 -55.31
N GLY C 240 -47.09 -153.77 -56.59
CA GLY C 240 -47.75 -154.53 -57.63
C GLY C 240 -48.46 -153.65 -58.64
N ALA C 241 -48.00 -152.40 -58.77
CA ALA C 241 -48.59 -151.45 -59.70
C ALA C 241 -47.70 -151.33 -60.95
N LYS C 242 -48.10 -150.43 -61.84
CA LYS C 242 -47.36 -150.22 -63.09
C LYS C 242 -46.33 -149.11 -62.95
N ALA C 243 -46.77 -147.91 -62.60
CA ALA C 243 -45.87 -146.78 -62.45
C ALA C 243 -46.48 -145.78 -61.48
N GLY C 244 -45.62 -144.91 -60.94
CA GLY C 244 -46.07 -143.91 -60.00
C GLY C 244 -46.44 -142.59 -60.64
N ALA C 245 -45.53 -142.03 -61.44
CA ALA C 245 -45.73 -140.75 -62.12
C ALA C 245 -46.14 -139.66 -61.14
N SER C 246 -45.22 -139.37 -60.21
CA SER C 246 -45.49 -138.43 -59.14
C SER C 246 -45.46 -136.99 -59.64
N PHE C 247 -46.59 -136.51 -60.15
CA PHE C 247 -46.69 -135.12 -60.58
C PHE C 247 -46.72 -134.19 -59.38
N SER C 248 -46.18 -132.99 -59.56
CA SER C 248 -46.11 -131.98 -58.51
C SER C 248 -47.02 -130.82 -58.87
N ALA C 249 -47.94 -130.49 -57.96
CA ALA C 249 -48.86 -129.38 -58.14
C ALA C 249 -48.73 -128.42 -56.96
N ASN C 250 -48.48 -127.14 -57.26
CA ASN C 250 -48.30 -126.08 -56.27
C ASN C 250 -47.50 -126.53 -55.06
N GLY C 251 -46.42 -127.28 -55.29
CA GLY C 251 -45.57 -127.76 -54.22
C GLY C 251 -46.04 -129.02 -53.52
N VAL C 252 -47.12 -129.63 -54.00
CA VAL C 252 -47.67 -130.84 -53.38
C VAL C 252 -47.55 -131.98 -54.39
N ALA C 253 -46.87 -133.05 -54.00
CA ALA C 253 -46.71 -134.20 -54.85
C ALA C 253 -47.98 -135.06 -54.86
N LEU C 254 -48.19 -135.76 -55.97
CA LEU C 254 -49.37 -136.59 -56.15
C LEU C 254 -48.96 -138.01 -56.51
N ARG C 255 -49.91 -138.94 -56.39
CA ARG C 255 -49.71 -140.34 -56.72
C ARG C 255 -50.72 -140.73 -57.79
N TRP C 256 -50.24 -141.39 -58.85
CA TRP C 256 -51.06 -141.69 -60.02
C TRP C 256 -51.06 -143.19 -60.28
N LEU C 257 -52.23 -143.73 -60.61
CA LEU C 257 -52.40 -145.11 -61.00
C LEU C 257 -52.69 -145.22 -62.49
N ALA C 258 -52.39 -146.37 -63.07
CA ALA C 258 -52.68 -146.65 -64.47
C ALA C 258 -53.72 -147.76 -64.60
N ASP C 259 -53.44 -148.94 -64.07
CA ASP C 259 -54.36 -150.08 -64.02
C ASP C 259 -54.65 -150.65 -65.40
N TYR C 260 -54.92 -151.96 -65.46
CA TYR C 260 -55.23 -152.65 -66.71
C TYR C 260 -56.39 -153.61 -66.51
N ASP C 261 -57.47 -153.11 -65.91
CA ASP C 261 -58.64 -153.93 -65.62
C ASP C 261 -59.19 -154.57 -66.90
N TYR C 262 -59.57 -155.84 -66.79
CA TYR C 262 -60.03 -156.61 -67.94
C TYR C 262 -61.55 -156.80 -67.95
N SER C 263 -62.21 -156.70 -66.80
CA SER C 263 -63.66 -156.96 -66.74
C SER C 263 -64.43 -155.99 -67.62
N GLN C 264 -64.07 -154.70 -67.58
CA GLN C 264 -64.72 -153.69 -68.42
C GLN C 264 -63.70 -152.93 -69.27
N LEU C 265 -62.48 -153.45 -69.40
CA LEU C 265 -61.42 -152.82 -70.18
C LEU C 265 -61.13 -151.41 -69.68
N GLY C 266 -60.49 -150.60 -70.54
CA GLY C 266 -60.22 -149.22 -70.17
C GLY C 266 -59.12 -149.09 -69.12
N ASP C 267 -59.08 -147.91 -68.51
CA ASP C 267 -58.11 -147.59 -67.48
C ASP C 267 -58.82 -147.14 -66.20
N ARG C 268 -58.09 -147.17 -65.10
CA ARG C 268 -58.61 -146.85 -63.77
C ARG C 268 -57.66 -145.91 -63.05
N THR C 269 -57.30 -144.81 -63.70
CA THR C 269 -56.45 -143.81 -63.07
C THR C 269 -57.12 -143.23 -61.84
N LEU C 270 -56.38 -143.16 -60.73
CA LEU C 270 -56.84 -142.66 -59.44
C LEU C 270 -55.84 -141.68 -58.84
N LEU C 271 -55.43 -140.69 -59.62
CA LEU C 271 -54.56 -139.63 -59.12
C LEU C 271 -55.16 -139.01 -57.87
N ASP C 272 -54.45 -139.14 -56.75
CA ASP C 272 -55.02 -138.80 -55.46
C ASP C 272 -53.92 -138.36 -54.50
N VAL C 273 -54.36 -137.77 -53.37
CA VAL C 273 -53.46 -137.25 -52.36
C VAL C 273 -54.26 -137.17 -51.06
N PHE C 274 -53.54 -137.16 -49.93
CA PHE C 274 -54.18 -137.06 -48.62
C PHE C 274 -53.99 -135.65 -48.08
N THR C 275 -55.07 -135.05 -47.60
CA THR C 275 -55.01 -133.70 -47.05
C THR C 275 -55.79 -133.64 -45.74
N GLY C 276 -55.37 -132.71 -44.89
CA GLY C 276 -56.00 -132.50 -43.60
C GLY C 276 -56.01 -131.05 -43.19
N ARG C 277 -57.11 -130.61 -42.59
CA ARG C 277 -57.31 -129.24 -42.19
C ARG C 277 -57.52 -129.16 -40.69
N LYS C 278 -57.03 -128.07 -40.09
CA LYS C 278 -57.24 -127.85 -38.67
C LYS C 278 -57.36 -126.35 -38.41
N VAL C 279 -58.18 -125.98 -37.44
CA VAL C 279 -58.37 -124.59 -37.03
C VAL C 279 -57.69 -124.41 -35.69
N VAL C 280 -56.74 -123.47 -35.62
CA VAL C 280 -55.98 -123.23 -34.40
C VAL C 280 -56.85 -122.38 -33.46
N THR C 281 -57.36 -123.01 -32.41
CA THR C 281 -58.17 -122.33 -31.41
C THR C 281 -57.29 -121.93 -30.23
N GLU C 282 -57.92 -121.41 -29.18
CA GLU C 282 -57.23 -121.00 -27.98
C GLU C 282 -57.41 -122.05 -26.88
N VAL C 283 -56.87 -121.73 -25.69
CA VAL C 283 -56.97 -122.66 -24.56
C VAL C 283 -58.42 -122.82 -24.14
N ASP C 284 -59.14 -121.71 -24.03
CA ASP C 284 -60.55 -121.77 -23.62
C ASP C 284 -61.43 -122.41 -24.67
N GLY C 285 -61.04 -122.36 -25.94
CA GLY C 285 -61.82 -122.93 -27.01
C GLY C 285 -62.48 -121.95 -27.96
N SER C 286 -61.97 -120.72 -28.06
CA SER C 286 -62.53 -119.69 -28.93
C SER C 286 -61.54 -119.35 -30.03
N PHE C 287 -62.05 -119.16 -31.24
CA PHE C 287 -61.22 -118.84 -32.40
C PHE C 287 -61.10 -117.33 -32.52
N VAL C 288 -59.92 -116.80 -32.21
CA VAL C 288 -59.65 -115.37 -32.29
C VAL C 288 -58.48 -115.05 -33.21
N ARG C 289 -57.82 -116.06 -33.78
CA ARG C 289 -56.66 -115.81 -34.64
C ARG C 289 -57.07 -115.29 -36.01
N ALA C 290 -58.33 -115.43 -36.40
CA ALA C 290 -58.80 -114.98 -37.71
C ALA C 290 -60.11 -114.24 -37.56
N VAL C 291 -60.36 -113.31 -38.48
CA VAL C 291 -61.56 -112.51 -38.49
C VAL C 291 -62.17 -112.52 -39.89
N GLU C 292 -63.50 -112.39 -39.93
CA GLU C 292 -64.26 -112.43 -41.17
C GLU C 292 -65.05 -111.13 -41.32
N LEU C 293 -65.00 -110.54 -42.51
CA LEU C 293 -65.71 -109.32 -42.82
C LEU C 293 -66.70 -109.58 -43.96
N GLN C 294 -67.94 -109.15 -43.78
CA GLN C 294 -68.99 -109.34 -44.77
C GLN C 294 -69.54 -107.98 -45.19
N LEU C 295 -69.70 -107.79 -46.49
CA LEU C 295 -70.21 -106.52 -47.01
C LEU C 295 -71.73 -106.45 -46.82
N GLN C 296 -72.18 -105.29 -46.35
CA GLN C 296 -73.60 -105.10 -46.10
C GLN C 296 -74.39 -105.01 -47.40
N ALA C 297 -75.61 -105.51 -47.36
CA ALA C 297 -76.54 -105.44 -48.49
C ALA C 297 -77.83 -104.79 -48.03
N SER C 298 -78.36 -103.88 -48.86
CA SER C 298 -79.55 -103.13 -48.52
C SER C 298 -80.64 -103.16 -49.58
N SER C 299 -80.36 -103.65 -50.79
CA SER C 299 -81.37 -103.67 -51.84
C SER C 299 -80.94 -104.70 -52.88
N ILE C 300 -81.76 -105.74 -53.06
CA ILE C 300 -81.50 -106.77 -54.07
C ILE C 300 -82.15 -106.35 -55.38
N THR C 301 -81.49 -106.64 -56.49
CA THR C 301 -81.97 -106.30 -57.82
C THR C 301 -82.10 -107.56 -58.66
N ILE C 302 -83.18 -107.64 -59.42
CA ILE C 302 -83.43 -108.77 -60.31
C ILE C 302 -82.92 -108.38 -61.70
N VAL C 303 -81.87 -109.08 -62.16
CA VAL C 303 -81.28 -108.77 -63.45
C VAL C 303 -82.20 -109.25 -64.56
N GLY C 304 -82.50 -108.36 -65.50
CA GLY C 304 -83.38 -108.68 -66.62
C GLY C 304 -84.63 -107.82 -66.70
N GLY C 305 -84.84 -106.89 -65.78
CA GLY C 305 -86.01 -106.03 -65.83
C GLY C 305 -87.32 -106.77 -65.65
N ALA C 306 -88.22 -106.63 -66.63
CA ALA C 306 -89.53 -107.25 -66.62
C ALA C 306 -89.74 -108.06 -67.90
N PHE C 307 -88.75 -108.88 -68.23
CA PHE C 307 -88.81 -109.68 -69.44
C PHE C 307 -90.03 -110.60 -69.44
N ALA C 308 -90.73 -110.61 -70.56
CA ALA C 308 -91.93 -111.43 -70.72
C ALA C 308 -91.54 -112.87 -71.02
N LEU C 309 -92.51 -113.69 -71.39
CA LEU C 309 -92.28 -115.11 -71.67
C LEU C 309 -92.82 -115.44 -73.05
N ALA C 310 -92.06 -116.23 -73.81
CA ALA C 310 -92.41 -116.54 -75.18
C ALA C 310 -93.32 -117.75 -75.31
N THR C 311 -92.96 -118.86 -74.67
CA THR C 311 -93.76 -120.09 -74.74
C THR C 311 -94.39 -120.37 -73.37
N THR C 312 -95.29 -121.36 -73.36
CA THR C 312 -96.05 -121.64 -72.15
C THR C 312 -95.18 -122.20 -71.03
N THR C 313 -94.07 -122.87 -71.37
CA THR C 313 -93.20 -123.49 -70.39
C THR C 313 -91.76 -122.98 -70.51
N GLY C 314 -91.61 -121.70 -70.83
CA GLY C 314 -90.30 -121.09 -70.94
C GLY C 314 -89.52 -121.08 -69.65
N THR C 315 -88.24 -121.42 -69.71
CA THR C 315 -87.39 -121.47 -68.53
C THR C 315 -86.21 -120.52 -68.69
N LYS C 316 -85.79 -119.92 -67.57
CA LYS C 316 -84.66 -119.02 -67.56
C LYS C 316 -84.15 -118.89 -66.12
N GLN C 317 -82.84 -118.76 -65.98
CA GLN C 317 -82.22 -118.60 -64.65
C GLN C 317 -82.18 -117.11 -64.32
N LEU C 318 -82.96 -116.71 -63.32
CA LEU C 318 -83.05 -115.30 -62.92
C LEU C 318 -81.96 -115.01 -61.91
N LYS C 319 -80.85 -114.44 -62.38
CA LYS C 319 -79.77 -114.04 -61.49
C LYS C 319 -80.14 -112.78 -60.72
N VAL C 320 -79.87 -112.78 -59.42
CA VAL C 320 -80.22 -111.69 -58.53
C VAL C 320 -78.95 -111.12 -57.94
N ARG C 321 -78.77 -109.80 -58.06
CA ARG C 321 -77.62 -109.09 -57.53
C ARG C 321 -78.09 -108.05 -56.52
N ASP C 322 -77.25 -107.77 -55.54
CA ASP C 322 -77.58 -106.82 -54.48
C ASP C 322 -77.27 -105.41 -54.95
N ASP C 323 -77.38 -104.44 -54.04
CA ASP C 323 -77.06 -103.05 -54.38
C ASP C 323 -75.58 -102.90 -54.73
N ASN C 324 -74.70 -103.57 -53.99
CA ASN C 324 -73.27 -103.50 -54.25
C ASN C 324 -72.86 -104.19 -55.54
N GLY C 325 -73.75 -104.99 -56.15
CA GLY C 325 -73.45 -105.68 -57.37
C GLY C 325 -73.13 -107.15 -57.22
N THR C 326 -72.96 -107.63 -55.98
CA THR C 326 -72.68 -109.04 -55.75
C THR C 326 -73.89 -109.89 -56.12
N ASP C 327 -73.67 -110.95 -56.89
CA ASP C 327 -74.75 -111.82 -57.35
C ASP C 327 -75.01 -112.88 -56.29
N VAL C 328 -76.13 -112.76 -55.58
CA VAL C 328 -76.47 -113.74 -54.55
C VAL C 328 -77.16 -114.95 -55.17
N THR C 329 -78.27 -114.73 -55.89
CA THR C 329 -78.98 -115.76 -56.63
C THR C 329 -79.30 -117.00 -55.81
N ALA C 330 -78.26 -117.78 -55.47
CA ALA C 330 -78.47 -119.08 -54.82
C ALA C 330 -79.16 -118.93 -53.48
N ARG C 331 -78.70 -117.99 -52.66
CA ARG C 331 -79.29 -117.76 -51.34
C ARG C 331 -80.42 -116.75 -51.49
N CYS C 332 -81.63 -117.26 -51.68
CA CYS C 332 -82.81 -116.42 -51.88
C CYS C 332 -84.05 -117.23 -51.54
N THR C 333 -85.21 -116.61 -51.78
CA THR C 333 -86.52 -117.19 -51.46
C THR C 333 -87.47 -117.03 -52.65
N PHE C 334 -87.01 -117.45 -53.82
CA PHE C 334 -87.80 -117.34 -55.05
C PHE C 334 -89.19 -117.93 -54.87
N ALA C 335 -90.20 -117.11 -55.11
CA ALA C 335 -91.60 -117.53 -54.99
C ALA C 335 -92.45 -116.70 -55.93
N SER C 336 -93.30 -117.37 -56.69
CA SER C 336 -94.18 -116.71 -57.64
C SER C 336 -95.52 -116.40 -56.98
N SER C 337 -96.01 -115.18 -57.20
CA SER C 337 -97.29 -114.76 -56.61
C SER C 337 -98.44 -115.58 -57.17
N ALA C 338 -98.50 -115.73 -58.49
CA ALA C 338 -99.55 -116.51 -59.14
C ALA C 338 -98.97 -117.87 -59.52
N GLY C 339 -99.14 -118.85 -58.63
CA GLY C 339 -98.63 -120.18 -58.88
C GLY C 339 -99.28 -120.87 -60.06
N THR C 340 -100.59 -120.62 -60.26
CA THR C 340 -101.30 -121.29 -61.35
C THR C 340 -100.78 -120.87 -62.71
N LYS C 341 -100.19 -119.67 -62.81
CA LYS C 341 -99.68 -119.17 -64.09
C LYS C 341 -98.21 -119.52 -64.30
N ALA C 342 -97.40 -119.43 -63.25
CA ALA C 342 -95.98 -119.74 -63.35
C ALA C 342 -95.45 -120.15 -61.98
N THR C 343 -94.51 -121.09 -61.97
CA THR C 343 -93.89 -121.58 -60.75
C THR C 343 -92.37 -121.45 -60.86
N VAL C 344 -91.74 -120.99 -59.78
CA VAL C 344 -90.30 -120.79 -59.75
C VAL C 344 -89.72 -121.66 -58.64
N SER C 345 -88.63 -122.36 -58.96
CA SER C 345 -87.97 -123.21 -57.99
C SER C 345 -87.09 -122.37 -57.05
N ALA C 346 -86.56 -123.03 -56.01
CA ALA C 346 -85.69 -122.34 -55.07
C ALA C 346 -84.42 -121.84 -55.74
N ALA C 347 -83.85 -122.62 -56.65
CA ALA C 347 -82.65 -122.19 -57.35
C ALA C 347 -82.91 -120.97 -58.22
N GLY C 348 -84.05 -120.93 -58.90
CA GLY C 348 -84.39 -119.81 -59.74
C GLY C 348 -84.94 -120.21 -61.10
N LEU C 349 -85.14 -121.52 -61.30
CA LEU C 349 -85.64 -122.04 -62.57
C LEU C 349 -87.14 -121.79 -62.65
N VAL C 350 -87.51 -120.62 -63.14
CA VAL C 350 -88.91 -120.25 -63.28
C VAL C 350 -89.46 -120.82 -64.58
N THR C 351 -90.66 -121.36 -64.53
CA THR C 351 -91.32 -121.94 -65.69
C THR C 351 -92.81 -121.63 -65.63
N GLY C 352 -93.37 -121.19 -66.76
CA GLY C 352 -94.79 -120.89 -66.80
C GLY C 352 -95.64 -122.14 -66.78
N VAL C 353 -96.89 -121.96 -66.36
CA VAL C 353 -97.85 -123.05 -66.28
C VAL C 353 -99.06 -122.74 -67.15
N ALA C 354 -99.73 -121.63 -66.86
CA ALA C 354 -100.91 -121.20 -67.58
C ALA C 354 -100.75 -119.75 -68.01
N ALA C 355 -101.50 -119.36 -69.03
CA ALA C 355 -101.44 -118.00 -69.54
C ALA C 355 -101.88 -117.00 -68.47
N GLY C 356 -101.10 -115.94 -68.30
CA GLY C 356 -101.40 -114.95 -67.30
C GLY C 356 -100.28 -113.94 -67.18
N THR C 357 -100.33 -113.19 -66.08
CA THR C 357 -99.37 -112.13 -65.78
C THR C 357 -98.75 -112.34 -64.41
N ALA C 358 -98.30 -113.58 -64.16
CA ALA C 358 -97.75 -113.92 -62.85
C ALA C 358 -96.49 -113.11 -62.56
N ASP C 359 -96.32 -112.77 -61.29
CA ASP C 359 -95.16 -112.02 -60.81
C ASP C 359 -94.40 -112.86 -59.80
N ILE C 360 -93.07 -112.85 -59.92
CA ILE C 360 -92.20 -113.63 -59.04
C ILE C 360 -91.57 -112.67 -58.04
N THR C 361 -91.78 -112.93 -56.76
CA THR C 361 -91.17 -112.15 -55.69
C THR C 361 -90.02 -112.92 -55.07
N ALA C 362 -89.03 -112.18 -54.57
CA ALA C 362 -87.84 -112.78 -53.99
C ALA C 362 -87.36 -111.93 -52.82
N SER C 363 -87.19 -112.57 -51.67
CA SER C 363 -86.74 -111.90 -50.47
C SER C 363 -85.40 -112.51 -50.03
N TYR C 364 -84.41 -111.65 -49.82
CA TYR C 364 -83.09 -112.06 -49.39
C TYR C 364 -82.76 -111.40 -48.06
N VAL C 365 -82.36 -112.20 -47.07
CA VAL C 365 -82.01 -111.69 -45.76
C VAL C 365 -80.66 -110.99 -45.84
N PRO C 366 -80.57 -109.71 -45.47
CA PRO C 366 -79.28 -109.03 -45.52
C PRO C 366 -78.33 -109.61 -44.51
N PRO C 367 -77.01 -109.55 -44.77
CA PRO C 367 -76.04 -110.04 -43.78
C PRO C 367 -76.12 -109.32 -42.45
N GLN C 368 -76.48 -108.04 -42.45
CA GLN C 368 -76.60 -107.28 -41.21
C GLN C 368 -77.81 -107.68 -40.38
N GLY C 369 -78.73 -108.47 -40.94
CA GLY C 369 -79.91 -108.88 -40.22
C GLY C 369 -81.09 -107.96 -40.44
N GLY C 370 -82.16 -108.25 -39.73
CA GLY C 370 -83.40 -107.48 -39.83
C GLY C 370 -84.41 -108.17 -40.74
N THR C 371 -85.02 -107.39 -41.63
CA THR C 371 -86.01 -107.91 -42.56
C THR C 371 -85.38 -108.12 -43.94
N ALA C 372 -85.84 -109.16 -44.62
CA ALA C 372 -85.29 -109.50 -45.92
C ALA C 372 -85.74 -108.51 -46.98
N LYS C 373 -84.79 -108.02 -47.76
CA LYS C 373 -85.12 -107.11 -48.87
C LYS C 373 -85.86 -107.88 -49.96
N THR C 374 -86.91 -107.26 -50.50
CA THR C 374 -87.83 -107.91 -51.41
C THR C 374 -87.80 -107.22 -52.76
N ALA C 375 -87.73 -108.02 -53.84
CA ALA C 375 -87.78 -107.53 -55.20
C ALA C 375 -88.72 -108.40 -56.02
N THR C 376 -89.47 -107.75 -56.91
CA THR C 376 -90.48 -108.43 -57.71
C THR C 376 -90.19 -108.24 -59.20
N VAL C 377 -90.41 -109.30 -59.97
CA VAL C 377 -90.24 -109.28 -61.42
C VAL C 377 -91.54 -109.72 -62.07
N THR C 378 -91.93 -109.01 -63.12
CA THR C 378 -93.20 -109.24 -63.81
C THR C 378 -92.94 -109.95 -65.13
N VAL C 379 -93.66 -111.05 -65.36
CA VAL C 379 -93.55 -111.82 -66.60
C VAL C 379 -94.96 -112.16 -67.06
N THR C 380 -95.18 -112.12 -68.38
CA THR C 380 -96.48 -112.41 -68.97
C THR C 380 -96.42 -113.80 -69.60
N VAL C 381 -96.90 -114.80 -68.87
CA VAL C 381 -96.93 -116.17 -69.38
C VAL C 381 -97.99 -116.27 -70.46
N PRO C 382 -97.68 -116.84 -71.64
CA PRO C 382 -98.65 -117.02 -72.72
C PRO C 382 -99.37 -118.36 -72.65
N ILE D 4 -71.79 -52.74 -121.13
CA ILE D 4 -71.76 -54.09 -120.58
C ILE D 4 -70.72 -54.94 -121.29
N PHE D 5 -69.64 -55.26 -120.58
CA PHE D 5 -68.56 -56.07 -121.11
C PHE D 5 -68.74 -57.52 -120.68
N VAL D 6 -68.59 -58.45 -121.62
CA VAL D 6 -68.78 -59.86 -121.34
C VAL D 6 -67.65 -60.36 -120.45
N LYS D 7 -67.97 -61.27 -119.54
CA LYS D 7 -67.00 -61.86 -118.63
C LYS D 7 -67.19 -63.38 -118.57
N PRO D 8 -66.12 -64.13 -118.31
CA PRO D 8 -66.26 -65.58 -118.17
C PRO D 8 -66.56 -65.99 -116.74
N GLU D 9 -67.01 -67.24 -116.61
CA GLU D 9 -67.30 -67.82 -115.30
C GLU D 9 -66.04 -68.45 -114.72
N LEU D 10 -65.97 -68.46 -113.39
CA LEU D 10 -64.82 -68.99 -112.67
C LEU D 10 -65.28 -70.00 -111.62
N VAL D 11 -64.57 -71.12 -111.55
CA VAL D 11 -64.83 -72.16 -110.56
C VAL D 11 -63.48 -72.46 -109.90
N ALA D 12 -63.26 -71.90 -108.71
CA ALA D 12 -62.01 -72.04 -107.99
C ALA D 12 -62.22 -72.85 -106.72
N GLU D 13 -61.12 -73.38 -106.19
CA GLU D 13 -61.12 -74.18 -104.99
C GLU D 13 -60.39 -73.43 -103.88
N ILE D 14 -61.03 -73.31 -102.72
CA ILE D 14 -60.45 -72.62 -101.57
C ILE D 14 -60.12 -73.57 -100.43
N GLY D 15 -60.33 -74.87 -100.61
CA GLY D 15 -60.04 -75.84 -99.58
C GLY D 15 -61.24 -76.32 -98.79
N VAL D 16 -62.45 -75.88 -99.14
CA VAL D 16 -63.65 -76.32 -98.43
C VAL D 16 -63.99 -77.74 -98.83
N LYS D 17 -64.25 -78.59 -97.84
CA LYS D 17 -64.57 -79.99 -98.08
C LYS D 17 -65.71 -80.41 -97.15
N GLN D 18 -66.45 -81.43 -97.57
CA GLN D 18 -67.51 -81.97 -96.74
C GLN D 18 -66.94 -82.63 -95.49
N LEU D 19 -67.56 -82.35 -94.35
CA LEU D 19 -67.13 -82.96 -93.10
C LEU D 19 -67.46 -84.44 -93.11
N GLN D 20 -66.46 -85.27 -92.82
CA GLN D 20 -66.60 -86.71 -92.89
C GLN D 20 -66.04 -87.36 -91.64
N ARG D 21 -66.52 -88.56 -91.34
CA ARG D 21 -66.07 -89.30 -90.18
C ARG D 21 -64.69 -89.91 -90.42
N GLU D 22 -64.02 -90.24 -89.33
CA GLU D 22 -62.70 -90.87 -89.36
C GLU D 22 -62.81 -92.35 -89.04
N ILE D 23 -61.68 -93.04 -89.05
CA ILE D 23 -61.62 -94.50 -88.98
C ILE D 23 -60.86 -94.91 -87.74
N VAL D 24 -61.51 -95.69 -86.88
CA VAL D 24 -60.86 -96.29 -85.71
C VAL D 24 -61.13 -97.78 -85.68
N LEU D 25 -62.40 -98.15 -85.80
CA LEU D 25 -62.82 -99.53 -85.54
C LEU D 25 -62.09 -100.59 -86.35
N PRO D 26 -61.89 -100.44 -87.67
CA PRO D 26 -61.20 -101.51 -88.42
C PRO D 26 -59.83 -101.86 -87.87
N GLY D 27 -59.09 -100.88 -87.34
CA GLY D 27 -57.80 -101.15 -86.74
C GLY D 27 -57.87 -101.31 -85.23
N LEU D 28 -58.98 -101.84 -84.71
CA LEU D 28 -59.17 -101.97 -83.28
C LEU D 28 -59.72 -103.32 -82.85
N VAL D 29 -60.05 -104.22 -83.78
CA VAL D 29 -60.69 -105.48 -83.46
C VAL D 29 -59.87 -106.63 -84.03
N TRP D 30 -60.14 -107.84 -83.52
CA TRP D 30 -59.48 -109.05 -83.99
C TRP D 30 -59.91 -109.32 -85.43
N THR D 31 -58.99 -109.15 -86.37
CA THR D 31 -59.29 -109.23 -87.79
C THR D 31 -58.59 -110.44 -88.40
N ASN D 32 -59.35 -111.23 -89.17
CA ASN D 32 -58.85 -112.35 -89.96
C ASN D 32 -58.14 -113.38 -89.09
N PRO D 33 -58.87 -114.14 -88.26
CA PRO D 33 -58.21 -115.20 -87.48
C PRO D 33 -57.91 -116.41 -88.33
N LEU D 34 -58.76 -116.69 -89.30
CA LEU D 34 -58.61 -117.84 -90.20
C LEU D 34 -58.93 -117.40 -91.62
N THR D 35 -58.34 -118.11 -92.59
CA THR D 35 -58.38 -117.67 -93.98
C THR D 35 -59.13 -118.62 -94.90
N ASP D 36 -59.12 -119.92 -94.64
CA ASP D 36 -59.68 -120.90 -95.57
C ASP D 36 -61.16 -120.66 -95.85
N PHE D 37 -62.00 -120.83 -94.83
CA PHE D 37 -63.42 -120.52 -94.91
C PHE D 37 -64.15 -121.36 -95.97
N GLY D 38 -63.82 -121.13 -97.23
CA GLY D 38 -64.57 -121.75 -98.31
C GLY D 38 -64.45 -123.26 -98.36
N GLY D 39 -63.28 -123.80 -98.02
CA GLY D 39 -63.05 -125.22 -98.11
C GLY D 39 -63.73 -126.04 -97.03
N SER D 40 -65.02 -125.80 -96.82
CA SER D 40 -65.78 -126.54 -95.81
C SER D 40 -67.26 -126.39 -96.12
N LYS D 41 -68.07 -127.23 -95.46
CA LYS D 41 -69.51 -127.19 -95.65
C LYS D 41 -70.08 -125.86 -95.17
N ASN D 42 -70.97 -125.28 -96.00
CA ASN D 42 -71.58 -123.98 -95.72
C ASN D 42 -70.53 -122.91 -95.46
N ASP D 43 -69.45 -122.95 -96.24
CA ASP D 43 -68.32 -122.01 -96.21
C ASP D 43 -68.02 -121.51 -94.80
N THR D 44 -67.92 -122.46 -93.87
CA THR D 44 -67.70 -122.14 -92.46
C THR D 44 -66.91 -123.27 -91.81
N ILE D 45 -66.05 -122.91 -90.86
CA ILE D 45 -65.32 -123.87 -90.05
C ILE D 45 -65.49 -123.48 -88.59
N THR D 46 -65.22 -124.45 -87.71
CA THR D 46 -65.47 -124.32 -86.29
C THR D 46 -64.16 -124.26 -85.51
N VAL D 47 -64.13 -123.37 -84.52
CA VAL D 47 -63.04 -123.28 -83.56
C VAL D 47 -63.39 -124.15 -82.37
N ARG D 48 -62.42 -124.95 -81.93
CA ARG D 48 -62.60 -125.92 -80.85
C ARG D 48 -62.00 -125.37 -79.58
N VAL D 49 -62.80 -125.34 -78.51
CA VAL D 49 -62.35 -124.82 -77.21
C VAL D 49 -61.76 -125.96 -76.40
N PRO D 50 -60.63 -125.74 -75.72
CA PRO D 50 -60.07 -126.79 -74.87
C PRO D 50 -61.02 -127.19 -73.75
N ALA D 51 -60.98 -128.46 -73.39
CA ALA D 51 -61.90 -129.03 -72.40
C ALA D 51 -61.36 -128.84 -70.99
N ILE D 52 -62.27 -129.00 -70.02
CA ILE D 52 -61.94 -128.91 -68.60
C ILE D 52 -62.61 -130.07 -67.88
N THR D 53 -62.12 -130.35 -66.67
CA THR D 53 -62.62 -131.46 -65.87
C THR D 53 -62.62 -131.07 -64.40
N THR D 54 -63.17 -131.97 -63.58
CA THR D 54 -63.24 -131.75 -62.13
C THR D 54 -62.79 -133.00 -61.38
N ALA D 55 -62.97 -133.02 -60.06
CA ALA D 55 -62.57 -134.14 -59.24
C ALA D 55 -63.64 -134.36 -58.17
N ASN D 56 -63.31 -135.21 -57.19
CA ASN D 56 -64.23 -135.56 -56.12
C ASN D 56 -63.47 -135.64 -54.80
N ARG D 57 -64.19 -135.90 -53.72
CA ARG D 57 -63.61 -135.94 -52.38
C ARG D 57 -64.06 -137.20 -51.65
N ARG D 58 -63.24 -137.63 -50.70
CA ARG D 58 -63.56 -138.78 -49.85
C ARG D 58 -62.72 -138.68 -48.59
N ASP D 59 -63.00 -139.58 -47.64
CA ASP D 59 -62.38 -139.56 -46.33
C ASP D 59 -61.55 -140.82 -46.12
N LEU D 60 -60.49 -140.67 -45.31
CA LEU D 60 -59.64 -141.81 -44.98
C LEU D 60 -60.39 -142.83 -44.15
N ARG D 61 -59.96 -144.09 -44.28
CA ARG D 61 -60.51 -145.21 -43.50
C ARG D 61 -62.01 -145.38 -43.72
N ASP D 62 -62.49 -144.96 -44.89
CA ASP D 62 -63.91 -145.09 -45.20
C ASP D 62 -64.23 -146.54 -45.53
N PRO D 63 -65.24 -147.15 -44.90
CA PRO D 63 -65.56 -148.55 -45.21
C PRO D 63 -66.00 -148.77 -46.65
N ASP D 64 -66.50 -147.74 -47.32
CA ASP D 64 -66.94 -147.84 -48.70
C ASP D 64 -65.84 -147.34 -49.62
N ARG D 65 -65.18 -148.26 -50.32
CA ARG D 65 -64.11 -147.92 -51.25
C ARG D 65 -64.66 -147.77 -52.67
N THR D 66 -65.54 -146.79 -52.83
CA THR D 66 -66.16 -146.47 -54.11
C THR D 66 -65.71 -145.09 -54.57
N VAL D 67 -65.25 -145.01 -55.82
CA VAL D 67 -64.77 -143.76 -56.38
C VAL D 67 -65.69 -143.33 -57.51
N ILE D 68 -65.74 -142.02 -57.75
CA ILE D 68 -66.57 -141.44 -58.80
C ILE D 68 -65.65 -140.76 -59.80
N ALA D 69 -65.79 -141.13 -61.07
CA ALA D 69 -64.96 -140.58 -62.13
C ALA D 69 -65.62 -139.37 -62.76
N SER D 70 -64.78 -138.46 -63.26
CA SER D 70 -65.25 -137.25 -63.92
C SER D 70 -65.40 -137.52 -65.42
N GLU D 71 -65.67 -136.47 -66.19
CA GLU D 71 -65.83 -136.59 -67.63
C GLU D 71 -65.33 -135.31 -68.30
N LEU D 72 -64.73 -135.47 -69.47
CA LEU D 72 -64.22 -134.34 -70.25
C LEU D 72 -65.23 -133.99 -71.33
N VAL D 73 -65.74 -132.76 -71.29
CA VAL D 73 -66.71 -132.27 -72.26
C VAL D 73 -66.06 -131.17 -73.09
N GLU D 74 -66.24 -131.24 -74.41
CA GLU D 74 -65.63 -130.30 -75.34
C GLU D 74 -66.70 -129.71 -76.25
N HIS D 75 -66.53 -128.42 -76.57
CA HIS D 75 -67.48 -127.69 -77.39
C HIS D 75 -66.75 -127.06 -78.58
N SER D 76 -67.52 -126.43 -79.46
CA SER D 76 -66.97 -125.75 -80.63
C SER D 76 -67.96 -124.69 -81.09
N PHE D 77 -67.45 -123.74 -81.86
CA PHE D 77 -68.30 -122.69 -82.41
C PHE D 77 -67.80 -122.29 -83.79
N GLY D 78 -68.73 -122.17 -84.74
CA GLY D 78 -68.38 -121.92 -86.12
C GLY D 78 -68.38 -120.45 -86.50
N VAL D 79 -67.57 -120.12 -87.51
CA VAL D 79 -67.46 -118.76 -88.03
C VAL D 79 -67.84 -118.79 -89.50
N THR D 80 -68.77 -117.90 -89.90
CA THR D 80 -69.36 -117.92 -91.23
C THR D 80 -69.24 -116.55 -91.88
N LEU D 81 -68.88 -116.54 -93.17
CA LEU D 81 -68.95 -115.33 -93.97
C LEU D 81 -70.38 -115.12 -94.44
N ASP D 82 -70.92 -113.94 -94.17
CA ASP D 82 -72.35 -113.80 -94.45
C ASP D 82 -72.71 -112.58 -95.30
N LYS D 83 -72.04 -111.45 -95.09
CA LYS D 83 -72.44 -110.20 -95.73
C LYS D 83 -71.47 -109.83 -96.84
N HIS D 84 -72.02 -109.43 -97.98
CA HIS D 84 -71.27 -109.03 -99.16
C HIS D 84 -71.49 -107.54 -99.38
N VAL D 85 -70.43 -106.75 -99.22
CA VAL D 85 -70.49 -105.30 -99.37
C VAL D 85 -70.03 -104.93 -100.78
N TYR D 86 -70.83 -104.14 -101.47
CA TYR D 86 -70.53 -103.75 -102.84
C TYR D 86 -71.04 -102.35 -103.10
N ALA D 87 -70.45 -101.70 -104.11
CA ALA D 87 -70.87 -100.39 -104.55
C ALA D 87 -70.56 -100.26 -106.04
N ALA D 88 -71.47 -99.62 -106.77
CA ALA D 88 -71.36 -99.57 -108.22
C ALA D 88 -71.63 -98.15 -108.71
N LEU D 89 -71.08 -97.85 -109.89
CA LEU D 89 -71.29 -96.58 -110.57
C LEU D 89 -71.85 -96.84 -111.96
N LYS D 90 -72.56 -95.85 -112.49
CA LYS D 90 -73.20 -95.93 -113.80
C LYS D 90 -72.81 -94.73 -114.65
N PHE D 91 -71.52 -94.43 -114.68
CA PHE D 91 -71.03 -93.32 -115.50
C PHE D 91 -71.17 -93.65 -116.98
N THR D 92 -71.60 -92.67 -117.75
CA THR D 92 -71.80 -92.83 -119.19
C THR D 92 -70.55 -92.39 -119.96
N ASP D 93 -70.53 -92.72 -121.25
CA ASP D 93 -69.39 -92.36 -122.09
C ASP D 93 -69.26 -90.85 -122.23
N GLU D 94 -70.38 -90.15 -122.40
CA GLU D 94 -70.33 -88.69 -122.55
C GLU D 94 -69.83 -88.03 -121.28
N GLN D 95 -70.24 -88.52 -120.12
CA GLN D 95 -69.73 -87.97 -118.86
C GLN D 95 -68.24 -88.21 -118.71
N ARG D 96 -67.76 -89.40 -119.10
CA ARG D 96 -66.33 -89.69 -119.03
C ARG D 96 -65.53 -88.80 -119.97
N THR D 97 -66.05 -88.57 -121.18
CA THR D 97 -65.32 -87.81 -122.19
C THR D 97 -65.50 -86.30 -122.05
N LEU D 98 -66.43 -85.84 -121.21
CA LEU D 98 -66.67 -84.41 -121.05
C LEU D 98 -66.56 -83.93 -119.60
N ASP D 99 -66.31 -84.81 -118.64
CA ASP D 99 -66.23 -84.42 -117.24
C ASP D 99 -65.24 -85.35 -116.53
N ILE D 100 -65.26 -85.31 -115.20
CA ILE D 100 -64.44 -86.16 -114.35
C ILE D 100 -62.96 -85.87 -114.56
N ARG D 101 -62.46 -86.23 -115.75
CA ARG D 101 -61.08 -85.97 -116.23
C ARG D 101 -60.02 -86.25 -115.16
N ASP D 102 -60.33 -87.11 -114.18
CA ASP D 102 -59.35 -87.54 -113.20
C ASP D 102 -59.42 -89.02 -112.87
N TYR D 103 -60.51 -89.71 -113.22
CA TYR D 103 -60.71 -91.13 -112.90
C TYR D 103 -60.35 -91.47 -111.46
N THR D 104 -59.06 -91.64 -111.20
CA THR D 104 -58.61 -92.07 -109.87
C THR D 104 -58.92 -91.00 -108.82
N LYS D 105 -58.58 -89.73 -109.11
CA LYS D 105 -58.75 -88.68 -108.12
C LYS D 105 -60.21 -88.27 -107.95
N GLN D 106 -61.07 -88.57 -108.91
CA GLN D 106 -62.46 -88.13 -108.86
C GLN D 106 -63.44 -89.23 -108.48
N VAL D 107 -63.11 -90.50 -108.75
CA VAL D 107 -64.02 -91.61 -108.54
C VAL D 107 -63.44 -92.63 -107.57
N LEU D 108 -62.17 -93.01 -107.77
CA LEU D 108 -61.60 -94.11 -106.99
C LEU D 108 -61.47 -93.76 -105.52
N MET D 109 -61.00 -92.55 -105.20
CA MET D 109 -60.86 -92.16 -103.79
C MET D 109 -62.19 -92.09 -103.06
N PRO D 110 -63.24 -91.44 -103.59
CA PRO D 110 -64.54 -91.51 -102.91
C PRO D 110 -65.08 -92.92 -102.80
N GLN D 111 -64.83 -93.78 -103.80
CA GLN D 111 -65.28 -95.16 -103.71
C GLN D 111 -64.59 -95.89 -102.57
N VAL D 112 -63.27 -95.70 -102.42
CA VAL D 112 -62.54 -96.35 -101.33
C VAL D 112 -63.01 -95.81 -99.99
N SER D 113 -63.25 -94.51 -99.90
CA SER D 113 -63.74 -93.93 -98.65
C SER D 113 -65.11 -94.50 -98.28
N ALA D 114 -66.01 -94.61 -99.26
CA ALA D 114 -67.33 -95.17 -99.00
C ALA D 114 -67.25 -96.63 -98.59
N VAL D 115 -66.36 -97.41 -99.22
CA VAL D 115 -66.18 -98.80 -98.84
C VAL D 115 -65.67 -98.90 -97.41
N ALA D 116 -64.71 -98.05 -97.06
CA ALA D 116 -64.18 -98.07 -95.69
C ALA D 116 -65.25 -97.69 -94.68
N TYR D 117 -66.08 -96.69 -94.99
CA TYR D 117 -67.13 -96.29 -94.07
C TYR D 117 -68.18 -97.39 -93.93
N GLU D 118 -68.52 -98.06 -95.03
CA GLU D 118 -69.47 -99.17 -94.96
C GLU D 118 -68.90 -100.32 -94.13
N LEU D 119 -67.60 -100.60 -94.27
CA LEU D 119 -66.97 -101.62 -93.44
C LEU D 119 -67.00 -101.22 -91.97
N GLU D 120 -66.76 -99.94 -91.68
CA GLU D 120 -66.83 -99.48 -90.29
C GLU D 120 -68.23 -99.64 -89.72
N ASP D 121 -69.26 -99.33 -90.52
CA ASP D 121 -70.63 -99.54 -90.07
C ASP D 121 -70.91 -101.03 -89.86
N TYR D 122 -70.37 -101.87 -90.73
CA TYR D 122 -70.54 -103.32 -90.57
C TYR D 122 -69.92 -103.81 -89.27
N ILE D 123 -68.74 -103.28 -88.92
CA ILE D 123 -68.10 -103.65 -87.66
C ILE D 123 -68.93 -103.13 -86.47
N ALA D 124 -69.38 -101.87 -86.55
CA ALA D 124 -70.22 -101.32 -85.50
C ALA D 124 -71.48 -102.15 -85.30
N GLU D 125 -71.96 -102.79 -86.36
CA GLU D 125 -73.05 -103.76 -86.22
C GLU D 125 -72.64 -104.93 -85.34
N LEU D 126 -71.36 -105.32 -85.36
CA LEU D 126 -70.87 -106.33 -84.43
C LEU D 126 -70.84 -105.78 -83.01
N ILE D 127 -70.27 -104.59 -82.82
CA ILE D 127 -70.23 -104.01 -81.48
C ILE D 127 -71.65 -103.71 -80.98
N GLU D 128 -72.49 -103.14 -81.83
CA GLU D 128 -73.86 -102.80 -81.46
C GLU D 128 -74.80 -103.89 -81.98
N GLY D 129 -75.21 -104.79 -81.09
CA GLY D 129 -76.09 -105.87 -81.46
C GLY D 129 -75.78 -107.17 -80.75
N ALA D 130 -74.67 -107.20 -80.01
CA ALA D 130 -74.29 -108.41 -79.29
C ALA D 130 -75.29 -108.73 -78.20
N PRO D 131 -75.56 -110.01 -77.94
CA PRO D 131 -76.55 -110.37 -76.90
C PRO D 131 -76.02 -110.15 -75.50
N TYR D 132 -75.98 -108.89 -75.06
CA TYR D 132 -75.54 -108.56 -73.72
C TYR D 132 -76.62 -108.91 -72.71
N GLU D 133 -76.26 -109.68 -71.69
CA GLU D 133 -77.23 -110.09 -70.68
C GLU D 133 -77.62 -108.92 -69.78
N GLU D 134 -76.63 -108.13 -69.35
CA GLU D 134 -76.85 -107.01 -68.46
C GLU D 134 -76.30 -105.72 -69.07
N THR D 135 -76.86 -104.60 -68.63
CA THR D 135 -76.45 -103.28 -69.09
C THR D 135 -75.88 -102.51 -67.90
N ILE D 136 -74.68 -101.97 -68.08
CA ILE D 136 -74.02 -101.20 -67.03
C ILE D 136 -74.54 -99.77 -67.08
N LEU D 137 -75.29 -99.37 -66.06
CA LEU D 137 -75.92 -98.06 -66.03
C LEU D 137 -74.92 -97.03 -65.50
N ILE D 138 -74.66 -95.99 -66.28
CA ILE D 138 -73.73 -94.94 -65.89
C ILE D 138 -74.51 -93.79 -65.27
N ASP D 139 -74.21 -93.47 -64.03
CA ASP D 139 -74.86 -92.34 -63.37
C ASP D 139 -74.25 -91.03 -63.88
N PRO D 140 -75.07 -90.09 -64.37
CA PRO D 140 -74.51 -88.83 -64.86
C PRO D 140 -73.73 -88.05 -63.81
N ALA D 141 -74.14 -88.13 -62.54
CA ALA D 141 -73.42 -87.41 -61.49
C ALA D 141 -72.10 -88.07 -61.16
N ASP D 142 -72.03 -89.40 -61.25
CA ASP D 142 -70.81 -90.14 -60.93
C ASP D 142 -70.67 -91.27 -61.93
N THR D 143 -69.69 -91.16 -62.83
CA THR D 143 -69.48 -92.15 -63.88
C THR D 143 -68.44 -93.20 -63.52
N VAL D 144 -67.51 -92.89 -62.63
CA VAL D 144 -66.48 -93.86 -62.24
C VAL D 144 -67.06 -95.14 -61.67
N PRO D 145 -68.07 -95.11 -60.79
CA PRO D 145 -68.62 -96.38 -60.28
C PRO D 145 -69.13 -97.31 -61.36
N ALA D 146 -69.67 -96.78 -62.47
CA ALA D 146 -70.11 -97.64 -63.56
C ALA D 146 -68.93 -98.40 -64.17
N PHE D 147 -67.81 -97.70 -64.40
CA PHE D 147 -66.62 -98.35 -64.94
C PHE D 147 -66.05 -99.38 -63.96
N ILE D 148 -66.07 -99.06 -62.66
CA ILE D 148 -65.59 -100.01 -61.66
C ILE D 148 -66.49 -101.25 -61.64
N THR D 149 -67.80 -101.05 -61.77
CA THR D 149 -68.73 -102.17 -61.82
C THR D 149 -68.48 -103.04 -63.06
N ALA D 150 -68.23 -102.40 -64.21
CA ALA D 150 -67.91 -103.16 -65.41
C ALA D 150 -66.63 -103.96 -65.25
N ASP D 151 -65.61 -103.35 -64.64
CA ASP D 151 -64.37 -104.07 -64.38
C ASP D 151 -64.58 -105.25 -63.44
N GLN D 152 -65.41 -105.06 -62.40
CA GLN D 152 -65.72 -106.15 -61.49
C GLN D 152 -66.46 -107.28 -62.20
N ARG D 153 -67.41 -106.93 -63.07
CA ARG D 153 -68.14 -107.94 -63.83
C ARG D 153 -67.19 -108.72 -64.73
N MET D 154 -66.25 -108.02 -65.39
CA MET D 154 -65.26 -108.71 -66.21
C MET D 154 -64.39 -109.63 -65.37
N GLY D 155 -63.96 -109.16 -64.20
CA GLY D 155 -63.12 -109.98 -63.33
C GLY D 155 -63.85 -111.20 -62.80
N GLU D 156 -65.17 -111.10 -62.63
CA GLU D 156 -65.95 -112.26 -62.19
C GLU D 156 -65.86 -113.40 -63.19
N ALA D 157 -65.62 -113.10 -64.46
CA ALA D 157 -65.47 -114.12 -65.49
C ALA D 157 -64.03 -114.59 -65.65
N ASN D 158 -63.11 -114.10 -64.81
CA ASN D 158 -61.70 -114.48 -64.85
C ASN D 158 -61.04 -114.14 -66.19
N VAL D 159 -61.51 -113.09 -66.85
CA VAL D 159 -60.90 -112.64 -68.10
C VAL D 159 -59.52 -112.07 -67.80
N PRO D 160 -58.52 -112.25 -68.67
CA PRO D 160 -57.22 -111.61 -68.44
C PRO D 160 -57.36 -110.10 -68.38
N THR D 161 -56.55 -109.48 -67.51
CA THR D 161 -56.61 -108.05 -67.27
C THR D 161 -55.85 -107.24 -68.34
N ASP D 162 -55.17 -107.90 -69.27
CA ASP D 162 -54.43 -107.22 -70.32
C ASP D 162 -55.17 -107.36 -71.64
N SER D 163 -54.71 -106.58 -72.62
CA SER D 163 -55.27 -106.58 -73.98
C SER D 163 -56.77 -106.28 -73.95
N ARG D 164 -57.14 -105.27 -73.18
CA ARG D 164 -58.53 -104.83 -73.07
C ARG D 164 -58.70 -103.52 -73.82
N ARG D 165 -59.72 -103.46 -74.67
CA ARG D 165 -60.00 -102.28 -75.48
C ARG D 165 -61.36 -101.70 -75.10
N LEU D 166 -61.39 -100.39 -74.89
CA LEU D 166 -62.60 -99.67 -74.53
C LEU D 166 -62.89 -98.61 -75.58
N VAL D 167 -64.15 -98.53 -76.01
CA VAL D 167 -64.59 -97.53 -76.96
C VAL D 167 -65.71 -96.72 -76.33
N VAL D 168 -65.64 -95.40 -76.46
CA VAL D 168 -66.61 -94.49 -75.88
C VAL D 168 -67.08 -93.52 -76.96
N GLY D 169 -68.38 -93.25 -76.97
CA GLY D 169 -68.95 -92.33 -77.93
C GLY D 169 -68.72 -90.88 -77.53
N SER D 170 -69.17 -89.98 -78.40
CA SER D 170 -69.05 -88.55 -78.11
C SER D 170 -69.84 -88.16 -76.87
N ALA D 171 -71.06 -88.68 -76.74
CA ALA D 171 -71.87 -88.37 -75.56
C ALA D 171 -71.27 -88.99 -74.31
N VAL D 172 -70.66 -90.18 -74.42
CA VAL D 172 -70.03 -90.80 -73.27
C VAL D 172 -68.85 -89.97 -72.78
N ALA D 173 -68.02 -89.50 -73.72
CA ALA D 173 -66.91 -88.63 -73.35
C ALA D 173 -67.40 -87.31 -72.76
N ALA D 174 -68.47 -86.76 -73.34
CA ALA D 174 -69.04 -85.53 -72.80
C ALA D 174 -69.52 -85.74 -71.36
N ALA D 175 -70.20 -86.85 -71.10
CA ALA D 175 -70.67 -87.14 -69.74
C ALA D 175 -69.50 -87.39 -68.79
N LEU D 176 -68.43 -88.03 -69.28
CA LEU D 176 -67.23 -88.17 -68.47
C LEU D 176 -66.65 -86.82 -68.08
N ALA D 177 -66.66 -85.87 -69.02
CA ALA D 177 -66.25 -84.51 -68.71
C ALA D 177 -67.22 -83.85 -67.72
N LYS D 178 -68.52 -84.17 -67.82
CA LYS D 178 -69.51 -83.61 -66.90
C LYS D 178 -69.31 -84.09 -65.48
N ASP D 179 -68.69 -85.26 -65.29
CA ASP D 179 -68.52 -85.82 -63.96
C ASP D 179 -67.68 -84.90 -63.09
N LYS D 180 -68.17 -84.65 -61.86
CA LYS D 180 -67.42 -83.82 -60.93
C LYS D 180 -66.14 -84.50 -60.45
N GLN D 181 -66.08 -85.83 -60.55
CA GLN D 181 -64.84 -86.53 -60.20
C GLN D 181 -63.70 -86.14 -61.13
N PHE D 182 -63.98 -86.00 -62.43
CA PHE D 182 -62.97 -85.61 -63.40
C PHE D 182 -62.86 -84.10 -63.56
N ARG D 183 -63.99 -83.39 -63.49
CA ARG D 183 -63.97 -81.94 -63.69
C ARG D 183 -63.20 -81.24 -62.57
N HIS D 184 -63.42 -81.66 -61.32
CA HIS D 184 -62.76 -81.04 -60.18
C HIS D 184 -61.33 -81.56 -60.10
N ALA D 185 -60.35 -80.65 -60.11
CA ALA D 185 -58.96 -81.05 -60.10
C ALA D 185 -58.57 -81.70 -58.77
N ASP D 186 -59.09 -81.18 -57.66
CA ASP D 186 -58.80 -81.76 -56.36
C ASP D 186 -59.32 -83.19 -56.27
N TRP D 187 -60.53 -83.43 -56.79
CA TRP D 187 -61.05 -84.79 -56.83
C TRP D 187 -60.33 -85.63 -57.87
N SER D 188 -59.93 -85.01 -58.99
CA SER D 188 -59.16 -85.74 -60.00
C SER D 188 -57.76 -86.07 -59.50
N GLY D 189 -57.10 -85.11 -58.83
CA GLY D 189 -55.78 -85.34 -58.29
C GLY D 189 -54.69 -84.59 -59.02
N ASP D 190 -54.77 -84.54 -60.35
CA ASP D 190 -53.76 -83.85 -61.14
C ASP D 190 -54.06 -82.36 -61.21
N GLN D 191 -53.06 -81.54 -60.91
CA GLN D 191 -53.24 -80.09 -60.96
C GLN D 191 -53.35 -79.57 -62.38
N ALA D 192 -52.86 -80.33 -63.37
CA ALA D 192 -52.99 -79.91 -64.76
C ALA D 192 -54.44 -79.84 -65.20
N ASN D 193 -55.24 -80.83 -64.78
CA ASN D 193 -56.68 -80.89 -65.09
C ASN D 193 -56.91 -80.89 -66.60
N ALA D 194 -56.41 -81.95 -67.25
CA ALA D 194 -56.59 -82.10 -68.69
C ALA D 194 -58.06 -82.26 -69.06
N ALA D 195 -58.87 -82.80 -68.15
CA ALA D 195 -60.30 -82.96 -68.41
C ALA D 195 -61.06 -81.64 -68.41
N LEU D 196 -60.43 -80.54 -67.97
CA LEU D 196 -61.06 -79.23 -67.93
C LEU D 196 -60.39 -78.23 -68.85
N ARG D 197 -59.05 -78.15 -68.81
CA ARG D 197 -58.33 -77.22 -69.69
C ARG D 197 -58.52 -77.60 -71.15
N GLU D 198 -58.45 -78.89 -71.47
CA GLU D 198 -58.59 -79.37 -72.84
C GLU D 198 -59.85 -80.20 -73.05
N ALA D 199 -60.64 -80.43 -71.99
CA ALA D 199 -61.87 -81.23 -72.08
C ALA D 199 -61.59 -82.62 -72.64
N HIS D 200 -60.47 -83.21 -72.25
CA HIS D 200 -60.06 -84.53 -72.70
C HIS D 200 -59.92 -85.44 -71.50
N VAL D 201 -60.66 -86.54 -71.48
CA VAL D 201 -60.61 -87.49 -70.38
C VAL D 201 -59.36 -88.35 -70.52
N GLY D 202 -58.68 -88.56 -69.40
CA GLY D 202 -57.45 -89.35 -69.37
C GLY D 202 -57.70 -90.82 -69.08
N ARG D 203 -56.70 -91.45 -68.48
CA ARG D 203 -56.81 -92.86 -68.13
C ARG D 203 -57.89 -93.08 -67.08
N LEU D 204 -58.67 -94.15 -67.26
CA LEU D 204 -59.75 -94.46 -66.35
C LEU D 204 -59.96 -95.98 -66.32
N ALA D 205 -60.04 -96.53 -65.11
CA ALA D 205 -60.29 -97.96 -64.90
C ALA D 205 -59.23 -98.83 -65.56
N GLY D 206 -58.01 -98.31 -65.71
CA GLY D 206 -56.92 -99.09 -66.28
C GLY D 206 -57.00 -99.30 -67.77
N MET D 207 -57.89 -98.61 -68.47
CA MET D 207 -58.04 -98.75 -69.91
C MET D 207 -58.01 -97.37 -70.57
N ASN D 208 -57.35 -97.30 -71.72
CA ASN D 208 -57.25 -96.04 -72.45
C ASN D 208 -58.55 -95.74 -73.17
N VAL D 209 -59.05 -94.52 -73.00
CA VAL D 209 -60.31 -94.11 -73.63
C VAL D 209 -60.07 -93.82 -75.11
N ILE D 210 -60.93 -94.37 -75.96
CA ILE D 210 -60.86 -94.17 -77.40
C ILE D 210 -62.20 -93.63 -77.87
N ARG D 211 -62.18 -92.45 -78.48
CA ARG D 211 -63.40 -91.77 -78.93
C ARG D 211 -63.64 -92.04 -80.40
N SER D 212 -64.85 -92.45 -80.73
CA SER D 212 -65.23 -92.72 -82.12
C SER D 212 -66.70 -92.41 -82.29
N ASN D 213 -67.04 -91.72 -83.38
CA ASN D 213 -68.42 -91.36 -83.68
C ASN D 213 -69.17 -92.44 -84.45
N ALA D 214 -68.49 -93.51 -84.86
CA ALA D 214 -69.17 -94.59 -85.58
C ALA D 214 -70.21 -95.27 -84.69
N ILE D 215 -69.85 -95.53 -83.43
CA ILE D 215 -70.76 -96.18 -82.50
C ILE D 215 -71.77 -95.15 -82.00
N ALA D 216 -72.82 -95.62 -81.34
CA ALA D 216 -73.82 -94.71 -80.79
C ALA D 216 -73.18 -93.86 -79.70
N PRO D 217 -73.39 -92.53 -79.74
CA PRO D 217 -72.76 -91.68 -78.71
C PRO D 217 -73.18 -92.00 -77.30
N ASP D 218 -74.43 -92.42 -77.09
CA ASP D 218 -74.94 -92.68 -75.75
C ASP D 218 -74.44 -93.99 -75.16
N LYS D 219 -73.87 -94.88 -75.96
CA LYS D 219 -73.43 -96.19 -75.50
C LYS D 219 -71.92 -96.33 -75.63
N ALA D 220 -71.31 -96.98 -74.65
CA ALA D 220 -69.89 -97.29 -74.66
C ALA D 220 -69.71 -98.79 -74.49
N TYR D 221 -68.59 -99.31 -74.95
CA TYR D 221 -68.35 -100.75 -74.93
C TYR D 221 -66.93 -101.04 -74.46
N LEU D 222 -66.77 -102.21 -73.83
CA LEU D 222 -65.46 -102.70 -73.42
C LEU D 222 -65.36 -104.17 -73.79
N TRP D 223 -64.19 -104.59 -74.28
CA TRP D 223 -64.02 -105.97 -74.69
C TRP D 223 -62.57 -106.39 -74.55
N HIS D 224 -62.34 -107.70 -74.58
CA HIS D 224 -61.01 -108.26 -74.49
C HIS D 224 -60.37 -108.32 -75.88
N ARG D 225 -59.20 -108.96 -75.99
CA ARG D 225 -58.53 -109.06 -77.27
C ARG D 225 -59.35 -109.86 -78.27
N THR D 226 -59.96 -110.97 -77.81
CA THR D 226 -60.80 -111.77 -78.70
C THR D 226 -62.01 -110.97 -79.18
N ALA D 227 -62.86 -110.56 -78.24
CA ALA D 227 -64.03 -109.72 -78.53
C ALA D 227 -64.92 -110.34 -79.60
N PHE D 228 -64.88 -109.79 -80.80
CA PHE D 228 -65.69 -110.24 -81.92
C PHE D 228 -64.78 -110.68 -83.06
N ILE D 229 -65.13 -111.79 -83.70
CA ILE D 229 -64.36 -112.34 -84.81
C ILE D 229 -64.84 -111.68 -86.09
N LEU D 230 -63.93 -110.98 -86.77
CA LEU D 230 -64.22 -110.30 -88.02
C LEU D 230 -63.22 -110.78 -89.07
N ALA D 231 -63.72 -111.13 -90.26
CA ALA D 231 -62.87 -111.64 -91.31
C ALA D 231 -63.26 -111.00 -92.64
N TYR D 232 -62.27 -110.85 -93.52
CA TYR D 232 -62.47 -110.27 -94.84
C TYR D 232 -61.81 -111.17 -95.88
N ARG D 233 -62.39 -111.17 -97.09
CA ARG D 233 -61.87 -111.99 -98.18
C ARG D 233 -62.08 -111.25 -99.49
N THR D 234 -61.00 -111.01 -100.22
CA THR D 234 -61.12 -110.38 -101.53
C THR D 234 -61.58 -111.41 -102.56
N PRO D 235 -62.61 -111.13 -103.33
CA PRO D 235 -63.07 -112.09 -104.35
C PRO D 235 -62.08 -112.19 -105.49
N VAL D 236 -62.13 -113.34 -106.17
CA VAL D 236 -61.24 -113.59 -107.30
C VAL D 236 -61.84 -112.97 -108.56
N VAL D 237 -60.99 -112.29 -109.32
CA VAL D 237 -61.43 -111.63 -110.56
C VAL D 237 -61.89 -112.69 -111.55
N PRO D 238 -63.10 -112.61 -112.10
CA PRO D 238 -63.57 -113.62 -113.05
C PRO D 238 -62.87 -113.47 -114.39
N GLU D 239 -63.09 -114.48 -115.24
CA GLU D 239 -62.50 -114.46 -116.57
C GLU D 239 -63.06 -113.31 -117.41
N GLY D 240 -64.35 -113.04 -117.28
CA GLY D 240 -64.97 -111.96 -118.03
C GLY D 240 -64.64 -110.58 -117.49
N ALA D 241 -63.36 -110.23 -117.51
CA ALA D 241 -62.89 -108.93 -117.04
C ALA D 241 -61.73 -108.49 -117.92
N LYS D 242 -61.15 -107.33 -117.57
CA LYS D 242 -60.04 -106.77 -118.32
C LYS D 242 -58.75 -106.77 -117.50
N ALA D 243 -58.74 -106.12 -116.35
CA ALA D 243 -57.55 -106.06 -115.52
C ALA D 243 -57.80 -106.49 -114.08
N GLY D 244 -58.95 -106.15 -113.51
CA GLY D 244 -59.24 -106.48 -112.11
C GLY D 244 -58.57 -105.58 -111.10
N ALA D 245 -57.26 -105.39 -111.22
CA ALA D 245 -56.49 -104.51 -110.33
C ALA D 245 -56.66 -104.89 -108.86
N SER D 246 -56.37 -103.96 -107.96
CA SER D 246 -56.49 -104.19 -106.53
C SER D 246 -56.49 -102.83 -105.83
N PHE D 247 -57.10 -102.79 -104.65
CA PHE D 247 -57.10 -101.58 -103.85
C PHE D 247 -56.89 -101.93 -102.38
N SER D 248 -56.49 -100.93 -101.59
CA SER D 248 -56.24 -101.10 -100.17
C SER D 248 -57.08 -100.12 -99.38
N ALA D 249 -57.67 -100.60 -98.29
CA ALA D 249 -58.47 -99.76 -97.41
C ALA D 249 -58.32 -100.29 -95.99
N ASN D 250 -57.61 -99.52 -95.14
CA ASN D 250 -57.40 -99.89 -93.74
C ASN D 250 -56.78 -101.27 -93.60
N GLY D 251 -55.85 -101.59 -94.50
CA GLY D 251 -55.20 -102.89 -94.49
C GLY D 251 -56.01 -104.01 -95.09
N VAL D 252 -57.15 -103.72 -95.71
CA VAL D 252 -58.03 -104.72 -96.30
C VAL D 252 -57.94 -104.59 -97.81
N ALA D 253 -57.70 -105.71 -98.49
CA ALA D 253 -57.63 -105.72 -99.94
C ALA D 253 -59.03 -105.74 -100.54
N LEU D 254 -59.24 -104.89 -101.54
CA LEU D 254 -60.52 -104.75 -102.22
C LEU D 254 -60.36 -105.06 -103.70
N ARG D 255 -61.32 -105.81 -104.24
CA ARG D 255 -61.30 -106.25 -105.63
C ARG D 255 -62.18 -105.32 -106.48
N TRP D 256 -61.61 -104.86 -107.59
CA TRP D 256 -62.26 -103.95 -108.53
C TRP D 256 -62.62 -104.69 -109.81
N LEU D 257 -63.65 -104.20 -110.50
CA LEU D 257 -64.12 -104.80 -111.73
C LEU D 257 -64.72 -103.72 -112.61
N ALA D 258 -64.54 -103.88 -113.92
CA ALA D 258 -65.06 -102.92 -114.88
C ALA D 258 -65.42 -103.65 -116.17
N ASP D 259 -66.33 -103.04 -116.92
CA ASP D 259 -66.78 -103.59 -118.19
C ASP D 259 -67.37 -102.45 -119.02
N TYR D 260 -67.92 -102.79 -120.19
CA TYR D 260 -68.53 -101.82 -121.09
C TYR D 260 -70.01 -102.14 -121.23
N ASP D 261 -70.87 -101.16 -120.96
CA ASP D 261 -72.31 -101.31 -121.09
C ASP D 261 -72.68 -100.91 -122.51
N TYR D 262 -72.63 -101.89 -123.42
CA TYR D 262 -72.93 -101.59 -124.82
C TYR D 262 -74.39 -101.20 -125.01
N SER D 263 -75.30 -101.85 -124.30
CA SER D 263 -76.72 -101.57 -124.46
C SER D 263 -77.06 -100.15 -124.00
N GLN D 264 -76.51 -99.73 -122.86
CA GLN D 264 -76.84 -98.44 -122.27
C GLN D 264 -75.81 -97.35 -122.56
N LEU D 265 -74.75 -97.67 -123.31
CA LEU D 265 -73.69 -96.72 -123.64
C LEU D 265 -73.10 -96.09 -122.38
N GLY D 266 -72.58 -96.95 -121.51
CA GLY D 266 -72.00 -96.51 -120.26
C GLY D 266 -70.89 -97.44 -119.82
N ASP D 267 -70.31 -97.12 -118.66
CA ASP D 267 -69.23 -97.91 -118.07
C ASP D 267 -69.62 -98.24 -116.63
N ARG D 268 -69.67 -99.53 -116.31
CA ARG D 268 -70.03 -99.98 -114.98
C ARG D 268 -68.78 -100.38 -114.20
N THR D 269 -68.67 -99.90 -112.97
CA THR D 269 -67.56 -100.21 -112.09
C THR D 269 -68.06 -100.82 -110.80
N LEU D 270 -67.29 -101.75 -110.25
CA LEU D 270 -67.64 -102.43 -109.02
C LEU D 270 -66.41 -102.58 -108.14
N LEU D 271 -66.61 -102.48 -106.82
CA LEU D 271 -65.53 -102.67 -105.85
C LEU D 271 -66.12 -103.39 -104.65
N ASP D 272 -65.77 -104.66 -104.47
CA ASP D 272 -66.46 -105.49 -103.51
C ASP D 272 -65.53 -106.47 -102.82
N VAL D 273 -65.94 -106.88 -101.62
CA VAL D 273 -65.25 -107.90 -100.81
C VAL D 273 -66.30 -108.72 -100.09
N PHE D 274 -65.86 -109.79 -99.43
CA PHE D 274 -66.73 -110.66 -98.66
C PHE D 274 -66.39 -110.52 -97.18
N THR D 275 -67.42 -110.40 -96.34
CA THR D 275 -67.24 -110.15 -94.92
C THR D 275 -67.84 -111.29 -94.09
N GLY D 276 -67.18 -111.59 -92.98
CA GLY D 276 -67.63 -112.61 -92.06
C GLY D 276 -67.61 -112.14 -90.62
N ARG D 277 -68.71 -112.37 -89.91
CA ARG D 277 -68.90 -111.89 -88.56
C ARG D 277 -69.20 -113.04 -87.62
N LYS D 278 -68.70 -112.92 -86.39
CA LYS D 278 -68.98 -113.92 -85.36
C LYS D 278 -68.78 -113.29 -83.99
N VAL D 279 -69.56 -113.77 -83.02
CA VAL D 279 -69.45 -113.36 -81.63
C VAL D 279 -68.82 -114.48 -80.83
N VAL D 280 -67.85 -114.14 -79.98
CA VAL D 280 -67.14 -115.12 -79.17
C VAL D 280 -67.99 -115.39 -77.93
N THR D 281 -68.78 -116.46 -77.97
CA THR D 281 -69.63 -116.84 -76.86
C THR D 281 -68.90 -117.84 -75.96
N GLU D 282 -69.62 -118.42 -75.01
CA GLU D 282 -69.07 -119.42 -74.10
C GLU D 282 -69.70 -120.77 -74.37
N VAL D 283 -69.36 -121.75 -73.52
CA VAL D 283 -69.87 -123.10 -73.70
C VAL D 283 -71.37 -123.18 -73.45
N ASP D 284 -71.94 -122.22 -72.72
CA ASP D 284 -73.37 -122.20 -72.42
C ASP D 284 -74.08 -121.01 -73.04
N GLY D 285 -73.44 -120.30 -73.97
CA GLY D 285 -74.06 -119.16 -74.62
C GLY D 285 -74.04 -117.88 -73.81
N SER D 286 -73.34 -117.85 -72.68
CA SER D 286 -73.25 -116.66 -71.84
C SER D 286 -72.13 -115.77 -72.38
N PHE D 287 -72.50 -114.61 -72.89
CA PHE D 287 -71.52 -113.68 -73.46
C PHE D 287 -70.89 -112.87 -72.33
N VAL D 288 -69.63 -113.18 -72.01
CA VAL D 288 -68.88 -112.49 -70.96
C VAL D 288 -67.62 -111.83 -71.50
N ARG D 289 -67.33 -111.97 -72.79
CA ARG D 289 -66.11 -111.38 -73.35
C ARG D 289 -66.20 -109.87 -73.48
N ALA D 290 -67.40 -109.30 -73.45
CA ALA D 290 -67.58 -107.87 -73.62
C ALA D 290 -68.69 -107.37 -72.69
N VAL D 291 -68.63 -106.08 -72.37
CA VAL D 291 -69.62 -105.42 -71.54
C VAL D 291 -70.03 -104.11 -72.20
N GLU D 292 -71.27 -103.69 -71.91
CA GLU D 292 -71.87 -102.51 -72.49
C GLU D 292 -72.31 -101.56 -71.39
N LEU D 293 -72.05 -100.27 -71.60
CA LEU D 293 -72.40 -99.22 -70.66
C LEU D 293 -73.31 -98.22 -71.34
N GLN D 294 -74.40 -97.85 -70.66
CA GLN D 294 -75.38 -96.92 -71.20
C GLN D 294 -75.65 -95.80 -70.21
N LEU D 295 -75.82 -94.60 -70.74
CA LEU D 295 -76.12 -93.42 -69.95
C LEU D 295 -77.63 -93.24 -69.81
N GLN D 296 -78.04 -92.73 -68.65
CA GLN D 296 -79.46 -92.50 -68.39
C GLN D 296 -79.85 -91.10 -68.85
N ALA D 297 -81.15 -90.92 -69.07
CA ALA D 297 -81.70 -89.63 -69.47
C ALA D 297 -82.44 -88.96 -68.32
N SER D 298 -83.43 -89.63 -67.73
CA SER D 298 -84.24 -89.16 -66.61
C SER D 298 -85.10 -87.95 -66.97
N SER D 299 -85.00 -87.43 -68.19
CA SER D 299 -85.77 -86.30 -68.66
C SER D 299 -85.50 -86.13 -70.14
N ILE D 300 -86.51 -85.66 -70.86
CA ILE D 300 -86.40 -85.39 -72.29
C ILE D 300 -86.93 -83.99 -72.58
N THR D 301 -86.22 -83.26 -73.43
CA THR D 301 -86.59 -81.91 -73.81
C THR D 301 -86.76 -81.84 -75.32
N ILE D 302 -87.88 -81.26 -75.76
CA ILE D 302 -88.15 -81.03 -77.17
C ILE D 302 -87.76 -79.60 -77.49
N VAL D 303 -86.77 -79.43 -78.36
CA VAL D 303 -86.23 -78.10 -78.67
C VAL D 303 -87.25 -77.29 -79.45
N GLY D 304 -87.03 -75.98 -79.52
CA GLY D 304 -87.90 -75.06 -80.22
C GLY D 304 -88.88 -74.32 -79.33
N GLY D 305 -89.12 -74.80 -78.11
CA GLY D 305 -90.05 -74.16 -77.21
C GLY D 305 -91.46 -74.10 -77.77
N ALA D 306 -91.91 -72.90 -78.11
CA ALA D 306 -93.20 -72.69 -78.77
C ALA D 306 -92.96 -72.31 -80.22
N PHE D 307 -93.50 -73.10 -81.14
CA PHE D 307 -93.27 -72.91 -82.56
C PHE D 307 -94.59 -72.99 -83.31
N ALA D 308 -94.64 -72.31 -84.45
CA ALA D 308 -95.81 -72.30 -85.32
C ALA D 308 -95.40 -72.68 -86.73
N LEU D 309 -96.25 -73.45 -87.40
CA LEU D 309 -95.97 -73.86 -88.77
C LEU D 309 -96.08 -72.68 -89.72
N ALA D 310 -95.48 -72.83 -90.90
CA ALA D 310 -95.48 -71.74 -91.88
C ALA D 310 -96.89 -71.41 -92.34
N THR D 311 -97.70 -72.43 -92.62
CA THR D 311 -99.08 -72.27 -93.04
C THR D 311 -99.96 -73.22 -92.24
N THR D 312 -101.27 -73.17 -92.53
CA THR D 312 -102.19 -74.12 -91.90
C THR D 312 -101.87 -75.55 -92.29
N THR D 313 -101.61 -75.78 -93.57
CA THR D 313 -101.17 -77.10 -94.06
C THR D 313 -99.66 -77.10 -94.22
N GLY D 314 -98.97 -77.14 -93.08
CA GLY D 314 -97.52 -77.15 -93.03
C GLY D 314 -96.98 -78.40 -92.36
N THR D 315 -95.66 -78.45 -92.28
CA THR D 315 -94.99 -79.58 -91.68
C THR D 315 -93.66 -79.13 -91.09
N LYS D 316 -93.16 -79.91 -90.13
CA LYS D 316 -91.88 -79.63 -89.50
C LYS D 316 -91.37 -80.89 -88.82
N GLN D 317 -90.07 -81.16 -88.97
CA GLN D 317 -89.45 -82.34 -88.38
C GLN D 317 -88.99 -81.99 -86.97
N LEU D 318 -89.63 -82.59 -85.97
CA LEU D 318 -89.30 -82.32 -84.58
C LEU D 318 -88.16 -83.22 -84.12
N LYS D 319 -87.28 -82.66 -83.30
CA LYS D 319 -86.15 -83.38 -82.72
C LYS D 319 -86.18 -83.24 -81.20
N VAL D 320 -85.92 -84.34 -80.51
CA VAL D 320 -85.96 -84.40 -79.07
C VAL D 320 -84.58 -84.81 -78.55
N ARG D 321 -84.14 -84.17 -77.47
CA ARG D 321 -82.86 -84.48 -76.85
C ARG D 321 -83.08 -84.84 -75.39
N ASP D 322 -82.01 -85.33 -74.76
CA ASP D 322 -82.04 -85.65 -73.35
C ASP D 322 -81.34 -84.55 -72.55
N ASP D 323 -81.17 -84.78 -71.24
CA ASP D 323 -80.45 -83.82 -70.42
C ASP D 323 -79.00 -83.70 -70.85
N ASN D 324 -78.37 -84.83 -71.21
CA ASN D 324 -76.99 -84.82 -71.66
C ASN D 324 -76.83 -84.20 -73.05
N GLY D 325 -77.93 -83.96 -73.78
CA GLY D 325 -77.87 -83.38 -75.08
C GLY D 325 -77.84 -84.36 -76.25
N THR D 326 -77.89 -85.66 -75.96
CA THR D 326 -77.90 -86.65 -77.03
C THR D 326 -79.22 -86.56 -77.81
N ASP D 327 -79.10 -86.61 -79.14
CA ASP D 327 -80.25 -86.50 -80.03
C ASP D 327 -80.97 -87.85 -80.09
N VAL D 328 -81.85 -88.07 -79.11
CA VAL D 328 -82.56 -89.34 -79.02
C VAL D 328 -83.52 -89.51 -80.20
N THR D 329 -84.32 -88.47 -80.47
CA THR D 329 -85.20 -88.37 -81.64
C THR D 329 -85.86 -89.68 -82.08
N ALA D 330 -85.09 -90.55 -82.73
CA ALA D 330 -85.68 -91.68 -83.43
C ALA D 330 -86.38 -92.65 -82.49
N ARG D 331 -85.72 -93.01 -81.39
CA ARG D 331 -86.32 -93.97 -80.46
C ARG D 331 -87.26 -93.30 -79.48
N CYS D 332 -88.23 -92.55 -80.01
CA CYS D 332 -89.23 -91.87 -79.20
C CYS D 332 -90.61 -92.07 -79.82
N THR D 333 -91.63 -92.03 -78.97
CA THR D 333 -93.02 -92.18 -79.40
C THR D 333 -93.67 -90.79 -79.43
N PHE D 334 -94.12 -90.38 -80.60
CA PHE D 334 -94.74 -89.07 -80.79
C PHE D 334 -96.24 -89.24 -80.94
N ALA D 335 -97.01 -88.44 -80.21
CA ALA D 335 -98.47 -88.49 -80.28
C ALA D 335 -99.04 -87.08 -80.20
N SER D 336 -99.99 -86.78 -81.09
CA SER D 336 -100.64 -85.49 -81.08
C SER D 336 -101.85 -85.51 -80.15
N SER D 337 -102.07 -84.38 -79.47
CA SER D 337 -103.23 -84.24 -78.60
C SER D 337 -104.51 -84.07 -79.43
N ALA D 338 -104.44 -83.24 -80.47
CA ALA D 338 -105.56 -83.01 -81.38
C ALA D 338 -105.16 -83.51 -82.76
N GLY D 339 -105.57 -84.74 -83.08
CA GLY D 339 -105.21 -85.32 -84.37
C GLY D 339 -105.82 -84.56 -85.54
N THR D 340 -107.06 -84.10 -85.37
CA THR D 340 -107.72 -83.36 -86.45
C THR D 340 -107.05 -82.01 -86.70
N LYS D 341 -106.40 -81.45 -85.69
CA LYS D 341 -105.72 -80.16 -85.86
C LYS D 341 -104.36 -80.33 -86.51
N ALA D 342 -103.47 -81.09 -85.87
CA ALA D 342 -102.14 -81.33 -86.41
C ALA D 342 -101.60 -82.63 -85.82
N THR D 343 -101.53 -83.67 -86.63
CA THR D 343 -100.99 -84.95 -86.21
C THR D 343 -99.50 -85.01 -86.46
N VAL D 344 -98.79 -85.78 -85.64
CA VAL D 344 -97.35 -85.92 -85.71
C VAL D 344 -97.00 -87.33 -86.18
N SER D 345 -96.07 -87.42 -87.12
CA SER D 345 -95.65 -88.71 -87.64
C SER D 345 -94.75 -89.43 -86.64
N ALA D 346 -94.51 -90.72 -86.92
CA ALA D 346 -93.68 -91.52 -86.01
C ALA D 346 -92.26 -90.99 -85.96
N ALA D 347 -91.69 -90.60 -87.10
CA ALA D 347 -90.34 -90.06 -87.12
C ALA D 347 -90.25 -88.74 -86.36
N GLY D 348 -91.26 -87.89 -86.50
CA GLY D 348 -91.25 -86.59 -85.85
C GLY D 348 -91.70 -85.48 -86.78
N LEU D 349 -91.99 -85.83 -88.03
CA LEU D 349 -92.43 -84.88 -89.04
C LEU D 349 -93.91 -84.58 -88.81
N VAL D 350 -94.17 -83.64 -87.90
CA VAL D 350 -95.54 -83.25 -87.59
C VAL D 350 -96.09 -82.42 -88.73
N THR D 351 -97.31 -82.74 -89.15
CA THR D 351 -97.99 -82.07 -90.26
C THR D 351 -99.27 -81.42 -89.76
N GLY D 352 -99.51 -80.17 -90.18
CA GLY D 352 -100.71 -79.47 -89.77
C GLY D 352 -101.87 -79.79 -90.69
N VAL D 353 -103.02 -80.11 -90.09
CA VAL D 353 -104.23 -80.45 -90.82
C VAL D 353 -105.26 -79.33 -90.75
N ALA D 354 -105.58 -78.88 -89.55
CA ALA D 354 -106.56 -77.82 -89.35
C ALA D 354 -105.97 -76.72 -88.47
N ALA D 355 -106.42 -75.49 -88.70
CA ALA D 355 -105.94 -74.36 -87.93
C ALA D 355 -106.41 -74.45 -86.48
N GLY D 356 -105.54 -74.08 -85.56
CA GLY D 356 -105.86 -74.13 -84.13
C GLY D 356 -104.66 -74.33 -83.26
N THR D 357 -104.78 -75.15 -82.21
CA THR D 357 -103.68 -75.43 -81.31
C THR D 357 -103.66 -76.92 -81.00
N ALA D 358 -102.46 -77.41 -80.67
CA ALA D 358 -102.28 -78.82 -80.34
C ALA D 358 -101.15 -78.95 -79.32
N ASP D 359 -101.13 -80.09 -78.65
CA ASP D 359 -100.11 -80.41 -77.64
C ASP D 359 -99.41 -81.69 -78.04
N ILE D 360 -98.31 -81.57 -78.77
CA ILE D 360 -97.55 -82.73 -79.20
C ILE D 360 -96.78 -83.29 -78.00
N THR D 361 -96.95 -84.59 -77.75
CA THR D 361 -96.32 -85.26 -76.63
C THR D 361 -95.33 -86.29 -77.14
N ALA D 362 -94.13 -86.28 -76.56
CA ALA D 362 -93.09 -87.25 -76.88
C ALA D 362 -92.77 -88.04 -75.63
N SER D 363 -92.77 -89.37 -75.76
CA SER D 363 -92.47 -90.27 -74.67
C SER D 363 -91.27 -91.13 -75.04
N TYR D 364 -90.28 -91.16 -74.15
CA TYR D 364 -89.05 -91.93 -74.36
C TYR D 364 -88.81 -92.81 -73.15
N VAL D 365 -88.54 -94.09 -73.40
CA VAL D 365 -88.25 -95.04 -72.32
C VAL D 365 -86.79 -94.89 -71.93
N PRO D 366 -86.50 -94.54 -70.68
CA PRO D 366 -85.10 -94.40 -70.26
C PRO D 366 -84.38 -95.73 -70.29
N PRO D 367 -83.08 -95.74 -70.52
CA PRO D 367 -82.34 -97.02 -70.47
C PRO D 367 -82.41 -97.70 -69.11
N GLN D 368 -82.54 -96.91 -68.03
CA GLN D 368 -82.66 -97.50 -66.70
C GLN D 368 -83.97 -98.27 -66.52
N GLY D 369 -84.96 -98.03 -67.37
CA GLY D 369 -86.23 -98.70 -67.26
C GLY D 369 -87.29 -97.85 -66.60
N GLY D 370 -88.28 -98.55 -66.02
CA GLY D 370 -89.36 -97.85 -65.35
C GLY D 370 -90.27 -97.12 -66.33
N THR D 371 -90.93 -96.09 -65.81
CA THR D 371 -91.82 -95.29 -66.62
C THR D 371 -91.04 -94.47 -67.65
N ALA D 372 -91.69 -94.21 -68.78
CA ALA D 372 -91.08 -93.45 -69.87
C ALA D 372 -91.29 -91.96 -69.64
N LYS D 373 -90.20 -91.20 -69.68
CA LYS D 373 -90.29 -89.75 -69.51
C LYS D 373 -91.02 -89.12 -70.67
N THR D 374 -91.89 -88.16 -70.38
CA THR D 374 -92.73 -87.53 -71.39
C THR D 374 -92.53 -86.02 -71.36
N ALA D 375 -92.70 -85.41 -72.53
CA ALA D 375 -92.60 -83.97 -72.69
C ALA D 375 -93.72 -83.49 -73.61
N THR D 376 -94.20 -82.29 -73.34
CA THR D 376 -95.31 -81.70 -74.09
C THR D 376 -94.91 -80.36 -74.67
N VAL D 377 -95.25 -80.14 -75.94
CA VAL D 377 -94.97 -78.88 -76.63
C VAL D 377 -96.24 -78.40 -77.30
N THR D 378 -96.61 -77.14 -77.02
CA THR D 378 -97.78 -76.54 -77.63
C THR D 378 -97.41 -75.97 -79.00
N VAL D 379 -98.21 -76.29 -80.01
CA VAL D 379 -98.01 -75.83 -81.37
C VAL D 379 -99.27 -75.10 -81.83
N THR D 380 -99.09 -73.93 -82.43
CA THR D 380 -100.19 -73.09 -82.89
C THR D 380 -100.20 -73.12 -84.43
N VAL D 381 -101.11 -73.90 -84.99
CA VAL D 381 -101.27 -73.99 -86.43
C VAL D 381 -102.07 -72.78 -86.91
N PRO D 382 -101.53 -71.96 -87.83
CA PRO D 382 -102.19 -70.75 -88.33
C PRO D 382 -103.55 -71.02 -88.97
N ILE E 4 -61.77 -4.90 -63.43
CA ILE E 4 -61.77 -6.16 -64.18
C ILE E 4 -60.58 -6.19 -65.13
N PHE E 5 -60.32 -7.36 -65.72
CA PHE E 5 -59.21 -7.56 -66.64
C PHE E 5 -59.72 -8.24 -67.90
N VAL E 6 -58.81 -8.43 -68.85
CA VAL E 6 -59.15 -8.96 -70.18
C VAL E 6 -58.36 -10.24 -70.44
N LYS E 7 -58.12 -11.02 -69.38
CA LYS E 7 -57.36 -12.26 -69.44
C LYS E 7 -57.83 -13.17 -70.56
N PRO E 8 -56.94 -13.96 -71.16
CA PRO E 8 -57.36 -14.85 -72.25
C PRO E 8 -58.14 -16.07 -71.77
N GLU E 9 -58.44 -16.99 -72.67
CA GLU E 9 -59.13 -18.23 -72.35
C GLU E 9 -58.24 -19.38 -72.83
N LEU E 10 -57.40 -19.89 -71.93
CA LEU E 10 -56.45 -20.93 -72.28
C LEU E 10 -57.14 -22.28 -72.42
N VAL E 11 -56.67 -23.07 -73.40
CA VAL E 11 -57.16 -24.42 -73.63
C VAL E 11 -55.96 -25.35 -73.71
N ALA E 12 -56.00 -26.45 -72.96
CA ALA E 12 -54.91 -27.41 -72.93
C ALA E 12 -55.46 -28.82 -73.11
N GLU E 13 -54.62 -29.70 -73.66
CA GLU E 13 -54.97 -31.10 -73.90
C GLU E 13 -54.40 -31.93 -72.76
N ILE E 14 -55.24 -32.21 -71.76
CA ILE E 14 -54.80 -33.01 -70.62
C ILE E 14 -54.46 -34.43 -71.07
N GLY E 15 -55.30 -35.03 -71.90
CA GLY E 15 -55.07 -36.39 -72.36
C GLY E 15 -56.33 -37.22 -72.44
N VAL E 16 -57.47 -36.62 -72.05
CA VAL E 16 -58.74 -37.32 -72.09
C VAL E 16 -59.12 -37.65 -73.53
N LYS E 17 -59.58 -38.87 -73.75
CA LYS E 17 -59.97 -39.34 -75.07
C LYS E 17 -61.34 -40.00 -75.00
N GLN E 18 -62.06 -39.96 -76.12
CA GLN E 18 -63.35 -40.62 -76.20
C GLN E 18 -63.17 -42.13 -76.12
N LEU E 19 -63.98 -42.79 -75.29
CA LEU E 19 -63.88 -44.23 -75.09
C LEU E 19 -64.36 -44.94 -76.35
N GLN E 20 -63.44 -45.61 -77.05
CA GLN E 20 -63.74 -46.30 -78.29
C GLN E 20 -63.51 -47.79 -78.12
N ARG E 21 -64.11 -48.56 -79.04
CA ARG E 21 -64.01 -50.00 -79.00
C ARG E 21 -62.61 -50.46 -79.40
N GLU E 22 -62.32 -51.72 -79.12
CA GLU E 22 -61.03 -52.33 -79.45
C GLU E 22 -61.17 -53.21 -80.68
N ILE E 23 -60.26 -53.03 -81.63
CA ILE E 23 -60.29 -53.82 -82.86
C ILE E 23 -59.85 -55.24 -82.53
N VAL E 24 -60.81 -56.18 -82.51
CA VAL E 24 -60.55 -57.57 -82.16
C VAL E 24 -61.01 -58.51 -83.27
N LEU E 25 -62.22 -58.29 -83.79
CA LEU E 25 -62.76 -59.18 -84.83
C LEU E 25 -61.88 -59.27 -86.07
N PRO E 26 -61.34 -58.17 -86.63
CA PRO E 26 -60.40 -58.33 -87.75
C PRO E 26 -59.18 -59.15 -87.36
N GLY E 27 -58.72 -59.97 -88.30
CA GLY E 27 -57.63 -60.89 -88.05
C GLY E 27 -58.06 -62.25 -87.54
N LEU E 28 -59.35 -62.42 -87.22
CA LEU E 28 -59.88 -63.70 -86.78
C LEU E 28 -60.70 -64.40 -87.85
N VAL E 29 -60.86 -63.77 -89.02
CA VAL E 29 -61.65 -64.30 -90.12
C VAL E 29 -60.78 -64.26 -91.37
N TRP E 30 -61.16 -65.07 -92.37
CA TRP E 30 -60.42 -65.13 -93.62
C TRP E 30 -60.24 -63.74 -94.21
N THR E 31 -59.01 -63.44 -94.64
CA THR E 31 -58.64 -62.15 -95.18
C THR E 31 -58.18 -62.35 -96.63
N ASN E 32 -59.12 -62.25 -97.57
CA ASN E 32 -58.87 -62.37 -98.99
C ASN E 32 -58.17 -63.67 -99.36
N PRO E 33 -58.83 -64.83 -99.20
CA PRO E 33 -58.21 -66.09 -99.63
C PRO E 33 -58.21 -66.24 -101.13
N LEU E 34 -59.27 -65.76 -101.78
CA LEU E 34 -59.42 -65.83 -103.23
C LEU E 34 -59.82 -64.46 -103.75
N THR E 35 -58.90 -63.79 -104.43
CA THR E 35 -59.11 -62.43 -104.91
C THR E 35 -58.99 -62.43 -106.44
N ASP E 36 -60.09 -62.80 -107.11
CA ASP E 36 -60.16 -62.76 -108.57
C ASP E 36 -61.51 -62.23 -109.04
N PHE E 37 -62.10 -61.30 -108.27
CA PHE E 37 -63.42 -60.78 -108.56
C PHE E 37 -63.47 -59.93 -109.82
N GLY E 38 -62.33 -59.55 -110.38
CA GLY E 38 -62.28 -58.69 -111.54
C GLY E 38 -63.06 -59.23 -112.74
N GLY E 39 -62.59 -60.34 -113.31
CA GLY E 39 -63.25 -60.92 -114.46
C GLY E 39 -64.26 -61.99 -114.10
N SER E 40 -65.18 -61.67 -113.18
CA SER E 40 -66.19 -62.61 -112.72
C SER E 40 -67.58 -62.10 -113.10
N LYS E 41 -68.44 -63.02 -113.54
CA LYS E 41 -69.79 -62.65 -113.95
C LYS E 41 -70.61 -62.21 -112.75
N ASN E 42 -71.26 -61.04 -112.88
CA ASN E 42 -72.13 -60.48 -111.85
C ASN E 42 -71.42 -60.29 -110.52
N ASP E 43 -70.08 -60.18 -110.55
CA ASP E 43 -69.26 -60.07 -109.34
C ASP E 43 -69.52 -61.24 -108.38
N THR E 44 -69.81 -62.41 -108.94
CA THR E 44 -70.09 -63.61 -108.14
C THR E 44 -69.16 -64.72 -108.58
N ILE E 45 -68.51 -65.37 -107.61
CA ILE E 45 -67.57 -66.44 -107.88
C ILE E 45 -68.10 -67.72 -107.25
N THR E 46 -68.14 -68.78 -108.05
CA THR E 46 -68.66 -70.07 -107.60
C THR E 46 -67.51 -70.96 -107.14
N VAL E 47 -67.62 -71.48 -105.92
CA VAL E 47 -66.65 -72.41 -105.35
C VAL E 47 -67.32 -73.77 -105.24
N ARG E 48 -66.68 -74.78 -105.82
CA ARG E 48 -67.19 -76.13 -105.85
C ARG E 48 -66.72 -76.91 -104.62
N VAL E 49 -67.52 -77.89 -104.22
CA VAL E 49 -67.22 -78.76 -103.08
C VAL E 49 -67.15 -80.18 -103.59
N PRO E 50 -66.11 -80.94 -103.26
CA PRO E 50 -66.05 -82.34 -103.72
C PRO E 50 -67.21 -83.17 -103.19
N ALA E 51 -67.67 -84.09 -104.02
CA ALA E 51 -68.82 -84.92 -103.70
C ALA E 51 -68.39 -86.19 -102.96
N ILE E 52 -69.37 -86.84 -102.33
CA ILE E 52 -69.16 -88.07 -101.58
C ILE E 52 -70.21 -89.08 -102.01
N THR E 53 -69.93 -90.36 -101.73
CA THR E 53 -70.84 -91.43 -102.10
C THR E 53 -71.04 -92.39 -100.92
N THR E 54 -71.75 -93.49 -101.16
CA THR E 54 -72.02 -94.49 -100.13
C THR E 54 -71.84 -95.87 -100.73
N ALA E 55 -72.22 -96.90 -99.98
CA ALA E 55 -72.08 -98.28 -100.42
C ALA E 55 -73.31 -99.06 -100.01
N ASN E 56 -73.42 -100.29 -100.52
CA ASN E 56 -74.54 -101.16 -100.25
C ASN E 56 -74.04 -102.51 -99.75
N ARG E 57 -74.92 -103.24 -99.07
CA ARG E 57 -74.58 -104.54 -98.49
C ARG E 57 -75.60 -105.57 -98.92
N ARG E 58 -75.12 -106.79 -99.21
CA ARG E 58 -75.97 -107.90 -99.59
C ARG E 58 -75.45 -109.17 -98.91
N ASP E 59 -76.11 -110.28 -99.18
CA ASP E 59 -75.79 -111.56 -98.55
C ASP E 59 -75.14 -112.50 -99.55
N LEU E 60 -74.26 -113.36 -99.03
CA LEU E 60 -73.56 -114.32 -99.87
C LEU E 60 -74.51 -115.41 -100.38
N ARG E 61 -74.18 -115.95 -101.56
CA ARG E 61 -74.90 -117.05 -102.18
C ARG E 61 -76.37 -116.72 -102.43
N ASP E 62 -76.70 -115.44 -102.54
CA ASP E 62 -78.08 -115.05 -102.83
C ASP E 62 -78.38 -115.25 -104.31
N PRO E 63 -79.44 -115.98 -104.66
CA PRO E 63 -79.78 -116.16 -106.08
C PRO E 63 -80.04 -114.85 -106.81
N ASP E 64 -80.62 -113.86 -106.12
CA ASP E 64 -80.85 -112.57 -106.74
C ASP E 64 -79.54 -111.85 -107.00
N ARG E 65 -79.46 -111.15 -108.12
CA ARG E 65 -78.24 -110.46 -108.55
C ARG E 65 -78.56 -109.00 -108.89
N THR E 66 -79.30 -108.34 -108.00
CA THR E 66 -79.63 -106.93 -108.19
C THR E 66 -78.45 -106.07 -107.76
N VAL E 67 -78.09 -105.11 -108.62
CA VAL E 67 -76.98 -104.21 -108.36
C VAL E 67 -77.52 -102.78 -108.31
N ILE E 68 -77.21 -102.06 -107.23
CA ILE E 68 -77.66 -100.69 -107.02
C ILE E 68 -76.46 -99.77 -107.21
N ALA E 69 -76.61 -98.78 -108.07
CA ALA E 69 -75.53 -97.84 -108.35
C ALA E 69 -75.50 -96.73 -107.28
N SER E 70 -74.63 -95.76 -107.48
CA SER E 70 -74.47 -94.64 -106.57
C SER E 70 -74.39 -93.34 -107.37
N GLU E 71 -74.75 -92.25 -106.69
CA GLU E 71 -74.78 -90.92 -107.30
C GLU E 71 -73.66 -90.07 -106.71
N LEU E 72 -73.00 -89.30 -107.56
CA LEU E 72 -71.86 -88.47 -107.18
C LEU E 72 -72.06 -87.04 -107.66
N VAL E 73 -73.26 -86.49 -107.43
CA VAL E 73 -73.54 -85.12 -107.82
C VAL E 73 -72.78 -84.16 -106.91
N GLU E 74 -72.22 -83.12 -107.51
CA GLU E 74 -71.44 -82.11 -106.77
C GLU E 74 -72.29 -80.89 -106.49
N HIS E 75 -71.76 -80.02 -105.63
CA HIS E 75 -72.44 -78.80 -105.23
C HIS E 75 -71.44 -77.64 -105.24
N SER E 76 -71.99 -76.42 -105.23
CA SER E 76 -71.17 -75.22 -105.23
C SER E 76 -71.91 -74.10 -104.53
N PHE E 77 -71.16 -73.11 -104.07
CA PHE E 77 -71.73 -71.93 -103.43
C PHE E 77 -71.10 -70.67 -104.01
N GLY E 78 -71.88 -69.60 -104.03
CA GLY E 78 -71.47 -68.35 -104.65
C GLY E 78 -71.09 -67.30 -103.63
N VAL E 79 -69.99 -66.61 -103.90
CA VAL E 79 -69.51 -65.50 -103.08
C VAL E 79 -69.65 -64.23 -103.91
N THR E 80 -70.31 -63.22 -103.34
CA THR E 80 -70.62 -61.99 -104.05
C THR E 80 -70.14 -60.78 -103.25
N LEU E 81 -69.62 -59.79 -103.96
CA LEU E 81 -69.19 -58.52 -103.38
C LEU E 81 -70.28 -57.49 -103.64
N ASP E 82 -71.03 -57.14 -102.60
CA ASP E 82 -72.20 -56.28 -102.75
C ASP E 82 -72.12 -54.99 -101.95
N LYS E 83 -71.60 -55.02 -100.72
CA LYS E 83 -71.57 -53.84 -99.86
C LYS E 83 -70.14 -53.37 -99.68
N HIS E 84 -69.91 -52.07 -99.88
CA HIS E 84 -68.60 -51.47 -99.70
C HIS E 84 -68.67 -50.36 -98.66
N VAL E 85 -67.55 -50.10 -98.01
CA VAL E 85 -67.45 -49.10 -96.95
C VAL E 85 -66.81 -47.84 -97.53
N TYR E 86 -67.53 -46.73 -97.47
CA TYR E 86 -67.06 -45.47 -98.02
C TYR E 86 -67.26 -44.35 -97.00
N ALA E 87 -66.40 -43.34 -97.09
CA ALA E 87 -66.43 -42.21 -96.17
C ALA E 87 -65.94 -40.96 -96.87
N ALA E 88 -66.66 -39.87 -96.66
CA ALA E 88 -66.35 -38.57 -97.24
C ALA E 88 -66.43 -37.49 -96.17
N LEU E 89 -65.61 -36.46 -96.31
CA LEU E 89 -65.57 -35.34 -95.37
C LEU E 89 -65.45 -34.05 -96.17
N LYS E 90 -66.51 -33.23 -96.15
CA LYS E 90 -66.51 -31.98 -96.88
C LYS E 90 -65.77 -30.90 -96.09
N PHE E 91 -64.79 -30.28 -96.75
CA PHE E 91 -63.95 -29.27 -96.10
C PHE E 91 -64.00 -27.99 -96.92
N THR E 92 -64.28 -26.88 -96.26
CA THR E 92 -64.30 -25.57 -96.90
C THR E 92 -62.91 -24.96 -96.90
N ASP E 93 -62.65 -24.10 -97.88
CA ASP E 93 -61.35 -23.45 -98.02
C ASP E 93 -61.00 -22.61 -96.79
N GLU E 94 -62.01 -21.97 -96.19
CA GLU E 94 -61.79 -21.10 -95.04
C GLU E 94 -61.19 -21.86 -93.87
N GLN E 95 -61.81 -22.97 -93.47
CA GLN E 95 -61.25 -23.76 -92.38
C GLN E 95 -59.99 -24.49 -92.80
N ARG E 96 -59.93 -24.93 -94.07
CA ARG E 96 -58.74 -25.60 -94.58
C ARG E 96 -57.51 -24.71 -94.47
N THR E 97 -57.67 -23.41 -94.68
CA THR E 97 -56.57 -22.45 -94.55
C THR E 97 -56.38 -21.96 -93.13
N LEU E 98 -57.46 -21.86 -92.35
CA LEU E 98 -57.45 -21.12 -91.10
C LEU E 98 -57.57 -22.02 -89.88
N ASP E 99 -58.56 -22.92 -89.83
CA ASP E 99 -58.79 -23.75 -88.66
C ASP E 99 -58.66 -25.22 -89.02
N ILE E 100 -57.43 -25.72 -89.09
CA ILE E 100 -57.20 -27.16 -89.14
C ILE E 100 -56.07 -27.57 -88.20
N ARG E 101 -55.25 -26.60 -87.79
CA ARG E 101 -53.98 -26.91 -87.13
C ARG E 101 -53.15 -27.83 -88.02
N ASP E 102 -53.42 -29.14 -87.96
CA ASP E 102 -52.74 -30.16 -88.74
C ASP E 102 -53.75 -30.88 -89.64
N TYR E 103 -53.30 -31.92 -90.34
CA TYR E 103 -54.17 -32.69 -91.22
C TYR E 103 -54.12 -34.18 -90.92
N THR E 104 -52.94 -34.70 -90.57
CA THR E 104 -52.78 -36.13 -90.38
C THR E 104 -53.48 -36.60 -89.12
N LYS E 105 -53.17 -35.98 -87.98
CA LYS E 105 -53.76 -36.38 -86.71
C LYS E 105 -55.20 -35.91 -86.55
N GLN E 106 -55.68 -35.03 -87.43
CA GLN E 106 -57.01 -34.46 -87.29
C GLN E 106 -58.02 -35.03 -88.27
N VAL E 107 -57.59 -35.46 -89.45
CA VAL E 107 -58.51 -35.90 -90.48
C VAL E 107 -58.20 -37.33 -90.90
N LEU E 108 -56.95 -37.59 -91.27
CA LEU E 108 -56.58 -38.90 -91.78
C LEU E 108 -56.73 -39.98 -90.71
N MET E 109 -56.20 -39.72 -89.51
CA MET E 109 -56.30 -40.70 -88.43
C MET E 109 -57.74 -40.96 -88.01
N PRO E 110 -58.59 -39.95 -87.75
CA PRO E 110 -60.00 -40.26 -87.46
C PRO E 110 -60.70 -40.97 -88.60
N GLN E 111 -60.37 -40.65 -89.85
CA GLN E 111 -61.03 -41.30 -90.98
C GLN E 111 -60.66 -42.78 -91.06
N VAL E 112 -59.37 -43.09 -90.89
CA VAL E 112 -58.97 -44.50 -90.94
C VAL E 112 -59.50 -45.25 -89.73
N SER E 113 -59.58 -44.60 -88.56
CA SER E 113 -60.19 -45.24 -87.40
C SER E 113 -61.67 -45.53 -87.65
N ALA E 114 -62.38 -44.59 -88.26
CA ALA E 114 -63.78 -44.81 -88.60
C ALA E 114 -63.93 -45.95 -89.60
N VAL E 115 -63.05 -46.02 -90.59
CA VAL E 115 -63.11 -47.10 -91.57
C VAL E 115 -62.88 -48.45 -90.89
N ALA E 116 -61.89 -48.52 -89.99
CA ALA E 116 -61.61 -49.76 -89.28
C ALA E 116 -62.79 -50.17 -88.40
N TYR E 117 -63.40 -49.22 -87.70
CA TYR E 117 -64.54 -49.53 -86.85
C TYR E 117 -65.74 -49.97 -87.66
N GLU E 118 -65.95 -49.35 -88.83
CA GLU E 118 -67.03 -49.76 -89.71
C GLU E 118 -66.79 -51.16 -90.24
N LEU E 119 -65.54 -51.49 -90.57
CA LEU E 119 -65.22 -52.86 -90.99
C LEU E 119 -65.47 -53.85 -89.86
N GLU E 120 -65.10 -53.49 -88.63
CA GLU E 120 -65.36 -54.37 -87.49
C GLU E 120 -66.85 -54.59 -87.30
N ASP E 121 -67.66 -53.53 -87.42
CA ASP E 121 -69.10 -53.69 -87.33
C ASP E 121 -69.65 -54.53 -88.49
N TYR E 122 -69.06 -54.39 -89.67
CA TYR E 122 -69.47 -55.21 -90.82
C TYR E 122 -69.21 -56.69 -90.56
N ILE E 123 -68.06 -57.01 -89.96
CA ILE E 123 -67.77 -58.39 -89.61
C ILE E 123 -68.69 -58.87 -88.49
N ALA E 124 -69.01 -57.99 -87.54
CA ALA E 124 -69.93 -58.35 -86.48
C ALA E 124 -71.33 -58.63 -87.01
N GLU E 125 -71.74 -57.93 -88.06
CA GLU E 125 -73.03 -58.21 -88.69
C GLU E 125 -73.10 -59.64 -89.20
N LEU E 126 -72.02 -60.10 -89.85
CA LEU E 126 -71.98 -61.49 -90.30
C LEU E 126 -71.94 -62.45 -89.11
N ILE E 127 -71.15 -62.13 -88.09
CA ILE E 127 -70.99 -63.06 -86.97
C ILE E 127 -72.26 -63.15 -86.13
N GLU E 128 -73.14 -62.15 -86.21
CA GLU E 128 -74.38 -62.17 -85.43
C GLU E 128 -75.60 -62.59 -86.25
N GLY E 129 -75.58 -62.35 -87.56
CA GLY E 129 -76.71 -62.69 -88.42
C GLY E 129 -76.66 -64.06 -89.03
N ALA E 130 -75.71 -64.90 -88.65
CA ALA E 130 -75.63 -66.24 -89.22
C ALA E 130 -76.84 -67.07 -88.82
N PRO E 131 -77.37 -67.88 -89.73
CA PRO E 131 -78.57 -68.71 -89.42
C PRO E 131 -78.24 -69.92 -88.56
N TYR E 132 -78.05 -69.67 -87.26
CA TYR E 132 -77.77 -70.74 -86.31
C TYR E 132 -79.01 -71.59 -86.09
N GLU E 133 -78.84 -72.91 -86.16
CA GLU E 133 -79.95 -73.82 -85.94
C GLU E 133 -80.19 -74.05 -84.44
N GLU E 134 -79.18 -74.55 -83.74
CA GLU E 134 -79.28 -74.81 -82.32
C GLU E 134 -78.63 -73.69 -81.52
N THR E 135 -79.21 -73.40 -80.36
CA THR E 135 -78.71 -72.37 -79.45
C THR E 135 -78.37 -73.03 -78.13
N ILE E 136 -77.09 -73.21 -77.86
CA ILE E 136 -76.64 -73.82 -76.61
C ILE E 136 -76.85 -72.82 -75.48
N LEU E 137 -77.64 -73.20 -74.49
CA LEU E 137 -77.94 -72.32 -73.36
C LEU E 137 -76.83 -72.42 -72.32
N ILE E 138 -76.23 -71.29 -71.99
CA ILE E 138 -75.16 -71.26 -71.00
C ILE E 138 -75.79 -71.20 -69.61
N ASP E 139 -75.44 -72.18 -68.77
CA ASP E 139 -75.96 -72.22 -67.41
C ASP E 139 -75.19 -71.26 -66.53
N PRO E 140 -75.83 -70.25 -65.93
CA PRO E 140 -75.10 -69.32 -65.06
C PRO E 140 -74.43 -70.00 -63.87
N ALA E 141 -75.05 -71.04 -63.32
CA ALA E 141 -74.45 -71.74 -62.18
C ALA E 141 -73.17 -72.46 -62.58
N ASP E 142 -73.15 -73.07 -63.77
CA ASP E 142 -71.99 -73.81 -64.22
C ASP E 142 -71.97 -73.76 -65.75
N THR E 143 -71.10 -72.90 -66.30
CA THR E 143 -70.97 -72.78 -67.75
C THR E 143 -70.12 -73.89 -68.35
N VAL E 144 -69.32 -74.58 -67.54
CA VAL E 144 -68.47 -75.65 -68.07
C VAL E 144 -69.28 -76.76 -68.74
N PRO E 145 -70.39 -77.24 -68.17
CA PRO E 145 -71.22 -78.20 -68.91
C PRO E 145 -71.71 -77.67 -70.25
N ALA E 146 -72.08 -76.40 -70.33
CA ALA E 146 -72.53 -75.84 -71.60
C ALA E 146 -71.41 -75.82 -72.63
N PHE E 147 -70.20 -75.41 -72.21
CA PHE E 147 -69.08 -75.41 -73.14
C PHE E 147 -68.72 -76.81 -73.58
N ILE E 148 -68.78 -77.78 -72.67
CA ILE E 148 -68.49 -79.17 -73.03
C ILE E 148 -69.54 -79.70 -73.99
N THR E 149 -70.80 -79.33 -73.79
CA THR E 149 -71.85 -79.74 -74.72
C THR E 149 -71.64 -79.14 -76.10
N ALA E 150 -71.23 -77.86 -76.16
CA ALA E 150 -70.95 -77.24 -77.45
C ALA E 150 -69.79 -77.94 -78.15
N ASP E 151 -68.73 -78.27 -77.40
CA ASP E 151 -67.61 -79.00 -77.98
C ASP E 151 -68.05 -80.37 -78.47
N GLN E 152 -68.93 -81.04 -77.72
CA GLN E 152 -69.44 -82.34 -78.14
C GLN E 152 -70.25 -82.23 -79.43
N ARG E 153 -71.06 -81.18 -79.56
CA ARG E 153 -71.79 -80.97 -80.80
C ARG E 153 -70.84 -80.72 -81.96
N MET E 154 -69.80 -79.92 -81.74
CA MET E 154 -68.83 -79.66 -82.80
C MET E 154 -68.12 -80.94 -83.22
N GLY E 155 -67.77 -81.78 -82.25
CA GLY E 155 -67.16 -83.06 -82.58
C GLY E 155 -68.10 -83.99 -83.31
N GLU E 156 -69.38 -83.97 -82.93
CA GLU E 156 -70.39 -84.75 -83.63
C GLU E 156 -70.59 -84.28 -85.07
N ALA E 157 -70.35 -83.00 -85.33
CA ALA E 157 -70.41 -82.47 -86.69
C ALA E 157 -69.17 -82.81 -87.51
N ASN E 158 -68.26 -83.63 -86.97
CA ASN E 158 -67.04 -84.04 -87.66
C ASN E 158 -66.15 -82.85 -88.00
N VAL E 159 -66.28 -81.76 -87.25
CA VAL E 159 -65.43 -80.59 -87.45
C VAL E 159 -64.03 -80.91 -86.95
N PRO E 160 -62.98 -80.57 -87.69
CA PRO E 160 -61.62 -80.80 -87.21
C PRO E 160 -61.36 -80.07 -85.90
N THR E 161 -60.62 -80.72 -85.00
CA THR E 161 -60.34 -80.13 -83.70
C THR E 161 -59.44 -78.92 -83.82
N ASP E 162 -58.47 -78.96 -84.72
CA ASP E 162 -57.54 -77.85 -84.89
C ASP E 162 -58.23 -76.67 -85.54
N SER E 163 -57.60 -75.50 -85.41
CA SER E 163 -58.09 -74.25 -85.99
C SER E 163 -59.51 -73.92 -85.51
N ARG E 164 -59.77 -74.19 -84.24
CA ARG E 164 -61.04 -73.86 -83.61
C ARG E 164 -60.85 -72.66 -82.70
N ARG E 165 -61.64 -71.61 -82.90
CA ARG E 165 -61.48 -70.37 -82.16
C ARG E 165 -62.82 -69.92 -81.59
N LEU E 166 -62.78 -69.43 -80.35
CA LEU E 166 -63.97 -69.00 -79.62
C LEU E 166 -63.83 -67.55 -79.22
N VAL E 167 -64.88 -66.77 -79.45
CA VAL E 167 -64.93 -65.37 -79.05
C VAL E 167 -66.15 -65.16 -78.17
N VAL E 168 -65.93 -64.61 -76.97
CA VAL E 168 -66.98 -64.41 -75.99
C VAL E 168 -67.13 -62.91 -75.73
N GLY E 169 -68.31 -62.54 -75.23
CA GLY E 169 -68.58 -61.16 -74.88
C GLY E 169 -68.13 -60.83 -73.46
N SER E 170 -68.39 -59.57 -73.08
CA SER E 170 -68.05 -59.13 -71.73
C SER E 170 -68.86 -59.88 -70.68
N ALA E 171 -70.16 -60.06 -70.93
CA ALA E 171 -71.01 -60.77 -69.98
C ALA E 171 -70.61 -62.24 -69.88
N VAL E 172 -70.25 -62.86 -71.00
CA VAL E 172 -69.84 -64.27 -70.97
C VAL E 172 -68.56 -64.42 -70.17
N ALA E 173 -67.59 -63.54 -70.38
CA ALA E 173 -66.35 -63.58 -69.61
C ALA E 173 -66.61 -63.33 -68.12
N ALA E 174 -67.51 -62.40 -67.82
CA ALA E 174 -67.86 -62.13 -66.43
C ALA E 174 -68.48 -63.36 -65.78
N ALA E 175 -69.38 -64.05 -66.49
CA ALA E 175 -69.98 -65.27 -65.97
C ALA E 175 -68.95 -66.38 -65.80
N LEU E 176 -67.99 -66.48 -66.73
CA LEU E 176 -66.92 -67.44 -66.59
C LEU E 176 -66.10 -67.17 -65.33
N ALA E 177 -65.82 -65.89 -65.06
CA ALA E 177 -65.11 -65.53 -63.84
C ALA E 177 -65.95 -65.85 -62.60
N LYS E 178 -67.27 -65.61 -62.68
CA LYS E 178 -68.15 -65.89 -61.54
C LYS E 178 -68.28 -67.37 -61.23
N ASP E 179 -68.00 -68.24 -62.20
CA ASP E 179 -68.20 -69.66 -62.01
C ASP E 179 -67.30 -70.18 -60.89
N LYS E 180 -67.88 -70.98 -60.00
CA LYS E 180 -67.10 -71.56 -58.90
C LYS E 180 -66.09 -72.58 -59.40
N GLN E 181 -66.23 -73.06 -60.63
CA GLN E 181 -65.27 -74.03 -61.17
C GLN E 181 -63.88 -73.42 -61.27
N PHE E 182 -63.78 -72.18 -61.75
CA PHE E 182 -62.49 -71.52 -61.93
C PHE E 182 -62.12 -70.63 -60.75
N ARG E 183 -62.97 -70.50 -59.75
CA ARG E 183 -62.73 -69.58 -58.65
C ARG E 183 -62.19 -70.25 -57.40
N HIS E 184 -62.52 -71.52 -57.16
CA HIS E 184 -62.11 -72.20 -55.94
C HIS E 184 -60.68 -72.72 -55.98
N ALA E 185 -60.02 -72.67 -57.15
CA ALA E 185 -58.59 -72.93 -57.27
C ALA E 185 -58.22 -74.38 -56.97
N ASP E 186 -59.20 -75.20 -56.56
CA ASP E 186 -58.99 -76.62 -56.35
C ASP E 186 -59.79 -77.49 -57.29
N TRP E 187 -60.99 -77.04 -57.68
CA TRP E 187 -61.73 -77.71 -58.75
C TRP E 187 -61.12 -77.38 -60.11
N SER E 188 -60.46 -76.23 -60.23
CA SER E 188 -59.83 -75.85 -61.49
C SER E 188 -58.45 -76.49 -61.60
N GLY E 189 -57.55 -76.20 -60.67
CA GLY E 189 -56.23 -76.78 -60.69
C GLY E 189 -55.10 -75.82 -60.40
N ASP E 190 -55.28 -74.55 -60.77
CA ASP E 190 -54.22 -73.56 -60.59
C ASP E 190 -54.07 -73.24 -59.11
N GLN E 191 -52.85 -73.39 -58.59
CA GLN E 191 -52.59 -73.08 -57.19
C GLN E 191 -52.52 -71.58 -56.93
N ALA E 192 -52.02 -70.81 -57.90
CA ALA E 192 -51.94 -69.36 -57.72
C ALA E 192 -53.30 -68.68 -57.79
N ASN E 193 -54.30 -69.36 -58.36
CA ASN E 193 -55.66 -68.81 -58.51
C ASN E 193 -55.65 -67.50 -59.27
N ALA E 194 -55.19 -67.58 -60.52
CA ALA E 194 -55.12 -66.39 -61.37
C ALA E 194 -56.50 -65.83 -61.67
N ALA E 195 -57.52 -66.69 -61.77
CA ALA E 195 -58.87 -66.23 -62.07
C ALA E 195 -59.40 -65.33 -60.96
N LEU E 196 -59.14 -65.69 -59.70
CA LEU E 196 -59.55 -64.85 -58.58
C LEU E 196 -58.81 -63.52 -58.59
N ARG E 197 -57.50 -63.55 -58.88
CA ARG E 197 -56.72 -62.32 -58.89
C ARG E 197 -57.16 -61.37 -60.00
N GLU E 198 -57.45 -61.91 -61.19
CA GLU E 198 -57.89 -61.09 -62.31
C GLU E 198 -58.67 -61.97 -63.28
N ALA E 199 -59.43 -61.32 -64.16
CA ALA E 199 -60.24 -62.03 -65.14
C ALA E 199 -59.32 -62.56 -66.24
N HIS E 200 -58.68 -63.70 -65.93
CA HIS E 200 -57.71 -64.34 -66.82
C HIS E 200 -57.98 -65.84 -66.90
N VAL E 201 -59.23 -66.20 -67.16
CA VAL E 201 -59.59 -67.61 -67.30
C VAL E 201 -58.81 -68.27 -68.42
N GLY E 202 -58.62 -67.55 -69.52
CA GLY E 202 -57.77 -68.06 -70.60
C GLY E 202 -58.37 -69.29 -71.25
N ARG E 203 -57.55 -70.35 -71.34
CA ARG E 203 -57.96 -71.56 -72.03
C ARG E 203 -59.12 -72.24 -71.30
N LEU E 204 -60.09 -72.72 -72.07
CA LEU E 204 -61.23 -73.44 -71.52
C LEU E 204 -61.67 -74.48 -72.53
N ALA E 205 -61.70 -75.75 -72.09
CA ALA E 205 -62.14 -76.87 -72.92
C ALA E 205 -61.31 -77.01 -74.20
N GLY E 206 -60.06 -76.56 -74.15
CA GLY E 206 -59.16 -76.67 -75.29
C GLY E 206 -59.32 -75.59 -76.34
N MET E 207 -60.17 -74.60 -76.12
CA MET E 207 -60.39 -73.51 -77.06
C MET E 207 -59.95 -72.20 -76.43
N ASN E 208 -59.18 -71.42 -77.17
CA ASN E 208 -58.73 -70.12 -76.69
C ASN E 208 -59.91 -69.16 -76.57
N VAL E 209 -59.89 -68.33 -75.52
CA VAL E 209 -60.95 -67.37 -75.25
C VAL E 209 -60.42 -65.98 -75.61
N ILE E 210 -61.08 -65.33 -76.56
CA ILE E 210 -60.71 -63.99 -77.00
C ILE E 210 -61.88 -63.07 -76.68
N ARG E 211 -61.75 -62.28 -75.63
CA ARG E 211 -62.81 -61.38 -75.22
C ARG E 211 -62.93 -60.20 -76.19
N SER E 212 -64.17 -59.85 -76.54
CA SER E 212 -64.42 -58.74 -77.43
C SER E 212 -65.75 -58.09 -77.07
N ASN E 213 -65.92 -56.85 -77.50
CA ASN E 213 -67.12 -56.08 -77.21
C ASN E 213 -67.99 -55.83 -78.43
N ALA E 214 -67.48 -56.06 -79.65
CA ALA E 214 -68.28 -55.85 -80.85
C ALA E 214 -69.47 -56.80 -80.89
N ILE E 215 -69.26 -58.06 -80.53
CA ILE E 215 -70.34 -59.05 -80.49
C ILE E 215 -71.24 -58.76 -79.30
N ALA E 216 -72.40 -59.41 -79.26
CA ALA E 216 -73.32 -59.22 -78.14
C ALA E 216 -72.67 -59.73 -76.86
N PRO E 217 -72.71 -58.96 -75.77
CA PRO E 217 -72.07 -59.41 -74.53
C PRO E 217 -72.64 -60.72 -73.99
N ASP E 218 -73.93 -60.96 -74.17
CA ASP E 218 -74.59 -62.14 -73.63
C ASP E 218 -74.46 -63.37 -74.52
N LYS E 219 -73.79 -63.25 -75.67
CA LYS E 219 -73.66 -64.36 -76.60
C LYS E 219 -72.19 -64.58 -76.95
N ALA E 220 -71.84 -65.84 -77.23
CA ALA E 220 -70.49 -66.22 -77.62
C ALA E 220 -70.56 -67.08 -78.87
N TYR E 221 -69.48 -67.07 -79.65
CA TYR E 221 -69.44 -67.79 -80.92
C TYR E 221 -68.15 -68.60 -81.01
N LEU E 222 -68.29 -69.91 -81.24
CA LEU E 222 -67.14 -70.79 -81.43
C LEU E 222 -67.22 -71.37 -82.84
N TRP E 223 -66.16 -71.15 -83.62
CA TRP E 223 -66.17 -71.52 -85.03
C TRP E 223 -64.84 -72.14 -85.41
N HIS E 224 -64.77 -72.58 -86.67
CA HIS E 224 -63.58 -73.18 -87.27
C HIS E 224 -63.00 -72.22 -88.30
N ARG E 225 -61.78 -72.52 -88.74
CA ARG E 225 -61.12 -71.65 -89.72
C ARG E 225 -61.91 -71.57 -91.02
N THR E 226 -62.46 -72.69 -91.48
CA THR E 226 -63.26 -72.72 -92.70
C THR E 226 -64.75 -72.63 -92.34
N ALA E 227 -65.16 -71.43 -91.92
CA ALA E 227 -66.54 -71.22 -91.53
C ALA E 227 -67.15 -70.01 -92.22
N PHE E 228 -66.33 -69.00 -92.52
CA PHE E 228 -66.81 -67.77 -93.15
C PHE E 228 -65.84 -67.36 -94.25
N ILE E 229 -66.34 -66.57 -95.19
CA ILE E 229 -65.56 -66.05 -96.30
C ILE E 229 -65.70 -64.54 -96.31
N LEU E 230 -64.56 -63.84 -96.25
CA LEU E 230 -64.53 -62.39 -96.30
C LEU E 230 -63.57 -61.97 -97.41
N ALA E 231 -64.03 -61.07 -98.28
CA ALA E 231 -63.24 -60.59 -99.41
C ALA E 231 -63.07 -59.08 -99.30
N TYR E 232 -61.84 -58.62 -99.51
CA TYR E 232 -61.52 -57.19 -99.46
C TYR E 232 -60.89 -56.79 -100.78
N ARG E 233 -61.35 -55.67 -101.34
CA ARG E 233 -60.85 -55.17 -102.62
C ARG E 233 -60.54 -53.69 -102.50
N THR E 234 -59.39 -53.28 -103.03
CA THR E 234 -59.00 -51.88 -103.04
C THR E 234 -59.28 -51.30 -104.42
N PRO E 235 -60.21 -50.36 -104.55
CA PRO E 235 -60.49 -49.79 -105.88
C PRO E 235 -59.29 -49.06 -106.45
N VAL E 236 -59.16 -49.10 -107.76
CA VAL E 236 -58.04 -48.46 -108.45
C VAL E 236 -58.32 -46.96 -108.55
N VAL E 237 -57.26 -46.17 -108.44
CA VAL E 237 -57.36 -44.72 -108.53
C VAL E 237 -57.67 -44.33 -109.97
N PRO E 238 -58.75 -43.61 -110.24
CA PRO E 238 -59.07 -43.22 -111.61
C PRO E 238 -58.03 -42.27 -112.18
N GLU E 239 -57.84 -42.36 -113.50
CA GLU E 239 -56.87 -41.49 -114.17
C GLU E 239 -57.32 -40.04 -114.20
N GLY E 240 -58.61 -39.77 -113.99
CA GLY E 240 -59.12 -38.41 -113.97
C GLY E 240 -58.99 -37.76 -112.61
N ALA E 241 -57.88 -38.03 -111.92
CA ALA E 241 -57.64 -37.47 -110.60
C ALA E 241 -56.14 -37.40 -110.36
N LYS E 242 -55.75 -36.63 -109.35
CA LYS E 242 -54.35 -36.45 -109.01
C LYS E 242 -53.86 -37.66 -108.21
N ALA E 243 -52.65 -37.54 -107.65
CA ALA E 243 -52.07 -38.63 -106.89
C ALA E 243 -52.89 -38.90 -105.62
N GLY E 244 -53.13 -40.17 -105.35
CA GLY E 244 -53.90 -40.58 -104.18
C GLY E 244 -53.06 -41.45 -103.26
N ALA E 245 -53.24 -41.27 -101.96
CA ALA E 245 -52.51 -42.03 -100.96
C ALA E 245 -53.08 -43.44 -100.84
N SER E 246 -52.33 -44.30 -100.16
CA SER E 246 -52.70 -45.69 -99.94
C SER E 246 -52.64 -46.05 -98.47
N PHE E 247 -53.25 -45.21 -97.63
CA PHE E 247 -53.30 -45.46 -96.20
C PHE E 247 -54.05 -46.76 -95.92
N SER E 248 -53.34 -47.74 -95.37
CA SER E 248 -53.90 -49.05 -95.11
C SER E 248 -54.30 -49.15 -93.64
N ALA E 249 -55.50 -49.69 -93.39
CA ALA E 249 -56.01 -49.88 -92.04
C ALA E 249 -56.15 -51.37 -91.75
N ASN E 250 -55.81 -51.75 -90.52
CA ASN E 250 -55.97 -53.09 -89.94
C ASN E 250 -55.76 -54.22 -90.95
N GLY E 251 -54.71 -54.12 -91.76
CA GLY E 251 -54.35 -55.14 -92.71
C GLY E 251 -55.07 -55.06 -94.04
N VAL E 252 -56.05 -54.16 -94.17
CA VAL E 252 -56.84 -54.01 -95.39
C VAL E 252 -56.39 -52.74 -96.09
N ALA E 253 -55.95 -52.86 -97.34
CA ALA E 253 -55.53 -51.69 -98.10
C ALA E 253 -56.74 -50.84 -98.49
N LEU E 254 -56.56 -49.53 -98.45
CA LEU E 254 -57.61 -48.58 -98.78
C LEU E 254 -57.12 -47.61 -99.85
N ARG E 255 -58.06 -47.07 -100.60
CA ARG E 255 -57.78 -46.08 -101.63
C ARG E 255 -58.21 -44.71 -101.14
N TRP E 256 -57.26 -43.78 -101.08
CA TRP E 256 -57.53 -42.42 -100.62
C TRP E 256 -57.63 -41.50 -101.84
N LEU E 257 -58.74 -40.79 -101.94
CA LEU E 257 -58.99 -39.86 -103.04
C LEU E 257 -59.17 -38.45 -102.49
N ALA E 258 -58.91 -37.47 -103.34
CA ALA E 258 -59.06 -36.06 -102.97
C ALA E 258 -59.52 -35.28 -104.19
N ASP E 259 -60.65 -34.59 -104.06
CA ASP E 259 -61.22 -33.83 -105.16
C ASP E 259 -61.60 -32.44 -104.67
N TYR E 260 -61.25 -31.43 -105.48
CA TYR E 260 -61.55 -30.04 -105.16
C TYR E 260 -62.56 -29.50 -106.17
N ASP E 261 -63.57 -28.80 -105.65
CA ASP E 261 -64.57 -28.11 -106.46
C ASP E 261 -64.36 -26.62 -106.33
N TYR E 262 -64.13 -25.95 -107.46
CA TYR E 262 -63.90 -24.52 -107.46
C TYR E 262 -65.20 -23.74 -107.30
N SER E 263 -66.30 -24.25 -107.85
CA SER E 263 -67.59 -23.56 -107.71
C SER E 263 -68.01 -23.49 -106.25
N GLN E 264 -67.85 -24.60 -105.51
CA GLN E 264 -68.13 -24.62 -104.09
C GLN E 264 -66.90 -24.28 -103.25
N LEU E 265 -65.72 -24.15 -103.87
CA LEU E 265 -64.48 -23.83 -103.17
C LEU E 265 -64.23 -24.80 -102.02
N GLY E 266 -64.44 -26.09 -102.28
CA GLY E 266 -64.36 -27.09 -101.24
C GLY E 266 -63.47 -28.25 -101.65
N ASP E 267 -63.03 -29.00 -100.63
CA ASP E 267 -62.21 -30.19 -100.82
C ASP E 267 -62.87 -31.37 -100.13
N ARG E 268 -62.86 -32.52 -100.80
CA ARG E 268 -63.49 -33.72 -100.29
C ARG E 268 -62.58 -34.92 -100.48
N THR E 269 -62.77 -35.91 -99.61
CA THR E 269 -62.07 -37.19 -99.67
C THR E 269 -63.08 -38.30 -99.92
N LEU E 270 -62.61 -39.37 -100.56
CA LEU E 270 -63.47 -40.47 -100.95
C LEU E 270 -62.94 -41.81 -100.46
N LEU E 271 -62.61 -41.91 -99.17
CA LEU E 271 -61.95 -43.11 -98.67
C LEU E 271 -62.90 -44.30 -98.70
N ASP E 272 -62.67 -45.25 -99.59
CA ASP E 272 -63.61 -46.35 -99.77
C ASP E 272 -62.85 -47.64 -100.02
N VAL E 273 -63.53 -48.76 -99.75
CA VAL E 273 -62.98 -50.10 -99.92
C VAL E 273 -64.14 -51.07 -100.14
N PHE E 274 -63.96 -51.97 -101.11
CA PHE E 274 -65.00 -52.93 -101.45
C PHE E 274 -64.92 -54.14 -100.53
N THR E 275 -66.08 -54.57 -100.02
CA THR E 275 -66.14 -55.70 -99.10
C THR E 275 -67.13 -56.73 -99.60
N GLY E 276 -66.90 -57.98 -99.22
CA GLY E 276 -67.78 -59.07 -99.60
C GLY E 276 -67.89 -60.13 -98.52
N ARG E 277 -69.12 -60.55 -98.23
CA ARG E 277 -69.41 -61.48 -97.15
C ARG E 277 -69.96 -62.79 -97.71
N LYS E 278 -69.64 -63.90 -97.04
CA LYS E 278 -70.21 -65.18 -97.41
C LYS E 278 -70.20 -66.10 -96.18
N VAL E 279 -71.30 -66.80 -95.97
CA VAL E 279 -71.44 -67.76 -94.88
C VAL E 279 -71.32 -69.16 -95.47
N VAL E 280 -70.33 -69.93 -95.00
CA VAL E 280 -70.08 -71.26 -95.53
C VAL E 280 -71.11 -72.23 -94.95
N THR E 281 -71.80 -72.94 -95.83
CA THR E 281 -72.81 -73.92 -95.44
C THR E 281 -72.42 -75.28 -96.01
N GLU E 282 -73.30 -76.27 -95.79
CA GLU E 282 -73.07 -77.62 -96.27
C GLU E 282 -73.71 -77.81 -97.64
N VAL E 283 -73.45 -78.97 -98.24
CA VAL E 283 -73.98 -79.26 -99.57
C VAL E 283 -75.50 -79.35 -99.53
N ASP E 284 -76.06 -79.99 -98.51
CA ASP E 284 -77.51 -80.01 -98.35
C ASP E 284 -78.04 -78.70 -97.80
N GLY E 285 -77.25 -78.01 -96.97
CA GLY E 285 -77.63 -76.74 -96.40
C GLY E 285 -77.87 -76.82 -94.90
N SER E 286 -76.86 -76.42 -94.12
CA SER E 286 -76.93 -76.42 -92.68
C SER E 286 -75.69 -75.73 -92.13
N PHE E 287 -75.86 -74.95 -91.06
CA PHE E 287 -74.75 -74.23 -90.43
C PHE E 287 -74.30 -75.02 -89.21
N VAL E 288 -73.50 -76.06 -89.47
CA VAL E 288 -72.95 -76.91 -88.42
C VAL E 288 -71.49 -76.62 -88.14
N ARG E 289 -70.87 -75.71 -88.90
CA ARG E 289 -69.45 -75.42 -88.71
C ARG E 289 -69.20 -74.46 -87.56
N ALA E 290 -70.23 -73.77 -87.06
CA ALA E 290 -70.09 -72.83 -85.97
C ALA E 290 -71.23 -73.03 -84.98
N VAL E 291 -70.97 -72.66 -83.73
CA VAL E 291 -71.94 -72.80 -82.64
C VAL E 291 -72.06 -71.47 -81.92
N GLU E 292 -73.30 -71.07 -81.65
CA GLU E 292 -73.60 -69.86 -80.90
C GLU E 292 -74.17 -70.24 -79.55
N LEU E 293 -73.58 -69.71 -78.48
CA LEU E 293 -74.00 -69.98 -77.12
C LEU E 293 -74.63 -68.72 -76.53
N GLN E 294 -75.88 -68.83 -76.11
CA GLN E 294 -76.60 -67.73 -75.48
C GLN E 294 -76.78 -68.04 -74.00
N LEU E 295 -76.56 -67.03 -73.15
CA LEU E 295 -76.51 -67.21 -71.71
C LEU E 295 -77.87 -66.88 -71.10
N GLN E 296 -78.38 -67.80 -70.30
CA GLN E 296 -79.71 -67.66 -69.71
C GLN E 296 -79.73 -66.52 -68.70
N ALA E 297 -80.87 -65.82 -68.62
CA ALA E 297 -81.06 -64.73 -67.69
C ALA E 297 -82.02 -65.10 -66.56
N SER E 298 -83.24 -65.51 -66.90
CA SER E 298 -84.23 -66.01 -65.94
C SER E 298 -84.62 -64.96 -64.91
N SER E 299 -84.13 -63.73 -65.05
CA SER E 299 -84.43 -62.67 -64.10
C SER E 299 -84.06 -61.33 -64.71
N ILE E 300 -85.01 -60.40 -64.72
CA ILE E 300 -84.80 -59.04 -65.19
C ILE E 300 -85.27 -58.07 -64.12
N THR E 301 -84.64 -56.90 -64.07
CA THR E 301 -84.99 -55.85 -63.11
C THR E 301 -84.88 -54.49 -63.78
N ILE E 302 -85.55 -53.51 -63.19
CA ILE E 302 -85.46 -52.13 -63.63
C ILE E 302 -84.42 -51.42 -62.77
N VAL E 303 -83.49 -50.72 -63.42
CA VAL E 303 -82.38 -50.10 -62.70
C VAL E 303 -82.93 -49.00 -61.78
N GLY E 304 -82.57 -49.07 -60.51
CA GLY E 304 -83.01 -48.11 -59.52
C GLY E 304 -84.35 -48.46 -58.91
N GLY E 305 -84.70 -47.72 -57.87
CA GLY E 305 -85.98 -47.89 -57.20
C GLY E 305 -87.06 -46.99 -57.75
N ALA E 306 -87.55 -46.08 -56.93
CA ALA E 306 -88.54 -45.11 -57.39
C ALA E 306 -87.94 -44.21 -58.46
N PHE E 307 -88.76 -43.86 -59.45
CA PHE E 307 -88.29 -43.05 -60.56
C PHE E 307 -89.07 -41.74 -60.65
N ALA E 308 -89.22 -41.05 -59.52
CA ALA E 308 -89.94 -39.79 -59.48
C ALA E 308 -89.31 -38.78 -60.44
N LEU E 309 -90.16 -38.13 -61.24
CA LEU E 309 -89.70 -37.17 -62.22
C LEU E 309 -89.72 -35.76 -61.64
N ALA E 310 -89.38 -34.78 -62.47
CA ALA E 310 -89.40 -33.37 -62.08
C ALA E 310 -90.63 -32.64 -62.59
N THR E 311 -91.05 -32.90 -63.83
CA THR E 311 -92.24 -32.27 -64.39
C THR E 311 -93.20 -33.31 -64.91
N THR E 312 -94.25 -32.87 -65.62
CA THR E 312 -95.23 -33.82 -66.15
C THR E 312 -94.61 -34.72 -67.20
N THR E 313 -93.84 -34.14 -68.13
CA THR E 313 -93.19 -34.95 -69.15
C THR E 313 -92.17 -35.90 -68.54
N GLY E 314 -91.10 -35.34 -67.97
CA GLY E 314 -90.08 -36.15 -67.33
C GLY E 314 -89.47 -37.22 -68.21
N THR E 315 -89.15 -36.85 -69.46
CA THR E 315 -88.68 -37.83 -70.44
C THR E 315 -87.26 -38.28 -70.10
N LYS E 316 -87.15 -39.51 -69.62
CA LYS E 316 -85.86 -40.15 -69.36
C LYS E 316 -85.88 -41.57 -69.89
N GLN E 317 -84.71 -42.08 -70.23
CA GLN E 317 -84.57 -43.42 -70.77
C GLN E 317 -84.43 -44.44 -69.64
N LEU E 318 -85.24 -45.49 -69.69
CA LEU E 318 -85.23 -46.54 -68.69
C LEU E 318 -84.56 -47.78 -69.27
N LYS E 319 -83.59 -48.33 -68.54
CA LYS E 319 -82.83 -49.49 -68.98
C LYS E 319 -83.20 -50.69 -68.12
N VAL E 320 -83.44 -51.82 -68.76
CA VAL E 320 -83.76 -53.08 -68.09
C VAL E 320 -82.50 -53.92 -68.02
N ARG E 321 -82.11 -54.30 -66.81
CA ARG E 321 -80.87 -55.03 -66.59
C ARG E 321 -81.18 -56.41 -66.03
N ASP E 322 -80.58 -57.44 -66.60
CA ASP E 322 -80.77 -58.79 -66.09
C ASP E 322 -79.88 -59.01 -64.86
N ASP E 323 -80.04 -60.16 -64.22
CA ASP E 323 -79.21 -60.49 -63.06
C ASP E 323 -77.75 -60.65 -63.47
N ASN E 324 -77.50 -61.16 -64.68
CA ASN E 324 -76.13 -61.38 -65.13
C ASN E 324 -75.40 -60.05 -65.36
N GLY E 325 -76.05 -59.10 -66.04
CA GLY E 325 -75.44 -57.82 -66.30
C GLY E 325 -75.60 -57.33 -67.72
N THR E 326 -76.38 -58.04 -68.53
CA THR E 326 -76.64 -57.65 -69.91
C THR E 326 -77.79 -56.66 -69.97
N ASP E 327 -77.56 -55.53 -70.65
CA ASP E 327 -78.58 -54.49 -70.79
C ASP E 327 -79.54 -54.90 -71.91
N VAL E 328 -80.65 -55.53 -71.52
CA VAL E 328 -81.64 -55.95 -72.51
C VAL E 328 -82.31 -54.74 -73.14
N THR E 329 -83.02 -53.96 -72.32
CA THR E 329 -83.65 -52.70 -72.72
C THR E 329 -84.33 -52.75 -74.08
N ALA E 330 -83.54 -52.63 -75.14
CA ALA E 330 -84.11 -52.54 -76.49
C ALA E 330 -84.87 -53.81 -76.88
N ARG E 331 -84.28 -54.97 -76.58
CA ARG E 331 -84.91 -56.25 -76.91
C ARG E 331 -85.85 -56.71 -75.80
N CYS E 332 -86.80 -55.83 -75.43
CA CYS E 332 -87.73 -56.11 -74.35
C CYS E 332 -89.03 -55.39 -74.64
N THR E 333 -90.10 -55.84 -73.96
CA THR E 333 -91.42 -55.24 -74.10
C THR E 333 -91.76 -54.47 -72.84
N PHE E 334 -92.49 -53.36 -73.00
CA PHE E 334 -92.88 -52.51 -71.89
C PHE E 334 -94.40 -52.34 -71.88
N ALA E 335 -94.98 -52.40 -70.68
CA ALA E 335 -96.41 -52.23 -70.50
C ALA E 335 -96.66 -51.25 -69.36
N SER E 336 -97.39 -50.18 -69.65
CA SER E 336 -97.73 -49.17 -68.66
C SER E 336 -99.05 -49.56 -68.02
N SER E 337 -98.98 -50.14 -66.82
CA SER E 337 -100.19 -50.52 -66.11
C SER E 337 -101.06 -49.31 -65.79
N ALA E 338 -100.43 -48.23 -65.33
CA ALA E 338 -101.15 -46.97 -65.07
C ALA E 338 -101.01 -46.06 -66.29
N GLY E 339 -101.67 -46.47 -67.37
CA GLY E 339 -101.63 -45.70 -68.61
C GLY E 339 -102.44 -44.43 -68.60
N THR E 340 -103.28 -44.24 -67.58
CA THR E 340 -104.07 -43.02 -67.48
C THR E 340 -103.21 -41.79 -67.22
N LYS E 341 -101.99 -41.97 -66.69
CA LYS E 341 -101.12 -40.84 -66.39
C LYS E 341 -99.68 -41.13 -66.83
N ALA E 342 -99.49 -42.01 -67.80
CA ALA E 342 -98.16 -42.35 -68.28
C ALA E 342 -98.26 -42.91 -69.68
N THR E 343 -97.12 -42.90 -70.38
CA THR E 343 -97.04 -43.49 -71.73
C THR E 343 -95.62 -43.98 -71.92
N VAL E 344 -95.45 -45.29 -71.93
CA VAL E 344 -94.14 -45.90 -72.15
C VAL E 344 -93.98 -46.22 -73.63
N SER E 345 -92.77 -46.07 -74.14
CA SER E 345 -92.48 -46.30 -75.54
C SER E 345 -91.91 -47.70 -75.74
N ALA E 346 -91.73 -48.06 -77.01
CA ALA E 346 -91.15 -49.37 -77.34
C ALA E 346 -89.69 -49.48 -76.92
N ALA E 347 -89.01 -48.34 -76.74
CA ALA E 347 -87.62 -48.33 -76.29
C ALA E 347 -87.51 -48.09 -74.79
N GLY E 348 -88.61 -47.99 -74.07
CA GLY E 348 -88.57 -47.77 -72.65
C GLY E 348 -88.54 -46.32 -72.21
N LEU E 349 -89.18 -45.43 -72.96
CA LEU E 349 -89.20 -44.01 -72.63
C LEU E 349 -90.55 -43.65 -72.02
N VAL E 350 -90.51 -43.05 -70.83
CA VAL E 350 -91.73 -42.67 -70.10
C VAL E 350 -92.13 -41.25 -70.50
N THR E 351 -93.43 -41.02 -70.60
CA THR E 351 -93.95 -39.72 -71.02
C THR E 351 -94.74 -38.99 -69.94
N GLY E 352 -95.47 -39.71 -69.08
CA GLY E 352 -96.17 -39.06 -67.99
C GLY E 352 -97.32 -38.19 -68.42
N VAL E 353 -98.42 -38.81 -68.89
CA VAL E 353 -99.57 -38.06 -69.38
C VAL E 353 -100.10 -37.13 -68.31
N ALA E 354 -100.29 -37.65 -67.10
CA ALA E 354 -100.82 -36.86 -65.99
C ALA E 354 -99.99 -37.14 -64.75
N ALA E 355 -100.34 -36.47 -63.65
CA ALA E 355 -99.62 -36.61 -62.40
C ALA E 355 -100.15 -37.79 -61.59
N GLY E 356 -99.30 -38.28 -60.69
CA GLY E 356 -99.66 -39.41 -59.84
C GLY E 356 -98.57 -40.46 -59.76
N THR E 357 -98.94 -41.71 -60.01
CA THR E 357 -97.99 -42.81 -60.01
C THR E 357 -98.23 -43.68 -61.24
N ALA E 358 -97.18 -44.38 -61.66
CA ALA E 358 -97.23 -45.21 -62.88
C ALA E 358 -96.50 -46.52 -62.58
N ASP E 359 -97.25 -47.52 -62.12
CA ASP E 359 -96.68 -48.83 -61.80
C ASP E 359 -96.42 -49.62 -63.10
N ILE E 360 -95.54 -49.06 -63.92
CA ILE E 360 -95.23 -49.68 -65.22
C ILE E 360 -94.41 -50.94 -64.99
N THR E 361 -94.29 -51.72 -66.07
CA THR E 361 -93.55 -52.98 -65.98
C THR E 361 -92.88 -53.27 -67.31
N ALA E 362 -91.85 -54.11 -67.24
CA ALA E 362 -91.13 -54.59 -68.41
C ALA E 362 -91.14 -56.11 -68.42
N SER E 363 -91.51 -56.68 -69.55
CA SER E 363 -91.55 -58.13 -69.75
C SER E 363 -90.56 -58.49 -70.84
N TYR E 364 -89.68 -59.43 -70.56
CA TYR E 364 -88.65 -59.89 -71.49
C TYR E 364 -88.69 -61.40 -71.57
N VAL E 365 -88.69 -61.93 -72.80
CA VAL E 365 -88.70 -63.36 -73.03
C VAL E 365 -87.31 -63.92 -72.76
N PRO E 366 -87.16 -64.88 -71.85
CA PRO E 366 -85.83 -65.43 -71.58
C PRO E 366 -85.31 -66.17 -72.80
N PRO E 367 -83.97 -66.22 -72.97
CA PRO E 367 -83.42 -66.98 -74.11
C PRO E 367 -83.77 -68.46 -74.06
N GLN E 368 -83.94 -69.03 -72.86
CA GLN E 368 -84.28 -70.44 -72.71
C GLN E 368 -85.76 -70.73 -72.87
N GLY E 369 -86.53 -69.79 -73.42
CA GLY E 369 -87.96 -69.99 -73.59
C GLY E 369 -88.72 -69.83 -72.28
N GLY E 370 -89.92 -70.40 -72.26
CA GLY E 370 -90.77 -70.31 -71.09
C GLY E 370 -91.46 -68.97 -70.98
N THR E 371 -92.05 -68.75 -69.81
CA THR E 371 -92.75 -67.50 -69.55
C THR E 371 -91.77 -66.33 -69.48
N ALA E 372 -92.23 -65.18 -69.94
CA ALA E 372 -91.39 -63.98 -69.97
C ALA E 372 -91.26 -63.39 -68.56
N LYS E 373 -90.02 -63.11 -68.16
CA LYS E 373 -89.79 -62.48 -66.87
C LYS E 373 -90.32 -61.05 -66.87
N THR E 374 -90.74 -60.59 -65.69
CA THR E 374 -91.35 -59.27 -65.55
C THR E 374 -90.71 -58.53 -64.39
N ALA E 375 -90.70 -57.20 -64.50
CA ALA E 375 -90.17 -56.33 -63.47
C ALA E 375 -90.93 -55.02 -63.48
N THR E 376 -91.53 -54.65 -62.35
CA THR E 376 -92.41 -53.50 -62.27
C THR E 376 -91.87 -52.46 -61.30
N VAL E 377 -92.15 -51.19 -61.60
CA VAL E 377 -91.77 -50.06 -60.76
C VAL E 377 -92.96 -49.10 -60.68
N THR E 378 -93.17 -48.52 -59.50
CA THR E 378 -94.33 -47.66 -59.25
C THR E 378 -94.24 -46.30 -59.92
N VAL E 379 -93.04 -45.89 -60.39
CA VAL E 379 -92.73 -44.62 -61.04
C VAL E 379 -93.76 -43.52 -60.73
N THR E 380 -93.50 -42.75 -59.67
CA THR E 380 -94.38 -41.64 -59.32
C THR E 380 -94.15 -40.48 -60.27
N VAL E 381 -95.22 -39.92 -60.81
CA VAL E 381 -95.18 -38.82 -61.76
C VAL E 381 -95.74 -37.59 -61.06
N PRO E 382 -94.94 -36.51 -60.89
CA PRO E 382 -95.42 -35.28 -60.25
C PRO E 382 -96.34 -34.46 -61.14
N ILE F 14 -46.81 -40.60 -20.25
CA ILE F 14 -47.26 -39.32 -20.80
C ILE F 14 -47.53 -39.45 -22.29
N GLY F 15 -48.67 -38.91 -22.72
CA GLY F 15 -49.06 -38.97 -24.11
C GLY F 15 -50.30 -39.82 -24.34
N VAL F 16 -51.45 -39.16 -24.48
CA VAL F 16 -52.72 -39.83 -24.73
C VAL F 16 -53.34 -39.28 -26.00
N LYS F 17 -52.47 -38.92 -26.96
CA LYS F 17 -52.89 -38.29 -28.22
C LYS F 17 -54.12 -38.96 -28.80
N GLN F 18 -55.12 -38.14 -29.13
CA GLN F 18 -56.39 -38.65 -29.60
C GLN F 18 -56.24 -39.37 -30.94
N LEU F 19 -57.10 -40.36 -31.16
CA LEU F 19 -57.09 -41.11 -32.41
C LEU F 19 -57.40 -40.18 -33.58
N GLN F 20 -56.60 -40.27 -34.64
CA GLN F 20 -56.72 -39.39 -35.78
C GLN F 20 -56.76 -40.20 -37.07
N ARG F 21 -57.36 -39.62 -38.10
CA ARG F 21 -57.50 -40.28 -39.38
C ARG F 21 -56.17 -40.27 -40.13
N GLU F 22 -56.12 -41.06 -41.21
CA GLU F 22 -54.94 -41.16 -42.07
C GLU F 22 -55.24 -40.58 -43.43
N ILE F 23 -54.21 -40.04 -44.08
CA ILE F 23 -54.34 -39.38 -45.37
C ILE F 23 -53.99 -40.40 -46.45
N VAL F 24 -55.00 -40.97 -47.09
CA VAL F 24 -54.83 -41.94 -48.15
C VAL F 24 -55.51 -41.49 -49.45
N LEU F 25 -56.70 -40.92 -49.36
CA LEU F 25 -57.44 -40.50 -50.56
C LEU F 25 -56.69 -39.47 -51.41
N PRO F 26 -56.10 -38.41 -50.87
CA PRO F 26 -55.45 -37.41 -51.76
C PRO F 26 -54.35 -38.00 -52.63
N GLY F 27 -53.73 -39.10 -52.21
CA GLY F 27 -52.71 -39.73 -53.00
C GLY F 27 -53.21 -40.64 -54.10
N LEU F 28 -54.53 -40.78 -54.26
CA LEU F 28 -55.11 -41.66 -55.27
C LEU F 28 -56.02 -40.89 -56.22
N VAL F 29 -55.76 -39.61 -56.43
CA VAL F 29 -56.53 -38.78 -57.34
C VAL F 29 -55.57 -37.91 -58.14
N TRP F 30 -56.08 -37.35 -59.24
CA TRP F 30 -55.31 -36.41 -60.05
C TRP F 30 -55.02 -35.16 -59.23
N THR F 31 -53.76 -34.98 -58.83
CA THR F 31 -53.32 -33.79 -58.12
C THR F 31 -52.66 -32.83 -59.12
N ASN F 32 -53.35 -31.73 -59.43
CA ASN F 32 -52.90 -30.72 -60.37
C ASN F 32 -52.50 -31.33 -61.71
N PRO F 33 -53.44 -31.84 -62.50
CA PRO F 33 -53.09 -32.30 -63.85
C PRO F 33 -52.52 -31.20 -64.72
N LEU F 34 -52.97 -29.96 -64.52
CA LEU F 34 -52.44 -28.80 -65.22
C LEU F 34 -52.18 -27.69 -64.21
N THR F 35 -51.26 -26.79 -64.56
CA THR F 35 -50.77 -25.79 -63.61
C THR F 35 -51.58 -24.50 -63.66
N ASP F 36 -51.62 -23.85 -64.82
CA ASP F 36 -52.22 -22.53 -64.93
C ASP F 36 -53.74 -22.60 -64.92
N PHE F 37 -54.34 -21.89 -63.99
CA PHE F 37 -55.79 -21.72 -63.90
C PHE F 37 -56.21 -20.26 -63.87
N GLY F 38 -55.43 -19.40 -63.21
CA GLY F 38 -55.80 -18.00 -63.07
C GLY F 38 -55.61 -17.16 -64.30
N GLY F 39 -54.80 -17.62 -65.27
CA GLY F 39 -54.60 -16.88 -66.48
C GLY F 39 -55.73 -16.96 -67.48
N SER F 40 -56.74 -17.77 -67.20
CA SER F 40 -57.88 -17.95 -68.09
C SER F 40 -59.08 -17.17 -67.60
N LYS F 41 -60.05 -16.99 -68.49
CA LYS F 41 -61.27 -16.25 -68.16
C LYS F 41 -62.12 -17.03 -67.17
N ASN F 42 -62.62 -16.34 -66.15
CA ASN F 42 -63.49 -16.94 -65.14
C ASN F 42 -62.85 -18.19 -64.52
N ASP F 43 -61.56 -18.09 -64.22
CA ASP F 43 -60.71 -19.11 -63.59
C ASP F 43 -61.09 -20.53 -63.96
N THR F 44 -61.32 -20.77 -65.25
CA THR F 44 -61.67 -22.09 -65.74
C THR F 44 -60.87 -22.39 -67.00
N ILE F 45 -60.52 -23.65 -67.18
CA ILE F 45 -59.78 -24.13 -68.34
C ILE F 45 -60.67 -25.06 -69.12
N THR F 46 -60.83 -24.79 -70.42
CA THR F 46 -61.59 -25.64 -71.32
C THR F 46 -60.68 -26.73 -71.87
N VAL F 47 -60.98 -27.98 -71.54
CA VAL F 47 -60.22 -29.12 -72.01
C VAL F 47 -60.96 -29.75 -73.18
N ARG F 48 -60.27 -29.87 -74.30
CA ARG F 48 -60.86 -30.45 -75.51
C ARG F 48 -60.73 -31.96 -75.50
N VAL F 49 -61.77 -32.63 -75.98
CA VAL F 49 -61.79 -34.08 -76.14
C VAL F 49 -61.77 -34.40 -77.63
N PRO F 50 -60.77 -35.13 -78.13
CA PRO F 50 -60.73 -35.42 -79.57
C PRO F 50 -61.97 -36.17 -80.03
N ALA F 51 -62.43 -35.84 -81.23
CA ALA F 51 -63.66 -36.38 -81.77
C ALA F 51 -63.40 -37.64 -82.58
N ILE F 52 -64.50 -38.25 -83.05
CA ILE F 52 -64.44 -39.43 -83.89
C ILE F 52 -65.32 -39.19 -85.12
N THR F 53 -65.07 -39.97 -86.15
CA THR F 53 -65.74 -39.84 -87.44
C THR F 53 -66.70 -41.01 -87.64
N THR F 54 -67.84 -40.73 -88.26
CA THR F 54 -68.80 -41.75 -88.63
C THR F 54 -68.58 -42.18 -90.08
N ALA F 55 -69.04 -43.39 -90.38
CA ALA F 55 -68.86 -43.98 -91.70
C ALA F 55 -70.23 -44.23 -92.33
N ASN F 56 -70.20 -44.79 -93.55
CA ASN F 56 -71.43 -45.07 -94.29
C ASN F 56 -71.17 -46.27 -95.20
N ARG F 57 -72.26 -46.91 -95.62
CA ARG F 57 -72.20 -48.08 -96.49
C ARG F 57 -73.10 -47.88 -97.70
N ARG F 58 -72.60 -48.29 -98.87
CA ARG F 58 -73.34 -48.18 -100.11
C ARG F 58 -73.16 -49.44 -100.92
N ASP F 59 -74.23 -49.89 -101.58
CA ASP F 59 -74.19 -51.09 -102.40
C ASP F 59 -73.47 -50.81 -103.71
N LEU F 60 -72.76 -51.83 -104.19
CA LEU F 60 -72.05 -51.71 -105.46
C LEU F 60 -73.05 -51.62 -106.62
N ARG F 61 -72.61 -50.96 -107.70
CA ARG F 61 -73.42 -50.78 -108.91
C ARG F 61 -74.73 -50.07 -108.62
N ASP F 62 -74.74 -49.22 -107.60
CA ASP F 62 -75.94 -48.45 -107.27
C ASP F 62 -76.17 -47.37 -108.31
N PRO F 63 -77.41 -47.17 -108.76
CA PRO F 63 -77.67 -46.10 -109.74
C PRO F 63 -77.30 -44.71 -109.23
N ASP F 64 -77.45 -44.46 -107.93
CA ASP F 64 -77.13 -43.17 -107.36
C ASP F 64 -75.68 -43.15 -106.92
N ARG F 65 -74.92 -42.17 -107.41
CA ARG F 65 -73.51 -42.02 -107.06
C ARG F 65 -73.28 -40.99 -105.97
N THR F 66 -74.35 -40.47 -105.37
CA THR F 66 -74.22 -39.47 -104.33
C THR F 66 -73.59 -40.08 -103.07
N VAL F 67 -72.96 -39.22 -102.27
CA VAL F 67 -72.29 -39.63 -101.05
C VAL F 67 -72.79 -38.77 -99.89
N ILE F 68 -72.62 -39.30 -98.69
CA ILE F 68 -73.05 -38.62 -97.47
C ILE F 68 -71.80 -38.23 -96.68
N ALA F 69 -71.66 -36.93 -96.42
CA ALA F 69 -70.51 -36.43 -95.69
C ALA F 69 -70.65 -36.73 -94.19
N SER F 70 -69.50 -36.89 -93.54
CA SER F 70 -69.47 -37.15 -92.11
C SER F 70 -69.33 -35.83 -91.34
N GLU F 71 -69.33 -35.92 -90.02
CA GLU F 71 -69.21 -34.75 -89.16
C GLU F 71 -68.13 -34.98 -88.11
N LEU F 72 -67.36 -33.94 -87.81
CA LEU F 72 -66.28 -33.99 -86.83
C LEU F 72 -66.43 -32.77 -85.91
N VAL F 73 -67.15 -32.96 -84.80
CA VAL F 73 -67.33 -31.92 -83.80
C VAL F 73 -66.66 -32.36 -82.51
N GLU F 74 -65.80 -31.49 -81.98
CA GLU F 74 -65.02 -31.79 -80.78
C GLU F 74 -65.72 -31.19 -79.57
N HIS F 75 -66.32 -32.06 -78.76
CA HIS F 75 -66.92 -31.61 -77.51
C HIS F 75 -65.84 -31.41 -76.44
N SER F 76 -65.96 -30.32 -75.69
CA SER F 76 -64.98 -29.96 -74.69
C SER F 76 -65.69 -29.67 -73.37
N PHE F 77 -64.98 -29.92 -72.27
CA PHE F 77 -65.52 -29.66 -70.93
C PHE F 77 -64.68 -28.58 -70.26
N GLY F 78 -65.02 -28.28 -69.00
CA GLY F 78 -64.33 -27.22 -68.30
C GLY F 78 -64.03 -27.51 -66.84
N VAL F 79 -62.79 -27.25 -66.44
CA VAL F 79 -62.36 -27.41 -65.05
C VAL F 79 -62.27 -26.03 -64.42
N THR F 80 -62.98 -25.84 -63.30
CA THR F 80 -63.11 -24.53 -62.68
C THR F 80 -62.77 -24.61 -61.20
N LEU F 81 -62.07 -23.60 -60.70
CA LEU F 81 -61.79 -23.46 -59.28
C LEU F 81 -62.97 -22.76 -58.60
N ASP F 82 -63.47 -23.35 -57.52
CA ASP F 82 -64.66 -22.81 -56.87
C ASP F 82 -64.60 -22.73 -55.35
N LYS F 83 -63.66 -23.40 -54.69
CA LYS F 83 -63.66 -23.47 -53.24
C LYS F 83 -62.32 -22.99 -52.68
N HIS F 84 -62.35 -22.52 -51.43
CA HIS F 84 -61.19 -21.97 -50.72
C HIS F 84 -61.18 -22.56 -49.31
N VAL F 85 -60.48 -23.67 -49.12
CA VAL F 85 -60.34 -24.26 -47.80
C VAL F 85 -59.41 -23.40 -46.96
N TYR F 86 -59.85 -23.08 -45.74
CA TYR F 86 -59.07 -22.23 -44.84
C TYR F 86 -59.20 -22.74 -43.41
N ALA F 87 -58.25 -22.35 -42.57
CA ALA F 87 -58.28 -22.66 -41.15
C ALA F 87 -57.83 -21.42 -40.38
N ALA F 88 -58.68 -20.94 -39.48
CA ALA F 88 -58.40 -19.75 -38.69
C ALA F 88 -58.32 -20.12 -37.21
N LEU F 89 -57.43 -19.45 -36.49
CA LEU F 89 -57.24 -19.71 -35.07
C LEU F 89 -56.72 -18.45 -34.41
N LYS F 90 -57.30 -18.12 -33.25
CA LYS F 90 -56.92 -16.93 -32.49
C LYS F 90 -56.07 -17.35 -31.30
N PHE F 91 -54.88 -16.75 -31.18
CA PHE F 91 -53.99 -17.04 -30.08
C PHE F 91 -54.55 -16.48 -28.77
N THR F 92 -54.21 -17.14 -27.66
CA THR F 92 -54.72 -16.74 -26.35
C THR F 92 -54.00 -15.50 -25.83
N ASP F 93 -54.45 -14.33 -26.28
CA ASP F 93 -53.99 -13.00 -25.86
C ASP F 93 -52.48 -12.91 -25.65
N GLU F 94 -51.71 -13.60 -26.49
CA GLU F 94 -50.25 -13.57 -26.41
C GLU F 94 -49.71 -14.12 -27.73
N GLN F 95 -48.47 -13.78 -28.03
CA GLN F 95 -47.88 -14.09 -29.33
C GLN F 95 -46.75 -15.10 -29.29
N ARG F 96 -45.96 -15.14 -28.23
CA ARG F 96 -44.70 -15.89 -28.24
C ARG F 96 -44.73 -17.12 -27.33
N THR F 97 -45.03 -16.96 -26.03
CA THR F 97 -44.81 -18.03 -25.07
C THR F 97 -46.07 -18.59 -24.44
N LEU F 98 -47.12 -17.78 -24.28
CA LEU F 98 -48.31 -18.27 -23.59
C LEU F 98 -49.21 -19.10 -24.48
N ASP F 99 -49.01 -19.05 -25.80
CA ASP F 99 -49.85 -19.76 -26.75
C ASP F 99 -49.15 -20.90 -27.46
N ILE F 100 -47.91 -20.69 -27.90
CA ILE F 100 -47.20 -21.64 -28.75
C ILE F 100 -45.91 -22.08 -28.07
N ARG F 101 -45.94 -22.20 -26.74
CA ARG F 101 -44.78 -22.47 -25.90
C ARG F 101 -43.83 -23.52 -26.48
N ASP F 102 -44.35 -24.52 -27.19
CA ASP F 102 -43.52 -25.45 -27.95
C ASP F 102 -43.76 -25.18 -29.44
N TYR F 103 -42.85 -24.45 -30.05
CA TYR F 103 -42.99 -24.07 -31.44
C TYR F 103 -42.87 -25.30 -32.36
N THR F 104 -43.60 -25.24 -33.47
CA THR F 104 -43.66 -26.29 -34.49
C THR F 104 -44.18 -27.62 -33.95
N LYS F 105 -44.73 -27.63 -32.74
CA LYS F 105 -45.33 -28.83 -32.17
C LYS F 105 -46.76 -28.64 -31.71
N GLN F 106 -47.22 -27.42 -31.50
CA GLN F 106 -48.60 -27.14 -31.11
C GLN F 106 -49.15 -26.06 -32.04
N VAL F 107 -50.49 -26.01 -32.11
CA VAL F 107 -51.22 -25.05 -32.95
C VAL F 107 -50.96 -25.33 -34.43
N LEU F 108 -49.69 -25.32 -34.84
CA LEU F 108 -49.36 -25.54 -36.24
C LEU F 108 -49.72 -26.96 -36.67
N MET F 109 -49.32 -27.96 -35.88
CA MET F 109 -49.64 -29.35 -36.23
C MET F 109 -51.14 -29.63 -36.25
N PRO F 110 -51.93 -29.25 -35.23
CA PRO F 110 -53.38 -29.46 -35.35
C PRO F 110 -54.00 -28.72 -36.51
N GLN F 111 -53.55 -27.51 -36.83
CA GLN F 111 -54.10 -26.79 -37.97
C GLN F 111 -53.79 -27.50 -39.27
N VAL F 112 -52.55 -27.98 -39.43
CA VAL F 112 -52.17 -28.71 -40.64
C VAL F 112 -53.00 -29.98 -40.77
N SER F 113 -53.17 -30.70 -39.65
CA SER F 113 -53.96 -31.94 -39.68
C SER F 113 -55.42 -31.64 -40.05
N ALA F 114 -55.98 -30.56 -39.50
CA ALA F 114 -57.36 -30.20 -39.82
C ALA F 114 -57.50 -29.84 -41.30
N VAL F 115 -56.52 -29.09 -41.84
CA VAL F 115 -56.59 -28.73 -43.26
C VAL F 115 -56.48 -29.97 -44.13
N ALA F 116 -55.57 -30.90 -43.78
CA ALA F 116 -55.44 -32.13 -44.55
C ALA F 116 -56.72 -32.95 -44.51
N TYR F 117 -57.34 -33.06 -43.34
CA TYR F 117 -58.59 -33.81 -43.24
C TYR F 117 -59.71 -33.10 -43.99
N GLU F 118 -59.69 -31.76 -44.03
CA GLU F 118 -60.71 -31.05 -44.79
C GLU F 118 -60.56 -31.30 -46.28
N LEU F 119 -59.33 -31.31 -46.79
CA LEU F 119 -59.14 -31.66 -48.21
C LEU F 119 -59.53 -33.11 -48.47
N GLU F 120 -59.23 -34.02 -47.54
CA GLU F 120 -59.63 -35.40 -47.71
C GLU F 120 -61.15 -35.53 -47.75
N ASP F 121 -61.85 -34.79 -46.89
CA ASP F 121 -63.31 -34.79 -46.93
C ASP F 121 -63.83 -34.16 -48.21
N TYR F 122 -63.13 -33.16 -48.74
CA TYR F 122 -63.52 -32.58 -50.03
C TYR F 122 -63.42 -33.60 -51.14
N ILE F 123 -62.32 -34.37 -51.17
CA ILE F 123 -62.17 -35.42 -52.18
C ILE F 123 -63.22 -36.50 -51.99
N ALA F 124 -63.52 -36.85 -50.75
CA ALA F 124 -64.56 -37.84 -50.47
C ALA F 124 -65.92 -37.36 -50.95
N GLU F 125 -66.22 -36.07 -50.73
CA GLU F 125 -67.48 -35.51 -51.23
C GLU F 125 -67.53 -35.53 -52.75
N LEU F 126 -66.39 -35.23 -53.40
CA LEU F 126 -66.32 -35.33 -54.85
C LEU F 126 -66.64 -36.75 -55.31
N ILE F 127 -66.05 -37.74 -54.65
CA ILE F 127 -66.22 -39.13 -55.09
C ILE F 127 -67.66 -39.60 -54.85
N GLU F 128 -68.21 -39.27 -53.68
CA GLU F 128 -69.54 -39.77 -53.33
C GLU F 128 -70.63 -39.04 -54.10
N GLY F 129 -70.49 -37.73 -54.29
CA GLY F 129 -71.51 -36.95 -54.96
C GLY F 129 -71.53 -37.07 -56.46
N ALA F 130 -70.54 -37.73 -57.05
CA ALA F 130 -70.54 -37.96 -58.50
C ALA F 130 -71.70 -38.87 -58.87
N PRO F 131 -72.48 -38.54 -59.90
CA PRO F 131 -73.62 -39.38 -60.25
C PRO F 131 -73.20 -40.74 -60.79
N TYR F 132 -73.45 -41.80 -60.01
CA TYR F 132 -73.09 -43.15 -60.41
C TYR F 132 -74.22 -43.88 -61.12
N GLU F 133 -75.34 -43.21 -61.37
CA GLU F 133 -76.51 -43.81 -61.99
C GLU F 133 -76.98 -45.02 -61.19
N GLU F 134 -76.56 -46.21 -61.59
CA GLU F 134 -76.88 -47.42 -60.87
C GLU F 134 -75.96 -47.59 -59.66
N THR F 135 -76.11 -48.71 -58.96
CA THR F 135 -75.28 -49.00 -57.79
C THR F 135 -75.11 -50.51 -57.70
N ILE F 136 -73.85 -50.96 -57.74
CA ILE F 136 -73.58 -52.39 -57.63
C ILE F 136 -73.79 -52.83 -56.19
N LEU F 137 -74.71 -53.75 -55.97
CA LEU F 137 -75.06 -54.23 -54.64
C LEU F 137 -74.22 -55.47 -54.34
N ILE F 138 -73.23 -55.33 -53.48
CA ILE F 138 -72.33 -56.41 -53.12
C ILE F 138 -72.91 -57.18 -51.94
N ASP F 139 -73.00 -58.51 -52.10
CA ASP F 139 -73.55 -59.37 -51.06
C ASP F 139 -72.42 -59.92 -50.20
N PRO F 140 -72.57 -59.94 -48.88
CA PRO F 140 -71.50 -60.50 -48.03
C PRO F 140 -71.23 -61.97 -48.30
N ALA F 141 -72.21 -62.72 -48.83
CA ALA F 141 -71.99 -64.13 -49.10
C ALA F 141 -70.94 -64.33 -50.18
N ASP F 142 -70.96 -63.50 -51.23
CA ASP F 142 -70.04 -63.65 -52.36
C ASP F 142 -69.67 -62.28 -52.91
N THR F 143 -68.54 -61.75 -52.44
CA THR F 143 -68.05 -60.46 -52.92
C THR F 143 -67.40 -60.57 -54.29
N VAL F 144 -66.76 -61.70 -54.58
CA VAL F 144 -66.08 -61.87 -55.88
C VAL F 144 -67.03 -61.69 -57.05
N PRO F 145 -68.25 -62.26 -57.06
CA PRO F 145 -69.17 -61.94 -58.15
C PRO F 145 -69.49 -60.47 -58.27
N ALA F 146 -69.58 -59.74 -57.15
CA ALA F 146 -69.82 -58.30 -57.23
C ALA F 146 -68.64 -57.58 -57.88
N PHE F 147 -67.41 -57.95 -57.51
CA PHE F 147 -66.26 -57.32 -58.15
C PHE F 147 -66.17 -57.69 -59.62
N ILE F 148 -66.59 -58.90 -59.98
CA ILE F 148 -66.62 -59.30 -61.39
C ILE F 148 -67.67 -58.48 -62.15
N THR F 149 -68.81 -58.21 -61.51
CA THR F 149 -69.80 -57.33 -62.13
C THR F 149 -69.25 -55.93 -62.33
N ALA F 150 -68.49 -55.43 -61.34
CA ALA F 150 -67.85 -54.13 -61.50
C ALA F 150 -66.87 -54.12 -62.66
N ASP F 151 -66.08 -55.19 -62.80
CA ASP F 151 -65.18 -55.31 -63.94
C ASP F 151 -65.95 -55.33 -65.26
N GLN F 152 -67.09 -56.03 -65.29
CA GLN F 152 -67.91 -56.05 -66.49
C GLN F 152 -68.45 -54.67 -66.82
N ARG F 153 -68.88 -53.92 -65.81
CA ARG F 153 -69.35 -52.55 -66.04
C ARG F 153 -68.23 -51.68 -66.60
N MET F 154 -67.01 -51.82 -66.07
CA MET F 154 -65.89 -51.08 -66.62
C MET F 154 -65.60 -51.49 -68.06
N GLY F 155 -65.69 -52.79 -68.36
CA GLY F 155 -65.44 -53.26 -69.70
C GLY F 155 -66.47 -52.80 -70.72
N GLU F 156 -67.72 -52.65 -70.29
CA GLU F 156 -68.78 -52.24 -71.21
C GLU F 156 -68.51 -50.86 -71.79
N ALA F 157 -68.03 -49.94 -70.96
CA ALA F 157 -67.74 -48.57 -71.40
C ALA F 157 -66.41 -48.46 -72.13
N ASN F 158 -65.76 -49.57 -72.46
CA ASN F 158 -64.46 -49.59 -73.14
C ASN F 158 -63.40 -48.85 -72.35
N VAL F 159 -63.50 -48.88 -71.03
CA VAL F 159 -62.50 -48.25 -70.16
C VAL F 159 -61.19 -49.03 -70.26
N PRO F 160 -60.04 -48.36 -70.37
CA PRO F 160 -58.76 -49.09 -70.40
C PRO F 160 -58.57 -49.91 -69.12
N THR F 161 -57.99 -51.10 -69.30
CA THR F 161 -57.80 -52.01 -68.17
C THR F 161 -56.78 -51.44 -67.18
N ASP F 162 -55.73 -50.81 -67.67
CA ASP F 162 -54.69 -50.27 -66.81
C ASP F 162 -55.18 -49.04 -66.06
N SER F 163 -54.48 -48.73 -64.96
CA SER F 163 -54.76 -47.54 -64.14
C SER F 163 -56.21 -47.52 -63.64
N ARG F 164 -56.68 -48.67 -63.18
CA ARG F 164 -57.99 -48.81 -62.54
C ARG F 164 -57.76 -49.02 -61.05
N ARG F 165 -58.17 -48.06 -60.23
CA ARG F 165 -57.94 -48.13 -58.80
C ARG F 165 -59.26 -48.23 -58.05
N LEU F 166 -59.26 -49.06 -57.00
CA LEU F 166 -60.44 -49.30 -56.18
C LEU F 166 -60.13 -48.93 -54.74
N VAL F 167 -61.02 -48.15 -54.13
CA VAL F 167 -60.90 -47.74 -52.73
C VAL F 167 -62.07 -48.32 -51.97
N VAL F 168 -61.77 -49.10 -50.92
CA VAL F 168 -62.78 -49.78 -50.14
C VAL F 168 -62.77 -49.22 -48.72
N GLY F 169 -63.93 -49.30 -48.08
CA GLY F 169 -64.08 -48.85 -46.71
C GLY F 169 -63.76 -49.96 -45.71
N SER F 170 -63.99 -49.64 -44.44
CA SER F 170 -63.75 -50.63 -43.39
C SER F 170 -64.69 -51.81 -43.52
N ALA F 171 -65.97 -51.54 -43.80
CA ALA F 171 -66.94 -52.64 -43.92
C ALA F 171 -66.67 -53.50 -45.13
N VAL F 172 -66.23 -52.89 -46.24
CA VAL F 172 -65.93 -53.68 -47.44
C VAL F 172 -64.77 -54.62 -47.18
N ALA F 173 -63.70 -54.14 -46.55
CA ALA F 173 -62.57 -55.00 -46.21
C ALA F 173 -62.98 -56.07 -45.20
N ALA F 174 -63.83 -55.71 -44.24
CA ALA F 174 -64.30 -56.69 -43.27
C ALA F 174 -65.10 -57.80 -43.95
N ALA F 175 -65.98 -57.42 -44.88
CA ALA F 175 -66.76 -58.42 -45.61
C ALA F 175 -65.87 -59.28 -46.51
N LEU F 176 -64.83 -58.68 -47.10
CA LEU F 176 -63.87 -59.46 -47.88
C LEU F 176 -63.17 -60.49 -47.00
N ALA F 177 -62.81 -60.09 -45.78
CA ALA F 177 -62.22 -61.04 -44.83
C ALA F 177 -63.22 -62.13 -44.45
N LYS F 178 -64.48 -61.77 -44.24
CA LYS F 178 -65.51 -62.75 -43.88
C LYS F 178 -65.82 -63.71 -45.01
N ASP F 179 -65.53 -63.33 -46.25
CA ASP F 179 -65.85 -64.19 -47.39
C ASP F 179 -65.08 -65.51 -47.29
N LYS F 180 -65.81 -66.62 -47.49
CA LYS F 180 -65.19 -67.94 -47.42
C LYS F 180 -64.25 -68.19 -48.60
N GLN F 181 -64.31 -67.38 -49.66
CA GLN F 181 -63.46 -67.58 -50.82
C GLN F 181 -61.99 -67.40 -50.46
N PHE F 182 -61.68 -66.40 -49.65
CA PHE F 182 -60.30 -66.08 -49.30
C PHE F 182 -59.86 -66.67 -47.97
N ARG F 183 -60.79 -66.89 -47.04
CA ARG F 183 -60.43 -67.30 -45.69
C ARG F 183 -59.94 -68.74 -45.66
N HIS F 184 -60.59 -69.64 -46.41
CA HIS F 184 -60.30 -71.06 -46.32
C HIS F 184 -58.91 -71.43 -46.84
N ALA F 185 -58.25 -70.55 -47.58
CA ALA F 185 -56.89 -70.70 -48.08
C ALA F 185 -56.75 -71.81 -49.12
N ASP F 186 -57.80 -72.58 -49.37
CA ASP F 186 -57.82 -73.52 -50.48
C ASP F 186 -58.75 -73.08 -51.60
N TRP F 187 -59.81 -72.33 -51.26
CA TRP F 187 -60.63 -71.70 -52.30
C TRP F 187 -59.92 -70.51 -52.91
N SER F 188 -59.08 -69.82 -52.13
CA SER F 188 -58.28 -68.71 -52.64
C SER F 188 -56.97 -69.16 -53.28
N GLY F 189 -56.57 -70.41 -53.09
CA GLY F 189 -55.36 -70.92 -53.71
C GLY F 189 -54.09 -70.62 -52.93
N ASP F 190 -54.06 -69.49 -52.23
CA ASP F 190 -52.86 -69.10 -51.50
C ASP F 190 -52.66 -70.00 -50.29
N GLN F 191 -51.47 -70.59 -50.18
CA GLN F 191 -51.16 -71.49 -49.07
C GLN F 191 -50.73 -70.74 -47.81
N ALA F 192 -50.44 -69.45 -47.90
CA ALA F 192 -50.04 -68.68 -46.73
C ALA F 192 -51.23 -68.19 -45.90
N ASN F 193 -52.45 -68.27 -46.45
CA ASN F 193 -53.66 -67.85 -45.75
C ASN F 193 -53.57 -66.39 -45.29
N ALA F 194 -53.44 -65.50 -46.29
CA ALA F 194 -53.34 -64.08 -45.99
C ALA F 194 -54.61 -63.54 -45.35
N ALA F 195 -55.76 -64.17 -45.61
CA ALA F 195 -57.02 -63.72 -45.03
C ALA F 195 -57.14 -64.08 -43.55
N LEU F 196 -56.54 -65.20 -43.14
CA LEU F 196 -56.60 -65.65 -41.75
C LEU F 196 -55.36 -65.31 -40.96
N ARG F 197 -54.17 -65.61 -41.50
CA ARG F 197 -52.94 -65.29 -40.80
C ARG F 197 -52.71 -63.79 -40.66
N GLU F 198 -53.31 -63.00 -41.55
CA GLU F 198 -53.18 -61.55 -41.53
C GLU F 198 -54.55 -60.92 -41.79
N ALA F 199 -54.61 -59.60 -41.66
CA ALA F 199 -55.83 -58.85 -41.90
C ALA F 199 -55.79 -58.08 -43.21
N HIS F 200 -54.77 -58.28 -44.04
CA HIS F 200 -54.62 -57.57 -45.30
C HIS F 200 -55.04 -58.50 -46.44
N VAL F 201 -56.08 -58.13 -47.15
CA VAL F 201 -56.57 -58.91 -48.28
C VAL F 201 -55.81 -58.49 -49.54
N GLY F 202 -55.31 -59.48 -50.28
CA GLY F 202 -54.56 -59.20 -51.48
C GLY F 202 -55.44 -58.69 -52.61
N ARG F 203 -54.78 -58.30 -53.69
CA ARG F 203 -55.49 -57.77 -54.85
C ARG F 203 -56.38 -58.82 -55.47
N LEU F 204 -57.61 -58.43 -55.81
CA LEU F 204 -58.58 -59.31 -56.44
C LEU F 204 -59.20 -58.61 -57.63
N ALA F 205 -59.58 -59.42 -58.63
CA ALA F 205 -60.22 -58.92 -59.85
C ALA F 205 -59.34 -57.89 -60.56
N GLY F 206 -58.03 -58.04 -60.46
CA GLY F 206 -57.10 -57.10 -61.08
C GLY F 206 -56.71 -55.91 -60.22
N MET F 207 -57.69 -55.25 -59.63
CA MET F 207 -57.44 -54.06 -58.83
C MET F 207 -56.88 -54.44 -57.46
N ASN F 208 -56.12 -53.52 -56.88
CA ASN F 208 -55.56 -53.69 -55.55
C ASN F 208 -56.55 -53.20 -54.50
N VAL F 209 -56.31 -53.61 -53.25
CA VAL F 209 -57.15 -53.25 -52.12
C VAL F 209 -56.51 -52.09 -51.39
N ILE F 210 -57.24 -50.98 -51.30
CA ILE F 210 -56.79 -49.78 -50.59
C ILE F 210 -57.84 -49.44 -49.54
N ARG F 211 -57.40 -49.31 -48.29
CA ARG F 211 -58.31 -49.05 -47.17
C ARG F 211 -58.39 -47.55 -46.91
N SER F 212 -59.62 -47.05 -46.80
CA SER F 212 -59.85 -45.64 -46.53
C SER F 212 -61.07 -45.50 -45.63
N ASN F 213 -60.87 -44.95 -44.44
CA ASN F 213 -61.96 -44.74 -43.48
C ASN F 213 -62.69 -43.43 -43.69
N ALA F 214 -62.18 -42.53 -44.53
CA ALA F 214 -62.86 -41.27 -44.78
C ALA F 214 -64.20 -41.49 -45.48
N ILE F 215 -64.23 -42.39 -46.45
CA ILE F 215 -65.47 -42.71 -47.17
C ILE F 215 -66.39 -43.50 -46.26
N ALA F 216 -67.64 -43.66 -46.67
CA ALA F 216 -68.58 -44.46 -45.88
C ALA F 216 -68.10 -45.89 -45.79
N PRO F 217 -68.22 -46.53 -44.62
CA PRO F 217 -67.70 -47.91 -44.48
C PRO F 217 -68.32 -48.90 -45.45
N ASP F 218 -69.61 -48.77 -45.73
CA ASP F 218 -70.31 -49.71 -46.60
C ASP F 218 -70.23 -49.32 -48.07
N LYS F 219 -69.51 -48.26 -48.41
CA LYS F 219 -69.38 -47.81 -49.78
C LYS F 219 -67.97 -48.04 -50.28
N ALA F 220 -67.85 -48.68 -51.44
CA ALA F 220 -66.57 -48.86 -52.14
C ALA F 220 -66.68 -48.21 -53.51
N TYR F 221 -65.58 -47.63 -53.98
CA TYR F 221 -65.59 -46.90 -55.25
C TYR F 221 -64.44 -47.37 -56.12
N LEU F 222 -64.76 -47.87 -57.31
CA LEU F 222 -63.76 -48.32 -58.27
C LEU F 222 -63.80 -47.39 -59.47
N TRP F 223 -62.68 -46.72 -59.76
CA TRP F 223 -62.64 -45.75 -60.83
C TRP F 223 -61.33 -45.85 -61.60
N HIS F 224 -61.41 -45.52 -62.88
CA HIS F 224 -60.21 -45.42 -63.71
C HIS F 224 -59.45 -44.14 -63.37
N ARG F 225 -58.20 -44.08 -63.83
CA ARG F 225 -57.39 -42.89 -63.59
C ARG F 225 -58.03 -41.65 -64.21
N THR F 226 -58.70 -41.80 -65.35
CA THR F 226 -59.37 -40.67 -66.01
C THR F 226 -60.84 -40.60 -65.58
N ALA F 227 -61.04 -40.35 -64.29
CA ALA F 227 -62.39 -40.26 -63.74
C ALA F 227 -62.66 -38.94 -63.03
N PHE F 228 -61.69 -38.41 -62.27
CA PHE F 228 -61.89 -37.20 -61.48
C PHE F 228 -60.75 -36.24 -61.73
N ILE F 229 -61.01 -34.95 -61.52
CA ILE F 229 -60.01 -33.90 -61.64
C ILE F 229 -60.03 -33.07 -60.36
N LEU F 230 -58.88 -33.03 -59.68
CA LEU F 230 -58.70 -32.20 -58.50
C LEU F 230 -57.63 -31.15 -58.81
N ALA F 231 -57.96 -29.89 -58.60
CA ALA F 231 -57.03 -28.78 -58.83
C ALA F 231 -56.67 -28.15 -57.51
N TYR F 232 -55.37 -28.03 -57.23
CA TYR F 232 -54.87 -27.44 -56.00
C TYR F 232 -53.94 -26.29 -56.33
N ARG F 233 -54.19 -25.13 -55.71
CA ARG F 233 -53.40 -23.93 -55.93
C ARG F 233 -52.93 -23.40 -54.58
N THR F 234 -51.62 -23.22 -54.44
CA THR F 234 -51.06 -22.63 -53.23
C THR F 234 -51.10 -21.11 -53.35
N PRO F 235 -51.83 -20.41 -52.49
CA PRO F 235 -51.87 -18.95 -52.59
C PRO F 235 -50.49 -18.34 -52.38
N VAL F 236 -50.21 -17.27 -53.12
CA VAL F 236 -48.94 -16.59 -52.98
C VAL F 236 -48.90 -15.86 -51.64
N VAL F 237 -47.70 -15.72 -51.09
CA VAL F 237 -47.52 -15.07 -49.79
C VAL F 237 -47.89 -13.60 -49.92
N PRO F 238 -48.82 -13.10 -49.12
CA PRO F 238 -49.19 -11.67 -49.21
C PRO F 238 -48.05 -10.79 -48.73
N GLU F 239 -47.73 -9.77 -49.52
CA GLU F 239 -46.67 -8.84 -49.14
C GLU F 239 -47.08 -7.97 -47.96
N GLY F 240 -48.37 -7.87 -47.65
CA GLY F 240 -48.86 -7.08 -46.55
C GLY F 240 -48.94 -7.78 -45.22
N ALA F 241 -48.58 -9.06 -45.15
CA ALA F 241 -48.67 -9.84 -43.92
C ALA F 241 -47.31 -9.87 -43.23
N LYS F 242 -47.31 -9.56 -41.93
CA LYS F 242 -46.05 -9.58 -41.18
C LYS F 242 -45.51 -10.99 -41.00
N ALA F 243 -46.38 -12.00 -41.09
CA ALA F 243 -45.98 -13.39 -40.98
C ALA F 243 -45.97 -14.02 -42.37
N GLY F 244 -45.71 -15.33 -42.43
CA GLY F 244 -45.69 -16.03 -43.70
C GLY F 244 -44.98 -17.36 -43.61
N ALA F 245 -45.54 -18.38 -44.28
CA ALA F 245 -44.96 -19.71 -44.30
C ALA F 245 -45.43 -20.44 -45.54
N SER F 246 -44.70 -21.49 -45.90
CA SER F 246 -45.01 -22.32 -47.07
C SER F 246 -44.93 -23.79 -46.70
N PHE F 247 -45.51 -24.15 -45.55
CA PHE F 247 -45.49 -25.54 -45.11
C PHE F 247 -46.38 -26.39 -46.01
N SER F 248 -45.86 -27.54 -46.42
CA SER F 248 -46.61 -28.46 -47.25
C SER F 248 -47.49 -29.37 -46.40
N ALA F 249 -48.34 -30.14 -47.07
CA ALA F 249 -49.24 -31.06 -46.39
C ALA F 249 -49.50 -32.25 -47.31
N ASN F 250 -48.82 -33.36 -47.05
CA ASN F 250 -48.98 -34.64 -47.75
C ASN F 250 -49.19 -34.46 -49.25
N GLY F 251 -48.31 -33.66 -49.86
CA GLY F 251 -48.26 -33.49 -51.30
C GLY F 251 -48.79 -32.17 -51.82
N VAL F 252 -49.54 -31.43 -51.00
CA VAL F 252 -50.07 -30.13 -51.39
C VAL F 252 -49.59 -29.08 -50.40
N ALA F 253 -49.11 -27.95 -50.93
CA ALA F 253 -48.60 -26.87 -50.09
C ALA F 253 -49.74 -26.03 -49.55
N LEU F 254 -49.48 -25.36 -48.42
CA LEU F 254 -50.46 -24.52 -47.77
C LEU F 254 -49.87 -23.14 -47.53
N ARG F 255 -50.73 -22.12 -47.53
CA ARG F 255 -50.32 -20.75 -47.29
C ARG F 255 -50.71 -20.36 -45.87
N TRP F 256 -49.72 -19.98 -45.06
CA TRP F 256 -49.93 -19.59 -43.68
C TRP F 256 -49.62 -18.11 -43.51
N LEU F 257 -50.55 -17.36 -42.93
CA LEU F 257 -50.36 -15.94 -42.69
C LEU F 257 -50.95 -15.57 -41.33
N ALA F 258 -50.37 -14.53 -40.73
CA ALA F 258 -50.87 -13.96 -39.48
C ALA F 258 -50.49 -12.47 -39.48
N ASP F 259 -51.45 -11.63 -39.88
CA ASP F 259 -51.21 -10.20 -40.00
C ASP F 259 -51.36 -9.44 -38.68
N TYR F 260 -51.80 -10.11 -37.61
CA TYR F 260 -51.97 -9.49 -36.29
C TYR F 260 -52.92 -8.30 -36.37
N ASP F 261 -54.18 -8.63 -36.68
CA ASP F 261 -55.24 -7.62 -36.75
C ASP F 261 -55.30 -6.82 -35.46
N TYR F 262 -55.06 -5.52 -35.56
CA TYR F 262 -54.89 -4.67 -34.39
C TYR F 262 -56.19 -4.21 -33.76
N SER F 263 -57.34 -4.44 -34.41
CA SER F 263 -58.59 -3.89 -33.92
C SER F 263 -58.97 -4.44 -32.55
N GLN F 264 -59.31 -5.72 -32.48
CA GLN F 264 -59.58 -6.39 -31.19
C GLN F 264 -58.37 -7.19 -30.73
N LEU F 265 -57.18 -6.57 -30.74
CA LEU F 265 -55.93 -7.23 -30.38
C LEU F 265 -55.84 -8.63 -31.01
N GLY F 266 -56.30 -8.76 -32.25
CA GLY F 266 -56.49 -10.08 -32.84
C GLY F 266 -55.20 -10.69 -33.33
N ASP F 267 -54.93 -11.92 -32.89
CA ASP F 267 -53.81 -12.72 -33.38
C ASP F 267 -54.30 -13.80 -34.35
N ARG F 268 -55.33 -13.49 -35.14
CA ARG F 268 -55.93 -14.49 -36.02
C ARG F 268 -54.93 -14.99 -37.05
N THR F 269 -54.88 -16.31 -37.22
CA THR F 269 -54.05 -16.93 -38.23
C THR F 269 -54.91 -17.41 -39.39
N LEU F 270 -54.25 -17.84 -40.46
CA LEU F 270 -54.95 -18.28 -41.66
C LEU F 270 -54.08 -19.29 -42.40
N LEU F 271 -54.50 -20.55 -42.42
CA LEU F 271 -53.86 -21.61 -43.20
C LEU F 271 -54.84 -21.99 -44.30
N ASP F 272 -54.53 -21.60 -45.53
CA ASP F 272 -55.49 -21.68 -46.63
C ASP F 272 -54.82 -22.22 -47.90
N VAL F 273 -55.66 -22.76 -48.78
CA VAL F 273 -55.23 -23.29 -50.07
C VAL F 273 -56.47 -23.38 -50.95
N PHE F 274 -56.29 -23.15 -52.25
CA PHE F 274 -57.41 -23.17 -53.20
C PHE F 274 -57.61 -24.57 -53.74
N THR F 275 -58.85 -25.05 -53.71
CA THR F 275 -59.19 -26.38 -54.20
C THR F 275 -60.36 -26.28 -55.19
N GLY F 276 -60.31 -27.13 -56.20
CA GLY F 276 -61.35 -27.14 -57.23
C GLY F 276 -61.62 -28.56 -57.68
N ARG F 277 -62.90 -28.80 -58.00
CA ARG F 277 -63.40 -30.13 -58.31
C ARG F 277 -63.88 -30.21 -59.75
N LYS F 278 -63.75 -31.40 -60.34
CA LYS F 278 -64.30 -31.65 -61.66
C LYS F 278 -64.56 -33.14 -61.83
N VAL F 279 -65.71 -33.47 -62.43
CA VAL F 279 -66.08 -34.84 -62.73
C VAL F 279 -66.05 -35.02 -64.25
N VAL F 280 -65.30 -36.00 -64.72
CA VAL F 280 -65.11 -36.22 -66.14
C VAL F 280 -66.34 -36.95 -66.69
N THR F 281 -67.11 -36.26 -67.54
CA THR F 281 -68.29 -36.83 -68.17
C THR F 281 -67.97 -37.16 -69.63
N GLU F 282 -68.99 -37.58 -70.37
CA GLU F 282 -68.84 -37.92 -71.78
C GLU F 282 -69.34 -36.77 -72.65
N VAL F 283 -69.33 -36.99 -73.97
CA VAL F 283 -69.75 -35.96 -74.90
C VAL F 283 -71.24 -35.67 -74.74
N ASP F 284 -72.06 -36.71 -74.57
CA ASP F 284 -73.48 -36.52 -74.29
C ASP F 284 -73.78 -36.41 -72.81
N GLY F 285 -72.87 -36.88 -71.96
CA GLY F 285 -73.06 -36.84 -70.52
C GLY F 285 -73.46 -38.17 -69.95
N SER F 286 -72.49 -38.92 -69.42
CA SER F 286 -72.74 -40.22 -68.81
C SER F 286 -71.51 -40.60 -68.00
N PHE F 287 -71.66 -40.71 -66.69
CA PHE F 287 -70.54 -41.08 -65.81
C PHE F 287 -70.44 -42.60 -65.77
N VAL F 288 -69.85 -43.16 -66.83
CA VAL F 288 -69.66 -44.60 -66.94
C VAL F 288 -68.21 -45.01 -66.68
N ARG F 289 -67.39 -44.09 -66.20
CA ARG F 289 -65.97 -44.35 -65.94
C ARG F 289 -65.71 -44.80 -64.51
N ALA F 290 -66.75 -44.90 -63.68
CA ALA F 290 -66.57 -45.32 -62.30
C ALA F 290 -67.80 -46.09 -61.84
N VAL F 291 -67.62 -46.94 -60.83
CA VAL F 291 -68.68 -47.75 -60.27
C VAL F 291 -68.60 -47.70 -58.75
N GLU F 292 -69.75 -47.96 -58.12
CA GLU F 292 -69.87 -47.95 -56.67
C GLU F 292 -70.47 -49.27 -56.20
N LEU F 293 -69.99 -49.73 -55.05
CA LEU F 293 -70.44 -50.97 -54.42
C LEU F 293 -70.98 -50.67 -53.05
N GLN F 294 -72.20 -51.14 -52.79
CA GLN F 294 -72.89 -50.94 -51.52
C GLN F 294 -73.26 -52.28 -50.94
N LEU F 295 -72.99 -52.48 -49.66
CA LEU F 295 -73.25 -53.76 -49.01
C LEU F 295 -74.73 -54.06 -48.96
N GLN F 296 -75.09 -55.33 -49.19
CA GLN F 296 -76.47 -55.78 -49.15
C GLN F 296 -76.84 -56.14 -47.71
N ALA F 297 -77.19 -55.11 -46.94
CA ALA F 297 -77.60 -55.33 -45.56
C ALA F 297 -78.94 -56.07 -45.53
N SER F 298 -79.02 -57.09 -44.68
CA SER F 298 -80.22 -57.92 -44.58
C SER F 298 -80.82 -57.98 -43.17
N SER F 299 -80.07 -57.60 -42.14
CA SER F 299 -80.57 -57.64 -40.79
C SER F 299 -79.96 -56.49 -39.99
N ILE F 300 -80.77 -55.89 -39.10
CA ILE F 300 -80.34 -54.81 -38.24
C ILE F 300 -80.71 -55.14 -36.81
N THR F 301 -80.02 -54.50 -35.86
CA THR F 301 -80.30 -54.68 -34.45
C THR F 301 -79.75 -53.49 -33.68
N ILE F 302 -80.42 -53.15 -32.59
CA ILE F 302 -80.01 -52.05 -31.74
C ILE F 302 -78.94 -52.54 -30.78
N VAL F 303 -77.80 -51.83 -30.75
CA VAL F 303 -76.68 -52.24 -29.92
C VAL F 303 -77.04 -52.10 -28.44
N GLY F 304 -76.45 -52.96 -27.63
CA GLY F 304 -76.65 -52.94 -26.20
C GLY F 304 -77.82 -53.77 -25.70
N GLY F 305 -78.66 -54.30 -26.60
CA GLY F 305 -79.79 -55.09 -26.17
C GLY F 305 -80.75 -54.27 -25.33
N ALA F 306 -81.33 -54.92 -24.32
CA ALA F 306 -82.24 -54.24 -23.41
C ALA F 306 -81.45 -53.30 -22.50
N PHE F 307 -82.04 -52.13 -22.21
CA PHE F 307 -81.43 -51.15 -21.35
C PHE F 307 -82.51 -50.42 -20.58
N ALA F 308 -82.16 -49.89 -19.41
CA ALA F 308 -83.13 -49.13 -18.61
C ALA F 308 -83.27 -47.71 -19.16
N LEU F 309 -82.20 -46.93 -19.07
CA LEU F 309 -81.99 -45.63 -19.70
C LEU F 309 -80.85 -44.95 -18.96
N ALA F 310 -81.14 -43.88 -18.22
CA ALA F 310 -80.21 -43.29 -17.27
C ALA F 310 -80.92 -43.04 -15.95
N THR F 311 -82.18 -42.62 -16.03
CA THR F 311 -83.01 -42.27 -14.88
C THR F 311 -84.43 -42.05 -15.39
N THR F 312 -85.31 -41.59 -14.50
CA THR F 312 -86.69 -41.34 -14.90
C THR F 312 -86.82 -40.11 -15.78
N THR F 313 -85.85 -39.21 -15.77
CA THR F 313 -85.90 -37.96 -16.54
C THR F 313 -84.57 -37.73 -17.25
N GLY F 314 -84.06 -38.77 -17.91
CA GLY F 314 -82.81 -38.70 -18.62
C GLY F 314 -82.96 -38.85 -20.11
N THR F 315 -81.81 -38.94 -20.80
CA THR F 315 -81.76 -39.13 -22.23
C THR F 315 -80.76 -40.23 -22.56
N LYS F 316 -80.97 -40.87 -23.70
CA LYS F 316 -80.09 -41.94 -24.16
C LYS F 316 -80.03 -41.92 -25.67
N GLN F 317 -78.82 -41.80 -26.22
CA GLN F 317 -78.62 -41.79 -27.67
C GLN F 317 -78.57 -43.23 -28.16
N LEU F 318 -79.68 -43.72 -28.69
CA LEU F 318 -79.75 -45.09 -29.18
C LEU F 318 -78.95 -45.24 -30.46
N LYS F 319 -78.29 -46.38 -30.60
CA LYS F 319 -77.49 -46.69 -31.78
C LYS F 319 -77.91 -48.04 -32.34
N VAL F 320 -77.96 -48.13 -33.67
CA VAL F 320 -78.38 -49.34 -34.37
C VAL F 320 -77.29 -49.73 -35.36
N ARG F 321 -77.00 -51.03 -35.42
CA ARG F 321 -75.98 -51.58 -36.30
C ARG F 321 -76.57 -52.72 -37.11
N ASP F 322 -76.15 -52.84 -38.37
CA ASP F 322 -76.64 -53.89 -39.23
C ASP F 322 -75.93 -55.21 -38.91
N ASP F 323 -76.30 -56.26 -39.65
CA ASP F 323 -75.64 -57.56 -39.47
C ASP F 323 -74.19 -57.50 -39.88
N ASN F 324 -73.87 -56.74 -40.93
CA ASN F 324 -72.49 -56.63 -41.40
C ASN F 324 -71.61 -55.92 -40.38
N GLY F 325 -72.17 -55.00 -39.61
CA GLY F 325 -71.40 -54.29 -38.61
C GLY F 325 -71.10 -52.84 -38.96
N THR F 326 -72.09 -52.15 -39.54
CA THR F 326 -71.94 -50.77 -39.95
C THR F 326 -72.92 -49.90 -39.19
N ASP F 327 -72.50 -48.68 -38.86
CA ASP F 327 -73.37 -47.72 -38.20
C ASP F 327 -74.35 -47.14 -39.21
N VAL F 328 -75.65 -47.23 -38.89
CA VAL F 328 -76.69 -46.74 -39.78
C VAL F 328 -77.65 -45.84 -39.01
N THR F 329 -77.16 -45.26 -37.91
CA THR F 329 -78.01 -44.42 -37.06
C THR F 329 -78.53 -43.22 -37.82
N ALA F 330 -77.70 -42.61 -38.67
CA ALA F 330 -78.13 -41.42 -39.41
C ALA F 330 -79.25 -41.76 -40.39
N ARG F 331 -79.19 -42.93 -41.03
CA ARG F 331 -80.14 -43.30 -42.08
C ARG F 331 -81.19 -44.28 -41.58
N CYS F 332 -81.54 -44.23 -40.30
CA CYS F 332 -82.57 -45.09 -39.72
C CYS F 332 -83.66 -44.23 -39.09
N THR F 333 -84.90 -44.71 -39.17
CA THR F 333 -86.02 -44.03 -38.54
C THR F 333 -86.44 -44.77 -37.27
N PHE F 334 -86.96 -44.01 -36.30
CA PHE F 334 -87.33 -44.56 -35.01
C PHE F 334 -88.78 -44.20 -34.71
N ALA F 335 -89.54 -45.19 -34.23
CA ALA F 335 -90.94 -45.01 -33.87
C ALA F 335 -91.16 -45.54 -32.46
N SER F 336 -92.05 -44.87 -31.72
CA SER F 336 -92.40 -45.25 -30.36
C SER F 336 -93.87 -45.67 -30.33
N SER F 337 -94.13 -46.90 -29.87
CA SER F 337 -95.49 -47.36 -29.68
C SER F 337 -96.08 -46.90 -28.35
N ALA F 338 -95.28 -46.29 -27.49
CA ALA F 338 -95.68 -45.79 -26.18
C ALA F 338 -95.17 -44.36 -25.99
N GLY F 339 -95.42 -43.51 -26.99
CA GLY F 339 -94.84 -42.19 -27.01
C GLY F 339 -95.08 -41.39 -25.74
N THR F 340 -96.25 -41.57 -25.13
CA THR F 340 -96.52 -40.92 -23.84
C THR F 340 -95.62 -41.49 -22.76
N LYS F 341 -95.35 -42.79 -22.79
CA LYS F 341 -94.47 -43.39 -21.79
C LYS F 341 -93.01 -43.04 -22.05
N ALA F 342 -92.57 -43.11 -23.31
CA ALA F 342 -91.20 -42.82 -23.68
C ALA F 342 -91.19 -41.98 -24.95
N THR F 343 -90.39 -40.92 -24.95
CA THR F 343 -90.30 -40.00 -26.08
C THR F 343 -88.98 -40.24 -26.81
N VAL F 344 -89.06 -40.44 -28.13
CA VAL F 344 -87.89 -40.69 -28.96
C VAL F 344 -87.75 -39.57 -29.97
N SER F 345 -86.51 -39.24 -30.31
CA SER F 345 -86.21 -38.17 -31.24
C SER F 345 -85.98 -38.75 -32.64
N ALA F 346 -85.77 -37.84 -33.61
CA ALA F 346 -85.53 -38.27 -34.98
C ALA F 346 -84.22 -39.06 -35.11
N ALA F 347 -83.17 -38.60 -34.41
CA ALA F 347 -81.87 -39.24 -34.49
C ALA F 347 -81.74 -40.46 -33.57
N GLY F 348 -82.78 -40.76 -32.78
CA GLY F 348 -82.74 -41.89 -31.87
C GLY F 348 -82.47 -41.53 -30.42
N LEU F 349 -82.38 -40.25 -30.09
CA LEU F 349 -82.15 -39.81 -28.72
C LEU F 349 -83.46 -39.96 -27.95
N VAL F 350 -83.63 -41.11 -27.31
CA VAL F 350 -84.85 -41.37 -26.56
C VAL F 350 -84.77 -40.67 -25.20
N THR F 351 -85.81 -39.92 -24.86
CA THR F 351 -85.88 -39.17 -23.62
C THR F 351 -86.95 -39.77 -22.72
N GLY F 352 -86.60 -40.00 -21.46
CA GLY F 352 -87.55 -40.55 -20.50
C GLY F 352 -88.42 -39.50 -19.87
N VAL F 353 -89.73 -39.54 -20.18
CA VAL F 353 -90.67 -38.60 -19.61
C VAL F 353 -91.53 -39.21 -18.52
N ALA F 354 -91.86 -40.50 -18.62
CA ALA F 354 -92.65 -41.19 -17.62
C ALA F 354 -91.99 -42.52 -17.30
N ALA F 355 -91.87 -42.84 -16.00
CA ALA F 355 -91.29 -44.11 -15.59
C ALA F 355 -92.24 -45.26 -15.95
N GLY F 356 -91.65 -46.35 -16.40
CA GLY F 356 -92.44 -47.51 -16.79
C GLY F 356 -91.69 -48.35 -17.80
N THR F 357 -92.44 -49.07 -18.64
CA THR F 357 -91.88 -49.93 -19.66
C THR F 357 -92.49 -49.57 -21.00
N ALA F 358 -91.65 -49.42 -22.02
CA ALA F 358 -92.09 -49.06 -23.36
C ALA F 358 -91.27 -49.84 -24.38
N ASP F 359 -91.59 -49.64 -25.66
CA ASP F 359 -90.87 -50.28 -26.76
C ASP F 359 -90.55 -49.24 -27.82
N ILE F 360 -89.41 -49.41 -28.48
CA ILE F 360 -89.02 -48.54 -29.60
C ILE F 360 -88.66 -49.43 -30.78
N THR F 361 -89.22 -49.11 -31.95
CA THR F 361 -88.97 -49.86 -33.17
C THR F 361 -88.15 -49.01 -34.13
N ALA F 362 -87.00 -49.54 -34.56
CA ALA F 362 -86.13 -48.88 -35.51
C ALA F 362 -86.27 -49.56 -36.86
N SER F 363 -86.54 -48.76 -37.89
CA SER F 363 -86.71 -49.24 -39.26
C SER F 363 -85.60 -48.68 -40.13
N TYR F 364 -85.06 -49.53 -40.99
CA TYR F 364 -83.97 -49.18 -41.90
C TYR F 364 -84.33 -49.65 -43.30
N VAL F 365 -84.26 -48.75 -44.28
CA VAL F 365 -84.52 -49.13 -45.67
C VAL F 365 -83.36 -49.95 -46.18
N PRO F 366 -83.59 -51.12 -46.78
CA PRO F 366 -82.49 -51.95 -47.28
C PRO F 366 -81.90 -51.34 -48.54
N PRO F 367 -80.57 -51.39 -48.69
CA PRO F 367 -79.96 -50.92 -49.94
C PRO F 367 -80.45 -51.70 -51.16
N GLN F 368 -80.71 -53.00 -51.02
CA GLN F 368 -81.20 -53.79 -52.14
C GLN F 368 -82.63 -53.43 -52.52
N GLY F 369 -83.37 -52.77 -51.63
CA GLY F 369 -84.74 -52.40 -51.91
C GLY F 369 -85.73 -53.39 -51.33
N GLY F 370 -86.98 -52.94 -51.23
CA GLY F 370 -88.04 -53.76 -50.69
C GLY F 370 -88.55 -53.26 -49.35
N THR F 371 -89.06 -54.18 -48.52
CA THR F 371 -89.55 -53.81 -47.20
C THR F 371 -88.40 -53.41 -46.29
N ALA F 372 -88.66 -52.42 -45.44
CA ALA F 372 -87.65 -51.92 -44.51
C ALA F 372 -87.50 -52.89 -43.34
N LYS F 373 -86.25 -53.21 -43.00
CA LYS F 373 -85.99 -54.10 -41.87
C LYS F 373 -86.28 -53.37 -40.56
N THR F 374 -87.04 -54.03 -39.68
CA THR F 374 -87.46 -53.43 -38.43
C THR F 374 -86.96 -54.26 -37.25
N ALA F 375 -86.57 -53.57 -36.18
CA ALA F 375 -86.13 -54.22 -34.96
C ALA F 375 -86.69 -53.46 -33.77
N THR F 376 -87.32 -54.19 -32.85
CA THR F 376 -87.98 -53.59 -31.69
C THR F 376 -87.20 -53.94 -30.43
N VAL F 377 -86.94 -52.93 -29.59
CA VAL F 377 -86.21 -53.09 -28.35
C VAL F 377 -87.01 -52.46 -27.22
N THR F 378 -87.14 -53.18 -26.11
CA THR F 378 -87.85 -52.66 -24.95
C THR F 378 -86.96 -51.72 -24.14
N VAL F 379 -87.61 -50.85 -23.36
CA VAL F 379 -86.94 -49.88 -22.50
C VAL F 379 -87.68 -49.85 -21.17
N THR F 380 -86.93 -49.74 -20.08
CA THR F 380 -87.49 -49.69 -18.73
C THR F 380 -87.01 -48.39 -18.07
N VAL F 381 -87.79 -47.33 -18.25
CA VAL F 381 -87.44 -46.03 -17.70
C VAL F 381 -87.68 -46.05 -16.19
N PRO F 382 -86.66 -45.79 -15.37
CA PRO F 382 -86.75 -45.82 -13.91
C PRO F 382 -87.64 -44.71 -13.35
N ILE G 4 39.71 -35.17 100.59
CA ILE G 4 38.49 -34.92 99.84
C ILE G 4 38.80 -34.17 98.55
N PHE G 5 38.55 -34.82 97.42
CA PHE G 5 38.78 -34.23 96.10
C PHE G 5 37.44 -34.05 95.41
N VAL G 6 37.16 -32.82 94.96
CA VAL G 6 35.93 -32.57 94.21
C VAL G 6 36.06 -33.14 92.81
N LYS G 7 35.00 -33.80 92.35
CA LYS G 7 35.03 -34.50 91.07
C LYS G 7 33.81 -34.11 90.23
N PRO G 8 33.93 -34.17 88.91
CA PRO G 8 32.79 -33.85 88.05
C PRO G 8 31.71 -34.91 88.09
N GLU G 9 30.66 -34.75 87.30
CA GLU G 9 29.61 -35.74 87.14
C GLU G 9 29.71 -36.40 85.76
N LEU G 10 29.25 -37.64 85.69
CA LEU G 10 29.26 -38.41 84.45
C LEU G 10 27.86 -38.93 84.16
N VAL G 11 27.33 -38.59 82.99
CA VAL G 11 26.05 -39.09 82.52
C VAL G 11 26.29 -39.64 81.13
N ALA G 12 26.54 -40.95 81.05
CA ALA G 12 26.77 -41.62 79.78
C ALA G 12 25.44 -42.11 79.20
N GLU G 13 25.48 -42.49 77.92
CA GLU G 13 24.30 -42.98 77.20
C GLU G 13 24.67 -44.31 76.53
N ILE G 14 24.55 -45.40 77.28
CA ILE G 14 24.74 -46.74 76.73
C ILE G 14 23.44 -47.16 76.05
N GLY G 15 23.50 -48.23 75.25
CA GLY G 15 22.35 -48.63 74.47
C GLY G 15 21.22 -49.25 75.28
N VAL G 16 20.57 -48.43 76.10
CA VAL G 16 19.37 -48.82 76.83
C VAL G 16 18.23 -47.96 76.28
N LYS G 17 17.41 -48.57 75.43
CA LYS G 17 16.30 -47.85 74.77
C LYS G 17 14.99 -48.20 75.46
N GLN G 18 14.16 -47.18 75.66
CA GLN G 18 12.84 -47.40 76.24
C GLN G 18 11.99 -48.23 75.28
N LEU G 19 11.28 -49.20 75.85
CA LEU G 19 10.46 -50.09 75.03
C LEU G 19 9.32 -49.31 74.38
N GLN G 20 9.12 -49.58 73.09
CA GLN G 20 8.10 -48.88 72.30
C GLN G 20 7.37 -49.90 71.44
N ARG G 21 6.33 -49.44 70.75
CA ARG G 21 5.53 -50.31 69.91
C ARG G 21 6.23 -50.52 68.56
N GLU G 22 5.58 -51.30 67.69
CA GLU G 22 6.10 -51.62 66.37
C GLU G 22 5.09 -51.21 65.32
N ILE G 23 5.56 -50.51 64.29
CA ILE G 23 4.69 -50.04 63.21
C ILE G 23 4.52 -51.15 62.19
N VAL G 24 3.46 -51.94 62.35
CA VAL G 24 3.12 -53.01 61.41
C VAL G 24 1.74 -52.80 60.80
N LEU G 25 0.77 -52.34 61.58
CA LEU G 25 -0.58 -52.11 61.05
C LEU G 25 -0.62 -51.13 59.91
N PRO G 26 0.05 -49.97 59.94
CA PRO G 26 0.05 -49.09 58.76
C PRO G 26 0.65 -49.78 57.55
N GLY G 27 0.09 -49.47 56.38
CA GLY G 27 0.50 -50.09 55.14
C GLY G 27 -0.29 -51.32 54.75
N LEU G 28 -1.17 -51.80 55.63
CA LEU G 28 -2.02 -52.96 55.34
C LEU G 28 -3.48 -52.56 55.14
N VAL G 29 -3.76 -51.27 54.94
CA VAL G 29 -5.12 -50.78 54.74
C VAL G 29 -5.16 -49.94 53.48
N TRP G 30 -6.36 -49.78 52.94
CA TRP G 30 -6.57 -49.02 51.71
C TRP G 30 -6.55 -47.53 52.05
N THR G 31 -5.42 -46.88 51.79
CA THR G 31 -5.26 -45.46 52.06
C THR G 31 -5.59 -44.66 50.81
N ASN G 32 -6.37 -43.59 50.98
CA ASN G 32 -6.80 -42.75 49.87
C ASN G 32 -6.42 -41.30 50.16
N PRO G 33 -5.74 -40.63 49.24
CA PRO G 33 -5.44 -39.20 49.44
C PRO G 33 -6.69 -38.35 49.35
N LEU G 34 -6.62 -37.20 50.02
CA LEU G 34 -7.72 -36.24 50.05
C LEU G 34 -9.02 -36.86 50.56
N ASP G 43 -12.46 -32.05 51.17
CA ASP G 43 -13.78 -32.09 51.80
C ASP G 43 -14.19 -33.52 52.12
N THR G 44 -14.62 -34.24 51.08
CA THR G 44 -15.05 -35.62 51.25
C THR G 44 -14.79 -36.38 49.96
N ILE G 45 -14.73 -37.71 50.08
CA ILE G 45 -14.47 -38.59 48.95
C ILE G 45 -15.63 -39.58 48.85
N THR G 46 -16.24 -39.66 47.67
CA THR G 46 -17.34 -40.55 47.40
C THR G 46 -16.89 -41.66 46.45
N VAL G 47 -17.23 -42.90 46.78
CA VAL G 47 -16.84 -44.07 45.99
C VAL G 47 -18.11 -44.69 45.41
N ARG G 48 -18.12 -44.87 44.09
CA ARG G 48 -19.29 -45.39 43.41
C ARG G 48 -19.42 -46.91 43.58
N VAL G 49 -20.65 -47.36 43.75
CA VAL G 49 -20.97 -48.78 43.88
C VAL G 49 -21.59 -49.25 42.57
N PRO G 50 -20.92 -50.12 41.80
CA PRO G 50 -21.53 -50.63 40.57
C PRO G 50 -22.77 -51.46 40.85
N ALA G 51 -23.72 -51.40 39.94
CA ALA G 51 -24.99 -52.09 40.08
C ALA G 51 -24.94 -53.48 39.45
N ILE G 52 -25.79 -54.37 39.96
CA ILE G 52 -25.92 -55.72 39.45
C ILE G 52 -27.38 -55.94 39.07
N THR G 53 -27.60 -56.36 37.82
CA THR G 53 -28.95 -56.57 37.31
C THR G 53 -29.42 -57.99 37.63
N THR G 54 -30.64 -58.31 37.18
CA THR G 54 -31.23 -59.62 37.39
C THR G 54 -31.86 -60.10 36.08
N ALA G 55 -31.98 -61.42 35.95
CA ALA G 55 -32.52 -62.05 34.77
C ALA G 55 -33.83 -62.78 35.10
N ASN G 56 -34.56 -63.15 34.05
CA ASN G 56 -35.82 -63.83 34.20
C ASN G 56 -35.89 -64.97 33.19
N ARG G 57 -36.73 -65.96 33.51
CA ARG G 57 -36.91 -67.14 32.67
C ARG G 57 -38.33 -67.18 32.12
N ARG G 58 -38.45 -67.50 30.84
CA ARG G 58 -39.74 -67.61 30.17
C ARG G 58 -39.82 -68.95 29.45
N ASP G 59 -40.99 -69.58 29.54
CA ASP G 59 -41.20 -70.85 28.85
C ASP G 59 -41.24 -70.63 27.34
N LEU G 60 -40.60 -71.54 26.61
CA LEU G 60 -40.53 -71.41 25.16
C LEU G 60 -41.90 -71.67 24.52
N ARG G 61 -42.16 -70.93 23.43
CA ARG G 61 -43.40 -71.03 22.68
C ARG G 61 -44.61 -70.76 23.58
N ASP G 62 -44.67 -69.54 24.10
CA ASP G 62 -45.75 -69.12 24.96
C ASP G 62 -46.48 -67.93 24.36
N PRO G 63 -47.82 -67.89 24.44
CA PRO G 63 -48.56 -66.77 23.84
C PRO G 63 -48.22 -65.41 24.42
N ASP G 64 -47.83 -65.35 25.70
CA ASP G 64 -47.57 -64.08 26.35
C ASP G 64 -46.08 -63.73 26.27
N ARG G 65 -45.81 -62.45 26.07
CA ARG G 65 -44.44 -61.92 26.00
C ARG G 65 -44.32 -60.68 26.87
N THR G 66 -44.82 -60.77 28.11
CA THR G 66 -44.72 -59.67 29.07
C THR G 66 -43.37 -59.76 29.77
N VAL G 67 -42.34 -59.31 29.06
CA VAL G 67 -40.98 -59.39 29.58
C VAL G 67 -40.83 -58.48 30.79
N ILE G 68 -40.20 -58.99 31.84
CA ILE G 68 -39.98 -58.25 33.07
C ILE G 68 -38.63 -57.55 33.00
N ALA G 69 -38.63 -56.24 33.19
CA ALA G 69 -37.41 -55.46 33.13
C ALA G 69 -36.59 -55.62 34.40
N SER G 70 -35.44 -54.97 34.45
CA SER G 70 -34.54 -55.02 35.59
C SER G 70 -34.40 -53.62 36.18
N GLU G 71 -33.51 -53.49 37.16
CA GLU G 71 -33.29 -52.24 37.87
C GLU G 71 -31.79 -51.94 37.92
N LEU G 72 -31.47 -50.64 37.98
CA LEU G 72 -30.09 -50.18 37.92
C LEU G 72 -29.83 -49.11 38.97
N VAL G 73 -30.23 -49.39 40.22
CA VAL G 73 -29.94 -48.45 41.30
C VAL G 73 -28.43 -48.38 41.51
N GLU G 74 -27.91 -47.16 41.60
CA GLU G 74 -26.47 -46.94 41.73
C GLU G 74 -26.20 -46.45 43.15
N HIS G 75 -25.81 -47.37 44.02
CA HIS G 75 -25.45 -47.00 45.39
C HIS G 75 -24.12 -46.25 45.39
N SER G 76 -23.89 -45.52 46.48
CA SER G 76 -22.65 -44.78 46.63
C SER G 76 -22.30 -44.69 48.11
N PHE G 77 -21.00 -44.58 48.39
CA PHE G 77 -20.50 -44.42 49.74
C PHE G 77 -19.93 -43.01 49.91
N GLY G 78 -19.39 -42.75 51.09
CA GLY G 78 -18.81 -41.45 51.37
C GLY G 78 -17.95 -41.43 52.63
N VAL G 79 -16.75 -40.89 52.50
CA VAL G 79 -15.83 -40.74 53.62
C VAL G 79 -15.43 -39.27 53.73
N THR G 80 -15.48 -38.74 54.95
CA THR G 80 -15.12 -37.37 55.22
C THR G 80 -14.04 -37.32 56.29
N LEU G 81 -13.18 -36.31 56.21
CA LEU G 81 -12.08 -36.14 57.15
C LEU G 81 -12.64 -35.55 58.44
N ASP G 82 -12.64 -36.35 59.50
CA ASP G 82 -13.21 -35.94 60.78
C ASP G 82 -12.22 -35.92 61.93
N LYS G 83 -10.97 -36.34 61.71
CA LYS G 83 -9.98 -36.36 62.78
C LYS G 83 -8.73 -35.62 62.33
N HIS G 84 -8.01 -35.09 63.32
CA HIS G 84 -6.81 -34.28 63.09
C HIS G 84 -5.70 -34.84 63.97
N VAL G 85 -4.85 -35.69 63.39
CA VAL G 85 -3.76 -36.32 64.14
C VAL G 85 -2.59 -35.34 64.20
N TYR G 86 -2.26 -34.90 65.41
CA TYR G 86 -1.27 -33.85 65.58
C TYR G 86 -0.34 -34.19 66.75
N ALA G 87 0.85 -33.60 66.71
CA ALA G 87 1.79 -33.65 67.82
C ALA G 87 2.46 -32.28 67.91
N ALA G 88 2.31 -31.61 69.04
CA ALA G 88 2.80 -30.26 69.23
C ALA G 88 3.82 -30.22 70.36
N LEU G 89 4.95 -29.57 70.09
CA LEU G 89 6.03 -29.40 71.06
C LEU G 89 6.30 -27.92 71.26
N LYS G 90 6.26 -27.47 72.51
CA LYS G 90 6.52 -26.09 72.86
C LYS G 90 7.80 -26.01 73.69
N PHE G 91 8.70 -25.11 73.32
CA PHE G 91 9.91 -24.93 74.11
C PHE G 91 10.35 -23.48 74.06
N THR G 92 10.80 -22.98 75.21
CA THR G 92 11.25 -21.60 75.31
C THR G 92 12.60 -21.42 74.61
N ASP G 93 12.97 -20.16 74.40
CA ASP G 93 14.25 -19.86 73.79
C ASP G 93 15.41 -20.33 74.67
N GLU G 94 15.24 -20.26 75.99
CA GLU G 94 16.27 -20.76 76.90
C GLU G 94 16.49 -22.25 76.71
N GLN G 95 15.39 -23.01 76.59
CA GLN G 95 15.52 -24.44 76.32
C GLN G 95 16.08 -24.70 74.92
N ARG G 96 15.66 -23.89 73.94
CA ARG G 96 16.15 -24.08 72.57
C ARG G 96 17.66 -23.87 72.50
N THR G 97 18.18 -22.87 73.21
CA THR G 97 19.58 -22.50 73.10
C THR G 97 20.49 -23.25 74.07
N LEU G 98 19.99 -23.66 75.24
CA LEU G 98 20.88 -24.23 76.25
C LEU G 98 20.86 -25.75 76.27
N ASP G 99 19.69 -26.36 76.50
CA ASP G 99 19.62 -27.81 76.72
C ASP G 99 19.05 -28.58 75.54
N ILE G 100 19.25 -28.08 74.32
CA ILE G 100 18.87 -28.81 73.11
C ILE G 100 20.10 -28.88 72.21
N ARG G 101 20.44 -30.10 71.78
CA ARG G 101 21.60 -30.33 70.93
C ARG G 101 21.26 -30.50 69.47
N ASP G 102 20.19 -31.23 69.15
CA ASP G 102 19.76 -31.42 67.76
C ASP G 102 18.33 -31.91 67.71
N TYR G 103 17.52 -31.32 66.82
CA TYR G 103 16.14 -31.75 66.66
C TYR G 103 16.07 -33.21 66.21
N THR G 104 17.07 -33.67 65.46
CA THR G 104 17.01 -34.98 64.83
C THR G 104 16.83 -36.10 65.85
N LYS G 105 17.60 -36.06 66.94
CA LYS G 105 17.55 -37.11 67.96
C LYS G 105 16.84 -36.66 69.23
N GLN G 106 16.23 -35.49 69.23
CA GLN G 106 15.58 -34.98 70.44
C GLN G 106 14.17 -34.47 70.18
N VAL G 107 13.91 -34.00 68.95
CA VAL G 107 12.62 -33.38 68.64
C VAL G 107 11.97 -34.08 67.46
N LEU G 108 12.70 -34.20 66.35
CA LEU G 108 12.11 -34.72 65.11
C LEU G 108 11.70 -36.18 65.25
N MET G 109 12.65 -37.05 65.57
CA MET G 109 12.34 -38.47 65.69
C MET G 109 11.31 -38.79 66.78
N PRO G 110 11.39 -38.23 68.00
CA PRO G 110 10.30 -38.48 68.95
C PRO G 110 8.94 -38.03 68.45
N GLN G 111 8.87 -36.89 67.76
CA GLN G 111 7.59 -36.40 67.26
C GLN G 111 7.03 -37.32 66.18
N VAL G 112 7.88 -37.74 65.23
CA VAL G 112 7.39 -38.63 64.19
C VAL G 112 7.02 -39.99 64.76
N SER G 113 7.74 -40.46 65.78
CA SER G 113 7.38 -41.73 66.42
C SER G 113 6.03 -41.62 67.12
N ALA G 114 5.79 -40.51 67.82
CA ALA G 114 4.50 -40.31 68.47
C ALA G 114 3.37 -40.23 67.44
N VAL G 115 3.61 -39.53 66.33
CA VAL G 115 2.59 -39.43 65.28
C VAL G 115 2.30 -40.80 64.69
N ALA G 116 3.34 -41.58 64.41
CA ALA G 116 3.17 -42.91 63.85
C ALA G 116 2.41 -43.83 64.80
N TYR G 117 2.75 -43.76 66.09
CA TYR G 117 2.06 -44.61 67.07
C TYR G 117 0.61 -44.21 67.23
N GLU G 118 0.32 -42.90 67.23
CA GLU G 118 -1.07 -42.46 67.30
C GLU G 118 -1.85 -42.88 66.06
N LEU G 119 -1.22 -42.81 64.89
CA LEU G 119 -1.88 -43.28 63.67
C LEU G 119 -2.15 -44.77 63.72
N GLU G 120 -1.20 -45.54 64.26
CA GLU G 120 -1.40 -46.97 64.42
C GLU G 120 -2.56 -47.25 65.39
N ASP G 121 -2.64 -46.49 66.47
CA ASP G 121 -3.77 -46.64 67.40
C ASP G 121 -5.08 -46.29 66.72
N TYR G 122 -5.08 -45.25 65.87
CA TYR G 122 -6.28 -44.88 65.12
C TYR G 122 -6.71 -46.00 64.19
N ILE G 123 -5.74 -46.62 63.50
CA ILE G 123 -6.05 -47.74 62.61
C ILE G 123 -6.58 -48.92 63.41
N ALA G 124 -6.00 -49.18 64.59
CA ALA G 124 -6.48 -50.27 65.44
C ALA G 124 -7.92 -50.02 65.88
N GLU G 125 -8.23 -48.77 66.26
CA GLU G 125 -9.61 -48.44 66.62
C GLU G 125 -10.54 -48.59 65.44
N LEU G 126 -10.07 -48.25 64.23
CA LEU G 126 -10.88 -48.47 63.03
C LEU G 126 -11.16 -49.96 62.83
N ILE G 127 -10.16 -50.81 63.04
CA ILE G 127 -10.33 -52.24 62.86
C ILE G 127 -11.30 -52.80 63.89
N GLU G 128 -11.09 -52.46 65.16
CA GLU G 128 -11.96 -52.98 66.22
C GLU G 128 -13.34 -52.34 66.18
N GLY G 129 -13.42 -51.07 65.81
CA GLY G 129 -14.70 -50.37 65.78
C GLY G 129 -15.51 -50.67 64.52
N ALA G 130 -15.94 -51.92 64.37
CA ALA G 130 -16.73 -52.34 63.23
C ALA G 130 -17.95 -53.12 63.69
N PRO G 131 -19.06 -53.03 62.96
CA PRO G 131 -20.27 -53.79 63.32
C PRO G 131 -20.19 -55.25 62.88
N TYR G 132 -19.40 -56.03 63.64
CA TYR G 132 -19.24 -57.44 63.32
C TYR G 132 -20.51 -58.21 63.63
N GLU G 133 -20.95 -59.02 62.66
CA GLU G 133 -22.17 -59.80 62.84
C GLU G 133 -22.03 -60.84 63.94
N GLU G 134 -20.91 -61.56 63.97
CA GLU G 134 -20.56 -62.41 65.11
C GLU G 134 -19.06 -62.66 65.09
N THR G 135 -18.59 -63.31 66.15
CA THR G 135 -17.18 -63.68 66.28
C THR G 135 -17.06 -65.18 66.55
N ILE G 136 -15.98 -65.76 66.07
CA ILE G 136 -15.72 -67.19 66.25
C ILE G 136 -15.07 -67.40 67.61
N LEU G 137 -15.65 -68.28 68.41
CA LEU G 137 -15.13 -68.59 69.74
C LEU G 137 -14.01 -69.61 69.60
N ILE G 138 -12.76 -69.16 69.78
CA ILE G 138 -11.61 -70.03 69.63
C ILE G 138 -11.42 -70.82 70.92
N ASP G 139 -11.67 -72.12 70.85
CA ASP G 139 -11.47 -72.98 72.01
C ASP G 139 -9.98 -73.14 72.29
N PRO G 140 -9.53 -73.00 73.53
CA PRO G 140 -8.12 -73.29 73.85
C PRO G 140 -7.76 -74.71 73.45
N ALA G 141 -6.65 -74.84 72.72
CA ALA G 141 -6.22 -76.07 72.06
C ALA G 141 -7.20 -76.44 70.95
N ASP G 142 -6.70 -77.08 69.89
CA ASP G 142 -7.48 -77.34 68.69
C ASP G 142 -8.11 -76.04 68.17
N THR G 143 -7.24 -75.07 67.88
CA THR G 143 -7.66 -73.73 67.49
C THR G 143 -7.82 -73.56 65.99
N VAL G 144 -7.28 -74.46 65.18
CA VAL G 144 -7.37 -74.35 63.72
C VAL G 144 -8.80 -74.55 63.21
N PRO G 145 -9.68 -75.32 63.88
CA PRO G 145 -11.09 -75.30 63.44
C PRO G 145 -11.71 -73.92 63.48
N ALA G 146 -11.32 -73.07 64.44
CA ALA G 146 -11.84 -71.72 64.47
C ALA G 146 -11.44 -70.94 63.22
N PHE G 147 -10.17 -71.06 62.81
CA PHE G 147 -9.72 -70.36 61.61
C PHE G 147 -10.38 -70.93 60.36
N ILE G 148 -10.59 -72.25 60.32
CA ILE G 148 -11.28 -72.85 59.18
C ILE G 148 -12.73 -72.36 59.11
N THR G 149 -13.39 -72.25 60.26
CA THR G 149 -14.75 -71.73 60.28
C THR G 149 -14.79 -70.28 59.83
N ALA G 150 -13.82 -69.48 60.26
CA ALA G 150 -13.74 -68.09 59.81
C ALA G 150 -13.53 -68.02 58.30
N ASP G 151 -12.65 -68.88 57.77
CA ASP G 151 -12.42 -68.91 56.33
C ASP G 151 -13.68 -69.30 55.57
N GLN G 152 -14.43 -70.28 56.09
CA GLN G 152 -15.68 -70.69 55.44
C GLN G 152 -16.72 -69.57 55.49
N ARG G 153 -16.83 -68.89 56.64
CA ARG G 153 -17.80 -67.82 56.78
C ARG G 153 -17.45 -66.63 55.88
N MET G 154 -16.16 -66.38 55.65
CA MET G 154 -15.77 -65.44 54.62
C MET G 154 -16.01 -65.99 53.22
N GLY G 155 -15.95 -67.31 53.06
CA GLY G 155 -16.22 -67.91 51.76
C GLY G 155 -17.65 -67.71 51.30
N GLU G 156 -18.61 -67.80 52.23
CA GLU G 156 -19.96 -67.37 51.87
C GLU G 156 -19.96 -65.89 51.56
N ALA G 157 -20.90 -65.48 50.69
CA ALA G 157 -21.00 -64.17 50.04
C ALA G 157 -19.90 -63.96 49.01
N ASN G 158 -19.07 -64.96 48.74
CA ASN G 158 -18.07 -64.93 47.67
C ASN G 158 -17.07 -63.78 47.86
N VAL G 159 -16.53 -63.67 49.06
CA VAL G 159 -15.42 -62.74 49.30
C VAL G 159 -14.15 -63.31 48.67
N PRO G 160 -13.40 -62.54 47.89
CA PRO G 160 -12.19 -63.08 47.27
C PRO G 160 -11.20 -63.59 48.30
N THR G 161 -10.57 -64.72 47.99
CA THR G 161 -9.61 -65.32 48.92
C THR G 161 -8.26 -64.60 48.90
N ASP G 162 -7.84 -64.11 47.74
CA ASP G 162 -6.57 -63.41 47.63
C ASP G 162 -6.63 -62.06 48.31
N SER G 163 -5.45 -61.52 48.64
CA SER G 163 -5.31 -60.22 49.30
C SER G 163 -6.09 -60.18 50.61
N ARG G 164 -6.01 -61.26 51.38
CA ARG G 164 -6.64 -61.35 52.69
C ARG G 164 -5.58 -61.17 53.77
N ARG G 165 -5.81 -60.22 54.68
CA ARG G 165 -4.88 -59.91 55.75
C ARG G 165 -5.44 -60.43 57.06
N LEU G 166 -4.68 -61.29 57.74
CA LEU G 166 -5.05 -61.84 59.03
C LEU G 166 -4.05 -61.37 60.07
N VAL G 167 -4.55 -60.73 61.13
CA VAL G 167 -3.71 -60.19 62.20
C VAL G 167 -4.20 -60.77 63.52
N VAL G 168 -3.26 -61.32 64.30
CA VAL G 168 -3.57 -61.94 65.58
C VAL G 168 -2.77 -61.23 66.66
N GLY G 169 -3.29 -61.32 67.89
CA GLY G 169 -2.65 -60.70 69.03
C GLY G 169 -1.67 -61.63 69.72
N SER G 170 -1.15 -61.14 70.85
CA SER G 170 -0.19 -61.93 71.62
C SER G 170 -0.84 -63.19 72.18
N ALA G 171 -2.06 -63.06 72.72
CA ALA G 171 -2.74 -64.23 73.28
C ALA G 171 -3.11 -65.23 72.20
N VAL G 172 -3.57 -64.74 71.04
CA VAL G 172 -3.92 -65.65 69.94
C VAL G 172 -2.68 -66.38 69.43
N ALA G 173 -1.56 -65.65 69.29
CA ALA G 173 -0.33 -66.30 68.86
C ALA G 173 0.15 -67.32 69.88
N ALA G 174 0.05 -67.00 71.17
CA ALA G 174 0.44 -67.94 72.22
C ALA G 174 -0.44 -69.19 72.18
N ALA G 175 -1.74 -69.02 71.97
CA ALA G 175 -2.64 -70.17 71.86
C ALA G 175 -2.31 -71.01 70.64
N LEU G 176 -1.99 -70.35 69.52
CA LEU G 176 -1.60 -71.07 68.30
C LEU G 176 -0.35 -71.89 68.54
N ALA G 177 0.65 -71.31 69.23
CA ALA G 177 1.85 -72.06 69.56
C ALA G 177 1.55 -73.21 70.50
N LYS G 178 0.67 -72.99 71.48
CA LYS G 178 0.29 -74.03 72.43
C LYS G 178 -0.66 -75.07 71.83
N ASP G 179 -1.20 -74.81 70.64
CA ASP G 179 -2.15 -75.74 70.05
C ASP G 179 -1.49 -77.07 69.72
N LYS G 180 -2.19 -78.16 70.03
CA LYS G 180 -1.68 -79.49 69.74
C LYS G 180 -1.56 -79.75 68.25
N GLN G 181 -2.34 -79.04 67.42
CA GLN G 181 -2.26 -79.22 65.98
C GLN G 181 -0.89 -78.83 65.44
N PHE G 182 -0.33 -77.74 65.95
CA PHE G 182 0.96 -77.24 65.48
C PHE G 182 2.12 -77.72 66.34
N ARG G 183 1.90 -77.95 67.63
CA ARG G 183 2.99 -78.35 68.51
C ARG G 183 3.47 -79.76 68.20
N HIS G 184 2.53 -80.70 68.03
CA HIS G 184 2.89 -82.08 67.74
C HIS G 184 3.41 -82.19 66.32
N ALA G 185 4.66 -82.65 66.17
CA ALA G 185 5.27 -82.73 64.85
C ALA G 185 4.53 -83.70 63.95
N ASP G 186 4.09 -84.84 64.50
CA ASP G 186 3.32 -85.78 63.70
C ASP G 186 2.00 -85.17 63.26
N TRP G 187 1.33 -84.42 64.14
CA TRP G 187 0.09 -83.77 63.78
C TRP G 187 0.32 -82.53 62.92
N SER G 188 1.42 -81.80 63.14
CA SER G 188 1.71 -80.64 62.31
C SER G 188 2.13 -81.05 60.91
N GLY G 189 2.84 -82.16 60.77
CA GLY G 189 3.31 -82.63 59.48
C GLY G 189 4.63 -82.05 59.04
N ASP G 190 5.19 -81.11 59.78
CA ASP G 190 6.47 -80.49 59.46
C ASP G 190 7.55 -81.12 60.32
N GLN G 191 8.59 -81.67 59.68
CA GLN G 191 9.69 -82.26 60.42
C GLN G 191 10.49 -81.23 61.19
N ALA G 192 10.39 -79.95 60.82
CA ALA G 192 11.11 -78.91 61.55
C ALA G 192 10.52 -78.69 62.94
N ASN G 193 9.21 -78.84 63.10
CA ASN G 193 8.51 -78.61 64.36
C ASN G 193 8.79 -77.21 64.89
N ALA G 194 8.31 -76.21 64.14
CA ALA G 194 8.58 -74.81 64.46
C ALA G 194 8.01 -74.43 65.82
N ALA G 195 6.94 -75.09 66.26
CA ALA G 195 6.35 -74.75 67.55
C ALA G 195 7.28 -75.09 68.70
N LEU G 196 7.83 -76.30 68.71
CA LEU G 196 8.82 -76.67 69.72
C LEU G 196 10.10 -75.84 69.56
N ARG G 197 10.52 -75.63 68.32
CA ARG G 197 11.67 -74.78 68.01
C ARG G 197 11.27 -73.31 68.04
N GLU G 198 12.10 -72.45 67.45
CA GLU G 198 11.88 -71.01 67.42
C GLU G 198 10.42 -70.66 67.17
N ALA G 199 9.85 -69.89 68.09
CA ALA G 199 8.40 -69.67 68.14
C ALA G 199 7.93 -68.92 66.89
N HIS G 200 7.25 -69.64 65.99
CA HIS G 200 6.63 -69.04 64.82
C HIS G 200 5.60 -69.99 64.23
N VAL G 201 4.36 -69.51 64.07
CA VAL G 201 3.32 -70.34 63.50
C VAL G 201 3.50 -70.51 62.01
N GLY G 202 3.82 -69.43 61.30
CA GLY G 202 3.99 -69.49 59.86
C GLY G 202 2.70 -69.30 59.10
N ARG G 203 2.55 -70.02 57.99
CA ARG G 203 1.34 -69.93 57.17
C ARG G 203 0.23 -70.76 57.79
N LEU G 204 -0.90 -70.12 58.08
CA LEU G 204 -2.05 -70.77 58.69
C LEU G 204 -3.25 -70.57 57.79
N ALA G 205 -3.97 -71.66 57.51
CA ALA G 205 -5.14 -71.68 56.62
C ALA G 205 -4.67 -71.23 55.24
N GLY G 206 -5.36 -70.32 54.57
CA GLY G 206 -4.98 -69.92 53.23
C GLY G 206 -4.26 -68.59 53.16
N MET G 207 -3.72 -68.13 54.29
CA MET G 207 -3.02 -66.86 54.34
C MET G 207 -1.88 -66.95 55.35
N ASN G 208 -1.17 -65.84 55.53
CA ASN G 208 -0.08 -65.77 56.49
C ASN G 208 -0.60 -65.27 57.84
N VAL G 209 0.29 -65.21 58.82
CA VAL G 209 -0.03 -64.75 60.17
C VAL G 209 0.78 -63.50 60.45
N ILE G 210 0.10 -62.43 60.86
CA ILE G 210 0.74 -61.15 61.19
C ILE G 210 0.60 -60.93 62.69
N ARG G 211 1.72 -60.70 63.36
CA ARG G 211 1.74 -60.50 64.80
C ARG G 211 1.86 -59.00 65.09
N SER G 212 0.86 -58.45 65.77
CA SER G 212 0.83 -57.04 66.12
C SER G 212 0.44 -56.89 67.58
N ASN G 213 1.16 -56.02 68.29
CA ASN G 213 0.86 -55.72 69.68
C ASN G 213 -0.08 -54.53 69.84
N ALA G 214 -0.38 -53.82 68.75
CA ALA G 214 -1.29 -52.67 68.84
C ALA G 214 -2.72 -53.12 69.16
N ILE G 215 -3.17 -54.19 68.52
CA ILE G 215 -4.52 -54.70 68.73
C ILE G 215 -4.56 -55.49 70.04
N ALA G 216 -5.76 -55.80 70.51
CA ALA G 216 -5.89 -56.57 71.73
C ALA G 216 -5.32 -57.97 71.54
N PRO G 217 -4.51 -58.46 72.48
CA PRO G 217 -3.91 -59.80 72.31
C PRO G 217 -4.94 -60.92 72.20
N ASP G 218 -6.09 -60.79 72.84
CA ASP G 218 -7.10 -61.84 72.83
C ASP G 218 -8.00 -61.80 71.61
N LYS G 219 -7.83 -60.82 70.73
CA LYS G 219 -8.67 -60.66 69.55
C LYS G 219 -7.83 -60.75 68.28
N ALA G 220 -8.45 -61.27 67.22
CA ALA G 220 -7.81 -61.34 65.91
C ALA G 220 -8.80 -60.88 64.86
N TYR G 221 -8.27 -60.40 63.74
CA TYR G 221 -9.12 -59.89 62.67
C TYR G 221 -8.60 -60.36 61.32
N LEU G 222 -9.51 -60.87 60.48
CA LEU G 222 -9.20 -61.26 59.11
C LEU G 222 -10.07 -60.43 58.17
N TRP G 223 -9.43 -59.64 57.32
CA TRP G 223 -10.17 -58.69 56.49
C TRP G 223 -9.61 -58.68 55.07
N HIS G 224 -10.46 -58.28 54.14
CA HIS G 224 -10.08 -58.11 52.74
C HIS G 224 -9.50 -56.71 52.53
N ARG G 225 -8.60 -56.60 51.55
CA ARG G 225 -7.94 -55.33 51.28
C ARG G 225 -8.93 -54.25 50.87
N THR G 226 -10.04 -54.64 50.25
CA THR G 226 -11.03 -53.65 49.82
C THR G 226 -11.64 -52.91 51.01
N ALA G 227 -11.95 -53.64 52.08
CA ALA G 227 -12.58 -53.05 53.24
C ALA G 227 -11.55 -52.34 54.13
N PHE G 228 -12.06 -51.68 55.17
CA PHE G 228 -11.24 -50.96 56.15
C PHE G 228 -10.36 -49.91 55.48
N ILE G 229 -11.02 -48.93 54.89
CA ILE G 229 -10.33 -47.87 54.16
C ILE G 229 -10.06 -46.70 55.11
N LEU G 230 -9.06 -45.89 54.74
CA LEU G 230 -8.70 -44.69 55.49
C LEU G 230 -8.41 -43.58 54.49
N ALA G 231 -8.63 -42.34 54.93
CA ALA G 231 -8.41 -41.18 54.07
C ALA G 231 -7.41 -40.23 54.73
N TYR G 232 -6.48 -39.72 53.94
CA TYR G 232 -5.49 -38.76 54.40
C TYR G 232 -5.49 -37.54 53.49
N ARG G 233 -5.15 -36.39 54.06
CA ARG G 233 -5.23 -35.11 53.35
C ARG G 233 -3.88 -34.44 53.12
N THR G 234 -2.96 -34.51 54.09
CA THR G 234 -1.70 -33.77 54.06
C THR G 234 -1.98 -32.29 53.83
N PRO G 235 -2.47 -31.58 54.84
CA PRO G 235 -2.88 -30.17 54.64
C PRO G 235 -1.71 -29.28 54.28
N VAL G 236 -2.05 -28.03 53.96
CA VAL G 236 -1.07 -27.03 53.55
C VAL G 236 -0.80 -26.10 54.73
N VAL G 237 0.44 -25.64 54.82
CA VAL G 237 0.87 -24.75 55.90
C VAL G 237 0.22 -23.39 55.73
N PRO G 238 -0.07 -22.67 56.80
CA PRO G 238 -0.67 -21.34 56.69
C PRO G 238 0.37 -20.29 56.28
N GLU G 239 -0.07 -19.04 56.24
CA GLU G 239 0.81 -17.95 55.84
C GLU G 239 1.95 -17.76 56.84
N GLY G 240 1.63 -17.76 58.13
CA GLY G 240 2.64 -17.62 59.16
C GLY G 240 3.29 -18.94 59.53
N ALA G 241 3.88 -19.61 58.54
CA ALA G 241 4.45 -20.94 58.73
C ALA G 241 5.79 -21.00 58.02
N LYS G 242 6.89 -21.02 58.78
CA LYS G 242 8.21 -21.12 58.18
C LYS G 242 8.43 -22.52 57.60
N ALA G 243 7.94 -23.56 58.28
CA ALA G 243 7.95 -24.93 57.78
C ALA G 243 9.36 -25.48 57.59
N GLY G 244 9.44 -26.75 57.20
CA GLY G 244 10.73 -27.40 56.98
C GLY G 244 10.63 -28.62 56.09
N ALA G 245 11.59 -29.53 56.22
CA ALA G 245 11.60 -30.74 55.40
C ALA G 245 10.46 -31.67 55.80
N SER G 246 10.00 -32.46 54.83
CA SER G 246 8.93 -33.40 55.06
C SER G 246 9.47 -34.70 55.65
N PHE G 247 8.58 -35.46 56.30
CA PHE G 247 8.94 -36.72 56.94
C PHE G 247 8.28 -37.91 56.28
N SER G 248 6.96 -37.87 56.08
CA SER G 248 6.20 -38.94 55.43
C SER G 248 6.36 -40.26 56.17
N ALA G 249 5.93 -40.27 57.42
CA ALA G 249 6.02 -41.48 58.23
C ALA G 249 5.00 -42.52 57.78
N ASN G 250 5.44 -43.78 57.75
CA ASN G 250 4.63 -44.94 57.37
C ASN G 250 3.72 -44.65 56.18
N GLY G 251 4.30 -44.03 55.15
CA GLY G 251 3.56 -43.78 53.92
C GLY G 251 2.87 -42.43 53.87
N VAL G 252 2.00 -42.16 54.85
CA VAL G 252 1.25 -40.92 54.86
C VAL G 252 2.20 -39.75 55.10
N ALA G 253 2.07 -38.70 54.29
CA ALA G 253 2.94 -37.54 54.39
C ALA G 253 2.54 -36.68 55.58
N LEU G 254 3.55 -35.99 56.15
CA LEU G 254 3.35 -35.11 57.28
C LEU G 254 4.01 -33.76 57.00
N ARG G 255 3.44 -32.70 57.56
CA ARG G 255 3.95 -31.35 57.41
C ARG G 255 4.49 -30.85 58.75
N TRP G 256 5.62 -30.16 58.70
CA TRP G 256 6.25 -29.61 59.88
C TRP G 256 5.98 -28.12 59.97
N LEU G 257 5.51 -27.67 61.12
CA LEU G 257 5.14 -26.30 61.37
C LEU G 257 6.04 -25.72 62.45
N ALA G 258 6.55 -24.52 62.21
CA ALA G 258 7.46 -23.89 63.17
C ALA G 258 7.07 -22.43 63.30
N ASP G 259 6.70 -22.01 64.50
CA ASP G 259 6.29 -20.62 64.72
C ASP G 259 6.87 -20.16 66.05
N TYR G 260 7.58 -19.03 66.03
CA TYR G 260 8.12 -18.44 67.24
C TYR G 260 7.09 -17.45 67.80
N ASP G 261 6.48 -17.81 68.92
CA ASP G 261 5.56 -16.92 69.62
C ASP G 261 6.38 -15.89 70.39
N TYR G 262 6.43 -14.67 69.86
CA TYR G 262 7.18 -13.60 70.51
C TYR G 262 6.48 -13.08 71.76
N SER G 263 5.18 -13.33 71.90
CA SER G 263 4.47 -12.91 73.10
C SER G 263 5.01 -13.63 74.33
N GLN G 264 5.27 -14.92 74.22
CA GLN G 264 5.83 -15.71 75.31
C GLN G 264 7.29 -16.10 75.08
N LEU G 265 7.92 -15.57 74.03
CA LEU G 265 9.32 -15.84 73.71
C LEU G 265 9.58 -17.33 73.56
N GLY G 266 8.63 -18.08 72.99
CA GLY G 266 8.74 -19.50 72.85
C GLY G 266 8.67 -19.92 71.39
N ASP G 267 8.82 -21.22 71.16
CA ASP G 267 8.74 -21.81 69.83
C ASP G 267 7.80 -23.01 69.86
N ARG G 268 6.93 -23.07 68.86
CA ARG G 268 5.93 -24.13 68.72
C ARG G 268 6.22 -24.89 67.43
N THR G 269 6.39 -26.20 67.54
CA THR G 269 6.59 -27.09 66.40
C THR G 269 5.46 -28.09 66.35
N LEU G 270 4.81 -28.21 65.19
CA LEU G 270 3.63 -29.02 65.04
C LEU G 270 3.80 -29.99 63.87
N LEU G 271 3.54 -31.27 64.13
CA LEU G 271 3.50 -32.29 63.07
C LEU G 271 2.08 -32.83 63.03
N ASP G 272 1.33 -32.48 61.99
CA ASP G 272 -0.10 -32.74 61.97
C ASP G 272 -0.54 -33.16 60.57
N VAL G 273 -1.66 -33.88 60.54
CA VAL G 273 -2.27 -34.33 59.28
C VAL G 273 -3.73 -34.64 59.55
N PHE G 274 -4.57 -34.38 58.56
CA PHE G 274 -6.00 -34.63 58.67
C PHE G 274 -6.31 -36.04 58.17
N THR G 275 -7.06 -36.80 58.95
CA THR G 275 -7.38 -38.19 58.63
C THR G 275 -8.86 -38.44 58.82
N GLY G 276 -9.36 -39.41 58.06
CA GLY G 276 -10.76 -39.80 58.10
C GLY G 276 -10.96 -41.30 58.08
N ARG G 277 -11.85 -41.77 58.96
CA ARG G 277 -12.13 -43.19 59.13
C ARG G 277 -13.40 -43.58 58.39
N LYS G 278 -13.43 -44.81 57.88
CA LYS G 278 -14.58 -45.31 57.17
C LYS G 278 -14.54 -46.83 57.17
N VAL G 279 -15.69 -47.45 57.41
CA VAL G 279 -15.85 -48.90 57.35
C VAL G 279 -16.70 -49.22 56.13
N VAL G 280 -16.17 -50.05 55.23
CA VAL G 280 -16.83 -50.37 53.97
C VAL G 280 -17.82 -51.51 54.24
N THR G 281 -19.09 -51.16 54.39
CA THR G 281 -20.14 -52.15 54.58
C THR G 281 -20.74 -52.51 53.23
N GLU G 282 -21.85 -53.25 53.24
CA GLU G 282 -22.55 -53.64 52.02
C GLU G 282 -23.87 -52.88 51.91
N VAL G 283 -24.56 -53.08 50.79
CA VAL G 283 -25.80 -52.37 50.53
C VAL G 283 -26.90 -52.82 51.48
N ASP G 284 -26.94 -54.12 51.79
CA ASP G 284 -27.99 -54.63 52.67
C ASP G 284 -27.86 -54.09 54.09
N GLY G 285 -26.64 -53.81 54.54
CA GLY G 285 -26.42 -53.27 55.87
C GLY G 285 -25.69 -54.23 56.78
N SER G 286 -24.84 -55.08 56.20
CA SER G 286 -24.05 -56.05 56.95
C SER G 286 -22.60 -55.93 56.56
N PHE G 287 -21.70 -56.13 57.53
CA PHE G 287 -20.26 -56.04 57.32
C PHE G 287 -19.71 -57.45 57.15
N VAL G 288 -19.86 -57.98 55.93
CA VAL G 288 -19.40 -59.32 55.62
C VAL G 288 -18.03 -59.34 54.96
N ARG G 289 -17.40 -58.17 54.80
CA ARG G 289 -16.08 -58.11 54.18
C ARG G 289 -14.94 -58.38 55.17
N ALA G 290 -15.25 -58.55 56.46
CA ALA G 290 -14.23 -58.82 57.45
C ALA G 290 -14.85 -59.65 58.57
N VAL G 291 -13.98 -60.34 59.32
CA VAL G 291 -14.42 -61.20 60.41
C VAL G 291 -13.46 -61.05 61.58
N GLU G 292 -13.97 -61.29 62.78
CA GLU G 292 -13.20 -61.20 64.01
C GLU G 292 -13.22 -62.55 64.72
N LEU G 293 -12.09 -62.89 65.34
CA LEU G 293 -11.93 -64.15 66.07
C LEU G 293 -11.60 -63.83 67.52
N GLN G 294 -12.30 -64.49 68.44
CA GLN G 294 -12.18 -64.24 69.87
C GLN G 294 -11.82 -65.53 70.58
N LEU G 295 -10.82 -65.47 71.45
CA LEU G 295 -10.43 -66.63 72.25
C LEU G 295 -11.44 -66.89 73.36
N GLN G 296 -11.65 -68.16 73.67
CA GLN G 296 -12.57 -68.54 74.74
C GLN G 296 -11.90 -68.38 76.10
N ALA G 297 -12.72 -68.29 77.13
CA ALA G 297 -12.27 -68.19 78.51
C ALA G 297 -12.95 -69.27 79.34
N SER G 298 -12.16 -70.05 80.06
CA SER G 298 -12.68 -71.14 80.88
C SER G 298 -12.71 -70.79 82.37
N SER G 299 -11.65 -70.18 82.88
CA SER G 299 -11.60 -69.79 84.29
C SER G 299 -10.67 -68.59 84.43
N ILE G 300 -10.87 -67.83 85.50
CA ILE G 300 -10.07 -66.65 85.80
C ILE G 300 -9.42 -66.83 87.17
N THR G 301 -8.17 -66.40 87.29
CA THR G 301 -7.44 -66.47 88.54
C THR G 301 -6.77 -65.13 88.82
N ILE G 302 -6.77 -64.73 90.08
CA ILE G 302 -6.16 -63.47 90.49
C ILE G 302 -4.67 -63.68 90.73
N VAL G 303 -3.86 -62.75 90.22
CA VAL G 303 -2.41 -62.88 90.29
C VAL G 303 -1.94 -62.84 91.74
N GLY G 304 -0.93 -63.64 92.05
CA GLY G 304 -0.30 -63.64 93.35
C GLY G 304 -0.99 -64.50 94.39
N GLY G 305 -2.14 -65.09 94.07
CA GLY G 305 -2.85 -65.88 95.06
C GLY G 305 -3.22 -65.04 96.27
N ALA G 306 -2.96 -65.58 97.46
CA ALA G 306 -3.21 -64.86 98.69
C ALA G 306 -2.15 -63.79 98.92
N PHE G 307 -2.59 -62.65 99.44
CA PHE G 307 -1.69 -61.53 99.73
C PHE G 307 -2.23 -60.78 100.94
N ALA G 308 -1.33 -60.10 101.66
CA ALA G 308 -1.75 -59.32 102.82
C ALA G 308 -2.33 -57.99 102.39
N LEU G 309 -1.48 -57.13 101.80
CA LEU G 309 -1.82 -55.89 101.09
C LEU G 309 -0.53 -55.08 101.02
N ALA G 310 -0.47 -53.95 101.73
CA ALA G 310 0.76 -53.22 101.95
C ALA G 310 0.92 -52.88 103.43
N THR G 311 -0.20 -52.52 104.06
CA THR G 311 -0.26 -52.12 105.46
C THR G 311 -1.73 -52.02 105.84
N THR G 312 -2.01 -51.53 107.05
CA THR G 312 -3.38 -51.39 107.51
C THR G 312 -4.12 -50.27 106.79
N THR G 313 -3.40 -49.32 106.20
CA THR G 313 -4.00 -48.16 105.52
C THR G 313 -3.34 -47.94 104.16
N GLY G 314 -3.18 -49.03 103.39
CA GLY G 314 -2.57 -48.96 102.09
C GLY G 314 -3.53 -49.25 100.96
N THR G 315 -2.97 -49.36 99.76
CA THR G 315 -3.74 -49.67 98.56
C THR G 315 -3.01 -50.74 97.77
N LYS G 316 -3.77 -51.49 96.98
CA LYS G 316 -3.20 -52.55 96.15
C LYS G 316 -4.04 -52.69 94.89
N GLN G 317 -3.38 -52.60 93.73
CA GLN G 317 -4.06 -52.71 92.44
C GLN G 317 -4.17 -54.19 92.09
N LEU G 318 -5.37 -54.74 92.27
CA LEU G 318 -5.58 -56.16 91.99
C LEU G 318 -5.62 -56.41 90.49
N LYS G 319 -5.05 -57.55 90.08
CA LYS G 319 -5.05 -57.96 88.69
C LYS G 319 -5.45 -59.43 88.62
N VAL G 320 -6.18 -59.78 87.56
CA VAL G 320 -6.74 -61.12 87.40
C VAL G 320 -6.38 -61.66 86.02
N ARG G 321 -6.00 -62.94 85.98
CA ARG G 321 -5.72 -63.63 84.74
C ARG G 321 -7.01 -64.25 84.19
N ASP G 322 -6.91 -64.92 83.04
CA ASP G 322 -8.06 -65.62 82.47
C ASP G 322 -7.65 -66.97 81.88
N ASP G 323 -6.60 -67.58 82.43
CA ASP G 323 -6.08 -68.90 82.05
C ASP G 323 -5.50 -68.92 80.63
N ASN G 324 -5.50 -67.80 79.91
CA ASN G 324 -4.97 -67.74 78.56
C ASN G 324 -3.73 -66.88 78.44
N GLY G 325 -3.53 -65.91 79.33
CA GLY G 325 -2.35 -65.07 79.28
C GLY G 325 -2.66 -63.59 79.18
N THR G 326 -3.71 -63.25 78.42
CA THR G 326 -4.09 -61.86 78.25
C THR G 326 -4.74 -61.32 79.52
N ASP G 327 -4.68 -59.99 79.66
CA ASP G 327 -5.25 -59.30 80.80
C ASP G 327 -6.72 -59.00 80.57
N VAL G 328 -7.54 -59.24 81.59
CA VAL G 328 -8.97 -58.98 81.55
C VAL G 328 -9.42 -58.07 82.68
N THR G 329 -8.48 -57.45 83.39
CA THR G 329 -8.83 -56.61 84.55
C THR G 329 -9.69 -55.43 84.13
N ALA G 330 -9.40 -54.83 82.97
CA ALA G 330 -10.18 -53.69 82.51
C ALA G 330 -11.63 -54.07 82.24
N ARG G 331 -11.90 -55.33 81.92
CA ARG G 331 -13.24 -55.81 81.63
C ARG G 331 -13.76 -56.77 82.70
N CYS G 332 -13.27 -56.61 83.94
CA CYS G 332 -13.70 -57.43 85.06
C CYS G 332 -14.35 -56.55 86.12
N THR G 333 -15.31 -57.13 86.84
CA THR G 333 -15.95 -56.45 87.96
C THR G 333 -15.50 -57.07 89.27
N PHE G 334 -15.44 -56.25 90.31
CA PHE G 334 -14.95 -56.67 91.62
C PHE G 334 -16.01 -56.38 92.68
N ALA G 335 -16.27 -57.36 93.55
CA ALA G 335 -17.22 -57.23 94.63
C ALA G 335 -16.56 -57.62 95.94
N SER G 336 -16.93 -56.93 97.01
CA SER G 336 -16.40 -57.19 98.35
C SER G 336 -17.53 -57.68 99.24
N SER G 337 -17.37 -58.87 99.79
CA SER G 337 -18.31 -59.40 100.77
C SER G 337 -18.09 -58.84 102.16
N ALA G 338 -17.01 -58.10 102.36
CA ALA G 338 -16.65 -57.48 103.65
C ALA G 338 -16.28 -56.02 103.41
N GLY G 339 -17.14 -55.30 102.70
CA GLY G 339 -16.82 -53.94 102.26
C GLY G 339 -16.39 -53.04 103.40
N THR G 340 -16.98 -53.21 104.58
CA THR G 340 -16.54 -52.44 105.73
C THR G 340 -15.13 -52.83 106.15
N LYS G 341 -14.78 -54.11 106.05
CA LYS G 341 -13.44 -54.55 106.39
C LYS G 341 -12.42 -54.15 105.32
N ALA G 342 -12.78 -54.32 104.05
CA ALA G 342 -11.89 -53.99 102.94
C ALA G 342 -12.70 -53.29 101.85
N THR G 343 -12.17 -52.18 101.34
CA THR G 343 -12.83 -51.38 100.32
C THR G 343 -12.14 -51.60 98.98
N VAL G 344 -12.91 -51.95 97.96
CA VAL G 344 -12.39 -52.21 96.62
C VAL G 344 -12.98 -51.20 95.66
N SER G 345 -12.19 -50.83 94.65
CA SER G 345 -12.59 -49.86 93.65
C SER G 345 -13.12 -50.57 92.40
N ALA G 346 -13.62 -49.77 91.47
CA ALA G 346 -14.14 -50.32 90.22
C ALA G 346 -13.04 -50.98 89.40
N ALA G 347 -11.86 -50.36 89.34
CA ALA G 347 -10.75 -50.91 88.59
C ALA G 347 -10.02 -52.03 89.31
N GLY G 348 -10.38 -52.30 90.57
CA GLY G 348 -9.73 -53.33 91.35
C GLY G 348 -8.74 -52.84 92.39
N LEU G 349 -8.61 -51.53 92.55
CA LEU G 349 -7.69 -50.96 93.54
C LEU G 349 -8.32 -51.12 94.92
N VAL G 350 -7.98 -52.21 95.60
CA VAL G 350 -8.52 -52.47 96.93
C VAL G 350 -7.74 -51.65 97.95
N THR G 351 -8.48 -50.95 98.82
CA THR G 351 -7.89 -50.09 99.84
C THR G 351 -8.21 -50.66 101.22
N GLY G 352 -7.18 -50.78 102.06
CA GLY G 352 -7.36 -51.28 103.40
C GLY G 352 -7.83 -50.20 104.36
N VAL G 353 -9.07 -50.30 104.82
CA VAL G 353 -9.63 -49.32 105.73
C VAL G 353 -9.64 -49.86 107.15
N ALA G 354 -9.81 -51.17 107.29
CA ALA G 354 -9.83 -51.83 108.58
C ALA G 354 -8.96 -53.07 108.53
N ALA G 355 -8.11 -53.24 109.55
CA ALA G 355 -7.27 -54.43 109.64
C ALA G 355 -8.13 -55.65 109.96
N GLY G 356 -7.80 -56.78 109.33
CA GLY G 356 -8.54 -58.00 109.53
C GLY G 356 -8.40 -58.91 108.33
N THR G 357 -9.40 -59.75 108.13
CA THR G 357 -9.44 -60.70 107.02
C THR G 357 -10.73 -60.51 106.24
N ALA G 358 -10.62 -60.43 104.92
CA ALA G 358 -11.78 -60.22 104.06
C ALA G 358 -11.61 -61.07 102.79
N ASP G 359 -12.61 -61.01 101.93
CA ASP G 359 -12.60 -61.72 100.66
C ASP G 359 -13.05 -60.78 99.55
N ILE G 360 -12.46 -60.94 98.36
CA ILE G 360 -12.84 -60.18 97.18
C ILE G 360 -13.14 -61.15 96.06
N THR G 361 -14.29 -61.00 95.41
CA THR G 361 -14.71 -61.86 94.32
C THR G 361 -14.65 -61.06 93.01
N ALA G 362 -13.90 -61.58 92.04
CA ALA G 362 -13.78 -60.98 90.72
C ALA G 362 -14.59 -61.80 89.74
N SER G 363 -15.44 -61.11 88.98
CA SER G 363 -16.31 -61.73 87.99
C SER G 363 -15.96 -61.21 86.61
N TYR G 364 -15.88 -62.13 85.64
CA TYR G 364 -15.56 -61.82 84.26
C TYR G 364 -16.60 -62.43 83.35
N VAL G 365 -17.20 -61.61 82.50
CA VAL G 365 -18.16 -62.13 81.51
C VAL G 365 -17.41 -62.92 80.45
N PRO G 366 -17.80 -64.15 80.17
CA PRO G 366 -17.08 -64.95 79.18
C PRO G 366 -17.37 -64.48 77.78
N PRO G 367 -16.36 -64.47 76.89
CA PRO G 367 -16.64 -64.13 75.49
C PRO G 367 -17.62 -65.07 74.82
N GLN G 368 -17.62 -66.35 75.22
CA GLN G 368 -18.55 -67.31 74.66
C GLN G 368 -19.99 -67.09 75.14
N GLY G 369 -20.18 -66.29 76.18
CA GLY G 369 -21.50 -66.03 76.71
C GLY G 369 -21.90 -67.01 77.81
N GLY G 370 -22.95 -66.63 78.52
CA GLY G 370 -23.45 -67.45 79.61
C GLY G 370 -23.16 -66.88 80.97
N THR G 371 -23.00 -67.74 81.97
CA THR G 371 -22.69 -67.28 83.32
C THR G 371 -21.28 -66.71 83.38
N ALA G 372 -21.10 -65.68 84.20
CA ALA G 372 -19.81 -65.02 84.35
C ALA G 372 -18.92 -65.83 85.27
N LYS G 373 -17.67 -66.04 84.86
CA LYS G 373 -16.72 -66.79 85.67
C LYS G 373 -16.32 -65.97 86.89
N THR G 374 -16.38 -66.57 88.07
CA THR G 374 -16.10 -65.87 89.32
C THR G 374 -14.96 -66.56 90.05
N ALA G 375 -14.14 -65.74 90.71
CA ALA G 375 -13.02 -66.26 91.50
C ALA G 375 -12.86 -65.39 92.75
N THR G 376 -12.79 -66.05 93.91
CA THR G 376 -12.71 -65.35 95.19
C THR G 376 -11.32 -65.53 95.78
N VAL G 377 -10.73 -64.43 96.24
CA VAL G 377 -9.40 -64.43 96.84
C VAL G 377 -9.48 -63.72 98.18
N THR G 378 -8.88 -64.34 99.20
CA THR G 378 -8.85 -63.75 100.53
C THR G 378 -7.75 -62.69 100.64
N VAL G 379 -7.93 -61.78 101.59
CA VAL G 379 -6.99 -60.70 101.87
C VAL G 379 -6.85 -60.57 103.37
N THR G 380 -5.63 -60.29 103.83
CA THR G 380 -5.34 -60.13 105.25
C THR G 380 -4.71 -58.75 105.44
N VAL G 381 -5.56 -57.75 105.68
CA VAL G 381 -5.10 -56.38 105.87
C VAL G 381 -4.44 -56.27 107.23
N PRO G 382 -3.17 -55.87 107.31
CA PRO G 382 -2.42 -55.74 108.57
C PRO G 382 -2.96 -54.63 109.46
N ILE H 4 55.66 -107.17 115.58
CA ILE H 4 55.42 -105.73 115.57
C ILE H 4 56.53 -105.02 114.80
N PHE H 5 56.17 -104.38 113.70
CA PHE H 5 57.11 -103.67 112.86
C PHE H 5 57.13 -102.19 113.23
N VAL H 6 57.99 -101.43 112.54
CA VAL H 6 58.15 -100.00 112.79
C VAL H 6 57.93 -99.24 111.49
N LYS H 7 57.10 -99.79 110.62
CA LYS H 7 56.85 -99.15 109.33
C LYS H 7 56.15 -97.80 109.55
N PRO H 8 56.57 -96.76 108.85
CA PRO H 8 55.94 -95.44 109.00
C PRO H 8 54.70 -95.32 108.12
N GLU H 9 54.04 -94.18 108.23
CA GLU H 9 52.85 -93.92 107.43
C GLU H 9 53.24 -93.52 106.01
N LEU H 10 52.27 -93.62 105.11
CA LEU H 10 52.45 -93.28 103.71
C LEU H 10 51.32 -92.39 103.24
N VAL H 11 51.65 -91.34 102.49
CA VAL H 11 50.68 -90.42 101.93
C VAL H 11 50.93 -90.37 100.42
N ALA H 12 49.93 -90.78 99.65
CA ALA H 12 50.01 -90.78 98.19
C ALA H 12 48.89 -89.93 97.61
N GLU H 13 49.10 -89.46 96.38
CA GLU H 13 48.17 -88.55 95.72
C GLU H 13 47.52 -89.27 94.54
N ILE H 14 46.19 -89.37 94.59
CA ILE H 14 45.39 -89.85 93.47
C ILE H 14 44.22 -88.90 93.32
N GLY H 15 43.62 -88.90 92.13
CA GLY H 15 42.53 -87.97 91.88
C GLY H 15 41.31 -88.27 92.74
N VAL H 16 41.11 -87.47 93.79
CA VAL H 16 39.97 -87.60 94.67
C VAL H 16 39.41 -86.21 94.95
N LYS H 17 39.78 -85.24 94.12
CA LYS H 17 39.46 -83.84 94.39
C LYS H 17 37.96 -83.64 94.47
N GLN H 18 37.54 -82.75 95.38
CA GLN H 18 36.13 -82.49 95.59
C GLN H 18 35.51 -81.89 94.34
N LEU H 19 34.25 -82.24 94.09
CA LEU H 19 33.55 -81.79 92.89
C LEU H 19 32.99 -80.39 93.14
N GLN H 20 33.37 -79.45 92.29
CA GLN H 20 32.94 -78.06 92.38
C GLN H 20 32.07 -77.70 91.19
N ARG H 21 31.50 -76.50 91.24
CA ARG H 21 30.61 -76.01 90.20
C ARG H 21 31.41 -75.57 88.98
N GLU H 22 30.70 -75.11 87.95
CA GLU H 22 31.31 -74.64 86.72
C GLU H 22 31.04 -73.16 86.55
N ILE H 23 32.07 -72.41 86.19
CA ILE H 23 31.95 -70.95 86.02
C ILE H 23 31.36 -70.67 84.64
N VAL H 24 30.04 -70.58 84.56
CA VAL H 24 29.35 -70.30 83.31
C VAL H 24 28.60 -68.98 83.34
N LEU H 25 28.03 -68.62 84.49
CA LEU H 25 27.25 -67.39 84.58
C LEU H 25 28.04 -66.12 84.26
N PRO H 26 29.26 -65.89 84.79
CA PRO H 26 29.95 -64.63 84.48
C PRO H 26 30.23 -64.43 83.00
N GLY H 27 30.29 -65.49 82.21
CA GLY H 27 30.48 -65.38 80.78
C GLY H 27 29.21 -65.20 79.98
N LEU H 28 28.06 -65.03 80.64
CA LEU H 28 26.79 -64.88 79.94
C LEU H 28 26.06 -63.61 80.37
N VAL H 29 26.76 -62.61 80.89
CA VAL H 29 26.15 -61.37 81.33
C VAL H 29 26.93 -60.21 80.74
N TRP H 30 26.27 -59.05 80.71
CA TRP H 30 26.88 -57.83 80.20
C TRP H 30 27.97 -57.38 81.17
N THR H 31 29.22 -57.43 80.72
CA THR H 31 30.38 -57.15 81.56
C THR H 31 31.08 -55.88 81.11
N ASN H 32 31.44 -55.04 82.09
CA ASN H 32 32.15 -53.79 81.87
C ASN H 32 31.39 -52.87 80.92
N PRO H 33 30.24 -52.34 81.33
CA PRO H 33 29.51 -51.44 80.43
C PRO H 33 30.16 -50.08 80.29
N LEU H 34 30.61 -49.49 81.40
CA LEU H 34 31.24 -48.18 81.39
C LEU H 34 32.46 -48.21 82.30
N THR H 35 33.41 -47.33 82.01
CA THR H 35 34.65 -47.23 82.77
C THR H 35 34.76 -45.84 83.38
N ASP H 36 35.89 -45.59 84.05
CA ASP H 36 36.19 -44.31 84.69
C ASP H 36 35.10 -43.94 85.70
N PHE H 37 34.91 -44.82 86.68
CA PHE H 37 33.93 -44.55 87.73
C PHE H 37 34.37 -43.42 88.66
N GLY H 38 35.65 -43.05 88.63
CA GLY H 38 36.13 -41.93 89.43
C GLY H 38 35.85 -40.57 88.86
N GLY H 39 35.32 -40.50 87.64
CA GLY H 39 34.94 -39.24 87.03
C GLY H 39 33.59 -38.71 87.46
N SER H 40 32.88 -39.43 88.33
CA SER H 40 31.56 -39.03 88.80
C SER H 40 31.56 -39.00 90.32
N LYS H 41 30.75 -38.11 90.88
CA LYS H 41 30.65 -37.99 92.33
C LYS H 41 30.05 -39.26 92.92
N ASN H 42 30.53 -39.64 94.10
CA ASN H 42 30.09 -40.83 94.83
C ASN H 42 30.30 -42.11 94.03
N ASP H 43 31.19 -42.07 93.03
CA ASP H 43 31.49 -43.23 92.19
C ASP H 43 30.22 -43.78 91.55
N THR H 44 29.32 -42.89 91.13
CA THR H 44 28.04 -43.26 90.55
C THR H 44 27.94 -42.68 89.15
N ILE H 45 28.10 -43.52 88.14
CA ILE H 45 27.96 -43.10 86.75
C ILE H 45 26.48 -43.16 86.37
N THR H 46 26.00 -42.10 85.73
CA THR H 46 24.60 -41.97 85.38
C THR H 46 24.39 -42.40 83.93
N VAL H 47 23.32 -43.16 83.69
CA VAL H 47 22.99 -43.70 82.38
C VAL H 47 21.66 -43.10 81.95
N ARG H 48 21.63 -42.52 80.75
CA ARG H 48 20.49 -41.77 80.26
C ARG H 48 19.62 -42.62 79.34
N VAL H 49 18.32 -42.59 79.58
CA VAL H 49 17.31 -43.23 78.73
C VAL H 49 16.51 -42.12 78.06
N PRO H 50 16.54 -42.02 76.73
CA PRO H 50 15.84 -40.92 76.05
C PRO H 50 14.33 -41.01 76.25
N ALA H 51 13.68 -39.85 76.18
CA ALA H 51 12.26 -39.74 76.42
C ALA H 51 11.45 -40.16 75.20
N ILE H 52 10.13 -40.22 75.39
CA ILE H 52 9.18 -40.47 74.32
C ILE H 52 8.10 -39.42 74.39
N THR H 53 7.44 -39.19 73.25
CA THR H 53 6.39 -38.19 73.14
C THR H 53 5.06 -38.87 72.85
N THR H 54 3.98 -38.11 73.05
CA THR H 54 2.63 -38.59 72.81
C THR H 54 1.89 -37.62 71.89
N ALA H 55 0.96 -38.17 71.12
CA ALA H 55 0.16 -37.39 70.18
C ALA H 55 -1.30 -37.52 70.57
N ASN H 56 -2.01 -36.40 70.56
CA ASN H 56 -3.42 -36.35 70.93
C ASN H 56 -4.29 -36.30 69.69
N ARG H 57 -5.50 -36.84 69.81
CA ARG H 57 -6.47 -36.84 68.72
C ARG H 57 -7.33 -35.59 68.78
N ARG H 58 -7.53 -34.97 67.63
CA ARG H 58 -8.23 -33.70 67.52
C ARG H 58 -9.36 -33.81 66.51
N ASP H 59 -10.52 -33.26 66.85
CA ASP H 59 -11.66 -33.24 65.94
C ASP H 59 -11.53 -32.10 64.97
N LEU H 60 -12.13 -32.26 63.79
CA LEU H 60 -12.06 -31.27 62.73
C LEU H 60 -13.30 -30.39 62.71
N ARG H 61 -13.13 -29.15 62.26
CA ARG H 61 -14.21 -28.17 62.13
C ARG H 61 -14.92 -27.94 63.46
N ASP H 62 -14.14 -27.89 64.53
CA ASP H 62 -14.62 -27.59 65.88
C ASP H 62 -13.47 -27.07 66.71
N PRO H 63 -13.28 -25.74 66.78
CA PRO H 63 -12.08 -25.20 67.43
C PRO H 63 -11.91 -25.63 68.88
N ASP H 64 -12.87 -25.27 69.74
CA ASP H 64 -12.87 -25.62 71.15
C ASP H 64 -11.47 -25.68 71.76
N ARG H 65 -11.05 -26.88 72.16
CA ARG H 65 -9.69 -27.07 72.66
C ARG H 65 -8.69 -27.05 71.51
N THR H 66 -7.88 -26.01 71.44
CA THR H 66 -6.85 -25.89 70.42
C THR H 66 -5.48 -26.19 71.00
N VAL H 67 -4.53 -26.43 70.10
CA VAL H 67 -3.15 -26.77 70.47
C VAL H 67 -3.15 -27.99 71.38
N ILE H 68 -3.09 -27.76 72.69
CA ILE H 68 -2.95 -28.83 73.68
C ILE H 68 -1.67 -29.60 73.35
N ALA H 69 -0.52 -28.99 73.59
CA ALA H 69 0.76 -29.55 73.19
C ALA H 69 1.17 -30.67 74.15
N SER H 70 2.37 -31.20 73.94
CA SER H 70 2.93 -32.25 74.78
C SER H 70 4.38 -31.90 75.08
N GLU H 71 5.04 -32.75 75.87
CA GLU H 71 6.42 -32.52 76.26
C GLU H 71 7.08 -33.85 76.57
N LEU H 72 8.41 -33.84 76.64
CA LEU H 72 9.19 -35.03 76.88
C LEU H 72 10.16 -34.80 78.03
N VAL H 73 10.34 -35.83 78.85
CA VAL H 73 11.25 -35.78 79.99
C VAL H 73 12.15 -37.02 79.90
N GLU H 74 13.41 -36.81 79.54
CA GLU H 74 14.35 -37.92 79.46
C GLU H 74 14.64 -38.46 80.85
N HIS H 75 14.67 -39.79 80.98
CA HIS H 75 14.88 -40.41 82.28
C HIS H 75 16.31 -40.91 82.40
N SER H 76 16.65 -41.45 83.56
CA SER H 76 18.01 -41.91 83.80
C SER H 76 18.06 -42.77 85.05
N PHE H 77 19.18 -43.46 85.22
CA PHE H 77 19.41 -44.27 86.41
C PHE H 77 20.91 -44.33 86.70
N GLY H 78 21.24 -44.50 87.97
CA GLY H 78 22.63 -44.48 88.42
C GLY H 78 23.17 -45.87 88.67
N VAL H 79 24.45 -46.07 88.36
CA VAL H 79 25.16 -47.31 88.59
C VAL H 79 26.42 -47.00 89.37
N THR H 80 26.64 -47.70 90.48
CA THR H 80 27.78 -47.43 91.34
C THR H 80 28.44 -48.74 91.76
N LEU H 81 29.74 -48.65 92.05
CA LEU H 81 30.49 -49.77 92.60
C LEU H 81 30.37 -49.75 94.11
N ASP H 82 29.96 -50.88 94.69
CA ASP H 82 29.68 -50.93 96.12
C ASP H 82 30.22 -52.16 96.84
N LYS H 83 30.88 -53.09 96.15
CA LYS H 83 31.40 -54.29 96.79
C LYS H 83 32.89 -54.40 96.52
N HIS H 84 33.63 -54.91 97.50
CA HIS H 84 35.08 -55.06 97.41
C HIS H 84 35.38 -56.54 97.71
N VAL H 85 35.43 -57.35 96.66
CA VAL H 85 35.63 -58.79 96.85
C VAL H 85 37.10 -59.04 97.17
N TYR H 86 37.36 -59.62 98.34
CA TYR H 86 38.71 -59.83 98.82
C TYR H 86 38.83 -61.21 99.45
N ALA H 87 40.02 -61.79 99.34
CA ALA H 87 40.35 -63.05 99.98
C ALA H 87 41.74 -62.92 100.61
N ALA H 88 41.83 -63.16 101.91
CA ALA H 88 43.05 -62.94 102.67
C ALA H 88 43.57 -64.26 103.22
N LEU H 89 44.89 -64.35 103.35
CA LEU H 89 45.52 -65.56 103.86
C LEU H 89 46.72 -65.19 104.71
N LYS H 90 46.62 -65.41 106.02
CA LYS H 90 47.78 -65.31 106.90
C LYS H 90 48.58 -66.60 106.85
N PHE H 91 49.90 -66.49 106.83
CA PHE H 91 50.76 -67.63 106.57
C PHE H 91 51.65 -68.07 107.72
N THR H 92 51.72 -67.29 108.81
CA THR H 92 52.42 -67.67 110.05
C THR H 92 53.77 -68.31 109.76
N ASP H 93 54.72 -67.50 109.27
CA ASP H 93 55.95 -67.92 108.60
C ASP H 93 56.57 -69.21 109.11
N GLU H 94 56.60 -69.40 110.43
CA GLU H 94 57.15 -70.65 110.97
C GLU H 94 56.43 -71.87 110.39
N GLN H 95 55.15 -71.73 110.05
CA GLN H 95 54.46 -72.76 109.27
C GLN H 95 54.84 -72.70 107.80
N ARG H 96 55.09 -71.49 107.28
CA ARG H 96 55.34 -71.33 105.85
C ARG H 96 56.57 -72.12 105.41
N THR H 97 57.69 -71.93 106.11
CA THR H 97 58.85 -72.74 105.73
C THR H 97 58.89 -74.05 106.50
N LEU H 98 57.73 -74.72 106.61
CA LEU H 98 57.69 -76.11 107.03
C LEU H 98 56.66 -76.89 106.22
N ASP H 99 55.62 -76.22 105.75
CA ASP H 99 54.42 -76.91 105.29
C ASP H 99 54.10 -76.66 103.82
N ILE H 100 53.95 -75.38 103.43
CA ILE H 100 53.54 -75.09 102.05
C ILE H 100 54.61 -75.58 101.08
N ARG H 101 54.16 -76.31 100.06
CA ARG H 101 55.08 -76.92 99.11
C ARG H 101 55.26 -76.03 97.89
N ASP H 102 54.16 -75.75 97.19
CA ASP H 102 54.19 -74.89 96.01
C ASP H 102 53.28 -73.70 96.24
N TYR H 103 53.83 -72.49 96.14
CA TYR H 103 53.04 -71.28 96.34
C TYR H 103 51.96 -71.14 95.28
N THR H 104 52.29 -71.46 94.02
CA THR H 104 51.34 -71.30 92.93
C THR H 104 50.25 -72.36 92.97
N LYS H 105 50.57 -73.57 93.44
CA LYS H 105 49.63 -74.68 93.36
C LYS H 105 48.61 -74.65 94.49
N GLN H 106 49.09 -74.70 95.73
CA GLN H 106 48.21 -74.88 96.89
C GLN H 106 47.73 -73.58 97.51
N VAL H 107 48.14 -72.43 96.99
CA VAL H 107 47.68 -71.15 97.54
C VAL H 107 47.09 -70.26 96.46
N LEU H 108 47.86 -69.99 95.40
CA LEU H 108 47.37 -69.10 94.35
C LEU H 108 46.17 -69.68 93.64
N MET H 109 46.22 -70.97 93.28
CA MET H 109 45.08 -71.60 92.64
C MET H 109 43.84 -71.66 93.53
N PRO H 110 43.94 -72.08 94.81
CA PRO H 110 42.75 -71.99 95.67
C PRO H 110 42.20 -70.59 95.83
N GLN H 111 43.07 -69.58 95.93
CA GLN H 111 42.59 -68.20 96.04
C GLN H 111 41.85 -67.78 94.77
N VAL H 112 42.42 -68.10 93.61
CA VAL H 112 41.77 -67.75 92.35
C VAL H 112 40.43 -68.44 92.23
N SER H 113 40.37 -69.72 92.59
CA SER H 113 39.11 -70.46 92.53
C SER H 113 38.08 -69.87 93.48
N ALA H 114 38.50 -69.51 94.70
CA ALA H 114 37.59 -68.93 95.67
C ALA H 114 37.05 -67.60 95.17
N VAL H 115 37.91 -66.76 94.59
CA VAL H 115 37.45 -65.48 94.07
C VAL H 115 36.48 -65.68 92.91
N ALA H 116 36.78 -66.63 92.01
CA ALA H 116 35.91 -66.89 90.88
C ALA H 116 34.54 -67.39 91.33
N TYR H 117 34.51 -68.29 92.31
CA TYR H 117 33.23 -68.80 92.79
C TYR H 117 32.47 -67.74 93.58
N GLU H 118 33.18 -66.87 94.30
CA GLU H 118 32.52 -65.75 94.96
C GLU H 118 31.89 -64.81 93.94
N LEU H 119 32.58 -64.57 92.82
CA LEU H 119 32.01 -63.74 91.76
C LEU H 119 30.79 -64.43 91.14
N GLU H 120 30.86 -65.75 90.95
CA GLU H 120 29.69 -66.47 90.44
C GLU H 120 28.52 -66.36 91.38
N ASP H 121 28.76 -66.47 92.69
CA ASP H 121 27.69 -66.28 93.66
C ASP H 121 27.16 -64.86 93.64
N TYR H 122 28.05 -63.88 93.46
CA TYR H 122 27.64 -62.49 93.35
C TYR H 122 26.68 -62.28 92.18
N ILE H 123 26.98 -62.92 91.04
CA ILE H 123 26.03 -62.93 89.94
C ILE H 123 24.76 -63.67 90.33
N ALA H 124 24.90 -64.75 91.12
CA ALA H 124 23.76 -65.61 91.43
C ALA H 124 22.70 -64.87 92.23
N GLU H 125 23.08 -64.24 93.35
CA GLU H 125 22.06 -63.55 94.12
C GLU H 125 21.55 -62.30 93.41
N LEU H 126 22.35 -61.72 92.50
CA LEU H 126 21.86 -60.59 91.72
C LEU H 126 20.82 -61.02 90.70
N ILE H 127 20.93 -62.24 90.17
CA ILE H 127 19.98 -62.70 89.17
C ILE H 127 18.56 -62.72 89.73
N GLU H 128 18.38 -63.30 90.91
CA GLU H 128 17.06 -63.33 91.55
C GLU H 128 16.80 -62.12 92.44
N GLY H 129 17.78 -61.24 92.61
CA GLY H 129 17.58 -60.04 93.41
C GLY H 129 16.97 -58.91 92.63
N ALA H 130 15.92 -59.19 91.87
CA ALA H 130 15.25 -58.22 91.03
C ALA H 130 13.75 -58.28 91.26
N PRO H 131 13.03 -57.17 91.02
CA PRO H 131 11.58 -57.18 91.24
C PRO H 131 10.84 -58.01 90.20
N TYR H 132 10.96 -59.33 90.28
CA TYR H 132 10.24 -60.21 89.37
C TYR H 132 8.76 -60.17 89.66
N GLU H 133 7.95 -60.22 88.60
CA GLU H 133 6.50 -60.12 88.72
C GLU H 133 5.84 -61.49 88.82
N GLU H 134 6.10 -62.36 87.85
CA GLU H 134 5.45 -63.65 87.75
C GLU H 134 6.46 -64.78 87.94
N THR H 135 5.93 -65.97 88.22
CA THR H 135 6.75 -67.17 88.39
C THR H 135 6.47 -68.23 87.34
N ILE H 136 5.54 -67.99 86.41
CA ILE H 136 5.26 -68.86 85.27
C ILE H 136 4.64 -70.19 85.73
N LEU H 137 5.22 -70.81 86.75
CA LEU H 137 4.71 -72.04 87.34
C LEU H 137 4.64 -73.16 86.30
N ILE H 138 5.82 -73.57 85.86
CA ILE H 138 5.93 -74.63 84.86
C ILE H 138 5.33 -75.92 85.40
N ASP H 139 4.43 -76.52 84.62
CA ASP H 139 3.88 -77.82 84.99
C ASP H 139 4.96 -78.90 84.83
N PRO H 140 5.10 -79.79 85.81
CA PRO H 140 6.17 -80.81 85.71
C PRO H 140 6.04 -81.72 84.49
N ALA H 141 4.81 -82.04 84.08
CA ALA H 141 4.61 -82.96 82.98
C ALA H 141 4.71 -82.25 81.63
N ASP H 142 3.89 -81.23 81.43
CA ASP H 142 3.80 -80.51 80.16
C ASP H 142 4.41 -79.13 80.36
N THR H 143 5.58 -78.90 79.75
CA THR H 143 6.37 -77.70 80.02
C THR H 143 6.41 -76.70 78.88
N VAL H 144 6.10 -77.11 77.65
CA VAL H 144 6.16 -76.18 76.51
C VAL H 144 5.25 -74.98 76.69
N PRO H 145 4.00 -75.12 77.17
CA PRO H 145 3.17 -73.93 77.38
C PRO H 145 3.78 -72.91 78.33
N ALA H 146 4.55 -73.35 79.33
CA ALA H 146 5.20 -72.40 80.22
C ALA H 146 6.20 -71.53 79.48
N PHE H 147 7.02 -72.15 78.63
CA PHE H 147 7.99 -71.38 77.84
C PHE H 147 7.28 -70.48 76.83
N ILE H 148 6.20 -70.97 76.22
CA ILE H 148 5.43 -70.14 75.29
C ILE H 148 4.85 -68.94 76.02
N THR H 149 4.33 -69.15 77.24
CA THR H 149 3.79 -68.06 78.02
C THR H 149 4.87 -67.05 78.39
N ALA H 150 6.06 -67.53 78.76
CA ALA H 150 7.17 -66.61 79.05
C ALA H 150 7.53 -65.80 77.82
N ASP H 151 7.59 -66.45 76.65
CA ASP H 151 7.92 -65.74 75.42
C ASP H 151 6.87 -64.68 75.09
N GLN H 152 5.59 -65.00 75.25
CA GLN H 152 4.56 -64.02 74.93
C GLN H 152 4.50 -62.91 75.97
N ARG H 153 4.86 -63.21 77.22
CA ARG H 153 4.97 -62.14 78.22
C ARG H 153 6.10 -61.18 77.87
N MET H 154 7.24 -61.73 77.42
CA MET H 154 8.33 -60.87 76.97
C MET H 154 7.93 -60.05 75.75
N GLY H 155 7.20 -60.67 74.82
CA GLY H 155 6.73 -59.95 73.64
C GLY H 155 5.74 -58.85 73.97
N GLU H 156 4.90 -59.06 74.97
CA GLU H 156 3.92 -58.05 75.37
C GLU H 156 4.61 -56.78 75.86
N ALA H 157 5.72 -56.93 76.57
CA ALA H 157 6.51 -55.80 77.04
C ALA H 157 7.38 -55.19 75.95
N ASN H 158 7.24 -55.66 74.71
CA ASN H 158 8.01 -55.15 73.57
C ASN H 158 9.50 -55.34 73.75
N VAL H 159 9.89 -56.38 74.48
CA VAL H 159 11.31 -56.70 74.65
C VAL H 159 11.85 -57.26 73.34
N PRO H 160 12.99 -56.79 72.85
CA PRO H 160 13.54 -57.33 71.59
C PRO H 160 13.82 -58.82 71.71
N THR H 161 13.53 -59.55 70.64
CA THR H 161 13.72 -61.00 70.64
C THR H 161 15.19 -61.39 70.52
N ASP H 162 15.99 -60.61 69.80
CA ASP H 162 17.40 -60.93 69.64
C ASP H 162 18.16 -60.74 70.95
N SER H 163 19.19 -61.57 71.13
CA SER H 163 20.05 -61.53 72.31
C SER H 163 19.24 -61.72 73.60
N ARG H 164 18.58 -62.86 73.70
CA ARG H 164 17.80 -63.25 74.87
C ARG H 164 18.48 -64.46 75.51
N ARG H 165 19.17 -64.25 76.62
CA ARG H 165 19.90 -65.30 77.30
C ARG H 165 18.99 -66.03 78.28
N LEU H 166 18.91 -67.34 78.16
CA LEU H 166 18.12 -68.18 79.05
C LEU H 166 19.04 -69.15 79.77
N VAL H 167 18.95 -69.17 81.10
CA VAL H 167 19.74 -70.06 81.94
C VAL H 167 18.79 -70.88 82.79
N VAL H 168 18.93 -72.20 82.74
CA VAL H 168 18.06 -73.11 83.46
C VAL H 168 18.91 -73.99 84.38
N GLY H 169 18.26 -74.52 85.42
CA GLY H 169 18.93 -75.39 86.36
C GLY H 169 18.90 -76.84 85.91
N SER H 170 19.49 -77.69 86.77
CA SER H 170 19.49 -79.13 86.48
C SER H 170 18.08 -79.69 86.49
N ALA H 171 17.26 -79.26 87.44
CA ALA H 171 15.89 -79.76 87.52
C ALA H 171 15.06 -79.34 86.31
N VAL H 172 15.29 -78.12 85.81
CA VAL H 172 14.56 -77.67 84.62
C VAL H 172 14.93 -78.53 83.42
N ALA H 173 16.23 -78.83 83.26
CA ALA H 173 16.66 -79.69 82.17
C ALA H 173 16.09 -81.10 82.32
N ALA H 174 16.05 -81.62 83.54
CA ALA H 174 15.47 -82.93 83.77
C ALA H 174 13.99 -82.95 83.43
N ALA H 175 13.27 -81.90 83.80
CA ALA H 175 11.84 -81.83 83.47
C ALA H 175 11.62 -81.72 81.97
N LEU H 176 12.48 -80.96 81.28
CA LEU H 176 12.39 -80.87 79.83
C LEU H 176 12.64 -82.23 79.18
N ALA H 177 13.63 -82.97 79.69
CA ALA H 177 13.92 -84.30 79.16
C ALA H 177 12.75 -85.25 79.42
N LYS H 178 12.14 -85.17 80.60
CA LYS H 178 11.04 -86.05 80.94
C LYS H 178 9.77 -85.74 80.15
N ASP H 179 9.68 -84.56 79.55
CA ASP H 179 8.50 -84.18 78.79
C ASP H 179 8.32 -85.08 77.57
N LYS H 180 7.08 -85.49 77.32
CA LYS H 180 6.78 -86.32 76.16
C LYS H 180 6.95 -85.57 74.85
N GLN H 181 6.99 -84.24 74.89
CA GLN H 181 7.18 -83.46 73.67
C GLN H 181 8.58 -83.68 73.09
N PHE H 182 9.56 -83.98 73.93
CA PHE H 182 10.94 -84.22 73.49
C PHE H 182 11.28 -85.69 73.38
N ARG H 183 10.79 -86.52 74.30
CA ARG H 183 11.10 -87.95 74.25
C ARG H 183 10.51 -88.61 73.01
N HIS H 184 9.28 -88.26 72.65
CA HIS H 184 8.63 -88.85 71.49
C HIS H 184 9.07 -88.13 70.22
N ALA H 185 9.66 -88.87 69.29
CA ALA H 185 10.14 -88.26 68.06
C ALA H 185 9.00 -87.73 67.21
N ASP H 186 7.87 -88.44 67.18
CA ASP H 186 6.72 -87.96 66.43
C ASP H 186 6.17 -86.66 67.01
N TRP H 187 6.38 -86.43 68.31
CA TRP H 187 5.99 -85.19 68.95
C TRP H 187 7.14 -84.18 69.05
N SER H 188 8.31 -84.52 68.53
CA SER H 188 9.48 -83.64 68.57
C SER H 188 9.96 -83.20 67.21
N GLY H 189 9.91 -84.09 66.21
CA GLY H 189 10.30 -83.72 64.86
C GLY H 189 11.62 -84.31 64.41
N ASP H 190 12.60 -84.34 65.31
CA ASP H 190 13.92 -84.86 64.98
C ASP H 190 13.94 -86.38 65.15
N GLN H 191 14.40 -87.08 64.10
CA GLN H 191 14.50 -88.53 64.15
C GLN H 191 15.68 -89.02 64.96
N ALA H 192 16.63 -88.15 65.29
CA ALA H 192 17.76 -88.56 66.12
C ALA H 192 17.33 -88.90 67.53
N ASN H 193 16.32 -88.20 68.06
CA ASN H 193 15.80 -88.42 69.41
C ASN H 193 16.90 -88.25 70.46
N ALA H 194 17.43 -87.03 70.53
CA ALA H 194 18.48 -86.73 71.50
C ALA H 194 18.01 -86.86 72.94
N ALA H 195 16.70 -86.77 73.18
CA ALA H 195 16.19 -86.95 74.54
C ALA H 195 16.38 -88.38 75.03
N LEU H 196 16.33 -89.36 74.13
CA LEU H 196 16.50 -90.75 74.49
C LEU H 196 17.96 -91.20 74.42
N ARG H 197 18.67 -90.80 73.36
CA ARG H 197 20.06 -91.22 73.20
C ARG H 197 21.00 -90.46 74.14
N GLU H 198 20.64 -89.23 74.51
CA GLU H 198 21.47 -88.42 75.40
C GLU H 198 20.55 -87.69 76.36
N ALA H 199 21.10 -86.72 77.09
CA ALA H 199 20.34 -85.90 78.01
C ALA H 199 20.18 -84.46 77.53
N HIS H 200 20.83 -84.07 76.45
CA HIS H 200 20.73 -82.71 75.95
C HIS H 200 19.33 -82.45 75.38
N VAL H 201 18.81 -81.25 75.65
CA VAL H 201 17.48 -80.88 75.18
C VAL H 201 17.56 -80.12 73.86
N GLY H 202 18.41 -79.10 73.79
CA GLY H 202 18.57 -78.33 72.58
C GLY H 202 17.78 -77.03 72.60
N ARG H 203 17.61 -76.46 71.40
CA ARG H 203 16.90 -75.20 71.26
C ARG H 203 15.42 -75.40 71.59
N LEU H 204 14.85 -74.43 72.30
CA LEU H 204 13.44 -74.49 72.69
C LEU H 204 12.86 -73.09 72.73
N ALA H 205 11.77 -72.88 71.99
CA ALA H 205 11.06 -71.60 71.95
C ALA H 205 11.99 -70.45 71.57
N GLY H 206 12.89 -70.70 70.63
CA GLY H 206 13.82 -69.67 70.18
C GLY H 206 14.77 -69.20 71.24
N MET H 207 15.19 -70.08 72.14
CA MET H 207 16.11 -69.73 73.22
C MET H 207 17.21 -70.79 73.30
N ASN H 208 18.30 -70.42 73.96
CA ASN H 208 19.43 -71.32 74.17
C ASN H 208 19.40 -71.82 75.60
N VAL H 209 19.53 -73.13 75.78
CA VAL H 209 19.45 -73.76 77.09
C VAL H 209 20.87 -73.90 77.63
N ILE H 210 21.14 -73.26 78.77
CA ILE H 210 22.43 -73.32 79.43
C ILE H 210 22.21 -73.79 80.87
N ARG H 211 22.88 -74.86 81.26
CA ARG H 211 22.73 -75.43 82.59
C ARG H 211 23.69 -74.74 83.56
N SER H 212 23.16 -74.35 84.72
CA SER H 212 23.97 -73.71 85.75
C SER H 212 23.42 -74.09 87.11
N ASN H 213 24.30 -74.61 87.98
CA ASN H 213 23.90 -75.04 89.31
C ASN H 213 23.96 -73.93 90.35
N ALA H 214 24.45 -72.74 89.98
CA ALA H 214 24.50 -71.63 90.93
C ALA H 214 23.09 -71.21 91.34
N ILE H 215 22.17 -71.13 90.39
CA ILE H 215 20.79 -70.80 90.67
C ILE H 215 20.08 -72.02 91.24
N ALA H 216 18.89 -71.82 91.78
CA ALA H 216 18.13 -72.94 92.32
C ALA H 216 17.79 -73.92 91.19
N PRO H 217 17.83 -75.23 91.46
CA PRO H 217 17.56 -76.20 90.38
C PRO H 217 16.18 -76.04 89.76
N ASP H 218 15.16 -75.74 90.56
CA ASP H 218 13.81 -75.54 90.03
C ASP H 218 13.54 -74.07 89.71
N LYS H 219 14.44 -73.47 88.94
CA LYS H 219 14.33 -72.07 88.58
C LYS H 219 15.04 -71.84 87.25
N ALA H 220 14.44 -71.00 86.41
CA ALA H 220 15.02 -70.62 85.13
C ALA H 220 14.86 -69.11 84.96
N TYR H 221 15.81 -68.49 84.28
CA TYR H 221 15.79 -67.05 84.06
C TYR H 221 16.04 -66.74 82.60
N LEU H 222 15.15 -65.96 81.99
CA LEU H 222 15.30 -65.52 80.60
C LEU H 222 15.35 -64.00 80.60
N TRP H 223 16.48 -63.44 80.22
CA TRP H 223 16.69 -61.99 80.28
C TRP H 223 17.29 -61.49 78.99
N HIS H 224 16.94 -60.24 78.65
CA HIS H 224 17.54 -59.58 77.50
C HIS H 224 19.00 -59.24 77.79
N ARG H 225 19.76 -58.96 76.73
CA ARG H 225 21.17 -58.67 76.88
C ARG H 225 21.40 -57.43 77.75
N THR H 226 20.59 -56.40 77.56
CA THR H 226 20.70 -55.18 78.35
C THR H 226 19.68 -55.22 79.49
N ALA H 227 19.96 -56.08 80.47
CA ALA H 227 19.10 -56.23 81.63
C ALA H 227 19.83 -56.06 82.95
N PHE H 228 21.08 -56.53 83.04
CA PHE H 228 21.88 -56.42 84.26
C PHE H 228 23.18 -55.70 83.94
N ILE H 229 23.59 -54.81 84.84
CA ILE H 229 24.82 -54.05 84.69
C ILE H 229 25.82 -54.54 85.74
N LEU H 230 26.93 -55.09 85.28
CA LEU H 230 27.99 -55.58 86.15
C LEU H 230 29.28 -54.86 85.79
N ALA H 231 29.83 -54.12 86.75
CA ALA H 231 31.06 -53.36 86.53
C ALA H 231 32.15 -53.89 87.45
N TYR H 232 33.36 -54.05 86.92
CA TYR H 232 34.49 -54.57 87.66
C TYR H 232 35.68 -53.63 87.53
N ARG H 233 36.38 -53.41 88.62
CA ARG H 233 37.53 -52.50 88.67
C ARG H 233 38.73 -53.23 89.28
N THR H 234 39.84 -53.20 88.56
CA THR H 234 41.07 -53.77 89.06
C THR H 234 41.75 -52.78 90.00
N PRO H 235 42.02 -53.17 91.25
CA PRO H 235 42.67 -52.24 92.18
C PRO H 235 44.05 -51.86 91.70
N VAL H 236 44.43 -50.61 91.97
CA VAL H 236 45.73 -50.09 91.55
C VAL H 236 46.78 -50.51 92.55
N VAL H 237 47.87 -51.10 92.06
CA VAL H 237 48.95 -51.56 92.93
C VAL H 237 49.60 -50.35 93.61
N PRO H 238 49.70 -50.33 94.93
CA PRO H 238 50.33 -49.18 95.60
C PRO H 238 51.82 -49.10 95.28
N GLU H 239 52.34 -47.88 95.32
CA GLU H 239 53.75 -47.62 95.05
C GLU H 239 54.63 -47.81 96.27
N GLY H 240 54.05 -48.11 97.43
CA GLY H 240 54.84 -48.30 98.64
C GLY H 240 54.74 -49.71 99.20
N ALA H 241 54.57 -50.69 98.31
CA ALA H 241 54.43 -52.09 98.73
C ALA H 241 55.19 -52.98 97.75
N LYS H 242 55.44 -54.21 98.18
CA LYS H 242 56.14 -55.17 97.33
C LYS H 242 55.31 -55.46 96.09
N ALA H 243 56.00 -55.61 94.96
CA ALA H 243 55.33 -55.88 93.70
C ALA H 243 54.64 -57.24 93.73
N GLY H 244 53.40 -57.29 93.25
CA GLY H 244 52.64 -58.51 93.22
C GLY H 244 52.58 -59.15 91.85
N ALA H 245 51.37 -59.38 91.35
CA ALA H 245 51.18 -59.98 90.03
C ALA H 245 49.87 -59.44 89.46
N SER H 246 49.46 -60.02 88.33
CA SER H 246 48.25 -59.62 87.62
C SER H 246 47.38 -60.83 87.32
N PHE H 247 47.17 -61.67 88.33
CA PHE H 247 46.34 -62.85 88.16
C PHE H 247 44.91 -62.46 87.79
N SER H 248 44.37 -63.13 86.77
CA SER H 248 43.03 -62.86 86.28
C SER H 248 42.25 -64.17 86.21
N ALA H 249 40.99 -64.12 86.61
CA ALA H 249 40.10 -65.28 86.58
C ALA H 249 38.84 -64.93 85.82
N ASN H 250 38.54 -65.73 84.78
CA ASN H 250 37.34 -65.55 83.97
C ASN H 250 37.26 -64.14 83.38
N GLY H 251 38.39 -63.65 82.89
CA GLY H 251 38.44 -62.34 82.26
C GLY H 251 38.79 -61.17 83.15
N VAL H 252 38.08 -61.03 84.27
CA VAL H 252 38.35 -59.93 85.19
C VAL H 252 39.70 -60.13 85.87
N ALA H 253 40.48 -59.06 85.96
CA ALA H 253 41.79 -59.12 86.59
C ALA H 253 41.69 -58.78 88.07
N LEU H 254 42.49 -59.47 88.88
CA LEU H 254 42.51 -59.29 90.33
C LEU H 254 43.84 -58.68 90.74
N ARG H 255 43.89 -58.15 91.95
CA ARG H 255 45.12 -57.60 92.50
C ARG H 255 45.60 -58.50 93.63
N TRP H 256 46.85 -58.97 93.53
CA TRP H 256 47.47 -59.83 94.53
C TRP H 256 48.54 -59.02 95.26
N LEU H 257 48.24 -58.64 96.50
CA LEU H 257 49.14 -57.83 97.31
C LEU H 257 49.62 -58.66 98.49
N ALA H 258 50.94 -58.79 98.63
CA ALA H 258 51.56 -59.57 99.70
C ALA H 258 52.50 -58.67 100.49
N ASP H 259 52.45 -58.78 101.82
CA ASP H 259 53.26 -57.96 102.69
C ASP H 259 53.79 -58.79 103.86
N TYR H 260 55.00 -58.43 104.30
CA TYR H 260 55.66 -59.11 105.40
C TYR H 260 55.36 -58.37 106.70
N ASP H 261 54.64 -59.03 107.61
CA ASP H 261 54.28 -58.47 108.90
C ASP H 261 55.40 -58.81 109.88
N TYR H 262 56.28 -57.84 110.13
CA TYR H 262 57.37 -58.04 111.08
C TYR H 262 56.86 -58.11 112.51
N SER H 263 55.79 -57.36 112.83
CA SER H 263 55.24 -57.39 114.17
C SER H 263 54.69 -58.78 114.51
N GLN H 264 54.00 -59.41 113.57
CA GLN H 264 53.41 -60.73 113.79
C GLN H 264 54.31 -61.86 113.29
N LEU H 265 55.49 -61.53 112.76
CA LEU H 265 56.44 -62.54 112.25
C LEU H 265 55.77 -63.44 111.21
N GLY H 266 55.06 -62.83 110.26
CA GLY H 266 54.31 -63.58 109.29
C GLY H 266 54.33 -62.93 107.92
N ASP H 267 53.67 -63.60 106.97
CA ASP H 267 53.46 -63.08 105.63
C ASP H 267 51.97 -63.14 105.32
N ARG H 268 51.41 -62.02 104.84
CA ARG H 268 49.98 -61.92 104.61
C ARG H 268 49.71 -61.49 103.17
N THR H 269 48.81 -62.20 102.51
CA THR H 269 48.48 -61.95 101.12
C THR H 269 46.98 -61.73 100.98
N LEU H 270 46.63 -60.91 99.98
CA LEU H 270 45.24 -60.53 99.72
C LEU H 270 45.00 -60.43 98.23
N LEU H 271 43.97 -61.12 97.76
CA LEU H 271 43.50 -61.05 96.37
C LEU H 271 42.20 -60.26 96.38
N ASP H 272 42.20 -59.08 95.76
CA ASP H 272 41.06 -58.18 95.86
C ASP H 272 40.71 -57.58 94.50
N VAL H 273 39.45 -57.17 94.38
CA VAL H 273 38.92 -56.55 93.16
C VAL H 273 37.62 -55.82 93.52
N PHE H 274 37.41 -54.65 92.91
CA PHE H 274 36.20 -53.87 93.15
C PHE H 274 35.12 -54.29 92.17
N THR H 275 33.86 -54.22 92.61
CA THR H 275 32.74 -54.58 91.74
C THR H 275 31.50 -53.80 92.12
N GLY H 276 30.59 -53.72 91.16
CA GLY H 276 29.32 -53.04 91.34
C GLY H 276 28.25 -53.66 90.49
N ARG H 277 27.02 -53.64 91.03
CA ARG H 277 25.88 -54.31 90.42
C ARG H 277 24.75 -53.32 90.22
N LYS H 278 23.94 -53.57 89.19
CA LYS H 278 22.77 -52.73 88.93
C LYS H 278 21.74 -53.54 88.17
N VAL H 279 20.47 -53.36 88.53
CA VAL H 279 19.34 -53.98 87.85
C VAL H 279 18.65 -52.90 87.01
N VAL H 280 18.61 -53.11 85.70
CA VAL H 280 18.01 -52.13 84.80
C VAL H 280 16.49 -52.30 84.85
N THR H 281 15.80 -51.25 85.28
CA THR H 281 14.34 -51.27 85.39
C THR H 281 13.75 -50.05 84.71
N GLU H 282 12.46 -50.16 84.39
CA GLU H 282 11.73 -49.10 83.71
C GLU H 282 11.38 -48.00 84.72
N VAL H 283 10.92 -46.85 84.21
CA VAL H 283 10.79 -45.67 85.05
C VAL H 283 9.75 -45.88 86.16
N ASP H 284 8.67 -46.61 85.85
CA ASP H 284 7.61 -46.85 86.82
C ASP H 284 7.91 -48.02 87.75
N GLY H 285 9.17 -48.44 87.84
CA GLY H 285 9.53 -49.56 88.69
C GLY H 285 8.95 -50.88 88.24
N SER H 286 8.93 -51.13 86.94
CA SER H 286 8.41 -52.38 86.37
C SER H 286 9.56 -53.10 85.67
N PHE H 287 10.12 -54.10 86.33
CA PHE H 287 11.22 -54.90 85.78
C PHE H 287 10.64 -55.89 84.77
N VAL H 288 10.49 -55.43 83.54
CA VAL H 288 9.92 -56.24 82.46
C VAL H 288 10.98 -56.71 81.48
N ARG H 289 12.25 -56.53 81.79
CA ARG H 289 13.34 -56.95 80.92
C ARG H 289 13.78 -58.39 81.15
N ALA H 290 13.18 -59.08 82.11
CA ALA H 290 13.53 -60.46 82.39
C ALA H 290 12.31 -61.19 82.94
N VAL H 291 12.34 -62.52 82.82
CA VAL H 291 11.25 -63.37 83.28
C VAL H 291 11.84 -64.55 84.05
N GLU H 292 11.17 -64.93 85.13
CA GLU H 292 11.57 -66.05 85.99
C GLU H 292 10.55 -67.16 85.87
N LEU H 293 11.03 -68.37 85.58
CA LEU H 293 10.19 -69.56 85.44
C LEU H 293 10.45 -70.50 86.61
N GLN H 294 9.38 -70.96 87.25
CA GLN H 294 9.47 -71.82 88.42
C GLN H 294 8.79 -73.15 88.15
N LEU H 295 9.44 -74.23 88.59
CA LEU H 295 8.89 -75.58 88.46
C LEU H 295 7.99 -75.83 89.66
N GLN H 296 6.69 -75.59 89.49
CA GLN H 296 5.74 -75.82 90.57
C GLN H 296 5.64 -77.30 90.90
N ALA H 297 5.57 -77.60 92.19
CA ALA H 297 5.54 -78.98 92.67
C ALA H 297 4.12 -79.37 93.09
N SER H 298 3.89 -80.68 93.12
CA SER H 298 2.60 -81.24 93.51
C SER H 298 2.67 -82.19 94.69
N SER H 299 3.85 -82.72 95.02
CA SER H 299 3.99 -83.63 96.15
C SER H 299 5.41 -83.55 96.69
N ILE H 300 5.56 -83.87 97.97
CA ILE H 300 6.86 -83.89 98.64
C ILE H 300 6.99 -85.19 99.40
N THR H 301 8.23 -85.55 99.70
CA THR H 301 8.51 -86.76 100.47
C THR H 301 9.88 -86.63 101.13
N ILE H 302 10.02 -87.23 102.30
CA ILE H 302 11.30 -87.22 103.01
C ILE H 302 12.17 -88.32 102.46
N VAL H 303 13.40 -87.96 102.07
CA VAL H 303 14.31 -88.90 101.44
C VAL H 303 14.73 -89.98 102.45
N GLY H 304 14.96 -91.19 101.95
CA GLY H 304 15.40 -92.29 102.77
C GLY H 304 14.29 -93.11 103.39
N GLY H 305 13.04 -92.66 103.29
CA GLY H 305 11.95 -93.41 103.88
C GLY H 305 12.09 -93.49 105.39
N ALA H 306 11.69 -94.64 105.95
CA ALA H 306 11.82 -94.86 107.38
C ALA H 306 13.27 -95.04 107.76
N PHE H 307 13.61 -94.58 108.97
CA PHE H 307 14.97 -94.69 109.48
C PHE H 307 14.91 -94.77 111.00
N ALA H 308 15.94 -95.37 111.60
CA ALA H 308 16.00 -95.46 113.06
C ALA H 308 16.49 -94.15 113.65
N LEU H 309 17.75 -93.79 113.37
CA LEU H 309 18.38 -92.50 113.61
C LEU H 309 19.89 -92.73 113.53
N ALA H 310 20.58 -92.61 114.67
CA ALA H 310 21.97 -93.05 114.79
C ALA H 310 22.13 -93.88 116.05
N THR H 311 21.45 -93.47 117.11
CA THR H 311 21.51 -94.10 118.44
C THR H 311 20.42 -93.47 119.30
N THR H 312 20.40 -93.82 120.58
CA THR H 312 19.41 -93.26 121.49
C THR H 312 19.67 -91.79 121.81
N THR H 313 20.89 -91.32 121.62
CA THR H 313 21.27 -89.94 121.94
C THR H 313 22.07 -89.33 120.80
N GLY H 314 21.57 -89.49 119.57
CA GLY H 314 22.23 -88.99 118.39
C GLY H 314 21.44 -87.89 117.69
N THR H 315 21.93 -87.51 116.52
CA THR H 315 21.30 -86.50 115.68
C THR H 315 21.25 -87.00 114.25
N LYS H 316 20.26 -86.48 113.50
CA LYS H 316 20.10 -86.86 112.10
C LYS H 316 19.55 -85.66 111.34
N GLN H 317 20.26 -85.24 110.29
CA GLN H 317 19.84 -84.11 109.47
C GLN H 317 18.84 -84.62 108.44
N LEU H 318 17.55 -84.48 108.72
CA LEU H 318 16.52 -84.94 107.80
C LEU H 318 16.47 -84.07 106.56
N LYS H 319 16.22 -84.69 105.42
CA LYS H 319 16.14 -84.00 104.14
C LYS H 319 14.85 -84.37 103.44
N VAL H 320 14.22 -83.37 102.80
CA VAL H 320 12.95 -83.54 102.12
C VAL H 320 13.10 -83.08 100.68
N ARG H 321 12.54 -83.85 99.75
CA ARG H 321 12.62 -83.58 98.33
C ARG H 321 11.23 -83.64 97.71
N ASP H 322 10.98 -82.79 96.73
CA ASP H 322 9.68 -82.75 96.08
C ASP H 322 9.58 -83.87 95.04
N ASP H 323 8.42 -83.94 94.37
CA ASP H 323 8.23 -84.93 93.33
C ASP H 323 9.13 -84.65 92.13
N ASN H 324 9.41 -83.38 91.85
CA ASN H 324 10.29 -83.05 90.73
C ASN H 324 11.72 -83.52 90.98
N GLY H 325 12.17 -83.45 92.23
CA GLY H 325 13.52 -83.87 92.56
C GLY H 325 14.43 -82.74 92.96
N THR H 326 13.88 -81.73 93.64
CA THR H 326 14.64 -80.56 94.06
C THR H 326 14.71 -80.51 95.58
N ASP H 327 15.87 -80.09 96.08
CA ASP H 327 16.03 -79.94 97.53
C ASP H 327 15.25 -78.73 98.02
N VAL H 328 14.38 -78.96 99.00
CA VAL H 328 13.53 -77.90 99.56
C VAL H 328 13.66 -77.88 101.07
N THR H 329 14.79 -78.39 101.58
CA THR H 329 14.98 -78.47 103.03
C THR H 329 14.98 -77.09 103.67
N ALA H 330 15.60 -76.10 103.01
CA ALA H 330 15.67 -74.76 103.58
C ALA H 330 14.30 -74.14 103.72
N ARG H 331 13.41 -74.37 102.76
CA ARG H 331 12.10 -73.74 102.73
C ARG H 331 10.98 -74.67 103.18
N CYS H 332 11.28 -75.62 104.07
CA CYS H 332 10.29 -76.53 104.63
C CYS H 332 10.27 -76.40 106.14
N THR H 333 9.08 -76.53 106.72
CA THR H 333 8.94 -76.53 108.17
C THR H 333 8.73 -77.95 108.67
N PHE H 334 9.17 -78.21 109.90
CA PHE H 334 9.11 -79.54 110.49
C PHE H 334 8.40 -79.46 111.84
N ALA H 335 7.47 -80.39 112.07
CA ALA H 335 6.73 -80.47 113.31
C ALA H 335 6.83 -81.88 113.86
N SER H 336 6.84 -81.99 115.19
CA SER H 336 6.91 -83.27 115.89
C SER H 336 5.64 -83.46 116.71
N SER H 337 4.92 -84.56 116.45
CA SER H 337 3.76 -84.90 117.26
C SER H 337 4.14 -85.60 118.55
N ALA H 338 5.41 -85.96 118.72
CA ALA H 338 5.93 -86.63 119.91
C ALA H 338 7.19 -85.93 120.39
N GLY H 339 7.10 -84.61 120.53
CA GLY H 339 8.27 -83.79 120.82
C GLY H 339 9.05 -84.27 122.03
N THR H 340 8.35 -84.78 123.05
CA THR H 340 9.05 -85.35 124.20
C THR H 340 9.82 -86.61 123.80
N LYS H 341 9.25 -87.42 122.91
CA LYS H 341 9.93 -88.64 122.47
C LYS H 341 11.07 -88.31 121.51
N ALA H 342 10.84 -87.40 120.56
CA ALA H 342 11.85 -87.02 119.58
C ALA H 342 11.82 -85.51 119.39
N THR H 343 13.00 -84.90 119.41
CA THR H 343 13.15 -83.45 119.28
C THR H 343 13.66 -83.12 117.89
N VAL H 344 12.96 -82.21 117.20
CA VAL H 344 13.32 -81.80 115.85
C VAL H 344 13.67 -80.32 115.86
N SER H 345 14.61 -79.95 115.00
CA SER H 345 15.08 -78.58 114.90
C SER H 345 14.35 -77.86 113.75
N ALA H 346 14.62 -76.57 113.62
CA ALA H 346 14.00 -75.77 112.56
C ALA H 346 14.46 -76.24 111.18
N ALA H 347 15.74 -76.58 111.04
CA ALA H 347 16.29 -77.01 109.76
C ALA H 347 16.05 -78.49 109.48
N GLY H 348 15.44 -79.22 110.41
CA GLY H 348 15.17 -80.64 110.24
C GLY H 348 16.14 -81.55 110.94
N LEU H 349 17.07 -81.02 111.73
CA LEU H 349 18.03 -81.85 112.47
C LEU H 349 17.31 -82.45 113.67
N VAL H 350 16.78 -83.65 113.48
CA VAL H 350 16.05 -84.33 114.56
C VAL H 350 17.05 -84.96 115.52
N THR H 351 16.86 -84.71 116.81
CA THR H 351 17.73 -85.21 117.85
C THR H 351 16.97 -86.20 118.72
N GLY H 352 17.56 -87.37 118.95
CA GLY H 352 16.94 -88.37 119.79
C GLY H 352 17.20 -88.14 121.27
N VAL H 353 16.15 -87.83 122.01
CA VAL H 353 16.28 -87.55 123.44
C VAL H 353 15.76 -88.74 124.23
N ALA H 354 14.75 -89.43 123.70
CA ALA H 354 14.16 -90.59 124.34
C ALA H 354 14.00 -91.71 123.33
N ALA H 355 14.42 -92.91 123.72
CA ALA H 355 14.25 -94.07 122.85
C ALA H 355 12.79 -94.45 122.73
N GLY H 356 12.38 -94.84 121.53
CA GLY H 356 11.00 -95.20 121.28
C GLY H 356 10.65 -95.01 119.82
N THR H 357 9.38 -94.76 119.57
CA THR H 357 8.86 -94.55 118.23
C THR H 357 8.09 -93.23 118.19
N ALA H 358 8.38 -92.41 117.18
CA ALA H 358 7.74 -91.11 117.02
C ALA H 358 7.47 -90.86 115.55
N ASP H 359 6.85 -89.72 115.26
CA ASP H 359 6.56 -89.30 113.89
C ASP H 359 6.96 -87.84 113.71
N ILE H 360 7.43 -87.50 112.50
CA ILE H 360 7.77 -86.13 112.15
C ILE H 360 7.03 -85.78 110.86
N THR H 361 6.37 -84.63 110.86
CA THR H 361 5.61 -84.16 109.70
C THR H 361 6.32 -82.94 109.11
N ALA H 362 6.65 -83.01 107.83
CA ALA H 362 7.28 -81.93 107.10
C ALA H 362 6.26 -81.27 106.20
N SER H 363 6.14 -79.94 106.28
CA SER H 363 5.21 -79.17 105.49
C SER H 363 5.96 -78.22 104.58
N TYR H 364 5.47 -78.09 103.35
CA TYR H 364 6.08 -77.25 102.33
C TYR H 364 5.00 -76.43 101.65
N VAL H 365 5.21 -75.12 101.60
CA VAL H 365 4.27 -74.25 100.89
C VAL H 365 4.47 -74.42 99.38
N PRO H 366 3.42 -74.70 98.61
CA PRO H 366 3.61 -74.89 97.18
C PRO H 366 3.88 -73.56 96.49
N PRO H 367 4.72 -73.56 95.45
CA PRO H 367 4.93 -72.31 94.68
C PRO H 367 3.66 -71.80 94.04
N GLN H 368 2.76 -72.69 93.63
CA GLN H 368 1.50 -72.26 93.01
C GLN H 368 0.55 -71.63 94.02
N GLY H 369 0.76 -71.86 95.31
CA GLY H 369 -0.12 -71.33 96.33
C GLY H 369 -1.20 -72.31 96.73
N GLY H 370 -1.80 -72.03 97.90
CA GLY H 370 -2.84 -72.88 98.44
C GLY H 370 -2.42 -73.62 99.69
N THR H 371 -2.99 -74.80 99.92
CA THR H 371 -2.64 -75.60 101.08
C THR H 371 -1.22 -76.12 100.95
N ALA H 372 -0.53 -76.20 102.08
CA ALA H 372 0.84 -76.68 102.11
C ALA H 372 0.89 -78.20 102.11
N LYS H 373 1.71 -78.76 101.23
CA LYS H 373 1.84 -80.21 101.16
C LYS H 373 2.55 -80.75 102.39
N THR H 374 1.99 -81.80 102.98
CA THR H 374 2.52 -82.39 104.20
C THR H 374 2.88 -83.84 103.98
N ALA H 375 3.96 -84.27 104.64
CA ALA H 375 4.41 -85.66 104.56
C ALA H 375 4.94 -86.09 105.92
N THR H 376 4.44 -87.22 106.41
CA THR H 376 4.77 -87.71 107.74
C THR H 376 5.63 -88.96 107.63
N VAL H 377 6.71 -89.01 108.39
CA VAL H 377 7.64 -90.13 108.39
C VAL H 377 7.88 -90.56 109.83
N THR H 378 7.82 -91.86 110.08
CA THR H 378 8.08 -92.41 111.41
C THR H 378 9.58 -92.51 111.67
N VAL H 379 9.92 -92.52 112.96
CA VAL H 379 11.29 -92.64 113.43
C VAL H 379 11.30 -93.61 114.61
N THR H 380 12.34 -94.44 114.68
CA THR H 380 12.52 -95.42 115.74
C THR H 380 13.86 -95.15 116.42
N VAL H 381 13.85 -94.30 117.44
CA VAL H 381 15.06 -93.94 118.16
C VAL H 381 15.47 -95.12 119.04
N PRO H 382 16.69 -95.66 118.86
CA PRO H 382 17.18 -96.81 119.62
C PRO H 382 17.41 -96.49 121.10
N ILE I 4 20.14 -161.42 80.26
CA ILE I 4 20.56 -162.59 79.50
C ILE I 4 22.03 -162.43 79.08
N PHE I 5 22.34 -161.29 78.48
CA PHE I 5 23.68 -161.00 78.00
C PHE I 5 24.30 -159.92 78.88
N VAL I 6 25.52 -160.18 79.37
CA VAL I 6 26.22 -159.19 80.17
C VAL I 6 26.67 -158.03 79.28
N LYS I 7 26.45 -156.81 79.77
CA LYS I 7 26.75 -155.62 79.00
C LYS I 7 27.61 -154.66 79.81
N PRO I 8 28.48 -153.89 79.16
CA PRO I 8 29.29 -152.91 79.89
C PRO I 8 28.53 -151.62 80.16
N GLU I 9 29.21 -150.62 80.72
CA GLU I 9 28.61 -149.32 81.03
C GLU I 9 29.41 -148.25 80.31
N LEU I 10 29.04 -147.98 79.06
CA LEU I 10 29.69 -146.93 78.29
C LEU I 10 29.31 -145.56 78.83
N VAL I 11 30.29 -144.68 78.97
CA VAL I 11 30.08 -143.33 79.48
C VAL I 11 30.63 -142.37 78.44
N ALA I 12 29.75 -141.90 77.55
CA ALA I 12 30.10 -140.89 76.56
C ALA I 12 29.41 -139.57 76.90
N GLU I 13 30.06 -138.47 76.53
CA GLU I 13 29.59 -137.15 76.90
C GLU I 13 29.65 -136.21 75.71
N ILE I 14 28.75 -135.22 75.71
CA ILE I 14 28.72 -134.13 74.75
C ILE I 14 28.77 -132.87 75.61
N GLY I 15 28.83 -131.70 74.99
CA GLY I 15 28.95 -130.48 75.78
C GLY I 15 27.62 -130.02 76.34
N VAL I 16 27.38 -130.35 77.60
CA VAL I 16 26.16 -129.98 78.31
C VAL I 16 26.55 -129.34 79.64
N LYS I 17 27.70 -128.67 79.67
CA LYS I 17 28.23 -128.12 80.90
C LYS I 17 27.25 -127.14 81.55
N GLN I 18 27.32 -127.06 82.87
CA GLN I 18 26.42 -126.19 83.63
C GLN I 18 26.61 -124.73 83.23
N LEU I 19 25.50 -124.06 82.98
CA LEU I 19 25.54 -122.67 82.56
C LEU I 19 25.87 -121.77 83.74
N GLN I 20 26.80 -120.83 83.54
CA GLN I 20 27.24 -119.94 84.60
C GLN I 20 27.35 -118.52 84.04
N ARG I 21 27.27 -117.56 84.95
CA ARG I 21 27.34 -116.16 84.58
C ARG I 21 28.75 -115.78 84.12
N GLU I 22 28.83 -114.71 83.34
CA GLU I 22 30.08 -114.24 82.79
C GLU I 22 30.81 -113.35 83.79
N ILE I 23 31.93 -112.78 83.35
CA ILE I 23 32.78 -111.93 84.19
C ILE I 23 32.88 -110.58 83.50
N VAL I 24 32.14 -109.59 84.02
CA VAL I 24 32.12 -108.25 83.46
C VAL I 24 32.58 -107.20 84.47
N LEU I 25 32.21 -107.37 85.74
CA LEU I 25 32.52 -106.35 86.75
C LEU I 25 34.01 -106.04 86.91
N PRO I 26 34.94 -107.01 86.95
CA PRO I 26 36.35 -106.65 87.14
C PRO I 26 36.90 -105.74 86.05
N GLY I 27 36.35 -105.79 84.84
CA GLY I 27 36.82 -104.96 83.76
C GLY I 27 36.25 -103.55 83.71
N LEU I 28 35.45 -103.17 84.69
CA LEU I 28 34.82 -101.85 84.71
C LEU I 28 35.16 -101.01 85.92
N VAL I 29 35.38 -101.63 87.08
CA VAL I 29 35.64 -100.87 88.30
C VAL I 29 37.08 -100.35 88.30
N TRP I 30 37.31 -99.29 89.06
CA TRP I 30 38.65 -98.73 89.24
C TRP I 30 39.46 -99.65 90.14
N THR I 31 40.42 -100.36 89.56
CA THR I 31 41.17 -101.39 90.27
C THR I 31 42.60 -100.93 90.56
N ASN I 32 43.12 -101.36 91.70
CA ASN I 32 44.50 -101.10 92.12
C ASN I 32 44.91 -99.63 92.02
N PRO I 33 44.22 -98.73 92.73
CA PRO I 33 44.68 -97.33 92.75
C PRO I 33 46.04 -97.16 93.40
N LEU I 34 46.36 -97.99 94.41
CA LEU I 34 47.62 -97.92 95.12
C LEU I 34 48.38 -99.22 94.90
N THR I 35 49.66 -99.10 94.55
CA THR I 35 50.46 -100.29 94.24
C THR I 35 50.84 -101.05 95.51
N ASP I 36 51.22 -100.34 96.56
CA ASP I 36 51.76 -100.95 97.77
C ASP I 36 50.89 -100.61 98.98
N PHE I 37 50.72 -101.58 99.87
CA PHE I 37 49.99 -101.39 101.11
C PHE I 37 50.70 -101.90 102.35
N GLY I 38 51.66 -102.83 102.21
CA GLY I 38 52.30 -103.40 103.38
C GLY I 38 53.12 -102.39 104.16
N GLY I 39 53.87 -101.54 103.46
CA GLY I 39 54.71 -100.57 104.12
C GLY I 39 53.96 -99.34 104.60
N SER I 40 53.00 -99.55 105.49
CA SER I 40 52.17 -98.46 106.00
C SER I 40 51.62 -98.86 107.36
N LYS I 41 51.11 -97.87 108.07
CA LYS I 41 50.59 -98.10 109.42
C LYS I 41 49.34 -98.96 109.37
N ASN I 42 49.33 -100.03 110.17
CA ASN I 42 48.23 -100.99 110.31
C ASN I 42 47.55 -101.32 108.99
N ASP I 43 48.34 -101.49 107.93
CA ASP I 43 47.87 -101.94 106.62
C ASP I 43 46.76 -101.05 106.07
N THR I 44 46.97 -99.74 106.16
CA THR I 44 46.05 -98.78 105.52
C THR I 44 46.87 -97.71 104.83
N ILE I 45 46.29 -97.13 103.78
CA ILE I 45 46.91 -96.06 103.01
C ILE I 45 46.02 -94.83 103.09
N THR I 46 46.59 -93.69 103.46
CA THR I 46 45.86 -92.45 103.60
C THR I 46 46.09 -91.57 102.38
N VAL I 47 45.01 -91.09 101.78
CA VAL I 47 45.06 -90.20 100.64
C VAL I 47 44.50 -88.85 101.05
N ARG I 48 45.27 -87.79 100.78
CA ARG I 48 44.94 -86.43 101.19
C ARG I 48 44.11 -85.77 100.09
N VAL I 49 42.87 -85.43 100.41
CA VAL I 49 42.00 -84.73 99.45
C VAL I 49 42.48 -83.30 99.29
N PRO I 50 42.54 -82.77 98.07
CA PRO I 50 42.92 -81.36 97.89
C PRO I 50 41.91 -80.42 98.57
N ALA I 51 42.42 -79.29 99.04
CA ALA I 51 41.63 -78.34 99.81
C ALA I 51 41.21 -77.15 98.95
N ILE I 52 40.04 -76.60 99.27
CA ILE I 52 39.51 -75.41 98.62
C ILE I 52 39.10 -74.40 99.69
N THR I 53 39.32 -73.13 99.42
CA THR I 53 39.01 -72.05 100.35
C THR I 53 37.82 -71.25 99.85
N THR I 54 37.44 -70.23 100.62
CA THR I 54 36.32 -69.37 100.28
C THR I 54 36.74 -67.90 100.29
N ALA I 55 35.77 -67.00 100.16
CA ALA I 55 36.05 -65.57 100.15
C ALA I 55 34.91 -64.83 100.82
N ASN I 56 35.20 -63.60 101.25
CA ASN I 56 34.24 -62.74 101.91
C ASN I 56 34.15 -61.40 101.19
N ARG I 57 33.04 -60.70 101.42
CA ARG I 57 32.76 -59.44 100.75
C ARG I 57 32.69 -58.31 101.76
N ARG I 58 33.03 -57.10 101.30
CA ARG I 58 32.98 -55.90 102.12
C ARG I 58 32.57 -54.72 101.25
N ASP I 59 32.04 -53.69 101.91
CA ASP I 59 31.53 -52.52 101.22
C ASP I 59 32.60 -51.45 101.09
N LEU I 60 32.44 -50.60 100.08
CA LEU I 60 33.36 -49.51 99.83
C LEU I 60 33.16 -48.38 100.84
N ARG I 61 34.19 -47.55 101.00
CA ARG I 61 34.17 -46.41 101.89
C ARG I 61 33.81 -46.81 103.31
N ASP I 62 34.34 -47.94 103.77
CA ASP I 62 34.07 -48.42 105.11
C ASP I 62 34.96 -47.69 106.10
N PRO I 63 34.40 -47.03 107.13
CA PRO I 63 35.26 -46.38 108.14
C PRO I 63 36.19 -47.35 108.84
N ASP I 64 35.76 -48.58 109.07
CA ASP I 64 36.60 -49.62 109.66
C ASP I 64 37.19 -50.45 108.52
N ARG I 65 38.52 -50.53 108.48
CA ARG I 65 39.23 -51.19 107.38
C ARG I 65 39.84 -52.53 107.81
N THR I 66 39.19 -53.21 108.76
CA THR I 66 39.68 -54.52 109.18
C THR I 66 39.47 -55.54 108.07
N VAL I 67 40.30 -56.58 108.10
CA VAL I 67 40.28 -57.64 107.10
C VAL I 67 40.18 -58.98 107.81
N ILE I 68 39.36 -59.88 107.26
CA ILE I 68 39.15 -61.21 107.81
C ILE I 68 39.72 -62.23 106.84
N ALA I 69 40.60 -63.08 107.34
CA ALA I 69 41.24 -64.11 106.54
C ALA I 69 40.55 -65.46 106.72
N SER I 70 40.90 -66.40 105.86
CA SER I 70 40.35 -67.75 105.89
C SER I 70 41.47 -68.75 106.16
N GLU I 71 41.10 -70.03 106.22
CA GLU I 71 42.06 -71.10 106.46
C GLU I 71 41.65 -72.32 105.65
N LEU I 72 42.64 -72.96 105.04
CA LEU I 72 42.40 -74.16 104.25
C LEU I 72 42.34 -75.38 105.16
N VAL I 73 41.34 -76.23 104.94
CA VAL I 73 41.20 -77.49 105.66
C VAL I 73 41.44 -78.62 104.68
N GLU I 74 42.41 -79.49 105.00
CA GLU I 74 42.83 -80.57 104.12
C GLU I 74 42.39 -81.89 104.73
N HIS I 75 41.21 -82.35 104.35
CA HIS I 75 40.71 -83.63 104.81
C HIS I 75 41.36 -84.77 104.03
N SER I 76 41.33 -85.96 104.61
CA SER I 76 41.94 -87.13 104.01
C SER I 76 41.09 -88.35 104.34
N PHE I 77 41.24 -89.39 103.53
CA PHE I 77 40.54 -90.65 103.74
C PHE I 77 41.55 -91.80 103.71
N GLY I 78 41.07 -93.00 104.00
CA GLY I 78 41.94 -94.16 104.10
C GLY I 78 41.33 -95.38 103.45
N VAL I 79 42.21 -96.23 102.93
CA VAL I 79 41.84 -97.50 102.32
C VAL I 79 42.59 -98.61 103.04
N THR I 80 41.87 -99.64 103.46
CA THR I 80 42.43 -100.73 104.25
C THR I 80 42.17 -102.07 103.58
N LEU I 81 43.20 -102.92 103.57
CA LEU I 81 43.10 -104.29 103.05
C LEU I 81 42.71 -105.21 104.20
N ASP I 82 41.51 -105.79 104.13
CA ASP I 82 41.05 -106.65 105.21
C ASP I 82 40.29 -107.88 104.74
N LYS I 83 40.28 -108.19 103.44
CA LYS I 83 39.54 -109.34 102.94
C LYS I 83 40.50 -110.35 102.32
N HIS I 84 40.18 -111.63 102.50
CA HIS I 84 41.03 -112.72 102.04
C HIS I 84 40.17 -113.76 101.36
N VAL I 85 40.32 -113.90 100.05
CA VAL I 85 39.53 -114.83 99.25
C VAL I 85 40.34 -116.10 99.07
N TYR I 86 39.86 -117.21 99.61
CA TYR I 86 40.60 -118.46 99.62
C TYR I 86 39.71 -119.60 99.16
N ALA I 87 40.34 -120.63 98.61
CA ALA I 87 39.65 -121.84 98.19
C ALA I 87 40.51 -123.04 98.58
N ALA I 88 39.89 -124.06 99.15
CA ALA I 88 40.60 -125.22 99.66
C ALA I 88 39.91 -126.50 99.21
N LEU I 89 40.69 -127.59 99.20
CA LEU I 89 40.18 -128.91 98.86
C LEU I 89 40.86 -129.94 99.73
N LYS I 90 40.23 -131.11 99.85
CA LYS I 90 40.70 -132.18 100.72
C LYS I 90 40.73 -133.50 99.96
N PHE I 91 41.32 -133.49 98.77
CA PHE I 91 41.46 -134.70 97.97
C PHE I 91 42.41 -135.65 98.67
N THR I 92 41.87 -136.75 99.20
CA THR I 92 42.67 -137.70 99.96
C THR I 92 43.49 -138.59 99.01
N ASP I 93 44.14 -139.60 99.56
CA ASP I 93 45.06 -140.42 98.77
C ASP I 93 44.33 -141.21 97.69
N GLU I 94 43.17 -141.77 98.01
CA GLU I 94 42.47 -142.63 97.06
C GLU I 94 41.90 -141.85 95.88
N GLN I 95 41.67 -140.54 96.04
CA GLN I 95 41.16 -139.74 94.92
C GLN I 95 42.21 -139.61 93.82
N ARG I 96 43.48 -139.49 94.19
CA ARG I 96 44.56 -139.32 93.21
C ARG I 96 44.88 -140.60 92.45
N THR I 97 44.32 -141.74 92.86
CA THR I 97 44.65 -143.02 92.24
C THR I 97 43.60 -143.49 91.24
N LEU I 98 42.35 -143.64 91.67
CA LEU I 98 41.31 -144.23 90.83
C LEU I 98 40.50 -143.18 90.08
N ASP I 99 39.85 -142.27 90.80
CA ASP I 99 38.98 -141.27 90.18
C ASP I 99 39.74 -139.95 90.05
N ILE I 100 40.67 -139.93 89.08
CA ILE I 100 41.49 -138.76 88.81
C ILE I 100 41.67 -138.62 87.30
N ARG I 101 41.68 -137.37 86.84
CA ARG I 101 41.95 -137.05 85.44
C ARG I 101 43.07 -136.02 85.37
N ASP I 102 43.26 -135.41 84.20
CA ASP I 102 44.25 -134.36 84.02
C ASP I 102 44.12 -133.31 85.12
N TYR I 103 45.22 -133.04 85.82
CA TYR I 103 45.20 -132.19 87.00
C TYR I 103 44.89 -130.73 86.68
N THR I 104 44.94 -130.34 85.40
CA THR I 104 44.66 -128.95 85.03
C THR I 104 43.19 -128.75 84.67
N LYS I 105 42.65 -129.62 83.81
CA LYS I 105 41.27 -129.44 83.36
C LYS I 105 40.27 -129.84 84.43
N GLN I 106 40.53 -130.93 85.15
CA GLN I 106 39.50 -131.48 86.04
C GLN I 106 39.31 -130.62 87.28
N VAL I 107 40.40 -130.18 87.91
CA VAL I 107 40.34 -129.52 89.21
C VAL I 107 40.90 -128.10 89.16
N LEU I 108 42.03 -127.88 88.46
CA LEU I 108 42.65 -126.56 88.47
C LEU I 108 41.77 -125.52 87.77
N MET I 109 41.22 -125.86 86.61
CA MET I 109 40.33 -124.93 85.92
C MET I 109 39.08 -124.61 86.73
N PRO I 110 38.35 -125.59 87.30
CA PRO I 110 37.25 -125.22 88.20
C PRO I 110 37.69 -124.44 89.41
N GLN I 111 38.89 -124.68 89.93
CA GLN I 111 39.37 -123.92 91.08
C GLN I 111 39.55 -122.44 90.71
N VAL I 112 40.22 -122.18 89.59
CA VAL I 112 40.40 -120.80 89.14
C VAL I 112 39.06 -120.16 88.81
N SER I 113 38.14 -120.93 88.21
CA SER I 113 36.82 -120.40 87.89
C SER I 113 36.06 -120.03 89.16
N ALA I 114 36.14 -120.86 90.19
CA ALA I 114 35.46 -120.57 91.45
C ALA I 114 36.07 -119.34 92.12
N VAL I 115 37.40 -119.21 92.08
CA VAL I 115 38.04 -118.03 92.65
C VAL I 115 37.60 -116.76 91.93
N ALA I 116 37.58 -116.81 90.60
CA ALA I 116 37.12 -115.65 89.83
C ALA I 116 35.66 -115.34 90.08
N TYR I 117 34.83 -116.39 90.22
CA TYR I 117 33.41 -116.17 90.47
C TYR I 117 33.17 -115.55 91.85
N GLU I 118 33.95 -115.98 92.85
CA GLU I 118 33.81 -115.36 94.17
C GLU I 118 34.34 -113.94 94.17
N LEU I 119 35.38 -113.64 93.38
CA LEU I 119 35.81 -112.26 93.23
C LEU I 119 34.73 -111.41 92.58
N GLU I 120 34.05 -111.97 91.58
CA GLU I 120 32.92 -111.28 90.96
C GLU I 120 31.81 -111.03 91.97
N ASP I 121 31.51 -112.03 92.81
CA ASP I 121 30.51 -111.86 93.85
C ASP I 121 30.93 -110.78 94.84
N TYR I 122 32.22 -110.73 95.19
CA TYR I 122 32.74 -109.70 96.07
C TYR I 122 32.51 -108.31 95.49
N ILE I 123 32.83 -108.14 94.19
CA ILE I 123 32.52 -106.87 93.54
C ILE I 123 31.02 -106.61 93.53
N ALA I 124 30.21 -107.68 93.44
CA ALA I 124 28.76 -107.50 93.45
C ALA I 124 28.28 -106.94 94.78
N GLU I 125 28.76 -107.49 95.90
CA GLU I 125 28.35 -106.92 97.19
C GLU I 125 28.92 -105.53 97.38
N LEU I 126 30.12 -105.26 96.83
CA LEU I 126 30.65 -103.90 96.93
C LEU I 126 29.79 -102.90 96.17
N ILE I 127 29.32 -103.28 94.97
CA ILE I 127 28.50 -102.37 94.17
C ILE I 127 27.06 -102.31 94.69
N GLU I 128 26.62 -103.30 95.45
CA GLU I 128 25.27 -103.29 96.02
C GLU I 128 25.27 -102.68 97.42
N GLY I 129 26.06 -103.25 98.33
CA GLY I 129 26.15 -102.72 99.68
C GLY I 129 26.95 -101.44 99.74
N ALA I 130 26.26 -100.32 99.97
CA ALA I 130 26.89 -99.01 100.01
C ALA I 130 25.99 -98.07 100.80
N PRO I 131 26.54 -96.99 101.36
CA PRO I 131 25.70 -96.03 102.08
C PRO I 131 24.83 -95.22 101.15
N TYR I 132 23.84 -95.86 100.53
CA TYR I 132 22.93 -95.19 99.61
C TYR I 132 21.79 -94.55 100.40
N GLU I 133 21.62 -93.23 100.22
CA GLU I 133 20.57 -92.52 100.95
C GLU I 133 19.18 -92.91 100.45
N GLU I 134 19.04 -93.21 99.16
CA GLU I 134 17.73 -93.53 98.60
C GLU I 134 17.93 -94.35 97.33
N THR I 135 16.85 -94.98 96.89
CA THR I 135 16.83 -95.77 95.66
C THR I 135 15.82 -95.14 94.71
N ILE I 136 16.23 -94.92 93.47
CA ILE I 136 15.35 -94.31 92.47
C ILE I 136 14.33 -95.35 92.04
N LEU I 137 13.05 -95.05 92.24
CA LEU I 137 11.97 -95.98 91.91
C LEU I 137 11.68 -95.91 90.41
N ILE I 138 11.82 -97.03 89.72
CA ILE I 138 11.55 -97.11 88.29
C ILE I 138 10.12 -97.60 88.09
N ASP I 139 9.30 -96.78 87.46
CA ASP I 139 7.93 -97.18 87.17
C ASP I 139 7.91 -98.31 86.14
N PRO I 140 7.11 -99.35 86.36
CA PRO I 140 7.07 -100.45 85.39
C PRO I 140 6.63 -100.02 84.00
N ALA I 141 5.74 -99.04 83.88
CA ALA I 141 5.26 -98.61 82.58
C ALA I 141 6.23 -97.64 81.92
N ASP I 142 6.70 -96.64 82.67
CA ASP I 142 7.61 -95.63 82.15
C ASP I 142 8.95 -95.74 82.85
N THR I 143 10.03 -95.87 82.06
CA THR I 143 11.36 -96.09 82.59
C THR I 143 12.35 -94.98 82.31
N VAL I 144 12.16 -94.21 81.23
CA VAL I 144 13.08 -93.13 80.91
C VAL I 144 13.14 -92.06 82.02
N PRO I 145 12.00 -91.61 82.58
CA PRO I 145 12.10 -90.60 83.66
C PRO I 145 12.91 -91.06 84.85
N ALA I 146 12.92 -92.35 85.18
CA ALA I 146 13.75 -92.83 86.28
C ALA I 146 15.22 -92.60 86.01
N PHE I 147 15.68 -92.93 84.79
CA PHE I 147 17.07 -92.71 84.45
C PHE I 147 17.40 -91.22 84.36
N ILE I 148 16.45 -90.41 83.87
CA ILE I 148 16.65 -88.97 83.85
C ILE I 148 16.82 -88.43 85.27
N THR I 149 15.99 -88.92 86.20
CA THR I 149 16.09 -88.51 87.59
C THR I 149 17.42 -88.93 88.20
N ALA I 150 17.89 -90.14 87.88
CA ALA I 150 19.18 -90.59 88.39
C ALA I 150 20.31 -89.71 87.84
N ASP I 151 20.24 -89.36 86.56
CA ASP I 151 21.24 -88.47 85.98
C ASP I 151 21.20 -87.09 86.63
N GLN I 152 20.00 -86.60 86.94
CA GLN I 152 19.86 -85.32 87.61
C GLN I 152 20.46 -85.36 89.01
N ARG I 153 20.23 -86.45 89.74
CA ARG I 153 20.85 -86.60 91.06
C ARG I 153 22.36 -86.64 90.96
N MET I 154 22.89 -87.34 89.95
CA MET I 154 24.33 -87.37 89.76
C MET I 154 24.88 -85.98 89.43
N GLY I 155 24.19 -85.23 88.58
CA GLY I 155 24.64 -83.91 88.21
C GLY I 155 24.49 -82.87 89.30
N GLU I 156 23.59 -83.11 90.26
CA GLU I 156 23.46 -82.19 91.39
C GLU I 156 24.74 -82.13 92.22
N ALA I 157 25.53 -83.19 92.20
CA ALA I 157 26.81 -83.24 92.91
C ALA I 157 27.98 -82.81 92.02
N ASN I 158 27.70 -82.27 90.83
CA ASN I 158 28.72 -81.83 89.88
C ASN I 158 29.66 -82.97 89.50
N VAL I 159 29.09 -84.16 89.33
CA VAL I 159 29.87 -85.31 88.88
C VAL I 159 30.29 -85.10 87.43
N PRO I 160 31.57 -85.32 87.09
CA PRO I 160 31.98 -85.15 85.69
C PRO I 160 31.25 -86.11 84.77
N THR I 161 30.96 -85.63 83.56
CA THR I 161 30.17 -86.40 82.59
C THR I 161 31.07 -87.21 81.68
N ASP I 162 31.83 -88.12 82.28
CA ASP I 162 32.69 -89.03 81.54
C ASP I 162 32.92 -90.29 82.38
N SER I 163 33.12 -91.41 81.67
CA SER I 163 33.37 -92.70 82.31
C SER I 163 32.28 -93.06 83.30
N ARG I 164 31.03 -92.76 82.93
CA ARG I 164 29.87 -93.06 83.78
C ARG I 164 29.40 -94.46 83.47
N ARG I 165 29.91 -95.43 84.23
CA ARG I 165 29.59 -96.84 83.99
C ARG I 165 28.26 -97.18 84.67
N LEU I 166 27.36 -97.79 83.90
CA LEU I 166 26.05 -98.20 84.39
C LEU I 166 25.90 -99.71 84.21
N VAL I 167 25.55 -100.40 85.30
CA VAL I 167 25.28 -101.83 85.29
C VAL I 167 23.80 -102.02 85.55
N VAL I 168 23.16 -102.84 84.71
CA VAL I 168 21.73 -103.05 84.75
C VAL I 168 21.45 -104.54 84.86
N GLY I 169 20.45 -104.89 85.68
CA GLY I 169 20.07 -106.27 85.83
C GLY I 169 19.32 -106.79 84.62
N SER I 170 19.22 -108.12 84.55
CA SER I 170 18.50 -108.75 83.43
C SER I 170 17.02 -108.38 83.45
N ALA I 171 16.40 -108.40 84.64
CA ALA I 171 14.97 -108.07 84.73
C ALA I 171 14.73 -106.61 84.41
N VAL I 172 15.57 -105.71 84.91
CA VAL I 172 15.41 -104.29 84.63
C VAL I 172 15.63 -104.01 83.14
N ALA I 173 16.63 -104.67 82.54
CA ALA I 173 16.86 -104.51 81.11
C ALA I 173 15.67 -105.01 80.30
N ALA I 174 15.10 -106.16 80.70
CA ALA I 174 13.93 -106.68 80.00
C ALA I 174 12.75 -105.74 80.12
N ALA I 175 12.53 -105.17 81.30
CA ALA I 175 11.46 -104.20 81.48
C ALA I 175 11.71 -102.95 80.64
N LEU I 176 12.98 -102.52 80.54
CA LEU I 176 13.32 -101.39 79.70
C LEU I 176 13.00 -101.68 78.23
N ALA I 177 13.29 -102.91 77.79
CA ALA I 177 12.91 -103.30 76.43
C ALA I 177 11.39 -103.37 76.27
N LYS I 178 10.67 -103.62 77.36
CA LYS I 178 9.21 -103.67 77.32
C LYS I 178 8.57 -102.28 77.40
N ASP I 179 9.36 -101.24 77.61
CA ASP I 179 8.82 -99.89 77.72
C ASP I 179 8.19 -99.46 76.40
N LYS I 180 7.05 -98.77 76.50
CA LYS I 180 6.41 -98.24 75.30
C LYS I 180 7.26 -97.20 74.59
N GLN I 181 8.19 -96.55 75.31
CA GLN I 181 9.06 -95.57 74.69
C GLN I 181 9.96 -96.21 73.65
N PHE I 182 10.49 -97.39 73.93
CA PHE I 182 11.41 -98.08 73.04
C PHE I 182 10.74 -99.19 72.22
N ARG I 183 9.43 -99.37 72.35
CA ARG I 183 8.73 -100.45 71.66
C ARG I 183 7.55 -99.90 70.87
N HIS I 184 7.74 -98.75 70.22
CA HIS I 184 6.71 -98.20 69.35
C HIS I 184 7.26 -97.66 68.04
N ALA I 185 8.59 -97.62 67.86
CA ALA I 185 9.23 -97.28 66.60
C ALA I 185 8.97 -95.85 66.14
N ASP I 186 8.22 -95.08 66.93
CA ASP I 186 7.99 -93.68 66.62
C ASP I 186 8.36 -92.82 67.82
N TRP I 187 8.11 -93.35 69.02
CA TRP I 187 8.54 -92.65 70.23
C TRP I 187 10.04 -92.79 70.46
N SER I 188 10.64 -93.87 69.95
CA SER I 188 12.07 -94.10 70.11
C SER I 188 12.91 -93.47 69.01
N GLY I 189 12.28 -92.95 67.96
CA GLY I 189 12.98 -92.25 66.89
C GLY I 189 13.49 -93.12 65.74
N ASP I 190 14.03 -94.30 66.07
CA ASP I 190 14.59 -95.17 65.04
C ASP I 190 13.50 -95.81 64.22
N GLN I 191 13.52 -95.57 62.91
CA GLN I 191 12.53 -96.18 62.02
C GLN I 191 12.80 -97.67 61.80
N ALA I 192 14.06 -98.09 61.93
CA ALA I 192 14.41 -99.50 61.76
C ALA I 192 13.87 -100.36 62.90
N ASN I 193 13.46 -99.75 64.01
CA ASN I 193 12.93 -100.46 65.17
C ASN I 193 13.92 -101.51 65.68
N ALA I 194 15.20 -101.12 65.77
CA ALA I 194 16.22 -102.03 66.26
C ALA I 194 16.07 -102.33 67.74
N ALA I 195 15.30 -101.52 68.47
CA ALA I 195 15.09 -101.79 69.90
C ALA I 195 14.13 -102.96 70.10
N LEU I 196 13.06 -103.03 69.29
CA LEU I 196 12.11 -104.12 69.43
C LEU I 196 12.75 -105.45 69.06
N ARG I 197 13.46 -105.50 67.93
CA ARG I 197 14.13 -106.72 67.51
C ARG I 197 15.39 -106.95 68.31
N GLU I 198 15.76 -108.23 68.46
CA GLU I 198 16.94 -108.71 69.18
C GLU I 198 16.86 -108.46 70.68
N ALA I 199 15.77 -107.85 71.18
CA ALA I 199 15.58 -107.61 72.61
C ALA I 199 16.74 -106.81 73.21
N HIS I 200 17.23 -105.83 72.47
CA HIS I 200 18.31 -104.96 72.92
C HIS I 200 17.82 -103.52 72.90
N VAL I 201 17.84 -102.86 74.07
CA VAL I 201 17.37 -101.49 74.15
C VAL I 201 18.33 -100.54 73.43
N GLY I 202 19.64 -100.80 73.55
CA GLY I 202 20.63 -99.94 72.92
C GLY I 202 21.16 -98.86 73.84
N ARG I 203 21.63 -97.76 73.26
CA ARG I 203 22.19 -96.68 74.03
C ARG I 203 21.10 -95.99 74.86
N LEU I 204 21.41 -95.72 76.13
CA LEU I 204 20.51 -95.05 77.04
C LEU I 204 20.82 -93.56 77.08
N ALA I 205 20.06 -92.82 77.88
CA ALA I 205 20.19 -91.37 77.96
C ALA I 205 21.51 -91.01 78.64
N GLY I 206 22.49 -90.60 77.85
CA GLY I 206 23.77 -90.14 78.37
C GLY I 206 24.73 -91.24 78.77
N MET I 207 24.36 -92.51 78.59
CA MET I 207 25.22 -93.61 79.01
C MET I 207 24.79 -94.86 78.25
N ASN I 208 25.66 -95.87 78.29
CA ASN I 208 25.39 -97.16 77.69
C ASN I 208 24.87 -98.13 78.75
N VAL I 209 24.48 -99.32 78.30
CA VAL I 209 23.92 -100.35 79.17
C VAL I 209 24.82 -101.58 79.10
N ILE I 210 25.15 -102.14 80.27
CA ILE I 210 25.94 -103.35 80.37
C ILE I 210 25.14 -104.36 81.19
N ARG I 211 24.88 -105.52 80.60
CA ARG I 211 24.09 -106.55 81.28
C ARG I 211 24.96 -107.37 82.21
N SER I 212 24.46 -107.62 83.42
CA SER I 212 25.18 -108.42 84.41
C SER I 212 24.16 -109.08 85.31
N ASN I 213 24.07 -110.41 85.25
CA ASN I 213 23.14 -111.15 86.07
C ASN I 213 23.69 -111.48 87.46
N ALA I 214 24.96 -111.17 87.73
CA ALA I 214 25.51 -111.41 89.06
C ALA I 214 24.83 -110.57 90.11
N ILE I 215 24.55 -109.29 89.79
CA ILE I 215 23.84 -108.40 90.69
C ILE I 215 22.36 -108.79 90.70
N ALA I 216 21.61 -108.21 91.64
CA ALA I 216 20.19 -108.50 91.71
C ALA I 216 19.50 -108.04 90.43
N PRO I 217 18.67 -108.88 89.80
CA PRO I 217 18.03 -108.49 88.54
C PRO I 217 17.10 -107.29 88.67
N ASP I 218 16.63 -106.98 89.87
CA ASP I 218 15.71 -105.87 90.08
C ASP I 218 16.41 -104.56 90.40
N LYS I 219 17.75 -104.56 90.46
CA LYS I 219 18.51 -103.38 90.83
C LYS I 219 19.54 -103.03 89.76
N ALA I 220 19.82 -101.74 89.64
CA ALA I 220 20.83 -101.24 88.72
C ALA I 220 21.65 -100.17 89.43
N TYR I 221 22.91 -100.02 89.01
CA TYR I 221 23.82 -99.10 89.68
C TYR I 221 24.61 -98.29 88.66
N LEU I 222 24.73 -96.98 88.91
CA LEU I 222 25.47 -96.08 88.04
C LEU I 222 26.54 -95.38 88.85
N TRP I 223 27.79 -95.49 88.41
CA TRP I 223 28.92 -94.90 89.14
C TRP I 223 29.91 -94.30 88.15
N HIS I 224 30.61 -93.26 88.60
CA HIS I 224 31.56 -92.53 87.78
C HIS I 224 32.98 -92.99 88.15
N ARG I 225 33.45 -94.02 87.44
CA ARG I 225 34.82 -94.53 87.53
C ARG I 225 35.35 -94.61 88.95
N THR I 226 35.83 -93.47 89.47
CA THR I 226 36.47 -93.43 90.79
C THR I 226 35.44 -93.33 91.91
N ALA I 227 34.45 -94.22 91.90
CA ALA I 227 33.46 -94.28 92.97
C ALA I 227 33.75 -95.40 93.97
N PHE I 228 34.50 -96.43 93.56
CA PHE I 228 34.86 -97.53 94.44
C PHE I 228 36.34 -97.84 94.26
N ILE I 229 36.93 -98.39 95.32
CA ILE I 229 38.35 -98.72 95.35
C ILE I 229 38.49 -100.22 95.54
N LEU I 230 39.17 -100.86 94.58
CA LEU I 230 39.44 -102.30 94.61
C LEU I 230 40.94 -102.48 94.72
N ALA I 231 41.38 -103.29 95.69
CA ALA I 231 42.80 -103.56 95.88
C ALA I 231 43.02 -105.07 95.89
N TYR I 232 44.00 -105.52 95.10
CA TYR I 232 44.36 -106.93 95.02
C TYR I 232 45.82 -107.12 95.40
N ARG I 233 46.11 -108.25 96.04
CA ARG I 233 47.47 -108.56 96.49
C ARG I 233 47.68 -110.06 96.38
N THR I 234 48.73 -110.46 95.68
CA THR I 234 49.11 -111.86 95.60
C THR I 234 49.99 -112.22 96.79
N PRO I 235 49.57 -113.15 97.65
CA PRO I 235 50.39 -113.49 98.82
C PRO I 235 51.72 -114.10 98.39
N VAL I 236 52.75 -113.82 99.20
CA VAL I 236 54.08 -114.35 98.95
C VAL I 236 54.13 -115.81 99.38
N VAL I 237 54.74 -116.64 98.55
CA VAL I 237 54.85 -118.07 98.86
C VAL I 237 55.72 -118.24 100.11
N PRO I 238 55.24 -118.95 101.14
CA PRO I 238 56.05 -119.14 102.34
C PRO I 238 57.33 -119.91 102.05
N GLU I 239 58.39 -119.55 102.76
CA GLU I 239 59.69 -120.20 102.59
C GLU I 239 59.61 -121.61 103.15
N GLY I 240 59.73 -122.61 102.28
CA GLY I 240 59.64 -123.99 102.69
C GLY I 240 58.46 -124.72 102.07
N ALA I 241 57.99 -124.23 100.93
CA ALA I 241 56.87 -124.82 100.22
C ALA I 241 57.37 -125.65 99.04
N LYS I 242 56.43 -126.19 98.27
CA LYS I 242 56.76 -127.01 97.12
C LYS I 242 56.85 -126.20 95.83
N ALA I 243 55.76 -125.52 95.48
CA ALA I 243 55.72 -124.72 94.26
C ALA I 243 54.67 -123.61 94.43
N GLY I 244 54.80 -122.58 93.60
CA GLY I 244 53.88 -121.46 93.64
C GLY I 244 52.70 -121.61 92.71
N ALA I 245 52.98 -121.86 91.44
CA ALA I 245 51.96 -122.02 90.41
C ALA I 245 51.00 -120.81 90.40
N SER I 246 51.58 -119.65 90.09
CA SER I 246 50.83 -118.40 90.14
C SER I 246 49.89 -118.27 88.94
N PHE I 247 48.69 -118.81 89.07
CA PHE I 247 47.69 -118.67 88.03
C PHE I 247 47.14 -117.25 87.99
N SER I 248 46.77 -116.80 86.80
CA SER I 248 46.24 -115.45 86.60
C SER I 248 44.76 -115.55 86.21
N ALA I 249 43.92 -114.85 86.96
CA ALA I 249 42.49 -114.81 86.70
C ALA I 249 42.05 -113.36 86.56
N ASN I 250 41.39 -113.05 85.44
CA ASN I 250 40.92 -111.71 85.09
C ASN I 250 41.91 -110.61 85.47
N GLY I 251 43.19 -110.84 85.20
CA GLY I 251 44.21 -109.86 85.50
C GLY I 251 44.71 -109.86 86.92
N VAL I 252 44.26 -110.80 87.75
CA VAL I 252 44.67 -110.88 89.15
C VAL I 252 45.44 -112.19 89.35
N ALA I 253 46.67 -112.08 89.83
CA ALA I 253 47.48 -113.26 90.09
C ALA I 253 47.08 -113.92 91.41
N LEU I 254 47.29 -115.22 91.48
CA LEU I 254 46.92 -116.02 92.65
C LEU I 254 48.13 -116.79 93.15
N ARG I 255 48.01 -117.29 94.38
CA ARG I 255 49.04 -118.10 95.03
C ARG I 255 48.45 -119.45 95.39
N TRP I 256 49.17 -120.52 95.06
CA TRP I 256 48.66 -121.88 95.19
C TRP I 256 49.61 -122.71 96.04
N LEU I 257 49.04 -123.51 96.95
CA LEU I 257 49.78 -124.45 97.77
C LEU I 257 49.52 -125.87 97.33
N ALA I 258 50.47 -126.75 97.62
CA ALA I 258 50.32 -128.18 97.33
C ALA I 258 50.24 -129.01 98.62
N ASP I 259 51.26 -128.92 99.46
CA ASP I 259 51.30 -129.56 100.78
C ASP I 259 51.34 -131.08 100.70
N TYR I 260 51.99 -131.72 101.67
CA TYR I 260 52.11 -133.17 101.73
C TYR I 260 51.86 -133.67 103.15
N ASP I 261 50.76 -133.22 103.74
CA ASP I 261 50.42 -133.59 105.11
C ASP I 261 50.33 -135.10 105.26
N TYR I 262 50.88 -135.61 106.37
CA TYR I 262 50.94 -137.04 106.63
C TYR I 262 49.91 -137.52 107.65
N SER I 263 49.43 -136.63 108.52
CA SER I 263 48.50 -137.05 109.58
C SER I 263 47.22 -137.64 109.00
N GLN I 264 46.67 -137.01 107.96
CA GLN I 264 45.46 -137.51 107.30
C GLN I 264 45.67 -137.70 105.80
N LEU I 265 46.93 -137.71 105.35
CA LEU I 265 47.27 -137.87 103.94
C LEU I 265 46.61 -136.81 103.08
N GLY I 266 46.51 -137.07 101.78
CA GLY I 266 45.86 -136.13 100.89
C GLY I 266 46.69 -134.88 100.63
N ASP I 267 46.00 -133.87 100.10
CA ASP I 267 46.60 -132.58 99.79
C ASP I 267 45.86 -131.48 100.51
N ARG I 268 46.51 -130.31 100.61
CA ARG I 268 46.00 -129.15 101.33
C ARG I 268 46.16 -127.90 100.48
N THR I 269 45.67 -127.95 99.24
CA THR I 269 45.72 -126.78 98.38
C THR I 269 44.91 -125.63 98.98
N LEU I 270 45.52 -124.45 99.01
CA LEU I 270 44.93 -123.22 99.55
C LEU I 270 45.11 -122.06 98.59
N LEU I 271 44.72 -122.26 97.33
CA LEU I 271 44.73 -121.18 96.36
C LEU I 271 43.95 -119.97 96.89
N ASP I 272 44.66 -118.86 97.07
CA ASP I 272 44.09 -117.71 97.77
C ASP I 272 44.70 -116.42 97.28
N VAL I 273 44.09 -115.31 97.69
CA VAL I 273 44.50 -113.97 97.30
C VAL I 273 43.94 -112.99 98.32
N PHE I 274 44.55 -111.81 98.41
CA PHE I 274 44.09 -110.78 99.33
C PHE I 274 43.36 -109.70 98.54
N THR I 275 42.18 -109.31 99.01
CA THR I 275 41.39 -108.28 98.36
C THR I 275 40.86 -107.29 99.38
N GLY I 276 40.63 -106.06 98.93
CA GLY I 276 40.12 -105.01 99.77
C GLY I 276 39.20 -104.07 99.02
N ARG I 277 38.11 -103.68 99.67
CA ARG I 277 37.09 -102.82 99.08
C ARG I 277 37.00 -101.51 99.85
N LYS I 278 36.70 -100.44 99.12
CA LYS I 278 36.50 -99.15 99.77
C LYS I 278 35.47 -98.36 98.97
N VAL I 279 34.67 -97.56 99.68
CA VAL I 279 33.67 -96.70 99.08
C VAL I 279 34.16 -95.27 99.17
N VAL I 280 34.27 -94.60 98.03
CA VAL I 280 34.77 -93.22 97.98
C VAL I 280 33.63 -92.29 98.38
N THR I 281 33.73 -91.74 99.59
CA THR I 281 32.75 -90.80 100.10
C THR I 281 33.23 -89.37 99.85
N GLU I 282 32.49 -88.39 100.39
CA GLU I 282 32.84 -87.00 100.25
C GLU I 282 33.45 -86.48 101.55
N VAL I 283 33.75 -85.18 101.57
CA VAL I 283 34.35 -84.57 102.75
C VAL I 283 33.38 -84.62 103.94
N ASP I 284 32.12 -84.28 103.69
CA ASP I 284 31.12 -84.29 104.77
C ASP I 284 30.78 -85.71 105.22
N GLY I 285 30.96 -86.71 104.37
CA GLY I 285 30.66 -88.07 104.71
C GLY I 285 29.46 -88.68 104.01
N SER I 286 29.05 -88.16 102.87
CA SER I 286 27.91 -88.67 102.12
C SER I 286 28.36 -89.26 100.80
N PHE I 287 27.76 -90.38 100.42
CA PHE I 287 28.11 -91.07 99.18
C PHE I 287 27.20 -90.56 98.06
N VAL I 288 27.78 -89.76 97.16
CA VAL I 288 27.05 -89.19 96.03
C VAL I 288 27.66 -89.58 94.70
N ARG I 289 28.78 -90.31 94.70
CA ARG I 289 29.43 -90.69 93.45
C ARG I 289 28.70 -91.79 92.71
N ALA I 290 27.80 -92.52 93.38
CA ALA I 290 27.07 -93.60 92.75
C ALA I 290 25.59 -93.51 93.12
N VAL I 291 24.75 -94.03 92.24
CA VAL I 291 23.31 -94.03 92.43
C VAL I 291 22.76 -95.43 92.15
N GLU I 292 21.66 -95.75 92.84
CA GLU I 292 21.01 -97.05 92.74
C GLU I 292 19.57 -96.87 92.31
N LEU I 293 19.15 -97.68 91.34
CA LEU I 293 17.78 -97.66 90.82
C LEU I 293 17.15 -99.02 91.06
N GLN I 294 15.93 -99.01 91.61
CA GLN I 294 15.18 -100.22 91.90
C GLN I 294 13.86 -100.19 91.15
N LEU I 295 13.52 -101.31 90.50
CA LEU I 295 12.28 -101.40 89.75
C LEU I 295 11.09 -101.58 90.68
N GLN I 296 10.03 -100.83 90.43
CA GLN I 296 8.84 -100.88 91.28
C GLN I 296 8.10 -102.20 91.08
N ALA I 297 7.49 -102.68 92.17
CA ALA I 297 6.67 -103.88 92.14
C ALA I 297 5.30 -103.54 92.69
N SER I 298 4.25 -104.05 92.04
CA SER I 298 2.88 -103.75 92.42
C SER I 298 2.00 -104.99 92.61
N SER I 299 2.45 -106.17 92.20
CA SER I 299 1.62 -107.37 92.32
C SER I 299 2.54 -108.58 92.26
N ILE I 300 2.58 -109.36 93.34
CA ILE I 300 3.36 -110.59 93.39
C ILE I 300 2.50 -111.74 92.90
N THR I 301 3.13 -112.67 92.18
CA THR I 301 2.44 -113.83 91.63
C THR I 301 3.10 -115.11 92.14
N ILE I 302 2.28 -116.09 92.48
CA ILE I 302 2.75 -117.39 92.95
C ILE I 302 2.80 -118.32 91.75
N VAL I 303 4.01 -118.75 91.37
CA VAL I 303 4.16 -119.62 90.21
C VAL I 303 3.71 -121.03 90.56
N GLY I 304 2.84 -121.59 89.72
CA GLY I 304 2.30 -122.92 89.94
C GLY I 304 0.78 -122.96 90.08
N GLY I 305 0.09 -121.82 90.01
CA GLY I 305 -1.35 -121.81 90.13
C GLY I 305 -1.85 -122.28 91.48
N ALA I 306 -2.69 -123.33 91.48
CA ALA I 306 -3.28 -123.89 92.70
C ALA I 306 -3.01 -125.40 92.74
N PHE I 307 -1.76 -125.78 92.55
CA PHE I 307 -1.38 -127.19 92.53
C PHE I 307 -1.75 -127.87 93.84
N ALA I 308 -2.39 -129.03 93.73
CA ALA I 308 -2.78 -129.80 94.89
C ALA I 308 -1.56 -130.54 95.45
N LEU I 309 -1.77 -131.38 96.45
CA LEU I 309 -0.69 -132.12 97.10
C LEU I 309 -0.98 -133.62 97.06
N ALA I 310 0.06 -134.40 96.77
CA ALA I 310 -0.09 -135.83 96.53
C ALA I 310 0.04 -136.67 97.80
N THR I 311 1.10 -136.48 98.59
CA THR I 311 1.26 -137.22 99.83
C THR I 311 1.06 -136.29 101.03
N THR I 312 0.98 -136.90 102.21
CA THR I 312 0.67 -136.15 103.43
C THR I 312 1.76 -135.16 103.78
N THR I 313 3.01 -135.44 103.41
CA THR I 313 4.15 -134.59 103.75
C THR I 313 4.92 -134.16 102.51
N GLY I 314 4.20 -133.88 101.43
CA GLY I 314 4.81 -133.42 100.19
C GLY I 314 5.47 -132.06 100.29
N THR I 315 6.67 -131.91 99.73
CA THR I 315 7.41 -130.65 99.79
C THR I 315 7.66 -130.11 98.39
N LYS I 316 7.67 -128.79 98.27
CA LYS I 316 7.94 -128.13 97.00
C LYS I 316 8.35 -126.69 97.30
N GLN I 317 9.29 -126.17 96.50
CA GLN I 317 9.73 -124.79 96.64
C GLN I 317 8.83 -123.89 95.80
N LEU I 318 8.05 -123.05 96.46
CA LEU I 318 7.09 -122.17 95.79
C LEU I 318 7.81 -120.87 95.40
N LYS I 319 8.24 -120.79 94.15
CA LYS I 319 8.87 -119.57 93.66
C LYS I 319 7.82 -118.50 93.42
N VAL I 320 8.12 -117.27 93.86
CA VAL I 320 7.21 -116.15 93.77
C VAL I 320 7.85 -115.07 92.90
N ARG I 321 7.11 -114.63 91.88
CA ARG I 321 7.57 -113.57 90.98
C ARG I 321 6.61 -112.39 91.05
N ASP I 322 7.14 -111.20 90.83
CA ASP I 322 6.35 -109.98 90.89
C ASP I 322 5.64 -109.76 89.56
N ASP I 323 5.00 -108.60 89.41
CA ASP I 323 4.32 -108.27 88.16
C ASP I 323 5.31 -108.14 87.01
N ASN I 324 6.47 -107.53 87.27
CA ASN I 324 7.49 -107.36 86.25
C ASN I 324 8.16 -108.68 85.86
N GLY I 325 7.96 -109.75 86.62
CA GLY I 325 8.54 -111.04 86.33
C GLY I 325 9.75 -111.40 87.17
N THR I 326 10.27 -110.45 87.96
CA THR I 326 11.42 -110.74 88.81
C THR I 326 11.03 -111.70 89.92
N ASP I 327 11.82 -112.74 90.11
CA ASP I 327 11.53 -113.76 91.12
C ASP I 327 12.10 -113.31 92.46
N VAL I 328 11.22 -112.92 93.38
CA VAL I 328 11.66 -112.49 94.70
C VAL I 328 11.88 -113.70 95.62
N THR I 329 10.85 -114.52 95.80
CA THR I 329 10.92 -115.76 96.56
C THR I 329 11.54 -115.60 97.94
N ALA I 330 12.86 -115.35 97.99
CA ALA I 330 13.58 -115.35 99.26
C ALA I 330 13.06 -114.27 100.20
N ARG I 331 12.85 -113.06 99.69
CA ARG I 331 12.35 -111.96 100.51
C ARG I 331 10.83 -111.98 100.45
N CYS I 332 10.23 -112.67 101.44
CA CYS I 332 8.77 -112.80 101.49
C CYS I 332 8.37 -113.15 102.92
N THR I 333 7.09 -113.40 103.11
CA THR I 333 6.49 -113.68 104.41
C THR I 333 5.58 -114.90 104.32
N PHE I 334 6.11 -115.99 103.77
CA PHE I 334 5.36 -117.24 103.61
C PHE I 334 4.70 -117.66 104.91
N ALA I 335 3.38 -117.80 104.87
CA ALA I 335 2.61 -118.21 106.04
C ALA I 335 1.35 -118.94 105.58
N SER I 336 1.10 -120.10 106.16
CA SER I 336 -0.08 -120.89 105.81
C SER I 336 -1.25 -120.53 106.72
N SER I 337 -2.43 -120.37 106.11
CA SER I 337 -3.62 -120.01 106.87
C SER I 337 -4.00 -121.12 107.85
N ALA I 338 -4.06 -122.37 107.36
CA ALA I 338 -4.40 -123.51 108.20
C ALA I 338 -3.11 -124.23 108.56
N GLY I 339 -2.54 -123.87 109.72
CA GLY I 339 -1.31 -124.49 110.15
C GLY I 339 -1.44 -125.98 110.46
N THR I 340 -2.59 -126.38 110.99
CA THR I 340 -2.78 -127.78 111.35
C THR I 340 -2.77 -128.69 110.13
N LYS I 341 -3.09 -128.16 108.95
CA LYS I 341 -3.11 -128.95 107.74
C LYS I 341 -1.80 -128.90 106.98
N ALA I 342 -1.16 -127.73 106.92
CA ALA I 342 0.12 -127.59 106.22
C ALA I 342 0.87 -126.41 106.82
N THR I 343 2.20 -126.52 106.87
CA THR I 343 3.06 -125.47 107.37
C THR I 343 4.12 -125.14 106.33
N VAL I 344 4.39 -123.86 106.15
CA VAL I 344 5.36 -123.37 105.18
C VAL I 344 6.45 -122.58 105.90
N SER I 345 7.70 -122.86 105.56
CA SER I 345 8.82 -122.18 106.17
C SER I 345 9.01 -120.80 105.54
N ALA I 346 9.92 -120.01 106.13
CA ALA I 346 10.19 -118.68 105.61
C ALA I 346 10.78 -118.75 104.20
N ALA I 347 11.66 -119.73 103.96
CA ALA I 347 12.25 -119.87 102.63
C ALA I 347 11.20 -120.21 101.58
N GLY I 348 10.26 -121.09 101.92
CA GLY I 348 9.21 -121.49 101.00
C GLY I 348 8.96 -122.98 100.96
N LEU I 349 9.64 -123.73 101.84
CA LEU I 349 9.51 -125.18 101.88
C LEU I 349 8.20 -125.52 102.59
N VAL I 350 7.12 -125.59 101.81
CA VAL I 350 5.81 -125.92 102.34
C VAL I 350 5.68 -127.44 102.44
N THR I 351 5.11 -127.91 103.55
CA THR I 351 4.91 -129.33 103.78
C THR I 351 3.58 -129.54 104.50
N GLY I 352 2.79 -130.51 104.03
CA GLY I 352 1.53 -130.79 104.65
C GLY I 352 1.68 -131.47 105.99
N VAL I 353 0.64 -131.36 106.82
CA VAL I 353 0.63 -131.96 108.15
C VAL I 353 -0.55 -132.90 108.26
N ALA I 354 -1.75 -132.38 108.08
CA ALA I 354 -2.99 -133.16 108.16
C ALA I 354 -3.83 -132.91 106.92
N ALA I 355 -4.72 -133.86 106.65
CA ALA I 355 -5.59 -133.75 105.48
C ALA I 355 -6.49 -132.53 105.59
N GLY I 356 -6.58 -131.77 104.51
CA GLY I 356 -7.38 -130.57 104.51
C GLY I 356 -7.18 -129.78 103.23
N THR I 357 -7.62 -128.53 103.28
CA THR I 357 -7.56 -127.60 102.15
C THR I 357 -6.85 -126.31 102.56
N ALA I 358 -5.70 -126.46 103.22
CA ALA I 358 -4.96 -125.31 103.71
C ALA I 358 -4.51 -124.41 102.57
N ASP I 359 -4.50 -123.11 102.83
CA ASP I 359 -4.06 -122.10 101.87
C ASP I 359 -2.87 -121.35 102.43
N ILE I 360 -1.87 -121.11 101.59
CA ILE I 360 -0.66 -120.40 101.99
C ILE I 360 -0.74 -118.99 101.43
N THR I 361 -0.66 -118.00 102.32
CA THR I 361 -0.62 -116.60 101.93
C THR I 361 0.80 -116.07 102.04
N ALA I 362 1.11 -115.08 101.20
CA ALA I 362 2.45 -114.51 101.15
C ALA I 362 2.35 -113.02 100.86
N SER I 363 2.98 -112.21 101.70
CA SER I 363 2.97 -110.76 101.55
C SER I 363 4.40 -110.28 101.36
N TYR I 364 4.62 -109.51 100.29
CA TYR I 364 5.92 -108.95 99.97
C TYR I 364 5.83 -107.43 99.95
N VAL I 365 6.72 -106.78 100.69
CA VAL I 365 6.75 -105.32 100.76
C VAL I 365 7.32 -104.78 99.46
N PRO I 366 6.58 -103.92 98.74
CA PRO I 366 7.11 -103.37 97.50
C PRO I 366 8.29 -102.46 97.78
N PRO I 367 9.23 -102.34 96.84
CA PRO I 367 10.35 -101.40 97.04
C PRO I 367 9.92 -99.96 97.23
N GLN I 368 8.82 -99.55 96.62
CA GLN I 368 8.32 -98.20 96.77
C GLN I 368 7.72 -97.93 98.14
N GLY I 369 7.50 -98.97 98.94
CA GLY I 369 6.92 -98.81 100.25
C GLY I 369 5.40 -98.95 100.25
N GLY I 370 4.83 -98.67 101.41
CA GLY I 370 3.39 -98.78 101.59
C GLY I 370 3.00 -100.10 102.23
N THR I 371 1.97 -100.74 101.68
CA THR I 371 1.49 -102.02 102.17
C THR I 371 2.01 -103.16 101.30
N ALA I 372 2.28 -104.30 101.94
CA ALA I 372 2.83 -105.44 101.23
C ALA I 372 1.77 -106.09 100.35
N LYS I 373 2.12 -106.35 99.09
CA LYS I 373 1.20 -107.05 98.21
C LYS I 373 1.07 -108.51 98.64
N THR I 374 -0.16 -109.00 98.61
CA THR I 374 -0.51 -110.31 99.17
C THR I 374 -1.03 -111.23 98.07
N ALA I 375 -0.54 -112.46 98.05
CA ALA I 375 -0.99 -113.49 97.13
C ALA I 375 -1.19 -114.80 97.87
N THR I 376 -2.25 -115.53 97.48
CA THR I 376 -2.63 -116.75 98.16
C THR I 376 -2.64 -117.92 97.18
N VAL I 377 -2.17 -119.07 97.65
CA VAL I 377 -2.14 -120.30 96.85
C VAL I 377 -2.90 -121.38 97.62
N THR I 378 -3.74 -122.12 96.91
CA THR I 378 -4.59 -123.15 97.50
C THR I 378 -4.04 -124.53 97.19
N VAL I 379 -3.90 -125.35 98.22
CA VAL I 379 -3.42 -126.72 98.08
C VAL I 379 -4.29 -127.63 98.94
N THR I 380 -4.57 -128.82 98.43
CA THR I 380 -5.42 -129.79 99.13
C THR I 380 -4.52 -130.87 99.72
N VAL I 381 -4.21 -130.76 101.00
CA VAL I 381 -3.36 -131.76 101.66
C VAL I 381 -4.17 -133.04 101.86
N PRO I 382 -3.63 -134.21 101.50
CA PRO I 382 -4.34 -135.48 101.71
C PRO I 382 -4.02 -136.12 103.05
N ILE J 4 -28.92 -146.03 21.19
CA ILE J 4 -27.99 -146.06 22.31
C ILE J 4 -26.70 -146.75 21.91
N PHE J 5 -25.63 -145.98 21.80
CA PHE J 5 -24.31 -146.50 21.43
C PHE J 5 -23.49 -146.73 22.69
N VAL J 6 -22.85 -147.89 22.77
CA VAL J 6 -22.05 -148.23 23.94
C VAL J 6 -20.80 -147.36 23.99
N LYS J 7 -20.40 -147.00 25.21
CA LYS J 7 -19.21 -146.18 25.44
C LYS J 7 -18.39 -146.78 26.56
N PRO J 8 -17.07 -146.57 26.55
CA PRO J 8 -16.22 -147.07 27.64
C PRO J 8 -16.07 -146.04 28.75
N GLU J 9 -15.60 -146.53 29.89
CA GLU J 9 -15.34 -145.68 31.05
C GLU J 9 -13.94 -145.09 30.98
N LEU J 10 -13.77 -143.91 31.55
CA LEU J 10 -12.52 -143.18 31.53
C LEU J 10 -12.14 -142.77 32.95
N VAL J 11 -10.88 -142.98 33.31
CA VAL J 11 -10.33 -142.57 34.60
C VAL J 11 -9.07 -141.77 34.31
N ALA J 12 -9.17 -140.45 34.35
CA ALA J 12 -8.07 -139.56 34.04
C ALA J 12 -7.62 -138.80 35.28
N GLU J 13 -6.41 -138.26 35.20
CA GLU J 13 -5.81 -137.50 36.29
C GLU J 13 -5.67 -136.04 35.86
N ILE J 14 -6.16 -135.13 36.70
CA ILE J 14 -6.09 -133.70 36.45
C ILE J 14 -5.14 -132.98 37.39
N GLY J 15 -4.47 -133.71 38.29
CA GLY J 15 -3.55 -133.11 39.23
C GLY J 15 -4.09 -132.91 40.63
N VAL J 16 -5.32 -133.35 40.90
CA VAL J 16 -5.89 -133.19 42.24
C VAL J 16 -5.25 -134.20 43.19
N LYS J 17 -4.84 -133.73 44.35
CA LYS J 17 -4.20 -134.58 45.36
C LYS J 17 -4.71 -134.21 46.73
N GLN J 18 -4.64 -135.17 47.65
CA GLN J 18 -5.05 -134.92 49.03
C GLN J 18 -4.09 -133.93 49.69
N LEU J 19 -4.67 -132.97 50.42
CA LEU J 19 -3.87 -132.00 51.14
C LEU J 19 -3.14 -132.67 52.30
N GLN J 20 -1.83 -132.48 52.37
CA GLN J 20 -1.00 -133.15 53.36
C GLN J 20 -0.07 -132.14 54.02
N ARG J 21 0.36 -132.48 55.24
CA ARG J 21 1.26 -131.62 55.99
C ARG J 21 2.67 -131.72 55.44
N GLU J 22 3.49 -130.72 55.78
CA GLU J 22 4.89 -130.68 55.38
C GLU J 22 5.79 -131.08 56.54
N ILE J 23 7.09 -131.08 56.29
CA ILE J 23 8.08 -131.60 57.24
C ILE J 23 9.02 -130.47 57.64
N VAL J 24 9.04 -130.15 58.94
CA VAL J 24 9.96 -129.16 59.49
C VAL J 24 10.73 -129.75 60.66
N LEU J 25 10.00 -130.35 61.60
CA LEU J 25 10.59 -130.77 62.87
C LEU J 25 11.79 -131.71 62.74
N PRO J 26 11.77 -132.75 61.89
CA PRO J 26 12.94 -133.66 61.84
C PRO J 26 14.25 -132.95 61.51
N GLY J 27 14.22 -131.92 60.68
CA GLY J 27 15.44 -131.18 60.38
C GLY J 27 15.61 -129.92 61.20
N LEU J 28 15.16 -129.97 62.46
CA LEU J 28 15.21 -128.79 63.31
C LEU J 28 15.68 -129.09 64.73
N VAL J 29 15.94 -130.35 65.08
CA VAL J 29 16.29 -130.73 66.44
C VAL J 29 17.61 -131.49 66.43
N TRP J 30 18.21 -131.57 67.62
CA TRP J 30 19.46 -132.31 67.80
C TRP J 30 19.21 -133.79 67.57
N THR J 31 19.73 -134.32 66.48
CA THR J 31 19.46 -135.69 66.04
C THR J 31 20.72 -136.53 66.13
N ASN J 32 20.60 -137.71 66.74
CA ASN J 32 21.65 -138.72 66.81
C ASN J 32 22.93 -138.19 67.46
N PRO J 33 22.92 -137.93 68.77
CA PRO J 33 24.15 -137.49 69.44
C PRO J 33 25.11 -138.64 69.64
N LEU J 34 24.57 -139.83 69.90
CA LEU J 34 25.37 -141.03 70.13
C LEU J 34 24.75 -142.20 69.38
N THR J 35 25.58 -143.18 69.05
CA THR J 35 25.18 -144.25 68.14
C THR J 35 25.14 -145.63 68.77
N ASP J 36 26.02 -145.91 69.74
CA ASP J 36 26.16 -147.26 70.28
C ASP J 36 24.87 -147.78 70.87
N PHE J 37 24.40 -147.16 71.96
CA PHE J 37 23.12 -147.48 72.58
C PHE J 37 23.04 -148.92 73.07
N GLY J 38 23.04 -149.87 72.14
CA GLY J 38 22.81 -151.26 72.49
C GLY J 38 23.87 -151.87 73.38
N GLY J 39 25.13 -151.48 73.19
CA GLY J 39 26.22 -152.07 73.94
C GLY J 39 26.31 -151.60 75.38
N SER J 40 25.19 -151.66 76.11
CA SER J 40 25.16 -151.25 77.51
C SER J 40 23.91 -151.84 78.16
N LYS J 41 23.89 -151.79 79.48
CA LYS J 41 22.76 -152.31 80.24
C LYS J 41 21.49 -151.52 79.92
N ASN J 42 20.39 -152.24 79.71
CA ASN J 42 19.11 -151.64 79.35
C ASN J 42 19.23 -150.71 78.14
N ASP J 43 20.02 -151.15 77.16
CA ASP J 43 20.28 -150.46 75.88
C ASP J 43 20.27 -148.94 76.03
N THR J 44 21.04 -148.46 77.02
CA THR J 44 21.10 -147.04 77.33
C THR J 44 22.47 -146.72 77.90
N ILE J 45 22.95 -145.52 77.59
CA ILE J 45 24.18 -144.99 78.16
C ILE J 45 23.92 -143.59 78.69
N THR J 46 24.80 -143.13 79.57
CA THR J 46 24.63 -141.88 80.29
C THR J 46 25.64 -140.85 79.82
N VAL J 47 25.16 -139.62 79.68
CA VAL J 47 25.99 -138.44 79.42
C VAL J 47 26.37 -137.83 80.75
N ARG J 48 27.66 -137.51 80.90
CA ARG J 48 28.22 -136.99 82.14
C ARG J 48 28.42 -135.49 82.01
N VAL J 49 27.87 -134.73 82.96
CA VAL J 49 27.96 -133.29 82.96
C VAL J 49 29.21 -132.86 83.72
N PRO J 50 29.97 -131.88 83.22
CA PRO J 50 31.14 -131.40 83.97
C PRO J 50 30.75 -130.81 85.31
N ALA J 51 31.63 -130.98 86.29
CA ALA J 51 31.38 -130.57 87.66
C ALA J 51 31.76 -129.11 87.88
N ILE J 52 31.23 -128.55 88.97
CA ILE J 52 31.52 -127.18 89.38
C ILE J 52 31.82 -127.17 90.88
N THR J 53 32.46 -126.10 91.33
CA THR J 53 32.84 -125.95 92.72
C THR J 53 32.70 -124.50 93.15
N THR J 54 32.92 -124.26 94.45
CA THR J 54 32.83 -122.93 95.01
C THR J 54 34.03 -122.64 95.92
N ALA J 55 34.00 -121.53 96.64
CA ALA J 55 35.09 -121.15 97.53
C ALA J 55 34.50 -120.55 98.80
N ASN J 56 35.36 -119.95 99.62
CA ASN J 56 34.97 -119.38 100.89
C ASN J 56 35.70 -118.05 101.09
N ARG J 57 35.37 -117.36 102.19
CA ARG J 57 35.93 -116.06 102.50
C ARG J 57 36.46 -116.03 103.92
N ARG J 58 37.43 -115.14 104.16
CA ARG J 58 37.99 -114.94 105.49
C ARG J 58 38.65 -113.56 105.51
N ASP J 59 39.08 -113.16 106.71
CA ASP J 59 39.64 -111.84 106.93
C ASP J 59 41.10 -111.92 107.34
N LEU J 60 41.87 -110.89 107.00
CA LEU J 60 43.27 -110.83 107.38
C LEU J 60 43.42 -110.69 108.89
N ARG J 61 44.55 -111.19 109.39
CA ARG J 61 44.92 -111.09 110.80
C ARG J 61 43.87 -111.73 111.71
N ASP J 62 43.15 -112.71 111.19
CA ASP J 62 42.14 -113.40 111.97
C ASP J 62 42.81 -114.35 112.96
N PRO J 63 42.48 -114.29 114.25
CA PRO J 63 43.13 -115.20 115.21
C PRO J 63 42.83 -116.66 114.96
N ASP J 64 41.74 -116.98 114.27
CA ASP J 64 41.37 -118.36 113.96
C ASP J 64 41.82 -118.69 112.55
N ARG J 65 42.86 -119.50 112.43
CA ARG J 65 43.39 -119.92 111.13
C ARG J 65 42.77 -121.25 110.71
N THR J 66 41.46 -121.23 110.51
CA THR J 66 40.70 -122.40 110.09
C THR J 66 40.11 -122.14 108.71
N VAL J 67 40.32 -123.09 107.80
CA VAL J 67 39.84 -122.97 106.43
C VAL J 67 38.78 -124.04 106.18
N ILE J 68 37.88 -123.75 105.25
CA ILE J 68 36.80 -124.66 104.88
C ILE J 68 36.99 -125.04 103.42
N ALA J 69 37.05 -126.34 103.15
CA ALA J 69 37.25 -126.84 101.81
C ALA J 69 35.92 -127.09 101.11
N SER J 70 35.93 -126.94 99.79
CA SER J 70 34.74 -127.16 98.98
C SER J 70 34.69 -128.63 98.56
N GLU J 71 33.75 -128.97 97.67
CA GLU J 71 33.61 -130.33 97.18
C GLU J 71 33.12 -130.29 95.74
N LEU J 72 33.59 -131.24 94.93
CA LEU J 72 33.19 -131.36 93.53
C LEU J 72 32.12 -132.43 93.41
N VAL J 73 30.95 -132.05 92.92
CA VAL J 73 29.82 -132.96 92.74
C VAL J 73 29.55 -133.09 91.24
N GLU J 74 29.34 -134.32 90.79
CA GLU J 74 29.14 -134.61 89.38
C GLU J 74 27.88 -135.44 89.21
N HIS J 75 27.16 -135.21 88.11
CA HIS J 75 25.91 -135.90 87.83
C HIS J 75 25.98 -136.50 86.43
N SER J 76 24.92 -137.22 86.07
CA SER J 76 24.82 -137.84 84.75
C SER J 76 23.35 -138.08 84.43
N PHE J 77 23.06 -138.26 83.15
CA PHE J 77 21.69 -138.54 82.72
C PHE J 77 21.72 -139.47 81.51
N GLY J 78 20.87 -140.50 81.55
CA GLY J 78 20.88 -141.54 80.54
C GLY J 78 19.90 -141.29 79.41
N VAL J 79 20.22 -141.86 78.24
CA VAL J 79 19.39 -141.74 77.04
C VAL J 79 19.01 -143.15 76.60
N THR J 80 17.72 -143.38 76.41
CA THR J 80 17.19 -144.72 76.15
C THR J 80 16.34 -144.72 74.88
N LEU J 81 16.53 -145.75 74.06
CA LEU J 81 15.64 -146.00 72.94
C LEU J 81 14.38 -146.69 73.44
N ASP J 82 13.22 -146.13 73.12
CA ASP J 82 12.03 -146.69 73.76
C ASP J 82 10.92 -147.05 72.79
N LYS J 83 10.70 -146.26 71.74
CA LYS J 83 9.54 -146.42 70.87
C LYS J 83 9.97 -147.01 69.53
N HIS J 84 9.20 -148.01 69.08
CA HIS J 84 9.43 -148.69 67.81
C HIS J 84 8.28 -148.35 66.86
N VAL J 85 8.60 -147.63 65.79
CA VAL J 85 7.59 -147.21 64.82
C VAL J 85 7.61 -148.19 63.65
N TYR J 86 6.43 -148.69 63.29
CA TYR J 86 6.32 -149.67 62.22
C TYR J 86 5.00 -149.48 61.48
N ALA J 87 4.97 -149.96 60.24
CA ALA J 87 3.76 -149.93 59.43
C ALA J 87 3.81 -151.12 58.47
N ALA J 88 2.66 -151.76 58.25
CA ALA J 88 2.60 -152.98 57.48
C ALA J 88 1.45 -152.92 56.48
N LEU J 89 1.59 -153.71 55.42
CA LEU J 89 0.56 -153.87 54.40
C LEU J 89 0.20 -155.34 54.27
N LYS J 90 -1.02 -155.59 53.79
CA LYS J 90 -1.55 -156.94 53.62
C LYS J 90 -2.08 -157.13 52.21
N PHE J 91 -1.30 -156.70 51.22
CA PHE J 91 -1.70 -156.86 49.83
C PHE J 91 -1.69 -158.34 49.44
N THR J 92 -2.72 -158.74 48.71
CA THR J 92 -2.86 -160.12 48.26
C THR J 92 -2.25 -160.31 46.87
N ASP J 93 -2.12 -161.58 46.47
CA ASP J 93 -1.54 -161.88 45.17
C ASP J 93 -2.43 -161.38 44.03
N GLU J 94 -3.75 -161.54 44.17
CA GLU J 94 -4.65 -161.09 43.12
C GLU J 94 -4.61 -159.57 42.97
N GLN J 95 -4.52 -158.83 44.07
CA GLN J 95 -4.40 -157.39 44.00
C GLN J 95 -3.11 -156.97 43.32
N ARG J 96 -2.01 -157.66 43.64
CA ARG J 96 -0.73 -157.35 43.01
C ARG J 96 -0.76 -157.63 41.51
N THR J 97 -1.39 -158.74 41.11
CA THR J 97 -1.41 -159.14 39.71
C THR J 97 -2.51 -158.47 38.90
N LEU J 98 -3.44 -157.78 39.54
CA LEU J 98 -4.54 -157.14 38.83
C LEU J 98 -4.67 -155.65 39.12
N ASP J 99 -3.83 -155.08 39.99
CA ASP J 99 -3.93 -153.67 40.34
C ASP J 99 -2.53 -153.15 40.67
N ILE J 100 -2.48 -151.98 41.29
CA ILE J 100 -1.25 -151.34 41.74
C ILE J 100 -0.33 -151.05 40.56
N ARG J 101 0.21 -152.10 39.95
CA ARG J 101 1.05 -152.06 38.74
C ARG J 101 2.12 -150.97 38.78
N ASP J 102 2.49 -150.52 39.97
CA ASP J 102 3.59 -149.57 40.13
C ASP J 102 4.52 -149.89 41.29
N TYR J 103 4.12 -150.74 42.23
CA TYR J 103 4.89 -151.08 43.42
C TYR J 103 5.50 -149.84 44.08
N THR J 104 6.62 -149.35 43.56
CA THR J 104 7.32 -148.24 44.18
C THR J 104 6.48 -146.97 44.15
N LYS J 105 5.88 -146.65 43.00
CA LYS J 105 5.14 -145.41 42.86
C LYS J 105 3.77 -145.45 43.53
N GLN J 106 3.25 -146.64 43.84
CA GLN J 106 1.92 -146.77 44.41
C GLN J 106 1.90 -147.13 45.89
N VAL J 107 2.96 -147.78 46.39
CA VAL J 107 3.01 -148.26 47.76
C VAL J 107 4.18 -147.66 48.53
N LEU J 108 5.37 -147.67 47.92
CA LEU J 108 6.57 -147.26 48.65
C LEU J 108 6.54 -145.79 49.03
N MET J 109 6.15 -144.91 48.11
CA MET J 109 6.09 -143.48 48.42
C MET J 109 5.08 -143.15 49.51
N PRO J 110 3.84 -143.62 49.46
CA PRO J 110 2.94 -143.38 50.61
C PRO J 110 3.45 -143.98 51.91
N GLN J 111 4.11 -145.13 51.86
CA GLN J 111 4.69 -145.72 53.07
C GLN J 111 5.76 -144.82 53.66
N VAL J 112 6.66 -144.28 52.82
CA VAL J 112 7.70 -143.40 53.29
C VAL J 112 7.10 -142.12 53.86
N SER J 113 6.07 -141.58 53.18
CA SER J 113 5.41 -140.38 53.68
C SER J 113 4.77 -140.62 55.04
N ALA J 114 4.09 -141.76 55.20
CA ALA J 114 3.47 -142.08 56.47
C ALA J 114 4.51 -142.27 57.58
N VAL J 115 5.62 -142.92 57.26
CA VAL J 115 6.69 -143.09 58.24
C VAL J 115 7.25 -141.73 58.66
N ALA J 116 7.46 -140.84 57.70
CA ALA J 116 7.96 -139.51 58.02
C ALA J 116 6.98 -138.73 58.89
N TYR J 117 5.69 -138.82 58.57
CA TYR J 117 4.69 -138.12 59.39
C TYR J 117 4.61 -138.69 60.80
N GLU J 118 4.71 -140.02 60.93
CA GLU J 118 4.72 -140.63 62.25
C GLU J 118 5.95 -140.21 63.04
N LEU J 119 7.10 -140.12 62.38
CA LEU J 119 8.30 -139.63 63.05
C LEU J 119 8.13 -138.18 63.50
N GLU J 120 7.50 -137.36 62.66
CA GLU J 120 7.25 -135.97 63.04
C GLU J 120 6.33 -135.88 64.25
N ASP J 121 5.29 -136.73 64.29
CA ASP J 121 4.42 -136.77 65.45
C ASP J 121 5.18 -137.23 66.69
N TYR J 122 6.08 -138.20 66.52
CA TYR J 122 6.89 -138.68 67.63
C TYR J 122 7.78 -137.56 68.18
N ILE J 123 8.35 -136.75 67.29
CA ILE J 123 9.16 -135.62 67.74
C ILE J 123 8.28 -134.57 68.44
N ALA J 124 7.13 -134.26 67.85
CA ALA J 124 6.20 -133.32 68.49
C ALA J 124 5.79 -133.80 69.88
N GLU J 125 5.77 -135.11 70.09
CA GLU J 125 5.57 -135.64 71.44
C GLU J 125 6.71 -135.22 72.37
N LEU J 126 7.93 -135.08 71.85
CA LEU J 126 9.02 -134.52 72.64
C LEU J 126 8.79 -133.04 72.92
N ILE J 127 8.46 -132.26 71.90
CA ILE J 127 8.21 -130.84 72.12
C ILE J 127 6.99 -130.64 73.01
N GLU J 128 5.92 -131.38 72.75
CA GLU J 128 4.67 -131.27 73.51
C GLU J 128 4.63 -132.40 74.54
N GLY J 129 4.97 -132.07 75.78
CA GLY J 129 4.98 -133.06 76.85
C GLY J 129 6.11 -132.86 77.84
N ALA J 130 7.02 -131.94 77.54
CA ALA J 130 8.14 -131.69 78.43
C ALA J 130 7.65 -131.10 79.76
N PRO J 131 8.29 -131.45 80.88
CA PRO J 131 7.85 -130.93 82.18
C PRO J 131 8.21 -129.46 82.37
N TYR J 132 7.46 -128.57 81.73
CA TYR J 132 7.68 -127.14 81.87
C TYR J 132 7.15 -126.67 83.23
N GLU J 133 7.99 -125.96 83.97
CA GLU J 133 7.58 -125.47 85.30
C GLU J 133 6.60 -124.33 85.17
N GLU J 134 6.86 -123.38 84.26
CA GLU J 134 6.03 -122.21 84.09
C GLU J 134 5.58 -122.10 82.63
N THR J 135 4.46 -121.41 82.44
CA THR J 135 3.88 -121.19 81.12
C THR J 135 3.91 -119.69 80.82
N ILE J 136 4.46 -119.33 79.66
CA ILE J 136 4.55 -117.93 79.26
C ILE J 136 3.22 -117.55 78.61
N LEU J 137 2.47 -116.69 79.27
CA LEU J 137 1.14 -116.30 78.81
C LEU J 137 1.27 -115.17 77.80
N ILE J 138 0.73 -115.38 76.60
CA ILE J 138 0.79 -114.39 75.54
C ILE J 138 -0.51 -113.59 75.54
N ASP J 139 -0.41 -112.28 75.73
CA ASP J 139 -1.58 -111.42 75.68
C ASP J 139 -1.99 -111.21 74.23
N PRO J 140 -3.26 -111.47 73.88
CA PRO J 140 -3.68 -111.26 72.49
C PRO J 140 -3.52 -109.83 72.00
N ALA J 141 -3.70 -108.85 72.89
CA ALA J 141 -3.56 -107.45 72.47
C ALA J 141 -2.09 -107.09 72.25
N ASP J 142 -1.19 -107.66 73.05
CA ASP J 142 0.23 -107.36 72.96
C ASP J 142 1.01 -108.66 73.15
N THR J 143 1.62 -109.15 72.07
CA THR J 143 2.34 -110.42 72.11
C THR J 143 3.84 -110.25 72.33
N VAL J 144 4.41 -109.10 71.98
CA VAL J 144 5.85 -108.89 72.17
C VAL J 144 6.28 -109.04 73.63
N PRO J 145 5.56 -108.51 74.63
CA PRO J 145 6.00 -108.70 76.02
C PRO J 145 6.13 -110.15 76.42
N ALA J 146 5.30 -111.05 75.89
CA ALA J 146 5.45 -112.47 76.20
C ALA J 146 6.79 -113.01 75.70
N PHE J 147 7.17 -112.65 74.47
CA PHE J 147 8.46 -113.08 73.94
C PHE J 147 9.62 -112.47 74.72
N ILE J 148 9.49 -111.21 75.13
CA ILE J 148 10.54 -110.58 75.93
C ILE J 148 10.66 -111.28 77.28
N THR J 149 9.52 -111.65 77.88
CA THR J 149 9.55 -112.37 79.15
C THR J 149 10.21 -113.74 78.98
N ALA J 150 9.91 -114.44 77.88
CA ALA J 150 10.56 -115.73 77.63
C ALA J 150 12.06 -115.57 77.46
N ASP J 151 12.48 -114.52 76.74
CA ASP J 151 13.91 -114.26 76.58
C ASP J 151 14.57 -113.96 77.92
N GLN J 152 13.89 -113.19 78.77
CA GLN J 152 14.43 -112.89 80.09
C GLN J 152 14.54 -114.15 80.95
N ARG J 153 13.54 -115.02 80.88
CA ARG J 153 13.59 -116.27 81.63
C ARG J 153 14.74 -117.14 81.14
N MET J 154 14.96 -117.20 79.83
CA MET J 154 16.10 -117.95 79.29
C MET J 154 17.41 -117.35 79.76
N GLY J 155 17.52 -116.01 79.74
CA GLY J 155 18.75 -115.37 80.19
C GLY J 155 19.03 -115.56 81.66
N GLU J 156 17.97 -115.70 82.47
CA GLU J 156 18.16 -115.97 83.89
C GLU J 156 18.89 -117.29 84.13
N ALA J 157 18.78 -118.23 83.19
CA ALA J 157 19.49 -119.50 83.28
C ALA J 157 20.88 -119.46 82.66
N ASN J 158 21.32 -118.29 82.17
CA ASN J 158 22.63 -118.12 81.56
C ASN J 158 22.83 -119.00 80.33
N VAL J 159 21.73 -119.27 79.62
CA VAL J 159 21.83 -120.05 78.38
C VAL J 159 22.52 -119.21 77.31
N PRO J 160 23.34 -119.80 76.43
CA PRO J 160 23.93 -119.02 75.34
C PRO J 160 22.85 -118.40 74.46
N THR J 161 23.13 -117.18 73.98
CA THR J 161 22.17 -116.43 73.19
C THR J 161 22.15 -116.84 71.72
N ASP J 162 23.02 -117.74 71.31
CA ASP J 162 23.08 -118.23 69.93
C ASP J 162 22.51 -119.63 69.84
N SER J 163 22.29 -120.07 68.60
CA SER J 163 21.77 -121.41 68.31
C SER J 163 20.43 -121.66 69.03
N ARG J 164 19.55 -120.67 68.95
CA ARG J 164 18.22 -120.75 69.54
C ARG J 164 17.18 -120.93 68.45
N ARG J 165 16.31 -121.94 68.61
CA ARG J 165 15.28 -122.25 67.63
C ARG J 165 13.91 -122.03 68.26
N LEU J 166 13.05 -121.33 67.52
CA LEU J 166 11.69 -121.04 67.94
C LEU J 166 10.71 -121.63 66.94
N VAL J 167 9.68 -122.31 67.44
CA VAL J 167 8.62 -122.87 66.60
C VAL J 167 7.30 -122.26 67.06
N VAL J 168 6.49 -121.83 66.08
CA VAL J 168 5.20 -121.21 66.34
C VAL J 168 4.14 -121.91 65.49
N GLY J 169 2.98 -122.13 66.09
CA GLY J 169 1.89 -122.76 65.38
C GLY J 169 1.15 -121.78 64.48
N SER J 170 0.17 -122.31 63.77
CA SER J 170 -0.64 -121.47 62.88
C SER J 170 -1.42 -120.42 63.68
N ALA J 171 -2.00 -120.81 64.81
CA ALA J 171 -2.72 -119.87 65.64
C ALA J 171 -1.78 -118.85 66.27
N VAL J 172 -0.57 -119.27 66.63
CA VAL J 172 0.40 -118.33 67.19
C VAL J 172 0.79 -117.27 66.17
N ALA J 173 1.05 -117.70 64.93
CA ALA J 173 1.36 -116.74 63.86
C ALA J 173 0.18 -115.84 63.58
N ALA J 174 -1.04 -116.40 63.59
CA ALA J 174 -2.23 -115.58 63.38
C ALA J 174 -2.36 -114.51 64.46
N ALA J 175 -2.13 -114.89 65.72
CA ALA J 175 -2.21 -113.93 66.82
C ALA J 175 -1.10 -112.89 66.72
N LEU J 176 0.09 -113.29 66.27
CA LEU J 176 1.16 -112.34 66.03
C LEU J 176 0.74 -111.32 64.98
N ALA J 177 0.07 -111.78 63.93
CA ALA J 177 -0.49 -110.86 62.94
C ALA J 177 -1.57 -109.97 63.54
N LYS J 178 -2.36 -110.52 64.48
CA LYS J 178 -3.41 -109.73 65.14
C LYS J 178 -2.85 -108.61 66.00
N ASP J 179 -1.61 -108.76 66.47
CA ASP J 179 -1.03 -107.76 67.36
C ASP J 179 -0.92 -106.41 66.67
N LYS J 180 -1.37 -105.36 67.35
CA LYS J 180 -1.27 -104.01 66.80
C LYS J 180 0.18 -103.54 66.70
N GLN J 181 1.08 -104.13 67.48
CA GLN J 181 2.49 -103.78 67.37
C GLN J 181 3.04 -104.16 65.99
N PHE J 182 2.64 -105.32 65.47
CA PHE J 182 3.10 -105.77 64.17
C PHE J 182 2.19 -105.28 63.03
N ARG J 183 0.88 -105.23 63.27
CA ARG J 183 -0.05 -104.83 62.23
C ARG J 183 0.15 -103.37 61.83
N HIS J 184 0.33 -102.49 62.82
CA HIS J 184 0.53 -101.07 62.54
C HIS J 184 1.96 -100.84 62.06
N ALA J 185 2.10 -100.25 60.87
CA ALA J 185 3.42 -100.03 60.31
C ALA J 185 4.23 -99.03 61.12
N ASP J 186 3.57 -97.96 61.61
CA ASP J 186 4.27 -96.97 62.41
C ASP J 186 4.81 -97.59 63.70
N TRP J 187 4.01 -98.45 64.34
CA TRP J 187 4.48 -99.15 65.52
C TRP J 187 5.50 -100.23 65.15
N SER J 188 5.33 -100.86 64.00
CA SER J 188 6.30 -101.84 63.54
C SER J 188 7.62 -101.17 63.15
N GLY J 189 7.55 -100.05 62.44
CA GLY J 189 8.74 -99.33 62.04
C GLY J 189 9.03 -99.39 60.56
N ASP J 190 8.84 -100.56 59.96
CA ASP J 190 9.11 -100.73 58.54
C ASP J 190 7.90 -100.28 57.72
N GLN J 191 8.16 -99.43 56.72
CA GLN J 191 7.08 -98.95 55.86
C GLN J 191 6.57 -100.04 54.92
N ALA J 192 7.36 -101.08 54.68
CA ALA J 192 6.89 -102.18 53.83
C ALA J 192 5.71 -102.91 54.46
N ASN J 193 5.77 -103.13 55.77
CA ASN J 193 4.70 -103.80 56.52
C ASN J 193 4.42 -105.19 55.96
N ALA J 194 5.44 -106.06 56.06
CA ALA J 194 5.30 -107.43 55.59
C ALA J 194 4.26 -108.19 56.39
N ALA J 195 4.05 -107.81 57.66
CA ALA J 195 3.06 -108.47 58.49
C ALA J 195 1.63 -108.14 58.09
N LEU J 196 1.42 -107.15 57.21
CA LEU J 196 0.10 -106.76 56.75
C LEU J 196 -0.10 -107.01 55.26
N ARG J 197 0.87 -106.60 54.43
CA ARG J 197 0.75 -106.83 52.99
C ARG J 197 0.75 -108.31 52.66
N GLU J 198 1.62 -109.09 53.32
CA GLU J 198 1.72 -110.52 53.08
C GLU J 198 1.29 -111.35 54.28
N ALA J 199 0.91 -110.71 55.39
CA ALA J 199 0.49 -111.42 56.61
C ALA J 199 1.55 -112.40 57.08
N HIS J 200 2.82 -112.00 56.98
CA HIS J 200 3.95 -112.82 57.38
C HIS J 200 4.74 -112.07 58.46
N VAL J 201 4.87 -112.68 59.63
CA VAL J 201 5.61 -112.08 60.73
C VAL J 201 7.11 -112.21 60.47
N GLY J 202 7.84 -111.14 60.72
CA GLY J 202 9.27 -111.11 60.52
C GLY J 202 10.06 -111.50 61.76
N ARG J 203 11.28 -110.96 61.86
CA ARG J 203 12.13 -111.25 63.00
C ARG J 203 11.52 -110.68 64.28
N LEU J 204 11.61 -111.45 65.36
CA LEU J 204 11.05 -111.05 66.65
C LEU J 204 11.87 -111.67 67.76
N ALA J 205 12.27 -110.84 68.74
CA ALA J 205 13.02 -111.28 69.91
C ALA J 205 14.34 -111.94 69.53
N GLY J 206 14.91 -111.55 68.41
CA GLY J 206 16.19 -112.09 67.99
C GLY J 206 16.18 -113.51 67.48
N MET J 207 15.00 -114.08 67.24
CA MET J 207 14.88 -115.44 66.76
C MET J 207 13.97 -115.47 65.53
N ASN J 208 14.34 -116.30 64.55
CA ASN J 208 13.55 -116.42 63.33
C ASN J 208 12.31 -117.27 63.60
N VAL J 209 11.16 -116.77 63.16
CA VAL J 209 9.90 -117.48 63.36
C VAL J 209 9.79 -118.61 62.35
N ILE J 210 9.43 -119.80 62.83
CA ILE J 210 9.25 -120.98 61.99
C ILE J 210 7.84 -121.51 62.21
N ARG J 211 7.06 -121.59 61.14
CA ARG J 211 5.66 -122.02 61.22
C ARG J 211 5.55 -123.48 60.86
N SER J 212 4.87 -124.25 61.70
CA SER J 212 4.66 -125.67 61.46
C SER J 212 3.32 -126.08 62.06
N ASN J 213 2.55 -126.86 61.31
CA ASN J 213 1.25 -127.33 61.76
C ASN J 213 1.32 -128.63 62.56
N ALA J 214 2.50 -129.24 62.65
CA ALA J 214 2.63 -130.47 63.44
C ALA J 214 2.36 -130.23 64.91
N ILE J 215 2.88 -129.13 65.46
CA ILE J 215 2.67 -128.78 66.85
C ILE J 215 1.27 -128.19 67.03
N ALA J 216 0.83 -128.07 68.27
CA ALA J 216 -0.48 -127.47 68.53
C ALA J 216 -0.48 -126.01 68.10
N PRO J 217 -1.48 -125.57 67.33
CA PRO J 217 -1.48 -124.17 66.87
C PRO J 217 -1.50 -123.15 67.99
N ASP J 218 -2.15 -123.46 69.11
CA ASP J 218 -2.29 -122.51 70.20
C ASP J 218 -1.01 -122.38 71.03
N LYS J 219 -0.05 -123.29 70.89
CA LYS J 219 1.15 -123.29 71.70
C LYS J 219 2.38 -123.08 70.83
N ALA J 220 3.33 -122.31 71.35
CA ALA J 220 4.61 -122.08 70.69
C ALA J 220 5.72 -122.48 71.65
N TYR J 221 6.89 -122.81 71.09
CA TYR J 221 8.00 -123.29 71.90
C TYR J 221 9.29 -122.63 71.47
N LEU J 222 10.22 -122.50 72.42
CA LEU J 222 11.56 -122.00 72.14
C LEU J 222 12.56 -122.88 72.87
N TRP J 223 13.68 -123.18 72.21
CA TRP J 223 14.68 -124.06 72.82
C TRP J 223 16.06 -123.72 72.28
N HIS J 224 17.07 -124.19 73.01
CA HIS J 224 18.46 -123.99 72.63
C HIS J 224 18.87 -125.07 71.63
N ARG J 225 20.17 -125.12 71.30
CA ARG J 225 20.66 -126.13 70.36
C ARG J 225 20.48 -127.54 70.91
N THR J 226 20.76 -127.73 72.20
CA THR J 226 20.59 -129.05 72.82
C THR J 226 19.13 -129.46 72.81
N ALA J 227 18.27 -128.69 73.48
CA ALA J 227 16.84 -128.91 73.50
C ALA J 227 16.48 -130.33 73.94
N PHE J 228 16.06 -131.16 72.98
CA PHE J 228 15.65 -132.54 73.24
C PHE J 228 16.55 -133.49 72.46
N ILE J 229 16.96 -134.56 73.12
CA ILE J 229 17.82 -135.56 72.50
C ILE J 229 16.94 -136.56 71.76
N LEU J 230 17.13 -136.65 70.44
CA LEU J 230 16.39 -137.57 69.58
C LEU J 230 17.37 -138.42 68.81
N ALA J 231 17.15 -139.73 68.80
CA ALA J 231 18.05 -140.65 68.12
C ALA J 231 17.25 -141.67 67.33
N TYR J 232 17.84 -142.14 66.23
CA TYR J 232 17.22 -143.13 65.36
C TYR J 232 18.23 -144.24 65.07
N ARG J 233 17.70 -145.45 64.86
CA ARG J 233 18.55 -146.60 64.56
C ARG J 233 17.82 -147.52 63.60
N THR J 234 18.44 -147.80 62.46
CA THR J 234 17.85 -148.74 61.52
C THR J 234 18.09 -150.17 61.99
N PRO J 235 17.07 -151.01 62.06
CA PRO J 235 17.27 -152.40 62.49
C PRO J 235 18.01 -153.19 61.43
N VAL J 236 18.68 -154.25 61.89
CA VAL J 236 19.43 -155.13 61.00
C VAL J 236 18.48 -156.13 60.35
N VAL J 237 18.66 -156.35 59.05
CA VAL J 237 17.80 -157.29 58.32
C VAL J 237 18.06 -158.70 58.83
N PRO J 238 17.03 -159.45 59.24
CA PRO J 238 17.25 -160.81 59.73
C PRO J 238 17.60 -161.76 58.60
N GLU J 239 18.04 -162.95 59.00
CA GLU J 239 18.38 -163.97 58.02
C GLU J 239 17.16 -164.42 57.21
N GLY J 240 16.00 -164.52 57.87
CA GLY J 240 14.78 -164.92 57.19
C GLY J 240 14.18 -163.82 56.34
N ALA J 241 14.92 -163.37 55.33
CA ALA J 241 14.47 -162.32 54.43
C ALA J 241 15.00 -162.62 53.03
N LYS J 242 14.72 -161.71 52.10
CA LYS J 242 15.15 -161.86 50.71
C LYS J 242 16.18 -160.81 50.32
N ALA J 243 15.85 -159.54 50.43
CA ALA J 243 16.78 -158.48 50.07
C ALA J 243 16.97 -157.44 51.16
N GLY J 244 15.91 -157.10 51.89
CA GLY J 244 16.01 -156.07 52.92
C GLY J 244 16.00 -154.65 52.41
N ALA J 245 16.85 -154.33 51.44
CA ALA J 245 16.93 -153.01 50.83
C ALA J 245 17.16 -151.92 51.86
N SER J 246 16.84 -150.67 51.50
CA SER J 246 16.99 -149.53 52.39
C SER J 246 16.18 -148.37 51.82
N PHE J 247 15.77 -147.47 52.71
CA PHE J 247 15.04 -146.29 52.29
C PHE J 247 15.53 -145.08 53.08
N SER J 248 15.24 -143.89 52.55
CA SER J 248 15.65 -142.64 53.17
C SER J 248 14.44 -141.76 53.39
N ALA J 249 14.37 -141.14 54.57
CA ALA J 249 13.28 -140.22 54.90
C ALA J 249 13.83 -139.15 55.82
N ASN J 250 13.93 -137.92 55.30
CA ASN J 250 14.43 -136.77 56.05
C ASN J 250 15.80 -137.05 56.65
N GLY J 251 16.66 -137.72 55.89
CA GLY J 251 17.99 -138.06 56.34
C GLY J 251 18.05 -139.24 57.28
N VAL J 252 16.95 -139.96 57.48
CA VAL J 252 16.90 -141.10 58.39
C VAL J 252 16.78 -142.37 57.54
N ALA J 253 17.64 -143.34 57.83
CA ALA J 253 17.59 -144.61 57.13
C ALA J 253 16.50 -145.50 57.69
N LEU J 254 15.72 -146.11 56.80
CA LEU J 254 14.61 -146.98 57.16
C LEU J 254 14.83 -148.37 56.58
N ARG J 255 14.54 -149.38 57.40
CA ARG J 255 14.74 -150.78 57.02
C ARG J 255 13.42 -151.38 56.54
N TRP J 256 13.47 -152.03 55.39
CA TRP J 256 12.33 -152.67 54.76
C TRP J 256 12.45 -154.18 54.85
N LEU J 257 11.30 -154.85 54.84
CA LEU J 257 11.25 -156.30 54.94
C LEU J 257 10.02 -156.80 54.18
N ALA J 258 10.17 -157.98 53.57
CA ALA J 258 9.08 -158.58 52.81
C ALA J 258 9.18 -160.09 52.90
N ASP J 259 8.03 -160.75 52.69
CA ASP J 259 7.95 -162.21 52.72
C ASP J 259 6.71 -162.63 51.97
N TYR J 260 6.46 -163.94 51.95
CA TYR J 260 5.30 -164.52 51.27
C TYR J 260 4.39 -165.14 52.31
N ASP J 261 3.12 -164.73 52.31
CA ASP J 261 2.11 -165.28 53.22
C ASP J 261 1.46 -166.47 52.53
N TYR J 262 2.08 -167.64 52.70
CA TYR J 262 1.57 -168.85 52.05
C TYR J 262 0.18 -169.23 52.56
N SER J 263 -0.04 -169.08 53.88
CA SER J 263 -1.31 -169.47 54.47
C SER J 263 -2.46 -168.59 53.96
N GLN J 264 -2.23 -167.28 53.87
CA GLN J 264 -3.29 -166.34 53.50
C GLN J 264 -3.22 -165.91 52.05
N LEU J 265 -2.26 -166.41 51.28
CA LEU J 265 -2.10 -166.07 49.87
C LEU J 265 -1.96 -164.55 49.69
N GLY J 266 -0.95 -163.99 50.34
CA GLY J 266 -0.71 -162.56 50.28
C GLY J 266 0.77 -162.26 50.43
N ASP J 267 1.09 -160.97 50.41
CA ASP J 267 2.45 -160.49 50.56
C ASP J 267 2.48 -159.45 51.66
N ARG J 268 3.30 -159.69 52.69
CA ARG J 268 3.41 -158.77 53.82
C ARG J 268 4.67 -157.93 53.69
N THR J 269 4.53 -156.62 53.89
CA THR J 269 5.64 -155.69 53.82
C THR J 269 5.73 -154.91 55.13
N LEU J 270 6.97 -154.60 55.53
CA LEU J 270 7.22 -153.87 56.76
C LEU J 270 8.31 -152.84 56.52
N LEU J 271 8.19 -151.69 57.18
CA LEU J 271 9.20 -150.63 57.12
C LEU J 271 9.30 -150.01 58.50
N ASP J 272 10.41 -150.26 59.20
CA ASP J 272 10.49 -149.91 60.61
C ASP J 272 11.87 -149.46 61.00
N VAL J 273 11.92 -148.65 62.07
CA VAL J 273 13.15 -148.17 62.70
C VAL J 273 12.93 -148.13 64.21
N PHE J 274 14.01 -147.85 64.93
CA PHE J 274 13.97 -147.74 66.39
C PHE J 274 14.24 -146.29 66.78
N THR J 275 13.45 -145.77 67.71
CA THR J 275 13.51 -144.37 68.10
C THR J 275 13.85 -144.24 69.58
N GLY J 276 14.63 -143.20 69.89
CA GLY J 276 15.02 -142.91 71.26
C GLY J 276 14.84 -141.46 71.62
N ARG J 277 14.19 -141.21 72.75
CA ARG J 277 13.81 -139.86 73.18
C ARG J 277 14.41 -139.56 74.55
N LYS J 278 14.80 -138.31 74.74
CA LYS J 278 15.29 -137.86 76.04
C LYS J 278 15.14 -136.35 76.15
N VAL J 279 14.90 -135.88 77.38
CA VAL J 279 14.81 -134.46 77.67
C VAL J 279 16.08 -134.04 78.40
N VAL J 280 16.65 -132.91 77.99
CA VAL J 280 17.89 -132.40 78.58
C VAL J 280 17.51 -131.62 79.84
N THR J 281 17.65 -132.26 80.99
CA THR J 281 17.32 -131.65 82.27
C THR J 281 18.59 -131.09 82.91
N GLU J 282 18.48 -130.64 84.16
CA GLU J 282 19.59 -130.09 84.91
C GLU J 282 19.97 -131.03 86.05
N VAL J 283 20.92 -130.59 86.87
CA VAL J 283 21.39 -131.41 87.98
C VAL J 283 20.31 -131.61 89.04
N ASP J 284 19.31 -130.72 89.09
CA ASP J 284 18.24 -130.83 90.08
C ASP J 284 16.88 -131.08 89.44
N GLY J 285 16.84 -131.46 88.16
CA GLY J 285 15.58 -131.73 87.49
C GLY J 285 14.83 -130.51 87.01
N SER J 286 15.43 -129.32 87.10
CA SER J 286 14.79 -128.09 86.66
C SER J 286 15.02 -127.92 85.16
N PHE J 287 13.96 -128.00 84.37
CA PHE J 287 14.05 -127.89 82.93
C PHE J 287 14.09 -126.42 82.55
N VAL J 288 15.27 -125.95 82.13
CA VAL J 288 15.47 -124.56 81.72
C VAL J 288 15.96 -124.45 80.29
N ARG J 289 16.18 -125.58 79.60
CA ARG J 289 16.69 -125.52 78.24
C ARG J 289 15.63 -125.08 77.23
N ALA J 290 14.36 -125.10 77.61
CA ALA J 290 13.28 -124.73 76.70
C ALA J 290 12.18 -124.01 77.47
N VAL J 291 11.42 -123.20 76.73
CA VAL J 291 10.29 -122.46 77.28
C VAL J 291 9.09 -122.63 76.37
N GLU J 292 7.90 -122.53 76.98
CA GLU J 292 6.63 -122.73 76.30
C GLU J 292 5.76 -121.49 76.45
N LEU J 293 5.11 -121.10 75.35
CA LEU J 293 4.23 -119.94 75.31
C LEU J 293 2.83 -120.39 74.88
N GLN J 294 1.83 -119.92 75.62
CA GLN J 294 0.45 -120.28 75.36
C GLN J 294 -0.42 -119.03 75.26
N LEU J 295 -1.36 -119.06 74.32
CA LEU J 295 -2.30 -117.96 74.09
C LEU J 295 -3.55 -118.17 74.94
N GLN J 296 -4.11 -117.05 75.40
CA GLN J 296 -5.32 -117.09 76.20
C GLN J 296 -6.56 -117.05 75.31
N ALA J 297 -7.68 -117.50 75.88
CA ALA J 297 -8.96 -117.48 75.18
C ALA J 297 -9.88 -116.37 75.72
N SER J 298 -10.15 -116.38 77.03
CA SER J 298 -10.99 -115.41 77.73
C SER J 298 -12.45 -115.47 77.29
N SER J 299 -12.79 -116.32 76.32
CA SER J 299 -14.15 -116.48 75.82
C SER J 299 -14.15 -117.66 74.85
N ILE J 300 -15.28 -118.37 74.82
CA ILE J 300 -15.47 -119.50 73.92
C ILE J 300 -16.79 -119.33 73.19
N THR J 301 -16.78 -119.62 71.89
CA THR J 301 -17.96 -119.51 71.05
C THR J 301 -18.24 -120.87 70.42
N ILE J 302 -19.50 -121.30 70.49
CA ILE J 302 -19.95 -122.52 69.85
C ILE J 302 -20.61 -122.14 68.54
N VAL J 303 -20.03 -122.59 67.43
CA VAL J 303 -20.49 -122.21 66.10
C VAL J 303 -21.85 -122.84 65.81
N GLY J 304 -22.55 -122.32 64.80
CA GLY J 304 -23.85 -122.80 64.41
C GLY J 304 -25.01 -121.98 64.91
N GLY J 305 -24.80 -121.14 65.93
CA GLY J 305 -25.85 -120.33 66.49
C GLY J 305 -27.01 -121.15 67.03
N ALA J 306 -28.15 -121.10 66.36
CA ALA J 306 -29.31 -121.92 66.70
C ALA J 306 -29.47 -123.00 65.63
N PHE J 307 -29.43 -124.26 66.04
CA PHE J 307 -29.47 -125.38 65.12
C PHE J 307 -30.48 -126.41 65.62
N ALA J 308 -31.04 -127.17 64.67
CA ALA J 308 -32.00 -128.22 64.97
C ALA J 308 -31.53 -129.52 64.30
N LEU J 309 -31.73 -130.63 65.02
CA LEU J 309 -31.34 -131.92 64.48
C LEU J 309 -32.27 -132.33 63.33
N ALA J 310 -31.79 -133.27 62.52
CA ALA J 310 -32.56 -133.71 61.35
C ALA J 310 -33.88 -134.34 61.78
N THR J 311 -33.85 -135.20 62.78
CA THR J 311 -35.04 -135.86 63.31
C THR J 311 -35.04 -135.76 64.84
N THR J 312 -36.07 -136.33 65.45
CA THR J 312 -36.13 -136.37 66.91
C THR J 312 -34.97 -137.20 67.47
N THR J 313 -34.71 -138.37 66.87
CA THR J 313 -33.57 -139.19 67.26
C THR J 313 -32.43 -138.95 66.26
N GLY J 314 -31.80 -137.79 66.41
CA GLY J 314 -30.70 -137.38 65.57
C GLY J 314 -29.43 -137.14 66.38
N THR J 315 -28.38 -136.75 65.65
CA THR J 315 -27.09 -136.49 66.27
C THR J 315 -26.33 -135.46 65.45
N LYS J 316 -25.39 -134.79 66.12
CA LYS J 316 -24.55 -133.80 65.45
C LYS J 316 -23.30 -133.57 66.29
N GLN J 317 -22.15 -133.49 65.62
CA GLN J 317 -20.87 -133.27 66.28
C GLN J 317 -20.65 -131.77 66.43
N LEU J 318 -20.71 -131.29 67.68
CA LEU J 318 -20.53 -129.86 67.94
C LEU J 318 -19.05 -129.53 68.06
N LYS J 319 -18.69 -128.35 67.54
CA LYS J 319 -17.32 -127.85 67.62
C LYS J 319 -17.32 -126.46 68.24
N VAL J 320 -16.36 -126.22 69.12
CA VAL J 320 -16.24 -124.97 69.87
C VAL J 320 -14.90 -124.33 69.55
N ARG J 321 -14.90 -123.02 69.37
CA ARG J 321 -13.69 -122.27 69.09
C ARG J 321 -13.51 -121.18 70.14
N ASP J 322 -12.36 -120.53 70.11
CA ASP J 322 -12.06 -119.43 70.99
C ASP J 322 -12.19 -118.11 70.22
N ASP J 323 -11.82 -117.00 70.88
CA ASP J 323 -11.84 -115.71 70.20
C ASP J 323 -10.84 -115.68 69.05
N ASN J 324 -9.66 -116.28 69.24
CA ASN J 324 -8.65 -116.33 68.19
C ASN J 324 -9.02 -117.27 67.06
N GLY J 325 -10.06 -118.08 67.22
CA GLY J 325 -10.48 -119.00 66.19
C GLY J 325 -9.91 -120.40 66.29
N THR J 326 -9.08 -120.68 67.29
CA THR J 326 -8.53 -122.02 67.45
C THR J 326 -9.63 -123.01 67.81
N ASP J 327 -9.61 -124.16 67.16
CA ASP J 327 -10.63 -125.20 67.36
C ASP J 327 -10.29 -125.96 68.65
N VAL J 328 -10.75 -125.41 69.78
CA VAL J 328 -10.47 -126.02 71.07
C VAL J 328 -11.17 -127.36 71.21
N THR J 329 -12.47 -127.41 70.88
CA THR J 329 -13.28 -128.62 70.80
C THR J 329 -12.97 -129.68 71.85
N ALA J 330 -11.87 -130.41 71.65
CA ALA J 330 -11.62 -131.64 72.42
C ALA J 330 -11.47 -131.35 73.91
N ARG J 331 -10.66 -130.36 74.27
CA ARG J 331 -10.41 -130.08 75.68
C ARG J 331 -11.51 -129.18 76.25
N CYS J 332 -12.76 -129.60 76.10
CA CYS J 332 -13.91 -128.86 76.63
C CYS J 332 -14.86 -129.85 77.29
N THR J 333 -15.61 -129.34 78.29
CA THR J 333 -16.60 -130.13 79.00
C THR J 333 -17.98 -129.78 78.47
N PHE J 334 -18.69 -130.77 77.94
CA PHE J 334 -20.02 -130.58 77.37
C PHE J 334 -21.07 -131.16 78.31
N ALA J 335 -22.12 -130.39 78.59
CA ALA J 335 -23.19 -130.84 79.47
C ALA J 335 -24.53 -130.36 78.92
N SER J 336 -25.50 -131.27 78.88
CA SER J 336 -26.84 -130.91 78.43
C SER J 336 -27.68 -130.41 79.60
N SER J 337 -28.52 -129.42 79.30
CA SER J 337 -29.43 -128.90 80.32
C SER J 337 -30.57 -129.87 80.58
N ALA J 338 -31.12 -130.46 79.53
CA ALA J 338 -32.19 -131.45 79.63
C ALA J 338 -31.65 -132.76 79.07
N GLY J 339 -31.20 -133.64 79.97
CA GLY J 339 -30.65 -134.91 79.53
C GLY J 339 -31.67 -135.80 78.87
N THR J 340 -32.91 -135.79 79.38
CA THR J 340 -33.96 -136.62 78.79
C THR J 340 -34.34 -136.13 77.40
N LYS J 341 -34.14 -134.85 77.10
CA LYS J 341 -34.48 -134.32 75.78
C LYS J 341 -33.37 -134.63 74.77
N ALA J 342 -32.16 -134.12 75.03
CA ALA J 342 -31.03 -134.36 74.14
C ALA J 342 -29.74 -134.21 74.94
N THR J 343 -29.07 -135.33 75.20
CA THR J 343 -27.80 -135.31 75.91
C THR J 343 -26.64 -135.18 74.93
N VAL J 344 -25.56 -134.59 75.40
CA VAL J 344 -24.37 -134.34 74.59
C VAL J 344 -23.23 -135.22 75.09
N SER J 345 -22.54 -135.85 74.15
CA SER J 345 -21.42 -136.71 74.49
C SER J 345 -20.20 -135.89 74.90
N ALA J 346 -19.20 -136.56 75.46
CA ALA J 346 -18.00 -135.88 75.91
C ALA J 346 -17.25 -135.25 74.73
N ALA J 347 -17.16 -135.98 73.61
CA ALA J 347 -16.48 -135.43 72.44
C ALA J 347 -17.21 -134.22 71.88
N GLY J 348 -18.54 -134.26 71.87
CA GLY J 348 -19.33 -133.18 71.32
C GLY J 348 -20.44 -133.66 70.43
N LEU J 349 -20.53 -134.98 70.25
CA LEU J 349 -21.55 -135.60 69.42
C LEU J 349 -22.86 -135.67 70.22
N VAL J 350 -23.59 -134.56 70.18
CA VAL J 350 -24.86 -134.48 70.90
C VAL J 350 -25.90 -135.30 70.15
N THR J 351 -26.65 -136.11 70.91
CA THR J 351 -27.67 -136.99 70.35
C THR J 351 -29.02 -136.62 70.93
N GLY J 352 -30.04 -136.56 70.06
CA GLY J 352 -31.39 -136.23 70.51
C GLY J 352 -32.12 -137.46 71.00
N VAL J 353 -32.75 -137.34 72.17
CA VAL J 353 -33.49 -138.45 72.78
C VAL J 353 -35.00 -138.20 72.68
N ALA J 354 -35.46 -137.04 73.14
CA ALA J 354 -36.88 -136.69 73.13
C ALA J 354 -37.07 -135.34 72.47
N ALA J 355 -38.22 -135.17 71.83
CA ALA J 355 -38.53 -133.92 71.16
C ALA J 355 -38.74 -132.80 72.18
N GLY J 356 -38.24 -131.61 71.84
CA GLY J 356 -38.36 -130.47 72.73
C GLY J 356 -37.24 -129.45 72.54
N THR J 357 -36.74 -128.89 73.64
CA THR J 357 -35.67 -127.92 73.58
C THR J 357 -34.65 -128.23 74.69
N ALA J 358 -33.41 -127.83 74.44
CA ALA J 358 -32.33 -128.05 75.40
C ALA J 358 -31.33 -126.92 75.29
N ASP J 359 -30.52 -126.76 76.34
CA ASP J 359 -29.48 -125.73 76.39
C ASP J 359 -28.14 -126.42 76.64
N ILE J 360 -27.43 -126.73 75.54
CA ILE J 360 -26.14 -127.38 75.65
C ILE J 360 -25.11 -126.35 76.12
N THR J 361 -24.38 -126.69 77.18
CA THR J 361 -23.39 -125.80 77.76
C THR J 361 -22.00 -126.39 77.60
N ALA J 362 -21.06 -125.57 77.14
CA ALA J 362 -19.67 -125.98 77.00
C ALA J 362 -18.82 -125.11 77.91
N SER J 363 -17.98 -125.75 78.72
CA SER J 363 -17.08 -125.05 79.64
C SER J 363 -15.64 -125.41 79.30
N TYR J 364 -14.81 -124.39 79.14
CA TYR J 364 -13.39 -124.57 78.81
C TYR J 364 -12.55 -123.78 79.81
N VAL J 365 -11.54 -124.44 80.36
CA VAL J 365 -10.62 -123.81 81.30
C VAL J 365 -9.59 -123.02 80.52
N PRO J 366 -9.50 -121.70 80.69
CA PRO J 366 -8.50 -120.93 79.95
C PRO J 366 -7.10 -121.30 80.39
N PRO J 367 -6.11 -121.18 79.50
CA PRO J 367 -4.72 -121.44 79.91
C PRO J 367 -4.25 -120.53 81.03
N GLN J 368 -4.77 -119.30 81.10
CA GLN J 368 -4.40 -118.38 82.17
C GLN J 368 -4.88 -118.86 83.55
N GLY J 369 -5.84 -119.76 83.59
CA GLY J 369 -6.37 -120.27 84.84
C GLY J 369 -7.67 -119.60 85.23
N GLY J 370 -7.94 -119.63 86.54
CA GLY J 370 -9.16 -119.04 87.05
C GLY J 370 -10.39 -119.84 86.66
N THR J 371 -11.53 -119.14 86.62
CA THR J 371 -12.79 -119.78 86.25
C THR J 371 -12.79 -120.16 84.77
N ALA J 372 -13.53 -121.22 84.47
CA ALA J 372 -13.64 -121.72 83.10
C ALA J 372 -14.75 -120.99 82.36
N LYS J 373 -14.41 -120.45 81.19
CA LYS J 373 -15.39 -119.74 80.39
C LYS J 373 -16.45 -120.72 79.86
N THR J 374 -17.70 -120.30 79.90
CA THR J 374 -18.82 -121.14 79.52
C THR J 374 -19.65 -120.48 78.43
N ALA J 375 -20.25 -121.32 77.58
CA ALA J 375 -21.12 -120.86 76.51
C ALA J 375 -22.34 -121.77 76.45
N THR J 376 -23.48 -121.18 76.08
CA THR J 376 -24.74 -121.90 76.02
C THR J 376 -25.35 -121.77 74.62
N VAL J 377 -25.84 -122.89 74.10
CA VAL J 377 -26.48 -122.93 72.79
C VAL J 377 -27.81 -123.66 72.93
N THR J 378 -28.88 -123.01 72.46
CA THR J 378 -30.21 -123.61 72.48
C THR J 378 -30.38 -124.50 71.25
N VAL J 379 -30.86 -125.72 71.47
CA VAL J 379 -31.10 -126.69 70.41
C VAL J 379 -32.55 -127.13 70.48
N THR J 380 -33.23 -127.15 69.33
CA THR J 380 -34.63 -127.51 69.23
C THR J 380 -34.74 -128.87 68.55
N VAL J 381 -34.96 -129.92 69.34
CA VAL J 381 -35.13 -131.26 68.81
C VAL J 381 -36.55 -131.42 68.29
N PRO J 382 -36.73 -131.76 67.01
CA PRO J 382 -38.06 -131.89 66.37
C PRO J 382 -38.96 -132.90 67.07
N ILE K 4 -47.80 -73.06 10.29
CA ILE K 4 -46.99 -74.11 10.86
C ILE K 4 -46.17 -74.81 9.78
N PHE K 5 -45.30 -75.72 10.18
CA PHE K 5 -44.45 -76.47 9.28
C PHE K 5 -44.61 -77.97 9.52
N VAL K 6 -44.10 -78.76 8.59
CA VAL K 6 -44.06 -80.22 8.73
C VAL K 6 -42.60 -80.62 8.84
N LYS K 7 -42.17 -80.93 10.07
CA LYS K 7 -40.78 -81.24 10.33
C LYS K 7 -40.59 -82.74 10.49
N PRO K 8 -39.39 -83.24 10.18
CA PRO K 8 -39.09 -84.66 10.45
C PRO K 8 -38.88 -84.91 11.93
N GLU K 9 -38.47 -86.13 12.29
CA GLU K 9 -38.16 -86.48 13.68
C GLU K 9 -36.73 -87.02 13.70
N LEU K 10 -35.77 -86.13 13.87
CA LEU K 10 -34.36 -86.52 13.85
C LEU K 10 -34.01 -87.32 15.11
N VAL K 11 -33.23 -88.38 14.92
CA VAL K 11 -32.75 -89.22 16.02
C VAL K 11 -31.24 -89.36 15.88
N ALA K 12 -30.51 -89.09 16.96
CA ALA K 12 -29.06 -89.16 16.97
C ALA K 12 -28.59 -90.03 18.13
N GLU K 13 -27.43 -90.66 17.93
CA GLU K 13 -26.81 -91.51 18.95
C GLU K 13 -25.76 -90.70 19.68
N ILE K 14 -26.14 -90.13 20.82
CA ILE K 14 -25.20 -89.32 21.59
C ILE K 14 -24.06 -90.18 22.12
N GLY K 15 -24.37 -91.37 22.63
CA GLY K 15 -23.36 -92.24 23.18
C GLY K 15 -23.79 -92.95 24.44
N VAL K 16 -25.02 -92.68 24.89
CA VAL K 16 -25.53 -93.31 26.10
C VAL K 16 -25.71 -94.80 25.86
N LYS K 17 -25.29 -95.61 26.84
CA LYS K 17 -25.38 -97.06 26.76
C LYS K 17 -26.00 -97.60 28.04
N GLN K 18 -26.66 -98.75 27.92
CA GLN K 18 -27.21 -99.41 29.10
C GLN K 18 -26.08 -99.89 30.00
N LEU K 19 -26.22 -99.63 31.30
CA LEU K 19 -25.19 -100.00 32.27
C LEU K 19 -25.19 -101.51 32.43
N GLN K 20 -24.11 -102.16 31.99
CA GLN K 20 -23.98 -103.60 32.03
C GLN K 20 -22.83 -103.99 32.96
N ARG K 21 -22.85 -105.25 33.40
CA ARG K 21 -21.83 -105.75 34.31
C ARG K 21 -20.51 -105.94 33.57
N GLU K 22 -19.44 -106.12 34.35
CA GLU K 22 -18.11 -106.31 33.82
C GLU K 22 -17.73 -107.78 33.91
N ILE K 23 -17.21 -108.33 32.81
CA ILE K 23 -16.81 -109.73 32.77
C ILE K 23 -15.53 -109.89 33.60
N VAL K 24 -15.65 -110.47 34.78
CA VAL K 24 -14.54 -110.66 35.70
C VAL K 24 -14.35 -112.12 36.07
N LEU K 25 -15.44 -112.81 36.42
CA LEU K 25 -15.35 -114.20 36.84
C LEU K 25 -14.71 -115.11 35.79
N PRO K 26 -15.04 -115.03 34.50
CA PRO K 26 -14.31 -115.85 33.52
C PRO K 26 -12.83 -115.51 33.50
N GLY K 27 -12.01 -116.55 33.32
CA GLY K 27 -10.57 -116.42 33.39
C GLY K 27 -9.99 -116.61 34.77
N LEU K 28 -10.83 -116.72 35.80
CA LEU K 28 -10.38 -116.98 37.16
C LEU K 28 -10.62 -118.41 37.60
N VAL K 29 -11.23 -119.23 36.74
CA VAL K 29 -11.57 -120.61 37.06
C VAL K 29 -11.02 -121.48 35.93
N TRP K 30 -10.85 -122.78 36.22
CA TRP K 30 -10.34 -123.73 35.24
C TRP K 30 -11.14 -123.66 33.94
N THR K 31 -10.43 -123.60 32.83
CA THR K 31 -11.02 -123.48 31.50
C THR K 31 -10.64 -124.72 30.69
N ASN K 32 -11.50 -125.74 30.74
CA ASN K 32 -11.33 -126.98 30.01
C ASN K 32 -9.98 -127.63 30.27
N PRO K 33 -9.73 -128.12 31.49
CA PRO K 33 -8.46 -128.82 31.75
C PRO K 33 -8.46 -130.23 31.16
N LEU K 34 -9.63 -130.86 31.17
CA LEU K 34 -9.80 -132.22 30.64
C LEU K 34 -11.03 -132.23 29.75
N THR K 35 -10.82 -132.36 28.44
CA THR K 35 -11.89 -132.30 27.45
C THR K 35 -11.90 -133.62 26.67
N ASP K 36 -12.55 -134.64 27.25
CA ASP K 36 -12.72 -135.92 26.59
C ASP K 36 -14.13 -136.47 26.83
N PHE K 37 -15.12 -135.58 26.94
CA PHE K 37 -16.49 -135.97 27.26
C PHE K 37 -17.17 -136.75 26.15
N GLY K 38 -16.58 -136.80 24.96
CA GLY K 38 -17.19 -137.49 23.83
C GLY K 38 -17.51 -138.95 24.09
N GLY K 39 -16.48 -139.76 24.27
CA GLY K 39 -16.68 -141.18 24.51
C GLY K 39 -16.74 -141.55 25.98
N SER K 40 -17.57 -140.84 26.74
CA SER K 40 -17.70 -141.06 28.18
C SER K 40 -19.11 -141.55 28.50
N LYS K 41 -19.19 -142.52 29.41
CA LYS K 41 -20.48 -143.08 29.79
C LYS K 41 -21.31 -142.05 30.55
N ASN K 42 -22.56 -141.87 30.12
CA ASN K 42 -23.52 -140.97 30.74
C ASN K 42 -23.01 -139.54 30.81
N ASP K 43 -22.06 -139.17 29.93
CA ASP K 43 -21.43 -137.86 29.93
C ASP K 43 -20.81 -137.53 31.29
N THR K 44 -20.30 -138.55 31.98
CA THR K 44 -19.69 -138.40 33.30
C THR K 44 -18.29 -138.99 33.25
N ILE K 45 -17.32 -138.23 33.73
CA ILE K 45 -15.91 -138.65 33.75
C ILE K 45 -15.46 -138.74 35.19
N THR K 46 -14.86 -139.87 35.55
CA THR K 46 -14.39 -140.11 36.91
C THR K 46 -12.91 -139.76 37.02
N VAL K 47 -12.57 -138.93 37.99
CA VAL K 47 -11.20 -138.54 38.27
C VAL K 47 -10.81 -139.15 39.61
N ARG K 48 -9.71 -139.89 39.62
CA ARG K 48 -9.23 -140.58 40.80
C ARG K 48 -8.28 -139.69 41.59
N VAL K 49 -8.23 -139.93 42.90
CA VAL K 49 -7.36 -139.18 43.80
C VAL K 49 -6.41 -140.18 44.47
N PRO K 50 -5.11 -139.92 44.50
CA PRO K 50 -4.19 -140.86 45.15
C PRO K 50 -4.51 -141.02 46.63
N ALA K 51 -4.31 -142.23 47.13
CA ALA K 51 -4.63 -142.56 48.50
C ALA K 51 -3.43 -142.31 49.42
N ILE K 52 -3.71 -142.25 50.72
CA ILE K 52 -2.69 -142.04 51.74
C ILE K 52 -2.87 -143.07 52.84
N THR K 53 -1.81 -143.26 53.62
CA THR K 53 -1.83 -144.24 54.72
C THR K 53 -1.28 -143.63 56.00
N THR K 54 -1.13 -144.46 57.03
CA THR K 54 -0.62 -144.00 58.33
C THR K 54 0.37 -145.03 58.83
N ALA K 55 0.81 -144.87 60.08
CA ALA K 55 1.77 -145.76 60.70
C ALA K 55 1.36 -146.02 62.14
N ASN K 56 2.04 -146.99 62.76
CA ASN K 56 1.78 -147.38 64.13
C ASN K 56 3.06 -147.35 64.93
N ARG K 57 2.92 -147.26 66.26
CA ARG K 57 4.06 -147.18 67.17
C ARG K 57 3.92 -148.22 68.26
N ARG K 58 5.05 -148.83 68.63
CA ARG K 58 5.10 -149.82 69.69
C ARG K 58 6.36 -149.59 70.51
N ASP K 59 6.56 -150.44 71.52
CA ASP K 59 7.67 -150.31 72.45
C ASP K 59 8.71 -151.38 72.21
N LEU K 60 9.97 -151.05 72.48
CA LEU K 60 11.07 -151.98 72.30
C LEU K 60 11.01 -153.10 73.35
N ARG K 61 11.53 -154.27 72.96
CA ARG K 61 11.65 -155.44 73.82
C ARG K 61 10.30 -155.90 74.37
N ASP K 62 9.22 -155.61 73.67
CA ASP K 62 7.90 -156.05 74.10
C ASP K 62 7.70 -157.51 73.73
N PRO K 63 7.33 -158.38 74.69
CA PRO K 63 7.09 -159.79 74.34
C PRO K 63 5.99 -159.98 73.32
N ASP K 64 4.97 -159.13 73.33
CA ASP K 64 3.91 -159.22 72.34
C ASP K 64 4.44 -158.83 70.96
N ARG K 65 3.95 -159.53 69.93
CA ARG K 65 4.40 -159.33 68.56
C ARG K 65 3.20 -159.13 67.64
N THR K 66 2.27 -158.28 68.06
CA THR K 66 1.10 -157.97 67.25
C THR K 66 1.46 -156.95 66.18
N VAL K 67 1.05 -157.23 64.95
CA VAL K 67 1.33 -156.36 63.81
C VAL K 67 0.00 -155.90 63.22
N ILE K 68 -0.15 -154.59 63.08
CA ILE K 68 -1.36 -153.97 62.54
C ILE K 68 -1.07 -153.46 61.14
N ALA K 69 -1.89 -153.87 60.18
CA ALA K 69 -1.69 -153.47 58.79
C ALA K 69 -2.31 -152.09 58.55
N SER K 70 -2.29 -151.67 57.29
CA SER K 70 -2.84 -150.38 56.89
C SER K 70 -3.67 -150.54 55.63
N GLU K 71 -4.60 -149.61 55.45
CA GLU K 71 -5.52 -149.63 54.32
C GLU K 71 -5.19 -148.49 53.37
N LEU K 72 -5.24 -148.76 52.07
CA LEU K 72 -4.89 -147.80 51.02
C LEU K 72 -5.99 -147.73 49.99
N VAL K 73 -7.24 -147.60 50.45
CA VAL K 73 -8.37 -147.48 49.54
C VAL K 73 -8.35 -146.11 48.88
N GLU K 74 -8.64 -146.07 47.59
CA GLU K 74 -8.64 -144.85 46.80
C GLU K 74 -10.07 -144.32 46.64
N HIS K 75 -10.16 -143.08 46.17
CA HIS K 75 -11.44 -142.42 45.97
C HIS K 75 -11.43 -141.72 44.62
N SER K 76 -12.63 -141.37 44.15
CA SER K 76 -12.78 -140.69 42.87
C SER K 76 -14.04 -139.82 42.91
N PHE K 77 -14.07 -138.83 42.03
CA PHE K 77 -15.22 -137.95 41.90
C PHE K 77 -15.59 -137.80 40.43
N GLY K 78 -16.88 -137.59 40.18
CA GLY K 78 -17.43 -137.55 38.83
C GLY K 78 -17.75 -136.13 38.40
N VAL K 79 -17.37 -135.81 37.16
CA VAL K 79 -17.67 -134.54 36.53
C VAL K 79 -18.66 -134.80 35.40
N THR K 80 -19.76 -134.07 35.40
CA THR K 80 -20.86 -134.29 34.46
C THR K 80 -21.21 -132.98 33.75
N LEU K 81 -21.51 -133.08 32.46
CA LEU K 81 -21.96 -131.96 31.65
C LEU K 81 -23.48 -132.06 31.51
N ASP K 82 -24.20 -131.20 32.21
CA ASP K 82 -25.65 -131.28 32.28
C ASP K 82 -26.38 -130.04 31.76
N LYS K 83 -25.88 -128.84 32.03
CA LYS K 83 -26.55 -127.61 31.64
C LYS K 83 -25.76 -126.90 30.54
N HIS K 84 -26.44 -126.49 29.49
CA HIS K 84 -25.83 -125.76 28.39
C HIS K 84 -26.53 -124.43 28.19
N VAL K 85 -25.79 -123.45 27.66
CA VAL K 85 -26.29 -122.11 27.45
C VAL K 85 -26.65 -121.95 25.97
N TYR K 86 -27.91 -121.63 25.71
CA TYR K 86 -28.41 -121.49 24.35
C TYR K 86 -29.22 -120.21 24.24
N ALA K 87 -29.26 -119.65 23.03
CA ALA K 87 -30.03 -118.43 22.78
C ALA K 87 -30.52 -118.44 21.35
N ALA K 88 -31.75 -117.95 21.15
CA ALA K 88 -32.38 -117.89 19.84
C ALA K 88 -33.00 -116.52 19.62
N LEU K 89 -32.95 -116.05 18.37
CA LEU K 89 -33.52 -114.76 18.01
C LEU K 89 -34.25 -114.91 16.67
N LYS K 90 -35.56 -114.71 16.70
CA LYS K 90 -36.37 -114.81 15.49
C LYS K 90 -36.36 -113.49 14.74
N PHE K 91 -36.28 -113.56 13.42
CA PHE K 91 -36.32 -112.38 12.56
C PHE K 91 -37.09 -112.72 11.29
N THR K 92 -38.24 -112.10 11.10
CA THR K 92 -39.03 -112.36 9.91
C THR K 92 -38.43 -111.66 8.70
N ASP K 93 -38.97 -111.97 7.52
CA ASP K 93 -38.50 -111.33 6.30
C ASP K 93 -38.75 -109.83 6.35
N GLU K 94 -39.89 -109.41 6.90
CA GLU K 94 -40.13 -107.99 7.10
C GLU K 94 -39.11 -107.38 8.05
N GLN K 95 -38.75 -108.11 9.11
CA GLN K 95 -37.76 -107.63 10.06
C GLN K 95 -36.33 -107.89 9.62
N ARG K 96 -36.11 -108.64 8.54
CA ARG K 96 -34.77 -108.85 8.00
C ARG K 96 -34.43 -107.89 6.87
N THR K 97 -35.34 -107.69 5.92
CA THR K 97 -35.10 -106.75 4.84
C THR K 97 -35.16 -105.31 5.31
N LEU K 98 -36.00 -104.99 6.29
CA LEU K 98 -36.14 -103.63 6.80
C LEU K 98 -35.86 -103.64 8.30
N ASP K 99 -35.87 -102.44 8.89
CA ASP K 99 -35.73 -102.20 10.33
C ASP K 99 -34.51 -102.89 10.95
N ILE K 100 -33.55 -103.30 10.12
CA ILE K 100 -32.26 -103.78 10.59
C ILE K 100 -31.18 -103.13 9.74
N ARG K 101 -30.55 -102.08 10.28
CA ARG K 101 -29.53 -101.35 9.52
C ARG K 101 -28.22 -102.13 9.44
N ASP K 102 -27.91 -102.90 10.47
CA ASP K 102 -26.70 -103.71 10.47
C ASP K 102 -26.96 -104.99 11.27
N TYR K 103 -26.15 -106.01 11.00
CA TYR K 103 -26.33 -107.33 11.60
C TYR K 103 -25.28 -107.65 12.65
N THR K 104 -24.03 -107.27 12.43
CA THR K 104 -22.96 -107.59 13.37
C THR K 104 -23.14 -106.82 14.68
N LYS K 105 -23.36 -105.51 14.58
CA LYS K 105 -23.44 -104.66 15.77
C LYS K 105 -24.82 -104.62 16.39
N GLN K 106 -25.85 -105.16 15.72
CA GLN K 106 -27.20 -105.13 16.24
C GLN K 106 -27.74 -106.51 16.64
N VAL K 107 -27.18 -107.59 16.10
CA VAL K 107 -27.63 -108.94 16.40
C VAL K 107 -26.50 -109.80 16.95
N LEU K 108 -25.37 -109.85 16.25
CA LEU K 108 -24.27 -110.73 16.67
C LEU K 108 -23.65 -110.25 17.97
N MET K 109 -23.31 -108.96 18.04
CA MET K 109 -22.69 -108.42 19.26
C MET K 109 -23.60 -108.52 20.48
N PRO K 110 -24.88 -108.13 20.44
CA PRO K 110 -25.74 -108.35 21.61
C PRO K 110 -25.87 -109.82 21.97
N GLN K 111 -25.91 -110.71 20.98
CA GLN K 111 -26.06 -112.13 21.28
C GLN K 111 -24.82 -112.69 21.98
N VAL K 112 -23.63 -112.33 21.49
CA VAL K 112 -22.42 -112.82 22.15
C VAL K 112 -22.25 -112.19 23.52
N SER K 113 -22.64 -110.93 23.69
CA SER K 113 -22.62 -110.31 25.01
C SER K 113 -23.56 -111.02 25.97
N ALA K 114 -24.76 -111.38 25.49
CA ALA K 114 -25.70 -112.13 26.32
C ALA K 114 -25.15 -113.48 26.70
N VAL K 115 -24.50 -114.17 25.75
CA VAL K 115 -23.91 -115.47 26.04
C VAL K 115 -22.82 -115.34 27.09
N ALA K 116 -21.96 -114.32 26.95
CA ALA K 116 -20.89 -114.12 27.93
C ALA K 116 -21.46 -113.81 29.30
N TYR K 117 -22.49 -112.96 29.38
CA TYR K 117 -23.08 -112.63 30.67
C TYR K 117 -23.77 -113.83 31.29
N GLU K 118 -24.43 -114.66 30.47
CA GLU K 118 -25.04 -115.89 30.98
C GLU K 118 -23.98 -116.84 31.51
N LEU K 119 -22.84 -116.94 30.82
CA LEU K 119 -21.75 -117.77 31.31
C LEU K 119 -21.21 -117.24 32.64
N GLU K 120 -21.08 -115.91 32.75
CA GLU K 120 -20.62 -115.33 34.01
C GLU K 120 -21.60 -115.62 35.14
N ASP K 121 -22.90 -115.51 34.88
CA ASP K 121 -23.89 -115.87 35.89
C ASP K 121 -23.85 -117.35 36.22
N TYR K 122 -23.57 -118.20 35.24
CA TYR K 122 -23.43 -119.63 35.48
C TYR K 122 -22.27 -119.92 36.41
N ILE K 123 -21.15 -119.23 36.21
CA ILE K 123 -20.00 -119.39 37.10
C ILE K 123 -20.32 -118.83 38.49
N ALA K 124 -21.05 -117.72 38.54
CA ALA K 124 -21.45 -117.15 39.82
C ALA K 124 -22.36 -118.10 40.59
N GLU K 125 -23.20 -118.86 39.88
CA GLU K 125 -24.05 -119.83 40.56
C GLU K 125 -23.20 -120.87 41.29
N LEU K 126 -22.14 -121.36 40.65
CA LEU K 126 -21.24 -122.30 41.32
C LEU K 126 -20.50 -121.62 42.48
N ILE K 127 -20.04 -120.38 42.27
CA ILE K 127 -19.24 -119.73 43.30
C ILE K 127 -20.08 -119.33 44.51
N GLU K 128 -21.41 -119.23 44.35
CA GLU K 128 -22.28 -118.88 45.47
C GLU K 128 -22.99 -120.08 46.08
N GLY K 129 -23.23 -121.13 45.32
CA GLY K 129 -23.93 -122.31 45.80
C GLY K 129 -23.05 -123.39 46.40
N ALA K 130 -21.75 -123.13 46.56
CA ALA K 130 -20.86 -124.14 47.11
C ALA K 130 -21.22 -124.42 48.57
N PRO K 131 -21.16 -125.69 49.00
CA PRO K 131 -21.51 -126.03 50.39
C PRO K 131 -20.43 -125.67 51.40
N TYR K 132 -20.35 -124.38 51.71
CA TYR K 132 -19.36 -123.90 52.68
C TYR K 132 -19.75 -124.35 54.09
N GLU K 133 -18.77 -124.89 54.81
CA GLU K 133 -19.01 -125.34 56.18
C GLU K 133 -18.94 -124.18 57.16
N GLU K 134 -17.80 -123.50 57.21
CA GLU K 134 -17.60 -122.37 58.10
C GLU K 134 -17.78 -121.05 57.35
N THR K 135 -18.32 -120.06 58.05
CA THR K 135 -18.55 -118.73 57.50
C THR K 135 -17.77 -117.73 58.34
N ILE K 136 -16.66 -117.23 57.80
CA ILE K 136 -15.85 -116.26 58.52
C ILE K 136 -16.56 -114.92 58.51
N LEU K 137 -16.86 -114.39 59.70
CA LEU K 137 -17.58 -113.14 59.82
C LEU K 137 -16.59 -111.98 59.71
N ILE K 138 -16.84 -111.08 58.76
CA ILE K 138 -15.98 -109.91 58.57
C ILE K 138 -16.40 -108.83 59.56
N ASP K 139 -15.44 -108.37 60.36
CA ASP K 139 -15.71 -107.33 61.34
C ASP K 139 -15.69 -105.97 60.65
N PRO K 140 -16.78 -105.21 60.67
CA PRO K 140 -16.77 -103.88 60.02
C PRO K 140 -15.74 -102.93 60.62
N ALA K 141 -15.50 -103.01 61.92
CA ALA K 141 -14.51 -102.14 62.54
C ALA K 141 -13.10 -102.44 62.05
N ASP K 142 -12.77 -103.74 61.90
CA ASP K 142 -11.44 -104.14 61.47
C ASP K 142 -11.57 -105.46 60.72
N THR K 143 -11.50 -105.38 59.39
CA THR K 143 -11.58 -106.57 58.55
C THR K 143 -10.26 -107.34 58.50
N VAL K 144 -9.15 -106.69 58.84
CA VAL K 144 -7.85 -107.36 58.78
C VAL K 144 -7.80 -108.60 59.68
N PRO K 145 -8.29 -108.56 60.92
CA PRO K 145 -8.34 -109.81 61.70
C PRO K 145 -9.15 -110.91 61.03
N ALA K 146 -10.26 -110.57 60.39
CA ALA K 146 -11.06 -111.59 59.70
C ALA K 146 -10.29 -112.21 58.53
N PHE K 147 -9.61 -111.37 57.74
CA PHE K 147 -8.83 -111.90 56.63
C PHE K 147 -7.68 -112.75 57.13
N ILE K 148 -7.03 -112.33 58.22
CA ILE K 148 -5.94 -113.13 58.79
C ILE K 148 -6.46 -114.46 59.31
N THR K 149 -7.65 -114.46 59.92
CA THR K 149 -8.24 -115.71 60.39
C THR K 149 -8.57 -116.63 59.23
N ALA K 150 -9.09 -116.08 58.12
CA ALA K 150 -9.37 -116.90 56.95
C ALA K 150 -8.09 -117.50 56.38
N ASP K 151 -7.01 -116.70 56.32
CA ASP K 151 -5.73 -117.22 55.85
C ASP K 151 -5.21 -118.30 56.78
N GLN K 152 -5.39 -118.13 58.09
CA GLN K 152 -4.97 -119.13 59.05
C GLN K 152 -5.75 -120.44 58.86
N ARG K 153 -7.05 -120.34 58.61
CA ARG K 153 -7.83 -121.54 58.33
C ARG K 153 -7.35 -122.23 57.06
N MET K 154 -7.07 -121.45 56.02
CA MET K 154 -6.57 -122.03 54.77
C MET K 154 -5.23 -122.72 54.99
N GLY K 155 -4.34 -122.12 55.77
CA GLY K 155 -3.08 -122.76 56.09
C GLY K 155 -3.25 -124.01 56.93
N GLU K 156 -4.20 -123.99 57.87
CA GLU K 156 -4.52 -125.18 58.65
C GLU K 156 -5.07 -126.30 57.79
N ALA K 157 -5.73 -125.98 56.68
CA ALA K 157 -6.22 -126.99 55.75
C ALA K 157 -5.12 -127.53 54.85
N ASN K 158 -3.86 -127.15 55.09
CA ASN K 158 -2.71 -127.60 54.31
C ASN K 158 -2.83 -127.21 52.84
N VAL K 159 -3.59 -126.15 52.56
CA VAL K 159 -3.71 -125.65 51.19
C VAL K 159 -2.41 -124.97 50.79
N PRO K 160 -1.88 -125.24 49.59
CA PRO K 160 -0.66 -124.55 49.16
C PRO K 160 -0.85 -123.04 49.13
N THR K 161 0.20 -122.31 49.53
CA THR K 161 0.11 -120.86 49.58
C THR K 161 0.01 -120.26 48.19
N ASP K 162 0.72 -120.83 47.22
CA ASP K 162 0.70 -120.31 45.86
C ASP K 162 -0.64 -120.60 45.19
N SER K 163 -0.91 -119.84 44.12
CA SER K 163 -2.13 -119.99 43.33
C SER K 163 -3.39 -119.80 44.19
N ARG K 164 -3.33 -118.85 45.12
CA ARG K 164 -4.46 -118.48 45.95
C ARG K 164 -5.02 -117.15 45.48
N ARG K 165 -6.32 -117.12 45.17
CA ARG K 165 -6.95 -115.94 44.61
C ARG K 165 -8.22 -115.60 45.38
N LEU K 166 -8.42 -114.31 45.62
CA LEU K 166 -9.55 -113.79 46.40
C LEU K 166 -10.36 -112.82 45.54
N VAL K 167 -11.68 -112.99 45.55
CA VAL K 167 -12.59 -112.10 44.85
C VAL K 167 -13.59 -111.55 45.87
N VAL K 168 -13.69 -110.22 45.93
CA VAL K 168 -14.55 -109.54 46.88
C VAL K 168 -15.61 -108.76 46.11
N GLY K 169 -16.72 -108.47 46.80
CA GLY K 169 -17.79 -107.69 46.23
C GLY K 169 -17.58 -106.19 46.40
N SER K 170 -18.55 -105.42 45.91
CA SER K 170 -18.48 -103.97 46.05
C SER K 170 -18.54 -103.55 47.51
N ALA K 171 -19.43 -104.17 48.30
CA ALA K 171 -19.54 -103.82 49.70
C ALA K 171 -18.28 -104.21 50.47
N VAL K 172 -17.68 -105.36 50.15
CA VAL K 172 -16.46 -105.78 50.83
C VAL K 172 -15.32 -104.81 50.54
N ALA K 173 -15.18 -104.40 49.28
CA ALA K 173 -14.16 -103.41 48.93
C ALA K 173 -14.41 -102.08 49.61
N ALA K 174 -15.68 -101.67 49.67
CA ALA K 174 -16.02 -100.43 50.36
C ALA K 174 -15.65 -100.49 51.83
N ALA K 175 -15.94 -101.63 52.49
CA ALA K 175 -15.57 -101.79 53.89
C ALA K 175 -14.06 -101.82 54.07
N LEU K 176 -13.34 -102.44 53.13
CA LEU K 176 -11.88 -102.42 53.18
C LEU K 176 -11.35 -101.00 53.09
N ALA K 177 -11.94 -100.18 52.22
CA ALA K 177 -11.55 -98.78 52.14
C ALA K 177 -11.89 -98.02 53.42
N LYS K 178 -13.05 -98.34 54.02
CA LYS K 178 -13.47 -97.67 55.24
C LYS K 178 -12.58 -98.01 56.44
N ASP K 179 -11.89 -99.14 56.39
CA ASP K 179 -11.09 -99.58 57.53
C ASP K 179 -9.99 -98.57 57.84
N LYS K 180 -9.85 -98.24 59.13
CA LYS K 180 -8.81 -97.31 59.55
C LYS K 180 -7.42 -97.89 59.38
N GLN K 181 -7.31 -99.21 59.20
CA GLN K 181 -5.99 -99.82 59.01
C GLN K 181 -5.33 -99.32 57.74
N PHE K 182 -6.09 -99.23 56.65
CA PHE K 182 -5.56 -98.79 55.36
C PHE K 182 -5.77 -97.30 55.09
N ARG K 183 -6.42 -96.58 56.00
CA ARG K 183 -6.77 -95.19 55.76
C ARG K 183 -5.83 -94.21 56.45
N HIS K 184 -5.24 -94.59 57.59
CA HIS K 184 -4.41 -93.68 58.35
C HIS K 184 -2.98 -93.55 57.81
N ALA K 185 -2.60 -94.39 56.85
CA ALA K 185 -1.35 -94.24 56.10
C ALA K 185 -0.10 -94.46 56.97
N ASP K 186 -0.29 -94.66 58.28
CA ASP K 186 0.80 -94.98 59.18
C ASP K 186 0.68 -96.37 59.79
N TRP K 187 -0.54 -96.84 60.04
CA TRP K 187 -0.74 -98.23 60.41
C TRP K 187 -0.59 -99.15 59.21
N SER K 188 -0.86 -98.63 58.01
CA SER K 188 -0.70 -99.43 56.79
C SER K 188 0.75 -99.43 56.32
N GLY K 189 1.32 -98.26 56.04
CA GLY K 189 2.70 -98.18 55.62
C GLY K 189 2.95 -97.26 54.44
N ASP K 190 1.97 -97.13 53.55
CA ASP K 190 2.13 -96.31 52.37
C ASP K 190 2.15 -94.83 52.75
N GLN K 191 3.21 -94.13 52.35
CA GLN K 191 3.31 -92.70 52.64
C GLN K 191 2.41 -91.86 51.75
N ALA K 192 2.21 -92.28 50.50
CA ALA K 192 1.36 -91.53 49.58
C ALA K 192 -0.12 -91.69 49.92
N ASN K 193 -0.49 -92.70 50.70
CA ASN K 193 -1.87 -92.97 51.10
C ASN K 193 -2.77 -93.11 49.86
N ALA K 194 -2.46 -94.13 49.07
CA ALA K 194 -3.23 -94.39 47.85
C ALA K 194 -4.67 -94.79 48.18
N ALA K 195 -4.89 -95.48 49.30
CA ALA K 195 -6.23 -95.90 49.67
C ALA K 195 -7.14 -94.70 49.92
N LEU K 196 -6.62 -93.67 50.59
CA LEU K 196 -7.41 -92.46 50.80
C LEU K 196 -7.71 -91.75 49.48
N ARG K 197 -6.72 -91.69 48.58
CA ARG K 197 -6.91 -91.00 47.31
C ARG K 197 -7.93 -91.73 46.44
N GLU K 198 -7.90 -93.06 46.41
CA GLU K 198 -8.84 -93.83 45.63
C GLU K 198 -8.92 -95.23 46.21
N ALA K 199 -9.98 -95.95 45.83
CA ALA K 199 -10.21 -97.31 46.32
C ALA K 199 -9.25 -98.26 45.61
N HIS K 200 -8.01 -98.29 46.11
CA HIS K 200 -6.91 -99.06 45.54
C HIS K 200 -6.16 -99.80 46.63
N VAL K 201 -6.90 -100.50 47.50
CA VAL K 201 -6.26 -101.25 48.59
C VAL K 201 -5.32 -102.31 48.03
N GLY K 202 -5.70 -102.93 46.92
CA GLY K 202 -4.79 -103.86 46.25
C GLY K 202 -4.50 -105.09 47.09
N ARG K 203 -3.21 -105.38 47.26
CA ARG K 203 -2.79 -106.56 47.98
C ARG K 203 -3.18 -106.49 49.45
N LEU K 204 -3.67 -107.60 49.98
CA LEU K 204 -4.03 -107.69 51.39
C LEU K 204 -3.76 -109.11 51.88
N ALA K 205 -2.94 -109.23 52.92
CA ALA K 205 -2.61 -110.52 53.53
C ALA K 205 -1.97 -111.48 52.53
N GLY K 206 -1.29 -110.95 51.51
CA GLY K 206 -0.63 -111.77 50.52
C GLY K 206 -1.52 -112.32 49.42
N MET K 207 -2.80 -111.94 49.39
CA MET K 207 -3.73 -112.40 48.37
C MET K 207 -4.21 -111.22 47.55
N ASN K 208 -4.18 -111.36 46.23
CA ASN K 208 -4.64 -110.31 45.34
C ASN K 208 -6.15 -110.12 45.47
N VAL K 209 -6.59 -108.88 45.41
CA VAL K 209 -8.00 -108.53 45.53
C VAL K 209 -8.52 -108.16 44.15
N ILE K 210 -9.51 -108.90 43.68
CA ILE K 210 -10.13 -108.67 42.38
C ILE K 210 -11.60 -108.33 42.63
N ARG K 211 -11.93 -107.05 42.52
CA ARG K 211 -13.29 -106.60 42.76
C ARG K 211 -14.21 -107.03 41.62
N SER K 212 -15.40 -107.50 41.97
CA SER K 212 -16.38 -107.93 40.98
C SER K 212 -17.77 -107.69 41.52
N ASN K 213 -18.74 -107.62 40.61
CA ASN K 213 -20.13 -107.37 40.97
C ASN K 213 -21.04 -108.57 40.75
N ALA K 214 -20.59 -109.60 40.03
CA ALA K 214 -21.42 -110.78 39.82
C ALA K 214 -21.72 -111.50 41.12
N ILE K 215 -20.71 -111.62 41.99
CA ILE K 215 -20.89 -112.26 43.30
C ILE K 215 -21.67 -111.32 44.21
N ALA K 216 -22.14 -111.83 45.33
CA ALA K 216 -22.87 -111.01 46.28
C ALA K 216 -21.96 -109.90 46.83
N PRO K 217 -22.41 -108.65 46.85
CA PRO K 217 -21.55 -107.57 47.35
C PRO K 217 -21.10 -107.76 48.79
N ASP K 218 -21.93 -108.34 49.64
CA ASP K 218 -21.63 -108.50 51.05
C ASP K 218 -20.79 -109.73 51.36
N LYS K 219 -20.45 -110.53 50.35
CA LYS K 219 -19.70 -111.76 50.56
C LYS K 219 -18.46 -111.77 49.66
N ALA K 220 -17.41 -112.44 50.15
CA ALA K 220 -16.17 -112.58 49.42
C ALA K 220 -15.75 -114.05 49.43
N TYR K 221 -14.99 -114.45 48.41
CA TYR K 221 -14.57 -115.85 48.27
C TYR K 221 -13.08 -115.91 47.99
N LEU K 222 -12.36 -116.67 48.81
CA LEU K 222 -10.94 -116.90 48.62
C LEU K 222 -10.71 -118.39 48.38
N TRP K 223 -10.11 -118.73 47.24
CA TRP K 223 -9.97 -120.12 46.84
C TRP K 223 -8.58 -120.36 46.27
N HIS K 224 -8.33 -121.62 45.93
CA HIS K 224 -7.09 -122.10 45.33
C HIS K 224 -7.34 -122.48 43.88
N ARG K 225 -6.25 -122.67 43.14
CA ARG K 225 -6.37 -123.02 41.72
C ARG K 225 -7.12 -124.33 41.54
N THR K 226 -6.84 -125.33 42.39
CA THR K 226 -7.52 -126.62 42.32
C THR K 226 -8.68 -126.65 43.32
N ALA K 227 -9.74 -125.91 42.98
CA ALA K 227 -10.91 -125.83 43.85
C ALA K 227 -12.20 -126.12 43.10
N PHE K 228 -12.24 -125.79 41.81
CA PHE K 228 -13.45 -125.96 41.00
C PHE K 228 -13.06 -126.54 39.64
N ILE K 229 -14.02 -127.18 38.99
CA ILE K 229 -13.83 -127.76 37.67
C ILE K 229 -14.92 -127.21 36.76
N LEU K 230 -14.51 -126.59 35.66
CA LEU K 230 -15.43 -126.06 34.66
C LEU K 230 -15.05 -126.62 33.30
N ALA K 231 -16.04 -127.14 32.58
CA ALA K 231 -15.84 -127.76 31.28
C ALA K 231 -16.67 -127.02 30.24
N TYR K 232 -16.06 -126.71 29.10
CA TYR K 232 -16.72 -126.03 28.00
C TYR K 232 -16.60 -126.86 26.74
N ARG K 233 -17.71 -127.05 26.04
CA ARG K 233 -17.76 -127.85 24.82
C ARG K 233 -18.46 -127.08 23.73
N THR K 234 -17.90 -127.10 22.53
CA THR K 234 -18.51 -126.46 21.37
C THR K 234 -19.19 -127.52 20.51
N PRO K 235 -20.52 -127.50 20.39
CA PRO K 235 -21.19 -128.51 19.58
C PRO K 235 -20.78 -128.41 18.12
N VAL K 236 -20.74 -129.57 17.46
CA VAL K 236 -20.37 -129.64 16.05
C VAL K 236 -21.55 -129.21 15.19
N VAL K 237 -21.24 -128.53 14.09
CA VAL K 237 -22.28 -128.05 13.17
C VAL K 237 -22.85 -129.25 12.42
N PRO K 238 -24.17 -129.48 12.48
CA PRO K 238 -24.75 -130.61 11.77
C PRO K 238 -24.62 -130.48 10.26
N GLU K 239 -24.51 -131.63 9.59
CA GLU K 239 -24.39 -131.64 8.14
C GLU K 239 -25.67 -131.19 7.45
N GLY K 240 -26.81 -131.23 8.14
CA GLY K 240 -28.06 -130.80 7.56
C GLY K 240 -28.30 -129.30 7.70
N ALA K 241 -27.24 -128.52 7.53
CA ALA K 241 -27.32 -127.07 7.63
C ALA K 241 -26.22 -126.44 6.79
N LYS K 242 -26.37 -125.14 6.54
CA LYS K 242 -25.40 -124.41 5.74
C LYS K 242 -24.18 -124.06 6.60
N ALA K 243 -23.30 -123.22 6.06
CA ALA K 243 -22.09 -122.84 6.79
C ALA K 243 -22.44 -122.05 8.03
N GLY K 244 -21.76 -122.38 9.13
CA GLY K 244 -21.98 -121.71 10.41
C GLY K 244 -20.72 -121.04 10.91
N ALA K 245 -20.89 -119.85 11.48
CA ALA K 245 -19.76 -119.09 12.00
C ALA K 245 -19.30 -119.66 13.33
N SER K 246 -18.11 -119.23 13.76
CA SER K 246 -17.49 -119.68 15.00
C SER K 246 -17.11 -118.50 15.88
N PHE K 247 -18.06 -117.58 16.07
CA PHE K 247 -17.83 -116.43 16.94
C PHE K 247 -17.55 -116.88 18.36
N SER K 248 -16.34 -116.61 18.83
CA SER K 248 -15.89 -117.03 20.16
C SER K 248 -16.03 -115.88 21.14
N ALA K 249 -16.58 -116.17 22.32
CA ALA K 249 -16.74 -115.19 23.38
C ALA K 249 -15.87 -115.56 24.57
N ASN K 250 -15.28 -114.54 25.19
CA ASN K 250 -14.50 -114.59 26.42
C ASN K 250 -13.68 -115.88 26.56
N GLY K 251 -13.00 -116.28 25.49
CA GLY K 251 -12.14 -117.44 25.51
C GLY K 251 -12.83 -118.76 25.27
N VAL K 252 -14.16 -118.77 25.21
CA VAL K 252 -14.93 -119.99 25.00
C VAL K 252 -15.48 -119.99 23.59
N ALA K 253 -15.15 -121.03 22.82
CA ALA K 253 -15.63 -121.14 21.46
C ALA K 253 -17.13 -121.45 21.45
N LEU K 254 -17.84 -120.85 20.50
CA LEU K 254 -19.27 -121.02 20.36
C LEU K 254 -19.61 -121.45 18.94
N ARG K 255 -20.73 -122.17 18.80
CA ARG K 255 -21.23 -122.62 17.51
C ARG K 255 -22.39 -121.75 17.10
N TRP K 256 -22.29 -121.10 15.94
CA TRP K 256 -23.33 -120.23 15.43
C TRP K 256 -24.09 -120.96 14.32
N LEU K 257 -25.40 -121.05 14.48
CA LEU K 257 -26.26 -121.72 13.51
C LEU K 257 -27.28 -120.72 12.96
N ALA K 258 -27.79 -121.02 11.77
CA ALA K 258 -28.78 -120.18 11.12
C ALA K 258 -29.72 -121.06 10.31
N ASP K 259 -31.02 -120.97 10.61
CA ASP K 259 -32.02 -121.78 9.93
C ASP K 259 -33.16 -120.89 9.48
N TYR K 260 -33.59 -121.08 8.23
CA TYR K 260 -34.69 -120.32 7.65
C TYR K 260 -35.89 -121.24 7.43
N ASP K 261 -37.06 -120.78 7.84
CA ASP K 261 -38.31 -121.47 7.61
C ASP K 261 -39.11 -120.69 6.57
N TYR K 262 -39.46 -121.36 5.47
CA TYR K 262 -40.22 -120.73 4.40
C TYR K 262 -41.69 -120.60 4.77
N SER K 263 -42.25 -121.56 5.49
CA SER K 263 -43.65 -121.48 5.89
C SER K 263 -43.90 -120.27 6.79
N GLN K 264 -43.01 -120.04 7.74
CA GLN K 264 -43.08 -118.85 8.58
C GLN K 264 -42.30 -117.67 8.02
N LEU K 265 -41.53 -117.87 6.94
CA LEU K 265 -40.75 -116.81 6.31
C LEU K 265 -39.84 -116.13 7.31
N GLY K 266 -39.19 -116.93 8.16
CA GLY K 266 -38.39 -116.39 9.25
C GLY K 266 -37.02 -117.01 9.29
N ASP K 267 -36.12 -116.35 10.03
CA ASP K 267 -34.76 -116.81 10.23
C ASP K 267 -34.45 -116.83 11.71
N ARG K 268 -33.79 -117.89 12.16
CA ARG K 268 -33.46 -118.07 13.57
C ARG K 268 -32.00 -118.48 13.72
N THR K 269 -31.42 -118.12 14.86
CA THR K 269 -30.06 -118.49 15.21
C THR K 269 -30.08 -119.40 16.43
N LEU K 270 -29.13 -120.32 16.47
CA LEU K 270 -29.06 -121.35 17.51
C LEU K 270 -27.70 -121.31 18.21
N LEU K 271 -27.27 -120.11 18.60
CA LEU K 271 -26.01 -119.95 19.32
C LEU K 271 -26.07 -120.65 20.67
N ASP K 272 -25.29 -121.72 20.83
CA ASP K 272 -25.32 -122.51 22.05
C ASP K 272 -23.94 -123.08 22.33
N VAL K 273 -23.72 -123.44 23.60
CA VAL K 273 -22.45 -123.98 24.06
C VAL K 273 -22.72 -124.86 25.28
N PHE K 274 -22.07 -126.03 25.31
CA PHE K 274 -22.27 -126.99 26.38
C PHE K 274 -21.36 -126.63 27.56
N THR K 275 -21.92 -126.65 28.77
CA THR K 275 -21.18 -126.28 29.97
C THR K 275 -21.30 -127.40 31.00
N GLY K 276 -20.27 -127.50 31.85
CA GLY K 276 -20.26 -128.48 32.91
C GLY K 276 -19.60 -127.98 34.17
N ARG K 277 -20.23 -128.20 35.32
CA ARG K 277 -19.77 -127.69 36.61
C ARG K 277 -19.38 -128.84 37.53
N LYS K 278 -18.39 -128.59 38.38
CA LYS K 278 -18.01 -129.57 39.39
C LYS K 278 -17.32 -128.85 40.54
N VAL K 279 -17.68 -129.23 41.77
CA VAL K 279 -17.09 -128.68 42.97
C VAL K 279 -16.14 -129.72 43.54
N VAL K 280 -14.86 -129.35 43.66
CA VAL K 280 -13.85 -130.28 44.14
C VAL K 280 -13.96 -130.41 45.65
N THR K 281 -14.08 -131.64 46.13
CA THR K 281 -14.19 -131.95 47.54
C THR K 281 -13.05 -132.89 47.95
N GLU K 282 -13.07 -133.29 49.21
CA GLU K 282 -12.06 -134.20 49.74
C GLU K 282 -12.51 -135.66 49.60
N VAL K 283 -11.60 -136.57 49.94
CA VAL K 283 -11.91 -137.99 49.82
C VAL K 283 -13.00 -138.39 50.80
N ASP K 284 -12.95 -137.88 52.03
CA ASP K 284 -14.03 -138.12 52.99
C ASP K 284 -15.24 -137.25 52.70
N GLY K 285 -15.02 -136.05 52.16
CA GLY K 285 -16.10 -135.13 51.83
C GLY K 285 -16.12 -133.91 52.72
N SER K 286 -15.56 -132.81 52.22
CA SER K 286 -15.51 -131.54 52.93
C SER K 286 -14.98 -130.47 51.98
N PHE K 287 -15.54 -129.27 52.07
CA PHE K 287 -15.12 -128.15 51.24
C PHE K 287 -14.18 -127.27 52.05
N VAL K 288 -12.91 -127.69 52.13
CA VAL K 288 -11.88 -126.96 52.84
C VAL K 288 -10.93 -126.24 51.90
N ARG K 289 -11.09 -126.39 50.59
CA ARG K 289 -10.19 -125.74 49.64
C ARG K 289 -10.55 -124.28 49.39
N ALA K 290 -11.74 -123.84 49.79
CA ALA K 290 -12.16 -122.47 49.60
C ALA K 290 -12.82 -121.96 50.87
N VAL K 291 -12.79 -120.64 51.06
CA VAL K 291 -13.36 -120.00 52.23
C VAL K 291 -14.27 -118.86 51.77
N GLU K 292 -15.43 -118.76 52.39
CA GLU K 292 -16.40 -117.70 52.12
C GLU K 292 -16.49 -116.80 53.34
N LEU K 293 -16.31 -115.50 53.13
CA LEU K 293 -16.36 -114.51 54.20
C LEU K 293 -17.62 -113.66 54.02
N GLN K 294 -18.46 -113.64 55.04
CA GLN K 294 -19.68 -112.84 55.05
C GLN K 294 -19.52 -111.70 56.05
N LEU K 295 -19.92 -110.50 55.63
CA LEU K 295 -19.67 -109.29 56.40
C LEU K 295 -20.87 -108.97 57.28
N GLN K 296 -20.61 -108.75 58.57
CA GLN K 296 -21.67 -108.51 59.53
C GLN K 296 -22.36 -107.17 59.27
N ALA K 297 -23.67 -107.13 59.55
CA ALA K 297 -24.46 -105.92 59.37
C ALA K 297 -24.87 -105.31 60.71
N SER K 298 -25.55 -106.09 61.55
CA SER K 298 -25.91 -105.69 62.91
C SER K 298 -26.81 -104.45 62.94
N SER K 299 -27.25 -103.97 61.78
CA SER K 299 -28.09 -102.80 61.71
C SER K 299 -28.73 -102.71 60.32
N ILE K 300 -30.05 -102.60 60.29
CA ILE K 300 -30.80 -102.42 59.05
C ILE K 300 -31.71 -101.22 59.20
N THR K 301 -31.98 -100.55 58.08
CA THR K 301 -32.85 -99.37 58.06
C THR K 301 -33.70 -99.40 56.80
N ILE K 302 -34.80 -98.66 56.83
CA ILE K 302 -35.66 -98.48 55.67
C ILE K 302 -35.26 -97.17 54.99
N VAL K 303 -35.05 -97.23 53.67
CA VAL K 303 -34.57 -96.07 52.93
C VAL K 303 -35.63 -94.98 52.97
N GLY K 304 -35.21 -93.79 53.38
CA GLY K 304 -36.11 -92.65 53.48
C GLY K 304 -36.86 -92.59 54.80
N GLY K 305 -37.54 -91.47 55.00
CA GLY K 305 -38.34 -91.27 56.20
C GLY K 305 -39.78 -91.68 56.01
N ALA K 306 -40.69 -90.71 56.08
CA ALA K 306 -42.10 -90.99 55.83
C ALA K 306 -42.31 -91.43 54.39
N PHE K 307 -43.22 -92.37 54.19
CA PHE K 307 -43.47 -92.91 52.86
C PHE K 307 -44.91 -92.68 52.43
N ALA K 308 -45.39 -91.44 52.60
CA ALA K 308 -46.75 -91.10 52.23
C ALA K 308 -47.00 -91.39 50.76
N LEU K 309 -48.12 -92.05 50.46
CA LEU K 309 -48.46 -92.43 49.11
C LEU K 309 -49.35 -91.37 48.47
N ALA K 310 -49.79 -91.63 47.24
CA ALA K 310 -50.67 -90.73 46.51
C ALA K 310 -52.12 -91.19 46.53
N THR K 311 -52.36 -92.50 46.39
CA THR K 311 -53.72 -93.04 46.41
C THR K 311 -53.83 -94.16 47.44
N THR K 312 -54.97 -94.85 47.44
CA THR K 312 -55.15 -95.95 48.39
C THR K 312 -54.15 -97.07 48.14
N THR K 313 -53.94 -97.43 46.88
CA THR K 313 -53.01 -98.51 46.57
C THR K 313 -51.57 -98.09 46.83
N GLY K 314 -51.08 -97.11 46.06
CA GLY K 314 -49.73 -96.60 46.27
C GLY K 314 -48.64 -97.64 46.18
N THR K 315 -48.73 -98.54 45.20
CA THR K 315 -47.82 -99.67 45.11
C THR K 315 -46.43 -99.19 44.71
N LYS K 316 -45.50 -99.21 45.67
CA LYS K 316 -44.10 -98.90 45.43
C LYS K 316 -43.24 -99.95 46.13
N GLN K 317 -42.03 -100.15 45.59
CA GLN K 317 -41.11 -101.13 46.13
C GLN K 317 -40.27 -100.50 47.24
N LEU K 318 -40.22 -101.17 48.39
CA LEU K 318 -39.46 -100.69 49.54
C LEU K 318 -38.19 -101.52 49.68
N LYS K 319 -37.05 -100.85 49.78
CA LYS K 319 -35.75 -101.50 49.89
C LYS K 319 -35.20 -101.31 51.30
N VAL K 320 -34.67 -102.39 51.88
CA VAL K 320 -34.07 -102.37 53.20
C VAL K 320 -32.56 -102.32 53.02
N ARG K 321 -31.92 -101.29 53.60
CA ARG K 321 -30.49 -101.07 53.44
C ARG K 321 -29.81 -101.20 54.79
N ASP K 322 -28.72 -101.96 54.84
CA ASP K 322 -27.96 -102.09 56.06
C ASP K 322 -27.06 -100.86 56.24
N ASP K 323 -26.39 -100.80 57.40
CA ASP K 323 -25.47 -99.70 57.65
C ASP K 323 -24.28 -99.74 56.68
N ASN K 324 -23.85 -100.94 56.31
CA ASN K 324 -22.70 -101.07 55.41
C ASN K 324 -23.02 -100.58 54.01
N GLY K 325 -24.17 -100.97 53.47
CA GLY K 325 -24.55 -100.53 52.14
C GLY K 325 -25.09 -101.64 51.25
N THR K 326 -25.29 -102.83 51.81
CA THR K 326 -25.83 -103.95 51.07
C THR K 326 -27.35 -103.91 51.08
N ASP K 327 -27.95 -104.02 49.90
CA ASP K 327 -29.41 -103.99 49.76
C ASP K 327 -29.95 -105.38 50.09
N VAL K 328 -30.36 -105.57 51.34
CA VAL K 328 -30.90 -106.86 51.76
C VAL K 328 -32.25 -107.11 51.07
N THR K 329 -33.24 -106.25 51.37
CA THR K 329 -34.55 -106.27 50.74
C THR K 329 -35.13 -107.66 50.55
N ALA K 330 -34.69 -108.36 49.51
CA ALA K 330 -35.27 -109.66 49.16
C ALA K 330 -35.04 -110.69 50.26
N ARG K 331 -33.84 -110.74 50.81
CA ARG K 331 -33.50 -111.70 51.87
C ARG K 331 -33.85 -111.14 53.25
N CYS K 332 -35.10 -110.71 53.40
CA CYS K 332 -35.56 -110.09 54.65
C CYS K 332 -37.03 -110.39 54.83
N THR K 333 -37.50 -110.25 56.07
CA THR K 333 -38.89 -110.47 56.41
C THR K 333 -39.58 -109.14 56.70
N PHE K 334 -40.85 -109.05 56.33
CA PHE K 334 -41.62 -107.83 56.53
C PHE K 334 -42.88 -108.12 57.33
N ALA K 335 -43.20 -107.24 58.27
CA ALA K 335 -44.39 -107.38 59.10
C ALA K 335 -45.13 -106.05 59.15
N SER K 336 -46.39 -106.06 58.74
CA SER K 336 -47.24 -104.87 58.76
C SER K 336 -47.94 -104.80 60.11
N SER K 337 -47.43 -103.95 61.00
CA SER K 337 -48.05 -103.78 62.30
C SER K 337 -49.48 -103.25 62.18
N ALA K 338 -49.67 -102.26 61.30
CA ALA K 338 -51.01 -101.73 61.04
C ALA K 338 -51.59 -102.40 59.79
N GLY K 339 -51.89 -103.68 59.95
CA GLY K 339 -52.44 -104.46 58.85
C GLY K 339 -53.88 -104.15 58.51
N THR K 340 -54.58 -103.39 59.36
CA THR K 340 -55.96 -103.03 59.08
C THR K 340 -56.08 -102.10 57.88
N LYS K 341 -55.00 -101.38 57.52
CA LYS K 341 -55.04 -100.46 56.39
C LYS K 341 -53.79 -100.58 55.53
N ALA K 342 -53.14 -101.75 55.54
CA ALA K 342 -51.95 -101.96 54.73
C ALA K 342 -51.76 -103.45 54.51
N THR K 343 -50.96 -103.78 53.51
CA THR K 343 -50.61 -105.16 53.20
C THR K 343 -49.22 -105.17 52.58
N VAL K 344 -48.24 -105.65 53.34
CA VAL K 344 -46.86 -105.76 52.85
C VAL K 344 -46.65 -107.15 52.28
N SER K 345 -45.86 -107.22 51.21
CA SER K 345 -45.59 -108.49 50.54
C SER K 345 -44.27 -109.07 51.02
N ALA K 346 -44.00 -110.30 50.56
CA ALA K 346 -42.74 -110.96 50.90
C ALA K 346 -41.53 -110.25 50.31
N ALA K 347 -41.71 -109.49 49.23
CA ALA K 347 -40.63 -108.73 48.62
C ALA K 347 -40.59 -107.28 49.10
N GLY K 348 -41.47 -106.88 50.00
CA GLY K 348 -41.48 -105.53 50.50
C GLY K 348 -42.37 -104.55 49.74
N LEU K 349 -43.48 -105.02 49.19
CA LEU K 349 -44.39 -104.18 48.44
C LEU K 349 -45.61 -103.84 49.30
N VAL K 350 -45.89 -102.55 49.43
CA VAL K 350 -46.99 -102.06 50.25
C VAL K 350 -48.24 -101.95 49.37
N THR K 351 -49.40 -102.27 49.96
CA THR K 351 -50.66 -102.26 49.23
C THR K 351 -51.65 -101.22 49.73
N GLY K 352 -51.69 -100.94 51.03
CA GLY K 352 -52.56 -99.90 51.54
C GLY K 352 -54.03 -100.24 51.46
N VAL K 353 -54.48 -101.18 52.30
CA VAL K 353 -55.88 -101.62 52.28
C VAL K 353 -56.82 -100.43 52.49
N ALA K 354 -56.54 -99.60 53.50
CA ALA K 354 -57.36 -98.46 53.81
C ALA K 354 -56.46 -97.25 54.07
N ALA K 355 -57.09 -96.11 54.36
CA ALA K 355 -56.37 -94.87 54.60
C ALA K 355 -55.95 -94.76 56.06
N GLY K 356 -54.92 -93.95 56.29
CA GLY K 356 -54.41 -93.74 57.63
C GLY K 356 -52.89 -93.80 57.70
N THR K 357 -52.38 -94.61 58.63
CA THR K 357 -50.94 -94.81 58.77
C THR K 357 -50.65 -96.29 58.92
N ALA K 358 -49.43 -96.67 58.55
CA ALA K 358 -49.01 -98.08 58.56
C ALA K 358 -47.59 -98.14 59.11
N ASP K 359 -47.48 -98.33 60.43
CA ASP K 359 -46.18 -98.42 61.08
C ASP K 359 -45.57 -99.81 60.84
N ILE K 360 -45.32 -100.10 59.57
CA ILE K 360 -44.78 -101.40 59.19
C ILE K 360 -43.33 -101.50 59.62
N THR K 361 -42.79 -102.72 59.57
CA THR K 361 -41.42 -102.95 59.98
C THR K 361 -40.81 -104.07 59.15
N ALA K 362 -39.48 -104.08 59.12
CA ALA K 362 -38.71 -105.12 58.45
C ALA K 362 -37.74 -105.72 59.45
N SER K 363 -37.72 -107.05 59.52
CA SER K 363 -36.83 -107.80 60.38
C SER K 363 -35.92 -108.67 59.52
N TYR K 364 -34.62 -108.55 59.75
CA TYR K 364 -33.61 -109.29 59.00
C TYR K 364 -32.67 -109.98 59.96
N VAL K 365 -32.41 -111.26 59.74
CA VAL K 365 -31.51 -112.04 60.58
C VAL K 365 -30.07 -111.68 60.23
N PRO K 366 -29.27 -111.20 61.19
CA PRO K 366 -27.90 -110.84 60.88
C PRO K 366 -27.09 -112.07 60.49
N PRO K 367 -26.07 -111.92 59.63
CA PRO K 367 -25.23 -113.08 59.28
C PRO K 367 -24.54 -113.71 60.47
N GLN K 368 -24.22 -112.92 61.51
CA GLN K 368 -23.55 -113.42 62.70
C GLN K 368 -24.50 -114.05 63.70
N GLY K 369 -25.74 -114.37 63.29
CA GLY K 369 -26.70 -114.95 64.20
C GLY K 369 -27.29 -113.93 65.16
N GLY K 370 -27.82 -114.44 66.25
CA GLY K 370 -28.45 -113.60 67.25
C GLY K 370 -29.83 -113.14 66.84
N THR K 371 -30.35 -112.18 67.59
CA THR K 371 -31.67 -111.63 67.32
C THR K 371 -31.67 -110.85 66.00
N ALA K 372 -32.80 -110.93 65.31
CA ALA K 372 -32.94 -110.26 64.01
C ALA K 372 -33.11 -108.76 64.21
N LYS K 373 -32.34 -107.97 63.46
CA LYS K 373 -32.48 -106.52 63.51
C LYS K 373 -33.81 -106.09 62.90
N THR K 374 -34.34 -104.99 63.40
CA THR K 374 -35.64 -104.49 62.97
C THR K 374 -35.56 -103.01 62.64
N ALA K 375 -36.42 -102.59 61.71
CA ALA K 375 -36.51 -101.19 61.31
C ALA K 375 -37.94 -100.88 60.90
N THR K 376 -38.55 -99.89 61.55
CA THR K 376 -39.96 -99.59 61.36
C THR K 376 -40.15 -98.18 60.81
N VAL K 377 -41.20 -98.03 60.01
CA VAL K 377 -41.58 -96.74 59.44
C VAL K 377 -43.11 -96.60 59.55
N THR K 378 -43.56 -95.38 59.85
CA THR K 378 -44.97 -95.11 60.10
C THR K 378 -45.83 -95.14 58.83
N VAL K 379 -45.22 -95.09 57.64
CA VAL K 379 -45.86 -95.09 56.33
C VAL K 379 -47.31 -94.63 56.36
N THR K 380 -47.54 -93.32 56.20
CA THR K 380 -48.91 -92.81 56.15
C THR K 380 -49.55 -93.13 54.81
N VAL K 381 -50.77 -93.65 54.86
CA VAL K 381 -51.52 -94.04 53.68
C VAL K 381 -52.70 -93.09 53.53
N PRO K 382 -52.79 -92.32 52.43
CA PRO K 382 -53.90 -91.38 52.20
C PRO K 382 -55.19 -92.08 51.82
N ILE L 14 -10.73 -45.80 45.14
CA ILE L 14 -11.91 -45.91 44.31
C ILE L 14 -12.13 -47.35 43.88
N GLY L 15 -13.37 -47.82 44.00
CA GLY L 15 -13.72 -49.17 43.62
C GLY L 15 -14.11 -50.04 44.79
N VAL L 16 -15.42 -50.18 45.02
CA VAL L 16 -15.96 -51.00 46.10
C VAL L 16 -16.89 -52.05 45.51
N LYS L 17 -16.57 -52.52 44.31
CA LYS L 17 -17.40 -53.47 43.56
C LYS L 17 -17.98 -54.55 44.48
N GLN L 18 -19.28 -54.76 44.34
CA GLN L 18 -19.98 -55.71 45.21
C GLN L 18 -19.47 -57.12 44.98
N LEU L 19 -19.50 -57.92 46.05
CA LEU L 19 -19.09 -59.32 45.97
C LEU L 19 -20.00 -60.08 45.01
N GLN L 20 -19.40 -60.85 44.12
CA GLN L 20 -20.12 -61.56 43.07
C GLN L 20 -19.71 -63.01 43.02
N ARG L 21 -20.61 -63.86 42.54
CA ARG L 21 -20.39 -65.29 42.44
C ARG L 21 -19.43 -65.61 41.29
N GLU L 22 -18.96 -66.85 41.28
CA GLU L 22 -18.06 -67.35 40.25
C GLU L 22 -18.75 -68.42 39.41
N ILE L 23 -18.39 -68.49 38.14
CA ILE L 23 -19.00 -69.40 37.19
C ILE L 23 -18.15 -70.67 37.16
N VAL L 24 -18.60 -71.71 37.84
CA VAL L 24 -17.91 -73.00 37.87
C VAL L 24 -18.80 -74.13 37.37
N LEU L 25 -20.09 -74.13 37.75
CA LEU L 25 -20.98 -75.21 37.37
C LEU L 25 -21.14 -75.38 35.85
N PRO L 26 -21.34 -74.33 35.05
CA PRO L 26 -21.56 -74.57 33.61
C PRO L 26 -20.40 -75.28 32.92
N GLY L 27 -19.19 -75.20 33.46
CA GLY L 27 -18.06 -75.89 32.89
C GLY L 27 -17.94 -77.34 33.27
N LEU L 28 -18.85 -77.88 34.08
CA LEU L 28 -18.80 -79.26 34.52
C LEU L 28 -20.06 -80.03 34.13
N VAL L 29 -20.70 -79.63 33.03
CA VAL L 29 -21.89 -80.31 32.52
C VAL L 29 -21.77 -80.43 31.01
N TRP L 30 -22.61 -81.31 30.45
CA TRP L 30 -22.68 -81.45 28.99
C TRP L 30 -23.21 -80.16 28.38
N THR L 31 -22.36 -79.44 27.67
CA THR L 31 -22.76 -78.24 26.95
C THR L 31 -22.95 -78.60 25.48
N ASN L 32 -24.21 -78.59 25.04
CA ASN L 32 -24.60 -78.91 23.67
C ASN L 32 -24.02 -80.23 23.20
N PRO L 33 -24.48 -81.37 23.74
CA PRO L 33 -24.02 -82.66 23.21
C PRO L 33 -24.39 -82.85 21.74
N LEU L 34 -25.53 -82.31 21.32
CA LEU L 34 -25.96 -82.32 19.92
C LEU L 34 -26.41 -80.93 19.53
N THR L 35 -26.26 -80.61 18.24
CA THR L 35 -26.48 -79.25 17.76
C THR L 35 -27.94 -78.99 17.37
N ASP L 36 -28.45 -79.76 16.42
CA ASP L 36 -29.77 -79.47 15.86
C ASP L 36 -30.87 -79.93 16.81
N PHE L 37 -31.80 -79.03 17.10
CA PHE L 37 -32.98 -79.33 17.90
C PHE L 37 -34.28 -78.94 17.22
N GLY L 38 -34.29 -77.83 16.47
CA GLY L 38 -35.49 -77.37 15.81
C GLY L 38 -35.82 -78.09 14.52
N GLY L 39 -34.93 -78.94 14.03
CA GLY L 39 -35.20 -79.72 12.84
C GLY L 39 -36.16 -80.87 13.05
N SER L 40 -36.52 -81.17 14.29
CA SER L 40 -37.43 -82.25 14.62
C SER L 40 -38.74 -81.69 15.16
N LYS L 41 -39.73 -82.57 15.26
CA LYS L 41 -41.06 -82.16 15.71
C LYS L 41 -41.03 -81.74 17.17
N ASN L 42 -41.76 -80.66 17.48
CA ASN L 42 -41.90 -80.15 18.85
C ASN L 42 -40.54 -79.90 19.50
N ASP L 43 -39.63 -79.30 18.72
CA ASP L 43 -38.28 -78.87 19.12
C ASP L 43 -37.62 -79.83 20.11
N THR L 44 -37.72 -81.13 19.86
CA THR L 44 -37.13 -82.14 20.73
C THR L 44 -36.49 -83.21 19.87
N ILE L 45 -35.45 -83.84 20.41
CA ILE L 45 -34.71 -84.90 19.72
C ILE L 45 -34.79 -86.16 20.55
N THR L 46 -35.14 -87.28 19.90
CA THR L 46 -35.17 -88.57 20.55
C THR L 46 -33.81 -89.23 20.42
N VAL L 47 -33.26 -89.66 21.56
CA VAL L 47 -31.97 -90.34 21.61
C VAL L 47 -32.23 -91.81 21.94
N ARG L 48 -31.73 -92.70 21.08
CA ARG L 48 -31.90 -94.13 21.26
C ARG L 48 -30.81 -94.68 22.17
N VAL L 49 -31.18 -95.65 22.99
CA VAL L 49 -30.25 -96.35 23.87
C VAL L 49 -30.14 -97.78 23.38
N PRO L 50 -28.94 -98.27 23.05
CA PRO L 50 -28.80 -99.64 22.54
C PRO L 50 -29.30 -100.66 23.56
N ALA L 51 -29.94 -101.71 23.05
CA ALA L 51 -30.58 -102.71 23.88
C ALA L 51 -29.62 -103.86 24.20
N ILE L 52 -30.09 -104.79 25.02
CA ILE L 52 -29.34 -105.99 25.38
C ILE L 52 -30.24 -107.20 25.18
N THR L 53 -29.62 -108.37 25.08
CA THR L 53 -30.31 -109.61 24.80
C THR L 53 -30.29 -110.50 26.04
N THR L 54 -31.39 -111.23 26.26
CA THR L 54 -31.47 -112.21 27.33
C THR L 54 -31.12 -113.60 26.80
N ALA L 55 -30.71 -114.47 27.71
CA ALA L 55 -30.30 -115.83 27.37
C ALA L 55 -31.22 -116.83 28.07
N ASN L 56 -30.93 -118.11 27.85
CA ASN L 56 -31.71 -119.20 28.43
C ASN L 56 -30.82 -120.40 28.64
N ARG L 57 -31.26 -121.31 29.51
CA ARG L 57 -30.52 -122.51 29.83
C ARG L 57 -31.41 -123.73 29.67
N ARG L 58 -30.85 -124.80 29.10
CA ARG L 58 -31.57 -126.04 28.90
C ARG L 58 -30.66 -127.22 29.24
N ASP L 59 -31.25 -128.24 29.86
CA ASP L 59 -30.50 -129.42 30.24
C ASP L 59 -30.22 -130.30 29.02
N LEU L 60 -29.06 -130.94 29.04
CA LEU L 60 -28.69 -131.84 27.95
C LEU L 60 -29.58 -133.08 27.94
N ARG L 61 -29.76 -133.66 26.76
CA ARG L 61 -30.56 -134.86 26.56
C ARG L 61 -32.01 -134.66 27.03
N ASP L 62 -32.50 -133.42 26.94
CA ASP L 62 -33.87 -133.15 27.31
C ASP L 62 -34.82 -133.70 26.25
N PRO L 63 -35.92 -134.33 26.66
CA PRO L 63 -36.89 -134.84 25.66
C PRO L 63 -37.47 -133.75 24.77
N ASP L 64 -37.66 -132.54 25.31
CA ASP L 64 -38.21 -131.43 24.53
C ASP L 64 -37.08 -130.66 23.86
N ARG L 65 -37.16 -130.52 22.54
CA ARG L 65 -36.18 -129.80 21.76
C ARG L 65 -36.60 -128.36 21.45
N THR L 66 -37.70 -127.91 22.04
CA THR L 66 -38.17 -126.55 21.79
C THR L 66 -37.21 -125.52 22.39
N VAL L 67 -37.24 -124.32 21.82
CA VAL L 67 -36.36 -123.23 22.24
C VAL L 67 -37.22 -122.01 22.53
N ILE L 68 -36.67 -121.10 23.32
CA ILE L 68 -37.35 -119.86 23.70
C ILE L 68 -36.60 -118.70 23.06
N ALA L 69 -37.30 -117.91 22.26
CA ALA L 69 -36.70 -116.77 21.58
C ALA L 69 -36.51 -115.61 22.56
N SER L 70 -35.49 -114.81 22.29
CA SER L 70 -35.21 -113.64 23.10
C SER L 70 -35.92 -112.41 22.52
N GLU L 71 -35.74 -111.27 23.17
CA GLU L 71 -36.35 -110.02 22.75
C GLU L 71 -35.30 -108.91 22.73
N LEU L 72 -35.39 -108.04 21.73
CA LEU L 72 -34.47 -106.91 21.57
C LEU L 72 -35.31 -105.66 21.29
N VAL L 73 -35.63 -104.92 22.35
CA VAL L 73 -36.37 -103.66 22.24
C VAL L 73 -35.48 -102.53 22.71
N GLU L 74 -35.35 -101.50 21.88
CA GLU L 74 -34.47 -100.36 22.16
C GLU L 74 -35.30 -99.23 22.75
N HIS L 75 -35.20 -99.03 24.05
CA HIS L 75 -35.84 -97.91 24.70
C HIS L 75 -35.09 -96.62 24.40
N SER L 76 -35.83 -95.54 24.17
CA SER L 76 -35.25 -94.26 23.81
C SER L 76 -35.88 -93.17 24.66
N PHE L 77 -35.12 -92.10 24.87
CA PHE L 77 -35.60 -90.95 25.64
C PHE L 77 -35.60 -89.71 24.76
N GLY L 78 -35.98 -88.58 25.33
CA GLY L 78 -36.09 -87.36 24.56
C GLY L 78 -35.58 -86.12 25.25
N VAL L 79 -34.84 -85.29 24.52
CA VAL L 79 -34.32 -84.02 25.02
C VAL L 79 -35.11 -82.89 24.36
N THR L 80 -35.70 -82.03 25.18
CA THR L 80 -36.59 -80.97 24.70
C THR L 80 -36.15 -79.63 25.25
N LEU L 81 -36.18 -78.61 24.40
CA LEU L 81 -35.97 -77.25 24.85
C LEU L 81 -37.24 -76.73 25.54
N ASP L 82 -37.09 -76.14 26.72
CA ASP L 82 -38.24 -75.74 27.52
C ASP L 82 -38.17 -74.34 28.10
N LYS L 83 -36.99 -73.73 28.23
CA LYS L 83 -36.85 -72.46 28.91
C LYS L 83 -36.13 -71.45 28.02
N HIS L 84 -36.36 -70.17 28.31
CA HIS L 84 -35.77 -69.06 27.56
C HIS L 84 -35.29 -68.01 28.56
N VAL L 85 -34.01 -68.07 28.93
CA VAL L 85 -33.45 -67.10 29.85
C VAL L 85 -33.28 -65.76 29.12
N TYR L 86 -33.83 -64.70 29.69
CA TYR L 86 -33.76 -63.38 29.08
C TYR L 86 -33.54 -62.34 30.17
N ALA L 87 -32.94 -61.22 29.78
CA ALA L 87 -32.72 -60.09 30.67
C ALA L 87 -33.18 -58.82 29.97
N ALA L 88 -34.10 -58.10 30.60
CA ALA L 88 -34.66 -56.87 30.04
C ALA L 88 -34.23 -55.68 30.88
N LEU L 89 -33.80 -54.62 30.20
CA LEU L 89 -33.33 -53.42 30.88
C LEU L 89 -33.66 -52.20 30.04
N LYS L 90 -34.14 -51.14 30.69
CA LYS L 90 -34.52 -49.90 30.03
C LYS L 90 -33.52 -48.81 30.36
N PHE L 91 -33.02 -48.14 29.32
CA PHE L 91 -32.08 -47.04 29.52
C PHE L 91 -32.79 -45.83 30.11
N THR L 92 -32.04 -45.02 30.84
CA THR L 92 -32.59 -43.85 31.53
C THR L 92 -32.79 -42.73 30.51
N ASP L 93 -33.92 -42.83 29.79
CA ASP L 93 -34.42 -41.83 28.83
C ASP L 93 -33.33 -41.21 27.97
N GLU L 94 -32.34 -42.00 27.58
CA GLU L 94 -31.27 -41.53 26.71
C GLU L 94 -30.59 -42.75 26.12
N GLN L 95 -29.86 -42.54 25.02
CA GLN L 95 -29.30 -43.64 24.25
C GLN L 95 -27.78 -43.72 24.27
N ARG L 96 -27.08 -42.59 24.30
CA ARG L 96 -25.64 -42.57 24.05
C ARG L 96 -24.82 -42.25 25.29
N THR L 97 -25.06 -41.12 25.95
CA THR L 97 -24.15 -40.63 26.98
C THR L 97 -24.69 -40.64 28.39
N LEU L 98 -26.00 -40.41 28.57
CA LEU L 98 -26.54 -40.30 29.93
C LEU L 98 -26.75 -41.66 30.59
N ASP L 99 -26.72 -42.75 29.82
CA ASP L 99 -26.97 -44.09 30.35
C ASP L 99 -25.75 -44.99 30.34
N ILE L 100 -24.98 -44.97 29.25
CA ILE L 100 -23.88 -45.91 29.06
C ILE L 100 -22.56 -45.15 28.88
N ARG L 101 -22.42 -44.04 29.60
CA ARG L 101 -21.30 -43.11 29.48
C ARG L 101 -19.94 -43.79 29.32
N ASP L 102 -19.74 -44.95 29.94
CA ASP L 102 -18.56 -45.78 29.71
C ASP L 102 -19.03 -47.04 28.98
N TYR L 103 -18.83 -47.07 27.67
CA TYR L 103 -19.29 -48.20 26.86
C TYR L 103 -18.48 -49.45 27.17
N THR L 104 -19.14 -50.61 27.07
CA THR L 104 -18.59 -51.93 27.31
C THR L 104 -18.07 -52.11 28.73
N LYS L 105 -18.41 -51.20 29.64
CA LYS L 105 -18.03 -51.31 31.05
C LYS L 105 -19.21 -51.19 32.00
N GLN L 106 -20.34 -50.66 31.56
CA GLN L 106 -21.54 -50.56 32.37
C GLN L 106 -22.73 -51.07 31.57
N VAL L 107 -23.78 -51.47 32.30
CA VAL L 107 -25.01 -52.00 31.73
C VAL L 107 -24.75 -53.35 31.07
N LEU L 108 -23.81 -53.39 30.12
CA LEU L 108 -23.52 -54.63 29.42
C LEU L 108 -22.92 -55.67 30.36
N MET L 109 -21.91 -55.27 31.13
CA MET L 109 -21.28 -56.20 32.07
C MET L 109 -22.24 -56.70 33.15
N PRO L 110 -23.01 -55.85 33.84
CA PRO L 110 -24.00 -56.38 34.80
C PRO L 110 -25.03 -57.30 34.16
N GLN L 111 -25.49 -56.98 32.95
CA GLN L 111 -26.46 -57.84 32.29
C GLN L 111 -25.86 -59.20 31.95
N VAL L 112 -24.62 -59.21 31.44
CA VAL L 112 -23.95 -60.46 31.13
C VAL L 112 -23.75 -61.30 32.39
N SER L 113 -23.33 -60.65 33.47
CA SER L 113 -23.13 -61.37 34.73
C SER L 113 -24.44 -61.94 35.25
N ALA L 114 -25.52 -61.17 35.16
CA ALA L 114 -26.82 -61.65 35.61
C ALA L 114 -27.28 -62.84 34.77
N VAL L 115 -27.09 -62.79 33.46
CA VAL L 115 -27.50 -63.91 32.61
C VAL L 115 -26.66 -65.15 32.91
N ALA L 116 -25.35 -64.96 33.12
CA ALA L 116 -24.49 -66.10 33.46
C ALA L 116 -24.92 -66.72 34.79
N TYR L 117 -25.22 -65.90 35.79
CA TYR L 117 -25.68 -66.42 37.07
C TYR L 117 -27.04 -67.09 36.95
N GLU L 118 -27.89 -66.60 36.05
CA GLU L 118 -29.19 -67.25 35.84
C GLU L 118 -29.02 -68.62 35.22
N LEU L 119 -28.11 -68.76 34.25
CA LEU L 119 -27.83 -70.09 33.71
C LEU L 119 -27.21 -71.01 34.76
N GLU L 120 -26.33 -70.45 35.60
CA GLU L 120 -25.74 -71.25 36.67
C GLU L 120 -26.81 -71.73 37.64
N ASP L 121 -27.76 -70.86 37.98
CA ASP L 121 -28.87 -71.27 38.84
C ASP L 121 -29.76 -72.29 38.15
N TYR L 122 -29.92 -72.18 36.83
CA TYR L 122 -30.68 -73.17 36.09
C TYR L 122 -30.02 -74.55 36.16
N ILE L 123 -28.71 -74.60 36.00
CA ILE L 123 -27.98 -75.86 36.12
C ILE L 123 -28.06 -76.39 37.54
N ALA L 124 -27.98 -75.50 38.54
CA ALA L 124 -28.10 -75.91 39.93
C ALA L 124 -29.48 -76.50 40.20
N GLU L 125 -30.53 -75.87 39.65
CA GLU L 125 -31.88 -76.41 39.81
C GLU L 125 -32.01 -77.76 39.14
N LEU L 126 -31.39 -77.93 37.97
CA LEU L 126 -31.37 -79.24 37.32
C LEU L 126 -30.73 -80.29 38.21
N ILE L 127 -29.59 -79.95 38.82
CA ILE L 127 -28.86 -80.92 39.63
C ILE L 127 -29.63 -81.25 40.90
N GLU L 128 -30.18 -80.24 41.57
CA GLU L 128 -30.84 -80.45 42.85
C GLU L 128 -32.20 -81.14 42.67
N GLY L 129 -32.96 -80.75 41.64
CA GLY L 129 -34.28 -81.29 41.43
C GLY L 129 -34.32 -82.67 40.83
N ALA L 130 -33.18 -83.19 40.39
CA ALA L 130 -33.14 -84.56 39.87
C ALA L 130 -33.44 -85.54 40.99
N PRO L 131 -34.32 -86.52 40.77
CA PRO L 131 -34.67 -87.46 41.84
C PRO L 131 -33.51 -88.37 42.21
N TYR L 132 -32.97 -88.16 43.41
CA TYR L 132 -31.84 -88.95 43.90
C TYR L 132 -32.27 -90.15 44.72
N GLU L 133 -33.58 -90.38 44.84
CA GLU L 133 -34.13 -91.48 45.65
C GLU L 133 -33.65 -91.36 47.09
N GLU L 134 -32.58 -92.08 47.43
CA GLU L 134 -31.99 -92.00 48.75
C GLU L 134 -31.10 -90.77 48.86
N THR L 135 -30.44 -90.62 50.01
CA THR L 135 -29.54 -89.50 50.24
C THR L 135 -28.43 -89.96 51.17
N ILE L 136 -27.19 -89.88 50.69
CA ILE L 136 -26.04 -90.27 51.52
C ILE L 136 -25.83 -89.22 52.59
N LEU L 137 -25.91 -89.63 53.85
CA LEU L 137 -25.77 -88.73 54.99
C LEU L 137 -24.31 -88.75 55.43
N ILE L 138 -23.59 -87.66 55.15
CA ILE L 138 -22.17 -87.55 55.48
C ILE L 138 -22.04 -86.97 56.88
N ASP L 139 -21.26 -87.65 57.72
CA ASP L 139 -21.05 -87.20 59.09
C ASP L 139 -19.78 -86.38 59.18
N PRO L 140 -19.78 -85.25 59.90
CA PRO L 140 -18.55 -84.46 60.01
C PRO L 140 -17.41 -85.20 60.69
N ALA L 141 -17.70 -86.21 61.51
CA ALA L 141 -16.65 -86.96 62.17
C ALA L 141 -15.80 -87.73 61.18
N ASP L 142 -16.41 -88.31 60.15
CA ASP L 142 -15.69 -89.14 59.18
C ASP L 142 -16.34 -88.99 57.80
N THR L 143 -15.80 -88.08 56.99
CA THR L 143 -16.29 -87.88 55.63
C THR L 143 -15.83 -88.96 54.68
N VAL L 144 -14.63 -89.51 54.91
CA VAL L 144 -14.09 -90.54 54.01
C VAL L 144 -15.01 -91.75 53.92
N PRO L 145 -15.57 -92.29 55.02
CA PRO L 145 -16.55 -93.37 54.86
C PRO L 145 -17.76 -92.98 54.03
N ALA L 146 -18.22 -91.72 54.13
CA ALA L 146 -19.34 -91.29 53.30
C ALA L 146 -18.97 -91.28 51.83
N PHE L 147 -17.77 -90.78 51.50
CA PHE L 147 -17.33 -90.81 50.10
C PHE L 147 -17.13 -92.23 49.61
N ILE L 148 -16.69 -93.13 50.48
CA ILE L 148 -16.56 -94.54 50.10
C ILE L 148 -17.93 -95.15 49.85
N THR L 149 -18.93 -94.78 50.65
CA THR L 149 -20.30 -95.23 50.38
C THR L 149 -20.79 -94.71 49.04
N ALA L 150 -20.48 -93.46 48.72
CA ALA L 150 -20.85 -92.91 47.42
C ALA L 150 -20.19 -93.69 46.29
N ASP L 151 -18.91 -94.03 46.44
CA ASP L 151 -18.22 -94.85 45.45
C ASP L 151 -18.88 -96.22 45.32
N GLN L 152 -19.30 -96.81 46.44
CA GLN L 152 -19.99 -98.09 46.40
C GLN L 152 -21.32 -97.98 45.66
N ARG L 153 -22.06 -96.89 45.89
CA ARG L 153 -23.31 -96.67 45.18
C ARG L 153 -23.07 -96.55 43.69
N MET L 154 -22.03 -95.82 43.30
CA MET L 154 -21.68 -95.73 41.88
C MET L 154 -21.31 -97.09 41.31
N GLY L 155 -20.56 -97.89 42.06
CA GLY L 155 -20.15 -99.20 41.60
C GLY L 155 -21.30 -100.17 41.45
N GLU L 156 -22.32 -100.06 42.30
CA GLU L 156 -23.44 -100.98 42.23
C GLU L 156 -24.18 -100.88 40.90
N ALA L 157 -24.36 -99.66 40.39
CA ALA L 157 -25.04 -99.44 39.12
C ALA L 157 -24.16 -99.69 37.91
N ASN L 158 -22.96 -100.26 38.10
CA ASN L 158 -22.02 -100.54 37.02
C ASN L 158 -21.64 -99.27 36.27
N VAL L 159 -21.60 -98.15 36.98
CA VAL L 159 -21.19 -96.88 36.35
C VAL L 159 -19.71 -96.94 36.03
N PRO L 160 -19.27 -96.48 34.85
CA PRO L 160 -17.84 -96.46 34.56
C PRO L 160 -17.06 -95.62 35.57
N THR L 161 -15.87 -96.10 35.93
CA THR L 161 -15.06 -95.40 36.92
C THR L 161 -14.59 -94.04 36.40
N ASP L 162 -14.22 -93.97 35.13
CA ASP L 162 -13.71 -92.73 34.57
C ASP L 162 -14.84 -91.70 34.40
N SER L 163 -14.44 -90.43 34.28
CA SER L 163 -15.35 -89.32 34.05
C SER L 163 -16.42 -89.22 35.14
N ARG L 164 -16.01 -89.40 36.39
CA ARG L 164 -16.87 -89.21 37.55
C ARG L 164 -16.45 -87.92 38.24
N ARG L 165 -17.32 -86.92 38.26
CA ARG L 165 -17.01 -85.61 38.82
C ARG L 165 -17.89 -85.33 40.03
N LEU L 166 -17.28 -84.73 41.05
CA LEU L 166 -17.96 -84.40 42.30
C LEU L 166 -17.87 -82.91 42.54
N VAL L 167 -19.00 -82.29 42.85
CA VAL L 167 -19.09 -80.87 43.15
C VAL L 167 -19.54 -80.71 44.59
N VAL L 168 -18.74 -80.02 45.40
CA VAL L 168 -18.99 -79.85 46.82
C VAL L 168 -19.26 -78.37 47.10
N GLY L 169 -20.00 -78.13 48.18
CA GLY L 169 -20.30 -76.78 48.62
C GLY L 169 -19.29 -76.27 49.61
N SER L 170 -19.57 -75.07 50.14
CA SER L 170 -18.70 -74.47 51.13
C SER L 170 -18.65 -75.29 52.41
N ALA L 171 -19.81 -75.77 52.87
CA ALA L 171 -19.85 -76.55 54.10
C ALA L 171 -19.16 -77.90 53.93
N VAL L 172 -19.28 -78.52 52.76
CA VAL L 172 -18.62 -79.80 52.52
C VAL L 172 -17.11 -79.64 52.57
N ALA L 173 -16.59 -78.61 51.92
CA ALA L 173 -15.14 -78.35 51.97
C ALA L 173 -14.70 -77.99 53.37
N ALA L 174 -15.50 -77.22 54.11
CA ALA L 174 -15.17 -76.89 55.49
C ALA L 174 -15.10 -78.15 56.35
N ALA L 175 -16.06 -79.06 56.19
CA ALA L 175 -16.05 -80.30 56.95
C ALA L 175 -14.88 -81.19 56.56
N LEU L 176 -14.52 -81.19 55.27
CA LEU L 176 -13.33 -81.93 54.84
C LEU L 176 -12.08 -81.37 55.51
N ALA L 177 -11.99 -80.04 55.62
CA ALA L 177 -10.87 -79.44 56.34
C ALA L 177 -10.90 -79.81 57.82
N LYS L 178 -12.08 -79.81 58.44
CA LYS L 178 -12.20 -80.15 59.84
C LYS L 178 -11.91 -81.61 60.13
N ASP L 179 -12.02 -82.49 59.12
CA ASP L 179 -11.79 -83.90 59.34
C ASP L 179 -10.35 -84.15 59.78
N LYS L 180 -10.19 -84.95 60.83
CA LYS L 180 -8.87 -85.27 61.34
C LYS L 180 -8.09 -86.19 60.42
N GLN L 181 -8.75 -86.81 59.44
CA GLN L 181 -8.06 -87.70 58.51
C GLN L 181 -7.03 -86.93 57.69
N PHE L 182 -7.39 -85.72 57.23
CA PHE L 182 -6.52 -84.93 56.37
C PHE L 182 -5.72 -83.88 57.12
N ARG L 183 -6.22 -83.39 58.26
CA ARG L 183 -5.59 -82.28 58.93
C ARG L 183 -4.28 -82.69 59.61
N HIS L 184 -4.25 -83.87 60.20
CA HIS L 184 -3.09 -84.28 61.00
C HIS L 184 -1.83 -84.53 60.17
N ALA L 185 -1.96 -84.66 58.86
CA ALA L 185 -0.85 -84.81 57.90
C ALA L 185 -0.10 -86.13 58.07
N ASP L 186 -0.42 -86.93 59.08
CA ASP L 186 0.09 -88.29 59.18
C ASP L 186 -0.98 -89.33 58.94
N TRP L 187 -2.24 -89.01 59.23
CA TRP L 187 -3.34 -89.89 58.84
C TRP L 187 -3.62 -89.78 57.34
N SER L 188 -3.37 -88.61 56.75
CA SER L 188 -3.52 -88.40 55.32
C SER L 188 -2.28 -88.81 54.53
N GLY L 189 -1.15 -89.04 55.19
CA GLY L 189 0.05 -89.48 54.51
C GLY L 189 0.89 -88.36 53.92
N ASP L 190 0.22 -87.28 53.49
CA ASP L 190 0.94 -86.18 52.85
C ASP L 190 1.76 -85.41 53.89
N GLN L 191 3.05 -85.25 53.60
CA GLN L 191 3.94 -84.54 54.51
C GLN L 191 3.86 -83.03 54.37
N ALA L 192 3.24 -82.51 53.30
CA ALA L 192 3.13 -81.08 53.10
C ALA L 192 1.97 -80.47 53.88
N ASN L 193 1.06 -81.28 54.41
CA ASN L 193 -0.09 -80.82 55.18
C ASN L 193 -0.93 -79.81 54.38
N ALA L 194 -1.48 -80.30 53.27
CA ALA L 194 -2.30 -79.45 52.42
C ALA L 194 -3.57 -78.99 53.13
N ALA L 195 -4.04 -79.77 54.10
CA ALA L 195 -5.25 -79.40 54.83
C ALA L 195 -5.01 -78.27 55.82
N LEU L 196 -3.81 -78.20 56.39
CA LEU L 196 -3.47 -77.16 57.37
C LEU L 196 -2.69 -76.00 56.76
N ARG L 197 -1.63 -76.30 56.00
CA ARG L 197 -0.84 -75.25 55.38
C ARG L 197 -1.64 -74.48 54.34
N GLU L 198 -2.66 -75.09 53.76
CA GLU L 198 -3.50 -74.47 52.75
C GLU L 198 -4.96 -74.81 53.04
N ALA L 199 -5.86 -74.18 52.26
CA ALA L 199 -7.28 -74.41 52.39
C ALA L 199 -7.86 -75.26 51.26
N HIS L 200 -7.00 -75.79 50.39
CA HIS L 200 -7.43 -76.59 49.25
C HIS L 200 -7.22 -78.07 49.60
N VAL L 201 -8.32 -78.82 49.64
CA VAL L 201 -8.26 -80.26 49.92
C VAL L 201 -8.04 -81.00 48.61
N GLY L 202 -7.07 -81.92 48.62
CA GLY L 202 -6.77 -82.68 47.42
C GLY L 202 -7.84 -83.70 47.09
N ARG L 203 -7.67 -84.34 45.94
CA ARG L 203 -8.64 -85.33 45.48
C ARG L 203 -8.68 -86.52 46.42
N LEU L 204 -9.89 -86.97 46.74
CA LEU L 204 -10.10 -88.11 47.61
C LEU L 204 -11.12 -89.05 46.98
N ALA L 205 -10.96 -90.35 47.27
CA ALA L 205 -11.84 -91.39 46.76
C ALA L 205 -11.90 -91.38 45.23
N GLY L 206 -10.80 -91.02 44.60
CA GLY L 206 -10.73 -90.97 43.13
C GLY L 206 -11.14 -89.65 42.51
N MET L 207 -12.28 -89.11 42.94
CA MET L 207 -12.79 -87.87 42.38
C MET L 207 -12.04 -86.67 42.92
N ASN L 208 -12.00 -85.60 42.13
CA ASN L 208 -11.38 -84.36 42.53
C ASN L 208 -12.37 -83.48 43.28
N VAL L 209 -11.83 -82.48 43.99
CA VAL L 209 -12.63 -81.56 44.79
C VAL L 209 -12.85 -80.29 43.98
N ILE L 210 -14.11 -79.96 43.73
CA ILE L 210 -14.49 -78.74 43.01
C ILE L 210 -15.44 -77.95 43.91
N ARG L 211 -15.10 -76.68 44.14
CA ARG L 211 -15.87 -75.83 45.03
C ARG L 211 -16.89 -75.03 44.24
N SER L 212 -18.15 -75.05 44.70
CA SER L 212 -19.23 -74.32 44.05
C SER L 212 -20.16 -73.78 45.11
N ASN L 213 -20.28 -72.45 45.17
CA ASN L 213 -21.17 -71.80 46.13
C ASN L 213 -22.59 -71.65 45.61
N ALA L 214 -22.84 -71.91 44.33
CA ALA L 214 -24.20 -71.81 43.80
C ALA L 214 -25.12 -72.85 44.43
N ILE L 215 -24.64 -74.07 44.59
CA ILE L 215 -25.40 -75.15 45.20
C ILE L 215 -25.53 -74.89 46.70
N ALA L 216 -26.40 -75.64 47.36
CA ALA L 216 -26.55 -75.50 48.80
C ALA L 216 -25.24 -75.86 49.50
N PRO L 217 -24.84 -75.10 50.53
CA PRO L 217 -23.54 -75.39 51.18
C PRO L 217 -23.45 -76.80 51.75
N ASP L 218 -24.53 -77.31 52.32
CA ASP L 218 -24.53 -78.63 52.94
C ASP L 218 -24.81 -79.76 51.96
N LYS L 219 -24.98 -79.45 50.67
CA LYS L 219 -25.28 -80.45 49.66
C LYS L 219 -24.08 -80.62 48.73
N ALA L 220 -23.67 -81.87 48.53
CA ALA L 220 -22.64 -82.21 47.56
C ALA L 220 -23.22 -83.21 46.57
N TYR L 221 -22.79 -83.12 45.31
CA TYR L 221 -23.36 -83.95 44.26
C TYR L 221 -22.24 -84.61 43.47
N LEU L 222 -22.25 -85.95 43.44
CA LEU L 222 -21.27 -86.73 42.69
C LEU L 222 -21.99 -87.43 41.54
N TRP L 223 -21.59 -87.14 40.30
CA TRP L 223 -22.26 -87.70 39.15
C TRP L 223 -21.25 -88.08 38.07
N HIS L 224 -21.61 -89.09 37.30
CA HIS L 224 -20.83 -89.48 36.14
C HIS L 224 -21.07 -88.50 35.00
N ARG L 225 -20.18 -88.55 33.99
CA ARG L 225 -20.32 -87.66 32.84
C ARG L 225 -21.65 -87.88 32.13
N THR L 226 -22.16 -89.11 32.12
CA THR L 226 -23.43 -89.43 31.47
C THR L 226 -24.56 -89.39 32.50
N ALA L 227 -24.79 -88.20 33.04
CA ALA L 227 -25.84 -88.01 34.04
C ALA L 227 -26.84 -86.93 33.67
N PHE L 228 -26.39 -85.84 33.07
CA PHE L 228 -27.26 -84.70 32.78
C PHE L 228 -27.04 -84.25 31.33
N ILE L 229 -28.06 -83.60 30.76
CA ILE L 229 -27.98 -83.06 29.41
C ILE L 229 -28.45 -81.61 29.46
N LEU L 230 -27.58 -80.69 29.04
CA LEU L 230 -27.89 -79.28 28.94
C LEU L 230 -27.79 -78.87 27.48
N ALA L 231 -28.85 -78.25 26.96
CA ALA L 231 -28.88 -77.78 25.59
C ALA L 231 -28.89 -76.25 25.59
N TYR L 232 -27.97 -75.65 24.85
CA TYR L 232 -27.84 -74.21 24.75
C TYR L 232 -27.91 -73.80 23.28
N ARG L 233 -28.79 -72.87 22.95
CA ARG L 233 -28.97 -72.39 21.59
C ARG L 233 -28.85 -70.87 21.58
N THR L 234 -27.92 -70.36 20.78
CA THR L 234 -27.78 -68.93 20.62
C THR L 234 -28.77 -68.43 19.58
N PRO L 235 -29.72 -67.57 19.95
CA PRO L 235 -30.68 -67.08 18.96
C PRO L 235 -30.00 -66.28 17.87
N VAL L 236 -30.54 -66.39 16.64
CA VAL L 236 -30.00 -65.64 15.53
C VAL L 236 -30.33 -64.16 15.71
N VAL L 237 -29.50 -63.31 15.12
CA VAL L 237 -29.68 -61.86 15.23
C VAL L 237 -30.95 -61.48 14.45
N PRO L 238 -31.91 -60.82 15.10
CA PRO L 238 -33.13 -60.43 14.39
C PRO L 238 -32.83 -59.44 13.28
N GLU L 239 -33.58 -59.56 12.18
CA GLU L 239 -33.43 -58.66 11.05
C GLU L 239 -34.20 -57.36 11.22
N GLY L 240 -35.05 -57.27 12.24
CA GLY L 240 -35.85 -56.08 12.46
C GLY L 240 -35.31 -55.19 13.56
N ALA L 241 -34.06 -55.41 13.97
CA ALA L 241 -33.42 -54.65 15.04
C ALA L 241 -32.30 -53.81 14.46
N LYS L 242 -32.28 -52.53 14.81
CA LYS L 242 -31.22 -51.65 14.34
C LYS L 242 -29.87 -51.99 14.98
N ALA L 243 -29.89 -52.57 16.17
CA ALA L 243 -28.69 -53.00 16.88
C ALA L 243 -28.58 -54.51 16.86
N GLY L 244 -27.55 -55.02 17.53
CA GLY L 244 -27.32 -56.45 17.59
C GLY L 244 -25.92 -56.81 18.00
N ALA L 245 -25.78 -57.86 18.81
CA ALA L 245 -24.46 -58.30 19.26
C ALA L 245 -24.51 -59.80 19.51
N SER L 246 -23.33 -60.41 19.50
CA SER L 246 -23.17 -61.85 19.73
C SER L 246 -22.11 -62.10 20.79
N PHE L 247 -22.18 -61.35 21.88
CA PHE L 247 -21.22 -61.50 22.97
C PHE L 247 -21.39 -62.86 23.65
N SER L 248 -20.27 -63.54 23.90
CA SER L 248 -20.29 -64.83 24.57
C SER L 248 -20.30 -64.65 26.08
N ALA L 249 -20.47 -65.77 26.79
CA ALA L 249 -20.52 -65.74 28.25
C ALA L 249 -20.04 -67.10 28.76
N ASN L 250 -18.78 -67.14 29.21
CA ASN L 250 -18.15 -68.31 29.83
C ASN L 250 -18.53 -69.62 29.13
N GLY L 251 -18.41 -69.61 27.80
CA GLY L 251 -18.57 -70.80 26.99
C GLY L 251 -19.87 -70.86 26.20
N VAL L 252 -20.87 -70.05 26.54
CA VAL L 252 -22.13 -70.03 25.84
C VAL L 252 -22.38 -68.60 25.33
N ALA L 253 -22.74 -68.49 24.06
CA ALA L 253 -22.99 -67.19 23.46
C ALA L 253 -24.38 -66.67 23.83
N LEU L 254 -24.52 -65.35 23.80
CA LEU L 254 -25.77 -64.68 24.14
C LEU L 254 -26.18 -63.78 22.99
N ARG L 255 -27.49 -63.61 22.83
CA ARG L 255 -28.05 -62.74 21.80
C ARG L 255 -28.52 -61.44 22.43
N TRP L 256 -27.98 -60.32 21.96
CA TRP L 256 -28.31 -59.00 22.48
C TRP L 256 -29.02 -58.19 21.40
N LEU L 257 -30.19 -57.67 21.73
CA LEU L 257 -30.97 -56.86 20.80
C LEU L 257 -31.51 -55.63 21.52
N ALA L 258 -31.45 -54.49 20.82
CA ALA L 258 -32.01 -53.24 21.34
C ALA L 258 -32.49 -52.44 20.14
N ASP L 259 -33.79 -52.56 19.83
CA ASP L 259 -34.35 -52.06 18.58
C ASP L 259 -35.14 -50.75 18.77
N TYR L 260 -35.04 -50.11 19.94
CA TYR L 260 -35.68 -48.83 20.19
C TYR L 260 -37.20 -48.94 19.96
N ASP L 261 -37.84 -49.66 20.89
CA ASP L 261 -39.21 -50.12 20.75
C ASP L 261 -40.23 -49.00 20.54
N TYR L 262 -39.79 -47.74 20.55
CA TYR L 262 -40.65 -46.58 20.33
C TYR L 262 -41.67 -46.55 21.46
N SER L 263 -42.98 -46.55 21.17
CA SER L 263 -44.03 -46.51 22.19
C SER L 263 -43.81 -45.40 23.20
N GLN L 264 -43.48 -45.76 24.44
CA GLN L 264 -43.22 -44.79 25.49
C GLN L 264 -41.74 -44.45 25.57
N LEU L 265 -41.16 -44.09 24.43
CA LEU L 265 -39.72 -43.79 24.31
C LEU L 265 -38.88 -44.94 24.87
N GLY L 266 -39.28 -46.16 24.52
CA GLY L 266 -38.65 -47.35 25.07
C GLY L 266 -37.28 -47.65 24.51
N ASP L 267 -36.30 -47.80 25.40
CA ASP L 267 -34.95 -48.21 25.05
C ASP L 267 -34.64 -49.59 25.61
N ARG L 268 -35.62 -50.48 25.55
CA ARG L 268 -35.49 -51.81 26.14
C ARG L 268 -34.38 -52.60 25.44
N THR L 269 -33.57 -53.29 26.23
CA THR L 269 -32.51 -54.16 25.74
C THR L 269 -32.74 -55.58 26.24
N LEU L 270 -32.56 -56.55 25.35
CA LEU L 270 -32.81 -57.95 25.65
C LEU L 270 -31.53 -58.75 25.43
N LEU L 271 -31.10 -59.45 26.48
CA LEU L 271 -29.98 -60.39 26.41
C LEU L 271 -30.55 -61.78 26.70
N ASP L 272 -30.66 -62.60 25.65
CA ASP L 272 -31.41 -63.84 25.74
C ASP L 272 -30.64 -64.99 25.08
N VAL L 273 -30.99 -66.20 25.51
CA VAL L 273 -30.40 -67.43 24.97
C VAL L 273 -31.34 -68.57 25.36
N PHE L 274 -31.44 -69.57 24.48
CA PHE L 274 -32.34 -70.69 24.70
C PHE L 274 -31.63 -71.77 25.52
N THR L 275 -32.28 -72.25 26.57
CA THR L 275 -31.72 -73.28 27.43
C THR L 275 -32.73 -74.41 27.63
N GLY L 276 -32.21 -75.62 27.71
CA GLY L 276 -33.06 -76.79 27.87
C GLY L 276 -32.38 -77.82 28.75
N ARG L 277 -33.21 -78.53 29.53
CA ARG L 277 -32.75 -79.45 30.56
C ARG L 277 -33.17 -80.87 30.23
N LYS L 278 -32.35 -81.84 30.66
CA LYS L 278 -32.71 -83.25 30.53
C LYS L 278 -31.95 -84.05 31.58
N VAL L 279 -32.65 -84.98 32.22
CA VAL L 279 -32.07 -85.88 33.20
C VAL L 279 -32.05 -87.28 32.61
N VAL L 280 -30.87 -87.89 32.58
CA VAL L 280 -30.70 -89.21 31.97
C VAL L 280 -31.21 -90.27 32.93
N THR L 281 -32.16 -91.08 32.48
CA THR L 281 -32.75 -92.16 33.25
C THR L 281 -32.44 -93.50 32.58
N GLU L 282 -32.98 -94.57 33.16
CA GLU L 282 -32.79 -95.92 32.66
C GLU L 282 -33.98 -96.34 31.82
N VAL L 283 -33.94 -97.58 31.32
CA VAL L 283 -35.02 -98.09 30.47
C VAL L 283 -36.32 -98.20 31.27
N ASP L 284 -36.24 -98.68 32.52
CA ASP L 284 -37.41 -98.71 33.37
C ASP L 284 -37.60 -97.42 34.16
N GLY L 285 -36.55 -96.64 34.32
CA GLY L 285 -36.61 -95.39 35.06
C GLY L 285 -36.02 -95.51 36.43
N SER L 286 -34.76 -95.09 36.58
CA SER L 286 -34.07 -95.12 37.86
C SER L 286 -32.83 -94.25 37.76
N PHE L 287 -32.78 -93.17 38.54
CA PHE L 287 -31.63 -92.26 38.51
C PHE L 287 -30.57 -92.78 39.46
N VAL L 288 -29.84 -93.79 38.99
CA VAL L 288 -28.76 -94.40 39.76
C VAL L 288 -27.39 -93.98 39.27
N ARG L 289 -27.32 -92.98 38.40
CA ARG L 289 -26.06 -92.49 37.85
C ARG L 289 -25.47 -91.34 38.65
N ALA L 290 -26.12 -90.92 39.72
CA ALA L 290 -25.62 -89.81 40.53
C ALA L 290 -26.03 -90.03 41.99
N VAL L 291 -25.27 -89.41 42.89
CA VAL L 291 -25.52 -89.51 44.32
C VAL L 291 -25.38 -88.14 44.95
N GLU L 292 -26.04 -87.97 46.09
CA GLU L 292 -26.03 -86.72 46.84
C GLU L 292 -25.59 -86.98 48.28
N LEU L 293 -24.86 -86.02 48.82
CA LEU L 293 -24.35 -86.07 50.19
C LEU L 293 -24.87 -84.87 50.96
N GLN L 294 -25.48 -85.14 52.12
CA GLN L 294 -26.03 -84.12 52.98
C GLN L 294 -25.40 -84.24 54.36
N LEU L 295 -24.98 -83.10 54.92
CA LEU L 295 -24.30 -83.12 56.21
C LEU L 295 -25.24 -83.57 57.32
N GLN L 296 -24.70 -84.35 58.26
CA GLN L 296 -25.47 -84.85 59.39
C GLN L 296 -25.41 -83.83 60.52
N ALA L 297 -26.29 -82.82 60.41
CA ALA L 297 -26.36 -81.79 61.44
C ALA L 297 -26.89 -82.39 62.74
N SER L 298 -26.22 -82.08 63.85
CA SER L 298 -26.60 -82.61 65.15
C SER L 298 -26.90 -81.55 66.20
N SER L 299 -26.51 -80.30 65.98
CA SER L 299 -26.77 -79.23 66.94
C SER L 299 -27.01 -77.93 66.19
N ILE L 300 -27.94 -77.12 66.69
CA ILE L 300 -28.26 -75.82 66.13
C ILE L 300 -28.23 -74.79 67.23
N THR L 301 -28.05 -73.53 66.84
CA THR L 301 -28.04 -72.42 67.79
C THR L 301 -28.35 -71.13 67.04
N ILE L 302 -28.99 -70.20 67.74
CA ILE L 302 -29.33 -68.91 67.16
C ILE L 302 -28.13 -67.98 67.27
N VAL L 303 -27.73 -67.40 66.15
CA VAL L 303 -26.55 -66.54 66.13
C VAL L 303 -26.81 -65.27 66.93
N GLY L 304 -25.75 -64.73 67.52
CA GLY L 304 -25.82 -63.51 68.30
C GLY L 304 -26.12 -63.70 69.77
N GLY L 305 -26.49 -64.91 70.19
CA GLY L 305 -26.80 -65.13 71.59
C GLY L 305 -28.00 -64.31 72.02
N ALA L 306 -27.96 -63.83 73.26
CA ALA L 306 -29.02 -62.98 73.78
C ALA L 306 -28.97 -61.60 73.12
N PHE L 307 -30.14 -61.05 72.85
CA PHE L 307 -30.26 -59.73 72.24
C PHE L 307 -31.51 -59.05 72.78
N ALA L 308 -31.49 -57.71 72.76
CA ALA L 308 -32.65 -56.96 73.22
C ALA L 308 -33.73 -56.91 72.13
N LEU L 309 -33.41 -56.24 71.01
CA LEU L 309 -34.14 -56.26 69.74
C LEU L 309 -33.65 -55.03 68.97
N ALA L 310 -34.53 -54.05 68.78
CA ALA L 310 -34.13 -52.74 68.28
C ALA L 310 -34.74 -51.64 69.15
N THR L 311 -35.97 -51.86 69.59
CA THR L 311 -36.74 -50.92 70.40
C THR L 311 -38.00 -51.64 70.86
N THR L 312 -38.91 -50.91 71.51
CA THR L 312 -40.15 -51.51 71.99
C THR L 312 -41.11 -51.85 70.85
N THR L 313 -40.96 -51.22 69.69
CA THR L 313 -41.84 -51.42 68.54
C THR L 313 -41.04 -51.61 67.26
N GLY L 314 -40.03 -52.48 67.33
CA GLY L 314 -39.16 -52.77 66.21
C GLY L 314 -39.29 -54.19 65.70
N THR L 315 -38.41 -54.53 64.77
CA THR L 315 -38.34 -55.86 64.18
C THR L 315 -36.90 -56.33 64.15
N LYS L 316 -36.73 -57.65 64.16
CA LYS L 316 -35.39 -58.25 64.12
C LYS L 316 -35.47 -59.56 63.37
N GLN L 317 -34.67 -59.70 62.32
CA GLN L 317 -34.62 -60.92 61.52
C GLN L 317 -33.69 -61.91 62.20
N LEU L 318 -34.26 -62.86 62.94
CA LEU L 318 -33.45 -63.84 63.65
C LEU L 318 -32.83 -64.84 62.68
N LYS L 319 -31.61 -65.25 62.97
CA LYS L 319 -30.87 -66.20 62.14
C LYS L 319 -30.37 -67.35 63.01
N VAL L 320 -30.46 -68.57 62.48
CA VAL L 320 -30.07 -69.78 63.19
C VAL L 320 -29.05 -70.54 62.34
N ARG L 321 -27.97 -71.00 62.98
CA ARG L 321 -26.91 -71.72 62.31
C ARG L 321 -26.68 -73.04 63.03
N ASP L 322 -26.34 -74.08 62.27
CA ASP L 322 -26.09 -75.38 62.85
C ASP L 322 -24.67 -75.45 63.42
N ASP L 323 -24.33 -76.60 64.00
CA ASP L 323 -22.98 -76.78 64.55
C ASP L 323 -21.94 -76.76 63.44
N ASN L 324 -22.27 -77.30 62.27
CA ASN L 324 -21.31 -77.32 61.18
C ASN L 324 -21.03 -75.93 60.63
N GLY L 325 -22.01 -75.02 60.72
CA GLY L 325 -21.82 -73.67 60.25
C GLY L 325 -22.55 -73.35 58.96
N THR L 326 -23.77 -73.86 58.81
CA THR L 326 -24.59 -73.64 57.63
C THR L 326 -25.84 -72.87 58.00
N ASP L 327 -26.26 -71.98 57.10
CA ASP L 327 -27.49 -71.21 57.32
C ASP L 327 -28.70 -72.12 57.07
N VAL L 328 -29.57 -72.22 58.06
CA VAL L 328 -30.75 -73.07 57.97
C VAL L 328 -32.00 -72.28 58.33
N THR L 329 -31.94 -70.95 58.15
CA THR L 329 -33.06 -70.10 58.52
C THR L 329 -34.31 -70.44 57.70
N ALA L 330 -34.14 -70.72 56.41
CA ALA L 330 -35.28 -71.01 55.56
C ALA L 330 -36.00 -72.29 55.99
N ARG L 331 -35.25 -73.30 56.41
CA ARG L 331 -35.81 -74.61 56.75
C ARG L 331 -35.94 -74.83 58.25
N CYS L 332 -36.16 -73.76 59.02
CA CYS L 332 -36.37 -73.85 60.46
C CYS L 332 -37.72 -73.26 60.82
N THR L 333 -38.36 -73.83 61.85
CA THR L 333 -39.60 -73.28 62.37
C THR L 333 -39.33 -72.56 63.68
N PHE L 334 -40.14 -71.54 63.96
CA PHE L 334 -39.97 -70.70 65.13
C PHE L 334 -41.28 -70.66 65.92
N ALA L 335 -41.18 -70.83 67.24
CA ALA L 335 -42.33 -70.78 68.12
C ALA L 335 -42.07 -69.81 69.25
N SER L 336 -43.12 -69.13 69.70
CA SER L 336 -43.03 -68.17 70.79
C SER L 336 -43.88 -68.66 71.95
N SER L 337 -43.27 -68.82 73.12
CA SER L 337 -44.00 -69.17 74.34
C SER L 337 -44.64 -67.96 75.00
N ALA L 338 -44.35 -66.76 74.52
CA ALA L 338 -44.88 -65.51 75.06
C ALA L 338 -45.39 -64.65 73.90
N GLY L 339 -46.20 -65.27 73.04
CA GLY L 339 -46.62 -64.62 71.81
C GLY L 339 -47.24 -63.25 72.02
N THR L 340 -47.98 -63.08 73.12
CA THR L 340 -48.50 -61.76 73.44
C THR L 340 -47.39 -60.78 73.77
N LYS L 341 -46.33 -61.25 74.46
CA LYS L 341 -45.21 -60.38 74.78
C LYS L 341 -44.35 -60.10 73.57
N ALA L 342 -44.06 -61.13 72.77
CA ALA L 342 -43.23 -60.98 71.57
C ALA L 342 -43.85 -61.78 70.43
N THR L 343 -43.94 -61.17 69.26
CA THR L 343 -44.54 -61.79 68.08
C THR L 343 -43.43 -62.18 67.11
N VAL L 344 -43.45 -63.44 66.68
CA VAL L 344 -42.46 -63.98 65.76
C VAL L 344 -43.16 -64.39 64.46
N SER L 345 -42.45 -64.24 63.35
CA SER L 345 -42.97 -64.56 62.04
C SER L 345 -42.53 -65.97 61.63
N ALA L 346 -43.02 -66.41 60.46
CA ALA L 346 -42.66 -67.73 59.96
C ALA L 346 -41.18 -67.82 59.63
N ALA L 347 -40.62 -66.76 59.05
CA ALA L 347 -39.22 -66.75 58.65
C ALA L 347 -38.27 -66.39 59.78
N GLY L 348 -38.79 -66.08 60.97
CA GLY L 348 -37.97 -65.71 62.10
C GLY L 348 -37.91 -64.23 62.38
N LEU L 349 -38.64 -63.40 61.64
CA LEU L 349 -38.65 -61.96 61.87
C LEU L 349 -39.51 -61.67 63.10
N VAL L 350 -38.84 -61.61 64.25
CA VAL L 350 -39.55 -61.35 65.50
C VAL L 350 -39.84 -59.86 65.61
N THR L 351 -41.09 -59.52 65.92
CA THR L 351 -41.55 -58.14 66.03
C THR L 351 -41.91 -57.87 67.49
N GLY L 352 -41.41 -56.75 68.02
CA GLY L 352 -41.69 -56.37 69.38
C GLY L 352 -43.01 -55.61 69.52
N VAL L 353 -43.99 -56.23 70.17
CA VAL L 353 -45.28 -55.60 70.39
C VAL L 353 -45.45 -55.11 71.82
N ALA L 354 -44.88 -55.78 72.81
CA ALA L 354 -44.96 -55.37 74.21
C ALA L 354 -43.57 -55.44 74.82
N ALA L 355 -43.19 -54.40 75.56
CA ALA L 355 -41.91 -54.39 76.23
C ALA L 355 -41.90 -55.40 77.37
N GLY L 356 -40.79 -56.09 77.54
CA GLY L 356 -40.66 -57.08 78.58
C GLY L 356 -39.61 -58.12 78.21
N THR L 357 -39.77 -59.31 78.75
CA THR L 357 -38.86 -60.43 78.49
C THR L 357 -39.66 -61.62 78.01
N ALA L 358 -39.18 -62.26 76.93
CA ALA L 358 -39.84 -63.40 76.33
C ALA L 358 -38.79 -64.40 75.88
N ASP L 359 -39.25 -65.53 75.35
CA ASP L 359 -38.37 -66.57 74.81
C ASP L 359 -38.88 -67.02 73.45
N ILE L 360 -37.96 -67.38 72.57
CA ILE L 360 -38.29 -67.92 71.26
C ILE L 360 -37.53 -69.23 71.07
N THR L 361 -38.24 -70.28 70.66
CA THR L 361 -37.66 -71.58 70.43
C THR L 361 -37.64 -71.88 68.94
N ALA L 362 -36.47 -72.18 68.40
CA ALA L 362 -36.29 -72.54 67.01
C ALA L 362 -36.06 -74.03 66.91
N SER L 363 -36.85 -74.69 66.06
CA SER L 363 -36.76 -76.13 65.84
C SER L 363 -36.35 -76.40 64.41
N TYR L 364 -35.45 -77.36 64.24
CA TYR L 364 -34.92 -77.76 62.94
C TYR L 364 -34.98 -79.26 62.81
N VAL L 365 -35.58 -79.74 61.73
CA VAL L 365 -35.63 -81.19 61.49
C VAL L 365 -34.24 -81.68 61.08
N PRO L 366 -33.71 -82.72 61.72
CA PRO L 366 -32.38 -83.20 61.36
C PRO L 366 -32.40 -83.93 60.03
N PRO L 367 -31.36 -83.75 59.20
CA PRO L 367 -31.29 -84.52 57.95
C PRO L 367 -31.25 -86.02 58.18
N GLN L 368 -30.61 -86.48 59.26
CA GLN L 368 -30.55 -87.90 59.54
C GLN L 368 -31.89 -88.47 60.00
N GLY L 369 -32.83 -87.63 60.39
CA GLY L 369 -34.13 -88.06 60.84
C GLY L 369 -34.20 -88.19 62.36
N GLY L 370 -35.43 -88.24 62.86
CA GLY L 370 -35.65 -88.35 64.29
C GLY L 370 -36.25 -87.10 64.89
N THR L 371 -35.99 -86.87 66.17
CA THR L 371 -36.52 -85.69 66.84
C THR L 371 -35.85 -84.43 66.31
N ALA L 372 -36.62 -83.35 66.22
CA ALA L 372 -36.11 -82.08 65.73
C ALA L 372 -35.29 -81.40 66.80
N LYS L 373 -34.11 -80.91 66.42
CA LYS L 373 -33.26 -80.19 67.36
C LYS L 373 -33.85 -78.83 67.68
N THR L 374 -33.94 -78.50 68.96
CA THR L 374 -34.56 -77.26 69.40
C THR L 374 -33.56 -76.42 70.19
N ALA L 375 -33.66 -75.11 70.02
CA ALA L 375 -32.81 -74.16 70.75
C ALA L 375 -33.65 -72.96 71.15
N THR L 376 -33.58 -72.59 72.42
CA THR L 376 -34.38 -71.49 72.96
C THR L 376 -33.48 -70.32 73.31
N VAL L 377 -33.88 -69.12 72.88
CA VAL L 377 -33.13 -67.90 73.12
C VAL L 377 -34.06 -66.86 73.72
N THR L 378 -33.62 -66.19 74.77
CA THR L 378 -34.40 -65.14 75.41
C THR L 378 -34.28 -63.84 74.63
N VAL L 379 -35.28 -62.98 74.81
CA VAL L 379 -35.34 -61.66 74.18
C VAL L 379 -35.83 -60.66 75.23
N THR L 380 -35.26 -59.46 75.21
CA THR L 380 -35.62 -58.39 76.13
C THR L 380 -36.05 -57.18 75.30
N VAL L 381 -37.35 -57.11 75.00
CA VAL L 381 -37.89 -56.03 74.20
C VAL L 381 -37.94 -54.76 75.05
N PRO L 382 -37.27 -53.68 74.66
CA PRO L 382 -37.23 -52.42 75.41
C PRO L 382 -38.58 -51.72 75.47
N ILE M 4 59.39 85.14 45.04
CA ILE M 4 58.72 84.01 45.67
C ILE M 4 58.20 83.05 44.60
N PHE M 5 59.01 82.03 44.28
CA PHE M 5 58.63 81.04 43.29
C PHE M 5 57.43 80.23 43.73
N VAL M 6 56.37 80.26 42.93
CA VAL M 6 55.21 79.42 43.21
C VAL M 6 55.52 77.98 42.86
N LYS M 7 55.17 77.07 43.76
CA LYS M 7 55.56 75.68 43.65
C LYS M 7 54.34 74.78 43.76
N PRO M 8 54.37 73.61 43.12
CA PRO M 8 53.24 72.69 43.23
C PRO M 8 53.17 72.05 44.61
N GLU M 9 52.15 71.22 44.81
CA GLU M 9 52.00 70.42 46.01
C GLU M 9 52.34 68.97 45.73
N LEU M 10 52.71 68.25 46.78
CA LEU M 10 53.07 66.84 46.67
C LEU M 10 52.35 66.05 47.75
N VAL M 11 51.59 65.04 47.33
CA VAL M 11 50.96 64.09 48.25
C VAL M 11 51.43 62.71 47.81
N ALA M 12 52.52 62.23 48.40
CA ALA M 12 53.07 60.92 48.09
C ALA M 12 52.40 59.86 48.95
N GLU M 13 52.59 58.60 48.56
CA GLU M 13 52.01 57.47 49.27
C GLU M 13 53.11 56.45 49.55
N ILE M 14 53.82 56.65 50.66
CA ILE M 14 54.69 55.61 51.17
C ILE M 14 53.87 54.63 52.02
N GLY M 15 54.41 53.43 52.21
CA GLY M 15 53.64 52.41 52.89
C GLY M 15 53.27 52.77 54.30
N VAL M 16 52.01 53.17 54.49
CA VAL M 16 51.41 53.44 55.79
C VAL M 16 50.00 52.90 55.77
N LYS M 17 49.79 51.73 56.38
CA LYS M 17 48.50 51.05 56.34
C LYS M 17 47.78 51.25 57.67
N GLN M 18 46.53 51.68 57.59
CA GLN M 18 45.71 51.81 58.78
C GLN M 18 45.51 50.45 59.43
N LEU M 19 45.62 50.40 60.75
CA LEU M 19 45.51 49.14 61.48
C LEU M 19 44.11 48.55 61.29
N GLN M 20 44.07 47.26 60.98
CA GLN M 20 42.82 46.56 60.69
C GLN M 20 42.87 45.19 61.37
N ARG M 21 41.72 44.52 61.37
CA ARG M 21 41.61 43.22 62.00
C ARG M 21 42.19 42.13 61.10
N GLU M 22 42.17 40.90 61.58
CA GLU M 22 42.70 39.75 60.86
C GLU M 22 41.60 38.71 60.69
N ILE M 23 41.43 38.21 59.47
CA ILE M 23 40.40 37.22 59.18
C ILE M 23 40.92 35.84 59.52
N VAL M 24 40.64 35.40 60.76
CA VAL M 24 41.00 34.07 61.23
C VAL M 24 39.77 33.26 61.63
N LEU M 25 38.79 33.90 62.27
CA LEU M 25 37.59 33.19 62.69
C LEU M 25 36.82 32.55 61.54
N PRO M 26 36.60 33.21 60.39
CA PRO M 26 35.94 32.52 59.28
C PRO M 26 36.75 31.33 58.80
N GLY M 27 36.05 30.28 58.38
CA GLY M 27 36.68 29.04 57.98
C GLY M 27 36.85 28.01 59.09
N LEU M 28 36.56 28.37 60.34
CA LEU M 28 36.64 27.44 61.46
C LEU M 28 35.26 27.05 61.97
N VAL M 29 34.20 27.32 61.22
CA VAL M 29 32.84 27.00 61.61
C VAL M 29 32.18 26.20 60.50
N TRP M 30 31.12 25.48 60.87
CA TRP M 30 30.39 24.64 59.93
C TRP M 30 29.46 25.54 59.10
N THR M 31 29.88 25.84 57.88
CA THR M 31 29.10 26.68 56.99
C THR M 31 28.24 25.82 56.07
N ASN M 32 26.97 26.20 55.93
CA ASN M 32 26.02 25.45 55.12
C ASN M 32 25.39 26.36 54.09
N PRO M 33 25.40 25.98 52.81
CA PRO M 33 24.74 26.80 51.79
C PRO M 33 23.22 26.75 51.94
N LEU M 34 22.57 27.80 51.46
CA LEU M 34 21.11 27.93 51.50
C LEU M 34 20.58 27.80 52.92
N ASP M 43 14.90 29.37 52.13
CA ASP M 43 13.96 29.58 53.23
C ASP M 43 14.59 29.18 54.56
N THR M 44 14.67 27.89 54.82
CA THR M 44 15.24 27.36 56.05
C THR M 44 15.85 26.00 55.78
N ILE M 45 16.76 25.60 56.66
CA ILE M 45 17.45 24.32 56.58
C ILE M 45 17.19 23.54 57.86
N THR M 46 16.72 22.32 57.72
CA THR M 46 16.43 21.44 58.85
C THR M 46 17.42 20.29 58.85
N VAL M 47 17.99 20.00 60.03
CA VAL M 47 18.97 18.94 60.19
C VAL M 47 18.37 17.86 61.07
N ARG M 48 18.40 16.63 60.59
CA ARG M 48 17.80 15.51 61.31
C ARG M 48 18.72 15.03 62.43
N VAL M 49 18.13 14.69 63.57
CA VAL M 49 18.84 14.18 64.73
C VAL M 49 18.55 12.69 64.84
N PRO M 50 19.52 11.81 64.65
CA PRO M 50 19.26 10.37 64.76
C PRO M 50 18.89 9.98 66.19
N ALA M 51 18.05 8.95 66.29
CA ALA M 51 17.55 8.49 67.57
C ALA M 51 18.45 7.39 68.14
N ILE M 52 18.42 7.27 69.48
CA ILE M 52 19.16 6.24 70.19
C ILE M 52 18.18 5.45 71.02
N THR M 53 18.18 4.13 70.86
CA THR M 53 17.27 3.24 71.55
C THR M 53 17.85 2.85 72.92
N THR M 54 17.10 2.02 73.64
CA THR M 54 17.51 1.53 74.95
C THR M 54 17.26 0.03 75.04
N ALA M 55 18.01 -0.63 75.91
CA ALA M 55 17.91 -2.07 76.11
C ALA M 55 17.41 -2.37 77.52
N ASN M 56 17.05 -3.64 77.72
CA ASN M 56 16.53 -4.11 79.00
C ASN M 56 17.13 -5.47 79.32
N ARG M 57 17.12 -5.82 80.60
CA ARG M 57 17.69 -7.06 81.09
C ARG M 57 16.62 -7.91 81.74
N ARG M 58 16.63 -9.20 81.42
CA ARG M 58 15.68 -10.16 81.97
C ARG M 58 16.41 -11.41 82.44
N ASP M 59 15.97 -11.97 83.55
CA ASP M 59 16.56 -13.20 84.06
C ASP M 59 16.10 -14.38 83.21
N LEU M 60 17.01 -15.33 83.02
CA LEU M 60 16.72 -16.48 82.17
C LEU M 60 15.73 -17.44 82.84
N ARG M 61 14.90 -18.07 82.01
CA ARG M 61 13.90 -19.04 82.46
C ARG M 61 12.97 -18.44 83.51
N ASP M 62 12.58 -17.18 83.29
CA ASP M 62 11.64 -16.56 84.21
C ASP M 62 10.21 -16.96 83.86
N PRO M 63 9.37 -17.23 84.86
CA PRO M 63 7.96 -17.54 84.56
C PRO M 63 7.26 -16.44 83.77
N ASP M 64 7.54 -15.18 84.07
CA ASP M 64 7.00 -14.08 83.29
C ASP M 64 7.89 -13.84 82.09
N ARG M 65 7.28 -13.80 80.90
CA ARG M 65 8.02 -13.80 79.64
C ARG M 65 7.60 -12.61 78.77
N THR M 66 7.56 -11.43 79.36
CA THR M 66 7.27 -10.20 78.63
C THR M 66 8.57 -9.48 78.29
N VAL M 67 8.48 -8.58 77.31
CA VAL M 67 9.60 -7.76 76.88
C VAL M 67 9.17 -6.30 76.87
N ILE M 68 10.06 -5.41 77.33
CA ILE M 68 9.80 -3.98 77.33
C ILE M 68 10.34 -3.40 76.03
N ALA M 69 9.48 -2.73 75.26
CA ALA M 69 9.87 -2.17 73.99
C ALA M 69 10.68 -0.89 74.21
N SER M 70 11.08 -0.26 73.12
CA SER M 70 11.86 0.97 73.14
C SER M 70 11.11 2.07 72.38
N GLU M 71 11.77 3.22 72.24
CA GLU M 71 11.19 4.37 71.59
C GLU M 71 12.13 4.90 70.51
N LEU M 72 11.55 5.52 69.49
CA LEU M 72 12.30 6.00 68.33
C LEU M 72 11.89 7.43 67.97
N VAL M 73 11.86 8.31 68.96
CA VAL M 73 11.54 9.70 68.68
C VAL M 73 12.66 10.32 67.86
N GLU M 74 12.27 11.02 66.79
CA GLU M 74 13.24 11.60 65.85
C GLU M 74 13.23 13.11 66.02
N HIS M 75 14.18 13.62 66.80
CA HIS M 75 14.31 15.06 66.97
C HIS M 75 14.85 15.70 65.70
N SER M 76 14.59 17.00 65.57
CA SER M 76 15.06 17.75 64.41
C SER M 76 15.39 19.17 64.84
N PHE M 77 16.31 19.79 64.12
CA PHE M 77 16.70 21.17 64.33
C PHE M 77 16.24 22.02 63.15
N GLY M 78 16.55 23.31 63.23
CA GLY M 78 16.16 24.23 62.17
C GLY M 78 16.89 25.55 62.22
N VAL M 79 17.44 25.97 61.08
CA VAL M 79 18.13 27.24 60.95
C VAL M 79 17.48 28.03 59.81
N THR M 80 17.20 29.30 60.06
CA THR M 80 16.60 30.17 59.06
C THR M 80 17.48 31.41 58.89
N LEU M 81 17.46 31.95 57.67
CA LEU M 81 18.24 33.13 57.33
C LEU M 81 17.53 34.36 57.89
N ASP M 82 18.12 34.99 58.91
CA ASP M 82 17.51 36.12 59.58
C ASP M 82 18.33 37.40 59.50
N LYS M 83 19.53 37.37 58.94
CA LYS M 83 20.37 38.56 58.84
C LYS M 83 20.80 38.78 57.40
N HIS M 84 21.02 40.05 57.06
CA HIS M 84 21.40 40.47 55.71
C HIS M 84 22.65 41.33 55.83
N VAL M 85 23.81 40.72 55.61
CA VAL M 85 25.08 41.43 55.72
C VAL M 85 25.34 42.18 54.41
N TYR M 86 25.41 43.51 54.49
CA TYR M 86 25.50 44.33 53.30
C TYR M 86 26.50 45.45 53.51
N ALA M 87 27.07 45.92 52.40
CA ALA M 87 27.90 47.12 52.38
C ALA M 87 27.56 47.89 51.12
N ALA M 88 27.10 49.12 51.28
CA ALA M 88 26.63 49.94 50.18
C ALA M 88 27.46 51.22 50.08
N LEU M 89 27.88 51.53 48.85
CA LEU M 89 28.64 52.75 48.56
C LEU M 89 27.88 53.56 47.52
N LYS M 90 27.64 54.83 47.83
CA LYS M 90 26.93 55.75 46.94
C LYS M 90 27.89 56.83 46.48
N PHE M 91 27.96 57.06 45.17
CA PHE M 91 28.79 58.14 44.67
C PHE M 91 28.16 58.75 43.43
N THR M 92 28.15 60.08 43.37
CA THR M 92 27.58 60.77 42.22
C THR M 92 28.49 60.63 41.00
N ASP M 93 27.95 60.99 39.84
CA ASP M 93 28.73 60.91 38.61
C ASP M 93 29.95 61.83 38.65
N GLU M 94 29.83 62.97 39.34
CA GLU M 94 30.98 63.86 39.49
C GLU M 94 32.10 63.19 40.24
N GLN M 95 31.79 62.48 41.33
CA GLN M 95 32.81 61.75 42.07
C GLN M 95 33.34 60.58 41.25
N ARG M 96 32.47 59.88 40.52
CA ARG M 96 32.91 58.74 39.73
C ARG M 96 33.90 59.18 38.64
N THR M 97 33.65 60.31 38.02
CA THR M 97 34.44 60.72 36.85
C THR M 97 35.65 61.58 37.21
N LEU M 98 35.72 62.15 38.41
CA LEU M 98 36.79 63.09 38.75
C LEU M 98 37.74 62.51 39.80
N ASP M 99 37.25 62.13 40.98
CA ASP M 99 38.15 61.75 42.06
C ASP M 99 38.16 60.25 42.35
N ILE M 100 37.94 59.42 41.33
CA ILE M 100 38.09 57.98 41.45
C ILE M 100 39.03 57.49 40.36
N ARG M 101 40.05 56.74 40.77
CA ARG M 101 41.06 56.21 39.84
C ARG M 101 40.81 54.76 39.47
N ASP M 102 40.45 53.91 40.43
CA ASP M 102 40.16 52.51 40.16
C ASP M 102 39.39 51.90 41.32
N TYR M 103 38.32 51.15 41.01
CA TYR M 103 37.55 50.49 42.05
C TYR M 103 38.39 49.48 42.83
N THR M 104 39.41 48.92 42.18
CA THR M 104 40.17 47.81 42.76
C THR M 104 40.83 48.20 44.08
N LYS M 105 41.45 49.37 44.14
CA LYS M 105 42.15 49.82 45.33
C LYS M 105 41.42 50.94 46.06
N GLN M 106 40.19 51.28 45.66
CA GLN M 106 39.47 52.38 46.28
C GLN M 106 38.04 52.00 46.64
N VAL M 107 37.45 51.04 45.92
CA VAL M 107 36.05 50.69 46.12
C VAL M 107 35.92 49.20 46.41
N LEU M 108 36.46 48.35 45.53
CA LEU M 108 36.24 46.92 45.63
C LEU M 108 36.89 46.35 46.90
N MET M 109 38.20 46.52 47.04
CA MET M 109 38.89 45.97 48.21
C MET M 109 38.39 46.54 49.53
N PRO M 110 38.19 47.85 49.69
CA PRO M 110 37.59 48.33 50.96
C PRO M 110 36.23 47.72 51.24
N GLN M 111 35.39 47.55 50.22
CA GLN M 111 34.07 46.98 50.43
C GLN M 111 34.16 45.52 50.87
N VAL M 112 35.00 44.73 50.19
CA VAL M 112 35.13 43.33 50.57
C VAL M 112 35.78 43.20 51.95
N SER M 113 36.71 44.10 52.30
CA SER M 113 37.29 44.07 53.63
C SER M 113 36.25 44.38 54.70
N ALA M 114 35.39 45.38 54.44
CA ALA M 114 34.33 45.71 55.39
C ALA M 114 33.35 44.54 55.54
N VAL M 115 32.99 43.91 54.42
CA VAL M 115 32.08 42.76 54.49
C VAL M 115 32.71 41.62 55.28
N ALA M 116 33.99 41.33 55.02
CA ALA M 116 34.66 40.26 55.74
C ALA M 116 34.75 40.55 57.22
N TYR M 117 35.06 41.79 57.58
CA TYR M 117 35.16 42.15 59.00
C TYR M 117 33.80 42.08 59.69
N GLU M 118 32.74 42.52 59.00
CA GLU M 118 31.41 42.42 59.58
C GLU M 118 31.00 40.96 59.75
N LEU M 119 31.35 40.10 58.78
CA LEU M 119 31.06 38.68 58.92
C LEU M 119 31.83 38.07 60.07
N GLU M 120 33.09 38.48 60.25
CA GLU M 120 33.87 38.00 61.39
C GLU M 120 33.25 38.44 62.71
N ASP M 121 32.77 39.68 62.77
CA ASP M 121 32.07 40.15 63.97
C ASP M 121 30.79 39.36 64.21
N TYR M 122 30.07 39.02 63.15
CA TYR M 122 28.87 38.20 63.27
C TYR M 122 29.21 36.82 63.83
N ILE M 123 30.29 36.22 63.33
CA ILE M 123 30.72 34.92 63.83
C ILE M 123 31.13 35.02 65.29
N ALA M 124 31.82 36.10 65.66
CA ALA M 124 32.22 36.30 67.05
C ALA M 124 30.99 36.43 67.95
N GLU M 125 29.97 37.17 67.50
CA GLU M 125 28.73 37.27 68.26
C GLU M 125 28.05 35.92 68.39
N LEU M 126 28.10 35.11 67.33
CA LEU M 126 27.56 33.76 67.40
C LEU M 126 28.29 32.93 68.45
N ILE M 127 29.62 33.04 68.49
CA ILE M 127 30.40 32.26 69.45
C ILE M 127 30.10 32.71 70.88
N GLU M 128 30.13 34.02 71.11
CA GLU M 128 29.88 34.53 72.47
C GLU M 128 28.42 34.40 72.87
N GLY M 129 27.50 34.55 71.90
CA GLY M 129 26.08 34.47 72.20
C GLY M 129 25.57 33.05 72.29
N ALA M 130 26.03 32.30 73.28
CA ALA M 130 25.62 30.91 73.50
C ALA M 130 25.23 30.71 74.96
N PRO M 131 24.29 29.80 75.22
CA PRO M 131 23.89 29.54 76.62
C PRO M 131 24.86 28.62 77.34
N TYR M 132 26.02 29.17 77.70
CA TYR M 132 27.04 28.39 78.38
C TYR M 132 26.61 28.04 79.80
N GLU M 133 26.71 26.74 80.13
CA GLU M 133 26.26 26.26 81.44
C GLU M 133 27.17 26.74 82.58
N GLU M 134 28.49 26.74 82.40
CA GLU M 134 29.33 27.60 83.24
C GLU M 134 30.66 27.81 82.53
N THR M 135 31.50 28.66 83.12
CA THR M 135 32.82 28.98 82.60
C THR M 135 33.89 28.67 83.65
N ILE M 136 35.06 28.29 83.16
CA ILE M 136 36.18 27.98 84.04
C ILE M 136 36.90 29.28 84.40
N LEU M 137 37.11 29.49 85.69
CA LEU M 137 37.81 30.68 86.19
C LEU M 137 39.31 30.42 86.11
N ILE M 138 39.98 31.08 85.17
CA ILE M 138 41.42 30.89 84.97
C ILE M 138 42.16 31.76 85.97
N ASP M 139 42.81 31.13 86.93
CA ASP M 139 43.59 31.86 87.92
C ASP M 139 44.85 32.42 87.25
N PRO M 140 45.19 33.69 87.48
CA PRO M 140 46.47 34.21 86.97
C PRO M 140 47.63 33.39 87.50
N ALA M 141 48.51 32.97 86.58
CA ALA M 141 49.58 32.01 86.82
C ALA M 141 49.00 30.64 87.12
N ASP M 142 49.72 29.59 86.74
CA ASP M 142 49.21 28.21 86.82
C ASP M 142 47.86 28.10 86.11
N THR M 143 47.86 28.47 84.83
CA THR M 143 46.65 28.54 84.04
C THR M 143 46.30 27.25 83.32
N VAL M 144 47.25 26.31 83.20
CA VAL M 144 47.00 25.05 82.51
C VAL M 144 46.02 24.15 83.26
N PRO M 145 45.89 24.21 84.60
CA PRO M 145 44.79 23.45 85.22
C PRO M 145 43.42 23.89 84.72
N ALA M 146 43.23 25.17 84.38
CA ALA M 146 41.95 25.60 83.82
C ALA M 146 41.67 24.90 82.49
N PHE M 147 42.68 24.83 81.62
CA PHE M 147 42.50 24.15 80.34
C PHE M 147 42.28 22.66 80.51
N ILE M 148 42.97 22.05 81.47
CA ILE M 148 42.75 20.63 81.75
C ILE M 148 41.33 20.38 82.26
N THR M 149 40.84 21.27 83.13
CA THR M 149 39.47 21.16 83.62
C THR M 149 38.46 21.32 82.49
N ALA M 150 38.72 22.27 81.57
CA ALA M 150 37.86 22.43 80.41
C ALA M 150 37.86 21.18 79.54
N ASP M 151 39.04 20.60 79.33
CA ASP M 151 39.14 19.37 78.54
C ASP M 151 38.37 18.23 79.20
N GLN M 152 38.48 18.11 80.53
CA GLN M 152 37.75 17.06 81.24
C GLN M 152 36.23 17.29 81.15
N ARG M 153 35.80 18.54 81.32
CA ARG M 153 34.37 18.85 81.25
C ARG M 153 33.81 18.63 79.86
N MET M 154 34.62 18.82 78.82
CA MET M 154 34.24 18.39 77.49
C MET M 154 34.31 16.87 77.34
N GLY M 155 35.19 16.21 78.10
CA GLY M 155 35.28 14.77 78.05
C GLY M 155 34.03 14.09 78.55
N GLU M 156 33.43 14.62 79.62
CA GLU M 156 32.11 14.13 79.99
C GLU M 156 31.12 14.45 78.87
N ALA M 157 30.08 13.60 78.77
CA ALA M 157 29.11 13.53 77.68
C ALA M 157 29.73 12.97 76.40
N ASN M 158 31.00 12.56 76.43
CA ASN M 158 31.66 11.87 75.31
C ASN M 158 31.69 12.74 74.05
N VAL M 159 32.12 13.99 74.22
CA VAL M 159 32.37 14.85 73.05
C VAL M 159 33.66 14.39 72.38
N PRO M 160 33.67 14.20 71.06
CA PRO M 160 34.90 13.75 70.40
C PRO M 160 36.06 14.71 70.61
N THR M 161 37.24 14.14 70.84
CA THR M 161 38.43 14.97 71.08
C THR M 161 38.97 15.57 69.79
N ASP M 162 38.89 14.85 68.68
CA ASP M 162 39.41 15.36 67.42
C ASP M 162 38.52 16.49 66.89
N SER M 163 39.11 17.28 65.98
CA SER M 163 38.41 18.41 65.36
C SER M 163 37.89 19.40 66.40
N ARG M 164 38.71 19.67 67.41
CA ARG M 164 38.38 20.63 68.46
C ARG M 164 39.14 21.92 68.21
N ARG M 165 38.42 23.04 68.15
CA ARG M 165 39.00 24.35 67.89
C ARG M 165 39.00 25.16 69.18
N LEU M 166 40.18 25.60 69.60
CA LEU M 166 40.35 26.44 70.78
C LEU M 166 40.87 27.80 70.34
N VAL M 167 40.16 28.85 70.72
CA VAL M 167 40.52 30.22 70.37
C VAL M 167 40.62 31.03 71.65
N VAL M 168 41.74 31.74 71.81
CA VAL M 168 42.00 32.55 73.00
C VAL M 168 42.21 34.00 72.56
N GLY M 169 41.97 34.91 73.49
CA GLY M 169 42.14 36.32 73.24
C GLY M 169 43.53 36.82 73.57
N SER M 170 43.69 38.13 73.46
CA SER M 170 44.98 38.75 73.77
C SER M 170 45.35 38.57 75.24
N ALA M 171 44.39 38.80 76.13
CA ALA M 171 44.65 38.66 77.56
C ALA M 171 44.95 37.21 77.93
N VAL M 172 44.20 36.27 77.35
CA VAL M 172 44.44 34.86 77.64
C VAL M 172 45.81 34.43 77.15
N ALA M 173 46.19 34.88 75.94
CA ALA M 173 47.52 34.55 75.42
C ALA M 173 48.61 35.17 76.28
N ALA M 174 48.41 36.41 76.73
CA ALA M 174 49.39 37.06 77.59
C ALA M 174 49.53 36.31 78.91
N ALA M 175 48.42 35.86 79.48
CA ALA M 175 48.47 35.09 80.73
C ALA M 175 49.17 33.75 80.50
N LEU M 176 48.91 33.11 79.36
CA LEU M 176 49.59 31.86 79.03
C LEU M 176 51.10 32.06 78.92
N ALA M 177 51.52 33.15 78.27
CA ALA M 177 52.94 33.45 78.19
C ALA M 177 53.53 33.75 79.57
N LYS M 178 52.79 34.47 80.40
CA LYS M 178 53.24 34.80 81.75
C LYS M 178 53.14 33.63 82.71
N ASP M 179 52.48 32.55 82.33
CA ASP M 179 52.32 31.41 83.21
C ASP M 179 53.66 30.77 83.54
N LYS M 180 53.85 30.43 84.82
CA LYS M 180 55.08 29.78 85.25
C LYS M 180 55.23 28.39 84.65
N GLN M 181 54.13 27.74 84.27
CA GLN M 181 54.20 26.41 83.67
C GLN M 181 54.95 26.45 82.35
N PHE M 182 54.69 27.47 81.53
CA PHE M 182 55.33 27.57 80.22
C PHE M 182 56.59 28.44 80.23
N ARG M 183 56.64 29.43 81.12
CA ARG M 183 57.80 30.33 81.13
C ARG M 183 59.05 29.62 81.64
N HIS M 184 58.93 28.87 82.72
CA HIS M 184 60.08 28.16 83.28
C HIS M 184 60.45 26.99 82.37
N ALA M 185 61.69 26.99 81.86
CA ALA M 185 62.11 25.96 80.92
C ALA M 185 62.11 24.58 81.59
N ASP M 186 62.55 24.51 82.85
CA ASP M 186 62.52 23.24 83.55
C ASP M 186 61.09 22.75 83.74
N TRP M 187 60.16 23.66 84.05
CA TRP M 187 58.77 23.28 84.20
C TRP M 187 58.08 23.06 82.86
N SER M 188 58.46 23.83 81.83
CA SER M 188 57.88 23.64 80.52
C SER M 188 58.35 22.34 79.87
N GLY M 189 59.60 21.96 80.12
CA GLY M 189 60.17 20.75 79.55
C GLY M 189 60.77 20.92 78.17
N ASP M 190 60.64 22.11 77.58
CA ASP M 190 61.19 22.38 76.25
C ASP M 190 62.48 23.17 76.41
N GLN M 191 63.57 22.65 75.84
CA GLN M 191 64.85 23.35 75.92
C GLN M 191 64.84 24.64 75.12
N ALA M 192 63.91 24.80 74.17
CA ALA M 192 63.84 26.03 73.40
C ALA M 192 63.34 27.20 74.25
N ASN M 193 62.46 26.94 75.21
CA ASN M 193 61.88 27.97 76.07
C ASN M 193 61.21 29.07 75.23
N ALA M 194 60.16 28.66 74.52
CA ALA M 194 59.48 29.57 73.61
C ALA M 194 58.89 30.78 74.32
N ALA M 195 58.54 30.63 75.60
CA ALA M 195 57.95 31.75 76.33
C ALA M 195 58.96 32.88 76.51
N LEU M 196 60.17 32.54 76.98
CA LEU M 196 61.22 33.55 77.10
C LEU M 196 61.65 34.05 75.73
N ARG M 197 61.74 33.15 74.76
CA ARG M 197 62.05 33.50 73.38
C ARG M 197 60.80 34.00 72.67
N GLU M 198 60.83 34.04 71.34
CA GLU M 198 59.73 34.52 70.50
C GLU M 198 58.38 34.08 71.05
N ALA M 199 57.51 35.06 71.30
CA ALA M 199 56.27 34.82 72.05
C ALA M 199 55.35 33.90 71.27
N HIS M 200 55.22 32.66 71.75
CA HIS M 200 54.29 31.70 71.18
C HIS M 200 54.07 30.54 72.15
N VAL M 201 52.81 30.22 72.44
CA VAL M 201 52.52 29.13 73.37
C VAL M 201 52.64 27.78 72.68
N GLY M 202 52.15 27.68 71.44
CA GLY M 202 52.20 26.44 70.71
C GLY M 202 51.05 25.50 71.03
N ARG M 203 51.32 24.20 71.07
CA ARG M 203 50.30 23.21 71.36
C ARG M 203 50.04 23.16 72.86
N LEU M 204 48.79 23.38 73.24
CA LEU M 204 48.37 23.36 74.64
C LEU M 204 47.27 22.35 74.82
N ALA M 205 47.42 21.49 75.84
CA ALA M 205 46.47 20.40 76.13
C ALA M 205 46.45 19.48 74.92
N GLY M 206 45.29 19.07 74.42
CA GLY M 206 45.21 18.14 73.31
C GLY M 206 44.90 18.79 71.98
N MET M 207 45.09 20.10 71.88
CA MET M 207 44.80 20.83 70.65
C MET M 207 45.81 21.98 70.51
N ASN M 208 45.64 22.76 69.44
CA ASN M 208 46.49 23.90 69.19
C ASN M 208 45.86 25.16 69.79
N VAL M 209 46.57 26.28 69.68
CA VAL M 209 46.12 27.57 70.19
C VAL M 209 45.95 28.52 69.02
N ILE M 210 44.77 29.13 68.92
CA ILE M 210 44.45 30.08 67.87
C ILE M 210 44.30 31.46 68.50
N ARG M 211 45.05 32.43 67.99
CA ARG M 211 45.05 33.79 68.51
C ARG M 211 44.19 34.66 67.60
N SER M 212 43.12 35.23 68.16
CA SER M 212 42.20 36.08 67.42
C SER M 212 41.91 37.34 68.24
N ASN M 213 41.96 38.49 67.57
CA ASN M 213 41.62 39.76 68.20
C ASN M 213 40.15 40.13 68.06
N ALA M 214 39.39 39.37 67.26
CA ALA M 214 37.96 39.67 67.10
C ALA M 214 37.20 39.41 68.39
N ILE M 215 37.49 38.30 69.07
CA ILE M 215 36.82 37.95 70.32
C ILE M 215 37.38 38.79 71.45
N ALA M 216 36.71 38.78 72.59
CA ALA M 216 37.19 39.53 73.74
C ALA M 216 38.53 38.94 74.21
N PRO M 217 39.53 39.78 74.49
CA PRO M 217 40.82 39.25 74.92
C PRO M 217 40.77 38.46 76.21
N ASP M 218 39.85 38.78 77.12
CA ASP M 218 39.77 38.11 78.40
C ASP M 218 38.97 36.80 78.35
N LYS M 219 38.40 36.45 77.20
CA LYS M 219 37.58 35.26 77.06
C LYS M 219 38.19 34.32 76.03
N ALA M 220 37.98 33.02 76.24
CA ALA M 220 38.42 32.01 75.30
C ALA M 220 37.29 31.00 75.09
N TYR M 221 37.30 30.33 73.94
CA TYR M 221 36.25 29.38 73.62
C TYR M 221 36.86 28.13 72.99
N LEU M 222 36.44 26.96 73.49
CA LEU M 222 36.83 25.67 72.93
C LEU M 222 35.57 24.96 72.47
N TRP M 223 35.47 24.67 71.17
CA TRP M 223 34.25 24.13 70.61
C TRP M 223 34.57 23.03 69.60
N HIS M 224 33.59 22.14 69.42
CA HIS M 224 33.68 21.08 68.43
C HIS M 224 33.19 21.59 67.08
N ARG M 225 33.74 20.99 66.01
CA ARG M 225 33.40 21.43 64.66
C ARG M 225 31.91 21.25 64.35
N THR M 226 31.28 20.26 64.99
CA THR M 226 29.85 20.01 64.74
C THR M 226 29.01 21.20 65.18
N ALA M 227 29.32 21.78 66.33
CA ALA M 227 28.52 22.88 66.86
C ALA M 227 28.92 24.20 66.20
N PHE M 228 28.17 25.25 66.55
CA PHE M 228 28.41 26.61 66.04
C PHE M 228 28.35 26.65 64.52
N ILE M 229 27.16 26.34 64.00
CA ILE M 229 26.94 26.30 62.56
C ILE M 229 26.46 27.67 62.08
N LEU M 230 26.68 27.93 60.79
CA LEU M 230 26.24 29.16 60.14
C LEU M 230 25.66 28.79 58.78
N ALA M 231 24.72 29.60 58.30
CA ALA M 231 24.08 29.36 57.01
C ALA M 231 24.27 30.56 56.10
N TYR M 232 24.59 30.30 54.84
CA TYR M 232 24.76 31.35 53.84
C TYR M 232 23.90 31.02 52.62
N ARG M 233 23.45 32.07 51.92
CA ARG M 233 22.52 31.94 50.81
C ARG M 233 23.10 32.33 49.46
N THR M 234 23.91 33.40 49.41
CA THR M 234 24.39 33.98 48.16
C THR M 234 23.21 34.28 47.24
N PRO M 235 22.44 35.33 47.52
CA PRO M 235 21.21 35.60 46.76
C PRO M 235 21.52 35.94 45.30
N VAL M 236 20.45 36.02 44.51
CA VAL M 236 20.52 36.31 43.09
C VAL M 236 20.18 37.77 42.87
N VAL M 237 20.79 38.37 41.84
CA VAL M 237 20.59 39.78 41.53
C VAL M 237 19.20 39.96 40.91
N PRO M 238 18.55 41.11 41.10
CA PRO M 238 17.23 41.33 40.49
C PRO M 238 17.34 41.83 39.05
N GLU M 239 16.20 42.16 38.45
CA GLU M 239 16.20 42.70 37.10
C GLU M 239 16.82 44.09 37.07
N GLY M 240 17.51 44.41 35.98
CA GLY M 240 18.19 45.69 35.87
C GLY M 240 19.27 45.88 36.91
N ALA M 241 20.08 44.85 37.13
CA ALA M 241 21.09 44.87 38.19
C ALA M 241 22.48 45.25 37.71
N LYS M 242 22.85 44.88 36.48
CA LYS M 242 24.17 45.13 35.93
C LYS M 242 25.27 44.60 36.85
N ALA M 243 25.09 43.35 37.29
CA ALA M 243 26.05 42.72 38.19
C ALA M 243 27.37 42.45 37.48
N GLY M 244 28.45 42.49 38.24
CA GLY M 244 29.80 42.27 37.75
C GLY M 244 30.38 40.94 38.21
N ALA M 245 31.69 40.94 38.41
CA ALA M 245 32.40 39.74 38.82
C ALA M 245 32.14 39.42 40.29
N SER M 246 32.45 38.18 40.67
CA SER M 246 32.26 37.72 42.03
C SER M 246 33.56 37.86 42.82
N PHE M 247 33.43 37.94 44.14
CA PHE M 247 34.57 38.09 45.04
C PHE M 247 34.81 36.85 45.91
N SER M 248 33.76 36.35 46.56
CA SER M 248 33.83 35.16 47.40
C SER M 248 34.86 35.33 48.52
N ALA M 249 34.61 36.32 49.37
CA ALA M 249 35.52 36.60 50.49
C ALA M 249 35.39 35.53 51.56
N ASN M 250 36.54 35.12 52.10
CA ASN M 250 36.66 34.12 53.17
C ASN M 250 35.70 32.95 52.97
N GLY M 251 35.66 32.44 51.75
CA GLY M 251 34.83 31.28 51.43
C GLY M 251 33.42 31.57 50.97
N VAL M 252 32.67 32.33 51.75
CA VAL M 252 31.29 32.65 51.39
C VAL M 252 31.28 33.57 50.17
N ALA M 253 30.44 33.23 49.19
CA ALA M 253 30.37 34.01 47.96
C ALA M 253 29.58 35.29 48.18
N LEU M 254 29.93 36.31 47.40
CA LEU M 254 29.29 37.62 47.47
C LEU M 254 28.90 38.07 46.07
N ARG M 255 27.82 38.84 45.98
CA ARG M 255 27.33 39.37 44.73
C ARG M 255 27.51 40.89 44.70
N TRP M 256 27.91 41.40 43.54
CA TRP M 256 28.13 42.83 43.36
C TRP M 256 26.98 43.42 42.56
N LEU M 257 26.35 44.45 43.12
CA LEU M 257 25.23 45.14 42.49
C LEU M 257 25.66 46.56 42.16
N ALA M 258 25.31 47.01 40.95
CA ALA M 258 25.68 48.34 40.50
C ALA M 258 24.48 48.95 39.77
N ASP M 259 23.83 49.90 40.41
CA ASP M 259 22.62 50.51 39.86
C ASP M 259 22.79 52.03 39.79
N TYR M 260 22.52 52.60 38.63
CA TYR M 260 22.54 54.05 38.50
C TYR M 260 21.18 54.64 38.82
N ASP M 261 21.17 55.67 39.65
CA ASP M 261 19.96 56.43 39.98
C ASP M 261 19.98 57.69 39.12
N TYR M 262 19.10 57.72 38.12
CA TYR M 262 19.02 58.88 37.23
C TYR M 262 18.38 60.07 37.92
N SER M 263 17.52 59.83 38.91
CA SER M 263 16.89 60.93 39.63
C SER M 263 17.93 61.75 40.40
N GLN M 264 18.86 61.07 41.06
CA GLN M 264 19.90 61.73 41.85
C GLN M 264 21.24 61.78 41.14
N LEU M 265 21.31 61.32 39.89
CA LEU M 265 22.55 61.34 39.10
C LEU M 265 23.69 60.64 39.84
N GLY M 266 23.37 59.49 40.46
CA GLY M 266 24.34 58.80 41.28
C GLY M 266 24.45 57.34 40.89
N ASP M 267 25.37 56.65 41.56
CA ASP M 267 25.58 55.23 41.38
C ASP M 267 25.69 54.56 42.74
N ARG M 268 24.99 53.44 42.90
CA ARG M 268 24.96 52.66 44.13
C ARG M 268 25.58 51.31 43.86
N THR M 269 26.59 50.96 44.66
CA THR M 269 27.26 49.66 44.59
C THR M 269 27.03 48.92 45.89
N LEU M 270 26.51 47.70 45.80
CA LEU M 270 26.11 46.92 46.96
C LEU M 270 26.81 45.57 46.94
N LEU M 271 27.40 45.20 48.08
CA LEU M 271 27.98 43.87 48.27
C LEU M 271 27.24 43.26 49.46
N ASP M 272 26.37 42.30 49.20
CA ASP M 272 25.46 41.80 50.22
C ASP M 272 25.31 40.30 50.11
N VAL M 273 24.92 39.69 51.23
CA VAL M 273 24.67 38.25 51.30
C VAL M 273 23.76 37.99 52.50
N PHE M 274 22.90 36.99 52.38
CA PHE M 274 21.99 36.61 53.45
C PHE M 274 22.64 35.55 54.32
N THR M 275 22.63 35.75 55.63
CA THR M 275 23.27 34.84 56.58
C THR M 275 22.30 34.52 57.71
N GLY M 276 22.50 33.34 58.29
CA GLY M 276 21.69 32.87 59.39
C GLY M 276 22.50 32.21 60.48
N ARG M 277 22.20 32.57 61.72
CA ARG M 277 22.91 32.09 62.90
C ARG M 277 22.15 30.96 63.57
N LYS M 278 22.89 30.02 64.15
CA LYS M 278 22.28 28.89 64.84
C LYS M 278 23.31 28.31 65.81
N VAL M 279 22.85 27.97 67.01
CA VAL M 279 23.67 27.31 68.02
C VAL M 279 23.14 25.89 68.18
N VAL M 280 24.02 24.90 67.98
CA VAL M 280 23.62 23.50 68.00
C VAL M 280 23.63 23.04 69.45
N THR M 281 22.45 22.99 70.07
CA THR M 281 22.31 22.49 71.42
C THR M 281 21.99 21.00 71.39
N GLU M 282 21.63 20.44 72.54
CA GLU M 282 21.26 19.03 72.65
C GLU M 282 19.76 18.90 72.89
N VAL M 283 19.29 17.65 72.92
CA VAL M 283 17.86 17.39 73.08
C VAL M 283 17.40 17.77 74.47
N ASP M 284 18.22 17.52 75.49
CA ASP M 284 17.82 17.83 76.85
C ASP M 284 17.66 19.33 77.08
N GLY M 285 18.44 20.15 76.38
CA GLY M 285 18.35 21.59 76.51
C GLY M 285 19.60 22.21 77.12
N SER M 286 20.74 21.58 76.90
CA SER M 286 22.02 22.06 77.41
C SER M 286 23.03 22.13 76.27
N PHE M 287 23.90 23.14 76.33
CA PHE M 287 24.93 23.35 75.31
C PHE M 287 26.25 22.78 75.82
N VAL M 288 26.39 21.46 75.68
CA VAL M 288 27.59 20.77 76.14
C VAL M 288 28.58 20.53 75.02
N ARG M 289 28.30 21.00 73.81
CA ARG M 289 29.22 20.83 72.69
C ARG M 289 30.33 21.87 72.65
N ALA M 290 30.29 22.88 73.52
CA ALA M 290 31.30 23.92 73.54
C ALA M 290 31.44 24.42 74.97
N VAL M 291 32.59 25.04 75.25
CA VAL M 291 32.91 25.52 76.59
C VAL M 291 33.64 26.86 76.48
N GLU M 292 33.46 27.70 77.50
CA GLU M 292 34.09 29.01 77.55
C GLU M 292 34.99 29.10 78.77
N LEU M 293 36.11 29.79 78.61
CA LEU M 293 37.10 29.98 79.66
C LEU M 293 37.24 31.47 79.94
N GLN M 294 37.21 31.85 81.21
CA GLN M 294 37.25 33.24 81.63
C GLN M 294 38.41 33.45 82.60
N LEU M 295 39.19 34.49 82.37
CA LEU M 295 40.29 34.84 83.26
C LEU M 295 39.77 35.46 84.54
N GLN M 296 40.46 35.18 85.64
CA GLN M 296 40.07 35.74 86.93
C GLN M 296 40.58 37.18 87.06
N ALA M 297 39.97 37.91 87.99
CA ALA M 297 40.36 39.28 88.29
C ALA M 297 40.59 39.41 89.79
N SER M 298 41.76 39.94 90.16
CA SER M 298 42.12 40.11 91.56
C SER M 298 41.97 41.55 92.03
N SER M 299 42.41 42.52 91.24
CA SER M 299 42.29 43.93 91.61
C SER M 299 42.24 44.76 90.33
N ILE M 300 41.66 45.96 90.45
CA ILE M 300 41.53 46.89 89.34
C ILE M 300 42.24 48.19 89.71
N THR M 301 42.92 48.79 88.74
CA THR M 301 43.61 50.05 88.93
C THR M 301 43.27 50.99 87.77
N ILE M 302 43.10 52.27 88.11
CA ILE M 302 42.77 53.28 87.11
C ILE M 302 44.06 53.78 86.46
N VAL M 303 44.04 53.92 85.14
CA VAL M 303 45.23 54.29 84.38
C VAL M 303 45.66 55.70 84.76
N GLY M 304 46.97 55.92 84.81
CA GLY M 304 47.54 57.23 85.04
C GLY M 304 47.64 57.64 86.49
N GLY M 305 47.13 56.84 87.42
CA GLY M 305 47.16 57.22 88.82
C GLY M 305 46.43 58.52 89.07
N ALA M 306 47.07 59.41 89.81
CA ALA M 306 46.49 60.72 90.07
C ALA M 306 46.61 61.62 88.83
N PHE M 307 45.58 62.42 88.59
CA PHE M 307 45.57 63.34 87.47
C PHE M 307 44.76 64.57 87.85
N ALA M 308 45.06 65.70 87.20
CA ALA M 308 44.31 66.93 87.49
C ALA M 308 42.97 66.92 86.75
N LEU M 309 43.02 66.96 85.42
CA LEU M 309 41.92 66.73 84.48
C LEU M 309 42.37 67.33 83.14
N ALA M 310 41.73 68.41 82.72
CA ALA M 310 42.22 69.20 81.60
C ALA M 310 42.21 70.68 81.96
N THR M 311 41.18 71.10 82.70
CA THR M 311 40.97 72.48 83.12
C THR M 311 39.82 72.48 84.11
N THR M 312 39.38 73.68 84.52
CA THR M 312 38.27 73.79 85.46
C THR M 312 36.94 73.41 84.84
N THR M 313 36.82 73.44 83.52
CA THR M 313 35.58 73.14 82.81
C THR M 313 35.84 72.20 81.64
N GLY M 314 36.60 71.14 81.89
CA GLY M 314 36.94 70.17 80.88
C GLY M 314 36.31 68.81 81.13
N THR M 315 36.72 67.86 80.30
CA THR M 315 36.26 66.47 80.39
C THR M 315 37.45 65.53 80.29
N LYS M 316 37.30 64.35 80.88
CA LYS M 316 38.36 63.34 80.85
C LYS M 316 37.73 61.96 80.85
N GLN M 317 38.08 61.15 79.86
CA GLN M 317 37.55 59.79 79.74
C GLN M 317 38.40 58.86 80.60
N LEU M 318 37.86 58.50 81.77
CA LEU M 318 38.60 57.64 82.69
C LEU M 318 38.63 56.21 82.18
N LYS M 319 39.76 55.54 82.39
CA LYS M 319 39.93 54.15 82.01
C LYS M 319 40.56 53.40 83.18
N VAL M 320 40.18 52.13 83.35
CA VAL M 320 40.59 51.33 84.48
C VAL M 320 41.13 50.00 83.98
N ARG M 321 42.24 49.55 84.57
CA ARG M 321 42.80 48.24 84.28
C ARG M 321 42.19 47.19 85.20
N ASP M 322 42.63 45.95 85.05
CA ASP M 322 42.17 44.87 85.93
C ASP M 322 43.31 43.92 86.30
N ASP M 323 44.54 44.43 86.31
CA ASP M 323 45.75 43.71 86.68
C ASP M 323 46.11 42.59 85.69
N ASN M 324 45.33 42.40 84.63
CA ASN M 324 45.61 41.36 83.64
C ASN M 324 45.98 41.92 82.27
N GLY M 325 45.57 43.13 81.94
CA GLY M 325 45.91 43.73 80.67
C GLY M 325 44.71 44.14 79.84
N THR M 326 43.65 43.34 79.90
CA THR M 326 42.44 43.63 79.13
C THR M 326 41.68 44.81 79.75
N ASP M 327 40.89 45.46 78.92
CA ASP M 327 40.09 46.60 79.35
C ASP M 327 38.76 46.14 79.93
N VAL M 328 38.36 46.74 81.05
CA VAL M 328 37.10 46.44 81.71
C VAL M 328 36.25 47.69 81.91
N THR M 329 36.62 48.81 81.28
CA THR M 329 35.89 50.05 81.48
C THR M 329 34.45 49.94 81.03
N ALA M 330 34.20 49.24 79.92
CA ALA M 330 32.84 49.07 79.43
C ALA M 330 31.96 48.31 80.42
N ARG M 331 32.55 47.48 81.25
CA ARG M 331 31.82 46.69 82.24
C ARG M 331 32.12 47.12 83.67
N CYS M 332 32.48 48.39 83.85
CA CYS M 332 32.77 48.96 85.16
C CYS M 332 31.78 50.07 85.47
N THR M 333 31.48 50.24 86.76
CA THR M 333 30.63 51.32 87.20
C THR M 333 31.46 52.35 87.97
N PHE M 334 31.05 53.61 87.87
CA PHE M 334 31.78 54.72 88.46
C PHE M 334 30.87 55.50 89.39
N ALA M 335 31.37 55.81 90.58
CA ALA M 335 30.63 56.58 91.58
C ALA M 335 31.49 57.76 92.03
N SER M 336 30.83 58.88 92.32
CA SER M 336 31.49 60.08 92.79
C SER M 336 31.01 60.40 94.20
N SER M 337 31.95 60.47 95.14
CA SER M 337 31.63 60.89 96.50
C SER M 337 31.55 62.40 96.65
N ALA M 338 31.91 63.15 95.61
CA ALA M 338 31.88 64.60 95.60
C ALA M 338 31.21 65.07 94.32
N GLY M 339 30.03 64.50 94.03
CA GLY M 339 29.37 64.73 92.77
C GLY M 339 29.19 66.19 92.43
N THR M 340 28.92 67.02 93.44
CA THR M 340 28.84 68.46 93.21
C THR M 340 30.19 69.03 92.81
N LYS M 341 31.28 68.51 93.39
CA LYS M 341 32.61 68.99 93.03
C LYS M 341 33.04 68.46 91.67
N ALA M 342 32.79 67.18 91.39
CA ALA M 342 33.17 66.57 90.13
C ALA M 342 32.02 65.66 89.65
N THR M 343 31.68 65.79 88.37
CA THR M 343 30.59 65.03 87.78
C THR M 343 31.16 63.94 86.88
N VAL M 344 30.73 62.70 87.10
CA VAL M 344 31.20 61.55 86.34
C VAL M 344 30.03 60.95 85.58
N SER M 345 30.32 60.42 84.40
CA SER M 345 29.32 59.82 83.54
C SER M 345 29.28 58.30 83.74
N ALA M 346 28.32 57.66 83.08
CA ALA M 346 28.18 56.22 83.18
C ALA M 346 29.39 55.51 82.57
N ALA M 347 29.90 56.00 81.45
CA ALA M 347 31.04 55.40 80.79
C ALA M 347 32.37 55.80 81.41
N GLY M 348 32.37 56.69 82.40
CA GLY M 348 33.58 57.14 83.04
C GLY M 348 34.08 58.50 82.60
N LEU M 349 33.34 59.20 81.74
CA LEU M 349 33.74 60.53 81.27
C LEU M 349 33.46 61.53 82.40
N VAL M 350 34.47 61.77 83.22
CA VAL M 350 34.31 62.71 84.33
C VAL M 350 34.45 64.13 83.81
N THR M 351 33.50 64.98 84.19
CA THR M 351 33.47 66.37 83.76
C THR M 351 33.69 67.29 84.95
N GLY M 352 34.61 68.23 84.82
CA GLY M 352 34.88 69.18 85.88
C GLY M 352 33.91 70.34 85.89
N VAL M 353 33.06 70.39 86.91
CA VAL M 353 32.05 71.45 87.04
C VAL M 353 32.51 72.48 88.06
N ALA M 354 33.24 72.04 89.08
CA ALA M 354 33.73 72.91 90.12
C ALA M 354 35.21 72.61 90.38
N ALA M 355 36.02 73.65 90.46
CA ALA M 355 37.44 73.48 90.77
C ALA M 355 37.60 73.06 92.23
N GLY M 356 38.53 72.15 92.46
CA GLY M 356 38.78 71.65 93.80
C GLY M 356 39.39 70.26 93.76
N THR M 357 39.15 69.50 94.82
CA THR M 357 39.66 68.14 94.94
C THR M 357 38.50 67.19 95.23
N ALA M 358 38.43 66.09 94.50
CA ALA M 358 37.37 65.11 94.66
C ALA M 358 37.95 63.71 94.52
N ASP M 359 37.08 62.71 94.68
CA ASP M 359 37.46 61.30 94.54
C ASP M 359 36.45 60.58 93.69
N ILE M 360 36.91 59.62 92.89
CA ILE M 360 36.04 58.79 92.07
C ILE M 360 36.37 57.33 92.36
N THR M 361 35.35 56.53 92.65
CA THR M 361 35.50 55.12 92.95
C THR M 361 34.95 54.30 91.80
N ALA M 362 35.79 53.43 91.24
CA ALA M 362 35.40 52.54 90.16
C ALA M 362 35.24 51.13 90.71
N SER M 363 34.09 50.52 90.43
CA SER M 363 33.76 49.18 90.90
C SER M 363 33.60 48.25 89.70
N TYR M 364 34.19 47.06 89.81
CA TYR M 364 34.14 46.05 88.77
C TYR M 364 33.67 44.74 89.37
N VAL M 365 32.62 44.15 88.80
CA VAL M 365 32.17 42.84 89.25
C VAL M 365 33.18 41.78 88.83
N PRO M 366 33.66 40.94 89.74
CA PRO M 366 34.65 39.94 89.37
C PRO M 366 34.02 38.82 88.57
N PRO M 367 34.71 38.29 87.56
CA PRO M 367 34.18 37.12 86.85
C PRO M 367 34.01 35.90 87.75
N GLN M 368 34.86 35.75 88.76
CA GLN M 368 34.74 34.64 89.69
C GLN M 368 33.54 34.78 90.62
N GLY M 369 32.95 35.97 90.71
CA GLY M 369 31.81 36.21 91.56
C GLY M 369 32.22 36.68 92.96
N GLY M 370 31.23 37.19 93.68
CA GLY M 370 31.45 37.70 95.01
C GLY M 370 31.40 39.22 95.09
N THR M 371 32.16 39.79 96.02
CA THR M 371 32.19 41.24 96.16
C THR M 371 32.90 41.88 94.98
N ALA M 372 32.41 43.05 94.57
CA ALA M 372 32.99 43.77 93.44
C ALA M 372 34.25 44.50 93.87
N LYS M 373 35.31 44.37 93.07
CA LYS M 373 36.57 45.04 93.37
C LYS M 373 36.43 46.54 93.15
N THR M 374 36.84 47.33 94.13
CA THR M 374 36.70 48.77 94.09
C THR M 374 38.06 49.45 94.19
N ALA M 375 38.21 50.54 93.46
CA ALA M 375 39.44 51.32 93.50
C ALA M 375 39.09 52.81 93.42
N THR M 376 39.65 53.59 94.33
CA THR M 376 39.36 55.02 94.44
C THR M 376 40.57 55.82 94.01
N VAL M 377 40.33 56.81 93.14
CA VAL M 377 41.38 57.68 92.62
C VAL M 377 40.97 59.13 92.84
N THR M 378 41.88 59.94 93.35
CA THR M 378 41.62 61.35 93.56
C THR M 378 41.78 62.14 92.26
N VAL M 379 41.12 63.29 92.23
CA VAL M 379 41.16 64.20 91.08
C VAL M 379 41.28 65.63 91.62
N THR M 380 42.06 66.44 90.92
CA THR M 380 42.29 67.85 91.29
C THR M 380 41.88 68.71 90.11
N VAL M 381 40.60 69.10 90.07
CA VAL M 381 40.08 69.92 88.99
C VAL M 381 40.60 71.35 89.15
N PRO M 382 41.32 71.89 88.16
CA PRO M 382 41.89 73.24 88.22
C PRO M 382 40.83 74.34 88.23
N ILE N 4 119.76 73.91 90.25
CA ILE N 4 118.64 74.40 89.45
C ILE N 4 118.97 74.28 87.96
N PHE N 5 118.20 73.47 87.25
CA PHE N 5 118.40 73.25 85.83
C PHE N 5 117.49 74.18 85.02
N VAL N 6 117.60 74.09 83.69
CA VAL N 6 116.82 74.91 82.79
C VAL N 6 116.07 74.01 81.82
N LYS N 7 115.73 72.81 82.26
CA LYS N 7 115.03 71.86 81.40
C LYS N 7 113.65 72.40 81.05
N PRO N 8 113.24 72.30 79.79
CA PRO N 8 111.92 72.80 79.37
C PRO N 8 110.84 71.75 79.64
N GLU N 9 109.60 72.13 79.31
CA GLU N 9 108.48 71.23 79.48
C GLU N 9 108.42 70.22 78.34
N LEU N 10 107.68 69.14 78.57
CA LEU N 10 107.49 68.09 77.58
C LEU N 10 106.02 67.73 77.47
N VAL N 11 105.54 67.59 76.24
CA VAL N 11 104.17 67.20 75.96
C VAL N 11 104.21 65.95 75.08
N ALA N 12 103.70 64.85 75.59
CA ALA N 12 103.66 63.59 74.86
C ALA N 12 102.21 63.13 74.71
N GLU N 13 101.98 62.29 73.70
CA GLU N 13 100.64 61.82 73.37
C GLU N 13 100.52 60.33 73.67
N ILE N 14 99.59 59.99 74.56
CA ILE N 14 99.20 58.62 74.83
C ILE N 14 97.68 58.56 74.84
N GLY N 15 97.14 57.36 74.64
CA GLY N 15 95.70 57.23 74.59
C GLY N 15 95.03 57.55 75.91
N VAL N 16 94.44 58.74 75.98
CA VAL N 16 93.71 59.18 77.17
C VAL N 16 92.40 59.83 76.73
N LYS N 17 92.01 59.58 75.48
CA LYS N 17 90.88 60.29 74.88
C LYS N 17 89.60 60.05 75.69
N GLN N 18 88.79 61.10 75.78
CA GLN N 18 87.55 61.03 76.56
C GLN N 18 86.60 60.00 75.96
N LEU N 19 85.86 59.32 76.83
CA LEU N 19 84.95 58.27 76.40
C LEU N 19 83.64 58.89 75.93
N GLN N 20 83.26 58.62 74.69
CA GLN N 20 82.04 59.13 74.09
C GLN N 20 81.06 58.00 73.83
N ARG N 21 79.85 58.38 73.40
CA ARG N 21 78.79 57.43 73.13
C ARG N 21 79.03 56.73 71.79
N GLU N 22 78.12 55.83 71.45
CA GLU N 22 78.20 55.07 70.20
C GLU N 22 77.01 55.44 69.31
N ILE N 23 77.28 55.69 68.04
CA ILE N 23 76.25 56.07 67.09
C ILE N 23 75.53 54.83 66.61
N VAL N 24 74.45 54.45 67.31
CA VAL N 24 73.66 53.27 66.97
C VAL N 24 72.23 53.64 66.57
N LEU N 25 71.65 54.65 67.21
CA LEU N 25 70.26 55.02 66.92
C LEU N 25 70.03 55.43 65.46
N PRO N 26 70.84 56.30 64.83
CA PRO N 26 70.53 56.71 63.46
C PRO N 26 70.49 55.55 62.47
N GLY N 27 71.18 54.46 62.74
CA GLY N 27 71.15 53.29 61.89
C GLY N 27 70.01 52.33 62.15
N LEU N 28 69.10 52.67 63.06
CA LEU N 28 67.98 51.80 63.39
C LEU N 28 66.63 52.48 63.21
N VAL N 29 66.56 53.52 62.37
CA VAL N 29 65.33 54.25 62.14
C VAL N 29 65.11 54.37 60.63
N TRP N 30 63.85 54.63 60.27
CA TRP N 30 63.48 54.82 58.86
C TRP N 30 64.07 56.13 58.37
N THR N 31 65.02 56.04 57.43
CA THR N 31 65.77 57.19 56.94
C THR N 31 65.41 57.47 55.48
N ASN N 32 65.18 58.75 55.17
CA ASN N 32 64.90 59.23 53.82
C ASN N 32 63.67 58.54 53.23
N PRO N 33 62.47 58.82 53.75
CA PRO N 33 61.28 58.19 53.16
C PRO N 33 60.89 58.79 51.83
N LEU N 34 60.98 60.11 51.69
CA LEU N 34 60.61 60.80 50.46
C LEU N 34 61.68 61.83 50.12
N THR N 35 61.79 62.12 48.83
CA THR N 35 62.76 63.11 48.33
C THR N 35 62.00 64.22 47.61
N ASP N 36 62.78 65.18 47.08
CA ASP N 36 62.24 66.32 46.34
C ASP N 36 61.24 67.10 47.18
N PHE N 37 61.73 67.62 48.31
CA PHE N 37 60.90 68.43 49.19
C PHE N 37 60.61 69.81 48.64
N GLY N 38 61.29 70.22 47.57
CA GLY N 38 61.05 71.54 47.00
C GLY N 38 59.76 71.69 46.24
N GLY N 39 59.16 70.58 45.80
CA GLY N 39 57.93 70.64 45.04
C GLY N 39 56.70 70.60 45.92
N SER N 40 56.76 71.26 47.08
CA SER N 40 55.65 71.25 48.02
C SER N 40 55.57 72.60 48.73
N LYS N 41 54.35 73.03 49.04
CA LYS N 41 54.15 74.28 49.75
C LYS N 41 54.70 74.17 51.17
N ASN N 42 55.43 75.22 51.59
CA ASN N 42 56.06 75.26 52.92
C ASN N 42 56.97 74.07 53.16
N ASP N 43 57.49 73.48 52.08
CA ASP N 43 58.41 72.35 52.15
C ASP N 43 57.78 71.18 52.91
N THR N 44 56.48 71.00 52.73
CA THR N 44 55.72 69.97 53.44
C THR N 44 55.11 69.01 52.44
N ILE N 45 55.58 67.77 52.44
CA ILE N 45 55.07 66.71 51.57
C ILE N 45 54.04 65.92 52.35
N THR N 46 52.89 65.66 51.73
CA THR N 46 51.80 64.95 52.40
C THR N 46 51.89 63.47 52.12
N VAL N 47 51.61 62.67 53.15
CA VAL N 47 51.56 61.21 53.05
C VAL N 47 50.11 60.78 53.21
N ARG N 48 49.65 59.93 52.30
CA ARG N 48 48.26 59.52 52.21
C ARG N 48 48.06 58.17 52.89
N VAL N 49 47.06 58.10 53.76
CA VAL N 49 46.64 56.86 54.42
C VAL N 49 45.29 56.47 53.82
N PRO N 50 45.19 55.32 53.15
CA PRO N 50 43.91 54.93 52.53
C PRO N 50 42.81 54.73 53.56
N ALA N 51 41.58 54.97 53.14
CA ALA N 51 40.43 54.89 54.02
C ALA N 51 39.99 53.45 54.21
N ILE N 52 39.05 53.27 55.15
CA ILE N 52 38.41 51.99 55.40
C ILE N 52 36.91 52.20 55.40
N THR N 53 36.17 51.12 55.14
CA THR N 53 34.73 51.15 55.08
C THR N 53 34.13 50.29 56.18
N THR N 54 32.83 50.51 56.43
CA THR N 54 32.09 49.76 57.44
C THR N 54 30.85 49.15 56.80
N ALA N 55 30.42 48.02 57.34
CA ALA N 55 29.25 47.29 56.86
C ALA N 55 28.23 47.21 57.98
N ASN N 56 26.97 47.51 57.64
CA ASN N 56 25.88 47.48 58.61
C ASN N 56 25.13 46.15 58.50
N ARG N 57 24.48 45.78 59.59
CA ARG N 57 23.69 44.55 59.66
C ARG N 57 22.23 44.88 59.42
N ARG N 58 21.59 44.10 58.55
CA ARG N 58 20.21 44.34 58.14
C ARG N 58 19.34 43.15 58.51
N ASP N 59 18.16 43.44 59.05
CA ASP N 59 17.20 42.39 59.38
C ASP N 59 16.46 41.93 58.13
N LEU N 60 16.33 40.62 57.97
CA LEU N 60 15.68 40.08 56.78
C LEU N 60 14.16 40.08 56.93
N ARG N 61 13.48 40.22 55.79
CA ARG N 61 12.02 40.20 55.71
C ARG N 61 11.39 41.24 56.64
N ASP N 62 12.00 42.42 56.70
CA ASP N 62 11.48 43.53 57.48
C ASP N 62 12.10 44.84 57.00
N PRO N 63 11.66 45.38 55.86
CA PRO N 63 12.29 46.58 55.32
C PRO N 63 11.81 47.84 56.02
N ASP N 64 12.65 48.35 56.93
CA ASP N 64 12.40 49.65 57.54
C ASP N 64 13.62 50.55 57.42
N ARG N 65 14.81 49.96 57.54
CA ARG N 65 16.08 50.65 57.35
C ARG N 65 16.65 50.39 55.95
N THR N 66 15.91 50.79 54.93
CA THR N 66 16.30 50.51 53.55
C THR N 66 17.63 51.20 53.23
N VAL N 67 18.49 50.47 52.52
CA VAL N 67 19.83 50.93 52.14
C VAL N 67 20.63 51.28 53.39
N ILE N 68 20.69 52.57 53.73
CA ILE N 68 21.55 53.08 54.80
C ILE N 68 22.99 52.74 54.42
N ALA N 69 23.53 53.47 53.46
CA ALA N 69 24.84 53.15 52.88
C ALA N 69 25.96 53.67 53.79
N SER N 70 27.19 53.61 53.29
CA SER N 70 28.36 54.07 54.02
C SER N 70 29.25 54.86 53.07
N GLU N 71 30.35 55.38 53.61
CA GLU N 71 31.28 56.18 52.82
C GLU N 71 32.68 56.06 53.42
N LEU N 72 33.67 56.43 52.62
CA LEU N 72 35.07 56.37 53.01
C LEU N 72 35.73 57.72 52.79
N VAL N 73 36.63 58.10 53.69
CA VAL N 73 37.38 59.34 53.60
C VAL N 73 38.84 59.02 53.87
N GLU N 74 39.68 59.11 52.84
CA GLU N 74 41.10 58.87 53.01
C GLU N 74 41.73 59.98 53.84
N HIS N 75 42.71 59.61 54.66
CA HIS N 75 43.36 60.56 55.54
C HIS N 75 44.76 60.89 55.04
N SER N 76 45.39 61.87 55.69
CA SER N 76 46.71 62.30 55.28
C SER N 76 47.41 63.00 56.43
N PHE N 77 48.74 63.08 56.34
CA PHE N 77 49.53 63.81 57.31
C PHE N 77 50.78 64.36 56.64
N GLY N 78 51.17 65.57 57.03
CA GLY N 78 52.28 66.26 56.40
C GLY N 78 53.60 66.09 57.12
N VAL N 79 54.67 66.01 56.33
CA VAL N 79 56.04 65.94 56.84
C VAL N 79 56.83 67.08 56.22
N THR N 80 57.51 67.86 57.05
CA THR N 80 58.25 69.02 56.58
C THR N 80 59.61 69.07 57.26
N LEU N 81 60.56 69.73 56.58
CA LEU N 81 61.88 69.98 57.13
C LEU N 81 61.87 71.31 57.88
N ASP N 82 62.26 71.28 59.15
CA ASP N 82 62.23 72.47 59.98
C ASP N 82 63.51 72.70 60.79
N LYS N 83 64.50 71.82 60.68
CA LYS N 83 65.73 71.97 61.44
C LYS N 83 66.92 72.07 60.50
N HIS N 84 67.89 72.91 60.87
CA HIS N 84 69.10 73.13 60.09
C HIS N 84 70.28 72.91 61.03
N VAL N 85 70.80 71.68 61.05
CA VAL N 85 71.90 71.36 61.94
C VAL N 85 73.19 71.95 61.37
N TYR N 86 73.87 72.75 62.17
CA TYR N 86 75.06 73.45 61.72
C TYR N 86 76.08 73.51 62.84
N ALA N 87 77.35 73.54 62.45
CA ALA N 87 78.46 73.69 63.39
C ALA N 87 79.49 74.61 62.74
N ALA N 88 79.81 75.71 63.42
CA ALA N 88 80.68 76.73 62.88
C ALA N 88 81.95 76.85 63.71
N LEU N 89 83.04 77.25 63.06
CA LEU N 89 84.32 77.41 63.75
C LEU N 89 85.05 78.61 63.17
N LYS N 90 85.19 79.66 63.98
CA LYS N 90 86.07 80.77 63.64
C LYS N 90 87.51 80.43 63.98
N PHE N 91 88.44 80.79 63.10
CA PHE N 91 89.81 80.32 63.22
C PHE N 91 90.83 81.42 63.52
N THR N 92 90.45 82.70 63.46
CA THR N 92 91.30 83.83 63.86
C THR N 92 92.72 83.66 63.33
N ASP N 93 92.87 83.76 62.01
CA ASP N 93 94.01 83.28 61.23
C ASP N 93 95.36 83.31 61.94
N GLU N 94 95.65 84.41 62.64
CA GLU N 94 96.92 84.50 63.36
C GLU N 94 97.11 83.32 64.31
N GLN N 95 96.02 82.79 64.87
CA GLN N 95 96.09 81.54 65.62
C GLN N 95 96.23 80.34 64.70
N ARG N 96 95.49 80.33 63.58
CA ARG N 96 95.47 79.21 62.64
C ARG N 96 96.82 78.99 61.96
N THR N 97 97.72 79.96 62.00
CA THR N 97 99.06 79.80 61.43
C THR N 97 99.95 78.92 62.30
N LEU N 98 99.76 78.93 63.62
CA LEU N 98 100.64 78.18 64.51
C LEU N 98 99.86 77.20 65.39
N ASP N 99 98.66 77.57 65.84
CA ASP N 99 97.85 76.67 66.67
C ASP N 99 97.00 75.71 65.84
N ILE N 100 97.62 74.94 64.95
CA ILE N 100 96.94 73.81 64.31
C ILE N 100 97.98 72.80 63.84
N ARG N 101 97.73 71.53 64.12
CA ARG N 101 98.66 70.48 63.67
C ARG N 101 98.24 69.94 62.31
N ASP N 102 97.02 69.42 62.21
CA ASP N 102 96.47 68.89 60.96
C ASP N 102 95.03 69.35 60.83
N TYR N 103 94.67 69.90 59.67
CA TYR N 103 93.31 70.39 59.46
C TYR N 103 92.30 69.24 59.50
N THR N 104 92.66 68.09 58.94
CA THR N 104 91.73 66.97 58.90
C THR N 104 91.60 66.29 60.26
N LYS N 105 92.64 66.35 61.09
CA LYS N 105 92.63 65.62 62.35
C LYS N 105 91.92 66.38 63.45
N GLN N 106 92.39 67.59 63.77
CA GLN N 106 91.91 68.34 64.92
C GLN N 106 90.77 69.30 64.60
N VAL N 107 90.34 69.37 63.35
CA VAL N 107 89.26 70.27 62.98
C VAL N 107 88.11 69.50 62.32
N LEU N 108 88.40 68.81 61.22
CA LEU N 108 87.36 68.12 60.48
C LEU N 108 86.76 66.97 61.28
N MET N 109 87.61 66.16 61.92
CA MET N 109 87.11 65.05 62.73
C MET N 109 86.27 65.51 63.92
N PRO N 110 86.70 66.50 64.73
CA PRO N 110 85.81 66.98 65.80
C PRO N 110 84.48 67.52 65.28
N GLN N 111 84.49 68.23 64.16
CA GLN N 111 83.24 68.74 63.59
C GLN N 111 82.32 67.61 63.16
N VAL N 112 82.88 66.58 62.50
CA VAL N 112 82.09 65.45 62.07
C VAL N 112 81.51 64.72 63.27
N SER N 113 82.31 64.51 64.31
CA SER N 113 81.83 63.85 65.52
C SER N 113 80.72 64.66 66.18
N ALA N 114 80.90 65.98 66.26
CA ALA N 114 79.89 66.83 66.88
C ALA N 114 78.58 66.78 66.10
N VAL N 115 78.66 66.82 64.77
CA VAL N 115 77.45 66.74 63.95
C VAL N 115 76.76 65.39 64.12
N ALA N 116 77.54 64.31 64.15
CA ALA N 116 76.96 62.98 64.32
C ALA N 116 76.27 62.83 65.67
N TYR N 117 76.91 63.34 66.74
CA TYR N 117 76.30 63.23 68.06
C TYR N 117 75.09 64.15 68.19
N GLU N 118 75.12 65.31 67.52
CA GLU N 118 73.93 66.16 67.48
C GLU N 118 72.78 65.47 66.77
N LEU N 119 73.07 64.76 65.68
CA LEU N 119 72.03 63.99 65.00
C LEU N 119 71.50 62.88 65.88
N GLU N 120 72.39 62.21 66.61
CA GLU N 120 71.93 61.18 67.55
C GLU N 120 71.02 61.76 68.63
N ASP N 121 71.37 62.93 69.15
CA ASP N 121 70.50 63.59 70.12
C ASP N 121 69.17 64.00 69.49
N TYR N 122 69.21 64.44 68.22
CA TYR N 122 67.99 64.78 67.50
C TYR N 122 67.07 63.59 67.41
N ILE N 123 67.62 62.41 67.14
CA ILE N 123 66.83 61.18 67.21
C ILE N 123 66.37 60.92 68.64
N ALA N 124 67.22 61.22 69.62
CA ALA N 124 66.94 60.87 71.00
C ALA N 124 65.71 61.60 71.54
N GLU N 125 65.69 62.93 71.42
CA GLU N 125 64.51 63.64 71.92
C GLU N 125 63.27 63.36 71.08
N LEU N 126 63.43 62.99 69.81
CA LEU N 126 62.28 62.62 69.00
C LEU N 126 61.69 61.29 69.44
N ILE N 127 62.53 60.38 69.93
CA ILE N 127 62.04 59.06 70.34
C ILE N 127 61.01 59.19 71.45
N GLU N 128 61.32 59.97 72.49
CA GLU N 128 60.40 60.18 73.59
C GLU N 128 59.49 61.37 73.38
N GLY N 129 59.67 62.13 72.30
CA GLY N 129 58.81 63.26 72.01
C GLY N 129 57.54 62.86 71.27
N ALA N 130 56.88 61.81 71.74
CA ALA N 130 55.68 61.27 71.11
C ALA N 130 54.60 61.07 72.16
N PRO N 131 53.32 61.13 71.75
CA PRO N 131 52.24 60.94 72.73
C PRO N 131 52.13 59.51 73.23
N TYR N 132 53.09 59.09 74.06
CA TYR N 132 53.05 57.76 74.64
C TYR N 132 51.91 57.65 75.65
N GLU N 133 51.26 56.49 75.66
CA GLU N 133 50.10 56.27 76.52
C GLU N 133 50.50 55.64 77.85
N GLU N 134 51.18 54.51 77.82
CA GLU N 134 51.51 53.75 79.01
C GLU N 134 53.02 53.72 79.22
N THR N 135 53.41 53.36 80.45
CA THR N 135 54.82 53.25 80.81
C THR N 135 55.23 51.83 81.19
N ILE N 136 54.30 50.88 81.15
CA ILE N 136 54.57 49.46 81.37
C ILE N 136 54.98 49.17 82.81
N LEU N 137 55.91 49.98 83.34
CA LEU N 137 56.36 49.88 84.73
C LEU N 137 56.96 48.51 85.03
N ILE N 138 58.09 48.25 84.37
CA ILE N 138 58.78 46.98 84.54
C ILE N 138 59.20 46.80 85.99
N ASP N 139 58.85 45.65 86.56
CA ASP N 139 59.30 45.31 87.91
C ASP N 139 60.80 45.03 87.89
N PRO N 140 61.56 45.58 88.84
CA PRO N 140 63.02 45.35 88.82
C PRO N 140 63.42 43.89 88.93
N ALA N 141 62.67 43.09 89.68
CA ALA N 141 63.04 41.68 89.88
C ALA N 141 62.56 40.81 88.74
N ASP N 142 61.25 40.82 88.47
CA ASP N 142 60.64 39.97 87.46
C ASP N 142 60.21 40.84 86.29
N THR N 143 60.92 40.70 85.16
CA THR N 143 60.76 41.61 84.03
C THR N 143 60.06 41.01 82.83
N VAL N 144 60.01 39.68 82.70
CA VAL N 144 59.37 39.06 81.53
C VAL N 144 57.92 39.47 81.38
N PRO N 145 57.09 39.50 82.44
CA PRO N 145 55.70 39.95 82.25
C PRO N 145 55.57 41.34 81.68
N ALA N 146 56.51 42.25 81.97
CA ALA N 146 56.45 43.58 81.36
C ALA N 146 56.60 43.52 79.85
N PHE N 147 57.56 42.74 79.36
CA PHE N 147 57.75 42.60 77.92
C PHE N 147 56.56 41.88 77.28
N ILE N 148 56.01 40.87 77.98
CA ILE N 148 54.82 40.18 77.46
C ILE N 148 53.65 41.15 77.36
N THR N 149 53.49 42.00 78.37
CA THR N 149 52.41 43.00 78.35
C THR N 149 52.61 43.99 77.22
N ALA N 150 53.86 44.43 76.99
CA ALA N 150 54.12 45.33 75.87
C ALA N 150 53.79 44.66 74.55
N ASP N 151 54.17 43.38 74.39
CA ASP N 151 53.87 42.65 73.16
C ASP N 151 52.37 42.52 72.94
N GLN N 152 51.62 42.21 74.00
CA GLN N 152 50.17 42.05 73.83
C GLN N 152 49.48 43.39 73.62
N ARG N 153 50.02 44.48 74.18
CA ARG N 153 49.51 45.80 73.87
C ARG N 153 49.72 46.16 72.41
N MET N 154 50.90 45.84 71.87
CA MET N 154 51.14 46.05 70.45
C MET N 154 50.23 45.19 69.60
N GLY N 155 50.00 43.94 70.01
CA GLY N 155 49.11 43.07 69.27
C GLY N 155 47.66 43.53 69.30
N GLU N 156 47.23 44.13 70.42
CA GLU N 156 45.85 44.61 70.51
C GLU N 156 45.59 45.72 69.50
N ALA N 157 46.58 46.58 69.26
CA ALA N 157 46.48 47.63 68.26
C ALA N 157 46.70 47.13 66.84
N ASN N 158 46.78 45.81 66.65
CA ASN N 158 46.95 45.19 65.34
C ASN N 158 48.23 45.65 64.66
N VAL N 159 49.24 46.01 65.44
CA VAL N 159 50.54 46.40 64.87
C VAL N 159 51.23 45.16 64.31
N PRO N 160 51.75 45.20 63.09
CA PRO N 160 52.43 44.02 62.54
C PRO N 160 53.62 43.61 63.39
N THR N 161 53.80 42.30 63.54
CA THR N 161 54.87 41.79 64.37
C THR N 161 56.24 41.91 63.70
N ASP N 162 56.29 41.78 62.38
CA ASP N 162 57.56 41.87 61.66
C ASP N 162 58.11 43.29 61.69
N SER N 163 59.44 43.40 61.71
CA SER N 163 60.15 44.67 61.72
C SER N 163 59.74 45.52 62.91
N ARG N 164 59.99 44.99 64.11
CA ARG N 164 59.73 45.67 65.36
C ARG N 164 61.07 45.92 66.05
N ARG N 165 61.53 47.17 66.01
CA ARG N 165 62.82 47.53 66.58
C ARG N 165 62.67 47.90 68.05
N LEU N 166 63.46 47.25 68.90
CA LEU N 166 63.45 47.50 70.33
C LEU N 166 64.84 47.98 70.75
N VAL N 167 64.87 49.13 71.43
CA VAL N 167 66.11 49.72 71.93
C VAL N 167 65.98 49.91 73.43
N VAL N 168 66.94 49.37 74.18
CA VAL N 168 66.91 49.43 75.63
C VAL N 168 68.18 50.11 76.11
N GLY N 169 68.11 50.66 77.33
CA GLY N 169 69.25 51.31 77.95
C GLY N 169 70.13 50.34 78.70
N SER N 170 71.19 50.89 79.30
CA SER N 170 72.10 50.08 80.10
C SER N 170 71.40 49.51 81.33
N ALA N 171 70.56 50.31 81.97
CA ALA N 171 69.85 49.84 83.16
C ALA N 171 68.86 48.73 82.81
N VAL N 172 68.21 48.82 81.65
CA VAL N 172 67.28 47.76 81.24
C VAL N 172 68.03 46.46 81.01
N ALA N 173 69.20 46.53 80.36
CA ALA N 173 70.01 45.33 80.16
C ALA N 173 70.49 44.76 81.48
N ALA N 174 70.89 45.64 82.42
CA ALA N 174 71.32 45.17 83.74
C ALA N 174 70.18 44.48 84.47
N ALA N 175 68.98 45.04 84.40
CA ALA N 175 67.82 44.42 85.05
C ALA N 175 67.49 43.08 84.41
N LEU N 176 67.59 42.99 83.08
CA LEU N 176 67.37 41.72 82.41
C LEU N 176 68.39 40.68 82.84
N ALA N 177 69.66 41.09 82.96
CA ALA N 177 70.70 40.17 83.41
C ALA N 177 70.44 39.72 84.85
N LYS N 178 70.01 40.64 85.72
CA LYS N 178 69.77 40.31 87.11
C LYS N 178 68.55 39.41 87.29
N ASP N 179 67.68 39.32 86.30
CA ASP N 179 66.48 38.50 86.42
C ASP N 179 66.84 37.03 86.54
N LYS N 180 66.14 36.33 87.43
CA LYS N 180 66.37 34.91 87.61
C LYS N 180 65.93 34.08 86.42
N GLN N 181 65.10 34.66 85.54
CA GLN N 181 64.66 33.93 84.35
C GLN N 181 65.82 33.69 83.39
N PHE N 182 66.82 34.56 83.39
CA PHE N 182 67.98 34.43 82.51
C PHE N 182 69.19 33.84 83.22
N ARG N 183 69.42 34.20 84.48
CA ARG N 183 70.57 33.68 85.20
C ARG N 183 70.47 32.17 85.40
N HIS N 184 69.29 31.68 85.75
CA HIS N 184 69.09 30.25 85.99
C HIS N 184 68.87 29.53 84.66
N ALA N 185 69.74 28.57 84.36
CA ALA N 185 69.62 27.84 83.10
C ALA N 185 68.33 27.02 83.05
N ASP N 186 67.94 26.41 84.17
CA ASP N 186 66.70 25.65 84.20
C ASP N 186 65.49 26.54 83.95
N TRP N 187 65.59 27.83 84.28
CA TRP N 187 64.53 28.79 84.00
C TRP N 187 64.77 29.56 82.71
N SER N 188 65.84 29.26 81.97
CA SER N 188 66.16 29.95 80.74
C SER N 188 66.15 29.03 79.52
N GLY N 189 66.60 27.79 79.66
CA GLY N 189 66.56 26.84 78.56
C GLY N 189 67.92 26.56 77.94
N ASP N 190 68.75 27.59 77.80
CA ASP N 190 70.06 27.42 77.19
C ASP N 190 71.07 26.97 78.25
N GLN N 191 71.80 25.90 77.95
CA GLN N 191 72.82 25.39 78.86
C GLN N 191 74.09 26.22 78.85
N ALA N 192 74.27 27.08 77.86
CA ALA N 192 75.45 27.95 77.84
C ALA N 192 75.45 28.96 78.98
N ASN N 193 74.26 29.44 79.36
CA ASN N 193 74.10 30.40 80.45
C ASN N 193 74.91 31.67 80.16
N ALA N 194 74.52 32.36 79.09
CA ALA N 194 75.19 33.60 78.71
C ALA N 194 75.03 34.70 79.73
N ALA N 195 73.99 34.62 80.59
CA ALA N 195 73.81 35.61 81.64
C ALA N 195 74.92 35.53 82.69
N LEU N 196 75.44 34.34 82.94
CA LEU N 196 76.51 34.15 83.92
C LEU N 196 77.90 34.28 83.30
N ARG N 197 78.10 33.68 82.13
CA ARG N 197 79.42 33.74 81.48
C ARG N 197 79.70 35.10 80.87
N GLU N 198 78.66 35.82 80.44
CA GLU N 198 78.83 37.13 79.83
C GLU N 198 77.73 38.04 80.36
N ALA N 199 77.57 39.21 79.73
CA ALA N 199 76.53 40.15 80.08
C ALA N 199 75.44 40.26 79.02
N HIS N 200 75.61 39.62 77.87
CA HIS N 200 74.61 39.69 76.81
C HIS N 200 73.35 38.94 77.21
N VAL N 201 72.19 39.52 76.86
CA VAL N 201 70.91 38.91 77.20
C VAL N 201 70.39 38.06 76.05
N GLY N 202 70.37 38.61 74.85
CA GLY N 202 69.90 37.89 73.68
C GLY N 202 68.47 38.23 73.31
N ARG N 203 67.89 37.36 72.48
CA ARG N 203 66.52 37.53 72.03
C ARG N 203 65.55 37.37 73.19
N LEU N 204 64.54 38.24 73.23
CA LEU N 204 63.54 38.20 74.30
C LEU N 204 62.19 38.64 73.74
N ALA N 205 61.18 37.79 73.92
CA ALA N 205 59.81 38.09 73.49
C ALA N 205 59.73 38.44 72.01
N GLY N 206 60.52 37.74 71.19
CA GLY N 206 60.53 37.98 69.76
C GLY N 206 61.02 39.35 69.37
N MET N 207 61.97 39.91 70.11
CA MET N 207 62.52 41.22 69.84
C MET N 207 64.04 41.15 69.90
N ASN N 208 64.68 42.16 69.32
CA ASN N 208 66.14 42.29 69.33
C ASN N 208 66.54 43.34 70.34
N VAL N 209 67.49 43.00 71.20
CA VAL N 209 67.93 43.90 72.26
C VAL N 209 69.15 44.68 71.76
N ILE N 210 69.01 46.00 71.71
CA ILE N 210 70.08 46.90 71.29
C ILE N 210 70.31 47.92 72.38
N ARG N 211 71.54 48.02 72.87
CA ARG N 211 71.89 48.93 73.94
C ARG N 211 72.24 50.30 73.36
N SER N 212 71.70 51.35 73.98
CA SER N 212 71.96 52.72 73.56
C SER N 212 71.89 53.63 74.77
N ASN N 213 72.94 54.41 74.98
CA ASN N 213 73.01 55.32 76.12
C ASN N 213 72.41 56.70 75.83
N ALA N 214 71.99 56.96 74.59
CA ALA N 214 71.37 58.24 74.27
C ALA N 214 70.05 58.42 75.03
N ILE N 215 69.24 57.37 75.09
CA ILE N 215 67.99 57.40 75.84
C ILE N 215 68.30 57.24 77.32
N ALA N 216 67.29 57.50 78.16
CA ALA N 216 67.48 57.33 79.59
C ALA N 216 67.77 55.87 79.91
N PRO N 217 68.67 55.60 80.87
CA PRO N 217 69.01 54.19 81.16
C PRO N 217 67.82 53.35 81.58
N ASP N 218 66.90 53.92 82.37
CA ASP N 218 65.72 53.19 82.81
C ASP N 218 64.54 53.42 81.87
N LYS N 219 64.79 53.21 80.58
CA LYS N 219 63.77 53.41 79.56
C LYS N 219 64.06 52.51 78.37
N ALA N 220 63.01 51.94 77.78
CA ALA N 220 63.11 51.11 76.60
C ALA N 220 62.00 51.51 75.64
N TYR N 221 62.27 51.40 74.35
CA TYR N 221 61.31 51.77 73.32
C TYR N 221 61.20 50.66 72.28
N LEU N 222 59.97 50.21 72.03
CA LEU N 222 59.70 49.20 71.01
C LEU N 222 58.75 49.80 69.98
N TRP N 223 59.23 49.98 68.76
CA TRP N 223 58.46 50.66 67.73
C TRP N 223 58.49 49.87 66.43
N HIS N 224 57.40 49.97 65.67
CA HIS N 224 57.34 49.37 64.35
C HIS N 224 58.25 50.14 63.38
N ARG N 225 58.56 49.50 62.26
CA ARG N 225 59.46 50.11 61.29
C ARG N 225 58.90 51.42 60.75
N THR N 226 57.60 51.46 60.47
CA THR N 226 56.95 52.68 59.98
C THR N 226 56.28 53.41 61.15
N ALA N 227 57.12 53.99 62.00
CA ALA N 227 56.65 54.74 63.15
C ALA N 227 57.19 56.15 63.23
N PHE N 228 58.44 56.37 62.83
CA PHE N 228 59.05 57.69 62.84
C PHE N 228 59.55 58.03 61.44
N ILE N 229 59.36 59.28 61.03
CA ILE N 229 59.79 59.75 59.72
C ILE N 229 60.93 60.73 59.92
N LEU N 230 62.11 60.39 59.39
CA LEU N 230 63.29 61.24 59.46
C LEU N 230 63.75 61.55 58.05
N ALA N 231 63.79 62.83 57.71
CA ALA N 231 64.20 63.26 56.38
C ALA N 231 65.45 64.11 56.48
N TYR N 232 66.41 63.87 55.59
CA TYR N 232 67.68 64.60 55.59
C TYR N 232 67.95 65.12 54.19
N ARG N 233 68.51 66.33 54.12
CA ARG N 233 68.83 66.98 52.84
C ARG N 233 70.19 67.63 52.96
N THR N 234 71.11 67.23 52.07
CA THR N 234 72.40 67.90 52.02
C THR N 234 72.27 69.26 51.36
N PRO N 235 72.87 70.30 51.93
CA PRO N 235 72.80 71.62 51.29
C PRO N 235 73.57 71.65 49.98
N VAL N 236 73.08 72.49 49.06
CA VAL N 236 73.70 72.63 47.75
C VAL N 236 74.83 73.65 47.83
N VAL N 237 76.00 73.27 47.35
CA VAL N 237 77.17 74.16 47.41
C VAL N 237 76.91 75.38 46.53
N PRO N 238 77.04 76.59 47.06
CA PRO N 238 76.82 77.78 46.22
C PRO N 238 77.91 77.95 45.17
N GLU N 239 77.55 78.61 44.08
CA GLU N 239 78.48 78.87 43.00
C GLU N 239 79.30 80.14 43.21
N GLY N 240 79.09 80.86 44.31
CA GLY N 240 79.84 82.07 44.59
C GLY N 240 80.75 81.96 45.79
N ALA N 241 81.15 80.74 46.14
CA ALA N 241 81.98 80.50 47.30
C ALA N 241 83.05 79.47 46.94
N LYS N 242 84.09 79.41 47.78
CA LYS N 242 85.17 78.46 47.56
C LYS N 242 84.65 77.03 47.66
N ALA N 243 85.20 76.15 46.82
CA ALA N 243 84.78 74.77 46.81
C ALA N 243 85.15 74.08 48.12
N GLY N 244 84.21 73.32 48.67
CA GLY N 244 84.42 72.61 49.92
C GLY N 244 84.68 71.13 49.73
N ALA N 245 83.89 70.29 50.38
CA ALA N 245 84.03 68.85 50.27
C ALA N 245 82.66 68.22 50.43
N SER N 246 82.63 66.89 50.53
CA SER N 246 81.40 66.12 50.67
C SER N 246 81.50 65.15 51.84
N PHE N 247 81.95 65.66 52.99
CA PHE N 247 82.08 64.83 54.17
C PHE N 247 80.71 64.30 54.60
N SER N 248 80.64 63.01 54.88
CA SER N 248 79.42 62.35 55.30
C SER N 248 79.66 61.55 56.57
N ALA N 249 78.72 61.62 57.50
CA ALA N 249 78.81 60.90 58.77
C ALA N 249 77.57 60.04 58.93
N ASN N 250 77.78 58.74 59.14
CA ASN N 250 76.69 57.78 59.37
C ASN N 250 75.66 57.82 58.23
N GLY N 251 76.16 57.87 57.00
CA GLY N 251 75.31 57.84 55.83
C GLY N 251 74.85 59.19 55.28
N VAL N 252 74.34 60.06 56.15
CA VAL N 252 73.86 61.36 55.71
C VAL N 252 75.04 62.22 55.28
N ALA N 253 74.86 62.92 54.16
CA ALA N 253 75.91 63.78 53.63
C ALA N 253 75.78 65.19 54.20
N LEU N 254 76.91 65.77 54.57
CA LEU N 254 76.97 67.12 55.13
C LEU N 254 77.65 68.05 54.13
N ARG N 255 77.45 69.35 54.33
CA ARG N 255 78.09 70.37 53.50
C ARG N 255 79.12 71.10 54.34
N TRP N 256 80.35 71.16 53.84
CA TRP N 256 81.46 71.87 54.48
C TRP N 256 81.78 73.10 53.65
N LEU N 257 81.44 74.27 54.17
CA LEU N 257 81.64 75.54 53.48
C LEU N 257 82.62 76.39 54.28
N ALA N 258 83.71 76.80 53.63
CA ALA N 258 84.75 77.61 54.26
C ALA N 258 84.91 78.91 53.49
N ASP N 259 85.01 80.02 54.21
CA ASP N 259 85.15 81.34 53.61
C ASP N 259 86.18 82.17 54.36
N TYR N 260 86.89 83.01 53.62
CA TYR N 260 87.91 83.88 54.18
C TYR N 260 87.28 85.24 54.49
N ASP N 261 87.24 85.61 55.77
CA ASP N 261 86.70 86.88 56.22
C ASP N 261 87.84 87.89 56.22
N TYR N 262 87.90 88.72 55.18
CA TYR N 262 88.93 89.74 55.09
C TYR N 262 88.69 90.86 56.10
N SER N 263 87.43 91.17 56.40
CA SER N 263 87.14 92.21 57.38
C SER N 263 87.64 91.82 58.76
N GLN N 264 87.44 90.57 59.17
CA GLN N 264 87.87 90.09 60.46
C GLN N 264 89.24 89.42 60.44
N LEU N 265 89.89 89.36 59.27
CA LEU N 265 91.21 88.74 59.13
C LEU N 265 91.21 87.30 59.63
N GLY N 266 90.19 86.54 59.22
CA GLY N 266 90.03 85.19 59.72
C GLY N 266 89.54 84.24 58.64
N ASP N 267 89.40 82.98 59.03
CA ASP N 267 88.82 81.94 58.19
C ASP N 267 87.70 81.25 58.97
N ARG N 268 86.53 81.13 58.35
CA ARG N 268 85.37 80.57 59.03
C ARG N 268 84.82 79.39 58.24
N THR N 269 84.57 78.29 58.94
CA THR N 269 84.08 77.07 58.31
C THR N 269 82.80 76.63 59.01
N LEU N 270 81.94 75.96 58.23
CA LEU N 270 80.64 75.51 58.70
C LEU N 270 80.33 74.14 58.10
N LEU N 271 79.85 73.24 58.96
CA LEU N 271 79.33 71.94 58.55
C LEU N 271 77.83 71.95 58.82
N ASP N 272 77.04 71.85 57.75
CA ASP N 272 75.59 72.02 57.88
C ASP N 272 74.84 71.00 57.05
N VAL N 273 73.60 70.76 57.46
CA VAL N 273 72.69 69.82 56.77
C VAL N 273 71.28 70.08 57.26
N PHE N 274 70.31 69.96 56.35
CA PHE N 274 68.91 70.14 56.71
C PHE N 274 68.31 68.82 57.18
N THR N 275 67.45 68.89 58.19
CA THR N 275 66.80 67.69 58.71
C THR N 275 65.39 68.03 59.16
N GLY N 276 64.52 67.03 59.11
CA GLY N 276 63.14 67.17 59.51
C GLY N 276 62.64 65.89 60.14
N ARG N 277 61.70 66.06 61.08
CA ARG N 277 61.20 64.96 61.90
C ARG N 277 59.68 64.90 61.81
N LYS N 278 59.14 63.71 62.00
CA LYS N 278 57.70 63.52 62.03
C LYS N 278 57.37 62.26 62.82
N VAL N 279 56.30 62.33 63.61
CA VAL N 279 55.80 61.20 64.38
C VAL N 279 54.53 60.70 63.71
N VAL N 280 54.53 59.44 63.29
CA VAL N 280 53.38 58.86 62.60
C VAL N 280 52.35 58.45 63.64
N THR N 281 51.17 59.07 63.61
CA THR N 281 50.11 58.80 64.55
C THR N 281 48.82 58.51 63.79
N GLU N 282 47.85 57.94 64.51
CA GLU N 282 46.57 57.61 63.90
C GLU N 282 45.73 58.88 63.72
N VAL N 283 44.57 58.70 63.08
CA VAL N 283 43.70 59.84 62.78
C VAL N 283 43.13 60.43 64.08
N ASP N 284 42.82 59.59 65.05
CA ASP N 284 42.22 60.03 66.31
C ASP N 284 43.27 60.47 67.32
N GLY N 285 44.50 60.74 66.89
CA GLY N 285 45.56 61.16 67.79
C GLY N 285 45.96 60.11 68.79
N SER N 286 46.02 58.85 68.37
CA SER N 286 46.39 57.73 69.24
C SER N 286 47.68 57.12 68.69
N PHE N 287 48.80 57.45 69.33
CA PHE N 287 50.10 56.93 68.93
C PHE N 287 50.24 55.51 69.46
N VAL N 288 49.74 54.55 68.68
CA VAL N 288 49.76 53.14 69.06
C VAL N 288 50.79 52.34 68.27
N ARG N 289 51.66 53.03 67.53
CA ARG N 289 52.69 52.36 66.74
C ARG N 289 53.97 52.12 67.52
N ALA N 290 54.04 52.54 68.78
CA ALA N 290 55.22 52.32 69.60
C ALA N 290 54.80 52.21 71.06
N VAL N 291 55.67 51.59 71.86
CA VAL N 291 55.43 51.39 73.28
C VAL N 291 56.70 51.75 74.04
N GLU N 292 56.51 52.40 75.20
CA GLU N 292 57.59 52.80 76.08
C GLU N 292 57.53 52.00 77.36
N LEU N 293 58.65 51.40 77.74
CA LEU N 293 58.77 50.58 78.95
C LEU N 293 59.66 51.31 79.94
N GLN N 294 59.19 51.41 81.18
CA GLN N 294 59.90 52.14 82.23
C GLN N 294 60.23 51.19 83.38
N LEU N 295 61.45 51.32 83.90
CA LEU N 295 61.90 50.54 85.05
C LEU N 295 61.46 51.27 86.32
N GLN N 296 60.31 50.88 86.86
CA GLN N 296 59.81 51.51 88.07
C GLN N 296 60.70 51.18 89.25
N ALA N 297 60.94 52.18 90.09
CA ALA N 297 61.84 52.06 91.23
C ALA N 297 61.05 51.91 92.53
N SER N 298 61.73 51.36 93.54
CA SER N 298 61.14 51.16 94.86
C SER N 298 61.89 51.85 95.99
N SER N 299 63.14 52.23 95.78
CA SER N 299 63.92 52.90 96.81
C SER N 299 64.99 53.77 96.15
N ILE N 300 65.40 54.81 96.87
CA ILE N 300 66.44 55.72 96.42
C ILE N 300 67.44 55.92 97.55
N THR N 301 68.64 56.36 97.18
CA THR N 301 69.68 56.63 98.16
C THR N 301 70.68 57.61 97.55
N ILE N 302 71.25 58.45 98.40
CA ILE N 302 72.27 59.40 97.97
C ILE N 302 73.61 58.70 97.90
N VAL N 303 74.28 58.81 96.76
CA VAL N 303 75.54 58.12 96.53
C VAL N 303 76.63 58.69 97.44
N GLY N 304 77.54 57.82 97.86
CA GLY N 304 78.65 58.22 98.69
C GLY N 304 78.39 58.17 100.18
N GLY N 305 77.15 57.94 100.60
CA GLY N 305 76.85 57.89 102.02
C GLY N 305 77.12 59.23 102.69
N ALA N 306 77.59 59.16 103.94
CA ALA N 306 77.92 60.37 104.67
C ALA N 306 79.19 61.01 104.12
N PHE N 307 79.20 62.34 104.12
CA PHE N 307 80.34 63.10 103.62
C PHE N 307 80.46 64.39 104.43
N ALA N 308 81.67 64.94 104.48
CA ALA N 308 81.88 66.20 105.18
C ALA N 308 81.45 67.38 104.31
N LEU N 309 82.16 67.59 103.20
CA LEU N 309 81.82 68.47 102.08
C LEU N 309 83.12 68.69 101.30
N ALA N 310 83.63 69.92 101.34
CA ALA N 310 84.99 70.21 100.85
C ALA N 310 85.74 71.04 101.88
N THR N 311 85.03 71.96 102.51
CA THR N 311 85.57 72.90 103.51
C THR N 311 84.39 73.63 104.14
N THR N 312 84.70 74.62 104.98
CA THR N 312 83.65 75.39 105.63
C THR N 312 82.91 76.32 104.66
N THR N 313 83.52 76.65 103.53
CA THR N 313 82.94 77.57 102.55
C THR N 313 83.07 77.01 101.15
N GLY N 314 82.72 75.74 100.99
CA GLY N 314 82.80 75.06 99.71
C GLY N 314 81.45 74.67 99.16
N THR N 315 81.50 73.92 98.05
CA THR N 315 80.30 73.42 97.38
C THR N 315 80.47 71.94 97.07
N LYS N 316 79.35 71.24 96.96
CA LYS N 316 79.37 69.81 96.66
C LYS N 316 78.12 69.47 95.87
N GLN N 317 78.32 68.90 94.68
CA GLN N 317 77.20 68.50 93.82
C GLN N 317 76.71 67.12 94.26
N LEU N 318 75.66 67.11 95.07
CA LEU N 318 75.11 65.86 95.57
C LEU N 318 74.42 65.10 94.45
N LYS N 319 74.55 63.77 94.48
CA LYS N 319 73.95 62.90 93.48
C LYS N 319 73.15 61.81 94.17
N VAL N 320 71.99 61.48 93.59
CA VAL N 320 71.08 60.48 94.15
C VAL N 320 70.80 59.43 93.09
N ARG N 321 70.81 58.17 93.51
CA ARG N 321 70.60 57.04 92.61
C ARG N 321 69.54 56.11 93.22
N ASP N 322 68.73 55.52 92.34
CA ASP N 322 67.68 54.64 92.81
C ASP N 322 68.24 53.25 93.11
N ASP N 323 67.36 52.34 93.53
CA ASP N 323 67.80 50.97 93.81
C ASP N 323 68.21 50.25 92.54
N ASN N 324 67.58 50.58 91.40
CA ASN N 324 67.96 49.94 90.14
C ASN N 324 69.35 50.34 89.71
N GLY N 325 69.75 51.60 89.98
CA GLY N 325 71.06 52.06 89.60
C GLY N 325 71.05 53.09 88.49
N THR N 326 70.03 53.95 88.49
CA THR N 326 69.88 54.98 87.46
C THR N 326 70.01 56.36 88.09
N ASP N 327 70.64 57.27 87.36
CA ASP N 327 70.78 58.65 87.82
C ASP N 327 69.43 59.35 87.75
N VAL N 328 68.99 59.92 88.87
CA VAL N 328 67.71 60.59 88.96
C VAL N 328 67.89 61.98 89.56
N THR N 329 69.12 62.52 89.45
CA THR N 329 69.42 63.81 90.06
C THR N 329 68.57 64.93 89.45
N ALA N 330 68.36 64.88 88.13
CA ALA N 330 67.59 65.94 87.48
C ALA N 330 66.15 65.96 87.96
N ARG N 331 65.55 64.78 88.19
CA ARG N 331 64.14 64.67 88.54
C ARG N 331 63.93 64.43 90.04
N CYS N 332 64.82 64.91 90.88
CA CYS N 332 64.70 64.80 92.33
C CYS N 332 64.70 66.18 92.96
N THR N 333 63.95 66.33 94.04
CA THR N 333 63.94 67.59 94.80
C THR N 333 64.74 67.41 96.09
N PHE N 334 65.32 68.50 96.56
CA PHE N 334 66.18 68.49 97.74
C PHE N 334 65.69 69.52 98.74
N ALA N 335 65.60 69.12 100.00
CA ALA N 335 65.17 70.00 101.08
C ALA N 335 66.19 69.95 102.20
N SER N 336 66.37 71.09 102.88
CA SER N 336 67.30 71.20 104.00
C SER N 336 66.51 71.54 105.26
N SER N 337 66.66 70.70 106.28
CA SER N 337 66.06 70.98 107.58
C SER N 337 66.89 71.94 108.42
N ALA N 338 68.10 72.28 107.96
CA ALA N 338 69.02 73.18 108.64
C ALA N 338 69.55 74.21 107.65
N GLY N 339 68.63 74.84 106.91
CA GLY N 339 69.03 75.71 105.81
C GLY N 339 70.00 76.79 106.21
N THR N 340 69.88 77.31 107.44
CA THR N 340 70.86 78.27 107.93
C THR N 340 72.22 77.62 108.11
N LYS N 341 72.26 76.37 108.57
CA LYS N 341 73.52 75.66 108.74
C LYS N 341 74.12 75.24 107.40
N ALA N 342 73.29 74.71 106.51
CA ALA N 342 73.74 74.25 105.20
C ALA N 342 72.72 74.67 104.14
N THR N 343 73.23 75.24 103.04
CA THR N 343 72.39 75.72 101.96
C THR N 343 72.47 74.75 100.78
N VAL N 344 71.30 74.33 100.30
CA VAL N 344 71.22 73.38 99.18
C VAL N 344 70.53 74.07 98.01
N SER N 345 70.94 73.70 96.80
CA SER N 345 70.39 74.26 95.58
C SER N 345 69.30 73.35 95.02
N ALA N 346 68.66 73.82 93.95
CA ALA N 346 67.61 73.03 93.31
C ALA N 346 68.15 71.75 92.70
N ALA N 347 69.33 71.82 92.08
CA ALA N 347 69.94 70.66 91.44
C ALA N 347 70.69 69.77 92.42
N GLY N 348 70.77 70.14 93.70
CA GLY N 348 71.47 69.35 94.69
C GLY N 348 72.85 69.87 95.05
N LEU N 349 73.27 71.00 94.51
CA LEU N 349 74.58 71.57 94.82
C LEU N 349 74.50 72.22 96.20
N VAL N 350 74.87 71.45 97.22
CA VAL N 350 74.84 71.94 98.59
C VAL N 350 76.07 72.80 98.85
N THR N 351 75.85 73.99 99.41
CA THR N 351 76.91 74.94 99.69
C THR N 351 77.03 75.12 101.19
N GLY N 352 78.26 75.01 101.71
CA GLY N 352 78.50 75.20 103.13
C GLY N 352 78.65 76.65 103.51
N VAL N 353 77.69 77.17 104.28
CA VAL N 353 77.71 78.57 104.68
C VAL N 353 78.14 78.67 106.14
N ALA N 354 77.79 77.66 106.95
CA ALA N 354 78.13 77.62 108.36
C ALA N 354 78.67 76.25 108.71
N ALA N 355 79.79 76.23 109.43
CA ALA N 355 80.35 74.96 109.88
C ALA N 355 79.48 74.33 110.94
N GLY N 356 79.34 73.01 110.88
CA GLY N 356 78.51 72.30 111.83
C GLY N 356 78.02 71.00 111.22
N THR N 357 76.86 70.55 111.72
CA THR N 357 76.24 69.31 111.26
C THR N 357 74.80 69.61 110.85
N ALA N 358 74.42 69.12 109.68
CA ALA N 358 73.08 69.35 109.14
C ALA N 358 72.61 68.07 108.45
N ASP N 359 71.37 68.11 107.94
CA ASP N 359 70.79 66.99 107.21
C ASP N 359 70.14 67.50 105.94
N ILE N 360 70.19 66.69 104.88
CA ILE N 360 69.54 67.00 103.61
C ILE N 360 68.66 65.82 103.23
N THR N 361 67.41 66.10 102.87
CA THR N 361 66.46 65.07 102.47
C THR N 361 66.16 65.20 100.99
N ALA N 362 66.37 64.13 100.24
CA ALA N 362 66.09 64.09 98.81
C ALA N 362 64.82 63.28 98.58
N SER N 363 63.90 63.86 97.82
CA SER N 363 62.63 63.23 97.51
C SER N 363 62.51 62.99 96.01
N TYR N 364 62.00 61.81 95.65
CA TYR N 364 61.85 61.39 94.26
C TYR N 364 60.44 60.87 94.06
N VAL N 365 59.76 61.37 93.05
CA VAL N 365 58.42 60.85 92.72
C VAL N 365 58.57 59.51 92.00
N PRO N 366 57.90 58.45 92.47
CA PRO N 366 58.06 57.15 91.81
C PRO N 366 57.35 57.14 90.47
N PRO N 367 57.92 56.45 89.48
CA PRO N 367 57.21 56.32 88.19
C PRO N 367 55.87 55.63 88.30
N GLN N 368 55.73 54.67 89.24
CA GLN N 368 54.46 53.99 89.42
C GLN N 368 53.40 54.88 90.05
N GLY N 369 53.80 55.98 90.68
CA GLY N 369 52.86 56.87 91.33
C GLY N 369 52.70 56.57 92.82
N GLY N 370 52.14 57.55 93.53
CA GLY N 370 51.94 57.42 94.96
C GLY N 370 52.83 58.34 95.76
N THR N 371 53.17 57.93 96.99
CA THR N 371 54.04 58.73 97.83
C THR N 371 55.45 58.77 97.27
N ALA N 372 56.12 59.92 97.44
CA ALA N 372 57.46 60.12 96.93
C ALA N 372 58.48 59.51 97.91
N LYS N 373 59.41 58.73 97.37
CA LYS N 373 60.43 58.12 98.20
C LYS N 373 61.41 59.19 98.70
N THR N 374 61.71 59.15 99.99
CA THR N 374 62.56 60.13 100.63
C THR N 374 63.78 59.45 101.25
N ALA N 375 64.92 60.14 101.20
CA ALA N 375 66.15 59.63 101.79
C ALA N 375 66.92 60.80 102.39
N THR N 376 67.32 60.66 103.65
CA THR N 376 67.98 61.73 104.38
C THR N 376 69.43 61.35 104.65
N VAL N 377 70.34 62.28 104.37
CA VAL N 377 71.76 62.07 104.56
C VAL N 377 72.33 63.24 105.36
N THR N 378 73.14 62.93 106.36
CA THR N 378 73.77 63.96 107.18
C THR N 378 75.01 64.53 106.47
N VAL N 379 75.37 65.75 106.87
CA VAL N 379 76.52 66.46 106.34
C VAL N 379 77.24 67.12 107.51
N THR N 380 78.57 67.10 107.46
CA THR N 380 79.41 67.71 108.50
C THR N 380 80.30 68.75 107.82
N VAL N 381 79.81 69.99 107.75
CA VAL N 381 80.55 71.07 107.13
C VAL N 381 81.68 71.49 108.05
N PRO N 382 82.95 71.42 107.61
CA PRO N 382 84.12 71.77 108.41
C PRO N 382 84.19 73.26 108.74
N ILE O 4 125.37 12.27 130.51
CA ILE O 4 126.41 11.25 130.67
C ILE O 4 127.39 11.31 129.51
N PHE O 5 126.85 11.30 128.29
CA PHE O 5 127.64 11.34 127.07
C PHE O 5 127.48 12.70 126.40
N VAL O 6 128.60 13.34 126.07
CA VAL O 6 128.56 14.62 125.38
C VAL O 6 128.07 14.40 123.95
N LYS O 7 127.16 15.27 123.50
CA LYS O 7 126.57 15.13 122.19
C LYS O 7 126.66 16.46 121.43
N PRO O 8 126.77 16.40 120.09
CA PRO O 8 126.81 17.63 119.31
C PRO O 8 125.42 18.19 119.05
N GLU O 9 125.32 19.24 118.26
CA GLU O 9 124.05 19.88 117.91
C GLU O 9 123.90 19.87 116.39
N LEU O 10 123.36 18.78 115.86
CA LEU O 10 123.13 18.68 114.42
C LEU O 10 121.98 19.60 114.02
N VAL O 11 122.17 20.32 112.92
CA VAL O 11 121.18 21.25 112.39
C VAL O 11 120.90 20.84 110.96
N ALA O 12 119.86 20.03 110.76
CA ALA O 12 119.40 19.63 109.45
C ALA O 12 118.07 20.29 109.15
N GLU O 13 117.81 20.55 107.87
CA GLU O 13 116.62 21.28 107.47
C GLU O 13 115.98 20.62 106.25
N ILE O 14 114.66 20.79 106.16
CA ILE O 14 113.87 20.36 105.01
C ILE O 14 113.15 21.62 104.56
N GLY O 15 112.38 21.56 103.47
CA GLY O 15 111.75 22.77 102.98
C GLY O 15 110.48 23.11 103.73
N VAL O 16 110.60 24.04 104.67
CA VAL O 16 109.48 24.49 105.49
C VAL O 16 109.45 26.02 105.46
N LYS O 17 109.89 26.60 104.34
CA LYS O 17 110.03 28.04 104.25
C LYS O 17 108.71 28.74 104.49
N GLN O 18 108.80 29.97 105.01
CA GLN O 18 107.62 30.75 105.34
C GLN O 18 106.79 31.01 104.08
N LEU O 19 105.47 30.79 104.19
CA LEU O 19 104.57 30.97 103.07
C LEU O 19 104.33 32.46 102.83
N GLN O 20 104.42 32.88 101.58
CA GLN O 20 104.25 34.28 101.22
C GLN O 20 103.38 34.38 99.98
N ARG O 21 102.76 35.55 99.80
CA ARG O 21 101.87 35.78 98.67
C ARG O 21 102.67 35.89 97.38
N GLU O 22 101.98 35.64 96.27
CA GLU O 22 102.60 35.65 94.95
C GLU O 22 102.64 37.07 94.40
N ILE O 23 103.09 37.20 93.16
CA ILE O 23 103.25 38.49 92.48
C ILE O 23 102.40 38.44 91.22
N VAL O 24 101.24 39.10 91.26
CA VAL O 24 100.31 39.13 90.14
C VAL O 24 100.05 40.55 89.65
N LEU O 25 99.97 41.52 90.56
CA LEU O 25 99.62 42.89 90.17
C LEU O 25 100.56 43.53 89.16
N PRO O 26 101.89 43.41 89.26
CA PRO O 26 102.75 44.08 88.26
C PRO O 26 102.51 43.62 86.84
N GLY O 27 102.02 42.40 86.65
CA GLY O 27 101.76 41.87 85.32
C GLY O 27 100.43 42.23 84.73
N LEU O 28 99.64 43.08 85.39
CA LEU O 28 98.31 43.44 84.91
C LEU O 28 98.12 44.95 84.73
N VAL O 29 98.76 45.78 85.55
CA VAL O 29 98.56 47.22 85.45
C VAL O 29 99.31 47.78 84.26
N TRP O 30 98.86 48.95 83.79
CA TRP O 30 99.52 49.65 82.70
C TRP O 30 100.80 50.30 83.23
N THR O 31 101.95 49.76 82.84
CA THR O 31 103.22 50.17 83.39
C THR O 31 104.04 50.96 82.38
N ASN O 32 104.79 51.93 82.87
CA ASN O 32 105.70 52.75 82.08
C ASN O 32 105.05 53.34 80.83
N PRO O 33 104.00 54.16 80.98
CA PRO O 33 103.44 54.84 79.80
C PRO O 33 104.42 55.83 79.18
N LEU O 34 105.25 56.47 79.99
CA LEU O 34 106.23 57.46 79.53
C LEU O 34 107.63 56.94 79.83
N THR O 35 108.50 57.00 78.81
CA THR O 35 109.85 56.46 78.96
C THR O 35 110.72 57.37 79.82
N ASP O 36 110.62 58.69 79.62
CA ASP O 36 111.52 59.65 80.26
C ASP O 36 110.72 60.63 81.11
N PHE O 37 111.28 60.98 82.26
CA PHE O 37 110.68 61.97 83.15
C PHE O 37 111.65 63.04 83.64
N GLY O 38 112.97 62.80 83.60
CA GLY O 38 113.91 63.77 84.14
C GLY O 38 113.94 65.06 83.35
N GLY O 39 113.89 64.97 82.02
CA GLY O 39 113.96 66.15 81.18
C GLY O 39 112.63 66.87 81.06
N SER O 40 112.09 67.32 82.19
CA SER O 40 110.81 68.00 82.20
C SER O 40 110.73 68.90 83.43
N LYS O 41 109.76 69.80 83.42
CA LYS O 41 109.60 70.76 84.52
C LYS O 41 109.21 70.05 85.80
N ASN O 42 109.95 70.33 86.88
CA ASN O 42 109.74 69.81 88.22
C ASN O 42 109.35 68.33 88.23
N ASP O 43 109.99 67.53 87.37
CA ASP O 43 109.83 66.07 87.35
C ASP O 43 108.37 65.66 87.17
N THR O 44 107.68 66.30 86.23
CA THR O 44 106.34 65.90 85.85
C THR O 44 106.22 65.91 84.35
N ILE O 45 105.31 65.07 83.83
CA ILE O 45 105.04 64.97 82.41
C ILE O 45 103.57 65.29 82.18
N THR O 46 103.30 66.22 81.26
CA THR O 46 101.95 66.65 80.96
C THR O 46 101.48 65.98 79.67
N VAL O 47 100.30 65.37 79.74
CA VAL O 47 99.68 64.70 78.60
C VAL O 47 98.41 65.47 78.23
N ARG O 48 98.29 65.84 76.96
CA ARG O 48 97.19 66.66 76.46
C ARG O 48 96.06 65.73 76.02
N VAL O 49 94.91 65.84 76.68
CA VAL O 49 93.75 65.04 76.30
C VAL O 49 93.16 65.58 75.00
N PRO O 50 92.79 64.74 74.04
CA PRO O 50 92.15 65.23 72.82
C PRO O 50 90.84 65.94 73.12
N ALA O 51 90.54 66.94 72.31
CA ALA O 51 89.38 67.80 72.51
C ALA O 51 88.23 67.41 71.61
N ILE O 52 87.01 67.61 72.10
CA ILE O 52 85.79 67.36 71.34
C ILE O 52 84.90 68.59 71.43
N THR O 53 84.23 68.91 70.33
CA THR O 53 83.35 70.07 70.24
C THR O 53 81.89 69.61 70.23
N THR O 54 80.99 70.59 70.21
CA THR O 54 79.56 70.36 70.20
C THR O 54 78.94 71.04 68.97
N ALA O 55 77.62 71.02 68.89
CA ALA O 55 76.89 71.61 67.79
C ALA O 55 75.59 72.23 68.28
N ASN O 56 75.07 73.17 67.51
CA ASN O 56 73.82 73.85 67.81
C ASN O 56 72.86 73.69 66.64
N ARG O 57 71.61 74.07 66.85
CA ARG O 57 70.55 73.89 65.88
C ARG O 57 69.83 75.19 65.63
N ARG O 58 69.25 75.30 64.43
CA ARG O 58 68.47 76.48 64.04
C ARG O 58 67.33 76.02 63.13
N ASP O 59 66.31 76.87 63.03
CA ASP O 59 65.10 76.56 62.28
C ASP O 59 65.19 77.11 60.86
N LEU O 60 64.41 76.49 59.97
CA LEU O 60 64.34 76.94 58.59
C LEU O 60 63.47 78.20 58.48
N ARG O 61 63.68 78.93 57.37
CA ARG O 61 62.97 80.18 57.11
C ARG O 61 63.15 81.17 58.27
N ASP O 62 64.37 81.20 58.83
CA ASP O 62 64.66 82.05 59.96
C ASP O 62 65.05 83.44 59.48
N PRO O 63 64.34 84.50 59.90
CA PRO O 63 64.67 85.84 59.41
C PRO O 63 66.09 86.27 59.76
N ASP O 64 66.58 85.89 60.93
CA ASP O 64 67.95 86.23 61.35
C ASP O 64 68.90 85.14 60.89
N ARG O 65 69.75 85.48 59.92
CA ARG O 65 70.69 84.53 59.34
C ARG O 65 71.98 84.40 60.15
N THR O 66 71.99 84.85 61.40
CA THR O 66 73.19 84.81 62.21
C THR O 66 73.61 83.36 62.50
N VAL O 67 74.91 83.18 62.69
CA VAL O 67 75.50 81.87 62.95
C VAL O 67 76.35 81.94 64.21
N ILE O 68 76.24 80.94 65.06
CA ILE O 68 76.96 80.88 66.33
C ILE O 68 78.00 79.77 66.23
N ALA O 69 79.25 80.12 66.52
CA ALA O 69 80.36 79.17 66.47
C ALA O 69 80.69 78.67 67.88
N SER O 70 81.52 77.64 67.92
CA SER O 70 81.97 77.04 69.16
C SER O 70 83.49 77.17 69.28
N GLU O 71 84.03 76.62 70.37
CA GLU O 71 85.46 76.65 70.61
C GLU O 71 85.88 75.35 71.29
N LEU O 72 87.00 74.80 70.82
CA LEU O 72 87.54 73.57 71.40
C LEU O 72 88.34 73.88 72.66
N VAL O 73 88.13 73.07 73.69
CA VAL O 73 88.88 73.17 74.94
C VAL O 73 89.73 71.91 75.08
N GLU O 74 91.05 72.11 75.21
CA GLU O 74 92.01 71.01 75.25
C GLU O 74 92.58 70.91 76.66
N HIS O 75 91.92 70.11 77.50
CA HIS O 75 92.41 69.89 78.86
C HIS O 75 93.59 68.92 78.84
N SER O 76 94.37 68.95 79.91
CA SER O 76 95.55 68.11 80.03
C SER O 76 95.73 67.70 81.48
N PHE O 77 96.45 66.62 81.69
CA PHE O 77 96.76 66.13 83.03
C PHE O 77 98.26 65.91 83.16
N GLY O 78 98.69 65.56 84.37
CA GLY O 78 100.11 65.42 84.64
C GLY O 78 100.39 64.21 85.50
N VAL O 79 101.58 63.64 85.28
CA VAL O 79 102.07 62.50 86.06
C VAL O 79 103.41 62.89 86.67
N THR O 80 103.56 62.67 87.97
CA THR O 80 104.75 63.09 88.71
C THR O 80 105.37 61.89 89.42
N LEU O 81 106.70 61.80 89.36
CA LEU O 81 107.45 60.78 90.07
C LEU O 81 107.85 61.33 91.44
N ASP O 82 107.31 60.74 92.51
CA ASP O 82 107.59 61.24 93.84
C ASP O 82 107.76 60.14 94.88
N LYS O 83 107.88 58.87 94.48
CA LYS O 83 108.03 57.78 95.45
C LYS O 83 109.37 57.10 95.25
N HIS O 84 109.97 56.66 96.36
CA HIS O 84 111.29 56.04 96.34
C HIS O 84 111.25 54.80 97.23
N VAL O 85 111.36 53.63 96.61
CA VAL O 85 111.31 52.36 97.33
C VAL O 85 112.75 51.91 97.58
N TYR O 86 113.13 51.83 98.85
CA TYR O 86 114.50 51.52 99.22
C TYR O 86 114.53 50.45 100.29
N ALA O 87 115.64 49.71 100.32
CA ALA O 87 115.86 48.69 101.33
C ALA O 87 117.32 48.77 101.77
N ALA O 88 117.55 48.72 103.09
CA ALA O 88 118.87 48.89 103.65
C ALA O 88 119.15 47.82 104.69
N LEU O 89 120.44 47.58 104.93
CA LEU O 89 120.88 46.62 105.93
C LEU O 89 122.14 47.17 106.61
N LYS O 90 122.41 46.65 107.80
CA LYS O 90 123.53 47.10 108.63
C LYS O 90 124.36 45.92 109.12
N PHE O 91 124.70 45.02 108.20
CA PHE O 91 125.54 43.87 108.53
C PHE O 91 126.93 44.36 108.91
N THR O 92 127.27 44.26 110.20
CA THR O 92 128.55 44.76 110.69
C THR O 92 129.66 43.77 110.34
N ASP O 93 130.86 44.03 110.87
CA ASP O 93 132.03 43.25 110.48
C ASP O 93 131.92 41.78 110.93
N GLU O 94 131.42 41.56 112.15
CA GLU O 94 131.37 40.20 112.68
C GLU O 94 130.34 39.32 111.98
N GLN O 95 129.35 39.92 111.31
CA GLN O 95 128.36 39.13 110.58
C GLN O 95 128.99 38.47 109.35
N ARG O 96 129.92 39.16 108.70
CA ARG O 96 130.55 38.63 107.49
C ARG O 96 131.57 37.55 107.77
N THR O 97 131.91 37.29 109.05
CA THR O 97 132.95 36.33 109.40
C THR O 97 132.38 34.99 109.86
N LEU O 98 131.56 35.00 110.92
CA LEU O 98 131.09 33.76 111.54
C LEU O 98 129.75 33.31 110.98
N ASP O 99 128.71 34.14 111.11
CA ASP O 99 127.36 33.77 110.68
C ASP O 99 127.07 34.37 109.31
N ILE O 100 127.69 33.77 108.30
CA ILE O 100 127.54 34.19 106.92
C ILE O 100 127.48 32.96 106.01
N ARG O 101 126.65 33.04 104.98
CA ARG O 101 126.56 32.01 103.96
C ARG O 101 126.72 32.65 102.58
N ASP O 102 126.40 31.88 101.53
CA ASP O 102 126.45 32.41 100.17
C ASP O 102 125.75 33.76 100.08
N TYR O 103 126.47 34.76 99.57
CA TYR O 103 125.99 36.13 99.56
C TYR O 103 124.78 36.34 98.65
N THR O 104 124.47 35.39 97.76
CA THR O 104 123.34 35.53 96.87
C THR O 104 122.06 34.93 97.45
N LYS O 105 122.15 33.68 97.93
CA LYS O 105 120.96 33.01 98.43
C LYS O 105 120.53 33.54 99.79
N GLN O 106 121.48 33.81 100.68
CA GLN O 106 121.14 34.11 102.06
C GLN O 106 120.51 35.51 102.20
N VAL O 107 121.10 36.51 101.55
CA VAL O 107 120.72 37.90 101.75
C VAL O 107 120.22 38.57 100.47
N LEU O 108 120.88 38.32 99.34
CA LEU O 108 120.51 39.00 98.11
C LEU O 108 119.12 38.58 97.63
N MET O 109 118.84 37.28 97.64
CA MET O 109 117.51 36.81 97.24
C MET O 109 116.42 37.33 98.16
N PRO O 110 116.54 37.26 99.50
CA PRO O 110 115.52 37.92 100.34
C PRO O 110 115.44 39.41 100.13
N GLN O 111 116.55 40.08 99.81
CA GLN O 111 116.49 41.52 99.55
C GLN O 111 115.66 41.82 98.32
N VAL O 112 115.90 41.10 97.22
CA VAL O 112 115.13 41.29 96.01
C VAL O 112 113.66 40.92 96.24
N SER O 113 113.42 39.85 97.01
CA SER O 113 112.06 39.44 97.31
C SER O 113 111.33 40.51 98.11
N ALA O 114 112.00 41.11 99.09
CA ALA O 114 111.39 42.18 99.87
C ALA O 114 111.10 43.40 99.02
N VAL O 115 112.03 43.75 98.13
CA VAL O 115 111.79 44.90 97.24
C VAL O 115 110.58 44.64 96.35
N ALA O 116 110.50 43.45 95.77
CA ALA O 116 109.36 43.11 94.93
C ALA O 116 108.06 43.08 95.72
N TYR O 117 108.11 42.58 96.96
CA TYR O 117 106.91 42.53 97.79
C TYR O 117 106.43 43.92 98.15
N GLU O 118 107.36 44.84 98.44
CA GLU O 118 106.96 46.20 98.73
C GLU O 118 106.44 46.91 97.49
N LEU O 119 106.97 46.60 96.31
CA LEU O 119 106.40 47.12 95.08
C LEU O 119 104.98 46.61 94.87
N GLU O 120 104.76 45.32 95.18
CA GLU O 120 103.41 44.76 95.12
C GLU O 120 102.48 45.47 96.10
N ASP O 121 102.96 45.73 97.31
CA ASP O 121 102.16 46.47 98.28
C ASP O 121 101.85 47.89 97.79
N TYR O 122 102.83 48.53 97.14
CA TYR O 122 102.62 49.85 96.56
C TYR O 122 101.50 49.83 95.52
N ILE O 123 101.54 48.84 94.63
CA ILE O 123 100.44 48.68 93.67
C ILE O 123 99.13 48.39 94.41
N ALA O 124 99.20 47.68 95.53
CA ALA O 124 97.98 47.39 96.30
C ALA O 124 97.34 48.66 96.84
N GLU O 125 98.15 49.57 97.43
CA GLU O 125 97.56 50.81 97.91
C GLU O 125 97.11 51.68 96.74
N LEU O 126 97.80 51.61 95.59
CA LEU O 126 97.34 52.36 94.43
C LEU O 126 95.98 51.87 93.94
N ILE O 127 95.78 50.55 93.91
CA ILE O 127 94.52 49.99 93.45
C ILE O 127 93.42 50.11 94.50
N GLU O 128 93.78 50.28 95.77
CA GLU O 128 92.80 50.44 96.83
C GLU O 128 92.49 51.91 97.09
N GLY O 129 93.53 52.69 97.41
CA GLY O 129 93.35 54.11 97.63
C GLY O 129 93.12 54.88 96.35
N ALA O 130 91.90 55.35 96.13
CA ALA O 130 91.53 56.06 94.93
C ALA O 130 90.30 56.90 95.22
N PRO O 131 90.06 57.96 94.45
CA PRO O 131 88.85 58.77 94.66
C PRO O 131 87.59 58.04 94.21
N TYR O 132 87.21 57.00 94.94
CA TYR O 132 86.03 56.21 94.62
C TYR O 132 84.80 56.87 95.24
N GLU O 133 83.80 57.18 94.41
CA GLU O 133 82.60 57.84 94.92
C GLU O 133 81.76 56.90 95.76
N GLU O 134 81.76 55.61 95.45
CA GLU O 134 80.94 54.66 96.18
C GLU O 134 81.53 53.26 96.01
N THR O 135 81.09 52.35 96.86
CA THR O 135 81.49 50.95 96.81
C THR O 135 80.25 50.10 96.57
N ILE O 136 80.33 49.19 95.59
CA ILE O 136 79.20 48.33 95.28
C ILE O 136 79.06 47.27 96.36
N LEU O 137 77.91 47.25 97.02
CA LEU O 137 77.67 46.31 98.11
C LEU O 137 77.30 44.94 97.55
N ILE O 138 78.07 43.93 97.89
CA ILE O 138 77.83 42.56 97.44
C ILE O 138 77.06 41.83 98.52
N ASP O 139 75.84 41.38 98.18
CA ASP O 139 75.04 40.62 99.13
C ASP O 139 75.68 39.26 99.40
N PRO O 140 75.77 38.84 100.66
CA PRO O 140 76.39 37.54 100.95
C PRO O 140 75.68 36.36 100.28
N ALA O 141 74.36 36.44 100.13
CA ALA O 141 73.63 35.32 99.52
C ALA O 141 73.69 35.37 98.00
N ASP O 142 73.46 36.55 97.41
CA ASP O 142 73.45 36.72 95.97
C ASP O 142 74.59 37.63 95.56
N THR O 143 75.43 37.16 94.64
CA THR O 143 76.63 37.89 94.24
C THR O 143 76.63 38.33 92.78
N VAL O 144 75.92 37.63 91.89
CA VAL O 144 75.89 38.02 90.48
C VAL O 144 75.33 39.42 90.28
N PRO O 145 74.22 39.82 90.92
CA PRO O 145 73.71 41.18 90.71
C PRO O 145 74.71 42.27 91.07
N ALA O 146 75.57 42.04 92.06
CA ALA O 146 76.58 43.05 92.39
C ALA O 146 77.54 43.27 91.22
N PHE O 147 78.01 42.18 90.61
CA PHE O 147 78.91 42.32 89.46
C PHE O 147 78.18 42.91 88.26
N ILE O 148 76.91 42.55 88.08
CA ILE O 148 76.13 43.16 87.00
C ILE O 148 76.00 44.66 87.21
N THR O 149 75.76 45.08 88.46
CA THR O 149 75.66 46.50 88.78
C THR O 149 76.99 47.20 88.53
N ALA O 150 78.11 46.56 88.90
CA ALA O 150 79.42 47.16 88.64
C ALA O 150 79.66 47.32 87.15
N ASP O 151 79.29 46.31 86.36
CA ASP O 151 79.44 46.41 84.91
C ASP O 151 78.55 47.50 84.34
N GLN O 152 77.35 47.66 84.89
CA GLN O 152 76.46 48.74 84.44
C GLN O 152 77.05 50.11 84.76
N ARG O 153 77.64 50.26 85.95
CA ARG O 153 78.29 51.52 86.29
C ARG O 153 79.46 51.81 85.35
N MET O 154 80.24 50.77 85.03
CA MET O 154 81.35 50.95 84.10
C MET O 154 80.84 51.36 82.72
N GLY O 155 79.76 50.72 82.24
CA GLY O 155 79.22 51.03 80.94
C GLY O 155 78.52 52.37 80.86
N GLU O 156 78.06 52.90 82.00
CA GLU O 156 77.45 54.22 82.00
C GLU O 156 78.43 55.29 81.58
N ALA O 157 79.72 55.07 81.80
CA ALA O 157 80.78 55.99 81.39
C ALA O 157 81.31 55.68 79.99
N ASN O 158 80.67 54.77 79.26
CA ASN O 158 81.10 54.38 77.92
C ASN O 158 82.52 53.82 77.93
N VAL O 159 82.84 53.05 78.96
CA VAL O 159 84.16 52.40 79.04
C VAL O 159 84.24 51.31 77.97
N PRO O 160 85.31 51.25 77.18
CA PRO O 160 85.42 50.19 76.18
C PRO O 160 85.42 48.81 76.82
N THR O 161 84.81 47.85 76.12
CA THR O 161 84.64 46.50 76.65
C THR O 161 85.78 45.59 76.21
N ASP O 162 86.99 45.97 76.64
CA ASP O 162 88.18 45.17 76.36
C ASP O 162 89.22 45.47 77.44
N SER O 163 90.05 44.46 77.72
CA SER O 163 91.13 44.58 78.71
C SER O 163 90.60 45.03 80.06
N ARG O 164 89.44 44.51 80.44
CA ARG O 164 88.80 44.85 81.72
C ARG O 164 89.33 43.89 82.77
N ARG O 165 90.40 44.30 83.44
CA ARG O 165 91.04 43.46 84.44
C ARG O 165 90.31 43.59 85.77
N LEU O 166 89.95 42.45 86.35
CA LEU O 166 89.26 42.37 87.63
C LEU O 166 90.10 41.59 88.62
N VAL O 167 90.35 42.19 89.78
CA VAL O 167 91.08 41.56 90.87
C VAL O 167 90.09 41.32 92.01
N VAL O 168 90.11 40.11 92.56
CA VAL O 168 89.15 39.69 93.58
C VAL O 168 89.91 39.14 94.77
N GLY O 169 89.43 39.46 95.97
CA GLY O 169 90.05 38.94 97.17
C GLY O 169 89.72 37.48 97.40
N SER O 170 90.51 36.86 98.29
CA SER O 170 90.30 35.46 98.61
C SER O 170 88.93 35.24 99.28
N ALA O 171 88.56 36.11 100.21
CA ALA O 171 87.27 35.97 100.88
C ALA O 171 86.11 36.20 99.92
N VAL O 172 86.22 37.21 99.07
CA VAL O 172 85.15 37.47 98.10
C VAL O 172 85.04 36.34 97.10
N ALA O 173 86.18 35.79 96.65
CA ALA O 173 86.15 34.65 95.74
C ALA O 173 85.52 33.43 96.41
N ALA O 174 85.85 33.19 97.68
CA ALA O 174 85.25 32.07 98.40
C ALA O 174 83.75 32.25 98.55
N ALA O 175 83.31 33.47 98.85
CA ALA O 175 81.87 33.73 98.94
C ALA O 175 81.19 33.55 97.59
N LEU O 176 81.87 33.95 96.51
CA LEU O 176 81.34 33.74 95.17
C LEU O 176 81.19 32.25 94.88
N ALA O 177 82.17 31.44 95.30
CA ALA O 177 82.04 29.99 95.15
C ALA O 177 80.93 29.44 96.03
N LYS O 178 80.60 30.13 97.12
CA LYS O 178 79.52 29.71 98.01
C LYS O 178 78.15 30.15 97.53
N ASP O 179 78.08 30.95 96.47
CA ASP O 179 76.80 31.44 95.97
C ASP O 179 75.96 30.29 95.45
N LYS O 180 74.65 30.35 95.72
CA LYS O 180 73.73 29.35 95.22
C LYS O 180 73.67 29.35 93.70
N GLN O 181 73.99 30.47 93.05
CA GLN O 181 73.98 30.54 91.60
C GLN O 181 75.01 29.59 91.00
N PHE O 182 76.20 29.51 91.58
CA PHE O 182 77.28 28.67 91.07
C PHE O 182 77.42 27.36 91.81
N ARG O 183 76.56 27.06 92.77
CA ARG O 183 76.68 25.85 93.58
C ARG O 183 75.37 25.06 93.56
N HIS O 184 74.72 25.00 92.40
CA HIS O 184 73.53 24.18 92.25
C HIS O 184 73.50 23.38 90.95
N ALA O 185 74.47 23.58 90.05
CA ALA O 185 74.65 22.75 88.86
C ALA O 185 73.49 22.84 87.87
N ASP O 186 72.48 23.65 88.19
CA ASP O 186 71.38 23.88 87.26
C ASP O 186 71.19 25.37 87.03
N TRP O 187 71.43 26.16 88.09
CA TRP O 187 71.39 27.62 87.94
C TRP O 187 72.64 28.13 87.24
N SER O 188 73.75 27.42 87.34
CA SER O 188 75.00 27.82 86.72
C SER O 188 75.15 27.32 85.29
N GLY O 189 74.26 26.45 84.83
CA GLY O 189 74.28 25.95 83.46
C GLY O 189 75.14 24.73 83.20
N ASP O 190 76.32 24.68 83.79
CA ASP O 190 77.25 23.58 83.53
C ASP O 190 76.77 22.32 84.24
N GLN O 191 76.55 21.26 83.45
CA GLN O 191 76.12 19.98 84.03
C GLN O 191 77.27 19.28 84.74
N ALA O 192 78.52 19.54 84.32
CA ALA O 192 79.67 18.93 84.96
C ALA O 192 79.91 19.46 86.37
N ASN O 193 79.28 20.58 86.74
CA ASN O 193 79.42 21.18 88.07
C ASN O 193 80.90 21.47 88.38
N ALA O 194 81.61 22.03 87.41
CA ALA O 194 83.02 22.37 87.61
C ALA O 194 83.19 23.52 88.59
N ALA O 195 82.13 24.28 88.86
CA ALA O 195 82.24 25.38 89.83
C ALA O 195 82.29 24.86 91.25
N LEU O 196 81.47 23.84 91.57
CA LEU O 196 81.46 23.28 92.91
C LEU O 196 82.78 22.59 93.23
N ARG O 197 83.27 21.76 92.31
CA ARG O 197 84.54 21.08 92.51
C ARG O 197 85.71 22.01 92.27
N GLU O 198 86.82 21.74 92.95
CA GLU O 198 88.08 22.48 92.89
C GLU O 198 87.96 23.89 93.48
N ALA O 199 86.79 24.29 93.97
CA ALA O 199 86.59 25.60 94.59
C ALA O 199 87.00 26.74 93.66
N HIS O 200 86.66 26.60 92.39
CA HIS O 200 86.95 27.62 91.39
C HIS O 200 85.64 28.04 90.72
N VAL O 201 85.32 29.33 90.82
CA VAL O 201 84.08 29.83 90.23
C VAL O 201 84.16 29.82 88.70
N GLY O 202 85.31 30.15 88.15
CA GLY O 202 85.48 30.19 86.71
C GLY O 202 85.24 31.56 86.11
N ARG O 203 84.84 31.60 84.84
CA ARG O 203 84.62 32.86 84.15
C ARG O 203 83.41 33.58 84.74
N LEU O 204 83.56 34.89 84.96
CA LEU O 204 82.51 35.73 85.50
C LEU O 204 81.78 36.42 84.35
N ALA O 205 80.78 37.24 84.70
CA ALA O 205 79.94 37.92 83.71
C ALA O 205 80.76 38.99 83.01
N GLY O 206 81.19 38.70 81.78
CA GLY O 206 81.90 39.66 80.97
C GLY O 206 83.37 39.84 81.30
N MET O 207 83.90 39.08 82.25
CA MET O 207 85.30 39.22 82.65
C MET O 207 85.73 37.95 83.36
N ASN O 208 87.04 37.81 83.52
CA ASN O 208 87.63 36.70 84.25
C ASN O 208 87.93 37.13 85.69
N VAL O 209 88.37 36.16 86.49
CA VAL O 209 88.68 36.39 87.90
C VAL O 209 90.15 36.07 88.13
N ILE O 210 90.83 36.95 88.85
CA ILE O 210 92.23 36.77 89.21
C ILE O 210 92.34 36.89 90.73
N ARG O 211 92.85 35.85 91.37
CA ARG O 211 92.96 35.84 92.82
C ARG O 211 94.23 36.56 93.26
N SER O 212 94.10 37.39 94.30
CA SER O 212 95.23 38.12 94.85
C SER O 212 94.95 38.41 96.32
N ASN O 213 95.74 37.81 97.20
CA ASN O 213 95.56 38.01 98.63
C ASN O 213 96.29 39.25 99.16
N ALA O 214 97.07 39.93 98.32
CA ALA O 214 97.74 41.14 98.76
C ALA O 214 96.74 42.24 99.10
N ILE O 215 95.70 42.38 98.29
CA ILE O 215 94.64 43.35 98.55
C ILE O 215 93.76 42.83 99.68
N ALA O 216 92.89 43.69 100.20
CA ALA O 216 91.99 43.29 101.28
C ALA O 216 91.09 42.15 100.79
N PRO O 217 90.96 41.06 101.55
CA PRO O 217 90.13 39.94 101.09
C PRO O 217 88.66 40.29 100.92
N ASP O 218 88.18 41.35 101.56
CA ASP O 218 86.78 41.75 101.49
C ASP O 218 86.50 42.73 100.36
N LYS O 219 87.51 43.12 99.58
CA LYS O 219 87.35 44.11 98.53
C LYS O 219 87.84 43.56 97.20
N ALA O 220 87.20 44.04 96.12
CA ALA O 220 87.57 43.68 94.76
C ALA O 220 87.56 44.94 93.91
N TYR O 221 88.38 44.94 92.85
CA TYR O 221 88.54 46.13 92.03
C TYR O 221 88.54 45.74 90.55
N LEU O 222 87.80 46.51 89.74
CA LEU O 222 87.72 46.29 88.31
C LEU O 222 88.13 47.55 87.58
N TRP O 223 89.13 47.43 86.70
CA TRP O 223 89.64 48.60 85.98
C TRP O 223 89.95 48.21 84.54
N HIS O 224 89.84 49.20 83.65
CA HIS O 224 90.03 49.01 82.22
C HIS O 224 91.43 49.51 81.85
N ARG O 225 92.41 48.60 81.90
CA ARG O 225 93.78 48.83 81.46
C ARG O 225 94.33 50.20 81.85
N THR O 226 93.99 51.22 81.06
CA THR O 226 94.55 52.56 81.26
C THR O 226 93.78 53.33 82.33
N ALA O 227 93.60 52.72 83.50
CA ALA O 227 92.97 53.39 84.63
C ALA O 227 93.98 53.90 85.66
N PHE O 228 95.19 53.33 85.68
CA PHE O 228 96.23 53.76 86.60
C PHE O 228 97.55 53.85 85.84
N ILE O 229 98.42 54.72 86.33
CA ILE O 229 99.72 54.99 85.70
C ILE O 229 100.81 54.58 86.68
N LEU O 230 101.67 53.65 86.26
CA LEU O 230 102.81 53.19 87.04
C LEU O 230 104.08 53.59 86.32
N ALA O 231 105.00 54.25 87.03
CA ALA O 231 106.27 54.67 86.45
C ALA O 231 107.41 54.13 87.30
N TYR O 232 108.39 53.52 86.65
CA TYR O 232 109.57 52.97 87.30
C TYR O 232 110.83 53.61 86.74
N ARG O 233 111.83 53.80 87.60
CA ARG O 233 113.09 54.41 87.20
C ARG O 233 114.22 53.79 88.00
N THR O 234 115.22 53.28 87.30
CA THR O 234 116.41 52.75 87.95
C THR O 234 117.39 53.88 88.22
N PRO O 235 117.73 54.16 89.48
CA PRO O 235 118.67 55.26 89.75
C PRO O 235 120.03 55.00 89.15
N VAL O 236 120.69 56.08 88.72
CA VAL O 236 122.03 55.98 88.16
C VAL O 236 123.03 55.80 89.27
N VAL O 237 123.98 54.90 89.07
CA VAL O 237 125.01 54.64 90.09
C VAL O 237 125.87 55.89 90.26
N PRO O 238 126.04 56.40 91.49
CA PRO O 238 126.86 57.59 91.68
C PRO O 238 128.30 57.35 91.28
N GLU O 239 128.94 58.39 90.74
CA GLU O 239 130.32 58.32 90.30
C GLU O 239 131.23 58.24 91.53
N GLY O 240 131.89 57.10 91.71
CA GLY O 240 132.76 56.89 92.85
C GLY O 240 132.28 55.76 93.74
N ALA O 241 131.54 54.82 93.17
CA ALA O 241 131.01 53.69 93.90
C ALA O 241 131.85 52.44 93.59
N LYS O 242 131.42 51.31 94.16
CA LYS O 242 132.13 50.04 93.96
C LYS O 242 131.57 49.26 92.78
N ALA O 243 130.28 48.93 92.83
CA ALA O 243 129.64 48.17 91.77
C ALA O 243 128.16 48.49 91.75
N GLY O 244 127.53 48.19 90.60
CA GLY O 244 126.11 48.44 90.45
C GLY O 244 125.25 47.26 90.82
N ALA O 245 125.53 46.10 90.23
CA ALA O 245 124.78 44.86 90.47
C ALA O 245 123.28 45.09 90.24
N SER O 246 122.95 45.43 88.99
CA SER O 246 121.57 45.77 88.64
C SER O 246 120.69 44.53 88.57
N PHE O 247 120.13 44.12 89.70
CA PHE O 247 119.21 43.01 89.73
C PHE O 247 117.86 43.40 89.10
N SER O 248 117.20 42.43 88.49
CA SER O 248 115.92 42.64 87.84
C SER O 248 114.84 41.89 88.60
N ALA O 249 113.80 42.62 89.00
CA ALA O 249 112.66 42.05 89.71
C ALA O 249 111.39 42.38 88.96
N ASN O 250 110.61 41.35 88.63
CA ASN O 250 109.35 41.45 87.88
C ASN O 250 109.42 42.46 86.75
N GLY O 251 110.53 42.46 86.00
CA GLY O 251 110.70 43.37 84.90
C GLY O 251 111.17 44.76 85.26
N VAL O 252 111.50 45.01 86.52
CA VAL O 252 111.96 46.32 86.98
C VAL O 252 113.39 46.16 87.47
N ALA O 253 114.30 46.95 86.90
CA ALA O 253 115.70 46.92 87.30
C ALA O 253 115.91 47.71 88.58
N LEU O 254 116.91 47.31 89.35
CA LEU O 254 117.22 47.92 90.63
C LEU O 254 118.68 48.36 90.65
N ARG O 255 118.99 49.26 91.59
CA ARG O 255 120.34 49.77 91.79
C ARG O 255 120.80 49.41 93.19
N TRP O 256 122.01 48.88 93.31
CA TRP O 256 122.52 48.33 94.56
C TRP O 256 123.83 48.99 94.93
N LEU O 257 123.99 49.31 96.21
CA LEU O 257 125.21 49.87 96.77
C LEU O 257 125.90 48.84 97.65
N ALA O 258 127.21 48.99 97.80
CA ALA O 258 128.00 48.13 98.69
C ALA O 258 128.56 48.91 99.87
N ASP O 259 129.35 49.96 99.60
CA ASP O 259 129.88 50.88 100.60
C ASP O 259 130.90 50.22 101.52
N TYR O 260 131.86 51.00 102.01
CA TYR O 260 132.91 50.51 102.90
C TYR O 260 133.13 51.50 104.04
N ASP O 261 132.05 51.92 104.69
CA ASP O 261 132.13 52.90 105.76
C ASP O 261 133.05 52.41 106.87
N TYR O 262 133.86 53.33 107.39
CA TYR O 262 134.86 53.01 108.41
C TYR O 262 134.46 53.46 109.81
N SER O 263 133.57 54.45 109.92
CA SER O 263 133.22 54.98 111.25
C SER O 263 132.59 53.92 112.13
N GLN O 264 131.69 53.10 111.57
CA GLN O 264 131.05 52.02 112.31
C GLN O 264 131.23 50.67 111.60
N LEU O 265 132.16 50.59 110.66
CA LEU O 265 132.43 49.37 109.90
C LEU O 265 131.18 48.87 109.19
N GLY O 266 131.18 47.58 108.82
CA GLY O 266 130.02 47.00 108.19
C GLY O 266 129.81 47.48 106.76
N ASP O 267 128.60 47.23 106.27
CA ASP O 267 128.21 47.63 104.92
C ASP O 267 126.97 48.51 104.98
N ARG O 268 126.73 49.21 103.88
CA ARG O 268 125.64 50.18 103.76
C ARG O 268 124.88 49.98 102.45
N THR O 269 124.46 48.74 102.20
CA THR O 269 123.68 48.45 101.01
C THR O 269 122.37 49.23 101.01
N LEU O 270 122.06 49.87 99.90
CA LEU O 270 120.87 50.69 99.70
C LEU O 270 120.17 50.35 98.39
N LEU O 271 119.91 49.06 98.17
CA LEU O 271 119.15 48.62 97.01
C LEU O 271 117.83 49.38 96.94
N ASP O 272 117.65 50.15 95.86
CA ASP O 272 116.54 51.08 95.79
C ASP O 272 116.12 51.31 94.34
N VAL O 273 114.97 51.95 94.18
CA VAL O 273 114.39 52.23 92.88
C VAL O 273 113.40 53.38 93.05
N PHE O 274 113.11 54.08 91.95
CA PHE O 274 112.16 55.19 91.98
C PHE O 274 110.85 54.72 91.35
N THR O 275 109.73 55.01 92.02
CA THR O 275 108.43 54.63 91.51
C THR O 275 107.46 55.80 91.68
N GLY O 276 106.46 55.82 90.79
CA GLY O 276 105.45 56.85 90.80
C GLY O 276 104.08 56.33 90.38
N ARG O 277 103.05 56.78 91.09
CA ARG O 277 101.68 56.33 90.87
C ARG O 277 100.82 57.50 90.43
N LYS O 278 99.84 57.22 89.57
CA LYS O 278 98.91 58.24 89.14
C LYS O 278 97.56 57.59 88.88
N VAL O 279 96.48 58.33 89.17
CA VAL O 279 95.12 57.88 88.93
C VAL O 279 94.58 58.65 87.74
N VAL O 280 94.14 57.94 86.71
CA VAL O 280 93.63 58.55 85.49
C VAL O 280 92.19 59.00 85.75
N THR O 281 92.00 60.30 85.89
CA THR O 281 90.68 60.87 86.10
C THR O 281 90.10 61.34 84.76
N GLU O 282 88.95 62.01 84.82
CA GLU O 282 88.29 62.53 83.63
C GLU O 282 88.52 64.04 83.54
N VAL O 283 87.90 64.65 82.52
CA VAL O 283 88.05 66.09 82.31
C VAL O 283 87.43 66.86 83.47
N ASP O 284 86.24 66.46 83.90
CA ASP O 284 85.57 67.15 85.00
C ASP O 284 86.25 66.91 86.33
N GLY O 285 86.97 65.81 86.48
CA GLY O 285 87.66 65.49 87.71
C GLY O 285 87.09 64.33 88.51
N SER O 286 86.37 63.42 87.88
CA SER O 286 85.77 62.27 88.55
C SER O 286 86.40 60.98 88.04
N PHE O 287 86.64 60.04 88.96
CA PHE O 287 87.26 58.77 88.64
C PHE O 287 86.16 57.76 88.31
N VAL O 288 86.02 57.43 87.03
CA VAL O 288 85.02 56.47 86.57
C VAL O 288 85.65 55.29 85.84
N ARG O 289 86.97 55.29 85.65
CA ARG O 289 87.61 54.21 84.92
C ARG O 289 87.72 52.92 85.74
N ALA O 290 87.56 53.01 87.07
CA ALA O 290 87.66 51.84 87.92
C ALA O 290 86.51 51.82 88.91
N VAL O 291 86.14 50.61 89.35
CA VAL O 291 85.06 50.43 90.30
C VAL O 291 85.53 49.49 91.41
N GLU O 292 84.96 49.69 92.59
CA GLU O 292 85.29 48.93 93.80
C GLU O 292 84.05 48.24 94.33
N LEU O 293 84.18 46.96 94.67
CA LEU O 293 83.10 46.17 95.23
C LEU O 293 83.51 45.67 96.61
N GLN O 294 82.62 45.86 97.59
CA GLN O 294 82.87 45.44 98.96
C GLN O 294 81.78 44.46 99.39
N LEU O 295 82.20 43.37 100.01
CA LEU O 295 81.26 42.35 100.47
C LEU O 295 80.55 42.80 101.73
N GLN O 296 79.23 42.60 101.76
CA GLN O 296 78.43 43.02 102.89
C GLN O 296 78.70 42.13 104.11
N ALA O 297 78.61 42.75 105.28
CA ALA O 297 78.76 42.05 106.56
C ALA O 297 77.55 42.33 107.43
N SER O 298 77.04 41.28 108.09
CA SER O 298 75.84 41.41 108.90
C SER O 298 75.97 40.84 110.31
N SER O 299 77.05 40.12 110.62
CA SER O 299 77.22 39.55 111.95
C SER O 299 78.70 39.24 112.17
N ILE O 300 79.30 39.90 113.15
CA ILE O 300 80.70 39.66 113.50
C ILE O 300 80.76 38.56 114.54
N THR O 301 81.78 37.71 114.44
CA THR O 301 81.97 36.58 115.35
C THR O 301 83.33 36.70 116.02
N ILE O 302 83.36 36.40 117.32
CA ILE O 302 84.60 36.43 118.10
C ILE O 302 85.15 35.01 118.13
N VAL O 303 86.31 34.82 117.51
CA VAL O 303 86.92 33.49 117.44
C VAL O 303 87.49 33.12 118.80
N GLY O 304 87.17 31.93 119.26
CA GLY O 304 87.62 31.46 120.57
C GLY O 304 86.51 31.18 121.56
N GLY O 305 85.24 31.43 121.21
CA GLY O 305 84.14 31.18 122.11
C GLY O 305 84.17 32.06 123.35
N ALA O 306 84.21 31.44 124.53
CA ALA O 306 84.21 32.12 125.82
C ALA O 306 85.38 31.64 126.67
N PHE O 307 86.57 31.62 126.07
CA PHE O 307 87.77 31.15 126.75
C PHE O 307 88.02 31.94 128.03
N ALA O 308 88.28 31.22 129.12
CA ALA O 308 88.56 31.84 130.41
C ALA O 308 90.00 32.34 130.41
N LEU O 309 90.46 32.85 131.55
CA LEU O 309 91.79 33.40 131.69
C LEU O 309 92.54 32.70 132.82
N ALA O 310 93.82 32.40 132.58
CA ALA O 310 94.62 31.59 133.49
C ALA O 310 95.34 32.42 134.55
N THR O 311 96.08 33.45 134.16
CA THR O 311 96.77 34.30 135.12
C THR O 311 96.10 35.67 135.19
N THR O 312 96.52 36.45 136.19
CA THR O 312 95.89 37.74 136.45
C THR O 312 96.09 38.73 135.31
N THR O 313 97.19 38.61 134.57
CA THR O 313 97.54 39.53 133.50
C THR O 313 97.76 38.80 132.18
N GLY O 314 96.95 37.76 131.92
CA GLY O 314 97.04 37.01 130.68
C GLY O 314 96.67 37.82 129.45
N THR O 315 97.44 37.69 128.37
CA THR O 315 97.21 38.42 127.13
C THR O 315 96.94 37.46 125.98
N LYS O 316 96.08 37.87 125.05
CA LYS O 316 95.78 37.09 123.87
C LYS O 316 95.17 38.02 122.82
N GLN O 317 95.48 37.76 121.56
CA GLN O 317 94.94 38.55 120.46
C GLN O 317 93.62 37.93 120.02
N LEU O 318 92.53 38.64 120.24
CA LEU O 318 91.19 38.15 119.93
C LEU O 318 90.86 38.51 118.49
N LYS O 319 91.05 37.54 117.58
CA LYS O 319 90.70 37.75 116.19
C LYS O 319 89.19 37.70 115.99
N VAL O 320 88.67 38.64 115.23
CA VAL O 320 87.23 38.78 114.99
C VAL O 320 86.96 38.60 113.51
N ARG O 321 86.05 37.69 113.18
CA ARG O 321 85.64 37.42 111.80
C ARG O 321 84.16 37.71 111.64
N ASP O 322 83.78 38.12 110.43
CA ASP O 322 82.39 38.46 110.15
C ASP O 322 81.61 37.18 109.82
N ASP O 323 80.36 37.35 109.37
CA ASP O 323 79.54 36.20 108.99
C ASP O 323 80.13 35.49 107.77
N ASN O 324 80.64 36.26 106.80
CA ASN O 324 81.24 35.68 105.61
C ASN O 324 82.56 34.98 105.87
N GLY O 325 83.16 35.18 107.06
CA GLY O 325 84.42 34.57 107.41
C GLY O 325 85.62 35.47 107.30
N THR O 326 85.46 36.67 106.74
CA THR O 326 86.59 37.60 106.63
C THR O 326 86.98 38.10 108.02
N ASP O 327 88.28 38.06 108.30
CA ASP O 327 88.78 38.48 109.61
C ASP O 327 89.01 39.99 109.60
N VAL O 328 88.18 40.72 110.33
CA VAL O 328 88.32 42.18 110.39
C VAL O 328 89.32 42.58 111.47
N THR O 329 89.09 42.16 112.71
CA THR O 329 90.01 42.34 113.83
C THR O 329 90.48 43.79 114.00
N ALA O 330 91.31 44.26 113.06
CA ALA O 330 91.95 45.56 113.22
C ALA O 330 90.92 46.70 113.25
N ARG O 331 89.94 46.66 112.35
CA ARG O 331 88.90 47.69 112.30
C ARG O 331 87.76 47.25 113.22
N CYS O 332 87.81 47.69 114.47
CA CYS O 332 86.81 47.32 115.45
C CYS O 332 86.82 48.34 116.57
N THR O 333 86.01 48.08 117.60
CA THR O 333 85.84 48.97 118.75
C THR O 333 85.93 48.20 120.05
N PHE O 334 87.00 47.40 120.19
CA PHE O 334 87.21 46.58 121.37
C PHE O 334 87.08 47.39 122.65
N ALA O 335 86.18 46.94 123.53
CA ALA O 335 85.95 47.62 124.81
C ALA O 335 85.43 46.60 125.82
N SER O 336 86.02 46.58 127.00
CA SER O 336 85.61 45.67 128.05
C SER O 336 84.55 46.32 128.94
N SER O 337 83.51 45.55 129.26
CA SER O 337 82.43 46.07 130.09
C SER O 337 82.91 46.39 131.50
N ALA O 338 83.66 45.46 132.11
CA ALA O 338 84.20 45.66 133.45
C ALA O 338 85.67 46.03 133.32
N GLY O 339 85.96 47.33 133.28
CA GLY O 339 87.33 47.79 133.14
C GLY O 339 88.20 47.45 134.34
N THR O 340 87.63 47.45 135.54
CA THR O 340 88.41 47.17 136.74
C THR O 340 88.93 45.73 136.75
N LYS O 341 88.26 44.82 136.04
CA LYS O 341 88.67 43.42 136.01
C LYS O 341 89.58 43.11 134.84
N ALA O 342 89.30 43.68 133.67
CA ALA O 342 90.12 43.46 132.49
C ALA O 342 89.98 44.64 131.54
N THR O 343 91.07 44.97 130.85
CA THR O 343 91.09 46.06 129.89
C THR O 343 91.60 45.54 128.55
N VAL O 344 90.95 45.96 127.47
CA VAL O 344 91.32 45.53 126.12
C VAL O 344 91.67 46.76 125.29
N SER O 345 92.78 46.66 124.57
CA SER O 345 93.24 47.76 123.72
C SER O 345 92.44 47.79 122.42
N ALA O 346 92.66 48.85 121.64
CA ALA O 346 91.97 48.99 120.36
C ALA O 346 92.36 47.87 119.40
N ALA O 347 93.64 47.49 119.39
CA ALA O 347 94.09 46.42 118.51
C ALA O 347 93.44 45.09 118.88
N GLY O 348 93.33 44.80 120.18
CA GLY O 348 92.71 43.56 120.62
C GLY O 348 93.49 42.88 121.73
N LEU O 349 94.55 43.53 122.21
CA LEU O 349 95.39 42.97 123.27
C LEU O 349 94.67 43.13 124.60
N VAL O 350 93.86 42.12 124.95
CA VAL O 350 93.11 42.13 126.20
C VAL O 350 94.00 41.59 127.31
N THR O 351 93.95 42.23 128.48
CA THR O 351 94.74 41.83 129.64
C THR O 351 93.90 42.04 130.89
N GLY O 352 93.89 41.04 131.78
CA GLY O 352 93.16 41.16 133.01
C GLY O 352 93.82 42.12 133.99
N VAL O 353 93.01 42.63 134.91
CA VAL O 353 93.47 43.56 135.93
C VAL O 353 93.20 42.98 137.31
N ALA O 354 91.93 42.72 137.60
CA ALA O 354 91.52 42.18 138.88
C ALA O 354 90.63 40.96 138.66
N ALA O 355 90.54 40.12 139.67
CA ALA O 355 89.73 38.91 139.59
C ALA O 355 88.27 39.27 139.38
N GLY O 356 87.63 38.58 138.43
CA GLY O 356 86.24 38.86 138.13
C GLY O 356 85.79 38.10 136.90
N THR O 357 84.65 38.52 136.36
CA THR O 357 84.02 37.91 135.20
C THR O 357 83.75 38.96 134.14
N ALA O 358 84.77 39.77 133.83
CA ALA O 358 84.62 40.86 132.88
C ALA O 358 84.30 40.31 131.49
N ASP O 359 83.48 41.05 130.76
CA ASP O 359 83.09 40.72 129.40
C ASP O 359 83.54 41.81 128.45
N ILE O 360 84.08 41.41 127.31
CA ILE O 360 84.59 42.33 126.30
C ILE O 360 83.58 42.40 125.16
N THR O 361 83.09 43.60 124.89
CA THR O 361 82.17 43.83 123.77
C THR O 361 82.91 44.49 122.62
N ALA O 362 82.44 44.23 121.40
CA ALA O 362 83.08 44.75 120.21
C ALA O 362 82.02 45.04 119.16
N SER O 363 82.02 46.26 118.65
CA SER O 363 81.07 46.70 117.63
C SER O 363 81.83 47.09 116.37
N TYR O 364 81.44 46.50 115.24
CA TYR O 364 82.05 46.76 113.95
C TYR O 364 81.00 47.33 113.01
N VAL O 365 81.30 48.47 112.40
CA VAL O 365 80.38 49.11 111.46
C VAL O 365 80.36 48.32 110.16
N PRO O 366 79.21 47.84 109.71
CA PRO O 366 79.16 47.10 108.45
C PRO O 366 79.49 48.00 107.28
N PRO O 367 80.05 47.46 106.20
CA PRO O 367 80.33 48.28 105.02
C PRO O 367 79.08 48.92 104.43
N GLN O 368 77.92 48.24 104.53
CA GLN O 368 76.68 48.79 104.00
C GLN O 368 76.15 49.96 104.83
N GLY O 369 76.71 50.20 106.01
CA GLY O 369 76.23 51.28 106.86
C GLY O 369 75.19 50.84 107.85
N GLY O 370 74.67 51.82 108.58
CA GLY O 370 73.65 51.58 109.58
C GLY O 370 74.26 51.52 110.98
N THR O 371 73.85 50.52 111.76
CA THR O 371 74.35 50.32 113.11
C THR O 371 75.42 49.23 113.13
N ALA O 372 76.41 49.42 114.00
CA ALA O 372 77.51 48.48 114.09
C ALA O 372 77.07 47.17 114.75
N LYS O 373 77.41 46.06 114.13
CA LYS O 373 77.11 44.76 114.71
C LYS O 373 77.97 44.53 115.95
N THR O 374 77.35 44.00 117.00
CA THR O 374 77.99 43.89 118.31
C THR O 374 78.10 42.43 118.73
N ALA O 375 79.28 42.05 119.22
CA ALA O 375 79.54 40.71 119.73
C ALA O 375 80.27 40.80 121.06
N THR O 376 79.92 39.90 121.98
CA THR O 376 80.47 39.92 123.33
C THR O 376 81.14 38.59 123.64
N VAL O 377 82.28 38.66 124.32
CA VAL O 377 83.03 37.49 124.74
C VAL O 377 83.21 37.54 126.25
N THR O 378 83.00 36.41 126.90
CA THR O 378 83.06 36.30 128.36
C THR O 378 84.35 35.63 128.78
N VAL O 379 85.06 36.26 129.72
CA VAL O 379 86.31 35.74 130.25
C VAL O 379 86.30 35.90 131.76
N THR O 380 86.82 34.91 132.48
CA THR O 380 86.85 34.92 133.94
C THR O 380 88.28 35.24 134.38
N VAL O 381 88.53 36.49 134.72
CA VAL O 381 89.86 36.90 135.18
C VAL O 381 90.09 36.36 136.59
N PRO O 382 91.24 35.72 136.87
CA PRO O 382 91.54 35.21 138.21
C PRO O 382 92.29 36.23 139.06
N ILE P 4 74.01 -46.28 122.43
CA ILE P 4 74.82 -45.06 122.41
C ILE P 4 76.22 -45.37 121.91
N PHE P 5 76.53 -44.88 120.71
CA PHE P 5 77.83 -45.08 120.09
C PHE P 5 78.69 -43.85 120.33
N VAL P 6 79.95 -44.08 120.74
CA VAL P 6 80.85 -42.98 121.03
C VAL P 6 81.24 -42.27 119.74
N LYS P 7 81.40 -40.95 119.82
CA LYS P 7 81.79 -40.13 118.69
C LYS P 7 82.88 -39.16 119.10
N PRO P 8 83.75 -38.76 118.17
CA PRO P 8 84.78 -37.77 118.48
C PRO P 8 84.31 -36.34 118.25
N GLU P 9 85.07 -35.40 118.82
CA GLU P 9 84.79 -33.99 118.65
C GLU P 9 85.47 -33.46 117.39
N LEU P 10 84.86 -32.45 116.78
CA LEU P 10 85.37 -31.85 115.55
C LEU P 10 85.48 -30.35 115.71
N VAL P 11 86.59 -29.79 115.26
CA VAL P 11 86.84 -28.36 115.27
C VAL P 11 87.26 -27.98 113.85
N ALA P 12 86.32 -27.45 113.07
CA ALA P 12 86.56 -27.09 111.69
C ALA P 12 86.51 -25.58 111.50
N GLU P 13 87.07 -25.12 110.39
CA GLU P 13 87.11 -23.71 110.04
C GLU P 13 86.24 -23.46 108.81
N ILE P 14 85.34 -22.49 108.89
CA ILE P 14 84.45 -22.13 107.80
C ILE P 14 84.77 -20.78 107.20
N GLY P 15 85.81 -20.10 107.69
CA GLY P 15 86.19 -18.80 107.18
C GLY P 15 85.75 -17.63 108.03
N VAL P 16 85.12 -17.87 109.18
CA VAL P 16 84.69 -16.78 110.04
C VAL P 16 85.89 -16.18 110.75
N LYS P 17 85.98 -14.85 110.74
CA LYS P 17 87.08 -14.14 111.37
C LYS P 17 86.54 -12.91 112.08
N GLN P 18 87.28 -12.46 113.08
CA GLN P 18 86.91 -11.25 113.81
C GLN P 18 87.04 -10.03 112.91
N LEU P 19 86.04 -9.16 112.97
CA LEU P 19 86.07 -7.94 112.17
C LEU P 19 87.14 -6.99 112.73
N GLN P 20 88.02 -6.51 111.85
CA GLN P 20 89.15 -5.69 112.25
C GLN P 20 89.25 -4.48 111.34
N ARG P 21 89.87 -3.42 111.86
CA ARG P 21 90.06 -2.19 111.11
C ARG P 21 91.17 -2.37 110.07
N GLU P 22 91.16 -1.47 109.09
CA GLU P 22 92.16 -1.45 108.03
C GLU P 22 93.19 -0.35 108.31
N ILE P 23 94.17 -0.23 107.41
CA ILE P 23 95.31 0.66 107.59
C ILE P 23 95.31 1.70 106.48
N VAL P 24 95.23 2.97 106.87
CA VAL P 24 95.32 4.08 105.92
C VAL P 24 96.37 5.07 106.39
N LEU P 25 96.28 5.48 107.66
CA LEU P 25 97.09 6.59 108.16
C LEU P 25 98.59 6.41 108.00
N PRO P 26 99.20 5.24 108.30
CA PRO P 26 100.66 5.14 108.16
C PRO P 26 101.18 5.47 106.77
N GLY P 27 100.43 5.13 105.72
CA GLY P 27 100.85 5.46 104.37
C GLY P 27 100.22 6.73 103.83
N LEU P 28 100.00 7.70 104.71
CA LEU P 28 99.34 8.94 104.31
C LEU P 28 99.99 10.19 104.89
N VAL P 29 101.03 10.06 105.71
CA VAL P 29 101.63 11.21 106.38
C VAL P 29 103.13 11.24 106.08
N TRP P 30 103.73 12.40 106.32
CA TRP P 30 105.17 12.60 106.14
C TRP P 30 105.91 11.74 107.16
N THR P 31 106.59 10.69 106.68
CA THR P 31 107.22 9.70 107.53
C THR P 31 108.74 9.77 107.36
N ASN P 32 109.45 9.80 108.49
CA ASN P 32 110.91 9.74 108.55
C ASN P 32 111.57 10.85 107.75
N PRO P 33 111.48 12.11 108.19
CA PRO P 33 112.19 13.18 107.48
C PRO P 33 113.68 13.16 107.75
N LEU P 34 114.06 12.77 108.96
CA LEU P 34 115.45 12.71 109.37
C LEU P 34 115.68 11.42 110.16
N THR P 35 116.93 10.95 110.15
CA THR P 35 117.25 9.63 110.67
C THR P 35 118.16 9.64 111.89
N ASP P 36 119.08 10.60 111.99
CA ASP P 36 120.10 10.57 113.03
C ASP P 36 119.50 10.58 114.44
N PHE P 37 118.82 11.66 114.81
CA PHE P 37 118.09 11.75 116.07
C PHE P 37 118.99 11.59 117.29
N GLY P 38 119.55 10.39 117.47
CA GLY P 38 120.29 10.10 118.69
C GLY P 38 121.55 10.92 118.86
N GLY P 39 122.25 11.23 117.77
CA GLY P 39 123.50 11.94 117.85
C GLY P 39 123.37 13.42 118.16
N SER P 40 122.60 13.75 119.19
CA SER P 40 122.41 15.13 119.60
C SER P 40 121.90 15.15 121.03
N LYS P 41 121.95 16.34 121.63
CA LYS P 41 121.48 16.51 123.00
C LYS P 41 119.99 16.23 123.10
N ASN P 42 119.61 15.46 124.12
CA ASN P 42 118.22 15.05 124.35
C ASN P 42 117.63 14.37 123.12
N ASP P 43 118.44 13.56 122.45
CA ASP P 43 118.11 12.79 121.23
C ASP P 43 117.12 13.52 120.33
N THR P 44 117.42 14.79 120.07
CA THR P 44 116.59 15.61 119.22
C THR P 44 117.46 16.59 118.45
N ILE P 45 117.04 16.90 117.22
CA ILE P 45 117.69 17.92 116.40
C ILE P 45 116.61 18.87 115.89
N THR P 46 117.06 20.05 115.48
CA THR P 46 116.17 21.14 115.10
C THR P 46 116.23 21.39 113.60
N VAL P 47 115.06 21.64 113.02
CA VAL P 47 114.92 22.07 111.64
C VAL P 47 114.90 23.59 111.62
N ARG P 48 115.68 24.18 110.71
CA ARG P 48 115.86 25.62 110.61
C ARG P 48 115.02 26.16 109.45
N VAL P 49 114.19 27.15 109.73
CA VAL P 49 113.31 27.74 108.73
C VAL P 49 114.04 28.91 108.05
N PRO P 50 113.95 29.04 106.73
CA PRO P 50 114.58 30.19 106.06
C PRO P 50 114.00 31.51 106.55
N ALA P 51 114.85 32.53 106.58
CA ALA P 51 114.48 33.83 107.10
C ALA P 51 113.84 34.71 106.02
N ILE P 52 113.17 35.76 106.47
CA ILE P 52 112.53 36.73 105.59
C ILE P 52 112.86 38.12 106.10
N THR P 53 112.66 39.11 105.23
CA THR P 53 112.98 40.50 105.56
C THR P 53 111.96 41.42 104.89
N THR P 54 112.06 42.71 105.20
CA THR P 54 111.16 43.72 104.65
C THR P 54 111.96 44.93 104.16
N ALA P 55 111.26 46.00 103.80
CA ALA P 55 111.90 47.21 103.30
C ALA P 55 111.16 48.42 103.86
N ASN P 56 111.48 49.60 103.32
CA ASN P 56 110.90 50.86 103.79
C ASN P 56 110.62 51.74 102.58
N ARG P 57 109.99 52.89 102.84
CA ARG P 57 109.61 53.82 101.78
C ARG P 57 110.08 55.23 102.12
N ARG P 58 110.27 56.03 101.06
CA ARG P 58 110.64 57.43 101.21
C ARG P 58 110.26 58.17 99.93
N ASP P 59 110.41 59.49 99.96
CA ASP P 59 110.00 60.35 98.87
C ASP P 59 111.20 61.05 98.25
N LEU P 60 111.09 61.35 96.96
CA LEU P 60 112.14 62.07 96.25
C LEU P 60 112.28 63.49 96.76
N ARG P 61 113.49 64.03 96.65
CA ARG P 61 113.80 65.41 97.03
C ARG P 61 113.48 65.69 98.50
N ASP P 62 113.53 64.65 99.32
CA ASP P 62 113.27 64.82 100.74
C ASP P 62 114.47 65.48 101.41
N PRO P 63 114.27 66.57 102.16
CA PRO P 63 115.42 67.23 102.82
C PRO P 63 116.11 66.34 103.84
N ASP P 64 115.45 65.32 104.37
CA ASP P 64 116.03 64.42 105.36
C ASP P 64 116.49 63.16 104.63
N ARG P 65 117.80 63.00 104.50
CA ARG P 65 118.37 61.82 103.85
C ARG P 65 118.74 60.76 104.89
N THR P 66 117.71 60.28 105.58
CA THR P 66 117.85 59.25 106.61
C THR P 66 117.14 57.98 106.15
N VAL P 67 117.86 56.85 106.20
CA VAL P 67 117.32 55.57 105.78
C VAL P 67 117.20 54.65 106.99
N ILE P 68 116.26 53.72 106.90
CA ILE P 68 116.00 52.76 107.97
C ILE P 68 116.28 51.37 107.44
N ALA P 69 117.14 50.63 108.13
CA ALA P 69 117.53 49.30 107.71
C ALA P 69 116.63 48.24 108.35
N SER P 70 116.45 47.14 107.64
CA SER P 70 115.64 46.03 108.13
C SER P 70 116.52 45.06 108.91
N GLU P 71 115.96 43.91 109.28
CA GLU P 71 116.71 42.90 110.03
C GLU P 71 116.20 41.52 109.62
N LEU P 72 117.11 40.55 109.58
CA LEU P 72 116.79 39.18 109.24
C LEU P 72 116.66 38.37 110.53
N VAL P 73 115.48 37.80 110.76
CA VAL P 73 115.21 36.98 111.94
C VAL P 73 114.98 35.54 111.49
N GLU P 74 115.59 34.60 112.22
CA GLU P 74 115.51 33.19 111.87
C GLU P 74 115.09 32.40 113.09
N HIS P 75 114.32 31.33 112.86
CA HIS P 75 113.78 30.49 113.92
C HIS P 75 114.13 29.04 113.63
N SER P 76 113.76 28.16 114.56
CA SER P 76 113.99 26.73 114.41
C SER P 76 113.01 25.98 115.31
N PHE P 77 112.83 24.71 115.00
CA PHE P 77 111.95 23.86 115.80
C PHE P 77 112.48 22.44 115.84
N GLY P 78 112.50 21.86 117.03
CA GLY P 78 113.11 20.56 117.25
C GLY P 78 112.13 19.40 117.13
N VAL P 79 112.65 18.24 116.77
CA VAL P 79 111.87 17.01 116.64
C VAL P 79 112.46 15.97 117.58
N THR P 80 111.61 15.39 118.43
CA THR P 80 112.05 14.48 119.49
C THR P 80 111.33 13.15 119.40
N LEU P 81 112.08 12.07 119.57
CA LEU P 81 111.48 10.75 119.75
C LEU P 81 111.00 10.61 121.19
N ASP P 82 109.74 10.25 121.37
CA ASP P 82 109.24 10.29 122.75
C ASP P 82 108.56 9.00 123.20
N LYS P 83 107.81 8.33 122.32
CA LYS P 83 106.98 7.20 122.71
C LYS P 83 107.59 5.89 122.23
N HIS P 84 107.61 4.91 123.12
CA HIS P 84 108.15 3.58 122.84
C HIS P 84 106.99 2.58 122.87
N VAL P 85 106.68 2.00 121.72
CA VAL P 85 105.58 1.05 121.58
C VAL P 85 106.14 -0.36 121.67
N TYR P 86 105.54 -1.17 122.54
CA TYR P 86 106.03 -2.54 122.75
C TYR P 86 104.84 -3.44 123.07
N ALA P 87 105.04 -4.74 122.83
CA ALA P 87 104.06 -5.76 123.16
C ALA P 87 104.79 -7.05 123.47
N ALA P 88 104.31 -7.79 124.46
CA ALA P 88 105.00 -8.97 124.94
C ALA P 88 104.02 -10.12 125.13
N LEU P 89 104.55 -11.34 125.06
CA LEU P 89 103.81 -12.56 125.30
C LEU P 89 104.48 -13.35 126.42
N LYS P 90 103.68 -14.18 127.09
CA LYS P 90 104.15 -15.00 128.21
C LYS P 90 103.76 -16.45 128.00
N PHE P 91 104.01 -16.96 126.80
CA PHE P 91 103.71 -18.35 126.50
C PHE P 91 104.64 -19.28 127.26
N THR P 92 104.07 -20.36 127.80
CA THR P 92 104.83 -21.32 128.58
C THR P 92 105.31 -22.46 127.69
N ASP P 93 106.21 -23.29 128.25
CA ASP P 93 106.75 -24.41 127.51
C ASP P 93 105.67 -25.44 127.18
N GLU P 94 104.78 -25.72 128.14
CA GLU P 94 103.72 -26.70 127.90
C GLU P 94 102.77 -26.22 126.81
N GLN P 95 102.44 -24.92 126.81
CA GLN P 95 101.58 -24.39 125.75
C GLN P 95 102.25 -24.49 124.38
N ARG P 96 103.55 -24.21 124.33
CA ARG P 96 104.27 -24.32 123.06
C ARG P 96 104.32 -25.76 122.57
N THR P 97 104.55 -26.71 123.47
CA THR P 97 104.70 -28.11 123.10
C THR P 97 103.37 -28.85 122.95
N LEU P 98 102.25 -28.24 123.36
CA LEU P 98 100.95 -28.89 123.27
C LEU P 98 99.91 -28.09 122.51
N ASP P 99 100.24 -26.88 122.05
CA ASP P 99 99.28 -26.04 121.34
C ASP P 99 100.04 -25.19 120.33
N ILE P 100 99.36 -24.17 119.81
CA ILE P 100 99.92 -23.19 118.86
C ILE P 100 100.34 -23.88 117.58
N ARG P 101 101.39 -24.71 117.66
CA ARG P 101 101.91 -25.55 116.58
C ARG P 101 102.02 -24.81 115.24
N ASP P 102 102.10 -23.48 115.27
CA ASP P 102 102.32 -22.70 114.07
C ASP P 102 103.31 -21.56 114.26
N TYR P 103 103.63 -21.16 115.49
CA TYR P 103 104.53 -20.05 115.79
C TYR P 103 104.23 -18.82 114.94
N THR P 104 104.73 -18.81 113.70
CA THR P 104 104.58 -17.65 112.85
C THR P 104 103.12 -17.38 112.50
N LYS P 105 102.38 -18.42 112.12
CA LYS P 105 101.00 -18.25 111.69
C LYS P 105 100.04 -18.01 112.85
N GLN P 106 100.44 -18.34 114.08
CA GLN P 106 99.55 -18.24 115.22
C GLN P 106 99.88 -17.07 116.15
N VAL P 107 101.12 -16.61 116.18
CA VAL P 107 101.57 -15.59 117.10
C VAL P 107 102.13 -14.37 116.37
N LEU P 108 102.99 -14.60 115.37
CA LEU P 108 103.70 -13.50 114.73
C LEU P 108 102.74 -12.59 113.96
N MET P 109 101.82 -13.17 113.20
CA MET P 109 100.88 -12.34 112.44
C MET P 109 99.98 -11.50 113.33
N PRO P 110 99.32 -12.04 114.37
CA PRO P 110 98.56 -11.16 115.28
C PRO P 110 99.43 -10.12 115.96
N GLN P 111 100.68 -10.45 116.29
CA GLN P 111 101.57 -9.47 116.89
C GLN P 111 101.85 -8.32 115.94
N VAL P 112 102.12 -8.63 114.67
CA VAL P 112 102.38 -7.58 113.68
C VAL P 112 101.13 -6.74 113.48
N SER P 113 99.96 -7.38 113.43
CA SER P 113 98.71 -6.63 113.26
C SER P 113 98.47 -5.69 114.44
N ALA P 114 98.72 -6.18 115.66
CA ALA P 114 98.54 -5.33 116.85
C ALA P 114 99.53 -4.17 116.86
N VAL P 115 100.78 -4.43 116.46
CA VAL P 115 101.76 -3.35 116.39
C VAL P 115 101.34 -2.31 115.37
N ALA P 116 100.85 -2.75 114.20
CA ALA P 116 100.39 -1.81 113.18
C ALA P 116 99.21 -0.98 113.67
N TYR P 117 98.26 -1.63 114.36
CA TYR P 117 97.11 -0.89 114.88
C TYR P 117 97.52 0.10 115.95
N GLU P 118 98.46 -0.27 116.82
CA GLU P 118 98.95 0.65 117.83
C GLU P 118 99.67 1.84 117.18
N LEU P 119 100.44 1.58 116.13
CA LEU P 119 101.09 2.67 115.40
C LEU P 119 100.05 3.60 114.77
N GLU P 120 98.98 3.01 114.21
CA GLU P 120 97.91 3.83 113.63
C GLU P 120 97.24 4.70 114.69
N ASP P 121 97.01 4.14 115.88
CA ASP P 121 96.45 4.93 116.97
C ASP P 121 97.42 6.03 117.40
N TYR P 122 98.72 5.73 117.41
CA TYR P 122 99.72 6.73 117.75
C TYR P 122 99.71 7.88 116.75
N ILE P 123 99.56 7.56 115.46
CA ILE P 123 99.47 8.62 114.44
C ILE P 123 98.19 9.42 114.61
N ALA P 124 97.06 8.73 114.83
CA ALA P 124 95.79 9.43 115.07
C ALA P 124 95.89 10.36 116.27
N GLU P 125 96.74 10.02 117.23
CA GLU P 125 97.03 10.96 118.32
C GLU P 125 97.69 12.23 117.80
N LEU P 126 98.48 12.14 116.73
CA LEU P 126 99.00 13.34 116.09
C LEU P 126 97.90 14.11 115.39
N ILE P 127 97.08 13.43 114.60
CA ILE P 127 95.97 14.12 113.93
C ILE P 127 94.98 14.68 114.95
N GLU P 128 94.63 13.86 115.95
CA GLU P 128 93.66 14.28 116.97
C GLU P 128 94.44 14.73 118.21
N GLY P 129 94.55 16.05 118.37
CA GLY P 129 95.28 16.60 119.52
C GLY P 129 96.08 17.84 119.16
N ALA P 130 96.15 18.18 117.88
CA ALA P 130 96.90 19.34 117.46
C ALA P 130 96.25 20.62 117.97
N PRO P 131 97.04 21.63 118.34
CA PRO P 131 96.47 22.88 118.87
C PRO P 131 95.80 23.72 117.79
N TYR P 132 94.61 23.30 117.36
CA TYR P 132 93.87 24.06 116.36
C TYR P 132 93.25 25.30 117.01
N GLU P 133 93.49 26.46 116.39
CA GLU P 133 92.96 27.71 116.92
C GLU P 133 91.45 27.80 116.71
N GLU P 134 90.99 27.44 115.51
CA GLU P 134 89.58 27.53 115.15
C GLU P 134 89.07 26.19 114.69
N THR P 135 87.75 26.01 114.80
CA THR P 135 87.08 24.78 114.39
C THR P 135 86.10 25.10 113.27
N ILE P 136 86.21 24.37 112.16
CA ILE P 136 85.33 24.59 111.02
C ILE P 136 84.03 23.82 111.26
N LEU P 137 82.94 24.55 111.48
CA LEU P 137 81.65 23.96 111.79
C LEU P 137 80.96 23.54 110.50
N ILE P 138 80.62 22.26 110.39
CA ILE P 138 79.93 21.74 109.21
C ILE P 138 78.44 21.74 109.48
N ASP P 139 77.68 22.45 108.66
CA ASP P 139 76.24 22.44 108.78
C ASP P 139 75.68 21.14 108.22
N PRO P 140 74.86 20.41 108.98
CA PRO P 140 74.31 19.16 108.46
C PRO P 140 73.48 19.33 107.19
N ALA P 141 72.75 20.45 107.07
CA ALA P 141 71.94 20.67 105.88
C ALA P 141 72.80 21.00 104.67
N ASP P 142 73.91 21.70 104.87
CA ASP P 142 74.80 22.10 103.77
C ASP P 142 76.24 21.95 104.25
N THR P 143 76.94 20.96 103.69
CA THR P 143 78.32 20.68 104.11
C THR P 143 79.37 21.32 103.21
N VAL P 144 79.02 21.61 101.95
CA VAL P 144 79.99 22.23 101.04
C VAL P 144 80.51 23.57 101.55
N PRO P 145 79.68 24.47 102.11
CA PRO P 145 80.24 25.73 102.62
C PRO P 145 81.32 25.56 103.67
N ALA P 146 81.23 24.52 104.52
CA ALA P 146 82.29 24.28 105.49
C ALA P 146 83.61 23.96 104.81
N PHE P 147 83.58 23.13 103.77
CA PHE P 147 84.81 22.81 103.04
C PHE P 147 85.35 24.03 102.31
N ILE P 148 84.46 24.86 101.75
CA ILE P 148 84.91 26.08 101.08
C ILE P 148 85.55 27.03 102.10
N THR P 149 84.97 27.12 103.30
CA THR P 149 85.55 27.96 104.34
C THR P 149 86.91 27.44 104.77
N ALA P 150 87.06 26.12 104.88
CA ALA P 150 88.36 25.55 105.22
C ALA P 150 89.39 25.85 104.14
N ASP P 151 88.99 25.73 102.87
CA ASP P 151 89.90 26.05 101.77
C ASP P 151 90.30 27.52 101.80
N GLN P 152 89.35 28.41 102.10
CA GLN P 152 89.65 29.84 102.19
C GLN P 152 90.60 30.12 103.34
N ARG P 153 90.40 29.46 104.48
CA ARG P 153 91.31 29.64 105.62
C ARG P 153 92.71 29.15 105.27
N MET P 154 92.82 28.03 104.56
CA MET P 154 94.13 27.55 104.12
C MET P 154 94.77 28.54 103.16
N GLY P 155 93.99 29.07 102.21
CA GLY P 155 94.53 30.03 101.27
C GLY P 155 94.97 31.33 101.91
N GLU P 156 94.33 31.72 103.01
CA GLU P 156 94.74 32.91 103.74
C GLU P 156 96.16 32.78 104.26
N ALA P 157 96.63 31.56 104.50
CA ALA P 157 97.99 31.32 104.95
C ALA P 157 98.97 31.14 103.80
N ASN P 158 98.52 31.28 102.56
CA ASN P 158 99.37 31.15 101.37
C ASN P 158 99.99 29.75 101.27
N VAL P 159 99.30 28.74 101.77
CA VAL P 159 99.78 27.36 101.63
C VAL P 159 99.68 26.94 100.18
N PRO P 160 100.62 26.14 99.67
CA PRO P 160 100.49 25.64 98.30
C PRO P 160 99.21 24.83 98.13
N THR P 161 98.60 24.96 96.95
CA THR P 161 97.32 24.30 96.66
C THR P 161 97.48 22.84 96.26
N ASP P 162 98.70 22.34 96.14
CA ASP P 162 98.95 20.95 95.78
C ASP P 162 99.43 20.17 96.99
N SER P 163 99.45 18.85 96.85
CA SER P 163 99.91 17.93 97.90
C SER P 163 99.11 18.13 99.18
N ARG P 164 97.79 18.22 99.03
CA ARG P 164 96.87 18.38 100.16
C ARG P 164 96.12 17.07 100.39
N ARG P 165 96.12 16.61 101.63
CA ARG P 165 95.47 15.36 102.01
C ARG P 165 94.33 15.64 102.98
N LEU P 166 93.18 15.04 102.70
CA LEU P 166 91.98 15.19 103.53
C LEU P 166 91.55 13.82 104.02
N VAL P 167 91.24 13.73 105.31
CA VAL P 167 90.74 12.50 105.93
C VAL P 167 89.38 12.80 106.53
N VAL P 168 88.42 11.91 106.28
CA VAL P 168 87.05 12.06 106.76
C VAL P 168 86.64 10.76 107.45
N GLY P 169 85.95 10.90 108.58
CA GLY P 169 85.46 9.75 109.32
C GLY P 169 84.21 9.16 108.70
N SER P 170 83.76 8.07 109.31
CA SER P 170 82.53 7.41 108.83
C SER P 170 81.33 8.34 108.98
N ALA P 171 81.23 9.03 110.11
CA ALA P 171 80.11 9.95 110.31
C ALA P 171 80.21 11.15 109.37
N VAL P 172 81.43 11.61 109.08
CA VAL P 172 81.60 12.73 108.16
C VAL P 172 81.14 12.33 106.76
N ALA P 173 81.52 11.14 106.30
CA ALA P 173 81.07 10.66 105.00
C ALA P 173 79.56 10.45 104.98
N ALA P 174 79.00 9.94 106.08
CA ALA P 174 77.56 9.78 106.17
C ALA P 174 76.85 11.12 106.06
N ALA P 175 77.35 12.14 106.75
CA ALA P 175 76.75 13.47 106.68
C ALA P 175 76.92 14.07 105.29
N LEU P 176 78.05 13.82 104.63
CA LEU P 176 78.22 14.26 103.25
C LEU P 176 77.17 13.62 102.35
N ALA P 177 76.88 12.34 102.56
CA ALA P 177 75.80 11.70 101.83
C ALA P 177 74.44 12.30 102.19
N LYS P 178 74.26 12.72 103.45
CA LYS P 178 73.00 13.33 103.88
C LYS P 178 72.77 14.68 103.21
N ASP P 179 73.83 15.35 102.78
CA ASP P 179 73.70 16.68 102.19
C ASP P 179 72.86 16.63 100.92
N LYS P 180 71.88 17.54 100.82
CA LYS P 180 71.05 17.61 99.63
C LYS P 180 71.83 18.08 98.41
N GLN P 181 72.95 18.76 98.62
CA GLN P 181 73.80 19.15 97.49
C GLN P 181 74.35 17.93 96.76
N PHE P 182 74.76 16.91 97.52
CA PHE P 182 75.31 15.69 96.94
C PHE P 182 74.23 14.66 96.65
N ARG P 183 73.22 14.55 97.51
CA ARG P 183 72.17 13.55 97.32
C ARG P 183 71.36 13.83 96.06
N HIS P 184 70.99 15.09 95.83
CA HIS P 184 70.21 15.46 94.66
C HIS P 184 71.10 15.50 93.44
N ALA P 185 70.74 14.72 92.41
CA ALA P 185 71.58 14.64 91.21
C ALA P 185 71.59 15.96 90.45
N ASP P 186 70.43 16.64 90.37
CA ASP P 186 70.39 17.93 89.68
C ASP P 186 71.29 18.95 90.36
N TRP P 187 71.28 18.97 91.70
CA TRP P 187 72.17 19.86 92.42
C TRP P 187 73.62 19.37 92.33
N SER P 188 73.81 18.05 92.32
CA SER P 188 75.17 17.51 92.16
C SER P 188 75.70 17.76 90.76
N GLY P 189 74.87 17.57 89.74
CA GLY P 189 75.28 17.80 88.37
C GLY P 189 75.44 16.54 87.55
N ASP P 190 76.01 15.50 88.15
CA ASP P 190 76.22 14.25 87.45
C ASP P 190 74.96 13.40 87.49
N GLN P 191 74.53 12.91 86.32
CA GLN P 191 73.35 12.07 86.26
C GLN P 191 73.59 10.68 86.84
N ALA P 192 74.84 10.24 86.93
CA ALA P 192 75.14 8.95 87.52
C ALA P 192 74.76 8.92 89.00
N ASN P 193 75.04 10.00 89.72
CA ASN P 193 74.71 10.13 91.14
C ASN P 193 75.36 9.01 91.96
N ALA P 194 76.70 9.02 91.96
CA ALA P 194 77.45 8.03 92.72
C ALA P 194 77.22 8.18 94.22
N ALA P 195 76.90 9.39 94.67
CA ALA P 195 76.62 9.62 96.09
C ALA P 195 75.29 9.01 96.54
N LEU P 196 74.45 8.58 95.62
CA LEU P 196 73.15 7.99 95.94
C LEU P 196 73.06 6.53 95.54
N ARG P 197 73.47 6.20 94.30
CA ARG P 197 73.42 4.81 93.86
C ARG P 197 74.36 3.93 94.66
N GLU P 198 75.57 4.43 94.96
CA GLU P 198 76.56 3.68 95.72
C GLU P 198 76.86 4.31 97.08
N ALA P 199 76.24 5.44 97.41
CA ALA P 199 76.45 6.13 98.68
C ALA P 199 77.94 6.43 98.90
N HIS P 200 78.62 6.82 97.83
CA HIS P 200 80.05 7.15 97.88
C HIS P 200 80.23 8.59 97.42
N VAL P 201 80.82 9.42 98.28
CA VAL P 201 81.06 10.81 97.95
C VAL P 201 82.26 10.91 97.03
N GLY P 202 82.15 11.74 96.01
CA GLY P 202 83.21 11.94 95.03
C GLY P 202 84.14 13.08 95.39
N ARG P 203 84.72 13.69 94.36
CA ARG P 203 85.63 14.80 94.56
C ARG P 203 84.89 16.00 95.16
N LEU P 204 85.54 16.67 96.10
CA LEU P 204 84.95 17.82 96.76
C LEU P 204 86.05 18.77 97.20
N ALA P 205 85.88 20.06 96.88
CA ALA P 205 86.81 21.12 97.26
C ALA P 205 88.22 20.86 96.73
N GLY P 206 88.33 20.16 95.60
CA GLY P 206 89.62 19.91 95.00
C GLY P 206 90.49 18.90 95.69
N MET P 207 89.94 18.15 96.67
CA MET P 207 90.70 17.15 97.40
C MET P 207 89.94 15.84 97.40
N ASN P 208 90.68 14.74 97.26
CA ASN P 208 90.08 13.41 97.24
C ASN P 208 89.71 12.99 98.66
N VAL P 209 88.48 12.51 98.83
CA VAL P 209 87.99 12.10 100.13
C VAL P 209 88.57 10.72 100.47
N ILE P 210 89.10 10.58 101.67
CA ILE P 210 89.67 9.33 102.17
C ILE P 210 88.97 8.97 103.46
N ARG P 211 88.33 7.80 103.48
CA ARG P 211 87.56 7.34 104.63
C ARG P 211 88.41 6.41 105.49
N SER P 212 88.45 6.67 106.79
CA SER P 212 89.18 5.84 107.73
C SER P 212 88.48 5.87 109.08
N ASN P 213 88.34 4.71 109.70
CA ASN P 213 87.68 4.60 110.99
C ASN P 213 88.64 4.80 112.17
N ALA P 214 89.93 4.95 111.91
CA ALA P 214 90.88 5.18 112.99
C ALA P 214 90.63 6.52 113.69
N ILE P 215 90.34 7.56 112.91
CA ILE P 215 90.06 8.88 113.45
C ILE P 215 88.64 8.90 113.99
N ALA P 216 88.30 9.94 114.75
CA ALA P 216 86.95 10.07 115.27
C ALA P 216 85.98 10.26 114.12
N PRO P 217 84.87 9.51 114.07
CA PRO P 217 83.93 9.64 112.95
C PRO P 217 83.34 11.04 112.82
N ASP P 218 83.11 11.74 113.92
CA ASP P 218 82.47 13.05 113.89
C ASP P 218 83.42 14.16 113.42
N LYS P 219 84.72 13.92 113.38
CA LYS P 219 85.70 14.94 113.05
C LYS P 219 86.43 14.56 111.77
N ALA P 220 86.70 15.56 110.92
CA ALA P 220 87.47 15.40 109.71
C ALA P 220 88.64 16.38 109.74
N TYR P 221 89.70 16.05 109.00
CA TYR P 221 90.91 16.86 109.03
C TYR P 221 91.44 17.07 107.62
N LEU P 222 92.12 18.19 107.43
CA LEU P 222 92.80 18.49 106.16
C LEU P 222 94.17 19.04 106.47
N TRP P 223 95.17 18.63 105.69
CA TRP P 223 96.54 19.08 105.95
C TRP P 223 97.33 19.09 104.65
N HIS P 224 98.47 19.77 104.69
CA HIS P 224 99.37 19.87 103.55
C HIS P 224 100.32 18.67 103.55
N ARG P 225 101.30 18.69 102.65
CA ARG P 225 102.26 17.58 102.58
C ARG P 225 103.08 17.47 103.87
N THR P 226 103.51 18.61 104.42
CA THR P 226 104.27 18.59 105.66
C THR P 226 103.42 18.04 106.80
N ALA P 227 102.32 18.73 107.13
CA ALA P 227 101.38 18.29 108.15
C ALA P 227 102.05 18.03 109.49
N PHE P 228 102.20 16.76 109.84
CA PHE P 228 102.80 16.33 111.10
C PHE P 228 104.04 15.50 110.82
N ILE P 229 105.10 15.76 111.58
CA ILE P 229 106.35 15.04 111.43
C ILE P 229 106.28 13.76 112.26
N LEU P 230 106.39 12.62 111.60
CA LEU P 230 106.35 11.31 112.24
C LEU P 230 107.61 10.54 111.85
N ALA P 231 108.28 9.95 112.84
CA ALA P 231 109.51 9.22 112.58
C ALA P 231 109.51 7.92 113.36
N TYR P 232 110.18 6.91 112.79
CA TYR P 232 110.29 5.60 113.41
C TYR P 232 111.74 5.15 113.40
N ARG P 233 112.12 4.35 114.40
CA ARG P 233 113.49 3.86 114.50
C ARG P 233 113.45 2.46 115.10
N THR P 234 114.03 1.50 114.39
CA THR P 234 114.12 0.15 114.92
C THR P 234 115.27 0.06 115.92
N PRO P 235 115.03 -0.47 117.12
CA PRO P 235 116.12 -0.59 118.09
C PRO P 235 117.13 -1.65 117.68
N VAL P 236 118.34 -1.50 118.18
CA VAL P 236 119.42 -2.43 117.89
C VAL P 236 119.30 -3.64 118.81
N VAL P 237 119.48 -4.82 118.25
CA VAL P 237 119.39 -6.06 119.04
C VAL P 237 120.53 -6.10 120.04
N PRO P 238 120.26 -6.30 121.32
CA PRO P 238 121.35 -6.34 122.31
C PRO P 238 122.15 -7.63 122.20
N GLU P 239 123.29 -7.65 122.90
CA GLU P 239 124.14 -8.83 122.91
C GLU P 239 123.44 -10.02 123.55
N GLY P 240 122.67 -9.78 124.61
CA GLY P 240 121.96 -10.85 125.29
C GLY P 240 120.73 -11.30 124.55
N ALA P 241 120.93 -11.83 123.34
CA ALA P 241 119.84 -12.34 122.50
C ALA P 241 120.34 -13.55 121.74
N LYS P 242 119.47 -14.09 120.87
CA LYS P 242 119.80 -15.26 120.08
C LYS P 242 119.87 -14.93 118.59
N ALA P 243 118.81 -14.41 118.01
CA ALA P 243 118.80 -14.08 116.59
C ALA P 243 118.35 -12.65 116.30
N GLY P 244 117.38 -12.14 117.06
CA GLY P 244 116.86 -10.80 116.80
C GLY P 244 115.89 -10.69 115.64
N ALA P 245 116.28 -11.21 114.47
CA ALA P 245 115.44 -11.21 113.28
C ALA P 245 114.97 -9.81 112.90
N SER P 246 113.91 -9.72 112.11
CA SER P 246 113.35 -8.46 111.68
C SER P 246 111.95 -8.69 111.15
N PHE P 247 111.11 -7.66 111.24
CA PHE P 247 109.75 -7.75 110.72
C PHE P 247 109.41 -6.46 109.99
N SER P 248 108.38 -6.53 109.14
CA SER P 248 107.92 -5.38 108.38
C SER P 248 106.44 -5.14 108.64
N ALA P 249 106.08 -3.87 108.82
CA ALA P 249 104.68 -3.50 109.03
C ALA P 249 104.46 -2.12 108.42
N ASN P 250 103.72 -2.08 107.31
CA ASN P 250 103.40 -0.82 106.61
C ASN P 250 104.67 -0.06 106.25
N GLY P 251 105.69 -0.78 105.82
CA GLY P 251 106.95 -0.17 105.46
C GLY P 251 107.83 0.21 106.62
N VAL P 252 107.48 -0.17 107.85
CA VAL P 252 108.24 0.16 109.04
C VAL P 252 108.91 -1.11 109.55
N ALA P 253 110.21 -1.03 109.80
CA ALA P 253 110.96 -2.16 110.33
C ALA P 253 110.74 -2.29 111.84
N LEU P 254 110.48 -3.52 112.28
CA LEU P 254 110.21 -3.83 113.68
C LEU P 254 111.25 -4.83 114.18
N ARG P 255 111.74 -4.59 115.40
CA ARG P 255 112.77 -5.42 116.01
C ARG P 255 112.12 -6.41 116.98
N TRP P 256 112.50 -7.68 116.83
CA TRP P 256 112.00 -8.79 117.64
C TRP P 256 113.08 -9.26 118.61
N LEU P 257 112.63 -9.83 119.73
CA LEU P 257 113.54 -10.33 120.75
C LEU P 257 112.89 -11.52 121.46
N ALA P 258 113.71 -12.48 121.85
CA ALA P 258 113.22 -13.67 122.53
C ALA P 258 114.29 -14.15 123.51
N ASP P 259 113.83 -14.88 124.52
CA ASP P 259 114.72 -15.45 125.54
C ASP P 259 114.00 -16.61 126.21
N TYR P 260 114.64 -17.19 127.21
CA TYR P 260 114.08 -18.31 127.96
C TYR P 260 113.86 -17.88 129.40
N ASP P 261 112.62 -18.05 129.89
CA ASP P 261 112.28 -17.72 131.28
C ASP P 261 112.51 -18.97 132.12
N TYR P 262 113.74 -19.12 132.60
CA TYR P 262 114.09 -20.30 133.39
C TYR P 262 113.33 -20.34 134.70
N SER P 263 113.16 -19.19 135.35
CA SER P 263 112.49 -19.15 136.64
C SER P 263 111.02 -19.54 136.52
N GLN P 264 110.33 -19.03 135.49
CA GLN P 264 108.90 -19.25 135.33
C GLN P 264 108.56 -20.35 134.32
N LEU P 265 109.57 -20.99 133.73
CA LEU P 265 109.37 -22.06 132.74
C LEU P 265 108.47 -21.59 131.60
N GLY P 266 108.93 -20.52 130.94
CA GLY P 266 108.18 -19.95 129.83
C GLY P 266 109.12 -19.32 128.82
N ASP P 267 108.52 -18.76 127.77
CA ASP P 267 109.25 -18.09 126.71
C ASP P 267 108.68 -16.69 126.53
N ARG P 268 109.53 -15.68 126.67
CA ARG P 268 109.10 -14.29 126.54
C ARG P 268 109.51 -13.75 125.17
N THR P 269 108.57 -13.09 124.50
CA THR P 269 108.80 -12.50 123.19
C THR P 269 108.46 -11.02 123.23
N LEU P 270 109.23 -10.23 122.47
CA LEU P 270 109.04 -8.79 122.43
C LEU P 270 109.17 -8.31 120.98
N LEU P 271 108.40 -7.30 120.61
CA LEU P 271 108.47 -6.69 119.29
C LEU P 271 108.24 -5.20 119.47
N ASP P 272 109.30 -4.40 119.28
CA ASP P 272 109.22 -3.00 119.67
C ASP P 272 110.02 -2.11 118.72
N VAL P 273 109.60 -0.84 118.67
CA VAL P 273 110.27 0.21 117.91
C VAL P 273 110.19 1.51 118.71
N PHE P 274 110.88 2.55 118.23
CA PHE P 274 110.87 3.86 118.85
C PHE P 274 110.17 4.84 117.91
N THR P 275 109.29 5.66 118.48
CA THR P 275 108.47 6.58 117.71
C THR P 275 108.74 8.03 118.11
N GLY P 276 108.69 8.91 117.11
CA GLY P 276 108.89 10.33 117.33
C GLY P 276 107.83 11.17 116.65
N ARG P 277 107.26 12.11 117.41
CA ARG P 277 106.14 12.92 116.95
C ARG P 277 106.49 14.40 117.04
N LYS P 278 105.98 15.17 116.07
CA LYS P 278 106.18 16.61 116.08
C LYS P 278 105.09 17.27 115.25
N VAL P 279 104.69 18.47 115.65
CA VAL P 279 103.72 19.27 114.92
C VAL P 279 104.46 20.40 114.23
N VAL P 280 104.13 20.63 112.95
CA VAL P 280 104.79 21.67 112.15
C VAL P 280 104.08 22.99 112.46
N THR P 281 104.68 23.80 113.33
CA THR P 281 104.14 25.09 113.72
C THR P 281 104.78 26.19 112.88
N GLU P 282 104.49 27.44 113.24
CA GLU P 282 105.03 28.61 112.56
C GLU P 282 106.01 29.33 113.48
N VAL P 283 106.50 30.48 113.01
CA VAL P 283 107.46 31.25 113.78
C VAL P 283 106.85 31.84 115.04
N ASP P 284 105.53 31.97 115.09
CA ASP P 284 104.84 32.53 116.25
C ASP P 284 103.93 31.52 116.93
N GLY P 285 104.06 30.24 116.61
CA GLY P 285 103.23 29.21 117.22
C GLY P 285 101.84 29.09 116.66
N SER P 286 101.53 29.79 115.57
CA SER P 286 100.21 29.71 114.94
C SER P 286 100.18 28.51 114.00
N PHE P 287 99.36 27.52 114.33
CA PHE P 287 99.25 26.31 113.53
C PHE P 287 98.31 26.56 112.36
N VAL P 288 98.87 26.70 111.15
CA VAL P 288 98.09 26.92 109.95
C VAL P 288 98.30 25.83 108.91
N ARG P 289 99.14 24.84 109.19
CA ARG P 289 99.39 23.77 108.22
C ARG P 289 98.23 22.80 108.10
N ALA P 290 97.32 22.79 109.07
CA ALA P 290 96.20 21.86 109.05
C ALA P 290 94.95 22.55 109.58
N VAL P 291 93.79 22.02 109.18
CA VAL P 291 92.49 22.52 109.62
C VAL P 291 91.62 21.33 110.03
N GLU P 292 90.70 21.61 110.95
CA GLU P 292 89.82 20.61 111.52
C GLU P 292 88.37 21.01 111.31
N LEU P 293 87.55 20.03 110.93
CA LEU P 293 86.13 20.22 110.68
C LEU P 293 85.33 19.32 111.61
N GLN P 294 84.31 19.90 112.25
CA GLN P 294 83.48 19.16 113.19
C GLN P 294 82.01 19.34 112.84
N LEU P 295 81.25 18.26 113.00
CA LEU P 295 79.82 18.27 112.74
C LEU P 295 79.05 18.64 114.02
N GLN P 296 77.93 19.33 113.83
CA GLN P 296 77.09 19.71 114.94
C GLN P 296 76.06 18.64 115.25
N ALA P 297 75.54 18.67 116.47
CA ALA P 297 74.52 17.73 116.91
C ALA P 297 73.15 18.40 116.99
N SER P 298 73.02 19.48 117.77
CA SER P 298 71.82 20.27 117.97
C SER P 298 70.71 19.49 118.67
N SER P 299 70.93 18.22 118.98
CA SER P 299 69.97 17.36 119.67
C SER P 299 70.65 16.04 119.99
N ILE P 300 70.26 15.45 121.12
CA ILE P 300 70.78 14.16 121.55
C ILE P 300 69.62 13.25 121.89
N THR P 301 69.72 11.99 121.46
CA THR P 301 68.70 10.98 121.71
C THR P 301 69.31 9.81 122.47
N ILE P 302 68.66 9.41 123.55
CA ILE P 302 69.06 8.24 124.32
C ILE P 302 68.21 7.07 123.85
N VAL P 303 68.87 6.05 123.30
CA VAL P 303 68.17 4.91 122.70
C VAL P 303 67.52 4.07 123.79
N GLY P 304 66.59 3.21 123.39
CA GLY P 304 65.89 2.34 124.31
C GLY P 304 64.51 2.81 124.69
N GLY P 305 64.21 4.09 124.50
CA GLY P 305 62.91 4.63 124.86
C GLY P 305 62.61 4.50 126.34
N ALA P 306 61.67 3.63 126.68
CA ALA P 306 61.34 3.32 128.06
C ALA P 306 61.83 1.91 128.36
N PHE P 307 62.71 1.78 129.35
CA PHE P 307 63.33 0.51 129.69
C PHE P 307 63.27 0.28 131.20
N ALA P 308 63.27 -0.99 131.58
CA ALA P 308 63.25 -1.40 132.98
C ALA P 308 64.38 -2.37 133.24
N LEU P 309 65.01 -2.23 134.41
CA LEU P 309 66.10 -3.12 134.79
C LEU P 309 65.58 -4.53 135.06
N ALA P 310 66.50 -5.50 135.01
CA ALA P 310 66.11 -6.89 135.22
C ALA P 310 65.55 -7.11 136.62
N THR P 311 66.20 -6.53 137.64
CA THR P 311 65.75 -6.64 139.02
C THR P 311 65.80 -5.25 139.66
N THR P 312 65.43 -5.19 140.94
CA THR P 312 65.51 -3.94 141.68
C THR P 312 66.97 -3.48 141.79
N THR P 313 67.87 -4.40 142.12
CA THR P 313 69.30 -4.10 142.15
C THR P 313 69.95 -4.59 140.85
N GLY P 314 69.68 -3.84 139.79
CA GLY P 314 70.20 -4.15 138.47
C GLY P 314 71.07 -3.02 137.93
N THR P 315 71.56 -3.24 136.71
CA THR P 315 72.41 -2.25 136.05
C THR P 315 72.26 -2.38 134.54
N LYS P 316 72.60 -1.29 133.85
CA LYS P 316 72.54 -1.27 132.40
C LYS P 316 73.39 -0.13 131.89
N GLN P 317 74.17 -0.40 130.83
CA GLN P 317 75.04 0.60 130.22
C GLN P 317 74.24 1.39 129.19
N LEU P 318 74.00 2.67 129.47
CA LEU P 318 73.25 3.52 128.56
C LEU P 318 74.15 4.14 127.51
N LYS P 319 73.63 4.23 126.29
CA LYS P 319 74.34 4.83 125.17
C LYS P 319 73.49 5.94 124.56
N VAL P 320 74.12 7.06 124.24
CA VAL P 320 73.45 8.23 123.70
C VAL P 320 74.03 8.54 122.33
N ARG P 321 73.16 8.91 121.39
CA ARG P 321 73.58 9.26 120.04
C ARG P 321 73.09 10.66 119.71
N ASP P 322 73.55 11.18 118.58
CA ASP P 322 73.11 12.48 118.09
C ASP P 322 72.11 12.29 116.96
N ASP P 323 71.72 13.40 116.31
CA ASP P 323 70.82 13.30 115.17
C ASP P 323 71.48 12.56 114.01
N ASN P 324 72.78 12.79 113.79
CA ASN P 324 73.51 12.10 112.73
C ASN P 324 73.75 10.63 113.05
N GLY P 325 73.50 10.20 114.27
CA GLY P 325 73.70 8.81 114.65
C GLY P 325 75.05 8.49 115.27
N THR P 326 75.93 9.48 115.41
CA THR P 326 77.23 9.23 116.04
C THR P 326 77.06 8.87 117.51
N ASP P 327 77.77 7.84 117.94
CA ASP P 327 77.69 7.36 119.33
C ASP P 327 78.52 8.28 120.22
N VAL P 328 77.90 9.37 120.65
CA VAL P 328 78.60 10.35 121.48
C VAL P 328 78.94 9.75 122.85
N THR P 329 77.96 9.13 123.50
CA THR P 329 78.12 8.36 124.75
C THR P 329 79.12 8.95 125.73
N ALA P 330 80.41 8.77 125.45
CA ALA P 330 81.45 9.03 126.46
C ALA P 330 81.48 10.49 126.88
N ARG P 331 81.50 11.41 125.91
CA ARG P 331 81.58 12.83 126.23
C ARG P 331 80.22 13.41 126.58
N CYS P 332 79.53 12.79 127.53
CA CYS P 332 78.22 13.26 127.98
C CYS P 332 78.17 13.22 129.50
N THR P 333 77.35 14.09 130.07
CA THR P 333 77.17 14.16 131.52
C THR P 333 75.84 13.49 131.88
N PHE P 334 75.92 12.45 132.69
CA PHE P 334 74.74 11.69 133.10
C PHE P 334 74.39 12.01 134.55
N ALA P 335 73.11 12.30 134.80
CA ALA P 335 72.65 12.63 136.15
C ALA P 335 71.29 11.99 136.39
N SER P 336 71.13 11.35 137.53
CA SER P 336 69.85 10.75 137.90
C SER P 336 68.97 11.77 138.62
N SER P 337 67.67 11.68 138.35
CA SER P 337 66.71 12.55 139.02
C SER P 337 66.49 12.11 140.46
N ALA P 338 66.38 10.81 140.68
CA ALA P 338 66.21 10.23 142.01
C ALA P 338 67.43 9.36 142.29
N GLY P 339 68.42 9.92 143.00
CA GLY P 339 69.63 9.18 143.30
C GLY P 339 69.37 7.98 144.20
N THR P 340 68.46 8.11 145.16
CA THR P 340 68.16 7.01 146.05
C THR P 340 67.46 5.86 145.31
N LYS P 341 66.76 6.16 144.23
CA LYS P 341 66.07 5.11 143.46
C LYS P 341 67.03 4.39 142.53
N ALA P 342 67.65 5.13 141.60
CA ALA P 342 68.60 4.52 140.67
C ALA P 342 69.53 5.63 140.18
N THR P 343 70.79 5.59 140.62
CA THR P 343 71.79 6.54 140.18
C THR P 343 72.52 6.02 138.95
N VAL P 344 72.98 6.95 138.12
CA VAL P 344 73.67 6.64 136.87
C VAL P 344 75.13 7.01 137.00
N SER P 345 76.00 6.11 136.55
CA SER P 345 77.43 6.36 136.61
C SER P 345 77.85 7.36 135.53
N ALA P 346 79.09 7.83 135.64
CA ALA P 346 79.60 8.80 134.67
C ALA P 346 79.68 8.21 133.27
N ALA P 347 80.13 6.95 133.16
CA ALA P 347 80.22 6.31 131.86
C ALA P 347 78.84 6.11 131.25
N GLY P 348 77.85 5.74 132.07
CA GLY P 348 76.51 5.49 131.57
C GLY P 348 75.92 4.22 132.15
N LEU P 349 76.70 3.53 132.97
CA LEU P 349 76.26 2.28 133.61
C LEU P 349 75.38 2.63 134.80
N VAL P 350 74.10 2.85 134.50
CA VAL P 350 73.13 3.19 135.54
C VAL P 350 72.82 1.95 136.37
N THR P 351 72.83 2.10 137.69
CA THR P 351 72.58 1.00 138.61
C THR P 351 71.35 1.31 139.45
N GLY P 352 70.48 0.32 139.61
CA GLY P 352 69.28 0.50 140.41
C GLY P 352 69.55 0.25 141.88
N VAL P 353 69.09 1.17 142.73
CA VAL P 353 69.27 1.09 144.18
C VAL P 353 67.96 0.73 144.88
N ALA P 354 66.89 1.47 144.60
CA ALA P 354 65.60 1.24 145.22
C ALA P 354 64.53 1.14 144.14
N ALA P 355 63.49 0.35 144.42
CA ALA P 355 62.40 0.17 143.49
C ALA P 355 61.59 1.46 143.35
N GLY P 356 61.17 1.76 142.12
CA GLY P 356 60.40 2.96 141.86
C GLY P 356 60.59 3.48 140.45
N THR P 357 60.68 4.80 140.29
CA THR P 357 60.87 5.40 138.99
C THR P 357 61.91 6.51 139.10
N ALA P 358 62.59 6.78 137.97
CA ALA P 358 63.61 7.81 137.92
C ALA P 358 63.64 8.41 136.53
N ASP P 359 64.22 9.60 136.43
CA ASP P 359 64.35 10.33 135.16
C ASP P 359 65.83 10.60 134.92
N ILE P 360 66.49 9.70 134.19
CA ILE P 360 67.90 9.88 133.88
C ILE P 360 68.05 10.95 132.81
N THR P 361 68.89 11.94 133.08
CA THR P 361 69.11 13.07 132.18
C THR P 361 70.54 13.03 131.66
N ALA P 362 70.70 13.19 130.36
CA ALA P 362 72.00 13.26 129.72
C ALA P 362 72.15 14.62 129.07
N SER P 363 73.27 15.29 129.34
CA SER P 363 73.56 16.61 128.79
C SER P 363 74.86 16.55 128.01
N TYR P 364 74.83 17.02 126.77
CA TYR P 364 75.99 17.02 125.89
C TYR P 364 76.19 18.42 125.33
N VAL P 365 77.42 18.91 125.41
CA VAL P 365 77.77 20.22 124.88
C VAL P 365 77.99 20.11 123.38
N PRO P 366 77.22 20.81 122.56
CA PRO P 366 77.42 20.71 121.11
C PRO P 366 78.75 21.30 120.70
N PRO P 367 79.36 20.81 119.63
CA PRO P 367 80.61 21.42 119.15
C PRO P 367 80.47 22.89 118.79
N GLN P 368 79.28 23.31 118.34
CA GLN P 368 79.05 24.71 118.01
C GLN P 368 79.10 25.61 119.25
N GLY P 369 78.93 25.05 120.44
CA GLY P 369 78.95 25.81 121.66
C GLY P 369 77.56 26.09 122.21
N GLY P 370 77.48 27.15 123.01
CA GLY P 370 76.22 27.54 123.60
C GLY P 370 75.76 26.54 124.66
N THR P 371 74.45 26.52 124.87
CA THR P 371 73.86 25.63 125.85
C THR P 371 74.00 24.18 125.42
N ALA P 372 74.11 23.29 126.41
CA ALA P 372 74.27 21.86 126.16
C ALA P 372 72.91 21.21 126.01
N LYS P 373 72.72 20.48 124.91
CA LYS P 373 71.45 19.80 124.67
C LYS P 373 71.25 18.69 125.68
N THR P 374 70.02 18.57 126.18
CA THR P 374 69.71 17.60 127.23
C THR P 374 68.56 16.69 126.78
N ALA P 375 68.59 15.47 127.29
CA ALA P 375 67.56 14.47 127.02
C ALA P 375 67.21 13.75 128.32
N THR P 376 65.95 13.37 128.44
CA THR P 376 65.43 12.71 129.63
C THR P 376 64.81 11.38 129.26
N VAL P 377 65.12 10.35 130.05
CA VAL P 377 64.57 9.01 129.86
C VAL P 377 64.03 8.51 131.18
N THR P 378 62.77 8.08 131.20
CA THR P 378 62.15 7.52 132.39
C THR P 378 62.51 6.04 132.50
N VAL P 379 62.95 5.64 133.69
CA VAL P 379 63.32 4.26 133.98
C VAL P 379 62.50 3.77 135.17
N THR P 380 61.92 2.58 135.04
CA THR P 380 61.08 1.99 136.08
C THR P 380 61.84 0.82 136.71
N VAL P 381 62.39 1.05 137.89
CA VAL P 381 63.11 0.00 138.63
C VAL P 381 62.09 -0.87 139.33
N PRO P 382 62.08 -2.19 139.08
CA PRO P 382 61.11 -3.14 139.66
C PRO P 382 61.14 -3.15 141.18
N ILE Q 4 11.92 -31.74 81.41
CA ILE Q 4 13.27 -31.43 81.86
C ILE Q 4 14.27 -32.37 81.21
N PHE Q 5 15.51 -32.37 81.71
CA PHE Q 5 16.56 -33.20 81.18
C PHE Q 5 17.38 -33.79 82.33
N VAL Q 6 18.33 -34.65 81.97
CA VAL Q 6 19.18 -35.33 82.94
C VAL Q 6 20.64 -34.99 82.65
N LYS Q 7 20.88 -33.76 82.19
CA LYS Q 7 22.18 -33.25 81.79
C LYS Q 7 23.26 -33.56 82.82
N PRO Q 8 24.50 -33.80 82.38
CA PRO Q 8 25.59 -34.02 83.33
C PRO Q 8 26.03 -32.74 84.02
N GLU Q 9 27.13 -32.80 84.77
CA GLU Q 9 27.71 -31.61 85.40
C GLU Q 9 29.17 -31.53 84.97
N LEU Q 10 29.45 -30.72 83.95
CA LEU Q 10 30.79 -30.61 83.41
C LEU Q 10 31.66 -29.74 84.31
N VAL Q 11 32.92 -30.14 84.46
CA VAL Q 11 33.91 -29.41 85.23
C VAL Q 11 35.15 -29.21 84.37
N ALA Q 12 35.62 -27.98 84.27
CA ALA Q 12 36.78 -27.64 83.46
C ALA Q 12 37.78 -26.84 84.28
N GLU Q 13 39.05 -26.95 83.91
CA GLU Q 13 40.14 -26.24 84.57
C GLU Q 13 40.46 -25.00 83.74
N ILE Q 14 39.90 -23.85 84.14
CA ILE Q 14 40.15 -22.61 83.41
C ILE Q 14 41.61 -22.20 83.53
N GLY Q 15 42.18 -22.30 84.73
CA GLY Q 15 43.56 -21.91 84.93
C GLY Q 15 43.79 -21.18 86.23
N VAL Q 16 42.71 -20.97 87.00
CA VAL Q 16 42.83 -20.28 88.27
C VAL Q 16 43.64 -21.13 89.25
N LYS Q 17 44.54 -20.47 89.97
CA LYS Q 17 45.41 -21.13 90.93
C LYS Q 17 45.39 -20.37 92.25
N GLN Q 18 45.63 -21.09 93.34
CA GLN Q 18 45.72 -20.47 94.64
C GLN Q 18 46.94 -19.57 94.71
N LEU Q 19 46.76 -18.35 95.22
CA LEU Q 19 47.85 -17.38 95.31
C LEU Q 19 48.84 -17.83 96.37
N GLN Q 20 50.05 -18.20 95.93
CA GLN Q 20 51.08 -18.70 96.82
C GLN Q 20 52.28 -17.75 96.81
N ARG Q 21 53.10 -17.86 97.85
CA ARG Q 21 54.26 -17.00 98.00
C ARG Q 21 55.34 -17.39 96.97
N GLU Q 22 56.32 -16.50 96.82
CA GLU Q 22 57.42 -16.70 95.90
C GLU Q 22 58.67 -17.10 96.67
N ILE Q 23 59.34 -18.16 96.21
CA ILE Q 23 60.55 -18.65 96.87
C ILE Q 23 61.67 -17.66 96.59
N VAL Q 24 62.05 -16.87 97.59
CA VAL Q 24 63.08 -15.85 97.47
C VAL Q 24 64.19 -16.05 98.49
N LEU Q 25 63.83 -16.29 99.75
CA LEU Q 25 64.83 -16.46 100.80
C LEU Q 25 65.83 -17.57 100.53
N PRO Q 26 65.43 -18.77 100.07
CA PRO Q 26 66.45 -19.78 99.71
C PRO Q 26 67.36 -19.27 98.60
N GLY Q 27 68.64 -19.63 98.70
CA GLY Q 27 69.65 -19.15 97.79
C GLY Q 27 70.32 -17.87 98.20
N LEU Q 28 69.83 -17.21 99.26
CA LEU Q 28 70.43 -16.00 99.78
C LEU Q 28 71.20 -16.24 101.07
N VAL Q 29 71.21 -17.47 101.58
CA VAL Q 29 71.87 -17.84 102.82
C VAL Q 29 72.77 -19.03 102.54
N TRP Q 30 73.75 -19.24 103.42
CA TRP Q 30 74.68 -20.34 103.28
C TRP Q 30 73.94 -21.66 103.10
N THR Q 31 74.36 -22.45 102.12
CA THR Q 31 73.74 -23.73 101.78
C THR Q 31 74.78 -24.83 101.98
N ASN Q 32 74.79 -25.40 103.18
CA ASN Q 32 75.68 -26.51 103.56
C ASN Q 32 77.14 -26.18 103.29
N PRO Q 33 77.74 -25.23 104.03
CA PRO Q 33 79.17 -24.96 103.85
C PRO Q 33 80.03 -26.04 104.50
N LEU Q 34 79.56 -26.58 105.62
CA LEU Q 34 80.26 -27.62 106.35
C LEU Q 34 79.27 -28.73 106.68
N THR Q 35 79.43 -29.88 106.04
CA THR Q 35 78.51 -31.01 106.19
C THR Q 35 79.30 -32.22 106.68
N ASP Q 36 79.50 -32.27 108.00
CA ASP Q 36 80.15 -33.41 108.65
C ASP Q 36 79.46 -33.77 109.95
N PHE Q 37 78.14 -33.57 110.02
CA PHE Q 37 77.37 -33.79 111.23
C PHE Q 37 77.28 -35.26 111.63
N GLY Q 38 77.69 -36.18 110.77
CA GLY Q 38 77.58 -37.60 111.05
C GLY Q 38 78.30 -38.03 112.32
N GLY Q 39 79.63 -37.94 112.32
CA GLY Q 39 80.41 -38.33 113.48
C GLY Q 39 80.70 -37.18 114.42
N SER Q 40 79.67 -36.45 114.83
CA SER Q 40 79.81 -35.30 115.71
C SER Q 40 79.09 -35.57 117.02
N LYS Q 41 79.70 -35.16 118.13
CA LYS Q 41 79.12 -35.38 119.44
C LYS Q 41 77.88 -34.52 119.63
N ASN Q 42 76.78 -35.14 120.06
CA ASN Q 42 75.51 -34.48 120.33
C ASN Q 42 74.98 -33.72 119.11
N ASP Q 43 75.40 -34.12 117.91
CA ASP Q 43 75.03 -33.43 116.67
C ASP Q 43 75.39 -31.94 116.72
N THR Q 44 76.48 -31.61 117.41
CA THR Q 44 76.93 -30.24 117.55
C THR Q 44 78.38 -30.15 117.07
N ILE Q 45 78.66 -29.18 116.22
CA ILE Q 45 79.99 -28.97 115.65
C ILE Q 45 80.51 -27.62 116.11
N THR Q 46 81.72 -27.59 116.66
CA THR Q 46 82.33 -26.37 117.17
C THR Q 46 83.24 -25.77 116.10
N VAL Q 47 83.02 -24.48 115.81
CA VAL Q 47 83.83 -23.74 114.85
C VAL Q 47 84.60 -22.69 115.63
N ARG Q 48 85.93 -22.71 115.48
CA ARG Q 48 86.83 -21.81 116.19
C ARG Q 48 87.02 -20.52 115.40
N VAL Q 49 87.30 -19.44 116.13
CA VAL Q 49 87.54 -18.13 115.55
C VAL Q 49 88.96 -17.70 115.94
N PRO Q 50 89.79 -17.24 115.00
CA PRO Q 50 91.14 -16.80 115.36
C PRO Q 50 91.10 -15.64 116.36
N ALA Q 51 92.07 -15.62 117.26
CA ALA Q 51 92.14 -14.62 118.31
C ALA Q 51 92.96 -13.42 117.85
N ILE Q 52 92.79 -12.31 118.58
CA ILE Q 52 93.50 -11.06 118.31
C ILE Q 52 94.11 -10.54 119.60
N THR Q 53 95.09 -9.66 119.45
CA THR Q 53 95.78 -9.09 120.60
C THR Q 53 95.90 -7.58 120.47
N THR Q 54 96.62 -6.95 121.40
CA THR Q 54 96.81 -5.50 121.40
C THR Q 54 98.27 -5.21 121.71
N ALA Q 55 98.57 -3.93 121.94
CA ALA Q 55 99.94 -3.50 122.22
C ALA Q 55 99.90 -2.43 123.30
N ASN Q 56 101.08 -2.09 123.82
CA ASN Q 56 101.23 -1.10 124.87
C ASN Q 56 102.25 -0.05 124.45
N ARG Q 57 102.16 1.12 125.08
CA ARG Q 57 103.03 2.25 124.78
C ARG Q 57 103.69 2.75 126.04
N ARG Q 58 104.96 3.13 125.94
CA ARG Q 58 105.72 3.69 127.05
C ARG Q 58 106.58 4.84 126.52
N ASP Q 59 107.36 5.43 127.42
CA ASP Q 59 108.17 6.59 127.10
C ASP Q 59 109.65 6.21 127.07
N LEU Q 60 110.41 6.91 126.23
CA LEU Q 60 111.84 6.66 126.10
C LEU Q 60 112.59 7.12 127.35
N ARG Q 61 113.71 6.45 127.62
CA ARG Q 61 114.62 6.78 128.72
C ARG Q 61 113.95 6.73 130.08
N ASP Q 62 112.86 5.97 130.20
CA ASP Q 62 112.18 5.85 131.48
C ASP Q 62 112.95 4.89 132.39
N PRO Q 63 113.30 5.29 133.61
CA PRO Q 63 114.01 4.38 134.51
C PRO Q 63 113.22 3.11 134.82
N ASP Q 64 111.90 3.19 134.89
CA ASP Q 64 111.09 2.01 135.13
C ASP Q 64 111.14 1.08 133.92
N ARG Q 65 111.15 -0.22 134.19
CA ARG Q 65 111.26 -1.24 133.15
C ARG Q 65 110.15 -2.27 133.31
N THR Q 66 108.92 -1.80 133.51
CA THR Q 66 107.78 -2.69 133.64
C THR Q 66 107.32 -3.15 132.26
N VAL Q 67 107.10 -4.45 132.10
CA VAL Q 67 106.67 -5.05 130.84
C VAL Q 67 105.33 -5.71 131.07
N ILE Q 68 104.34 -5.36 130.23
CA ILE Q 68 102.99 -5.90 130.32
C ILE Q 68 102.79 -6.85 129.15
N ALA Q 69 102.36 -8.07 129.46
CA ALA Q 69 102.15 -9.09 128.45
C ALA Q 69 100.78 -8.92 127.80
N SER Q 70 100.43 -9.85 126.92
CA SER Q 70 99.16 -9.84 126.22
C SER Q 70 98.54 -11.23 126.24
N GLU Q 71 97.22 -11.27 126.11
CA GLU Q 71 96.46 -12.50 126.14
C GLU Q 71 95.91 -12.80 124.75
N LEU Q 72 95.94 -14.08 124.37
CA LEU Q 72 95.51 -14.54 123.05
C LEU Q 72 94.54 -15.70 123.18
N VAL Q 73 93.55 -15.57 124.07
CA VAL Q 73 92.56 -16.61 124.24
C VAL Q 73 91.63 -16.64 123.03
N GLU Q 74 91.30 -17.85 122.58
CA GLU Q 74 90.45 -18.05 121.42
C GLU Q 74 89.01 -18.33 121.85
N HIS Q 75 88.11 -18.31 120.87
CA HIS Q 75 86.70 -18.55 121.11
C HIS Q 75 86.15 -19.46 120.02
N SER Q 76 84.98 -20.04 120.29
CA SER Q 76 84.34 -20.94 119.34
C SER Q 76 82.83 -20.87 119.55
N PHE Q 77 82.10 -21.27 118.51
CA PHE Q 77 80.64 -21.32 118.57
C PHE Q 77 80.16 -22.66 118.01
N GLY Q 78 79.03 -23.12 118.53
CA GLY Q 78 78.49 -24.43 118.21
C GLY Q 78 77.31 -24.35 117.27
N VAL Q 79 77.30 -25.21 116.26
CA VAL Q 79 76.20 -25.34 115.31
C VAL Q 79 75.55 -26.70 115.54
N THR Q 80 74.23 -26.69 115.74
CA THR Q 80 73.48 -27.88 116.09
C THR Q 80 72.31 -28.08 115.13
N LEU Q 81 72.05 -29.34 114.78
CA LEU Q 81 70.93 -29.72 113.93
C LEU Q 81 69.83 -30.27 114.84
N ASP Q 82 68.77 -29.50 115.04
CA ASP Q 82 67.73 -29.83 115.99
C ASP Q 82 66.35 -30.00 115.39
N LYS Q 83 65.97 -29.15 114.43
CA LYS Q 83 64.63 -29.17 113.85
C LYS Q 83 64.70 -29.65 112.40
N HIS Q 84 63.85 -30.62 112.06
CA HIS Q 84 63.77 -31.15 110.71
C HIS Q 84 62.36 -30.97 110.17
N VAL Q 85 62.26 -30.86 108.84
CA VAL Q 85 60.99 -30.65 108.16
C VAL Q 85 60.52 -31.98 107.60
N TYR Q 86 59.33 -32.42 108.03
CA TYR Q 86 58.78 -33.70 107.61
C TYR Q 86 57.33 -33.51 107.17
N ALA Q 87 56.89 -34.37 106.26
CA ALA Q 87 55.54 -34.31 105.73
C ALA Q 87 55.08 -35.72 105.35
N ALA Q 88 53.83 -36.02 105.70
CA ALA Q 88 53.21 -37.31 105.43
C ALA Q 88 51.82 -37.10 104.84
N LEU Q 89 51.43 -38.00 103.94
CA LEU Q 89 50.12 -37.95 103.30
C LEU Q 89 49.57 -39.36 103.23
N LYS Q 90 48.40 -39.58 103.86
CA LYS Q 90 47.76 -40.88 103.87
C LYS Q 90 46.85 -41.02 102.65
N PHE Q 91 46.88 -42.19 102.02
CA PHE Q 91 46.02 -42.49 100.88
C PHE Q 91 45.58 -43.94 100.98
N THR Q 92 44.28 -44.16 101.16
CA THR Q 92 43.77 -45.52 101.26
C THR Q 92 43.69 -46.16 99.88
N ASP Q 93 43.40 -47.47 99.87
CA ASP Q 93 43.24 -48.16 98.59
C ASP Q 93 42.08 -47.59 97.79
N GLU Q 94 40.99 -47.20 98.48
CA GLU Q 94 39.90 -46.53 97.81
C GLU Q 94 40.34 -45.20 97.22
N GLN Q 95 41.17 -44.46 97.96
CA GLN Q 95 41.66 -43.17 97.49
C GLN Q 95 42.86 -43.31 96.55
N ARG Q 96 43.41 -44.51 96.39
CA ARG Q 96 44.52 -44.72 95.46
C ARG Q 96 44.06 -45.28 94.12
N THR Q 97 43.17 -46.29 94.14
CA THR Q 97 42.67 -46.82 92.88
C THR Q 97 41.74 -45.83 92.17
N LEU Q 98 40.97 -45.06 92.94
CA LEU Q 98 40.04 -44.07 92.38
C LEU Q 98 40.41 -42.69 92.92
N ASP Q 99 39.68 -41.68 92.43
CA ASP Q 99 39.75 -40.28 92.85
C ASP Q 99 41.18 -39.73 92.87
N ILE Q 100 42.10 -40.38 92.15
CA ILE Q 100 43.45 -39.85 91.92
C ILE Q 100 43.77 -40.15 90.45
N ARG Q 101 43.62 -39.14 89.59
CA ARG Q 101 43.87 -39.34 88.17
C ARG Q 101 45.37 -39.36 87.87
N ASP Q 102 46.15 -38.59 88.61
CA ASP Q 102 47.60 -38.58 88.43
C ASP Q 102 48.26 -38.41 89.80
N TYR Q 103 49.51 -38.87 89.89
CA TYR Q 103 50.25 -38.88 91.15
C TYR Q 103 51.31 -37.79 91.24
N THR Q 104 52.00 -37.52 90.14
CA THR Q 104 53.08 -36.53 90.17
C THR Q 104 52.54 -35.12 90.39
N LYS Q 105 51.52 -34.73 89.61
CA LYS Q 105 51.00 -33.37 89.66
C LYS Q 105 49.98 -33.16 90.78
N GLN Q 106 49.51 -34.23 91.43
CA GLN Q 106 48.52 -34.11 92.48
C GLN Q 106 49.05 -34.40 93.88
N VAL Q 107 50.13 -35.18 93.99
CA VAL Q 107 50.70 -35.56 95.27
C VAL Q 107 52.15 -35.11 95.40
N LEU Q 108 52.99 -35.46 94.43
CA LEU Q 108 54.42 -35.15 94.52
C LEU Q 108 54.67 -33.65 94.43
N MET Q 109 54.08 -33.00 93.43
CA MET Q 109 54.29 -31.55 93.26
C MET Q 109 53.76 -30.75 94.44
N PRO Q 110 52.52 -30.95 94.92
CA PRO Q 110 52.10 -30.22 96.13
C PRO Q 110 52.97 -30.52 97.34
N GLN Q 111 53.45 -31.76 97.48
CA GLN Q 111 54.27 -32.09 98.65
C GLN Q 111 55.62 -31.38 98.59
N VAL Q 112 56.26 -31.36 97.42
CA VAL Q 112 57.55 -30.67 97.32
C VAL Q 112 57.35 -29.17 97.44
N SER Q 113 56.25 -28.63 96.93
CA SER Q 113 55.97 -27.20 97.13
C SER Q 113 55.77 -26.88 98.60
N ALA Q 114 55.07 -27.74 99.33
CA ALA Q 114 54.89 -27.55 100.77
C ALA Q 114 56.22 -27.61 101.50
N VAL Q 115 57.09 -28.56 101.12
CA VAL Q 115 58.39 -28.67 101.75
C VAL Q 115 59.21 -27.40 101.50
N ALA Q 116 59.20 -26.90 100.26
CA ALA Q 116 59.95 -25.69 99.94
C ALA Q 116 59.42 -24.49 100.71
N TYR Q 117 58.08 -24.36 100.81
CA TYR Q 117 57.51 -23.24 101.55
C TYR Q 117 57.81 -23.34 103.04
N GLU Q 118 57.80 -24.56 103.58
CA GLU Q 118 58.16 -24.74 104.99
C GLU Q 118 59.62 -24.39 105.23
N LEU Q 119 60.50 -24.75 104.28
CA LEU Q 119 61.90 -24.36 104.40
C LEU Q 119 62.06 -22.84 104.35
N GLU Q 120 61.30 -22.18 103.46
CA GLU Q 120 61.36 -20.73 103.38
C GLU Q 120 60.89 -20.09 104.69
N ASP Q 121 59.80 -20.62 105.27
CA ASP Q 121 59.36 -20.12 106.57
C ASP Q 121 60.38 -20.40 107.67
N TYR Q 122 61.06 -21.54 107.59
CA TYR Q 122 62.11 -21.85 108.56
C TYR Q 122 63.25 -20.85 108.47
N ILE Q 123 63.64 -20.46 107.26
CA ILE Q 123 64.68 -19.45 107.10
C ILE Q 123 64.18 -18.09 107.57
N ALA Q 124 62.90 -17.78 107.30
CA ALA Q 124 62.32 -16.53 107.77
C ALA Q 124 62.30 -16.45 109.29
N GLU Q 125 62.11 -17.59 109.96
CA GLU Q 125 62.14 -17.60 111.42
C GLU Q 125 63.49 -17.15 111.93
N LEU Q 126 64.58 -17.64 111.33
CA LEU Q 126 65.91 -17.18 111.70
C LEU Q 126 66.12 -15.71 111.35
N ILE Q 127 65.65 -15.29 110.17
CA ILE Q 127 65.90 -13.91 109.73
C ILE Q 127 65.10 -12.91 110.55
N GLU Q 128 64.02 -13.33 111.20
CA GLU Q 128 63.20 -12.45 112.00
C GLU Q 128 63.48 -12.55 113.50
N GLY Q 129 63.93 -13.70 113.98
CA GLY Q 129 64.20 -13.91 115.39
C GLY Q 129 65.61 -13.59 115.85
N ALA Q 130 66.43 -13.02 114.98
CA ALA Q 130 67.80 -12.71 115.35
C ALA Q 130 67.82 -11.63 116.43
N PRO Q 131 68.71 -11.73 117.43
CA PRO Q 131 68.76 -10.73 118.51
C PRO Q 131 69.42 -9.42 118.08
N TYR Q 132 68.67 -8.61 117.34
CA TYR Q 132 69.17 -7.32 116.89
C TYR Q 132 69.27 -6.36 118.07
N GLU Q 133 70.42 -5.67 118.16
CA GLU Q 133 70.62 -4.71 119.24
C GLU Q 133 69.99 -3.37 118.89
N GLU Q 134 70.43 -2.76 117.79
CA GLU Q 134 69.91 -1.48 117.35
C GLU Q 134 68.87 -1.67 116.25
N THR Q 135 67.86 -0.80 116.25
CA THR Q 135 66.80 -0.81 115.26
C THR Q 135 66.79 0.53 114.54
N ILE Q 136 67.27 0.52 113.29
CA ILE Q 136 67.32 1.75 112.50
C ILE Q 136 65.90 2.09 112.06
N LEU Q 137 65.42 3.27 112.45
CA LEU Q 137 64.08 3.70 112.11
C LEU Q 137 64.06 4.31 110.71
N ILE Q 138 63.23 3.77 109.83
CA ILE Q 138 63.11 4.27 108.47
C ILE Q 138 62.16 5.46 108.47
N ASP Q 139 62.65 6.60 107.98
CA ASP Q 139 61.84 7.80 107.91
C ASP Q 139 60.93 7.73 106.70
N PRO Q 140 59.61 7.77 106.86
CA PRO Q 140 58.72 7.73 105.69
C PRO Q 140 58.93 8.88 104.73
N ALA Q 141 59.25 10.07 105.24
CA ALA Q 141 59.48 11.23 104.37
C ALA Q 141 60.71 11.02 103.50
N ASP Q 142 61.78 10.47 104.07
CA ASP Q 142 63.03 10.26 103.32
C ASP Q 142 63.72 9.05 103.91
N THR Q 143 63.64 7.92 103.21
CA THR Q 143 64.29 6.69 103.65
C THR Q 143 65.79 6.68 103.34
N VAL Q 144 66.23 7.52 102.40
CA VAL Q 144 67.65 7.54 102.03
C VAL Q 144 68.55 7.85 103.23
N PRO Q 145 68.24 8.83 104.08
CA PRO Q 145 69.06 9.01 105.29
C PRO Q 145 69.11 7.79 106.17
N ALA Q 146 68.00 7.06 106.32
CA ALA Q 146 68.01 5.85 107.14
C ALA Q 146 68.91 4.78 106.54
N PHE Q 147 68.83 4.59 105.22
CA PHE Q 147 69.69 3.59 104.58
C PHE Q 147 71.16 3.99 104.68
N ILE Q 148 71.46 5.28 104.54
CA ILE Q 148 72.84 5.74 104.65
C ILE Q 148 73.33 5.54 106.09
N THR Q 149 72.47 5.79 107.07
CA THR Q 149 72.86 5.56 108.46
C THR Q 149 73.13 4.07 108.73
N ALA Q 150 72.30 3.20 108.16
CA ALA Q 150 72.54 1.76 108.32
C ALA Q 150 73.87 1.35 107.68
N ASP Q 151 74.15 1.89 106.48
CA ASP Q 151 75.43 1.59 105.84
C ASP Q 151 76.59 2.12 106.66
N GLN Q 152 76.43 3.30 107.27
CA GLN Q 152 77.47 3.85 108.12
C GLN Q 152 77.71 2.98 109.33
N ARG Q 153 76.64 2.45 109.95
CA ARG Q 153 76.80 1.53 111.07
C ARG Q 153 77.53 0.27 110.64
N MET Q 154 77.17 -0.28 109.48
CA MET Q 154 77.83 -1.48 108.99
C MET Q 154 79.31 -1.23 108.73
N GLY Q 155 79.64 -0.06 108.17
CA GLY Q 155 81.05 0.29 107.98
C GLY Q 155 81.78 0.49 109.29
N GLU Q 156 81.11 1.08 110.29
CA GLU Q 156 81.69 1.23 111.61
C GLU Q 156 81.94 -0.12 112.27
N ALA Q 157 81.16 -1.14 111.94
CA ALA Q 157 81.37 -2.48 112.46
C ALA Q 157 82.50 -3.21 111.74
N ASN Q 158 83.22 -2.52 110.85
CA ASN Q 158 84.33 -3.10 110.09
C ASN Q 158 83.88 -4.28 109.22
N VAL Q 159 82.60 -4.29 108.85
CA VAL Q 159 82.08 -5.33 107.97
C VAL Q 159 82.62 -5.09 106.55
N PRO Q 160 83.10 -6.12 105.85
CA PRO Q 160 83.55 -5.93 104.47
C PRO Q 160 82.42 -5.40 103.59
N THR Q 161 82.78 -4.49 102.68
CA THR Q 161 81.78 -3.90 101.80
C THR Q 161 81.21 -4.91 100.82
N ASP Q 162 82.05 -5.81 100.31
CA ASP Q 162 81.60 -6.81 99.37
C ASP Q 162 80.72 -7.85 100.05
N SER Q 163 79.96 -8.58 99.23
CA SER Q 163 79.07 -9.65 99.68
C SER Q 163 78.05 -9.13 100.71
N ARG Q 164 77.55 -7.93 100.48
CA ARG Q 164 76.51 -7.33 101.31
C ARG Q 164 75.19 -7.36 100.56
N ARG Q 165 74.17 -7.95 101.17
CA ARG Q 165 72.88 -8.14 100.51
C ARG Q 165 71.75 -7.64 101.41
N LEU Q 166 70.78 -6.98 100.80
CA LEU Q 166 69.66 -6.38 101.50
C LEU Q 166 68.35 -6.96 100.95
N VAL Q 167 67.45 -7.34 101.86
CA VAL Q 167 66.13 -7.84 101.50
C VAL Q 167 65.09 -6.98 102.20
N VAL Q 168 64.16 -6.43 101.43
CA VAL Q 168 63.13 -5.55 101.95
C VAL Q 168 61.77 -6.18 101.72
N GLY Q 169 60.79 -5.74 102.51
CA GLY Q 169 59.42 -6.20 102.37
C GLY Q 169 58.64 -5.41 101.35
N SER Q 170 57.37 -5.78 101.20
CA SER Q 170 56.49 -5.07 100.28
C SER Q 170 56.27 -3.64 100.71
N ALA Q 171 56.05 -3.41 102.01
CA ALA Q 171 55.84 -2.06 102.51
C ALA Q 171 57.11 -1.21 102.36
N VAL Q 172 58.28 -1.80 102.61
CA VAL Q 172 59.52 -1.06 102.46
C VAL Q 172 59.74 -0.65 101.01
N ALA Q 173 59.49 -1.56 100.08
CA ALA Q 173 59.62 -1.22 98.66
C ALA Q 173 58.60 -0.15 98.26
N ALA Q 174 57.38 -0.25 98.79
CA ALA Q 174 56.37 0.76 98.49
C ALA Q 174 56.80 2.13 99.00
N ALA Q 175 57.35 2.19 100.21
CA ALA Q 175 57.83 3.46 100.75
C ALA Q 175 59.02 3.99 99.95
N LEU Q 176 59.91 3.09 99.49
CA LEU Q 176 61.00 3.52 98.62
C LEU Q 176 60.48 4.13 97.34
N ALA Q 177 59.44 3.53 96.76
CA ALA Q 177 58.82 4.11 95.57
C ALA Q 177 58.16 5.46 95.88
N LYS Q 178 57.52 5.57 97.05
CA LYS Q 178 56.86 6.81 97.43
C LYS Q 178 57.84 7.94 97.68
N ASP Q 179 59.10 7.63 97.98
CA ASP Q 179 60.07 8.67 98.31
C ASP Q 179 60.27 9.63 97.15
N LYS Q 180 60.25 10.93 97.44
CA LYS Q 180 60.46 11.94 96.42
C LYS Q 180 61.89 11.92 95.87
N GLN Q 181 62.82 11.26 96.59
CA GLN Q 181 64.20 11.18 96.10
C GLN Q 181 64.28 10.42 94.79
N PHE Q 182 63.57 9.31 94.67
CA PHE Q 182 63.60 8.48 93.48
C PHE Q 182 62.46 8.78 92.51
N ARG Q 183 61.56 9.69 92.85
CA ARG Q 183 60.38 9.95 92.04
C ARG Q 183 60.52 11.18 91.16
N HIS Q 184 61.29 12.19 91.58
CA HIS Q 184 61.38 13.43 90.84
C HIS Q 184 62.35 13.37 89.66
N ALA Q 185 63.11 12.28 89.53
CA ALA Q 185 63.91 12.01 88.33
C ALA Q 185 65.04 13.00 88.14
N ASP Q 186 65.13 14.02 88.99
CA ASP Q 186 66.24 14.96 88.96
C ASP Q 186 67.09 14.93 90.22
N TRP Q 187 66.48 14.65 91.38
CA TRP Q 187 67.26 14.39 92.58
C TRP Q 187 67.88 12.99 92.53
N SER Q 188 67.26 12.07 91.80
CA SER Q 188 67.80 10.73 91.65
C SER Q 188 68.88 10.68 90.57
N GLY Q 189 68.52 11.03 89.34
CA GLY Q 189 69.50 11.05 88.26
C GLY Q 189 69.00 10.44 86.96
N ASP Q 190 68.11 9.45 87.05
CA ASP Q 190 67.63 8.78 85.86
C ASP Q 190 66.71 9.69 85.07
N GLN Q 191 67.04 9.89 83.79
CA GLN Q 191 66.21 10.74 82.94
C GLN Q 191 64.92 10.05 82.52
N ALA Q 192 64.95 8.73 82.32
CA ALA Q 192 63.75 8.00 81.92
C ALA Q 192 62.75 7.87 83.07
N ASN Q 193 63.19 8.06 84.31
CA ASN Q 193 62.34 7.95 85.50
C ASN Q 193 61.66 6.57 85.56
N ALA Q 194 62.50 5.54 85.67
CA ALA Q 194 61.99 4.17 85.74
C ALA Q 194 61.18 3.93 87.00
N ALA Q 195 61.54 4.61 88.10
CA ALA Q 195 60.82 4.41 89.36
C ALA Q 195 59.38 4.89 89.24
N LEU Q 196 59.15 6.01 88.56
CA LEU Q 196 57.79 6.48 88.34
C LEU Q 196 57.00 5.52 87.44
N ARG Q 197 57.65 5.01 86.39
CA ARG Q 197 56.98 4.10 85.47
C ARG Q 197 56.60 2.79 86.15
N GLU Q 198 57.50 2.24 86.98
CA GLU Q 198 57.23 1.00 87.69
C GLU Q 198 58.11 0.94 88.93
N ALA Q 199 57.74 0.06 89.86
CA ALA Q 199 58.48 -0.10 91.11
C ALA Q 199 59.78 -0.86 90.81
N HIS Q 200 60.77 -0.10 90.32
CA HIS Q 200 62.06 -0.64 89.91
C HIS Q 200 63.18 0.22 90.45
N VAL Q 201 63.14 0.53 91.75
CA VAL Q 201 64.18 1.35 92.36
C VAL Q 201 65.54 0.68 92.23
N GLY Q 202 65.58 -0.65 92.35
CA GLY Q 202 66.83 -1.37 92.10
C GLY Q 202 67.89 -1.04 93.12
N ARG Q 203 69.08 -0.68 92.61
CA ARG Q 203 70.22 -0.40 93.47
C ARG Q 203 69.96 0.82 94.34
N LEU Q 204 70.36 0.73 95.61
CA LEU Q 204 70.24 1.85 96.54
C LEU Q 204 71.40 1.78 97.52
N ALA Q 205 72.18 2.87 97.59
CA ALA Q 205 73.31 2.99 98.51
C ALA Q 205 74.34 1.88 98.30
N GLY Q 206 74.42 1.36 97.08
CA GLY Q 206 75.40 0.34 96.76
C GLY Q 206 74.99 -1.08 97.14
N MET Q 207 73.78 -1.28 97.63
CA MET Q 207 73.30 -2.60 98.03
C MET Q 207 72.11 -2.98 97.15
N ASN Q 208 72.14 -4.20 96.62
CA ASN Q 208 71.05 -4.69 95.80
C ASN Q 208 69.79 -4.88 96.64
N VAL Q 209 68.65 -4.55 96.06
CA VAL Q 209 67.36 -4.66 96.73
C VAL Q 209 66.62 -5.87 96.17
N ILE Q 210 66.32 -6.84 97.03
CA ILE Q 210 65.61 -8.05 96.64
C ILE Q 210 64.30 -8.06 97.41
N ARG Q 211 63.20 -7.74 96.73
CA ARG Q 211 61.90 -7.70 97.36
C ARG Q 211 61.39 -9.11 97.66
N SER Q 212 60.82 -9.29 98.85
CA SER Q 212 60.28 -10.58 99.25
C SER Q 212 59.11 -10.36 100.18
N ASN Q 213 58.27 -11.39 100.29
CA ASN Q 213 57.07 -11.33 101.13
C ASN Q 213 57.14 -12.22 102.35
N ALA Q 214 58.10 -13.14 102.42
CA ALA Q 214 58.22 -14.02 103.58
C ALA Q 214 58.55 -13.22 104.84
N ILE Q 215 59.46 -12.24 104.73
CA ILE Q 215 59.82 -11.39 105.85
C ILE Q 215 58.68 -10.42 106.12
N ALA Q 216 58.75 -9.73 107.27
CA ALA Q 216 57.72 -8.76 107.61
C ALA Q 216 57.74 -7.62 106.59
N PRO Q 217 56.59 -7.21 106.06
CA PRO Q 217 56.59 -6.13 105.07
C PRO Q 217 57.14 -4.81 105.59
N ASP Q 218 56.95 -4.51 106.86
CA ASP Q 218 57.38 -3.25 107.44
C ASP Q 218 58.83 -3.25 107.89
N LYS Q 219 59.54 -4.37 107.74
CA LYS Q 219 60.93 -4.48 108.18
C LYS Q 219 61.81 -4.96 107.04
N ALA Q 220 63.06 -4.53 107.06
CA ALA Q 220 64.06 -4.91 106.07
C ALA Q 220 65.32 -5.38 106.79
N TYR Q 221 66.09 -6.24 106.12
CA TYR Q 221 67.29 -6.81 106.72
C TYR Q 221 68.45 -6.70 105.74
N LEU Q 222 69.55 -6.09 106.19
CA LEU Q 222 70.76 -5.99 105.39
C LEU Q 222 71.88 -6.73 106.12
N TRP Q 223 72.47 -7.73 105.44
CA TRP Q 223 73.46 -8.59 106.09
C TRP Q 223 74.63 -8.84 105.15
N HIS Q 224 75.60 -9.57 105.66
CA HIS Q 224 76.80 -9.97 104.95
C HIS Q 224 76.76 -11.47 104.68
N ARG Q 225 77.66 -11.92 103.81
CA ARG Q 225 77.70 -13.34 103.45
C ARG Q 225 77.97 -14.22 104.68
N THR Q 226 78.88 -13.78 105.54
CA THR Q 226 79.20 -14.52 106.77
C THR Q 226 78.40 -13.95 107.95
N ALA Q 227 77.10 -14.23 107.94
CA ALA Q 227 76.22 -13.72 108.98
C ALA Q 227 75.37 -14.83 109.60
N PHE Q 228 75.03 -15.85 108.81
CA PHE Q 228 74.19 -16.94 109.27
C PHE Q 228 74.74 -18.26 108.78
N ILE Q 229 74.39 -19.34 109.48
CA ILE Q 229 74.81 -20.69 109.13
C ILE Q 229 73.56 -21.55 108.99
N LEU Q 230 73.40 -22.17 107.83
CA LEU Q 230 72.29 -23.08 107.57
C LEU Q 230 72.85 -24.40 107.09
N ALA Q 231 72.38 -25.49 107.68
CA ALA Q 231 72.84 -26.83 107.35
C ALA Q 231 71.67 -27.68 106.90
N TYR Q 232 71.85 -28.40 105.79
CA TYR Q 232 70.82 -29.27 105.23
C TYR Q 232 71.37 -30.68 105.12
N ARG Q 233 70.59 -31.66 105.57
CA ARG Q 233 70.99 -33.05 105.55
C ARG Q 233 69.87 -33.90 104.97
N THR Q 234 70.23 -34.83 104.09
CA THR Q 234 69.28 -35.75 103.50
C THR Q 234 69.38 -37.09 104.21
N PRO Q 235 68.35 -37.53 104.93
CA PRO Q 235 68.44 -38.83 105.62
C PRO Q 235 68.59 -39.97 104.64
N VAL Q 236 69.31 -40.99 105.06
CA VAL Q 236 69.54 -42.17 104.23
C VAL Q 236 68.30 -43.06 104.26
N VAL Q 237 68.02 -43.69 103.12
CA VAL Q 237 66.86 -44.58 103.00
C VAL Q 237 67.15 -45.86 103.78
N PRO Q 238 66.30 -46.23 104.74
CA PRO Q 238 66.54 -47.45 105.51
C PRO Q 238 66.45 -48.69 104.63
N GLU Q 239 67.23 -49.72 105.01
CA GLU Q 239 67.22 -50.97 104.26
C GLU Q 239 65.91 -51.73 104.42
N GLY Q 240 65.12 -51.42 105.45
CA GLY Q 240 63.85 -52.08 105.65
C GLY Q 240 62.72 -51.43 104.88
N ALA Q 241 63.00 -51.00 103.65
CA ALA Q 241 62.00 -50.36 102.81
C ALA Q 241 62.37 -50.57 101.35
N LYS Q 242 61.40 -50.31 100.47
CA LYS Q 242 61.60 -50.49 99.05
C LYS Q 242 62.36 -49.28 98.48
N ALA Q 243 62.45 -49.20 97.16
CA ALA Q 243 63.18 -48.10 96.53
C ALA Q 243 62.49 -46.78 96.80
N GLY Q 244 63.29 -45.76 97.11
CA GLY Q 244 62.78 -44.44 97.41
C GLY Q 244 63.35 -43.41 96.45
N ALA Q 245 62.49 -42.48 96.03
CA ALA Q 245 62.89 -41.44 95.10
C ALA Q 245 63.71 -40.36 95.82
N SER Q 246 64.35 -39.51 95.02
CA SER Q 246 65.22 -38.43 95.52
C SER Q 246 64.79 -37.10 94.92
N PHE Q 247 63.49 -36.80 94.98
CA PHE Q 247 62.98 -35.54 94.50
C PHE Q 247 63.60 -34.38 95.29
N SER Q 248 64.37 -33.55 94.60
CA SER Q 248 65.07 -32.43 95.23
C SER Q 248 64.29 -31.15 95.01
N ALA Q 249 64.15 -30.36 96.08
CA ALA Q 249 63.46 -29.08 96.03
C ALA Q 249 64.44 -27.96 96.31
N ASN Q 250 64.28 -26.85 95.57
CA ASN Q 250 65.01 -25.59 95.71
C ASN Q 250 66.46 -25.76 96.12
N GLY Q 251 67.16 -26.69 95.48
CA GLY Q 251 68.57 -26.93 95.73
C GLY Q 251 68.87 -27.85 96.89
N VAL Q 252 67.86 -28.22 97.68
CA VAL Q 252 68.05 -29.07 98.85
C VAL Q 252 67.54 -30.47 98.50
N ALA Q 253 68.41 -31.47 98.63
CA ALA Q 253 68.01 -32.84 98.36
C ALA Q 253 67.08 -33.35 99.45
N LEU Q 254 66.08 -34.14 99.04
CA LEU Q 254 65.10 -34.69 99.95
C LEU Q 254 65.02 -36.20 99.77
N ARG Q 255 64.63 -36.89 100.84
CA ARG Q 255 64.46 -38.33 100.83
C ARG Q 255 62.97 -38.65 100.78
N TRP Q 256 62.55 -39.37 99.75
CA TRP Q 256 61.16 -39.76 99.57
C TRP Q 256 60.98 -41.21 100.00
N LEU Q 257 60.05 -41.44 100.92
CA LEU Q 257 59.76 -42.77 101.42
C LEU Q 257 58.31 -43.13 101.12
N ALA Q 258 58.03 -44.43 101.09
CA ALA Q 258 56.68 -44.91 100.83
C ALA Q 258 56.48 -46.22 101.58
N ASP Q 259 55.46 -46.26 102.44
CA ASP Q 259 55.18 -47.44 103.25
C ASP Q 259 53.70 -47.78 103.15
N TYR Q 260 53.40 -49.07 102.94
CA TYR Q 260 52.04 -49.56 102.84
C TYR Q 260 51.71 -50.41 104.06
N ASP Q 261 50.54 -50.17 104.64
CA ASP Q 261 50.03 -50.97 105.74
C ASP Q 261 48.84 -51.78 105.23
N TYR Q 262 48.94 -53.10 105.35
CA TYR Q 262 47.88 -53.99 104.90
C TYR Q 262 46.69 -53.99 105.86
N SER Q 263 46.94 -53.87 107.16
CA SER Q 263 45.85 -53.84 108.13
C SER Q 263 44.95 -52.64 107.90
N GLN Q 264 45.53 -51.46 107.67
CA GLN Q 264 44.78 -50.27 107.33
C GLN Q 264 44.57 -50.11 105.83
N LEU Q 265 45.21 -50.95 105.02
CA LEU Q 265 45.07 -50.90 103.56
C LEU Q 265 45.39 -49.50 103.01
N GLY Q 266 46.46 -48.91 103.54
CA GLY Q 266 46.80 -47.54 103.21
C GLY Q 266 48.26 -47.39 102.82
N ASP Q 267 48.56 -46.26 102.19
CA ASP Q 267 49.90 -45.92 101.77
C ASP Q 267 50.25 -44.53 102.29
N ARG Q 268 51.48 -44.38 102.78
CA ARG Q 268 51.94 -43.13 103.35
C ARG Q 268 53.32 -42.79 102.82
N THR Q 269 53.60 -41.49 102.75
CA THR Q 269 54.90 -40.96 102.38
C THR Q 269 55.53 -40.29 103.59
N LEU Q 270 56.86 -40.26 103.62
CA LEU Q 270 57.62 -39.72 104.75
C LEU Q 270 58.64 -38.70 104.27
N LEU Q 271 58.19 -37.73 103.48
CA LEU Q 271 59.12 -36.78 102.88
C LEU Q 271 59.73 -35.88 103.94
N ASP Q 272 61.00 -36.08 104.27
CA ASP Q 272 61.61 -35.35 105.37
C ASP Q 272 63.04 -34.96 105.02
N VAL Q 273 63.52 -33.92 105.70
CA VAL Q 273 64.87 -33.40 105.50
C VAL Q 273 65.33 -32.74 106.80
N PHE Q 274 66.57 -33.01 107.19
CA PHE Q 274 67.12 -32.48 108.44
C PHE Q 274 67.66 -31.08 108.20
N THR Q 275 67.32 -30.16 109.11
CA THR Q 275 67.74 -28.77 108.99
C THR Q 275 68.43 -28.32 110.27
N GLY Q 276 69.35 -27.37 110.11
CA GLY Q 276 70.07 -26.82 111.24
C GLY Q 276 70.34 -25.33 111.10
N ARG Q 277 70.07 -24.57 112.15
CA ARG Q 277 70.19 -23.12 112.14
C ARG Q 277 71.29 -22.66 113.08
N LYS Q 278 71.94 -21.56 112.73
CA LYS Q 278 72.94 -20.95 113.61
C LYS Q 278 73.07 -19.47 113.26
N VAL Q 279 73.13 -18.64 114.29
CA VAL Q 279 73.31 -17.20 114.13
C VAL Q 279 74.75 -16.87 114.50
N VAL Q 280 75.48 -16.29 113.56
CA VAL Q 280 76.89 -15.97 113.78
C VAL Q 280 76.99 -14.72 114.64
N THR Q 281 77.72 -14.82 115.74
CA THR Q 281 77.95 -13.71 116.66
C THR Q 281 79.45 -13.44 116.77
N GLU Q 282 79.79 -12.49 117.64
CA GLU Q 282 81.18 -12.13 117.86
C GLU Q 282 81.76 -12.93 119.01
N VAL Q 283 83.07 -12.77 119.22
CA VAL Q 283 83.76 -13.49 120.28
C VAL Q 283 83.23 -13.08 121.65
N ASP Q 284 83.05 -11.78 121.86
CA ASP Q 284 82.46 -11.31 123.11
C ASP Q 284 80.95 -11.52 123.13
N GLY Q 285 80.31 -11.47 121.97
CA GLY Q 285 78.88 -11.67 121.86
C GLY Q 285 78.13 -10.41 121.49
N SER Q 286 77.81 -10.27 120.20
CA SER Q 286 77.07 -9.13 119.68
C SER Q 286 76.71 -9.42 118.23
N PHE Q 287 75.52 -9.00 117.82
CA PHE Q 287 75.05 -9.19 116.45
C PHE Q 287 75.25 -7.88 115.69
N VAL Q 288 76.50 -7.67 115.25
CA VAL Q 288 76.85 -6.48 114.48
C VAL Q 288 77.05 -6.78 113.00
N ARG Q 289 76.91 -8.04 112.59
CA ARG Q 289 77.11 -8.40 111.19
C ARG Q 289 75.89 -8.13 110.33
N ALA Q 290 74.73 -7.91 110.94
CA ALA Q 290 73.50 -7.63 110.21
C ALA Q 290 72.76 -6.48 110.87
N VAL Q 291 71.95 -5.79 110.08
CA VAL Q 291 71.17 -4.64 110.54
C VAL Q 291 69.72 -4.83 110.13
N GLU Q 292 68.81 -4.54 111.04
CA GLU Q 292 67.38 -4.60 110.81
C GLU Q 292 66.81 -3.19 110.84
N LEU Q 293 66.09 -2.82 109.79
CA LEU Q 293 65.49 -1.50 109.67
C LEU Q 293 63.97 -1.64 109.78
N GLN Q 294 63.39 -0.95 110.75
CA GLN Q 294 61.95 -0.93 110.96
C GLN Q 294 61.40 0.44 110.59
N LEU Q 295 60.29 0.45 109.86
CA LEU Q 295 59.75 1.66 109.26
C LEU Q 295 58.70 2.26 110.18
N GLN Q 296 58.84 3.55 110.48
CA GLN Q 296 57.95 4.22 111.41
C GLN Q 296 56.54 4.35 110.82
N ALA Q 297 55.54 4.27 111.71
CA ALA Q 297 54.15 4.39 111.32
C ALA Q 297 53.54 5.71 111.79
N SER Q 298 53.58 5.98 113.10
CA SER Q 298 53.14 7.25 113.67
C SER Q 298 51.67 7.53 113.43
N SER Q 299 50.94 6.58 112.83
CA SER Q 299 49.53 6.78 112.54
C SER Q 299 48.90 5.43 112.22
N ILE Q 300 47.82 5.10 112.93
CA ILE Q 300 47.05 3.88 112.68
C ILE Q 300 45.59 4.26 112.51
N THR Q 301 44.87 3.47 111.72
CA THR Q 301 43.45 3.68 111.47
C THR Q 301 42.73 2.35 111.41
N ILE Q 302 41.43 2.40 111.59
CA ILE Q 302 40.57 1.22 111.45
C ILE Q 302 39.97 1.23 110.05
N VAL Q 303 40.09 0.10 109.35
CA VAL Q 303 39.65 0.02 107.96
C VAL Q 303 38.13 0.23 107.89
N GLY Q 304 37.70 1.17 107.07
CA GLY Q 304 36.30 1.47 106.91
C GLY Q 304 35.79 2.48 107.93
N GLY Q 305 34.56 2.92 107.70
CA GLY Q 305 33.91 3.85 108.60
C GLY Q 305 33.06 3.15 109.63
N ALA Q 306 31.76 3.37 109.59
CA ALA Q 306 30.85 2.68 110.50
C ALA Q 306 30.87 1.18 110.24
N PHE Q 307 30.77 0.39 111.30
CA PHE Q 307 30.84 -1.05 111.19
C PHE Q 307 29.56 -1.70 111.70
N ALA Q 308 28.41 -1.19 111.26
CA ALA Q 308 27.13 -1.73 111.68
C ALA Q 308 27.03 -3.20 111.32
N LEU Q 309 26.58 -4.01 112.30
CA LEU Q 309 26.47 -5.44 112.12
C LEU Q 309 25.06 -5.81 111.66
N ALA Q 310 24.82 -7.11 111.53
CA ALA Q 310 23.51 -7.63 111.13
C ALA Q 310 22.71 -8.17 112.31
N THR Q 311 23.36 -8.87 113.24
CA THR Q 311 22.68 -9.40 114.42
C THR Q 311 23.39 -8.96 115.69
N THR Q 312 22.98 -9.53 116.83
CA THR Q 312 23.61 -9.17 118.09
C THR Q 312 25.08 -9.58 118.12
N THR Q 313 25.40 -10.78 117.62
CA THR Q 313 26.77 -11.25 117.64
C THR Q 313 27.62 -10.49 116.61
N GLY Q 314 27.30 -10.65 115.34
CA GLY Q 314 28.00 -9.92 114.29
C GLY Q 314 29.50 -10.14 114.28
N THR Q 315 29.94 -11.38 114.46
CA THR Q 315 31.36 -11.68 114.60
C THR Q 315 32.08 -11.49 113.26
N LYS Q 316 32.86 -10.41 113.18
CA LYS Q 316 33.71 -10.14 112.03
C LYS Q 316 35.09 -9.71 112.51
N GLN Q 317 36.09 -9.96 111.68
CA GLN Q 317 37.47 -9.63 112.01
C GLN Q 317 37.78 -8.19 111.62
N LEU Q 318 38.32 -7.43 112.55
CA LEU Q 318 38.69 -6.03 112.31
C LEU Q 318 40.20 -5.92 112.16
N LYS Q 319 40.64 -5.27 111.09
CA LYS Q 319 42.05 -5.09 110.79
C LYS Q 319 42.45 -3.64 110.98
N VAL Q 320 43.58 -3.43 111.65
CA VAL Q 320 44.12 -2.09 111.89
C VAL Q 320 45.22 -1.84 110.87
N ARG Q 321 45.08 -0.78 110.09
CA ARG Q 321 46.01 -0.46 109.01
C ARG Q 321 46.71 0.86 109.31
N ASP Q 322 48.04 0.87 109.17
CA ASP Q 322 48.79 2.10 109.38
C ASP Q 322 48.69 2.97 108.12
N ASP Q 323 49.23 4.19 108.22
CA ASP Q 323 49.24 5.08 107.07
C ASP Q 323 50.11 4.53 105.94
N ASN Q 324 51.17 3.78 106.29
CA ASN Q 324 52.06 3.25 105.27
C ASN Q 324 51.40 2.12 104.48
N GLY Q 325 50.73 1.20 105.16
CA GLY Q 325 50.08 0.09 104.48
C GLY Q 325 50.33 -1.26 105.12
N THR Q 326 50.98 -1.28 106.29
CA THR Q 326 51.25 -2.52 106.99
C THR Q 326 50.06 -2.87 107.89
N ASP Q 327 49.59 -4.11 107.77
CA ASP Q 327 48.46 -4.59 108.56
C ASP Q 327 48.97 -4.98 109.94
N VAL Q 328 48.88 -4.06 110.90
CA VAL Q 328 49.32 -4.34 112.25
C VAL Q 328 48.42 -5.38 112.91
N THR Q 329 47.14 -5.03 113.08
CA THR Q 329 46.10 -5.93 113.59
C THR Q 329 46.54 -6.80 114.76
N ALA Q 330 47.26 -7.89 114.46
CA ALA Q 330 47.63 -8.84 115.49
C ALA Q 330 48.55 -8.22 116.54
N ARG Q 331 49.54 -7.45 116.10
CA ARG Q 331 50.48 -6.81 117.02
C ARG Q 331 49.96 -5.46 117.51
N CYS Q 332 48.74 -5.47 118.04
CA CYS Q 332 48.08 -4.24 118.49
C CYS Q 332 47.17 -4.58 119.66
N THR Q 333 46.81 -3.54 120.41
CA THR Q 333 45.93 -3.68 121.56
C THR Q 333 44.56 -3.08 121.24
N PHE Q 334 43.50 -3.68 121.76
CA PHE Q 334 42.14 -3.24 121.52
C PHE Q 334 41.44 -2.96 122.84
N ALA Q 335 40.69 -1.86 122.89
CA ALA Q 335 39.93 -1.47 124.08
C ALA Q 335 38.52 -1.11 123.68
N SER Q 336 37.54 -1.80 124.26
CA SER Q 336 36.13 -1.54 123.99
C SER Q 336 35.64 -0.50 125.00
N SER Q 337 35.54 0.76 124.54
CA SER Q 337 35.06 1.82 125.42
C SER Q 337 33.62 1.56 125.85
N ALA Q 338 32.77 1.13 124.93
CA ALA Q 338 31.39 0.77 125.25
C ALA Q 338 31.30 -0.74 125.45
N GLY Q 339 31.90 -1.19 126.55
CA GLY Q 339 31.92 -2.61 126.87
C GLY Q 339 30.60 -3.15 127.39
N THR Q 340 29.64 -2.28 127.70
CA THR Q 340 28.33 -2.73 128.15
C THR Q 340 27.55 -3.45 127.06
N LYS Q 341 27.89 -3.22 125.79
CA LYS Q 341 27.17 -3.86 124.69
C LYS Q 341 28.13 -4.36 123.62
N ALA Q 342 29.39 -4.63 123.99
CA ALA Q 342 30.37 -5.14 123.05
C ALA Q 342 31.48 -5.86 123.80
N THR Q 343 32.22 -6.68 123.07
CA THR Q 343 33.36 -7.41 123.62
C THR Q 343 34.38 -7.60 122.51
N VAL Q 344 35.49 -6.88 122.60
CA VAL Q 344 36.56 -7.00 121.62
C VAL Q 344 37.59 -8.00 122.13
N SER Q 345 38.17 -8.77 121.21
CA SER Q 345 39.14 -9.79 121.54
C SER Q 345 40.55 -9.26 121.36
N ALA Q 346 41.52 -10.07 121.78
CA ALA Q 346 42.93 -9.71 121.62
C ALA Q 346 43.35 -9.66 120.15
N ALA Q 347 42.62 -10.35 119.27
CA ALA Q 347 42.90 -10.33 117.84
C ALA Q 347 42.04 -9.32 117.08
N GLY Q 348 41.19 -8.57 117.78
CA GLY Q 348 40.34 -7.60 117.13
C GLY Q 348 38.99 -8.11 116.67
N LEU Q 349 38.41 -9.08 117.39
CA LEU Q 349 37.12 -9.64 117.04
C LEU Q 349 36.04 -9.06 117.94
N VAL Q 350 35.00 -8.50 117.32
CA VAL Q 350 33.90 -7.87 118.05
C VAL Q 350 32.83 -8.91 118.32
N THR Q 351 32.20 -8.81 119.50
CA THR Q 351 31.18 -9.77 119.92
C THR Q 351 29.79 -9.17 120.06
N GLY Q 352 29.67 -7.93 120.50
CA GLY Q 352 28.37 -7.30 120.58
C GLY Q 352 27.46 -7.87 121.66
N VAL Q 353 27.78 -7.61 122.93
CA VAL Q 353 27.00 -8.17 124.04
C VAL Q 353 25.55 -7.75 123.92
N ALA Q 354 25.29 -6.47 123.68
CA ALA Q 354 23.95 -5.94 123.57
C ALA Q 354 23.87 -5.01 122.37
N ALA Q 355 22.68 -4.46 122.14
CA ALA Q 355 22.43 -3.58 121.01
C ALA Q 355 22.79 -2.13 121.36
N GLY Q 356 23.06 -1.34 120.32
CA GLY Q 356 23.41 0.05 120.50
C GLY Q 356 24.60 0.47 119.67
N THR Q 357 25.58 1.10 120.31
CA THR Q 357 26.81 1.53 119.64
C THR Q 357 28.00 1.14 120.51
N ALA Q 358 29.15 0.97 119.85
CA ALA Q 358 30.37 0.53 120.53
C ALA Q 358 31.54 1.35 119.98
N ASP Q 359 31.83 2.47 120.64
CA ASP Q 359 32.93 3.35 120.23
C ASP Q 359 34.27 2.75 120.65
N ILE Q 360 34.56 1.56 120.10
CA ILE Q 360 35.78 0.85 120.45
C ILE Q 360 36.99 1.56 119.84
N THR Q 361 38.17 1.17 120.30
CA THR Q 361 39.39 1.80 119.82
C THR Q 361 40.52 0.77 119.80
N ALA Q 362 41.53 1.07 118.99
CA ALA Q 362 42.74 0.27 118.90
C ALA Q 362 43.94 1.17 119.18
N SER Q 363 44.82 0.71 120.06
CA SER Q 363 46.04 1.40 120.43
C SER Q 363 47.23 0.53 120.03
N TYR Q 364 48.17 1.11 119.29
CA TYR Q 364 49.35 0.41 118.82
C TYR Q 364 50.59 1.24 119.16
N VAL Q 365 51.59 0.59 119.74
CA VAL Q 365 52.84 1.25 120.10
C VAL Q 365 53.66 1.46 118.83
N PRO Q 366 54.04 2.69 118.49
CA PRO Q 366 54.84 2.91 117.29
C PRO Q 366 56.21 2.28 117.43
N PRO Q 367 56.82 1.85 116.32
CA PRO Q 367 58.18 1.29 116.41
C PRO Q 367 59.19 2.27 116.95
N GLN Q 368 59.00 3.57 116.74
CA GLN Q 368 59.93 4.60 117.21
C GLN Q 368 59.68 4.99 118.66
N GLY Q 369 58.92 4.20 119.42
CA GLY Q 369 58.63 4.52 120.79
C GLY Q 369 57.59 5.62 120.93
N GLY Q 370 57.59 6.25 122.09
CA GLY Q 370 56.65 7.31 122.37
C GLY Q 370 55.27 6.77 122.71
N THR Q 371 54.31 7.70 122.74
CA THR Q 371 52.93 7.32 123.05
C THR Q 371 52.34 6.47 121.94
N ALA Q 372 51.47 5.54 122.33
CA ALA Q 372 50.84 4.63 121.38
C ALA Q 372 49.75 5.34 120.60
N LYS Q 373 49.78 5.19 119.27
CA LYS Q 373 48.75 5.78 118.43
C LYS Q 373 47.42 5.07 118.66
N THR Q 374 46.32 5.81 118.50
CA THR Q 374 44.99 5.29 118.75
C THR Q 374 44.07 5.60 117.58
N ALA Q 375 43.08 4.73 117.40
CA ALA Q 375 42.08 4.90 116.35
C ALA Q 375 40.76 4.30 116.81
N THR Q 376 39.70 5.11 116.83
CA THR Q 376 38.42 4.71 117.39
C THR Q 376 37.33 4.73 116.33
N VAL Q 377 36.37 3.81 116.49
CA VAL Q 377 35.20 3.71 115.61
C VAL Q 377 33.97 3.48 116.48
N THR Q 378 32.86 4.13 116.10
CA THR Q 378 31.63 4.08 116.88
C THR Q 378 30.90 2.74 116.84
N VAL Q 379 31.25 1.87 115.88
CA VAL Q 379 30.68 0.54 115.65
C VAL Q 379 29.28 0.39 116.26
N THR Q 380 28.25 0.70 115.46
CA THR Q 380 26.87 0.52 115.92
C THR Q 380 26.50 -0.95 115.89
N VAL Q 381 25.92 -1.43 116.98
CA VAL Q 381 25.52 -2.83 117.13
C VAL Q 381 24.00 -2.88 117.14
N PRO Q 382 23.36 -3.57 116.18
CA PRO Q 382 21.90 -3.67 116.13
C PRO Q 382 21.34 -4.63 117.18
N ILE R 14 24.70 19.06 57.27
CA ILE R 14 23.78 17.98 57.67
C ILE R 14 24.51 16.97 58.54
N GLY R 15 23.87 16.59 59.64
CA GLY R 15 24.45 15.63 60.58
C GLY R 15 24.77 16.24 61.92
N VAL R 16 23.89 16.02 62.89
CA VAL R 16 24.06 16.52 64.25
C VAL R 16 24.01 15.34 65.22
N LYS R 17 24.51 14.19 64.77
CA LYS R 17 24.47 12.94 65.53
C LYS R 17 24.80 13.16 67.00
N GLN R 18 23.94 12.64 67.86
CA GLN R 18 24.08 12.85 69.30
C GLN R 18 25.36 12.22 69.82
N LEU R 19 25.93 12.84 70.85
CA LEU R 19 27.14 12.32 71.48
C LEU R 19 26.87 10.95 72.07
N GLN R 20 27.77 10.00 71.80
CA GLN R 20 27.60 8.62 72.21
C GLN R 20 28.86 8.11 72.88
N ARG R 21 28.68 7.11 73.75
CA ARG R 21 29.77 6.52 74.51
C ARG R 21 30.62 5.62 73.61
N GLU R 22 31.78 5.24 74.12
CA GLU R 22 32.70 4.36 73.43
C GLU R 22 32.81 3.03 74.16
N ILE R 23 33.04 1.97 73.39
CA ILE R 23 33.10 0.60 73.92
C ILE R 23 34.57 0.31 74.21
N VAL R 24 34.95 0.38 75.48
CA VAL R 24 36.29 0.07 75.94
C VAL R 24 36.32 -1.04 76.97
N LEU R 25 35.38 -1.02 77.92
CA LEU R 25 35.37 -2.03 78.98
C LEU R 25 35.26 -3.47 78.49
N PRO R 26 34.37 -3.82 77.55
CA PRO R 26 34.25 -5.23 77.16
C PRO R 26 35.54 -5.83 76.61
N GLY R 27 36.44 -5.01 76.08
CA GLY R 27 37.71 -5.51 75.59
C GLY R 27 38.78 -5.73 76.64
N LEU R 28 38.48 -5.44 77.91
CA LEU R 28 39.45 -5.58 78.99
C LEU R 28 38.96 -6.56 80.07
N VAL R 29 38.13 -7.53 79.68
CA VAL R 29 37.63 -8.54 80.60
C VAL R 29 37.69 -9.90 79.91
N TRP R 30 37.58 -10.95 80.71
CA TRP R 30 37.52 -12.31 80.18
C TRP R 30 36.25 -12.49 79.38
N THR R 31 36.39 -12.57 78.05
CA THR R 31 35.25 -12.83 77.17
C THR R 31 35.22 -14.32 76.84
N ASN R 32 34.23 -15.02 77.40
CA ASN R 32 34.03 -16.46 77.21
C ASN R 32 35.31 -17.24 77.51
N PRO R 33 35.74 -17.33 78.77
CA PRO R 33 36.88 -18.20 79.09
C PRO R 33 36.62 -19.66 78.75
N LEU R 34 35.37 -20.10 78.86
CA LEU R 34 34.98 -21.44 78.49
C LEU R 34 33.72 -21.38 77.62
N THR R 35 33.55 -22.37 76.75
CA THR R 35 32.49 -22.34 75.74
C THR R 35 31.19 -22.95 76.26
N ASP R 36 31.23 -24.22 76.66
CA ASP R 36 30.01 -24.94 76.99
C ASP R 36 29.49 -24.51 78.36
N PHE R 37 28.21 -24.15 78.41
CA PHE R 37 27.50 -23.84 79.65
C PHE R 37 26.20 -24.61 79.80
N GLY R 38 25.49 -24.85 78.70
CA GLY R 38 24.22 -25.56 78.77
C GLY R 38 24.33 -27.06 78.91
N GLY R 39 25.52 -27.61 78.78
CA GLY R 39 25.72 -29.04 78.96
C GLY R 39 25.79 -29.51 80.38
N SER R 40 25.71 -28.59 81.34
CA SER R 40 25.76 -28.93 82.76
C SER R 40 24.45 -28.59 83.44
N LYS R 41 24.34 -29.02 84.70
CA LYS R 41 23.12 -28.80 85.47
C LYS R 41 22.97 -27.32 85.79
N ASN R 42 21.74 -26.80 85.62
CA ASN R 42 21.40 -25.41 85.96
C ASN R 42 22.31 -24.42 85.23
N ASP R 43 22.67 -24.76 83.99
CA ASP R 43 23.51 -23.97 83.10
C ASP R 43 24.71 -23.32 83.80
N THR R 44 25.30 -24.03 84.76
CA THR R 44 26.46 -23.53 85.49
C THR R 44 27.59 -24.55 85.42
N ILE R 45 28.81 -24.04 85.44
CA ILE R 45 30.01 -24.87 85.35
C ILE R 45 30.80 -24.69 86.64
N THR R 46 31.16 -25.82 87.27
CA THR R 46 32.02 -25.80 88.44
C THR R 46 33.48 -25.83 88.00
N VAL R 47 34.25 -24.85 88.47
CA VAL R 47 35.66 -24.73 88.16
C VAL R 47 36.46 -25.09 89.41
N ARG R 48 37.36 -26.05 89.28
CA ARG R 48 38.18 -26.52 90.39
C ARG R 48 39.43 -25.65 90.51
N VAL R 49 39.83 -25.39 91.75
CA VAL R 49 41.05 -24.65 92.06
C VAL R 49 42.03 -25.62 92.70
N PRO R 50 43.23 -25.80 92.14
CA PRO R 50 44.19 -26.76 92.72
C PRO R 50 44.53 -26.39 94.16
N ALA R 51 44.70 -27.41 94.99
CA ALA R 51 44.92 -27.23 96.41
C ALA R 51 46.41 -27.16 96.73
N ILE R 52 46.72 -26.92 98.00
CA ILE R 52 48.09 -26.88 98.51
C ILE R 52 48.17 -27.77 99.74
N THR R 53 49.39 -28.16 100.08
CA THR R 53 49.66 -29.06 101.18
C THR R 53 50.33 -28.32 102.32
N THR R 54 50.00 -28.70 103.55
CA THR R 54 50.63 -28.16 104.74
C THR R 54 51.76 -29.09 105.20
N ALA R 55 52.70 -28.52 105.94
CA ALA R 55 53.87 -29.24 106.42
C ALA R 55 53.86 -29.27 107.95
N ASN R 56 54.89 -29.90 108.51
CA ASN R 56 55.04 -30.01 109.95
C ASN R 56 56.52 -30.08 110.30
N ARG R 57 56.83 -29.79 111.56
CA ARG R 57 58.20 -29.78 112.05
C ARG R 57 58.30 -30.63 113.31
N ARG R 58 59.37 -31.41 113.41
CA ARG R 58 59.61 -32.26 114.56
C ARG R 58 61.09 -32.20 114.94
N ASP R 59 61.35 -32.20 116.24
CA ASP R 59 62.71 -32.14 116.74
C ASP R 59 63.40 -33.49 116.58
N LEU R 60 64.71 -33.44 116.31
CA LEU R 60 65.48 -34.66 116.18
C LEU R 60 65.61 -35.37 117.51
N ARG R 61 65.76 -36.69 117.45
CA ARG R 61 65.92 -37.55 118.62
C ARG R 61 64.72 -37.43 119.57
N ASP R 62 63.55 -37.14 119.01
CA ASP R 62 62.35 -37.05 119.83
C ASP R 62 61.91 -38.45 120.27
N PRO R 63 61.51 -38.62 121.53
CA PRO R 63 61.04 -39.94 121.98
C PRO R 63 59.83 -40.44 121.20
N ASP R 64 58.95 -39.55 120.77
CA ASP R 64 57.75 -39.93 120.02
C ASP R 64 58.07 -39.94 118.53
N ARG R 65 57.82 -41.07 117.88
CA ARG R 65 58.05 -41.22 116.45
C ARG R 65 56.77 -41.02 115.62
N THR R 66 55.68 -40.62 116.26
CA THR R 66 54.43 -40.42 115.55
C THR R 66 54.54 -39.24 114.58
N VAL R 67 53.71 -39.27 113.53
CA VAL R 67 53.69 -38.25 112.51
C VAL R 67 52.27 -37.73 112.36
N ILE R 68 52.15 -36.53 111.80
CA ILE R 68 50.87 -35.88 111.57
C ILE R 68 50.64 -35.79 110.07
N ALA R 69 49.54 -36.37 109.61
CA ALA R 69 49.21 -36.36 108.18
C ALA R 69 48.67 -35.01 107.77
N SER R 70 48.91 -34.66 106.51
CA SER R 70 48.42 -33.40 105.95
C SER R 70 47.05 -33.61 105.31
N GLU R 71 46.49 -32.55 104.75
CA GLU R 71 45.20 -32.58 104.11
C GLU R 71 45.27 -31.89 102.76
N LEU R 72 44.57 -32.44 101.77
CA LEU R 72 44.53 -31.91 100.41
C LEU R 72 43.07 -31.88 99.96
N VAL R 73 42.42 -30.73 100.15
CA VAL R 73 41.04 -30.52 99.74
C VAL R 73 41.01 -29.43 98.68
N GLU R 74 40.38 -29.73 97.55
CA GLU R 74 40.34 -28.82 96.41
C GLU R 74 39.01 -28.06 96.44
N HIS R 75 39.06 -26.80 96.86
CA HIS R 75 37.88 -25.96 96.81
C HIS R 75 37.59 -25.53 95.39
N SER R 76 36.32 -25.50 95.03
CA SER R 76 35.89 -25.17 93.68
C SER R 76 34.76 -24.15 93.74
N PHE R 77 34.66 -23.34 92.69
CA PHE R 77 33.62 -22.33 92.59
C PHE R 77 32.74 -22.61 91.37
N GLY R 78 31.77 -21.73 91.12
CA GLY R 78 30.84 -21.96 90.04
C GLY R 78 30.49 -20.73 89.24
N VAL R 79 30.52 -20.85 87.91
CA VAL R 79 30.14 -19.78 87.00
C VAL R 79 28.76 -20.10 86.45
N THR R 80 27.81 -19.20 86.64
CA THR R 80 26.42 -19.43 86.28
C THR R 80 25.90 -18.29 85.42
N LEU R 81 25.22 -18.63 84.32
CA LEU R 81 24.49 -17.63 83.55
C LEU R 81 23.29 -17.13 84.33
N ASP R 82 23.10 -15.82 84.33
CA ASP R 82 22.05 -15.21 85.14
C ASP R 82 21.19 -14.18 84.42
N LYS R 83 21.65 -13.58 83.34
CA LYS R 83 20.94 -12.48 82.69
C LYS R 83 20.79 -12.74 81.20
N HIS R 84 19.76 -12.12 80.62
CA HIS R 84 19.44 -12.24 79.19
C HIS R 84 19.15 -10.83 78.69
N VAL R 85 20.18 -10.16 78.19
CA VAL R 85 20.02 -8.80 77.67
C VAL R 85 19.22 -8.84 76.37
N TYR R 86 18.20 -8.00 76.28
CA TYR R 86 17.34 -7.95 75.10
C TYR R 86 16.98 -6.51 74.80
N ALA R 87 16.61 -6.27 73.53
CA ALA R 87 16.18 -4.95 73.10
C ALA R 87 15.00 -5.12 72.14
N ALA R 88 13.84 -4.63 72.54
CA ALA R 88 12.62 -4.77 71.76
C ALA R 88 12.25 -3.43 71.12
N LEU R 89 11.80 -3.49 69.86
CA LEU R 89 11.44 -2.29 69.12
C LEU R 89 10.32 -2.64 68.15
N LYS R 90 9.37 -1.71 68.02
CA LYS R 90 8.22 -1.88 67.14
C LYS R 90 8.32 -0.90 65.98
N PHE R 91 8.17 -1.41 64.77
CA PHE R 91 8.20 -0.56 63.59
C PHE R 91 6.91 0.25 63.49
N THR R 92 7.00 1.41 62.83
CA THR R 92 5.87 2.33 62.70
C THR R 92 4.92 1.79 61.62
N ASP R 93 4.08 0.84 62.04
CA ASP R 93 2.99 0.24 61.26
C ASP R 93 3.35 -0.01 59.80
N GLU R 94 4.59 -0.41 59.54
CA GLU R 94 5.03 -0.72 58.19
C GLU R 94 6.30 -1.55 58.31
N GLN R 95 6.63 -2.28 57.24
CA GLN R 95 7.72 -3.25 57.28
C GLN R 95 8.91 -2.89 56.41
N ARG R 96 8.71 -2.23 55.28
CA ARG R 96 9.76 -2.08 54.28
C ARG R 96 10.28 -0.65 54.15
N THR R 97 9.42 0.33 53.87
CA THR R 97 9.88 1.65 53.47
C THR R 97 9.55 2.76 54.44
N LEU R 98 8.45 2.67 55.19
CA LEU R 98 8.06 3.76 56.07
C LEU R 98 8.82 3.76 57.40
N ASP R 99 9.49 2.66 57.73
CA ASP R 99 10.21 2.54 59.00
C ASP R 99 11.72 2.49 58.84
N ILE R 100 12.23 1.72 57.87
CA ILE R 100 13.66 1.46 57.73
C ILE R 100 14.15 1.94 56.37
N ARG R 101 13.58 3.06 55.89
CA ARG R 101 13.82 3.59 54.56
C ARG R 101 15.28 3.54 54.12
N ASP R 102 16.22 3.68 55.05
CA ASP R 102 17.64 3.44 54.77
C ASP R 102 18.05 2.19 55.55
N TYR R 103 18.11 1.07 54.84
CA TYR R 103 18.43 -0.20 55.46
C TYR R 103 19.88 -0.22 55.95
N THR R 104 20.11 -0.95 57.05
CA THR R 104 21.40 -1.13 57.69
C THR R 104 21.99 0.19 58.20
N LYS R 105 21.20 1.26 58.25
CA LYS R 105 21.67 2.53 58.76
C LYS R 105 20.79 3.14 59.85
N GLN R 106 19.52 2.73 59.93
CA GLN R 106 18.61 3.20 60.96
C GLN R 106 17.87 2.00 61.54
N VAL R 107 17.43 2.14 62.80
CA VAL R 107 16.89 1.06 63.62
C VAL R 107 17.97 0.05 64.01
N LEU R 108 18.66 -0.55 63.04
CA LEU R 108 19.65 -1.57 63.35
C LEU R 108 20.85 -0.99 64.10
N MET R 109 21.40 0.12 63.61
CA MET R 109 22.53 0.75 64.29
C MET R 109 22.19 1.25 65.69
N PRO R 110 21.09 1.98 65.92
CA PRO R 110 20.75 2.36 67.30
C PRO R 110 20.51 1.17 68.21
N GLN R 111 19.87 0.11 67.71
CA GLN R 111 19.65 -1.07 68.54
C GLN R 111 20.97 -1.75 68.91
N VAL R 112 21.89 -1.87 67.95
CA VAL R 112 23.19 -2.47 68.23
C VAL R 112 23.95 -1.64 69.24
N SER R 113 23.93 -0.31 69.08
CA SER R 113 24.62 0.57 70.03
C SER R 113 24.01 0.45 71.41
N ALA R 114 22.68 0.39 71.51
CA ALA R 114 22.03 0.27 72.80
C ALA R 114 22.38 -1.06 73.48
N VAL R 115 22.41 -2.15 72.71
CA VAL R 115 22.77 -3.45 73.29
C VAL R 115 24.23 -3.44 73.75
N ALA R 116 25.12 -2.84 72.95
CA ALA R 116 26.53 -2.77 73.34
C ALA R 116 26.70 -1.95 74.61
N TYR R 117 26.01 -0.82 74.71
CA TYR R 117 26.09 -0.01 75.92
C TYR R 117 25.47 -0.71 77.11
N GLU R 118 24.42 -1.49 76.91
CA GLU R 118 23.85 -2.27 78.00
C GLU R 118 24.83 -3.31 78.50
N LEU R 119 25.54 -3.98 77.59
CA LEU R 119 26.56 -4.93 77.99
C LEU R 119 27.71 -4.25 78.73
N GLU R 120 28.10 -3.07 78.24
CA GLU R 120 29.15 -2.30 78.93
C GLU R 120 28.71 -1.90 80.34
N ASP R 121 27.45 -1.50 80.49
CA ASP R 121 26.93 -1.18 81.81
C ASP R 121 26.85 -2.41 82.70
N TYR R 122 26.56 -3.58 82.11
CA TYR R 122 26.58 -4.83 82.87
C TYR R 122 27.97 -5.11 83.40
N ILE R 123 29.00 -4.95 82.56
CA ILE R 123 30.37 -5.16 83.00
C ILE R 123 30.75 -4.14 84.06
N ALA R 124 30.31 -2.89 83.90
CA ALA R 124 30.60 -1.86 84.89
C ALA R 124 29.94 -2.19 86.22
N GLU R 125 28.70 -2.70 86.19
CA GLU R 125 28.03 -3.12 87.42
C GLU R 125 28.77 -4.28 88.07
N LEU R 126 29.27 -5.21 87.26
CA LEU R 126 30.10 -6.29 87.79
C LEU R 126 31.32 -5.75 88.51
N ILE R 127 32.00 -4.78 87.90
CA ILE R 127 33.24 -4.27 88.47
C ILE R 127 32.97 -3.48 89.73
N GLU R 128 31.94 -2.64 89.72
CA GLU R 128 31.66 -1.76 90.85
C GLU R 128 31.06 -2.53 92.02
N GLY R 129 30.16 -3.47 91.74
CA GLY R 129 29.50 -4.22 92.79
C GLY R 129 30.32 -5.31 93.44
N ALA R 130 31.49 -5.61 92.89
CA ALA R 130 32.37 -6.60 93.51
C ALA R 130 32.84 -6.07 94.86
N PRO R 131 32.79 -6.88 95.93
CA PRO R 131 33.21 -6.39 97.24
C PRO R 131 34.71 -6.12 97.31
N TYR R 132 35.07 -4.84 97.41
CA TYR R 132 36.47 -4.43 97.47
C TYR R 132 36.97 -4.29 98.90
N GLU R 133 36.15 -4.62 99.90
CA GLU R 133 36.50 -4.47 101.31
C GLU R 133 36.90 -3.03 101.62
N GLU R 134 38.19 -2.75 101.59
CA GLU R 134 38.69 -1.41 101.84
C GLU R 134 38.57 -0.59 100.55
N THR R 135 39.06 0.65 100.59
CA THR R 135 39.02 1.53 99.41
C THR R 135 40.23 2.45 99.47
N ILE R 136 41.07 2.39 98.44
CA ILE R 136 42.26 3.24 98.40
C ILE R 136 41.84 4.66 98.08
N LEU R 137 42.10 5.58 99.00
CA LEU R 137 41.72 6.98 98.85
C LEU R 137 42.88 7.73 98.20
N ILE R 138 42.69 8.10 96.94
CA ILE R 138 43.72 8.79 96.17
C ILE R 138 43.54 10.29 96.35
N ASP R 139 44.64 10.97 96.72
CA ASP R 139 44.61 12.41 96.93
C ASP R 139 45.05 13.13 95.68
N PRO R 140 44.37 14.20 95.28
CA PRO R 140 44.80 14.94 94.07
C PRO R 140 46.20 15.52 94.18
N ALA R 141 46.68 15.78 95.40
CA ALA R 141 48.02 16.34 95.58
C ALA R 141 49.10 15.38 95.10
N ASP R 142 48.93 14.09 95.40
CA ASP R 142 49.94 13.08 95.05
C ASP R 142 49.25 11.76 94.69
N THR R 143 49.02 11.54 93.40
CA THR R 143 48.42 10.30 92.94
C THR R 143 49.41 9.15 92.92
N VAL R 144 50.69 9.44 92.65
CA VAL R 144 51.69 8.38 92.60
C VAL R 144 51.78 7.59 93.89
N PRO R 145 51.78 8.20 95.08
CA PRO R 145 51.72 7.37 96.30
C PRO R 145 50.48 6.49 96.38
N ALA R 146 49.33 6.96 95.89
CA ALA R 146 48.15 6.11 95.88
C ALA R 146 48.31 4.91 94.97
N PHE R 147 48.88 5.12 93.78
CA PHE R 147 49.13 4.00 92.89
C PHE R 147 50.17 3.05 93.46
N ILE R 148 51.15 3.57 94.20
CA ILE R 148 52.13 2.72 94.86
C ILE R 148 51.47 1.90 95.96
N THR R 149 50.52 2.49 96.69
CA THR R 149 49.77 1.74 97.67
C THR R 149 48.95 0.63 97.01
N ALA R 150 48.35 0.93 95.85
CA ALA R 150 47.63 -0.10 95.11
C ALA R 150 48.56 -1.24 94.70
N ASP R 151 49.76 -0.91 94.23
CA ASP R 151 50.74 -1.94 93.90
C ASP R 151 51.11 -2.76 95.12
N GLN R 152 51.26 -2.10 96.28
CA GLN R 152 51.56 -2.83 97.51
C GLN R 152 50.42 -3.78 97.89
N ARG R 153 49.18 -3.33 97.73
CA ARG R 153 48.03 -4.19 98.01
C ARG R 153 48.03 -5.41 97.09
N MET R 154 48.33 -5.20 95.80
CA MET R 154 48.43 -6.32 94.88
C MET R 154 49.55 -7.27 95.27
N GLY R 155 50.69 -6.72 95.70
CA GLY R 155 51.82 -7.54 96.09
C GLY R 155 51.57 -8.35 97.35
N GLU R 156 50.77 -7.82 98.28
CA GLU R 156 50.52 -8.53 99.53
C GLU R 156 49.80 -9.85 99.27
N ALA R 157 48.84 -9.86 98.36
CA ALA R 157 48.09 -11.07 98.03
C ALA R 157 48.83 -12.01 97.11
N ASN R 158 50.12 -11.77 96.86
CA ASN R 158 50.94 -12.60 95.97
C ASN R 158 50.36 -12.67 94.57
N VAL R 159 49.72 -11.58 94.14
CA VAL R 159 49.16 -11.52 92.78
C VAL R 159 50.31 -11.45 91.77
N PRO R 160 50.26 -12.20 90.67
CA PRO R 160 51.31 -12.09 89.66
C PRO R 160 51.42 -10.68 89.12
N THR R 161 52.67 -10.24 88.87
CA THR R 161 52.90 -8.89 88.39
C THR R 161 52.34 -8.68 86.99
N ASP R 162 52.47 -9.69 86.13
CA ASP R 162 52.02 -9.56 84.75
C ASP R 162 50.49 -9.59 84.68
N SER R 163 49.97 -9.09 83.56
CA SER R 163 48.53 -9.09 83.27
C SER R 163 47.74 -8.37 84.36
N ARG R 164 48.26 -7.22 84.81
CA ARG R 164 47.57 -6.34 85.74
C ARG R 164 47.10 -5.12 84.97
N ARG R 165 45.78 -4.94 84.85
CA ARG R 165 45.22 -3.84 84.08
C ARG R 165 44.46 -2.89 84.98
N LEU R 166 44.60 -1.60 84.70
CA LEU R 166 43.96 -0.54 85.47
C LEU R 166 43.08 0.29 84.55
N VAL R 167 41.84 0.52 84.97
CA VAL R 167 40.89 1.33 84.22
C VAL R 167 40.55 2.54 85.07
N VAL R 168 40.78 3.73 84.52
CA VAL R 168 40.57 4.98 85.23
C VAL R 168 39.43 5.74 84.57
N GLY R 169 38.76 6.56 85.36
CA GLY R 169 37.68 7.40 84.88
C GLY R 169 38.19 8.74 84.38
N SER R 170 37.23 9.60 84.01
CA SER R 170 37.59 10.94 83.54
C SER R 170 38.25 11.75 84.64
N ALA R 171 37.70 11.68 85.86
CA ALA R 171 38.26 12.46 86.96
C ALA R 171 39.64 11.95 87.36
N VAL R 172 39.86 10.63 87.30
CA VAL R 172 41.17 10.10 87.65
C VAL R 172 42.23 10.58 86.67
N ALA R 173 41.92 10.53 85.37
CA ALA R 173 42.86 11.03 84.36
C ALA R 173 43.07 12.53 84.51
N ALA R 174 42.00 13.28 84.81
CA ALA R 174 42.14 14.71 85.02
C ALA R 174 43.05 15.02 86.20
N ALA R 175 42.89 14.28 87.31
CA ALA R 175 43.74 14.48 88.47
C ALA R 175 45.18 14.08 88.18
N LEU R 176 45.38 13.02 87.39
CA LEU R 176 46.73 12.66 86.97
C LEU R 176 47.37 13.78 86.16
N ALA R 177 46.59 14.41 85.28
CA ALA R 177 47.10 15.56 84.53
C ALA R 177 47.42 16.73 85.46
N LYS R 178 46.57 16.98 86.46
CA LYS R 178 46.79 18.07 87.39
C LYS R 178 47.98 17.83 88.31
N ASP R 179 48.39 16.57 88.48
CA ASP R 179 49.51 16.27 89.37
C ASP R 179 50.79 16.92 88.88
N LYS R 180 51.50 17.60 89.79
CA LYS R 180 52.74 18.26 89.45
C LYS R 180 53.85 17.29 89.12
N GLN R 181 53.70 16.01 89.46
CA GLN R 181 54.74 15.03 89.19
C GLN R 181 54.96 14.85 87.70
N PHE R 182 53.89 14.82 86.92
CA PHE R 182 53.98 14.58 85.48
C PHE R 182 53.97 15.86 84.66
N ARG R 183 53.35 16.93 85.15
CA ARG R 183 53.16 18.13 84.35
C ARG R 183 54.46 18.89 84.16
N HIS R 184 55.29 18.97 85.20
CA HIS R 184 56.49 19.81 85.15
C HIS R 184 57.54 19.31 84.17
N ALA R 185 57.44 18.05 83.71
CA ALA R 185 58.31 17.44 82.72
C ALA R 185 59.74 17.25 83.20
N ASP R 186 60.09 17.74 84.39
CA ASP R 186 61.37 17.43 85.02
C ASP R 186 61.21 16.52 86.23
N TRP R 187 60.08 16.60 86.91
CA TRP R 187 59.78 15.63 87.95
C TRP R 187 59.39 14.28 87.36
N SER R 188 58.77 14.28 86.17
CA SER R 188 58.43 13.05 85.46
C SER R 188 59.58 12.51 84.63
N GLY R 189 60.63 13.30 84.41
CA GLY R 189 61.78 12.83 83.65
C GLY R 189 61.64 12.96 82.15
N ASP R 190 60.42 12.83 81.64
CA ASP R 190 60.19 12.89 80.21
C ASP R 190 60.39 14.31 79.69
N GLN R 191 61.24 14.46 78.68
CA GLN R 191 61.53 15.77 78.10
C GLN R 191 60.49 16.22 77.09
N ALA R 192 59.62 15.32 76.63
CA ALA R 192 58.59 15.68 75.67
C ALA R 192 57.37 16.32 76.32
N ASN R 193 57.24 16.23 77.65
CA ASN R 193 56.12 16.81 78.39
C ASN R 193 54.78 16.28 77.88
N ALA R 194 54.60 14.97 78.01
CA ALA R 194 53.36 14.35 77.54
C ALA R 194 52.15 14.83 78.34
N ALA R 195 52.36 15.25 79.58
CA ALA R 195 51.24 15.74 80.40
C ALA R 195 50.78 17.13 79.98
N LEU R 196 51.69 17.97 79.48
CA LEU R 196 51.35 19.33 79.06
C LEU R 196 51.14 19.43 77.55
N ARG R 197 52.09 18.92 76.76
CA ARG R 197 51.95 19.00 75.31
C ARG R 197 50.78 18.16 74.79
N GLU R 198 50.36 17.15 75.55
CA GLU R 198 49.26 16.29 75.17
C GLU R 198 48.38 16.04 76.40
N ALA R 199 47.24 15.38 76.17
CA ALA R 199 46.31 15.04 77.23
C ALA R 199 46.35 13.55 77.59
N HIS R 200 47.29 12.80 77.03
CA HIS R 200 47.40 11.37 77.29
C HIS R 200 48.53 11.13 78.28
N VAL R 201 48.19 10.60 79.45
CA VAL R 201 49.18 10.30 80.48
C VAL R 201 49.74 8.91 80.23
N GLY R 202 51.07 8.79 80.24
CA GLY R 202 51.72 7.52 80.01
C GLY R 202 51.53 6.56 81.16
N ARG R 203 51.99 5.33 80.94
CA ARG R 203 51.86 4.28 81.95
C ARG R 203 52.67 4.62 83.19
N LEU R 204 52.07 4.43 84.36
CA LEU R 204 52.72 4.69 85.63
C LEU R 204 52.52 3.50 86.56
N ALA R 205 53.50 3.28 87.44
CA ALA R 205 53.46 2.19 88.42
C ALA R 205 53.30 0.83 87.74
N GLY R 206 53.85 0.68 86.55
CA GLY R 206 53.76 -0.56 85.79
C GLY R 206 52.55 -0.69 84.89
N MET R 207 51.36 -0.38 85.42
CA MET R 207 50.14 -0.52 84.66
C MET R 207 49.98 0.64 83.68
N ASN R 208 49.25 0.36 82.60
CA ASN R 208 48.95 1.37 81.59
C ASN R 208 47.68 2.13 81.97
N VAL R 209 47.49 3.28 81.32
CA VAL R 209 46.35 4.15 81.57
C VAL R 209 45.30 3.88 80.49
N ILE R 210 44.10 3.47 80.92
CA ILE R 210 42.98 3.23 80.02
C ILE R 210 41.82 4.09 80.49
N ARG R 211 41.27 4.89 79.57
CA ARG R 211 40.20 5.81 79.89
C ARG R 211 38.85 5.16 79.61
N SER R 212 37.94 5.24 80.59
CA SER R 212 36.60 4.67 80.45
C SER R 212 35.61 5.59 81.15
N ASN R 213 34.67 6.13 80.38
CA ASN R 213 33.64 7.00 80.93
C ASN R 213 32.42 6.25 81.45
N ALA R 214 32.32 4.95 81.17
CA ALA R 214 31.18 4.17 81.66
C ALA R 214 31.20 4.08 83.18
N ILE R 215 32.37 3.87 83.77
CA ILE R 215 32.51 3.78 85.22
C ILE R 215 32.36 5.18 85.82
N ALA R 216 32.23 5.25 87.14
CA ALA R 216 32.13 6.54 87.81
C ALA R 216 33.41 7.34 87.58
N PRO R 217 33.30 8.65 87.32
CA PRO R 217 34.52 9.43 87.04
C PRO R 217 35.54 9.40 88.16
N ASP R 218 35.10 9.43 89.41
CA ASP R 218 36.00 9.46 90.56
C ASP R 218 36.44 8.08 91.01
N LYS R 219 36.02 7.02 90.32
CA LYS R 219 36.37 5.65 90.69
C LYS R 219 37.33 5.07 89.64
N ALA R 220 38.44 4.51 90.12
CA ALA R 220 39.38 3.79 89.28
C ALA R 220 39.51 2.37 89.81
N TYR R 221 39.67 1.40 88.92
CA TYR R 221 39.70 -0.01 89.30
C TYR R 221 40.94 -0.67 88.70
N LEU R 222 41.78 -1.23 89.56
CA LEU R 222 42.97 -1.95 89.14
C LEU R 222 42.81 -3.43 89.49
N TRP R 223 42.82 -4.29 88.48
CA TRP R 223 42.59 -5.70 88.72
C TRP R 223 43.53 -6.55 87.87
N HIS R 224 43.87 -7.73 88.39
CA HIS R 224 44.63 -8.71 87.63
C HIS R 224 43.73 -9.38 86.59
N ARG R 225 44.37 -10.06 85.64
CA ARG R 225 43.61 -10.76 84.62
C ARG R 225 42.69 -11.81 85.21
N THR R 226 43.11 -12.45 86.31
CA THR R 226 42.30 -13.47 86.98
C THR R 226 41.47 -12.84 88.11
N ALA R 227 40.58 -11.94 87.71
CA ALA R 227 39.73 -11.25 88.69
C ALA R 227 38.24 -11.42 88.41
N PHE R 228 37.84 -11.36 87.14
CA PHE R 228 36.42 -11.41 86.78
C PHE R 228 36.20 -12.44 85.69
N ILE R 229 34.97 -12.97 85.63
CA ILE R 229 34.58 -13.92 84.60
C ILE R 229 33.29 -13.43 83.95
N LEU R 230 33.34 -13.23 82.64
CA LEU R 230 32.18 -12.84 81.85
C LEU R 230 31.88 -13.95 80.85
N ALA R 231 30.63 -14.42 80.82
CA ALA R 231 30.20 -15.45 79.91
C ALA R 231 29.20 -14.86 78.92
N TYR R 232 29.45 -15.05 77.62
CA TYR R 232 28.59 -14.54 76.58
C TYR R 232 28.16 -15.68 75.67
N ARG R 233 26.85 -15.80 75.46
CA ARG R 233 26.28 -16.86 74.61
C ARG R 233 25.38 -16.21 73.57
N THR R 234 25.67 -16.49 72.31
CA THR R 234 24.81 -16.02 71.23
C THR R 234 23.66 -17.00 71.03
N PRO R 235 22.42 -16.58 71.24
CA PRO R 235 21.29 -17.51 71.07
C PRO R 235 21.18 -17.99 69.63
N VAL R 236 20.82 -19.26 69.48
CA VAL R 236 20.65 -19.83 68.14
C VAL R 236 19.42 -19.22 67.49
N VAL R 237 19.48 -19.08 66.16
CA VAL R 237 18.37 -18.50 65.40
C VAL R 237 17.17 -19.43 65.50
N PRO R 238 16.02 -18.95 65.98
CA PRO R 238 14.84 -19.80 66.07
C PRO R 238 14.35 -20.23 64.71
N GLU R 239 13.81 -21.46 64.65
CA GLU R 239 13.25 -21.97 63.42
C GLU R 239 11.88 -21.39 63.09
N GLY R 240 11.22 -20.78 64.07
CA GLY R 240 9.91 -20.19 63.85
C GLY R 240 9.94 -18.69 63.69
N ALA R 241 11.11 -18.12 63.41
CA ALA R 241 11.28 -16.69 63.27
C ALA R 241 11.34 -16.33 61.79
N LYS R 242 10.49 -15.38 61.39
CA LYS R 242 10.46 -14.94 59.99
C LYS R 242 11.79 -14.27 59.61
N ALA R 243 12.31 -13.42 60.48
CA ALA R 243 13.57 -12.74 60.24
C ALA R 243 14.71 -13.57 60.83
N GLY R 244 15.90 -12.97 60.92
CA GLY R 244 17.04 -13.65 61.47
C GLY R 244 18.37 -13.11 60.97
N ALA R 245 19.33 -12.94 61.88
CA ALA R 245 20.63 -12.42 61.53
C ALA R 245 21.62 -12.80 62.61
N SER R 246 22.91 -12.67 62.29
CA SER R 246 24.00 -12.97 63.20
C SER R 246 24.98 -11.81 63.27
N PHE R 247 24.45 -10.59 63.40
CA PHE R 247 25.29 -9.41 63.47
C PHE R 247 26.08 -9.39 64.77
N SER R 248 27.37 -9.15 64.67
CA SER R 248 28.24 -9.08 65.84
C SER R 248 28.21 -7.67 66.44
N ALA R 249 28.88 -7.52 67.59
CA ALA R 249 28.93 -6.23 68.28
C ALA R 249 30.21 -6.19 69.11
N ASN R 250 31.22 -5.49 68.59
CA ASN R 250 32.51 -5.25 69.26
C ASN R 250 33.02 -6.48 70.01
N GLY R 251 33.02 -7.61 69.31
CA GLY R 251 33.61 -8.84 69.81
C GLY R 251 32.61 -9.88 70.29
N VAL R 252 31.36 -9.50 70.52
CA VAL R 252 30.32 -10.44 70.95
C VAL R 252 29.18 -10.39 69.94
N ALA R 253 28.72 -11.57 69.53
CA ALA R 253 27.65 -11.66 68.55
C ALA R 253 26.29 -11.47 69.21
N LEU R 254 25.31 -11.08 68.41
CA LEU R 254 23.95 -10.85 68.88
C LEU R 254 22.97 -11.56 67.96
N ARG R 255 21.82 -11.93 68.50
CA ARG R 255 20.77 -12.57 67.72
C ARG R 255 19.66 -11.57 67.45
N TRP R 256 19.36 -11.35 66.17
CA TRP R 256 18.29 -10.47 65.75
C TRP R 256 17.16 -11.31 65.15
N LEU R 257 15.95 -11.12 65.67
CA LEU R 257 14.80 -11.89 65.21
C LEU R 257 13.56 -11.02 65.21
N ALA R 258 12.68 -11.27 64.24
CA ALA R 258 11.43 -10.53 64.12
C ALA R 258 10.40 -11.49 63.50
N ASP R 259 9.54 -12.06 64.34
CA ASP R 259 8.55 -13.03 63.90
C ASP R 259 7.33 -12.40 63.24
N TYR R 260 7.18 -11.07 63.31
CA TYR R 260 6.01 -10.36 62.81
C TYR R 260 4.73 -10.91 63.45
N ASP R 261 4.64 -10.66 64.77
CA ASP R 261 3.49 -11.10 65.53
C ASP R 261 2.20 -10.54 64.93
N TYR R 262 1.24 -11.42 64.69
CA TYR R 262 0.04 -11.06 63.94
C TYR R 262 -1.09 -10.56 64.81
N SER R 263 -0.97 -10.64 66.14
CA SER R 263 -2.09 -10.28 67.01
C SER R 263 -2.46 -8.80 66.87
N GLN R 264 -1.60 -7.91 67.35
CA GLN R 264 -1.81 -6.48 67.19
C GLN R 264 -1.00 -5.92 66.02
N LEU R 265 -1.10 -6.57 64.85
CA LEU R 265 -0.32 -6.20 63.67
C LEU R 265 1.14 -5.91 64.02
N GLY R 266 1.70 -6.70 64.94
CA GLY R 266 2.98 -6.39 65.54
C GLY R 266 4.20 -6.58 64.65
N ASP R 267 4.99 -5.53 64.50
CA ASP R 267 6.28 -5.60 63.81
C ASP R 267 7.45 -5.64 64.80
N ARG R 268 7.26 -6.32 65.93
CA ARG R 268 8.28 -6.33 66.98
C ARG R 268 9.56 -6.99 66.48
N THR R 269 10.69 -6.37 66.80
CA THR R 269 12.01 -6.94 66.53
C THR R 269 12.81 -6.97 67.82
N LEU R 270 13.67 -7.99 67.94
CA LEU R 270 14.41 -8.23 69.17
C LEU R 270 15.87 -8.50 68.84
N LEU R 271 16.76 -7.86 69.61
CA LEU R 271 18.20 -8.10 69.55
C LEU R 271 18.63 -8.58 70.94
N ASP R 272 19.01 -9.86 71.04
CA ASP R 272 19.21 -10.49 72.32
C ASP R 272 20.50 -11.30 72.35
N VAL R 273 21.00 -11.51 73.56
CA VAL R 273 22.20 -12.29 73.81
C VAL R 273 22.21 -12.63 75.29
N PHE R 274 22.86 -13.75 75.65
CA PHE R 274 22.91 -14.21 77.03
C PHE R 274 24.22 -13.77 77.66
N THR R 275 24.14 -13.17 78.84
CA THR R 275 25.32 -12.72 79.57
C THR R 275 25.30 -13.24 81.00
N GLY R 276 26.46 -13.56 81.52
CA GLY R 276 26.59 -14.10 82.85
C GLY R 276 27.83 -13.56 83.53
N ARG R 277 27.71 -13.36 84.84
CA ARG R 277 28.74 -12.70 85.64
C ARG R 277 29.32 -13.66 86.68
N LYS R 278 30.58 -13.47 87.01
CA LYS R 278 31.22 -14.22 88.07
C LYS R 278 32.39 -13.42 88.63
N VAL R 279 32.50 -13.41 89.96
CA VAL R 279 33.60 -12.75 90.66
C VAL R 279 34.47 -13.83 91.28
N VAL R 280 35.77 -13.80 90.96
CA VAL R 280 36.71 -14.82 91.42
C VAL R 280 37.07 -14.53 92.87
N THR R 281 36.75 -15.46 93.76
CA THR R 281 37.07 -15.34 95.17
C THR R 281 38.12 -16.38 95.56
N GLU R 282 38.45 -16.42 96.84
CA GLU R 282 39.45 -17.34 97.36
C GLU R 282 38.75 -18.56 97.97
N VAL R 283 39.57 -19.47 98.52
CA VAL R 283 39.03 -20.70 99.10
C VAL R 283 38.17 -20.38 100.33
N ASP R 284 38.63 -19.45 101.17
CA ASP R 284 37.81 -19.02 102.31
C ASP R 284 36.89 -17.86 101.95
N GLY R 285 37.19 -17.14 100.87
CA GLY R 285 36.40 -16.01 100.43
C GLY R 285 37.02 -14.68 100.80
N SER R 286 37.72 -14.07 99.84
CA SER R 286 38.34 -12.77 100.05
C SER R 286 38.72 -12.20 98.68
N PHE R 287 38.11 -11.08 98.30
CA PHE R 287 38.39 -10.46 97.01
C PHE R 287 39.60 -9.55 97.16
N VAL R 288 40.78 -10.18 97.16
CA VAL R 288 42.05 -9.46 97.28
C VAL R 288 42.78 -9.38 95.95
N ARG R 289 42.12 -9.73 94.85
CA ARG R 289 42.73 -9.70 93.52
C ARG R 289 42.48 -8.39 92.79
N ALA R 290 41.78 -7.44 93.40
CA ALA R 290 41.51 -6.16 92.76
C ALA R 290 41.45 -5.08 93.82
N VAL R 291 41.69 -3.84 93.38
CA VAL R 291 41.69 -2.68 94.26
C VAL R 291 40.94 -1.54 93.57
N GLU R 292 40.40 -0.65 94.39
CA GLU R 292 39.64 0.51 93.92
C GLU R 292 40.25 1.78 94.49
N LEU R 293 40.23 2.83 93.67
CA LEU R 293 40.74 4.14 94.04
C LEU R 293 39.63 5.18 93.93
N GLN R 294 39.42 5.93 95.00
CA GLN R 294 38.40 6.96 95.07
C GLN R 294 39.05 8.29 95.40
N LEU R 295 38.68 9.34 94.67
CA LEU R 295 39.30 10.64 94.88
C LEU R 295 38.95 11.21 96.25
N GLN R 296 39.93 11.86 96.87
CA GLN R 296 39.76 12.48 98.19
C GLN R 296 39.22 13.88 97.99
N ALA R 297 37.90 13.97 97.81
CA ALA R 297 37.25 15.26 97.67
C ALA R 297 37.33 16.04 98.98
N SER R 298 37.70 17.32 98.89
CA SER R 298 37.85 18.16 100.07
C SER R 298 37.01 19.42 100.05
N SER R 299 36.48 19.82 98.90
CA SER R 299 35.65 21.02 98.81
C SER R 299 34.59 20.83 97.74
N ILE R 300 33.40 21.35 98.02
CA ILE R 300 32.27 21.29 97.10
C ILE R 300 31.70 22.68 96.91
N THR R 301 31.00 22.88 95.79
CA THR R 301 30.36 24.15 95.51
C THR R 301 29.24 23.93 94.49
N ILE R 302 28.19 24.72 94.61
CA ILE R 302 27.05 24.64 93.70
C ILE R 302 27.37 25.42 92.44
N VAL R 303 27.22 24.77 91.29
CA VAL R 303 27.55 25.38 90.01
C VAL R 303 26.59 26.53 89.71
N GLY R 304 27.10 27.53 88.99
CA GLY R 304 26.31 28.67 88.61
C GLY R 304 26.31 29.83 89.60
N GLY R 305 26.84 29.62 90.80
CA GLY R 305 26.84 30.69 91.79
C GLY R 305 25.43 31.10 92.17
N ALA R 306 25.25 32.39 92.40
CA ALA R 306 23.92 32.91 92.73
C ALA R 306 23.03 32.89 91.49
N PHE R 307 21.75 32.57 91.71
CA PHE R 307 20.78 32.52 90.63
C PHE R 307 19.42 32.95 91.17
N ALA R 308 18.57 33.46 90.29
CA ALA R 308 17.23 33.86 90.71
C ALA R 308 16.31 32.64 90.82
N LEU R 309 16.03 32.00 89.67
CA LEU R 309 15.39 30.69 89.53
C LEU R 309 14.92 30.62 88.08
N ALA R 310 13.61 30.62 87.87
CA ALA R 310 13.03 30.80 86.55
C ALA R 310 11.92 31.85 86.61
N THR R 311 11.15 31.83 87.69
CA THR R 311 10.02 32.72 87.91
C THR R 311 9.56 32.52 89.36
N THR R 312 8.45 33.15 89.72
CA THR R 312 7.92 33.02 91.07
C THR R 312 7.33 31.65 91.34
N THR R 313 6.97 30.90 90.30
CA THR R 313 6.35 29.59 90.43
C THR R 313 7.00 28.59 89.48
N GLY R 314 8.34 28.58 89.46
CA GLY R 314 9.10 27.69 88.61
C GLY R 314 9.87 26.64 89.38
N THR R 315 10.69 25.91 88.64
CA THR R 315 11.55 24.88 89.20
C THR R 315 12.96 25.04 88.63
N LYS R 316 13.94 24.56 89.40
CA LYS R 316 15.34 24.63 88.96
C LYS R 316 16.08 23.43 89.52
N GLN R 317 16.70 22.64 88.64
CA GLN R 317 17.46 21.47 89.04
C GLN R 317 18.86 21.93 89.44
N LEU R 318 19.09 22.07 90.73
CA LEU R 318 20.39 22.51 91.22
C LEU R 318 21.43 21.41 91.05
N LYS R 319 22.65 21.81 90.71
CA LYS R 319 23.76 20.89 90.52
C LYS R 319 24.95 21.34 91.36
N VAL R 320 25.64 20.38 91.96
CA VAL R 320 26.78 20.64 92.82
C VAL R 320 27.97 19.85 92.32
N ARG R 321 29.14 20.48 92.30
CA ARG R 321 30.38 19.88 91.84
C ARG R 321 31.46 20.06 92.89
N ASP R 322 32.32 19.05 93.03
CA ASP R 322 33.40 19.12 94.00
C ASP R 322 34.55 19.96 93.46
N ASP R 323 35.60 20.09 94.27
CA ASP R 323 36.78 20.84 93.84
C ASP R 323 37.48 20.14 92.68
N ASN R 324 37.50 18.81 92.70
CA ASN R 324 38.15 18.06 91.61
C ASN R 324 37.42 18.21 90.30
N GLY R 325 36.10 18.41 90.34
CA GLY R 325 35.34 18.60 89.11
C GLY R 325 34.48 17.41 88.73
N THR R 326 33.86 16.78 89.72
CA THR R 326 33.02 15.61 89.50
C THR R 326 31.59 15.91 89.93
N ASP R 327 30.63 15.36 89.18
CA ASP R 327 29.22 15.52 89.53
C ASP R 327 28.88 14.63 90.72
N VAL R 328 28.36 15.23 91.78
CA VAL R 328 28.01 14.51 93.00
C VAL R 328 26.58 14.83 93.41
N THR R 329 25.76 15.23 92.42
CA THR R 329 24.38 15.60 92.72
C THR R 329 23.60 14.44 93.31
N ALA R 330 23.81 13.23 92.79
CA ALA R 330 23.08 12.06 93.26
C ALA R 330 23.38 11.75 94.73
N ARG R 331 24.64 11.91 95.13
CA ARG R 331 25.08 11.55 96.47
C ARG R 331 25.24 12.75 97.40
N CYS R 332 24.43 13.80 97.20
CA CYS R 332 24.44 14.97 98.05
C CYS R 332 23.05 15.20 98.63
N THR R 333 23.01 15.72 99.86
CA THR R 333 21.75 16.08 100.49
C THR R 333 21.57 17.59 100.47
N PHE R 334 20.33 18.03 100.40
CA PHE R 334 19.99 19.43 100.30
C PHE R 334 19.02 19.81 101.42
N ALA R 335 19.30 20.94 102.08
CA ALA R 335 18.47 21.44 103.16
C ALA R 335 18.11 22.90 102.89
N SER R 336 16.91 23.29 103.29
CA SER R 336 16.44 24.66 103.12
C SER R 336 16.18 25.28 104.48
N SER R 337 16.85 26.41 104.76
CA SER R 337 16.61 27.15 105.99
C SER R 337 15.38 28.04 105.90
N ALA R 338 14.78 28.17 104.72
CA ALA R 338 13.60 28.98 104.46
C ALA R 338 12.58 28.18 103.68
N GLY R 339 12.30 26.97 104.17
CA GLY R 339 11.46 26.03 103.42
C GLY R 339 10.13 26.61 102.99
N THR R 340 9.54 27.46 103.83
CA THR R 340 8.30 28.14 103.43
C THR R 340 8.56 29.11 102.28
N LYS R 341 9.70 29.78 102.28
CA LYS R 341 10.02 30.70 101.19
C LYS R 341 10.42 29.95 99.92
N ALA R 342 11.23 28.92 100.05
CA ALA R 342 11.69 28.13 98.91
C ALA R 342 11.65 26.65 99.27
N THR R 343 11.11 25.84 98.38
CA THR R 343 10.97 24.40 98.59
C THR R 343 11.99 23.67 97.73
N VAL R 344 12.76 22.78 98.37
CA VAL R 344 13.80 22.02 97.70
C VAL R 344 13.44 20.53 97.78
N SER R 345 13.81 19.79 96.74
CA SER R 345 13.52 18.37 96.66
C SER R 345 14.74 17.56 97.12
N ALA R 346 14.58 16.25 97.16
CA ALA R 346 15.67 15.37 97.58
C ALA R 346 16.83 15.41 96.60
N ALA R 347 16.52 15.46 95.30
CA ALA R 347 17.56 15.47 94.27
C ALA R 347 18.12 16.85 93.99
N GLY R 348 17.60 17.89 94.66
CA GLY R 348 18.07 19.24 94.44
C GLY R 348 17.18 20.10 93.56
N LEU R 349 16.03 19.58 93.13
CA LEU R 349 15.11 20.35 92.30
C LEU R 349 14.36 21.33 93.19
N VAL R 350 14.91 22.54 93.28
CA VAL R 350 14.28 23.56 94.12
C VAL R 350 13.11 24.18 93.37
N THR R 351 11.97 24.26 94.05
CA THR R 351 10.74 24.80 93.48
C THR R 351 10.39 26.10 94.19
N GLY R 352 10.08 27.12 93.40
CA GLY R 352 9.71 28.41 93.96
C GLY R 352 8.24 28.50 94.31
N VAL R 353 7.94 28.58 95.62
CA VAL R 353 6.57 28.69 96.07
C VAL R 353 6.21 30.12 96.52
N ALA R 354 7.16 30.86 97.08
CA ALA R 354 6.93 32.24 97.50
C ALA R 354 8.07 33.10 97.01
N ALA R 355 7.74 34.26 96.44
CA ALA R 355 8.76 35.19 95.97
C ALA R 355 9.49 35.81 97.15
N GLY R 356 10.79 35.96 97.01
CA GLY R 356 11.61 36.52 98.07
C GLY R 356 13.05 36.05 97.94
N THR R 357 13.73 36.00 99.08
CA THR R 357 15.13 35.58 99.14
C THR R 357 15.27 34.47 100.17
N ALA R 358 15.97 33.40 99.79
CA ALA R 358 16.16 32.24 100.66
C ALA R 358 17.57 31.72 100.48
N ASP R 359 17.91 30.68 101.24
CA ASP R 359 19.22 30.03 101.15
C ASP R 359 19.03 28.52 101.11
N ILE R 360 19.91 27.83 100.38
CA ILE R 360 19.91 26.38 100.32
C ILE R 360 21.31 25.89 100.64
N THR R 361 21.42 24.93 101.55
CA THR R 361 22.70 24.36 101.95
C THR R 361 22.79 22.92 101.45
N ALA R 362 23.84 22.63 100.69
CA ALA R 362 24.10 21.30 100.17
C ALA R 362 25.24 20.68 100.96
N SER R 363 25.01 19.48 101.47
CA SER R 363 25.99 18.74 102.26
C SER R 363 26.38 17.47 101.53
N TYR R 364 27.68 17.18 101.53
CA TYR R 364 28.24 16.01 100.86
C TYR R 364 29.16 15.28 101.83
N VAL R 365 28.94 13.98 102.00
CA VAL R 365 29.82 13.19 102.86
C VAL R 365 31.16 12.99 102.15
N PRO R 366 32.28 13.28 102.81
CA PRO R 366 33.58 13.11 102.16
C PRO R 366 33.95 11.64 102.03
N PRO R 367 34.55 11.23 100.91
CA PRO R 367 35.02 9.85 100.79
C PRO R 367 36.04 9.46 101.85
N GLN R 368 36.89 10.41 102.26
CA GLN R 368 37.89 10.11 103.29
C GLN R 368 37.26 9.95 104.67
N GLY R 369 36.02 10.39 104.85
CA GLY R 369 35.36 10.29 106.14
C GLY R 369 35.49 11.56 106.96
N GLY R 370 34.63 11.67 107.97
CA GLY R 370 34.63 12.83 108.84
C GLY R 370 33.41 13.70 108.66
N THR R 371 33.54 14.99 108.95
CA THR R 371 32.43 15.91 108.81
C THR R 371 32.09 16.11 107.34
N ALA R 372 30.79 16.26 107.06
CA ALA R 372 30.33 16.46 105.69
C ALA R 372 30.58 17.89 105.24
N LYS R 373 31.13 18.05 104.04
CA LYS R 373 31.39 19.38 103.51
C LYS R 373 30.07 20.04 103.12
N THR R 374 29.87 21.28 103.55
CA THR R 374 28.63 22.00 103.33
C THR R 374 28.91 23.29 102.56
N ALA R 375 27.99 23.62 101.64
CA ALA R 375 28.07 24.85 100.87
C ALA R 375 26.69 25.46 100.76
N THR R 376 26.59 26.75 101.08
CA THR R 376 25.31 27.45 101.11
C THR R 376 25.26 28.45 99.96
N VAL R 377 24.15 28.45 99.22
CA VAL R 377 23.94 29.35 98.09
C VAL R 377 22.60 30.03 98.24
N THR R 378 22.58 31.35 98.04
CA THR R 378 21.35 32.12 98.12
C THR R 378 20.54 31.99 96.82
N VAL R 379 19.24 32.23 96.95
CA VAL R 379 18.31 32.18 95.84
C VAL R 379 17.36 33.37 95.97
N THR R 380 17.01 33.98 94.83
CA THR R 380 16.11 35.12 94.77
C THR R 380 14.94 34.76 93.86
N VAL R 381 13.90 34.19 94.45
CA VAL R 381 12.72 33.77 93.69
C VAL R 381 11.92 35.01 93.30
N PRO R 382 11.71 35.26 91.99
CA PRO R 382 10.98 36.43 91.50
C PRO R 382 9.50 36.42 91.89
N ILE S 4 -6.70 88.43 -70.12
CA ILE S 4 -6.59 88.36 -68.67
C ILE S 4 -6.40 86.91 -68.23
N PHE S 5 -5.15 86.46 -68.18
CA PHE S 5 -4.84 85.09 -67.80
C PHE S 5 -5.19 84.85 -66.35
N VAL S 6 -6.13 83.92 -66.12
CA VAL S 6 -6.50 83.55 -64.75
C VAL S 6 -5.36 82.75 -64.13
N LYS S 7 -5.05 83.05 -62.87
CA LYS S 7 -3.89 82.50 -62.19
C LYS S 7 -4.31 81.93 -60.85
N PRO S 8 -3.57 80.94 -60.34
CA PRO S 8 -3.87 80.40 -59.00
C PRO S 8 -3.42 81.35 -57.90
N GLU S 9 -3.52 80.92 -56.65
CA GLU S 9 -2.99 81.67 -55.52
C GLU S 9 -1.70 81.01 -55.02
N LEU S 10 -1.04 81.69 -54.09
CA LEU S 10 0.23 81.20 -53.53
C LEU S 10 0.28 81.53 -52.05
N VAL S 11 0.32 80.49 -51.21
CA VAL S 11 0.52 80.63 -49.78
C VAL S 11 1.80 79.88 -49.43
N ALA S 12 2.77 80.61 -48.88
CA ALA S 12 4.09 80.06 -48.56
C ALA S 12 4.40 80.28 -47.09
N GLU S 13 5.58 79.80 -46.67
CA GLU S 13 6.02 79.92 -45.28
C GLU S 13 7.53 79.79 -45.26
N ILE S 14 8.23 80.89 -44.98
CA ILE S 14 9.69 80.92 -44.99
C ILE S 14 10.16 81.61 -43.71
N GLY S 15 10.47 80.81 -42.69
CA GLY S 15 11.12 81.31 -41.48
C GLY S 15 10.35 82.40 -40.75
N VAL S 16 9.03 82.44 -40.87
CA VAL S 16 8.20 83.41 -40.18
C VAL S 16 7.53 82.70 -39.01
N LYS S 17 8.15 82.78 -37.84
CA LYS S 17 7.67 82.13 -36.63
C LYS S 17 7.11 83.17 -35.67
N GLN S 18 5.91 82.92 -35.15
CA GLN S 18 5.33 83.80 -34.15
C GLN S 18 6.14 83.75 -32.86
N LEU S 19 6.36 84.93 -32.27
CA LEU S 19 7.15 85.02 -31.05
C LEU S 19 6.43 84.32 -29.90
N GLN S 20 7.18 83.53 -29.13
CA GLN S 20 6.64 82.77 -28.01
C GLN S 20 7.59 82.88 -26.83
N ARG S 21 7.18 82.33 -25.70
CA ARG S 21 7.98 82.38 -24.49
C ARG S 21 9.08 81.31 -24.52
N GLU S 22 9.85 81.24 -23.45
CA GLU S 22 10.94 80.29 -23.31
C GLU S 22 10.74 79.46 -22.04
N ILE S 23 10.86 78.14 -22.16
CA ILE S 23 10.67 77.23 -21.04
C ILE S 23 12.00 77.14 -20.30
N VAL S 24 12.16 77.98 -19.28
CA VAL S 24 13.33 77.97 -18.42
C VAL S 24 12.98 77.69 -16.96
N LEU S 25 11.87 78.25 -16.49
CA LEU S 25 11.46 78.03 -15.10
C LEU S 25 11.22 76.56 -14.75
N PRO S 26 10.53 75.75 -15.57
CA PRO S 26 10.40 74.32 -15.24
C PRO S 26 11.76 73.65 -15.17
N GLY S 27 11.87 72.68 -14.25
CA GLY S 27 13.11 71.99 -14.01
C GLY S 27 13.98 72.60 -12.93
N LEU S 28 13.62 73.77 -12.41
CA LEU S 28 14.36 74.42 -11.33
C LEU S 28 13.61 74.36 -10.00
N VAL S 29 12.57 73.53 -9.90
CA VAL S 29 11.79 73.41 -8.68
C VAL S 29 11.71 71.94 -8.28
N TRP S 30 11.40 71.72 -7.01
CA TRP S 30 11.32 70.37 -6.46
C TRP S 30 9.98 69.76 -6.87
N THR S 31 10.02 68.90 -7.88
CA THR S 31 8.82 68.25 -8.38
C THR S 31 8.66 66.87 -7.73
N ASN S 32 7.44 66.57 -7.29
CA ASN S 32 7.15 65.32 -6.60
C ASN S 32 6.00 64.62 -7.30
N PRO S 33 6.17 63.34 -7.65
CA PRO S 33 5.05 62.60 -8.26
C PRO S 33 3.95 62.32 -7.25
N LEU S 34 2.74 62.15 -7.77
CA LEU S 34 1.56 61.87 -6.96
C LEU S 34 1.34 62.94 -5.90
N ASP S 43 -4.04 61.40 -3.87
CA ASP S 43 -4.81 62.23 -2.94
C ASP S 43 -3.98 63.41 -2.43
N THR S 44 -3.07 63.13 -1.51
CA THR S 44 -2.21 64.17 -0.95
C THR S 44 -0.88 63.55 -0.55
N ILE S 45 0.14 64.41 -0.42
CA ILE S 45 1.48 64.00 -0.04
C ILE S 45 1.88 64.76 1.21
N THR S 46 2.29 64.03 2.24
CA THR S 46 2.72 64.61 3.51
C THR S 46 4.22 64.40 3.67
N VAL S 47 4.93 65.47 4.06
CA VAL S 47 6.37 65.45 4.23
C VAL S 47 6.67 65.65 5.71
N ARG S 48 7.46 64.74 6.28
CA ARG S 48 7.78 64.79 7.71
C ARG S 48 8.86 65.83 7.98
N VAL S 49 8.71 66.55 9.09
CA VAL S 49 9.66 67.56 9.53
C VAL S 49 10.41 66.98 10.74
N PRO S 50 11.72 66.72 10.63
CA PRO S 50 12.46 66.19 11.78
C PRO S 50 12.53 67.20 12.92
N ALA S 51 12.57 66.67 14.14
CA ALA S 51 12.58 67.49 15.34
C ALA S 51 14.01 67.80 15.77
N ILE S 52 14.16 68.91 16.49
CA ILE S 52 15.44 69.34 17.05
C ILE S 52 15.26 69.50 18.55
N THR S 53 16.11 68.83 19.33
CA THR S 53 16.04 68.87 20.78
C THR S 53 16.83 70.06 21.33
N THR S 54 16.86 70.17 22.65
CA THR S 54 17.58 71.24 23.33
C THR S 54 18.36 70.66 24.50
N ALA S 55 19.42 71.36 24.89
CA ALA S 55 20.29 70.94 25.97
C ALA S 55 20.23 71.95 27.12
N ASN S 56 20.78 71.55 28.26
CA ASN S 56 20.79 72.37 29.45
C ASN S 56 22.16 72.28 30.11
N ARG S 57 22.48 73.29 30.90
CA ARG S 57 23.78 73.39 31.58
C ARG S 57 23.59 73.33 33.08
N ARG S 58 24.51 72.65 33.76
CA ARG S 58 24.45 72.46 35.21
C ARG S 58 25.86 72.60 35.78
N ASP S 59 25.96 73.19 36.96
CA ASP S 59 27.24 73.35 37.62
C ASP S 59 27.70 72.03 38.25
N LEU S 60 29.02 71.89 38.37
CA LEU S 60 29.60 70.66 38.92
C LEU S 60 29.35 70.55 40.42
N ARG S 61 29.06 69.33 40.86
CA ARG S 61 28.91 69.00 42.28
C ARG S 61 27.90 69.90 42.99
N ASP S 62 26.81 70.21 42.30
CA ASP S 62 25.73 70.94 42.96
C ASP S 62 24.97 70.01 43.89
N PRO S 63 24.57 70.50 45.08
CA PRO S 63 23.82 69.64 46.00
C PRO S 63 22.54 69.07 45.40
N ASP S 64 21.84 69.85 44.57
CA ASP S 64 20.66 69.38 43.89
C ASP S 64 21.05 68.67 42.59
N ARG S 65 20.39 67.54 42.33
CA ARG S 65 20.73 66.68 41.20
C ARG S 65 19.57 66.56 40.22
N THR S 66 18.93 67.68 39.89
CA THR S 66 17.82 67.68 38.95
C THR S 66 18.33 67.87 37.52
N VAL S 67 17.57 67.35 36.57
CA VAL S 67 17.86 67.48 35.15
C VAL S 67 16.57 67.83 34.42
N ILE S 68 16.67 68.73 33.44
CA ILE S 68 15.53 69.17 32.65
C ILE S 68 15.50 68.38 31.35
N ALA S 69 14.37 67.73 31.08
CA ALA S 69 14.23 66.92 29.87
C ALA S 69 13.99 67.82 28.66
N SER S 70 13.79 67.19 27.50
CA SER S 70 13.55 67.93 26.27
C SER S 70 12.24 67.51 25.64
N GLU S 71 11.96 68.01 24.43
CA GLU S 71 10.71 67.75 23.73
C GLU S 71 11.01 67.25 22.32
N LEU S 72 10.07 66.48 21.78
CA LEU S 72 10.24 65.83 20.48
C LEU S 72 8.98 66.00 19.63
N VAL S 73 8.47 67.23 19.53
CA VAL S 73 7.31 67.47 18.67
C VAL S 73 7.71 67.25 17.22
N GLU S 74 6.90 66.49 16.49
CA GLU S 74 7.18 66.13 15.11
C GLU S 74 6.20 66.87 14.20
N HIS S 75 6.65 68.00 13.66
CA HIS S 75 5.82 68.74 12.72
C HIS S 75 5.72 68.00 11.39
N SER S 76 4.69 68.34 10.63
CA SER S 76 4.48 67.73 9.33
C SER S 76 3.82 68.74 8.40
N PHE S 77 4.07 68.58 7.10
CA PHE S 77 3.49 69.41 6.07
C PHE S 77 2.50 68.59 5.25
N GLY S 78 1.92 69.22 4.23
CA GLY S 78 0.97 68.56 3.38
C GLY S 78 0.67 69.31 2.10
N VAL S 79 0.73 68.62 0.97
CA VAL S 79 0.41 69.18 -0.33
C VAL S 79 -0.66 68.32 -0.98
N THR S 80 -1.68 68.96 -1.53
CA THR S 80 -2.78 68.29 -2.20
C THR S 80 -2.93 68.83 -3.61
N LEU S 81 -3.38 67.97 -4.52
CA LEU S 81 -3.57 68.35 -5.91
C LEU S 81 -4.87 69.14 -6.03
N ASP S 82 -4.75 70.44 -6.32
CA ASP S 82 -5.89 71.33 -6.38
C ASP S 82 -6.11 71.97 -7.73
N LYS S 83 -5.22 71.76 -8.70
CA LYS S 83 -5.36 72.36 -10.02
C LYS S 83 -5.30 71.29 -11.09
N HIS S 84 -5.98 71.55 -12.21
CA HIS S 84 -6.06 70.62 -13.33
C HIS S 84 -5.66 71.38 -14.60
N VAL S 85 -4.40 71.25 -15.00
CA VAL S 85 -3.91 71.93 -16.20
C VAL S 85 -4.38 71.14 -17.40
N TYR S 86 -5.06 71.80 -18.33
CA TYR S 86 -5.63 71.09 -19.47
C TYR S 86 -5.61 71.97 -20.71
N ALA S 87 -5.56 71.31 -21.86
CA ALA S 87 -5.69 71.96 -23.16
C ALA S 87 -6.56 71.09 -24.04
N ALA S 88 -7.67 71.64 -24.50
CA ALA S 88 -8.68 70.90 -25.26
C ALA S 88 -8.83 71.48 -26.65
N LEU S 89 -8.86 70.61 -27.66
CA LEU S 89 -9.06 71.00 -29.05
C LEU S 89 -10.22 70.20 -29.61
N LYS S 90 -11.19 70.89 -30.22
CA LYS S 90 -12.37 70.27 -30.79
C LYS S 90 -12.36 70.47 -32.30
N PHE S 91 -12.56 69.39 -33.05
CA PHE S 91 -12.58 69.48 -34.50
C PHE S 91 -13.39 68.33 -35.08
N THR S 92 -14.20 68.65 -36.08
CA THR S 92 -15.05 67.68 -36.74
C THR S 92 -14.29 67.00 -37.88
N ASP S 93 -14.96 66.02 -38.50
CA ASP S 93 -14.34 65.32 -39.63
C ASP S 93 -14.17 66.24 -40.83
N GLU S 94 -15.02 67.27 -40.95
CA GLU S 94 -14.86 68.24 -42.03
C GLU S 94 -13.52 68.95 -41.92
N GLN S 95 -13.14 69.34 -40.70
CA GLN S 95 -11.82 69.94 -40.50
C GLN S 95 -10.72 68.89 -40.51
N ARG S 96 -11.00 67.69 -39.98
CA ARG S 96 -9.98 66.66 -39.88
C ARG S 96 -9.49 66.21 -41.26
N THR S 97 -10.42 66.03 -42.20
CA THR S 97 -10.08 65.41 -43.47
C THR S 97 -9.76 66.43 -44.55
N LEU S 98 -10.22 67.67 -44.42
CA LEU S 98 -10.03 68.67 -45.47
C LEU S 98 -8.85 69.61 -45.21
N ASP S 99 -8.85 70.32 -44.09
CA ASP S 99 -7.87 71.37 -43.83
C ASP S 99 -6.98 71.05 -42.63
N ILE S 100 -6.70 69.76 -42.42
CA ILE S 100 -5.69 69.32 -41.46
C ILE S 100 -4.73 68.40 -42.20
N ARG S 101 -3.45 68.81 -42.26
CA ARG S 101 -2.44 68.05 -42.97
C ARG S 101 -1.71 67.04 -42.09
N ASP S 102 -1.65 67.27 -40.78
CA ASP S 102 -1.01 66.37 -39.84
C ASP S 102 -1.36 66.82 -38.42
N TYR S 103 -0.97 66.00 -37.45
CA TYR S 103 -1.13 66.33 -36.04
C TYR S 103 0.13 66.91 -35.41
N THR S 104 1.31 66.46 -35.85
CA THR S 104 2.55 66.87 -35.22
C THR S 104 2.79 68.36 -35.33
N LYS S 105 2.70 68.90 -36.54
CA LYS S 105 2.99 70.31 -36.79
C LYS S 105 1.76 71.20 -36.77
N GLN S 106 0.59 70.65 -36.45
CA GLN S 106 -0.64 71.44 -36.44
C GLN S 106 -1.51 71.22 -35.20
N VAL S 107 -1.38 70.10 -34.50
CA VAL S 107 -2.22 69.78 -33.34
C VAL S 107 -1.37 69.44 -32.12
N LEU S 108 -0.42 68.52 -32.27
CA LEU S 108 0.32 68.02 -31.11
C LEU S 108 1.26 69.09 -30.55
N MET S 109 2.16 69.61 -31.39
CA MET S 109 3.13 70.59 -30.91
C MET S 109 2.48 71.86 -30.37
N PRO S 110 1.50 72.49 -31.03
CA PRO S 110 0.84 73.64 -30.39
C PRO S 110 0.21 73.31 -29.05
N GLN S 111 -0.40 72.13 -28.91
CA GLN S 111 -1.02 71.76 -27.64
C GLN S 111 0.02 71.59 -26.54
N VAL S 112 1.13 70.90 -26.85
CA VAL S 112 2.16 70.70 -25.83
C VAL S 112 2.84 72.03 -25.50
N SER S 113 2.99 72.93 -26.48
CA SER S 113 3.55 74.25 -26.19
C SER S 113 2.63 75.05 -25.28
N ALA S 114 1.31 75.01 -25.54
CA ALA S 114 0.38 75.70 -24.67
C ALA S 114 0.39 75.12 -23.26
N VAL S 115 0.44 73.80 -23.14
CA VAL S 115 0.49 73.16 -21.83
C VAL S 115 1.76 73.56 -21.08
N ALA S 116 2.90 73.55 -21.78
CA ALA S 116 4.17 73.93 -21.16
C ALA S 116 4.15 75.38 -20.70
N TYR S 117 3.61 76.27 -21.53
CA TYR S 117 3.56 77.69 -21.16
C TYR S 117 2.61 77.91 -19.99
N GLU S 118 1.48 77.21 -19.96
CA GLU S 118 0.57 77.33 -18.82
C GLU S 118 1.22 76.80 -17.55
N LEU S 119 1.97 75.70 -17.65
CA LEU S 119 2.68 75.18 -16.48
C LEU S 119 3.75 76.16 -16.01
N GLU S 120 4.45 76.80 -16.95
CA GLU S 120 5.44 77.82 -16.57
C GLU S 120 4.76 79.00 -15.88
N ASP S 121 3.60 79.42 -16.37
CA ASP S 121 2.86 80.49 -15.71
C ASP S 121 2.41 80.06 -14.31
N TYR S 122 2.00 78.80 -14.16
CA TYR S 122 1.64 78.29 -12.84
C TYR S 122 2.82 78.31 -11.89
N ILE S 123 4.00 77.92 -12.37
CA ILE S 123 5.21 77.95 -11.54
C ILE S 123 5.56 79.38 -11.19
N ALA S 124 5.40 80.31 -12.13
CA ALA S 124 5.67 81.73 -11.85
C ALA S 124 4.72 82.26 -10.79
N GLU S 125 3.44 81.90 -10.87
CA GLU S 125 2.48 82.30 -9.83
C GLU S 125 2.85 81.69 -8.49
N LEU S 126 3.33 80.45 -8.48
CA LEU S 126 3.80 79.84 -7.24
C LEU S 126 4.97 80.63 -6.66
N ILE S 127 5.91 81.04 -7.50
CA ILE S 127 7.07 81.78 -7.01
C ILE S 127 6.66 83.14 -6.47
N GLU S 128 5.85 83.88 -7.23
CA GLU S 128 5.42 85.21 -6.78
C GLU S 128 4.43 85.13 -5.63
N GLY S 129 3.56 84.12 -5.62
CA GLY S 129 2.57 83.99 -4.58
C GLY S 129 3.11 83.38 -3.30
N ALA S 130 4.01 84.10 -2.64
CA ALA S 130 4.61 83.63 -1.39
C ALA S 130 4.55 84.74 -0.35
N PRO S 131 4.42 84.37 0.93
CA PRO S 131 4.41 85.39 2.01
C PRO S 131 5.80 85.88 2.36
N TYR S 132 6.34 86.74 1.49
CA TYR S 132 7.68 87.28 1.70
C TYR S 132 7.66 88.27 2.86
N GLU S 133 8.61 88.10 3.79
CA GLU S 133 8.69 88.99 4.95
C GLU S 133 9.04 90.42 4.55
N GLU S 134 10.02 90.59 3.66
CA GLU S 134 10.26 91.89 3.03
C GLU S 134 11.04 91.67 1.74
N THR S 135 11.22 92.76 1.00
CA THR S 135 11.97 92.75 -0.24
C THR S 135 13.06 93.81 -0.19
N ILE S 136 14.17 93.53 -0.87
CA ILE S 136 15.29 94.46 -0.93
C ILE S 136 15.03 95.47 -2.04
N LEU S 137 15.12 96.76 -1.69
CA LEU S 137 14.91 97.84 -2.65
C LEU S 137 16.20 98.06 -3.42
N ILE S 138 16.23 97.65 -4.68
CA ILE S 138 17.42 97.75 -5.51
C ILE S 138 17.50 99.17 -6.07
N ASP S 139 18.45 99.94 -5.58
CA ASP S 139 18.66 101.30 -6.08
C ASP S 139 19.19 101.25 -7.51
N PRO S 140 18.65 102.03 -8.43
CA PRO S 140 19.24 102.11 -9.77
C PRO S 140 20.70 102.54 -9.69
N ALA S 141 21.56 101.79 -10.38
CA ALA S 141 23.02 101.90 -10.29
C ALA S 141 23.49 101.48 -8.90
N ASP S 142 24.69 100.91 -8.81
CA ASP S 142 25.20 100.31 -7.58
C ASP S 142 24.19 99.30 -7.03
N THR S 143 23.88 98.31 -7.86
CA THR S 143 22.85 97.33 -7.55
C THR S 143 23.38 96.10 -6.83
N VAL S 144 24.69 95.87 -6.84
CA VAL S 144 25.27 94.69 -6.20
C VAL S 144 25.15 94.75 -4.67
N PRO S 145 25.12 95.93 -4.00
CA PRO S 145 24.81 95.90 -2.57
C PRO S 145 23.46 95.28 -2.25
N ALA S 146 22.47 95.44 -3.14
CA ALA S 146 21.18 94.78 -2.92
C ALA S 146 21.31 93.27 -2.92
N PHE S 147 22.08 92.73 -3.87
CA PHE S 147 22.27 91.28 -3.92
C PHE S 147 23.09 90.79 -2.73
N ILE S 148 24.08 91.58 -2.29
CA ILE S 148 24.85 91.21 -1.10
C ILE S 148 23.96 91.20 0.14
N THR S 149 23.08 92.19 0.25
CA THR S 149 22.14 92.23 1.38
C THR S 149 21.19 91.04 1.34
N ALA S 150 20.70 90.67 0.15
CA ALA S 150 19.86 89.49 0.03
C ALA S 150 20.61 88.23 0.43
N ASP S 151 21.87 88.11 0.01
CA ASP S 151 22.68 86.96 0.38
C ASP S 151 22.89 86.89 1.89
N GLN S 152 23.14 88.04 2.52
CA GLN S 152 23.31 88.07 3.98
C GLN S 152 22.01 87.70 4.70
N ARG S 153 20.88 88.23 4.21
CA ARG S 153 19.60 87.93 4.84
C ARG S 153 19.23 86.47 4.68
N MET S 154 19.63 85.84 3.58
CA MET S 154 19.52 84.39 3.48
C MET S 154 20.55 83.68 4.36
N GLY S 155 21.70 84.32 4.60
CA GLY S 155 22.70 83.72 5.46
C GLY S 155 22.23 83.58 6.90
N GLU S 156 21.51 84.58 7.40
CA GLU S 156 20.84 84.38 8.69
C GLU S 156 19.81 83.26 8.56
N ALA S 157 19.57 82.58 9.69
CA ALA S 157 18.80 81.33 9.81
C ALA S 157 19.54 80.15 9.21
N ASN S 158 20.77 80.34 8.72
CA ASN S 158 21.63 79.24 8.25
C ASN S 158 21.01 78.48 7.09
N VAL S 159 20.54 79.22 6.09
CA VAL S 159 20.09 78.60 4.84
C VAL S 159 21.33 78.15 4.05
N PRO S 160 21.37 76.92 3.56
CA PRO S 160 22.55 76.46 2.81
C PRO S 160 22.81 77.33 1.59
N THR S 161 24.09 77.61 1.35
CA THR S 161 24.47 78.45 0.22
C THR S 161 24.41 77.69 -1.10
N ASP S 162 24.73 76.40 -1.10
CA ASP S 162 24.71 75.62 -2.32
C ASP S 162 23.28 75.37 -2.78
N SER S 163 23.13 75.03 -4.06
CA SER S 163 21.84 74.74 -4.68
C SER S 163 20.88 75.93 -4.51
N ARG S 164 21.38 77.14 -4.72
CA ARG S 164 20.59 78.35 -4.65
C ARG S 164 20.31 78.83 -6.07
N ARG S 165 19.04 79.05 -6.39
CA ARG S 165 18.63 79.48 -7.72
C ARG S 165 18.19 80.94 -7.65
N LEU S 166 18.82 81.77 -8.46
CA LEU S 166 18.49 83.19 -8.56
C LEU S 166 17.98 83.48 -9.96
N VAL S 167 16.78 84.05 -10.04
CA VAL S 167 16.14 84.36 -11.31
C VAL S 167 15.79 85.84 -11.31
N VAL S 168 16.19 86.55 -12.37
CA VAL S 168 15.94 87.98 -12.50
C VAL S 168 15.14 88.23 -13.78
N GLY S 169 14.43 89.34 -13.79
CA GLY S 169 13.63 89.72 -14.93
C GLY S 169 14.39 90.57 -15.94
N SER S 170 13.65 91.03 -16.94
CA SER S 170 14.26 91.87 -17.98
C SER S 170 14.75 93.19 -17.40
N ALA S 171 13.93 93.82 -16.55
CA ALA S 171 14.33 95.10 -15.96
C ALA S 171 15.51 94.93 -15.02
N VAL S 172 15.52 93.85 -14.22
CA VAL S 172 16.63 93.61 -13.32
C VAL S 172 17.92 93.35 -14.10
N ALA S 173 17.84 92.56 -15.17
CA ALA S 173 19.02 92.31 -15.99
C ALA S 173 19.51 93.59 -16.66
N ALA S 174 18.58 94.43 -17.14
CA ALA S 174 18.96 95.70 -17.74
C ALA S 174 19.65 96.61 -16.73
N ALA S 175 19.13 96.65 -15.50
CA ALA S 175 19.76 97.45 -14.45
C ALA S 175 21.14 96.90 -14.10
N LEU S 176 21.28 95.58 -14.06
CA LEU S 176 22.59 94.98 -13.79
C LEU S 176 23.59 95.33 -14.88
N ALA S 177 23.16 95.30 -16.14
CA ALA S 177 24.03 95.71 -17.23
C ALA S 177 24.39 97.19 -17.13
N LYS S 178 23.41 98.03 -16.78
CA LYS S 178 23.64 99.46 -16.64
C LYS S 178 24.40 99.82 -15.36
N ASP S 179 24.57 98.88 -14.45
CA ASP S 179 25.24 99.17 -13.19
C ASP S 179 26.70 99.56 -13.43
N LYS S 180 27.15 100.59 -12.72
CA LYS S 180 28.54 101.04 -12.84
C LYS S 180 29.51 99.99 -12.31
N GLN S 181 29.05 99.13 -11.40
CA GLN S 181 29.93 98.09 -10.86
C GLN S 181 30.38 97.12 -11.94
N PHE S 182 29.47 96.75 -12.84
CA PHE S 182 29.79 95.79 -13.89
C PHE S 182 30.19 96.46 -15.20
N ARG S 183 29.66 97.65 -15.48
CA ARG S 183 29.95 98.32 -16.75
C ARG S 183 31.39 98.79 -16.81
N HIS S 184 31.88 99.41 -15.73
CA HIS S 184 33.24 99.92 -15.70
C HIS S 184 34.22 98.76 -15.59
N ALA S 185 35.11 98.63 -16.56
CA ALA S 185 36.04 97.50 -16.57
C ALA S 185 36.97 97.54 -15.37
N ASP S 186 37.45 98.73 -15.00
CA ASP S 186 38.30 98.85 -13.82
C ASP S 186 37.54 98.46 -12.56
N TRP S 187 36.28 98.86 -12.45
CA TRP S 187 35.46 98.49 -11.30
C TRP S 187 34.99 97.04 -11.37
N SER S 188 34.70 96.53 -12.57
CA SER S 188 34.30 95.14 -12.70
C SER S 188 35.45 94.18 -12.44
N GLY S 189 36.66 94.57 -12.82
CA GLY S 189 37.83 93.73 -12.64
C GLY S 189 38.08 92.74 -13.76
N ASP S 190 37.18 92.64 -14.73
CA ASP S 190 37.32 91.72 -15.85
C ASP S 190 37.81 92.50 -17.07
N GLN S 191 38.93 92.08 -17.64
CA GLN S 191 39.45 92.74 -18.83
C GLN S 191 38.55 92.54 -20.05
N ALA S 192 37.68 91.54 -20.03
CA ALA S 192 36.77 91.32 -21.15
C ALA S 192 35.71 92.40 -21.22
N ASN S 193 35.26 92.92 -20.07
CA ASN S 193 34.21 93.94 -19.99
C ASN S 193 32.94 93.47 -20.71
N ALA S 194 32.36 92.41 -20.14
CA ALA S 194 31.19 91.79 -20.74
C ALA S 194 30.01 92.75 -20.85
N ALA S 195 29.92 93.73 -19.95
CA ALA S 195 28.81 94.67 -19.99
C ALA S 195 28.86 95.53 -21.24
N LEU S 196 30.03 96.13 -21.53
CA LEU S 196 30.18 96.89 -22.76
C LEU S 196 30.08 95.98 -23.99
N ARG S 197 30.67 94.79 -23.91
CA ARG S 197 30.59 93.79 -24.96
C ARG S 197 29.26 93.05 -24.87
N GLU S 198 29.17 91.89 -25.53
CA GLU S 198 27.95 91.07 -25.57
C GLU S 198 27.26 91.03 -24.22
N ALA S 199 25.98 91.42 -24.22
CA ALA S 199 25.25 91.67 -22.97
C ALA S 199 25.09 90.38 -22.18
N HIS S 200 25.82 90.29 -21.07
CA HIS S 200 25.70 89.16 -20.15
C HIS S 200 26.35 89.51 -18.82
N VAL S 201 25.62 89.32 -17.72
CA VAL S 201 26.17 89.63 -16.39
C VAL S 201 27.09 88.52 -15.92
N GLY S 202 26.69 87.26 -16.12
CA GLY S 202 27.48 86.14 -15.69
C GLY S 202 27.24 85.76 -14.24
N ARG S 203 28.30 85.35 -13.54
CA ARG S 203 28.18 84.96 -12.15
C ARG S 203 28.12 86.20 -11.25
N LEU S 204 27.05 86.31 -10.47
CA LEU S 204 26.84 87.44 -9.57
C LEU S 204 26.68 86.91 -8.15
N ALA S 205 27.41 87.50 -7.21
CA ALA S 205 27.42 87.09 -5.80
C ALA S 205 27.91 85.65 -5.74
N GLY S 206 27.26 84.76 -5.01
CA GLY S 206 27.73 83.39 -4.88
C GLY S 206 26.98 82.39 -5.74
N MET S 207 26.27 82.87 -6.76
CA MET S 207 25.49 82.00 -7.62
C MET S 207 25.50 82.58 -9.04
N ASN S 208 24.80 81.90 -9.93
CA ASN S 208 24.68 82.35 -11.32
C ASN S 208 23.43 83.22 -11.49
N VAL S 209 23.24 83.74 -12.69
CA VAL S 209 22.10 84.59 -13.02
C VAL S 209 21.27 83.88 -14.08
N ILE S 210 19.97 83.74 -13.83
CA ILE S 210 19.04 83.10 -14.74
C ILE S 210 18.09 84.16 -15.25
N ARG S 211 18.00 84.29 -16.58
CA ARG S 211 17.14 85.28 -17.22
C ARG S 211 15.86 84.60 -17.69
N SER S 212 14.73 85.05 -17.17
CA SER S 212 13.42 84.51 -17.52
C SER S 212 12.45 85.63 -17.79
N ASN S 213 11.69 85.52 -18.87
CA ASN S 213 10.66 86.48 -19.21
C ASN S 213 9.29 86.13 -18.64
N ALA S 214 9.15 84.94 -18.05
CA ALA S 214 7.86 84.56 -17.46
C ALA S 214 7.54 85.40 -16.24
N ILE S 215 8.52 85.64 -15.38
CA ILE S 215 8.33 86.42 -14.17
C ILE S 215 8.30 87.90 -14.53
N ALA S 216 7.87 88.73 -13.58
CA ALA S 216 7.85 90.17 -13.83
C ALA S 216 9.26 90.69 -14.02
N PRO S 217 9.50 91.53 -15.04
CA PRO S 217 10.86 92.03 -15.28
C PRO S 217 11.43 92.84 -14.13
N ASP S 218 10.58 93.54 -13.37
CA ASP S 218 11.04 94.39 -12.28
C ASP S 218 11.27 93.62 -10.97
N LYS S 219 10.98 92.32 -10.95
CA LYS S 219 11.12 91.53 -9.74
C LYS S 219 12.11 90.39 -9.97
N ALA S 220 12.81 90.01 -8.90
CA ALA S 220 13.74 88.89 -8.93
C ALA S 220 13.52 88.03 -7.69
N TYR S 221 13.88 86.75 -7.80
CA TYR S 221 13.68 85.82 -6.70
C TYR S 221 14.90 84.92 -6.54
N LEU S 222 15.38 84.79 -5.30
CA LEU S 222 16.46 83.89 -4.95
C LEU S 222 15.94 82.88 -3.94
N TRP S 223 15.96 81.60 -4.30
CA TRP S 223 15.34 80.58 -3.48
C TRP S 223 16.23 79.34 -3.41
N HIS S 224 16.05 78.59 -2.33
CA HIS S 224 16.72 77.31 -2.15
C HIS S 224 15.93 76.20 -2.82
N ARG S 225 16.65 75.15 -3.25
CA ARG S 225 16.02 74.04 -3.96
C ARG S 225 14.99 73.33 -3.09
N THR S 226 15.19 73.33 -1.77
CA THR S 226 14.25 72.65 -0.88
C THR S 226 12.87 73.29 -0.94
N ALA S 227 12.81 74.62 -0.98
CA ALA S 227 11.54 75.32 -0.97
C ALA S 227 10.93 75.35 -2.38
N PHE S 228 9.71 75.89 -2.45
CA PHE S 228 8.98 76.04 -3.71
C PHE S 228 8.80 74.70 -4.41
N ILE S 229 8.05 73.82 -3.76
CA ILE S 229 7.81 72.48 -4.27
C ILE S 229 6.53 72.47 -5.09
N LEU S 230 6.44 71.47 -5.97
CA LEU S 230 5.26 71.26 -6.81
C LEU S 230 4.96 69.78 -6.87
N ALA S 231 3.69 69.44 -7.06
CA ALA S 231 3.26 68.05 -7.12
C ALA S 231 2.57 67.76 -8.44
N TYR S 232 2.89 66.63 -9.05
CA TYR S 232 2.27 66.20 -10.29
C TYR S 232 1.74 64.78 -10.14
N ARG S 233 0.68 64.47 -10.87
CA ARG S 233 -0.02 63.19 -10.74
C ARG S 233 0.05 62.31 -11.98
N THR S 234 -0.02 62.88 -13.18
CA THR S 234 -0.13 62.13 -14.42
C THR S 234 -1.29 61.15 -14.35
N PRO S 235 -2.54 61.62 -14.44
CA PRO S 235 -3.70 60.74 -14.23
C PRO S 235 -3.82 59.64 -15.26
N VAL S 236 -4.79 58.74 -15.08
CA VAL S 236 -5.01 57.60 -15.95
C VAL S 236 -6.15 57.91 -16.91
N VAL S 237 -6.13 57.27 -18.06
CA VAL S 237 -7.15 57.47 -19.10
C VAL S 237 -8.47 56.87 -18.64
N PRO S 238 -9.61 57.39 -19.08
CA PRO S 238 -10.90 56.79 -18.71
C PRO S 238 -11.21 55.52 -19.50
N GLU S 239 -12.42 54.99 -19.31
CA GLU S 239 -12.80 53.75 -20.00
C GLU S 239 -12.81 53.92 -21.51
N GLY S 240 -13.28 55.07 -22.00
CA GLY S 240 -13.27 55.31 -23.43
C GLY S 240 -11.87 55.30 -24.01
N ALA S 241 -10.92 55.91 -23.31
CA ALA S 241 -9.50 55.90 -23.68
C ALA S 241 -9.27 56.37 -25.10
N LYS S 242 -8.95 55.43 -25.99
CA LYS S 242 -8.57 55.75 -27.38
C LYS S 242 -7.43 56.76 -27.40
N ALA S 243 -6.46 56.55 -26.52
CA ALA S 243 -5.34 57.49 -26.33
C ALA S 243 -4.27 57.26 -27.39
N GLY S 244 -3.21 58.06 -27.31
CA GLY S 244 -2.07 57.98 -28.20
C GLY S 244 -0.78 57.88 -27.42
N ALA S 245 0.30 58.35 -28.04
CA ALA S 245 1.61 58.32 -27.43
C ALA S 245 1.74 59.41 -26.36
N SER S 246 2.75 59.26 -25.51
CA SER S 246 3.02 60.21 -24.45
C SER S 246 3.99 61.29 -24.93
N PHE S 247 3.90 62.46 -24.30
CA PHE S 247 4.74 63.60 -24.64
C PHE S 247 5.76 63.93 -23.56
N SER S 248 5.32 64.05 -22.31
CA SER S 248 6.19 64.34 -21.17
C SER S 248 6.97 65.65 -21.38
N ALA S 249 6.22 66.74 -21.50
CA ALA S 249 6.83 68.05 -21.71
C ALA S 249 7.51 68.55 -20.44
N ASN S 250 8.68 69.14 -20.62
CA ASN S 250 9.50 69.73 -19.54
C ASN S 250 9.51 68.86 -18.28
N GLY S 251 9.74 67.57 -18.48
CA GLY S 251 9.87 66.65 -17.37
C GLY S 251 8.58 65.99 -16.94
N VAL S 252 7.57 66.79 -16.60
CA VAL S 252 6.30 66.25 -16.12
C VAL S 252 5.60 65.53 -17.27
N ALA S 253 5.14 64.31 -17.00
CA ALA S 253 4.48 63.50 -18.01
C ALA S 253 3.07 64.02 -18.27
N LEU S 254 2.62 63.84 -19.51
CA LEU S 254 1.30 64.27 -19.93
C LEU S 254 0.61 63.12 -20.66
N ARG S 255 -0.71 63.06 -20.51
CA ARG S 255 -1.53 62.05 -21.16
C ARG S 255 -2.34 62.69 -22.28
N TRP S 256 -2.34 62.05 -23.45
CA TRP S 256 -3.08 62.53 -24.61
C TRP S 256 -4.33 61.68 -24.79
N LEU S 257 -5.50 62.30 -24.66
CA LEU S 257 -6.77 61.63 -24.84
C LEU S 257 -7.44 62.12 -26.11
N ALA S 258 -8.15 61.22 -26.79
CA ALA S 258 -8.85 61.57 -28.02
C ALA S 258 -10.14 60.75 -28.06
N ASP S 259 -11.27 61.42 -27.96
CA ASP S 259 -12.57 60.76 -27.97
C ASP S 259 -13.46 61.31 -29.09
N TYR S 260 -14.15 60.40 -29.75
CA TYR S 260 -15.07 60.75 -30.84
C TYR S 260 -16.49 60.78 -30.28
N ASP S 261 -17.11 61.96 -30.33
CA ASP S 261 -18.49 62.13 -29.88
C ASP S 261 -19.43 62.02 -31.07
N TYR S 262 -20.32 61.02 -31.03
CA TYR S 262 -21.27 60.86 -32.11
C TYR S 262 -22.20 62.06 -32.20
N SER S 263 -22.64 62.57 -31.05
CA SER S 263 -23.37 63.84 -31.04
C SER S 263 -22.44 64.95 -31.51
N GLN S 264 -22.90 65.71 -32.51
CA GLN S 264 -22.16 66.71 -33.26
C GLN S 264 -21.05 66.10 -34.11
N LEU S 265 -20.84 64.79 -34.02
CA LEU S 265 -19.96 64.05 -34.92
C LEU S 265 -18.50 64.47 -34.76
N GLY S 266 -18.24 65.43 -33.87
CA GLY S 266 -16.91 65.97 -33.70
C GLY S 266 -16.00 65.10 -32.86
N ASP S 267 -14.73 65.49 -32.84
CA ASP S 267 -13.68 64.79 -32.10
C ASP S 267 -13.00 65.75 -31.14
N ARG S 268 -12.70 65.27 -29.94
CA ARG S 268 -12.10 66.07 -28.88
C ARG S 268 -10.75 65.48 -28.49
N THR S 269 -9.73 66.32 -28.45
CA THR S 269 -8.40 65.94 -28.00
C THR S 269 -8.03 66.74 -26.77
N LEU S 270 -7.57 66.06 -25.73
CA LEU S 270 -7.28 66.68 -24.45
C LEU S 270 -5.88 66.31 -24.00
N LEU S 271 -5.08 67.31 -23.61
CA LEU S 271 -3.79 67.10 -22.98
C LEU S 271 -3.87 67.72 -21.59
N ASP S 272 -3.87 66.89 -20.55
CA ASP S 272 -4.16 67.37 -19.21
C ASP S 272 -3.31 66.63 -18.19
N VAL S 273 -3.13 67.27 -17.04
CA VAL S 273 -2.41 66.70 -15.91
C VAL S 273 -2.86 67.42 -14.65
N PHE S 274 -2.88 66.70 -13.53
CA PHE S 274 -3.26 67.26 -12.25
C PHE S 274 -2.01 67.76 -11.53
N THR S 275 -2.07 69.01 -11.07
CA THR S 275 -0.92 69.63 -10.41
C THR S 275 -1.36 70.26 -9.10
N GLY S 276 -0.40 70.35 -8.18
CA GLY S 276 -0.64 70.91 -6.86
C GLY S 276 0.48 71.83 -6.41
N ARG S 277 0.10 73.00 -5.89
CA ARG S 277 1.05 74.02 -5.45
C ARG S 277 1.24 73.97 -3.95
N LYS S 278 2.45 74.30 -3.51
CA LYS S 278 2.77 74.32 -2.09
C LYS S 278 3.99 75.20 -1.87
N VAL S 279 3.95 76.02 -0.82
CA VAL S 279 5.06 76.85 -0.41
C VAL S 279 5.59 76.31 0.90
N VAL S 280 6.88 75.96 0.93
CA VAL S 280 7.49 75.32 2.09
C VAL S 280 7.91 76.43 3.06
N THR S 281 7.09 76.65 4.09
CA THR S 281 7.40 77.62 5.13
C THR S 281 8.11 76.92 6.28
N GLU S 282 8.28 77.62 7.40
CA GLU S 282 8.93 77.08 8.58
C GLU S 282 7.89 76.85 9.68
N VAL S 283 8.34 76.26 10.78
CA VAL S 283 7.44 75.93 11.88
C VAL S 283 6.93 77.20 12.56
N ASP S 284 7.79 78.21 12.70
CA ASP S 284 7.38 79.44 13.38
C ASP S 284 6.31 80.18 12.60
N GLY S 285 6.32 80.08 11.27
CA GLY S 285 5.33 80.76 10.45
C GLY S 285 5.92 81.85 9.59
N SER S 286 7.19 81.69 9.21
CA SER S 286 7.88 82.66 8.37
C SER S 286 8.52 81.94 7.19
N PHE S 287 8.54 82.61 6.04
CA PHE S 287 9.10 82.05 4.80
C PHE S 287 10.51 82.61 4.62
N VAL S 288 11.46 82.00 5.33
CA VAL S 288 12.86 82.45 5.28
C VAL S 288 13.69 81.61 4.32
N ARG S 289 13.08 80.66 3.60
CA ARG S 289 13.81 79.84 2.65
C ARG S 289 13.96 80.49 1.29
N ALA S 290 13.35 81.64 1.07
CA ALA S 290 13.45 82.34 -0.20
C ALA S 290 13.33 83.84 0.05
N VAL S 291 13.83 84.63 -0.92
CA VAL S 291 13.84 86.07 -0.80
C VAL S 291 13.53 86.69 -2.16
N GLU S 292 12.92 87.87 -2.13
CA GLU S 292 12.55 88.60 -3.34
C GLU S 292 13.27 89.94 -3.37
N LEU S 293 13.66 90.36 -4.58
CA LEU S 293 14.35 91.62 -4.81
C LEU S 293 13.52 92.48 -5.73
N GLN S 294 13.35 93.74 -5.36
CA GLN S 294 12.50 94.67 -6.10
C GLN S 294 13.31 95.91 -6.49
N LEU S 295 13.22 96.30 -7.75
CA LEU S 295 13.89 97.50 -8.21
C LEU S 295 13.18 98.75 -7.70
N GLN S 296 13.96 99.79 -7.42
CA GLN S 296 13.41 101.05 -6.97
C GLN S 296 12.88 101.87 -8.14
N ALA S 297 11.99 102.80 -7.83
CA ALA S 297 11.42 103.71 -8.81
C ALA S 297 11.62 105.15 -8.35
N SER S 298 12.19 105.97 -9.21
CA SER S 298 12.46 107.38 -8.90
C SER S 298 11.45 108.33 -9.53
N SER S 299 11.10 108.12 -10.79
CA SER S 299 10.12 108.97 -11.46
C SER S 299 9.45 108.16 -12.55
N ILE S 300 8.26 108.61 -12.96
CA ILE S 300 7.48 107.96 -13.99
C ILE S 300 7.19 108.97 -15.09
N THR S 301 7.25 108.52 -16.34
CA THR S 301 6.97 109.37 -17.49
C THR S 301 6.02 108.64 -18.44
N ILE S 302 5.08 109.38 -19.02
CA ILE S 302 4.11 108.83 -19.95
C ILE S 302 4.72 108.77 -21.35
N VAL S 303 4.52 107.65 -22.03
CA VAL S 303 5.13 107.43 -23.34
C VAL S 303 4.57 108.43 -24.34
N GLY S 304 5.42 108.89 -25.25
CA GLY S 304 5.02 109.77 -26.33
C GLY S 304 4.95 111.24 -26.00
N GLY S 305 5.14 111.60 -24.73
CA GLY S 305 5.04 113.01 -24.35
C GLY S 305 3.64 113.54 -24.65
N ALA S 306 3.59 114.72 -25.27
CA ALA S 306 2.33 115.31 -25.66
C ALA S 306 1.77 114.61 -26.89
N PHE S 307 0.44 114.44 -26.91
CA PHE S 307 -0.25 113.81 -28.02
C PHE S 307 -1.63 114.43 -28.16
N ALA S 308 -2.18 114.39 -29.37
CA ALA S 308 -3.52 114.93 -29.59
C ALA S 308 -4.58 113.95 -29.13
N LEU S 309 -4.67 112.79 -29.81
CA LEU S 309 -5.42 111.60 -29.43
C LEU S 309 -5.56 110.76 -30.71
N ALA S 310 -6.77 110.65 -31.23
CA ALA S 310 -7.00 110.08 -32.56
C ALA S 310 -7.93 111.00 -33.35
N THR S 311 -8.93 111.55 -32.66
CA THR S 311 -9.96 112.41 -33.25
C THR S 311 -10.76 112.99 -32.09
N THR S 312 -11.84 113.72 -32.42
CA THR S 312 -12.69 114.31 -31.39
C THR S 312 -13.50 113.28 -30.63
N THR S 313 -13.70 112.09 -31.21
CA THR S 313 -14.50 111.03 -30.59
C THR S 313 -13.77 109.69 -30.67
N GLY S 314 -12.50 109.69 -30.32
CA GLY S 314 -11.68 108.50 -30.36
C GLY S 314 -11.26 108.02 -28.98
N THR S 315 -10.39 107.01 -28.98
CA THR S 315 -9.84 106.44 -27.77
C THR S 315 -8.34 106.28 -27.91
N LYS S 316 -7.64 106.29 -26.77
CA LYS S 316 -6.19 106.13 -26.77
C LYS S 316 -5.77 105.44 -25.49
N GLN S 317 -5.04 104.33 -25.63
CA GLN S 317 -4.58 103.55 -24.48
C GLN S 317 -3.27 104.17 -23.98
N LEU S 318 -3.36 104.91 -22.89
CA LEU S 318 -2.19 105.57 -22.34
C LEU S 318 -1.27 104.57 -21.65
N LYS S 319 0.04 104.78 -21.80
CA LYS S 319 1.04 103.93 -21.17
C LYS S 319 2.09 104.82 -20.52
N VAL S 320 2.61 104.39 -19.38
CA VAL S 320 3.54 105.18 -18.58
C VAL S 320 4.77 104.36 -18.25
N ARG S 321 5.94 104.96 -18.38
CA ARG S 321 7.20 104.34 -18.00
C ARG S 321 7.47 104.58 -16.52
N ASP S 322 8.60 104.07 -16.03
CA ASP S 322 9.00 104.30 -14.65
C ASP S 322 10.51 104.54 -14.54
N ASP S 323 11.12 105.07 -15.60
CA ASP S 323 12.54 105.42 -15.68
C ASP S 323 13.45 104.20 -15.63
N ASN S 324 12.91 102.99 -15.52
CA ASN S 324 13.72 101.78 -15.47
C ASN S 324 13.56 100.89 -16.69
N GLY S 325 12.44 100.96 -17.40
CA GLY S 325 12.22 100.16 -18.58
C GLY S 325 10.99 99.29 -18.51
N THR S 326 10.70 98.75 -17.32
CA THR S 326 9.55 97.90 -17.15
C THR S 326 8.25 98.70 -17.17
N ASP S 327 7.16 98.02 -17.52
CA ASP S 327 5.85 98.65 -17.58
C ASP S 327 5.18 98.64 -16.21
N VAL S 328 4.57 99.77 -15.85
CA VAL S 328 3.86 99.92 -14.59
C VAL S 328 2.42 100.37 -14.80
N THR S 329 1.93 100.33 -16.05
CA THR S 329 0.58 100.83 -16.33
C THR S 329 -0.47 100.01 -15.60
N ALA S 330 -0.28 98.70 -15.50
CA ALA S 330 -1.25 97.85 -14.81
C ALA S 330 -1.36 98.21 -13.34
N ARG S 331 -0.29 98.76 -12.74
CA ARG S 331 -0.28 99.13 -11.33
C ARG S 331 -0.23 100.64 -11.14
N CYS S 332 -0.76 101.40 -12.10
CA CYS S 332 -0.82 102.85 -12.02
C CYS S 332 -2.27 103.31 -12.02
N THR S 333 -2.52 104.43 -11.35
CA THR S 333 -3.84 105.05 -11.34
C THR S 333 -3.81 106.32 -12.17
N PHE S 334 -4.95 106.64 -12.78
CA PHE S 334 -5.07 107.80 -13.67
C PHE S 334 -6.20 108.69 -13.21
N ALA S 335 -5.94 110.00 -13.16
CA ALA S 335 -6.92 110.99 -12.75
C ALA S 335 -7.01 112.08 -13.81
N SER S 336 -8.21 112.59 -14.03
CA SER S 336 -8.46 113.65 -14.99
C SER S 336 -8.92 114.91 -14.25
N SER S 337 -8.19 116.00 -14.42
CA SER S 337 -8.59 117.29 -13.87
C SER S 337 -9.63 117.99 -14.73
N ALA S 338 -9.93 117.46 -15.92
CA ALA S 338 -10.90 118.00 -16.86
C ALA S 338 -11.80 116.88 -17.35
N GLY S 339 -12.34 116.12 -16.40
CA GLY S 339 -13.09 114.91 -16.76
C GLY S 339 -14.20 115.15 -17.75
N THR S 340 -14.86 116.32 -17.67
CA THR S 340 -15.87 116.66 -18.67
C THR S 340 -15.23 116.87 -20.04
N LYS S 341 -14.03 117.45 -20.08
CA LYS S 341 -13.34 117.66 -21.36
C LYS S 341 -12.78 116.35 -21.90
N ALA S 342 -12.16 115.55 -21.04
CA ALA S 342 -11.56 114.29 -21.45
C ALA S 342 -11.88 113.22 -20.40
N THR S 343 -12.31 112.06 -20.87
CA THR S 343 -12.69 110.95 -20.00
C THR S 343 -11.62 109.88 -20.05
N VAL S 344 -11.12 109.47 -18.88
CA VAL S 344 -10.07 108.46 -18.77
C VAL S 344 -10.63 107.25 -18.02
N SER S 345 -10.15 106.08 -18.40
CA SER S 345 -10.57 104.83 -17.79
C SER S 345 -9.61 104.40 -16.69
N ALA S 346 -9.97 103.31 -16.00
CA ALA S 346 -9.12 102.80 -14.93
C ALA S 346 -7.80 102.29 -15.48
N ALA S 347 -7.82 101.61 -16.63
CA ALA S 347 -6.60 101.07 -17.23
C ALA S 347 -5.81 102.12 -17.98
N GLY S 348 -6.34 103.34 -18.12
CA GLY S 348 -5.65 104.40 -18.83
C GLY S 348 -6.18 104.68 -20.23
N LEU S 349 -7.25 104.01 -20.64
CA LEU S 349 -7.84 104.23 -21.97
C LEU S 349 -8.62 105.55 -21.92
N VAL S 350 -7.96 106.63 -22.31
CA VAL S 350 -8.60 107.94 -22.32
C VAL S 350 -9.45 108.08 -23.57
N THR S 351 -10.70 108.51 -23.39
CA THR S 351 -11.66 108.66 -24.47
C THR S 351 -11.99 110.14 -24.64
N GLY S 352 -11.92 110.62 -25.88
CA GLY S 352 -12.25 112.00 -26.17
C GLY S 352 -13.73 112.22 -26.32
N VAL S 353 -14.34 112.94 -25.38
CA VAL S 353 -15.78 113.19 -25.41
C VAL S 353 -16.03 114.62 -25.88
N ALA S 354 -15.12 115.53 -25.56
CA ALA S 354 -15.24 116.93 -25.94
C ALA S 354 -13.90 117.41 -26.50
N ALA S 355 -13.95 118.10 -27.64
CA ALA S 355 -12.75 118.66 -28.22
C ALA S 355 -12.24 119.83 -27.37
N GLY S 356 -10.93 119.92 -27.23
CA GLY S 356 -10.33 120.97 -26.43
C GLY S 356 -8.98 120.53 -25.91
N THR S 357 -8.58 121.10 -24.78
CA THR S 357 -7.31 120.80 -24.14
C THR S 357 -7.56 120.40 -22.70
N ALA S 358 -6.94 119.29 -22.28
CA ALA S 358 -7.11 118.77 -20.93
C ALA S 358 -5.77 118.25 -20.42
N ASP S 359 -5.77 117.77 -19.18
CA ASP S 359 -4.59 117.20 -18.55
C ASP S 359 -4.95 115.90 -17.86
N ILE S 360 -4.04 114.93 -17.89
CA ILE S 360 -4.21 113.66 -17.20
C ILE S 360 -2.99 113.43 -16.31
N THR S 361 -3.24 113.11 -15.05
CA THR S 361 -2.18 112.86 -14.08
C THR S 361 -2.15 111.37 -13.76
N ALA S 362 -0.99 110.74 -13.94
CA ALA S 362 -0.79 109.34 -13.62
C ALA S 362 0.04 109.24 -12.35
N SER S 363 -0.46 108.46 -11.40
CA SER S 363 0.19 108.26 -10.11
C SER S 363 0.59 106.79 -9.97
N TYR S 364 1.81 106.57 -9.49
CA TYR S 364 2.35 105.23 -9.28
C TYR S 364 2.89 105.14 -7.86
N VAL S 365 2.44 104.13 -7.13
CA VAL S 365 2.97 103.90 -5.78
C VAL S 365 4.39 103.36 -5.90
N PRO S 366 5.36 103.96 -5.21
CA PRO S 366 6.74 103.48 -5.32
C PRO S 366 6.93 102.18 -4.57
N PRO S 367 7.73 101.25 -5.13
CA PRO S 367 8.03 100.03 -4.37
C PRO S 367 8.75 100.30 -3.06
N GLN S 368 9.57 101.36 -3.00
CA GLN S 368 10.26 101.70 -1.76
C GLN S 368 9.31 102.27 -0.71
N GLY S 369 8.11 102.67 -1.09
CA GLY S 369 7.15 103.23 -0.17
C GLY S 369 7.25 104.75 -0.08
N GLY S 370 6.22 105.34 0.52
CA GLY S 370 6.15 106.78 0.67
C GLY S 370 5.15 107.43 -0.25
N THR S 371 5.41 108.67 -0.65
CA THR S 371 4.51 109.38 -1.55
C THR S 371 4.55 108.76 -2.95
N ALA S 372 3.39 108.74 -3.60
CA ALA S 372 3.29 108.17 -4.94
C ALA S 372 3.81 109.16 -5.97
N LYS S 373 4.64 108.67 -6.89
CA LYS S 373 5.18 109.52 -7.94
C LYS S 373 4.08 109.88 -8.94
N THR S 374 3.96 111.16 -9.25
CA THR S 374 2.91 111.66 -10.12
C THR S 374 3.52 112.35 -11.33
N ALA S 375 2.87 112.19 -12.49
CA ALA S 375 3.30 112.85 -13.70
C ALA S 375 2.07 113.27 -14.50
N THR S 376 2.06 114.53 -14.92
CA THR S 376 0.92 115.11 -15.63
C THR S 376 1.28 115.35 -17.08
N VAL S 377 0.40 114.92 -17.99
CA VAL S 377 0.60 115.07 -19.43
C VAL S 377 -0.64 115.73 -20.02
N THR S 378 -0.43 116.73 -20.87
CA THR S 378 -1.53 117.42 -21.53
C THR S 378 -2.01 116.61 -22.73
N VAL S 379 -3.26 116.87 -23.11
CA VAL S 379 -3.90 116.22 -24.25
C VAL S 379 -4.69 117.28 -25.01
N THR S 380 -4.67 117.20 -26.34
CA THR S 380 -5.39 118.13 -27.21
C THR S 380 -6.34 117.32 -28.09
N VAL S 381 -7.56 117.13 -27.59
CA VAL S 381 -8.57 116.36 -28.32
C VAL S 381 -9.08 117.20 -29.48
N PRO S 382 -8.96 116.72 -30.73
CA PRO S 382 -9.39 117.44 -31.93
C PRO S 382 -10.90 117.62 -32.00
N ILE T 4 49.44 139.30 -78.07
CA ILE T 4 48.23 138.50 -78.10
C ILE T 4 48.45 137.23 -78.91
N PHE T 5 48.33 136.09 -78.24
CA PHE T 5 48.52 134.79 -78.88
C PHE T 5 47.18 134.21 -79.31
N VAL T 6 47.23 133.03 -79.93
CA VAL T 6 46.03 132.36 -80.42
C VAL T 6 45.97 130.95 -79.83
N LYS T 7 46.53 130.79 -78.64
CA LYS T 7 46.55 129.48 -78.01
C LYS T 7 45.13 129.02 -77.70
N PRO T 8 44.80 127.76 -77.97
CA PRO T 8 43.44 127.26 -77.69
C PRO T 8 43.32 126.81 -76.25
N GLU T 9 42.11 126.38 -75.90
CA GLU T 9 41.85 125.88 -74.55
C GLU T 9 42.38 124.45 -74.39
N LEU T 10 42.53 124.04 -73.14
CA LEU T 10 43.01 122.70 -72.81
C LEU T 10 42.10 122.10 -71.75
N VAL T 11 41.76 120.83 -71.93
CA VAL T 11 40.94 120.07 -70.98
C VAL T 11 41.73 118.83 -70.61
N ALA T 12 42.05 118.69 -69.33
CA ALA T 12 42.79 117.55 -68.82
C ALA T 12 41.99 116.86 -67.72
N GLU T 13 42.28 115.58 -67.51
CA GLU T 13 41.55 114.76 -66.56
C GLU T 13 42.44 114.41 -65.37
N ILE T 14 42.02 114.82 -64.18
CA ILE T 14 42.64 114.43 -62.92
C ILE T 14 41.52 114.02 -61.97
N GLY T 15 41.87 113.24 -60.96
CA GLY T 15 40.86 112.77 -60.04
C GLY T 15 40.23 113.89 -59.23
N VAL T 16 39.02 114.29 -59.62
CA VAL T 16 38.26 115.32 -58.92
C VAL T 16 36.82 114.86 -58.77
N LYS T 17 36.60 113.55 -58.94
CA LYS T 17 35.24 113.02 -59.01
C LYS T 17 34.48 113.32 -57.72
N GLN T 18 33.19 113.60 -57.86
CA GLN T 18 32.35 113.94 -56.72
C GLN T 18 32.25 112.77 -55.77
N LEU T 19 32.20 113.08 -54.47
CA LEU T 19 32.15 112.05 -53.44
C LEU T 19 30.72 111.55 -53.27
N GLN T 20 30.53 110.25 -53.44
CA GLN T 20 29.23 109.62 -53.33
C GLN T 20 29.19 108.68 -52.12
N ARG T 21 28.00 108.16 -51.84
CA ARG T 21 27.80 107.28 -50.71
C ARG T 21 28.33 105.88 -51.02
N GLU T 22 28.20 104.98 -50.05
CA GLU T 22 28.66 103.61 -50.18
C GLU T 22 27.47 102.67 -50.12
N ILE T 23 27.42 101.70 -51.04
CA ILE T 23 26.32 100.76 -51.11
C ILE T 23 26.54 99.66 -50.08
N VAL T 24 26.00 99.84 -48.88
CA VAL T 24 26.14 98.87 -47.80
C VAL T 24 24.79 98.30 -47.37
N LEU T 25 23.74 99.11 -47.36
CA LEU T 25 22.44 98.65 -46.90
C LEU T 25 21.88 97.47 -47.71
N PRO T 26 21.90 97.48 -49.05
CA PRO T 26 21.30 96.35 -49.79
C PRO T 26 21.96 95.01 -49.48
N GLY T 27 23.20 95.00 -49.02
CA GLY T 27 23.87 93.77 -48.65
C GLY T 27 23.65 93.34 -47.21
N LEU T 28 22.76 94.01 -46.47
CA LEU T 28 22.51 93.68 -45.07
C LEU T 28 21.03 93.46 -44.79
N VAL T 29 20.25 93.08 -45.80
CA VAL T 29 18.82 92.84 -45.65
C VAL T 29 18.46 91.49 -46.28
N TRP T 30 17.33 90.95 -45.84
CA TRP T 30 16.82 89.69 -46.39
C TRP T 30 16.36 89.93 -47.81
N THR T 31 17.06 89.34 -48.78
CA THR T 31 16.83 89.58 -50.19
C THR T 31 16.29 88.32 -50.86
N ASN T 32 15.25 88.48 -51.67
CA ASN T 32 14.63 87.41 -52.46
C ASN T 32 14.17 86.26 -51.58
N PRO T 33 13.14 86.45 -50.75
CA PRO T 33 12.65 85.32 -49.96
C PRO T 33 11.86 84.32 -50.77
N LEU T 34 11.03 84.79 -51.69
CA LEU T 34 10.20 83.92 -52.52
C LEU T 34 10.27 84.37 -53.97
N THR T 35 10.09 83.42 -54.88
CA THR T 35 10.13 83.66 -56.31
C THR T 35 8.77 83.30 -56.92
N ASP T 36 8.69 83.38 -58.25
CA ASP T 36 7.48 83.05 -59.00
C ASP T 36 6.30 83.88 -58.52
N PHE T 37 6.46 85.20 -58.55
CA PHE T 37 5.38 86.09 -58.17
C PHE T 37 4.22 86.06 -59.16
N GLY T 38 4.44 85.50 -60.36
CA GLY T 38 3.39 85.35 -61.34
C GLY T 38 2.46 84.18 -61.14
N GLY T 39 2.73 83.34 -60.14
CA GLY T 39 1.87 82.23 -59.83
C GLY T 39 0.73 82.55 -58.89
N SER T 40 0.58 83.80 -58.49
CA SER T 40 -0.47 84.22 -57.57
C SER T 40 -1.24 85.38 -58.18
N LYS T 41 -2.50 85.51 -57.75
CA LYS T 41 -3.35 86.59 -58.23
C LYS T 41 -2.84 87.94 -57.75
N ASN T 42 -3.08 88.96 -58.58
CA ASN T 42 -2.70 90.36 -58.36
C ASN T 42 -1.29 90.50 -57.81
N ASP T 43 -0.39 89.59 -58.21
CA ASP T 43 1.04 89.70 -57.95
C ASP T 43 1.36 89.74 -56.46
N THR T 44 0.56 89.07 -55.63
CA THR T 44 0.78 89.03 -54.20
C THR T 44 0.88 87.59 -53.74
N ILE T 45 2.01 87.23 -53.14
CA ILE T 45 2.23 85.91 -52.58
C ILE T 45 1.96 85.97 -51.08
N THR T 46 1.17 85.02 -50.58
CA THR T 46 0.83 85.00 -49.17
C THR T 46 1.84 84.19 -48.38
N VAL T 47 2.22 84.71 -47.21
CA VAL T 47 3.13 84.03 -46.29
C VAL T 47 2.30 83.66 -45.05
N ARG T 48 2.40 82.39 -44.67
CA ARG T 48 1.58 81.83 -43.60
C ARG T 48 2.33 81.84 -42.28
N VAL T 49 1.68 82.34 -41.23
CA VAL T 49 2.19 82.34 -39.87
C VAL T 49 1.43 81.29 -39.09
N PRO T 50 2.10 80.23 -38.62
CA PRO T 50 1.39 79.18 -37.88
C PRO T 50 0.79 79.72 -36.59
N ALA T 51 -0.32 79.11 -36.18
CA ALA T 51 -1.08 79.58 -35.03
C ALA T 51 -0.46 79.07 -33.73
N ILE T 52 -0.98 79.60 -32.62
CA ILE T 52 -0.60 79.17 -31.28
C ILE T 52 -1.89 78.87 -30.51
N THR T 53 -1.76 78.06 -29.47
CA THR T 53 -2.88 77.65 -28.64
C THR T 53 -2.69 78.16 -27.22
N THR T 54 -3.76 78.05 -26.44
CA THR T 54 -3.76 78.47 -25.04
C THR T 54 -4.37 77.37 -24.19
N ALA T 55 -3.94 77.32 -22.93
CA ALA T 55 -4.40 76.32 -21.98
C ALA T 55 -5.06 77.01 -20.79
N ASN T 56 -6.21 76.50 -20.38
CA ASN T 56 -6.95 77.06 -19.26
C ASN T 56 -6.68 76.26 -17.99
N ARG T 57 -6.84 76.92 -16.85
CA ARG T 57 -6.64 76.30 -15.55
C ARG T 57 -7.98 75.85 -14.99
N ARG T 58 -8.04 74.61 -14.52
CA ARG T 58 -9.26 73.99 -14.03
C ARG T 58 -9.12 73.62 -12.57
N ASP T 59 -10.17 73.90 -11.80
CA ASP T 59 -10.20 73.53 -10.39
C ASP T 59 -10.57 72.07 -10.23
N LEU T 60 -9.83 71.37 -9.38
CA LEU T 60 -10.06 69.94 -9.19
C LEU T 60 -11.21 69.69 -8.23
N ARG T 61 -11.89 68.56 -8.44
CA ARG T 61 -13.00 68.10 -7.58
C ARG T 61 -14.09 69.17 -7.47
N ASP T 62 -14.37 69.84 -8.59
CA ASP T 62 -15.43 70.83 -8.65
C ASP T 62 -15.85 71.06 -10.10
N PRO T 63 -16.62 70.15 -10.70
CA PRO T 63 -16.97 70.28 -12.12
C PRO T 63 -18.08 71.30 -12.34
N ASP T 64 -17.70 72.50 -12.77
CA ASP T 64 -18.67 73.50 -13.19
C ASP T 64 -18.31 74.03 -14.57
N ARG T 65 -17.02 74.20 -14.83
CA ARG T 65 -16.52 74.64 -16.14
C ARG T 65 -16.01 73.45 -16.94
N THR T 66 -16.96 72.66 -17.43
CA THR T 66 -16.64 71.45 -18.20
C THR T 66 -15.69 71.76 -19.35
N VAL T 67 -14.48 71.19 -19.28
CA VAL T 67 -13.34 71.40 -20.18
C VAL T 67 -13.58 72.47 -21.24
N ILE T 68 -13.38 73.73 -20.88
CA ILE T 68 -13.54 74.84 -21.81
C ILE T 68 -12.53 74.69 -22.93
N ALA T 69 -13.02 74.41 -24.14
CA ALA T 69 -12.13 74.10 -25.25
C ALA T 69 -11.45 75.35 -25.78
N SER T 70 -10.39 75.14 -26.54
CA SER T 70 -9.64 76.21 -27.19
C SER T 70 -9.54 75.92 -28.67
N GLU T 71 -9.02 76.88 -29.42
CA GLU T 71 -8.86 76.75 -30.86
C GLU T 71 -7.69 77.60 -31.32
N LEU T 72 -7.23 77.35 -32.54
CA LEU T 72 -6.11 78.07 -33.11
C LEU T 72 -6.47 78.59 -34.49
N VAL T 73 -6.04 79.81 -34.80
CA VAL T 73 -6.30 80.45 -36.07
C VAL T 73 -4.95 80.83 -36.67
N GLU T 74 -4.59 80.21 -37.79
CA GLU T 74 -3.33 80.49 -38.45
C GLU T 74 -3.45 81.79 -39.23
N HIS T 75 -2.45 82.66 -39.11
CA HIS T 75 -2.52 83.96 -39.75
C HIS T 75 -1.73 83.97 -41.05
N SER T 76 -1.78 85.11 -41.74
CA SER T 76 -1.06 85.23 -43.01
C SER T 76 -0.92 86.71 -43.35
N PHE T 77 0.05 87.00 -44.22
CA PHE T 77 0.24 88.35 -44.73
C PHE T 77 0.77 88.28 -46.16
N GLY T 78 0.36 89.25 -46.98
CA GLY T 78 0.68 89.26 -48.39
C GLY T 78 1.88 90.13 -48.69
N VAL T 79 2.70 89.68 -49.64
CA VAL T 79 3.85 90.42 -50.13
C VAL T 79 3.69 90.57 -51.64
N THR T 80 3.77 91.80 -52.14
CA THR T 80 3.53 92.08 -53.54
C THR T 80 4.60 93.01 -54.09
N LEU T 81 4.80 92.93 -55.41
CA LEU T 81 5.69 93.82 -56.13
C LEU T 81 4.87 95.00 -56.65
N ASP T 82 5.30 96.21 -56.30
CA ASP T 82 4.56 97.41 -56.67
C ASP T 82 5.43 98.52 -57.24
N LYS T 83 6.75 98.33 -57.30
CA LYS T 83 7.65 99.37 -57.79
C LYS T 83 8.41 98.88 -59.01
N HIS T 84 8.66 99.78 -59.96
CA HIS T 84 9.38 99.49 -61.20
C HIS T 84 10.48 100.53 -61.33
N VAL T 85 11.68 100.20 -60.82
CA VAL T 85 12.78 101.14 -60.86
C VAL T 85 13.34 101.20 -62.28
N TYR T 86 13.36 102.40 -62.86
CA TYR T 86 13.78 102.58 -64.24
C TYR T 86 14.59 103.85 -64.37
N ALA T 87 15.52 103.83 -65.33
CA ALA T 87 16.34 104.99 -65.65
C ALA T 87 16.48 105.06 -67.16
N ALA T 88 16.06 106.17 -67.76
CA ALA T 88 16.03 106.31 -69.20
C ALA T 88 16.97 107.42 -69.65
N LEU T 89 17.49 107.27 -70.87
CA LEU T 89 18.42 108.27 -71.41
C LEU T 89 18.15 108.42 -72.91
N LYS T 90 17.64 109.58 -73.31
CA LYS T 90 17.56 109.94 -74.72
C LYS T 90 18.90 110.47 -75.18
N PHE T 91 19.31 110.08 -76.40
CA PHE T 91 20.66 110.35 -76.86
C PHE T 91 20.77 111.29 -78.04
N THR T 92 19.64 111.67 -78.67
CA THR T 92 19.59 112.67 -79.73
C THR T 92 20.74 112.50 -80.73
N ASP T 93 20.69 111.42 -81.51
CA ASP T 93 21.81 110.82 -82.23
C ASP T 93 22.86 111.81 -82.75
N GLU T 94 22.41 112.95 -83.30
CA GLU T 94 23.37 113.94 -83.78
C GLU T 94 24.35 114.35 -82.68
N GLN T 95 23.92 114.32 -81.42
CA GLN T 95 24.84 114.52 -80.30
C GLN T 95 25.67 113.25 -80.04
N ARG T 96 25.05 112.07 -80.18
CA ARG T 96 25.74 110.83 -79.88
C ARG T 96 26.92 110.61 -80.82
N THR T 97 26.84 111.13 -82.04
CA THR T 97 27.91 110.91 -83.01
C THR T 97 29.19 111.63 -82.61
N LEU T 98 29.10 112.68 -81.80
CA LEU T 98 30.28 113.49 -81.49
C LEU T 98 30.45 113.84 -80.02
N ASP T 99 29.42 113.73 -79.18
CA ASP T 99 29.62 113.97 -77.76
C ASP T 99 30.18 112.76 -77.05
N ILE T 100 29.41 111.67 -77.01
CA ILE T 100 29.80 110.49 -76.25
C ILE T 100 30.94 109.77 -76.96
N ARG T 101 31.97 109.38 -76.19
CA ARG T 101 33.15 108.72 -76.73
C ARG T 101 33.35 107.31 -76.22
N ASP T 102 32.84 106.99 -75.04
CA ASP T 102 32.91 105.65 -74.47
C ASP T 102 31.54 105.31 -73.92
N TYR T 103 30.83 104.41 -74.62
CA TYR T 103 29.47 104.05 -74.21
C TYR T 103 29.46 103.37 -72.85
N THR T 104 30.44 102.51 -72.59
CA THR T 104 30.47 101.78 -71.33
C THR T 104 30.89 102.67 -70.16
N LYS T 105 31.70 103.69 -70.41
CA LYS T 105 32.25 104.49 -69.33
C LYS T 105 31.29 105.59 -68.87
N GLN T 106 30.91 106.49 -69.78
CA GLN T 106 30.13 107.67 -69.41
C GLN T 106 28.63 107.48 -69.56
N VAL T 107 28.16 106.29 -69.93
CA VAL T 107 26.73 106.05 -70.06
C VAL T 107 26.31 104.88 -69.18
N LEU T 108 26.90 103.71 -69.43
CA LEU T 108 26.49 102.51 -68.70
C LEU T 108 26.83 102.62 -67.22
N MET T 109 28.04 103.06 -66.89
CA MET T 109 28.43 103.20 -65.49
C MET T 109 27.58 104.23 -64.74
N PRO T 110 27.33 105.43 -65.26
CA PRO T 110 26.41 106.34 -64.54
C PRO T 110 25.03 105.76 -64.35
N GLN T 111 24.49 105.05 -65.35
CA GLN T 111 23.17 104.45 -65.19
C GLN T 111 23.18 103.37 -64.10
N VAL T 112 24.21 102.54 -64.08
CA VAL T 112 24.31 101.50 -63.06
C VAL T 112 24.43 102.13 -61.67
N SER T 113 25.25 103.17 -61.55
CA SER T 113 25.39 103.85 -60.26
C SER T 113 24.09 104.48 -59.81
N ALA T 114 23.37 105.12 -60.75
CA ALA T 114 22.10 105.75 -60.40
C ALA T 114 21.08 104.70 -59.94
N VAL T 115 21.02 103.56 -60.64
CA VAL T 115 20.10 102.51 -60.24
C VAL T 115 20.46 101.95 -58.87
N ALA T 116 21.76 101.74 -58.62
CA ALA T 116 22.18 101.21 -57.33
C ALA T 116 21.85 102.17 -56.20
N TYR T 117 22.09 103.47 -56.40
CA TYR T 117 21.78 104.45 -55.36
C TYR T 117 20.28 104.62 -55.18
N GLU T 118 19.50 104.49 -56.25
CA GLU T 118 18.04 104.50 -56.12
C GLU T 118 17.57 103.30 -55.31
N LEU T 119 18.18 102.13 -55.53
CA LEU T 119 17.83 100.96 -54.72
C LEU T 119 18.21 101.17 -53.26
N GLU T 120 19.38 101.77 -53.01
CA GLU T 120 19.77 102.08 -51.64
C GLU T 120 18.77 103.02 -50.98
N ASP T 121 18.31 104.04 -51.72
CA ASP T 121 17.29 104.94 -51.17
C ASP T 121 15.98 104.19 -50.93
N TYR T 122 15.63 103.27 -51.83
CA TYR T 122 14.43 102.46 -51.65
C TYR T 122 14.49 101.66 -50.36
N ILE T 123 15.67 101.11 -50.05
CA ILE T 123 15.86 100.48 -48.75
C ILE T 123 15.78 101.52 -47.64
N ALA T 124 16.31 102.72 -47.88
CA ALA T 124 16.44 103.73 -46.83
C ALA T 124 15.06 104.16 -46.33
N GLU T 125 14.17 104.59 -47.23
CA GLU T 125 12.85 105.00 -46.76
C GLU T 125 12.04 103.83 -46.24
N LEU T 126 12.30 102.61 -46.70
CA LEU T 126 11.61 101.45 -46.15
C LEU T 126 12.04 101.17 -44.71
N ILE T 127 13.30 101.46 -44.38
CA ILE T 127 13.82 101.18 -43.04
C ILE T 127 13.03 101.96 -42.00
N GLU T 128 12.85 103.26 -42.21
CA GLU T 128 12.08 104.08 -41.28
C GLU T 128 10.60 104.13 -41.61
N GLY T 129 10.17 103.51 -42.72
CA GLY T 129 8.76 103.48 -43.07
C GLY T 129 8.02 102.34 -42.40
N ALA T 130 8.23 102.18 -41.10
CA ALA T 130 7.61 101.12 -40.31
C ALA T 130 7.00 101.69 -39.05
N PRO T 131 5.97 101.04 -38.50
CA PRO T 131 5.33 101.54 -37.28
C PRO T 131 6.21 101.40 -36.05
N TYR T 132 7.27 102.21 -35.97
CA TYR T 132 8.14 102.19 -34.81
C TYR T 132 7.42 102.75 -33.59
N GLU T 133 7.67 102.14 -32.43
CA GLU T 133 7.00 102.52 -31.19
C GLU T 133 7.80 103.55 -30.40
N GLU T 134 9.05 103.24 -30.09
CA GLU T 134 9.88 104.08 -29.24
C GLU T 134 11.06 104.64 -30.03
N THR T 135 11.67 105.68 -29.46
CA THR T 135 12.84 106.32 -30.06
C THR T 135 14.09 106.19 -29.21
N ILE T 136 14.01 105.54 -28.05
CA ILE T 136 15.14 105.23 -27.17
C ILE T 136 15.74 106.51 -26.57
N LEU T 137 15.96 107.53 -27.40
CA LEU T 137 16.46 108.83 -26.96
C LEU T 137 17.83 108.70 -26.28
N ILE T 138 18.81 108.31 -27.11
CA ILE T 138 20.17 108.13 -26.62
C ILE T 138 20.70 109.45 -26.07
N ASP T 139 21.23 109.41 -24.85
CA ASP T 139 21.87 110.58 -24.27
C ASP T 139 23.19 110.84 -25.00
N PRO T 140 23.49 112.09 -25.37
CA PRO T 140 24.74 112.35 -26.11
C PRO T 140 26.00 111.96 -25.34
N ALA T 141 26.00 112.12 -24.02
CA ALA T 141 27.20 111.85 -23.24
C ALA T 141 27.32 110.37 -22.90
N ASP T 142 26.30 109.81 -22.26
CA ASP T 142 26.31 108.42 -21.79
C ASP T 142 25.35 107.62 -22.65
N THR T 143 25.89 106.74 -23.50
CA THR T 143 25.11 106.07 -24.53
C THR T 143 24.88 104.59 -24.28
N VAL T 144 25.69 103.94 -23.44
CA VAL T 144 25.52 102.50 -23.20
C VAL T 144 24.15 102.16 -22.65
N PRO T 145 23.57 102.91 -21.70
CA PRO T 145 22.21 102.56 -21.25
C PRO T 145 21.18 102.56 -22.35
N ALA T 146 21.33 103.42 -23.36
CA ALA T 146 20.37 103.40 -24.47
C ALA T 146 20.42 102.08 -25.23
N PHE T 147 21.63 101.58 -25.52
CA PHE T 147 21.75 100.30 -26.20
C PHE T 147 21.27 99.15 -25.32
N ILE T 148 21.55 99.22 -24.01
CA ILE T 148 21.06 98.20 -23.10
C ILE T 148 19.53 98.19 -23.07
N THR T 149 18.93 99.38 -23.06
CA THR T 149 17.48 99.49 -23.08
C THR T 149 16.90 98.93 -24.37
N ALA T 150 17.54 99.21 -25.50
CA ALA T 150 17.09 98.64 -26.77
C ALA T 150 17.17 97.12 -26.74
N ASP T 151 18.27 96.58 -26.21
CA ASP T 151 18.43 95.14 -26.14
C ASP T 151 17.36 94.50 -25.25
N GLN T 152 17.07 95.12 -24.11
CA GLN T 152 16.06 94.53 -23.22
C GLN T 152 14.66 94.71 -23.77
N ARG T 153 14.41 95.77 -24.55
CA ARG T 153 13.13 95.89 -25.25
C ARG T 153 12.97 94.80 -26.29
N MET T 154 14.04 94.50 -27.03
CA MET T 154 13.97 93.40 -27.99
C MET T 154 13.77 92.06 -27.27
N GLY T 155 14.44 91.88 -26.13
CA GLY T 155 14.27 90.65 -25.36
C GLY T 155 12.88 90.49 -24.79
N GLU T 156 12.24 91.60 -24.40
CA GLU T 156 10.88 91.54 -23.86
C GLU T 156 9.90 91.01 -24.88
N ALA T 157 10.08 91.39 -26.15
CA ALA T 157 9.24 90.91 -27.24
C ALA T 157 9.62 89.51 -27.70
N ASN T 158 10.53 88.84 -26.98
CA ASN T 158 10.97 87.47 -27.30
C ASN T 158 11.59 87.39 -28.69
N VAL T 159 12.20 88.47 -29.15
CA VAL T 159 12.90 88.45 -30.43
C VAL T 159 14.18 87.64 -30.29
N PRO T 160 14.46 86.70 -31.20
CA PRO T 160 15.70 85.93 -31.09
C PRO T 160 16.93 86.82 -31.15
N THR T 161 17.93 86.49 -30.32
CA THR T 161 19.14 87.28 -30.24
C THR T 161 20.05 87.09 -31.46
N ASP T 162 20.07 85.88 -32.02
CA ASP T 162 20.93 85.60 -33.16
C ASP T 162 20.43 86.33 -34.41
N SER T 163 21.38 86.73 -35.26
CA SER T 163 21.09 87.42 -36.52
C SER T 163 20.30 88.70 -36.28
N ARG T 164 20.93 89.61 -35.52
CA ARG T 164 20.37 90.93 -35.23
C ARG T 164 21.28 91.97 -35.89
N ARG T 165 20.82 92.54 -36.99
CA ARG T 165 21.61 93.51 -37.73
C ARG T 165 21.35 94.92 -37.19
N LEU T 166 22.44 95.62 -36.85
CA LEU T 166 22.37 96.98 -36.35
C LEU T 166 23.13 97.90 -37.30
N VAL T 167 22.47 98.95 -37.75
CA VAL T 167 23.06 99.94 -38.65
C VAL T 167 22.94 101.31 -37.99
N VAL T 168 24.07 102.00 -37.86
CA VAL T 168 24.13 103.30 -37.21
C VAL T 168 24.69 104.32 -38.20
N GLY T 169 24.36 105.59 -37.95
CA GLY T 169 24.84 106.68 -38.78
C GLY T 169 26.20 107.19 -38.33
N SER T 170 26.68 108.21 -39.04
CA SER T 170 27.96 108.82 -38.68
C SER T 170 27.88 109.50 -37.32
N ALA T 171 26.77 110.18 -37.03
CA ALA T 171 26.62 110.86 -35.75
C ALA T 171 26.57 109.86 -34.59
N VAL T 172 25.93 108.71 -34.80
CA VAL T 172 25.88 107.69 -33.75
C VAL T 172 27.29 107.17 -33.46
N ALA T 173 28.07 106.92 -34.50
CA ALA T 173 29.45 106.48 -34.30
C ALA T 173 30.27 107.54 -33.60
N ALA T 174 30.08 108.81 -33.98
CA ALA T 174 30.81 109.89 -33.32
C ALA T 174 30.44 109.99 -31.85
N ALA T 175 29.15 109.84 -31.52
CA ALA T 175 28.72 109.88 -30.13
C ALA T 175 29.29 108.69 -29.34
N LEU T 176 29.33 107.52 -29.97
CA LEU T 176 29.93 106.36 -29.32
C LEU T 176 31.41 106.59 -29.05
N ALA T 177 32.12 107.18 -30.02
CA ALA T 177 33.54 107.48 -29.83
C ALA T 177 33.75 108.52 -28.72
N LYS T 178 32.88 109.53 -28.66
CA LYS T 178 33.00 110.57 -27.65
C LYS T 178 32.67 110.07 -26.25
N ASP T 179 32.00 108.93 -26.13
CA ASP T 179 31.62 108.40 -24.83
C ASP T 179 32.86 108.03 -24.02
N LYS T 180 32.84 108.35 -22.73
CA LYS T 180 33.96 108.02 -21.85
C LYS T 180 34.07 106.52 -21.61
N GLN T 181 33.00 105.76 -21.89
CA GLN T 181 33.06 104.32 -21.72
C GLN T 181 34.03 103.66 -22.69
N PHE T 182 34.22 104.27 -23.87
CA PHE T 182 35.12 103.74 -24.88
C PHE T 182 36.48 104.43 -24.90
N ARG T 183 36.50 105.75 -24.67
CA ARG T 183 37.77 106.48 -24.68
C ARG T 183 38.68 106.02 -23.55
N HIS T 184 38.13 105.84 -22.35
CA HIS T 184 38.92 105.44 -21.20
C HIS T 184 39.11 103.93 -21.22
N ALA T 185 40.38 103.50 -21.24
CA ALA T 185 40.68 102.07 -21.29
C ALA T 185 40.24 101.37 -20.00
N ASP T 186 40.39 102.03 -18.86
CA ASP T 186 39.96 101.44 -17.59
C ASP T 186 38.44 101.26 -17.57
N TRP T 187 37.71 102.07 -18.31
CA TRP T 187 36.27 101.94 -18.44
C TRP T 187 35.85 101.17 -19.68
N SER T 188 36.81 100.67 -20.47
CA SER T 188 36.52 99.93 -21.69
C SER T 188 37.01 98.49 -21.64
N GLY T 189 38.18 98.24 -21.05
CA GLY T 189 38.69 96.89 -20.92
C GLY T 189 39.86 96.58 -21.83
N ASP T 190 39.82 97.07 -23.06
CA ASP T 190 40.87 96.80 -24.04
C ASP T 190 42.00 97.81 -23.86
N GLN T 191 43.22 97.30 -23.71
CA GLN T 191 44.38 98.16 -23.56
C GLN T 191 44.81 98.81 -24.87
N ALA T 192 44.32 98.33 -26.01
CA ALA T 192 44.66 98.94 -27.29
C ALA T 192 44.09 100.34 -27.41
N ASN T 193 42.90 100.58 -26.84
CA ASN T 193 42.23 101.88 -26.88
C ASN T 193 42.00 102.34 -28.31
N ALA T 194 41.18 101.56 -29.03
CA ALA T 194 40.87 101.88 -30.42
C ALA T 194 40.10 103.18 -30.56
N ALA T 195 39.44 103.63 -29.50
CA ALA T 195 38.72 104.91 -29.55
C ALA T 195 39.69 106.09 -29.67
N LEU T 196 40.88 105.97 -29.09
CA LEU T 196 41.88 107.03 -29.16
C LEU T 196 42.80 106.89 -30.36
N ARG T 197 43.27 105.66 -30.64
CA ARG T 197 44.19 105.46 -31.75
C ARG T 197 43.48 105.52 -33.11
N GLU T 198 42.20 105.17 -33.15
CA GLU T 198 41.42 105.19 -34.38
C GLU T 198 40.04 105.73 -34.07
N ALA T 199 39.13 105.60 -35.03
CA ALA T 199 37.74 106.01 -34.86
C ALA T 199 36.77 104.84 -34.77
N HIS T 200 37.23 103.61 -34.99
CA HIS T 200 36.36 102.46 -34.93
C HIS T 200 35.91 102.19 -33.49
N VAL T 201 34.64 101.83 -33.34
CA VAL T 201 34.08 101.56 -32.02
C VAL T 201 34.15 100.07 -31.69
N GLY T 202 33.69 99.22 -32.59
CA GLY T 202 33.72 97.78 -32.39
C GLY T 202 32.39 97.23 -31.91
N ARG T 203 32.46 96.00 -31.39
CA ARG T 203 31.27 95.33 -30.90
C ARG T 203 30.72 96.05 -29.67
N LEU T 204 29.39 96.16 -29.60
CA LEU T 204 28.74 96.83 -28.50
C LEU T 204 27.39 96.18 -28.23
N ALA T 205 27.18 95.74 -26.99
CA ALA T 205 25.92 95.14 -26.55
C ALA T 205 25.53 93.94 -27.43
N GLY T 206 26.52 93.14 -27.82
CA GLY T 206 26.27 91.98 -28.64
C GLY T 206 25.73 92.30 -30.01
N MET T 207 26.15 93.41 -30.60
CA MET T 207 25.69 93.83 -31.92
C MET T 207 26.90 94.26 -32.75
N ASN T 208 26.69 94.30 -34.07
CA ASN T 208 27.71 94.72 -35.01
C ASN T 208 27.40 96.14 -35.47
N VAL T 209 28.42 97.00 -35.43
CA VAL T 209 28.26 98.41 -35.80
C VAL T 209 28.62 98.57 -37.27
N ILE T 210 27.65 99.00 -38.08
CA ILE T 210 27.86 99.25 -39.50
C ILE T 210 27.43 100.69 -39.79
N ARG T 211 28.35 101.46 -40.36
CA ARG T 211 28.10 102.87 -40.67
C ARG T 211 27.44 102.99 -42.03
N SER T 212 26.38 103.80 -42.10
CA SER T 212 25.67 104.03 -43.35
C SER T 212 25.11 105.45 -43.35
N ASN T 213 25.42 106.21 -44.39
CA ASN T 213 24.98 107.59 -44.50
C ASN T 213 23.61 107.73 -45.15
N ALA T 214 23.04 106.63 -45.65
CA ALA T 214 21.71 106.71 -46.27
C ALA T 214 20.65 107.12 -45.25
N ILE T 215 20.71 106.55 -44.05
CA ILE T 215 19.80 106.90 -42.98
C ILE T 215 20.24 108.22 -42.36
N ALA T 216 19.37 108.81 -41.53
CA ALA T 216 19.72 110.06 -40.88
C ALA T 216 20.91 109.84 -39.94
N PRO T 217 21.84 110.80 -39.87
CA PRO T 217 23.03 110.60 -39.02
C PRO T 217 22.69 110.34 -37.56
N ASP T 218 21.69 111.03 -37.02
CA ASP T 218 21.29 110.83 -35.63
C ASP T 218 20.18 109.78 -35.51
N LYS T 219 20.41 108.62 -36.11
CA LYS T 219 19.44 107.54 -36.10
C LYS T 219 20.16 106.21 -36.25
N ALA T 220 19.68 105.21 -35.52
CA ALA T 220 20.21 103.85 -35.59
C ALA T 220 19.04 102.88 -35.64
N TYR T 221 19.23 101.76 -36.32
CA TYR T 221 18.18 100.76 -36.46
C TYR T 221 18.74 99.38 -36.15
N LEU T 222 18.10 98.67 -35.24
CA LEU T 222 18.47 97.30 -34.90
C LEU T 222 17.28 96.39 -35.19
N TRP T 223 17.44 95.50 -36.17
CA TRP T 223 16.35 94.66 -36.62
C TRP T 223 16.79 93.21 -36.73
N HIS T 224 15.85 92.31 -36.50
CA HIS T 224 16.10 90.88 -36.69
C HIS T 224 16.22 90.57 -38.18
N ARG T 225 16.79 89.40 -38.47
CA ARG T 225 17.01 89.02 -39.86
C ARG T 225 15.70 88.92 -40.62
N THR T 226 14.67 88.35 -40.00
CA THR T 226 13.36 88.23 -40.62
C THR T 226 12.46 89.38 -40.16
N ALA T 227 12.78 90.56 -40.65
CA ALA T 227 12.02 91.76 -40.32
C ALA T 227 11.51 92.51 -41.53
N PHE T 228 12.28 92.57 -42.62
CA PHE T 228 11.89 93.24 -43.85
C PHE T 228 11.97 92.25 -45.01
N ILE T 229 10.99 92.31 -45.90
CA ILE T 229 10.92 91.45 -47.07
C ILE T 229 11.16 92.30 -48.30
N LEU T 230 12.22 92.00 -49.04
CA LEU T 230 12.57 92.70 -50.27
C LEU T 230 12.60 91.68 -51.40
N ALA T 231 11.82 91.93 -52.45
CA ALA T 231 11.77 91.04 -53.59
C ALA T 231 12.17 91.81 -54.85
N TYR T 232 13.00 91.19 -55.68
CA TYR T 232 13.49 91.82 -56.91
C TYR T 232 13.27 90.87 -58.08
N ARG T 233 12.73 91.40 -59.17
CA ARG T 233 12.44 90.64 -60.37
C ARG T 233 13.15 91.25 -61.56
N THR T 234 13.90 90.44 -62.29
CA THR T 234 14.56 90.91 -63.50
C THR T 234 13.58 90.90 -64.66
N PRO T 235 13.38 92.03 -65.34
CA PRO T 235 12.44 92.05 -66.47
C PRO T 235 12.90 91.13 -67.59
N VAL T 236 11.94 90.52 -68.26
CA VAL T 236 12.22 89.57 -69.33
C VAL T 236 12.45 90.35 -70.62
N VAL T 237 13.54 90.06 -71.30
CA VAL T 237 13.87 90.76 -72.54
C VAL T 237 12.85 90.40 -73.62
N PRO T 238 12.21 91.36 -74.25
CA PRO T 238 11.22 91.04 -75.29
C PRO T 238 11.89 90.46 -76.53
N GLU T 239 11.11 89.67 -77.26
CA GLU T 239 11.58 89.05 -78.50
C GLU T 239 11.40 89.95 -79.72
N GLY T 240 10.84 91.14 -79.55
CA GLY T 240 10.65 92.05 -80.66
C GLY T 240 11.51 93.29 -80.59
N ALA T 241 12.61 93.22 -79.84
CA ALA T 241 13.48 94.36 -79.64
C ALA T 241 14.93 93.91 -79.80
N LYS T 242 15.81 94.89 -79.99
CA LYS T 242 17.24 94.60 -80.12
C LYS T 242 17.77 94.00 -78.84
N ALA T 243 18.69 93.05 -78.98
CA ALA T 243 19.28 92.38 -77.82
C ALA T 243 20.09 93.38 -76.99
N GLY T 244 19.91 93.31 -75.67
CA GLY T 244 20.61 94.19 -74.76
C GLY T 244 21.75 93.51 -74.04
N ALA T 245 21.73 93.55 -72.71
CA ALA T 245 22.77 92.93 -71.91
C ALA T 245 22.16 92.47 -70.59
N SER T 246 23.00 92.03 -69.67
CA SER T 246 22.58 91.52 -68.36
C SER T 246 23.37 92.20 -67.25
N PHE T 247 23.45 93.53 -67.32
CA PHE T 247 24.17 94.29 -66.30
C PHE T 247 23.51 94.10 -64.94
N SER T 248 24.34 93.83 -63.92
CA SER T 248 23.87 93.61 -62.57
C SER T 248 24.66 94.50 -61.62
N ALA T 249 23.96 95.08 -60.64
CA ALA T 249 24.56 95.95 -59.65
C ALA T 249 24.19 95.45 -58.26
N ASN T 250 25.21 95.19 -57.44
CA ASN T 250 25.03 94.74 -56.06
C ASN T 250 24.17 93.47 -55.99
N GLY T 251 24.43 92.54 -56.88
CA GLY T 251 23.73 91.26 -56.89
C GLY T 251 22.50 91.18 -57.77
N VAL T 252 21.58 92.14 -57.62
CA VAL T 252 20.36 92.12 -58.42
C VAL T 252 20.69 92.45 -59.86
N ALA T 253 20.07 91.72 -60.78
CA ALA T 253 20.29 91.91 -62.21
C ALA T 253 19.29 92.90 -62.78
N LEU T 254 19.76 93.75 -63.69
CA LEU T 254 18.93 94.78 -64.32
C LEU T 254 18.76 94.45 -65.79
N ARG T 255 17.74 95.03 -66.41
CA ARG T 255 17.50 94.87 -67.84
C ARG T 255 17.85 96.16 -68.55
N TRP T 256 18.72 96.05 -69.57
CA TRP T 256 19.15 97.17 -70.39
C TRP T 256 18.54 97.01 -71.77
N LEU T 257 17.56 97.84 -72.08
CA LEU T 257 16.85 97.79 -73.36
C LEU T 257 17.11 99.08 -74.13
N ALA T 258 17.62 98.95 -75.35
CA ALA T 258 17.93 100.09 -76.20
C ALA T 258 17.16 99.96 -77.51
N ASP T 259 16.57 101.06 -77.97
CA ASP T 259 15.78 101.08 -79.18
C ASP T 259 16.08 102.34 -79.99
N TYR T 260 16.02 102.20 -81.31
CA TYR T 260 16.27 103.30 -82.23
C TYR T 260 14.93 103.94 -82.60
N ASP T 261 14.76 105.20 -82.23
CA ASP T 261 13.56 105.97 -82.52
C ASP T 261 13.76 106.66 -83.87
N TYR T 262 13.20 106.08 -84.92
CA TYR T 262 13.31 106.66 -86.25
C TYR T 262 12.48 107.94 -86.37
N SER T 263 11.34 108.00 -85.67
CA SER T 263 10.52 109.21 -85.72
C SER T 263 11.24 110.40 -85.12
N GLN T 264 11.93 110.21 -84.01
CA GLN T 264 12.66 111.27 -83.35
C GLN T 264 14.13 111.34 -83.74
N LEU T 265 14.58 110.45 -84.64
CA LEU T 265 15.97 110.42 -85.10
C LEU T 265 16.94 110.29 -83.93
N GLY T 266 16.64 109.36 -83.00
CA GLY T 266 17.43 109.23 -81.81
C GLY T 266 17.59 107.78 -81.39
N ASP T 267 18.32 107.60 -80.28
CA ASP T 267 18.49 106.30 -79.65
C ASP T 267 18.14 106.44 -78.18
N ARG T 268 17.30 105.54 -77.67
CA ARG T 268 16.83 105.63 -76.30
C ARG T 268 17.09 104.32 -75.57
N THR T 269 17.68 104.43 -74.38
CA THR T 269 18.05 103.28 -73.58
C THR T 269 17.41 103.39 -72.20
N LEU T 270 17.13 102.22 -71.62
CA LEU T 270 16.48 102.13 -70.32
C LEU T 270 17.09 100.99 -69.52
N LEU T 271 17.37 101.27 -68.25
CA LEU T 271 17.80 100.27 -67.28
C LEU T 271 16.68 100.12 -66.26
N ASP T 272 16.05 98.94 -66.22
CA ASP T 272 14.86 98.76 -65.40
C ASP T 272 14.89 97.43 -64.66
N VAL T 273 14.14 97.38 -63.56
CA VAL T 273 14.03 96.18 -62.73
C VAL T 273 12.81 96.35 -61.82
N PHE T 274 12.09 95.25 -61.58
CA PHE T 274 10.93 95.29 -60.70
C PHE T 274 11.36 95.03 -59.26
N THR T 275 10.70 95.72 -58.33
CA THR T 275 11.02 95.55 -56.92
C THR T 275 9.76 95.72 -56.08
N GLY T 276 9.76 95.05 -54.93
CA GLY T 276 8.65 95.11 -54.01
C GLY T 276 9.14 95.01 -52.58
N ARG T 277 8.40 95.68 -51.69
CA ARG T 277 8.78 95.84 -50.29
C ARG T 277 7.66 95.34 -49.39
N LYS T 278 8.05 94.89 -48.21
CA LYS T 278 7.06 94.47 -47.21
C LYS T 278 7.68 94.59 -45.82
N VAL T 279 6.88 95.04 -44.86
CA VAL T 279 7.28 95.16 -43.46
C VAL T 279 6.59 94.04 -42.70
N VAL T 280 7.37 93.18 -42.05
CA VAL T 280 6.83 92.05 -41.31
C VAL T 280 6.38 92.55 -39.93
N THR T 281 5.08 92.50 -39.69
CA THR T 281 4.51 92.94 -38.42
C THR T 281 3.68 91.81 -37.82
N GLU T 282 3.35 91.97 -36.54
CA GLU T 282 2.57 90.96 -35.83
C GLU T 282 1.10 91.01 -36.26
N VAL T 283 0.32 90.05 -35.76
CA VAL T 283 -1.09 89.96 -36.13
C VAL T 283 -1.85 91.16 -35.59
N ASP T 284 -1.50 91.64 -34.41
CA ASP T 284 -2.18 92.77 -33.78
C ASP T 284 -1.60 94.12 -34.20
N GLY T 285 -0.87 94.16 -35.31
CA GLY T 285 -0.29 95.41 -35.78
C GLY T 285 0.74 96.01 -34.84
N SER T 286 1.60 95.17 -34.28
CA SER T 286 2.65 95.61 -33.35
C SER T 286 4.00 95.23 -33.96
N PHE T 287 4.67 96.22 -34.55
CA PHE T 287 5.98 96.00 -35.17
C PHE T 287 7.03 95.95 -34.06
N VAL T 288 7.26 94.76 -33.52
CA VAL T 288 8.19 94.55 -32.43
C VAL T 288 9.44 93.81 -32.89
N ARG T 289 9.64 93.68 -34.21
CA ARG T 289 10.81 92.99 -34.75
C ARG T 289 11.98 93.91 -34.99
N ALA T 290 11.84 95.21 -34.72
CA ALA T 290 12.93 96.15 -34.91
C ALA T 290 12.80 97.28 -33.91
N VAL T 291 13.92 97.96 -33.65
CA VAL T 291 13.97 99.07 -32.72
C VAL T 291 14.75 100.21 -33.35
N GLU T 292 14.28 101.44 -33.11
CA GLU T 292 14.90 102.65 -33.62
C GLU T 292 15.46 103.45 -32.46
N LEU T 293 16.73 103.83 -32.57
CA LEU T 293 17.43 104.62 -31.55
C LEU T 293 17.70 106.01 -32.10
N GLN T 294 17.37 107.02 -31.30
CA GLN T 294 17.51 108.42 -31.72
C GLN T 294 18.46 109.15 -30.78
N LEU T 295 19.34 109.97 -31.35
CA LEU T 295 20.26 110.79 -30.57
C LEU T 295 19.54 112.08 -30.20
N GLN T 296 18.97 112.11 -29.00
CA GLN T 296 18.27 113.30 -28.55
C GLN T 296 19.25 114.44 -28.33
N ALA T 297 18.83 115.65 -28.71
CA ALA T 297 19.68 116.82 -28.63
C ALA T 297 19.27 117.72 -27.47
N SER T 298 20.20 118.57 -27.04
CA SER T 298 19.97 119.50 -25.95
C SER T 298 20.18 120.96 -26.34
N SER T 299 20.88 121.25 -27.43
CA SER T 299 21.09 122.61 -27.87
C SER T 299 21.29 122.64 -29.37
N ILE T 300 20.99 123.79 -29.96
CA ILE T 300 21.16 124.02 -31.40
C ILE T 300 21.87 125.35 -31.60
N THR T 301 22.47 125.50 -32.78
CA THR T 301 23.16 126.74 -33.14
C THR T 301 23.24 126.84 -34.65
N ILE T 302 23.20 128.08 -35.14
CA ILE T 302 23.32 128.32 -36.57
C ILE T 302 24.79 128.32 -36.95
N VAL T 303 25.14 127.52 -37.96
CA VAL T 303 26.54 127.38 -38.36
C VAL T 303 27.04 128.68 -38.95
N GLY T 304 28.33 128.95 -38.75
CA GLY T 304 28.98 130.13 -39.29
C GLY T 304 28.92 131.35 -38.40
N GLY T 305 28.15 131.31 -37.31
CA GLY T 305 28.04 132.47 -36.44
C GLY T 305 27.43 133.66 -37.16
N ALA T 306 27.93 134.84 -36.83
CA ALA T 306 27.46 136.05 -37.48
C ALA T 306 27.96 136.12 -38.92
N PHE T 307 27.12 136.70 -39.79
CA PHE T 307 27.46 136.84 -41.20
C PHE T 307 26.76 138.08 -41.74
N ALA T 308 27.33 138.65 -42.80
CA ALA T 308 26.72 139.82 -43.42
C ALA T 308 25.57 139.41 -44.34
N LEU T 309 25.89 138.68 -45.42
CA LEU T 309 24.98 137.96 -46.30
C LEU T 309 25.77 137.69 -47.59
N ALA T 310 25.38 138.33 -48.69
CA ALA T 310 26.17 138.36 -49.90
C ALA T 310 26.28 139.79 -50.42
N THR T 311 25.19 140.54 -50.30
CA THR T 311 25.08 141.91 -50.78
C THR T 311 23.75 142.47 -50.26
N THR T 312 23.39 143.67 -50.70
CA THR T 312 22.14 144.29 -50.27
C THR T 312 20.92 143.62 -50.88
N THR T 313 21.08 142.91 -51.99
CA THR T 313 19.98 142.25 -52.70
C THR T 313 20.35 140.82 -53.06
N GLY T 314 20.90 140.08 -52.09
CA GLY T 314 21.31 138.72 -52.29
C GLY T 314 20.48 137.72 -51.49
N THR T 315 20.93 136.48 -51.53
CA THR T 315 20.30 135.38 -50.80
C THR T 315 21.37 134.57 -50.09
N LYS T 316 20.96 133.91 -49.00
CA LYS T 316 21.88 133.08 -48.22
C LYS T 316 21.11 131.93 -47.62
N GLN T 317 21.54 130.71 -47.92
CA GLN T 317 20.89 129.50 -47.39
C GLN T 317 21.43 129.23 -45.99
N LEU T 318 20.70 129.66 -44.97
CA LEU T 318 21.12 129.47 -43.59
C LEU T 318 21.01 128.01 -43.20
N LYS T 319 21.97 127.55 -42.40
CA LYS T 319 22.01 126.17 -41.94
C LYS T 319 22.15 126.15 -40.42
N VAL T 320 21.45 125.21 -39.79
CA VAL T 320 21.44 125.08 -38.34
C VAL T 320 21.84 123.65 -37.97
N ARG T 321 22.70 123.52 -36.96
CA ARG T 321 23.21 122.24 -36.51
C ARG T 321 23.04 122.13 -35.00
N ASP T 322 22.74 120.93 -34.53
CA ASP T 322 22.55 120.71 -33.10
C ASP T 322 23.89 120.58 -32.39
N ASP T 323 23.85 120.37 -31.08
CA ASP T 323 25.08 120.18 -30.31
C ASP T 323 25.78 118.88 -30.68
N ASN T 324 25.01 117.85 -31.05
CA ASN T 324 25.61 116.58 -31.45
C ASN T 324 26.38 116.72 -32.74
N GLY T 325 25.89 117.54 -33.67
CA GLY T 325 26.56 117.73 -34.95
C GLY T 325 25.80 117.16 -36.12
N THR T 326 24.48 117.23 -36.08
CA THR T 326 23.62 116.69 -37.13
C THR T 326 22.87 117.82 -37.81
N ASP T 327 22.71 117.70 -39.13
CA ASP T 327 21.95 118.69 -39.89
C ASP T 327 20.47 118.56 -39.58
N VAL T 328 19.85 119.66 -39.17
CA VAL T 328 18.44 119.67 -38.80
C VAL T 328 17.73 120.80 -39.53
N THR T 329 18.30 121.22 -40.67
CA THR T 329 17.74 122.35 -41.41
C THR T 329 16.33 122.04 -41.91
N ALA T 330 16.11 120.81 -42.37
CA ALA T 330 14.79 120.44 -42.90
C ALA T 330 13.72 120.51 -41.83
N ARG T 331 14.04 120.10 -40.60
CA ARG T 331 13.07 120.01 -39.52
C ARG T 331 13.17 121.17 -38.53
N CYS T 332 13.60 122.35 -39.00
CA CYS T 332 13.68 123.54 -38.17
C CYS T 332 12.84 124.65 -38.79
N THR T 333 12.24 125.47 -37.93
CA THR T 333 11.48 126.63 -38.38
C THR T 333 12.30 127.90 -38.15
N PHE T 334 12.06 128.90 -39.00
CA PHE T 334 12.80 130.16 -38.95
C PHE T 334 11.83 131.32 -38.87
N ALA T 335 12.11 132.25 -37.97
CA ALA T 335 11.29 133.44 -37.79
C ALA T 335 12.17 134.68 -37.85
N SER T 336 11.62 135.76 -38.38
CA SER T 336 12.32 137.04 -38.50
C SER T 336 11.61 138.08 -37.67
N SER T 337 12.33 138.70 -36.72
CA SER T 337 11.80 139.80 -35.94
C SER T 337 11.86 141.13 -36.68
N ALA T 338 12.52 141.17 -37.84
CA ALA T 338 12.68 142.36 -38.66
C ALA T 338 12.35 142.03 -40.11
N GLY T 339 11.20 141.38 -40.31
CA GLY T 339 10.85 140.85 -41.63
C GLY T 339 10.94 141.89 -42.73
N THR T 340 10.58 143.14 -42.43
CA THR T 340 10.74 144.20 -43.41
C THR T 340 12.20 144.46 -43.73
N LYS T 341 13.08 144.37 -42.71
CA LYS T 341 14.50 144.57 -42.94
C LYS T 341 15.13 143.37 -43.63
N ALA T 342 14.79 142.15 -43.20
CA ALA T 342 15.33 140.94 -43.78
C ALA T 342 14.22 139.92 -43.95
N THR T 343 14.16 139.29 -45.12
CA THR T 343 13.13 138.31 -45.44
C THR T 343 13.74 136.91 -45.41
N VAL T 344 13.10 136.02 -44.66
CA VAL T 344 13.56 134.65 -44.51
C VAL T 344 12.50 133.71 -45.09
N SER T 345 12.96 132.59 -45.64
CA SER T 345 12.09 131.60 -46.24
C SER T 345 11.82 130.46 -45.26
N ALA T 346 10.95 129.53 -45.68
CA ALA T 346 10.62 128.38 -44.83
C ALA T 346 11.83 127.48 -44.60
N ALA T 347 12.65 127.28 -45.64
CA ALA T 347 13.81 126.41 -45.54
C ALA T 347 15.03 127.12 -44.96
N GLY T 348 14.93 128.41 -44.66
CA GLY T 348 16.04 129.16 -44.11
C GLY T 348 16.78 130.03 -45.10
N LEU T 349 16.33 130.10 -46.35
CA LEU T 349 16.97 130.93 -47.36
C LEU T 349 16.60 132.39 -47.10
N VAL T 350 17.45 133.07 -46.33
CA VAL T 350 17.20 134.47 -46.00
C VAL T 350 17.59 135.35 -47.18
N THR T 351 16.69 136.25 -47.57
CA THR T 351 16.91 137.15 -48.69
C THR T 351 16.98 138.58 -48.18
N GLY T 352 18.01 139.31 -48.60
CA GLY T 352 18.18 140.69 -48.21
C GLY T 352 17.38 141.64 -49.07
N VAL T 353 16.37 142.29 -48.49
CA VAL T 353 15.51 143.21 -49.23
C VAL T 353 15.88 144.64 -48.87
N ALA T 354 16.31 144.86 -47.64
CA ALA T 354 16.70 146.18 -47.16
C ALA T 354 18.02 146.08 -46.42
N ALA T 355 18.95 146.99 -46.74
CA ALA T 355 20.23 147.04 -46.05
C ALA T 355 20.04 147.50 -44.61
N GLY T 356 20.78 146.89 -43.69
CA GLY T 356 20.68 147.24 -42.30
C GLY T 356 21.11 146.07 -41.43
N THR T 357 20.56 146.04 -40.22
CA THR T 357 20.85 144.99 -39.25
C THR T 357 19.54 144.37 -38.78
N ALA T 358 19.49 143.04 -38.77
CA ALA T 358 18.30 142.31 -38.35
C ALA T 358 18.71 141.08 -37.56
N ASP T 359 17.71 140.34 -37.09
CA ASP T 359 17.93 139.10 -36.34
C ASP T 359 17.02 138.01 -36.89
N ILE T 360 17.51 136.77 -36.87
CA ILE T 360 16.72 135.61 -37.27
C ILE T 360 16.80 134.58 -36.16
N THR T 361 15.64 134.06 -35.75
CA THR T 361 15.55 133.06 -34.70
C THR T 361 15.13 131.73 -35.30
N ALA T 362 15.93 130.69 -35.07
CA ALA T 362 15.66 129.35 -35.53
C ALA T 362 15.20 128.50 -34.35
N SER T 363 14.07 127.82 -34.53
CA SER T 363 13.48 126.97 -33.50
C SER T 363 13.44 125.53 -33.97
N TYR T 364 13.78 124.62 -33.06
CA TYR T 364 13.83 123.19 -33.34
C TYR T 364 13.10 122.44 -32.24
N VAL T 365 12.17 121.57 -32.64
CA VAL T 365 11.48 120.74 -31.65
C VAL T 365 12.41 119.62 -31.20
N PRO T 366 12.62 119.44 -29.89
CA PRO T 366 13.53 118.39 -29.45
C PRO T 366 12.92 117.01 -29.64
N PRO T 367 13.73 116.01 -29.98
CA PRO T 367 13.19 114.64 -30.07
C PRO T 367 12.62 114.14 -28.76
N GLN T 368 13.19 114.54 -27.63
CA GLN T 368 12.69 114.12 -26.33
C GLN T 368 11.35 114.75 -25.99
N GLY T 369 11.00 115.84 -26.65
CA GLY T 369 9.75 116.53 -26.37
C GLY T 369 9.93 117.68 -25.39
N GLY T 370 8.92 118.55 -25.37
CA GLY T 370 8.95 119.71 -24.50
C GLY T 370 9.09 121.01 -25.25
N THR T 371 9.70 122.01 -24.63
CA THR T 371 9.89 123.30 -25.28
C THR T 371 10.91 123.18 -26.42
N ALA T 372 10.67 123.95 -27.48
CA ALA T 372 11.54 123.92 -28.65
C ALA T 372 12.77 124.79 -28.42
N LYS T 373 13.94 124.25 -28.71
CA LYS T 373 15.18 125.00 -28.54
C LYS T 373 15.26 126.11 -29.59
N THR T 374 15.60 127.32 -29.14
CA THR T 374 15.66 128.48 -30.00
C THR T 374 17.07 129.08 -29.99
N ALA T 375 17.48 129.59 -31.15
CA ALA T 375 18.78 130.23 -31.28
C ALA T 375 18.66 131.42 -32.22
N THR T 376 19.14 132.57 -31.78
CA THR T 376 19.00 133.82 -32.54
C THR T 376 20.37 134.27 -33.03
N VAL T 377 20.44 134.62 -34.32
CA VAL T 377 21.67 135.07 -34.95
C VAL T 377 21.40 136.38 -35.68
N THR T 378 22.30 137.35 -35.50
CA THR T 378 22.16 138.63 -36.17
C THR T 378 22.67 138.55 -37.61
N VAL T 379 22.19 139.47 -38.43
CA VAL T 379 22.57 139.57 -39.83
C VAL T 379 22.77 141.06 -40.15
N THR T 380 23.77 141.34 -40.98
CA THR T 380 24.10 142.71 -41.39
C THR T 380 24.06 142.76 -42.92
N VAL T 381 22.87 143.05 -43.46
CA VAL T 381 22.69 143.12 -44.91
C VAL T 381 23.35 144.39 -45.43
N PRO T 382 24.32 144.29 -46.34
CA PRO T 382 25.05 145.44 -46.90
C PRO T 382 24.16 146.34 -47.76
N ILE U 4 96.42 151.97 -22.54
CA ILE U 4 97.88 151.97 -22.41
C ILE U 4 98.50 151.21 -23.58
N PHE U 5 98.01 150.00 -23.81
CA PHE U 5 98.50 149.14 -24.89
C PHE U 5 97.45 149.04 -25.99
N VAL U 6 97.86 149.29 -27.23
CA VAL U 6 96.96 149.16 -28.36
C VAL U 6 96.63 147.70 -28.59
N LYS U 7 95.35 147.42 -28.81
CA LYS U 7 94.88 146.04 -28.98
C LYS U 7 94.05 145.92 -30.25
N PRO U 8 94.08 144.75 -30.90
CA PRO U 8 93.25 144.56 -32.10
C PRO U 8 91.82 144.19 -31.74
N GLU U 9 91.00 143.88 -32.74
CA GLU U 9 89.60 143.51 -32.55
C GLU U 9 89.40 142.13 -33.16
N LEU U 10 89.65 141.08 -32.37
CA LEU U 10 89.44 139.72 -32.84
C LEU U 10 87.94 139.43 -32.95
N VAL U 11 87.55 138.80 -34.04
CA VAL U 11 86.15 138.45 -34.28
C VAL U 11 86.10 136.95 -34.53
N ALA U 12 85.83 136.19 -33.47
CA ALA U 12 85.64 134.75 -33.54
C ALA U 12 84.19 134.41 -33.29
N GLU U 13 83.73 133.32 -33.92
CA GLU U 13 82.32 132.95 -33.85
C GLU U 13 82.17 131.46 -33.61
N ILE U 14 81.05 131.10 -32.98
CA ILE U 14 80.65 129.71 -32.76
C ILE U 14 79.26 129.63 -33.37
N GLY U 15 78.64 128.45 -33.36
CA GLY U 15 77.34 128.33 -34.00
C GLY U 15 76.21 128.80 -33.11
N VAL U 16 75.77 130.04 -33.35
CA VAL U 16 74.68 130.66 -32.60
C VAL U 16 73.67 131.22 -33.58
N LYS U 17 73.55 130.58 -34.75
CA LYS U 17 72.72 131.09 -35.82
C LYS U 17 71.27 131.26 -35.38
N GLN U 18 70.59 132.22 -35.99
CA GLN U 18 69.20 132.51 -35.63
C GLN U 18 68.31 131.30 -35.89
N LEU U 19 67.48 130.97 -34.90
CA LEU U 19 66.60 129.82 -35.01
C LEU U 19 65.44 130.14 -35.94
N GLN U 20 65.14 129.21 -36.86
CA GLN U 20 64.08 129.41 -37.84
C GLN U 20 63.26 128.13 -37.96
N ARG U 21 62.03 128.29 -38.42
CA ARG U 21 61.13 127.16 -38.58
C ARG U 21 61.57 126.25 -39.72
N GLU U 22 61.13 125.00 -39.66
CA GLU U 22 61.50 124.00 -40.64
C GLU U 22 60.57 124.09 -41.86
N ILE U 23 60.75 123.14 -42.78
CA ILE U 23 59.98 123.10 -44.03
C ILE U 23 59.27 121.76 -44.08
N VAL U 24 57.97 121.76 -43.80
CA VAL U 24 57.17 120.54 -43.78
C VAL U 24 56.01 120.61 -44.78
N LEU U 25 55.39 121.77 -44.94
CA LEU U 25 54.21 121.88 -45.80
C LEU U 25 54.45 121.48 -47.25
N PRO U 26 55.53 121.87 -47.93
CA PRO U 26 55.68 121.46 -49.34
C PRO U 26 55.69 119.96 -49.56
N GLY U 27 56.11 119.19 -48.57
CA GLY U 27 56.15 117.74 -48.71
C GLY U 27 54.86 117.02 -48.41
N LEU U 28 53.77 117.74 -48.15
CA LEU U 28 52.50 117.13 -47.82
C LEU U 28 51.37 117.50 -48.77
N VAL U 29 51.37 118.72 -49.33
CA VAL U 29 50.28 119.15 -50.19
C VAL U 29 50.41 118.52 -51.56
N TRP U 30 49.27 118.44 -52.27
CA TRP U 30 49.24 117.92 -53.62
C TRP U 30 49.83 118.96 -54.57
N THR U 31 51.05 118.71 -55.06
CA THR U 31 51.79 119.67 -55.84
C THR U 31 51.81 119.30 -57.32
N ASN U 32 51.77 120.31 -58.17
CA ASN U 32 51.87 120.16 -59.62
C ASN U 32 50.91 119.13 -60.20
N PRO U 33 49.59 119.32 -60.03
CA PRO U 33 48.65 118.41 -60.70
C PRO U 33 48.70 118.50 -62.22
N LEU U 34 48.99 119.68 -62.76
CA LEU U 34 49.06 119.90 -64.20
C LEU U 34 50.48 120.31 -64.57
N THR U 35 51.03 119.66 -65.60
CA THR U 35 52.41 119.94 -65.98
C THR U 35 52.55 121.27 -66.72
N ASP U 36 51.60 121.59 -67.59
CA ASP U 36 51.70 122.76 -68.46
C ASP U 36 50.53 123.69 -68.24
N PHE U 37 50.81 124.99 -68.27
CA PHE U 37 49.77 126.02 -68.14
C PHE U 37 49.85 127.12 -69.19
N GLY U 38 51.00 127.32 -69.83
CA GLY U 38 51.12 128.42 -70.78
C GLY U 38 50.26 128.24 -72.01
N GLY U 39 50.19 127.02 -72.55
CA GLY U 39 49.42 126.76 -73.74
C GLY U 39 47.93 126.60 -73.47
N SER U 40 47.31 127.64 -72.91
CA SER U 40 45.90 127.59 -72.59
C SER U 40 45.35 129.00 -72.56
N LYS U 41 44.02 129.11 -72.56
CA LYS U 41 43.37 130.41 -72.59
C LYS U 41 43.61 131.16 -71.29
N ASN U 42 44.06 132.42 -71.43
CA ASN U 42 44.35 133.35 -70.34
C ASN U 42 45.00 132.68 -69.13
N ASP U 43 45.95 131.76 -69.40
CA ASP U 43 46.76 131.12 -68.36
C ASP U 43 45.91 130.43 -67.29
N THR U 44 44.90 129.68 -67.74
CA THR U 44 44.12 128.85 -66.84
C THR U 44 43.91 127.49 -67.48
N ILE U 45 43.75 126.48 -66.63
CA ILE U 45 43.49 125.11 -67.06
C ILE U 45 42.15 124.66 -66.50
N THR U 46 41.30 124.15 -67.36
CA THR U 46 39.96 123.70 -66.98
C THR U 46 39.94 122.18 -66.85
N VAL U 47 39.45 121.70 -65.72
CA VAL U 47 39.32 120.27 -65.44
C VAL U 47 37.84 119.94 -65.35
N ARG U 48 37.43 118.94 -66.11
CA ARG U 48 36.02 118.53 -66.22
C ARG U 48 35.73 117.48 -65.14
N VAL U 49 34.84 117.82 -64.21
CA VAL U 49 34.45 116.88 -63.16
C VAL U 49 33.56 115.79 -63.77
N PRO U 50 33.76 114.52 -63.45
CA PRO U 50 32.88 113.47 -63.96
C PRO U 50 31.43 113.68 -63.50
N ALA U 51 30.50 113.29 -64.35
CA ALA U 51 29.09 113.52 -64.12
C ALA U 51 28.39 112.26 -63.61
N ILE U 52 27.40 112.46 -62.75
CA ILE U 52 26.58 111.38 -62.21
C ILE U 52 25.11 111.72 -62.45
N THR U 53 24.32 110.70 -62.77
CA THR U 53 22.91 110.87 -63.04
C THR U 53 22.08 110.32 -61.88
N THR U 54 20.77 110.47 -61.98
CA THR U 54 19.83 110.00 -60.97
C THR U 54 18.83 109.04 -61.62
N ALA U 55 17.84 108.61 -60.84
CA ALA U 55 16.82 107.68 -61.31
C ALA U 55 15.48 108.03 -60.69
N ASN U 56 14.41 107.59 -61.36
CA ASN U 56 13.05 107.79 -60.90
C ASN U 56 12.35 106.44 -60.77
N ARG U 57 11.17 106.46 -60.15
CA ARG U 57 10.43 105.25 -59.86
C ARG U 57 8.99 105.38 -60.34
N ARG U 58 8.39 104.24 -60.68
CA ARG U 58 7.01 104.16 -61.10
C ARG U 58 6.37 102.93 -60.48
N ASP U 59 5.06 102.79 -60.68
CA ASP U 59 4.29 101.72 -60.08
C ASP U 59 3.88 100.69 -61.14
N LEU U 60 3.65 99.47 -60.67
CA LEU U 60 3.18 98.40 -61.53
C LEU U 60 1.71 98.58 -61.89
N ARG U 61 1.31 97.98 -63.01
CA ARG U 61 -0.05 98.10 -63.54
C ARG U 61 -0.45 99.56 -63.72
N ASP U 62 0.51 100.36 -64.21
CA ASP U 62 0.29 101.79 -64.38
C ASP U 62 -0.35 102.05 -65.73
N PRO U 63 -1.54 102.66 -65.79
CA PRO U 63 -2.22 102.84 -67.10
C PRO U 63 -1.42 103.64 -68.10
N ASP U 64 -0.69 104.66 -67.66
CA ASP U 64 0.11 105.49 -68.54
C ASP U 64 1.51 104.89 -68.64
N ARG U 65 1.86 104.40 -69.83
CA ARG U 65 3.13 103.73 -70.06
C ARG U 65 4.27 104.70 -70.36
N THR U 66 4.08 105.99 -70.08
CA THR U 66 5.11 106.98 -70.39
C THR U 66 6.36 106.76 -69.54
N VAL U 67 7.49 107.23 -70.07
CA VAL U 67 8.79 107.09 -69.43
C VAL U 67 9.46 108.45 -69.40
N ILE U 68 10.10 108.77 -68.27
CA ILE U 68 10.78 110.05 -68.07
C ILE U 68 12.27 109.80 -68.03
N ALA U 69 13.01 110.50 -68.87
CA ALA U 69 14.46 110.38 -68.94
C ALA U 69 15.13 111.51 -68.18
N SER U 70 16.43 111.34 -67.95
CA SER U 70 17.25 112.31 -67.25
C SER U 70 18.33 112.86 -68.18
N GLU U 71 19.16 113.74 -67.65
CA GLU U 71 20.25 114.33 -68.42
C GLU U 71 21.46 114.52 -67.52
N LEU U 72 22.63 114.18 -68.04
CA LEU U 72 23.87 114.34 -67.29
C LEU U 72 24.36 115.78 -67.39
N VAL U 73 24.80 116.32 -66.26
CA VAL U 73 25.40 117.65 -66.18
C VAL U 73 26.87 117.48 -65.82
N GLU U 74 27.75 118.02 -66.66
CA GLU U 74 29.19 117.85 -66.51
C GLU U 74 29.78 119.21 -66.14
N HIS U 75 29.86 119.47 -64.84
CA HIS U 75 30.47 120.70 -64.35
C HIS U 75 31.99 120.60 -64.43
N SER U 76 32.65 121.77 -64.43
CA SER U 76 34.10 121.84 -64.53
C SER U 76 34.59 123.00 -63.69
N PHE U 77 35.87 122.94 -63.32
CA PHE U 77 36.50 124.02 -62.57
C PHE U 77 37.79 124.43 -63.26
N GLY U 78 38.43 125.46 -62.73
CA GLY U 78 39.61 126.01 -63.36
C GLY U 78 40.68 126.36 -62.34
N VAL U 79 41.93 126.25 -62.77
CA VAL U 79 43.10 126.60 -61.98
C VAL U 79 43.91 127.64 -62.75
N THR U 80 44.25 128.74 -62.09
CA THR U 80 44.93 129.86 -62.73
C THR U 80 46.23 130.17 -61.99
N LEU U 81 47.29 130.42 -62.76
CA LEU U 81 48.58 130.84 -62.22
C LEU U 81 48.62 132.36 -62.18
N ASP U 82 48.66 132.93 -60.97
CA ASP U 82 48.65 134.39 -60.85
C ASP U 82 49.57 134.91 -59.75
N LYS U 83 50.45 134.09 -59.18
CA LYS U 83 51.33 134.55 -58.11
C LYS U 83 52.78 134.44 -58.54
N HIS U 84 53.60 135.41 -58.12
CA HIS U 84 55.00 135.48 -58.51
C HIS U 84 55.84 135.76 -57.27
N VAL U 85 56.63 134.79 -56.85
CA VAL U 85 57.47 134.90 -55.66
C VAL U 85 58.86 135.31 -56.11
N TYR U 86 59.30 136.51 -55.70
CA TYR U 86 60.56 137.06 -56.16
C TYR U 86 61.35 137.58 -54.96
N ALA U 87 62.68 137.61 -55.14
CA ALA U 87 63.59 138.15 -54.14
C ALA U 87 64.66 138.94 -54.86
N ALA U 88 64.96 140.14 -54.35
CA ALA U 88 65.90 141.04 -55.00
C ALA U 88 66.87 141.61 -53.98
N LEU U 89 68.02 142.05 -54.48
CA LEU U 89 69.05 142.67 -53.66
C LEU U 89 69.70 143.80 -54.45
N LYS U 90 70.33 144.72 -53.73
CA LYS U 90 70.94 145.92 -54.31
C LYS U 90 72.36 146.09 -53.80
N PHE U 91 73.15 145.01 -53.86
CA PHE U 91 74.55 145.07 -53.45
C PHE U 91 75.32 145.95 -54.43
N THR U 92 75.72 147.13 -53.97
CA THR U 92 76.40 148.09 -54.83
C THR U 92 77.87 147.67 -55.02
N ASP U 93 78.65 148.54 -55.66
CA ASP U 93 80.02 148.19 -56.02
C ASP U 93 80.90 147.99 -54.80
N GLU U 94 80.76 148.84 -53.78
CA GLU U 94 81.64 148.76 -52.62
C GLU U 94 81.38 147.53 -51.76
N GLN U 95 80.19 146.93 -51.86
CA GLN U 95 79.91 145.72 -51.09
C GLN U 95 80.72 144.53 -51.61
N ARG U 96 80.93 144.46 -52.93
CA ARG U 96 81.67 143.36 -53.52
C ARG U 96 83.17 143.44 -53.29
N THR U 97 83.67 144.55 -52.74
CA THR U 97 85.12 144.74 -52.57
C THR U 97 85.58 144.48 -51.15
N LEU U 98 85.03 145.19 -50.17
CA LEU U 98 85.51 145.14 -48.79
C LEU U 98 84.75 144.13 -47.94
N ASP U 99 83.44 144.31 -47.81
CA ASP U 99 82.62 143.45 -46.96
C ASP U 99 81.92 142.39 -47.81
N ILE U 100 82.71 141.42 -48.25
CA ILE U 100 82.22 140.33 -49.09
C ILE U 100 82.91 139.04 -48.68
N ARG U 101 82.15 137.93 -48.70
CA ARG U 101 82.68 136.60 -48.44
C ARG U 101 82.30 135.68 -49.59
N ASP U 102 82.46 134.38 -49.40
CA ASP U 102 82.07 133.38 -50.40
C ASP U 102 80.66 133.66 -50.90
N TYR U 103 80.52 133.79 -52.23
CA TYR U 103 79.27 134.20 -52.83
C TYR U 103 78.15 133.17 -52.67
N THR U 104 78.47 131.94 -52.28
CA THR U 104 77.44 130.92 -52.11
C THR U 104 76.92 130.86 -50.67
N LYS U 105 77.83 130.83 -49.70
CA LYS U 105 77.40 130.70 -48.30
C LYS U 105 76.82 131.99 -47.76
N GLN U 106 77.43 133.14 -48.10
CA GLN U 106 77.06 134.40 -47.45
C GLN U 106 75.70 134.90 -47.92
N VAL U 107 75.45 134.87 -49.23
CA VAL U 107 74.27 135.51 -49.81
C VAL U 107 73.38 134.50 -50.54
N LEU U 108 73.97 133.58 -51.31
CA LEU U 108 73.15 132.65 -52.10
C LEU U 108 72.34 131.72 -51.21
N MET U 109 72.97 131.14 -50.19
CA MET U 109 72.23 130.26 -49.27
C MET U 109 71.13 131.01 -48.53
N PRO U 110 71.35 132.19 -47.93
CA PRO U 110 70.23 132.93 -47.37
C PRO U 110 69.17 133.32 -48.39
N GLN U 111 69.56 133.59 -49.64
CA GLN U 111 68.57 133.91 -50.66
C GLN U 111 67.65 132.73 -50.93
N VAL U 112 68.23 131.53 -51.12
CA VAL U 112 67.42 130.34 -51.34
C VAL U 112 66.57 130.03 -50.11
N SER U 113 67.15 130.22 -48.92
CA SER U 113 66.39 129.98 -47.69
C SER U 113 65.19 130.92 -47.59
N ALA U 114 65.39 132.20 -47.92
CA ALA U 114 64.29 133.16 -47.88
C ALA U 114 63.21 132.82 -48.91
N VAL U 115 63.63 132.40 -50.11
CA VAL U 115 62.65 132.01 -51.12
C VAL U 115 61.83 130.81 -50.65
N ALA U 116 62.50 129.81 -50.08
CA ALA U 116 61.79 128.64 -49.57
C ALA U 116 60.89 129.00 -48.41
N TYR U 117 61.34 129.90 -47.54
CA TYR U 117 60.52 130.31 -46.40
C TYR U 117 59.27 131.06 -46.85
N GLU U 118 59.42 131.92 -47.87
CA GLU U 118 58.24 132.62 -48.38
C GLU U 118 57.30 131.66 -49.11
N LEU U 119 57.84 130.64 -49.78
CA LEU U 119 56.97 129.60 -50.34
C LEU U 119 56.22 128.86 -49.26
N GLU U 120 56.89 128.56 -48.14
CA GLU U 120 56.23 127.95 -47.00
C GLU U 120 55.13 128.85 -46.45
N ASP U 121 55.40 130.15 -46.35
CA ASP U 121 54.38 131.10 -45.90
C ASP U 121 53.20 131.14 -46.86
N TYR U 122 53.49 131.08 -48.17
CA TYR U 122 52.43 131.03 -49.17
C TYR U 122 51.53 129.82 -48.97
N ILE U 123 52.13 128.64 -48.76
CA ILE U 123 51.34 127.46 -48.44
C ILE U 123 50.59 127.66 -47.13
N ALA U 124 51.17 128.40 -46.18
CA ALA U 124 50.50 128.65 -44.92
C ALA U 124 49.22 129.46 -45.12
N GLU U 125 49.29 130.54 -45.91
CA GLU U 125 48.07 131.30 -46.15
C GLU U 125 47.08 130.51 -46.99
N LEU U 126 47.57 129.64 -47.88
CA LEU U 126 46.65 128.80 -48.64
C LEU U 126 45.91 127.82 -47.73
N ILE U 127 46.61 127.23 -46.77
CA ILE U 127 45.97 126.28 -45.86
C ILE U 127 45.15 126.97 -44.79
N GLU U 128 45.40 128.25 -44.52
CA GLU U 128 44.62 129.00 -43.54
C GLU U 128 43.46 129.74 -44.21
N GLY U 129 43.75 130.59 -45.19
CA GLY U 129 42.72 131.30 -45.91
C GLY U 129 41.97 130.40 -46.86
N ALA U 130 40.71 130.10 -46.54
CA ALA U 130 39.89 129.21 -47.35
C ALA U 130 38.43 129.48 -47.02
N PRO U 131 37.50 129.17 -47.93
CA PRO U 131 36.08 129.37 -47.63
C PRO U 131 35.56 128.37 -46.60
N TYR U 132 36.00 128.49 -45.35
CA TYR U 132 35.59 127.60 -44.28
C TYR U 132 34.27 128.11 -43.70
N GLU U 133 33.25 127.24 -43.68
CA GLU U 133 31.95 127.64 -43.16
C GLU U 133 31.98 127.81 -41.65
N GLU U 134 32.79 127.01 -40.95
CA GLU U 134 32.85 127.08 -39.50
C GLU U 134 34.18 126.52 -39.02
N THR U 135 34.50 126.81 -37.76
CA THR U 135 35.70 126.31 -37.11
C THR U 135 35.30 125.44 -35.93
N ILE U 136 35.88 124.25 -35.84
CA ILE U 136 35.54 123.34 -34.75
C ILE U 136 36.20 123.84 -33.47
N LEU U 137 35.39 124.13 -32.46
CA LEU U 137 35.90 124.66 -31.20
C LEU U 137 36.46 123.53 -30.34
N ILE U 138 37.74 123.62 -30.00
CA ILE U 138 38.40 122.62 -29.17
C ILE U 138 38.35 123.09 -27.72
N ASP U 139 37.71 122.31 -26.86
CA ASP U 139 37.64 122.65 -25.45
C ASP U 139 39.04 122.51 -24.82
N PRO U 140 39.47 123.48 -24.01
CA PRO U 140 40.80 123.37 -23.39
C PRO U 140 40.97 122.14 -22.51
N ALA U 141 39.91 121.70 -21.84
CA ALA U 141 40.03 120.54 -20.95
C ALA U 141 39.94 119.23 -21.73
N ASP U 142 38.96 119.12 -22.63
CA ASP U 142 38.73 117.91 -23.40
C ASP U 142 38.99 118.21 -24.88
N THR U 143 39.87 117.42 -25.49
CA THR U 143 40.28 117.65 -26.88
C THR U 143 39.89 116.54 -27.84
N VAL U 144 39.75 115.30 -27.37
CA VAL U 144 39.38 114.20 -28.27
C VAL U 144 38.02 114.43 -28.93
N PRO U 145 36.97 114.87 -28.23
CA PRO U 145 35.69 115.09 -28.92
C PRO U 145 35.77 116.09 -30.05
N ALA U 146 36.65 117.10 -29.97
CA ALA U 146 36.78 118.04 -31.07
C ALA U 146 37.28 117.34 -32.34
N PHE U 147 38.30 116.49 -32.19
CA PHE U 147 38.81 115.76 -33.35
C PHE U 147 37.80 114.74 -33.86
N ILE U 148 37.04 114.12 -32.95
CA ILE U 148 35.98 113.22 -33.37
C ILE U 148 34.92 113.95 -34.18
N THR U 149 34.56 115.16 -33.73
CA THR U 149 33.59 115.97 -34.46
C THR U 149 34.12 116.37 -35.82
N ALA U 150 35.41 116.74 -35.90
CA ALA U 150 36.00 117.07 -37.19
C ALA U 150 35.98 115.88 -38.14
N ASP U 151 36.30 114.70 -37.62
CA ASP U 151 36.24 113.49 -38.44
C ASP U 151 34.82 113.20 -38.90
N GLN U 152 33.84 113.43 -38.02
CA GLN U 152 32.44 113.24 -38.40
C GLN U 152 32.02 114.21 -39.50
N ARG U 153 32.45 115.47 -39.40
CA ARG U 153 32.16 116.43 -40.46
C ARG U 153 32.80 116.01 -41.77
N MET U 154 34.04 115.52 -41.72
CA MET U 154 34.69 115.05 -42.94
C MET U 154 33.95 113.86 -43.54
N GLY U 155 33.51 112.92 -42.69
CA GLY U 155 32.81 111.75 -43.17
C GLY U 155 31.40 112.03 -43.67
N GLU U 156 30.79 113.13 -43.20
CA GLU U 156 29.47 113.49 -43.70
C GLU U 156 29.49 113.80 -45.19
N ALA U 157 30.64 114.23 -45.71
CA ALA U 157 30.81 114.50 -47.14
C ALA U 157 31.32 113.28 -47.91
N ASN U 158 31.37 112.11 -47.26
CA ASN U 158 31.86 110.88 -47.88
C ASN U 158 33.29 111.03 -48.37
N VAL U 159 34.11 111.72 -47.59
CA VAL U 159 35.53 111.86 -47.91
C VAL U 159 36.23 110.52 -47.74
N PRO U 160 37.03 110.08 -48.71
CA PRO U 160 37.73 108.79 -48.55
C PRO U 160 38.66 108.81 -47.35
N THR U 161 38.77 107.67 -46.68
CA THR U 161 39.55 107.55 -45.45
C THR U 161 40.98 107.09 -45.76
N ASP U 162 41.67 107.93 -46.52
CA ASP U 162 43.07 107.67 -46.84
C ASP U 162 43.75 109.00 -47.16
N SER U 163 45.05 109.06 -46.87
CA SER U 163 45.87 110.25 -47.13
C SER U 163 45.26 111.50 -46.48
N ARG U 164 44.74 111.33 -45.26
CA ARG U 164 44.13 112.43 -44.52
C ARG U 164 45.23 113.13 -43.72
N ARG U 165 45.82 114.15 -44.33
CA ARG U 165 46.92 114.87 -43.69
C ARG U 165 46.38 115.90 -42.72
N LEU U 166 46.89 115.87 -41.49
CA LEU U 166 46.50 116.79 -40.43
C LEU U 166 47.73 117.57 -39.98
N VAL U 167 47.61 118.89 -39.98
CA VAL U 167 48.64 119.80 -39.50
C VAL U 167 48.12 120.46 -38.22
N VAL U 168 48.96 120.47 -37.19
CA VAL U 168 48.58 120.96 -35.87
C VAL U 168 49.60 121.99 -35.41
N GLY U 169 49.11 123.05 -34.77
CA GLY U 169 49.99 124.07 -34.24
C GLY U 169 50.72 123.60 -32.99
N SER U 170 51.77 124.35 -32.64
CA SER U 170 52.54 124.03 -31.45
C SER U 170 51.70 124.17 -30.18
N ALA U 171 50.91 125.25 -30.10
CA ALA U 171 50.07 125.46 -28.92
C ALA U 171 48.98 124.41 -28.82
N VAL U 172 48.34 124.07 -29.94
CA VAL U 172 47.29 123.06 -29.92
C VAL U 172 47.87 121.69 -29.58
N ALA U 173 49.06 121.38 -30.11
CA ALA U 173 49.70 120.12 -29.77
C ALA U 173 50.07 120.07 -28.28
N ALA U 174 50.56 121.17 -27.73
CA ALA U 174 50.88 121.22 -26.31
C ALA U 174 49.64 121.04 -25.46
N ALA U 175 48.53 121.68 -25.85
CA ALA U 175 47.28 121.50 -25.12
C ALA U 175 46.79 120.06 -25.23
N LEU U 176 46.97 119.43 -26.38
CA LEU U 176 46.61 118.03 -26.56
C LEU U 176 47.44 117.14 -25.63
N ALA U 177 48.72 117.44 -25.50
CA ALA U 177 49.55 116.71 -24.54
C ALA U 177 49.13 116.98 -23.10
N LYS U 178 48.54 118.15 -22.84
CA LYS U 178 48.04 118.49 -21.51
C LYS U 178 46.68 117.90 -21.21
N ASP U 179 46.04 117.25 -22.19
CA ASP U 179 44.71 116.69 -21.97
C ASP U 179 44.78 115.55 -20.95
N LYS U 180 43.76 115.49 -20.09
CA LYS U 180 43.68 114.40 -19.11
C LYS U 180 43.52 113.05 -19.78
N GLN U 181 43.00 113.01 -21.01
CA GLN U 181 42.84 111.74 -21.72
C GLN U 181 44.20 111.09 -21.99
N PHE U 182 45.19 111.89 -22.39
CA PHE U 182 46.51 111.38 -22.73
C PHE U 182 47.53 111.55 -21.61
N ARG U 183 47.12 112.06 -20.45
CA ARG U 183 48.06 112.33 -19.35
C ARG U 183 47.58 111.67 -18.07
N HIS U 184 47.05 110.45 -18.18
CA HIS U 184 46.66 109.69 -16.99
C HIS U 184 47.07 108.23 -17.07
N ALA U 185 47.60 107.75 -18.18
CA ALA U 185 48.19 106.42 -18.32
C ALA U 185 47.18 105.30 -18.13
N ASP U 186 45.92 105.63 -17.91
CA ASP U 186 44.87 104.63 -17.83
C ASP U 186 43.75 104.97 -18.80
N TRP U 187 43.48 106.27 -18.96
CA TRP U 187 42.50 106.71 -19.96
C TRP U 187 43.07 106.61 -21.37
N SER U 188 44.39 106.71 -21.51
CA SER U 188 45.03 106.63 -22.82
C SER U 188 45.36 105.20 -23.25
N GLY U 189 45.23 104.23 -22.36
CA GLY U 189 45.46 102.83 -22.67
C GLY U 189 46.88 102.33 -22.52
N ASP U 190 47.86 103.13 -22.93
CA ASP U 190 49.25 102.71 -22.88
C ASP U 190 49.75 102.70 -21.43
N GLN U 191 50.22 101.54 -20.98
CA GLN U 191 50.76 101.45 -19.63
C GLN U 191 52.14 102.08 -19.52
N ALA U 192 52.88 102.13 -20.64
CA ALA U 192 54.20 102.75 -20.63
C ALA U 192 54.13 104.26 -20.47
N ASN U 193 52.96 104.87 -20.65
CA ASN U 193 52.78 106.32 -20.52
C ASN U 193 53.73 107.09 -21.44
N ALA U 194 53.85 106.63 -22.69
CA ALA U 194 54.71 107.31 -23.65
C ALA U 194 54.17 108.67 -24.05
N ALA U 195 52.89 108.94 -23.80
CA ALA U 195 52.33 110.25 -24.13
C ALA U 195 52.80 111.31 -23.14
N LEU U 196 52.86 110.98 -21.86
CA LEU U 196 53.30 111.95 -20.86
C LEU U 196 54.77 112.29 -21.05
N ARG U 197 55.61 111.28 -21.23
CA ARG U 197 57.04 111.50 -21.44
C ARG U 197 57.30 111.96 -22.87
N GLU U 198 58.37 112.74 -23.04
CA GLU U 198 58.84 113.29 -24.30
C GLU U 198 57.89 114.32 -24.89
N ALA U 199 56.77 114.63 -24.22
CA ALA U 199 55.82 115.65 -24.66
C ALA U 199 55.32 115.38 -26.08
N HIS U 200 55.07 114.11 -26.39
CA HIS U 200 54.56 113.70 -27.69
C HIS U 200 53.25 112.95 -27.49
N VAL U 201 52.18 113.46 -28.09
CA VAL U 201 50.88 112.83 -27.94
C VAL U 201 50.83 111.50 -28.68
N GLY U 202 51.46 111.43 -29.86
CA GLY U 202 51.45 110.21 -30.64
C GLY U 202 50.34 110.16 -31.67
N ARG U 203 49.93 108.95 -32.05
CA ARG U 203 48.89 108.80 -33.06
C ARG U 203 47.55 109.30 -32.53
N LEU U 204 46.83 110.04 -33.37
CA LEU U 204 45.53 110.57 -33.04
C LEU U 204 44.44 109.65 -33.60
N ALA U 205 43.19 110.02 -33.37
CA ALA U 205 42.04 109.21 -33.77
C ALA U 205 41.91 109.22 -35.28
N GLY U 206 42.34 108.13 -35.91
CA GLY U 206 42.21 107.96 -37.35
C GLY U 206 43.22 108.70 -38.18
N MET U 207 44.19 109.38 -37.57
CA MET U 207 45.18 110.14 -38.31
C MET U 207 46.38 110.38 -37.41
N ASN U 208 47.49 110.79 -38.03
CA ASN U 208 48.70 111.16 -37.32
C ASN U 208 48.75 112.67 -37.12
N VAL U 209 49.77 113.11 -36.38
CA VAL U 209 49.96 114.52 -36.07
C VAL U 209 51.30 114.97 -36.62
N ILE U 210 51.29 116.13 -37.28
CA ILE U 210 52.50 116.74 -37.83
C ILE U 210 52.61 118.14 -37.27
N ARG U 211 53.72 118.44 -36.60
CA ARG U 211 53.92 119.74 -35.98
C ARG U 211 54.44 120.74 -37.01
N SER U 212 53.88 121.95 -36.99
CA SER U 212 54.29 123.01 -37.89
C SER U 212 54.00 124.34 -37.23
N ASN U 213 55.04 125.10 -36.90
CA ASN U 213 54.89 126.39 -36.26
C ASN U 213 54.67 127.53 -37.26
N ALA U 214 54.77 127.25 -38.56
CA ALA U 214 54.52 128.29 -39.55
C ALA U 214 53.09 128.78 -39.51
N ILE U 215 52.14 127.84 -39.35
CA ILE U 215 50.72 128.19 -39.23
C ILE U 215 50.47 128.76 -37.84
N ALA U 216 49.29 129.33 -37.64
CA ALA U 216 48.95 129.89 -36.34
C ALA U 216 48.96 128.79 -35.28
N PRO U 217 49.62 129.00 -34.14
CA PRO U 217 49.69 127.94 -33.13
C PRO U 217 48.34 127.55 -32.55
N ASP U 218 47.33 128.42 -32.66
CA ASP U 218 46.01 128.16 -32.11
C ASP U 218 45.07 127.47 -33.11
N LYS U 219 45.54 127.20 -34.32
CA LYS U 219 44.70 126.62 -35.37
C LYS U 219 45.32 125.35 -35.92
N ALA U 220 44.46 124.43 -36.34
CA ALA U 220 44.88 123.18 -36.97
C ALA U 220 44.00 122.92 -38.18
N TYR U 221 44.55 122.19 -39.16
CA TYR U 221 43.84 121.97 -40.42
C TYR U 221 43.98 120.53 -40.86
N LEU U 222 42.86 119.93 -41.28
CA LEU U 222 42.85 118.55 -41.75
C LEU U 222 42.30 118.51 -43.17
N TRP U 223 43.06 117.93 -44.10
CA TRP U 223 42.66 117.89 -45.49
C TRP U 223 43.03 116.55 -46.10
N HIS U 224 42.23 116.12 -47.07
CA HIS U 224 42.41 114.82 -47.74
C HIS U 224 43.11 115.05 -49.07
N ARG U 225 44.45 115.00 -49.03
CA ARG U 225 45.32 115.04 -50.21
C ARG U 225 44.88 116.07 -51.25
N THR U 226 43.91 115.70 -52.09
CA THR U 226 43.48 116.54 -53.20
C THR U 226 42.47 117.60 -52.74
N ALA U 227 42.81 118.34 -51.69
CA ALA U 227 41.98 119.44 -51.23
C ALA U 227 42.49 120.80 -51.69
N PHE U 228 43.77 120.90 -52.05
CA PHE U 228 44.36 122.14 -52.52
C PHE U 228 45.25 121.85 -53.73
N ILE U 229 45.38 122.85 -54.60
CA ILE U 229 46.15 122.73 -55.83
C ILE U 229 47.31 123.71 -55.76
N LEU U 230 48.52 123.19 -55.88
CA LEU U 230 49.75 123.99 -55.88
C LEU U 230 50.40 123.83 -57.25
N ALA U 231 50.72 124.95 -57.90
CA ALA U 231 51.38 124.92 -59.20
C ALA U 231 52.64 125.75 -59.14
N TYR U 232 53.75 125.19 -59.62
CA TYR U 232 55.04 125.85 -59.66
C TYR U 232 55.54 125.92 -61.10
N ARG U 233 56.23 127.01 -61.43
CA ARG U 233 56.77 127.22 -62.77
C ARG U 233 58.08 127.97 -62.66
N THR U 234 59.13 127.41 -63.26
CA THR U 234 60.42 128.08 -63.32
C THR U 234 60.45 129.01 -64.52
N PRO U 235 60.63 130.31 -64.33
CA PRO U 235 60.64 131.23 -65.48
C PRO U 235 61.81 130.94 -66.41
N VAL U 236 61.58 131.16 -67.69
CA VAL U 236 62.62 130.96 -68.70
C VAL U 236 63.58 132.13 -68.67
N VAL U 237 64.87 131.84 -68.75
CA VAL U 237 65.89 132.89 -68.72
C VAL U 237 65.73 133.76 -69.97
N PRO U 238 65.62 135.08 -69.83
CA PRO U 238 65.49 135.94 -71.02
C PRO U 238 66.71 135.85 -71.92
N GLU U 239 66.48 135.95 -73.21
CA GLU U 239 67.55 135.89 -74.20
C GLU U 239 68.37 137.17 -74.12
N GLY U 240 69.63 137.04 -73.70
CA GLY U 240 70.49 138.19 -73.55
C GLY U 240 70.93 138.42 -72.12
N ALA U 241 70.93 137.36 -71.32
CA ALA U 241 71.33 137.41 -69.93
C ALA U 241 72.74 136.86 -69.75
N LYS U 242 73.19 136.81 -68.50
CA LYS U 242 74.53 136.32 -68.19
C LYS U 242 74.53 134.82 -67.89
N ALA U 243 73.77 134.41 -66.87
CA ALA U 243 73.70 133.01 -66.50
C ALA U 243 72.37 132.74 -65.82
N GLY U 244 71.99 131.46 -65.78
CA GLY U 244 70.74 131.05 -65.16
C GLY U 244 70.88 130.69 -63.71
N ALA U 245 71.80 129.78 -63.39
CA ALA U 245 72.05 129.31 -62.03
C ALA U 245 70.74 128.83 -61.38
N SER U 246 70.18 127.78 -61.97
CA SER U 246 68.90 127.25 -61.53
C SER U 246 69.02 126.47 -60.24
N PHE U 247 68.95 127.17 -59.11
CA PHE U 247 68.98 126.51 -57.82
C PHE U 247 67.65 125.78 -57.56
N SER U 248 67.74 124.69 -56.81
CA SER U 248 66.59 123.87 -56.48
C SER U 248 66.30 123.96 -55.00
N ALA U 249 65.07 124.34 -54.65
CA ALA U 249 64.62 124.45 -53.27
C ALA U 249 63.39 123.59 -53.08
N ASN U 250 63.45 122.69 -52.09
CA ASN U 250 62.38 121.76 -51.75
C ASN U 250 61.68 121.17 -52.98
N GLY U 251 62.48 120.80 -53.99
CA GLY U 251 61.93 120.22 -55.20
C GLY U 251 61.43 121.21 -56.22
N VAL U 252 61.60 122.51 -55.99
CA VAL U 252 61.14 123.55 -56.92
C VAL U 252 62.35 124.29 -57.45
N ALA U 253 62.50 124.30 -58.77
CA ALA U 253 63.61 125.00 -59.40
C ALA U 253 63.34 126.50 -59.45
N LEU U 254 64.42 127.28 -59.43
CA LEU U 254 64.34 128.74 -59.43
C LEU U 254 65.16 129.30 -60.58
N ARG U 255 64.91 130.57 -60.90
CA ARG U 255 65.61 131.29 -61.95
C ARG U 255 66.29 132.50 -61.33
N TRP U 256 67.57 132.71 -61.66
CA TRP U 256 68.40 133.72 -61.03
C TRP U 256 68.98 134.65 -62.08
N LEU U 257 68.98 135.95 -61.79
CA LEU U 257 69.59 136.96 -62.63
C LEU U 257 70.85 137.51 -61.97
N ALA U 258 71.76 138.04 -62.78
CA ALA U 258 72.97 138.68 -62.29
C ALA U 258 72.98 140.17 -62.58
N ASP U 259 72.87 140.55 -63.86
CA ASP U 259 72.75 141.93 -64.31
C ASP U 259 74.02 142.75 -64.05
N TYR U 260 74.28 143.72 -64.92
CA TYR U 260 75.45 144.59 -64.81
C TYR U 260 75.06 146.04 -65.07
N ASP U 261 74.01 146.50 -64.39
CA ASP U 261 73.52 147.86 -64.58
C ASP U 261 74.61 148.89 -64.29
N TYR U 262 74.68 149.91 -65.15
CA TYR U 262 75.71 150.94 -65.06
C TYR U 262 75.21 152.25 -64.46
N SER U 263 73.90 152.51 -64.53
CA SER U 263 73.38 153.79 -64.05
C SER U 263 73.66 153.99 -62.56
N GLN U 264 73.45 152.94 -61.76
CA GLN U 264 73.73 153.01 -60.32
C GLN U 264 74.67 151.91 -59.88
N LEU U 265 75.38 151.27 -60.83
CA LEU U 265 76.32 150.19 -60.53
C LEU U 265 75.65 149.05 -59.78
N GLY U 266 76.46 148.22 -59.11
CA GLY U 266 75.91 147.13 -58.33
C GLY U 266 75.35 146.01 -59.18
N ASP U 267 74.52 145.18 -58.53
CA ASP U 267 73.89 144.05 -59.18
C ASP U 267 72.37 144.12 -58.99
N ARG U 268 71.66 143.37 -59.81
CA ARG U 268 70.20 143.37 -59.86
C ARG U 268 69.67 141.94 -59.86
N THR U 269 70.14 141.12 -58.92
CA THR U 269 69.65 139.76 -58.82
C THR U 269 68.15 139.73 -58.53
N LEU U 270 67.42 138.92 -59.29
CA LEU U 270 65.97 138.78 -59.20
C LEU U 270 65.57 137.30 -59.16
N LEU U 271 66.20 136.54 -58.27
CA LEU U 271 65.81 135.14 -58.07
C LEU U 271 64.32 135.03 -57.81
N ASP U 272 63.61 134.36 -58.71
CA ASP U 272 62.15 134.37 -58.67
C ASP U 272 61.59 133.08 -59.25
N VAL U 273 60.28 132.90 -59.05
CA VAL U 273 59.58 131.71 -59.50
C VAL U 273 58.09 132.06 -59.57
N PHE U 274 57.34 131.30 -60.35
CA PHE U 274 55.91 131.51 -60.49
C PHE U 274 55.16 130.44 -59.70
N THR U 275 54.19 130.86 -58.91
CA THR U 275 53.39 129.93 -58.12
C THR U 275 51.91 130.29 -58.22
N GLY U 276 51.09 129.26 -58.05
CA GLY U 276 49.65 129.42 -58.11
C GLY U 276 48.93 128.51 -57.15
N ARG U 277 47.91 129.05 -56.48
CA ARG U 277 47.14 128.32 -55.48
C ARG U 277 45.70 128.17 -55.93
N LYS U 278 45.08 127.06 -55.54
CA LYS U 278 43.67 126.86 -55.85
C LYS U 278 43.05 126.01 -54.74
N VAL U 279 41.78 126.28 -54.45
CA VAL U 279 41.02 125.55 -53.45
C VAL U 279 40.01 124.66 -54.19
N VAL U 280 40.08 123.36 -53.94
CA VAL U 280 39.21 122.40 -54.61
C VAL U 280 37.85 122.44 -53.92
N THR U 281 36.86 123.03 -54.59
CA THR U 281 35.50 123.10 -54.07
C THR U 281 34.67 121.96 -54.65
N GLU U 282 33.37 121.98 -54.37
CA GLU U 282 32.45 120.97 -54.86
C GLU U 282 31.63 121.53 -56.03
N VAL U 283 30.70 120.72 -56.53
CA VAL U 283 29.87 121.15 -57.65
C VAL U 283 28.98 122.32 -57.25
N ASP U 284 28.36 122.23 -56.07
CA ASP U 284 27.49 123.31 -55.61
C ASP U 284 28.27 124.57 -55.24
N GLY U 285 29.53 124.44 -54.88
CA GLY U 285 30.34 125.57 -54.51
C GLY U 285 30.72 125.67 -53.04
N SER U 286 30.71 124.56 -52.30
CA SER U 286 31.03 124.56 -50.88
C SER U 286 32.31 123.76 -50.66
N PHE U 287 33.18 124.29 -49.80
CA PHE U 287 34.45 123.64 -49.48
C PHE U 287 34.25 122.69 -48.31
N VAL U 288 34.26 121.39 -48.60
CA VAL U 288 34.09 120.36 -47.59
C VAL U 288 35.28 119.40 -47.53
N ARG U 289 36.27 119.57 -48.41
CA ARG U 289 37.41 118.66 -48.42
C ARG U 289 38.38 118.90 -47.27
N ALA U 290 38.30 120.06 -46.62
CA ALA U 290 39.19 120.38 -45.52
C ALA U 290 38.39 120.96 -44.36
N VAL U 291 38.92 120.77 -43.15
CA VAL U 291 38.29 121.26 -41.93
C VAL U 291 39.34 121.99 -41.09
N GLU U 292 38.85 122.97 -40.32
CA GLU U 292 39.68 123.81 -39.48
C GLU U 292 39.23 123.70 -38.03
N LEU U 293 40.18 123.52 -37.12
CA LEU U 293 39.91 123.43 -35.69
C LEU U 293 40.63 124.57 -34.98
N GLN U 294 39.91 125.27 -34.11
CA GLN U 294 40.46 126.38 -33.34
C GLN U 294 40.31 126.09 -31.86
N LEU U 295 41.38 126.33 -31.11
CA LEU U 295 41.36 126.09 -29.67
C LEU U 295 40.61 127.20 -28.95
N GLN U 296 39.73 126.81 -28.02
CA GLN U 296 38.94 127.78 -27.29
C GLN U 296 39.79 128.57 -26.31
N ALA U 297 39.43 129.84 -26.12
CA ALA U 297 40.08 130.72 -25.16
C ALA U 297 39.04 131.28 -24.21
N SER U 298 39.37 131.31 -22.92
CA SER U 298 38.45 131.76 -21.89
C SER U 298 39.00 132.82 -20.96
N SER U 299 40.31 133.09 -20.98
CA SER U 299 40.90 134.08 -20.10
C SER U 299 42.23 134.54 -20.68
N ILE U 300 42.34 135.82 -21.02
CA ILE U 300 43.57 136.38 -21.54
C ILE U 300 44.41 136.89 -20.36
N THR U 301 45.73 136.72 -20.47
CA THR U 301 46.66 137.13 -19.44
C THR U 301 47.67 138.12 -20.02
N ILE U 302 47.98 139.16 -19.25
CA ILE U 302 48.96 140.16 -19.64
C ILE U 302 50.30 139.77 -19.03
N VAL U 303 51.26 139.45 -19.89
CA VAL U 303 52.57 139.02 -19.41
C VAL U 303 53.35 140.21 -18.90
N GLY U 304 53.87 140.09 -17.68
CA GLY U 304 54.62 141.17 -17.05
C GLY U 304 54.04 141.67 -15.74
N GLY U 305 52.90 141.13 -15.29
CA GLY U 305 52.31 141.56 -14.04
C GLY U 305 51.85 143.01 -14.05
N ALA U 306 52.36 143.80 -13.11
CA ALA U 306 52.00 145.20 -12.96
C ALA U 306 53.26 146.06 -12.98
N PHE U 307 54.13 145.82 -13.96
CA PHE U 307 55.39 146.54 -14.06
C PHE U 307 55.15 148.04 -14.19
N ALA U 308 55.91 148.81 -13.40
CA ALA U 308 55.79 150.26 -13.38
C ALA U 308 56.55 150.84 -14.58
N LEU U 309 56.70 152.16 -14.60
CA LEU U 309 57.38 152.85 -15.69
C LEU U 309 58.50 153.72 -15.13
N ALA U 310 59.64 153.71 -15.81
CA ALA U 310 60.83 154.40 -15.32
C ALA U 310 60.88 155.85 -15.77
N THR U 311 60.69 156.12 -17.06
CA THR U 311 60.76 157.47 -17.61
C THR U 311 59.36 157.90 -18.06
N THR U 312 59.25 159.18 -18.41
CA THR U 312 57.95 159.75 -18.74
C THR U 312 57.40 159.19 -20.05
N THR U 313 58.28 158.77 -20.96
CA THR U 313 57.86 158.26 -22.27
C THR U 313 58.39 156.86 -22.52
N GLY U 314 58.43 156.04 -21.46
CA GLY U 314 58.88 154.67 -21.59
C GLY U 314 57.99 153.82 -22.48
N THR U 315 58.59 153.00 -23.34
CA THR U 315 57.86 152.16 -24.27
C THR U 315 58.21 150.69 -24.02
N LYS U 316 57.22 149.81 -24.23
CA LYS U 316 57.43 148.38 -24.09
C LYS U 316 56.28 147.67 -24.81
N GLN U 317 56.61 146.52 -25.40
CA GLN U 317 55.61 145.71 -26.11
C GLN U 317 54.98 144.75 -25.11
N LEU U 318 53.69 144.95 -24.82
CA LEU U 318 52.97 144.14 -23.85
C LEU U 318 52.39 142.92 -24.55
N LYS U 319 53.10 141.79 -24.45
CA LYS U 319 52.60 140.55 -25.04
C LYS U 319 51.48 139.98 -24.19
N VAL U 320 50.40 139.54 -24.85
CA VAL U 320 49.22 139.03 -24.18
C VAL U 320 49.02 137.57 -24.59
N ARG U 321 48.89 136.69 -23.60
CA ARG U 321 48.67 135.27 -23.83
C ARG U 321 47.34 134.86 -23.20
N ASP U 322 46.70 133.86 -23.79
CA ASP U 322 45.41 133.39 -23.32
C ASP U 322 45.62 132.39 -22.18
N ASP U 323 44.53 131.75 -21.75
CA ASP U 323 44.62 130.75 -20.69
C ASP U 323 45.45 129.55 -21.14
N ASN U 324 45.27 129.12 -22.40
CA ASN U 324 46.01 127.99 -22.93
C ASN U 324 47.48 128.29 -23.13
N GLY U 325 47.88 129.56 -23.08
CA GLY U 325 49.27 129.95 -23.27
C GLY U 325 49.58 130.53 -24.63
N THR U 326 48.65 130.47 -25.58
CA THR U 326 48.90 131.02 -26.90
C THR U 326 48.97 132.54 -26.84
N ASP U 327 50.00 133.11 -27.44
CA ASP U 327 50.22 134.56 -27.41
C ASP U 327 49.41 135.20 -28.54
N VAL U 328 48.34 135.90 -28.19
CA VAL U 328 47.52 136.57 -29.19
C VAL U 328 48.10 137.93 -29.56
N THR U 329 48.29 138.80 -28.55
CA THR U 329 48.94 140.10 -28.71
C THR U 329 48.37 140.93 -29.85
N ALA U 330 48.63 140.51 -31.10
CA ALA U 330 48.28 141.32 -32.25
C ALA U 330 46.78 141.54 -32.34
N ARG U 331 45.99 140.49 -32.17
CA ARG U 331 44.53 140.60 -32.24
C ARG U 331 44.02 140.92 -30.84
N CYS U 332 43.85 142.22 -30.57
CA CYS U 332 43.41 142.68 -29.26
C CYS U 332 42.84 144.08 -29.41
N THR U 333 42.46 144.69 -28.28
CA THR U 333 41.84 146.01 -28.25
C THR U 333 42.51 146.87 -27.19
N PHE U 334 43.84 146.95 -27.24
CA PHE U 334 44.63 147.73 -26.29
C PHE U 334 44.09 149.15 -26.15
N ALA U 335 43.73 149.51 -24.93
CA ALA U 335 43.20 150.83 -24.63
C ALA U 335 43.53 151.19 -23.19
N SER U 336 44.09 152.39 -22.99
CA SER U 336 44.44 152.86 -21.66
C SER U 336 43.28 153.63 -21.03
N SER U 337 43.01 153.35 -19.76
CA SER U 337 41.92 154.01 -19.06
C SER U 337 42.18 155.50 -18.92
N ALA U 338 43.38 155.87 -18.46
CA ALA U 338 43.75 157.27 -18.30
C ALA U 338 44.64 157.66 -19.47
N GLY U 339 44.00 158.22 -20.52
CA GLY U 339 44.74 158.63 -21.69
C GLY U 339 45.71 159.77 -21.44
N THR U 340 45.36 160.69 -20.54
CA THR U 340 46.22 161.83 -20.27
C THR U 340 47.55 161.41 -19.64
N LYS U 341 47.56 160.26 -18.96
CA LYS U 341 48.78 159.79 -18.31
C LYS U 341 49.60 158.85 -19.20
N ALA U 342 48.93 157.98 -19.96
CA ALA U 342 49.62 157.05 -20.84
C ALA U 342 48.68 156.65 -21.97
N THR U 343 49.25 156.45 -23.16
CA THR U 343 48.49 156.02 -24.33
C THR U 343 49.12 154.77 -24.92
N VAL U 344 48.28 153.81 -25.31
CA VAL U 344 48.73 152.54 -25.87
C VAL U 344 48.15 152.39 -27.27
N SER U 345 49.00 152.00 -28.21
CA SER U 345 48.58 151.80 -29.58
C SER U 345 47.87 150.46 -29.74
N ALA U 346 47.29 150.25 -30.92
CA ALA U 346 46.59 149.00 -31.19
C ALA U 346 47.55 147.81 -31.15
N ALA U 347 48.77 147.98 -31.66
CA ALA U 347 49.73 146.89 -31.63
C ALA U 347 50.12 146.54 -30.20
N GLY U 348 50.31 147.53 -29.35
CA GLY U 348 50.68 147.29 -27.97
C GLY U 348 51.79 148.20 -27.47
N LEU U 349 52.21 149.14 -28.31
CA LEU U 349 53.29 150.07 -27.96
C LEU U 349 52.74 151.12 -27.01
N VAL U 350 52.78 150.81 -25.71
CA VAL U 350 52.29 151.74 -24.69
C VAL U 350 53.40 152.73 -24.35
N THR U 351 53.03 154.00 -24.20
CA THR U 351 53.97 155.05 -23.87
C THR U 351 53.30 156.04 -22.93
N GLY U 352 53.99 156.43 -21.87
CA GLY U 352 53.43 157.38 -20.93
C GLY U 352 53.39 158.78 -21.49
N VAL U 353 52.51 159.60 -20.91
CA VAL U 353 52.35 160.98 -21.33
C VAL U 353 52.61 161.91 -20.15
N ALA U 354 51.83 161.73 -19.08
CA ALA U 354 51.96 162.55 -17.88
C ALA U 354 52.05 161.64 -16.65
N ALA U 355 52.60 162.19 -15.58
CA ALA U 355 52.76 161.43 -14.35
C ALA U 355 51.41 161.02 -13.80
N GLY U 356 51.29 159.75 -13.41
CA GLY U 356 50.04 159.24 -12.90
C GLY U 356 50.11 157.73 -12.71
N THR U 357 48.93 157.14 -12.55
CA THR U 357 48.77 155.71 -12.31
C THR U 357 47.81 155.11 -13.33
N ALA U 358 48.03 155.44 -14.61
CA ALA U 358 47.15 154.98 -15.66
C ALA U 358 47.16 153.45 -15.77
N ASP U 359 46.00 152.89 -16.10
CA ASP U 359 45.84 151.46 -16.27
C ASP U 359 45.40 151.17 -17.71
N ILE U 360 45.98 150.13 -18.29
CA ILE U 360 45.70 149.73 -19.66
C ILE U 360 44.82 148.50 -19.63
N THR U 361 43.64 148.59 -20.25
CA THR U 361 42.73 147.47 -20.37
C THR U 361 42.78 146.91 -21.78
N ALA U 362 42.52 145.61 -21.89
CA ALA U 362 42.58 144.91 -23.16
C ALA U 362 41.51 143.85 -23.21
N SER U 363 40.68 143.88 -24.26
CA SER U 363 39.61 142.91 -24.44
C SER U 363 39.85 142.15 -25.72
N TYR U 364 39.83 140.82 -25.63
CA TYR U 364 40.03 139.94 -26.77
C TYR U 364 38.81 139.06 -26.94
N VAL U 365 38.25 139.04 -28.15
CA VAL U 365 37.07 138.23 -28.45
C VAL U 365 37.49 136.77 -28.53
N PRO U 366 36.89 135.89 -27.73
CA PRO U 366 37.24 134.48 -27.80
C PRO U 366 36.82 133.88 -29.13
N PRO U 367 37.54 132.86 -29.62
CA PRO U 367 37.11 132.21 -30.88
C PRO U 367 35.72 131.62 -30.81
N GLN U 368 35.29 131.15 -29.63
CA GLN U 368 33.95 130.59 -29.49
C GLN U 368 32.86 131.65 -29.55
N GLY U 369 33.20 132.93 -29.48
CA GLY U 369 32.21 133.98 -29.53
C GLY U 369 31.78 134.42 -28.14
N GLY U 370 30.79 135.30 -28.14
CA GLY U 370 30.24 135.84 -26.90
C GLY U 370 30.85 137.21 -26.58
N THR U 371 31.24 137.39 -25.32
CA THR U 371 31.83 138.64 -24.87
C THR U 371 33.35 138.50 -24.79
N ALA U 372 34.04 139.59 -25.09
CA ALA U 372 35.50 139.58 -25.11
C ALA U 372 36.05 139.54 -23.68
N LYS U 373 36.99 138.63 -23.45
CA LYS U 373 37.64 138.56 -22.15
C LYS U 373 38.53 139.78 -21.94
N THR U 374 38.49 140.34 -20.73
CA THR U 374 39.12 141.62 -20.43
C THR U 374 40.19 141.43 -19.36
N ALA U 375 41.36 142.02 -19.58
CA ALA U 375 42.45 142.01 -18.63
C ALA U 375 43.05 143.40 -18.51
N THR U 376 43.43 143.77 -17.29
CA THR U 376 43.93 145.11 -17.01
C THR U 376 45.32 145.02 -16.40
N VAL U 377 46.18 145.95 -16.80
CA VAL U 377 47.55 146.05 -16.29
C VAL U 377 47.75 147.45 -15.73
N THR U 378 48.39 147.53 -14.57
CA THR U 378 48.60 148.79 -13.86
C THR U 378 50.04 149.22 -13.99
N VAL U 379 50.24 150.48 -14.41
CA VAL U 379 51.58 151.06 -14.56
C VAL U 379 51.56 152.46 -13.96
N THR U 380 52.64 152.82 -13.29
CA THR U 380 52.76 154.13 -12.65
C THR U 380 53.68 155.01 -13.50
N VAL U 381 53.08 155.85 -14.34
CA VAL U 381 53.86 156.76 -15.18
C VAL U 381 54.47 157.85 -14.31
N PRO U 382 55.77 158.13 -14.44
CA PRO U 382 56.43 159.19 -13.66
C PRO U 382 56.40 160.54 -14.38
N ILE V 4 94.74 108.67 42.69
CA ILE V 4 94.56 109.34 41.41
C ILE V 4 95.78 109.13 40.53
N PHE V 5 95.62 108.34 39.47
CA PHE V 5 96.70 108.06 38.53
C PHE V 5 96.58 108.96 37.32
N VAL V 6 97.70 109.55 36.92
CA VAL V 6 97.70 110.48 35.79
C VAL V 6 97.44 109.72 34.49
N LYS V 7 96.72 110.35 33.58
CA LYS V 7 96.40 109.77 32.28
C LYS V 7 96.63 110.80 31.19
N PRO V 8 96.96 110.36 29.97
CA PRO V 8 97.13 111.29 28.86
C PRO V 8 95.84 111.52 28.10
N GLU V 9 95.85 112.58 27.29
CA GLU V 9 94.70 112.92 26.46
C GLU V 9 94.79 112.19 25.12
N LEU V 10 93.63 111.91 24.54
CA LEU V 10 93.54 111.18 23.29
C LEU V 10 92.66 111.94 22.31
N VAL V 11 93.11 112.05 21.07
CA VAL V 11 92.37 112.69 19.99
C VAL V 11 92.34 111.69 18.83
N ALA V 12 91.23 110.97 18.68
CA ALA V 12 91.09 109.95 17.66
C ALA V 12 90.06 110.37 16.63
N GLU V 13 90.11 109.70 15.47
CA GLU V 13 89.20 109.97 14.37
C GLU V 13 88.31 108.76 14.16
N ILE V 14 87.00 108.99 14.10
CA ILE V 14 86.01 107.94 13.89
C ILE V 14 85.34 108.02 12.54
N GLY V 15 85.73 108.99 11.70
CA GLY V 15 85.14 109.16 10.38
C GLY V 15 84.10 110.25 10.27
N VAL V 16 83.85 111.00 11.34
CA VAL V 16 82.88 112.08 11.30
C VAL V 16 83.46 113.26 10.53
N LYS V 17 82.68 113.78 9.58
CA LYS V 17 83.11 114.91 8.75
C LYS V 17 81.95 115.88 8.61
N GLN V 18 82.28 117.15 8.34
CA GLN V 18 81.26 118.16 8.12
C GLN V 18 80.50 117.86 6.83
N LEU V 19 79.19 118.01 6.89
CA LEU V 19 78.36 117.82 5.70
C LEU V 19 78.59 118.95 4.71
N GLN V 20 78.91 118.59 3.46
CA GLN V 20 79.27 119.55 2.44
C GLN V 20 78.50 119.27 1.16
N ARG V 21 78.33 120.31 0.35
CA ARG V 21 77.63 120.17 -0.92
C ARG V 21 78.50 119.47 -1.96
N GLU V 22 77.84 118.96 -3.00
CA GLU V 22 78.51 118.29 -4.10
C GLU V 22 78.53 119.19 -5.33
N ILE V 23 79.12 118.69 -6.41
CA ILE V 23 79.43 119.49 -7.59
C ILE V 23 78.68 118.90 -8.79
N VAL V 24 77.85 119.73 -9.42
CA VAL V 24 77.18 119.36 -10.67
C VAL V 24 77.41 120.45 -11.72
N LEU V 25 77.14 121.70 -11.34
CA LEU V 25 77.06 122.79 -12.31
C LEU V 25 78.32 122.96 -13.16
N PRO V 26 79.55 122.94 -12.61
CA PRO V 26 80.71 123.16 -13.48
C PRO V 26 80.81 122.17 -14.63
N GLY V 27 80.38 120.93 -14.44
CA GLY V 27 80.38 119.97 -15.52
C GLY V 27 79.04 119.85 -16.21
N LEU V 28 78.29 120.96 -16.29
CA LEU V 28 76.96 120.92 -16.88
C LEU V 28 76.69 122.08 -17.83
N VAL V 29 77.62 123.03 -18.00
CA VAL V 29 77.38 124.22 -18.81
C VAL V 29 78.48 124.34 -19.86
N TRP V 30 78.19 125.17 -20.87
CA TRP V 30 79.15 125.44 -21.93
C TRP V 30 80.34 126.19 -21.36
N THR V 31 81.49 125.52 -21.30
CA THR V 31 82.69 126.05 -20.65
C THR V 31 83.77 126.31 -21.67
N ASN V 32 84.37 127.50 -21.60
CA ASN V 32 85.53 127.90 -22.40
C ASN V 32 85.25 127.79 -23.90
N PRO V 33 84.41 128.66 -24.46
CA PRO V 33 84.19 128.64 -25.91
C PRO V 33 85.36 129.25 -26.67
N LEU V 34 85.99 130.26 -26.07
CA LEU V 34 87.11 130.95 -26.68
C LEU V 34 88.17 131.20 -25.62
N THR V 35 89.43 131.32 -26.06
CA THR V 35 90.56 131.34 -25.15
C THR V 35 91.34 132.64 -25.14
N ASP V 36 91.41 133.35 -26.27
CA ASP V 36 92.27 134.53 -26.38
C ASP V 36 91.92 135.60 -25.36
N PHE V 37 90.73 136.19 -25.49
CA PHE V 37 90.21 137.16 -24.53
C PHE V 37 91.08 138.40 -24.40
N GLY V 38 92.29 138.23 -23.88
CA GLY V 38 93.13 139.38 -23.56
C GLY V 38 93.58 140.17 -24.76
N GLY V 39 93.82 139.50 -25.89
CA GLY V 39 94.33 140.18 -27.07
C GLY V 39 93.29 140.99 -27.82
N SER V 40 92.58 141.85 -27.10
CA SER V 40 91.56 142.70 -27.69
C SER V 40 91.26 143.85 -26.74
N LYS V 41 90.56 144.86 -27.26
CA LYS V 41 90.19 146.01 -26.45
C LYS V 41 89.24 145.60 -25.33
N ASN V 42 89.51 146.12 -24.13
CA ASN V 42 88.73 145.79 -22.93
C ASN V 42 88.64 144.29 -22.72
N ASP V 43 89.74 143.58 -22.95
CA ASP V 43 89.92 142.13 -22.80
C ASP V 43 88.64 141.37 -23.11
N THR V 44 88.06 141.68 -24.27
CA THR V 44 86.81 141.08 -24.70
C THR V 44 86.78 141.00 -26.23
N ILE V 45 86.16 139.94 -26.74
CA ILE V 45 85.93 139.78 -28.17
C ILE V 45 84.46 139.43 -28.38
N THR V 46 84.01 139.64 -29.61
CA THR V 46 82.61 139.51 -29.96
C THR V 46 82.37 138.30 -30.87
N VAL V 47 81.28 137.59 -30.59
CA VAL V 47 80.81 136.51 -31.43
C VAL V 47 79.81 137.09 -32.42
N ARG V 48 79.96 136.72 -33.69
CA ARG V 48 79.15 137.25 -34.78
C ARG V 48 78.09 136.22 -35.16
N VAL V 49 76.83 136.64 -35.18
CA VAL V 49 75.71 135.77 -35.51
C VAL V 49 75.46 135.81 -37.02
N PRO V 50 75.22 134.68 -37.67
CA PRO V 50 74.91 134.71 -39.11
C PRO V 50 73.64 135.51 -39.39
N ALA V 51 73.63 136.15 -40.54
CA ALA V 51 72.55 137.04 -40.94
C ALA V 51 71.42 136.27 -41.63
N ILE V 52 70.26 136.90 -41.70
CA ILE V 52 69.08 136.35 -42.36
C ILE V 52 68.46 137.43 -43.23
N THR V 53 67.62 137.00 -44.18
CA THR V 53 66.98 137.92 -45.11
C THR V 53 65.56 137.43 -45.40
N THR V 54 64.83 138.25 -46.16
CA THR V 54 63.46 137.93 -46.54
C THR V 54 63.24 138.17 -48.03
N ALA V 55 62.00 138.09 -48.48
CA ALA V 55 61.67 138.29 -49.89
C ALA V 55 60.36 139.08 -49.98
N ASN V 56 59.80 139.15 -51.18
CA ASN V 56 58.58 139.91 -51.44
C ASN V 56 57.71 139.12 -52.41
N ARG V 57 56.51 139.64 -52.68
CA ARG V 57 55.53 138.98 -53.53
C ARG V 57 55.02 139.95 -54.58
N ARG V 58 54.56 139.39 -55.70
CA ARG V 58 53.95 140.16 -56.77
C ARG V 58 53.10 139.22 -57.62
N ASP V 59 52.36 139.81 -58.56
CA ASP V 59 51.40 139.08 -59.37
C ASP V 59 51.82 139.12 -60.84
N LEU V 60 51.44 138.06 -61.57
CA LEU V 60 51.74 137.99 -62.99
C LEU V 60 50.95 139.04 -63.77
N ARG V 61 51.53 139.46 -64.89
CA ARG V 61 50.89 140.41 -65.82
C ARG V 61 50.57 141.74 -65.13
N ASP V 62 51.34 142.07 -64.09
CA ASP V 62 51.13 143.33 -63.38
C ASP V 62 51.66 144.49 -64.22
N PRO V 63 50.86 145.53 -64.46
CA PRO V 63 51.35 146.66 -65.27
C PRO V 63 52.53 147.39 -64.65
N ASP V 64 52.71 147.29 -63.34
CA ASP V 64 53.80 147.96 -62.64
C ASP V 64 54.92 146.93 -62.42
N ARG V 65 56.01 147.09 -63.17
CA ARG V 65 57.17 146.19 -63.04
C ARG V 65 58.20 146.79 -62.09
N THR V 66 57.79 146.94 -60.83
CA THR V 66 58.64 147.47 -59.78
C THR V 66 58.88 146.38 -58.74
N VAL V 67 60.15 146.18 -58.39
CA VAL V 67 60.55 145.16 -57.43
C VAL V 67 61.12 145.84 -56.19
N ILE V 68 61.02 145.16 -55.06
CA ILE V 68 61.51 145.65 -53.78
C ILE V 68 62.60 144.70 -53.29
N ALA V 69 63.78 145.25 -53.01
CA ALA V 69 64.90 144.45 -52.57
C ALA V 69 64.94 144.37 -51.05
N SER V 70 65.48 143.26 -50.54
CA SER V 70 65.61 143.05 -49.11
C SER V 70 66.97 143.57 -48.64
N GLU V 71 67.32 143.30 -47.39
CA GLU V 71 68.58 143.75 -46.83
C GLU V 71 69.06 142.73 -45.80
N LEU V 72 70.38 142.54 -45.74
CA LEU V 72 71.00 141.62 -44.80
C LEU V 72 71.52 142.41 -43.60
N VAL V 73 71.01 142.08 -42.42
CA VAL V 73 71.41 142.74 -41.18
C VAL V 73 72.13 141.72 -40.30
N GLU V 74 73.25 142.13 -39.73
CA GLU V 74 74.10 141.25 -38.93
C GLU V 74 74.39 141.90 -37.59
N HIS V 75 74.44 141.09 -36.54
CA HIS V 75 74.65 141.56 -35.18
C HIS V 75 75.84 140.81 -34.57
N SER V 76 76.20 141.20 -33.35
CA SER V 76 77.29 140.56 -32.63
C SER V 76 77.09 140.81 -31.14
N PHE V 77 77.75 139.99 -30.33
CA PHE V 77 77.68 140.14 -28.89
C PHE V 77 79.01 139.75 -28.26
N GLY V 78 79.50 140.57 -27.33
CA GLY V 78 80.82 140.40 -26.76
C GLY V 78 80.80 139.59 -25.47
N VAL V 79 81.93 138.95 -25.19
CA VAL V 79 82.11 138.15 -23.98
C VAL V 79 83.31 138.72 -23.22
N THR V 80 83.10 139.01 -21.93
CA THR V 80 84.09 139.71 -21.12
C THR V 80 84.40 138.93 -19.85
N LEU V 81 85.68 138.84 -19.50
CA LEU V 81 86.10 138.33 -18.20
C LEU V 81 85.93 139.42 -17.16
N ASP V 82 85.21 139.12 -16.09
CA ASP V 82 84.90 140.21 -15.17
C ASP V 82 85.25 139.94 -13.71
N LYS V 83 85.06 138.71 -13.24
CA LYS V 83 85.19 138.40 -11.82
C LYS V 83 86.46 137.61 -11.55
N HIS V 84 87.18 138.02 -10.52
CA HIS V 84 88.43 137.39 -10.10
C HIS V 84 88.19 136.73 -8.75
N VAL V 85 88.26 135.40 -8.71
CA VAL V 85 88.02 134.62 -7.50
C VAL V 85 89.37 134.29 -6.88
N TYR V 86 89.51 134.58 -5.58
CA TYR V 86 90.76 134.35 -4.89
C TYR V 86 90.47 133.98 -3.43
N ALA V 87 91.45 133.32 -2.82
CA ALA V 87 91.38 132.94 -1.41
C ALA V 87 92.80 132.88 -0.86
N ALA V 88 92.98 133.35 0.37
CA ALA V 88 94.31 133.48 0.94
C ALA V 88 94.32 132.94 2.36
N LEU V 89 95.51 132.56 2.81
CA LEU V 89 95.75 132.09 4.17
C LEU V 89 96.85 132.94 4.80
N LYS V 90 96.81 133.00 6.13
CA LYS V 90 97.78 133.79 6.91
C LYS V 90 98.42 132.92 7.99
N PHE V 91 98.85 131.72 7.61
CA PHE V 91 99.50 130.83 8.56
C PHE V 91 100.86 131.38 8.97
N THR V 92 101.16 131.29 10.25
CA THR V 92 102.41 131.78 10.79
C THR V 92 103.46 130.67 10.85
N ASP V 93 104.71 131.08 11.10
CA ASP V 93 105.81 130.11 11.17
C ASP V 93 105.63 129.15 12.33
N GLU V 94 105.20 129.65 13.49
CA GLU V 94 105.01 128.79 14.66
C GLU V 94 103.90 127.77 14.42
N GLN V 95 102.81 128.18 13.76
CA GLN V 95 101.74 127.24 13.44
C GLN V 95 102.22 126.17 12.47
N ARG V 96 103.03 126.56 11.48
CA ARG V 96 103.56 125.59 10.52
C ARG V 96 104.49 124.60 11.20
N THR V 97 105.34 125.09 12.11
CA THR V 97 106.33 124.24 12.76
C THR V 97 105.78 123.47 13.97
N LEU V 98 104.57 123.80 14.43
CA LEU V 98 104.00 123.11 15.59
C LEU V 98 102.63 122.50 15.33
N ASP V 99 102.07 122.66 14.15
CA ASP V 99 100.75 122.13 13.84
C ASP V 99 100.70 121.75 12.36
N ILE V 100 99.47 121.53 11.86
CA ILE V 100 99.22 121.22 10.45
C ILE V 100 99.89 119.91 10.06
N ARG V 101 101.23 119.93 10.00
CA ARG V 101 102.10 118.78 9.74
C ARG V 101 101.60 117.91 8.56
N ASP V 102 100.81 118.49 7.66
CA ASP V 102 100.40 117.80 6.45
C ASP V 102 100.41 118.67 5.20
N TYR V 103 100.49 119.99 5.34
CA TYR V 103 100.46 120.93 4.22
C TYR V 103 99.39 120.59 3.20
N THR V 104 99.67 119.61 2.32
CA THR V 104 98.73 119.28 1.25
C THR V 104 97.43 118.72 1.79
N LYS V 105 97.52 117.77 2.73
CA LYS V 105 96.32 117.11 3.24
C LYS V 105 95.53 117.98 4.21
N GLN V 106 96.14 119.03 4.77
CA GLN V 106 95.47 119.86 5.76
C GLN V 106 95.03 121.21 5.22
N VAL V 107 95.70 121.74 4.20
CA VAL V 107 95.43 123.08 3.68
C VAL V 107 95.02 123.05 2.22
N LEU V 108 95.76 122.30 1.39
CA LEU V 108 95.52 122.35 -0.06
C LEU V 108 94.16 121.79 -0.44
N MET V 109 93.77 120.65 0.14
CA MET V 109 92.47 120.07 -0.19
C MET V 109 91.31 120.96 0.22
N PRO V 110 91.23 121.50 1.45
CA PRO V 110 90.15 122.46 1.75
C PRO V 110 90.18 123.68 0.86
N GLN V 111 91.38 124.17 0.49
CA GLN V 111 91.46 125.32 -0.41
C GLN V 111 90.86 125.00 -1.77
N VAL V 112 91.17 123.83 -2.32
CA VAL V 112 90.62 123.43 -3.61
C VAL V 112 89.11 123.26 -3.51
N SER V 113 88.63 122.67 -2.42
CA SER V 113 87.20 122.51 -2.23
C SER V 113 86.49 123.85 -2.15
N ALA V 114 87.07 124.80 -1.42
CA ALA V 114 86.47 126.13 -1.31
C ALA V 114 86.47 126.85 -2.65
N VAL V 115 87.56 126.70 -3.42
CA VAL V 115 87.61 127.33 -4.74
C VAL V 115 86.54 126.74 -5.65
N ALA V 116 86.37 125.40 -5.61
CA ALA V 116 85.35 124.76 -6.42
C ALA V 116 83.96 125.22 -6.03
N TYR V 117 83.70 125.33 -4.72
CA TYR V 117 82.39 125.79 -4.27
C TYR V 117 82.12 127.23 -4.66
N GLU V 118 83.14 128.08 -4.58
CA GLU V 118 82.99 129.47 -5.01
C GLU V 118 82.73 129.55 -6.51
N LEU V 119 83.40 128.71 -7.30
CA LEU V 119 83.13 128.66 -8.73
C LEU V 119 81.70 128.20 -9.00
N GLU V 120 81.22 127.21 -8.24
CA GLU V 120 79.84 126.75 -8.41
C GLU V 120 78.85 127.86 -8.09
N ASP V 121 79.12 128.63 -7.02
CA ASP V 121 78.26 129.76 -6.70
C ASP V 121 78.31 130.82 -7.80
N TYR V 122 79.50 131.04 -8.37
CA TYR V 122 79.63 131.99 -9.47
C TYR V 122 78.81 131.56 -10.68
N ILE V 123 78.81 130.25 -10.98
CA ILE V 123 77.99 129.75 -12.08
C ILE V 123 76.50 129.89 -11.76
N ALA V 124 76.11 129.52 -10.54
CA ALA V 124 74.72 129.68 -10.12
C ALA V 124 74.27 131.14 -10.24
N GLU V 125 75.20 132.08 -10.07
CA GLU V 125 74.88 133.48 -10.35
C GLU V 125 74.54 133.69 -11.82
N LEU V 126 75.12 132.91 -12.73
CA LEU V 126 74.69 132.94 -14.13
C LEU V 126 73.30 132.35 -14.29
N ILE V 127 73.06 131.17 -13.71
CA ILE V 127 71.73 130.57 -13.82
C ILE V 127 70.69 131.44 -13.11
N GLU V 128 71.01 131.92 -11.91
CA GLU V 128 70.10 132.75 -11.13
C GLU V 128 70.46 134.21 -11.31
N GLY V 129 69.73 134.91 -12.16
CA GLY V 129 69.99 136.30 -12.43
C GLY V 129 69.77 136.70 -13.88
N ALA V 130 69.52 135.71 -14.74
CA ALA V 130 69.31 135.99 -16.15
C ALA V 130 68.03 136.79 -16.34
N PRO V 131 68.00 137.71 -17.32
CA PRO V 131 66.79 138.52 -17.54
C PRO V 131 65.66 137.73 -18.18
N TYR V 132 65.00 136.89 -17.40
CA TYR V 132 63.88 136.11 -17.92
C TYR V 132 62.65 137.02 -18.06
N GLU V 133 62.03 136.98 -19.25
CA GLU V 133 60.87 137.81 -19.49
C GLU V 133 59.64 137.28 -18.76
N GLU V 134 59.43 135.97 -18.79
CA GLU V 134 58.28 135.33 -18.17
C GLU V 134 58.73 134.25 -17.21
N THR V 135 57.87 133.94 -16.25
CA THR V 135 58.12 132.93 -15.24
C THR V 135 57.09 131.82 -15.38
N ILE V 136 57.57 130.58 -15.48
CA ILE V 136 56.68 129.43 -15.62
C ILE V 136 56.20 129.01 -14.24
N LEU V 137 54.92 129.21 -13.97
CA LEU V 137 54.34 128.94 -12.66
C LEU V 137 53.99 127.46 -12.56
N ILE V 138 54.55 126.77 -11.57
CA ILE V 138 54.30 125.35 -11.37
C ILE V 138 53.19 125.20 -10.34
N ASP V 139 52.10 124.55 -10.74
CA ASP V 139 51.01 124.29 -9.81
C ASP V 139 51.38 123.14 -8.88
N PRO V 140 51.29 123.31 -7.57
CA PRO V 140 51.64 122.21 -6.66
C PRO V 140 50.80 120.97 -6.86
N ALA V 141 49.52 121.12 -7.22
CA ALA V 141 48.67 119.94 -7.43
C ALA V 141 49.03 119.22 -8.71
N ASP V 142 49.43 119.96 -9.76
CA ASP V 142 49.77 119.37 -11.04
C ASP V 142 50.99 120.10 -11.59
N THR V 143 52.13 119.41 -11.63
CA THR V 143 53.39 120.01 -12.07
C THR V 143 53.71 119.73 -13.53
N VAL V 144 53.16 118.65 -14.11
CA VAL V 144 53.44 118.34 -15.51
C VAL V 144 53.00 119.46 -16.46
N PRO V 145 51.83 120.09 -16.30
CA PRO V 145 51.47 121.17 -17.23
C PRO V 145 52.48 122.31 -17.27
N ALA V 146 53.15 122.62 -16.14
CA ALA V 146 54.17 123.65 -16.16
C ALA V 146 55.34 123.26 -17.07
N PHE V 147 55.79 122.01 -16.98
CA PHE V 147 56.86 121.55 -17.85
C PHE V 147 56.43 121.53 -19.31
N ILE V 148 55.18 121.13 -19.57
CA ILE V 148 54.69 121.14 -20.95
C ILE V 148 54.63 122.57 -21.49
N THR V 149 54.21 123.52 -20.64
CA THR V 149 54.19 124.92 -21.05
C THR V 149 55.59 125.44 -21.34
N ALA V 150 56.56 125.06 -20.50
CA ALA V 150 57.94 125.47 -20.75
C ALA V 150 58.46 124.89 -22.06
N ASP V 151 58.14 123.62 -22.34
CA ASP V 151 58.54 123.01 -23.61
C ASP V 151 57.89 123.71 -24.79
N GLN V 152 56.62 124.08 -24.66
CA GLN V 152 55.94 124.81 -25.73
C GLN V 152 56.56 126.18 -25.95
N ARG V 153 56.91 126.87 -24.87
CA ARG V 153 57.57 128.17 -25.00
C ARG V 153 58.92 128.03 -25.70
N MET V 154 59.68 126.99 -25.34
CA MET V 154 60.94 126.75 -26.03
C MET V 154 60.74 126.45 -27.51
N GLY V 155 59.73 125.63 -27.83
CA GLY V 155 59.45 125.31 -29.21
C GLY V 155 58.99 126.50 -30.02
N GLU V 156 58.32 127.47 -29.37
CA GLU V 156 57.92 128.68 -30.07
C GLU V 156 59.11 129.45 -30.60
N ALA V 157 60.27 129.30 -29.97
CA ALA V 157 61.50 129.96 -30.42
C ALA V 157 62.28 129.12 -31.41
N ASN V 158 61.76 127.96 -31.82
CA ASN V 158 62.40 127.06 -32.78
C ASN V 158 63.77 126.59 -32.30
N VAL V 159 63.94 126.46 -30.99
CA VAL V 159 65.18 125.92 -30.45
C VAL V 159 65.29 124.44 -30.79
N PRO V 160 66.49 123.91 -31.06
CA PRO V 160 66.61 122.47 -31.29
C PRO V 160 66.14 121.67 -30.07
N THR V 161 65.52 120.53 -30.34
CA THR V 161 64.96 119.69 -29.29
C THR V 161 65.99 118.81 -28.60
N ASP V 162 67.24 118.80 -29.07
CA ASP V 162 68.30 118.00 -28.49
C ASP V 162 69.25 118.89 -27.71
N SER V 163 70.11 118.24 -26.92
CA SER V 163 71.12 118.92 -26.09
C SER V 163 70.48 119.93 -25.15
N ARG V 164 69.40 119.51 -24.50
CA ARG V 164 68.68 120.33 -23.53
C ARG V 164 68.98 119.83 -22.12
N ARG V 165 69.37 120.74 -21.24
CA ARG V 165 69.72 120.42 -19.86
C ARG V 165 68.73 121.09 -18.91
N LEU V 166 68.22 120.32 -17.95
CA LEU V 166 67.28 120.79 -16.96
C LEU V 166 67.87 120.57 -15.57
N VAL V 167 67.79 121.61 -14.73
CA VAL V 167 68.25 121.54 -13.35
C VAL V 167 67.05 121.84 -12.44
N VAL V 168 66.89 121.04 -11.40
CA VAL V 168 65.79 121.17 -10.45
C VAL V 168 66.36 121.17 -9.04
N GLY V 169 65.83 122.04 -8.19
CA GLY V 169 66.26 122.11 -6.82
C GLY V 169 65.65 121.01 -5.96
N SER V 170 66.05 121.00 -4.70
CA SER V 170 65.51 120.02 -3.76
C SER V 170 64.01 120.20 -3.58
N ALA V 171 63.56 121.45 -3.43
CA ALA V 171 62.13 121.70 -3.28
C ALA V 171 61.37 121.37 -4.56
N VAL V 172 61.98 121.62 -5.72
CA VAL V 172 61.31 121.27 -6.98
C VAL V 172 61.12 119.77 -7.10
N ALA V 173 62.16 118.99 -6.76
CA ALA V 173 62.04 117.54 -6.78
C ALA V 173 61.02 117.06 -5.75
N ALA V 174 61.00 117.69 -4.57
CA ALA V 174 60.01 117.32 -3.56
C ALA V 174 58.59 117.58 -4.05
N ALA V 175 58.37 118.72 -4.70
CA ALA V 175 57.05 119.03 -5.24
C ALA V 175 56.68 118.09 -6.38
N LEU V 176 57.66 117.69 -7.20
CA LEU V 176 57.42 116.69 -8.23
C LEU V 176 56.96 115.38 -7.61
N ALA V 177 57.60 114.99 -6.49
CA ALA V 177 57.13 113.81 -5.76
C ALA V 177 55.74 114.02 -5.18
N LYS V 178 55.42 115.25 -4.75
CA LYS V 178 54.10 115.55 -4.21
C LYS V 178 53.00 115.44 -5.26
N ASP V 179 53.33 115.59 -6.54
CA ASP V 179 52.33 115.56 -7.59
C ASP V 179 51.64 114.20 -7.63
N LYS V 180 50.31 114.23 -7.70
CA LYS V 180 49.54 112.99 -7.79
C LYS V 180 49.74 112.30 -9.13
N GLN V 181 50.18 113.03 -10.16
CA GLN V 181 50.48 112.41 -11.45
C GLN V 181 51.64 111.44 -11.31
N PHE V 182 52.67 111.80 -10.55
CA PHE V 182 53.82 110.95 -10.36
C PHE V 182 53.66 110.00 -9.17
N ARG V 183 53.02 110.47 -8.09
CA ARG V 183 52.86 109.63 -6.91
C ARG V 183 51.97 108.43 -7.18
N HIS V 184 50.86 108.63 -7.90
CA HIS V 184 49.94 107.55 -8.21
C HIS V 184 50.51 106.70 -9.34
N ALA V 185 50.69 105.40 -9.09
CA ALA V 185 51.28 104.52 -10.09
C ALA V 185 50.38 104.37 -11.31
N ASP V 186 49.07 104.29 -11.09
CA ASP V 186 48.15 104.17 -12.23
C ASP V 186 48.21 105.40 -13.11
N TRP V 187 48.28 106.59 -12.50
CA TRP V 187 48.45 107.81 -13.28
C TRP V 187 49.85 107.90 -13.87
N SER V 188 50.85 107.42 -13.13
CA SER V 188 52.21 107.40 -13.66
C SER V 188 52.36 106.40 -14.80
N GLY V 189 51.78 105.22 -14.65
CA GLY V 189 51.84 104.21 -15.68
C GLY V 189 52.71 103.02 -15.33
N ASP V 190 53.87 103.28 -14.72
CA ASP V 190 54.80 102.22 -14.35
C ASP V 190 54.39 101.60 -13.03
N GLN V 191 54.29 100.27 -12.99
CA GLN V 191 53.93 99.57 -11.77
C GLN V 191 55.05 99.60 -10.74
N ALA V 192 56.29 99.84 -11.16
CA ALA V 192 57.40 99.92 -10.22
C ALA V 192 57.23 101.12 -9.28
N ASN V 193 56.79 102.26 -9.82
CA ASN V 193 56.56 103.48 -9.05
C ASN V 193 57.84 103.93 -8.34
N ALA V 194 58.85 104.27 -9.14
CA ALA V 194 60.12 104.74 -8.58
C ALA V 194 59.96 106.06 -7.85
N ALA V 195 58.95 106.86 -8.24
CA ALA V 195 58.70 108.13 -7.56
C ALA V 195 58.11 107.96 -6.17
N LEU V 196 57.68 106.75 -5.81
CA LEU V 196 57.11 106.47 -4.50
C LEU V 196 57.95 105.52 -3.68
N ARG V 197 58.39 104.41 -4.29
CA ARG V 197 59.21 103.44 -3.56
C ARG V 197 60.56 104.05 -3.17
N GLU V 198 61.17 104.82 -4.08
CA GLU V 198 62.46 105.44 -3.83
C GLU V 198 62.39 106.96 -3.79
N ALA V 199 61.20 107.55 -4.00
CA ALA V 199 61.01 109.00 -3.99
C ALA V 199 61.95 109.69 -4.97
N HIS V 200 62.15 109.08 -6.14
CA HIS V 200 63.02 109.61 -7.18
C HIS V 200 62.20 109.81 -8.44
N VAL V 201 62.17 111.05 -8.93
CA VAL V 201 61.42 111.37 -10.14
C VAL V 201 62.21 110.90 -11.35
N GLY V 202 61.51 110.30 -12.31
CA GLY V 202 62.11 109.78 -13.52
C GLY V 202 62.11 110.79 -14.65
N ARG V 203 62.08 110.27 -15.87
CA ARG V 203 62.07 111.12 -17.05
C ARG V 203 60.78 111.92 -17.13
N LEU V 204 60.90 113.19 -17.51
CA LEU V 204 59.75 114.08 -17.59
C LEU V 204 60.00 115.12 -18.67
N ALA V 205 59.03 115.30 -19.56
CA ALA V 205 59.08 116.29 -20.63
C ALA V 205 60.28 116.08 -21.56
N GLY V 206 60.73 114.83 -21.68
CA GLY V 206 61.83 114.53 -22.58
C GLY V 206 63.19 114.97 -22.11
N MET V 207 63.33 115.39 -20.85
CA MET V 207 64.60 115.84 -20.30
C MET V 207 64.88 115.12 -19.00
N ASN V 208 66.14 114.75 -18.79
CA ASN V 208 66.54 114.07 -17.58
C ASN V 208 66.63 115.06 -16.42
N VAL V 209 66.02 114.70 -15.29
CA VAL V 209 66.02 115.56 -14.12
C VAL V 209 67.36 115.46 -13.42
N ILE V 210 67.94 116.62 -13.08
CA ILE V 210 69.21 116.69 -12.38
C ILE V 210 69.00 117.52 -11.12
N ARG V 211 69.29 116.92 -9.97
CA ARG V 211 69.08 117.56 -8.67
C ARG V 211 70.38 118.16 -8.17
N SER V 212 70.33 119.43 -7.76
CA SER V 212 71.50 120.12 -7.23
C SER V 212 71.03 121.14 -6.21
N ASN V 213 71.74 121.19 -5.07
CA ASN V 213 71.40 122.12 -4.00
C ASN V 213 72.07 123.48 -4.16
N ALA V 214 72.94 123.64 -5.15
CA ALA V 214 73.59 124.93 -5.37
C ALA V 214 72.57 126.00 -5.76
N ILE V 215 71.63 125.66 -6.65
CA ILE V 215 70.61 126.59 -7.08
C ILE V 215 69.54 126.72 -5.99
N ALA V 216 68.67 127.71 -6.12
CA ALA V 216 67.59 127.87 -5.15
C ALA V 216 66.64 126.68 -5.22
N PRO V 217 66.30 126.07 -4.09
CA PRO V 217 65.42 124.89 -4.15
C PRO V 217 64.05 125.17 -4.76
N ASP V 218 63.51 126.37 -4.57
CA ASP V 218 62.18 126.70 -5.06
C ASP V 218 62.13 126.96 -6.56
N LYS V 219 63.28 127.17 -7.20
CA LYS V 219 63.34 127.51 -8.61
C LYS V 219 64.04 126.42 -9.40
N ALA V 220 63.54 126.14 -10.60
CA ALA V 220 64.15 125.20 -11.52
C ALA V 220 64.41 125.91 -12.85
N TYR V 221 65.37 125.40 -13.61
CA TYR V 221 65.78 126.05 -14.84
C TYR V 221 65.94 125.02 -15.95
N LEU V 222 65.72 125.46 -17.18
CA LEU V 222 65.94 124.63 -18.37
C LEU V 222 66.66 125.48 -19.41
N TRP V 223 67.62 124.88 -20.11
CA TRP V 223 68.39 125.63 -21.09
C TRP V 223 68.90 124.69 -22.18
N HIS V 224 69.32 125.29 -23.29
CA HIS V 224 69.85 124.54 -24.42
C HIS V 224 71.36 124.32 -24.21
N ARG V 225 72.04 123.78 -25.23
CA ARG V 225 73.47 123.53 -25.11
C ARG V 225 74.25 124.83 -24.94
N THR V 226 73.88 125.87 -25.68
CA THR V 226 74.56 127.15 -25.54
C THR V 226 74.35 127.73 -24.15
N ALA V 227 73.09 128.01 -23.78
CA ALA V 227 72.73 128.49 -22.46
C ALA V 227 73.50 129.75 -22.07
N PHE V 228 74.47 129.58 -21.17
CA PHE V 228 75.28 130.68 -20.67
C PHE V 228 76.74 130.43 -20.99
N ILE V 229 77.43 131.47 -21.45
CA ILE V 229 78.85 131.37 -21.80
C ILE V 229 79.67 131.59 -20.54
N LEU V 230 80.45 130.58 -20.16
CA LEU V 230 81.31 130.62 -19.00
C LEU V 230 82.73 130.30 -19.42
N ALA V 231 83.70 131.09 -18.98
CA ALA V 231 85.09 130.89 -19.36
C ALA V 231 85.99 131.07 -18.14
N TYR V 232 87.10 130.34 -18.15
CA TYR V 232 88.08 130.39 -17.08
C TYR V 232 89.47 130.59 -17.67
N ARG V 233 90.34 131.24 -16.91
CA ARG V 233 91.71 131.49 -17.35
C ARG V 233 92.63 131.46 -16.14
N THR V 234 93.64 130.60 -16.19
CA THR V 234 94.62 130.55 -15.12
C THR V 234 95.62 131.70 -15.29
N PRO V 235 95.87 132.48 -14.24
CA PRO V 235 96.84 133.57 -14.36
C PRO V 235 98.26 133.05 -14.46
N VAL V 236 99.12 133.88 -15.05
CA VAL V 236 100.52 133.52 -15.22
C VAL V 236 101.29 133.84 -13.94
N VAL V 237 102.13 132.90 -13.53
CA VAL V 237 102.92 133.08 -12.30
C VAL V 237 103.90 134.24 -12.50
N PRO V 238 103.92 135.24 -11.63
CA PRO V 238 104.84 136.36 -11.80
C PRO V 238 106.27 135.96 -11.49
N GLU V 239 107.19 136.87 -11.82
CA GLU V 239 108.60 136.62 -11.55
C GLU V 239 108.88 136.54 -10.05
N GLY V 240 108.21 137.37 -9.27
CA GLY V 240 108.40 137.37 -7.83
C GLY V 240 107.72 136.21 -7.14
N ALA V 241 108.13 134.98 -7.47
CA ALA V 241 107.57 133.78 -6.89
C ALA V 241 108.68 132.75 -6.75
N LYS V 242 108.32 131.56 -6.27
CA LYS V 242 109.27 130.47 -6.08
C LYS V 242 109.01 129.30 -7.02
N ALA V 243 107.82 128.73 -6.99
CA ALA V 243 107.50 127.61 -7.87
C ALA V 243 106.22 127.80 -8.66
N GLY V 244 105.20 128.42 -8.06
CA GLY V 244 103.92 128.59 -8.74
C GLY V 244 103.04 127.37 -8.76
N ALA V 245 103.58 126.22 -9.20
CA ALA V 245 102.86 124.96 -9.25
C ALA V 245 101.57 125.07 -10.07
N SER V 246 100.64 124.14 -9.85
CA SER V 246 99.37 124.13 -10.53
C SER V 246 98.42 123.20 -9.78
N PHE V 247 97.12 123.45 -9.92
CA PHE V 247 96.11 122.60 -9.30
C PHE V 247 94.96 122.40 -10.26
N SER V 248 94.17 121.36 -10.00
CA SER V 248 93.03 121.01 -10.83
C SER V 248 91.76 120.96 -9.98
N ALA V 249 90.68 121.53 -10.51
CA ALA V 249 89.39 121.51 -9.82
C ALA V 249 88.30 121.46 -10.87
N ASN V 250 87.62 120.32 -10.97
CA ASN V 250 86.52 120.11 -11.92
C ASN V 250 86.97 120.41 -13.35
N GLY V 251 88.18 120.01 -13.68
CA GLY V 251 88.72 120.26 -15.01
C GLY V 251 89.22 121.67 -15.24
N VAL V 252 89.29 122.50 -14.21
CA VAL V 252 89.74 123.88 -14.32
C VAL V 252 91.10 123.99 -13.66
N ALA V 253 92.05 124.57 -14.38
CA ALA V 253 93.39 124.78 -13.83
C ALA V 253 93.42 126.00 -12.93
N LEU V 254 94.04 125.85 -11.76
CA LEU V 254 94.14 126.90 -10.76
C LEU V 254 95.61 127.21 -10.49
N ARG V 255 95.91 128.50 -10.38
CA ARG V 255 97.28 128.98 -10.17
C ARG V 255 97.49 129.27 -8.69
N TRP V 256 98.60 128.76 -8.16
CA TRP V 256 98.98 128.90 -6.76
C TRP V 256 100.18 129.84 -6.64
N LEU V 257 100.29 130.49 -5.48
CA LEU V 257 101.37 131.43 -5.23
C LEU V 257 101.68 131.42 -3.73
N ALA V 258 102.97 131.58 -3.42
CA ALA V 258 103.41 131.61 -2.03
C ALA V 258 104.60 132.54 -1.90
N ASP V 259 104.80 133.03 -0.68
CA ASP V 259 105.91 133.93 -0.37
C ASP V 259 106.17 133.88 1.12
N TYR V 260 107.10 134.71 1.60
CA TYR V 260 107.45 134.78 3.00
C TYR V 260 107.11 136.17 3.53
N ASP V 261 106.31 136.22 4.60
CA ASP V 261 105.94 137.48 5.23
C ASP V 261 106.98 137.80 6.29
N TYR V 262 108.05 138.47 5.89
CA TYR V 262 109.13 138.79 6.80
C TYR V 262 108.67 139.74 7.91
N SER V 263 107.84 140.72 7.55
CA SER V 263 107.40 141.71 8.53
C SER V 263 106.52 141.07 9.61
N GLN V 264 105.60 140.19 9.22
CA GLN V 264 104.65 139.60 10.15
C GLN V 264 105.04 138.20 10.60
N LEU V 265 106.17 137.68 10.13
CA LEU V 265 106.64 136.33 10.50
C LEU V 265 105.58 135.28 10.19
N GLY V 266 105.19 135.22 8.92
CA GLY V 266 104.18 134.29 8.47
C GLY V 266 104.41 133.88 7.04
N ASP V 267 103.51 133.02 6.54
CA ASP V 267 103.56 132.53 5.17
C ASP V 267 102.20 132.78 4.52
N ARG V 268 102.20 133.53 3.41
CA ARG V 268 100.98 133.85 2.69
C ARG V 268 100.84 132.95 1.47
N THR V 269 99.65 132.38 1.29
CA THR V 269 99.35 131.53 0.16
C THR V 269 98.14 132.06 -0.60
N LEU V 270 98.14 131.87 -1.92
CA LEU V 270 97.07 132.35 -2.77
C LEU V 270 96.77 131.31 -3.83
N LEU V 271 95.49 131.18 -4.19
CA LEU V 271 95.05 130.27 -5.25
C LEU V 271 93.93 130.96 -6.01
N ASP V 272 94.21 131.38 -7.24
CA ASP V 272 93.28 132.26 -7.94
C ASP V 272 93.24 131.97 -9.43
N VAL V 273 92.10 132.32 -10.03
CA VAL V 273 91.87 132.24 -11.47
C VAL V 273 91.02 133.44 -11.89
N PHE V 274 90.84 133.59 -13.20
CA PHE V 274 90.03 134.66 -13.77
C PHE V 274 88.80 134.05 -14.42
N THR V 275 87.64 134.65 -14.17
CA THR V 275 86.36 134.12 -14.64
C THR V 275 85.66 135.11 -15.55
N GLY V 276 84.98 134.57 -16.56
CA GLY V 276 84.23 135.36 -17.50
C GLY V 276 82.83 134.83 -17.74
N ARG V 277 81.84 135.72 -17.66
CA ARG V 277 80.44 135.36 -17.73
C ARG V 277 79.75 136.10 -18.86
N LYS V 278 78.81 135.43 -19.51
CA LYS V 278 78.02 136.07 -20.55
C LYS V 278 76.71 135.31 -20.72
N VAL V 279 75.66 136.03 -21.08
CA VAL V 279 74.35 135.45 -21.37
C VAL V 279 74.13 135.47 -22.87
N VAL V 280 73.65 134.36 -23.42
CA VAL V 280 73.41 134.23 -24.85
C VAL V 280 72.05 134.85 -25.15
N THR V 281 72.05 136.08 -25.63
CA THR V 281 70.82 136.79 -25.96
C THR V 281 70.53 136.66 -27.45
N GLU V 282 69.53 137.39 -27.93
CA GLU V 282 69.14 137.39 -29.33
C GLU V 282 69.48 138.73 -29.96
N VAL V 283 69.08 138.89 -31.23
CA VAL V 283 69.37 140.13 -31.95
C VAL V 283 68.61 141.32 -31.38
N ASP V 284 67.52 141.08 -30.66
CA ASP V 284 66.72 142.15 -30.07
C ASP V 284 66.73 142.12 -28.54
N GLY V 285 67.63 141.36 -27.93
CA GLY V 285 67.71 141.28 -26.49
C GLY V 285 66.69 140.39 -25.83
N SER V 286 65.94 139.61 -26.61
CA SER V 286 64.93 138.70 -26.06
C SER V 286 65.62 137.39 -25.70
N PHE V 287 65.67 137.08 -24.41
CA PHE V 287 66.31 135.87 -23.92
C PHE V 287 65.35 134.70 -24.07
N VAL V 288 65.60 133.82 -25.05
CA VAL V 288 64.79 132.65 -25.30
C VAL V 288 65.58 131.36 -25.19
N ARG V 289 66.88 131.43 -24.91
CA ARG V 289 67.69 130.22 -24.82
C ARG V 289 67.43 129.43 -23.55
N ALA V 290 66.80 130.03 -22.54
CA ALA V 290 66.54 129.37 -21.29
C ALA V 290 65.20 129.80 -20.73
N VAL V 291 64.63 128.94 -19.88
CA VAL V 291 63.36 129.20 -19.22
C VAL V 291 63.49 128.87 -17.74
N GLU V 292 62.68 129.57 -16.93
CA GLU V 292 62.69 129.45 -15.49
C GLU V 292 61.32 129.05 -14.97
N LEU V 293 61.30 128.12 -14.02
CA LEU V 293 60.08 127.62 -13.42
C LEU V 293 60.12 127.89 -11.92
N GLN V 294 59.02 128.39 -11.38
CA GLN V 294 58.92 128.73 -9.97
C GLN V 294 57.66 128.12 -9.37
N LEU V 295 57.80 127.62 -8.15
CA LEU V 295 56.69 127.04 -7.40
C LEU V 295 55.97 128.12 -6.61
N GLN V 296 54.66 127.94 -6.44
CA GLN V 296 53.86 128.88 -5.68
C GLN V 296 53.79 128.45 -4.21
N ALA V 297 53.46 129.42 -3.36
CA ALA V 297 53.30 129.18 -1.93
C ALA V 297 51.84 129.18 -1.51
N SER V 298 51.11 130.25 -1.79
CA SER V 298 49.69 130.44 -1.49
C SER V 298 49.42 130.46 0.01
N SER V 299 50.42 130.29 0.86
CA SER V 299 50.29 130.31 2.31
C SER V 299 51.69 130.26 2.90
N ILE V 300 51.86 130.91 4.05
CA ILE V 300 53.12 130.92 4.77
C ILE V 300 52.85 130.57 6.23
N THR V 301 53.70 129.72 6.80
CA THR V 301 53.60 129.28 8.17
C THR V 301 54.87 129.65 8.92
N ILE V 302 54.71 130.26 10.09
CA ILE V 302 55.83 130.59 10.97
C ILE V 302 55.91 129.50 12.02
N VAL V 303 57.03 128.77 12.03
CA VAL V 303 57.19 127.62 12.92
C VAL V 303 57.32 128.09 14.36
N GLY V 304 57.14 127.15 15.30
CA GLY V 304 57.24 127.43 16.71
C GLY V 304 55.91 127.62 17.41
N GLY V 305 54.84 127.88 16.66
CA GLY V 305 53.53 128.08 17.25
C GLY V 305 53.50 129.26 18.20
N ALA V 306 53.36 128.98 19.49
CA ALA V 306 53.42 130.00 20.54
C ALA V 306 54.74 129.82 21.30
N PHE V 307 55.55 130.87 21.31
CA PHE V 307 56.87 130.83 21.92
C PHE V 307 57.07 132.05 22.81
N ALA V 308 57.93 131.89 23.81
CA ALA V 308 58.27 132.96 24.74
C ALA V 308 59.78 133.10 24.81
N LEU V 309 60.25 134.34 24.89
CA LEU V 309 61.67 134.61 25.00
C LEU V 309 62.21 134.15 26.35
N ALA V 310 63.53 133.97 26.42
CA ALA V 310 64.16 133.50 27.66
C ALA V 310 63.96 134.51 28.78
N THR V 311 64.16 135.80 28.50
CA THR V 311 63.99 136.87 29.47
C THR V 311 63.18 137.99 28.84
N THR V 312 62.94 139.04 29.61
CA THR V 312 62.25 140.21 29.07
C THR V 312 63.06 140.86 27.97
N THR V 313 64.37 141.02 28.17
CA THR V 313 65.26 141.53 27.14
C THR V 313 65.98 140.35 26.46
N GLY V 314 65.21 139.63 25.64
CA GLY V 314 65.71 138.48 24.92
C GLY V 314 65.60 138.67 23.42
N THR V 315 66.03 137.64 22.69
CA THR V 315 65.99 137.66 21.24
C THR V 315 65.85 136.24 20.71
N LYS V 316 65.36 136.14 19.48
CA LYS V 316 65.19 134.86 18.82
C LYS V 316 65.08 135.07 17.32
N GLN V 317 65.75 134.23 16.54
CA GLN V 317 65.73 134.31 15.10
C GLN V 317 64.55 133.51 14.57
N LEU V 318 63.54 134.19 14.05
CA LEU V 318 62.36 133.54 13.53
C LEU V 318 62.58 133.08 12.09
N LYS V 319 62.04 131.90 11.76
CA LYS V 319 62.12 131.34 10.42
C LYS V 319 60.71 131.02 9.93
N VAL V 320 60.45 131.34 8.67
CA VAL V 320 59.14 131.16 8.06
C VAL V 320 59.28 130.22 6.86
N ARG V 321 58.32 129.31 6.71
CA ARG V 321 58.31 128.37 5.60
C ARG V 321 57.00 128.51 4.83
N ASP V 322 56.95 127.83 3.69
CA ASP V 322 55.73 127.80 2.88
C ASP V 322 55.02 126.47 3.08
N ASP V 323 53.97 126.24 2.29
CA ASP V 323 53.26 124.96 2.36
C ASP V 323 54.16 123.81 1.91
N ASN V 324 54.98 124.04 0.88
CA ASN V 324 55.90 123.01 0.41
C ASN V 324 57.06 122.77 1.36
N GLY V 325 57.24 123.62 2.37
CA GLY V 325 58.32 123.46 3.32
C GLY V 325 59.59 124.21 3.01
N THR V 326 59.63 124.97 1.91
CA THR V 326 60.81 125.74 1.58
C THR V 326 61.02 126.86 2.60
N ASP V 327 62.26 127.02 3.04
CA ASP V 327 62.61 128.03 4.05
C ASP V 327 62.71 129.39 3.37
N VAL V 328 61.56 130.05 3.23
CA VAL V 328 61.52 131.34 2.55
C VAL V 328 62.25 132.40 3.37
N THR V 329 61.96 132.48 4.67
CA THR V 329 62.66 133.32 5.65
C THR V 329 63.11 134.68 5.13
N ALA V 330 64.19 134.69 4.34
CA ALA V 330 64.88 135.94 4.01
C ALA V 330 63.99 136.90 3.24
N ARG V 331 63.33 136.41 2.18
CA ARG V 331 62.51 137.28 1.35
C ARG V 331 61.12 137.45 1.95
N CYS V 332 61.06 137.89 3.21
CA CYS V 332 59.80 138.14 3.90
C CYS V 332 59.90 139.45 4.66
N THR V 333 58.75 140.10 4.85
CA THR V 333 58.66 141.36 5.58
C THR V 333 58.12 141.06 6.98
N PHE V 334 58.91 141.38 8.00
CA PHE V 334 58.55 141.14 9.39
C PHE V 334 58.16 142.46 10.05
N ALA V 335 57.03 142.47 10.75
CA ALA V 335 56.57 143.67 11.44
C ALA V 335 55.96 143.29 12.78
N SER V 336 56.33 144.01 13.82
CA SER V 336 55.78 143.77 15.14
C SER V 336 54.50 144.58 15.34
N SER V 337 53.54 143.97 16.06
CA SER V 337 52.31 144.67 16.38
C SER V 337 52.52 145.72 17.46
N ALA V 338 53.29 145.37 18.49
CA ALA V 338 53.63 146.27 19.57
C ALA V 338 55.14 146.48 19.54
N GLY V 339 55.57 147.58 18.92
CA GLY V 339 56.99 147.86 18.82
C GLY V 339 57.64 148.11 20.17
N THR V 340 56.93 148.79 21.07
CA THR V 340 57.48 149.07 22.39
C THR V 340 57.63 147.79 23.22
N LYS V 341 56.84 146.76 22.93
CA LYS V 341 56.94 145.51 23.67
C LYS V 341 58.08 144.64 23.13
N ALA V 342 58.01 144.27 21.85
CA ALA V 342 59.04 143.45 21.24
C ALA V 342 59.01 143.68 19.74
N THR V 343 60.03 144.37 19.22
CA THR V 343 60.14 144.62 17.80
C THR V 343 60.94 143.51 17.13
N VAL V 344 60.61 143.26 15.86
CA VAL V 344 61.25 142.20 15.07
C VAL V 344 62.13 142.84 14.01
N SER V 345 63.35 142.32 13.86
CA SER V 345 64.28 142.83 12.88
C SER V 345 63.86 142.38 11.47
N ALA V 346 64.51 142.98 10.47
CA ALA V 346 64.20 142.64 9.09
C ALA V 346 64.55 141.19 8.78
N ALA V 347 65.70 140.72 9.27
CA ALA V 347 66.09 139.33 9.03
C ALA V 347 65.12 138.35 9.71
N GLY V 348 64.68 138.68 10.91
CA GLY V 348 63.78 137.81 11.65
C GLY V 348 64.20 137.66 13.10
N LEU V 349 65.30 138.32 13.48
CA LEU V 349 65.82 138.28 14.83
C LEU V 349 65.00 139.24 15.70
N VAL V 350 63.87 138.74 16.18
CA VAL V 350 62.99 139.54 17.02
C VAL V 350 63.62 139.69 18.41
N THR V 351 63.62 140.93 18.90
CA THR V 351 64.21 141.26 20.21
C THR V 351 63.12 141.80 21.13
N GLY V 352 63.12 141.33 22.37
CA GLY V 352 62.15 141.81 23.35
C GLY V 352 62.61 143.07 24.02
N VAL V 353 61.73 144.07 24.10
CA VAL V 353 62.02 145.35 24.72
C VAL V 353 61.31 145.49 26.07
N ALA V 354 60.00 145.29 26.09
CA ALA V 354 59.21 145.41 27.31
C ALA V 354 58.38 144.14 27.51
N ALA V 355 58.14 143.82 28.78
CA ALA V 355 57.34 142.64 29.10
C ALA V 355 55.89 142.83 28.69
N GLY V 356 55.29 141.75 28.17
CA GLY V 356 53.92 141.79 27.72
C GLY V 356 53.62 140.80 26.62
N THR V 357 52.83 141.21 25.64
CA THR V 357 52.48 140.34 24.52
C THR V 357 52.57 141.13 23.21
N ALA V 358 52.83 140.42 22.13
CA ALA V 358 52.93 141.04 20.81
C ALA V 358 52.47 140.05 19.75
N ASP V 359 52.14 140.59 18.58
CA ASP V 359 51.68 139.78 17.44
C ASP V 359 52.61 140.06 16.27
N ILE V 360 53.64 139.23 16.12
CA ILE V 360 54.58 139.38 15.02
C ILE V 360 53.92 138.91 13.74
N THR V 361 53.94 139.75 12.71
CA THR V 361 53.31 139.46 11.43
C THR V 361 54.37 139.36 10.35
N ALA V 362 54.32 138.29 9.56
CA ALA V 362 55.22 138.09 8.43
C ALA V 362 54.40 138.09 7.16
N SER V 363 54.83 138.88 6.18
CA SER V 363 54.16 138.98 4.89
C SER V 363 55.13 138.59 3.79
N TYR V 364 54.70 137.68 2.92
CA TYR V 364 55.53 137.20 1.82
C TYR V 364 54.74 137.32 0.53
N VAL V 365 55.36 137.89 -0.50
CA VAL V 365 54.73 138.03 -1.81
C VAL V 365 54.88 136.72 -2.56
N PRO V 366 53.78 136.06 -2.93
CA PRO V 366 53.90 134.80 -3.66
C PRO V 366 54.49 135.02 -5.04
N PRO V 367 55.20 134.03 -5.59
CA PRO V 367 55.72 134.18 -6.96
C PRO V 367 54.63 134.39 -8.00
N GLN V 368 53.43 133.87 -7.77
CA GLN V 368 52.32 134.07 -8.69
C GLN V 368 51.85 135.52 -8.73
N GLY V 369 52.19 136.31 -7.73
CA GLY V 369 51.79 137.70 -7.67
C GLY V 369 50.60 137.93 -6.77
N GLY V 370 49.88 139.01 -7.05
CA GLY V 370 48.72 139.36 -6.26
C GLY V 370 49.09 139.81 -4.86
N THR V 371 48.14 139.64 -3.94
CA THR V 371 48.34 140.02 -2.56
C THR V 371 49.36 139.10 -1.89
N ALA V 372 50.08 139.66 -0.91
CA ALA V 372 51.10 138.91 -0.19
C ALA V 372 50.47 138.17 0.99
N LYS V 373 50.73 136.88 1.06
CA LYS V 373 50.21 136.07 2.15
C LYS V 373 50.84 136.48 3.48
N THR V 374 50.02 136.55 4.52
CA THR V 374 50.47 137.02 5.82
C THR V 374 50.17 135.98 6.89
N ALA V 375 51.02 135.95 7.91
CA ALA V 375 50.86 135.05 9.05
C ALA V 375 51.16 135.83 10.33
N THR V 376 50.44 135.47 11.40
CA THR V 376 50.56 136.14 12.68
C THR V 376 50.92 135.12 13.76
N VAL V 377 51.88 135.48 14.60
CA VAL V 377 52.31 134.65 15.71
C VAL V 377 52.33 135.48 16.99
N THR V 378 51.65 135.00 18.03
CA THR V 378 51.62 135.68 19.31
C THR V 378 52.86 135.28 20.12
N VAL V 379 53.55 136.28 20.67
CA VAL V 379 54.74 136.09 21.49
C VAL V 379 54.51 136.74 22.84
N THR V 380 54.84 136.02 23.91
CA THR V 380 54.66 136.48 25.28
C THR V 380 56.02 136.77 25.88
N VAL V 381 56.39 138.05 25.94
CA VAL V 381 57.66 138.47 26.53
C VAL V 381 57.49 138.49 28.05
N PRO V 382 58.32 137.73 28.80
CA PRO V 382 58.25 137.63 30.26
C PRO V 382 58.38 138.97 30.96
N ILE W 4 35.09 62.58 50.88
CA ILE W 4 36.10 63.46 50.30
C ILE W 4 37.41 62.71 50.11
N PHE W 5 38.43 63.42 49.63
CA PHE W 5 39.74 62.82 49.39
C PHE W 5 40.81 63.81 49.83
N VAL W 6 42.07 63.40 49.65
CA VAL W 6 43.22 64.20 50.07
C VAL W 6 44.09 64.48 48.86
N LYS W 7 43.46 64.63 47.69
CA LYS W 7 44.09 64.84 46.39
C LYS W 7 45.19 65.89 46.45
N PRO W 8 46.26 65.74 45.67
CA PRO W 8 47.32 66.76 45.63
C PRO W 8 46.89 67.99 44.87
N GLU W 9 47.81 68.92 44.63
CA GLU W 9 47.56 70.11 43.81
C GLU W 9 48.56 70.09 42.66
N LEU W 10 48.14 69.55 41.51
CA LEU W 10 49.01 69.44 40.36
C LEU W 10 49.20 70.79 39.68
N VAL W 11 50.42 71.04 39.22
CA VAL W 11 50.77 72.26 38.49
C VAL W 11 51.48 71.87 37.21
N ALA W 12 51.05 72.44 36.10
CA ALA W 12 51.63 72.14 34.80
C ALA W 12 51.93 73.43 34.05
N GLU W 13 52.93 73.38 33.17
CA GLU W 13 53.35 74.51 32.36
C GLU W 13 52.74 74.36 30.97
N ILE W 14 51.61 75.02 30.74
CA ILE W 14 50.95 74.94 29.45
C ILE W 14 51.81 75.57 28.36
N GLY W 15 52.40 76.73 28.64
CA GLY W 15 53.22 77.42 27.66
C GLY W 15 53.02 78.92 27.65
N VAL W 16 52.11 79.40 28.50
CA VAL W 16 51.84 80.83 28.57
C VAL W 16 53.07 81.56 29.09
N LYS W 17 53.38 82.69 28.45
CA LYS W 17 54.54 83.51 28.81
C LYS W 17 54.11 84.96 28.93
N GLN W 18 54.85 85.70 29.76
CA GLN W 18 54.59 87.14 29.91
C GLN W 18 54.95 87.85 28.61
N LEU W 19 54.06 88.74 28.17
CA LEU W 19 54.27 89.47 26.93
C LEU W 19 55.38 90.48 27.11
N GLN W 20 56.50 90.26 26.44
CA GLN W 20 57.68 91.11 26.54
C GLN W 20 57.96 91.79 25.21
N ARG W 21 58.74 92.87 25.27
CA ARG W 21 59.08 93.62 24.08
C ARG W 21 60.07 92.85 23.22
N GLU W 22 60.23 93.31 21.98
CA GLU W 22 61.14 92.70 21.02
C GLU W 22 62.40 93.55 20.89
N ILE W 23 63.56 92.89 20.97
CA ILE W 23 64.84 93.58 20.87
C ILE W 23 65.03 94.01 19.42
N VAL W 24 64.88 95.31 19.15
CA VAL W 24 64.98 95.86 17.81
C VAL W 24 66.03 96.97 17.74
N LEU W 25 66.01 97.89 18.71
CA LEU W 25 66.95 99.00 18.70
C LEU W 25 68.41 98.58 18.70
N PRO W 26 68.85 97.61 19.50
CA PRO W 26 70.25 97.16 19.39
C PRO W 26 70.53 96.60 18.00
N GLY W 27 71.75 96.87 17.52
CA GLY W 27 72.14 96.51 16.17
C GLY W 27 71.84 97.55 15.12
N LEU W 28 71.12 98.61 15.48
CA LEU W 28 70.82 99.72 14.57
C LEU W 28 71.66 100.95 14.86
N VAL W 29 72.50 100.91 15.89
CA VAL W 29 73.31 102.04 16.32
C VAL W 29 74.76 101.55 16.42
N TRP W 30 75.70 102.48 16.37
CA TRP W 30 77.12 102.16 16.46
C TRP W 30 77.40 101.30 17.70
N THR W 31 78.16 100.23 17.50
CA THR W 31 78.49 99.27 18.55
C THR W 31 80.00 99.28 18.75
N ASN W 32 80.47 100.11 19.68
CA ASN W 32 81.88 100.24 20.05
C ASN W 32 82.75 100.50 18.83
N PRO W 33 82.65 101.68 18.20
CA PRO W 33 83.55 101.98 17.08
C PRO W 33 84.95 102.35 17.56
N LEU W 34 85.02 103.01 18.72
CA LEU W 34 86.28 103.43 19.31
C LEU W 34 86.26 103.03 20.78
N THR W 35 87.08 102.04 21.13
CA THR W 35 87.13 101.50 22.50
C THR W 35 88.54 101.66 23.04
N ASP W 36 88.83 102.86 23.57
CA ASP W 36 90.10 103.15 24.22
C ASP W 36 89.90 103.98 25.47
N PHE W 37 88.77 103.78 26.17
CA PHE W 37 88.42 104.57 27.34
C PHE W 37 89.33 104.32 28.53
N GLY W 38 90.17 103.29 28.49
CA GLY W 38 91.03 102.96 29.61
C GLY W 38 91.94 104.09 30.05
N GLY W 39 92.89 104.46 29.19
CA GLY W 39 93.82 105.53 29.52
C GLY W 39 93.38 106.90 29.04
N SER W 40 92.14 107.27 29.35
CA SER W 40 91.57 108.55 28.94
C SER W 40 91.28 109.42 30.15
N LYS W 41 91.57 110.71 30.03
CA LYS W 41 91.35 111.63 31.13
C LYS W 41 89.86 111.82 31.39
N ASN W 42 89.46 111.68 32.66
CA ASN W 42 88.09 111.85 33.11
C ASN W 42 87.11 110.95 32.37
N ASP W 43 87.60 109.84 31.81
CA ASP W 43 86.79 108.92 31.02
C ASP W 43 86.11 109.63 29.86
N THR W 44 86.76 110.66 29.32
CA THR W 44 86.24 111.43 28.21
C THR W 44 87.24 111.43 27.07
N ILE W 45 86.77 111.12 25.86
CA ILE W 45 87.61 111.05 24.68
C ILE W 45 87.15 112.12 23.69
N THR W 46 88.09 112.91 23.20
CA THR W 46 87.80 114.00 22.28
C THR W 46 88.01 113.52 20.85
N VAL W 47 87.01 113.71 20.01
CA VAL W 47 87.07 113.38 18.58
C VAL W 47 87.05 114.68 17.81
N ARG W 48 88.04 114.86 16.95
CA ARG W 48 88.20 116.07 16.16
C ARG W 48 87.45 115.94 14.84
N VAL W 49 87.02 117.08 14.29
CA VAL W 49 86.32 117.15 13.02
C VAL W 49 87.14 118.02 12.08
N PRO W 50 87.41 117.58 10.85
CA PRO W 50 88.17 118.42 9.92
C PRO W 50 87.46 119.73 9.64
N ALA W 51 88.25 120.79 9.47
CA ALA W 51 87.73 122.13 9.26
C ALA W 51 87.53 122.41 7.77
N ILE W 52 86.74 123.45 7.49
CA ILE W 52 86.45 123.88 6.12
C ILE W 52 86.68 125.38 6.03
N THR W 53 86.83 125.85 4.78
CA THR W 53 87.07 127.26 4.53
C THR W 53 86.18 127.78 3.42
N THR W 54 86.38 129.03 3.00
CA THR W 54 85.59 129.64 1.95
C THR W 54 86.53 130.41 1.03
N ALA W 55 85.95 131.19 0.11
CA ALA W 55 86.72 131.96 -0.85
C ALA W 55 86.08 133.33 -1.03
N ASN W 56 86.79 134.22 -1.71
CA ASN W 56 86.34 135.58 -1.96
C ASN W 56 86.41 135.87 -3.45
N ARG W 57 85.63 136.87 -3.87
CA ARG W 57 85.54 137.27 -5.27
C ARG W 57 85.80 138.76 -5.41
N ARG W 58 86.52 139.13 -6.46
CA ARG W 58 86.80 140.53 -6.76
C ARG W 58 86.68 140.73 -8.26
N ASP W 59 86.95 141.96 -8.71
CA ASP W 59 86.80 142.34 -10.11
C ASP W 59 88.16 142.55 -10.76
N LEU W 60 88.22 142.27 -12.06
CA LEU W 60 89.46 142.42 -12.81
C LEU W 60 89.82 143.89 -12.98
N ARG W 61 91.12 144.15 -13.09
CA ARG W 61 91.68 145.48 -13.35
C ARG W 61 91.30 146.49 -12.27
N ASP W 62 90.97 146.03 -11.07
CA ASP W 62 90.63 146.93 -9.98
C ASP W 62 91.90 147.55 -9.40
N PRO W 63 91.99 148.88 -9.31
CA PRO W 63 93.19 149.49 -8.71
C PRO W 63 93.43 149.07 -7.28
N ASP W 64 92.37 148.83 -6.51
CA ASP W 64 92.53 148.36 -5.14
C ASP W 64 93.09 146.94 -5.12
N ARG W 65 93.96 146.67 -4.16
CA ARG W 65 94.63 145.37 -4.04
C ARG W 65 94.47 144.82 -2.62
N THR W 66 93.24 144.87 -2.10
CA THR W 66 92.96 144.34 -0.77
C THR W 66 92.81 142.83 -0.84
N VAL W 67 93.48 142.13 0.06
CA VAL W 67 93.45 140.68 0.13
C VAL W 67 92.87 140.26 1.47
N ILE W 68 91.84 139.42 1.44
CA ILE W 68 91.17 138.93 2.64
C ILE W 68 91.56 137.48 2.84
N ALA W 69 92.05 137.15 4.04
CA ALA W 69 92.47 135.80 4.36
C ALA W 69 91.27 134.95 4.77
N SER W 70 91.55 133.72 5.19
CA SER W 70 90.52 132.78 5.61
C SER W 70 90.95 132.10 6.90
N GLU W 71 89.96 131.64 7.66
CA GLU W 71 90.18 130.98 8.94
C GLU W 71 89.86 129.50 8.83
N LEU W 72 90.70 128.66 9.44
CA LEU W 72 90.57 127.21 9.38
C LEU W 72 90.59 126.62 10.79
N VAL W 73 89.83 127.21 11.69
CA VAL W 73 89.74 126.70 13.05
C VAL W 73 88.98 125.38 13.07
N GLU W 74 89.47 124.42 13.84
CA GLU W 74 88.87 123.10 13.95
C GLU W 74 88.00 123.01 15.20
N HIS W 75 87.24 121.92 15.27
CA HIS W 75 86.33 121.67 16.38
C HIS W 75 86.44 120.21 16.80
N SER W 76 85.94 119.93 18.00
CA SER W 76 85.96 118.58 18.54
C SER W 76 84.79 118.40 19.49
N PHE W 77 84.42 117.13 19.70
CA PHE W 77 83.36 116.79 20.64
C PHE W 77 83.82 115.66 21.54
N GLY W 78 83.29 115.64 22.76
CA GLY W 78 83.71 114.70 23.79
C GLY W 78 82.68 113.61 24.01
N VAL W 79 83.17 112.37 24.11
CA VAL W 79 82.35 111.21 24.42
C VAL W 79 82.74 110.72 25.80
N THR W 80 81.75 110.55 26.68
CA THR W 80 81.98 110.20 28.07
C THR W 80 81.16 108.97 28.45
N LEU W 81 81.76 108.10 29.26
CA LEU W 81 81.09 106.92 29.79
C LEU W 81 80.68 107.22 31.23
N ASP W 82 79.38 107.44 31.45
CA ASP W 82 78.88 107.89 32.74
C ASP W 82 77.90 106.93 33.39
N LYS W 83 76.99 106.32 32.62
CA LYS W 83 75.95 105.46 33.17
C LYS W 83 76.21 104.01 32.77
N HIS W 84 76.15 103.11 33.75
CA HIS W 84 76.34 101.68 33.51
C HIS W 84 75.11 100.90 33.99
N VAL W 85 74.87 99.76 33.36
CA VAL W 85 73.72 98.93 33.67
C VAL W 85 74.18 97.79 34.57
N TYR W 86 73.59 97.70 35.76
CA TYR W 86 73.97 96.68 36.74
C TYR W 86 72.73 96.01 37.29
N ALA W 87 72.89 94.76 37.72
CA ALA W 87 71.79 93.98 38.25
C ALA W 87 72.33 92.95 39.25
N ALA W 88 71.57 92.76 40.33
CA ALA W 88 71.94 91.84 41.40
C ALA W 88 70.70 91.07 41.85
N LEU W 89 70.93 89.89 42.41
CA LEU W 89 69.84 89.03 42.89
C LEU W 89 70.32 88.32 44.15
N LYS W 90 69.68 88.63 45.29
CA LYS W 90 70.03 88.00 46.55
C LYS W 90 69.32 86.66 46.70
N PHE W 91 70.09 85.62 47.00
CA PHE W 91 69.55 84.27 47.12
C PHE W 91 69.96 83.70 48.47
N THR W 92 68.99 83.14 49.19
CA THR W 92 69.26 82.48 50.46
C THR W 92 69.57 81.01 50.22
N ASP W 93 70.35 80.43 51.14
CA ASP W 93 70.76 79.03 51.02
C ASP W 93 69.55 78.10 51.01
N GLU W 94 68.51 78.42 51.79
CA GLU W 94 67.33 77.58 51.88
C GLU W 94 66.67 77.42 50.51
N GLN W 95 66.37 78.54 49.85
CA GLN W 95 65.74 78.47 48.54
C GLN W 95 66.71 77.97 47.47
N ARG W 96 68.01 78.30 47.61
CA ARG W 96 68.99 77.84 46.64
C ARG W 96 69.08 76.32 46.63
N THR W 97 69.06 75.70 47.81
CA THR W 97 69.08 74.25 47.91
C THR W 97 67.72 73.61 47.65
N LEU W 98 66.63 74.31 47.95
CA LEU W 98 65.34 73.63 47.96
C LEU W 98 64.31 74.25 47.02
N ASP W 99 64.32 75.58 46.86
CA ASP W 99 63.33 76.26 46.03
C ASP W 99 63.90 76.67 44.67
N ILE W 100 65.05 76.12 44.30
CA ILE W 100 65.65 76.36 42.99
C ILE W 100 65.68 75.03 42.24
N ARG W 101 64.93 74.94 41.14
CA ARG W 101 64.95 73.76 40.29
C ARG W 101 66.10 73.79 39.30
N ASP W 102 66.55 74.97 38.89
CA ASP W 102 67.73 75.12 38.04
C ASP W 102 68.14 76.58 38.06
N TYR W 103 69.41 76.82 37.73
CA TYR W 103 69.96 78.17 37.79
C TYR W 103 69.69 78.95 36.51
N THR W 104 70.12 78.40 35.37
CA THR W 104 70.07 79.12 34.11
C THR W 104 68.68 79.63 33.74
N LYS W 105 67.69 78.73 33.74
CA LYS W 105 66.34 79.11 33.31
C LYS W 105 65.70 80.06 34.31
N GLN W 106 65.93 79.85 35.60
CA GLN W 106 65.26 80.63 36.64
C GLN W 106 66.03 81.88 37.06
N VAL W 107 67.34 81.94 36.79
CA VAL W 107 68.15 83.06 37.25
C VAL W 107 68.86 83.72 36.08
N LEU W 108 69.71 82.96 35.39
CA LEU W 108 70.62 83.54 34.41
C LEU W 108 69.86 84.07 33.19
N MET W 109 68.95 83.28 32.65
CA MET W 109 68.18 83.72 31.48
C MET W 109 67.31 84.94 31.77
N PRO W 110 66.51 84.99 32.84
CA PRO W 110 65.81 86.24 33.14
C PRO W 110 66.74 87.42 33.38
N GLN W 111 67.91 87.18 33.98
CA GLN W 111 68.84 88.26 34.26
C GLN W 111 69.40 88.84 32.96
N VAL W 112 69.80 87.99 32.02
CA VAL W 112 70.33 88.49 30.76
C VAL W 112 69.24 89.13 29.93
N SER W 113 68.01 88.60 30.00
CA SER W 113 66.89 89.26 29.32
C SER W 113 66.65 90.65 29.89
N ALA W 114 66.71 90.79 31.23
CA ALA W 114 66.55 92.08 31.86
C ALA W 114 67.66 93.04 31.45
N VAL W 115 68.89 92.54 31.37
CA VAL W 115 70.01 93.39 30.96
C VAL W 115 69.81 93.87 29.52
N ALA W 116 69.38 92.97 28.63
CA ALA W 116 69.14 93.35 27.25
C ALA W 116 68.01 94.38 27.14
N TYR W 117 66.94 94.18 27.90
CA TYR W 117 65.82 95.13 27.85
C TYR W 117 66.23 96.48 28.42
N GLU W 118 67.04 96.49 29.48
CA GLU W 118 67.54 97.74 30.03
C GLU W 118 68.44 98.46 29.05
N LEU W 119 69.27 97.71 28.32
CA LEU W 119 70.09 98.32 27.28
C LEU W 119 69.22 98.91 26.16
N GLU W 120 68.16 98.20 25.77
CA GLU W 120 67.25 98.71 24.76
C GLU W 120 66.58 100.00 25.23
N ASP W 121 66.14 100.04 26.49
CA ASP W 121 65.57 101.26 27.04
C ASP W 121 66.60 102.38 27.12
N TYR W 122 67.85 102.04 27.42
CA TYR W 122 68.92 103.03 27.44
C TYR W 122 69.13 103.65 26.07
N ILE W 123 69.09 102.83 25.02
CA ILE W 123 69.21 103.35 23.66
C ILE W 123 67.98 104.17 23.29
N ALA W 124 66.79 103.74 23.74
CA ALA W 124 65.58 104.49 23.48
C ALA W 124 65.62 105.86 24.15
N GLU W 125 66.25 105.95 25.32
CA GLU W 125 66.39 107.25 25.98
C GLU W 125 67.16 108.22 25.11
N LEU W 126 68.26 107.77 24.50
CA LEU W 126 69.00 108.62 23.57
C LEU W 126 68.18 108.94 22.34
N ILE W 127 67.47 107.95 21.79
CA ILE W 127 66.75 108.17 20.54
C ILE W 127 65.54 109.09 20.74
N GLU W 128 65.05 109.22 21.97
CA GLU W 128 63.90 110.07 22.26
C GLU W 128 64.28 111.42 22.86
N GLY W 129 65.40 111.51 23.56
CA GLY W 129 65.84 112.74 24.18
C GLY W 129 66.74 113.62 23.35
N ALA W 130 66.94 113.28 22.07
CA ALA W 130 67.80 114.10 21.23
C ALA W 130 67.20 115.47 21.01
N PRO W 131 68.00 116.53 21.01
CA PRO W 131 67.48 117.91 20.82
C PRO W 131 67.10 118.20 19.37
N TYR W 132 65.95 117.68 18.96
CA TYR W 132 65.47 117.91 17.60
C TYR W 132 65.00 119.36 17.45
N GLU W 133 65.44 120.01 16.37
CA GLU W 133 65.04 121.39 16.13
C GLU W 133 63.66 121.47 15.46
N GLU W 134 63.53 120.84 14.30
CA GLU W 134 62.27 120.82 13.56
C GLU W 134 61.53 119.51 13.80
N THR W 135 60.20 119.60 13.84
CA THR W 135 59.33 118.44 14.02
C THR W 135 58.42 118.33 12.81
N ILE W 136 58.70 117.36 11.95
CA ILE W 136 57.88 117.16 10.76
C ILE W 136 56.56 116.54 11.17
N LEU W 137 55.46 117.22 10.88
CA LEU W 137 54.13 116.76 11.24
C LEU W 137 53.63 115.76 10.20
N ILE W 138 53.29 114.56 10.66
CA ILE W 138 52.78 113.52 9.77
C ILE W 138 51.30 113.75 9.55
N ASP W 139 50.89 113.89 8.29
CA ASP W 139 49.49 114.09 7.97
C ASP W 139 48.75 112.76 7.98
N PRO W 140 47.73 112.59 8.83
CA PRO W 140 47.01 111.31 8.85
C PRO W 140 46.34 110.97 7.53
N ALA W 141 45.85 111.97 6.79
CA ALA W 141 45.23 111.71 5.50
C ALA W 141 46.22 111.18 4.48
N ASP W 142 47.44 111.74 4.48
CA ASP W 142 48.47 111.32 3.52
C ASP W 142 49.83 111.54 4.17
N THR W 143 50.45 110.45 4.63
CA THR W 143 51.77 110.52 5.24
C THR W 143 52.89 110.61 4.21
N VAL W 144 52.62 110.23 2.96
CA VAL W 144 53.65 110.27 1.93
C VAL W 144 54.22 111.68 1.73
N PRO W 145 53.41 112.74 1.67
CA PRO W 145 54.00 114.10 1.62
C PRO W 145 54.90 114.41 2.81
N ALA W 146 54.53 113.96 4.01
CA ALA W 146 55.37 114.22 5.17
C ALA W 146 56.70 113.49 5.06
N PHE W 147 56.68 112.23 4.62
CA PHE W 147 57.92 111.49 4.46
C PHE W 147 58.79 112.11 3.37
N ILE W 148 58.18 112.56 2.28
CA ILE W 148 58.93 113.20 1.20
C ILE W 148 59.54 114.51 1.70
N THR W 149 58.80 115.26 2.51
CA THR W 149 59.35 116.50 3.08
C THR W 149 60.52 116.22 4.00
N ALA W 150 60.43 115.16 4.81
CA ALA W 150 61.54 114.79 5.68
C ALA W 150 62.76 114.40 4.86
N ASP W 151 62.56 113.63 3.79
CA ASP W 151 63.67 113.27 2.91
C ASP W 151 64.27 114.50 2.25
N GLN W 152 63.43 115.46 1.86
CA GLN W 152 63.92 116.69 1.27
C GLN W 152 64.75 117.49 2.27
N ARG W 153 64.32 117.54 3.52
CA ARG W 153 65.12 118.21 4.55
C ARG W 153 66.46 117.52 4.74
N MET W 154 66.45 116.18 4.78
CA MET W 154 67.71 115.44 4.93
C MET W 154 68.64 115.70 3.76
N GLY W 155 68.11 115.75 2.54
CA GLY W 155 68.93 116.07 1.39
C GLY W 155 69.45 117.50 1.42
N GLU W 156 68.63 118.44 1.90
CA GLU W 156 69.07 119.81 2.07
C GLU W 156 70.18 119.93 3.10
N ALA W 157 70.21 119.04 4.08
CA ALA W 157 71.28 119.02 5.08
C ALA W 157 72.56 118.38 4.54
N ASN W 158 72.60 118.05 3.25
CA ASN W 158 73.76 117.43 2.61
C ASN W 158 74.12 116.09 3.25
N VAL W 159 73.14 115.43 3.85
CA VAL W 159 73.36 114.10 4.43
C VAL W 159 73.50 113.09 3.30
N PRO W 160 74.48 112.19 3.36
CA PRO W 160 74.60 111.17 2.31
C PRO W 160 73.35 110.30 2.24
N THR W 161 72.97 109.95 1.00
CA THR W 161 71.76 109.15 0.81
C THR W 161 71.91 107.75 1.35
N ASP W 162 73.10 107.17 1.21
CA ASP W 162 73.33 105.81 1.69
C ASP W 162 73.38 105.78 3.21
N SER W 163 73.23 104.56 3.76
CA SER W 163 73.27 104.33 5.20
C SER W 163 72.24 105.17 5.96
N ARG W 164 71.06 105.32 5.36
CA ARG W 164 69.95 106.03 5.98
C ARG W 164 68.91 105.01 6.44
N ARG W 165 68.56 105.06 7.72
CA ARG W 165 67.65 104.07 8.31
C ARG W 165 66.55 104.78 9.08
N LEU W 166 65.34 104.25 8.95
CA LEU W 166 64.13 104.82 9.56
C LEU W 166 63.48 103.78 10.46
N VAL W 167 63.12 104.20 11.67
CA VAL W 167 62.41 103.35 12.62
C VAL W 167 61.12 104.04 13.02
N VAL W 168 60.00 103.35 12.86
CA VAL W 168 58.68 103.89 13.14
C VAL W 168 58.04 103.08 14.26
N GLY W 169 57.07 103.71 14.92
CA GLY W 169 56.32 103.07 15.98
C GLY W 169 55.14 102.27 15.46
N SER W 170 54.41 101.67 16.39
CA SER W 170 53.22 100.91 16.02
C SER W 170 52.15 101.81 15.41
N ALA W 171 51.93 102.99 16.01
CA ALA W 171 50.93 103.91 15.48
C ALA W 171 51.32 104.44 14.10
N VAL W 172 52.62 104.71 13.90
CA VAL W 172 53.08 105.21 12.60
C VAL W 172 52.86 104.14 11.53
N ALA W 173 53.21 102.89 11.84
CA ALA W 173 52.98 101.80 10.89
C ALA W 173 51.49 101.60 10.62
N ALA W 174 50.67 101.72 11.65
CA ALA W 174 49.22 101.61 11.47
C ALA W 174 48.70 102.70 10.55
N ALA W 175 49.17 103.94 10.74
CA ALA W 175 48.75 105.04 9.87
C ALA W 175 49.26 104.84 8.45
N LEU W 176 50.46 104.30 8.29
CA LEU W 176 50.96 103.99 6.95
C LEU W 176 50.07 102.97 6.26
N ALA W 177 49.64 101.94 7.01
CA ALA W 177 48.70 100.97 6.45
C ALA W 177 47.37 101.61 6.11
N LYS W 178 46.89 102.52 6.96
CA LYS W 178 45.61 103.19 6.73
C LYS W 178 45.63 104.10 5.52
N ASP W 179 46.81 104.56 5.10
CA ASP W 179 46.90 105.52 4.00
C ASP W 179 46.35 104.91 2.71
N LYS W 180 45.52 105.68 2.01
CA LYS W 180 44.96 105.22 0.75
C LYS W 180 46.01 105.09 -0.34
N GLN W 181 47.19 105.70 -0.14
CA GLN W 181 48.25 105.60 -1.14
C GLN W 181 48.72 104.16 -1.31
N PHE W 182 48.89 103.44 -0.21
CA PHE W 182 49.37 102.06 -0.23
C PHE W 182 48.24 101.04 -0.20
N ARG W 183 46.99 101.48 -0.09
CA ARG W 183 45.87 100.55 0.07
C ARG W 183 45.10 100.29 -1.22
N HIS W 184 45.07 101.26 -2.14
CA HIS W 184 44.28 101.12 -3.36
C HIS W 184 44.98 100.30 -4.44
N ALA W 185 46.26 99.95 -4.25
CA ALA W 185 46.95 99.00 -5.10
C ALA W 185 47.16 99.50 -6.53
N ASP W 186 46.63 100.68 -6.85
CA ASP W 186 46.85 101.30 -8.15
C ASP W 186 47.60 102.62 -8.04
N TRP W 187 47.40 103.37 -6.96
CA TRP W 187 48.26 104.53 -6.70
C TRP W 187 49.62 104.09 -6.18
N SER W 188 49.70 102.92 -5.55
CA SER W 188 50.97 102.40 -5.07
C SER W 188 51.75 101.71 -6.18
N GLY W 189 51.16 100.67 -6.77
CA GLY W 189 51.81 99.97 -7.86
C GLY W 189 51.74 98.46 -7.78
N ASP W 190 51.71 97.92 -6.56
CA ASP W 190 51.70 96.48 -6.37
C ASP W 190 50.36 95.91 -6.79
N GLN W 191 50.38 94.94 -7.71
CA GLN W 191 49.15 94.31 -8.16
C GLN W 191 48.58 93.34 -7.14
N ALA W 192 49.45 92.66 -6.38
CA ALA W 192 48.98 91.71 -5.38
C ALA W 192 48.38 92.41 -4.15
N ASN W 193 48.68 93.70 -3.97
CA ASN W 193 48.19 94.48 -2.83
C ASN W 193 48.57 93.83 -1.50
N ALA W 194 49.88 93.73 -1.29
CA ALA W 194 50.39 93.13 -0.06
C ALA W 194 50.01 93.94 1.17
N ALA W 195 49.93 95.27 1.03
CA ALA W 195 49.58 96.12 2.17
C ALA W 195 48.18 95.82 2.68
N LEU W 196 47.24 95.61 1.76
CA LEU W 196 45.88 95.26 2.17
C LEU W 196 45.85 93.89 2.84
N ARG W 197 46.60 92.92 2.31
CA ARG W 197 46.61 91.59 2.88
C ARG W 197 47.22 91.57 4.27
N GLU W 198 48.30 92.32 4.47
CA GLU W 198 48.95 92.38 5.78
C GLU W 198 49.76 93.68 5.86
N ALA W 199 50.10 94.06 7.09
CA ALA W 199 50.86 95.28 7.33
C ALA W 199 52.31 95.05 6.91
N HIS W 200 52.53 95.17 5.60
CA HIS W 200 53.84 94.92 4.99
C HIS W 200 54.17 96.03 3.99
N VAL W 201 54.03 97.28 4.42
CA VAL W 201 54.34 98.41 3.55
C VAL W 201 55.80 98.36 3.12
N GLY W 202 56.70 97.98 4.03
CA GLY W 202 58.10 97.80 3.65
C GLY W 202 58.75 99.11 3.25
N ARG W 203 59.38 99.09 2.07
CA ARG W 203 60.13 100.25 1.61
C ARG W 203 59.21 101.43 1.34
N LEU W 204 59.66 102.61 1.75
CA LEU W 204 58.91 103.85 1.53
C LEU W 204 59.90 104.98 1.34
N ALA W 205 59.79 105.66 0.19
CA ALA W 205 60.64 106.82 -0.13
C ALA W 205 62.13 106.45 -0.13
N GLY W 206 62.45 105.20 -0.41
CA GLY W 206 63.82 104.75 -0.46
C GLY W 206 64.46 104.42 0.87
N MET W 207 63.71 104.47 1.96
CA MET W 207 64.22 104.17 3.29
C MET W 207 63.51 102.95 3.84
N ASN W 208 64.27 102.01 4.38
CA ASN W 208 63.69 100.82 4.97
C ASN W 208 62.92 101.17 6.24
N VAL W 209 61.80 100.48 6.45
CA VAL W 209 60.94 100.71 7.61
C VAL W 209 61.14 99.54 8.56
N ILE W 210 61.59 99.84 9.78
CA ILE W 210 61.81 98.84 10.82
C ILE W 210 60.87 99.18 11.97
N ARG W 211 59.79 98.43 12.09
CA ARG W 211 58.81 98.68 13.15
C ARG W 211 59.36 98.26 14.50
N SER W 212 59.13 99.08 15.52
CA SER W 212 59.59 98.79 16.86
C SER W 212 58.61 99.40 17.87
N ASN W 213 58.64 98.89 19.09
CA ASN W 213 57.76 99.34 20.16
C ASN W 213 58.48 100.09 21.26
N ALA W 214 59.81 100.03 21.32
CA ALA W 214 60.54 100.75 22.35
C ALA W 214 60.37 102.26 22.22
N ILE W 215 60.41 102.77 20.99
CA ILE W 215 60.22 104.19 20.73
C ILE W 215 58.74 104.53 20.91
N ALA W 216 58.44 105.82 20.96
CA ALA W 216 57.05 106.25 21.10
C ALA W 216 56.26 105.80 19.87
N PRO W 217 55.07 105.21 20.04
CA PRO W 217 54.30 104.75 18.88
C PRO W 217 53.92 105.87 17.92
N ASP W 218 53.66 107.07 18.44
CA ASP W 218 53.21 108.19 17.62
C ASP W 218 54.35 108.95 16.96
N LYS W 219 55.60 108.55 17.20
CA LYS W 219 56.75 109.26 16.65
C LYS W 219 57.65 108.28 15.90
N ALA W 220 58.33 108.79 14.88
CA ALA W 220 59.27 108.01 14.08
C ALA W 220 60.57 108.79 13.95
N TYR W 221 61.67 108.06 13.74
CA TYR W 221 62.99 108.66 13.67
C TYR W 221 63.73 108.13 12.46
N LEU W 222 64.20 109.05 11.60
CA LEU W 222 65.01 108.69 10.44
C LEU W 222 66.38 109.33 10.60
N TRP W 223 67.42 108.50 10.57
CA TRP W 223 68.78 108.97 10.85
C TRP W 223 69.76 108.34 9.87
N HIS W 224 71.02 108.76 10.01
CA HIS W 224 72.13 108.28 9.21
C HIS W 224 73.05 107.44 10.10
N ARG W 225 73.97 106.71 9.45
CA ARG W 225 74.89 105.85 10.19
C ARG W 225 75.74 106.66 11.17
N THR W 226 76.22 107.83 10.74
CA THR W 226 77.03 108.69 11.60
C THR W 226 76.14 109.76 12.25
N ALA W 227 75.33 109.31 13.21
CA ALA W 227 74.41 110.20 13.88
C ALA W 227 74.52 110.10 15.41
N PHE W 228 74.87 108.91 15.91
CA PHE W 228 74.95 108.68 17.34
C PHE W 228 76.20 107.86 17.63
N ILE W 229 76.68 107.97 18.88
CA ILE W 229 77.85 107.23 19.34
C ILE W 229 77.45 106.45 20.59
N LEU W 230 77.64 105.13 20.55
CA LEU W 230 77.37 104.27 21.69
C LEU W 230 78.62 103.46 21.99
N ALA W 231 79.02 103.44 23.26
CA ALA W 231 80.21 102.74 23.70
C ALA W 231 79.82 101.70 24.75
N TYR W 232 80.35 100.49 24.60
CA TYR W 232 80.09 99.39 25.53
C TYR W 232 81.42 98.88 26.08
N ARG W 233 81.48 98.69 27.39
CA ARG W 233 82.69 98.23 28.06
C ARG W 233 82.35 97.09 29.00
N THR W 234 83.17 96.04 28.97
CA THR W 234 83.00 94.91 29.88
C THR W 234 83.99 95.03 31.02
N PRO W 235 83.55 95.24 32.26
CA PRO W 235 84.50 95.35 33.37
C PRO W 235 85.28 94.07 33.57
N VAL W 236 86.53 94.23 34.00
CA VAL W 236 87.40 93.08 34.24
C VAL W 236 87.04 92.44 35.58
N VAL W 237 87.15 91.12 35.63
CA VAL W 237 86.84 90.37 36.85
C VAL W 237 87.94 90.63 37.87
N PRO W 238 87.60 91.11 39.07
CA PRO W 238 88.63 91.37 40.08
C PRO W 238 89.31 90.08 40.54
N GLU W 239 90.59 90.21 40.91
CA GLU W 239 91.34 89.07 41.39
C GLU W 239 90.84 88.57 42.75
N GLY W 240 90.13 89.40 43.49
CA GLY W 240 89.60 89.00 44.78
C GLY W 240 88.26 88.28 44.68
N ALA W 241 88.12 87.43 43.65
CA ALA W 241 86.89 86.69 43.43
C ALA W 241 87.21 85.42 42.68
N LYS W 242 86.26 84.50 42.68
CA LYS W 242 86.43 83.21 42.01
C LYS W 242 86.17 83.39 40.51
N ALA W 243 86.09 82.28 39.78
CA ALA W 243 85.89 82.33 38.34
C ALA W 243 84.52 82.92 38.02
N GLY W 244 84.47 83.79 37.02
CA GLY W 244 83.25 84.45 36.61
C GLY W 244 82.94 84.15 35.15
N ALA W 245 81.66 83.93 34.87
CA ALA W 245 81.22 83.62 33.51
C ALA W 245 81.21 84.89 32.66
N SER W 246 81.08 84.68 31.35
CA SER W 246 81.09 85.75 30.37
C SER W 246 79.86 85.67 29.47
N PHE W 247 78.69 85.51 30.09
CA PHE W 247 77.44 85.46 29.33
C PHE W 247 77.22 86.77 28.58
N SER W 248 77.22 86.68 27.25
CA SER W 248 77.08 87.85 26.38
C SER W 248 75.64 87.97 25.91
N ALA W 249 75.10 89.18 25.97
CA ALA W 249 73.74 89.46 25.54
C ALA W 249 73.77 90.40 24.33
N ASN W 250 72.88 90.14 23.38
CA ASN W 250 72.60 90.95 22.18
C ASN W 250 73.85 91.62 21.60
N GLY W 251 74.93 90.86 21.49
CA GLY W 251 76.16 91.37 20.91
C GLY W 251 77.07 92.13 21.86
N VAL W 252 76.65 92.36 23.10
CA VAL W 252 77.43 93.10 24.07
C VAL W 252 77.92 92.12 25.14
N ALA W 253 79.24 92.07 25.33
CA ALA W 253 79.81 91.19 26.34
C ALA W 253 79.51 91.71 27.74
N LEU W 254 79.23 90.79 28.65
CA LEU W 254 78.91 91.14 30.04
C LEU W 254 79.80 90.36 30.98
N ARG W 255 80.02 90.93 32.17
CA ARG W 255 80.82 90.30 33.22
C ARG W 255 79.89 89.75 34.28
N TRP W 256 79.98 88.45 34.54
CA TRP W 256 79.16 87.78 35.53
C TRP W 256 79.99 87.53 36.78
N LEU W 257 79.50 88.00 37.92
CA LEU W 257 80.19 87.85 39.20
C LEU W 257 79.31 87.07 40.16
N ALA W 258 79.94 86.45 41.15
CA ALA W 258 79.23 85.68 42.16
C ALA W 258 79.96 85.83 43.48
N ASP W 259 79.26 86.31 44.51
CA ASP W 259 79.84 86.52 45.82
C ASP W 259 78.94 85.92 46.89
N TYR W 260 79.55 85.20 47.83
CA TYR W 260 78.83 84.55 48.92
C TYR W 260 79.18 85.23 50.24
N ASP W 261 78.16 85.55 51.02
CA ASP W 261 78.33 86.08 52.37
C ASP W 261 77.93 85.01 53.36
N TYR W 262 78.86 84.63 54.23
CA TYR W 262 78.60 83.61 55.24
C TYR W 262 77.78 84.14 56.40
N SER W 263 77.91 85.43 56.71
CA SER W 263 77.12 86.02 57.80
C SER W 263 75.63 85.94 57.51
N GLN W 264 75.23 86.26 56.28
CA GLN W 264 73.85 86.13 55.85
C GLN W 264 73.56 84.78 55.18
N LEU W 265 74.59 83.96 54.96
CA LEU W 265 74.44 82.68 54.27
C LEU W 265 73.75 82.86 52.91
N GLY W 266 74.18 83.88 52.17
CA GLY W 266 73.53 84.24 50.94
C GLY W 266 74.51 84.35 49.79
N ASP W 267 73.95 84.34 48.58
CA ASP W 267 74.71 84.44 47.34
C ASP W 267 74.15 85.56 46.49
N ARG W 268 75.03 86.29 45.82
CA ARG W 268 74.63 87.41 44.98
C ARG W 268 75.42 87.39 43.68
N THR W 269 74.79 87.94 42.64
CA THR W 269 75.42 88.16 41.35
C THR W 269 75.52 89.65 41.09
N LEU W 270 76.52 90.05 40.31
CA LEU W 270 76.81 91.46 40.05
C LEU W 270 76.88 91.71 38.54
N LEU W 271 75.86 91.26 37.81
CA LEU W 271 75.90 91.36 36.36
C LEU W 271 75.84 92.81 35.91
N ASP W 272 76.96 93.35 35.42
CA ASP W 272 77.04 94.76 35.09
C ASP W 272 77.84 94.96 33.82
N VAL W 273 77.60 96.10 33.18
CA VAL W 273 78.28 96.47 31.93
C VAL W 273 78.29 97.99 31.82
N PHE W 274 79.43 98.55 31.43
CA PHE W 274 79.59 100.00 31.33
C PHE W 274 79.07 100.48 29.99
N THR W 275 78.29 101.57 30.00
CA THR W 275 77.71 102.12 28.79
C THR W 275 78.03 103.59 28.67
N GLY W 276 78.09 104.07 27.43
CA GLY W 276 78.35 105.47 27.16
C GLY W 276 77.59 106.00 25.96
N ARG W 277 76.98 107.17 26.11
CA ARG W 277 76.12 107.76 25.09
C ARG W 277 76.72 109.06 24.57
N LYS W 278 76.49 109.33 23.30
CA LYS W 278 76.92 110.60 22.72
C LYS W 278 76.04 110.91 21.51
N VAL W 279 75.61 112.17 21.40
CA VAL W 279 74.81 112.65 20.28
C VAL W 279 75.72 113.47 19.38
N VAL W 280 75.82 113.06 18.13
CA VAL W 280 76.71 113.73 17.18
C VAL W 280 76.03 115.01 16.70
N THR W 281 76.73 116.13 16.83
CA THR W 281 76.25 117.44 16.41
C THR W 281 77.22 118.02 15.39
N GLU W 282 76.93 119.24 14.95
CA GLU W 282 77.76 119.94 13.99
C GLU W 282 78.80 120.79 14.70
N VAL W 283 79.71 121.37 13.91
CA VAL W 283 80.78 122.19 14.49
C VAL W 283 80.21 123.44 15.14
N ASP W 284 79.22 124.09 14.51
CA ASP W 284 78.56 125.21 15.13
C ASP W 284 77.56 124.77 16.18
N GLY W 285 76.95 123.60 15.99
CA GLY W 285 75.98 123.07 16.94
C GLY W 285 74.58 123.05 16.39
N SER W 286 74.15 121.88 15.90
CA SER W 286 72.82 121.67 15.34
C SER W 286 72.63 120.19 15.06
N PHE W 287 71.42 119.69 15.32
CA PHE W 287 71.09 118.29 15.09
C PHE W 287 70.35 118.17 13.76
N VAL W 288 71.12 118.21 12.67
CA VAL W 288 70.58 118.08 11.33
C VAL W 288 70.80 116.70 10.72
N ARG W 289 71.51 115.81 11.43
CA ARG W 289 71.79 114.49 10.90
C ARG W 289 70.61 113.52 11.06
N ALA W 290 69.64 113.86 11.90
CA ALA W 290 68.48 113.00 12.11
C ALA W 290 67.22 113.84 12.11
N VAL W 291 66.10 113.21 11.77
CA VAL W 291 64.81 113.88 11.70
C VAL W 291 63.79 113.06 12.50
N GLU W 292 63.00 113.77 13.30
CA GLU W 292 61.93 113.17 14.09
C GLU W 292 60.59 113.61 13.52
N LEU W 293 59.73 112.64 13.22
CA LEU W 293 58.41 112.90 12.66
C LEU W 293 57.35 112.56 13.70
N GLN W 294 56.54 113.54 14.06
CA GLN W 294 55.45 113.36 15.01
C GLN W 294 54.12 113.44 14.25
N LEU W 295 53.21 112.53 14.60
CA LEU W 295 51.98 112.34 13.85
C LEU W 295 50.85 113.11 14.51
N GLN W 296 50.16 113.94 13.72
CA GLN W 296 49.11 114.80 14.24
C GLN W 296 47.93 113.98 14.74
N ALA W 297 47.27 114.47 15.80
CA ALA W 297 46.12 113.81 16.37
C ALA W 297 44.82 114.57 16.09
N SER W 298 44.75 115.84 16.47
CA SER W 298 43.63 116.73 16.19
C SER W 298 42.32 116.26 16.79
N SER W 299 42.33 115.18 17.57
CA SER W 299 41.11 114.65 18.16
C SER W 299 41.48 113.67 19.26
N ILE W 300 40.92 113.89 20.46
CA ILE W 300 41.12 113.00 21.60
C ILE W 300 39.75 112.62 22.15
N THR W 301 39.66 111.43 22.73
CA THR W 301 38.44 110.93 23.32
C THR W 301 38.75 110.18 24.60
N ILE W 302 37.74 110.02 25.45
CA ILE W 302 37.84 109.21 26.66
C ILE W 302 37.29 107.83 26.34
N VAL W 303 38.05 106.79 26.70
CA VAL W 303 37.66 105.43 26.36
C VAL W 303 36.39 105.05 27.10
N GLY W 304 35.39 104.59 26.36
CA GLY W 304 34.12 104.21 26.92
C GLY W 304 33.16 105.38 27.05
N GLY W 305 31.91 105.04 27.38
CA GLY W 305 30.88 106.04 27.59
C GLY W 305 30.77 106.46 29.04
N ALA W 306 29.62 106.18 29.66
CA ALA W 306 29.45 106.48 31.07
C ALA W 306 30.41 105.65 31.91
N PHE W 307 30.92 106.27 32.99
CA PHE W 307 31.91 105.61 33.83
C PHE W 307 31.39 105.49 35.26
N ALA W 308 30.15 105.00 35.40
CA ALA W 308 29.56 104.83 36.72
C ALA W 308 30.41 103.91 37.59
N LEU W 309 30.67 104.33 38.82
CA LEU W 309 31.49 103.59 39.75
C LEU W 309 30.63 102.67 40.61
N ALA W 310 31.27 101.98 41.55
CA ALA W 310 30.59 101.09 42.49
C ALA W 310 30.42 101.73 43.86
N THR W 311 31.43 102.43 44.36
CA THR W 311 31.35 103.10 45.66
C THR W 311 31.71 104.57 45.52
N THR W 312 31.85 105.26 46.65
CA THR W 312 32.19 106.68 46.61
C THR W 312 33.58 106.90 46.02
N THR W 313 34.56 106.12 46.48
CA THR W 313 35.92 106.25 45.95
C THR W 313 35.97 105.88 44.47
N GLY W 314 35.71 104.62 44.15
CA GLY W 314 35.70 104.17 42.76
C GLY W 314 36.98 104.46 42.01
N THR W 315 38.12 104.21 42.63
CA THR W 315 39.41 104.58 42.04
C THR W 315 39.74 103.66 40.87
N LYS W 316 39.64 104.21 39.65
CA LYS W 316 40.02 103.52 38.44
C LYS W 316 40.83 104.47 37.56
N GLN W 317 41.69 103.89 36.72
CA GLN W 317 42.54 104.65 35.84
C GLN W 317 41.81 104.95 34.54
N LEU W 318 41.80 106.22 34.13
CA LEU W 318 41.15 106.65 32.90
C LEU W 318 42.22 106.95 31.85
N LYS W 319 42.06 106.35 30.67
CA LYS W 319 43.00 106.50 29.57
C LYS W 319 42.38 107.35 28.47
N VAL W 320 43.14 108.32 27.97
CA VAL W 320 42.70 109.19 26.89
C VAL W 320 43.31 108.67 25.60
N ARG W 321 42.46 108.37 24.61
CA ARG W 321 42.89 107.78 23.36
C ARG W 321 42.59 108.74 22.22
N ASP W 322 43.57 108.96 21.35
CA ASP W 322 43.36 109.82 20.20
C ASP W 322 42.64 109.03 19.10
N ASP W 323 42.27 109.73 18.02
CA ASP W 323 41.62 109.06 16.90
C ASP W 323 42.56 108.06 16.22
N ASN W 324 43.86 108.36 16.21
CA ASN W 324 44.82 107.50 15.55
C ASN W 324 44.99 106.18 16.31
N GLY W 325 45.13 106.25 17.63
CA GLY W 325 45.30 105.06 18.43
C GLY W 325 46.40 105.13 19.46
N THR W 326 46.98 106.32 19.64
CA THR W 326 48.05 106.52 20.61
C THR W 326 47.44 106.88 21.96
N ASP W 327 47.87 106.16 23.00
CA ASP W 327 47.37 106.38 24.36
C ASP W 327 48.13 107.57 24.95
N VAL W 328 47.52 108.76 24.85
CA VAL W 328 48.13 109.96 25.40
C VAL W 328 48.17 109.90 26.92
N THR W 329 46.99 109.85 27.54
CA THR W 329 46.82 109.68 28.99
C THR W 329 47.80 110.49 29.82
N ALA W 330 49.02 109.98 29.97
CA ALA W 330 50.00 110.61 30.85
C ALA W 330 50.37 112.02 30.38
N ARG W 331 50.59 112.19 29.08
CA ARG W 331 50.96 113.49 28.53
C ARG W 331 49.72 114.32 28.18
N CYS W 332 48.83 114.48 29.17
CA CYS W 332 47.58 115.19 28.97
C CYS W 332 47.19 115.86 30.28
N THR W 333 46.29 116.84 30.18
CA THR W 333 45.79 117.58 31.33
C THR W 333 44.35 117.17 31.60
N PHE W 334 43.98 117.14 32.87
CA PHE W 334 42.62 116.76 33.28
C PHE W 334 42.02 117.85 34.13
N ALA W 335 40.74 118.13 33.89
CA ALA W 335 40.00 119.14 34.65
C ALA W 335 38.66 118.58 35.06
N SER W 336 38.40 118.57 36.36
CA SER W 336 37.13 118.08 36.90
C SER W 336 36.16 119.25 36.98
N SER W 337 35.23 119.32 36.03
CA SER W 337 34.24 120.39 36.03
C SER W 337 33.36 120.30 37.27
N ALA W 338 32.92 119.10 37.62
CA ALA W 338 32.14 118.88 38.84
C ALA W 338 33.06 118.45 39.97
N GLY W 339 33.89 119.40 40.41
CA GLY W 339 34.83 119.13 41.48
C GLY W 339 34.22 119.03 42.86
N THR W 340 32.96 119.41 43.01
CA THR W 340 32.29 119.29 44.30
C THR W 340 32.09 117.85 44.74
N LYS W 341 32.10 116.91 43.79
CA LYS W 341 31.90 115.50 44.11
C LYS W 341 32.88 114.60 43.37
N ALA W 342 34.03 115.15 42.98
CA ALA W 342 35.03 114.36 42.27
C ALA W 342 36.40 115.02 42.45
N THR W 343 37.44 114.23 42.19
CA THR W 343 38.81 114.73 42.24
C THR W 343 39.63 113.93 41.23
N VAL W 344 40.00 114.56 40.13
CA VAL W 344 40.83 113.93 39.11
C VAL W 344 42.29 114.25 39.39
N SER W 345 43.16 113.28 39.12
CA SER W 345 44.59 113.41 39.37
C SER W 345 45.31 113.83 38.09
N ALA W 346 46.61 114.12 38.24
CA ALA W 346 47.43 114.47 37.08
C ALA W 346 47.60 113.32 36.11
N ALA W 347 47.45 112.08 36.58
CA ALA W 347 47.54 110.90 35.73
C ALA W 347 46.18 110.41 35.25
N GLY W 348 45.10 111.09 35.61
CA GLY W 348 43.78 110.69 35.18
C GLY W 348 43.05 109.74 36.11
N LEU W 349 43.28 109.85 37.41
CA LEU W 349 42.64 108.99 38.40
C LEU W 349 41.50 109.74 39.09
N VAL W 350 40.31 109.15 39.05
CA VAL W 350 39.12 109.77 39.64
C VAL W 350 39.00 109.32 41.08
N THR W 351 38.54 110.23 41.95
CA THR W 351 38.42 109.96 43.38
C THR W 351 36.99 109.97 43.89
N GLY W 352 36.11 110.83 43.34
CA GLY W 352 34.72 110.81 43.75
C GLY W 352 34.48 111.30 45.15
N VAL W 353 34.65 112.61 45.38
CA VAL W 353 34.50 113.17 46.72
C VAL W 353 33.11 112.86 47.27
N ALA W 354 32.07 113.10 46.48
CA ALA W 354 30.70 112.86 46.90
C ALA W 354 29.95 112.15 45.78
N ALA W 355 28.68 111.86 46.02
CA ALA W 355 27.84 111.15 45.07
C ALA W 355 27.20 112.12 44.08
N GLY W 356 26.83 111.58 42.92
CA GLY W 356 26.20 112.38 41.89
C GLY W 356 26.77 112.12 40.51
N THR W 357 27.16 113.19 39.81
CA THR W 357 27.77 113.08 38.50
C THR W 357 28.99 113.99 38.44
N ALA W 358 29.93 113.64 37.55
CA ALA W 358 31.19 114.37 37.41
C ALA W 358 31.50 114.51 35.92
N ASP W 359 31.05 115.61 35.33
CA ASP W 359 31.29 115.87 33.91
C ASP W 359 32.73 116.34 33.69
N ILE W 360 33.66 115.46 34.03
CA ILE W 360 35.08 115.80 33.92
C ILE W 360 35.48 115.85 32.46
N THR W 361 36.68 116.40 32.22
CA THR W 361 37.16 116.53 30.85
C THR W 361 38.68 116.40 30.84
N ALA W 362 39.20 116.07 29.67
CA ALA W 362 40.64 115.97 29.42
C ALA W 362 40.98 116.87 28.24
N SER W 363 42.01 117.71 28.43
CA SER W 363 42.51 118.60 27.41
C SER W 363 43.95 118.22 27.09
N TYR W 364 44.23 118.03 25.80
CA TYR W 364 45.56 117.64 25.34
C TYR W 364 45.98 118.57 24.21
N VAL W 365 47.20 119.09 24.30
CA VAL W 365 47.74 119.98 23.28
C VAL W 365 48.15 119.16 22.06
N PRO W 366 47.61 119.44 20.88
CA PRO W 366 47.99 118.67 19.70
C PRO W 366 49.45 118.88 19.35
N PRO W 367 50.11 117.90 18.75
CA PRO W 367 51.51 118.09 18.35
C PRO W 367 51.69 119.22 17.35
N GLN W 368 50.69 119.50 16.51
CA GLN W 368 50.75 120.55 15.52
C GLN W 368 50.41 121.94 16.08
N GLY W 369 50.41 122.09 17.40
CA GLY W 369 50.08 123.36 18.00
C GLY W 369 48.58 123.64 17.97
N GLY W 370 48.25 124.92 18.09
CA GLY W 370 46.87 125.34 18.11
C GLY W 370 46.20 125.09 19.44
N THR W 371 44.88 125.23 19.43
CA THR W 371 44.09 125.00 20.63
C THR W 371 44.12 123.54 21.04
N ALA W 372 44.09 123.29 22.34
CA ALA W 372 44.13 121.94 22.87
C ALA W 372 42.79 121.25 22.70
N LYS W 373 42.81 120.03 22.17
CA LYS W 373 41.59 119.26 22.02
C LYS W 373 41.06 118.84 23.38
N THR W 374 39.73 118.73 23.47
CA THR W 374 39.07 118.40 24.73
C THR W 374 38.08 117.26 24.53
N ALA W 375 37.90 116.49 25.61
CA ALA W 375 36.94 115.39 25.60
C ALA W 375 36.37 115.23 27.00
N THR W 376 35.04 115.28 27.11
CA THR W 376 34.37 115.29 28.40
C THR W 376 33.45 114.09 28.56
N VAL W 377 33.34 113.62 29.80
CA VAL W 377 32.45 112.52 30.16
C VAL W 377 31.72 112.88 31.45
N THR W 378 30.44 112.50 31.52
CA THR W 378 29.58 112.87 32.64
C THR W 378 29.90 112.12 33.93
N VAL W 379 30.66 111.02 33.85
CA VAL W 379 31.06 110.15 34.97
C VAL W 379 30.15 110.26 36.18
N THR W 380 29.12 109.41 36.24
CA THR W 380 28.21 109.40 37.38
C THR W 380 28.87 108.70 38.55
N VAL W 381 28.83 109.33 39.72
CA VAL W 381 29.45 108.81 40.94
C VAL W 381 28.32 108.41 41.89
N PRO W 382 28.21 107.12 42.27
CA PRO W 382 27.16 106.67 43.18
C PRO W 382 27.43 107.08 44.63
N ILE X 14 10.43 64.37 -0.62
CA ILE X 14 10.45 64.07 0.80
C ILE X 14 11.73 64.63 1.43
N GLY X 15 11.57 65.28 2.58
CA GLY X 15 12.69 65.88 3.29
C GLY X 15 12.64 67.39 3.33
N VAL X 16 12.17 67.93 4.45
CA VAL X 16 12.08 69.38 4.65
C VAL X 16 12.88 69.76 5.89
N LYS X 17 13.96 69.03 6.14
CA LYS X 17 14.80 69.20 7.33
C LYS X 17 15.01 70.67 7.68
N GLN X 18 14.76 71.01 8.93
CA GLN X 18 14.83 72.39 9.37
C GLN X 18 16.25 72.93 9.26
N LEU X 19 16.35 74.23 8.99
CA LEU X 19 17.64 74.88 8.90
C LEU X 19 18.37 74.79 10.23
N GLN X 20 19.65 74.42 10.17
CA GLN X 20 20.44 74.18 11.37
C GLN X 20 21.78 74.90 11.27
N ARG X 21 22.34 75.22 12.43
CA ARG X 21 23.60 75.93 12.51
C ARG X 21 24.77 75.01 12.17
N GLU X 22 25.94 75.61 11.96
CA GLU X 22 27.17 74.88 11.66
C GLU X 22 28.15 75.03 12.81
N ILE X 23 28.96 73.99 13.01
CA ILE X 23 29.93 73.94 14.10
C ILE X 23 31.26 74.45 13.55
N VAL X 24 31.59 75.71 13.87
CA VAL X 24 32.84 76.31 13.47
C VAL X 24 33.65 76.80 14.66
N LEU X 25 32.99 77.40 15.66
CA LEU X 25 33.71 77.95 16.80
C LEU X 25 34.52 76.92 17.59
N PRO X 26 34.00 75.72 17.91
CA PRO X 26 34.81 74.78 18.72
C PRO X 26 36.13 74.40 18.09
N GLY X 27 36.25 74.48 16.76
CA GLY X 27 37.50 74.17 16.10
C GLY X 27 38.52 75.29 16.09
N LEU X 28 38.20 76.45 16.68
CA LEU X 28 39.11 77.59 16.69
C LEU X 28 39.44 78.02 18.11
N VAL X 29 39.41 77.09 19.07
CA VAL X 29 39.75 77.37 20.45
C VAL X 29 40.63 76.25 20.98
N TRP X 30 41.29 76.51 22.10
CA TRP X 30 42.09 75.49 22.79
C TRP X 30 41.17 74.39 23.28
N THR X 31 41.23 73.22 22.64
CA THR X 31 40.47 72.05 23.08
C THR X 31 41.40 71.16 23.91
N ASN X 32 41.13 71.12 25.23
CA ASN X 32 41.90 70.34 26.19
C ASN X 32 43.40 70.62 26.08
N PRO X 33 43.86 71.81 26.47
CA PRO X 33 45.32 72.05 26.50
C PRO X 33 46.04 71.10 27.44
N LEU X 34 45.39 70.70 28.53
CA LEU X 34 45.93 69.73 29.47
C LEU X 34 44.86 68.68 29.77
N THR X 35 45.32 67.48 30.13
CA THR X 35 44.43 66.34 30.28
C THR X 35 43.86 66.22 31.68
N ASP X 36 44.73 66.08 32.69
CA ASP X 36 44.29 65.79 34.04
C ASP X 36 43.72 67.03 34.71
N PHE X 37 42.52 66.89 35.26
CA PHE X 37 41.87 67.95 36.04
C PHE X 37 41.40 67.47 37.41
N GLY X 38 40.92 66.24 37.50
CA GLY X 38 40.41 65.72 38.76
C GLY X 38 41.46 65.23 39.73
N GLY X 39 42.72 65.12 39.28
CA GLY X 39 43.79 64.71 40.17
C GLY X 39 44.19 65.76 41.19
N SER X 40 43.81 67.00 40.96
CA SER X 40 44.14 68.10 41.86
C SER X 40 42.95 68.48 42.73
N LYS X 41 43.22 69.34 43.71
CA LYS X 41 42.18 69.77 44.64
C LYS X 41 41.15 70.65 43.93
N ASN X 42 39.88 70.44 44.26
CA ASN X 42 38.77 71.24 43.73
C ASN X 42 38.75 71.25 42.20
N ASP X 43 39.08 70.10 41.61
CA ASP X 43 39.11 69.86 40.17
C ASP X 43 39.65 71.05 39.36
N THR X 44 40.69 71.71 39.88
CA THR X 44 41.29 72.86 39.22
C THR X 44 42.80 72.67 39.15
N ILE X 45 43.39 73.25 38.11
CA ILE X 45 44.83 73.17 37.88
C ILE X 45 45.41 74.58 37.90
N THR X 46 46.46 74.77 38.68
CA THR X 46 47.18 76.04 38.69
C THR X 46 48.28 76.01 37.65
N VAL X 47 48.26 76.99 36.75
CA VAL X 47 49.24 77.13 35.68
C VAL X 47 50.15 78.29 36.02
N ARG X 48 51.45 78.04 36.03
CA ARG X 48 52.46 79.03 36.35
C ARG X 48 52.85 79.83 35.12
N VAL X 49 53.12 81.11 35.30
CA VAL X 49 53.58 82.00 34.24
C VAL X 49 55.01 82.42 34.58
N PRO X 50 55.99 82.17 33.72
CA PRO X 50 57.36 82.57 34.04
C PRO X 50 57.49 84.06 34.26
N ALA X 51 58.33 84.44 35.21
CA ALA X 51 58.49 85.82 35.63
C ALA X 51 59.60 86.51 34.83
N ILE X 52 59.77 87.80 35.08
CA ILE X 52 60.81 88.61 34.47
C ILE X 52 61.54 89.37 35.57
N THR X 53 62.74 89.83 35.25
CA THR X 53 63.61 90.52 36.20
C THR X 53 63.71 91.99 35.83
N THR X 54 63.79 92.83 36.85
CA THR X 54 64.01 94.27 36.67
C THR X 54 65.49 94.58 36.81
N ALA X 55 65.90 95.70 36.22
CA ALA X 55 67.29 96.14 36.22
C ALA X 55 67.41 97.48 36.94
N ASN X 56 68.64 97.99 36.99
CA ASN X 56 68.92 99.26 37.64
C ASN X 56 70.11 99.91 36.97
N ARG X 57 70.25 101.21 37.18
CA ARG X 57 71.33 101.99 36.59
C ARG X 57 72.04 102.80 37.66
N ARG X 58 73.36 102.85 37.58
CA ARG X 58 74.18 103.59 38.52
C ARG X 58 75.29 104.33 37.77
N ASP X 59 75.58 105.55 38.22
CA ASP X 59 76.61 106.36 37.60
C ASP X 59 78.00 105.86 37.99
N LEU X 60 78.94 105.97 37.05
CA LEU X 60 80.30 105.57 37.32
C LEU X 60 80.96 106.49 38.34
N ARG X 61 81.93 105.95 39.06
CA ARG X 61 82.68 106.70 40.08
C ARG X 61 81.76 107.27 41.16
N ASP X 62 80.64 106.61 41.41
CA ASP X 62 79.73 107.05 42.45
C ASP X 62 80.33 106.78 43.83
N PRO X 63 80.23 107.73 44.76
CA PRO X 63 80.76 107.48 46.12
C PRO X 63 80.11 106.29 46.81
N ASP X 64 78.83 106.04 46.56
CA ASP X 64 78.12 104.93 47.17
C ASP X 64 78.26 103.68 46.30
N ARG X 65 78.74 102.60 46.89
CA ARG X 65 78.92 101.33 46.18
C ARG X 65 77.77 100.36 46.45
N THR X 66 76.71 100.79 47.11
CA THR X 66 75.59 99.92 47.40
C THR X 66 74.84 99.56 46.12
N VAL X 67 74.16 98.42 46.17
CA VAL X 67 73.41 97.91 45.02
C VAL X 67 71.98 97.61 45.47
N ILE X 68 71.08 97.57 44.49
CA ILE X 68 69.66 97.30 44.72
C ILE X 68 69.33 95.95 44.11
N ALA X 69 68.83 95.03 44.93
CA ALA X 69 68.49 93.70 44.47
C ALA X 69 67.17 93.73 43.71
N SER X 70 67.04 92.81 42.76
CA SER X 70 65.81 92.68 41.98
C SER X 70 64.87 91.70 42.64
N GLU X 71 63.70 91.49 42.01
CA GLU X 71 62.69 90.57 42.52
C GLU X 71 62.21 89.67 41.39
N LEU X 72 61.97 88.40 41.72
CA LEU X 72 61.49 87.41 40.77
C LEU X 72 60.33 86.65 41.41
N VAL X 73 59.11 87.11 41.14
CA VAL X 73 57.89 86.48 41.64
C VAL X 73 57.09 85.97 40.45
N GLU X 74 56.72 84.69 40.49
CA GLU X 74 56.01 84.03 39.40
C GLU X 74 54.52 84.02 39.72
N HIS X 75 53.77 84.88 39.05
CA HIS X 75 52.31 84.88 39.19
C HIS X 75 51.72 83.70 38.41
N SER X 76 50.70 83.08 39.00
CA SER X 76 50.08 81.91 38.41
C SER X 76 48.56 82.08 38.44
N PHE X 77 47.90 81.43 37.49
CA PHE X 77 46.44 81.48 37.41
C PHE X 77 45.87 80.07 37.55
N GLY X 78 44.55 79.96 37.45
CA GLY X 78 43.90 78.66 37.65
C GLY X 78 42.78 78.36 36.68
N VAL X 79 42.74 77.12 36.20
CA VAL X 79 41.69 76.64 35.30
C VAL X 79 40.82 75.67 36.08
N THR X 80 39.51 75.93 36.08
CA THR X 80 38.56 75.18 36.90
C THR X 80 37.39 74.72 36.04
N LEU X 81 36.98 73.47 36.24
CA LEU X 81 35.76 72.96 35.63
C LEU X 81 34.54 73.51 36.37
N ASP X 82 33.58 74.05 35.64
CA ASP X 82 32.45 74.74 36.24
C ASP X 82 31.08 74.36 35.69
N LYS X 83 30.99 73.82 34.48
CA LYS X 83 29.70 73.53 33.86
C LYS X 83 29.65 72.09 33.39
N HIS X 84 28.44 71.52 33.42
CA HIS X 84 28.19 70.14 33.03
C HIS X 84 27.01 70.15 32.05
N VAL X 85 27.32 70.25 30.76
CA VAL X 85 26.29 70.27 29.74
C VAL X 85 25.63 68.90 29.65
N TYR X 86 24.30 68.88 29.69
CA TYR X 86 23.55 67.63 29.63
C TYR X 86 22.32 67.82 28.76
N ALA X 87 21.82 66.72 28.22
CA ALA X 87 20.60 66.71 27.41
C ALA X 87 19.80 65.48 27.75
N ALA X 88 18.60 65.67 28.31
CA ALA X 88 17.74 64.58 28.72
C ALA X 88 16.53 64.49 27.79
N LEU X 89 16.16 63.25 27.44
CA LEU X 89 15.05 63.01 26.54
C LEU X 89 14.34 61.73 26.95
N LYS X 90 13.01 61.78 26.95
CA LYS X 90 12.17 60.66 27.34
C LYS X 90 11.51 60.06 26.10
N PHE X 91 11.62 58.74 25.95
CA PHE X 91 10.98 58.05 24.84
C PHE X 91 9.48 57.97 25.07
N THR X 92 8.74 57.83 23.97
CA THR X 92 7.27 57.78 24.01
C THR X 92 6.84 56.39 24.45
N ASP X 93 6.86 56.18 25.77
CA ASP X 93 6.39 54.99 26.47
C ASP X 93 6.72 53.68 25.76
N GLU X 94 7.89 53.61 25.14
CA GLU X 94 8.34 52.39 24.46
C GLU X 94 9.86 52.50 24.31
N GLN X 95 10.49 51.35 24.09
CA GLN X 95 11.95 51.25 24.09
C GLN X 95 12.56 50.96 22.73
N ARG X 96 11.91 50.15 21.89
CA ARG X 96 12.56 49.60 20.70
C ARG X 96 12.01 50.18 19.40
N THR X 97 10.71 50.08 19.15
CA THR X 97 10.16 50.35 17.83
C THR X 97 9.28 51.59 17.75
N LEU X 98 8.54 51.92 18.79
CA LEU X 98 7.60 53.04 18.73
C LEU X 98 8.28 54.39 18.91
N ASP X 99 9.53 54.41 19.37
CA ASP X 99 10.24 55.66 19.64
C ASP X 99 11.40 55.91 18.68
N ILE X 100 12.20 54.88 18.41
CA ILE X 100 13.45 55.03 17.67
C ILE X 100 13.42 54.15 16.43
N ARG X 101 12.23 54.01 15.82
CA ARG X 101 11.99 53.11 14.70
C ARG X 101 13.10 53.07 13.65
N ASP X 102 13.79 54.19 13.44
CA ASP X 102 15.00 54.22 12.61
C ASP X 102 16.18 54.51 13.54
N TYR X 103 16.90 53.46 13.92
CA TYR X 103 18.00 53.60 14.85
C TYR X 103 19.16 54.38 14.23
N THR X 104 19.87 55.12 15.07
CA THR X 104 21.02 55.94 14.72
C THR X 104 20.66 57.06 13.75
N LYS X 105 19.36 57.32 13.52
CA LYS X 105 18.94 58.40 12.65
C LYS X 105 17.95 59.36 13.29
N GLN X 106 17.26 58.96 14.36
CA GLN X 106 16.32 59.81 15.06
C GLN X 106 16.59 59.68 16.56
N VAL X 107 16.26 60.74 17.31
CA VAL X 107 16.61 60.91 18.72
C VAL X 107 18.12 61.14 18.91
N LEU X 108 18.95 60.21 18.44
CA LEU X 108 20.40 60.32 18.64
C LEU X 108 20.98 61.52 17.89
N MET X 109 20.64 61.66 16.61
CA MET X 109 21.13 62.81 15.84
C MET X 109 20.65 64.15 16.37
N PRO X 110 19.35 64.36 16.66
CA PRO X 110 18.94 65.64 17.26
C PRO X 110 19.59 65.91 18.61
N GLN X 111 19.76 64.89 19.45
CA GLN X 111 20.42 65.10 20.74
C GLN X 111 21.87 65.49 20.56
N VAL X 112 22.58 64.82 19.66
CA VAL X 112 23.98 65.17 19.40
C VAL X 112 24.09 66.59 18.87
N SER X 113 23.20 66.97 17.94
CA SER X 113 23.23 68.31 17.39
C SER X 113 22.94 69.35 18.47
N ALA X 114 21.97 69.08 19.34
CA ALA X 114 21.66 70.01 20.42
C ALA X 114 22.84 70.17 21.37
N VAL X 115 23.51 69.07 21.72
CA VAL X 115 24.67 69.15 22.61
C VAL X 115 25.79 69.93 21.95
N ALA X 116 26.04 69.68 20.66
CA ALA X 116 27.09 70.42 19.95
C ALA X 116 26.78 71.91 19.90
N TYR X 117 25.52 72.26 19.64
CA TYR X 117 25.15 73.68 19.61
C TYR X 117 25.22 74.30 21.00
N GLU X 118 24.95 73.51 22.05
CA GLU X 118 25.08 74.03 23.40
C GLU X 118 26.54 74.32 23.75
N LEU X 119 27.45 73.44 23.36
CA LEU X 119 28.87 73.73 23.56
C LEU X 119 29.32 74.92 22.73
N GLU X 120 28.81 75.04 21.51
CA GLU X 120 29.15 76.20 20.68
C GLU X 120 28.66 77.49 21.32
N ASP X 121 27.45 77.47 21.89
CA ASP X 121 26.94 78.64 22.60
C ASP X 121 27.75 78.91 23.87
N TYR X 122 28.25 77.85 24.53
CA TYR X 122 29.12 78.05 25.68
C TYR X 122 30.41 78.75 25.29
N ILE X 123 31.02 78.33 24.18
CA ILE X 123 32.23 79.00 23.70
C ILE X 123 31.93 80.43 23.29
N ALA X 124 30.77 80.66 22.66
CA ALA X 124 30.38 82.01 22.28
C ALA X 124 30.19 82.90 23.51
N GLU X 125 29.59 82.35 24.58
CA GLU X 125 29.44 83.10 25.81
C GLU X 125 30.79 83.41 26.43
N LEU X 126 31.73 82.44 26.37
CA LEU X 126 33.08 82.69 26.83
C LEU X 126 33.71 83.87 26.07
N ILE X 127 33.56 83.87 24.75
CA ILE X 127 34.22 84.89 23.94
C ILE X 127 33.58 86.26 24.18
N GLU X 128 32.25 86.31 24.24
CA GLU X 128 31.56 87.59 24.36
C GLU X 128 31.68 88.16 25.77
N GLY X 129 31.59 87.31 26.79
CA GLY X 129 31.63 87.78 28.16
C GLY X 129 33.01 88.13 28.68
N ALA X 130 34.06 87.83 27.92
CA ALA X 130 35.40 88.21 28.33
C ALA X 130 35.52 89.73 28.33
N PRO X 131 36.09 90.33 29.38
CA PRO X 131 36.18 91.79 29.42
C PRO X 131 37.14 92.34 28.39
N TYR X 132 36.61 93.03 27.37
CA TYR X 132 37.41 93.61 26.31
C TYR X 132 37.80 95.05 26.58
N GLU X 133 37.45 95.59 27.75
CA GLU X 133 37.72 96.97 28.10
C GLU X 133 37.11 97.92 27.07
N GLU X 134 37.91 98.35 26.09
CA GLU X 134 37.42 99.20 25.02
C GLU X 134 36.72 98.35 23.96
N THR X 135 36.30 99.01 22.88
CA THR X 135 35.63 98.32 21.78
C THR X 135 35.97 99.04 20.49
N ILE X 136 36.56 98.33 19.54
CA ILE X 136 36.91 98.92 18.25
C ILE X 136 35.63 99.09 17.43
N LEU X 137 35.31 100.33 17.08
CA LEU X 137 34.10 100.65 16.34
C LEU X 137 34.44 100.67 14.86
N ILE X 138 33.98 99.65 14.14
CA ILE X 138 34.26 99.51 12.71
C ILE X 138 33.16 100.22 11.92
N ASP X 139 33.59 101.09 11.00
CA ASP X 139 32.65 101.84 10.18
C ASP X 139 32.43 101.12 8.86
N PRO X 140 31.19 101.02 8.38
CA PRO X 140 30.95 100.36 7.09
C PRO X 140 31.64 101.05 5.92
N ALA X 141 31.92 102.34 6.04
CA ALA X 141 32.58 103.06 4.94
C ALA X 141 34.00 102.53 4.71
N ASP X 142 34.74 102.24 5.79
CA ASP X 142 36.13 101.79 5.68
C ASP X 142 36.44 100.79 6.78
N THR X 143 36.30 99.50 6.46
CA THR X 143 36.61 98.45 7.42
C THR X 143 38.11 98.22 7.57
N VAL X 144 38.88 98.44 6.50
CA VAL X 144 40.32 98.21 6.55
C VAL X 144 40.99 99.07 7.63
N PRO X 145 40.69 100.37 7.78
CA PRO X 145 41.25 101.11 8.92
C PRO X 145 40.90 100.51 10.26
N ALA X 146 39.69 99.97 10.42
CA ALA X 146 39.32 99.32 11.69
C ALA X 146 40.17 98.08 11.95
N PHE X 147 40.39 97.26 10.91
CA PHE X 147 41.23 96.09 11.09
C PHE X 147 42.68 96.49 11.35
N ILE X 148 43.14 97.60 10.75
CA ILE X 148 44.49 98.09 11.04
C ILE X 148 44.58 98.58 12.48
N THR X 149 43.52 99.21 12.99
CA THR X 149 43.51 99.59 14.40
C THR X 149 43.57 98.36 15.30
N ALA X 150 42.84 97.30 14.92
CA ALA X 150 42.91 96.06 15.69
C ALA X 150 44.32 95.48 15.69
N ASP X 151 44.98 95.51 14.53
CA ASP X 151 46.37 95.05 14.46
C ASP X 151 47.27 95.91 15.34
N GLN X 152 47.04 97.22 15.36
CA GLN X 152 47.82 98.10 16.23
C GLN X 152 47.60 97.77 17.70
N ARG X 153 46.36 97.49 18.08
CA ARG X 153 46.07 97.11 19.46
C ARG X 153 46.78 95.82 19.83
N MET X 154 46.78 94.84 18.92
CA MET X 154 47.51 93.60 19.16
C MET X 154 49.02 93.87 19.29
N GLY X 155 49.54 94.75 18.44
CA GLY X 155 50.97 95.05 18.50
C GLY X 155 51.40 95.78 19.75
N GLU X 156 50.52 96.61 20.32
CA GLU X 156 50.87 97.36 21.52
C GLU X 156 51.15 96.44 22.69
N ALA X 157 50.36 95.38 22.84
CA ALA X 157 50.54 94.44 23.93
C ALA X 157 51.66 93.43 23.68
N ASN X 158 52.47 93.65 22.64
CA ASN X 158 53.56 92.75 22.27
C ASN X 158 53.06 91.32 22.01
N VAL X 159 51.86 91.21 21.47
CA VAL X 159 51.30 89.89 21.13
C VAL X 159 52.05 89.32 19.93
N PRO X 160 52.42 88.03 19.94
CA PRO X 160 53.07 87.46 18.77
C PRO X 160 52.20 87.56 17.53
N THR X 161 52.85 87.83 16.40
CA THR X 161 52.12 88.00 15.14
C THR X 161 51.47 86.70 14.70
N ASP X 162 52.16 85.57 14.87
CA ASP X 162 51.63 84.29 14.43
C ASP X 162 50.49 83.83 15.33
N SER X 163 49.68 82.91 14.79
CA SER X 163 48.57 82.30 15.51
C SER X 163 47.58 83.34 16.03
N ARG X 164 47.26 84.32 15.18
CA ARG X 164 46.23 85.31 15.46
C ARG X 164 45.03 85.00 14.58
N ARG X 165 43.91 84.62 15.19
CA ARG X 165 42.72 84.22 14.45
C ARG X 165 41.59 85.20 14.70
N LEU X 166 40.84 85.50 13.64
CA LEU X 166 39.72 86.45 13.69
C LEU X 166 38.46 85.74 13.25
N VAL X 167 37.39 85.87 14.04
CA VAL X 167 36.09 85.30 13.75
C VAL X 167 35.10 86.44 13.56
N VAL X 168 34.47 86.48 12.38
CA VAL X 168 33.54 87.54 12.03
C VAL X 168 32.14 86.96 11.90
N GLY X 169 31.15 87.81 12.13
CA GLY X 169 29.75 87.43 12.00
C GLY X 169 29.24 87.65 10.59
N SER X 170 27.94 87.43 10.43
CA SER X 170 27.30 87.64 9.13
C SER X 170 27.36 89.11 8.72
N ALA X 171 27.07 90.01 9.66
CA ALA X 171 27.07 91.43 9.32
C ALA X 171 28.47 91.95 9.02
N VAL X 172 29.49 91.42 9.72
CA VAL X 172 30.86 91.85 9.46
C VAL X 172 31.29 91.44 8.05
N ALA X 173 30.99 90.20 7.66
CA ALA X 173 31.32 89.76 6.31
C ALA X 173 30.51 90.53 5.27
N ALA X 174 29.25 90.83 5.57
CA ALA X 174 28.44 91.61 4.65
C ALA X 174 29.01 93.00 4.46
N ALA X 175 29.44 93.64 5.54
CA ALA X 175 30.04 94.97 5.44
C ALA X 175 31.38 94.92 4.71
N LEU X 176 32.16 93.86 4.91
CA LEU X 176 33.39 93.68 4.16
C LEU X 176 33.09 93.57 2.67
N ALA X 177 32.03 92.84 2.30
CA ALA X 177 31.62 92.77 0.91
C ALA X 177 31.18 94.13 0.38
N LYS X 178 30.44 94.89 1.19
CA LYS X 178 29.97 96.20 0.77
C LYS X 178 31.09 97.22 0.63
N ASP X 179 32.23 96.97 1.28
CA ASP X 179 33.33 97.93 1.22
C ASP X 179 33.84 98.07 -0.20
N LYS X 180 34.01 99.33 -0.64
CA LYS X 180 34.49 99.59 -1.98
C LYS X 180 35.96 99.21 -2.17
N GLN X 181 36.68 98.97 -1.08
CA GLN X 181 38.10 98.61 -1.19
C GLN X 181 38.28 97.27 -1.90
N PHE X 182 37.43 96.29 -1.60
CA PHE X 182 37.55 94.97 -2.16
C PHE X 182 36.66 94.74 -3.38
N ARG X 183 35.52 95.44 -3.47
CA ARG X 183 34.55 95.16 -4.51
C ARG X 183 35.03 95.62 -5.88
N HIS X 184 35.68 96.79 -5.95
CA HIS X 184 36.04 97.38 -7.24
C HIS X 184 37.11 96.58 -7.99
N ALA X 185 37.80 95.66 -7.33
CA ALA X 185 38.80 94.76 -7.91
C ALA X 185 40.04 95.48 -8.42
N ASP X 186 40.06 96.81 -8.40
CA ASP X 186 41.28 97.56 -8.67
C ASP X 186 41.84 98.23 -7.43
N TRP X 187 40.97 98.58 -6.46
CA TRP X 187 41.44 99.03 -5.17
C TRP X 187 41.98 97.87 -4.34
N SER X 188 41.43 96.68 -4.52
CA SER X 188 41.92 95.49 -3.84
C SER X 188 43.08 94.82 -4.56
N GLY X 189 43.35 95.20 -5.80
CA GLY X 189 44.47 94.64 -6.54
C GLY X 189 44.17 93.33 -7.23
N ASP X 190 43.30 92.53 -6.65
CA ASP X 190 42.98 91.22 -7.22
C ASP X 190 42.18 91.38 -8.51
N GLN X 191 42.66 90.75 -9.59
CA GLN X 191 42.00 90.84 -10.88
C GLN X 191 40.85 89.86 -11.02
N ALA X 192 40.73 88.88 -10.13
CA ALA X 192 39.63 87.92 -10.19
C ALA X 192 38.35 88.43 -9.57
N ASN X 193 38.40 89.53 -8.82
CA ASN X 193 37.23 90.13 -8.18
C ASN X 193 36.52 89.12 -7.28
N ALA X 194 37.23 88.68 -6.25
CA ALA X 194 36.68 87.70 -5.32
C ALA X 194 35.49 88.28 -4.54
N ALA X 195 35.46 89.61 -4.37
CA ALA X 195 34.37 90.24 -3.65
C ALA X 195 33.08 90.30 -4.47
N LEU X 196 33.19 90.42 -5.79
CA LEU X 196 32.03 90.49 -6.66
C LEU X 196 31.69 89.16 -7.31
N ARG X 197 32.68 88.49 -7.91
CA ARG X 197 32.44 87.20 -8.55
C ARG X 197 32.05 86.13 -7.54
N GLU X 198 32.44 86.29 -6.28
CA GLU X 198 32.13 85.33 -5.23
C GLU X 198 31.71 86.09 -3.97
N ALA X 199 31.26 85.34 -2.97
CA ALA X 199 30.85 85.92 -1.70
C ALA X 199 31.86 85.66 -0.59
N HIS X 200 33.02 85.10 -0.91
CA HIS X 200 34.05 84.79 0.08
C HIS X 200 35.13 85.87 0.01
N VAL X 201 35.31 86.60 1.10
CA VAL X 201 36.32 87.64 1.19
C VAL X 201 37.64 87.01 1.64
N GLY X 202 38.71 87.32 0.93
CA GLY X 202 40.01 86.77 1.27
C GLY X 202 40.58 87.37 2.55
N ARG X 203 41.70 86.80 2.97
CA ARG X 203 42.35 87.24 4.19
C ARG X 203 42.84 88.68 4.05
N LEU X 204 42.59 89.49 5.09
CA LEU X 204 43.00 90.88 5.13
C LEU X 204 43.68 91.17 6.45
N ALA X 205 44.63 92.11 6.41
CA ALA X 205 45.38 92.53 7.59
C ALA X 205 46.10 91.36 8.27
N GLY X 206 46.52 90.40 7.47
CA GLY X 206 47.20 89.21 7.99
C GLY X 206 46.30 88.06 8.39
N MET X 207 45.25 88.35 9.14
CA MET X 207 44.34 87.31 9.62
C MET X 207 43.40 86.85 8.50
N ASN X 208 42.96 85.61 8.61
CA ASN X 208 42.01 85.05 7.67
C ASN X 208 40.57 85.35 8.10
N VAL X 209 39.65 85.19 7.17
CA VAL X 209 38.23 85.45 7.41
C VAL X 209 37.53 84.13 7.70
N ILE X 210 36.92 84.04 8.88
CA ILE X 210 36.17 82.87 9.30
C ILE X 210 34.76 83.33 9.64
N ARG X 211 33.75 82.68 9.05
CA ARG X 211 32.36 83.05 9.23
C ARG X 211 31.74 82.21 10.34
N SER X 212 31.07 82.88 11.28
CA SER X 212 30.41 82.20 12.39
C SER X 212 29.11 82.92 12.70
N ASN X 213 27.99 82.22 12.56
CA ASN X 213 26.68 82.80 12.85
C ASN X 213 26.29 82.64 14.32
N ALA X 214 27.03 81.85 15.10
CA ALA X 214 26.70 81.70 16.52
C ALA X 214 26.88 83.01 17.27
N ILE X 215 27.96 83.74 16.98
CA ILE X 215 28.22 85.03 17.61
C ILE X 215 27.26 86.06 17.08
N ALA X 216 27.20 87.23 17.73
CA ALA X 216 26.34 88.29 17.25
C ALA X 216 26.76 88.74 15.86
N PRO X 217 25.82 89.00 14.96
CA PRO X 217 26.20 89.37 13.58
C PRO X 217 27.08 90.60 13.51
N ASP X 218 26.81 91.61 14.34
CA ASP X 218 27.56 92.85 14.30
C ASP X 218 28.82 92.82 15.15
N LYS X 219 29.14 91.69 15.77
CA LYS X 219 30.31 91.56 16.63
C LYS X 219 31.35 90.66 15.95
N ALA X 220 32.59 91.13 15.87
CA ALA X 220 33.71 90.35 15.40
C ALA X 220 34.76 90.29 16.49
N TYR X 221 35.46 89.17 16.60
CA TYR X 221 36.42 88.96 17.68
C TYR X 221 37.74 88.48 17.10
N LEU X 222 38.81 89.24 17.36
CA LEU X 222 40.15 88.87 16.91
C LEU X 222 41.00 88.56 18.14
N TRP X 223 41.50 87.34 18.22
CA TRP X 223 42.26 86.93 19.40
C TRP X 223 43.46 86.09 18.98
N HIS X 224 44.51 86.16 19.80
CA HIS X 224 45.66 85.30 19.63
C HIS X 224 45.35 83.89 20.12
N ARG X 225 46.21 82.94 19.75
CA ARG X 225 46.01 81.57 20.18
C ARG X 225 46.04 81.45 21.70
N THR X 226 46.84 82.28 22.37
CA THR X 226 46.93 82.26 23.84
C THR X 226 45.98 83.30 24.42
N ALA X 227 44.69 83.08 24.21
CA ALA X 227 43.68 83.99 24.71
C ALA X 227 42.63 83.31 25.58
N PHE X 228 42.21 82.09 25.23
CA PHE X 228 41.14 81.39 25.92
C PHE X 228 41.56 79.97 26.23
N ILE X 229 40.97 79.40 27.27
CA ILE X 229 41.21 78.00 27.66
C ILE X 229 39.86 77.31 27.79
N LEU X 230 39.68 76.24 27.03
CA LEU X 230 38.49 75.40 27.10
C LEU X 230 38.91 74.00 27.53
N ALA X 231 38.26 73.49 28.57
CA ALA X 231 38.53 72.15 29.08
C ALA X 231 37.33 71.26 28.83
N TYR X 232 37.55 70.11 28.21
CA TYR X 232 36.49 69.17 27.90
C TYR X 232 36.83 67.81 28.49
N ARG X 233 35.90 67.23 29.25
CA ARG X 233 36.08 65.94 29.88
C ARG X 233 34.91 65.03 29.52
N THR X 234 35.22 63.87 28.96
CA THR X 234 34.19 62.88 28.66
C THR X 234 33.91 62.04 29.89
N PRO X 235 32.69 62.06 30.42
CA PRO X 235 32.40 61.24 31.61
C PRO X 235 32.58 59.76 31.32
N VAL X 236 33.08 59.03 32.32
CA VAL X 236 33.26 57.61 32.17
C VAL X 236 31.90 56.92 32.14
N VAL X 237 31.83 55.78 31.45
CA VAL X 237 30.58 55.03 31.34
C VAL X 237 30.23 54.48 32.71
N PRO X 238 29.05 54.80 33.25
CA PRO X 238 28.68 54.28 34.57
C PRO X 238 28.50 52.77 34.55
N GLU X 239 28.81 52.14 35.68
CA GLU X 239 28.63 50.70 35.83
C GLU X 239 27.21 50.32 36.21
N GLY X 240 26.36 51.29 36.54
CA GLY X 240 25.00 51.04 36.94
C GLY X 240 23.94 51.30 35.88
N ALA X 241 24.33 51.54 34.63
CA ALA X 241 23.40 51.82 33.55
C ALA X 241 23.47 50.70 32.52
N LYS X 242 22.32 50.17 32.14
CA LYS X 242 22.27 49.10 31.14
C LYS X 242 22.66 49.59 29.75
N ALA X 243 22.49 50.88 29.47
CA ALA X 243 22.85 51.45 28.19
C ALA X 243 24.28 51.98 28.27
N GLY X 244 24.70 52.73 27.24
CA GLY X 244 26.03 53.30 27.21
C GLY X 244 26.55 53.48 25.80
N ALA X 245 27.15 54.64 25.54
CA ALA X 245 27.69 54.96 24.22
C ALA X 245 28.76 56.01 24.36
N SER X 246 29.78 55.92 23.51
CA SER X 246 30.90 56.87 23.50
C SER X 246 30.96 57.63 22.18
N PHE X 247 29.80 58.05 21.67
CA PHE X 247 29.75 58.78 20.40
C PHE X 247 30.43 60.14 20.56
N SER X 248 31.26 60.50 19.58
CA SER X 248 31.94 61.78 19.58
C SER X 248 31.07 62.85 18.95
N ALA X 249 31.54 64.10 18.98
CA ALA X 249 30.80 65.22 18.41
C ALA X 249 31.80 66.29 18.01
N ASN X 250 32.08 66.37 16.70
CA ASN X 250 32.95 67.38 16.08
C ASN X 250 34.18 67.69 16.93
N GLY X 251 34.86 66.63 17.35
CA GLY X 251 36.14 66.74 18.04
C GLY X 251 36.09 66.48 19.52
N VAL X 252 34.92 66.51 20.15
CA VAL X 252 34.78 66.26 21.57
C VAL X 252 33.81 65.10 21.76
N ALA X 253 34.20 64.13 22.60
CA ALA X 253 33.37 62.96 22.86
C ALA X 253 32.26 63.29 23.85
N LEU X 254 31.19 62.52 23.77
CA LEU X 254 30.03 62.69 24.65
C LEU X 254 29.71 61.35 25.32
N ARG X 255 29.09 61.44 26.49
CA ARG X 255 28.68 60.26 27.25
C ARG X 255 27.17 60.12 27.17
N TRP X 256 26.70 58.99 26.63
CA TRP X 256 25.28 58.71 26.51
C TRP X 256 24.92 57.56 27.43
N LEU X 257 23.87 57.75 28.23
CA LEU X 257 23.44 56.71 29.14
C LEU X 257 21.92 56.76 29.29
N ALA X 258 21.33 55.58 29.51
CA ALA X 258 19.89 55.47 29.74
C ALA X 258 19.68 54.25 30.64
N ASP X 259 19.51 54.51 31.95
CA ASP X 259 19.40 53.43 32.92
C ASP X 259 17.99 52.86 33.03
N TYR X 260 17.02 53.44 32.33
CA TYR X 260 15.63 52.98 32.35
C TYR X 260 15.08 52.98 33.77
N ASP X 261 14.96 54.20 34.31
CA ASP X 261 14.40 54.40 35.64
C ASP X 261 13.06 53.69 35.78
N TYR X 262 12.98 52.79 36.76
CA TYR X 262 11.84 51.89 36.89
C TYR X 262 10.66 52.50 37.65
N SER X 263 10.78 53.72 38.16
CA SER X 263 9.72 54.27 39.01
C SER X 263 8.50 54.69 38.19
N GLN X 264 8.65 55.74 37.39
CA GLN X 264 7.57 56.19 36.50
C GLN X 264 7.75 55.66 35.09
N LEU X 265 7.98 54.35 34.95
CA LEU X 265 8.27 53.72 33.66
C LEU X 265 9.24 54.57 32.84
N GLY X 266 10.29 55.08 33.50
CA GLY X 266 11.11 56.11 32.89
C GLY X 266 11.97 55.58 31.76
N ASP X 267 11.77 56.10 30.56
CA ASP X 267 12.65 55.86 29.43
C ASP X 267 13.65 56.99 29.23
N ARG X 268 14.00 57.70 30.30
CA ARG X 268 14.85 58.88 30.18
C ARG X 268 16.24 58.51 29.71
N THR X 269 16.78 59.32 28.80
CA THR X 269 18.16 59.23 28.34
C THR X 269 18.94 60.44 28.81
N LEU X 270 20.23 60.44 28.55
CA LEU X 270 21.09 61.55 28.97
C LEU X 270 22.37 61.56 28.15
N LEU X 271 22.61 62.67 27.47
CA LEU X 271 23.84 62.92 26.73
C LEU X 271 24.57 64.07 27.42
N ASP X 272 25.72 63.78 28.03
CA ASP X 272 26.39 64.73 28.89
C ASP X 272 27.90 64.74 28.66
N VAL X 273 28.52 65.85 29.04
CA VAL X 273 29.97 66.04 28.93
C VAL X 273 30.33 67.23 29.82
N PHE X 274 31.54 67.21 30.37
CA PHE X 274 31.99 68.26 31.27
C PHE X 274 32.76 69.32 30.51
N THR X 275 32.41 70.59 30.72
CA THR X 275 33.07 71.70 30.05
C THR X 275 33.47 72.75 31.08
N GLY X 276 34.61 73.38 30.81
CA GLY X 276 35.14 74.39 31.72
C GLY X 276 35.79 75.52 30.94
N ARG X 277 35.66 76.72 31.49
CA ARG X 277 36.06 77.95 30.82
C ARG X 277 37.19 78.64 31.59
N LYS X 278 38.06 79.33 30.84
CA LYS X 278 39.09 80.14 31.48
C LYS X 278 39.51 81.24 30.51
N VAL X 279 39.68 82.44 31.04
CA VAL X 279 40.15 83.60 30.28
C VAL X 279 41.55 83.94 30.74
N VAL X 280 42.49 84.01 29.80
CA VAL X 280 43.90 84.23 30.13
C VAL X 280 44.09 85.72 30.38
N THR X 281 44.41 86.08 31.63
CA THR X 281 44.69 87.45 32.02
C THR X 281 46.19 87.64 32.19
N GLU X 282 46.59 88.82 32.66
CA GLU X 282 47.98 89.16 32.90
C GLU X 282 48.31 89.02 34.38
N VAL X 283 49.55 89.36 34.74
CA VAL X 283 49.99 89.26 36.12
C VAL X 283 49.21 90.24 37.01
N ASP X 284 49.00 91.47 36.53
CA ASP X 284 48.18 92.44 37.25
C ASP X 284 46.71 92.36 36.88
N GLY X 285 46.39 91.77 35.73
CA GLY X 285 45.02 91.64 35.27
C GLY X 285 44.68 92.65 34.19
N SER X 286 44.73 92.21 32.94
CA SER X 286 44.41 93.06 31.79
C SER X 286 44.22 92.17 30.58
N PHE X 287 43.01 92.13 30.04
CA PHE X 287 42.72 91.30 28.86
C PHE X 287 43.07 92.10 27.61
N VAL X 288 44.37 92.15 27.32
CA VAL X 288 44.88 92.86 26.15
C VAL X 288 45.29 91.91 25.04
N ARG X 289 44.94 90.63 25.16
CA ARG X 289 45.29 89.62 24.16
C ARG X 289 44.21 89.43 23.11
N ALA X 290 43.10 90.17 23.19
CA ALA X 290 42.02 90.03 22.22
C ALA X 290 41.33 91.38 22.04
N VAL X 291 40.70 91.55 20.88
CA VAL X 291 40.00 92.79 20.54
C VAL X 291 38.65 92.44 19.93
N GLU X 292 37.72 93.38 20.04
CA GLU X 292 36.37 93.21 19.53
C GLU X 292 36.03 94.38 18.60
N LEU X 293 35.28 94.07 17.55
CA LEU X 293 34.86 95.04 16.55
C LEU X 293 33.34 95.06 16.50
N GLN X 294 32.77 96.26 16.62
CA GLN X 294 31.33 96.47 16.60
C GLN X 294 30.99 97.45 15.49
N LEU X 295 29.97 97.13 14.69
CA LEU X 295 29.62 97.97 13.56
C LEU X 295 29.09 99.32 14.04
N GLN X 296 29.45 100.37 13.31
CA GLN X 296 29.01 101.74 13.62
C GLN X 296 27.67 101.99 12.94
N ALA X 297 26.60 101.53 13.60
CA ALA X 297 25.26 101.75 13.08
C ALA X 297 24.90 103.23 13.13
N SER X 298 24.36 103.74 12.03
CA SER X 298 24.01 105.16 11.94
C SER X 298 22.56 105.43 11.60
N SER X 299 21.81 104.43 11.13
CA SER X 299 20.41 104.62 10.80
C SER X 299 19.65 103.33 11.08
N ILE X 300 18.42 103.47 11.58
CA ILE X 300 17.55 102.34 11.87
C ILE X 300 16.20 102.59 11.21
N THR X 301 15.46 101.50 10.99
CA THR X 301 14.13 101.58 10.41
C THR X 301 13.35 100.32 10.76
N ILE X 302 12.05 100.48 10.90
CA ILE X 302 11.18 99.35 11.22
C ILE X 302 10.83 98.61 9.93
N VAL X 303 11.07 97.31 9.91
CA VAL X 303 10.83 96.51 8.72
C VAL X 303 9.33 96.45 8.42
N GLY X 304 9.01 96.35 7.12
CA GLY X 304 7.65 96.25 6.67
C GLY X 304 6.97 97.57 6.38
N GLY X 305 7.59 98.69 6.75
CA GLY X 305 6.97 99.98 6.51
C GLY X 305 5.66 100.12 7.27
N ALA X 306 4.70 100.80 6.65
CA ALA X 306 3.38 100.95 7.25
C ALA X 306 2.63 99.63 7.23
N PHE X 307 1.88 99.36 8.30
CA PHE X 307 1.10 98.15 8.42
C PHE X 307 -0.17 98.45 9.20
N ALA X 308 -1.21 97.65 8.96
CA ALA X 308 -2.46 97.84 9.70
C ALA X 308 -2.36 97.23 11.09
N LEU X 309 -2.24 95.90 11.15
CA LEU X 309 -1.89 95.09 12.32
C LEU X 309 -2.29 93.66 11.98
N ALA X 310 -3.32 93.14 12.67
CA ALA X 310 -3.96 91.89 12.29
C ALA X 310 -5.47 92.07 12.29
N THR X 311 -5.97 92.83 13.26
CA THR X 311 -7.39 93.08 13.47
C THR X 311 -7.51 94.16 14.54
N THR X 312 -8.74 94.46 14.96
CA THR X 312 -8.96 95.47 15.99
C THR X 312 -8.50 95.01 17.37
N THR X 313 -8.37 93.70 17.60
CA THR X 313 -7.98 93.15 18.88
C THR X 313 -6.90 92.09 18.70
N GLY X 314 -5.88 92.40 17.90
CA GLY X 314 -4.80 91.49 17.62
C GLY X 314 -3.47 91.95 18.21
N THR X 315 -2.43 91.22 17.85
CA THR X 315 -1.06 91.53 18.26
C THR X 315 -0.13 91.44 17.06
N LYS X 316 0.98 92.18 17.13
CA LYS X 316 1.95 92.18 16.05
C LYS X 316 3.34 92.39 16.64
N GLN X 317 4.25 91.47 16.37
CA GLN X 317 5.62 91.55 16.87
C GLN X 317 6.42 92.43 15.92
N LEU X 318 6.60 93.70 16.30
CA LEU X 318 7.34 94.64 15.46
C LEU X 318 8.82 94.31 15.47
N LYS X 319 9.46 94.49 14.32
CA LYS X 319 10.88 94.24 14.16
C LYS X 319 11.56 95.45 13.56
N VAL X 320 12.75 95.78 14.06
CA VAL X 320 13.52 96.94 13.62
C VAL X 320 14.90 96.48 13.18
N ARG X 321 15.37 97.01 12.05
CA ARG X 321 16.66 96.67 11.49
C ARG X 321 17.44 97.95 11.20
N ASP X 322 18.75 97.88 11.39
CA ASP X 322 19.60 99.04 11.15
C ASP X 322 19.89 99.18 9.66
N ASP X 323 20.65 100.23 9.31
CA ASP X 323 21.03 100.44 7.92
C ASP X 323 21.94 99.32 7.42
N ASN X 324 22.81 98.80 8.29
CA ASN X 324 23.71 97.73 7.88
C ASN X 324 22.97 96.43 7.60
N GLY X 325 21.85 96.20 8.29
CA GLY X 325 21.07 94.99 8.07
C GLY X 325 21.17 93.99 9.19
N THR X 326 21.19 94.47 10.43
CA THR X 326 21.29 93.63 11.62
C THR X 326 20.04 93.76 12.46
N ASP X 327 19.61 92.64 13.05
CA ASP X 327 18.45 92.67 13.94
C ASP X 327 18.85 93.28 15.28
N VAL X 328 18.10 94.30 15.71
CA VAL X 328 18.40 95.00 16.95
C VAL X 328 17.14 95.07 17.80
N THR X 329 16.20 94.15 17.58
CA THR X 329 14.92 94.20 18.28
C THR X 329 15.12 94.05 19.79
N ALA X 330 16.04 93.18 20.21
CA ALA X 330 16.28 92.97 21.63
C ALA X 330 16.81 94.22 22.30
N ARG X 331 17.69 94.96 21.63
CA ARG X 331 18.36 96.12 22.21
C ARG X 331 17.75 97.45 21.75
N CYS X 332 16.46 97.46 21.45
CA CYS X 332 15.75 98.67 21.05
C CYS X 332 14.60 98.93 22.00
N THR X 333 14.32 100.20 22.28
CA THR X 333 13.19 100.58 23.10
C THR X 333 12.06 101.13 22.21
N PHE X 334 10.84 100.95 22.66
CA PHE X 334 9.65 101.33 21.90
C PHE X 334 8.77 102.23 22.75
N ALA X 335 8.26 103.30 22.16
CA ALA X 335 7.37 104.24 22.83
C ALA X 335 6.15 104.49 21.97
N SER X 336 5.01 104.68 22.62
CA SER X 336 3.74 104.95 21.95
C SER X 336 3.26 106.35 22.32
N SER X 337 3.06 107.20 21.31
CA SER X 337 2.49 108.52 21.54
C SER X 337 0.97 108.50 21.65
N ALA X 338 0.35 107.35 21.39
CA ALA X 338 -1.09 107.14 21.44
C ALA X 338 -1.40 105.88 22.22
N GLY X 339 -0.80 105.76 23.40
CA GLY X 339 -0.88 104.52 24.16
C GLY X 339 -2.30 104.03 24.38
N THR X 340 -3.23 104.95 24.57
CA THR X 340 -4.64 104.56 24.69
C THR X 340 -5.15 103.98 23.37
N LYS X 341 -4.72 104.54 22.24
CA LYS X 341 -5.15 104.02 20.94
C LYS X 341 -4.46 102.71 20.61
N ALA X 342 -3.15 102.62 20.85
CA ALA X 342 -2.38 101.42 20.56
C ALA X 342 -1.43 101.14 21.71
N THR X 343 -1.38 99.89 22.16
CA THR X 343 -0.54 99.48 23.28
C THR X 343 0.65 98.70 22.75
N VAL X 344 1.85 99.10 23.16
CA VAL X 344 3.09 98.46 22.73
C VAL X 344 3.78 97.87 23.95
N SER X 345 4.47 96.75 23.74
CA SER X 345 5.18 96.04 24.79
C SER X 345 6.64 96.45 24.80
N ALA X 346 7.37 95.92 25.78
CA ALA X 346 8.80 96.22 25.90
C ALA X 346 9.59 95.66 24.72
N ALA X 347 9.24 94.46 24.25
CA ALA X 347 9.94 93.81 23.16
C ALA X 347 9.45 94.25 21.79
N GLY X 348 8.44 95.12 21.73
CA GLY X 348 7.89 95.59 20.47
C GLY X 348 6.62 94.92 20.04
N LEU X 349 6.05 94.04 20.86
CA LEU X 349 4.79 93.37 20.53
C LEU X 349 3.65 94.36 20.75
N VAL X 350 3.28 95.06 19.67
CA VAL X 350 2.20 96.04 19.77
C VAL X 350 0.87 95.34 19.72
N THR X 351 -0.01 95.67 20.67
CA THR X 351 -1.33 95.07 20.79
C THR X 351 -2.38 96.10 20.48
N GLY X 352 -3.34 95.74 19.63
CA GLY X 352 -4.41 96.65 19.27
C GLY X 352 -5.55 96.63 20.26
N VAL X 353 -5.75 97.73 20.99
CA VAL X 353 -6.83 97.82 21.94
C VAL X 353 -7.99 98.69 21.45
N ALA X 354 -7.72 99.72 20.65
CA ALA X 354 -8.75 100.58 20.08
C ALA X 354 -8.48 100.78 18.60
N ALA X 355 -9.52 100.64 17.78
CA ALA X 355 -9.38 100.86 16.36
C ALA X 355 -9.13 102.33 16.06
N GLY X 356 -8.26 102.60 15.12
CA GLY X 356 -7.92 103.97 14.76
C GLY X 356 -6.53 104.03 14.14
N THR X 357 -5.90 105.19 14.29
CA THR X 357 -4.57 105.43 13.75
C THR X 357 -3.67 105.94 14.87
N ALA X 358 -2.47 105.35 14.98
CA ALA X 358 -1.52 105.72 16.01
C ALA X 358 -0.11 105.71 15.41
N ASP X 359 0.87 106.07 16.25
CA ASP X 359 2.27 106.07 15.86
C ASP X 359 3.10 105.40 16.94
N ILE X 360 4.14 104.69 16.52
CA ILE X 360 5.09 104.06 17.44
C ILE X 360 6.49 104.50 17.06
N THR X 361 7.26 104.96 18.06
CA THR X 361 8.62 105.41 17.84
C THR X 361 9.59 104.43 18.49
N ALA X 362 10.52 103.91 17.69
CA ALA X 362 11.55 102.99 18.17
C ALA X 362 12.87 103.74 18.26
N SER X 363 13.51 103.66 19.41
CA SER X 363 14.79 104.31 19.67
C SER X 363 15.86 103.26 19.93
N TYR X 364 17.03 103.47 19.34
CA TYR X 364 18.17 102.56 19.46
C TYR X 364 19.40 103.37 19.83
N VAL X 365 20.09 102.95 20.89
CA VAL X 365 21.33 103.62 21.28
C VAL X 365 22.44 103.26 20.28
N PRO X 366 23.14 104.23 19.73
CA PRO X 366 24.19 103.92 18.75
C PRO X 366 25.42 103.33 19.44
N PRO X 367 26.05 102.33 18.82
CA PRO X 367 27.29 101.79 19.39
C PRO X 367 28.39 102.83 19.52
N GLN X 368 28.46 103.79 18.59
CA GLN X 368 29.48 104.83 18.66
C GLN X 368 29.22 105.82 19.78
N GLY X 369 27.99 105.87 20.30
CA GLY X 369 27.64 106.78 21.37
C GLY X 369 26.99 108.05 20.85
N GLY X 370 26.33 108.76 21.77
CA GLY X 370 25.64 109.99 21.42
C GLY X 370 24.13 109.87 21.51
N THR X 371 23.42 110.65 20.71
CA THR X 371 21.97 110.61 20.71
C THR X 371 21.47 109.30 20.11
N ALA X 372 20.38 108.79 20.65
CA ALA X 372 19.81 107.53 20.16
C ALA X 372 19.03 107.77 18.88
N LYS X 373 19.28 106.92 17.88
CA LYS X 373 18.57 107.04 16.61
C LYS X 373 17.12 106.62 16.78
N THR X 374 16.20 107.44 16.29
CA THR X 374 14.77 107.22 16.46
C THR X 374 14.09 107.10 15.09
N ALA X 375 13.09 106.22 15.02
CA ALA X 375 12.31 106.04 13.80
C ALA X 375 10.86 105.83 14.18
N THR X 376 9.96 106.58 13.55
CA THR X 376 8.54 106.55 13.87
C THR X 376 7.78 105.92 12.71
N VAL X 377 6.90 104.99 13.04
CA VAL X 377 6.08 104.28 12.05
C VAL X 377 4.62 104.35 12.48
N THR X 378 3.75 104.68 11.53
CA THR X 378 2.32 104.74 11.80
C THR X 378 1.70 103.35 11.78
N VAL X 379 0.56 103.21 12.45
CA VAL X 379 -0.20 101.97 12.53
C VAL X 379 -1.67 102.32 12.39
N THR X 380 -2.41 101.47 11.66
CA THR X 380 -3.84 101.64 11.44
C THR X 380 -4.55 100.39 11.95
N VAL X 381 -4.94 100.42 13.22
CA VAL X 381 -5.61 99.29 13.85
C VAL X 381 -7.05 99.24 13.34
N PRO X 382 -7.46 98.13 12.70
CA PRO X 382 -8.82 97.97 12.14
C PRO X 382 -9.89 97.93 13.21
N ILE Y 4 -67.33 -28.75 -86.08
CA ILE Y 4 -67.05 -27.45 -85.50
C ILE Y 4 -65.89 -27.56 -84.52
N PHE Y 5 -64.69 -27.26 -85.02
CA PHE Y 5 -63.48 -27.38 -84.22
C PHE Y 5 -63.46 -26.33 -83.11
N VAL Y 6 -63.54 -26.80 -81.86
CA VAL Y 6 -63.49 -25.88 -80.72
C VAL Y 6 -62.06 -25.38 -80.54
N LYS Y 7 -61.92 -24.07 -80.35
CA LYS Y 7 -60.62 -23.41 -80.27
C LYS Y 7 -60.60 -22.44 -79.09
N PRO Y 8 -59.42 -22.18 -78.54
CA PRO Y 8 -59.31 -21.12 -77.53
C PRO Y 8 -59.30 -19.74 -78.18
N GLU Y 9 -59.22 -18.69 -77.38
CA GLU Y 9 -59.08 -17.34 -77.89
C GLU Y 9 -57.62 -16.90 -77.80
N LEU Y 10 -57.35 -15.67 -78.23
CA LEU Y 10 -55.99 -15.13 -78.24
C LEU Y 10 -56.03 -13.69 -77.77
N VAL Y 11 -55.36 -13.41 -76.65
CA VAL Y 11 -55.20 -12.05 -76.13
C VAL Y 11 -53.72 -11.71 -76.25
N ALA Y 12 -53.42 -10.69 -77.04
CA ALA Y 12 -52.05 -10.28 -77.32
C ALA Y 12 -51.86 -8.82 -76.93
N GLU Y 13 -50.63 -8.33 -77.12
CA GLU Y 13 -50.28 -6.95 -76.82
C GLU Y 13 -49.05 -6.59 -77.62
N ILE Y 14 -49.22 -5.76 -78.66
CA ILE Y 14 -48.13 -5.39 -79.56
C ILE Y 14 -48.12 -3.87 -79.67
N GLY Y 15 -47.31 -3.21 -78.86
CA GLY Y 15 -47.05 -1.79 -79.00
C GLY Y 15 -48.27 -0.89 -78.92
N VAL Y 16 -49.30 -1.30 -78.19
CA VAL Y 16 -50.51 -0.50 -78.03
C VAL Y 16 -50.47 0.07 -76.62
N LYS Y 17 -50.01 1.31 -76.50
CA LYS Y 17 -49.86 1.99 -75.21
C LYS Y 17 -50.89 3.11 -75.11
N GLN Y 18 -51.58 3.18 -73.98
CA GLN Y 18 -52.53 4.26 -73.75
C GLN Y 18 -51.79 5.59 -73.61
N LEU Y 19 -52.36 6.63 -74.23
CA LEU Y 19 -51.73 7.94 -74.20
C LEU Y 19 -51.75 8.51 -72.78
N GLN Y 20 -50.63 9.08 -72.36
CA GLN Y 20 -50.48 9.63 -71.02
C GLN Y 20 -49.73 10.96 -71.12
N ARG Y 21 -49.59 11.63 -69.98
CA ARG Y 21 -48.92 12.92 -69.93
C ARG Y 21 -47.41 12.75 -69.90
N GLU Y 22 -46.70 13.86 -69.81
CA GLU Y 22 -45.24 13.88 -69.78
C GLU Y 22 -44.77 14.63 -68.54
N ILE Y 23 -43.84 14.02 -67.81
CA ILE Y 23 -43.32 14.61 -66.57
C ILE Y 23 -42.20 15.57 -66.96
N VAL Y 24 -42.55 16.84 -67.13
CA VAL Y 24 -41.58 17.90 -67.43
C VAL Y 24 -41.58 18.98 -66.35
N LEU Y 25 -42.75 19.35 -65.83
CA LEU Y 25 -42.81 20.37 -64.80
C LEU Y 25 -42.02 20.04 -63.54
N PRO Y 26 -42.08 18.82 -62.98
CA PRO Y 26 -41.24 18.52 -61.81
C PRO Y 26 -39.75 18.66 -62.16
N GLY Y 27 -38.99 19.11 -61.17
CA GLY Y 27 -37.58 19.37 -61.34
C GLY Y 27 -37.23 20.78 -61.77
N LEU Y 28 -38.23 21.61 -62.07
CA LEU Y 28 -38.02 23.01 -62.43
C LEU Y 28 -38.46 23.97 -61.34
N VAL Y 29 -38.69 23.47 -60.13
CA VAL Y 29 -39.14 24.29 -59.00
C VAL Y 29 -38.20 24.06 -57.82
N TRP Y 30 -38.21 25.01 -56.90
CA TRP Y 30 -37.36 24.94 -55.72
C TRP Y 30 -38.00 24.00 -54.70
N THR Y 31 -37.50 22.77 -54.64
CA THR Y 31 -38.03 21.77 -53.72
C THR Y 31 -37.21 21.76 -52.44
N ASN Y 32 -37.91 21.74 -51.30
CA ASN Y 32 -37.28 21.78 -50.00
C ASN Y 32 -37.74 20.59 -49.16
N PRO Y 33 -36.82 19.81 -48.60
CA PRO Y 33 -37.21 18.70 -47.73
C PRO Y 33 -37.81 19.21 -46.42
N LEU Y 34 -38.64 18.36 -45.82
CA LEU Y 34 -39.30 18.67 -44.55
C LEU Y 34 -40.09 19.97 -44.63
N ASP Y 43 -43.05 19.78 -39.46
CA ASP Y 43 -44.09 20.73 -39.11
C ASP Y 43 -44.20 21.84 -40.14
N THR Y 44 -43.26 22.79 -40.08
CA THR Y 44 -43.23 23.91 -41.00
C THR Y 44 -41.80 24.36 -41.21
N ILE Y 45 -41.57 25.07 -42.31
CA ILE Y 45 -40.25 25.58 -42.68
C ILE Y 45 -40.36 27.09 -42.83
N THR Y 46 -39.50 27.82 -42.13
CA THR Y 46 -39.46 29.28 -42.17
C THR Y 46 -38.17 29.72 -42.86
N VAL Y 47 -38.31 30.66 -43.81
CA VAL Y 47 -37.18 31.17 -44.57
C VAL Y 47 -36.99 32.64 -44.21
N ARG Y 48 -35.77 32.98 -43.82
CA ARG Y 48 -35.46 34.34 -43.37
C ARG Y 48 -35.31 35.28 -44.56
N VAL Y 49 -35.79 36.50 -44.39
CA VAL Y 49 -35.70 37.56 -45.40
C VAL Y 49 -34.64 38.56 -44.93
N PRO Y 50 -33.51 38.68 -45.62
CA PRO Y 50 -32.50 39.66 -45.22
C PRO Y 50 -33.01 41.09 -45.38
N ALA Y 51 -32.56 41.96 -44.49
CA ALA Y 51 -33.01 43.35 -44.48
C ALA Y 51 -32.10 44.22 -45.32
N ILE Y 52 -32.65 45.33 -45.81
CA ILE Y 52 -31.92 46.32 -46.59
C ILE Y 52 -32.06 47.67 -45.88
N THR Y 53 -30.92 48.30 -45.60
CA THR Y 53 -30.91 49.58 -44.90
C THR Y 53 -31.05 50.73 -45.88
N THR Y 54 -31.02 51.96 -45.37
CA THR Y 54 -31.11 53.17 -46.17
C THR Y 54 -30.05 54.16 -45.72
N ALA Y 55 -29.66 55.04 -46.64
CA ALA Y 55 -28.63 56.03 -46.38
C ALA Y 55 -29.23 57.43 -46.45
N ASN Y 56 -28.49 58.39 -45.89
CA ASN Y 56 -28.90 59.79 -45.87
C ASN Y 56 -27.71 60.67 -46.26
N ARG Y 57 -28.02 61.85 -46.79
CA ARG Y 57 -27.02 62.79 -47.26
C ARG Y 57 -27.02 64.03 -46.39
N ARG Y 58 -25.84 64.41 -45.90
CA ARG Y 58 -25.66 65.60 -45.09
C ARG Y 58 -24.85 66.63 -45.87
N ASP Y 59 -25.32 67.87 -45.88
CA ASP Y 59 -24.64 68.92 -46.61
C ASP Y 59 -23.37 69.35 -45.89
N LEU Y 60 -22.34 69.70 -46.65
CA LEU Y 60 -21.08 70.16 -46.08
C LEU Y 60 -21.25 71.53 -45.45
N ARG Y 61 -20.52 71.76 -44.36
CA ARG Y 61 -20.50 73.04 -43.65
C ARG Y 61 -21.91 73.43 -43.19
N ASP Y 62 -22.46 72.60 -42.31
CA ASP Y 62 -23.78 72.84 -41.75
C ASP Y 62 -23.68 72.99 -40.23
N PRO Y 63 -24.23 74.06 -39.65
CA PRO Y 63 -24.16 74.22 -38.19
C PRO Y 63 -24.83 73.08 -37.44
N ASP Y 64 -26.06 72.73 -37.80
CA ASP Y 64 -26.73 71.60 -37.17
C ASP Y 64 -26.08 70.30 -37.60
N ARG Y 65 -25.77 69.45 -36.63
CA ARG Y 65 -25.04 68.21 -36.87
C ARG Y 65 -25.83 67.05 -36.26
N THR Y 66 -26.72 66.46 -37.06
CA THR Y 66 -27.51 65.32 -36.64
C THR Y 66 -27.44 64.23 -37.71
N VAL Y 67 -27.68 62.99 -37.29
CA VAL Y 67 -27.64 61.83 -38.17
C VAL Y 67 -28.98 61.12 -38.10
N ILE Y 68 -29.48 60.70 -39.25
CA ILE Y 68 -30.72 59.96 -39.35
C ILE Y 68 -30.40 58.47 -39.39
N ALA Y 69 -30.87 57.72 -38.39
CA ALA Y 69 -30.58 56.31 -38.30
C ALA Y 69 -31.41 55.52 -39.31
N SER Y 70 -31.05 54.26 -39.48
CA SER Y 70 -31.74 53.34 -40.38
C SER Y 70 -32.56 52.33 -39.59
N GLU Y 71 -33.16 51.39 -40.31
CA GLU Y 71 -34.02 50.38 -39.70
C GLU Y 71 -33.60 48.99 -40.21
N LEU Y 72 -33.84 47.99 -39.36
CA LEU Y 72 -33.40 46.63 -39.62
C LEU Y 72 -34.52 45.63 -39.35
N VAL Y 73 -35.70 45.88 -39.89
CA VAL Y 73 -36.80 44.93 -39.74
C VAL Y 73 -36.45 43.65 -40.50
N GLU Y 74 -36.62 42.51 -39.84
CA GLU Y 74 -36.25 41.21 -40.40
C GLU Y 74 -37.53 40.45 -40.73
N HIS Y 75 -37.97 40.55 -41.99
CA HIS Y 75 -39.14 39.82 -42.43
C HIS Y 75 -38.83 38.32 -42.50
N SER Y 76 -39.89 37.51 -42.48
CA SER Y 76 -39.74 36.07 -42.57
C SER Y 76 -40.96 35.49 -43.28
N PHE Y 77 -40.76 34.35 -43.93
CA PHE Y 77 -41.82 33.61 -44.60
C PHE Y 77 -42.08 32.32 -43.85
N GLY Y 78 -43.03 31.54 -44.36
CA GLY Y 78 -43.37 30.27 -43.76
C GLY Y 78 -44.18 29.37 -44.66
N VAL Y 79 -43.76 28.11 -44.77
CA VAL Y 79 -44.46 27.11 -45.55
C VAL Y 79 -44.75 25.91 -44.65
N THR Y 80 -45.99 25.43 -44.72
CA THR Y 80 -46.42 24.28 -43.93
C THR Y 80 -46.99 23.21 -44.85
N LEU Y 81 -46.83 21.96 -44.44
CA LEU Y 81 -47.32 20.83 -45.21
C LEU Y 81 -48.82 20.70 -45.01
N ASP Y 82 -49.59 21.00 -46.06
CA ASP Y 82 -51.04 21.00 -45.98
C ASP Y 82 -51.72 19.99 -46.90
N LYS Y 83 -50.97 19.29 -47.74
CA LYS Y 83 -51.56 18.32 -48.67
C LYS Y 83 -50.89 16.97 -48.50
N HIS Y 84 -51.65 15.91 -48.79
CA HIS Y 84 -51.18 14.53 -48.66
C HIS Y 84 -51.45 13.83 -49.99
N VAL Y 85 -50.43 13.77 -50.84
CA VAL Y 85 -50.58 13.15 -52.15
C VAL Y 85 -50.43 11.64 -51.98
N TYR Y 86 -51.51 10.91 -52.25
CA TYR Y 86 -51.54 9.48 -51.99
C TYR Y 86 -52.18 8.75 -53.16
N ALA Y 87 -51.78 7.49 -53.33
CA ALA Y 87 -52.38 6.57 -54.28
C ALA Y 87 -52.57 5.24 -53.58
N ALA Y 88 -53.82 4.82 -53.43
CA ALA Y 88 -54.16 3.60 -52.71
C ALA Y 88 -54.79 2.60 -53.66
N LEU Y 89 -54.27 1.38 -53.64
CA LEU Y 89 -54.78 0.27 -54.45
C LEU Y 89 -55.23 -0.84 -53.51
N LYS Y 90 -56.47 -1.29 -53.69
CA LYS Y 90 -57.03 -2.38 -52.92
C LYS Y 90 -57.35 -3.54 -53.86
N PHE Y 91 -56.72 -4.69 -53.62
CA PHE Y 91 -56.92 -5.87 -54.42
C PHE Y 91 -57.21 -7.06 -53.52
N THR Y 92 -58.16 -7.88 -53.93
CA THR Y 92 -58.54 -9.05 -53.14
C THR Y 92 -57.38 -10.04 -53.08
N ASP Y 93 -57.39 -10.87 -52.02
CA ASP Y 93 -56.39 -11.92 -51.92
C ASP Y 93 -56.48 -12.89 -53.08
N GLU Y 94 -57.69 -13.08 -53.63
CA GLU Y 94 -57.82 -13.88 -54.85
C GLU Y 94 -57.11 -13.22 -56.02
N GLN Y 95 -57.42 -11.94 -56.28
CA GLN Y 95 -56.83 -11.25 -57.43
C GLN Y 95 -55.31 -11.20 -57.32
N ARG Y 96 -54.78 -11.27 -56.10
CA ARG Y 96 -53.34 -11.39 -55.91
C ARG Y 96 -52.83 -12.73 -56.44
N THR Y 97 -53.69 -13.74 -56.51
CA THR Y 97 -53.28 -15.09 -56.82
C THR Y 97 -53.67 -15.54 -58.22
N LEU Y 98 -54.61 -14.88 -58.89
CA LEU Y 98 -54.90 -15.29 -60.26
C LEU Y 98 -54.80 -14.13 -61.25
N ASP Y 99 -55.11 -12.91 -60.78
CA ASP Y 99 -55.22 -11.77 -61.67
C ASP Y 99 -54.03 -10.83 -61.58
N ILE Y 100 -52.96 -11.24 -60.89
CA ILE Y 100 -51.73 -10.47 -60.83
C ILE Y 100 -50.58 -11.38 -61.20
N ARG Y 101 -49.74 -10.93 -62.14
CA ARG Y 101 -48.61 -11.71 -62.63
C ARG Y 101 -47.26 -11.09 -62.31
N ASP Y 102 -47.19 -9.76 -62.18
CA ASP Y 102 -45.92 -9.10 -61.82
C ASP Y 102 -46.27 -7.73 -61.26
N TYR Y 103 -45.76 -7.45 -60.05
CA TYR Y 103 -46.02 -6.17 -59.40
C TYR Y 103 -45.54 -4.99 -60.22
N THR Y 104 -44.35 -5.13 -60.83
CA THR Y 104 -43.74 -4.02 -61.54
C THR Y 104 -44.61 -3.54 -62.70
N LYS Y 105 -45.13 -4.47 -63.49
CA LYS Y 105 -45.88 -4.12 -64.69
C LYS Y 105 -47.39 -4.04 -64.47
N GLN Y 106 -47.87 -4.26 -63.24
CA GLN Y 106 -49.29 -4.19 -62.96
C GLN Y 106 -49.65 -3.37 -61.73
N VAL Y 107 -48.75 -3.16 -60.78
CA VAL Y 107 -49.03 -2.48 -59.53
C VAL Y 107 -48.09 -1.30 -59.30
N LEU Y 108 -46.78 -1.54 -59.39
CA LEU Y 108 -45.81 -0.52 -59.01
C LEU Y 108 -45.77 0.62 -60.03
N MET Y 109 -45.51 0.30 -61.29
CA MET Y 109 -45.41 1.35 -62.31
C MET Y 109 -46.68 2.15 -62.48
N PRO Y 110 -47.88 1.57 -62.58
CA PRO Y 110 -49.09 2.42 -62.65
C PRO Y 110 -49.25 3.32 -61.43
N GLN Y 111 -48.92 2.83 -60.24
CA GLN Y 111 -49.06 3.65 -59.04
C GLN Y 111 -48.08 4.82 -59.05
N VAL Y 112 -46.82 4.56 -59.41
CA VAL Y 112 -45.85 5.65 -59.45
C VAL Y 112 -46.18 6.63 -60.56
N SER Y 113 -46.71 6.15 -61.69
CA SER Y 113 -47.13 7.06 -62.75
C SER Y 113 -48.28 7.95 -62.30
N ALA Y 114 -49.26 7.38 -61.60
CA ALA Y 114 -50.37 8.18 -61.08
C ALA Y 114 -49.87 9.20 -60.06
N VAL Y 115 -48.96 8.80 -59.18
CA VAL Y 115 -48.42 9.73 -58.19
C VAL Y 115 -47.67 10.86 -58.88
N ALA Y 116 -46.84 10.52 -59.88
CA ALA Y 116 -46.10 11.56 -60.60
C ALA Y 116 -47.02 12.51 -61.33
N TYR Y 117 -48.07 11.99 -61.97
CA TYR Y 117 -49.00 12.86 -62.68
C TYR Y 117 -49.79 13.75 -61.72
N GLU Y 118 -50.18 13.21 -60.56
CA GLU Y 118 -50.89 14.03 -59.58
C GLU Y 118 -49.96 15.11 -59.02
N LEU Y 119 -48.69 14.79 -58.80
CA LEU Y 119 -47.74 15.79 -58.35
C LEU Y 119 -47.53 16.87 -59.40
N GLU Y 120 -47.47 16.48 -60.68
CA GLU Y 120 -47.36 17.46 -61.75
C GLU Y 120 -48.58 18.36 -61.80
N ASP Y 121 -49.78 17.79 -61.60
CA ASP Y 121 -50.98 18.60 -61.54
C ASP Y 121 -50.95 19.57 -60.36
N TYR Y 122 -50.43 19.10 -59.21
CA TYR Y 122 -50.28 19.96 -58.04
C TYR Y 122 -49.33 21.12 -58.34
N ILE Y 123 -48.21 20.83 -59.00
CA ILE Y 123 -47.26 21.89 -59.36
C ILE Y 123 -47.90 22.86 -60.34
N ALA Y 124 -48.68 22.35 -61.29
CA ALA Y 124 -49.37 23.22 -62.24
C ALA Y 124 -50.37 24.13 -61.52
N GLU Y 125 -51.11 23.59 -60.56
CA GLU Y 125 -52.02 24.41 -59.77
C GLU Y 125 -51.26 25.46 -58.96
N LEU Y 126 -50.09 25.10 -58.44
CA LEU Y 126 -49.25 26.07 -57.74
C LEU Y 126 -48.83 27.20 -58.69
N ILE Y 127 -48.45 26.86 -59.91
CA ILE Y 127 -48.01 27.87 -60.88
C ILE Y 127 -49.16 28.79 -61.26
N GLU Y 128 -50.32 28.20 -61.60
CA GLU Y 128 -51.47 29.01 -62.01
C GLU Y 128 -52.09 29.74 -60.83
N GLY Y 129 -52.08 29.14 -59.65
CA GLY Y 129 -52.68 29.74 -58.48
C GLY Y 129 -51.80 30.77 -57.82
N ALA Y 130 -51.52 31.87 -58.51
CA ALA Y 130 -50.68 32.94 -57.99
C ALA Y 130 -51.37 34.28 -58.19
N PRO Y 131 -51.13 35.24 -57.29
CA PRO Y 131 -51.74 36.59 -57.44
C PRO Y 131 -50.97 37.44 -58.43
N TYR Y 132 -51.17 37.15 -59.72
CA TYR Y 132 -50.50 37.90 -60.77
C TYR Y 132 -51.06 39.30 -60.88
N GLU Y 133 -50.17 40.30 -60.92
CA GLU Y 133 -50.59 41.69 -60.99
C GLU Y 133 -51.28 41.99 -62.32
N GLU Y 134 -50.73 41.52 -63.43
CA GLU Y 134 -51.43 41.54 -64.71
C GLU Y 134 -50.79 40.51 -65.63
N THR Y 135 -51.40 40.33 -66.80
CA THR Y 135 -50.92 39.42 -67.82
C THR Y 135 -50.77 40.16 -69.14
N ILE Y 136 -49.78 39.74 -69.94
CA ILE Y 136 -49.55 40.34 -71.24
C ILE Y 136 -50.48 39.70 -72.26
N LEU Y 137 -51.21 40.53 -72.98
CA LEU Y 137 -52.14 40.05 -74.01
C LEU Y 137 -51.36 39.78 -75.29
N ILE Y 138 -51.16 38.52 -75.62
CA ILE Y 138 -50.38 38.13 -76.78
C ILE Y 138 -51.29 38.22 -78.02
N ASP Y 139 -51.01 39.19 -78.87
CA ASP Y 139 -51.78 39.33 -80.11
C ASP Y 139 -51.43 38.19 -81.06
N PRO Y 140 -52.42 37.54 -81.68
CA PRO Y 140 -52.12 36.54 -82.70
C PRO Y 140 -51.29 37.16 -83.83
N ALA Y 141 -50.19 36.48 -84.16
CA ALA Y 141 -49.15 36.98 -85.07
C ALA Y 141 -48.43 38.15 -84.43
N ASP Y 142 -47.14 38.32 -84.74
CA ASP Y 142 -46.28 39.30 -84.08
C ASP Y 142 -46.35 39.13 -82.57
N THR Y 143 -46.01 37.93 -82.12
CA THR Y 143 -46.13 37.55 -80.72
C THR Y 143 -44.88 37.83 -79.90
N VAL Y 144 -43.74 38.06 -80.54
CA VAL Y 144 -42.49 38.32 -79.81
C VAL Y 144 -42.51 39.66 -79.08
N PRO Y 145 -43.25 40.69 -79.52
CA PRO Y 145 -43.37 41.88 -78.64
C PRO Y 145 -43.97 41.56 -77.28
N ALA Y 146 -44.88 40.60 -77.20
CA ALA Y 146 -45.43 40.21 -75.90
C ALA Y 146 -44.33 39.65 -75.00
N PHE Y 147 -43.48 38.78 -75.53
CA PHE Y 147 -42.40 38.22 -74.74
C PHE Y 147 -41.37 39.29 -74.35
N ILE Y 148 -41.11 40.23 -75.26
CA ILE Y 148 -40.19 41.32 -74.93
C ILE Y 148 -40.78 42.19 -73.81
N THR Y 149 -42.08 42.47 -73.87
CA THR Y 149 -42.73 43.23 -72.82
C THR Y 149 -42.68 42.49 -71.49
N ALA Y 150 -42.90 41.17 -71.51
CA ALA Y 150 -42.79 40.39 -70.29
C ALA Y 150 -41.37 40.44 -69.74
N ASP Y 151 -40.37 40.34 -70.62
CA ASP Y 151 -38.98 40.42 -70.17
C ASP Y 151 -38.67 41.77 -69.55
N GLN Y 152 -39.19 42.86 -70.16
CA GLN Y 152 -38.98 44.19 -69.60
C GLN Y 152 -39.67 44.35 -68.25
N ARG Y 153 -40.90 43.83 -68.13
CA ARG Y 153 -41.64 43.95 -66.88
C ARG Y 153 -40.98 43.13 -65.77
N MET Y 154 -40.35 42.02 -66.12
CA MET Y 154 -39.50 41.33 -65.16
C MET Y 154 -38.19 42.08 -64.91
N GLY Y 155 -37.72 42.84 -65.90
CA GLY Y 155 -36.52 43.63 -65.71
C GLY Y 155 -36.69 44.72 -64.67
N GLU Y 156 -37.84 45.38 -64.65
CA GLU Y 156 -38.12 46.26 -63.52
C GLU Y 156 -38.20 45.45 -62.23
N ALA Y 157 -37.86 46.11 -61.13
CA ALA Y 157 -37.62 45.54 -59.79
C ALA Y 157 -36.34 44.72 -59.74
N ASN Y 158 -35.56 44.68 -60.83
CA ASN Y 158 -34.23 44.06 -60.85
C ASN Y 158 -34.30 42.57 -60.52
N VAL Y 159 -35.21 41.86 -61.18
CA VAL Y 159 -35.23 40.39 -61.10
C VAL Y 159 -34.06 39.84 -61.90
N PRO Y 160 -33.27 38.93 -61.35
CA PRO Y 160 -32.12 38.38 -62.10
C PRO Y 160 -32.57 37.71 -63.39
N THR Y 161 -31.81 37.94 -64.46
CA THR Y 161 -32.13 37.36 -65.76
C THR Y 161 -31.79 35.89 -65.84
N ASP Y 162 -30.70 35.46 -65.19
CA ASP Y 162 -30.30 34.07 -65.24
C ASP Y 162 -31.26 33.21 -64.42
N SER Y 163 -31.24 31.90 -64.72
CA SER Y 163 -32.09 30.91 -64.04
C SER Y 163 -33.56 31.28 -64.15
N ARG Y 164 -33.97 31.70 -65.35
CA ARG Y 164 -35.36 32.04 -65.64
C ARG Y 164 -35.99 30.91 -66.44
N ARG Y 165 -37.11 30.39 -65.96
CA ARG Y 165 -37.80 29.28 -66.61
C ARG Y 165 -39.07 29.80 -67.27
N LEU Y 166 -39.19 29.59 -68.57
CA LEU Y 166 -40.35 29.97 -69.34
C LEU Y 166 -41.03 28.72 -69.88
N VAL Y 167 -42.31 28.56 -69.57
CA VAL Y 167 -43.10 27.40 -69.98
C VAL Y 167 -44.32 27.89 -70.74
N VAL Y 168 -44.54 27.34 -71.93
CA VAL Y 168 -45.67 27.72 -72.78
C VAL Y 168 -46.51 26.50 -73.04
N GLY Y 169 -47.79 26.75 -73.37
CA GLY Y 169 -48.73 25.69 -73.65
C GLY Y 169 -48.76 25.32 -75.13
N SER Y 170 -49.69 24.42 -75.46
CA SER Y 170 -49.85 24.00 -76.84
C SER Y 170 -50.30 25.15 -77.74
N ALA Y 171 -51.27 25.95 -77.27
CA ALA Y 171 -51.75 27.07 -78.06
C ALA Y 171 -50.67 28.14 -78.22
N VAL Y 172 -49.91 28.42 -77.16
CA VAL Y 172 -48.85 29.41 -77.24
C VAL Y 172 -47.76 28.95 -78.20
N ALA Y 173 -47.39 27.67 -78.15
CA ALA Y 173 -46.39 27.14 -79.06
C ALA Y 173 -46.89 27.18 -80.50
N ALA Y 174 -48.17 26.85 -80.71
CA ALA Y 174 -48.73 26.92 -82.05
C ALA Y 174 -48.73 28.35 -82.58
N ALA Y 175 -49.07 29.32 -81.73
CA ALA Y 175 -49.03 30.71 -82.15
C ALA Y 175 -47.61 31.17 -82.45
N LEU Y 176 -46.64 30.71 -81.65
CA LEU Y 176 -45.25 31.04 -81.92
C LEU Y 176 -44.79 30.47 -83.26
N ALA Y 177 -45.18 29.24 -83.57
CA ALA Y 177 -44.86 28.66 -84.87
C ALA Y 177 -45.55 29.41 -85.99
N LYS Y 178 -46.80 29.81 -85.79
CA LYS Y 178 -47.55 30.56 -86.79
C LYS Y 178 -47.12 32.02 -86.89
N ASP Y 179 -46.31 32.50 -85.95
CA ASP Y 179 -45.90 33.90 -85.97
C ASP Y 179 -45.06 34.21 -87.20
N LYS Y 180 -45.34 35.37 -87.82
CA LYS Y 180 -44.58 35.79 -88.99
C LYS Y 180 -43.13 36.09 -88.65
N GLN Y 181 -42.86 36.43 -87.39
CA GLN Y 181 -41.48 36.73 -86.99
C GLN Y 181 -40.59 35.51 -87.13
N PHE Y 182 -41.09 34.33 -86.76
CA PHE Y 182 -40.31 33.11 -86.81
C PHE Y 182 -40.54 32.31 -88.10
N ARG Y 183 -41.73 32.41 -88.69
CA ARG Y 183 -42.02 31.62 -89.88
C ARG Y 183 -41.24 32.12 -91.09
N HIS Y 184 -41.20 33.44 -91.28
CA HIS Y 184 -40.49 34.01 -92.41
C HIS Y 184 -38.99 33.91 -92.17
N ALA Y 185 -38.29 33.23 -93.08
CA ALA Y 185 -36.85 33.01 -92.91
C ALA Y 185 -36.09 34.32 -92.94
N ASP Y 186 -36.48 35.24 -93.83
CA ASP Y 186 -35.83 36.54 -93.87
C ASP Y 186 -36.06 37.31 -92.57
N TRP Y 187 -37.27 37.23 -92.03
CA TRP Y 187 -37.56 37.91 -90.77
C TRP Y 187 -36.99 37.15 -89.57
N SER Y 188 -36.97 35.81 -89.63
CA SER Y 188 -36.38 35.05 -88.53
C SER Y 188 -34.87 35.19 -88.48
N GLY Y 189 -34.22 35.31 -89.65
CA GLY Y 189 -32.78 35.43 -89.71
C GLY Y 189 -32.03 34.12 -89.73
N ASP Y 190 -32.71 32.99 -89.56
CA ASP Y 190 -32.09 31.68 -89.57
C ASP Y 190 -32.31 31.05 -90.93
N GLN Y 191 -31.23 30.66 -91.60
CA GLN Y 191 -31.35 30.01 -92.90
C GLN Y 191 -31.99 28.63 -92.80
N ALA Y 192 -32.00 28.02 -91.61
CA ALA Y 192 -32.62 26.72 -91.45
C ALA Y 192 -34.14 26.81 -91.55
N ASN Y 193 -34.74 27.91 -91.09
CA ASN Y 193 -36.18 28.11 -91.09
C ASN Y 193 -36.89 26.97 -90.34
N ALA Y 194 -36.61 26.90 -89.04
CA ALA Y 194 -37.15 25.82 -88.22
C ALA Y 194 -38.67 25.82 -88.18
N ALA Y 195 -39.30 26.98 -88.36
CA ALA Y 195 -40.76 27.02 -88.32
C ALA Y 195 -41.37 26.27 -89.50
N LEU Y 196 -40.88 26.55 -90.71
CA LEU Y 196 -41.35 25.80 -91.88
C LEU Y 196 -40.92 24.35 -91.80
N ARG Y 197 -39.70 24.09 -91.34
CA ARG Y 197 -39.19 22.75 -91.12
C ARG Y 197 -39.72 22.19 -89.79
N GLU Y 198 -39.08 21.13 -89.29
CA GLU Y 198 -39.47 20.46 -88.05
C GLU Y 198 -39.88 21.47 -86.98
N ALA Y 199 -41.10 21.30 -86.46
CA ALA Y 199 -41.73 22.30 -85.62
C ALA Y 199 -40.96 22.45 -84.31
N HIS Y 200 -40.27 23.59 -84.17
CA HIS Y 200 -39.57 23.92 -82.94
C HIS Y 200 -39.20 25.41 -82.94
N VAL Y 201 -39.56 26.11 -81.87
CA VAL Y 201 -39.25 27.54 -81.79
C VAL Y 201 -37.80 27.76 -81.39
N GLY Y 202 -37.30 26.98 -80.43
CA GLY Y 202 -35.94 27.13 -79.97
C GLY Y 202 -35.78 28.19 -78.90
N ARG Y 203 -34.67 28.92 -78.95
CA ARG Y 203 -34.41 29.96 -77.97
C ARG Y 203 -35.18 31.22 -78.33
N LEU Y 204 -36.01 31.69 -77.39
CA LEU Y 204 -36.84 32.88 -77.59
C LEU Y 204 -36.52 33.88 -76.49
N ALA Y 205 -36.28 35.13 -76.88
CA ALA Y 205 -35.90 36.21 -75.96
C ALA Y 205 -34.59 35.82 -75.29
N GLY Y 206 -34.47 35.96 -73.97
CA GLY Y 206 -33.22 35.64 -73.31
C GLY Y 206 -33.20 34.30 -72.61
N MET Y 207 -34.12 33.41 -72.97
CA MET Y 207 -34.21 32.11 -72.34
C MET Y 207 -34.68 31.10 -73.37
N ASN Y 208 -34.83 29.85 -72.93
CA ASN Y 208 -35.32 28.78 -73.79
C ASN Y 208 -36.83 28.66 -73.68
N VAL Y 209 -37.40 27.75 -74.46
CA VAL Y 209 -38.84 27.50 -74.49
C VAL Y 209 -39.08 26.07 -74.03
N ILE Y 210 -39.95 25.91 -73.04
CA ILE Y 210 -40.31 24.61 -72.49
C ILE Y 210 -41.77 24.34 -72.85
N ARG Y 211 -42.01 23.20 -73.49
CA ARG Y 211 -43.35 22.80 -73.93
C ARG Y 211 -43.92 21.80 -72.94
N SER Y 212 -45.03 22.14 -72.30
CA SER Y 212 -45.69 21.29 -71.33
C SER Y 212 -47.18 21.25 -71.61
N ASN Y 213 -47.75 20.05 -71.58
CA ASN Y 213 -49.19 19.87 -71.74
C ASN Y 213 -49.96 19.89 -70.43
N ALA Y 214 -49.26 19.90 -69.29
CA ALA Y 214 -49.95 19.94 -68.00
C ALA Y 214 -50.66 21.27 -67.79
N ILE Y 215 -49.99 22.38 -68.13
CA ILE Y 215 -50.57 23.70 -67.97
C ILE Y 215 -51.57 23.97 -69.09
N ALA Y 216 -52.37 25.02 -68.93
CA ALA Y 216 -53.33 25.36 -69.96
C ALA Y 216 -52.61 25.76 -71.25
N PRO Y 217 -53.04 25.25 -72.41
CA PRO Y 217 -52.36 25.58 -73.66
C PRO Y 217 -52.36 27.06 -73.99
N ASP Y 218 -53.41 27.80 -73.59
CA ASP Y 218 -53.52 29.21 -73.91
C ASP Y 218 -52.76 30.12 -72.95
N LYS Y 219 -52.13 29.55 -71.92
CA LYS Y 219 -51.42 30.34 -70.92
C LYS Y 219 -49.96 29.94 -70.87
N ALA Y 220 -49.11 30.92 -70.55
CA ALA Y 220 -47.68 30.68 -70.39
C ALA Y 220 -47.21 31.37 -69.13
N TYR Y 221 -46.12 30.87 -68.56
CA TYR Y 221 -45.58 31.43 -67.32
C TYR Y 221 -44.06 31.52 -67.39
N LEU Y 222 -43.54 32.69 -67.02
CA LEU Y 222 -42.10 32.90 -66.92
C LEU Y 222 -41.77 33.28 -65.48
N TRP Y 223 -40.95 32.45 -64.82
CA TRP Y 223 -40.70 32.62 -63.40
C TRP Y 223 -39.23 32.42 -63.08
N HIS Y 224 -38.79 33.03 -61.99
CA HIS Y 224 -37.44 32.86 -61.48
C HIS Y 224 -37.37 31.62 -60.59
N ARG Y 225 -36.18 31.02 -60.54
CA ARG Y 225 -36.00 29.79 -59.77
C ARG Y 225 -36.24 30.02 -58.28
N THR Y 226 -36.01 31.23 -57.79
CA THR Y 226 -36.22 31.51 -56.37
C THR Y 226 -37.68 31.37 -55.98
N ALA Y 227 -38.59 31.84 -56.83
CA ALA Y 227 -40.01 31.80 -56.53
C ALA Y 227 -40.59 30.42 -56.84
N PHE Y 228 -41.87 30.24 -56.49
CA PHE Y 228 -42.61 29.01 -56.74
C PHE Y 228 -41.94 27.81 -56.07
N ILE Y 229 -41.88 27.87 -54.74
CA ILE Y 229 -41.23 26.83 -53.97
C ILE Y 229 -42.26 25.77 -53.57
N LEU Y 230 -41.75 24.57 -53.29
CA LEU Y 230 -42.57 23.45 -52.84
C LEU Y 230 -41.83 22.74 -51.71
N ALA Y 231 -42.59 22.11 -50.82
CA ALA Y 231 -42.02 21.40 -49.69
C ALA Y 231 -42.46 19.95 -49.70
N TYR Y 232 -41.52 19.05 -49.44
CA TYR Y 232 -41.80 17.62 -49.36
C TYR Y 232 -41.26 17.07 -48.04
N ARG Y 233 -41.92 16.02 -47.54
CA ARG Y 233 -41.62 15.46 -46.23
C ARG Y 233 -41.08 14.04 -46.27
N THR Y 234 -41.59 13.19 -47.16
CA THR Y 234 -41.28 11.76 -47.18
C THR Y 234 -41.53 11.17 -45.80
N PRO Y 235 -42.81 10.98 -45.43
CA PRO Y 235 -43.12 10.55 -44.06
C PRO Y 235 -42.57 9.17 -43.75
N VAL Y 236 -42.62 8.83 -42.45
CA VAL Y 236 -42.13 7.55 -41.95
C VAL Y 236 -43.27 6.55 -41.92
N VAL Y 237 -42.94 5.28 -42.11
CA VAL Y 237 -43.92 4.20 -42.13
C VAL Y 237 -44.39 3.92 -40.70
N PRO Y 238 -45.63 3.45 -40.51
CA PRO Y 238 -46.10 3.12 -39.16
C PRO Y 238 -45.55 1.80 -38.66
N GLU Y 239 -46.03 1.35 -37.49
CA GLU Y 239 -45.54 0.10 -36.92
C GLU Y 239 -45.86 -1.08 -37.83
N GLY Y 240 -47.14 -1.34 -38.08
CA GLY Y 240 -47.55 -2.40 -38.99
C GLY Y 240 -47.41 -1.98 -40.44
N ALA Y 241 -46.18 -1.82 -40.90
CA ALA Y 241 -45.90 -1.28 -42.22
C ALA Y 241 -45.66 -2.37 -43.27
N LYS Y 242 -44.67 -3.23 -43.03
CA LYS Y 242 -44.24 -4.24 -44.00
C LYS Y 242 -43.95 -3.61 -45.35
N ALA Y 243 -43.06 -2.61 -45.32
CA ALA Y 243 -42.73 -1.85 -46.51
C ALA Y 243 -41.78 -2.63 -47.41
N GLY Y 244 -41.40 -2.02 -48.52
CA GLY Y 244 -40.49 -2.65 -49.47
C GLY Y 244 -39.42 -1.69 -49.97
N ALA Y 245 -39.18 -1.70 -51.28
CA ALA Y 245 -38.18 -0.84 -51.87
C ALA Y 245 -38.74 0.56 -52.14
N SER Y 246 -37.84 1.52 -52.27
CA SER Y 246 -38.21 2.90 -52.55
C SER Y 246 -38.25 3.16 -54.05
N PHE Y 247 -39.05 4.16 -54.43
CA PHE Y 247 -39.21 4.54 -55.82
C PHE Y 247 -38.59 5.90 -56.15
N SER Y 248 -38.93 6.93 -55.38
CA SER Y 248 -38.38 8.28 -55.55
C SER Y 248 -38.66 8.80 -56.97
N ALA Y 249 -39.95 8.93 -57.27
CA ALA Y 249 -40.36 9.42 -58.58
C ALA Y 249 -40.07 10.91 -58.70
N ASN Y 250 -39.58 11.31 -59.89
CA ASN Y 250 -39.26 12.70 -60.24
C ASN Y 250 -38.60 13.45 -59.09
N GLY Y 251 -37.61 12.81 -58.47
CA GLY Y 251 -36.84 13.45 -57.42
C GLY Y 251 -37.38 13.22 -56.01
N VAL Y 252 -38.64 13.59 -55.78
CA VAL Y 252 -39.22 13.45 -54.45
C VAL Y 252 -39.37 11.97 -54.11
N ALA Y 253 -38.94 11.60 -52.91
CA ALA Y 253 -38.99 10.21 -52.48
C ALA Y 253 -40.42 9.81 -52.10
N LEU Y 254 -40.72 8.53 -52.27
CA LEU Y 254 -42.03 7.99 -51.94
C LEU Y 254 -41.86 6.72 -51.12
N ARG Y 255 -42.85 6.45 -50.27
CA ARG Y 255 -42.84 5.28 -49.41
C ARG Y 255 -43.96 4.32 -49.82
N TRP Y 256 -43.64 3.03 -49.84
CA TRP Y 256 -44.59 2.00 -50.21
C TRP Y 256 -45.05 1.25 -48.96
N LEU Y 257 -46.36 1.22 -48.75
CA LEU Y 257 -46.95 0.57 -47.59
C LEU Y 257 -47.84 -0.57 -48.04
N ALA Y 258 -47.72 -1.71 -47.33
CA ALA Y 258 -48.52 -2.88 -47.63
C ALA Y 258 -48.84 -3.56 -46.30
N ASP Y 259 -50.09 -3.41 -45.85
CA ASP Y 259 -50.57 -4.01 -44.60
C ASP Y 259 -51.78 -4.88 -44.94
N TYR Y 260 -51.65 -6.18 -44.72
CA TYR Y 260 -52.74 -7.10 -45.00
C TYR Y 260 -53.89 -6.85 -44.04
N ASP Y 261 -55.10 -6.76 -44.58
CA ASP Y 261 -56.30 -6.47 -43.78
C ASP Y 261 -57.09 -7.75 -43.64
N TYR Y 262 -56.99 -8.39 -42.46
CA TYR Y 262 -57.78 -9.58 -42.18
C TYR Y 262 -59.27 -9.25 -42.04
N SER Y 263 -59.60 -7.99 -41.76
CA SER Y 263 -61.01 -7.58 -41.69
C SER Y 263 -61.71 -7.80 -43.02
N GLN Y 264 -60.98 -7.67 -44.13
CA GLN Y 264 -61.48 -7.94 -45.46
C GLN Y 264 -60.75 -9.15 -46.05
N LEU Y 265 -61.04 -9.46 -47.30
CA LEU Y 265 -60.40 -10.54 -48.03
C LEU Y 265 -59.37 -10.03 -49.04
N GLY Y 266 -58.78 -8.88 -48.76
CA GLY Y 266 -57.79 -8.32 -49.65
C GLY Y 266 -56.62 -7.64 -48.95
N ASP Y 267 -55.87 -6.85 -49.70
CA ASP Y 267 -54.72 -6.13 -49.21
C ASP Y 267 -54.81 -4.67 -49.60
N ARG Y 268 -53.98 -3.84 -48.97
CA ARG Y 268 -53.97 -2.40 -49.19
C ARG Y 268 -52.55 -1.95 -49.48
N THR Y 269 -52.32 -1.40 -50.66
CA THR Y 269 -51.02 -0.84 -51.02
C THR Y 269 -51.15 0.67 -51.14
N LEU Y 270 -50.25 1.40 -50.51
CA LEU Y 270 -50.32 2.85 -50.45
C LEU Y 270 -48.98 3.45 -50.85
N LEU Y 271 -49.01 4.40 -51.77
CA LEU Y 271 -47.84 5.20 -52.14
C LEU Y 271 -48.20 6.66 -51.87
N ASP Y 272 -47.64 7.23 -50.81
CA ASP Y 272 -48.08 8.53 -50.32
C ASP Y 272 -46.89 9.36 -49.89
N VAL Y 273 -47.09 10.68 -49.90
CA VAL Y 273 -46.09 11.63 -49.45
C VAL Y 273 -46.79 12.93 -49.08
N PHE Y 274 -46.26 13.61 -48.08
CA PHE Y 274 -46.82 14.88 -47.62
C PHE Y 274 -46.14 16.02 -48.37
N THR Y 275 -46.94 16.93 -48.92
CA THR Y 275 -46.44 18.05 -49.71
C THR Y 275 -47.09 19.35 -49.25
N GLY Y 276 -46.37 20.44 -49.46
CA GLY Y 276 -46.82 21.76 -49.09
C GLY Y 276 -46.53 22.80 -50.15
N ARG Y 277 -47.53 23.63 -50.44
CA ARG Y 277 -47.45 24.66 -51.47
C ARG Y 277 -47.17 26.02 -50.86
N LYS Y 278 -46.43 26.84 -51.60
CA LYS Y 278 -46.11 28.19 -51.15
C LYS Y 278 -45.72 29.04 -52.35
N VAL Y 279 -46.22 30.27 -52.36
CA VAL Y 279 -45.88 31.25 -53.39
C VAL Y 279 -45.03 32.33 -52.74
N VAL Y 280 -43.83 32.55 -53.27
CA VAL Y 280 -42.87 33.48 -52.68
C VAL Y 280 -43.21 34.88 -53.20
N THR Y 281 -43.89 35.66 -52.38
CA THR Y 281 -44.22 37.04 -52.71
C THR Y 281 -43.13 37.96 -52.16
N GLU Y 282 -43.38 39.26 -52.19
CA GLU Y 282 -42.47 40.26 -51.67
C GLU Y 282 -43.02 40.87 -50.39
N VAL Y 283 -42.22 41.73 -49.76
CA VAL Y 283 -42.62 42.34 -48.49
C VAL Y 283 -43.78 43.32 -48.71
N ASP Y 284 -43.76 44.06 -49.82
CA ASP Y 284 -44.82 45.03 -50.06
C ASP Y 284 -46.17 44.36 -50.27
N GLY Y 285 -46.19 43.15 -50.82
CA GLY Y 285 -47.43 42.45 -51.06
C GLY Y 285 -47.75 42.26 -52.52
N SER Y 286 -46.73 42.19 -53.36
CA SER Y 286 -46.88 42.00 -54.79
C SER Y 286 -46.01 40.84 -55.26
N PHE Y 287 -46.52 40.10 -56.23
CA PHE Y 287 -45.82 38.93 -56.77
C PHE Y 287 -45.12 39.34 -58.07
N VAL Y 288 -43.96 39.97 -57.92
CA VAL Y 288 -43.19 40.46 -59.06
C VAL Y 288 -42.08 39.50 -59.46
N ARG Y 289 -41.98 38.34 -58.81
CA ARG Y 289 -40.95 37.36 -59.14
C ARG Y 289 -41.35 36.45 -60.30
N ALA Y 290 -42.58 36.55 -60.79
CA ALA Y 290 -43.06 35.73 -61.89
C ALA Y 290 -44.09 36.50 -62.69
N VAL Y 291 -44.30 36.09 -63.94
CA VAL Y 291 -45.20 36.77 -64.84
C VAL Y 291 -45.93 35.73 -65.68
N GLU Y 292 -47.16 36.06 -66.07
CA GLU Y 292 -48.00 35.20 -66.89
C GLU Y 292 -48.33 35.89 -68.21
N LEU Y 293 -48.39 35.08 -69.27
CA LEU Y 293 -48.69 35.56 -70.62
C LEU Y 293 -49.95 34.86 -71.11
N GLN Y 294 -50.88 35.65 -71.67
CA GLN Y 294 -52.16 35.14 -72.11
C GLN Y 294 -52.37 35.50 -73.58
N LEU Y 295 -52.80 34.53 -74.37
CA LEU Y 295 -53.10 34.76 -75.77
C LEU Y 295 -54.41 35.52 -75.93
N GLN Y 296 -54.46 36.37 -76.94
CA GLN Y 296 -55.67 37.13 -77.22
C GLN Y 296 -56.69 36.27 -77.98
N ALA Y 297 -57.95 36.70 -77.91
CA ALA Y 297 -59.04 36.05 -78.62
C ALA Y 297 -59.78 37.08 -79.45
N SER Y 298 -59.95 36.78 -80.75
CA SER Y 298 -60.63 37.68 -81.67
C SER Y 298 -62.05 37.24 -81.98
N SER Y 299 -62.27 35.95 -82.22
CA SER Y 299 -63.60 35.45 -82.50
C SER Y 299 -63.67 33.98 -82.09
N ILE Y 300 -64.89 33.52 -81.82
CA ILE Y 300 -65.13 32.13 -81.42
C ILE Y 300 -66.09 31.49 -82.42
N THR Y 301 -65.83 30.23 -82.74
CA THR Y 301 -66.67 29.47 -83.67
C THR Y 301 -66.98 28.11 -83.06
N ILE Y 302 -68.22 27.66 -83.26
CA ILE Y 302 -68.66 26.37 -82.74
C ILE Y 302 -68.27 25.27 -83.72
N VAL Y 303 -67.74 24.17 -83.19
CA VAL Y 303 -67.23 23.09 -84.02
C VAL Y 303 -68.37 22.44 -84.80
N GLY Y 304 -68.08 22.05 -86.04
CA GLY Y 304 -69.02 21.34 -86.87
C GLY Y 304 -70.02 22.20 -87.62
N GLY Y 305 -70.02 23.50 -87.40
CA GLY Y 305 -70.99 24.36 -88.06
C GLY Y 305 -72.41 23.96 -87.72
N ALA Y 306 -73.25 23.87 -88.75
CA ALA Y 306 -74.62 23.44 -88.56
C ALA Y 306 -74.68 21.92 -88.33
N PHE Y 307 -75.58 21.51 -87.44
CA PHE Y 307 -75.77 20.10 -87.13
C PHE Y 307 -77.23 19.88 -86.77
N ALA Y 308 -77.70 18.64 -86.98
CA ALA Y 308 -79.09 18.32 -86.63
C ALA Y 308 -79.22 18.07 -85.13
N LEU Y 309 -78.59 17.00 -84.65
CA LEU Y 309 -78.36 16.65 -83.24
C LEU Y 309 -78.01 15.17 -83.21
N ALA Y 310 -78.89 14.35 -82.65
CA ALA Y 310 -78.80 12.91 -82.77
C ALA Y 310 -80.16 12.33 -83.16
N THR Y 311 -81.22 12.90 -82.60
CA THR Y 311 -82.60 12.46 -82.82
C THR Y 311 -83.51 13.50 -82.19
N THR Y 312 -84.81 13.23 -82.17
CA THR Y 312 -85.77 14.15 -81.58
C THR Y 312 -85.67 14.21 -80.05
N THR Y 313 -85.09 13.19 -79.42
CA THR Y 313 -84.97 13.11 -77.97
C THR Y 313 -83.56 12.68 -77.57
N GLY Y 314 -82.56 13.33 -78.18
CA GLY Y 314 -81.18 13.03 -77.90
C GLY Y 314 -80.45 14.16 -77.20
N THR Y 315 -79.14 13.98 -77.07
CA THR Y 315 -78.26 14.97 -76.46
C THR Y 315 -77.03 15.16 -77.33
N LYS Y 316 -76.42 16.35 -77.22
CA LYS Y 316 -75.22 16.66 -77.99
C LYS Y 316 -74.36 17.62 -77.19
N GLN Y 317 -73.11 17.25 -76.97
CA GLN Y 317 -72.16 18.07 -76.20
C GLN Y 317 -71.54 19.09 -77.15
N LEU Y 318 -72.02 20.33 -77.08
CA LEU Y 318 -71.51 21.38 -77.95
C LEU Y 318 -70.12 21.81 -77.53
N LYS Y 319 -69.27 22.11 -78.52
CA LYS Y 319 -67.91 22.58 -78.29
C LYS Y 319 -67.65 23.77 -79.19
N VAL Y 320 -66.89 24.74 -78.69
CA VAL Y 320 -66.65 25.99 -79.39
C VAL Y 320 -65.16 26.27 -79.43
N ARG Y 321 -64.66 26.70 -80.60
CA ARG Y 321 -63.29 27.10 -80.76
C ARG Y 321 -63.13 28.58 -80.40
N ASP Y 322 -61.90 29.08 -80.51
CA ASP Y 322 -61.65 30.51 -80.26
C ASP Y 322 -60.66 31.08 -81.27
N ASP Y 323 -60.60 30.51 -82.48
CA ASP Y 323 -59.76 30.93 -83.60
C ASP Y 323 -58.27 30.74 -83.32
N ASN Y 324 -57.89 30.21 -82.16
CA ASN Y 324 -56.49 29.98 -81.84
C ASN Y 324 -56.12 28.51 -81.72
N GLY Y 325 -57.08 27.64 -81.42
CA GLY Y 325 -56.79 26.22 -81.32
C GLY Y 325 -57.17 25.62 -79.97
N THR Y 326 -56.95 26.39 -78.90
CA THR Y 326 -57.27 25.90 -77.56
C THR Y 326 -58.78 25.88 -77.33
N ASP Y 327 -59.19 25.04 -76.40
CA ASP Y 327 -60.60 24.89 -76.05
C ASP Y 327 -61.00 25.92 -75.00
N VAL Y 328 -62.16 26.53 -75.20
CA VAL Y 328 -62.72 27.52 -74.29
C VAL Y 328 -64.12 27.15 -73.82
N THR Y 329 -64.55 25.91 -74.08
CA THR Y 329 -65.91 25.51 -73.74
C THR Y 329 -66.14 25.56 -72.23
N ALA Y 330 -65.13 25.17 -71.44
CA ALA Y 330 -65.27 25.21 -69.99
C ALA Y 330 -65.48 26.63 -69.46
N ARG Y 331 -64.99 27.63 -70.19
CA ARG Y 331 -65.11 29.03 -69.80
C ARG Y 331 -66.04 29.81 -70.71
N CYS Y 332 -67.00 29.13 -71.33
CA CYS Y 332 -67.99 29.75 -72.21
C CYS Y 332 -69.38 29.57 -71.63
N THR Y 333 -70.26 30.54 -71.92
CA THR Y 333 -71.65 30.45 -71.52
C THR Y 333 -72.52 30.23 -72.76
N PHE Y 334 -73.63 29.53 -72.57
CA PHE Y 334 -74.52 29.16 -73.66
C PHE Y 334 -75.93 29.64 -73.34
N ALA Y 335 -76.57 30.26 -74.33
CA ALA Y 335 -77.94 30.76 -74.19
C ALA Y 335 -78.77 30.23 -75.35
N SER Y 336 -80.04 29.95 -75.07
CA SER Y 336 -80.98 29.46 -76.07
C SER Y 336 -82.08 30.49 -76.27
N SER Y 337 -82.26 30.95 -77.50
CA SER Y 337 -83.36 31.84 -77.83
C SER Y 337 -84.66 31.09 -78.07
N ALA Y 338 -84.61 29.77 -78.10
CA ALA Y 338 -85.78 28.90 -78.30
C ALA Y 338 -85.78 27.79 -77.27
N GLY Y 339 -85.62 28.18 -75.99
CA GLY Y 339 -85.43 27.21 -74.93
C GLY Y 339 -86.50 26.14 -74.88
N THR Y 340 -87.74 26.51 -75.21
CA THR Y 340 -88.80 25.50 -75.29
C THR Y 340 -88.55 24.54 -76.44
N LYS Y 341 -88.02 25.04 -77.57
CA LYS Y 341 -87.73 24.16 -78.70
C LYS Y 341 -86.49 23.32 -78.44
N ALA Y 342 -85.44 23.92 -77.89
CA ALA Y 342 -84.20 23.21 -77.61
C ALA Y 342 -83.68 23.63 -76.25
N THR Y 343 -83.29 22.65 -75.43
CA THR Y 343 -82.80 22.90 -74.09
C THR Y 343 -81.29 22.69 -74.06
N VAL Y 344 -80.58 23.69 -73.54
CA VAL Y 344 -79.12 23.65 -73.46
C VAL Y 344 -78.71 23.70 -72.00
N SER Y 345 -77.62 23.00 -71.68
CA SER Y 345 -77.08 22.94 -70.33
C SER Y 345 -76.00 23.99 -70.13
N ALA Y 346 -75.52 24.08 -68.88
CA ALA Y 346 -74.47 25.05 -68.56
C ALA Y 346 -73.17 24.71 -69.28
N ALA Y 347 -72.83 23.43 -69.35
CA ALA Y 347 -71.61 22.99 -70.01
C ALA Y 347 -71.73 22.95 -71.53
N GLY Y 348 -72.93 23.16 -72.07
CA GLY Y 348 -73.14 23.12 -73.49
C GLY Y 348 -73.82 21.87 -74.01
N LEU Y 349 -74.24 20.96 -73.12
CA LEU Y 349 -74.92 19.74 -73.52
C LEU Y 349 -76.35 20.08 -73.88
N VAL Y 350 -76.57 20.35 -75.18
CA VAL Y 350 -77.90 20.70 -75.65
C VAL Y 350 -78.73 19.42 -75.80
N THR Y 351 -79.94 19.44 -75.26
CA THR Y 351 -80.84 18.29 -75.29
C THR Y 351 -82.07 18.64 -76.13
N GLY Y 352 -82.41 17.75 -77.05
CA GLY Y 352 -83.57 17.96 -77.90
C GLY Y 352 -84.86 17.53 -77.22
N VAL Y 353 -85.72 18.50 -76.89
CA VAL Y 353 -86.97 18.20 -76.21
C VAL Y 353 -88.12 18.28 -77.21
N ALA Y 354 -87.99 19.16 -78.20
CA ALA Y 354 -89.02 19.34 -79.22
C ALA Y 354 -88.36 19.39 -80.59
N ALA Y 355 -88.92 18.63 -81.54
CA ALA Y 355 -88.41 18.65 -82.90
C ALA Y 355 -88.73 19.99 -83.57
N GLY Y 356 -87.78 20.49 -84.34
CA GLY Y 356 -87.94 21.76 -85.02
C GLY Y 356 -86.59 22.38 -85.31
N THR Y 357 -86.59 23.71 -85.39
CA THR Y 357 -85.39 24.49 -85.66
C THR Y 357 -85.21 25.54 -84.58
N ALA Y 358 -83.99 25.63 -84.03
CA ALA Y 358 -83.69 26.57 -82.97
C ALA Y 358 -82.30 27.16 -83.20
N ASP Y 359 -81.91 28.07 -82.32
CA ASP Y 359 -80.59 28.69 -82.35
C ASP Y 359 -79.98 28.69 -80.97
N ILE Y 360 -78.66 28.51 -80.90
CA ILE Y 360 -77.92 28.59 -79.64
C ILE Y 360 -76.79 29.58 -79.80
N THR Y 361 -76.67 30.51 -78.86
CA THR Y 361 -75.64 31.54 -78.88
C THR Y 361 -74.63 31.25 -77.77
N ALA Y 362 -73.36 31.13 -78.15
CA ALA Y 362 -72.28 30.90 -77.22
C ALA Y 362 -71.49 32.20 -77.06
N SER Y 363 -71.29 32.60 -75.80
CA SER Y 363 -70.57 33.82 -75.46
C SER Y 363 -69.31 33.48 -74.67
N TYR Y 364 -68.22 34.13 -75.03
CA TYR Y 364 -66.92 33.92 -74.40
C TYR Y 364 -66.35 35.28 -73.99
N VAL Y 365 -65.99 35.41 -72.72
CA VAL Y 365 -65.35 36.64 -72.27
C VAL Y 365 -63.92 36.70 -72.82
N PRO Y 366 -63.53 37.78 -73.47
CA PRO Y 366 -62.18 37.84 -74.05
C PRO Y 366 -61.13 38.04 -72.96
N PRO Y 367 -59.98 37.39 -73.09
CA PRO Y 367 -58.89 37.65 -72.13
C PRO Y 367 -58.44 39.10 -72.12
N GLN Y 368 -58.50 39.77 -73.27
CA GLN Y 368 -58.11 41.18 -73.34
C GLN Y 368 -59.11 42.10 -72.66
N GLY Y 369 -60.32 41.61 -72.37
CA GLY Y 369 -61.35 42.40 -71.73
C GLY Y 369 -62.24 43.10 -72.74
N GLY Y 370 -63.37 43.60 -72.23
CA GLY Y 370 -64.34 44.29 -73.05
C GLY Y 370 -65.59 43.47 -73.31
N THR Y 371 -66.22 43.68 -74.46
CA THR Y 371 -67.42 42.94 -74.80
C THR Y 371 -67.09 41.47 -75.07
N ALA Y 372 -68.01 40.59 -74.67
CA ALA Y 372 -67.82 39.15 -74.85
C ALA Y 372 -68.12 38.77 -76.29
N LYS Y 373 -67.25 37.97 -76.88
CA LYS Y 373 -67.46 37.51 -78.26
C LYS Y 373 -68.58 36.50 -78.30
N THR Y 374 -69.53 36.70 -79.21
CA THR Y 374 -70.71 35.86 -79.32
C THR Y 374 -70.79 35.22 -80.69
N ALA Y 375 -71.26 33.98 -80.73
CA ALA Y 375 -71.45 33.26 -81.99
C ALA Y 375 -72.71 32.42 -81.90
N THR Y 376 -73.57 32.53 -82.90
CA THR Y 376 -74.86 31.85 -82.92
C THR Y 376 -74.84 30.75 -83.97
N VAL Y 377 -75.29 29.56 -83.59
CA VAL Y 377 -75.34 28.40 -84.47
C VAL Y 377 -76.75 27.82 -84.43
N THR Y 378 -77.29 27.52 -85.61
CA THR Y 378 -78.62 26.93 -85.70
C THR Y 378 -78.55 25.42 -85.46
N VAL Y 379 -79.69 24.87 -85.04
CA VAL Y 379 -79.84 23.45 -84.77
C VAL Y 379 -81.18 22.99 -85.34
N THR Y 380 -81.20 21.79 -85.91
CA THR Y 380 -82.41 21.21 -86.49
C THR Y 380 -82.67 19.87 -85.81
N VAL Y 381 -83.44 19.92 -84.72
CA VAL Y 381 -83.76 18.72 -83.95
C VAL Y 381 -84.77 17.90 -84.73
N PRO Y 382 -84.46 16.64 -85.07
CA PRO Y 382 -85.34 15.75 -85.84
C PRO Y 382 -86.60 15.37 -85.08
N ILE Z 4 -58.07 -1.40 -156.76
CA ILE Z 4 -58.48 -2.05 -155.52
C ILE Z 4 -57.54 -3.21 -155.20
N PHE Z 5 -56.84 -3.10 -154.08
CA PHE Z 5 -55.90 -4.12 -153.64
C PHE Z 5 -56.58 -5.08 -152.66
N VAL Z 6 -55.82 -6.08 -152.21
CA VAL Z 6 -56.32 -7.08 -151.28
C VAL Z 6 -55.42 -7.13 -150.06
N LYS Z 7 -54.80 -6.00 -149.73
CA LYS Z 7 -53.90 -5.96 -148.60
C LYS Z 7 -54.66 -6.22 -147.29
N PRO Z 8 -54.12 -7.04 -146.40
CA PRO Z 8 -54.80 -7.33 -145.14
C PRO Z 8 -54.50 -6.27 -144.10
N GLU Z 9 -55.10 -6.45 -142.93
CA GLU Z 9 -54.89 -5.53 -141.82
C GLU Z 9 -53.56 -5.82 -141.13
N LEU Z 10 -53.08 -4.82 -140.37
CA LEU Z 10 -51.83 -4.93 -139.64
C LEU Z 10 -52.05 -4.46 -138.20
N VAL Z 11 -51.51 -5.22 -137.25
CA VAL Z 11 -51.58 -4.88 -135.84
C VAL Z 11 -50.14 -4.85 -135.31
N ALA Z 12 -49.72 -3.69 -134.83
CA ALA Z 12 -48.38 -3.50 -134.29
C ALA Z 12 -48.47 -3.00 -132.85
N GLU Z 13 -47.40 -3.24 -132.09
CA GLU Z 13 -47.36 -2.92 -130.68
C GLU Z 13 -46.37 -1.79 -130.43
N ILE Z 14 -46.87 -0.67 -129.90
CA ILE Z 14 -46.07 0.43 -129.43
C ILE Z 14 -46.58 0.84 -128.05
N GLY Z 15 -45.74 1.51 -127.28
CA GLY Z 15 -46.14 1.88 -125.94
C GLY Z 15 -47.29 2.87 -125.93
N VAL Z 16 -48.48 2.38 -125.63
CA VAL Z 16 -49.68 3.20 -125.53
C VAL Z 16 -50.46 2.79 -124.29
N LYS Z 17 -49.80 2.07 -123.39
CA LYS Z 17 -50.49 1.46 -122.26
C LYS Z 17 -51.17 2.52 -121.39
N GLN Z 18 -52.34 2.18 -120.88
CA GLN Z 18 -53.12 3.10 -120.07
C GLN Z 18 -52.37 3.46 -118.79
N LEU Z 19 -52.53 4.71 -118.36
CA LEU Z 19 -51.83 5.21 -117.19
C LEU Z 19 -52.57 4.79 -115.93
N GLN Z 20 -51.89 4.09 -115.03
CA GLN Z 20 -52.47 3.60 -113.79
C GLN Z 20 -51.79 4.28 -112.60
N ARG Z 21 -52.34 4.02 -111.42
CA ARG Z 21 -51.84 4.62 -110.19
C ARG Z 21 -50.56 3.93 -109.75
N GLU Z 22 -50.00 4.41 -108.63
CA GLU Z 22 -48.77 3.86 -108.07
C GLU Z 22 -49.07 3.24 -106.71
N ILE Z 23 -48.54 2.03 -106.49
CA ILE Z 23 -48.78 1.31 -105.24
C ILE Z 23 -47.83 1.85 -104.18
N VAL Z 24 -48.25 2.86 -103.42
CA VAL Z 24 -47.45 3.46 -102.37
C VAL Z 24 -48.07 3.27 -101.00
N LEU Z 25 -49.40 3.31 -100.90
CA LEU Z 25 -50.06 3.20 -99.61
C LEU Z 25 -49.78 1.88 -98.88
N PRO Z 26 -49.87 0.71 -99.50
CA PRO Z 26 -49.63 -0.54 -98.75
C PRO Z 26 -48.26 -0.63 -98.12
N GLY Z 27 -47.27 0.09 -98.64
CA GLY Z 27 -45.94 0.11 -98.07
C GLY Z 27 -45.73 1.15 -96.99
N LEU Z 28 -46.79 1.83 -96.54
CA LEU Z 28 -46.66 2.88 -95.54
C LEU Z 28 -47.62 2.67 -94.37
N VAL Z 29 -48.05 1.42 -94.13
CA VAL Z 29 -48.97 1.10 -93.04
C VAL Z 29 -48.41 -0.08 -92.25
N TRP Z 30 -48.89 -0.20 -91.01
CA TRP Z 30 -48.50 -1.31 -90.15
C TRP Z 30 -49.09 -2.61 -90.69
N THR Z 31 -48.22 -3.51 -91.15
CA THR Z 31 -48.64 -4.72 -91.84
C THR Z 31 -48.30 -5.94 -90.99
N ASN Z 32 -49.26 -6.85 -90.85
CA ASN Z 32 -49.11 -8.13 -90.15
C ASN Z 32 -48.65 -7.92 -88.71
N PRO Z 33 -49.51 -7.39 -87.84
CA PRO Z 33 -49.10 -7.25 -86.43
C PRO Z 33 -49.12 -8.57 -85.69
N LEU Z 34 -50.11 -9.41 -85.95
CA LEU Z 34 -50.24 -10.70 -85.27
C LEU Z 34 -50.55 -11.79 -86.30
N THR Z 35 -50.15 -13.00 -85.98
CA THR Z 35 -50.36 -14.16 -86.84
C THR Z 35 -51.18 -15.21 -86.09
N ASP Z 36 -51.34 -16.37 -86.72
CA ASP Z 36 -52.11 -17.49 -86.15
C ASP Z 36 -53.52 -17.07 -85.78
N PHE Z 37 -54.22 -16.44 -86.73
CA PHE Z 37 -55.59 -16.03 -86.51
C PHE Z 37 -56.53 -17.22 -86.33
N GLY Z 38 -56.08 -18.43 -86.70
CA GLY Z 38 -56.90 -19.62 -86.54
C GLY Z 38 -56.98 -20.12 -85.12
N GLY Z 39 -56.13 -19.60 -84.23
CA GLY Z 39 -56.14 -20.04 -82.84
C GLY Z 39 -57.03 -19.21 -81.94
N SER Z 40 -57.98 -18.49 -82.55
CA SER Z 40 -58.85 -17.58 -81.81
C SER Z 40 -60.31 -17.86 -82.17
N LYS Z 41 -61.20 -17.60 -81.22
CA LYS Z 41 -62.62 -17.77 -81.45
C LYS Z 41 -63.12 -16.74 -82.46
N ASN Z 42 -63.94 -17.17 -83.41
CA ASN Z 42 -64.48 -16.33 -84.48
C ASN Z 42 -63.39 -15.61 -85.25
N ASP Z 43 -62.17 -16.17 -85.28
CA ASP Z 43 -61.04 -15.61 -86.02
C ASP Z 43 -60.71 -14.19 -85.56
N THR Z 44 -60.96 -13.91 -84.28
CA THR Z 44 -60.75 -12.60 -83.70
C THR Z 44 -59.71 -12.70 -82.60
N ILE Z 45 -58.57 -12.03 -82.78
CA ILE Z 45 -57.50 -11.99 -81.80
C ILE Z 45 -57.64 -10.71 -80.99
N THR Z 46 -57.55 -10.82 -79.68
CA THR Z 46 -57.71 -9.69 -78.79
C THR Z 46 -56.37 -9.02 -78.52
N VAL Z 47 -56.36 -7.69 -78.54
CA VAL Z 47 -55.19 -6.89 -78.23
C VAL Z 47 -55.45 -6.16 -76.93
N ARG Z 48 -54.50 -6.25 -76.00
CA ARG Z 48 -54.66 -5.75 -74.64
C ARG Z 48 -54.03 -4.36 -74.50
N VAL Z 49 -54.78 -3.44 -73.92
CA VAL Z 49 -54.32 -2.09 -73.60
C VAL Z 49 -54.16 -2.01 -72.09
N PRO Z 50 -52.95 -1.82 -71.58
CA PRO Z 50 -52.76 -1.76 -70.12
C PRO Z 50 -53.49 -0.57 -69.51
N ALA Z 51 -53.89 -0.74 -68.25
CA ALA Z 51 -54.69 0.25 -67.56
C ALA Z 51 -53.81 1.37 -67.00
N ILE Z 52 -54.48 2.41 -66.50
CA ILE Z 52 -53.84 3.53 -65.82
C ILE Z 52 -54.55 3.76 -64.50
N THR Z 53 -53.85 4.37 -63.57
CA THR Z 53 -54.37 4.65 -62.24
C THR Z 53 -54.45 6.14 -61.99
N THR Z 54 -55.21 6.51 -60.97
CA THR Z 54 -55.38 7.90 -60.58
C THR Z 54 -55.07 8.06 -59.10
N ALA Z 55 -54.61 9.26 -58.73
CA ALA Z 55 -54.24 9.58 -57.37
C ALA Z 55 -55.10 10.73 -56.88
N ASN Z 56 -55.61 10.62 -55.66
CA ASN Z 56 -56.46 11.64 -55.06
C ASN Z 56 -55.65 12.50 -54.11
N ARG Z 57 -56.12 13.74 -53.92
CA ARG Z 57 -55.47 14.69 -53.03
C ARG Z 57 -56.15 14.66 -51.68
N ARG Z 58 -55.36 14.58 -50.62
CA ARG Z 58 -55.86 14.43 -49.25
C ARG Z 58 -55.41 15.62 -48.41
N ASP Z 59 -56.34 16.16 -47.62
CA ASP Z 59 -56.03 17.25 -46.72
C ASP Z 59 -55.34 16.72 -45.47
N LEU Z 60 -54.27 17.37 -45.06
CA LEU Z 60 -53.49 16.93 -43.91
C LEU Z 60 -54.14 17.38 -42.60
N ARG Z 61 -53.94 16.58 -41.56
CA ARG Z 61 -54.43 16.87 -40.21
C ARG Z 61 -55.94 17.09 -40.19
N ASP Z 62 -56.66 16.28 -40.97
CA ASP Z 62 -58.11 16.35 -41.02
C ASP Z 62 -58.67 15.03 -41.56
N PRO Z 63 -58.72 13.97 -40.75
CA PRO Z 63 -59.15 12.66 -41.25
C PRO Z 63 -60.66 12.57 -41.36
N ASP Z 64 -61.17 12.69 -42.59
CA ASP Z 64 -62.59 12.50 -42.85
C ASP Z 64 -62.90 11.59 -44.02
N ARG Z 65 -61.98 11.40 -44.97
CA ARG Z 65 -62.16 10.50 -46.10
C ARG Z 65 -61.28 9.26 -46.01
N THR Z 66 -60.63 9.06 -44.86
CA THR Z 66 -59.59 8.04 -44.68
C THR Z 66 -58.66 8.04 -45.89
N VAL Z 67 -58.77 7.02 -46.74
CA VAL Z 67 -58.07 6.96 -48.01
C VAL Z 67 -59.02 6.48 -49.09
N ILE Z 68 -59.44 7.38 -49.97
CA ILE Z 68 -60.30 7.00 -51.08
C ILE Z 68 -59.49 6.13 -52.03
N ALA Z 69 -59.88 4.86 -52.15
CA ALA Z 69 -59.08 3.91 -52.91
C ALA Z 69 -59.27 4.12 -54.41
N SER Z 70 -58.37 3.53 -55.19
CA SER Z 70 -58.43 3.58 -56.64
C SER Z 70 -58.27 2.17 -57.19
N GLU Z 71 -58.54 2.02 -58.48
CA GLU Z 71 -58.43 0.72 -59.14
C GLU Z 71 -58.00 0.96 -60.59
N LEU Z 72 -57.82 -0.15 -61.32
CA LEU Z 72 -57.41 -0.09 -62.72
C LEU Z 72 -58.13 -1.18 -63.50
N VAL Z 73 -58.54 -0.84 -64.72
CA VAL Z 73 -59.22 -1.78 -65.60
C VAL Z 73 -58.48 -1.79 -66.93
N GLU Z 74 -57.80 -2.90 -67.22
CA GLU Z 74 -57.10 -3.04 -68.49
C GLU Z 74 -58.11 -3.30 -69.60
N HIS Z 75 -57.99 -2.56 -70.69
CA HIS Z 75 -58.97 -2.67 -71.77
C HIS Z 75 -58.45 -3.57 -72.88
N SER Z 76 -59.27 -3.77 -73.90
CA SER Z 76 -58.89 -4.63 -75.01
C SER Z 76 -59.77 -4.33 -76.21
N PHE Z 77 -59.28 -4.72 -77.39
CA PHE Z 77 -60.05 -4.61 -78.61
C PHE Z 77 -59.71 -5.77 -79.54
N GLY Z 78 -60.71 -6.21 -80.30
CA GLY Z 78 -60.59 -7.39 -81.15
C GLY Z 78 -60.27 -7.03 -82.59
N VAL Z 79 -59.41 -7.83 -83.22
CA VAL Z 79 -59.07 -7.68 -84.63
C VAL Z 79 -59.36 -9.01 -85.32
N THR Z 80 -60.14 -8.96 -86.40
CA THR Z 80 -60.56 -10.17 -87.09
C THR Z 80 -60.44 -9.98 -88.59
N LEU Z 81 -60.30 -11.11 -89.29
CA LEU Z 81 -60.29 -11.12 -90.75
C LEU Z 81 -61.71 -11.29 -91.26
N ASP Z 82 -62.14 -10.37 -92.11
CA ASP Z 82 -63.51 -10.39 -92.62
C ASP Z 82 -63.62 -10.21 -94.12
N LYS Z 83 -62.51 -10.03 -94.83
CA LYS Z 83 -62.53 -9.80 -96.28
C LYS Z 83 -61.72 -10.86 -96.99
N HIS Z 84 -62.22 -11.32 -98.13
CA HIS Z 84 -61.57 -12.34 -98.95
C HIS Z 84 -61.41 -11.75 -100.36
N VAL Z 85 -60.22 -11.24 -100.65
CA VAL Z 85 -59.97 -10.61 -101.94
C VAL Z 85 -59.69 -11.68 -102.97
N TYR Z 86 -60.53 -11.75 -104.01
CA TYR Z 86 -60.40 -12.78 -105.01
C TYR Z 86 -60.66 -12.20 -106.39
N ALA Z 87 -59.97 -12.76 -107.38
CA ALA Z 87 -60.12 -12.38 -108.78
C ALA Z 87 -60.17 -13.64 -109.62
N ALA Z 88 -61.25 -13.80 -110.40
CA ALA Z 88 -61.51 -15.02 -111.13
C ALA Z 88 -61.50 -14.76 -112.62
N LEU Z 89 -61.11 -15.78 -113.39
CA LEU Z 89 -61.06 -15.66 -114.85
C LEU Z 89 -61.46 -16.98 -115.48
N LYS Z 90 -62.63 -17.00 -116.12
CA LYS Z 90 -63.02 -18.13 -116.95
C LYS Z 90 -62.38 -17.99 -118.33
N PHE Z 91 -61.89 -19.11 -118.87
CA PHE Z 91 -61.07 -19.06 -120.07
C PHE Z 91 -61.68 -19.71 -121.30
N THR Z 92 -62.82 -20.40 -121.17
CA THR Z 92 -63.58 -20.96 -122.29
C THR Z 92 -62.67 -21.61 -123.34
N ASP Z 93 -62.07 -22.74 -122.96
CA ASP Z 93 -60.90 -23.35 -123.59
C ASP Z 93 -60.80 -23.17 -125.10
N GLU Z 94 -61.92 -23.31 -125.81
CA GLU Z 94 -61.90 -23.09 -127.26
C GLU Z 94 -61.32 -21.72 -127.61
N GLN Z 95 -61.54 -20.72 -126.76
CA GLN Z 95 -60.87 -19.44 -126.93
C GLN Z 95 -59.41 -19.50 -126.49
N ARG Z 96 -59.14 -20.18 -125.35
CA ARG Z 96 -57.79 -20.21 -124.80
C ARG Z 96 -56.80 -20.83 -125.78
N THR Z 97 -57.26 -21.75 -126.62
CA THR Z 97 -56.36 -22.43 -127.53
C THR Z 97 -55.78 -21.50 -128.59
N LEU Z 98 -56.54 -20.49 -129.00
CA LEU Z 98 -56.18 -19.70 -130.18
C LEU Z 98 -56.27 -18.20 -129.92
N ASP Z 99 -56.50 -17.80 -128.66
CA ASP Z 99 -56.57 -16.37 -128.36
C ASP Z 99 -55.43 -15.93 -127.46
N ILE Z 100 -55.29 -16.55 -126.29
CA ILE Z 100 -54.26 -16.15 -125.35
C ILE Z 100 -52.94 -16.81 -125.73
N ARG Z 101 -51.88 -16.02 -125.80
CA ARG Z 101 -50.58 -16.52 -126.21
C ARG Z 101 -49.65 -16.72 -125.03
N ASP Z 102 -49.41 -15.63 -124.27
CA ASP Z 102 -48.52 -15.70 -123.11
C ASP Z 102 -49.36 -15.71 -121.84
N TYR Z 103 -49.36 -16.85 -121.15
CA TYR Z 103 -50.15 -16.97 -119.93
C TYR Z 103 -49.62 -16.05 -118.83
N THR Z 104 -48.30 -15.89 -118.76
CA THR Z 104 -47.71 -15.04 -117.72
C THR Z 104 -47.91 -13.56 -118.01
N LYS Z 105 -47.94 -13.17 -119.28
CA LYS Z 105 -47.96 -11.75 -119.63
C LYS Z 105 -49.37 -11.18 -119.57
N GLN Z 106 -50.29 -11.72 -120.37
CA GLN Z 106 -51.62 -11.13 -120.52
C GLN Z 106 -52.66 -11.73 -119.57
N VAL Z 107 -52.26 -12.64 -118.69
CA VAL Z 107 -53.21 -13.23 -117.74
C VAL Z 107 -52.72 -13.02 -116.31
N LEU Z 108 -51.53 -13.54 -116.01
CA LEU Z 108 -51.02 -13.47 -114.64
C LEU Z 108 -50.72 -12.03 -114.23
N MET Z 109 -50.07 -11.27 -115.10
CA MET Z 109 -49.76 -9.87 -114.77
C MET Z 109 -51.02 -9.02 -114.59
N PRO Z 110 -52.03 -9.08 -115.47
CA PRO Z 110 -53.27 -8.32 -115.18
C PRO Z 110 -53.93 -8.73 -113.89
N GLN Z 111 -53.94 -10.02 -113.56
CA GLN Z 111 -54.54 -10.45 -112.30
C GLN Z 111 -53.77 -9.92 -111.10
N VAL Z 112 -52.44 -9.96 -111.16
CA VAL Z 112 -51.62 -9.44 -110.07
C VAL Z 112 -51.84 -7.95 -109.91
N SER Z 113 -51.88 -7.21 -111.03
CA SER Z 113 -52.11 -5.77 -110.96
C SER Z 113 -53.50 -5.46 -110.38
N ALA Z 114 -54.52 -6.21 -110.80
CA ALA Z 114 -55.87 -5.99 -110.28
C ALA Z 114 -55.92 -6.25 -108.79
N VAL Z 115 -55.28 -7.34 -108.33
CA VAL Z 115 -55.28 -7.63 -106.90
C VAL Z 115 -54.54 -6.54 -106.12
N ALA Z 116 -53.40 -6.09 -106.65
CA ALA Z 116 -52.64 -5.04 -105.97
C ALA Z 116 -53.45 -3.74 -105.87
N TYR Z 117 -54.12 -3.36 -106.95
CA TYR Z 117 -54.90 -2.13 -106.92
C TYR Z 117 -56.15 -2.28 -106.05
N GLU Z 118 -56.73 -3.48 -106.00
CA GLU Z 118 -57.83 -3.73 -105.07
C GLU Z 118 -57.36 -3.60 -103.63
N LEU Z 119 -56.16 -4.11 -103.33
CA LEU Z 119 -55.61 -3.94 -101.98
C LEU Z 119 -55.35 -2.48 -101.67
N GLU Z 120 -54.84 -1.72 -102.65
CA GLU Z 120 -54.64 -0.29 -102.44
C GLU Z 120 -55.96 0.41 -102.15
N ASP Z 121 -57.02 0.06 -102.88
CA ASP Z 121 -58.33 0.63 -102.60
C ASP Z 121 -58.84 0.21 -101.23
N TYR Z 122 -58.57 -1.04 -100.83
CA TYR Z 122 -58.94 -1.50 -99.50
C TYR Z 122 -58.28 -0.66 -98.42
N ILE Z 123 -57.01 -0.32 -98.61
CA ILE Z 123 -56.37 0.63 -97.71
C ILE Z 123 -57.02 2.01 -97.82
N ALA Z 124 -57.41 2.40 -99.04
CA ALA Z 124 -57.90 3.75 -99.27
C ALA Z 124 -59.19 4.02 -98.51
N GLU Z 125 -60.20 3.16 -98.67
CA GLU Z 125 -61.44 3.41 -97.94
C GLU Z 125 -61.27 3.20 -96.43
N LEU Z 126 -60.30 2.37 -96.02
CA LEU Z 126 -60.04 2.23 -94.59
C LEU Z 126 -59.42 3.49 -94.00
N ILE Z 127 -58.63 4.22 -94.79
CA ILE Z 127 -57.97 5.43 -94.28
C ILE Z 127 -59.00 6.46 -93.83
N GLU Z 128 -59.99 6.74 -94.67
CA GLU Z 128 -61.05 7.69 -94.32
C GLU Z 128 -62.22 7.03 -93.62
N GLY Z 129 -62.23 5.71 -93.47
CA GLY Z 129 -63.30 5.02 -92.78
C GLY Z 129 -63.09 4.98 -91.27
N ALA Z 130 -62.74 6.12 -90.69
CA ALA Z 130 -62.46 6.24 -89.27
C ALA Z 130 -63.21 7.42 -88.69
N PRO Z 131 -63.52 7.38 -87.39
CA PRO Z 131 -64.25 8.50 -86.77
C PRO Z 131 -63.39 9.75 -86.63
N TYR Z 132 -63.11 10.41 -87.76
CA TYR Z 132 -62.35 11.66 -87.73
C TYR Z 132 -63.18 12.76 -87.09
N GLU Z 133 -62.50 13.61 -86.30
CA GLU Z 133 -63.17 14.68 -85.58
C GLU Z 133 -63.18 15.99 -86.36
N GLU Z 134 -62.00 16.46 -86.76
CA GLU Z 134 -61.86 17.76 -87.42
C GLU Z 134 -61.39 17.58 -88.85
N THR Z 135 -61.55 18.64 -89.64
CA THR Z 135 -61.13 18.67 -91.03
C THR Z 135 -60.04 19.69 -91.30
N ILE Z 136 -59.60 20.44 -90.29
CA ILE Z 136 -58.48 21.37 -90.36
C ILE Z 136 -58.81 22.56 -91.27
N LEU Z 137 -59.36 22.28 -92.45
CA LEU Z 137 -59.79 23.32 -93.41
C LEU Z 137 -58.62 24.21 -93.82
N ILE Z 138 -57.68 23.58 -94.53
CA ILE Z 138 -56.49 24.29 -95.01
C ILE Z 138 -56.90 25.43 -95.93
N ASP Z 139 -56.39 26.62 -95.65
CA ASP Z 139 -56.62 27.76 -96.53
C ASP Z 139 -55.83 27.56 -97.83
N PRO Z 140 -56.44 27.79 -99.00
CA PRO Z 140 -55.72 27.57 -100.25
C PRO Z 140 -54.46 28.41 -100.41
N ALA Z 141 -54.47 29.65 -99.89
CA ALA Z 141 -53.32 30.54 -100.07
C ALA Z 141 -52.25 30.27 -99.03
N ASP Z 142 -52.62 30.36 -97.75
CA ASP Z 142 -51.68 30.23 -96.64
C ASP Z 142 -51.96 28.90 -95.94
N THR Z 143 -51.03 27.95 -96.08
CA THR Z 143 -51.27 26.57 -95.66
C THR Z 143 -50.46 26.15 -94.43
N VAL Z 144 -49.37 26.85 -94.11
CA VAL Z 144 -48.55 26.46 -92.96
C VAL Z 144 -49.33 26.45 -91.65
N PRO Z 145 -50.18 27.45 -91.35
CA PRO Z 145 -50.97 27.36 -90.10
C PRO Z 145 -51.83 26.12 -90.00
N ALA Z 146 -52.34 25.59 -91.11
CA ALA Z 146 -53.13 24.37 -91.04
C ALA Z 146 -52.29 23.19 -90.56
N PHE Z 147 -51.07 23.05 -91.09
CA PHE Z 147 -50.20 21.97 -90.66
C PHE Z 147 -49.76 22.18 -89.21
N ILE Z 148 -49.50 23.42 -88.81
CA ILE Z 148 -49.14 23.70 -87.42
C ILE Z 148 -50.30 23.34 -86.49
N THR Z 149 -51.53 23.66 -86.90
CA THR Z 149 -52.70 23.32 -86.11
C THR Z 149 -52.86 21.81 -86.00
N ALA Z 150 -52.64 21.09 -87.10
CA ALA Z 150 -52.71 19.63 -87.04
C ALA Z 150 -51.65 19.07 -86.09
N ASP Z 151 -50.43 19.61 -86.15
CA ASP Z 151 -49.38 19.15 -85.27
C ASP Z 151 -49.71 19.41 -83.81
N GLN Z 152 -50.25 20.59 -83.50
CA GLN Z 152 -50.57 20.89 -82.10
C GLN Z 152 -51.80 20.10 -81.63
N ARG Z 153 -52.72 19.77 -82.53
CA ARG Z 153 -53.83 18.89 -82.17
C ARG Z 153 -53.31 17.49 -81.84
N MET Z 154 -52.36 16.99 -82.63
CA MET Z 154 -51.76 15.70 -82.31
C MET Z 154 -51.00 15.75 -80.99
N GLY Z 155 -50.30 16.86 -80.74
CA GLY Z 155 -49.58 17.00 -79.48
C GLY Z 155 -50.49 17.09 -78.27
N GLU Z 156 -51.66 17.71 -78.44
CA GLU Z 156 -52.61 17.82 -77.34
C GLU Z 156 -53.09 16.45 -76.89
N ALA Z 157 -53.30 15.54 -77.83
CA ALA Z 157 -53.70 14.17 -77.51
C ALA Z 157 -52.53 13.31 -77.05
N ASN Z 158 -51.36 13.91 -76.82
CA ASN Z 158 -50.17 13.20 -76.34
C ASN Z 158 -49.73 12.09 -77.29
N VAL Z 159 -50.00 12.28 -78.58
CA VAL Z 159 -49.56 11.30 -79.58
C VAL Z 159 -48.05 11.44 -79.77
N PRO Z 160 -47.29 10.34 -79.73
CA PRO Z 160 -45.83 10.44 -79.91
C PRO Z 160 -45.48 11.06 -81.26
N THR Z 161 -44.45 11.90 -81.26
CA THR Z 161 -44.04 12.60 -82.48
C THR Z 161 -43.31 11.68 -83.44
N ASP Z 162 -42.55 10.72 -82.94
CA ASP Z 162 -41.80 9.82 -83.81
C ASP Z 162 -42.74 8.88 -84.55
N SER Z 163 -42.34 8.52 -85.77
CA SER Z 163 -43.09 7.60 -86.63
C SER Z 163 -44.50 8.13 -86.89
N ARG Z 164 -44.56 9.31 -87.52
CA ARG Z 164 -45.82 9.95 -87.90
C ARG Z 164 -45.85 10.01 -89.43
N ARG Z 165 -46.64 9.15 -90.05
CA ARG Z 165 -46.73 9.07 -91.49
C ARG Z 165 -47.79 10.04 -92.01
N LEU Z 166 -47.40 10.90 -92.95
CA LEU Z 166 -48.30 11.86 -93.57
C LEU Z 166 -48.38 11.58 -95.06
N VAL Z 167 -49.59 11.42 -95.56
CA VAL Z 167 -49.85 11.17 -96.98
C VAL Z 167 -50.77 12.27 -97.50
N VAL Z 168 -50.35 12.94 -98.57
CA VAL Z 168 -51.12 14.04 -99.15
C VAL Z 168 -51.42 13.71 -100.61
N GLY Z 169 -52.47 14.35 -101.12
CA GLY Z 169 -52.86 14.17 -102.50
C GLY Z 169 -52.13 15.12 -103.43
N SER Z 170 -52.48 15.01 -104.72
CA SER Z 170 -51.87 15.89 -105.72
C SER Z 170 -52.28 17.34 -105.48
N ALA Z 171 -53.54 17.57 -105.12
CA ALA Z 171 -54.01 18.94 -104.88
C ALA Z 171 -53.31 19.55 -103.67
N VAL Z 172 -53.07 18.75 -102.63
CA VAL Z 172 -52.37 19.27 -101.45
C VAL Z 172 -50.95 19.68 -101.81
N ALA Z 173 -50.26 18.86 -102.61
CA ALA Z 173 -48.92 19.21 -103.05
C ALA Z 173 -48.94 20.46 -103.92
N ALA Z 174 -49.92 20.58 -104.80
CA ALA Z 174 -50.03 21.78 -105.64
C ALA Z 174 -50.27 23.02 -104.79
N ALA Z 175 -51.12 22.91 -103.77
CA ALA Z 175 -51.38 24.05 -102.90
C ALA Z 175 -50.12 24.42 -102.11
N LEU Z 176 -49.37 23.42 -101.65
CA LEU Z 176 -48.12 23.70 -100.95
C LEU Z 176 -47.12 24.39 -101.87
N ALA Z 177 -47.04 23.96 -103.12
CA ALA Z 177 -46.15 24.60 -104.09
C ALA Z 177 -46.58 26.03 -104.37
N LYS Z 178 -47.90 26.27 -104.48
CA LYS Z 178 -48.40 27.60 -104.76
C LYS Z 178 -48.24 28.56 -103.59
N ASP Z 179 -47.99 28.04 -102.39
CA ASP Z 179 -47.85 28.89 -101.22
C ASP Z 179 -46.61 29.76 -101.34
N LYS Z 180 -46.74 31.04 -100.94
CA LYS Z 180 -45.62 31.95 -100.99
C LYS Z 180 -44.55 31.61 -99.96
N GLN Z 181 -44.89 30.79 -98.95
CA GLN Z 181 -43.89 30.40 -97.96
C GLN Z 181 -42.81 29.52 -98.56
N PHE Z 182 -43.13 28.77 -99.62
CA PHE Z 182 -42.17 27.90 -100.28
C PHE Z 182 -41.59 28.50 -101.56
N ARG Z 183 -42.41 29.22 -102.33
CA ARG Z 183 -41.93 29.82 -103.57
C ARG Z 183 -40.86 30.88 -103.30
N HIS Z 184 -41.08 31.72 -102.29
CA HIS Z 184 -40.14 32.78 -101.97
C HIS Z 184 -39.01 32.23 -101.11
N ALA Z 185 -37.77 32.35 -101.59
CA ALA Z 185 -36.62 31.82 -100.85
C ALA Z 185 -36.42 32.57 -99.54
N ASP Z 186 -36.64 33.88 -99.54
CA ASP Z 186 -36.50 34.65 -98.30
C ASP Z 186 -37.53 34.22 -97.26
N TRP Z 187 -38.67 33.69 -97.71
CA TRP Z 187 -39.69 33.16 -96.81
C TRP Z 187 -39.59 31.65 -96.63
N SER Z 188 -38.60 31.01 -97.25
CA SER Z 188 -38.43 29.56 -97.15
C SER Z 188 -37.12 29.16 -96.50
N GLY Z 189 -36.04 29.89 -96.75
CA GLY Z 189 -34.77 29.60 -96.12
C GLY Z 189 -33.74 28.97 -97.04
N ASP Z 190 -34.18 28.06 -97.90
CA ASP Z 190 -33.27 27.38 -98.81
C ASP Z 190 -33.05 28.22 -100.07
N GLN Z 191 -31.78 28.44 -100.41
CA GLN Z 191 -31.44 29.21 -101.60
C GLN Z 191 -31.63 28.42 -102.89
N ALA Z 192 -31.78 27.10 -102.81
CA ALA Z 192 -32.00 26.30 -104.01
C ALA Z 192 -33.36 26.59 -104.62
N ASN Z 193 -34.36 26.89 -103.80
CA ASN Z 193 -35.72 27.20 -104.26
C ASN Z 193 -36.29 26.05 -105.10
N ALA Z 194 -36.46 24.91 -104.43
CA ALA Z 194 -37.00 23.73 -105.09
C ALA Z 194 -38.44 23.92 -105.55
N ALA Z 195 -39.16 24.88 -104.95
CA ALA Z 195 -40.53 25.15 -105.38
C ALA Z 195 -40.56 25.76 -106.78
N LEU Z 196 -39.54 26.52 -107.15
CA LEU Z 196 -39.48 27.14 -108.48
C LEU Z 196 -38.77 26.25 -109.49
N ARG Z 197 -37.64 25.64 -109.10
CA ARG Z 197 -36.89 24.81 -110.04
C ARG Z 197 -37.57 23.46 -110.27
N GLU Z 198 -38.32 22.96 -109.30
CA GLU Z 198 -39.00 21.68 -109.42
C GLU Z 198 -40.39 21.81 -108.80
N ALA Z 199 -41.05 20.68 -108.62
CA ALA Z 199 -42.37 20.64 -107.97
C ALA Z 199 -42.33 20.02 -106.59
N HIS Z 200 -41.21 19.46 -106.17
CA HIS Z 200 -41.12 18.83 -104.85
C HIS Z 200 -41.19 19.88 -103.76
N VAL Z 201 -41.90 19.55 -102.69
CA VAL Z 201 -42.06 20.47 -101.55
C VAL Z 201 -41.02 20.19 -100.47
N GLY Z 202 -40.89 18.94 -100.07
CA GLY Z 202 -39.92 18.56 -99.05
C GLY Z 202 -40.53 18.42 -97.67
N ARG Z 203 -39.65 18.42 -96.67
CA ARG Z 203 -40.09 18.29 -95.29
C ARG Z 203 -40.88 19.51 -94.85
N LEU Z 204 -41.96 19.28 -94.10
CA LEU Z 204 -42.81 20.35 -93.64
C LEU Z 204 -43.39 19.98 -92.28
N ALA Z 205 -43.17 20.85 -91.29
CA ALA Z 205 -43.72 20.68 -89.93
C ALA Z 205 -43.30 19.35 -89.34
N GLY Z 206 -42.06 18.94 -89.59
CA GLY Z 206 -41.55 17.68 -89.06
C GLY Z 206 -42.27 16.46 -89.58
N MET Z 207 -42.72 16.49 -90.83
CA MET Z 207 -43.42 15.38 -91.45
C MET Z 207 -42.84 15.11 -92.83
N ASN Z 208 -43.11 13.92 -93.34
CA ASN Z 208 -42.68 13.50 -94.68
C ASN Z 208 -43.87 13.59 -95.62
N VAL Z 209 -43.65 14.21 -96.78
CA VAL Z 209 -44.71 14.39 -97.76
C VAL Z 209 -44.64 13.26 -98.78
N ILE Z 210 -45.70 12.47 -98.85
CA ILE Z 210 -45.82 11.37 -99.80
C ILE Z 210 -47.08 11.57 -100.62
N ARG Z 211 -46.94 11.60 -101.93
CA ARG Z 211 -48.05 11.82 -102.84
C ARG Z 211 -48.73 10.49 -103.16
N SER Z 212 -50.07 10.49 -103.09
CA SER Z 212 -50.84 9.29 -103.39
C SER Z 212 -52.18 9.73 -103.98
N ASN Z 213 -52.51 9.18 -105.14
CA ASN Z 213 -53.76 9.52 -105.83
C ASN Z 213 -54.93 8.64 -105.41
N ALA Z 214 -54.69 7.62 -104.58
CA ALA Z 214 -55.79 6.77 -104.12
C ALA Z 214 -56.79 7.56 -103.28
N ILE Z 215 -56.28 8.42 -102.38
CA ILE Z 215 -57.13 9.26 -101.57
C ILE Z 215 -57.62 10.44 -102.41
N ALA Z 216 -58.60 11.18 -101.90
CA ALA Z 216 -59.09 12.35 -102.62
C ALA Z 216 -57.98 13.38 -102.75
N PRO Z 217 -57.88 14.07 -103.90
CA PRO Z 217 -56.80 15.04 -104.09
C PRO Z 217 -56.78 16.14 -103.04
N ASP Z 218 -57.94 16.63 -102.63
CA ASP Z 218 -58.02 17.68 -101.62
C ASP Z 218 -58.17 17.09 -100.22
N LYS Z 219 -57.30 16.16 -99.88
CA LYS Z 219 -57.34 15.49 -98.58
C LYS Z 219 -55.93 15.02 -98.23
N ALA Z 220 -55.59 15.16 -96.94
CA ALA Z 220 -54.33 14.69 -96.41
C ALA Z 220 -54.59 13.97 -95.09
N TYR Z 221 -53.77 12.97 -94.79
CA TYR Z 221 -53.92 12.18 -93.58
C TYR Z 221 -52.58 12.05 -92.87
N LEU Z 222 -52.55 12.42 -91.59
CA LEU Z 222 -51.36 12.28 -90.76
C LEU Z 222 -51.69 11.35 -89.60
N TRP Z 223 -51.06 10.18 -89.57
CA TRP Z 223 -51.38 9.16 -88.57
C TRP Z 223 -50.12 8.61 -87.95
N HIS Z 224 -50.24 8.22 -86.68
CA HIS Z 224 -49.13 7.57 -85.99
C HIS Z 224 -48.94 6.16 -86.55
N ARG Z 225 -47.77 5.58 -86.27
CA ARG Z 225 -47.45 4.25 -86.80
C ARG Z 225 -48.44 3.21 -86.29
N THR Z 226 -48.80 3.27 -85.02
CA THR Z 226 -49.78 2.34 -84.44
C THR Z 226 -51.16 2.97 -84.44
N ALA Z 227 -51.73 3.08 -85.64
CA ALA Z 227 -53.06 3.65 -85.80
C ALA Z 227 -54.02 2.73 -86.56
N PHE Z 228 -53.54 2.01 -87.56
CA PHE Z 228 -54.36 1.09 -88.32
C PHE Z 228 -53.75 -0.30 -88.27
N ILE Z 229 -54.60 -1.32 -88.14
CA ILE Z 229 -54.17 -2.71 -88.07
C ILE Z 229 -54.62 -3.40 -89.34
N LEU Z 230 -53.67 -3.89 -90.12
CA LEU Z 230 -53.95 -4.62 -91.35
C LEU Z 230 -53.35 -6.01 -91.23
N ALA Z 231 -54.18 -7.04 -91.41
CA ALA Z 231 -53.73 -8.42 -91.32
C ALA Z 231 -53.98 -9.13 -92.64
N TYR Z 232 -52.98 -9.88 -93.11
CA TYR Z 232 -53.06 -10.58 -94.37
C TYR Z 232 -52.69 -12.04 -94.17
N ARG Z 233 -53.42 -12.94 -94.85
CA ARG Z 233 -53.19 -14.37 -94.77
C ARG Z 233 -53.23 -14.96 -96.17
N THR Z 234 -52.17 -15.70 -96.53
CA THR Z 234 -52.20 -16.42 -97.79
C THR Z 234 -53.06 -17.67 -97.66
N PRO Z 235 -53.94 -17.94 -98.63
CA PRO Z 235 -54.74 -19.17 -98.57
C PRO Z 235 -53.86 -20.41 -98.72
N VAL Z 236 -54.28 -21.48 -98.05
CA VAL Z 236 -53.54 -22.73 -98.04
C VAL Z 236 -53.96 -23.55 -99.25
N VAL Z 237 -52.99 -24.03 -100.01
CA VAL Z 237 -53.29 -24.80 -101.23
C VAL Z 237 -53.89 -26.15 -100.83
N PRO Z 238 -55.05 -26.51 -101.34
CA PRO Z 238 -55.64 -27.81 -101.00
C PRO Z 238 -54.87 -28.97 -101.61
N GLU Z 239 -55.00 -30.14 -100.98
CA GLU Z 239 -54.35 -31.35 -101.47
C GLU Z 239 -55.14 -32.05 -102.56
N GLY Z 240 -56.32 -31.56 -102.91
CA GLY Z 240 -57.14 -32.22 -103.92
C GLY Z 240 -57.29 -31.41 -105.19
N ALA Z 241 -56.33 -30.54 -105.48
CA ALA Z 241 -56.39 -29.68 -106.66
C ALA Z 241 -55.01 -29.63 -107.30
N LYS Z 242 -54.99 -29.18 -108.56
CA LYS Z 242 -53.73 -29.04 -109.28
C LYS Z 242 -52.85 -28.00 -108.60
N ALA Z 243 -51.54 -28.26 -108.60
CA ALA Z 243 -50.60 -27.35 -107.96
C ALA Z 243 -50.56 -26.03 -108.71
N GLY Z 244 -50.57 -24.93 -107.95
CA GLY Z 244 -50.53 -23.61 -108.54
C GLY Z 244 -49.17 -22.95 -108.44
N ALA Z 245 -49.11 -21.76 -107.84
CA ALA Z 245 -47.86 -21.04 -107.66
C ALA Z 245 -47.95 -20.22 -106.39
N SER Z 246 -46.95 -19.36 -106.17
CA SER Z 246 -46.87 -18.52 -104.99
C SER Z 246 -46.63 -17.07 -105.38
N PHE Z 247 -47.43 -16.58 -106.34
CA PHE Z 247 -47.31 -15.20 -106.78
C PHE Z 247 -47.60 -14.24 -105.64
N SER Z 248 -46.73 -13.24 -105.48
CA SER Z 248 -46.87 -12.25 -104.42
C SER Z 248 -46.75 -10.86 -105.03
N ALA Z 249 -47.60 -9.94 -104.55
CA ALA Z 249 -47.61 -8.57 -105.02
C ALA Z 249 -47.48 -7.64 -103.82
N ASN Z 250 -46.48 -6.77 -103.86
CA ASN Z 250 -46.23 -5.77 -102.81
C ASN Z 250 -46.09 -6.44 -101.44
N GLY Z 251 -45.35 -7.53 -101.40
CA GLY Z 251 -45.08 -8.23 -100.14
C GLY Z 251 -46.05 -9.35 -99.77
N VAL Z 252 -47.35 -9.06 -99.81
CA VAL Z 252 -48.35 -10.05 -99.44
C VAL Z 252 -48.37 -11.17 -100.49
N ALA Z 253 -48.47 -12.41 -100.03
CA ALA Z 253 -48.50 -13.57 -100.90
C ALA Z 253 -49.93 -13.94 -101.24
N LEU Z 254 -50.18 -14.24 -102.51
CA LEU Z 254 -51.49 -14.63 -103.00
C LEU Z 254 -51.48 -16.11 -103.36
N ARG Z 255 -52.67 -16.68 -103.50
CA ARG Z 255 -52.83 -18.06 -103.92
C ARG Z 255 -53.46 -18.10 -105.31
N TRP Z 256 -52.81 -18.80 -106.23
CA TRP Z 256 -53.28 -18.95 -107.61
C TRP Z 256 -53.74 -20.40 -107.78
N LEU Z 257 -55.06 -20.60 -107.84
CA LEU Z 257 -55.65 -21.93 -107.97
C LEU Z 257 -56.34 -22.03 -109.31
N ALA Z 258 -55.95 -23.02 -110.12
CA ALA Z 258 -56.51 -23.23 -111.45
C ALA Z 258 -57.07 -24.64 -111.53
N ASP Z 259 -58.27 -24.77 -112.10
CA ASP Z 259 -58.94 -26.05 -112.21
C ASP Z 259 -59.59 -26.19 -113.58
N TYR Z 260 -59.62 -27.43 -114.07
CA TYR Z 260 -60.22 -27.74 -115.36
C TYR Z 260 -61.67 -28.16 -115.16
N ASP Z 261 -62.60 -27.36 -115.69
CA ASP Z 261 -64.03 -27.64 -115.60
C ASP Z 261 -64.41 -28.49 -116.80
N TYR Z 262 -64.55 -29.80 -116.57
CA TYR Z 262 -64.95 -30.71 -117.64
C TYR Z 262 -66.41 -30.51 -118.01
N SER Z 263 -67.27 -30.16 -117.05
CA SER Z 263 -68.68 -29.94 -117.36
C SER Z 263 -68.85 -28.75 -118.31
N GLN Z 264 -68.12 -27.66 -118.08
CA GLN Z 264 -68.21 -26.48 -118.91
C GLN Z 264 -67.17 -26.44 -120.02
N LEU Z 265 -66.33 -27.47 -120.13
CA LEU Z 265 -65.29 -27.54 -121.16
C LEU Z 265 -64.39 -26.31 -121.11
N GLY Z 266 -63.95 -25.94 -119.91
CA GLY Z 266 -63.16 -24.73 -119.75
C GLY Z 266 -62.08 -24.90 -118.71
N ASP Z 267 -61.31 -23.83 -118.51
CA ASP Z 267 -60.30 -23.73 -117.47
C ASP Z 267 -60.56 -22.46 -116.67
N ARG Z 268 -60.61 -22.59 -115.34
CA ARG Z 268 -60.94 -21.47 -114.49
C ARG Z 268 -59.87 -21.26 -113.44
N THR Z 269 -59.42 -20.02 -113.29
CA THR Z 269 -58.36 -19.67 -112.37
C THR Z 269 -58.83 -18.58 -111.42
N LEU Z 270 -58.26 -18.60 -110.21
CA LEU Z 270 -58.62 -17.68 -109.15
C LEU Z 270 -57.40 -17.29 -108.36
N LEU Z 271 -57.18 -15.99 -108.21
CA LEU Z 271 -56.13 -15.42 -107.37
C LEU Z 271 -56.81 -14.86 -106.12
N ASP Z 272 -56.51 -15.44 -104.96
CA ASP Z 272 -57.22 -15.10 -103.74
C ASP Z 272 -56.27 -14.92 -102.57
N VAL Z 273 -56.74 -14.16 -101.58
CA VAL Z 273 -56.01 -13.89 -100.35
C VAL Z 273 -57.01 -13.45 -99.29
N PHE Z 274 -56.65 -13.59 -98.02
CA PHE Z 274 -57.51 -13.19 -96.91
C PHE Z 274 -56.97 -11.91 -96.30
N THR Z 275 -57.84 -10.95 -96.03
CA THR Z 275 -57.41 -9.70 -95.43
C THR Z 275 -58.43 -9.24 -94.38
N GLY Z 276 -57.90 -8.53 -93.38
CA GLY Z 276 -58.73 -7.99 -92.32
C GLY Z 276 -58.21 -6.64 -91.88
N ARG Z 277 -59.13 -5.79 -91.46
CA ARG Z 277 -58.86 -4.39 -91.14
C ARG Z 277 -59.33 -4.07 -89.73
N LYS Z 278 -58.65 -3.10 -89.11
CA LYS Z 278 -59.05 -2.63 -87.80
C LYS Z 278 -58.58 -1.20 -87.61
N VAL Z 279 -59.41 -0.38 -86.97
CA VAL Z 279 -59.08 1.00 -86.65
C VAL Z 279 -58.83 1.08 -85.15
N VAL Z 280 -57.63 1.49 -84.76
CA VAL Z 280 -57.27 1.58 -83.35
C VAL Z 280 -57.83 2.87 -82.78
N THR Z 281 -58.73 2.76 -81.81
CA THR Z 281 -59.37 3.90 -81.18
C THR Z 281 -59.22 3.79 -79.67
N GLU Z 282 -59.51 4.90 -78.99
CA GLU Z 282 -59.42 4.95 -77.54
C GLU Z 282 -60.61 4.24 -76.90
N VAL Z 283 -60.57 4.13 -75.58
CA VAL Z 283 -61.63 3.44 -74.85
C VAL Z 283 -62.94 4.20 -74.95
N ASP Z 284 -62.89 5.54 -74.95
CA ASP Z 284 -64.08 6.37 -75.00
C ASP Z 284 -64.54 6.64 -76.43
N GLY Z 285 -64.09 5.86 -77.40
CA GLY Z 285 -64.47 6.08 -78.78
C GLY Z 285 -63.99 7.38 -79.37
N SER Z 286 -62.76 7.79 -79.03
CA SER Z 286 -62.16 9.03 -79.53
C SER Z 286 -60.94 8.67 -80.37
N PHE Z 287 -61.11 8.70 -81.69
CA PHE Z 287 -60.02 8.38 -82.61
C PHE Z 287 -59.10 9.59 -82.70
N VAL Z 288 -58.14 9.66 -81.77
CA VAL Z 288 -57.20 10.77 -81.68
C VAL Z 288 -55.81 10.39 -82.15
N ARG Z 289 -55.67 9.22 -82.79
CA ARG Z 289 -54.38 8.76 -83.29
C ARG Z 289 -54.10 9.20 -84.71
N ALA Z 290 -55.02 9.93 -85.35
CA ALA Z 290 -54.81 10.41 -86.71
C ALA Z 290 -55.58 11.71 -86.89
N VAL Z 291 -55.15 12.49 -87.89
CA VAL Z 291 -55.77 13.76 -88.21
C VAL Z 291 -55.96 13.84 -89.72
N GLU Z 292 -57.09 14.41 -90.13
CA GLU Z 292 -57.44 14.61 -91.52
C GLU Z 292 -57.45 16.09 -91.86
N LEU Z 293 -56.74 16.46 -92.91
CA LEU Z 293 -56.64 17.84 -93.36
C LEU Z 293 -57.38 17.98 -94.69
N GLN Z 294 -58.24 19.00 -94.79
CA GLN Z 294 -59.05 19.22 -95.96
C GLN Z 294 -58.74 20.58 -96.57
N LEU Z 295 -58.65 20.63 -97.90
CA LEU Z 295 -58.41 21.87 -98.64
C LEU Z 295 -59.77 22.53 -98.87
N GLN Z 296 -60.14 23.45 -97.99
CA GLN Z 296 -61.42 24.14 -98.14
C GLN Z 296 -61.39 25.04 -99.37
N ALA Z 297 -62.51 25.08 -100.09
CA ALA Z 297 -62.63 25.82 -101.33
C ALA Z 297 -63.44 27.09 -101.12
N SER Z 298 -63.25 28.04 -102.03
CA SER Z 298 -63.96 29.31 -102.00
C SER Z 298 -64.77 29.61 -103.25
N SER Z 299 -64.51 28.92 -104.36
CA SER Z 299 -65.26 29.14 -105.59
C SER Z 299 -65.23 27.87 -106.43
N ILE Z 300 -66.25 27.72 -107.27
CA ILE Z 300 -66.36 26.59 -108.18
C ILE Z 300 -66.69 27.12 -109.57
N THR Z 301 -66.42 26.29 -110.57
CA THR Z 301 -66.72 26.64 -111.96
C THR Z 301 -66.83 25.37 -112.78
N ILE Z 302 -67.70 25.40 -113.78
CA ILE Z 302 -67.87 24.27 -114.69
C ILE Z 302 -66.77 24.31 -115.74
N VAL Z 303 -66.06 23.19 -115.90
CA VAL Z 303 -64.94 23.13 -116.83
C VAL Z 303 -65.44 23.25 -118.26
N GLY Z 304 -64.62 23.87 -119.11
CA GLY Z 304 -64.94 24.02 -120.51
C GLY Z 304 -65.71 25.28 -120.86
N GLY Z 305 -66.19 26.03 -119.87
CA GLY Z 305 -66.96 27.21 -120.16
C GLY Z 305 -68.24 26.90 -120.90
N ALA Z 306 -68.61 27.78 -121.82
CA ALA Z 306 -69.79 27.57 -122.63
C ALA Z 306 -69.56 26.45 -123.65
N PHE Z 307 -70.62 25.70 -123.93
CA PHE Z 307 -70.56 24.61 -124.87
C PHE Z 307 -71.94 24.44 -125.52
N ALA Z 308 -71.94 23.86 -126.73
CA ALA Z 308 -73.21 23.62 -127.41
C ALA Z 308 -73.88 22.36 -126.87
N LEU Z 309 -73.24 21.21 -127.09
CA LEU Z 309 -73.53 19.90 -126.50
C LEU Z 309 -72.84 18.86 -127.38
N ALA Z 310 -73.64 18.05 -128.07
CA ALA Z 310 -73.13 17.19 -129.14
C ALA Z 310 -74.01 17.32 -130.37
N THR Z 311 -75.31 17.44 -130.15
CA THR Z 311 -76.34 17.53 -131.20
C THR Z 311 -77.66 17.87 -130.52
N THR Z 312 -78.74 17.88 -131.31
CA THR Z 312 -80.05 18.18 -130.76
C THR Z 312 -80.59 17.06 -129.87
N THR Z 313 -80.08 15.84 -130.02
CA THR Z 313 -80.55 14.67 -129.26
C THR Z 313 -79.37 13.89 -128.71
N GLY Z 314 -78.42 14.58 -128.11
CA GLY Z 314 -77.23 13.98 -127.56
C GLY Z 314 -77.15 14.08 -126.05
N THR Z 315 -76.01 13.67 -125.51
CA THR Z 315 -75.73 13.72 -124.09
C THR Z 315 -74.34 14.30 -123.87
N LYS Z 316 -74.14 14.91 -122.69
CA LYS Z 316 -72.86 15.50 -122.34
C LYS Z 316 -72.66 15.38 -120.85
N GLN Z 317 -71.57 14.74 -120.43
CA GLN Z 317 -71.24 14.56 -119.02
C GLN Z 317 -70.55 15.82 -118.52
N LEU Z 318 -71.32 16.72 -117.90
CA LEU Z 318 -70.78 17.96 -117.39
C LEU Z 318 -69.88 17.70 -116.18
N LYS Z 319 -68.80 18.47 -116.09
CA LYS Z 319 -67.84 18.35 -115.00
C LYS Z 319 -67.61 19.71 -114.37
N VAL Z 320 -67.50 19.73 -113.04
CA VAL Z 320 -67.32 20.95 -112.28
C VAL Z 320 -66.07 20.81 -111.41
N ARG Z 321 -65.26 21.88 -111.37
CA ARG Z 321 -64.02 21.89 -110.62
C ARG Z 321 -63.96 23.14 -109.75
N ASP Z 322 -63.38 23.01 -108.56
CA ASP Z 322 -63.28 24.13 -107.64
C ASP Z 322 -62.13 25.05 -108.04
N ASP Z 323 -61.94 26.11 -107.27
CA ASP Z 323 -60.82 27.03 -107.52
C ASP Z 323 -59.49 26.37 -107.26
N ASN Z 324 -59.42 25.44 -106.30
CA ASN Z 324 -58.18 24.75 -106.01
C ASN Z 324 -57.77 23.85 -107.17
N GLY Z 325 -58.73 23.22 -107.85
CA GLY Z 325 -58.44 22.36 -108.96
C GLY Z 325 -58.73 20.90 -108.68
N THR Z 326 -59.77 20.62 -107.92
CA THR Z 326 -60.15 19.27 -107.54
C THR Z 326 -61.49 18.91 -108.14
N ASP Z 327 -61.63 17.66 -108.58
CA ASP Z 327 -62.90 17.19 -109.13
C ASP Z 327 -63.91 17.03 -108.00
N VAL Z 328 -65.07 17.68 -108.16
CA VAL Z 328 -66.13 17.64 -107.16
C VAL Z 328 -67.44 17.26 -107.81
N THR Z 329 -67.37 16.57 -108.95
CA THR Z 329 -68.58 16.22 -109.69
C THR Z 329 -69.48 15.30 -108.88
N ALA Z 330 -68.90 14.36 -108.15
CA ALA Z 330 -69.70 13.41 -107.38
C ALA Z 330 -70.48 14.11 -106.28
N ARG Z 331 -69.88 15.12 -105.64
CA ARG Z 331 -70.49 15.79 -104.50
C ARG Z 331 -71.09 17.15 -104.86
N CYS Z 332 -71.56 17.30 -106.10
CA CYS Z 332 -72.21 18.53 -106.55
C CYS Z 332 -73.61 18.21 -107.06
N THR Z 333 -74.54 19.12 -106.81
CA THR Z 333 -75.90 18.98 -107.33
C THR Z 333 -76.08 19.90 -108.53
N PHE Z 334 -76.97 19.48 -109.44
CA PHE Z 334 -77.20 20.21 -110.68
C PHE Z 334 -78.69 20.50 -110.82
N ALA Z 335 -79.02 21.73 -111.18
CA ALA Z 335 -80.40 22.16 -111.38
C ALA Z 335 -80.53 22.81 -112.75
N SER Z 336 -81.70 22.64 -113.37
CA SER Z 336 -81.99 23.21 -114.68
C SER Z 336 -83.15 24.17 -114.55
N SER Z 337 -82.93 25.43 -114.94
CA SER Z 337 -83.99 26.42 -114.98
C SER Z 337 -84.87 26.31 -116.23
N ALA Z 338 -84.46 25.48 -117.18
CA ALA Z 338 -85.17 25.25 -118.44
C ALA Z 338 -85.31 23.76 -118.70
N GLY Z 339 -85.78 23.03 -117.68
CA GLY Z 339 -85.80 21.58 -117.74
C GLY Z 339 -86.48 21.03 -118.98
N THR Z 340 -87.53 21.69 -119.44
CA THR Z 340 -88.17 21.29 -120.68
C THR Z 340 -87.25 21.49 -121.88
N LYS Z 341 -86.46 22.57 -121.87
CA LYS Z 341 -85.52 22.81 -122.96
C LYS Z 341 -84.31 21.88 -122.87
N ALA Z 342 -83.77 21.69 -121.68
CA ALA Z 342 -82.60 20.84 -121.48
C ALA Z 342 -82.80 20.01 -120.22
N THR Z 343 -82.52 18.72 -120.32
CA THR Z 343 -82.69 17.78 -119.21
C THR Z 343 -81.33 17.42 -118.65
N VAL Z 344 -81.18 17.57 -117.34
CA VAL Z 344 -79.93 17.27 -116.64
C VAL Z 344 -80.15 16.13 -115.67
N SER Z 345 -79.13 15.31 -115.48
CA SER Z 345 -79.19 14.16 -114.60
C SER Z 345 -78.59 14.52 -113.24
N ALA Z 346 -78.68 13.56 -112.31
CA ALA Z 346 -78.14 13.78 -110.96
C ALA Z 346 -76.63 13.93 -111.00
N ALA Z 347 -75.95 13.13 -111.82
CA ALA Z 347 -74.49 13.18 -111.91
C ALA Z 347 -73.98 14.28 -112.83
N GLY Z 348 -74.86 15.02 -113.47
CA GLY Z 348 -74.47 16.09 -114.37
C GLY Z 348 -74.54 15.74 -115.84
N LEU Z 349 -75.02 14.56 -116.20
CA LEU Z 349 -75.14 14.15 -117.60
C LEU Z 349 -76.34 14.86 -118.20
N VAL Z 350 -76.09 16.03 -118.80
CA VAL Z 350 -77.16 16.81 -119.40
C VAL Z 350 -77.51 16.22 -120.76
N THR Z 351 -78.80 16.00 -121.00
CA THR Z 351 -79.30 15.42 -122.23
C THR Z 351 -80.13 16.45 -122.98
N GLY Z 352 -79.84 16.63 -124.27
CA GLY Z 352 -80.58 17.56 -125.08
C GLY Z 352 -81.87 16.96 -125.63
N VAL Z 353 -83.01 17.48 -125.17
CA VAL Z 353 -84.31 16.97 -125.59
C VAL Z 353 -84.93 17.95 -126.58
N ALA Z 354 -84.66 19.24 -126.41
CA ALA Z 354 -85.19 20.28 -127.29
C ALA Z 354 -84.07 21.23 -127.67
N ALA Z 355 -83.98 21.54 -128.97
CA ALA Z 355 -82.98 22.49 -129.44
C ALA Z 355 -83.34 23.90 -128.97
N GLY Z 356 -82.32 24.66 -128.58
CA GLY Z 356 -82.51 26.01 -128.10
C GLY Z 356 -81.38 26.42 -127.19
N THR Z 357 -81.68 27.33 -126.28
CA THR Z 357 -80.71 27.85 -125.33
C THR Z 357 -81.27 27.69 -123.91
N ALA Z 358 -80.45 27.16 -123.02
CA ALA Z 358 -80.85 26.93 -121.63
C ALA Z 358 -79.69 27.25 -120.71
N ASP Z 359 -79.93 27.13 -119.40
CA ASP Z 359 -78.91 27.35 -118.39
C ASP Z 359 -78.94 26.21 -117.38
N ILE Z 360 -77.76 25.86 -116.86
CA ILE Z 360 -77.64 24.84 -115.81
C ILE Z 360 -76.84 25.44 -114.67
N THR Z 361 -77.35 25.31 -113.45
CA THR Z 361 -76.69 25.82 -112.26
C THR Z 361 -76.19 24.65 -111.41
N ALA Z 362 -74.91 24.64 -111.11
CA ALA Z 362 -74.27 23.63 -110.27
C ALA Z 362 -73.99 24.23 -108.91
N SER Z 363 -74.42 23.52 -107.86
CA SER Z 363 -74.24 23.94 -106.49
C SER Z 363 -73.37 22.95 -105.74
N TYR Z 364 -72.45 23.48 -104.94
CA TYR Z 364 -71.51 22.68 -104.17
C TYR Z 364 -71.51 23.17 -102.72
N VAL Z 365 -71.67 22.24 -101.78
CA VAL Z 365 -71.59 22.61 -100.37
C VAL Z 365 -70.13 22.81 -99.98
N PRO Z 366 -69.76 23.94 -99.39
CA PRO Z 366 -68.36 24.16 -99.05
C PRO Z 366 -67.95 23.28 -97.87
N PRO Z 367 -66.72 22.79 -97.85
CA PRO Z 367 -66.25 22.03 -96.68
C PRO Z 367 -66.26 22.84 -95.40
N GLN Z 368 -66.01 24.15 -95.48
CA GLN Z 368 -66.03 24.99 -94.30
C GLN Z 368 -67.43 25.21 -93.75
N GLY Z 369 -68.46 24.96 -94.55
CA GLY Z 369 -69.83 25.17 -94.13
C GLY Z 369 -70.37 26.54 -94.53
N GLY Z 370 -71.70 26.65 -94.49
CA GLY Z 370 -72.36 27.88 -94.86
C GLY Z 370 -73.15 27.75 -96.14
N THR Z 371 -73.29 28.86 -96.86
CA THR Z 371 -74.01 28.85 -98.13
C THR Z 371 -73.26 28.05 -99.18
N ALA Z 372 -74.00 27.35 -100.04
CA ALA Z 372 -73.41 26.54 -101.08
C ALA Z 372 -73.03 27.40 -102.27
N LYS Z 373 -71.81 27.22 -102.76
CA LYS Z 373 -71.35 27.98 -103.92
C LYS Z 373 -72.07 27.52 -105.17
N THR Z 374 -72.56 28.48 -105.96
CA THR Z 374 -73.32 28.19 -107.16
C THR Z 374 -72.64 28.78 -108.38
N ALA Z 375 -72.74 28.07 -109.50
CA ALA Z 375 -72.17 28.54 -110.76
C ALA Z 375 -73.10 28.14 -111.90
N THR Z 376 -73.45 29.11 -112.73
CA THR Z 376 -74.42 28.90 -113.81
C THR Z 376 -73.71 28.98 -115.15
N VAL Z 377 -73.97 28.01 -116.02
CA VAL Z 377 -73.37 27.94 -117.35
C VAL Z 377 -74.47 27.75 -118.38
N THR Z 378 -74.41 28.51 -119.46
CA THR Z 378 -75.39 28.39 -120.54
C THR Z 378 -75.04 27.23 -121.45
N VAL Z 379 -76.07 26.74 -122.14
CA VAL Z 379 -75.96 25.64 -123.09
C VAL Z 379 -76.78 25.98 -124.32
N THR Z 380 -76.26 25.63 -125.50
CA THR Z 380 -76.93 25.89 -126.77
C THR Z 380 -77.09 24.55 -127.49
N VAL Z 381 -78.22 23.89 -127.23
CA VAL Z 381 -78.50 22.58 -127.84
C VAL Z 381 -78.87 22.80 -129.30
N PRO Z 382 -78.12 22.20 -130.24
CA PRO Z 382 -78.36 22.34 -131.68
C PRO Z 382 -79.68 21.72 -132.14
N ILE AA 4 -26.68 64.60 -167.40
CA ILE AA 4 -25.56 65.07 -168.21
C ILE AA 4 -24.68 63.90 -168.62
N PHE AA 5 -24.29 63.08 -167.66
CA PHE AA 5 -23.44 61.92 -167.88
C PHE AA 5 -24.25 60.65 -167.70
N VAL AA 6 -24.18 59.76 -168.69
CA VAL AA 6 -24.87 58.48 -168.59
C VAL AA 6 -24.19 57.61 -167.54
N LYS AA 7 -24.99 56.98 -166.69
CA LYS AA 7 -24.46 56.17 -165.59
C LYS AA 7 -25.11 54.79 -165.60
N PRO AA 8 -24.38 53.77 -165.16
CA PRO AA 8 -24.96 52.42 -165.09
C PRO AA 8 -25.79 52.23 -163.83
N GLU AA 9 -26.28 51.01 -163.61
CA GLU AA 9 -27.09 50.67 -162.44
C GLU AA 9 -26.39 49.53 -161.69
N LEU AA 10 -25.47 49.88 -160.80
CA LEU AA 10 -24.78 48.89 -159.99
C LEU AA 10 -25.74 48.30 -158.96
N VAL AA 11 -25.71 46.98 -158.82
CA VAL AA 11 -26.57 46.26 -157.87
C VAL AA 11 -25.64 45.45 -156.97
N ALA AA 12 -25.29 46.02 -155.82
CA ALA AA 12 -24.50 45.34 -154.80
C ALA AA 12 -25.37 45.04 -153.60
N GLU AA 13 -25.05 43.96 -152.90
CA GLU AA 13 -25.88 43.50 -151.80
C GLU AA 13 -25.00 43.10 -150.61
N ILE AA 14 -25.58 43.24 -149.42
CA ILE AA 14 -24.97 42.78 -148.17
C ILE AA 14 -26.02 41.85 -147.56
N GLY AA 15 -25.73 41.23 -146.41
CA GLY AA 15 -26.68 40.29 -145.86
C GLY AA 15 -27.78 40.98 -145.08
N VAL AA 16 -28.93 41.14 -145.73
CA VAL AA 16 -30.11 41.77 -145.14
C VAL AA 16 -31.30 40.86 -145.36
N LYS AA 17 -31.06 39.55 -145.41
CA LYS AA 17 -32.10 38.59 -145.75
C LYS AA 17 -33.27 38.68 -144.77
N GLN AA 18 -34.45 38.35 -145.27
CA GLN AA 18 -35.67 38.42 -144.47
C GLN AA 18 -35.58 37.49 -143.26
N LEU AA 19 -35.93 38.02 -142.10
CA LEU AA 19 -35.88 37.25 -140.86
C LEU AA 19 -37.03 36.26 -140.80
N GLN AA 20 -36.72 35.02 -140.45
CA GLN AA 20 -37.72 33.96 -140.40
C GLN AA 20 -37.52 33.14 -139.13
N ARG AA 21 -38.59 32.47 -138.71
CA ARG AA 21 -38.55 31.66 -137.50
C ARG AA 21 -37.71 30.40 -137.71
N GLU AA 22 -37.23 29.86 -136.60
CA GLU AA 22 -36.37 28.68 -136.63
C GLU AA 22 -37.22 27.40 -136.69
N ILE AA 23 -36.55 26.26 -136.61
CA ILE AA 23 -37.18 24.95 -136.71
C ILE AA 23 -36.85 24.20 -135.42
N VAL AA 24 -37.82 24.12 -134.51
CA VAL AA 24 -37.65 23.45 -133.23
C VAL AA 24 -38.63 22.29 -133.05
N LEU AA 25 -39.87 22.46 -133.51
CA LEU AA 25 -40.89 21.44 -133.28
C LEU AA 25 -40.56 20.05 -133.82
N PRO AA 26 -40.02 19.89 -135.04
CA PRO AA 26 -39.76 18.52 -135.53
C PRO AA 26 -38.79 17.74 -134.65
N GLY AA 27 -37.90 18.42 -133.93
CA GLY AA 27 -36.94 17.76 -133.08
C GLY AA 27 -37.43 17.40 -131.69
N LEU AA 28 -38.71 17.62 -131.40
CA LEU AA 28 -39.27 17.35 -130.09
C LEU AA 28 -40.44 16.37 -130.09
N VAL AA 29 -41.25 16.36 -131.14
CA VAL AA 29 -42.43 15.50 -131.17
C VAL AA 29 -42.01 14.06 -131.47
N TRP AA 30 -42.87 13.12 -131.06
CA TRP AA 30 -42.65 11.71 -131.35
C TRP AA 30 -42.95 11.44 -132.82
N THR AA 31 -41.91 11.19 -133.60
CA THR AA 31 -42.01 11.08 -135.05
C THR AA 31 -41.85 9.63 -135.50
N ASN AA 32 -42.61 9.27 -136.53
CA ASN AA 32 -42.54 7.96 -137.18
C ASN AA 32 -42.64 6.79 -136.18
N PRO AA 33 -43.74 6.68 -135.44
CA PRO AA 33 -43.92 5.49 -134.59
C PRO AA 33 -44.05 4.21 -135.39
N LEU AA 34 -44.63 4.26 -136.58
CA LEU AA 34 -44.82 3.09 -137.43
C LEU AA 34 -44.05 3.29 -138.72
N THR AA 35 -43.27 2.27 -139.12
CA THR AA 35 -42.43 2.39 -140.30
C THR AA 35 -43.23 2.31 -141.59
N ASP AA 36 -44.22 1.42 -141.64
CA ASP AA 36 -44.96 1.14 -142.86
C ASP AA 36 -46.45 1.41 -142.66
N PHE AA 37 -47.09 1.96 -143.69
CA PHE AA 37 -48.51 2.22 -143.68
C PHE AA 37 -49.24 1.74 -144.93
N GLY AA 38 -48.54 1.55 -146.06
CA GLY AA 38 -49.23 1.17 -147.29
C GLY AA 38 -49.86 -0.20 -147.22
N GLY AA 39 -49.16 -1.17 -146.63
CA GLY AA 39 -49.66 -2.53 -146.55
C GLY AA 39 -50.66 -2.73 -145.44
N SER AA 40 -51.77 -1.99 -145.48
CA SER AA 40 -52.78 -2.07 -144.45
C SER AA 40 -54.12 -1.63 -145.03
N LYS AA 41 -55.19 -1.94 -144.31
CA LYS AA 41 -56.54 -1.61 -144.78
C LYS AA 41 -56.75 -0.10 -144.82
N ASN AA 42 -57.22 0.39 -145.97
CA ASN AA 42 -57.53 1.80 -146.23
C ASN AA 42 -56.51 2.75 -145.63
N ASP AA 43 -55.23 2.40 -145.71
CA ASP AA 43 -54.12 3.27 -145.32
C ASP AA 43 -54.24 3.73 -143.86
N THR AA 44 -54.56 2.78 -142.98
CA THR AA 44 -54.55 3.04 -141.55
C THR AA 44 -53.87 1.89 -140.83
N ILE AA 45 -53.28 2.20 -139.67
CA ILE AA 45 -52.62 1.21 -138.82
C ILE AA 45 -53.31 1.20 -137.47
N THR AA 46 -53.70 0.00 -137.02
CA THR AA 46 -54.38 -0.17 -135.76
C THR AA 46 -53.40 -0.66 -134.69
N VAL AA 47 -53.39 0.03 -133.56
CA VAL AA 47 -52.54 -0.33 -132.43
C VAL AA 47 -53.45 -0.75 -131.28
N ARG AA 48 -53.16 -1.94 -130.72
CA ARG AA 48 -53.97 -2.53 -129.67
C ARG AA 48 -53.44 -2.08 -128.31
N VAL AA 49 -54.27 -1.34 -127.57
CA VAL AA 49 -53.89 -0.90 -126.23
C VAL AA 49 -53.90 -2.10 -125.28
N PRO AA 50 -52.90 -2.25 -124.41
CA PRO AA 50 -52.94 -3.34 -123.43
C PRO AA 50 -54.13 -3.21 -122.50
N ALA AA 51 -54.65 -4.36 -122.07
CA ALA AA 51 -55.86 -4.42 -121.25
C ALA AA 51 -55.52 -4.62 -119.78
N ILE AA 52 -56.37 -4.07 -118.92
CA ILE AA 52 -56.25 -4.22 -117.47
C ILE AA 52 -57.60 -4.67 -116.94
N THR AA 53 -57.57 -5.58 -115.97
CA THR AA 53 -58.77 -6.11 -115.35
C THR AA 53 -58.94 -5.52 -113.95
N THR AA 54 -60.04 -5.91 -113.30
CA THR AA 54 -60.33 -5.44 -111.95
C THR AA 54 -60.53 -6.61 -110.99
N ALA AA 55 -60.93 -6.33 -109.75
CA ALA AA 55 -61.10 -7.36 -108.75
C ALA AA 55 -62.32 -7.04 -107.89
N ASN AA 56 -62.89 -8.09 -107.29
CA ASN AA 56 -64.07 -7.98 -106.42
C ASN AA 56 -63.80 -8.64 -105.07
N ARG AA 57 -64.67 -8.35 -104.11
CA ARG AA 57 -64.48 -8.76 -102.72
C ARG AA 57 -65.68 -9.55 -102.22
N ARG AA 58 -65.41 -10.49 -101.31
CA ARG AA 58 -66.43 -11.31 -100.67
C ARG AA 58 -66.12 -11.43 -99.19
N ASP AA 59 -67.16 -11.71 -98.41
CA ASP AA 59 -67.04 -11.81 -96.96
C ASP AA 59 -66.72 -13.25 -96.54
N LEU AA 60 -66.10 -13.36 -95.36
CA LEU AA 60 -65.75 -14.65 -94.80
C LEU AA 60 -66.98 -15.33 -94.19
N ARG AA 61 -66.91 -16.66 -94.09
CA ARG AA 61 -67.99 -17.48 -93.53
C ARG AA 61 -69.30 -17.24 -94.27
N ASP AA 62 -69.20 -17.08 -95.58
CA ASP AA 62 -70.38 -16.79 -96.39
C ASP AA 62 -71.15 -18.07 -96.69
N PRO AA 63 -72.44 -18.14 -96.36
CA PRO AA 63 -73.20 -19.38 -96.63
C PRO AA 63 -73.20 -19.79 -98.08
N ASP AA 64 -73.27 -18.84 -99.00
CA ASP AA 64 -73.16 -19.12 -100.43
C ASP AA 64 -71.73 -18.85 -100.89
N ARG AA 65 -71.14 -19.86 -101.55
CA ARG AA 65 -69.74 -19.83 -101.94
C ARG AA 65 -69.56 -19.59 -103.44
N THR AA 66 -70.46 -18.84 -104.06
CA THR AA 66 -70.35 -18.56 -105.48
C THR AA 66 -69.20 -17.60 -105.76
N VAL AA 67 -68.79 -17.57 -107.02
CA VAL AA 67 -67.66 -16.76 -107.46
C VAL AA 67 -68.06 -15.99 -108.71
N ILE AA 68 -67.66 -14.73 -108.80
CA ILE AA 68 -67.96 -13.87 -109.93
C ILE AA 68 -66.65 -13.54 -110.63
N ALA AA 69 -66.58 -13.83 -111.92
CA ALA AA 69 -65.38 -13.59 -112.72
C ALA AA 69 -65.51 -12.28 -113.49
N SER AA 70 -64.38 -11.86 -114.06
CA SER AA 70 -64.30 -10.64 -114.85
C SER AA 70 -63.88 -10.98 -116.28
N GLU AA 71 -63.77 -9.96 -117.11
CA GLU AA 71 -63.39 -10.13 -118.50
C GLU AA 71 -62.52 -8.95 -118.93
N LEU AA 72 -61.44 -9.26 -119.66
CA LEU AA 72 -60.54 -8.23 -120.15
C LEU AA 72 -61.10 -7.63 -121.44
N VAL AA 73 -61.07 -6.30 -121.53
CA VAL AA 73 -61.47 -5.57 -122.73
C VAL AA 73 -60.22 -4.93 -123.32
N GLU AA 74 -59.96 -5.25 -124.59
CA GLU AA 74 -58.75 -4.80 -125.28
C GLU AA 74 -59.15 -3.79 -126.34
N HIS AA 75 -59.17 -2.52 -125.96
CA HIS AA 75 -59.46 -1.45 -126.89
C HIS AA 75 -58.25 -1.17 -127.78
N SER AA 76 -58.51 -0.55 -128.93
CA SER AA 76 -57.46 -0.23 -129.88
C SER AA 76 -57.78 1.09 -130.56
N PHE AA 77 -56.75 1.72 -131.11
CA PHE AA 77 -56.90 2.98 -131.84
C PHE AA 77 -56.23 2.85 -133.20
N GLY AA 78 -56.38 3.89 -134.01
CA GLY AA 78 -55.89 3.85 -135.38
C GLY AA 78 -55.23 5.17 -135.77
N VAL AA 79 -54.24 5.05 -136.65
CA VAL AA 79 -53.53 6.19 -137.21
C VAL AA 79 -53.63 6.11 -138.73
N THR AA 80 -54.05 7.22 -139.34
CA THR AA 80 -54.29 7.28 -140.78
C THR AA 80 -53.46 8.38 -141.42
N LEU AA 81 -52.87 8.07 -142.57
CA LEU AA 81 -52.12 9.04 -143.37
C LEU AA 81 -53.08 9.69 -144.37
N ASP AA 82 -53.33 10.99 -144.20
CA ASP AA 82 -54.27 11.68 -145.08
C ASP AA 82 -53.83 13.08 -145.47
N LYS AA 83 -52.59 13.49 -145.20
CA LYS AA 83 -52.15 14.84 -145.53
C LYS AA 83 -51.01 14.77 -146.53
N HIS AA 84 -50.97 15.74 -147.45
CA HIS AA 84 -49.99 15.78 -148.52
C HIS AA 84 -49.46 17.21 -148.63
N VAL AA 85 -48.18 17.40 -148.27
CA VAL AA 85 -47.55 18.69 -148.30
C VAL AA 85 -46.79 18.82 -149.62
N TYR AA 86 -47.20 19.77 -150.46
CA TYR AA 86 -46.63 19.90 -151.79
C TYR AA 86 -46.28 21.35 -152.05
N ALA AA 87 -45.30 21.55 -152.95
CA ALA AA 87 -44.89 22.88 -153.38
C ALA AA 87 -44.64 22.83 -154.87
N ALA AA 88 -45.14 23.83 -155.60
CA ALA AA 88 -45.06 23.85 -157.05
C ALA AA 88 -44.62 25.22 -157.52
N LEU AA 89 -44.07 25.25 -158.74
CA LEU AA 89 -43.64 26.48 -159.38
C LEU AA 89 -43.92 26.39 -160.87
N LYS AA 90 -43.99 27.56 -161.51
CA LYS AA 90 -44.35 27.66 -162.93
C LYS AA 90 -43.34 28.54 -163.66
N PHE AA 91 -42.06 28.27 -163.45
CA PHE AA 91 -40.99 29.00 -164.14
C PHE AA 91 -41.05 28.69 -165.63
N THR AA 92 -41.47 29.66 -166.43
CA THR AA 92 -41.63 29.45 -167.87
C THR AA 92 -40.27 29.49 -168.55
N ASP AA 93 -40.29 29.48 -169.89
CA ASP AA 93 -39.03 29.36 -170.65
C ASP AA 93 -38.15 30.59 -170.48
N GLU AA 94 -38.74 31.78 -170.48
CA GLU AA 94 -37.93 33.00 -170.42
C GLU AA 94 -37.27 33.20 -169.06
N GLN AA 95 -37.81 32.59 -167.99
CA GLN AA 95 -37.18 32.72 -166.69
C GLN AA 95 -35.83 32.01 -166.65
N ARG AA 96 -35.73 30.86 -167.32
CA ARG AA 96 -34.49 30.08 -167.31
C ARG AA 96 -33.39 30.70 -168.16
N THR AA 97 -33.69 31.74 -168.93
CA THR AA 97 -32.72 32.34 -169.85
C THR AA 97 -32.08 33.61 -169.29
N LEU AA 98 -32.90 34.62 -168.98
CA LEU AA 98 -32.40 35.93 -168.59
C LEU AA 98 -32.27 36.09 -167.08
N ASP AA 99 -33.38 35.95 -166.35
CA ASP AA 99 -33.37 36.15 -164.90
C ASP AA 99 -33.28 34.80 -164.19
N ILE AA 100 -32.08 34.23 -164.24
CA ILE AA 100 -31.81 32.94 -163.62
C ILE AA 100 -30.42 32.97 -162.99
N ARG AA 101 -30.28 32.32 -161.84
CA ARG AA 101 -29.00 32.15 -161.16
C ARG AA 101 -28.77 30.68 -160.86
N ASP AA 102 -27.79 30.38 -160.01
CA ASP AA 102 -27.52 29.01 -159.61
C ASP AA 102 -28.80 28.31 -159.17
N TYR AA 103 -29.08 27.16 -159.78
CA TYR AA 103 -30.34 26.46 -159.58
C TYR AA 103 -30.52 25.92 -158.18
N THR AA 104 -29.45 25.86 -157.38
CA THR AA 104 -29.55 25.36 -156.01
C THR AA 104 -29.82 26.46 -155.01
N LYS AA 105 -29.04 27.55 -155.06
CA LYS AA 105 -29.18 28.61 -154.08
C LYS AA 105 -30.43 29.45 -154.33
N GLN AA 106 -30.71 29.76 -155.59
CA GLN AA 106 -31.77 30.73 -155.89
C GLN AA 106 -33.16 30.17 -155.63
N VAL AA 107 -33.42 28.94 -156.07
CA VAL AA 107 -34.76 28.37 -156.05
C VAL AA 107 -34.84 27.11 -155.20
N LEU AA 108 -33.85 26.22 -155.29
CA LEU AA 108 -33.94 24.95 -154.57
C LEU AA 108 -33.89 25.15 -153.06
N MET AA 109 -32.96 25.99 -152.59
CA MET AA 109 -32.89 26.26 -151.16
C MET AA 109 -34.15 26.93 -150.63
N PRO AA 110 -34.70 27.98 -151.26
CA PRO AA 110 -36.00 28.49 -150.80
C PRO AA 110 -37.12 27.47 -150.90
N GLN AA 111 -37.09 26.58 -151.89
CA GLN AA 111 -38.12 25.54 -151.98
C GLN AA 111 -38.08 24.61 -150.78
N VAL AA 112 -36.87 24.12 -150.44
CA VAL AA 112 -36.73 23.25 -149.29
C VAL AA 112 -37.09 23.99 -148.00
N SER AA 113 -36.69 25.27 -147.91
CA SER AA 113 -37.03 26.06 -146.73
C SER AA 113 -38.53 26.22 -146.58
N ALA AA 114 -39.24 26.48 -147.69
CA ALA AA 114 -40.68 26.62 -147.63
C ALA AA 114 -41.35 25.30 -147.24
N VAL AA 115 -40.86 24.19 -147.78
CA VAL AA 115 -41.42 22.88 -147.40
C VAL AA 115 -41.23 22.62 -145.91
N ALA AA 116 -40.02 22.90 -145.40
CA ALA AA 116 -39.77 22.70 -143.97
C ALA AA 116 -40.62 23.64 -143.12
N TYR AA 117 -40.80 24.88 -143.58
CA TYR AA 117 -41.60 25.85 -142.83
C TYR AA 117 -43.07 25.42 -142.79
N GLU AA 118 -43.59 24.89 -143.90
CA GLU AA 118 -44.96 24.41 -143.89
C GLU AA 118 -45.11 23.15 -143.04
N LEU AA 119 -44.09 22.29 -143.01
CA LEU AA 119 -44.12 21.17 -142.08
C LEU AA 119 -44.14 21.64 -140.63
N GLU AA 120 -43.35 22.69 -140.33
CA GLU AA 120 -43.37 23.29 -139.00
C GLU AA 120 -44.74 23.85 -138.68
N ASP AA 121 -45.38 24.52 -139.64
CA ASP AA 121 -46.73 25.04 -139.44
C ASP AA 121 -47.72 23.90 -139.20
N TYR AA 122 -47.56 22.79 -139.94
CA TYR AA 122 -48.40 21.62 -139.75
C TYR AA 122 -48.29 21.09 -138.31
N ILE AA 123 -47.06 20.96 -137.82
CA ILE AA 123 -46.88 20.58 -136.42
C ILE AA 123 -47.48 21.61 -135.49
N ALA AA 124 -47.45 22.89 -135.89
CA ALA AA 124 -48.03 23.94 -135.06
C ALA AA 124 -49.54 23.76 -134.92
N GLU AA 125 -50.24 23.51 -136.03
CA GLU AA 125 -51.68 23.28 -135.91
C GLU AA 125 -51.97 21.97 -135.18
N LEU AA 126 -51.10 20.97 -135.33
CA LEU AA 126 -51.30 19.73 -134.57
C LEU AA 126 -51.18 19.96 -133.07
N ILE AA 127 -50.20 20.76 -132.65
CA ILE AA 127 -50.00 21.02 -131.23
C ILE AA 127 -51.01 22.04 -130.69
N GLU AA 128 -51.61 22.84 -131.56
CA GLU AA 128 -52.62 23.80 -131.12
C GLU AA 128 -54.03 23.20 -131.22
N GLY AA 129 -54.42 22.76 -132.40
CA GLY AA 129 -55.72 22.14 -132.58
C GLY AA 129 -55.79 20.74 -131.99
N ALA AA 130 -56.51 20.59 -130.89
CA ALA AA 130 -56.62 19.32 -130.20
C ALA AA 130 -57.88 19.35 -129.35
N PRO AA 131 -58.44 18.18 -129.01
CA PRO AA 131 -59.63 18.17 -128.14
C PRO AA 131 -59.30 18.53 -126.71
N TYR AA 132 -58.97 19.80 -126.48
CA TYR AA 132 -58.63 20.29 -125.14
C TYR AA 132 -59.92 20.68 -124.41
N GLU AA 133 -60.13 20.08 -123.24
CA GLU AA 133 -61.33 20.36 -122.48
C GLU AA 133 -61.32 21.78 -121.90
N GLU AA 134 -60.14 22.29 -121.54
CA GLU AA 134 -60.04 23.61 -120.94
C GLU AA 134 -58.64 24.15 -121.16
N THR AA 135 -58.49 25.45 -120.96
CA THR AA 135 -57.21 26.14 -121.05
C THR AA 135 -56.88 26.75 -119.69
N ILE AA 136 -55.66 26.50 -119.22
CA ILE AA 136 -55.24 27.01 -117.92
C ILE AA 136 -54.97 28.51 -118.04
N LEU AA 137 -55.69 29.30 -117.27
CA LEU AA 137 -55.56 30.75 -117.34
C LEU AA 137 -54.34 31.20 -116.53
N ILE AA 138 -53.43 31.91 -117.19
CA ILE AA 138 -52.22 32.41 -116.55
C ILE AA 138 -52.45 33.86 -116.17
N ASP AA 139 -52.37 34.15 -114.87
CA ASP AA 139 -52.53 35.52 -114.40
C ASP AA 139 -51.34 36.36 -114.85
N PRO AA 140 -51.58 37.58 -115.36
CA PRO AA 140 -50.47 38.41 -115.81
C PRO AA 140 -49.47 38.75 -114.71
N ALA AA 141 -49.93 38.90 -113.46
CA ALA AA 141 -49.03 39.24 -112.38
C ALA AA 141 -48.31 38.02 -111.83
N ASP AA 142 -49.05 36.95 -111.57
CA ASP AA 142 -48.50 35.71 -111.01
C ASP AA 142 -48.61 34.59 -112.04
N THR AA 143 -47.48 33.95 -112.34
CA THR AA 143 -47.41 32.94 -113.37
C THR AA 143 -47.05 31.55 -112.87
N VAL AA 144 -46.32 31.44 -111.76
CA VAL AA 144 -45.96 30.13 -111.23
C VAL AA 144 -47.17 29.28 -110.88
N PRO AA 145 -48.21 29.80 -110.21
CA PRO AA 145 -49.38 28.95 -109.90
C PRO AA 145 -50.05 28.37 -111.14
N ALA AA 146 -50.03 29.06 -112.28
CA ALA AA 146 -50.61 28.49 -113.49
C ALA AA 146 -49.86 27.23 -113.92
N PHE AA 147 -48.53 27.27 -113.91
CA PHE AA 147 -47.75 26.10 -114.28
C PHE AA 147 -47.90 24.99 -113.24
N ILE AA 148 -48.01 25.36 -111.96
CA ILE AA 148 -48.26 24.35 -110.93
C ILE AA 148 -49.59 23.67 -111.15
N THR AA 149 -50.62 24.45 -111.52
CA THR AA 149 -51.93 23.89 -111.80
C THR AA 149 -51.87 22.97 -113.02
N ALA AA 150 -51.14 23.37 -114.06
CA ALA AA 150 -51.00 22.51 -115.24
C ALA AA 150 -50.32 21.20 -114.88
N ASP AA 151 -49.27 21.27 -114.06
CA ASP AA 151 -48.59 20.06 -113.62
C ASP AA 151 -49.51 19.17 -112.79
N GLN AA 152 -50.35 19.79 -111.95
CA GLN AA 152 -51.31 19.02 -111.16
C GLN AA 152 -52.33 18.33 -112.05
N ARG AA 153 -52.81 19.03 -113.08
CA ARG AA 153 -53.74 18.40 -114.03
C ARG AA 153 -53.07 17.24 -114.75
N MET AA 154 -51.80 17.40 -115.14
CA MET AA 154 -51.09 16.31 -115.79
C MET AA 154 -50.93 15.12 -114.85
N GLY AA 155 -50.60 15.38 -113.59
CA GLY AA 155 -50.41 14.31 -112.62
C GLY AA 155 -51.69 13.64 -112.19
N GLU AA 156 -52.83 14.32 -112.32
CA GLU AA 156 -54.10 13.69 -112.00
C GLU AA 156 -54.39 12.50 -112.91
N ALA AA 157 -53.83 12.50 -114.12
CA ALA AA 157 -53.98 11.39 -115.06
C ALA AA 157 -52.86 10.37 -114.93
N ASN AA 158 -52.02 10.48 -113.89
CA ASN AA 158 -50.90 9.57 -113.67
C ASN AA 158 -49.93 9.57 -114.86
N VAL AA 159 -49.71 10.74 -115.43
CA VAL AA 159 -48.75 10.88 -116.53
C VAL AA 159 -47.33 10.66 -115.99
N PRO AA 160 -46.51 9.84 -116.63
CA PRO AA 160 -45.14 9.65 -116.14
C PRO AA 160 -44.35 10.96 -116.16
N THR AA 161 -43.49 11.12 -115.16
CA THR AA 161 -42.73 12.36 -114.98
C THR AA 161 -41.37 12.28 -115.68
N ASP AA 162 -41.43 12.11 -116.99
CA ASP AA 162 -40.23 12.08 -117.82
C ASP AA 162 -40.60 12.50 -119.24
N SER AA 163 -39.64 13.11 -119.93
CA SER AA 163 -39.81 13.56 -121.31
C SER AA 163 -41.02 14.46 -121.46
N ARG AA 164 -41.22 15.34 -120.48
CA ARG AA 164 -42.34 16.28 -120.48
C ARG AA 164 -41.90 17.53 -121.22
N ARG AA 165 -42.16 17.57 -122.52
CA ARG AA 165 -41.74 18.69 -123.36
C ARG AA 165 -42.76 19.82 -123.27
N LEU AA 166 -42.26 21.02 -122.98
CA LEU AA 166 -43.09 22.22 -122.87
C LEU AA 166 -42.63 23.24 -123.89
N VAL AA 167 -43.57 23.75 -124.68
CA VAL AA 167 -43.33 24.80 -125.65
C VAL AA 167 -44.06 26.05 -125.19
N VAL AA 168 -43.36 27.18 -125.18
CA VAL AA 168 -43.87 28.44 -124.66
C VAL AA 168 -43.72 29.51 -125.73
N GLY AA 169 -44.76 30.32 -125.91
CA GLY AA 169 -44.68 31.41 -126.86
C GLY AA 169 -43.79 32.53 -126.38
N SER AA 170 -43.43 33.41 -127.33
CA SER AA 170 -42.55 34.52 -127.01
C SER AA 170 -43.20 35.47 -126.02
N ALA AA 171 -44.49 35.79 -126.21
CA ALA AA 171 -45.16 36.70 -125.30
C ALA AA 171 -45.31 36.08 -123.91
N VAL AA 172 -45.65 34.80 -123.83
CA VAL AA 172 -45.79 34.14 -122.54
C VAL AA 172 -44.44 34.07 -121.84
N ALA AA 173 -43.37 33.78 -122.58
CA ALA AA 173 -42.03 33.75 -122.00
C ALA AA 173 -41.63 35.14 -121.49
N ALA AA 174 -41.93 36.18 -122.25
CA ALA AA 174 -41.62 37.54 -121.81
C ALA AA 174 -42.39 37.90 -120.54
N ALA AA 175 -43.67 37.53 -120.48
CA ALA AA 175 -44.46 37.78 -119.29
C ALA AA 175 -43.91 37.00 -118.09
N LEU AA 176 -43.45 35.77 -118.34
CA LEU AA 176 -42.83 34.98 -117.28
C LEU AA 176 -41.56 35.66 -116.76
N ALA AA 177 -40.76 36.22 -117.68
CA ALA AA 177 -39.59 36.98 -117.26
C ALA AA 177 -39.98 38.26 -116.51
N LYS AA 178 -41.19 38.78 -116.77
CA LYS AA 178 -41.68 39.97 -116.09
C LYS AA 178 -42.32 39.65 -114.74
N ASP AA 179 -42.45 38.38 -114.39
CA ASP AA 179 -43.06 38.01 -113.13
C ASP AA 179 -42.22 38.48 -111.95
N LYS AA 180 -42.88 38.95 -110.91
CA LYS AA 180 -42.18 39.37 -109.70
C LYS AA 180 -41.47 38.21 -109.03
N GLN AA 181 -41.93 36.97 -109.26
CA GLN AA 181 -41.27 35.81 -108.67
C GLN AA 181 -39.85 35.66 -109.18
N PHE AA 182 -39.64 35.88 -110.48
CA PHE AA 182 -38.33 35.72 -111.10
C PHE AA 182 -37.59 37.02 -111.30
N ARG AA 183 -38.14 38.15 -110.87
CA ARG AA 183 -37.52 39.45 -111.08
C ARG AA 183 -37.37 40.21 -109.77
N HIS AA 184 -37.00 39.50 -108.70
CA HIS AA 184 -36.72 40.14 -107.43
C HIS AA 184 -35.47 39.61 -106.75
N ALA AA 185 -34.83 38.56 -107.28
CA ALA AA 185 -33.53 38.08 -106.82
C ALA AA 185 -33.55 37.54 -105.40
N ASP AA 186 -34.72 37.55 -104.76
CA ASP AA 186 -34.86 36.95 -103.43
C ASP AA 186 -36.01 35.95 -103.44
N TRP AA 187 -37.05 36.25 -104.20
CA TRP AA 187 -38.15 35.29 -104.37
C TRP AA 187 -37.75 34.15 -105.29
N SER AA 188 -36.83 34.39 -106.21
CA SER AA 188 -36.39 33.37 -107.15
C SER AA 188 -35.23 32.52 -106.62
N GLY AA 189 -34.64 32.88 -105.49
CA GLY AA 189 -33.58 32.11 -104.86
C GLY AA 189 -32.17 32.42 -105.33
N ASP AA 190 -31.98 32.63 -106.62
CA ASP AA 190 -30.65 32.85 -107.17
C ASP AA 190 -30.17 34.26 -106.79
N GLN AA 191 -29.03 34.31 -106.10
CA GLN AA 191 -28.45 35.62 -105.73
C GLN AA 191 -27.82 36.30 -106.93
N ALA AA 192 -27.36 35.53 -107.91
CA ALA AA 192 -26.75 36.12 -109.11
C ALA AA 192 -27.76 36.84 -109.98
N ASN AA 193 -29.06 36.62 -109.75
CA ASN AA 193 -30.13 37.25 -110.53
C ASN AA 193 -29.97 36.99 -112.02
N ALA AA 194 -29.67 35.74 -112.37
CA ALA AA 194 -29.53 35.37 -113.77
C ALA AA 194 -30.85 35.42 -114.53
N ALA AA 195 -31.98 35.43 -113.81
CA ALA AA 195 -33.27 35.50 -114.49
C ALA AA 195 -33.54 36.91 -115.01
N LEU AA 196 -33.19 37.93 -114.23
CA LEU AA 196 -33.40 39.31 -114.67
C LEU AA 196 -32.52 39.65 -115.86
N ARG AA 197 -31.24 39.31 -115.79
CA ARG AA 197 -30.32 39.57 -116.89
C ARG AA 197 -30.51 38.56 -118.01
N GLU AA 198 -30.21 38.98 -119.23
CA GLU AA 198 -30.31 38.21 -120.47
C GLU AA 198 -31.75 37.86 -120.84
N ALA AA 199 -32.74 38.28 -120.06
CA ALA AA 199 -34.15 38.05 -120.35
C ALA AA 199 -34.46 36.56 -120.54
N HIS AA 200 -33.85 35.72 -119.70
CA HIS AA 200 -34.07 34.28 -119.73
C HIS AA 200 -34.56 33.83 -118.37
N VAL AA 201 -35.75 33.23 -118.34
CA VAL AA 201 -36.32 32.77 -117.07
C VAL AA 201 -35.54 31.58 -116.54
N GLY AA 202 -35.09 30.70 -117.42
CA GLY AA 202 -34.36 29.51 -117.00
C GLY AA 202 -35.25 28.30 -116.76
N ARG AA 203 -34.81 27.39 -115.90
CA ARG AA 203 -35.57 26.18 -115.64
C ARG AA 203 -36.88 26.50 -114.92
N LEU AA 204 -37.96 25.87 -115.36
CA LEU AA 204 -39.27 26.03 -114.77
C LEU AA 204 -39.54 24.91 -113.77
N ALA AA 205 -40.73 24.94 -113.16
CA ALA AA 205 -41.09 23.97 -112.13
C ALA AA 205 -41.30 22.60 -112.76
N GLY AA 206 -40.31 21.71 -112.60
CA GLY AA 206 -40.42 20.35 -113.07
C GLY AA 206 -40.17 20.16 -114.56
N MET AA 207 -39.84 21.22 -115.29
CA MET AA 207 -39.63 21.12 -116.73
C MET AA 207 -38.82 22.31 -117.19
N ASN AA 208 -38.30 22.21 -118.41
CA ASN AA 208 -37.56 23.28 -119.04
C ASN AA 208 -38.48 24.08 -119.97
N VAL AA 209 -37.93 25.17 -120.52
CA VAL AA 209 -38.68 26.06 -121.40
C VAL AA 209 -38.00 26.07 -122.76
N ILE AA 210 -38.79 25.96 -123.82
CA ILE AA 210 -38.30 26.01 -125.19
C ILE AA 210 -39.10 27.09 -125.92
N ARG AA 211 -38.39 28.08 -126.46
CA ARG AA 211 -39.05 29.19 -127.14
C ARG AA 211 -39.37 28.81 -128.59
N SER AA 212 -40.57 29.16 -129.02
CA SER AA 212 -41.02 28.88 -130.38
C SER AA 212 -42.05 29.91 -130.76
N ASN AA 213 -41.72 30.76 -131.73
CA ASN AA 213 -42.63 31.81 -132.19
C ASN AA 213 -43.60 31.32 -133.26
N ALA AA 214 -43.44 30.09 -133.75
CA ALA AA 214 -44.37 29.57 -134.74
C ALA AA 214 -45.77 29.43 -134.17
N ILE AA 215 -45.88 28.96 -132.93
CA ILE AA 215 -47.17 28.84 -132.25
C ILE AA 215 -47.63 30.23 -131.83
N ALA AA 216 -48.88 30.34 -131.41
CA ALA AA 216 -49.41 31.62 -130.96
C ALA AA 216 -48.62 32.12 -129.76
N PRO AA 217 -48.17 33.38 -129.77
CA PRO AA 217 -47.36 33.87 -128.63
C PRO AA 217 -48.10 33.87 -127.31
N ASP AA 218 -49.43 33.87 -127.32
CA ASP AA 218 -50.23 33.92 -126.10
C ASP AA 218 -50.55 32.53 -125.56
N LYS AA 219 -50.12 31.46 -126.22
CA LYS AA 219 -50.45 30.11 -125.83
C LYS AA 219 -49.19 29.27 -125.63
N ALA AA 220 -49.28 28.31 -124.71
CA ALA AA 220 -48.20 27.38 -124.43
C ALA AA 220 -48.79 25.98 -124.29
N TYR AA 221 -47.98 24.97 -124.61
CA TYR AA 221 -48.45 23.59 -124.61
C TYR AA 221 -47.43 22.67 -123.95
N LEU AA 222 -47.92 21.77 -123.11
CA LEU AA 222 -47.08 20.80 -122.41
C LEU AA 222 -47.57 19.40 -122.71
N TRP AA 223 -46.69 18.55 -123.22
CA TRP AA 223 -47.07 17.19 -123.60
C TRP AA 223 -45.95 16.22 -123.23
N HIS AA 224 -46.35 14.99 -122.94
CA HIS AA 224 -45.43 13.93 -122.50
C HIS AA 224 -45.13 13.03 -123.70
N ARG AA 225 -44.08 13.37 -124.45
CA ARG AA 225 -43.53 12.57 -125.53
C ARG AA 225 -44.60 11.95 -126.43
N THR AA 226 -45.16 10.82 -125.99
CA THR AA 226 -46.11 10.06 -126.80
C THR AA 226 -47.53 10.62 -126.67
N ALA AA 227 -47.68 11.93 -126.86
CA ALA AA 227 -48.98 12.57 -126.88
C ALA AA 227 -49.50 12.83 -128.28
N PHE AA 228 -48.62 12.88 -129.28
CA PHE AA 228 -49.01 13.10 -130.66
C PHE AA 228 -48.24 12.15 -131.56
N ILE AA 229 -48.84 11.81 -132.70
CA ILE AA 229 -48.27 10.87 -133.65
C ILE AA 229 -48.02 11.62 -134.96
N LEU AA 230 -46.77 11.62 -135.41
CA LEU AA 230 -46.36 12.24 -136.66
C LEU AA 230 -45.86 11.13 -137.58
N ALA AA 231 -46.38 11.09 -138.80
CA ALA AA 231 -45.96 10.09 -139.78
C ALA AA 231 -45.53 10.79 -141.06
N TYR AA 232 -44.36 10.41 -141.57
CA TYR AA 232 -43.81 10.97 -142.80
C TYR AA 232 -43.58 9.86 -143.81
N ARG AA 233 -43.78 10.18 -145.09
CA ARG AA 233 -43.60 9.22 -146.17
C ARG AA 233 -43.07 9.94 -147.40
N THR AA 234 -41.96 9.45 -147.93
CA THR AA 234 -41.42 9.99 -149.17
C THR AA 234 -42.08 9.31 -150.36
N PRO AA 235 -42.79 10.04 -151.21
CA PRO AA 235 -43.45 9.39 -152.36
C PRO AA 235 -42.44 8.76 -153.30
N VAL AA 236 -42.85 7.64 -153.91
CA VAL AA 236 -42.01 6.94 -154.86
C VAL AA 236 -42.03 7.68 -156.19
N VAL AA 237 -40.87 7.82 -156.80
CA VAL AA 237 -40.77 8.52 -158.09
C VAL AA 237 -41.53 7.72 -159.15
N PRO AA 238 -42.46 8.34 -159.88
CA PRO AA 238 -43.20 7.59 -160.91
C PRO AA 238 -42.28 7.07 -162.00
N GLU AA 239 -42.62 5.90 -162.53
CA GLU AA 239 -41.83 5.28 -163.59
C GLU AA 239 -42.03 6.06 -164.88
N GLY AA 240 -40.97 6.71 -165.35
CA GLY AA 240 -41.04 7.51 -166.56
C GLY AA 240 -40.75 8.98 -166.29
N ALA AA 241 -40.01 9.26 -165.23
CA ALA AA 241 -39.66 10.62 -164.86
C ALA AA 241 -38.21 10.91 -165.27
N LYS AA 242 -37.74 12.11 -164.92
CA LYS AA 242 -36.39 12.54 -165.26
C LYS AA 242 -35.39 12.21 -164.15
N ALA AA 243 -35.63 12.74 -162.94
CA ALA AA 243 -34.75 12.51 -161.81
C ALA AA 243 -35.54 12.66 -160.52
N GLY AA 244 -34.99 12.10 -159.44
CA GLY AA 244 -35.64 12.16 -158.15
C GLY AA 244 -35.20 13.35 -157.32
N ALA AA 245 -33.89 13.51 -157.14
CA ALA AA 245 -33.30 14.58 -156.34
C ALA AA 245 -33.92 14.63 -154.94
N SER AA 246 -33.71 13.54 -154.20
CA SER AA 246 -34.30 13.39 -152.88
C SER AA 246 -33.62 14.26 -151.84
N PHE AA 247 -34.05 15.52 -151.74
CA PHE AA 247 -33.53 16.41 -150.72
C PHE AA 247 -34.04 16.01 -149.33
N SER AA 248 -33.21 16.26 -148.32
CA SER AA 248 -33.53 15.94 -146.94
C SER AA 248 -33.71 17.21 -146.15
N ALA AA 249 -34.87 17.35 -145.49
CA ALA AA 249 -35.18 18.50 -144.66
C ALA AA 249 -35.55 18.02 -143.28
N ASN AA 250 -34.86 18.55 -142.26
CA ASN AA 250 -35.04 18.21 -140.85
C ASN AA 250 -35.26 16.72 -140.62
N GLY AA 251 -34.50 15.88 -141.33
CA GLY AA 251 -34.62 14.44 -141.19
C GLY AA 251 -35.72 13.81 -142.01
N VAL AA 252 -36.41 14.56 -142.85
CA VAL AA 252 -37.50 14.06 -143.67
C VAL AA 252 -37.09 14.18 -145.13
N ALA AA 253 -37.08 13.06 -145.85
CA ALA AA 253 -36.75 13.06 -147.26
C ALA AA 253 -37.92 13.55 -148.10
N LEU AA 254 -37.59 14.14 -149.26
CA LEU AA 254 -38.60 14.70 -150.15
C LEU AA 254 -38.42 14.11 -151.55
N ARG AA 255 -39.47 14.24 -152.35
CA ARG AA 255 -39.47 13.79 -153.73
C ARG AA 255 -39.70 14.99 -154.65
N TRP AA 256 -38.88 15.10 -155.70
CA TRP AA 256 -38.87 16.27 -156.56
C TRP AA 256 -39.10 15.86 -158.01
N LEU AA 257 -39.91 16.63 -158.71
CA LEU AA 257 -40.17 16.44 -160.13
C LEU AA 257 -39.52 17.57 -160.93
N ALA AA 258 -39.23 17.28 -162.20
CA ALA AA 258 -38.69 18.28 -163.12
C ALA AA 258 -39.67 18.61 -164.23
N ASP AA 259 -40.08 17.60 -165.01
CA ASP AA 259 -41.10 17.72 -166.06
C ASP AA 259 -40.65 18.58 -167.23
N TYR AA 260 -41.14 18.28 -168.42
CA TYR AA 260 -40.80 19.02 -169.63
C TYR AA 260 -42.06 19.26 -170.47
N ASP AA 261 -43.10 19.77 -169.82
CA ASP AA 261 -44.37 20.02 -170.50
C ASP AA 261 -44.19 20.95 -171.69
N TYR AA 262 -44.85 20.63 -172.79
CA TYR AA 262 -44.73 21.37 -174.04
C TYR AA 262 -45.91 22.29 -174.33
N SER AA 263 -47.08 22.00 -173.75
CA SER AA 263 -48.27 22.80 -174.05
C SER AA 263 -48.09 24.26 -173.66
N GLN AA 264 -47.51 24.51 -172.48
CA GLN AA 264 -47.24 25.87 -172.02
C GLN AA 264 -45.78 26.07 -171.65
N LEU AA 265 -44.90 25.15 -172.10
CA LEU AA 265 -43.47 25.22 -171.83
C LEU AA 265 -43.18 25.27 -170.33
N GLY AA 266 -41.99 25.73 -169.97
CA GLY AA 266 -41.65 25.86 -168.57
C GLY AA 266 -41.41 24.52 -167.89
N ASP AA 267 -41.44 24.56 -166.56
CA ASP AA 267 -41.24 23.38 -165.73
C ASP AA 267 -42.43 23.20 -164.79
N ARG AA 268 -42.54 21.98 -164.25
CA ARG AA 268 -43.65 21.58 -163.39
C ARG AA 268 -43.13 20.86 -162.16
N THR AA 269 -42.19 21.49 -161.46
CA THR AA 269 -41.66 20.92 -160.23
C THR AA 269 -42.76 20.78 -159.19
N LEU AA 270 -42.84 19.61 -158.56
CA LEU AA 270 -43.84 19.26 -157.56
C LEU AA 270 -43.19 18.61 -156.35
N LEU AA 271 -42.16 19.26 -155.81
CA LEU AA 271 -41.53 18.78 -154.57
C LEU AA 271 -42.58 18.60 -153.48
N ASP AA 272 -42.75 17.36 -153.03
CA ASP AA 272 -43.85 17.02 -152.16
C ASP AA 272 -43.49 15.86 -151.25
N VAL AA 273 -44.34 15.63 -150.25
CA VAL AA 273 -44.14 14.59 -149.25
C VAL AA 273 -45.50 14.29 -148.63
N PHE AA 274 -45.64 13.10 -148.05
CA PHE AA 274 -46.88 12.70 -147.39
C PHE AA 274 -46.69 12.78 -145.88
N THR AA 275 -47.65 13.40 -145.20
CA THR AA 275 -47.59 13.53 -143.75
C THR AA 275 -48.95 13.20 -143.15
N GLY AA 276 -48.91 12.74 -141.91
CA GLY AA 276 -50.10 12.39 -141.17
C GLY AA 276 -49.99 12.69 -139.69
N ARG AA 277 -51.08 13.22 -139.12
CA ARG AA 277 -51.12 13.64 -137.72
C ARG AA 277 -52.15 12.80 -136.97
N LYS AA 278 -51.86 12.53 -135.71
CA LYS AA 278 -52.82 11.83 -134.87
C LYS AA 278 -52.67 12.32 -133.43
N VAL AA 279 -53.80 12.37 -132.72
CA VAL AA 279 -53.83 12.77 -131.31
C VAL AA 279 -54.07 11.52 -130.48
N VAL AA 280 -53.15 11.24 -129.55
CA VAL AA 280 -53.25 10.05 -128.71
C VAL AA 280 -54.24 10.32 -127.59
N THR AA 281 -55.43 9.72 -127.70
CA THR AA 281 -56.47 9.86 -126.70
C THR AA 281 -56.40 8.69 -125.72
N GLU AA 282 -57.39 8.61 -124.83
CA GLU AA 282 -57.46 7.54 -123.85
C GLU AA 282 -58.52 6.52 -124.28
N VAL AA 283 -58.75 5.53 -123.42
CA VAL AA 283 -59.73 4.49 -123.71
C VAL AA 283 -61.14 5.08 -123.76
N ASP AA 284 -61.47 5.93 -122.78
CA ASP AA 284 -62.80 6.54 -122.75
C ASP AA 284 -63.00 7.56 -123.87
N GLY AA 285 -61.93 8.15 -124.38
CA GLY AA 285 -62.01 9.12 -125.43
C GLY AA 285 -61.69 10.56 -125.04
N SER AA 286 -60.93 10.78 -123.96
CA SER AA 286 -60.58 12.11 -123.49
C SER AA 286 -59.09 12.32 -123.63
N PHE AA 287 -58.70 13.51 -124.10
CA PHE AA 287 -57.30 13.86 -124.30
C PHE AA 287 -56.75 14.46 -123.01
N VAL AA 288 -55.92 13.69 -122.30
CA VAL AA 288 -55.31 14.14 -121.05
C VAL AA 288 -53.78 14.11 -121.12
N ARG AA 289 -53.20 13.65 -122.23
CA ARG AA 289 -51.75 13.57 -122.32
C ARG AA 289 -51.10 14.93 -122.53
N ALA AA 290 -51.85 15.95 -122.93
CA ALA AA 290 -51.31 17.28 -123.17
C ALA AA 290 -52.21 18.32 -122.53
N VAL AA 291 -51.60 19.44 -122.16
CA VAL AA 291 -52.31 20.56 -121.54
C VAL AA 291 -51.94 21.85 -122.24
N GLU AA 292 -52.87 22.79 -122.24
CA GLU AA 292 -52.74 24.08 -122.90
C GLU AA 292 -52.91 25.20 -121.87
N LEU AA 293 -52.01 26.17 -121.92
CA LEU AA 293 -52.05 27.34 -121.02
C LEU AA 293 -52.18 28.59 -121.86
N GLN AA 294 -53.12 29.46 -121.49
CA GLN AA 294 -53.38 30.71 -122.18
C GLN AA 294 -53.20 31.87 -121.21
N LEU AA 295 -52.49 32.90 -121.65
CA LEU AA 295 -52.24 34.07 -120.82
C LEU AA 295 -53.48 34.95 -120.77
N GLN AA 296 -53.82 35.40 -119.57
CA GLN AA 296 -55.00 36.23 -119.38
C GLN AA 296 -54.80 37.62 -119.96
N ALA AA 297 -55.88 38.19 -120.48
CA ALA AA 297 -55.89 39.55 -121.00
C ALA AA 297 -56.97 40.35 -120.29
N SER AA 298 -56.65 41.59 -119.92
CA SER AA 298 -57.57 42.44 -119.19
C SER AA 298 -57.77 43.82 -119.78
N SER AA 299 -56.96 44.23 -120.75
CA SER AA 299 -57.10 45.56 -121.33
C SER AA 299 -56.41 45.56 -122.70
N ILE AA 300 -57.19 45.80 -123.75
CA ILE AA 300 -56.65 45.88 -125.10
C ILE AA 300 -56.25 47.33 -125.39
N THR AA 301 -55.16 47.50 -126.12
CA THR AA 301 -54.64 48.81 -126.46
C THR AA 301 -54.55 48.95 -127.98
N ILE AA 302 -54.94 50.12 -128.48
CA ILE AA 302 -54.88 50.41 -129.91
C ILE AA 302 -53.56 51.14 -130.18
N VAL AA 303 -52.67 50.49 -130.93
CA VAL AA 303 -51.37 51.07 -131.22
C VAL AA 303 -51.53 52.20 -132.22
N GLY AA 304 -50.97 53.36 -131.90
CA GLY AA 304 -51.04 54.53 -132.75
C GLY AA 304 -51.72 55.73 -132.13
N GLY AA 305 -52.19 55.64 -130.89
CA GLY AA 305 -52.84 56.77 -130.24
C GLY AA 305 -54.12 57.20 -130.90
N ALA AA 306 -54.19 58.48 -131.29
CA ALA AA 306 -55.35 59.08 -131.93
C ALA AA 306 -54.95 59.72 -133.25
N PHE AA 307 -54.21 58.97 -134.06
CA PHE AA 307 -53.73 59.48 -135.34
C PHE AA 307 -54.89 59.91 -136.23
N ALA AA 308 -54.75 61.10 -136.81
CA ALA AA 308 -55.78 61.66 -137.69
C ALA AA 308 -55.66 61.03 -139.07
N LEU AA 309 -56.39 61.57 -140.04
CA LEU AA 309 -56.41 61.04 -141.40
C LEU AA 309 -56.09 62.17 -142.37
N ALA AA 310 -55.25 61.85 -143.37
CA ALA AA 310 -54.76 62.86 -144.31
C ALA AA 310 -55.69 63.05 -145.50
N THR AA 311 -56.11 61.97 -146.15
CA THR AA 311 -56.97 62.04 -147.32
C THR AA 311 -58.34 61.45 -146.99
N THR AA 312 -59.28 61.63 -147.92
CA THR AA 312 -60.65 61.23 -147.66
C THR AA 312 -60.80 59.71 -147.57
N THR AA 313 -59.93 58.95 -148.24
CA THR AA 313 -60.01 57.49 -148.28
C THR AA 313 -58.71 56.87 -147.78
N GLY AA 314 -58.07 57.48 -146.79
CA GLY AA 314 -56.86 56.94 -146.22
C GLY AA 314 -57.05 55.59 -145.55
N THR AA 315 -56.13 54.66 -145.77
CA THR AA 315 -56.20 53.33 -145.22
C THR AA 315 -54.97 53.05 -144.35
N LYS AA 316 -55.16 52.27 -143.30
CA LYS AA 316 -54.08 51.88 -142.41
C LYS AA 316 -54.52 50.68 -141.60
N GLN AA 317 -53.58 49.78 -141.32
CA GLN AA 317 -53.86 48.58 -140.52
C GLN AA 317 -53.65 48.92 -139.05
N LEU AA 318 -54.74 48.94 -138.28
CA LEU AA 318 -54.69 49.29 -136.86
C LEU AA 318 -54.39 48.04 -136.06
N LYS AA 319 -53.12 47.86 -135.69
CA LYS AA 319 -52.74 46.73 -134.85
C LYS AA 319 -53.16 46.98 -133.41
N VAL AA 320 -53.73 45.94 -132.79
CA VAL AA 320 -54.26 46.03 -131.43
C VAL AA 320 -53.50 45.04 -130.55
N ARG AA 321 -52.96 45.53 -129.45
CA ARG AA 321 -52.23 44.72 -128.49
C ARG AA 321 -52.92 44.77 -127.14
N ASP AA 322 -52.80 43.69 -126.38
CA ASP AA 322 -53.44 43.59 -125.08
C ASP AA 322 -52.56 44.26 -124.02
N ASP AA 323 -52.94 44.11 -122.74
CA ASP AA 323 -52.15 44.67 -121.66
C ASP AA 323 -50.77 44.01 -121.58
N ASN AA 324 -50.73 42.69 -121.78
CA ASN AA 324 -49.47 41.96 -121.73
C ASN AA 324 -48.56 42.27 -122.91
N GLY AA 325 -49.07 42.93 -123.95
CA GLY AA 325 -48.28 43.27 -125.12
C GLY AA 325 -48.50 42.37 -126.31
N THR AA 326 -49.24 41.27 -126.15
CA THR AA 326 -49.51 40.38 -127.28
C THR AA 326 -50.44 41.06 -128.28
N ASP AA 327 -50.06 41.01 -129.55
CA ASP AA 327 -50.83 41.65 -130.61
C ASP AA 327 -51.93 40.71 -131.07
N VAL AA 328 -53.18 41.04 -130.74
CA VAL AA 328 -54.31 40.21 -131.15
C VAL AA 328 -54.79 40.57 -132.55
N THR AA 329 -55.14 41.85 -132.76
CA THR AA 329 -55.49 42.38 -134.08
C THR AA 329 -56.55 41.55 -134.81
N ALA AA 330 -56.16 40.35 -135.26
CA ALA AA 330 -57.03 39.56 -136.12
C ALA AA 330 -58.32 39.17 -135.41
N ARG AA 331 -58.22 38.72 -134.17
CA ARG AA 331 -59.40 38.32 -133.39
C ARG AA 331 -59.92 39.56 -132.65
N CYS AA 332 -60.85 40.27 -133.28
CA CYS AA 332 -61.40 41.49 -132.71
C CYS AA 332 -62.76 41.76 -133.36
N THR AA 333 -63.35 42.90 -133.00
CA THR AA 333 -64.67 43.31 -133.45
C THR AA 333 -64.64 44.76 -133.93
N PHE AA 334 -63.69 45.07 -134.82
CA PHE AA 334 -63.53 46.41 -135.35
C PHE AA 334 -64.84 46.97 -135.88
N ALA AA 335 -65.27 48.10 -135.33
CA ALA AA 335 -66.49 48.76 -135.75
C ALA AA 335 -66.37 50.26 -135.51
N SER AA 336 -66.73 51.05 -136.52
CA SER AA 336 -66.66 52.49 -136.43
C SER AA 336 -68.00 53.05 -135.95
N SER AA 337 -67.93 53.99 -135.01
CA SER AA 337 -69.14 54.60 -134.46
C SER AA 337 -69.89 55.38 -135.52
N ALA AA 338 -69.18 56.23 -136.27
CA ALA AA 338 -69.79 57.03 -137.33
C ALA AA 338 -69.47 56.36 -138.67
N GLY AA 339 -70.38 55.51 -139.13
CA GLY AA 339 -70.18 54.81 -140.38
C GLY AA 339 -70.15 55.73 -141.59
N THR AA 340 -70.96 56.80 -141.57
CA THR AA 340 -71.02 57.71 -142.70
C THR AA 340 -69.70 58.44 -142.93
N LYS AA 341 -68.89 58.57 -141.88
CA LYS AA 341 -67.61 59.27 -142.00
C LYS AA 341 -66.45 58.33 -142.29
N ALA AA 342 -66.44 57.15 -141.65
CA ALA AA 342 -65.37 56.18 -141.86
C ALA AA 342 -65.91 54.78 -141.57
N THR AA 343 -65.44 53.80 -142.34
CA THR AA 343 -65.82 52.42 -142.16
C THR AA 343 -64.58 51.56 -141.99
N VAL AA 344 -64.62 50.62 -141.04
CA VAL AA 344 -63.50 49.74 -140.75
C VAL AA 344 -63.94 48.30 -140.96
N SER AA 345 -63.10 47.53 -141.64
CA SER AA 345 -63.39 46.13 -141.89
C SER AA 345 -63.07 45.29 -140.67
N ALA AA 346 -63.46 44.01 -140.73
CA ALA AA 346 -63.19 43.10 -139.62
C ALA AA 346 -61.70 42.92 -139.39
N ALA AA 347 -60.93 42.83 -140.48
CA ALA AA 347 -59.48 42.68 -140.33
C ALA AA 347 -58.85 43.90 -139.67
N GLY AA 348 -59.30 45.09 -140.04
CA GLY AA 348 -58.77 46.31 -139.47
C GLY AA 348 -58.46 47.39 -140.49
N LEU AA 349 -58.83 47.13 -141.74
CA LEU AA 349 -58.58 48.08 -142.84
C LEU AA 349 -59.61 49.19 -142.75
N VAL AA 350 -59.29 50.23 -141.96
CA VAL AA 350 -60.18 51.36 -141.80
C VAL AA 350 -59.96 52.34 -142.96
N THR AA 351 -61.06 52.87 -143.49
CA THR AA 351 -61.00 53.83 -144.59
C THR AA 351 -62.09 54.88 -144.40
N GLY AA 352 -61.73 56.15 -144.56
CA GLY AA 352 -62.70 57.21 -144.42
C GLY AA 352 -63.69 57.26 -145.57
N VAL AA 353 -64.84 57.86 -145.31
CA VAL AA 353 -65.89 58.00 -146.31
C VAL AA 353 -66.21 59.47 -146.52
N ALA AA 354 -66.61 60.15 -145.45
CA ALA AA 354 -66.96 61.56 -145.50
C ALA AA 354 -66.22 62.30 -144.39
N ALA AA 355 -66.07 63.61 -144.58
CA ALA AA 355 -65.37 64.44 -143.61
C ALA AA 355 -66.09 64.42 -142.27
N GLY AA 356 -65.34 64.23 -141.19
CA GLY AA 356 -65.92 64.16 -139.88
C GLY AA 356 -64.88 63.76 -138.84
N THR AA 357 -65.37 63.37 -137.69
CA THR AA 357 -64.56 62.98 -136.54
C THR AA 357 -64.97 61.58 -136.05
N ALA AA 358 -65.09 60.65 -136.98
CA ALA AA 358 -65.54 59.30 -136.65
C ALA AA 358 -64.55 58.62 -135.71
N ASP AA 359 -65.10 57.81 -134.80
CA ASP AA 359 -64.32 57.05 -133.85
C ASP AA 359 -64.56 55.56 -134.06
N ILE AA 360 -63.47 54.78 -134.01
CA ILE AA 360 -63.55 53.34 -134.22
C ILE AA 360 -63.41 52.65 -132.87
N THR AA 361 -64.41 51.86 -132.52
CA THR AA 361 -64.39 51.07 -131.28
C THR AA 361 -64.07 49.61 -131.60
N ALA AA 362 -63.44 48.94 -130.65
CA ALA AA 362 -63.03 47.56 -130.83
C ALA AA 362 -63.16 46.82 -129.50
N SER AA 363 -63.88 45.71 -129.52
CA SER AA 363 -64.09 44.88 -128.33
C SER AA 363 -63.49 43.51 -128.57
N TYR AA 364 -62.64 43.07 -127.65
CA TYR AA 364 -62.00 41.76 -127.73
C TYR AA 364 -62.38 40.95 -126.51
N VAL AA 365 -62.87 39.74 -126.72
CA VAL AA 365 -63.26 38.85 -125.63
C VAL AA 365 -62.01 38.31 -124.95
N PRO AA 366 -61.84 38.51 -123.65
CA PRO AA 366 -60.66 37.98 -122.97
C PRO AA 366 -60.69 36.46 -122.95
N PRO AA 367 -59.53 35.81 -122.94
CA PRO AA 367 -59.51 34.34 -122.85
C PRO AA 367 -60.18 33.81 -121.59
N GLN AA 368 -60.12 34.55 -120.49
CA GLN AA 368 -60.77 34.12 -119.24
C GLN AA 368 -62.29 34.22 -119.31
N GLY AA 369 -62.84 34.86 -120.32
CA GLY AA 369 -64.28 34.99 -120.45
C GLY AA 369 -64.81 36.27 -119.82
N GLY AA 370 -66.12 36.37 -119.80
CA GLY AA 370 -66.80 37.53 -119.25
C GLY AA 370 -67.20 38.51 -120.35
N THR AA 371 -66.94 39.79 -120.13
CA THR AA 371 -67.26 40.84 -121.09
C THR AA 371 -66.01 41.23 -121.87
N ALA AA 372 -66.21 41.57 -123.13
CA ALA AA 372 -65.10 41.93 -124.00
C ALA AA 372 -64.56 43.30 -123.65
N LYS AA 373 -63.24 43.40 -123.51
CA LYS AA 373 -62.60 44.68 -123.25
C LYS AA 373 -62.70 45.58 -124.48
N THR AA 374 -63.02 46.85 -124.26
CA THR AA 374 -63.33 47.78 -125.33
C THR AA 374 -62.32 48.92 -125.35
N ALA AA 375 -61.85 49.27 -126.54
CA ALA AA 375 -60.93 50.38 -126.75
C ALA AA 375 -61.38 51.19 -127.96
N THR AA 376 -61.24 52.51 -127.86
CA THR AA 376 -61.71 53.42 -128.90
C THR AA 376 -60.55 54.28 -129.41
N VAL AA 377 -60.52 54.50 -130.72
CA VAL AA 377 -59.51 55.34 -131.36
C VAL AA 377 -60.23 56.43 -132.14
N THR AA 378 -59.72 57.66 -132.03
CA THR AA 378 -60.33 58.83 -132.64
C THR AA 378 -59.52 59.25 -133.85
N VAL AA 379 -60.19 59.43 -134.99
CA VAL AA 379 -59.58 59.87 -136.23
C VAL AA 379 -60.46 60.94 -136.85
N THR AA 380 -59.82 61.96 -137.44
CA THR AA 380 -60.52 63.07 -138.07
C THR AA 380 -60.46 62.89 -139.58
N VAL AA 381 -61.51 62.33 -140.15
CA VAL AA 381 -61.58 62.15 -141.60
C VAL AA 381 -61.76 63.50 -142.28
N PRO AA 382 -60.96 63.83 -143.30
CA PRO AA 382 -61.09 65.10 -144.03
C PRO AA 382 -62.03 64.99 -145.23
N ILE BA 4 4.65 104.67 -107.86
CA ILE BA 4 3.98 103.76 -108.78
C ILE BA 4 4.99 103.21 -109.79
N PHE BA 5 5.30 101.92 -109.66
CA PHE BA 5 6.25 101.25 -110.56
C PHE BA 5 5.47 100.51 -111.65
N VAL BA 6 5.91 100.68 -112.89
CA VAL BA 6 5.24 100.04 -114.02
C VAL BA 6 5.44 98.54 -113.97
N LYS BA 7 4.42 97.79 -114.37
CA LYS BA 7 4.46 96.34 -114.41
C LYS BA 7 3.89 95.84 -115.72
N PRO BA 8 4.34 94.67 -116.19
CA PRO BA 8 3.80 94.10 -117.42
C PRO BA 8 2.61 93.18 -117.15
N GLU BA 9 1.87 92.90 -118.22
CA GLU BA 9 0.73 92.00 -118.14
C GLU BA 9 1.17 90.56 -118.34
N LEU BA 10 0.42 89.65 -117.72
CA LEU BA 10 0.73 88.22 -117.78
C LEU BA 10 -0.50 87.43 -118.20
N VAL BA 11 -0.30 86.49 -119.12
CA VAL BA 11 -1.35 85.60 -119.60
C VAL BA 11 -0.81 84.19 -119.47
N ALA BA 12 -1.18 83.50 -118.40
CA ALA BA 12 -0.69 82.15 -118.11
C ALA BA 12 -1.82 81.15 -118.26
N GLU BA 13 -1.44 79.88 -118.39
CA GLU BA 13 -2.38 78.78 -118.53
C GLU BA 13 -2.29 77.88 -117.30
N ILE BA 14 -3.45 77.59 -116.70
CA ILE BA 14 -3.52 76.74 -115.52
C ILE BA 14 -4.19 75.41 -115.80
N GLY BA 15 -4.58 75.15 -117.05
CA GLY BA 15 -5.23 73.90 -117.41
C GLY BA 15 -6.73 73.98 -117.56
N VAL BA 16 -7.32 75.15 -117.42
CA VAL BA 16 -8.77 75.29 -117.56
C VAL BA 16 -9.15 75.21 -119.03
N LYS BA 17 -10.16 74.39 -119.34
CA LYS BA 17 -10.62 74.21 -120.70
C LYS BA 17 -12.14 74.16 -120.71
N GLN BA 18 -12.71 74.51 -121.87
CA GLN BA 18 -14.16 74.45 -122.03
C GLN BA 18 -14.64 73.00 -121.99
N LEU BA 19 -15.73 72.77 -121.27
CA LEU BA 19 -16.30 71.44 -121.19
C LEU BA 19 -16.93 71.06 -122.53
N GLN BA 20 -16.55 69.89 -123.04
CA GLN BA 20 -16.97 69.46 -124.37
C GLN BA 20 -17.47 68.02 -124.31
N ARG BA 21 -18.33 67.66 -125.26
CA ARG BA 21 -18.87 66.32 -125.33
C ARG BA 21 -17.82 65.35 -125.88
N GLU BA 22 -18.06 64.07 -125.64
CA GLU BA 22 -17.19 62.99 -126.12
C GLU BA 22 -17.81 62.32 -127.34
N ILE BA 23 -17.10 61.32 -127.88
CA ILE BA 23 -17.47 60.68 -129.13
C ILE BA 23 -17.75 59.21 -128.87
N VAL BA 24 -18.97 58.78 -129.16
CA VAL BA 24 -19.37 57.38 -129.05
C VAL BA 24 -20.00 56.91 -130.36
N LEU BA 25 -20.97 57.68 -130.85
CA LEU BA 25 -21.80 57.23 -131.97
C LEU BA 25 -21.02 56.86 -133.24
N PRO BA 26 -20.01 57.63 -133.70
CA PRO BA 26 -19.32 57.24 -134.93
C PRO BA 26 -18.72 55.84 -134.90
N GLY BA 27 -18.22 55.40 -133.75
CA GLY BA 27 -17.67 54.07 -133.64
C GLY BA 27 -18.63 53.06 -133.08
N LEU BA 28 -19.93 53.22 -133.40
CA LEU BA 28 -20.95 52.34 -132.86
C LEU BA 28 -21.99 51.90 -133.89
N VAL BA 29 -21.89 52.37 -135.13
CA VAL BA 29 -22.90 52.08 -136.15
C VAL BA 29 -22.23 51.48 -137.37
N TRP BA 30 -23.06 50.84 -138.22
CA TRP BA 30 -22.59 50.25 -139.47
C TRP BA 30 -22.12 51.36 -140.40
N THR BA 31 -20.81 51.44 -140.62
CA THR BA 31 -20.21 52.53 -141.38
C THR BA 31 -19.62 52.01 -142.68
N ASN BA 32 -19.93 52.69 -143.78
CA ASN BA 32 -19.37 52.44 -145.11
C ASN BA 32 -19.61 51.00 -145.57
N PRO BA 33 -20.86 50.64 -145.88
CA PRO BA 33 -21.10 49.29 -146.42
C PRO BA 33 -20.66 49.15 -147.87
N LEU BA 34 -20.80 50.24 -148.62
CA LEU BA 34 -20.44 50.27 -150.03
C LEU BA 34 -19.73 51.58 -150.33
N THR BA 35 -18.88 51.55 -151.37
CA THR BA 35 -17.96 52.65 -151.64
C THR BA 35 -18.21 53.37 -152.95
N ASP BA 36 -18.70 52.68 -153.98
CA ASP BA 36 -18.81 53.26 -155.32
C ASP BA 36 -19.71 54.50 -155.34
N PHE BA 37 -21.00 54.31 -155.06
CA PHE BA 37 -21.96 55.41 -154.93
C PHE BA 37 -22.09 56.23 -156.21
N GLY BA 38 -21.02 56.94 -156.58
CA GLY BA 38 -21.10 57.88 -157.69
C GLY BA 38 -21.36 57.24 -159.03
N GLY BA 39 -20.83 56.04 -159.26
CA GLY BA 39 -20.96 55.39 -160.55
C GLY BA 39 -22.33 54.80 -160.80
N SER BA 40 -23.38 55.59 -160.60
CA SER BA 40 -24.75 55.15 -160.82
C SER BA 40 -25.65 56.37 -160.94
N LYS BA 41 -26.87 56.13 -161.42
CA LYS BA 41 -27.84 57.20 -161.58
C LYS BA 41 -28.21 57.81 -160.24
N ASN BA 42 -28.24 59.14 -160.18
CA ASN BA 42 -28.55 59.88 -158.96
C ASN BA 42 -27.63 59.47 -157.80
N ASP BA 43 -26.36 59.21 -158.13
CA ASP BA 43 -25.29 58.82 -157.21
C ASP BA 43 -25.81 57.93 -156.07
N THR BA 44 -26.52 56.88 -156.46
CA THR BA 44 -27.07 55.92 -155.50
C THR BA 44 -27.15 54.55 -156.15
N ILE BA 45 -26.96 53.52 -155.32
CA ILE BA 45 -27.15 52.14 -155.75
C ILE BA 45 -28.06 51.43 -154.75
N THR BA 46 -28.64 50.33 -155.20
CA THR BA 46 -29.64 49.60 -154.44
C THR BA 46 -29.10 48.27 -153.93
N VAL BA 47 -29.44 47.96 -152.68
CA VAL BA 47 -29.16 46.66 -152.07
C VAL BA 47 -30.36 45.76 -152.32
N ARG BA 48 -30.10 44.54 -152.76
CA ARG BA 48 -31.12 43.57 -153.12
C ARG BA 48 -31.30 42.56 -152.00
N VAL BA 49 -32.53 42.39 -151.53
CA VAL BA 49 -32.85 41.47 -150.44
C VAL BA 49 -33.17 40.10 -151.03
N PRO BA 50 -32.65 39.01 -150.44
CA PRO BA 50 -33.01 37.68 -150.93
C PRO BA 50 -34.50 37.42 -150.83
N ALA BA 51 -35.02 36.64 -151.79
CA ALA BA 51 -36.45 36.37 -151.89
C ALA BA 51 -36.84 35.18 -151.03
N ILE BA 52 -38.15 35.07 -150.78
CA ILE BA 52 -38.73 33.97 -150.02
C ILE BA 52 -39.96 33.47 -150.76
N THR BA 53 -40.39 32.26 -150.41
CA THR BA 53 -41.54 31.63 -151.06
C THR BA 53 -42.31 30.81 -150.04
N THR BA 54 -43.45 30.28 -150.48
CA THR BA 54 -44.31 29.47 -149.63
C THR BA 54 -44.73 28.20 -150.35
N ALA BA 55 -45.67 27.45 -149.76
CA ALA BA 55 -46.15 26.20 -150.34
C ALA BA 55 -47.65 26.10 -150.11
N ASN BA 56 -48.21 24.92 -150.40
CA ASN BA 56 -49.64 24.68 -150.27
C ASN BA 56 -49.86 23.29 -149.69
N ARG BA 57 -51.13 22.97 -149.43
CA ARG BA 57 -51.51 21.70 -148.81
C ARG BA 57 -52.60 21.02 -149.62
N ARG BA 58 -52.66 19.70 -149.50
CA ARG BA 58 -53.69 18.89 -150.14
C ARG BA 58 -53.79 17.57 -149.41
N ASP BA 59 -54.80 16.78 -149.79
CA ASP BA 59 -55.11 15.53 -149.12
C ASP BA 59 -54.93 14.35 -150.07
N LEU BA 60 -54.57 13.20 -149.49
CA LEU BA 60 -54.41 11.98 -150.28
C LEU BA 60 -55.75 11.52 -150.86
N ARG BA 61 -55.66 10.83 -151.99
CA ARG BA 61 -56.82 10.23 -152.67
C ARG BA 61 -57.87 11.29 -153.02
N ASP BA 62 -57.43 12.53 -153.22
CA ASP BA 62 -58.36 13.60 -153.58
C ASP BA 62 -58.76 13.44 -155.04
N PRO BA 63 -60.05 13.44 -155.36
CA PRO BA 63 -60.47 13.29 -156.77
C PRO BA 63 -60.01 14.43 -157.65
N ASP BA 64 -59.70 15.60 -157.09
CA ASP BA 64 -59.26 16.76 -157.86
C ASP BA 64 -57.73 16.83 -157.76
N ARG BA 65 -57.05 16.51 -158.85
CA ARG BA 65 -55.60 16.56 -158.91
C ARG BA 65 -55.13 17.90 -159.48
N THR BA 66 -55.46 18.97 -158.75
CA THR BA 66 -55.09 20.33 -159.11
C THR BA 66 -54.13 20.88 -158.07
N VAL BA 67 -52.99 21.41 -158.54
CA VAL BA 67 -51.97 21.96 -157.66
C VAL BA 67 -51.87 23.46 -157.88
N ILE BA 68 -51.44 24.16 -156.84
CA ILE BA 68 -51.29 25.61 -156.86
C ILE BA 68 -49.82 25.94 -156.67
N ALA BA 69 -49.26 26.71 -157.59
CA ALA BA 69 -47.86 27.08 -157.54
C ALA BA 69 -47.67 28.41 -156.81
N SER BA 70 -46.51 28.55 -156.17
CA SER BA 70 -46.16 29.76 -155.45
C SER BA 70 -45.45 30.73 -156.39
N GLU BA 71 -44.92 31.82 -155.83
CA GLU BA 71 -44.21 32.81 -156.62
C GLU BA 71 -43.11 33.42 -155.77
N LEU BA 72 -41.99 33.76 -156.41
CA LEU BA 72 -40.86 34.38 -155.75
C LEU BA 72 -40.88 35.88 -156.01
N VAL BA 73 -40.98 36.67 -154.95
CA VAL BA 73 -41.01 38.12 -155.03
C VAL BA 73 -39.73 38.67 -154.40
N GLU BA 74 -39.11 39.62 -155.08
CA GLU BA 74 -37.84 40.20 -154.64
C GLU BA 74 -37.96 41.72 -154.61
N HIS BA 75 -37.32 42.33 -153.62
CA HIS BA 75 -37.35 43.77 -153.42
C HIS BA 75 -35.93 44.32 -153.37
N SER BA 76 -35.83 45.65 -153.27
CA SER BA 76 -34.54 46.32 -153.17
C SER BA 76 -34.74 47.67 -152.52
N PHE BA 77 -33.66 48.23 -152.01
CA PHE BA 77 -33.70 49.55 -151.40
C PHE BA 77 -32.39 50.28 -151.65
N GLY BA 78 -32.49 51.55 -152.06
CA GLY BA 78 -31.34 52.32 -152.45
C GLY BA 78 -30.74 53.15 -151.33
N VAL BA 79 -29.44 53.42 -151.46
CA VAL BA 79 -28.70 54.22 -150.49
C VAL BA 79 -28.10 55.43 -151.21
N THR BA 80 -28.37 56.62 -150.69
CA THR BA 80 -28.01 57.87 -151.37
C THR BA 80 -27.18 58.75 -150.45
N LEU BA 81 -26.14 59.37 -151.00
CA LEU BA 81 -25.40 60.40 -150.30
C LEU BA 81 -26.16 61.72 -150.44
N ASP BA 82 -26.42 62.37 -149.31
CA ASP BA 82 -27.30 63.53 -149.41
C ASP BA 82 -26.76 64.79 -148.76
N LYS BA 83 -26.08 64.67 -147.62
CA LYS BA 83 -25.68 65.84 -146.84
C LYS BA 83 -24.18 66.09 -146.96
N HIS BA 84 -23.83 67.35 -147.17
CA HIS BA 84 -22.43 67.78 -147.31
C HIS BA 84 -22.10 68.65 -146.11
N VAL BA 85 -21.19 68.18 -145.27
CA VAL BA 85 -20.78 68.89 -144.07
C VAL BA 85 -19.49 69.65 -144.36
N TYR BA 86 -19.49 70.94 -144.03
CA TYR BA 86 -18.34 71.79 -144.31
C TYR BA 86 -18.21 72.85 -143.22
N ALA BA 87 -17.00 73.37 -143.09
CA ALA BA 87 -16.71 74.45 -142.16
C ALA BA 87 -15.55 75.27 -142.71
N ALA BA 88 -15.64 76.60 -142.56
CA ALA BA 88 -14.67 77.49 -143.17
C ALA BA 88 -14.22 78.53 -142.16
N LEU BA 89 -13.03 79.08 -142.41
CA LEU BA 89 -12.45 80.16 -141.63
C LEU BA 89 -12.12 81.33 -142.54
N LYS BA 90 -12.08 82.52 -141.95
CA LYS BA 90 -11.81 83.76 -142.68
C LYS BA 90 -10.70 84.54 -141.99
N PHE BA 91 -9.62 83.84 -141.65
CA PHE BA 91 -8.48 84.49 -141.01
C PHE BA 91 -7.77 85.42 -142.00
N THR BA 92 -7.39 86.59 -141.52
CA THR BA 92 -6.73 87.59 -142.35
C THR BA 92 -5.21 87.45 -142.22
N ASP BA 93 -4.50 88.15 -143.12
CA ASP BA 93 -3.04 88.11 -143.11
C ASP BA 93 -2.47 88.72 -141.83
N GLU BA 94 -3.04 89.82 -141.36
CA GLU BA 94 -2.54 90.47 -140.15
C GLU BA 94 -2.74 89.57 -138.94
N GLN BA 95 -3.89 88.88 -138.86
CA GLN BA 95 -4.12 87.95 -137.75
C GLN BA 95 -3.12 86.79 -137.79
N ARG BA 96 -2.84 86.27 -138.99
CA ARG BA 96 -1.87 85.18 -139.11
C ARG BA 96 -0.48 85.63 -138.71
N THR BA 97 -0.08 86.84 -139.10
CA THR BA 97 1.27 87.34 -138.84
C THR BA 97 1.43 87.96 -137.46
N LEU BA 98 0.34 88.18 -136.73
CA LEU BA 98 0.41 88.81 -135.42
C LEU BA 98 -0.23 87.98 -134.32
N ASP BA 99 -0.85 86.85 -134.63
CA ASP BA 99 -1.53 86.03 -133.63
C ASP BA 99 -1.43 84.57 -134.05
N ILE BA 100 -2.24 83.73 -133.40
CA ILE BA 100 -2.34 82.30 -133.70
C ILE BA 100 -1.02 81.60 -133.43
N ARG BA 101 -0.02 81.90 -134.27
CA ARG BA 101 1.37 81.43 -134.16
C ARG BA 101 1.48 79.94 -133.84
N ASP BA 102 0.44 79.17 -134.16
CA ASP BA 102 0.49 77.71 -134.01
C ASP BA 102 -0.14 76.96 -135.18
N TYR BA 103 -0.93 77.62 -136.03
CA TYR BA 103 -1.64 76.99 -137.14
C TYR BA 103 -2.31 75.68 -136.74
N THR BA 104 -1.53 74.59 -136.69
CA THR BA 104 -2.10 73.28 -136.41
C THR BA 104 -2.68 73.21 -135.01
N LYS BA 105 -1.95 73.70 -134.02
CA LYS BA 105 -2.38 73.58 -132.63
C LYS BA 105 -3.48 74.58 -132.27
N GLN BA 106 -3.67 75.62 -133.07
CA GLN BA 106 -4.64 76.67 -132.75
C GLN BA 106 -5.89 76.62 -133.62
N VAL BA 107 -5.80 76.08 -134.84
CA VAL BA 107 -6.90 76.09 -135.79
C VAL BA 107 -7.30 74.68 -136.20
N LEU BA 108 -6.31 73.84 -136.53
CA LEU BA 108 -6.62 72.52 -137.10
C LEU BA 108 -7.33 71.62 -136.09
N MET BA 109 -6.84 71.58 -134.85
CA MET BA 109 -7.47 70.73 -133.84
C MET BA 109 -8.90 71.14 -133.53
N PRO BA 110 -9.22 72.42 -133.28
CA PRO BA 110 -10.63 72.79 -133.11
C PRO BA 110 -11.48 72.51 -134.35
N GLN BA 111 -10.91 72.67 -135.54
CA GLN BA 111 -11.65 72.35 -136.76
C GLN BA 111 -12.00 70.87 -136.82
N VAL BA 112 -11.03 70.01 -136.50
CA VAL BA 112 -11.28 68.56 -136.51
C VAL BA 112 -12.32 68.20 -135.45
N SER BA 113 -12.21 68.82 -134.27
CA SER BA 113 -13.19 68.54 -133.22
C SER BA 113 -14.60 68.97 -133.63
N ALA BA 114 -14.72 70.14 -134.26
CA ALA BA 114 -16.02 70.61 -134.72
C ALA BA 114 -16.58 69.70 -135.81
N VAL BA 115 -15.72 69.25 -136.73
CA VAL BA 115 -16.18 68.34 -137.78
C VAL BA 115 -16.67 67.02 -137.17
N ALA BA 116 -15.94 66.50 -136.19
CA ALA BA 116 -16.35 65.26 -135.54
C ALA BA 116 -17.68 65.44 -134.81
N TYR BA 117 -17.86 66.58 -134.12
CA TYR BA 117 -19.11 66.81 -133.41
C TYR BA 117 -20.27 66.97 -134.39
N GLU BA 118 -20.05 67.64 -135.52
CA GLU BA 118 -21.08 67.77 -136.53
C GLU BA 118 -21.45 66.41 -137.12
N LEU BA 119 -20.44 65.55 -137.35
CA LEU BA 119 -20.73 64.20 -137.81
C LEU BA 119 -21.52 63.41 -136.79
N GLU BA 120 -21.19 63.57 -135.51
CA GLU BA 120 -21.96 62.90 -134.45
C GLU BA 120 -23.40 63.37 -134.43
N ASP BA 121 -23.62 64.68 -134.60
CA ASP BA 121 -24.99 65.19 -134.68
C ASP BA 121 -25.71 64.65 -135.90
N TYR BA 122 -25.00 64.53 -137.02
CA TYR BA 122 -25.57 63.97 -138.24
C TYR BA 122 -26.01 62.52 -138.02
N ILE BA 123 -25.19 61.74 -137.31
CA ILE BA 123 -25.56 60.36 -137.00
C ILE BA 123 -26.76 60.32 -136.06
N ALA BA 124 -26.73 61.16 -135.01
CA ALA BA 124 -27.87 61.24 -134.09
C ALA BA 124 -29.16 61.60 -134.82
N GLU BA 125 -29.05 62.35 -135.92
CA GLU BA 125 -30.21 62.57 -136.77
C GLU BA 125 -30.72 61.27 -137.39
N LEU BA 126 -29.83 60.31 -137.65
CA LEU BA 126 -30.28 58.99 -138.06
C LEU BA 126 -30.96 58.24 -136.92
N ILE BA 127 -30.34 58.23 -135.74
CA ILE BA 127 -30.97 57.56 -134.59
C ILE BA 127 -32.26 58.26 -134.21
N GLU BA 128 -32.25 59.59 -134.16
CA GLU BA 128 -33.43 60.37 -133.78
C GLU BA 128 -34.10 60.89 -135.05
N GLY BA 129 -35.18 60.23 -135.45
CA GLY BA 129 -35.91 60.60 -136.65
C GLY BA 129 -36.42 59.42 -137.45
N ALA BA 130 -36.04 58.21 -137.05
CA ALA BA 130 -36.47 57.02 -137.76
C ALA BA 130 -37.99 56.83 -137.61
N PRO BA 131 -38.68 56.33 -138.64
CA PRO BA 131 -40.12 56.15 -138.54
C PRO BA 131 -40.52 54.99 -137.65
N TYR BA 132 -40.42 55.17 -136.34
CA TYR BA 132 -40.81 54.12 -135.39
C TYR BA 132 -42.33 54.04 -135.30
N GLU BA 133 -42.86 52.83 -135.50
CA GLU BA 133 -44.31 52.64 -135.45
C GLU BA 133 -44.83 52.77 -134.02
N GLU BA 134 -44.14 52.18 -133.06
CA GLU BA 134 -44.56 52.17 -131.67
C GLU BA 134 -43.44 52.72 -130.78
N THR BA 135 -43.85 53.24 -129.62
CA THR BA 135 -42.93 53.80 -128.64
C THR BA 135 -43.00 52.96 -127.37
N ILE BA 136 -41.84 52.50 -126.90
CA ILE BA 136 -41.79 51.69 -125.68
C ILE BA 136 -41.78 52.63 -124.49
N LEU BA 137 -42.86 52.60 -123.71
CA LEU BA 137 -43.03 53.51 -122.58
C LEU BA 137 -42.32 52.92 -121.36
N ILE BA 138 -41.40 53.67 -120.78
CA ILE BA 138 -40.66 53.23 -119.60
C ILE BA 138 -41.34 53.79 -118.36
N ASP BA 139 -41.77 52.91 -117.47
CA ASP BA 139 -42.36 53.35 -116.22
C ASP BA 139 -41.27 53.81 -115.26
N PRO BA 140 -41.36 55.02 -114.71
CA PRO BA 140 -40.31 55.47 -113.78
C PRO BA 140 -40.16 54.59 -112.56
N ALA BA 141 -41.24 54.01 -112.06
CA ALA BA 141 -41.15 53.14 -110.88
C ALA BA 141 -40.50 51.81 -111.22
N ASP BA 142 -40.75 51.29 -112.42
CA ASP BA 142 -40.20 50.00 -112.85
C ASP BA 142 -39.78 50.12 -114.31
N THR BA 143 -38.47 50.10 -114.56
CA THR BA 143 -37.94 50.27 -115.91
C THR BA 143 -37.62 48.95 -116.60
N VAL BA 144 -37.36 47.88 -115.84
CA VAL BA 144 -37.06 46.58 -116.44
C VAL BA 144 -38.17 46.09 -117.36
N PRO BA 145 -39.46 46.18 -116.98
CA PRO BA 145 -40.50 45.69 -117.91
C PRO BA 145 -40.47 46.37 -119.28
N ALA BA 146 -40.09 47.64 -119.35
CA ALA BA 146 -39.99 48.29 -120.66
C ALA BA 146 -38.92 47.64 -121.52
N PHE BA 147 -37.75 47.34 -120.93
CA PHE BA 147 -36.70 46.66 -121.67
C PHE BA 147 -37.12 45.26 -122.08
N ILE BA 148 -37.82 44.55 -121.20
CA ILE BA 148 -38.30 43.21 -121.55
C ILE BA 148 -39.31 43.29 -122.69
N THR BA 149 -40.19 44.29 -122.67
CA THR BA 149 -41.13 44.49 -123.75
C THR BA 149 -40.42 44.79 -125.07
N ALA BA 150 -39.39 45.63 -125.02
CA ALA BA 150 -38.62 45.91 -126.22
C ALA BA 150 -37.95 44.66 -126.77
N ASP BA 151 -37.39 43.83 -125.88
CA ASP BA 151 -36.78 42.58 -126.31
C ASP BA 151 -37.81 41.65 -126.93
N GLN BA 152 -39.01 41.58 -126.35
CA GLN BA 152 -40.07 40.75 -126.90
C GLN BA 152 -40.50 41.25 -128.28
N ARG BA 153 -40.60 42.57 -128.43
CA ARG BA 153 -40.95 43.13 -129.74
C ARG BA 153 -39.89 42.81 -130.78
N MET BA 154 -38.61 42.90 -130.39
CA MET BA 154 -37.54 42.53 -131.31
C MET BA 154 -37.62 41.05 -131.67
N GLY BA 155 -37.87 40.19 -130.68
CA GLY BA 155 -37.97 38.76 -130.95
C GLY BA 155 -39.15 38.40 -131.83
N GLU BA 156 -40.23 39.19 -131.76
CA GLU BA 156 -41.37 38.96 -132.63
C GLU BA 156 -41.00 39.09 -134.10
N ALA BA 157 -39.98 39.89 -134.40
CA ALA BA 157 -39.50 40.06 -135.77
C ALA BA 157 -38.44 39.05 -136.16
N ASN BA 158 -38.12 38.10 -135.27
CA ASN BA 158 -37.11 37.06 -135.53
C ASN BA 158 -35.74 37.64 -135.81
N VAL BA 159 -35.43 38.79 -135.21
CA VAL BA 159 -34.09 39.38 -135.36
C VAL BA 159 -33.08 38.53 -134.61
N PRO BA 160 -31.86 38.37 -135.11
CA PRO BA 160 -30.84 37.64 -134.35
C PRO BA 160 -30.59 38.28 -132.98
N THR BA 161 -30.35 37.44 -131.99
CA THR BA 161 -30.15 37.88 -130.62
C THR BA 161 -28.75 38.41 -130.34
N ASP BA 162 -27.84 38.31 -131.30
CA ASP BA 162 -26.48 38.78 -131.15
C ASP BA 162 -26.27 40.08 -131.94
N SER BA 163 -25.14 40.72 -131.67
CA SER BA 163 -24.76 41.97 -132.34
C SER BA 163 -25.83 43.04 -132.18
N ARG BA 164 -26.33 43.18 -130.94
CA ARG BA 164 -27.33 44.18 -130.60
C ARG BA 164 -26.69 45.29 -129.79
N ARG BA 165 -26.92 46.54 -130.21
CA ARG BA 165 -26.36 47.72 -129.57
C ARG BA 165 -27.47 48.56 -128.97
N LEU BA 166 -27.29 48.97 -127.72
CA LEU BA 166 -28.24 49.80 -127.00
C LEU BA 166 -27.56 51.09 -126.57
N VAL BA 167 -28.23 52.22 -126.80
CA VAL BA 167 -27.75 53.53 -126.40
C VAL BA 167 -28.77 54.15 -125.46
N VAL BA 168 -28.30 54.70 -124.35
CA VAL BA 168 -29.16 55.32 -123.34
C VAL BA 168 -28.62 56.71 -123.03
N GLY BA 169 -29.53 57.66 -122.88
CA GLY BA 169 -29.16 59.02 -122.54
C GLY BA 169 -28.85 59.18 -121.06
N SER BA 170 -28.45 60.40 -120.71
CA SER BA 170 -28.16 60.69 -119.31
C SER BA 170 -29.40 60.55 -118.45
N ALA BA 171 -30.54 61.06 -118.93
CA ALA BA 171 -31.77 60.93 -118.16
C ALA BA 171 -32.24 59.48 -118.08
N VAL BA 172 -32.01 58.70 -119.14
CA VAL BA 172 -32.39 57.28 -119.12
C VAL BA 172 -31.56 56.54 -118.08
N ALA BA 173 -30.25 56.80 -118.03
CA ALA BA 173 -29.41 56.17 -117.01
C ALA BA 173 -29.80 56.64 -115.62
N ALA BA 174 -30.13 57.92 -115.46
CA ALA BA 174 -30.57 58.42 -114.17
C ALA BA 174 -31.85 57.71 -113.72
N ALA BA 175 -32.80 57.54 -114.63
CA ALA BA 175 -34.04 56.85 -114.29
C ALA BA 175 -33.79 55.37 -113.99
N LEU BA 176 -32.85 54.74 -114.70
CA LEU BA 176 -32.47 53.38 -114.37
C LEU BA 176 -31.91 53.30 -112.95
N ALA BA 177 -31.11 54.29 -112.56
CA ALA BA 177 -30.64 54.35 -111.17
C ALA BA 177 -31.80 54.60 -110.20
N LYS BA 178 -32.81 55.37 -110.62
CA LYS BA 178 -33.96 55.64 -109.77
C LYS BA 178 -34.79 54.39 -109.53
N ASP BA 179 -34.73 53.40 -110.42
CA ASP BA 179 -35.54 52.20 -110.29
C ASP BA 179 -35.20 51.45 -109.02
N LYS BA 180 -36.23 51.07 -108.26
CA LYS BA 180 -36.01 50.30 -107.04
C LYS BA 180 -35.50 48.89 -107.32
N GLN BA 181 -35.73 48.39 -108.54
CA GLN BA 181 -35.18 47.09 -108.91
C GLN BA 181 -33.66 47.11 -108.92
N PHE BA 182 -33.06 48.19 -109.42
CA PHE BA 182 -31.62 48.32 -109.45
C PHE BA 182 -31.05 48.96 -108.19
N ARG BA 183 -31.76 49.93 -107.60
CA ARG BA 183 -31.26 50.60 -106.42
C ARG BA 183 -31.18 49.65 -105.23
N HIS BA 184 -32.20 48.83 -105.03
CA HIS BA 184 -32.22 47.89 -103.91
C HIS BA 184 -31.31 46.70 -104.23
N ALA BA 185 -30.33 46.46 -103.37
CA ALA BA 185 -29.37 45.38 -103.61
C ALA BA 185 -30.05 44.02 -103.54
N ASP BA 186 -30.97 43.83 -102.61
CA ASP BA 186 -31.67 42.55 -102.49
C ASP BA 186 -32.49 42.27 -103.75
N TRP BA 187 -33.16 43.30 -104.28
CA TRP BA 187 -33.88 43.12 -105.54
C TRP BA 187 -32.92 43.00 -106.72
N SER BA 188 -31.79 43.72 -106.66
CA SER BA 188 -30.79 43.59 -107.72
C SER BA 188 -30.11 42.22 -107.68
N GLY BA 189 -29.77 41.75 -106.49
CA GLY BA 189 -29.14 40.45 -106.34
C GLY BA 189 -27.69 40.51 -105.93
N ASP BA 190 -26.94 41.45 -106.51
CA ASP BA 190 -25.52 41.59 -106.20
C ASP BA 190 -25.33 42.42 -104.94
N GLN BA 191 -24.54 41.90 -104.00
CA GLN BA 191 -24.28 42.62 -102.76
C GLN BA 191 -23.38 43.82 -102.97
N ALA BA 192 -22.61 43.85 -104.07
CA ALA BA 192 -21.77 45.01 -104.35
C ALA BA 192 -22.59 46.26 -104.60
N ASN BA 193 -23.70 46.12 -105.32
CA ASN BA 193 -24.61 47.23 -105.63
C ASN BA 193 -23.88 48.36 -106.35
N ALA BA 194 -23.40 48.04 -107.55
CA ALA BA 194 -22.70 49.04 -108.36
C ALA BA 194 -23.64 50.17 -108.77
N ALA BA 195 -24.93 49.89 -108.88
CA ALA BA 195 -25.90 50.92 -109.25
C ALA BA 195 -26.14 51.93 -108.13
N LEU BA 196 -25.66 51.66 -106.92
CA LEU BA 196 -25.83 52.57 -105.79
C LEU BA 196 -24.50 53.12 -105.29
N ARG BA 197 -23.49 52.26 -105.11
CA ARG BA 197 -22.20 52.74 -104.64
C ARG BA 197 -21.55 53.66 -105.66
N GLU BA 198 -21.64 53.32 -106.95
CA GLU BA 198 -21.04 54.11 -108.01
C GLU BA 198 -22.08 54.73 -108.93
N ALA BA 199 -23.37 54.46 -108.71
CA ALA BA 199 -24.46 55.00 -109.54
C ALA BA 199 -24.26 54.65 -111.01
N HIS BA 200 -23.79 53.43 -111.26
CA HIS BA 200 -23.55 52.94 -112.62
C HIS BA 200 -24.39 51.69 -112.84
N VAL BA 201 -25.25 51.74 -113.86
CA VAL BA 201 -26.11 50.62 -114.19
C VAL BA 201 -25.30 49.55 -114.92
N GLY BA 202 -25.50 48.30 -114.55
CA GLY BA 202 -24.79 47.18 -115.14
C GLY BA 202 -25.53 46.57 -116.31
N ARG BA 203 -25.30 45.28 -116.52
CA ARG BA 203 -25.94 44.57 -117.62
C ARG BA 203 -27.44 44.50 -117.40
N LEU BA 204 -28.20 44.70 -118.49
CA LEU BA 204 -29.66 44.68 -118.42
C LEU BA 204 -30.21 44.20 -119.75
N ALA BA 205 -31.14 43.23 -119.68
CA ALA BA 205 -31.81 42.69 -120.86
C ALA BA 205 -30.83 42.10 -121.86
N GLY BA 206 -29.69 41.61 -121.39
CA GLY BA 206 -28.72 40.98 -122.26
C GLY BA 206 -27.94 41.92 -123.14
N MET BA 207 -28.02 43.23 -122.92
CA MET BA 207 -27.31 44.21 -123.73
C MET BA 207 -26.54 45.15 -122.82
N ASN BA 208 -25.33 45.51 -123.23
CA ASN BA 208 -24.49 46.42 -122.46
C ASN BA 208 -24.98 47.85 -122.63
N VAL BA 209 -25.14 48.55 -121.51
CA VAL BA 209 -25.62 49.93 -121.52
C VAL BA 209 -24.48 50.84 -121.95
N ILE BA 210 -24.76 51.75 -122.88
CA ILE BA 210 -23.79 52.72 -123.37
C ILE BA 210 -24.40 54.10 -123.19
N ARG BA 211 -23.72 54.97 -122.44
CA ARG BA 211 -24.21 56.30 -122.13
C ARG BA 211 -23.56 57.31 -123.07
N SER BA 212 -24.39 58.16 -123.68
CA SER BA 212 -23.92 59.20 -124.58
C SER BA 212 -24.86 60.39 -124.49
N ASN BA 213 -24.28 61.59 -124.41
CA ASN BA 213 -25.06 62.81 -124.33
C ASN BA 213 -25.45 63.38 -125.69
N ALA BA 214 -24.96 62.79 -126.78
CA ALA BA 214 -25.31 63.27 -128.11
C ALA BA 214 -26.80 63.09 -128.39
N ILE BA 215 -27.35 61.93 -128.00
CA ILE BA 215 -28.78 61.66 -128.19
C ILE BA 215 -29.58 62.40 -127.13
N ALA BA 216 -30.90 62.46 -127.32
CA ALA BA 216 -31.75 63.10 -126.33
C ALA BA 216 -31.70 62.32 -125.03
N PRO BA 217 -31.50 62.99 -123.88
CA PRO BA 217 -31.40 62.25 -122.61
C PRO BA 217 -32.67 61.48 -122.26
N ASP BA 218 -33.84 61.98 -122.63
CA ASP BA 218 -35.10 61.34 -122.27
C ASP BA 218 -35.40 60.11 -123.12
N LYS BA 219 -34.72 59.92 -124.24
CA LYS BA 219 -34.99 58.82 -125.15
C LYS BA 219 -33.80 57.87 -125.23
N ALA BA 220 -34.10 56.57 -125.30
CA ALA BA 220 -33.09 55.55 -125.48
C ALA BA 220 -33.44 54.72 -126.71
N TYR BA 221 -32.43 54.10 -127.31
CA TYR BA 221 -32.63 53.36 -128.55
C TYR BA 221 -31.92 52.02 -128.49
N LEU BA 222 -32.47 51.05 -129.22
CA LEU BA 222 -31.84 49.73 -129.37
C LEU BA 222 -31.92 49.33 -130.83
N TRP BA 223 -30.85 48.71 -131.34
CA TRP BA 223 -30.82 48.33 -132.75
C TRP BA 223 -29.91 47.14 -132.94
N HIS BA 224 -30.04 46.50 -134.10
CA HIS BA 224 -29.23 45.35 -134.47
C HIS BA 224 -27.93 45.83 -135.12
N ARG BA 225 -27.15 44.89 -135.64
CA ARG BA 225 -25.88 45.26 -136.29
C ARG BA 225 -26.12 46.12 -137.52
N THR BA 226 -27.14 45.78 -138.32
CA THR BA 226 -27.45 46.58 -139.50
C THR BA 226 -27.88 47.99 -139.10
N ALA BA 227 -28.98 48.09 -138.36
CA ALA BA 227 -29.49 49.36 -137.84
C ALA BA 227 -29.68 50.40 -138.94
N PHE BA 228 -28.78 51.38 -139.01
CA PHE BA 228 -28.84 52.46 -139.99
C PHE BA 228 -27.59 52.43 -140.85
N ILE BA 229 -27.75 52.64 -142.15
CA ILE BA 229 -26.64 52.64 -143.08
C ILE BA 229 -26.07 54.05 -143.13
N LEU BA 230 -24.79 54.18 -142.77
CA LEU BA 230 -24.08 55.45 -142.77
C LEU BA 230 -22.82 55.31 -143.60
N ALA BA 231 -22.59 56.26 -144.50
CA ALA BA 231 -21.43 56.21 -145.38
C ALA BA 231 -20.78 57.57 -145.47
N TYR BA 232 -19.46 57.57 -145.67
CA TYR BA 232 -18.67 58.78 -145.79
C TYR BA 232 -17.78 58.69 -147.02
N ARG BA 233 -17.49 59.84 -147.62
CA ARG BA 233 -16.64 59.89 -148.80
C ARG BA 233 -15.83 61.18 -148.78
N THR BA 234 -14.51 61.05 -148.82
CA THR BA 234 -13.67 62.24 -148.89
C THR BA 234 -13.67 62.80 -150.31
N PRO BA 235 -13.91 64.08 -150.50
CA PRO BA 235 -13.89 64.66 -151.85
C PRO BA 235 -12.48 64.72 -152.40
N VAL BA 236 -12.39 64.74 -153.73
CA VAL BA 236 -11.11 64.80 -154.41
C VAL BA 236 -10.64 66.25 -154.47
N VAL BA 237 -9.36 66.47 -154.21
CA VAL BA 237 -8.81 67.82 -154.22
C VAL BA 237 -8.82 68.35 -155.65
N PRO BA 238 -9.40 69.53 -155.89
CA PRO BA 238 -9.44 70.07 -157.26
C PRO BA 238 -8.07 70.55 -157.71
N GLU BA 239 -7.98 70.83 -159.01
CA GLU BA 239 -6.73 71.33 -159.57
C GLU BA 239 -6.36 72.69 -158.99
N GLY BA 240 -7.35 73.55 -158.78
CA GLY BA 240 -7.10 74.87 -158.23
C GLY BA 240 -6.83 74.85 -156.74
N ALA BA 241 -5.75 74.17 -156.34
CA ALA BA 241 -5.34 74.07 -154.95
C ALA BA 241 -3.82 74.07 -154.87
N LYS BA 242 -3.30 73.92 -153.65
CA LYS BA 242 -1.86 73.91 -153.43
C LYS BA 242 -1.37 72.54 -152.95
N ALA BA 243 -1.90 72.04 -151.84
CA ALA BA 243 -1.48 70.75 -151.32
C ALA BA 243 -2.64 69.80 -151.05
N GLY BA 244 -3.76 70.31 -150.57
CA GLY BA 244 -4.90 69.45 -150.23
C GLY BA 244 -4.78 68.72 -148.91
N ALA BA 245 -3.66 68.03 -148.70
CA ALA BA 245 -3.39 67.30 -147.45
C ALA BA 245 -4.49 66.29 -147.13
N SER BA 246 -4.57 65.89 -145.87
CA SER BA 246 -5.56 64.92 -145.42
C SER BA 246 -5.63 64.97 -143.90
N PHE BA 247 -6.80 64.67 -143.36
CA PHE BA 247 -6.99 64.63 -141.92
C PHE BA 247 -7.80 63.40 -141.54
N SER BA 248 -7.70 63.02 -140.26
CA SER BA 248 -8.41 61.85 -139.74
C SER BA 248 -9.26 62.26 -138.55
N ALA BA 249 -10.50 61.75 -138.52
CA ALA BA 249 -11.40 62.01 -137.41
C ALA BA 249 -12.28 60.79 -137.21
N ASN BA 250 -12.06 60.08 -136.10
CA ASN BA 250 -12.84 58.88 -135.75
C ASN BA 250 -12.80 57.85 -136.87
N GLY BA 251 -11.63 57.71 -137.50
CA GLY BA 251 -11.48 56.77 -138.59
C GLY BA 251 -12.02 57.24 -139.93
N VAL BA 252 -12.43 58.50 -140.02
CA VAL BA 252 -13.01 59.06 -141.25
C VAL BA 252 -11.99 60.03 -141.83
N ALA BA 253 -11.70 59.87 -143.12
CA ALA BA 253 -10.78 60.78 -143.80
C ALA BA 253 -11.49 62.07 -144.19
N LEU BA 254 -10.83 63.19 -143.93
CA LEU BA 254 -11.37 64.52 -144.20
C LEU BA 254 -10.43 65.25 -145.16
N ARG BA 255 -11.03 65.93 -146.14
CA ARG BA 255 -10.29 66.66 -147.16
C ARG BA 255 -10.21 68.13 -146.80
N TRP BA 256 -9.00 68.69 -146.88
CA TRP BA 256 -8.71 70.07 -146.56
C TRP BA 256 -8.39 70.85 -147.83
N LEU BA 257 -8.65 72.15 -147.78
CA LEU BA 257 -8.42 73.03 -148.92
C LEU BA 257 -8.06 74.42 -148.40
N ALA BA 258 -7.18 75.10 -149.15
CA ALA BA 258 -6.75 76.44 -148.78
C ALA BA 258 -6.44 77.22 -150.04
N ASP BA 259 -6.52 78.54 -149.93
CA ASP BA 259 -6.25 79.46 -151.03
C ASP BA 259 -5.90 80.82 -150.44
N TYR BA 260 -5.70 81.80 -151.33
CA TYR BA 260 -5.38 83.17 -150.94
C TYR BA 260 -6.51 84.08 -151.39
N ASP BA 261 -7.06 84.85 -150.45
CA ASP BA 261 -8.12 85.81 -150.76
C ASP BA 261 -7.46 87.14 -151.08
N TYR BA 262 -7.12 87.31 -152.36
CA TYR BA 262 -6.43 88.53 -152.79
C TYR BA 262 -7.32 89.76 -152.62
N SER BA 263 -8.62 89.62 -152.93
CA SER BA 263 -9.53 90.76 -152.86
C SER BA 263 -9.70 91.24 -151.42
N GLN BA 264 -9.86 90.31 -150.47
CA GLN BA 264 -10.14 90.65 -149.08
C GLN BA 264 -8.90 90.60 -148.19
N LEU BA 265 -7.74 90.27 -148.74
CA LEU BA 265 -6.48 90.18 -147.98
C LEU BA 265 -6.63 89.22 -146.79
N GLY BA 266 -6.98 87.98 -147.12
CA GLY BA 266 -7.17 86.96 -146.10
C GLY BA 266 -6.83 85.59 -146.64
N ASP BA 267 -7.00 84.59 -145.78
CA ASP BA 267 -6.75 83.19 -146.12
C ASP BA 267 -7.97 82.37 -145.77
N ARG BA 268 -8.54 81.70 -146.76
CA ARG BA 268 -9.73 80.87 -146.58
C ARG BA 268 -9.34 79.40 -146.49
N THR BA 269 -9.88 78.72 -145.48
CA THR BA 269 -9.63 77.30 -145.27
C THR BA 269 -10.95 76.54 -145.24
N LEU BA 270 -10.92 75.32 -145.75
CA LEU BA 270 -12.11 74.48 -145.82
C LEU BA 270 -11.74 73.04 -145.45
N LEU BA 271 -12.65 72.36 -144.76
CA LEU BA 271 -12.47 70.96 -144.40
C LEU BA 271 -13.82 70.27 -144.52
N ASP BA 272 -13.97 69.41 -145.54
CA ASP BA 272 -15.29 68.91 -145.88
C ASP BA 272 -15.25 67.47 -146.35
N VAL BA 273 -16.37 66.78 -146.18
CA VAL BA 273 -16.59 65.42 -146.66
C VAL BA 273 -18.04 65.31 -147.13
N PHE BA 274 -18.37 64.16 -147.74
CA PHE BA 274 -19.71 63.87 -148.21
C PHE BA 274 -20.30 62.75 -147.37
N THR BA 275 -21.56 62.91 -146.95
CA THR BA 275 -22.21 61.97 -146.05
C THR BA 275 -23.45 61.37 -146.71
N GLY BA 276 -23.69 60.10 -146.42
CA GLY BA 276 -24.84 59.38 -146.92
C GLY BA 276 -25.57 58.62 -145.84
N ARG BA 277 -26.90 58.78 -145.80
CA ARG BA 277 -27.73 58.21 -144.75
C ARG BA 277 -28.81 57.33 -145.36
N LYS BA 278 -29.14 56.25 -144.64
CA LYS BA 278 -30.22 55.37 -145.07
C LYS BA 278 -30.73 54.60 -143.86
N VAL BA 279 -32.03 54.28 -143.89
CA VAL BA 279 -32.67 53.47 -142.86
C VAL BA 279 -32.95 52.09 -143.44
N VAL BA 280 -32.63 51.05 -142.68
CA VAL BA 280 -32.83 49.66 -143.12
C VAL BA 280 -34.30 49.31 -142.84
N THR BA 281 -35.14 49.42 -143.86
CA THR BA 281 -36.55 49.10 -143.74
C THR BA 281 -36.78 47.64 -144.16
N GLU BA 282 -38.05 47.26 -144.28
CA GLU BA 282 -38.44 45.92 -144.69
C GLU BA 282 -39.09 45.98 -146.07
N VAL BA 283 -39.59 44.82 -146.51
CA VAL BA 283 -40.22 44.73 -147.83
C VAL BA 283 -41.51 45.54 -147.88
N ASP BA 284 -42.19 45.70 -146.74
CA ASP BA 284 -43.44 46.46 -146.68
C ASP BA 284 -43.28 47.80 -145.98
N GLY BA 285 -42.04 48.23 -145.74
CA GLY BA 285 -41.79 49.50 -145.08
C GLY BA 285 -41.95 49.50 -143.57
N SER BA 286 -42.12 48.32 -142.96
CA SER BA 286 -42.25 48.22 -141.51
C SER BA 286 -40.87 48.18 -140.88
N PHE BA 287 -40.52 49.25 -140.15
CA PHE BA 287 -39.22 49.35 -139.53
C PHE BA 287 -39.21 48.52 -138.24
N VAL BA 288 -38.51 47.38 -138.28
CA VAL BA 288 -38.40 46.49 -137.13
C VAL BA 288 -36.95 46.28 -136.70
N ARG BA 289 -35.99 46.87 -137.40
CA ARG BA 289 -34.59 46.68 -137.05
C ARG BA 289 -34.19 47.43 -135.79
N ALA BA 290 -34.99 48.40 -135.35
CA ALA BA 290 -34.65 49.19 -134.18
C ALA BA 290 -35.92 49.50 -133.39
N VAL BA 291 -35.73 49.76 -132.10
CA VAL BA 291 -36.82 50.12 -131.20
C VAL BA 291 -36.40 51.33 -130.37
N GLU BA 292 -37.41 52.10 -129.96
CA GLU BA 292 -37.22 53.35 -129.23
C GLU BA 292 -37.96 53.29 -127.90
N LEU BA 293 -37.32 53.77 -126.85
CA LEU BA 293 -37.88 53.79 -125.51
C LEU BA 293 -37.91 55.23 -125.02
N GLN BA 294 -39.04 55.63 -124.43
CA GLN BA 294 -39.23 56.98 -123.93
C GLN BA 294 -39.75 56.94 -122.50
N LEU BA 295 -39.26 57.88 -121.70
CA LEU BA 295 -39.65 58.02 -120.31
C LEU BA 295 -40.84 58.98 -120.19
N GLN BA 296 -41.72 58.70 -119.23
CA GLN BA 296 -42.89 59.54 -119.01
C GLN BA 296 -42.55 60.65 -118.02
N ALA BA 297 -43.37 61.70 -118.05
CA ALA BA 297 -43.23 62.82 -117.13
C ALA BA 297 -44.30 62.82 -116.06
N SER BA 298 -45.57 62.81 -116.45
CA SER BA 298 -46.75 62.80 -115.58
C SER BA 298 -46.87 64.06 -114.74
N SER BA 299 -45.93 64.98 -114.84
CA SER BA 299 -45.94 66.24 -114.10
C SER BA 299 -44.81 67.10 -114.62
N ILE BA 300 -45.02 68.42 -114.62
CA ILE BA 300 -44.01 69.38 -115.05
C ILE BA 300 -43.89 70.46 -113.97
N THR BA 301 -42.65 70.84 -113.68
CA THR BA 301 -42.35 71.86 -112.68
C THR BA 301 -41.58 72.99 -113.34
N ILE BA 302 -42.01 74.21 -113.11
CA ILE BA 302 -41.30 75.40 -113.57
C ILE BA 302 -40.46 75.93 -112.42
N VAL BA 303 -39.13 75.93 -112.61
CA VAL BA 303 -38.20 76.30 -111.55
C VAL BA 303 -38.30 77.79 -111.27
N GLY BA 304 -37.77 78.22 -110.13
CA GLY BA 304 -37.79 79.60 -109.71
C GLY BA 304 -38.87 79.95 -108.70
N GLY BA 305 -39.90 79.12 -108.58
CA GLY BA 305 -40.99 79.38 -107.66
C GLY BA 305 -41.71 80.68 -107.96
N ALA BA 306 -41.53 81.68 -107.10
CA ALA BA 306 -42.07 83.02 -107.30
C ALA BA 306 -40.92 83.95 -107.63
N PHE BA 307 -40.98 84.58 -108.79
CA PHE BA 307 -39.90 85.45 -109.27
C PHE BA 307 -40.48 86.76 -109.78
N ALA BA 308 -39.66 87.80 -109.72
CA ALA BA 308 -40.03 89.13 -110.19
C ALA BA 308 -38.96 89.63 -111.15
N LEU BA 309 -39.40 90.32 -112.20
CA LEU BA 309 -38.48 90.86 -113.19
C LEU BA 309 -37.69 92.03 -112.58
N ALA BA 310 -36.56 92.35 -113.22
CA ALA BA 310 -35.70 93.41 -112.72
C ALA BA 310 -36.42 94.75 -112.74
N THR BA 311 -37.12 95.06 -113.83
CA THR BA 311 -37.87 96.30 -113.97
C THR BA 311 -39.27 95.97 -114.51
N THR BA 312 -40.07 97.02 -114.69
CA THR BA 312 -41.39 96.83 -115.30
C THR BA 312 -41.27 96.31 -116.72
N THR BA 313 -40.37 96.89 -117.51
CA THR BA 313 -40.08 96.40 -118.86
C THR BA 313 -38.83 95.53 -118.83
N GLY BA 314 -39.01 94.32 -118.29
CA GLY BA 314 -37.94 93.36 -118.16
C GLY BA 314 -38.24 92.08 -118.93
N THR BA 315 -37.30 91.15 -118.84
CA THR BA 315 -37.45 89.86 -119.51
C THR BA 315 -36.66 88.80 -118.76
N LYS BA 316 -37.06 87.55 -118.95
CA LYS BA 316 -36.40 86.43 -118.32
C LYS BA 316 -36.75 85.15 -119.09
N GLN BA 317 -35.73 84.31 -119.30
CA GLN BA 317 -35.91 83.05 -120.02
C GLN BA 317 -36.33 81.97 -119.02
N LEU BA 318 -37.57 81.50 -119.14
CA LEU BA 318 -38.08 80.48 -118.24
C LEU BA 318 -37.72 79.08 -118.74
N LYS BA 319 -37.38 78.20 -117.80
CA LYS BA 319 -37.06 76.82 -118.09
C LYS BA 319 -37.96 75.89 -117.26
N VAL BA 320 -38.45 74.84 -117.90
CA VAL BA 320 -39.38 73.90 -117.27
C VAL BA 320 -38.74 72.52 -117.30
N ARG BA 321 -38.88 71.78 -116.21
CA ARG BA 321 -38.36 70.42 -116.10
C ARG BA 321 -39.50 69.46 -115.77
N ASP BA 322 -39.19 68.18 -115.81
CA ASP BA 322 -40.15 67.14 -115.45
C ASP BA 322 -39.81 66.60 -114.06
N ASP BA 323 -40.51 65.55 -113.65
CA ASP BA 323 -40.22 64.93 -112.36
C ASP BA 323 -38.83 64.30 -112.36
N ASN BA 324 -38.43 63.69 -113.46
CA ASN BA 324 -37.10 63.11 -113.58
C ASN BA 324 -35.99 64.15 -113.66
N GLY BA 325 -36.34 65.42 -113.86
CA GLY BA 325 -35.35 66.48 -113.96
C GLY BA 325 -34.89 66.82 -115.36
N THR BA 326 -35.42 66.16 -116.38
CA THR BA 326 -35.05 66.48 -117.76
C THR BA 326 -35.55 67.87 -118.13
N ASP BA 327 -34.67 68.64 -118.78
CA ASP BA 327 -35.00 70.01 -119.17
C ASP BA 327 -35.84 69.97 -120.44
N VAL BA 328 -37.15 69.82 -120.24
CA VAL BA 328 -38.07 69.72 -121.38
C VAL BA 328 -38.13 71.04 -122.13
N THR BA 329 -38.32 72.16 -121.41
CA THR BA 329 -38.26 73.53 -121.92
C THR BA 329 -38.84 73.72 -123.31
N ALA BA 330 -38.07 73.30 -124.34
CA ALA BA 330 -38.39 73.69 -125.72
C ALA BA 330 -39.73 73.15 -126.17
N ARG BA 331 -39.99 71.86 -125.94
CA ARG BA 331 -41.24 71.26 -126.40
C ARG BA 331 -42.36 71.50 -125.42
N CYS BA 332 -42.60 72.77 -125.07
CA CYS BA 332 -43.67 73.15 -124.17
C CYS BA 332 -44.40 74.37 -124.72
N THR BA 333 -45.67 74.50 -124.37
CA THR BA 333 -46.51 75.62 -124.79
C THR BA 333 -46.62 76.60 -123.63
N PHE BA 334 -46.16 77.83 -123.85
CA PHE BA 334 -46.19 78.86 -122.82
C PHE BA 334 -47.29 79.88 -123.15
N ALA BA 335 -48.10 80.22 -122.14
CA ALA BA 335 -49.18 81.18 -122.33
C ALA BA 335 -49.31 82.05 -121.10
N SER BA 336 -49.41 83.36 -121.31
CA SER BA 336 -49.59 84.29 -120.21
C SER BA 336 -51.06 84.45 -119.87
N SER BA 337 -51.35 84.61 -118.57
CA SER BA 337 -52.72 84.84 -118.14
C SER BA 337 -53.15 86.27 -118.45
N ALA BA 338 -52.27 87.23 -118.20
CA ALA BA 338 -52.52 88.64 -118.50
C ALA BA 338 -51.52 89.08 -119.56
N GLY BA 339 -51.94 89.07 -120.82
CA GLY BA 339 -51.04 89.45 -121.90
C GLY BA 339 -50.62 90.90 -121.83
N THR BA 340 -51.54 91.79 -121.42
CA THR BA 340 -51.21 93.20 -121.32
C THR BA 340 -50.20 93.47 -120.19
N LYS BA 341 -50.17 92.62 -119.17
CA LYS BA 341 -49.23 92.79 -118.08
C LYS BA 341 -47.84 92.27 -118.44
N ALA BA 342 -47.75 90.97 -118.75
CA ALA BA 342 -46.47 90.37 -119.12
C ALA BA 342 -46.75 89.13 -119.95
N THR BA 343 -46.47 89.20 -121.24
CA THR BA 343 -46.64 88.07 -122.14
C THR BA 343 -45.37 87.25 -122.20
N VAL BA 344 -45.53 85.95 -122.46
CA VAL BA 344 -44.42 85.00 -122.51
C VAL BA 344 -44.24 84.53 -123.94
N SER BA 345 -42.98 84.51 -124.40
CA SER BA 345 -42.68 84.07 -125.75
C SER BA 345 -42.79 82.55 -125.85
N ALA BA 346 -42.77 82.06 -127.10
CA ALA BA 346 -42.88 80.62 -127.33
C ALA BA 346 -41.70 79.87 -126.74
N ALA BA 347 -40.49 80.42 -126.88
CA ALA BA 347 -39.30 79.76 -126.32
C ALA BA 347 -39.36 79.72 -124.80
N GLY BA 348 -39.82 80.81 -124.18
CA GLY BA 348 -39.89 80.89 -122.73
C GLY BA 348 -39.38 82.22 -122.22
N LEU BA 349 -38.95 83.08 -123.13
CA LEU BA 349 -38.43 84.41 -122.77
C LEU BA 349 -39.61 85.33 -122.51
N VAL BA 350 -40.11 85.28 -121.28
CA VAL BA 350 -41.24 86.11 -120.89
C VAL BA 350 -40.77 87.55 -120.73
N THR BA 351 -41.53 88.48 -121.30
CA THR BA 351 -41.20 89.91 -121.26
C THR BA 351 -42.31 90.66 -120.54
N GLY BA 352 -41.92 91.58 -119.66
CA GLY BA 352 -42.90 92.37 -118.93
C GLY BA 352 -43.32 93.60 -119.73
N VAL BA 353 -44.63 93.82 -119.80
CA VAL BA 353 -45.19 94.95 -120.53
C VAL BA 353 -45.73 96.02 -119.59
N ALA BA 354 -46.58 95.61 -118.65
CA ALA BA 354 -47.18 96.53 -117.68
C ALA BA 354 -46.97 96.01 -116.27
N ALA BA 355 -46.86 96.94 -115.33
CA ALA BA 355 -46.68 96.57 -113.93
C ALA BA 355 -47.93 95.89 -113.38
N GLY BA 356 -47.72 94.87 -112.56
CA GLY BA 356 -48.83 94.14 -111.97
C GLY BA 356 -48.49 92.71 -111.65
N THR BA 357 -49.42 91.78 -111.90
CA THR BA 357 -49.20 90.37 -111.66
C THR BA 357 -49.75 89.56 -112.82
N ALA BA 358 -49.16 88.38 -113.01
CA ALA BA 358 -49.57 87.49 -114.09
C ALA BA 358 -49.36 86.05 -113.66
N ASP BA 359 -50.04 85.14 -114.35
CA ASP BA 359 -49.95 83.71 -114.09
C ASP BA 359 -49.51 83.00 -115.37
N ILE BA 360 -48.19 82.81 -115.51
CA ILE BA 360 -47.66 82.13 -116.69
C ILE BA 360 -47.94 80.65 -116.58
N THR BA 361 -48.55 80.08 -117.61
CA THR BA 361 -48.93 78.67 -117.64
C THR BA 361 -48.14 77.95 -118.71
N ALA BA 362 -47.55 76.82 -118.34
CA ALA BA 362 -46.80 75.98 -119.27
C ALA BA 362 -47.51 74.64 -119.38
N SER BA 363 -47.77 74.19 -120.60
CA SER BA 363 -48.43 72.93 -120.86
C SER BA 363 -47.53 72.05 -121.71
N TYR BA 364 -47.31 70.82 -121.26
CA TYR BA 364 -46.46 69.86 -121.95
C TYR BA 364 -47.22 68.56 -122.15
N VAL BA 365 -47.20 68.05 -123.38
CA VAL BA 365 -47.85 66.79 -123.71
C VAL BA 365 -46.94 65.64 -123.29
N PRO BA 366 -47.38 64.77 -122.37
CA PRO BA 366 -46.53 63.66 -121.96
C PRO BA 366 -46.32 62.68 -123.10
N PRO BA 367 -45.18 61.98 -123.13
CA PRO BA 367 -44.97 60.96 -124.17
C PRO BA 367 -46.02 59.86 -124.14
N GLN BA 368 -46.57 59.55 -122.97
CA GLN BA 368 -47.61 58.53 -122.87
C GLN BA 368 -48.90 58.95 -123.56
N GLY BA 369 -49.09 60.24 -123.81
CA GLY BA 369 -50.29 60.73 -124.45
C GLY BA 369 -51.28 61.32 -123.46
N GLY BA 370 -52.54 61.31 -123.88
CA GLY BA 370 -53.59 61.85 -123.03
C GLY BA 370 -53.50 63.36 -122.90
N THR BA 371 -54.05 63.85 -121.79
CA THR BA 371 -54.05 65.29 -121.52
C THR BA 371 -52.64 65.76 -121.23
N ALA BA 372 -52.38 67.03 -121.56
CA ALA BA 372 -51.07 67.64 -121.36
C ALA BA 372 -50.98 68.22 -119.95
N LYS BA 373 -49.94 67.84 -119.22
CA LYS BA 373 -49.75 68.35 -117.87
C LYS BA 373 -49.43 69.84 -117.90
N THR BA 374 -50.03 70.59 -116.97
CA THR BA 374 -49.89 72.03 -116.94
C THR BA 374 -49.38 72.49 -115.59
N ALA BA 375 -48.65 73.60 -115.61
CA ALA BA 375 -48.12 74.21 -114.40
C ALA BA 375 -48.29 75.71 -114.48
N THR BA 376 -48.54 76.33 -113.33
CA THR BA 376 -48.78 77.77 -113.25
C THR BA 376 -47.76 78.41 -112.30
N VAL BA 377 -47.22 79.55 -112.72
CA VAL BA 377 -46.27 80.31 -111.91
C VAL BA 377 -46.72 81.76 -111.88
N THR BA 378 -46.83 82.32 -110.67
CA THR BA 378 -47.20 83.72 -110.50
C THR BA 378 -45.96 84.59 -110.62
N VAL BA 379 -46.04 85.65 -111.42
CA VAL BA 379 -44.95 86.59 -111.63
C VAL BA 379 -45.46 87.98 -111.29
N THR BA 380 -44.66 88.72 -110.52
CA THR BA 380 -45.00 90.08 -110.07
C THR BA 380 -44.10 91.06 -110.81
N VAL BA 381 -44.65 91.71 -111.83
CA VAL BA 381 -43.92 92.72 -112.58
C VAL BA 381 -43.95 94.03 -111.79
N PRO BA 382 -42.79 94.61 -111.45
CA PRO BA 382 -42.67 95.83 -110.66
C PRO BA 382 -43.39 97.02 -111.29
N ILE CA 4 -10.25 78.63 -37.67
CA ILE CA 4 -10.07 78.70 -39.12
C ILE CA 4 -8.59 78.69 -39.47
N PHE CA 5 -8.27 78.25 -40.69
CA PHE CA 5 -6.90 78.17 -41.16
C PHE CA 5 -6.79 78.84 -42.53
N VAL CA 6 -5.64 79.44 -42.79
CA VAL CA 6 -5.38 80.04 -44.09
C VAL CA 6 -4.90 78.96 -45.05
N LYS CA 7 -5.36 79.03 -46.29
CA LYS CA 7 -5.07 78.02 -47.30
C LYS CA 7 -4.72 78.69 -48.61
N PRO CA 8 -3.93 78.03 -49.46
CA PRO CA 8 -3.75 78.51 -50.84
C PRO CA 8 -4.98 78.24 -51.69
N GLU CA 9 -4.89 78.49 -53.00
CA GLU CA 9 -5.97 78.19 -53.94
C GLU CA 9 -5.35 77.43 -55.11
N LEU CA 10 -5.33 76.10 -55.01
CA LEU CA 10 -4.72 75.29 -56.05
C LEU CA 10 -5.55 75.29 -57.32
N VAL CA 11 -4.86 75.35 -58.46
CA VAL CA 11 -5.49 75.28 -59.77
C VAL CA 11 -4.77 74.23 -60.60
N ALA CA 12 -5.53 73.31 -61.19
CA ALA CA 12 -4.97 72.22 -61.97
C ALA CA 12 -5.64 72.16 -63.34
N GLU CA 13 -4.90 71.66 -64.32
CA GLU CA 13 -5.39 71.50 -65.69
C GLU CA 13 -5.86 70.06 -65.86
N ILE CA 14 -7.16 69.83 -65.69
CA ILE CA 14 -7.70 68.48 -65.83
C ILE CA 14 -7.55 67.99 -67.26
N GLY CA 15 -7.85 68.85 -68.23
CA GLY CA 15 -7.76 68.46 -69.62
C GLY CA 15 -8.89 69.01 -70.47
N VAL CA 16 -9.81 69.72 -69.84
CA VAL CA 16 -10.94 70.30 -70.57
C VAL CA 16 -10.44 71.36 -71.53
N LYS CA 17 -10.97 71.34 -72.76
CA LYS CA 17 -10.59 72.27 -73.81
C LYS CA 17 -11.84 72.85 -74.45
N GLN CA 18 -11.69 74.05 -74.99
CA GLN CA 18 -12.80 74.69 -75.70
C GLN CA 18 -13.08 73.93 -76.99
N LEU CA 19 -14.37 73.63 -77.23
CA LEU CA 19 -14.76 72.88 -78.41
C LEU CA 19 -14.56 73.72 -79.65
N GLN CA 20 -13.62 73.32 -80.50
CA GLN CA 20 -13.27 74.05 -81.71
C GLN CA 20 -13.59 73.21 -82.94
N ARG CA 21 -13.69 73.89 -84.07
CA ARG CA 21 -14.01 73.23 -85.33
C ARG CA 21 -12.81 72.41 -85.82
N GLU CA 22 -13.07 71.55 -86.80
CA GLU CA 22 -12.05 70.68 -87.37
C GLU CA 22 -11.65 71.23 -88.74
N ILE CA 23 -10.34 71.33 -88.97
CA ILE CA 23 -9.82 71.84 -90.23
C ILE CA 23 -10.05 70.78 -91.31
N VAL CA 24 -11.03 71.01 -92.18
CA VAL CA 24 -11.40 70.07 -93.24
C VAL CA 24 -11.33 70.72 -94.61
N LEU CA 25 -11.88 71.93 -94.75
CA LEU CA 25 -11.89 72.60 -96.05
C LEU CA 25 -10.50 72.81 -96.65
N PRO CA 26 -9.47 73.24 -95.90
CA PRO CA 26 -8.13 73.32 -96.49
C PRO CA 26 -7.66 71.95 -96.95
N GLY CA 27 -6.94 71.94 -98.07
CA GLY CA 27 -6.50 70.71 -98.70
C GLY CA 27 -7.48 70.12 -99.68
N LEU CA 28 -8.69 70.67 -99.78
CA LEU CA 28 -9.69 70.22 -100.74
C LEU CA 28 -9.84 71.18 -101.92
N VAL CA 29 -9.10 72.29 -101.91
CA VAL CA 29 -9.18 73.32 -102.94
C VAL CA 29 -7.76 73.58 -103.44
N TRP CA 30 -7.66 74.15 -104.64
CA TRP CA 30 -6.36 74.48 -105.23
C TRP CA 30 -5.51 75.30 -104.26
N THR CA 31 -4.25 74.88 -104.11
CA THR CA 31 -3.31 75.53 -103.19
C THR CA 31 -2.15 76.08 -104.01
N ASN CA 32 -2.26 77.35 -104.41
CA ASN CA 32 -1.25 78.07 -105.17
C ASN CA 32 -0.84 77.33 -106.43
N PRO CA 33 -1.73 77.21 -107.43
CA PRO CA 33 -1.33 76.58 -108.69
C PRO CA 33 -0.48 77.50 -109.54
N LEU CA 34 -0.75 78.80 -109.48
CA LEU CA 34 -0.02 79.81 -110.23
C LEU CA 34 0.33 80.94 -109.27
N THR CA 35 1.62 81.08 -108.95
CA THR CA 35 2.09 82.07 -107.99
C THR CA 35 3.09 82.98 -108.70
N ASP CA 36 2.57 83.99 -109.40
CA ASP CA 36 3.39 84.99 -110.05
C ASP CA 36 2.80 86.39 -109.89
N PHE CA 37 2.12 86.63 -108.76
CA PHE CA 37 1.41 87.89 -108.53
C PHE CA 37 2.35 89.07 -108.36
N GLY CA 38 3.66 88.85 -108.20
CA GLY CA 38 4.60 89.92 -107.98
C GLY CA 38 4.59 90.99 -109.06
N GLY CA 39 5.01 90.62 -110.27
CA GLY CA 39 5.05 91.56 -111.37
C GLY CA 39 3.79 91.56 -112.22
N SER CA 40 2.64 91.68 -111.59
CA SER CA 40 1.35 91.67 -112.27
C SER CA 40 0.66 93.01 -112.10
N LYS CA 41 0.02 93.49 -113.17
CA LYS CA 41 -0.66 94.77 -113.13
C LYS CA 41 -1.89 94.70 -112.24
N ASN CA 42 -2.00 95.66 -111.32
CA ASN CA 42 -3.13 95.78 -110.40
C ASN CA 42 -3.34 94.52 -109.57
N ASP CA 43 -2.29 93.71 -109.39
CA ASP CA 43 -2.37 92.45 -108.67
C ASP CA 43 -3.43 91.52 -109.27
N THR CA 44 -3.64 91.62 -110.58
CA THR CA 44 -4.62 90.81 -111.29
C THR CA 44 -3.92 90.06 -112.41
N ILE CA 45 -4.18 88.75 -112.49
CA ILE CA 45 -3.57 87.90 -113.50
C ILE CA 45 -4.68 87.33 -114.37
N THR CA 46 -4.52 87.45 -115.68
CA THR CA 46 -5.50 86.98 -116.65
C THR CA 46 -5.13 85.58 -117.13
N VAL CA 47 -6.07 84.66 -117.05
CA VAL CA 47 -5.92 83.29 -117.52
C VAL CA 47 -6.83 83.11 -118.72
N ARG CA 48 -6.26 82.68 -119.84
CA ARG CA 48 -6.97 82.50 -121.09
C ARG CA 48 -7.55 81.09 -121.17
N VAL CA 49 -8.65 80.95 -121.91
CA VAL CA 49 -9.31 79.67 -122.11
C VAL CA 49 -9.33 79.40 -123.61
N PRO CA 50 -8.93 78.21 -124.06
CA PRO CA 50 -8.95 77.91 -125.49
C PRO CA 50 -10.37 78.00 -126.07
N ALA CA 51 -10.46 78.46 -127.31
CA ALA CA 51 -11.73 78.67 -127.96
C ALA CA 51 -12.17 77.42 -128.71
N ILE CA 52 -13.47 77.38 -129.05
CA ILE CA 52 -14.06 76.28 -129.79
C ILE CA 52 -14.86 76.83 -130.95
N THR CA 53 -15.13 75.97 -131.94
CA THR CA 53 -15.89 76.37 -133.11
C THR CA 53 -16.98 75.35 -133.43
N THR CA 54 -17.66 75.53 -134.56
CA THR CA 54 -18.74 74.65 -134.97
C THR CA 54 -18.58 74.38 -136.47
N ALA CA 55 -19.59 73.72 -137.06
CA ALA CA 55 -19.57 73.37 -138.46
C ALA CA 55 -20.96 73.60 -139.05
N ASN CA 56 -21.03 73.52 -140.38
CA ASN CA 56 -22.27 73.73 -141.11
C ASN CA 56 -22.53 72.53 -142.03
N ARG CA 57 -23.79 72.38 -142.42
CA ARG CA 57 -24.21 71.27 -143.27
C ARG CA 57 -24.99 71.80 -144.46
N ARG CA 58 -24.76 71.20 -145.63
CA ARG CA 58 -25.47 71.56 -146.84
C ARG CA 58 -25.81 70.28 -147.61
N ASP CA 59 -26.43 70.43 -148.78
CA ASP CA 59 -26.89 69.31 -149.57
C ASP CA 59 -26.03 69.17 -150.83
N LEU CA 60 -25.89 67.93 -151.28
CA LEU CA 60 -25.11 67.64 -152.48
C LEU CA 60 -25.80 68.15 -153.74
N ARG CA 61 -24.98 68.49 -154.73
CA ARG CA 61 -25.45 68.93 -156.05
C ARG CA 61 -26.32 70.17 -155.98
N ASP CA 62 -26.16 70.98 -154.94
CA ASP CA 62 -26.93 72.21 -154.82
C ASP CA 62 -26.33 73.30 -155.71
N PRO CA 63 -27.12 73.93 -156.59
CA PRO CA 63 -26.56 75.00 -157.42
C PRO CA 63 -26.01 76.17 -156.63
N ASP CA 64 -26.60 76.48 -155.48
CA ASP CA 64 -26.08 77.54 -154.63
C ASP CA 64 -24.74 77.14 -154.03
N ARG CA 65 -23.83 78.10 -153.93
CA ARG CA 65 -22.47 77.87 -153.43
C ARG CA 65 -22.14 78.86 -152.32
N THR CA 66 -23.07 79.03 -151.38
CA THR CA 66 -22.85 79.92 -150.25
C THR CA 66 -21.99 79.22 -149.20
N VAL CA 67 -20.96 79.91 -148.72
CA VAL CA 67 -20.03 79.39 -147.72
C VAL CA 67 -20.11 80.27 -146.49
N ILE CA 68 -20.35 79.65 -145.33
CA ILE CA 68 -20.46 80.33 -144.06
C ILE CA 68 -19.21 80.04 -143.24
N ALA CA 69 -18.55 81.10 -142.77
CA ALA CA 69 -17.33 80.95 -141.99
C ALA CA 69 -17.66 80.68 -140.53
N SER CA 70 -16.63 80.63 -139.70
CA SER CA 70 -16.77 80.37 -138.27
C SER CA 70 -15.91 81.35 -137.49
N GLU CA 71 -16.31 81.59 -136.24
CA GLU CA 71 -15.63 82.51 -135.35
C GLU CA 71 -14.92 81.74 -134.25
N LEU CA 72 -13.70 82.17 -133.92
CA LEU CA 72 -12.86 81.51 -132.92
C LEU CA 72 -12.35 82.53 -131.90
N VAL CA 73 -13.26 83.36 -131.39
CA VAL CA 73 -12.89 84.34 -130.38
C VAL CA 73 -12.62 83.63 -129.07
N GLU CA 74 -11.58 84.07 -128.37
CA GLU CA 74 -11.17 83.49 -127.10
C GLU CA 74 -11.68 84.33 -125.94
N HIS CA 75 -11.55 83.78 -124.73
CA HIS CA 75 -12.00 84.43 -123.52
C HIS CA 75 -10.95 84.25 -122.44
N SER CA 76 -11.05 85.08 -121.39
CA SER CA 76 -10.13 85.02 -120.28
C SER CA 76 -10.83 85.49 -119.02
N PHE CA 77 -10.28 85.09 -117.87
CA PHE CA 77 -10.80 85.51 -116.57
C PHE CA 77 -9.66 85.97 -115.69
N GLY CA 78 -9.96 86.91 -114.80
CA GLY CA 78 -8.96 87.55 -113.96
C GLY CA 78 -9.01 87.06 -112.53
N VAL CA 79 -7.84 86.79 -111.97
CA VAL CA 79 -7.68 86.39 -110.57
C VAL CA 79 -6.97 87.51 -109.85
N THR CA 80 -7.56 87.97 -108.74
CA THR CA 80 -7.06 89.11 -108.00
C THR CA 80 -6.87 88.76 -106.53
N LEU CA 81 -5.79 89.28 -105.94
CA LEU CA 81 -5.50 89.12 -104.53
C LEU CA 81 -5.90 90.41 -103.80
N ASP CA 82 -7.01 90.35 -103.07
CA ASP CA 82 -7.59 91.54 -102.46
C ASP CA 82 -7.67 91.49 -100.94
N LYS CA 83 -8.01 90.34 -100.36
CA LYS CA 83 -8.21 90.22 -98.92
C LYS CA 83 -7.10 89.36 -98.32
N HIS CA 84 -6.50 89.85 -97.24
CA HIS CA 84 -5.46 89.13 -96.52
C HIS CA 84 -5.85 88.94 -95.06
N VAL CA 85 -5.30 87.88 -94.45
CA VAL CA 85 -5.62 87.54 -93.07
C VAL CA 85 -4.47 88.00 -92.19
N TYR CA 86 -4.77 88.85 -91.22
CA TYR CA 86 -3.76 89.41 -90.33
C TYR CA 86 -4.23 89.31 -88.88
N ALA CA 87 -3.25 89.24 -87.98
CA ALA CA 87 -3.54 89.10 -86.55
C ALA CA 87 -2.42 89.73 -85.74
N ALA CA 88 -2.81 90.43 -84.67
CA ALA CA 88 -1.88 91.13 -83.79
C ALA CA 88 -2.29 90.90 -82.33
N LEU CA 89 -1.30 90.98 -81.45
CA LEU CA 89 -1.51 90.80 -80.01
C LEU CA 89 -0.58 91.75 -79.26
N LYS CA 90 -1.17 92.64 -78.46
CA LYS CA 90 -0.39 93.61 -77.70
C LYS CA 90 -0.05 93.05 -76.32
N PHE CA 91 1.24 93.05 -76.00
CA PHE CA 91 1.72 92.52 -74.72
C PHE CA 91 2.58 93.57 -74.05
N THR CA 92 2.14 94.09 -72.92
CA THR CA 92 2.93 95.03 -72.16
C THR CA 92 4.00 94.29 -71.37
N ASP CA 93 5.04 95.01 -70.97
CA ASP CA 93 6.21 94.43 -70.33
C ASP CA 93 5.87 93.70 -69.04
N GLU CA 94 4.90 94.22 -68.28
CA GLU CA 94 4.57 93.67 -66.97
C GLU CA 94 4.15 92.21 -67.04
N GLN CA 95 3.06 91.92 -67.74
CA GLN CA 95 2.58 90.54 -67.81
C GLN CA 95 3.54 89.67 -68.65
N ARG CA 96 4.23 90.29 -69.61
CA ARG CA 96 5.20 89.55 -70.40
C ARG CA 96 6.30 88.96 -69.53
N THR CA 97 6.80 89.76 -68.58
CA THR CA 97 7.79 89.28 -67.63
C THR CA 97 7.18 88.41 -66.53
N LEU CA 98 5.93 88.68 -66.13
CA LEU CA 98 5.38 88.09 -64.92
C LEU CA 98 4.21 87.15 -65.19
N ASP CA 99 3.26 87.55 -66.03
CA ASP CA 99 2.05 86.75 -66.26
C ASP CA 99 2.13 85.96 -67.56
N ILE CA 100 3.34 85.61 -68.00
CA ILE CA 100 3.53 84.75 -69.16
C ILE CA 100 4.38 83.57 -68.71
N ARG CA 101 3.74 82.41 -68.57
CA ARG CA 101 4.46 81.20 -68.15
C ARG CA 101 5.31 80.65 -69.29
N ASP CA 102 4.77 80.63 -70.51
CA ASP CA 102 5.53 80.24 -71.70
C ASP CA 102 4.96 81.00 -72.89
N TYR CA 103 5.64 80.90 -74.03
CA TYR CA 103 5.31 81.72 -75.18
C TYR CA 103 4.74 80.89 -76.32
N THR CA 104 5.29 79.69 -76.54
CA THR CA 104 4.85 78.87 -77.66
C THR CA 104 3.40 78.41 -77.48
N LYS CA 105 3.05 77.94 -76.29
CA LYS CA 105 1.73 77.36 -76.06
C LYS CA 105 0.68 78.42 -75.71
N GLN CA 106 1.08 79.56 -75.15
CA GLN CA 106 0.12 80.58 -74.76
C GLN CA 106 -0.11 81.63 -75.84
N VAL CA 107 0.82 81.78 -76.78
CA VAL CA 107 0.74 82.84 -77.77
C VAL CA 107 0.78 82.27 -79.18
N LEU CA 108 1.86 81.55 -79.50
CA LEU CA 108 2.09 81.11 -80.87
C LEU CA 108 1.03 80.12 -81.33
N MET CA 109 0.78 79.08 -80.54
CA MET CA 109 -0.20 78.07 -80.90
C MET CA 109 -1.62 78.64 -81.03
N PRO CA 110 -2.15 79.41 -80.08
CA PRO CA 110 -3.47 80.02 -80.31
C PRO CA 110 -3.50 80.93 -81.52
N GLN CA 111 -2.41 81.66 -81.79
CA GLN CA 111 -2.39 82.57 -82.94
C GLN CA 111 -2.44 81.80 -84.26
N VAL CA 112 -1.64 80.73 -84.37
CA VAL CA 112 -1.65 79.95 -85.61
C VAL CA 112 -2.97 79.20 -85.76
N SER CA 113 -3.56 78.74 -84.66
CA SER CA 113 -4.88 78.12 -84.73
C SER CA 113 -5.93 79.13 -85.21
N ALA CA 114 -5.86 80.36 -84.71
CA ALA CA 114 -6.78 81.40 -85.17
C ALA CA 114 -6.59 81.70 -86.65
N VAL CA 115 -5.34 81.74 -87.10
CA VAL CA 115 -5.06 82.00 -88.52
C VAL CA 115 -5.63 80.87 -89.38
N ALA CA 116 -5.44 79.62 -88.95
CA ALA CA 116 -5.97 78.48 -89.70
C ALA CA 116 -7.48 78.51 -89.75
N TYR CA 117 -8.13 78.83 -88.62
CA TYR CA 117 -9.59 78.87 -88.60
C TYR CA 117 -10.12 80.02 -89.45
N GLU CA 118 -9.42 81.16 -89.44
CA GLU CA 118 -9.82 82.27 -90.30
C GLU CA 118 -9.67 81.90 -91.78
N LEU CA 119 -8.61 81.18 -92.13
CA LEU CA 119 -8.46 80.70 -93.50
C LEU CA 119 -9.57 79.74 -93.87
N GLU CA 120 -9.95 78.85 -92.96
CA GLU CA 120 -11.04 77.92 -93.22
C GLU CA 120 -12.35 78.67 -93.44
N ASP CA 121 -12.62 79.69 -92.62
CA ASP CA 121 -13.81 80.51 -92.81
C ASP CA 121 -13.75 81.29 -94.13
N TYR CA 122 -12.55 81.73 -94.52
CA TYR CA 122 -12.38 82.42 -95.79
C TYR CA 122 -12.72 81.50 -96.96
N ILE CA 123 -12.28 80.24 -96.89
CA ILE CA 123 -12.63 79.28 -97.93
C ILE CA 123 -14.12 78.97 -97.90
N ALA CA 124 -14.71 78.89 -96.70
CA ALA CA 124 -16.13 78.64 -96.59
C ALA CA 124 -16.95 79.78 -97.19
N GLU CA 125 -16.45 81.01 -97.09
CA GLU CA 125 -17.13 82.14 -97.71
C GLU CA 125 -17.24 81.96 -99.22
N LEU CA 126 -16.15 81.51 -99.86
CA LEU CA 126 -16.21 81.22 -101.28
C LEU CA 126 -17.12 80.05 -101.57
N ILE CA 127 -17.06 78.99 -100.76
CA ILE CA 127 -17.84 77.80 -101.06
C ILE CA 127 -19.34 78.03 -100.83
N GLU CA 128 -19.70 79.04 -100.05
CA GLU CA 128 -21.11 79.33 -99.79
C GLU CA 128 -21.65 80.49 -100.62
N GLY CA 129 -20.81 81.43 -101.03
CA GLY CA 129 -21.23 82.58 -101.79
C GLY CA 129 -21.17 82.42 -103.30
N ALA CA 130 -20.90 81.22 -103.79
CA ALA CA 130 -20.82 81.00 -105.23
C ALA CA 130 -22.20 81.20 -105.86
N PRO CA 131 -22.27 81.83 -107.04
CA PRO CA 131 -23.56 82.06 -107.71
C PRO CA 131 -24.15 80.81 -108.35
N TYR CA 132 -24.72 79.95 -107.51
CA TYR CA 132 -25.33 78.72 -108.01
C TYR CA 132 -26.63 79.04 -108.73
N GLU CA 133 -26.80 78.45 -109.92
CA GLU CA 133 -28.01 78.68 -110.70
C GLU CA 133 -29.14 77.76 -110.24
N GLU CA 134 -28.92 76.46 -110.28
CA GLU CA 134 -29.91 75.48 -109.86
C GLU CA 134 -29.61 74.98 -108.45
N THR CA 135 -30.67 74.72 -107.70
CA THR CA 135 -30.57 74.21 -106.33
C THR CA 135 -31.28 72.85 -106.28
N ILE CA 136 -30.51 71.78 -106.21
CA ILE CA 136 -31.07 70.44 -106.13
C ILE CA 136 -31.65 70.22 -104.74
N LEU CA 137 -32.95 69.96 -104.67
CA LEU CA 137 -33.63 69.76 -103.40
C LEU CA 137 -33.43 68.33 -102.93
N ILE CA 138 -32.87 68.16 -101.74
CA ILE CA 138 -32.66 66.83 -101.17
C ILE CA 138 -33.96 66.37 -100.53
N ASP CA 139 -34.43 65.20 -100.96
CA ASP CA 139 -35.66 64.63 -100.40
C ASP CA 139 -35.35 63.94 -99.09
N PRO CA 140 -35.96 64.36 -97.98
CA PRO CA 140 -35.68 63.68 -96.69
C PRO CA 140 -36.06 62.21 -96.70
N ALA CA 141 -37.13 61.84 -97.40
CA ALA CA 141 -37.53 60.44 -97.45
C ALA CA 141 -36.50 59.59 -98.18
N ASP CA 142 -35.94 60.11 -99.27
CA ASP CA 142 -34.95 59.35 -100.05
C ASP CA 142 -34.02 60.36 -100.71
N THR CA 143 -32.81 60.50 -100.15
CA THR CA 143 -31.81 61.39 -100.71
C THR CA 143 -31.10 60.81 -101.92
N VAL CA 144 -31.14 59.49 -102.08
CA VAL CA 144 -30.46 58.86 -103.21
C VAL CA 144 -30.96 59.38 -104.56
N PRO CA 145 -32.25 59.55 -104.80
CA PRO CA 145 -32.68 60.18 -106.06
C PRO CA 145 -32.12 61.58 -106.24
N ALA CA 146 -32.03 62.38 -105.17
CA ALA CA 146 -31.47 63.73 -105.31
C ALA CA 146 -30.00 63.67 -105.69
N PHE CA 147 -29.23 62.78 -105.05
CA PHE CA 147 -27.82 62.66 -105.40
C PHE CA 147 -27.63 62.16 -106.82
N ILE CA 148 -28.47 61.21 -107.25
CA ILE CA 148 -28.39 60.72 -108.63
C ILE CA 148 -28.74 61.83 -109.62
N THR CA 149 -29.73 62.65 -109.28
CA THR CA 149 -30.08 63.77 -110.15
C THR CA 149 -28.94 64.78 -110.24
N ALA CA 150 -28.27 65.06 -109.11
CA ALA CA 150 -27.12 65.96 -109.14
C ALA CA 150 -26.00 65.39 -110.01
N ASP CA 151 -25.73 64.09 -109.87
CA ASP CA 151 -24.71 63.46 -110.71
C ASP CA 151 -25.10 63.51 -112.19
N GLN CA 152 -26.39 63.33 -112.48
CA GLN CA 152 -26.86 63.43 -113.86
C GLN CA 152 -26.66 64.83 -114.42
N ARG CA 153 -26.94 65.85 -113.61
CA ARG CA 153 -26.70 67.22 -114.05
C ARG CA 153 -25.22 67.46 -114.31
N MET CA 154 -24.35 66.96 -113.41
CA MET CA 154 -22.92 67.13 -113.61
C MET CA 154 -22.45 66.43 -114.88
N GLY CA 155 -22.98 65.24 -115.16
CA GLY CA 155 -22.64 64.55 -116.40
C GLY CA 155 -23.16 65.28 -117.63
N GLU CA 156 -24.36 65.86 -117.53
CA GLU CA 156 -24.91 66.67 -118.61
C GLU CA 156 -24.08 67.92 -118.87
N ALA CA 157 -23.40 68.44 -117.85
CA ALA CA 157 -22.50 69.58 -118.01
C ALA CA 157 -21.16 69.17 -118.61
N ASN CA 158 -21.00 67.91 -119.03
CA ASN CA 158 -19.76 67.40 -119.61
C ASN CA 158 -18.59 67.53 -118.66
N VAL CA 159 -18.87 67.55 -117.36
CA VAL CA 159 -17.79 67.59 -116.36
C VAL CA 159 -17.11 66.23 -116.31
N PRO CA 160 -15.77 66.18 -116.28
CA PRO CA 160 -15.10 64.87 -116.17
C PRO CA 160 -15.49 64.16 -114.89
N THR CA 161 -15.65 62.83 -114.99
CA THR CA 161 -16.06 62.04 -113.85
C THR CA 161 -14.98 62.00 -112.77
N ASP CA 162 -13.72 61.94 -113.17
CA ASP CA 162 -12.63 61.89 -112.20
C ASP CA 162 -12.47 63.24 -111.50
N SER CA 163 -11.78 63.20 -110.37
CA SER CA 163 -11.48 64.40 -109.56
C SER CA 163 -12.75 65.13 -109.16
N ARG CA 164 -13.78 64.36 -108.82
CA ARG CA 164 -15.05 64.90 -108.32
C ARG CA 164 -15.14 64.65 -106.82
N ARG CA 165 -15.35 65.71 -106.06
CA ARG CA 165 -15.36 65.62 -104.60
C ARG CA 165 -16.61 66.29 -104.04
N LEU CA 166 -17.19 65.66 -103.03
CA LEU CA 166 -18.43 66.11 -102.39
C LEU CA 166 -18.19 66.33 -100.91
N VAL CA 167 -18.66 67.47 -100.40
CA VAL CA 167 -18.57 67.80 -98.98
C VAL CA 167 -19.98 68.08 -98.48
N VAL CA 168 -20.38 67.38 -97.43
CA VAL CA 168 -21.71 67.51 -96.85
C VAL CA 168 -21.61 68.03 -95.43
N GLY CA 169 -22.70 68.61 -94.94
CA GLY CA 169 -22.77 69.10 -93.59
C GLY CA 169 -23.20 68.02 -92.60
N SER CA 170 -23.30 68.43 -91.33
CA SER CA 170 -23.74 67.50 -90.30
C SER CA 170 -25.17 67.04 -90.53
N ALA CA 171 -26.05 67.98 -90.89
CA ALA CA 171 -27.45 67.62 -91.14
C ALA CA 171 -27.59 66.72 -92.36
N VAL CA 172 -26.80 66.97 -93.41
CA VAL CA 172 -26.86 66.13 -94.60
C VAL CA 172 -26.41 64.72 -94.29
N ALA CA 173 -25.32 64.58 -93.52
CA ALA CA 173 -24.85 63.25 -93.13
C ALA CA 173 -25.87 62.55 -92.23
N ALA CA 174 -26.50 63.31 -91.33
CA ALA CA 174 -27.54 62.73 -90.47
C ALA CA 174 -28.71 62.22 -91.31
N ALA CA 175 -29.13 63.00 -92.30
CA ALA CA 175 -30.22 62.56 -93.18
C ALA CA 175 -29.81 61.35 -94.01
N LEU CA 176 -28.56 61.30 -94.45
CA LEU CA 176 -28.07 60.13 -95.17
C LEU CA 176 -28.14 58.89 -94.29
N ALA CA 177 -27.75 59.04 -93.01
CA ALA CA 177 -27.86 57.92 -92.08
C ALA CA 177 -29.32 57.53 -91.85
N LYS CA 178 -30.22 58.52 -91.77
CA LYS CA 178 -31.64 58.25 -91.54
C LYS CA 178 -32.30 57.55 -92.71
N ASP CA 179 -31.73 57.66 -93.92
CA ASP CA 179 -32.35 57.09 -95.10
C ASP CA 179 -32.46 55.58 -94.97
N LYS CA 180 -33.65 55.06 -95.30
CA LYS CA 180 -33.87 53.62 -95.26
C LYS CA 180 -33.06 52.88 -96.31
N GLN CA 181 -32.55 53.58 -97.32
CA GLN CA 181 -31.75 52.93 -98.35
C GLN CA 181 -30.47 52.33 -97.77
N PHE CA 182 -29.80 53.08 -96.89
CA PHE CA 182 -28.55 52.62 -96.29
C PHE CA 182 -28.73 51.96 -94.94
N ARG CA 183 -29.96 51.91 -94.41
CA ARG CA 183 -30.20 51.40 -93.07
C ARG CA 183 -30.71 49.97 -93.05
N HIS CA 184 -31.41 49.53 -94.09
CA HIS CA 184 -32.01 48.20 -94.08
C HIS CA 184 -31.04 47.09 -94.47
N ALA CA 185 -29.82 47.45 -94.92
CA ALA CA 185 -28.73 46.49 -95.11
C ALA CA 185 -29.00 45.49 -96.22
N ASP CA 186 -30.19 45.54 -96.82
CA ASP CA 186 -30.52 44.70 -97.97
C ASP CA 186 -30.80 45.50 -99.23
N TRP CA 187 -31.36 46.70 -99.09
CA TRP CA 187 -31.44 47.60 -100.24
C TRP CA 187 -30.09 48.23 -100.53
N SER CA 188 -29.22 48.35 -99.52
CA SER CA 188 -27.88 48.90 -99.72
C SER CA 188 -26.92 47.83 -100.25
N GLY CA 189 -26.74 46.75 -99.49
CA GLY CA 189 -25.87 45.68 -99.92
C GLY CA 189 -24.94 45.14 -98.86
N ASP CA 190 -24.53 45.99 -97.93
CA ASP CA 190 -23.59 45.60 -96.90
C ASP CA 190 -24.27 44.65 -95.91
N GLN CA 191 -23.70 43.47 -95.71
CA GLN CA 191 -24.26 42.50 -94.78
C GLN CA 191 -23.99 42.88 -93.33
N ALA CA 192 -22.83 43.50 -93.06
CA ALA CA 192 -22.51 43.90 -91.69
C ALA CA 192 -23.33 45.09 -91.22
N ASN CA 193 -23.92 45.85 -92.16
CA ASN CA 193 -24.72 47.03 -91.84
C ASN CA 193 -23.92 48.04 -91.02
N ALA CA 194 -22.83 48.53 -91.65
CA ALA CA 194 -21.98 49.51 -90.99
C ALA CA 194 -22.71 50.82 -90.72
N ALA CA 195 -23.63 51.20 -91.61
CA ALA CA 195 -24.36 52.46 -91.43
C ALA CA 195 -25.21 52.43 -90.16
N LEU CA 196 -25.85 51.29 -89.88
CA LEU CA 196 -26.62 51.18 -88.64
C LEU CA 196 -25.71 51.22 -87.42
N ARG CA 197 -24.56 50.55 -87.50
CA ARG CA 197 -23.64 50.53 -86.35
C ARG CA 197 -23.07 51.91 -86.06
N GLU CA 198 -22.72 52.66 -87.11
CA GLU CA 198 -22.18 54.01 -86.94
C GLU CA 198 -22.40 54.80 -88.22
N ALA CA 199 -22.29 56.11 -88.11
CA ALA CA 199 -22.49 57.01 -89.25
C ALA CA 199 -21.27 56.91 -90.17
N HIS CA 200 -21.26 55.85 -90.98
CA HIS CA 200 -20.16 55.55 -91.89
C HIS CA 200 -20.70 55.18 -93.27
N VAL CA 201 -21.58 56.03 -93.80
CA VAL CA 201 -22.13 55.79 -95.13
C VAL CA 201 -21.03 55.76 -96.18
N GLY CA 202 -20.03 56.63 -96.04
CA GLY CA 202 -18.89 56.59 -96.93
C GLY CA 202 -19.26 56.91 -98.37
N ARG CA 203 -18.85 56.03 -99.28
CA ARG CA 203 -19.06 56.26 -100.70
C ARG CA 203 -20.55 56.26 -101.04
N LEU CA 204 -20.95 57.21 -101.89
CA LEU CA 204 -22.33 57.31 -102.35
C LEU CA 204 -22.33 57.83 -103.77
N ALA CA 205 -22.93 57.07 -104.69
CA ALA CA 205 -23.05 57.46 -106.10
C ALA CA 205 -21.69 57.70 -106.75
N GLY CA 206 -20.65 57.03 -106.25
CA GLY CA 206 -19.32 57.15 -106.81
C GLY CA 206 -18.53 58.36 -106.36
N MET CA 207 -19.07 59.16 -105.44
CA MET CA 207 -18.39 60.35 -104.93
C MET CA 207 -18.10 60.18 -103.44
N ASN CA 208 -16.86 60.46 -103.05
CA ASN CA 208 -16.49 60.37 -101.64
C ASN CA 208 -17.21 61.42 -100.83
N VAL CA 209 -17.61 61.06 -99.61
CA VAL CA 209 -18.33 61.95 -98.71
C VAL CA 209 -17.37 62.39 -97.61
N ILE CA 210 -17.13 63.69 -97.52
CA ILE CA 210 -16.24 64.28 -96.52
C ILE CA 210 -17.10 65.19 -95.64
N ARG CA 211 -17.42 64.72 -94.44
CA ARG CA 211 -18.25 65.51 -93.54
C ARG CA 211 -17.45 66.67 -92.96
N SER CA 212 -18.10 67.84 -92.89
CA SER CA 212 -17.47 69.03 -92.35
C SER CA 212 -18.54 69.90 -91.70
N ASN CA 213 -18.09 70.79 -90.81
CA ASN CA 213 -18.98 71.68 -90.08
C ASN CA 213 -18.84 73.14 -90.49
N ALA CA 214 -17.79 73.49 -91.23
CA ALA CA 214 -17.62 74.89 -91.65
C ALA CA 214 -18.73 75.32 -92.60
N ILE CA 215 -19.12 74.45 -93.52
CA ILE CA 215 -20.21 74.73 -94.46
C ILE CA 215 -21.54 74.65 -93.71
N ALA CA 216 -22.60 75.12 -94.34
CA ALA CA 216 -23.92 75.05 -93.73
C ALA CA 216 -24.33 73.59 -93.54
N PRO CA 217 -24.82 73.22 -92.35
CA PRO CA 217 -25.20 71.81 -92.14
C PRO CA 217 -26.28 71.31 -93.07
N ASP CA 218 -27.21 72.18 -93.46
CA ASP CA 218 -28.34 71.78 -94.30
C ASP CA 218 -28.01 71.79 -95.79
N LYS CA 219 -26.79 72.16 -96.17
CA LYS CA 219 -26.41 72.24 -97.58
C LYS CA 219 -25.14 71.43 -97.82
N ALA CA 220 -25.04 70.90 -99.04
CA ALA CA 220 -23.88 70.12 -99.46
C ALA CA 220 -23.40 70.65 -100.80
N TYR CA 221 -22.10 70.46 -101.08
CA TYR CA 221 -21.50 70.97 -102.30
C TYR CA 221 -20.68 69.87 -102.97
N LEU CA 222 -20.97 69.60 -104.24
CA LEU CA 222 -20.21 68.65 -105.03
C LEU CA 222 -19.57 69.38 -106.19
N TRP CA 223 -18.23 69.30 -106.29
CA TRP CA 223 -17.50 70.07 -107.28
C TRP CA 223 -16.42 69.21 -107.91
N HIS CA 224 -15.72 69.82 -108.87
CA HIS CA 224 -14.62 69.21 -109.60
C HIS CA 224 -13.31 69.88 -109.19
N ARG CA 225 -12.20 69.26 -109.57
CA ARG CA 225 -10.89 69.80 -109.21
C ARG CA 225 -10.68 71.20 -109.80
N THR CA 226 -11.12 71.41 -111.04
CA THR CA 226 -11.01 72.72 -111.69
C THR CA 226 -12.32 73.48 -111.55
N ALA CA 227 -12.57 73.94 -110.33
CA ALA CA 227 -13.81 74.67 -110.05
C ALA CA 227 -13.54 76.00 -109.35
N PHE CA 228 -12.49 76.06 -108.55
CA PHE CA 228 -12.16 77.26 -107.78
C PHE CA 228 -10.66 77.51 -107.86
N ILE CA 229 -10.28 78.76 -107.64
CA ILE CA 229 -8.88 79.18 -107.64
C ILE CA 229 -8.60 79.88 -106.32
N LEU CA 230 -7.60 79.38 -105.58
CA LEU CA 230 -7.17 79.97 -104.34
C LEU CA 230 -5.67 80.24 -104.41
N ALA CA 231 -5.28 81.45 -104.04
CA ALA CA 231 -3.87 81.86 -104.09
C ALA CA 231 -3.42 82.28 -102.70
N TYR CA 232 -2.25 81.80 -102.29
CA TYR CA 232 -1.67 82.12 -100.99
C TYR CA 232 -0.29 82.74 -101.19
N ARG CA 233 -0.03 83.84 -100.51
CA ARG CA 233 1.23 84.56 -100.63
C ARG CA 233 1.77 84.86 -99.24
N THR CA 234 3.07 84.63 -99.05
CA THR CA 234 3.73 84.95 -97.80
C THR CA 234 4.48 86.26 -97.95
N PRO CA 235 4.11 87.31 -97.24
CA PRO CA 235 4.83 88.59 -97.36
C PRO CA 235 6.28 88.45 -96.91
N VAL CA 236 7.15 89.21 -97.55
CA VAL CA 236 8.57 89.19 -97.22
C VAL CA 236 8.81 90.03 -95.96
N VAL CA 237 9.74 89.59 -95.14
CA VAL CA 237 10.08 90.28 -93.90
C VAL CA 237 10.81 91.57 -94.25
N PRO CA 238 10.34 92.73 -93.81
CA PRO CA 238 11.02 93.98 -94.13
C PRO CA 238 12.39 94.06 -93.48
N GLU CA 239 13.31 94.75 -94.16
CA GLU CA 239 14.66 94.92 -93.63
C GLU CA 239 14.71 95.79 -92.39
N GLY CA 240 13.67 96.60 -92.15
CA GLY CA 240 13.62 97.45 -90.97
C GLY CA 240 13.06 96.73 -89.76
N ALA CA 241 13.42 95.46 -89.60
CA ALA CA 241 12.95 94.66 -88.47
C ALA CA 241 13.97 93.56 -88.19
N LYS CA 242 13.84 92.96 -87.01
CA LYS CA 242 14.74 91.91 -86.58
C LYS CA 242 14.34 90.59 -87.25
N ALA CA 243 14.95 89.49 -86.81
CA ALA CA 243 14.66 88.19 -87.39
C ALA CA 243 13.22 87.78 -87.09
N GLY CA 244 12.55 87.25 -88.11
CA GLY CA 244 11.16 86.83 -87.98
C GLY CA 244 11.03 85.34 -88.27
N ALA CA 245 10.15 84.68 -87.51
CA ALA CA 245 9.92 83.26 -87.67
C ALA CA 245 9.05 83.00 -88.89
N SER CA 246 8.99 81.72 -89.29
CA SER CA 246 8.24 81.27 -90.44
C SER CA 246 7.29 80.13 -90.06
N PHE CA 247 6.56 80.32 -88.97
CA PHE CA 247 5.59 79.32 -88.53
C PHE CA 247 4.53 79.11 -89.61
N SER CA 248 4.48 77.91 -90.17
CA SER CA 248 3.57 77.57 -91.25
C SER CA 248 2.36 76.83 -90.69
N ALA CA 249 1.17 77.22 -91.13
CA ALA CA 249 -0.08 76.61 -90.70
C ALA CA 249 -0.74 75.93 -91.90
N ASN CA 250 -1.32 74.75 -91.64
CA ASN CA 250 -2.12 73.95 -92.56
C ASN CA 250 -1.65 74.03 -94.01
N GLY CA 251 -0.34 73.90 -94.22
CA GLY CA 251 0.24 73.89 -95.55
C GLY CA 251 0.51 75.27 -96.14
N VAL CA 252 0.07 76.34 -95.48
CA VAL CA 252 0.25 77.69 -95.97
C VAL CA 252 1.34 78.37 -95.13
N ALA CA 253 2.38 78.85 -95.80
CA ALA CA 253 3.46 79.54 -95.09
C ALA CA 253 2.98 80.91 -94.61
N LEU CA 254 3.44 81.28 -93.42
CA LEU CA 254 3.08 82.55 -92.80
C LEU CA 254 4.33 83.31 -92.40
N ARG CA 255 4.20 84.63 -92.34
CA ARG CA 255 5.30 85.52 -91.94
C ARG CA 255 5.01 86.00 -90.53
N TRP CA 256 5.95 85.74 -89.62
CA TRP CA 256 5.82 86.15 -88.23
C TRP CA 256 6.71 87.37 -87.98
N LEU CA 257 6.11 88.43 -87.47
CA LEU CA 257 6.82 89.68 -87.19
C LEU CA 257 6.72 89.99 -85.71
N ALA CA 258 7.67 90.79 -85.23
CA ALA CA 258 7.69 91.20 -83.82
C ALA CA 258 8.25 92.60 -83.75
N ASP CA 259 7.48 93.52 -83.17
CA ASP CA 259 7.88 94.92 -83.05
C ASP CA 259 7.67 95.41 -81.63
N TYR CA 260 8.67 96.10 -81.09
CA TYR CA 260 8.62 96.62 -79.73
C TYR CA 260 8.55 98.14 -79.78
N ASP CA 261 7.61 98.71 -79.01
CA ASP CA 261 7.50 100.14 -78.84
C ASP CA 261 7.95 100.50 -77.42
N TYR CA 262 8.98 101.35 -77.33
CA TYR CA 262 9.50 101.77 -76.04
C TYR CA 262 8.60 102.80 -75.36
N SER CA 263 7.90 103.62 -76.16
CA SER CA 263 7.00 104.61 -75.57
C SER CA 263 5.89 103.95 -74.78
N GLN CA 264 5.30 102.87 -75.31
CA GLN CA 264 4.31 102.10 -74.60
C GLN CA 264 4.89 100.90 -73.86
N LEU CA 265 6.20 100.64 -74.02
CA LEU CA 265 6.87 99.49 -73.39
C LEU CA 265 6.13 98.20 -73.73
N GLY CA 266 5.75 98.04 -74.99
CA GLY CA 266 4.94 96.93 -75.42
C GLY CA 266 5.56 96.21 -76.61
N ASP CA 267 5.07 94.98 -76.82
CA ASP CA 267 5.49 94.14 -77.93
C ASP CA 267 4.26 93.67 -78.70
N ARG CA 268 4.40 93.60 -80.02
CA ARG CA 268 3.30 93.19 -80.89
C ARG CA 268 3.80 92.23 -81.95
N THR CA 269 2.89 91.39 -82.41
CA THR CA 269 3.13 90.47 -83.53
C THR CA 269 2.23 90.87 -84.69
N LEU CA 270 2.68 90.58 -85.90
CA LEU CA 270 1.99 90.98 -87.13
C LEU CA 270 1.77 89.77 -88.03
N LEU CA 271 1.21 88.70 -87.48
CA LEU CA 271 1.10 87.45 -88.23
C LEU CA 271 0.08 87.61 -89.36
N ASP CA 272 0.56 87.67 -90.60
CA ASP CA 272 -0.33 87.97 -91.71
C ASP CA 272 0.07 87.12 -92.92
N VAL CA 273 -0.90 86.95 -93.83
CA VAL CA 273 -0.72 86.17 -95.04
C VAL CA 273 -1.71 86.67 -96.08
N PHE CA 274 -1.23 86.84 -97.32
CA PHE CA 274 -2.05 87.37 -98.41
C PHE CA 274 -2.85 86.24 -99.03
N THR CA 275 -4.13 86.48 -99.27
CA THR CA 275 -5.03 85.48 -99.83
C THR CA 275 -5.75 86.04 -101.06
N GLY CA 276 -6.09 85.14 -101.98
CA GLY CA 276 -6.81 85.53 -103.18
C GLY CA 276 -7.82 84.48 -103.61
N ARG CA 277 -9.03 84.92 -103.94
CA ARG CA 277 -10.14 84.04 -104.28
C ARG CA 277 -10.55 84.24 -105.73
N LYS CA 278 -11.01 83.17 -106.36
CA LYS CA 278 -11.54 83.26 -107.71
C LYS CA 278 -12.49 82.10 -107.95
N VAL CA 279 -13.64 82.39 -108.56
CA VAL CA 279 -14.64 81.39 -108.91
C VAL CA 279 -14.55 81.14 -110.41
N VAL CA 280 -14.28 79.90 -110.79
CA VAL CA 280 -14.11 79.55 -112.20
C VAL CA 280 -15.48 79.46 -112.86
N THR CA 281 -15.67 80.20 -113.94
CA THR CA 281 -16.90 80.21 -114.70
C THR CA 281 -16.63 79.80 -116.14
N GLU CA 282 -17.67 79.83 -116.97
CA GLU CA 282 -17.56 79.46 -118.37
C GLU CA 282 -17.26 80.69 -119.22
N VAL CA 283 -17.01 80.46 -120.50
CA VAL CA 283 -16.69 81.55 -121.41
C VAL CA 283 -17.89 82.48 -121.58
N ASP CA 284 -19.09 81.92 -121.71
CA ASP CA 284 -20.29 82.74 -121.76
C ASP CA 284 -20.68 83.25 -120.38
N GLY CA 285 -20.40 82.46 -119.34
CA GLY CA 285 -20.72 82.85 -117.98
C GLY CA 285 -21.82 81.99 -117.36
N SER CA 286 -21.41 80.99 -116.58
CA SER CA 286 -22.34 80.08 -115.91
C SER CA 286 -21.54 79.21 -114.97
N PHE CA 287 -22.11 78.93 -113.78
CA PHE CA 287 -21.46 78.09 -112.79
C PHE CA 287 -22.06 76.68 -112.88
N VAL CA 288 -21.55 75.92 -113.86
CA VAL CA 288 -21.99 74.55 -114.07
C VAL CA 288 -20.96 73.53 -113.61
N ARG CA 289 -19.80 73.98 -113.11
CA ARG CA 289 -18.77 73.06 -112.66
C ARG CA 289 -19.03 72.52 -111.26
N ALA CA 290 -19.93 73.13 -110.51
CA ALA CA 290 -20.24 72.70 -109.15
C ALA CA 290 -21.74 72.71 -108.95
N VAL CA 291 -22.21 71.88 -108.03
CA VAL CA 291 -23.62 71.75 -107.71
C VAL CA 291 -23.81 71.88 -106.20
N GLU CA 292 -24.83 72.65 -105.81
CA GLU CA 292 -25.19 72.83 -104.41
C GLU CA 292 -26.54 72.17 -104.16
N LEU CA 293 -26.59 71.30 -103.16
CA LEU CA 293 -27.80 70.58 -102.79
C LEU CA 293 -28.30 71.10 -101.45
N GLN CA 294 -29.53 71.60 -101.44
CA GLN CA 294 -30.18 72.09 -100.23
C GLN CA 294 -31.28 71.12 -99.82
N LEU CA 295 -31.35 70.81 -98.54
CA LEU CA 295 -32.21 69.77 -98.02
C LEU CA 295 -33.53 70.37 -97.55
N GLN CA 296 -34.64 69.82 -98.03
CA GLN CA 296 -35.96 70.34 -97.72
C GLN CA 296 -36.29 70.16 -96.24
N ALA CA 297 -37.02 71.13 -95.69
CA ALA CA 297 -37.44 71.08 -94.30
C ALA CA 297 -38.93 70.80 -94.15
N SER CA 298 -39.78 71.63 -94.77
CA SER CA 298 -41.23 71.45 -94.81
C SER CA 298 -41.88 71.46 -93.43
N SER CA 299 -41.13 71.73 -92.37
CA SER CA 299 -41.67 71.73 -91.02
C SER CA 299 -40.68 72.41 -90.09
N ILE CA 300 -41.16 73.41 -89.35
CA ILE CA 300 -40.35 74.12 -88.35
C ILE CA 300 -41.10 74.11 -87.03
N THR CA 301 -40.36 74.13 -85.93
CA THR CA 301 -40.93 74.13 -84.60
C THR CA 301 -40.11 75.04 -83.70
N ILE CA 302 -40.71 75.46 -82.59
CA ILE CA 302 -40.03 76.23 -81.58
C ILE CA 302 -39.57 75.29 -80.48
N VAL CA 303 -38.30 75.37 -80.10
CA VAL CA 303 -37.73 74.45 -79.13
C VAL CA 303 -38.41 74.64 -77.78
N GLY CA 304 -38.92 73.54 -77.22
CA GLY CA 304 -39.60 73.58 -75.94
C GLY CA 304 -41.07 73.92 -76.07
N GLY CA 305 -41.78 73.74 -74.96
CA GLY CA 305 -43.19 74.05 -74.90
C GLY CA 305 -43.45 75.47 -74.43
N ALA CA 306 -44.09 75.61 -73.27
CA ALA CA 306 -44.32 76.93 -72.71
C ALA CA 306 -42.99 77.59 -72.36
N PHE CA 307 -42.93 78.91 -72.57
CA PHE CA 307 -41.70 79.66 -72.34
C PHE CA 307 -41.91 80.73 -71.28
N ALA CA 308 -42.53 80.36 -70.16
CA ALA CA 308 -42.77 81.30 -69.09
C ALA CA 308 -41.47 81.93 -68.59
N LEU CA 309 -41.46 83.25 -68.45
CA LEU CA 309 -40.28 83.97 -68.03
C LEU CA 309 -40.29 84.16 -66.51
N ALA CA 310 -39.28 84.88 -66.01
CA ALA CA 310 -39.17 85.19 -64.59
C ALA CA 310 -39.62 86.60 -64.25
N THR CA 311 -39.28 87.58 -65.09
CA THR CA 311 -39.67 88.97 -64.86
C THR CA 311 -40.36 89.53 -66.09
N THR CA 312 -40.63 90.85 -66.08
CA THR CA 312 -41.29 91.47 -67.23
C THR CA 312 -40.43 91.38 -68.48
N THR CA 313 -39.13 91.63 -68.36
CA THR CA 313 -38.25 91.58 -69.53
C THR CA 313 -38.06 90.14 -70.00
N GLY CA 314 -37.43 89.32 -69.16
CA GLY CA 314 -37.23 87.91 -69.50
C GLY CA 314 -36.50 87.69 -70.81
N THR CA 315 -35.44 88.45 -71.06
CA THR CA 315 -34.74 88.40 -72.35
C THR CA 315 -33.99 87.08 -72.49
N LYS CA 316 -34.51 86.20 -73.34
CA LYS CA 316 -33.85 84.95 -73.69
C LYS CA 316 -33.92 84.76 -75.20
N GLN CA 317 -32.94 84.01 -75.72
CA GLN CA 317 -32.86 83.76 -77.15
C GLN CA 317 -33.69 82.54 -77.51
N LEU CA 318 -34.54 82.68 -78.52
CA LEU CA 318 -35.40 81.59 -78.98
C LEU CA 318 -34.86 81.06 -80.31
N LYS CA 319 -34.69 79.74 -80.37
CA LYS CA 319 -34.15 79.07 -81.55
C LYS CA 319 -35.25 78.27 -82.24
N VAL CA 320 -35.34 78.40 -83.56
CA VAL CA 320 -36.30 77.68 -84.37
C VAL CA 320 -35.60 76.48 -84.99
N ARG CA 321 -36.13 75.28 -84.74
CA ARG CA 321 -35.51 74.05 -85.20
C ARG CA 321 -36.44 73.35 -86.18
N ASP CA 322 -35.89 72.92 -87.31
CA ASP CA 322 -36.68 72.17 -88.27
C ASP CA 322 -36.80 70.71 -87.85
N ASP CA 323 -37.61 69.95 -88.57
CA ASP CA 323 -37.75 68.53 -88.27
C ASP CA 323 -36.44 67.78 -88.53
N ASN CA 324 -35.63 68.24 -89.47
CA ASN CA 324 -34.38 67.55 -89.79
C ASN CA 324 -33.36 67.75 -88.67
N GLY CA 325 -33.19 68.98 -88.20
CA GLY CA 325 -32.23 69.25 -87.15
C GLY CA 325 -31.39 70.49 -87.37
N THR CA 326 -31.69 71.24 -88.44
CA THR CA 326 -30.95 72.46 -88.75
C THR CA 326 -31.55 73.63 -87.98
N ASP CA 327 -30.68 74.38 -87.29
CA ASP CA 327 -31.11 75.53 -86.51
C ASP CA 327 -31.27 76.72 -87.45
N VAL CA 328 -32.51 76.93 -87.91
CA VAL CA 328 -32.79 78.05 -88.81
C VAL CA 328 -32.61 79.38 -88.08
N THR CA 329 -33.43 79.62 -87.06
CA THR CA 329 -33.36 80.77 -86.17
C THR CA 329 -33.08 82.09 -86.90
N ALA CA 330 -31.80 82.32 -87.24
CA ALA CA 330 -31.41 83.60 -87.82
C ALA CA 330 -32.07 83.83 -89.17
N ARG CA 331 -32.10 82.80 -90.03
CA ARG CA 331 -32.71 82.92 -91.34
C ARG CA 331 -34.20 82.63 -91.31
N CYS CA 332 -34.91 83.34 -90.42
CA CYS CA 332 -36.34 83.13 -90.23
C CYS CA 332 -36.98 84.45 -89.81
N THR CA 333 -38.30 84.52 -89.98
CA THR CA 333 -39.07 85.70 -89.62
C THR CA 333 -39.89 85.41 -88.37
N PHE CA 334 -40.07 86.43 -87.53
CA PHE CA 334 -40.81 86.29 -86.29
C PHE CA 334 -41.93 87.32 -86.23
N ALA CA 335 -43.10 86.89 -85.76
CA ALA CA 335 -44.25 87.77 -85.64
C ALA CA 335 -44.88 87.58 -84.26
N SER CA 336 -44.98 88.66 -83.50
CA SER CA 336 -45.57 88.63 -82.17
C SER CA 336 -47.06 88.91 -82.31
N SER CA 337 -47.88 87.85 -82.25
CA SER CA 337 -49.32 88.02 -82.36
C SER CA 337 -49.86 88.86 -81.20
N ALA CA 338 -49.39 88.59 -79.99
CA ALA CA 338 -49.76 89.37 -78.82
C ALA CA 338 -48.70 90.43 -78.55
N GLY CA 339 -48.65 91.40 -79.46
CA GLY CA 339 -47.69 92.49 -79.37
C GLY CA 339 -47.99 93.50 -78.30
N THR CA 340 -49.19 93.46 -77.71
CA THR CA 340 -49.53 94.39 -76.64
C THR CA 340 -48.71 94.15 -75.37
N LYS CA 341 -48.16 92.95 -75.20
CA LYS CA 341 -47.39 92.63 -74.01
C LYS CA 341 -46.11 91.86 -74.36
N ALA CA 342 -45.61 92.03 -75.58
CA ALA CA 342 -44.39 91.35 -76.00
C ALA CA 342 -43.77 92.11 -77.17
N THR CA 343 -42.49 91.84 -77.40
CA THR CA 343 -41.77 92.43 -78.52
C THR CA 343 -40.69 91.44 -78.95
N VAL CA 344 -40.89 90.81 -80.10
CA VAL CA 344 -39.93 89.87 -80.66
C VAL CA 344 -39.01 90.60 -81.61
N SER CA 345 -37.74 90.22 -81.63
CA SER CA 345 -36.73 90.85 -82.45
C SER CA 345 -36.54 90.06 -83.75
N ALA CA 346 -35.73 90.64 -84.65
CA ALA CA 346 -35.42 89.98 -85.91
C ALA CA 346 -34.61 88.71 -85.71
N ALA CA 347 -33.89 88.59 -84.59
CA ALA CA 347 -33.12 87.39 -84.28
C ALA CA 347 -33.87 86.43 -83.37
N GLY CA 348 -35.10 86.74 -82.99
CA GLY CA 348 -35.87 85.87 -82.14
C GLY CA 348 -35.75 86.13 -80.65
N LEU CA 349 -35.55 87.39 -80.26
CA LEU CA 349 -35.41 87.75 -78.85
C LEU CA 349 -36.71 88.36 -78.35
N VAL CA 350 -37.25 87.79 -77.26
CA VAL CA 350 -38.50 88.25 -76.68
C VAL CA 350 -38.20 89.32 -75.64
N THR CA 351 -39.08 90.34 -75.56
CA THR CA 351 -38.90 91.45 -74.64
C THR CA 351 -39.96 91.53 -73.56
N GLY CA 352 -41.21 91.18 -73.84
CA GLY CA 352 -42.23 91.18 -72.82
C GLY CA 352 -42.63 92.56 -72.33
N VAL CA 353 -43.32 93.32 -73.19
CA VAL CA 353 -43.72 94.68 -72.83
C VAL CA 353 -44.53 94.70 -71.54
N ALA CA 354 -45.53 93.82 -71.46
CA ALA CA 354 -46.39 93.74 -70.28
C ALA CA 354 -46.58 92.28 -69.90
N ALA CA 355 -47.32 92.07 -68.81
CA ALA CA 355 -47.56 90.73 -68.29
C ALA CA 355 -48.75 90.08 -69.01
N GLY CA 356 -48.77 88.75 -68.97
CA GLY CA 356 -49.83 88.00 -69.60
C GLY CA 356 -49.33 86.82 -70.41
N THR CA 357 -49.77 86.72 -71.65
CA THR CA 357 -49.34 85.67 -72.57
C THR CA 357 -49.01 86.28 -73.91
N ALA CA 358 -48.13 85.60 -74.66
CA ALA CA 358 -47.66 86.09 -75.96
C ALA CA 358 -47.62 84.90 -76.92
N ASP CA 359 -48.72 84.70 -77.64
CA ASP CA 359 -48.80 83.60 -78.61
C ASP CA 359 -48.03 83.97 -79.88
N ILE CA 360 -46.72 84.17 -79.72
CA ILE CA 360 -45.88 84.57 -80.84
C ILE CA 360 -45.70 83.40 -81.80
N THR CA 361 -45.18 83.70 -82.98
CA THR CA 361 -44.99 82.67 -83.99
C THR CA 361 -43.75 83.00 -84.82
N ALA CA 362 -43.23 81.96 -85.46
CA ALA CA 362 -42.09 82.07 -86.37
C ALA CA 362 -42.48 81.47 -87.71
N SER CA 363 -42.23 82.23 -88.78
CA SER CA 363 -42.50 81.80 -90.14
C SER CA 363 -41.19 81.73 -90.91
N TYR CA 364 -40.94 80.60 -91.55
CA TYR CA 364 -39.72 80.37 -92.32
C TYR CA 364 -40.09 79.85 -93.70
N VAL CA 365 -39.47 80.45 -94.72
CA VAL CA 365 -39.72 80.04 -96.11
C VAL CA 365 -38.95 78.74 -96.37
N PRO CA 366 -39.64 77.67 -96.78
CA PRO CA 366 -38.92 76.42 -97.04
C PRO CA 366 -37.99 76.57 -98.23
N PRO CA 367 -36.89 75.82 -98.26
CA PRO CA 367 -35.98 75.89 -99.42
C PRO CA 367 -36.64 75.50 -100.72
N GLN CA 368 -37.64 74.62 -100.69
CA GLN CA 368 -38.35 74.17 -101.88
C GLN CA 368 -39.46 75.13 -102.32
N GLY CA 369 -39.47 76.35 -101.80
CA GLY CA 369 -40.50 77.30 -102.15
C GLY CA 369 -41.82 77.00 -101.46
N GLY CA 370 -42.89 77.54 -102.03
CA GLY CA 370 -44.21 77.37 -101.48
C GLY CA 370 -44.46 78.27 -100.28
N THR CA 371 -45.56 77.99 -99.59
CA THR CA 371 -45.93 78.76 -98.41
C THR CA 371 -44.93 78.54 -97.28
N ALA CA 372 -44.70 79.59 -96.51
CA ALA CA 372 -43.76 79.53 -95.40
C ALA CA 372 -44.34 78.76 -94.23
N LYS CA 373 -43.57 77.83 -93.69
CA LYS CA 373 -44.02 77.07 -92.53
C LYS CA 373 -44.05 77.98 -91.30
N THR CA 374 -44.95 77.66 -90.38
CA THR CA 374 -45.18 78.48 -89.19
C THR CA 374 -45.19 77.61 -87.94
N ALA CA 375 -44.77 78.20 -86.84
CA ALA CA 375 -44.77 77.52 -85.55
C ALA CA 375 -45.00 78.55 -84.45
N THR CA 376 -46.04 78.34 -83.64
CA THR CA 376 -46.47 79.31 -82.65
C THR CA 376 -46.38 78.74 -81.24
N VAL CA 377 -46.09 79.62 -80.28
CA VAL CA 377 -46.01 79.27 -78.87
C VAL CA 377 -46.71 80.37 -78.07
N THR CA 378 -47.44 79.96 -77.03
CA THR CA 378 -48.25 80.88 -76.24
C THR CA 378 -47.43 81.80 -75.34
N VAL CA 379 -46.14 81.49 -75.11
CA VAL CA 379 -45.20 82.23 -74.26
C VAL CA 379 -45.88 83.11 -73.22
N THR CA 380 -46.11 82.57 -72.03
CA THR CA 380 -46.71 83.34 -70.96
C THR CA 380 -45.67 84.27 -70.34
N VAL CA 381 -46.03 85.55 -70.19
CA VAL CA 381 -45.14 86.57 -69.65
C VAL CA 381 -45.67 86.97 -68.27
N PRO CA 382 -44.90 86.77 -67.19
CA PRO CA 382 -45.33 87.12 -65.84
C PRO CA 382 -45.29 88.63 -65.59
N ILE DA 14 -33.74 27.48 -48.55
CA ILE DA 14 -33.42 28.64 -47.72
C ILE DA 14 -32.76 29.72 -48.56
N GLY DA 15 -33.22 30.97 -48.37
CA GLY DA 15 -32.69 32.10 -49.10
C GLY DA 15 -33.69 32.71 -50.05
N VAL DA 16 -34.35 33.79 -49.62
CA VAL DA 16 -35.32 34.51 -50.42
C VAL DA 16 -34.89 35.97 -50.54
N LYS DA 17 -33.58 36.19 -50.60
CA LYS DA 17 -32.99 37.53 -50.64
C LYS DA 17 -33.76 38.47 -51.56
N GLN DA 18 -34.09 39.65 -51.03
CA GLN DA 18 -34.90 40.60 -51.78
C GLN DA 18 -34.17 41.07 -53.04
N LEU DA 19 -34.95 41.37 -54.07
CA LEU DA 19 -34.40 41.88 -55.32
C LEU DA 19 -33.70 43.21 -55.07
N GLN DA 20 -32.49 43.34 -55.61
CA GLN DA 20 -31.65 44.51 -55.38
C GLN DA 20 -31.11 45.04 -56.70
N ARG DA 21 -30.81 46.33 -56.72
CA ARG DA 21 -30.31 47.01 -57.89
C ARG DA 21 -28.84 46.64 -58.14
N GLU DA 22 -28.36 46.99 -59.33
CA GLU DA 22 -26.98 46.75 -59.72
C GLU DA 22 -26.24 48.08 -59.86
N ILE DA 23 -24.94 48.04 -59.62
CA ILE DA 23 -24.09 49.22 -59.65
C ILE DA 23 -23.44 49.29 -61.02
N VAL DA 24 -23.98 50.14 -61.90
CA VAL DA 24 -23.46 50.35 -63.24
C VAL DA 24 -23.07 51.80 -63.48
N LEU DA 25 -23.90 52.75 -63.01
CA LEU DA 25 -23.62 54.17 -63.27
C LEU DA 25 -22.29 54.65 -62.70
N PRO DA 26 -21.88 54.34 -61.48
CA PRO DA 26 -20.61 54.89 -60.97
C PRO DA 26 -19.40 54.51 -61.81
N GLY DA 27 -19.46 53.41 -62.55
CA GLY DA 27 -18.36 53.02 -63.41
C GLY DA 27 -18.31 53.71 -64.75
N LEU DA 28 -19.26 54.61 -65.04
CA LEU DA 28 -19.31 55.30 -66.32
C LEU DA 28 -19.24 56.81 -66.15
N VAL DA 29 -18.59 57.27 -65.08
CA VAL DA 29 -18.41 58.70 -64.82
C VAL DA 29 -16.98 58.95 -64.36
N TRP DA 30 -16.57 60.22 -64.42
CA TRP DA 30 -15.26 60.60 -63.91
C TRP DA 30 -15.20 60.38 -62.40
N THR DA 31 -14.43 59.40 -61.98
CA THR DA 31 -14.21 59.14 -60.56
C THR DA 31 -12.87 59.77 -60.15
N ASN DA 32 -12.94 60.82 -59.34
CA ASN DA 32 -11.80 61.57 -58.85
C ASN DA 32 -10.85 61.98 -59.97
N PRO DA 33 -11.24 62.91 -60.84
CA PRO DA 33 -10.28 63.41 -61.84
C PRO DA 33 -9.07 64.08 -61.22
N LEU DA 34 -9.25 64.72 -60.06
CA LEU DA 34 -8.16 65.32 -59.31
C LEU DA 34 -8.27 64.90 -57.85
N THR DA 35 -7.12 64.84 -57.17
CA THR DA 35 -7.06 64.28 -55.83
C THR DA 35 -7.29 65.34 -54.75
N ASP DA 36 -6.46 66.38 -54.72
CA ASP DA 36 -6.49 67.35 -53.64
C ASP DA 36 -7.67 68.31 -53.80
N PHE DA 37 -8.45 68.45 -52.74
CA PHE DA 37 -9.56 69.40 -52.69
C PHE DA 37 -9.50 70.30 -51.47
N GLY DA 38 -9.04 69.79 -50.32
CA GLY DA 38 -9.01 70.58 -49.10
C GLY DA 38 -7.88 71.59 -49.01
N GLY DA 39 -6.92 71.54 -49.92
CA GLY DA 39 -5.82 72.49 -49.90
C GLY DA 39 -6.15 73.86 -50.45
N SER DA 40 -7.35 74.04 -50.99
CA SER DA 40 -7.76 75.31 -51.58
C SER DA 40 -8.86 75.95 -50.75
N LYS DA 41 -9.20 77.19 -51.12
CA LYS DA 41 -10.21 77.94 -50.39
C LYS DA 41 -11.58 77.30 -50.56
N ASN DA 42 -12.32 77.19 -49.45
CA ASN DA 42 -13.70 76.70 -49.46
C ASN DA 42 -13.81 75.33 -50.11
N ASP DA 43 -12.82 74.48 -49.86
CA ASP DA 43 -12.72 73.10 -50.36
C ASP DA 43 -13.15 72.96 -51.82
N THR DA 44 -12.83 73.95 -52.64
CA THR DA 44 -13.13 73.91 -54.06
C THR DA 44 -11.88 74.22 -54.86
N ILE DA 45 -11.79 73.63 -56.05
CA ILE DA 45 -10.64 73.77 -56.92
C ILE DA 45 -11.08 74.41 -58.22
N THR DA 46 -10.35 75.44 -58.65
CA THR DA 46 -10.62 76.11 -59.91
C THR DA 46 -9.84 75.43 -61.03
N VAL DA 47 -10.55 75.09 -62.10
CA VAL DA 47 -9.97 74.45 -63.28
C VAL DA 47 -10.01 75.44 -64.43
N ARG DA 48 -8.86 75.66 -65.05
CA ARG DA 48 -8.72 76.61 -66.15
C ARG DA 48 -9.01 75.93 -67.48
N VAL DA 49 -9.67 76.65 -68.37
CA VAL DA 49 -9.96 76.20 -69.72
C VAL DA 49 -9.13 77.04 -70.68
N PRO DA 50 -8.27 76.43 -71.51
CA PRO DA 50 -7.46 77.22 -72.44
C PRO DA 50 -8.33 78.02 -73.40
N ALA DA 51 -7.87 79.23 -73.72
CA ALA DA 51 -8.62 80.17 -74.52
C ALA DA 51 -8.26 80.04 -76.00
N ILE DA 52 -8.95 80.81 -76.84
CA ILE DA 52 -8.70 80.86 -78.26
C ILE DA 52 -8.56 82.32 -78.68
N THR DA 53 -7.96 82.53 -79.84
CA THR DA 53 -7.68 83.85 -80.37
C THR DA 53 -8.59 84.14 -81.56
N THR DA 54 -9.00 85.39 -81.70
CA THR DA 54 -9.76 85.86 -82.84
C THR DA 54 -8.84 86.49 -83.88
N ALA DA 55 -9.30 86.50 -85.12
CA ALA DA 55 -8.53 87.03 -86.24
C ALA DA 55 -9.25 88.23 -86.85
N ASN DA 56 -8.65 88.78 -87.90
CA ASN DA 56 -9.22 89.93 -88.58
C ASN DA 56 -8.77 89.90 -90.04
N ARG DA 57 -9.51 90.63 -90.89
CA ARG DA 57 -9.24 90.69 -92.31
C ARG DA 57 -9.14 92.14 -92.76
N ARG DA 58 -8.17 92.42 -93.63
CA ARG DA 58 -7.97 93.75 -94.16
C ARG DA 58 -7.66 93.67 -95.66
N ASP DA 59 -8.19 94.61 -96.41
CA ASP DA 59 -7.98 94.65 -97.85
C ASP DA 59 -6.57 95.15 -98.17
N LEU DA 60 -6.00 94.60 -99.24
CA LEU DA 60 -4.68 95.02 -99.68
C LEU DA 60 -4.72 96.46 -100.20
N ARG DA 61 -3.58 97.14 -100.09
CA ARG DA 61 -3.42 98.52 -100.56
C ARG DA 61 -4.41 99.46 -99.89
N ASP DA 62 -4.82 99.13 -98.66
CA ASP DA 62 -5.73 100.00 -97.92
C ASP DA 62 -4.99 101.26 -97.46
N PRO DA 63 -5.61 102.44 -97.59
CA PRO DA 63 -4.95 103.66 -97.11
C PRO DA 63 -4.63 103.64 -95.63
N ASP DA 64 -5.46 103.00 -94.82
CA ASP DA 64 -5.23 102.91 -93.38
C ASP DA 64 -4.39 101.69 -93.06
N ARG DA 65 -3.28 101.90 -92.36
CA ARG DA 65 -2.37 100.83 -91.96
C ARG DA 65 -2.59 100.38 -90.52
N THR DA 66 -3.63 100.88 -89.87
CA THR DA 66 -3.91 100.50 -88.49
C THR DA 66 -4.32 99.04 -88.40
N VAL DA 67 -4.10 98.45 -87.23
CA VAL DA 67 -4.42 97.05 -86.97
C VAL DA 67 -5.28 96.97 -85.71
N ILE DA 68 -6.00 95.86 -85.61
CA ILE DA 68 -6.89 95.60 -84.48
C ILE DA 68 -6.30 94.44 -83.68
N ALA DA 69 -6.04 94.69 -82.40
CA ALA DA 69 -5.47 93.67 -81.52
C ALA DA 69 -6.55 92.68 -81.10
N SER DA 70 -6.13 91.43 -80.89
CA SER DA 70 -7.02 90.38 -80.44
C SER DA 70 -7.03 90.32 -78.91
N GLU DA 71 -7.85 89.41 -78.37
CA GLU DA 71 -7.98 89.24 -76.94
C GLU DA 71 -7.85 87.77 -76.58
N LEU DA 72 -7.18 87.49 -75.46
CA LEU DA 72 -6.97 86.13 -74.97
C LEU DA 72 -7.32 86.12 -73.48
N VAL DA 73 -8.55 85.75 -73.16
CA VAL DA 73 -9.02 85.64 -71.79
C VAL DA 73 -9.41 84.18 -71.53
N GLU DA 74 -8.86 83.62 -70.46
CA GLU DA 74 -9.06 82.22 -70.11
C GLU DA 74 -10.16 82.12 -69.07
N HIS DA 75 -11.32 81.61 -69.47
CA HIS DA 75 -12.41 81.36 -68.54
C HIS DA 75 -12.16 80.08 -67.77
N SER DA 76 -12.49 80.09 -66.48
CA SER DA 76 -12.25 78.95 -65.60
C SER DA 76 -13.50 78.65 -64.80
N PHE DA 77 -13.66 77.40 -64.40
CA PHE DA 77 -14.80 76.97 -63.60
C PHE DA 77 -14.29 76.38 -62.28
N GLY DA 78 -15.22 75.89 -61.47
CA GLY DA 78 -14.84 75.37 -60.17
C GLY DA 78 -15.57 74.12 -59.74
N VAL DA 79 -14.85 73.20 -59.10
CA VAL DA 79 -15.42 71.96 -58.58
C VAL DA 79 -15.38 72.02 -57.06
N THR DA 80 -16.53 71.80 -56.43
CA THR DA 80 -16.69 71.96 -54.99
C THR DA 80 -17.29 70.71 -54.37
N LEU DA 81 -16.82 70.36 -53.18
CA LEU DA 81 -17.41 69.28 -52.40
C LEU DA 81 -18.57 69.83 -51.59
N ASP DA 82 -19.74 69.21 -51.71
CA ASP DA 82 -20.96 69.73 -51.10
C ASP DA 82 -21.78 68.71 -50.33
N LYS DA 83 -21.65 67.42 -50.59
CA LYS DA 83 -22.50 66.40 -49.98
C LYS DA 83 -21.67 65.39 -49.21
N HIS DA 84 -22.18 65.00 -48.04
CA HIS DA 84 -21.53 64.03 -47.16
C HIS DA 84 -22.52 62.88 -46.95
N VAL DA 85 -22.40 61.84 -47.77
CA VAL DA 85 -23.28 60.68 -47.64
C VAL DA 85 -22.89 59.87 -46.41
N TYR DA 86 -23.87 59.56 -45.57
CA TYR DA 86 -23.62 58.83 -44.34
C TYR DA 86 -24.73 57.81 -44.12
N ALA DA 87 -24.41 56.77 -43.35
CA ALA DA 87 -25.36 55.72 -43.00
C ALA DA 87 -25.23 55.44 -41.51
N ALA DA 88 -26.32 55.61 -40.78
CA ALA DA 88 -26.34 55.44 -39.33
C ALA DA 88 -27.24 54.28 -38.97
N LEU DA 89 -26.77 53.43 -38.05
CA LEU DA 89 -27.51 52.26 -37.64
C LEU DA 89 -27.17 51.91 -36.19
N LYS DA 90 -28.19 51.51 -35.43
CA LYS DA 90 -28.03 51.18 -34.02
C LYS DA 90 -28.18 49.68 -33.86
N PHE DA 91 -27.22 49.07 -33.17
CA PHE DA 91 -27.29 47.65 -32.89
C PHE DA 91 -28.38 47.38 -31.85
N THR DA 92 -28.95 46.17 -31.88
CA THR DA 92 -30.05 45.81 -30.97
C THR DA 92 -29.49 45.55 -29.57
N ASP DA 93 -29.27 46.63 -28.82
CA ASP DA 93 -28.84 46.66 -27.42
C ASP DA 93 -27.78 45.62 -27.08
N GLU DA 94 -26.86 45.36 -28.01
CA GLU DA 94 -25.79 44.40 -27.81
C GLU DA 94 -24.72 44.69 -28.86
N GLN DA 95 -23.51 44.22 -28.61
CA GLN DA 95 -22.36 44.57 -29.44
C GLN DA 95 -21.78 43.41 -30.22
N ARG DA 96 -21.83 42.18 -29.71
CA ARG DA 96 -21.07 41.08 -30.29
C ARG DA 96 -21.95 40.02 -30.95
N THR DA 97 -22.90 39.44 -30.23
CA THR DA 97 -23.58 38.24 -30.71
C THR DA 97 -25.07 38.42 -31.00
N LEU DA 98 -25.77 39.30 -30.29
CA LEU DA 98 -27.21 39.43 -30.48
C LEU DA 98 -27.57 40.27 -31.69
N ASP DA 99 -26.62 41.01 -32.25
CA ASP DA 99 -26.85 41.92 -33.37
C ASP DA 99 -26.18 41.47 -34.66
N ILE DA 100 -24.92 41.03 -34.60
CA ILE DA 100 -24.13 40.76 -35.78
C ILE DA 100 -23.66 39.30 -35.76
N ARG DA 101 -24.51 38.41 -35.25
CA ARG DA 101 -24.20 37.01 -35.02
C ARG DA 101 -23.40 36.35 -36.15
N ASP DA 102 -23.63 36.77 -37.39
CA ASP DA 102 -22.78 36.35 -38.51
C ASP DA 102 -22.00 37.58 -38.98
N TYR DA 103 -20.75 37.69 -38.55
CA TYR DA 103 -19.93 38.84 -38.88
C TYR DA 103 -19.62 38.87 -40.37
N THR DA 104 -19.49 40.09 -40.90
CA THR DA 104 -19.19 40.38 -42.30
C THR DA 104 -20.24 39.83 -43.26
N LYS DA 105 -21.40 39.41 -42.75
CA LYS DA 105 -22.49 38.94 -43.59
C LYS DA 105 -23.81 39.65 -43.32
N GLN DA 106 -23.97 40.29 -42.17
CA GLN DA 106 -25.17 41.03 -41.83
C GLN DA 106 -24.76 42.42 -41.34
N VAL DA 107 -25.70 43.36 -41.43
CA VAL DA 107 -25.51 44.75 -41.02
C VAL DA 107 -24.51 45.44 -41.94
N LEU DA 108 -23.29 44.89 -42.03
CA LEU DA 108 -22.26 45.50 -42.85
C LEU DA 108 -22.65 45.47 -44.33
N MET DA 109 -23.07 44.31 -44.82
CA MET DA 109 -23.46 44.20 -46.23
C MET DA 109 -24.65 45.07 -46.59
N PRO DA 110 -25.76 45.06 -45.84
CA PRO DA 110 -26.87 45.99 -46.17
C PRO DA 110 -26.46 47.45 -46.11
N GLN DA 111 -25.60 47.83 -45.16
CA GLN DA 111 -25.16 49.22 -45.08
C GLN DA 111 -24.31 49.59 -46.29
N VAL DA 112 -23.40 48.71 -46.70
CA VAL DA 112 -22.57 48.97 -47.88
C VAL DA 112 -23.44 49.08 -49.12
N SER DA 113 -24.41 48.17 -49.27
CA SER DA 113 -25.30 48.23 -50.42
C SER DA 113 -26.12 49.52 -50.43
N ALA DA 114 -26.61 49.94 -49.25
CA ALA DA 114 -27.37 51.17 -49.17
C ALA DA 114 -26.53 52.38 -49.54
N VAL DA 115 -25.28 52.42 -49.06
CA VAL DA 115 -24.40 53.54 -49.39
C VAL DA 115 -24.10 53.56 -50.89
N ALA DA 116 -23.84 52.38 -51.48
CA ALA DA 116 -23.57 52.31 -52.91
C ALA DA 116 -24.78 52.76 -53.72
N TYR DA 117 -25.98 52.35 -53.33
CA TYR DA 117 -27.18 52.78 -54.04
C TYR DA 117 -27.44 54.27 -53.85
N GLU DA 118 -27.11 54.81 -52.67
CA GLU DA 118 -27.24 56.25 -52.47
C GLU DA 118 -26.29 57.02 -53.38
N LEU DA 119 -25.06 56.53 -53.52
CA LEU DA 119 -24.11 57.18 -54.44
C LEU DA 119 -24.59 57.07 -55.88
N GLU DA 120 -25.15 55.91 -56.26
CA GLU DA 120 -25.69 55.74 -57.61
C GLU DA 120 -26.85 56.70 -57.85
N ASP DA 121 -27.73 56.88 -56.86
CA ASP DA 121 -28.81 57.83 -56.98
C ASP DA 121 -28.28 59.26 -57.05
N TYR DA 122 -27.18 59.56 -56.35
CA TYR DA 122 -26.56 60.87 -56.45
C TYR DA 122 -26.06 61.13 -57.86
N ILE DA 123 -25.41 60.14 -58.47
CA ILE DA 123 -24.95 60.28 -59.85
C ILE DA 123 -26.14 60.43 -60.80
N ALA DA 124 -27.21 59.67 -60.56
CA ALA DA 124 -28.40 59.77 -61.39
C ALA DA 124 -29.03 61.16 -61.28
N GLU DA 125 -29.06 61.71 -60.07
CA GLU DA 125 -29.58 63.07 -59.88
C GLU DA 125 -28.70 64.08 -60.61
N LEU DA 126 -27.38 63.89 -60.56
CA LEU DA 126 -26.48 64.75 -61.33
C LEU DA 126 -26.80 64.70 -62.81
N ILE DA 127 -27.01 63.50 -63.35
CA ILE DA 127 -27.22 63.35 -64.78
C ILE DA 127 -28.58 63.94 -65.18
N GLU DA 128 -29.63 63.66 -64.39
CA GLU DA 128 -30.97 64.09 -64.76
C GLU DA 128 -31.14 65.60 -64.56
N GLY DA 129 -30.59 66.14 -63.48
CA GLY DA 129 -30.76 67.55 -63.17
C GLY DA 129 -29.92 68.49 -63.98
N ALA DA 130 -28.97 67.97 -64.76
CA ALA DA 130 -28.17 68.82 -65.63
C ALA DA 130 -29.06 69.45 -66.69
N PRO DA 131 -28.95 70.76 -66.93
CA PRO DA 131 -29.83 71.40 -67.93
C PRO DA 131 -29.52 70.95 -69.34
N TYR DA 132 -30.44 70.19 -69.93
CA TYR DA 132 -30.28 69.68 -71.29
C TYR DA 132 -30.90 70.58 -72.34
N GLU DA 133 -31.44 71.74 -71.94
CA GLU DA 133 -32.10 72.66 -72.85
C GLU DA 133 -33.24 71.98 -73.57
N GLU DA 134 -32.98 71.48 -74.78
CA GLU DA 134 -33.98 70.75 -75.54
C GLU DA 134 -34.03 69.30 -75.06
N THR DA 135 -34.86 68.50 -75.74
CA THR DA 135 -35.00 67.08 -75.40
C THR DA 135 -35.30 66.31 -76.67
N ILE DA 136 -34.46 65.34 -77.01
CA ILE DA 136 -34.67 64.53 -78.20
C ILE DA 136 -35.81 63.55 -77.93
N LEU DA 137 -36.88 63.66 -78.70
CA LEU DA 137 -38.06 62.81 -78.53
C LEU DA 137 -37.92 61.60 -79.44
N ILE DA 138 -37.65 60.45 -78.83
CA ILE DA 138 -37.45 59.20 -79.56
C ILE DA 138 -38.79 58.51 -79.74
N ASP DA 139 -39.10 58.15 -80.99
CA ASP DA 139 -40.36 57.47 -81.30
C ASP DA 139 -40.16 55.97 -81.31
N PRO DA 140 -41.07 55.19 -80.72
CA PRO DA 140 -40.92 53.73 -80.75
C PRO DA 140 -40.91 53.15 -82.15
N ALA DA 141 -41.53 53.83 -83.12
CA ALA DA 141 -41.56 53.32 -84.48
C ALA DA 141 -40.17 53.26 -85.10
N ASP DA 142 -39.34 54.28 -84.85
CA ASP DA 142 -38.01 54.36 -85.43
C ASP DA 142 -37.05 55.03 -84.45
N THR DA 143 -36.34 54.20 -83.68
CA THR DA 143 -35.35 54.71 -82.73
C THR DA 143 -34.06 55.13 -83.42
N VAL DA 144 -33.69 54.46 -84.51
CA VAL DA 144 -32.44 54.80 -85.21
C VAL DA 144 -32.41 56.25 -85.68
N PRO DA 145 -33.48 56.81 -86.26
CA PRO DA 145 -33.44 58.25 -86.56
C PRO DA 145 -33.24 59.12 -85.33
N ALA DA 146 -33.78 58.74 -84.18
CA ALA DA 146 -33.56 59.51 -82.96
C ALA DA 146 -32.09 59.46 -82.53
N PHE DA 147 -31.47 58.28 -82.61
CA PHE DA 147 -30.06 58.19 -82.26
C PHE DA 147 -29.20 58.95 -83.27
N ILE DA 148 -29.60 58.98 -84.55
CA ILE DA 148 -28.89 59.76 -85.53
C ILE DA 148 -29.03 61.25 -85.25
N THR DA 149 -30.21 61.69 -84.80
CA THR DA 149 -30.36 63.08 -84.38
C THR DA 149 -29.46 63.40 -83.19
N ALA DA 150 -29.35 62.46 -82.24
CA ALA DA 150 -28.45 62.67 -81.11
C ALA DA 150 -27.00 62.80 -81.59
N ASP DA 151 -26.59 61.96 -82.53
CA ASP DA 151 -25.26 62.07 -83.10
C ASP DA 151 -25.06 63.41 -83.78
N GLN DA 152 -26.09 63.89 -84.50
CA GLN DA 152 -26.00 65.20 -85.15
C GLN DA 152 -25.84 66.32 -84.11
N ARG DA 153 -26.59 66.22 -83.00
CA ARG DA 153 -26.46 67.22 -81.94
C ARG DA 153 -25.05 67.21 -81.36
N MET DA 154 -24.49 66.02 -81.14
CA MET DA 154 -23.11 65.94 -80.66
C MET DA 154 -22.14 66.53 -81.67
N GLY DA 155 -22.36 66.27 -82.96
CA GLY DA 155 -21.47 66.79 -83.99
C GLY DA 155 -21.53 68.31 -84.13
N GLU DA 156 -22.70 68.90 -83.88
CA GLU DA 156 -22.84 70.35 -84.03
C GLU DA 156 -21.94 71.09 -83.05
N ALA DA 157 -21.84 70.61 -81.81
CA ALA DA 157 -21.01 71.24 -80.80
C ALA DA 157 -19.53 70.90 -80.94
N ASN DA 158 -19.14 70.27 -82.04
CA ASN DA 158 -17.75 69.87 -82.28
C ASN DA 158 -17.23 68.95 -81.18
N VAL DA 159 -18.11 68.14 -80.62
CA VAL DA 159 -17.70 67.18 -79.58
C VAL DA 159 -16.84 66.09 -80.22
N PRO DA 160 -15.74 65.68 -79.59
CA PRO DA 160 -14.94 64.59 -80.16
C PRO DA 160 -15.75 63.31 -80.28
N THR DA 161 -15.52 62.58 -81.37
CA THR DA 161 -16.28 61.35 -81.62
C THR DA 161 -15.96 60.28 -80.60
N ASP DA 162 -14.70 60.17 -80.19
CA ASP DA 162 -14.30 59.13 -79.25
C ASP DA 162 -14.80 59.46 -77.85
N SER DA 163 -14.86 58.41 -77.02
CA SER DA 163 -15.25 58.53 -75.61
C SER DA 163 -16.65 59.14 -75.46
N ARG DA 164 -17.58 58.70 -76.29
CA ARG DA 164 -18.99 59.06 -76.20
C ARG DA 164 -19.75 57.86 -75.69
N ARG DA 165 -20.31 57.97 -74.49
CA ARG DA 165 -21.01 56.86 -73.86
C ARG DA 165 -22.49 57.18 -73.70
N LEU DA 166 -23.33 56.17 -73.94
CA LEU DA 166 -24.78 56.31 -73.86
C LEU DA 166 -25.31 55.32 -72.84
N VAL DA 167 -26.16 55.79 -71.93
CA VAL DA 167 -26.80 54.97 -70.91
C VAL DA 167 -28.30 55.00 -71.15
N VAL DA 168 -28.88 53.82 -71.34
CA VAL DA 168 -30.30 53.69 -71.64
C VAL DA 168 -30.99 52.99 -70.49
N GLY DA 169 -32.29 53.28 -70.35
CA GLY DA 169 -33.11 52.66 -69.32
C GLY DA 169 -33.74 51.37 -69.81
N SER DA 170 -34.60 50.81 -68.96
CA SER DA 170 -35.30 49.58 -69.31
C SER DA 170 -36.24 49.81 -70.50
N ALA DA 171 -36.97 50.93 -70.49
CA ALA DA 171 -37.91 51.19 -71.56
C ALA DA 171 -37.20 51.48 -72.87
N VAL DA 172 -36.05 52.15 -72.81
CA VAL DA 172 -35.31 52.44 -74.04
C VAL DA 172 -34.82 51.15 -74.69
N ALA DA 173 -34.27 50.24 -73.88
CA ALA DA 173 -33.82 48.95 -74.40
C ALA DA 173 -35.01 48.14 -74.91
N ALA DA 174 -36.15 48.19 -74.21
CA ALA DA 174 -37.33 47.48 -74.66
C ALA DA 174 -37.80 48.01 -76.01
N ALA DA 175 -37.82 49.33 -76.18
CA ALA DA 175 -38.23 49.91 -77.45
C ALA DA 175 -37.23 49.59 -78.56
N LEU DA 176 -35.94 49.54 -78.23
CA LEU DA 176 -34.95 49.12 -79.21
C LEU DA 176 -35.20 47.69 -79.66
N ALA DA 177 -35.57 46.81 -78.72
CA ALA DA 177 -35.92 45.45 -79.07
C ALA DA 177 -37.18 45.40 -79.94
N LYS DA 178 -38.18 46.23 -79.61
CA LYS DA 178 -39.42 46.26 -80.38
C LYS DA 178 -39.22 46.83 -81.78
N ASP DA 179 -38.16 47.59 -82.00
CA ASP DA 179 -37.94 48.20 -83.31
C ASP DA 179 -37.74 47.12 -84.37
N LYS DA 180 -38.45 47.27 -85.50
CA LYS DA 180 -38.34 46.31 -86.58
C LYS DA 180 -37.00 46.38 -87.31
N GLN DA 181 -36.23 47.44 -87.08
CA GLN DA 181 -34.93 47.57 -87.73
C GLN DA 181 -33.98 46.45 -87.30
N PHE DA 182 -33.98 46.11 -86.01
CA PHE DA 182 -33.08 45.11 -85.48
C PHE DA 182 -33.69 43.73 -85.35
N ARG DA 183 -35.02 43.65 -85.18
CA ARG DA 183 -35.66 42.36 -84.90
C ARG DA 183 -35.68 41.46 -86.12
N HIS DA 184 -35.93 42.02 -87.30
CA HIS DA 184 -36.12 41.21 -88.51
C HIS DA 184 -34.86 40.50 -88.98
N ALA DA 185 -33.68 40.90 -88.48
CA ALA DA 185 -32.38 40.28 -88.75
C ALA DA 185 -31.94 40.43 -90.20
N ASP DA 186 -32.78 40.98 -91.08
CA ASP DA 186 -32.36 41.34 -92.43
C ASP DA 186 -32.28 42.85 -92.62
N TRP DA 187 -33.09 43.61 -91.88
CA TRP DA 187 -32.95 45.05 -91.86
C TRP DA 187 -31.73 45.47 -91.04
N SER DA 188 -31.39 44.69 -90.02
CA SER DA 188 -30.20 44.94 -89.21
C SER DA 188 -28.94 44.34 -89.81
N GLY DA 189 -29.06 43.46 -90.79
CA GLY DA 189 -27.90 42.88 -91.45
C GLY DA 189 -27.33 41.68 -90.74
N ASP DA 190 -27.44 41.64 -89.41
CA ASP DA 190 -26.87 40.54 -88.64
C ASP DA 190 -27.67 39.26 -88.86
N GLN DA 191 -26.97 38.18 -89.25
CA GLN DA 191 -27.63 36.91 -89.50
C GLN DA 191 -27.89 36.11 -88.23
N ALA DA 192 -27.27 36.49 -87.11
CA ALA DA 192 -27.48 35.77 -85.86
C ALA DA 192 -28.75 36.19 -85.13
N ASN DA 193 -29.37 37.31 -85.53
CA ASN DA 193 -30.60 37.81 -84.93
C ASN DA 193 -30.43 38.02 -83.42
N ALA DA 194 -29.51 38.93 -83.08
CA ALA DA 194 -29.25 39.23 -81.68
C ALA DA 194 -30.46 39.85 -81.00
N ALA DA 195 -31.34 40.52 -81.76
CA ALA DA 195 -32.53 41.13 -81.18
C ALA DA 195 -33.58 40.10 -80.82
N LEU DA 196 -33.69 39.01 -81.58
CA LEU DA 196 -34.68 37.96 -81.33
C LEU DA 196 -34.11 36.78 -80.57
N ARG DA 197 -32.97 36.25 -81.01
CA ARG DA 197 -32.36 35.11 -80.31
C ARG DA 197 -31.89 35.48 -78.92
N GLU DA 198 -31.61 36.75 -78.67
CA GLU DA 198 -31.16 37.22 -77.37
C GLU DA 198 -31.88 38.52 -77.04
N ALA DA 199 -31.67 39.00 -75.81
CA ALA DA 199 -32.26 40.25 -75.34
C ALA DA 199 -31.25 41.39 -75.27
N HIS DA 200 -30.02 41.17 -75.75
CA HIS DA 200 -28.98 42.19 -75.70
C HIS DA 200 -28.85 42.82 -77.09
N VAL DA 201 -29.12 44.12 -77.16
CA VAL DA 201 -29.01 44.86 -78.41
C VAL DA 201 -27.58 45.35 -78.57
N GLY DA 202 -27.01 45.12 -79.75
CA GLY DA 202 -25.65 45.53 -80.02
C GLY DA 202 -25.51 47.04 -80.15
N ARG DA 203 -24.26 47.47 -80.26
CA ARG DA 203 -23.98 48.90 -80.36
C ARG DA 203 -24.54 49.47 -81.67
N LEU DA 204 -25.18 50.64 -81.55
CA LEU DA 204 -25.76 51.32 -82.69
C LEU DA 204 -25.34 52.78 -82.68
N ALA DA 205 -25.24 53.35 -83.88
CA ALA DA 205 -24.85 54.76 -84.05
C ALA DA 205 -23.51 55.07 -83.41
N GLY DA 206 -22.61 54.10 -83.40
CA GLY DA 206 -21.30 54.25 -82.79
C GLY DA 206 -21.20 53.92 -81.31
N MET DA 207 -22.14 54.43 -80.53
CA MET DA 207 -22.12 54.21 -79.09
C MET DA 207 -22.62 52.82 -78.75
N ASN DA 208 -22.15 52.31 -77.61
CA ASN DA 208 -22.56 51.01 -77.10
C ASN DA 208 -23.82 51.15 -76.24
N VAL DA 209 -24.49 50.03 -76.01
CA VAL DA 209 -25.71 49.98 -75.24
C VAL DA 209 -25.37 49.55 -73.82
N ILE DA 210 -25.69 50.39 -72.85
CA ILE DA 210 -25.48 50.11 -71.43
C ILE DA 210 -26.82 50.23 -70.73
N ARG DA 211 -27.20 49.19 -70.00
CA ARG DA 211 -28.50 49.15 -69.32
C ARG DA 211 -28.34 49.63 -67.88
N SER DA 212 -29.21 50.56 -67.48
CA SER DA 212 -29.19 51.10 -66.12
C SER DA 212 -30.62 51.33 -65.67
N ASN DA 213 -31.03 50.64 -64.60
CA ASN DA 213 -32.37 50.80 -64.06
C ASN DA 213 -32.48 51.94 -63.04
N ALA DA 214 -31.36 52.50 -62.61
CA ALA DA 214 -31.41 53.61 -61.66
C ALA DA 214 -32.06 54.84 -62.27
N ILE DA 215 -31.73 55.14 -63.52
CA ILE DA 215 -32.32 56.28 -64.22
C ILE DA 215 -33.76 55.96 -64.57
N ALA DA 216 -34.51 56.98 -65.00
CA ALA DA 216 -35.89 56.77 -65.39
C ALA DA 216 -35.95 55.82 -66.59
N PRO DA 217 -36.90 54.88 -66.61
CA PRO DA 217 -36.95 53.91 -67.72
C PRO DA 217 -37.09 54.56 -69.09
N ASP DA 218 -37.88 55.62 -69.19
CA ASP DA 218 -38.12 56.27 -70.47
C ASP DA 218 -37.08 57.33 -70.81
N LYS DA 219 -36.06 57.52 -69.98
CA LYS DA 219 -35.03 58.51 -70.20
C LYS DA 219 -33.70 57.82 -70.54
N ALA DA 220 -33.08 58.25 -71.63
CA ALA DA 220 -31.75 57.81 -72.01
C ALA DA 220 -30.84 59.03 -72.10
N TYR DA 221 -29.58 58.86 -71.72
CA TYR DA 221 -28.64 59.97 -71.67
C TYR DA 221 -27.37 59.61 -72.42
N LEU DA 222 -27.02 60.41 -73.43
CA LEU DA 222 -25.80 60.21 -74.20
C LEU DA 222 -24.87 61.39 -73.94
N TRP DA 223 -23.68 61.11 -73.40
CA TRP DA 223 -22.76 62.18 -73.04
C TRP DA 223 -21.33 61.78 -73.40
N HIS DA 224 -20.53 62.80 -73.71
CA HIS DA 224 -19.11 62.60 -73.91
C HIS DA 224 -18.40 62.41 -72.58
N ARG DA 225 -17.16 61.91 -72.65
CA ARG DA 225 -16.39 61.70 -71.42
C ARG DA 225 -16.19 63.01 -70.66
N THR DA 226 -16.06 64.13 -71.38
CA THR DA 226 -15.89 65.43 -70.74
C THR DA 226 -17.23 66.13 -70.57
N ALA DA 227 -18.09 65.51 -69.76
CA ALA DA 227 -19.42 66.06 -69.52
C ALA DA 227 -19.71 66.30 -68.04
N PHE DA 228 -19.30 65.39 -67.16
CA PHE DA 228 -19.60 65.48 -65.75
C PHE DA 228 -18.34 65.31 -64.92
N ILE DA 229 -18.35 65.84 -63.71
CA ILE DA 229 -17.24 65.70 -62.77
C ILE DA 229 -17.79 65.21 -61.45
N LEU DA 230 -17.31 64.05 -60.99
CA LEU DA 230 -17.66 63.49 -59.69
C LEU DA 230 -16.39 63.43 -58.84
N ALA DA 231 -16.47 63.99 -57.63
CA ALA DA 231 -15.35 63.98 -56.70
C ALA DA 231 -15.71 63.12 -55.51
N TYR DA 232 -14.85 62.14 -55.20
CA TYR DA 232 -15.06 61.23 -54.09
C TYR DA 232 -13.87 61.31 -53.14
N ARG DA 233 -14.16 61.53 -51.87
CA ARG DA 233 -13.13 61.62 -50.83
C ARG DA 233 -13.46 60.64 -49.71
N THR DA 234 -12.55 59.73 -49.43
CA THR DA 234 -12.72 58.82 -48.31
C THR DA 234 -12.26 59.50 -47.04
N PRO DA 235 -13.14 59.71 -46.05
CA PRO DA 235 -12.70 60.34 -44.80
C PRO DA 235 -11.65 59.49 -44.10
N VAL DA 236 -10.68 60.18 -43.48
CA VAL DA 236 -9.66 59.48 -42.74
C VAL DA 236 -10.25 58.92 -41.44
N VAL DA 237 -9.75 57.78 -41.00
CA VAL DA 237 -10.22 57.16 -39.77
C VAL DA 237 -9.85 58.08 -38.61
N PRO DA 238 -10.82 58.52 -37.81
CA PRO DA 238 -10.49 59.42 -36.70
C PRO DA 238 -9.60 58.74 -35.68
N GLU DA 239 -8.59 59.49 -35.21
CA GLU DA 239 -7.69 58.96 -34.20
C GLU DA 239 -8.36 58.84 -32.84
N GLY DA 240 -9.48 59.52 -32.63
CA GLY DA 240 -10.20 59.44 -31.37
C GLY DA 240 -11.42 58.54 -31.44
N ALA DA 241 -11.48 57.70 -32.48
CA ALA DA 241 -12.59 56.79 -32.68
C ALA DA 241 -12.09 55.36 -32.76
N LYS DA 242 -12.81 54.45 -32.14
CA LYS DA 242 -12.50 53.02 -32.17
C LYS DA 242 -13.34 52.32 -33.22
N ALA DA 243 -12.94 51.08 -33.52
CA ALA DA 243 -13.60 50.24 -34.53
C ALA DA 243 -13.66 50.97 -35.88
N GLY DA 244 -12.48 51.27 -36.41
CA GLY DA 244 -12.37 51.96 -37.68
C GLY DA 244 -12.06 50.99 -38.80
N ALA DA 245 -12.83 51.10 -39.88
CA ALA DA 245 -12.68 50.24 -41.05
C ALA DA 245 -12.60 51.09 -42.31
N SER DA 246 -11.96 50.54 -43.33
CA SER DA 246 -11.77 51.21 -44.61
C SER DA 246 -12.26 50.32 -45.75
N PHE DA 247 -13.44 49.74 -45.58
CA PHE DA 247 -14.01 48.88 -46.61
C PHE DA 247 -14.36 49.69 -47.85
N SER DA 248 -14.02 49.14 -49.01
CA SER DA 248 -14.30 49.78 -50.29
C SER DA 248 -15.71 49.42 -50.75
N ALA DA 249 -16.15 50.07 -51.83
CA ALA DA 249 -17.48 49.84 -52.39
C ALA DA 249 -17.42 50.16 -53.88
N ASN DA 250 -17.36 49.10 -54.70
CA ASN DA 250 -17.40 49.17 -56.17
C ASN DA 250 -16.60 50.37 -56.71
N GLY DA 251 -15.36 50.49 -56.25
CA GLY DA 251 -14.42 51.46 -56.76
C GLY DA 251 -14.19 52.66 -55.88
N VAL DA 252 -15.06 52.92 -54.90
CA VAL DA 252 -14.91 54.03 -53.97
C VAL DA 252 -14.87 53.49 -52.55
N ALA DA 253 -13.90 53.96 -51.78
CA ALA DA 253 -13.74 53.50 -50.40
C ALA DA 253 -14.70 54.23 -49.47
N LEU DA 254 -15.03 53.58 -48.36
CA LEU DA 254 -15.94 54.12 -47.37
C LEU DA 254 -15.28 54.09 -46.00
N ARG DA 255 -15.64 55.06 -45.17
CA ARG DA 255 -15.12 55.15 -43.81
C ARG DA 255 -16.16 54.63 -42.84
N TRP DA 256 -15.81 53.59 -42.09
CA TRP DA 256 -16.70 52.98 -41.12
C TRP DA 256 -16.17 53.23 -39.72
N LEU DA 257 -17.02 53.78 -38.85
CA LEU DA 257 -16.65 54.06 -37.47
C LEU DA 257 -17.78 53.67 -36.55
N ALA DA 258 -17.42 53.35 -35.30
CA ALA DA 258 -18.37 53.01 -34.26
C ALA DA 258 -17.80 53.52 -32.93
N ASP DA 259 -18.22 54.72 -32.54
CA ASP DA 259 -17.69 55.37 -31.36
C ASP DA 259 -18.31 54.86 -30.06
N TYR DA 260 -19.43 54.14 -30.13
CA TYR DA 260 -20.12 53.61 -28.96
C TYR DA 260 -20.50 54.74 -28.00
N ASP DA 261 -21.40 55.59 -28.50
CA ASP DA 261 -21.91 56.71 -27.70
C ASP DA 261 -22.50 56.21 -26.39
N TYR DA 262 -21.90 56.64 -25.27
CA TYR DA 262 -22.24 56.10 -23.97
C TYR DA 262 -23.49 56.72 -23.35
N SER DA 263 -24.03 57.79 -23.95
CA SER DA 263 -25.14 58.50 -23.31
C SER DA 263 -26.38 57.62 -23.19
N GLN DA 264 -27.01 57.29 -24.32
CA GLN DA 264 -28.15 56.37 -24.32
C GLN DA 264 -27.71 54.95 -24.70
N LEU DA 265 -26.65 54.45 -24.06
CA LEU DA 265 -26.09 53.14 -24.38
C LEU DA 265 -25.99 52.92 -25.89
N GLY DA 266 -25.63 53.98 -26.61
CA GLY DA 266 -25.78 53.97 -28.06
C GLY DA 266 -24.67 53.19 -28.75
N ASP DA 267 -25.06 52.24 -29.59
CA ASP DA 267 -24.16 51.55 -30.49
C ASP DA 267 -24.26 52.07 -31.92
N ARG DA 268 -24.48 53.38 -32.08
CA ARG DA 268 -24.59 53.97 -33.41
C ARG DA 268 -23.34 53.68 -34.22
N THR DA 269 -23.53 53.30 -35.46
CA THR DA 269 -22.44 53.17 -36.42
C THR DA 269 -22.52 54.26 -37.46
N LEU DA 270 -21.46 54.40 -38.25
CA LEU DA 270 -21.40 55.45 -39.26
C LEU DA 270 -20.56 54.95 -40.43
N LEU DA 271 -21.19 54.78 -41.58
CA LEU DA 271 -20.50 54.48 -42.84
C LEU DA 271 -20.67 55.71 -43.74
N ASP DA 272 -19.58 56.43 -43.96
CA ASP DA 272 -19.66 57.74 -44.62
C ASP DA 272 -18.56 57.92 -45.64
N VAL DA 273 -18.81 58.84 -46.59
CA VAL DA 273 -17.86 59.21 -47.63
C VAL DA 273 -18.32 60.56 -48.19
N PHE DA 274 -17.37 61.36 -48.65
CA PHE DA 274 -17.67 62.70 -49.16
C PHE DA 274 -17.80 62.65 -50.68
N THR DA 275 -18.88 63.23 -51.20
CA THR DA 275 -19.12 63.27 -52.63
C THR DA 275 -19.44 64.69 -53.08
N GLY DA 276 -19.00 65.01 -54.30
CA GLY DA 276 -19.21 66.33 -54.86
C GLY DA 276 -19.49 66.25 -56.34
N ARG DA 277 -20.33 67.18 -56.79
CA ARG DA 277 -20.87 67.18 -58.14
C ARG DA 277 -20.40 68.40 -58.91
N LYS DA 278 -20.25 68.24 -60.22
CA LYS DA 278 -19.94 69.37 -61.09
C LYS DA 278 -20.41 69.05 -62.51
N VAL DA 279 -21.02 70.04 -63.15
CA VAL DA 279 -21.48 69.92 -64.54
C VAL DA 279 -20.61 70.82 -65.39
N VAL DA 280 -19.99 70.25 -66.42
CA VAL DA 280 -19.06 70.98 -67.27
C VAL DA 280 -19.86 71.85 -68.24
N THR DA 281 -19.66 73.15 -68.16
CA THR DA 281 -20.31 74.13 -69.03
C THR DA 281 -19.28 74.77 -69.95
N GLU DA 282 -19.74 75.73 -70.75
CA GLU DA 282 -18.89 76.44 -71.68
C GLU DA 282 -18.47 77.79 -71.10
N VAL DA 283 -17.73 78.56 -71.89
CA VAL DA 283 -17.24 79.85 -71.43
C VAL DA 283 -18.41 80.81 -71.19
N ASP DA 284 -19.39 80.82 -72.11
CA ASP DA 284 -20.58 81.62 -71.91
C ASP DA 284 -21.67 80.88 -71.14
N GLY DA 285 -21.61 79.55 -71.11
CA GLY DA 285 -22.58 78.74 -70.41
C GLY DA 285 -23.57 78.10 -71.35
N SER DA 286 -23.33 76.84 -71.70
CA SER DA 286 -24.23 76.09 -72.57
C SER DA 286 -23.88 74.62 -72.45
N PHE DA 287 -24.82 73.81 -71.95
CA PHE DA 287 -24.58 72.37 -71.79
C PHE DA 287 -24.92 71.67 -73.10
N VAL DA 288 -23.99 71.77 -74.04
CA VAL DA 288 -24.15 71.15 -75.35
C VAL DA 288 -23.29 69.88 -75.49
N ARG DA 289 -22.72 69.40 -74.40
CA ARG DA 289 -21.88 68.21 -74.42
C ARG DA 289 -22.65 66.92 -74.12
N ALA DA 290 -23.96 67.01 -73.90
CA ALA DA 290 -24.76 65.84 -73.62
C ALA DA 290 -26.17 66.03 -74.17
N VAL DA 291 -26.84 64.92 -74.45
CA VAL DA 291 -28.18 64.92 -74.97
C VAL DA 291 -29.03 63.90 -74.23
N GLU DA 292 -30.34 64.13 -74.24
CA GLU DA 292 -31.31 63.26 -73.57
C GLU DA 292 -32.36 62.82 -74.56
N LEU DA 293 -32.82 61.58 -74.39
CA LEU DA 293 -33.83 60.97 -75.23
C LEU DA 293 -35.01 60.55 -74.36
N GLN DA 294 -36.21 60.99 -74.74
CA GLN DA 294 -37.44 60.69 -74.02
C GLN DA 294 -38.41 60.00 -74.98
N LEU DA 295 -39.03 58.92 -74.53
CA LEU DA 295 -39.93 58.16 -75.38
C LEU DA 295 -41.17 58.97 -75.73
N GLN DA 296 -41.62 58.84 -76.97
CA GLN DA 296 -42.81 59.55 -77.45
C GLN DA 296 -44.04 58.70 -77.12
N ALA DA 297 -44.51 58.83 -75.88
CA ALA DA 297 -45.70 58.12 -75.47
C ALA DA 297 -46.92 58.66 -76.19
N SER DA 298 -47.75 57.75 -76.71
CA SER DA 298 -48.93 58.14 -77.48
C SER DA 298 -50.24 57.58 -76.93
N SER DA 299 -50.19 56.58 -76.05
CA SER DA 299 -51.41 56.00 -75.49
C SER DA 299 -51.12 55.55 -74.06
N ILE DA 300 -52.12 55.73 -73.19
CA ILE DA 300 -52.03 55.32 -71.80
C ILE DA 300 -53.26 54.49 -71.45
N THR DA 301 -53.13 53.69 -70.40
CA THR DA 301 -54.24 52.87 -69.93
C THR DA 301 -53.98 52.48 -68.48
N ILE DA 302 -55.07 52.34 -67.73
CA ILE DA 302 -54.97 51.94 -66.33
C ILE DA 302 -54.86 50.43 -66.24
N VAL DA 303 -53.83 49.96 -65.53
CA VAL DA 303 -53.57 48.53 -65.42
C VAL DA 303 -54.69 47.86 -64.64
N GLY DA 304 -54.96 46.60 -64.98
CA GLY DA 304 -55.97 45.81 -64.29
C GLY DA 304 -57.36 45.89 -64.89
N GLY DA 305 -57.58 46.82 -65.82
CA GLY DA 305 -58.92 46.96 -66.40
C GLY DA 305 -59.94 47.35 -65.35
N ALA DA 306 -61.15 46.84 -65.51
CA ALA DA 306 -62.20 47.10 -64.55
C ALA DA 306 -61.93 46.36 -63.24
N PHE DA 307 -62.25 47.01 -62.13
CA PHE DA 307 -62.05 46.44 -60.81
C PHE DA 307 -63.16 46.93 -59.88
N ALA DA 308 -63.44 46.14 -58.85
CA ALA DA 308 -64.47 46.55 -57.88
C ALA DA 308 -63.89 47.55 -56.89
N LEU DA 309 -62.93 47.11 -56.07
CA LEU DA 309 -62.06 47.92 -55.21
C LEU DA 309 -61.47 46.95 -54.19
N ALA DA 310 -61.85 47.08 -52.92
CA ALA DA 310 -61.57 46.10 -51.90
C ALA DA 310 -62.83 45.79 -51.11
N THR DA 311 -63.63 46.82 -50.85
CA THR DA 311 -64.87 46.74 -50.08
C THR DA 311 -65.58 48.08 -50.21
N THR DA 312 -66.68 48.25 -49.47
CA THR DA 312 -67.42 49.50 -49.51
C THR DA 312 -66.67 50.66 -48.85
N THR DA 313 -65.71 50.37 -47.98
CA THR DA 313 -64.96 51.39 -47.25
C THR DA 313 -63.48 51.09 -47.28
N GLY DA 314 -62.97 50.76 -48.47
CA GLY DA 314 -61.57 50.43 -48.65
C GLY DA 314 -60.82 51.46 -49.48
N THR DA 315 -59.57 51.13 -49.80
CA THR DA 315 -58.71 51.96 -50.63
C THR DA 315 -58.04 51.10 -51.68
N LYS DA 316 -57.67 51.73 -52.78
CA LYS DA 316 -57.00 51.04 -53.88
C LYS DA 316 -56.05 52.00 -54.57
N GLN DA 317 -54.78 51.62 -54.64
CA GLN DA 317 -53.75 52.44 -55.29
C GLN DA 317 -53.78 52.16 -56.79
N LEU DA 318 -54.44 53.03 -57.53
CA LEU DA 318 -54.55 52.85 -58.98
C LEU DA 318 -53.21 53.11 -59.66
N LYS DA 319 -52.91 52.33 -60.68
CA LYS DA 319 -51.68 52.45 -61.45
C LYS DA 319 -52.00 52.57 -62.93
N VAL DA 320 -51.27 53.44 -63.62
CA VAL DA 320 -51.47 53.71 -65.04
C VAL DA 320 -50.16 53.49 -65.78
N ARG DA 321 -50.23 52.82 -66.92
CA ARG DA 321 -49.07 52.52 -67.74
C ARG DA 321 -49.31 52.97 -69.17
N ASP DA 322 -48.26 53.45 -69.83
CA ASP DA 322 -48.39 53.90 -71.20
C ASP DA 322 -48.36 52.72 -72.16
N ASP DA 323 -48.49 53.02 -73.46
CA ASP DA 323 -48.43 51.98 -74.47
C ASP DA 323 -47.06 51.32 -74.51
N ASN DA 324 -46.00 52.10 -74.31
CA ASN DA 324 -44.65 51.54 -74.34
C ASN DA 324 -44.39 50.60 -73.17
N GLY DA 325 -45.05 50.83 -72.03
CA GLY DA 325 -44.88 49.96 -70.88
C GLY DA 325 -44.07 50.60 -69.76
N THR DA 326 -44.28 51.88 -69.52
CA THR DA 326 -43.57 52.61 -68.47
C THR DA 326 -44.55 53.10 -67.42
N ASP DA 327 -44.12 53.07 -66.16
CA ASP DA 327 -44.95 53.56 -65.06
C ASP DA 327 -44.94 55.09 -65.07
N VAL DA 328 -46.14 55.68 -65.10
CA VAL DA 328 -46.28 57.13 -65.15
C VAL DA 328 -47.23 57.59 -64.05
N THR DA 329 -47.37 56.78 -63.00
CA THR DA 329 -48.31 57.10 -61.93
C THR DA 329 -47.96 58.43 -61.25
N ALA DA 330 -46.67 58.68 -61.05
CA ALA DA 330 -46.25 59.91 -60.38
C ALA DA 330 -46.61 61.15 -61.21
N ARG DA 331 -46.47 61.07 -62.53
CA ARG DA 331 -46.67 62.21 -63.42
C ARG DA 331 -48.02 62.17 -64.13
N CYS DA 332 -49.04 61.56 -63.51
CA CYS DA 332 -50.38 61.53 -64.07
C CYS DA 332 -51.36 62.17 -63.09
N THR DA 333 -52.37 62.84 -63.64
CA THR DA 333 -53.41 63.44 -62.82
C THR DA 333 -54.68 62.59 -62.91
N PHE DA 334 -55.46 62.59 -61.84
CA PHE DA 334 -56.66 61.77 -61.74
C PHE DA 334 -57.85 62.65 -61.39
N ALA DA 335 -58.96 62.44 -62.09
CA ALA DA 335 -60.20 63.18 -61.86
C ALA DA 335 -61.35 62.20 -61.69
N SER DA 336 -62.30 62.56 -60.84
CA SER DA 336 -63.48 61.74 -60.57
C SER DA 336 -64.72 62.50 -61.00
N SER DA 337 -65.50 61.91 -61.90
CA SER DA 337 -66.78 62.47 -62.30
C SER DA 337 -67.90 62.16 -61.32
N ALA DA 338 -67.65 61.31 -60.34
CA ALA DA 338 -68.62 60.92 -59.32
C ALA DA 338 -67.97 61.01 -57.95
N GLY DA 339 -67.35 62.17 -57.69
CA GLY DA 339 -66.56 62.34 -56.48
C GLY DA 339 -67.31 61.98 -55.21
N THR DA 340 -68.60 62.28 -55.16
CA THR DA 340 -69.40 61.87 -54.00
C THR DA 340 -69.51 60.35 -53.93
N LYS DA 341 -69.63 59.67 -55.08
CA LYS DA 341 -69.71 58.22 -55.08
C LYS DA 341 -68.36 57.58 -54.79
N ALA DA 342 -67.29 58.09 -55.41
CA ALA DA 342 -65.95 57.56 -55.21
C ALA DA 342 -64.97 58.71 -55.07
N THR DA 343 -64.09 58.63 -54.08
CA THR DA 343 -63.11 59.67 -53.80
C THR DA 343 -61.73 59.20 -54.24
N VAL DA 344 -61.06 60.02 -55.04
CA VAL DA 344 -59.73 59.71 -55.56
C VAL DA 344 -58.74 60.73 -55.03
N SER DA 345 -57.51 60.27 -54.81
CA SER DA 345 -56.45 61.11 -54.27
C SER DA 345 -55.59 61.64 -55.42
N ALA DA 346 -54.62 62.49 -55.05
CA ALA DA 346 -53.72 63.06 -56.06
C ALA DA 346 -52.84 62.00 -56.71
N ALA DA 347 -52.36 61.04 -55.92
CA ALA DA 347 -51.48 59.99 -56.43
C ALA DA 347 -52.25 58.84 -57.06
N GLY DA 348 -53.58 58.87 -57.04
CA GLY DA 348 -54.39 57.81 -57.61
C GLY DA 348 -54.96 56.83 -56.60
N LEU DA 349 -54.76 57.05 -55.31
CA LEU DA 349 -55.30 56.18 -54.28
C LEU DA 349 -56.79 56.47 -54.14
N VAL DA 350 -57.60 55.71 -54.87
CA VAL DA 350 -59.05 55.91 -54.84
C VAL DA 350 -59.61 55.24 -53.58
N THR DA 351 -60.42 56.00 -52.84
CA THR DA 351 -61.02 55.52 -51.60
C THR DA 351 -62.52 55.39 -51.79
N GLY DA 352 -63.07 54.26 -51.38
CA GLY DA 352 -64.50 54.03 -51.49
C GLY DA 352 -65.29 54.59 -50.33
N VAL DA 353 -66.10 55.62 -50.60
CA VAL DA 353 -66.91 56.24 -49.57
C VAL DA 353 -68.38 55.84 -49.66
N ALA DA 354 -68.89 55.61 -50.87
CA ALA DA 354 -70.27 55.18 -51.08
C ALA DA 354 -70.30 54.03 -52.06
N ALA DA 355 -71.06 52.99 -51.72
CA ALA DA 355 -71.20 51.84 -52.61
C ALA DA 355 -71.99 52.23 -53.85
N GLY DA 356 -71.56 51.72 -55.00
CA GLY DA 356 -72.21 52.02 -56.26
C GLY DA 356 -71.25 51.86 -57.41
N THR DA 357 -71.51 52.60 -58.48
CA THR DA 357 -70.69 52.57 -59.69
C THR DA 357 -70.25 53.99 -60.03
N ALA DA 358 -68.97 54.15 -60.33
CA ALA DA 358 -68.41 55.47 -60.65
C ALA DA 358 -67.37 55.30 -61.76
N ASP DA 359 -66.80 56.42 -62.20
CA ASP DA 359 -65.76 56.42 -63.22
C ASP DA 359 -64.61 57.32 -62.77
N ILE DA 360 -63.39 56.95 -63.13
CA ILE DA 360 -62.21 57.75 -62.86
C ILE DA 360 -61.45 57.95 -64.17
N THR DA 361 -61.10 59.20 -64.47
CA THR DA 361 -60.36 59.54 -65.69
C THR DA 361 -58.94 59.97 -65.32
N ALA DA 362 -57.97 59.30 -65.90
CA ALA DA 362 -56.56 59.61 -65.71
C ALA DA 362 -56.03 60.32 -66.95
N SER DA 363 -55.41 61.47 -66.74
CA SER DA 363 -54.85 62.28 -67.80
C SER DA 363 -53.34 62.37 -67.64
N TYR DA 364 -52.63 62.23 -68.76
CA TYR DA 364 -51.17 62.27 -68.79
C TYR DA 364 -50.72 63.23 -69.88
N VAL DA 365 -49.86 64.17 -69.52
CA VAL DA 365 -49.32 65.10 -70.53
C VAL DA 365 -48.32 64.36 -71.42
N PRO DA 366 -48.46 64.44 -72.74
CA PRO DA 366 -47.52 63.72 -73.62
C PRO DA 366 -46.16 64.40 -73.64
N PRO DA 367 -45.09 63.62 -73.66
CA PRO DA 367 -43.75 64.23 -73.78
C PRO DA 367 -43.58 65.02 -75.06
N GLN DA 368 -44.21 64.60 -76.16
CA GLN DA 368 -44.11 65.33 -77.42
C GLN DA 368 -44.87 66.65 -77.38
N GLY DA 369 -45.80 66.82 -76.44
CA GLY DA 369 -46.57 68.03 -76.33
C GLY DA 369 -47.92 67.90 -77.00
N GLY DA 370 -48.83 68.82 -76.65
CA GLY DA 370 -50.16 68.82 -77.20
C GLY DA 370 -51.23 68.47 -76.18
N THR DA 371 -52.34 67.90 -76.63
CA THR DA 371 -53.41 67.51 -75.73
C THR DA 371 -52.98 66.33 -74.86
N ALA DA 372 -53.43 66.33 -73.62
CA ALA DA 372 -53.10 65.27 -72.68
C ALA DA 372 -53.93 64.02 -72.97
N LYS DA 373 -53.27 62.86 -73.02
CA LYS DA 373 -53.97 61.62 -73.26
C LYS DA 373 -54.78 61.23 -72.04
N THR DA 374 -56.05 60.89 -72.26
CA THR DA 374 -56.97 60.57 -71.17
C THR DA 374 -57.51 59.15 -71.32
N ALA DA 375 -57.69 58.49 -70.18
CA ALA DA 375 -58.25 57.15 -70.16
C ALA DA 375 -59.20 57.03 -68.98
N THR DA 376 -60.42 56.55 -69.24
CA THR DA 376 -61.46 56.46 -68.23
C THR DA 376 -61.71 54.99 -67.89
N VAL DA 377 -61.74 54.69 -66.60
CA VAL DA 377 -61.96 53.33 -66.10
C VAL DA 377 -63.09 53.37 -65.08
N THR DA 378 -64.04 52.44 -65.21
CA THR DA 378 -65.15 52.34 -64.27
C THR DA 378 -64.70 51.61 -63.00
N VAL DA 379 -65.45 51.86 -61.92
CA VAL DA 379 -65.21 51.25 -60.63
C VAL DA 379 -66.57 50.88 -60.03
N THR DA 380 -66.63 49.73 -59.37
CA THR DA 380 -67.85 49.23 -58.73
C THR DA 380 -67.55 49.01 -57.25
N VAL DA 381 -67.76 50.04 -56.45
CA VAL DA 381 -67.50 49.97 -55.02
C VAL DA 381 -68.59 49.13 -54.35
N PRO DA 382 -68.24 48.03 -53.67
CA PRO DA 382 -69.19 47.13 -53.02
C PRO DA 382 -69.92 47.78 -51.85
#